data_2GLJ
#
_entry.id   2GLJ
#
_cell.length_a   121.708
_cell.length_b   129.680
_cell.length_c   222.728
_cell.angle_alpha   89.88
_cell.angle_beta   90.00
_cell.angle_gamma   116.68
#
_symmetry.space_group_name_H-M   'P 1'
#
loop_
_entity.id
_entity.type
_entity.pdbx_description
1 polymer 'Probable M18-family aminopeptidase 1'
2 non-polymer 'MANGANESE (II) ION'
3 water water
#
_entity_poly.entity_id   1
_entity_poly.type   'polypeptide(L)'
_entity_poly.pdbx_seq_one_letter_code
;LLKEYKNAWDKYDDKQLKEVFALGDRFKNFISNCKTERECVTELIKTAEKSGYRNIEDILAKGETLKEGDKVYANNRGKG
LIMFLIGKEPLYTGFKILGAHIDSPRLDLKQNPLYEDTDLAMLETHYYGGIKKYQWVTLPLAIHGVIVKKDGTIVNVCVG
EDDNDPVFGVSDILVHLASEQLEKKASKVIEGEDLNILIGSIPLKDGEEKQKVKHNIMKILNEKYDISEEDFVSAELEIV
PAGKARDYGFDRSMVMGYGQDDRICAYTSFEAMLEMKNAKKTCITILVDKEEVGSIGATGMQSKFFENTVADIMSLCGDY
DELKLRKALYNSEMLSSDVSAAFDPNYPNVMEKRNSAYLGKGIVFNKYTGSRGKSGCNDANPEYIAELRRILSKESVNWQ
TAELGKVDQGGGGTIAYILAEYGMQVIDCGVALLN(MSE)HAPWEISSKADIYETKNGYSAFLNN
;
_entity_poly.pdbx_strand_id   A,B,C,D,E,F,G,H,I,J,K,L,M,N,O,P,Q,R,S,T,U,V,W,X
#
# COMPACT_ATOMS: atom_id res chain seq x y z
N LEU A 1 -75.41 -45.60 13.25
CA LEU A 1 -75.12 -44.55 14.27
C LEU A 1 -73.79 -44.77 14.97
N LEU A 2 -73.81 -45.11 16.27
CA LEU A 2 -72.57 -45.34 16.99
C LEU A 2 -72.02 -46.74 16.65
N LYS A 3 -70.69 -46.91 16.76
CA LYS A 3 -70.02 -48.16 16.42
C LYS A 3 -69.44 -48.95 17.60
N GLU A 4 -70.09 -50.04 17.96
CA GLU A 4 -69.61 -50.90 19.04
C GLU A 4 -68.82 -52.03 18.37
N TYR A 5 -67.95 -52.73 19.09
CA TYR A 5 -67.19 -53.78 18.43
C TYR A 5 -67.48 -55.24 18.74
N LYS A 6 -68.49 -55.51 19.56
CA LYS A 6 -68.87 -56.88 19.87
C LYS A 6 -67.74 -57.75 20.41
N ASN A 7 -67.96 -59.05 20.41
CA ASN A 7 -66.99 -60.04 20.87
C ASN A 7 -67.16 -61.22 19.93
N ALA A 8 -66.15 -62.08 19.81
CA ALA A 8 -66.26 -63.23 18.91
C ALA A 8 -67.19 -64.33 19.46
N TRP A 9 -67.03 -64.69 20.72
CA TRP A 9 -67.89 -65.71 21.32
C TRP A 9 -69.31 -65.16 21.36
N ASP A 10 -70.21 -65.89 22.00
CA ASP A 10 -71.64 -65.48 22.05
C ASP A 10 -72.17 -65.71 20.64
N LYS A 11 -71.78 -64.82 19.75
CA LYS A 11 -72.17 -64.91 18.36
C LYS A 11 -71.90 -66.34 17.90
N TYR A 12 -70.77 -66.90 18.29
CA TYR A 12 -70.43 -68.28 17.92
C TYR A 12 -71.48 -69.25 18.42
N ASP A 13 -71.18 -69.86 19.57
CA ASP A 13 -72.08 -70.83 20.17
C ASP A 13 -72.52 -71.71 19.01
N ASP A 14 -73.80 -71.69 18.71
CA ASP A 14 -74.34 -72.47 17.62
C ASP A 14 -74.08 -73.95 17.89
N LYS A 15 -73.29 -74.24 18.92
CA LYS A 15 -72.94 -75.60 19.30
C LYS A 15 -72.04 -76.21 18.20
N GLN A 16 -72.19 -75.67 17.00
CA GLN A 16 -71.43 -76.11 15.85
C GLN A 16 -70.19 -75.23 15.78
N LEU A 17 -70.42 -73.97 15.41
CA LEU A 17 -69.35 -73.00 15.30
C LEU A 17 -68.26 -73.26 16.34
N LYS A 18 -68.63 -73.34 17.62
CA LYS A 18 -67.66 -73.60 18.67
C LYS A 18 -66.85 -74.84 18.36
N GLU A 19 -67.52 -75.98 18.38
CA GLU A 19 -66.88 -77.26 18.10
C GLU A 19 -66.05 -77.14 16.84
N VAL A 20 -66.56 -76.41 15.86
CA VAL A 20 -65.87 -76.24 14.59
C VAL A 20 -64.55 -75.49 14.72
N PHE A 21 -64.14 -75.19 15.95
CA PHE A 21 -62.88 -74.52 16.11
C PHE A 21 -62.25 -74.73 17.48
N ALA A 22 -63.09 -74.75 18.51
CA ALA A 22 -62.59 -74.95 19.88
C ALA A 22 -61.62 -76.12 19.80
N LEU A 23 -61.99 -77.11 19.00
CA LEU A 23 -61.16 -78.28 18.77
C LEU A 23 -60.78 -78.19 17.30
N GLY A 24 -61.54 -77.38 16.56
CA GLY A 24 -61.27 -77.20 15.15
C GLY A 24 -59.85 -76.78 14.88
N ASP A 25 -59.60 -75.47 14.88
CA ASP A 25 -58.25 -74.99 14.63
C ASP A 25 -57.33 -75.34 15.77
N ARG A 26 -57.83 -75.23 17.00
CA ARG A 26 -57.03 -75.59 18.17
C ARG A 26 -56.85 -77.10 18.09
N PHE A 27 -55.93 -77.53 17.25
CA PHE A 27 -55.66 -78.93 17.06
C PHE A 27 -54.76 -78.84 15.86
N LYS A 28 -55.32 -78.37 14.75
CA LYS A 28 -54.52 -78.21 13.55
C LYS A 28 -53.37 -77.24 13.90
N ASN A 29 -53.72 -75.97 14.11
CA ASN A 29 -52.74 -74.95 14.48
C ASN A 29 -52.07 -75.43 15.73
N PHE A 30 -52.89 -75.61 16.77
CA PHE A 30 -52.39 -76.08 18.04
C PHE A 30 -51.26 -77.08 17.90
N ILE A 31 -51.27 -77.90 16.84
CA ILE A 31 -50.24 -78.91 16.65
C ILE A 31 -49.17 -78.46 15.66
N SER A 32 -49.55 -77.61 14.71
CA SER A 32 -48.62 -77.12 13.71
C SER A 32 -47.38 -76.52 14.38
N ASN A 33 -47.57 -75.52 15.22
CA ASN A 33 -46.44 -74.89 15.88
C ASN A 33 -45.86 -75.73 17.00
N CYS A 34 -45.85 -77.06 16.80
CA CYS A 34 -45.29 -77.97 17.79
C CYS A 34 -44.33 -78.89 17.07
N LYS A 35 -44.76 -79.33 15.90
CA LYS A 35 -43.96 -80.22 15.09
C LYS A 35 -43.23 -79.41 14.02
N THR A 36 -43.25 -78.08 14.17
CA THR A 36 -42.59 -77.18 13.22
C THR A 36 -42.29 -75.88 13.95
N GLU A 37 -41.02 -75.67 14.32
CA GLU A 37 -40.63 -74.47 15.04
C GLU A 37 -39.47 -73.73 14.35
N ARG A 38 -38.93 -74.32 13.28
CA ARG A 38 -37.81 -73.73 12.54
C ARG A 38 -38.11 -73.72 11.06
N GLU A 39 -38.65 -72.62 10.56
CA GLU A 39 -38.99 -72.47 9.14
C GLU A 39 -39.06 -73.73 8.27
N CYS A 40 -39.31 -74.87 8.88
CA CYS A 40 -39.42 -76.14 8.14
C CYS A 40 -40.92 -76.28 7.97
N VAL A 41 -41.62 -75.19 8.24
CA VAL A 41 -43.06 -75.15 8.10
C VAL A 41 -43.27 -75.57 6.66
N THR A 42 -42.32 -75.20 5.81
CA THR A 42 -42.39 -75.55 4.39
C THR A 42 -42.60 -77.05 4.23
N GLU A 43 -41.70 -77.83 4.81
CA GLU A 43 -41.80 -79.29 4.73
C GLU A 43 -43.17 -79.79 5.13
N LEU A 44 -43.49 -79.66 6.42
CA LEU A 44 -44.78 -80.12 6.93
C LEU A 44 -45.94 -79.58 6.10
N ILE A 45 -45.84 -78.34 5.67
CA ILE A 45 -46.93 -77.77 4.89
C ILE A 45 -46.93 -78.31 3.48
N LYS A 46 -45.75 -78.45 2.89
CA LYS A 46 -45.66 -78.97 1.53
C LYS A 46 -46.13 -80.43 1.51
N THR A 47 -45.92 -81.15 2.62
CA THR A 47 -46.38 -82.54 2.71
C THR A 47 -47.89 -82.47 2.64
N ALA A 48 -48.49 -81.49 3.35
CA ALA A 48 -49.93 -81.31 3.27
C ALA A 48 -50.10 -80.75 1.85
N GLU A 49 -51.29 -80.31 1.49
CA GLU A 49 -51.48 -79.81 0.13
C GLU A 49 -51.11 -80.94 -0.85
N LYS A 50 -51.06 -82.16 -0.33
CA LYS A 50 -50.75 -83.33 -1.16
C LYS A 50 -51.98 -83.55 -2.01
N SER A 51 -53.06 -82.86 -1.65
CA SER A 51 -54.31 -82.94 -2.37
C SER A 51 -54.23 -82.00 -3.56
N GLY A 52 -53.20 -82.22 -4.38
CA GLY A 52 -52.96 -81.41 -5.56
C GLY A 52 -51.65 -80.66 -5.41
N TYR A 53 -51.44 -79.64 -6.24
CA TYR A 53 -50.21 -78.84 -6.15
C TYR A 53 -48.97 -79.64 -6.54
N ARG A 54 -48.02 -78.96 -7.17
CA ARG A 54 -46.78 -79.60 -7.57
C ARG A 54 -45.81 -78.63 -8.20
N ASN A 55 -46.09 -78.23 -9.45
CA ASN A 55 -45.24 -77.30 -10.20
C ASN A 55 -43.78 -77.62 -10.03
N ILE A 56 -43.20 -76.98 -9.01
CA ILE A 56 -41.80 -77.15 -8.64
C ILE A 56 -40.90 -77.55 -9.80
N GLU A 57 -40.89 -78.84 -10.13
CA GLU A 57 -40.06 -79.36 -11.23
C GLU A 57 -40.94 -79.76 -12.42
N ASP A 58 -42.13 -80.29 -12.13
CA ASP A 58 -43.06 -80.73 -13.15
C ASP A 58 -43.64 -79.60 -13.99
N ILE A 59 -42.79 -78.98 -14.78
CA ILE A 59 -43.20 -77.90 -15.67
C ILE A 59 -43.08 -78.40 -17.11
N LEU A 60 -44.22 -78.77 -17.70
CA LEU A 60 -44.29 -79.28 -19.08
C LEU A 60 -45.40 -78.60 -19.87
N ALA A 61 -45.94 -77.52 -19.32
CA ALA A 61 -47.04 -76.75 -19.94
C ALA A 61 -48.33 -77.56 -19.85
N LYS A 62 -48.26 -78.79 -20.35
CA LYS A 62 -49.39 -79.70 -20.34
C LYS A 62 -49.12 -80.82 -19.33
N GLY A 63 -48.00 -80.71 -18.61
CA GLY A 63 -47.67 -81.70 -17.61
C GLY A 63 -48.82 -81.83 -16.63
N GLU A 64 -49.53 -80.71 -16.46
CA GLU A 64 -50.70 -80.62 -15.58
C GLU A 64 -51.70 -79.71 -16.30
N THR A 65 -51.38 -79.35 -17.55
CA THR A 65 -52.19 -78.48 -18.40
C THR A 65 -52.68 -77.26 -17.62
N LEU A 66 -51.77 -76.32 -17.36
CA LEU A 66 -52.08 -75.10 -16.61
C LEU A 66 -53.34 -74.41 -17.11
N LYS A 67 -54.44 -74.61 -16.39
CA LYS A 67 -55.71 -74.01 -16.74
C LYS A 67 -56.68 -74.07 -15.56
N GLU A 68 -57.95 -73.77 -15.82
CA GLU A 68 -59.00 -73.79 -14.79
C GLU A 68 -58.81 -74.88 -13.74
N GLY A 69 -59.07 -74.54 -12.49
CA GLY A 69 -58.97 -75.50 -11.40
C GLY A 69 -57.63 -76.10 -11.05
N ASP A 70 -56.56 -75.58 -11.64
CA ASP A 70 -55.23 -76.10 -11.35
C ASP A 70 -54.63 -75.47 -10.10
N LYS A 71 -53.82 -76.27 -9.40
CA LYS A 71 -53.18 -75.83 -8.15
C LYS A 71 -51.72 -76.30 -8.09
N VAL A 72 -50.79 -75.35 -7.91
CA VAL A 72 -49.37 -75.68 -7.85
C VAL A 72 -48.62 -74.91 -6.76
N TYR A 73 -47.44 -75.41 -6.40
CA TYR A 73 -46.63 -74.73 -5.40
C TYR A 73 -45.21 -74.58 -5.89
N ALA A 74 -44.47 -73.66 -5.28
CA ALA A 74 -43.10 -73.40 -5.66
C ALA A 74 -42.26 -73.32 -4.40
N ASN A 75 -41.23 -74.16 -4.32
CA ASN A 75 -40.36 -74.15 -3.15
C ASN A 75 -39.14 -73.27 -3.38
N ASN A 76 -38.83 -72.42 -2.39
CA ASN A 76 -37.66 -71.55 -2.50
C ASN A 76 -36.57 -72.03 -1.56
N ARG A 77 -35.70 -72.89 -2.08
CA ARG A 77 -34.61 -73.47 -1.35
C ARG A 77 -35.02 -73.92 0.05
N GLY A 78 -36.27 -74.41 0.15
CA GLY A 78 -36.81 -74.90 1.40
C GLY A 78 -37.14 -73.88 2.46
N LYS A 79 -36.67 -72.64 2.27
CA LYS A 79 -36.92 -71.57 3.24
C LYS A 79 -38.23 -70.83 2.95
N GLY A 80 -38.71 -70.92 1.71
CA GLY A 80 -39.93 -70.23 1.36
C GLY A 80 -40.92 -71.07 0.57
N LEU A 81 -42.19 -70.65 0.58
CA LEU A 81 -43.23 -71.38 -0.13
C LEU A 81 -44.33 -70.48 -0.68
N ILE A 82 -44.77 -70.77 -1.88
CA ILE A 82 -45.84 -70.00 -2.51
C ILE A 82 -46.78 -70.93 -3.26
N MET A 83 -48.07 -70.79 -2.98
CA MET A 83 -49.09 -71.64 -3.62
C MET A 83 -50.03 -70.88 -4.55
N PHE A 84 -50.44 -71.53 -5.63
CA PHE A 84 -51.34 -70.94 -6.61
C PHE A 84 -52.62 -71.73 -6.74
N LEU A 85 -53.61 -71.10 -7.36
CA LEU A 85 -54.90 -71.73 -7.58
C LEU A 85 -55.57 -70.98 -8.72
N ILE A 86 -55.45 -71.51 -9.93
CA ILE A 86 -56.03 -70.86 -11.09
C ILE A 86 -57.55 -70.79 -11.04
N GLY A 87 -58.07 -69.68 -11.54
CA GLY A 87 -59.50 -69.46 -11.57
C GLY A 87 -60.02 -69.20 -12.97
N LYS A 88 -61.34 -69.03 -13.09
CA LYS A 88 -61.98 -68.78 -14.38
C LYS A 88 -61.28 -67.67 -15.17
N GLU A 89 -61.40 -66.44 -14.67
CA GLU A 89 -60.78 -65.30 -15.33
C GLU A 89 -59.29 -65.53 -15.57
N PRO A 90 -58.70 -64.77 -16.50
CA PRO A 90 -57.28 -64.86 -16.85
C PRO A 90 -56.38 -64.15 -15.83
N LEU A 91 -55.13 -64.58 -15.73
CA LEU A 91 -54.20 -63.97 -14.78
C LEU A 91 -54.13 -62.47 -15.00
N TYR A 92 -54.04 -62.08 -16.27
CA TYR A 92 -53.96 -60.68 -16.62
C TYR A 92 -54.98 -59.83 -15.85
N THR A 93 -56.07 -60.47 -15.42
CA THR A 93 -57.11 -59.76 -14.67
C THR A 93 -56.57 -59.22 -13.35
N GLY A 94 -56.10 -60.12 -12.50
CA GLY A 94 -55.55 -59.74 -11.21
C GLY A 94 -55.31 -60.95 -10.32
N PHE A 95 -55.07 -60.73 -9.04
CA PHE A 95 -54.84 -61.84 -8.14
C PHE A 95 -55.46 -61.59 -6.78
N LYS A 96 -55.54 -62.65 -6.00
CA LYS A 96 -56.05 -62.56 -4.64
C LYS A 96 -54.94 -63.18 -3.78
N ILE A 97 -54.01 -62.35 -3.34
CA ILE A 97 -52.89 -62.84 -2.57
C ILE A 97 -53.04 -62.79 -1.05
N LEU A 98 -52.44 -63.79 -0.40
CA LEU A 98 -52.44 -63.88 1.05
C LEU A 98 -50.98 -64.06 1.43
N GLY A 99 -50.45 -63.14 2.22
CA GLY A 99 -49.04 -63.23 2.59
C GLY A 99 -48.75 -63.33 4.07
N ALA A 100 -47.61 -63.92 4.41
CA ALA A 100 -47.21 -64.08 5.80
C ALA A 100 -45.79 -64.63 5.91
N HIS A 101 -45.08 -64.27 6.96
CA HIS A 101 -43.73 -64.76 7.16
C HIS A 101 -43.78 -65.96 8.10
N ILE A 102 -42.94 -66.96 7.83
CA ILE A 102 -42.94 -68.15 8.67
C ILE A 102 -41.79 -68.19 9.67
N ASP A 103 -40.86 -67.24 9.59
CA ASP A 103 -39.75 -67.21 10.53
C ASP A 103 -40.17 -66.55 11.84
N SER A 104 -39.40 -66.82 12.90
CA SER A 104 -39.67 -66.26 14.22
C SER A 104 -38.39 -66.08 15.02
N PRO A 105 -38.36 -65.06 15.89
CA PRO A 105 -37.18 -64.78 16.73
C PRO A 105 -36.75 -66.00 17.52
N ARG A 106 -35.44 -66.16 17.66
CA ARG A 106 -34.86 -67.29 18.37
C ARG A 106 -33.34 -67.15 18.48
N LEU A 107 -32.72 -68.06 19.21
CA LEU A 107 -31.28 -68.07 19.37
C LEU A 107 -30.74 -69.07 18.35
N ASP A 108 -29.46 -68.96 18.00
CA ASP A 108 -28.88 -69.91 17.07
C ASP A 108 -27.35 -69.88 17.00
N LEU A 109 -26.78 -71.05 17.27
CA LEU A 109 -25.34 -71.30 17.30
C LEU A 109 -24.50 -70.57 16.25
N LYS A 110 -23.34 -70.10 16.68
CA LYS A 110 -22.43 -69.38 15.77
C LYS A 110 -21.76 -70.34 14.79
N GLN A 111 -20.76 -69.83 14.07
CA GLN A 111 -20.02 -70.65 13.12
C GLN A 111 -19.13 -71.67 13.86
N ASN A 112 -18.69 -71.30 15.06
CA ASN A 112 -17.84 -72.16 15.88
C ASN A 112 -18.40 -72.13 17.30
N PRO A 113 -19.64 -72.63 17.47
CA PRO A 113 -20.34 -72.67 18.75
C PRO A 113 -19.75 -73.52 19.87
N LEU A 114 -19.18 -74.68 19.52
CA LEU A 114 -18.62 -75.56 20.54
C LEU A 114 -17.30 -75.10 21.13
N TYR A 115 -17.30 -74.88 22.44
CA TYR A 115 -16.13 -74.46 23.16
C TYR A 115 -16.30 -74.93 24.60
N GLU A 116 -15.20 -75.02 25.36
CA GLU A 116 -15.26 -75.51 26.73
C GLU A 116 -14.65 -74.53 27.70
N ASP A 117 -15.46 -74.05 28.64
CA ASP A 117 -14.95 -73.10 29.64
C ASP A 117 -15.16 -73.60 31.05
N THR A 118 -14.06 -73.76 31.77
CA THR A 118 -14.13 -74.25 33.15
C THR A 118 -14.88 -75.56 33.21
N ASP A 119 -14.19 -76.66 32.93
CA ASP A 119 -14.80 -77.97 32.94
C ASP A 119 -15.90 -78.08 31.90
N LEU A 120 -17.15 -77.90 32.29
CA LEU A 120 -18.24 -78.02 31.34
C LEU A 120 -18.03 -77.32 30.00
N ALA A 121 -18.79 -77.74 28.99
CA ALA A 121 -18.67 -77.15 27.65
C ALA A 121 -19.96 -76.49 27.16
N MET A 122 -19.83 -75.22 26.77
CA MET A 122 -20.96 -74.46 26.28
C MET A 122 -21.08 -74.48 24.77
N LEU A 123 -21.98 -73.62 24.28
CA LEU A 123 -22.27 -73.48 22.86
C LEU A 123 -22.62 -72.01 22.53
N GLU A 124 -21.73 -71.32 21.83
CA GLU A 124 -21.94 -69.93 21.45
C GLU A 124 -23.24 -69.77 20.67
N THR A 125 -23.91 -68.64 20.85
CA THR A 125 -25.17 -68.36 20.15
C THR A 125 -25.17 -66.93 19.65
N HIS A 126 -26.27 -66.53 19.05
CA HIS A 126 -26.38 -65.19 18.54
C HIS A 126 -27.83 -64.97 18.17
N TYR A 127 -28.60 -64.42 19.10
CA TYR A 127 -30.03 -64.23 18.88
C TYR A 127 -30.36 -63.63 17.53
N TYR A 128 -31.55 -64.00 17.04
CA TYR A 128 -32.05 -63.54 15.75
C TYR A 128 -33.48 -63.04 15.83
N GLY A 129 -33.74 -61.94 15.15
CA GLY A 129 -35.08 -61.41 15.13
C GLY A 129 -35.36 -60.28 16.12
N GLY A 130 -34.48 -60.14 17.11
CA GLY A 130 -34.68 -59.10 18.09
C GLY A 130 -35.65 -59.54 19.18
N ILE A 131 -35.20 -60.47 20.00
CA ILE A 131 -36.00 -60.94 21.11
C ILE A 131 -35.85 -59.91 22.19
N LYS A 132 -34.97 -58.93 21.92
CA LYS A 132 -34.63 -57.81 22.82
C LYS A 132 -34.71 -58.14 24.31
N LYS A 133 -35.84 -58.67 24.72
CA LYS A 133 -36.03 -59.07 26.09
C LYS A 133 -35.31 -60.41 26.18
N TYR A 134 -34.07 -60.39 26.63
CA TYR A 134 -33.30 -61.60 26.75
C TYR A 134 -33.74 -62.46 27.91
N GLN A 135 -35.02 -62.39 28.27
CA GLN A 135 -35.51 -63.23 29.36
C GLN A 135 -35.85 -64.56 28.70
N TRP A 136 -34.82 -65.10 28.05
CA TRP A 136 -34.86 -66.38 27.33
C TRP A 136 -33.96 -67.36 28.09
N VAL A 137 -33.61 -67.00 29.32
CA VAL A 137 -32.74 -67.85 30.10
C VAL A 137 -33.39 -69.07 30.69
N THR A 138 -33.29 -69.20 32.00
CA THR A 138 -33.85 -70.30 32.75
C THR A 138 -34.73 -71.37 32.07
N LEU A 139 -35.78 -70.97 31.35
CA LEU A 139 -36.64 -71.98 30.74
C LEU A 139 -35.91 -72.94 29.77
N PRO A 140 -36.40 -74.18 29.67
CA PRO A 140 -35.88 -75.29 28.83
C PRO A 140 -35.88 -75.06 27.32
N LEU A 141 -34.75 -75.35 26.69
CA LEU A 141 -34.61 -75.18 25.24
C LEU A 141 -34.38 -76.50 24.47
N ALA A 142 -34.71 -76.47 23.17
CA ALA A 142 -34.53 -77.61 22.30
C ALA A 142 -33.73 -77.18 21.06
N ILE A 143 -32.99 -78.11 20.46
CA ILE A 143 -32.19 -77.78 19.26
C ILE A 143 -32.83 -78.31 17.99
N HIS A 144 -32.92 -77.45 16.99
CA HIS A 144 -33.48 -77.84 15.70
C HIS A 144 -32.47 -77.47 14.62
N GLY A 145 -32.93 -77.37 13.38
CA GLY A 145 -32.02 -77.03 12.30
C GLY A 145 -31.43 -78.20 11.54
N VAL A 146 -30.37 -77.93 10.80
CA VAL A 146 -29.71 -78.93 9.98
C VAL A 146 -28.21 -78.70 9.83
N ILE A 147 -27.44 -79.77 9.66
CA ILE A 147 -26.01 -79.64 9.48
C ILE A 147 -25.64 -80.24 8.12
N VAL A 148 -24.78 -79.55 7.38
CA VAL A 148 -24.37 -80.04 6.08
C VAL A 148 -22.91 -80.52 6.03
N LYS A 149 -22.74 -81.80 5.72
CA LYS A 149 -21.42 -82.39 5.60
C LYS A 149 -20.69 -81.75 4.43
N LYS A 150 -19.37 -81.86 4.40
CA LYS A 150 -18.60 -81.26 3.32
C LYS A 150 -19.04 -81.86 1.98
N ASP A 151 -19.41 -83.13 2.02
CA ASP A 151 -19.84 -83.85 0.82
C ASP A 151 -21.22 -83.42 0.35
N GLY A 152 -21.94 -82.71 1.21
CA GLY A 152 -23.27 -82.24 0.87
C GLY A 152 -24.42 -82.98 1.53
N THR A 153 -24.09 -83.95 2.38
CA THR A 153 -25.12 -84.74 3.07
C THR A 153 -25.83 -83.88 4.09
N ILE A 154 -27.15 -83.78 3.98
CA ILE A 154 -27.93 -82.98 4.90
C ILE A 154 -28.43 -83.80 6.07
N VAL A 155 -27.95 -83.49 7.26
CA VAL A 155 -28.37 -84.23 8.46
C VAL A 155 -29.35 -83.37 9.26
N ASN A 156 -30.45 -83.98 9.70
CA ASN A 156 -31.47 -83.25 10.45
C ASN A 156 -31.28 -83.39 11.94
N VAL A 157 -31.35 -82.26 12.65
CA VAL A 157 -31.18 -82.25 14.10
C VAL A 157 -32.47 -81.80 14.78
N CYS A 158 -32.89 -82.53 15.81
CA CYS A 158 -34.09 -82.19 16.57
C CYS A 158 -33.98 -82.83 17.93
N VAL A 159 -33.32 -82.13 18.85
CA VAL A 159 -33.13 -82.62 20.22
C VAL A 159 -33.90 -81.78 21.25
N GLY A 160 -34.56 -82.47 22.18
CA GLY A 160 -35.29 -81.78 23.21
C GLY A 160 -36.80 -81.74 23.03
N GLU A 161 -37.30 -82.36 21.96
CA GLU A 161 -38.75 -82.35 21.75
C GLU A 161 -39.45 -83.56 22.36
N ASP A 162 -38.93 -84.75 22.12
CA ASP A 162 -39.52 -85.97 22.69
C ASP A 162 -39.37 -85.96 24.21
N ASP A 163 -40.34 -86.53 24.90
CA ASP A 163 -40.30 -86.57 26.36
C ASP A 163 -39.09 -87.32 26.88
N ASN A 164 -38.33 -87.94 25.99
CA ASN A 164 -37.14 -88.69 26.41
C ASN A 164 -35.82 -88.07 25.95
N ASP A 165 -35.91 -86.97 25.20
CA ASP A 165 -34.71 -86.29 24.74
C ASP A 165 -34.24 -85.35 25.82
N PRO A 166 -32.93 -85.12 25.89
CA PRO A 166 -32.41 -84.22 26.91
C PRO A 166 -32.76 -82.80 26.46
N VAL A 167 -32.59 -81.83 27.35
CA VAL A 167 -32.90 -80.45 27.02
C VAL A 167 -31.70 -79.55 27.22
N PHE A 168 -31.85 -78.27 26.86
CA PHE A 168 -30.77 -77.30 27.00
C PHE A 168 -31.29 -75.98 27.52
N GLY A 169 -30.38 -75.06 27.86
CA GLY A 169 -30.80 -73.77 28.36
C GLY A 169 -29.68 -72.82 28.70
N VAL A 170 -30.03 -71.57 28.96
CA VAL A 170 -29.06 -70.54 29.29
C VAL A 170 -29.13 -70.28 30.78
N SER A 171 -27.98 -70.23 31.45
CA SER A 171 -27.95 -70.00 32.89
C SER A 171 -28.00 -68.51 33.26
N ASP A 172 -28.23 -68.23 34.54
CA ASP A 172 -28.31 -66.87 35.04
C ASP A 172 -27.99 -66.87 36.54
N ILE A 173 -27.08 -66.00 36.95
CA ILE A 173 -26.68 -65.90 38.35
C ILE A 173 -27.83 -66.03 39.31
N LEU A 174 -27.60 -66.69 40.43
CA LEU A 174 -28.65 -66.84 41.44
C LEU A 174 -28.88 -65.46 42.07
N VAL A 175 -30.10 -65.22 42.51
CA VAL A 175 -30.44 -63.93 43.13
C VAL A 175 -29.52 -63.59 44.29
N HIS A 176 -29.03 -64.62 44.98
CA HIS A 176 -28.17 -64.40 46.13
C HIS A 176 -26.94 -63.57 45.78
N LEU A 177 -26.45 -63.70 44.56
CA LEU A 177 -25.28 -62.95 44.16
C LEU A 177 -25.53 -62.06 42.96
N ALA A 178 -26.81 -61.90 42.62
CA ALA A 178 -27.19 -61.07 41.47
C ALA A 178 -27.26 -59.58 41.83
N SER A 179 -26.87 -59.26 43.05
CA SER A 179 -26.88 -57.88 43.52
C SER A 179 -26.21 -56.91 42.57
N GLU A 180 -25.00 -57.22 42.14
CA GLU A 180 -24.25 -56.36 41.22
C GLU A 180 -24.93 -56.21 39.87
N GLN A 181 -25.86 -57.12 39.58
CA GLN A 181 -26.60 -57.10 38.32
C GLN A 181 -27.93 -56.34 38.51
N LEU A 182 -27.86 -55.01 38.50
CA LEU A 182 -29.03 -54.16 38.67
C LEU A 182 -29.12 -53.04 37.64
N GLU A 183 -27.98 -52.57 37.15
CA GLU A 183 -27.98 -51.49 36.19
C GLU A 183 -28.77 -51.81 34.91
N LYS A 184 -29.62 -50.87 34.52
CA LYS A 184 -30.45 -50.96 33.32
C LYS A 184 -31.05 -52.33 32.99
N LYS A 185 -32.38 -52.46 33.16
CA LYS A 185 -33.05 -53.70 32.82
C LYS A 185 -32.86 -53.86 31.33
N ALA A 186 -32.71 -52.71 30.65
CA ALA A 186 -32.49 -52.63 29.21
C ALA A 186 -31.62 -53.77 28.75
N SER A 187 -30.67 -54.14 29.60
CA SER A 187 -29.78 -55.23 29.26
C SER A 187 -28.68 -55.46 30.28
N LYS A 188 -28.82 -56.54 31.04
CA LYS A 188 -27.80 -56.95 32.00
C LYS A 188 -27.64 -58.47 31.79
N VAL A 189 -28.20 -58.94 30.67
CA VAL A 189 -28.14 -60.33 30.23
C VAL A 189 -28.12 -60.15 28.73
N ILE A 190 -26.95 -60.24 28.08
CA ILE A 190 -26.93 -60.02 26.65
C ILE A 190 -25.86 -60.74 25.82
N GLU A 191 -24.92 -61.41 26.50
CA GLU A 191 -23.84 -62.11 25.80
C GLU A 191 -24.29 -63.01 24.66
N GLY A 192 -23.34 -63.71 24.07
CA GLY A 192 -23.66 -64.64 23.00
C GLY A 192 -22.80 -65.88 23.14
N GLU A 193 -22.47 -66.20 24.38
CA GLU A 193 -21.62 -67.32 24.67
C GLU A 193 -22.22 -67.99 25.87
N ASP A 194 -23.50 -68.31 25.73
CA ASP A 194 -24.27 -68.96 26.80
C ASP A 194 -24.71 -70.34 26.36
N LEU A 195 -25.44 -71.04 27.21
CA LEU A 195 -25.96 -72.37 26.85
C LEU A 195 -24.97 -73.56 26.85
N ASN A 196 -24.89 -74.24 27.98
CA ASN A 196 -23.99 -75.38 28.12
C ASN A 196 -24.68 -76.65 27.69
N ILE A 197 -23.97 -77.45 26.89
CA ILE A 197 -24.51 -78.71 26.39
C ILE A 197 -24.00 -79.95 27.07
N LEU A 198 -23.09 -79.80 28.03
CA LEU A 198 -22.62 -80.98 28.72
C LEU A 198 -21.66 -80.71 29.86
N ILE A 199 -21.90 -81.40 30.96
CA ILE A 199 -21.08 -81.27 32.14
C ILE A 199 -20.22 -82.50 32.23
N GLY A 200 -19.45 -82.59 33.31
CA GLY A 200 -18.56 -83.71 33.54
C GLY A 200 -18.40 -84.65 32.36
N SER A 201 -18.79 -85.91 32.58
CA SER A 201 -18.68 -86.93 31.55
C SER A 201 -17.46 -86.55 30.73
N ILE A 202 -16.37 -86.35 31.45
CA ILE A 202 -15.11 -85.95 30.92
C ILE A 202 -14.11 -87.09 31.03
N PRO A 203 -13.66 -87.62 29.87
CA PRO A 203 -14.00 -87.19 28.52
C PRO A 203 -14.23 -88.44 27.68
N LEU A 204 -13.54 -88.51 26.55
CA LEU A 204 -13.61 -89.65 25.64
C LEU A 204 -12.39 -90.53 25.92
N LYS A 205 -12.65 -91.75 26.40
CA LYS A 205 -11.59 -92.71 26.72
C LYS A 205 -10.53 -92.10 27.63
N ASP A 206 -10.85 -90.92 28.16
CA ASP A 206 -9.97 -90.19 29.06
C ASP A 206 -8.53 -90.12 28.55
N GLY A 207 -8.41 -89.86 27.24
CA GLY A 207 -7.10 -89.79 26.62
C GLY A 207 -6.48 -88.42 26.68
N GLU A 208 -6.47 -87.82 27.88
CA GLU A 208 -5.90 -86.48 28.09
C GLU A 208 -6.55 -85.41 27.18
N GLU A 209 -5.74 -84.41 26.81
CA GLU A 209 -6.18 -83.31 25.96
C GLU A 209 -7.02 -82.30 26.72
N LYS A 210 -6.37 -81.26 27.24
CA LYS A 210 -7.02 -80.20 28.02
C LYS A 210 -8.56 -80.14 27.94
N GLN A 211 -9.09 -79.81 26.76
CA GLN A 211 -10.52 -79.72 26.57
C GLN A 211 -11.17 -81.08 26.56
N LYS A 212 -11.17 -81.76 27.70
CA LYS A 212 -11.76 -83.09 27.78
C LYS A 212 -13.27 -83.11 27.64
N VAL A 213 -13.96 -82.31 28.45
CA VAL A 213 -15.42 -82.27 28.39
C VAL A 213 -15.88 -81.97 26.96
N LYS A 214 -15.18 -81.06 26.31
CA LYS A 214 -15.51 -80.70 24.94
C LYS A 214 -15.28 -81.93 24.06
N HIS A 215 -14.03 -82.42 24.06
CA HIS A 215 -13.64 -83.57 23.26
C HIS A 215 -14.70 -84.68 23.37
N ASN A 216 -15.16 -84.93 24.59
CA ASN A 216 -16.16 -85.96 24.81
C ASN A 216 -17.47 -85.71 24.05
N ILE A 217 -18.00 -84.51 24.17
CA ILE A 217 -19.25 -84.18 23.52
C ILE A 217 -19.16 -84.24 22.00
N MET A 218 -18.02 -83.79 21.45
CA MET A 218 -17.85 -83.82 20.00
C MET A 218 -17.93 -85.28 19.56
N LYS A 219 -17.32 -86.16 20.35
CA LYS A 219 -17.34 -87.59 20.07
C LYS A 219 -18.77 -88.11 20.15
N ILE A 220 -19.48 -87.68 21.19
CA ILE A 220 -20.86 -88.09 21.39
C ILE A 220 -21.69 -87.59 20.23
N LEU A 221 -21.39 -86.37 19.83
CA LEU A 221 -22.09 -85.75 18.71
C LEU A 221 -21.66 -86.42 17.40
N ASN A 222 -20.53 -87.13 17.45
CA ASN A 222 -20.02 -87.81 16.27
C ASN A 222 -20.71 -89.15 16.05
N GLU A 223 -20.96 -89.89 17.13
CA GLU A 223 -21.63 -91.18 17.04
C GLU A 223 -22.98 -90.96 16.34
N LYS A 224 -23.80 -90.05 16.86
CA LYS A 224 -25.06 -89.75 16.21
C LYS A 224 -24.60 -88.85 15.07
N TYR A 225 -25.38 -88.79 14.00
CA TYR A 225 -24.99 -87.96 12.86
C TYR A 225 -23.64 -88.48 12.33
N ASP A 226 -22.74 -87.56 12.01
CA ASP A 226 -21.43 -87.97 11.52
C ASP A 226 -20.63 -86.71 11.22
N ILE A 227 -20.79 -85.72 12.08
CA ILE A 227 -20.10 -84.45 11.91
C ILE A 227 -18.79 -84.38 12.65
N SER A 228 -18.09 -83.27 12.44
CA SER A 228 -16.82 -83.03 13.10
C SER A 228 -16.97 -81.64 13.72
N GLU A 229 -15.94 -81.14 14.41
CA GLU A 229 -16.06 -79.81 15.01
C GLU A 229 -16.35 -78.81 13.90
N GLU A 230 -15.82 -79.08 12.70
CA GLU A 230 -16.08 -78.21 11.56
C GLU A 230 -17.53 -78.54 11.23
N ASP A 231 -17.95 -78.39 9.98
CA ASP A 231 -19.33 -78.72 9.65
C ASP A 231 -20.29 -77.71 10.26
N PHE A 232 -20.02 -77.31 11.50
CA PHE A 232 -20.85 -76.33 12.18
C PHE A 232 -20.79 -75.08 11.31
N VAL A 233 -19.65 -74.87 10.67
CA VAL A 233 -19.46 -73.75 9.79
C VAL A 233 -20.55 -73.75 8.73
N SER A 234 -20.88 -74.94 8.24
CA SER A 234 -21.92 -75.09 7.22
C SER A 234 -23.14 -75.77 7.85
N ALA A 235 -23.49 -75.33 9.05
CA ALA A 235 -24.64 -75.86 9.78
C ALA A 235 -25.75 -74.83 9.91
N GLU A 236 -26.86 -75.25 10.52
CA GLU A 236 -27.99 -74.35 10.69
C GLU A 236 -28.50 -74.25 12.12
N LEU A 237 -27.84 -73.35 12.82
CA LEU A 237 -28.10 -72.98 14.22
C LEU A 237 -29.60 -72.83 14.49
N GLU A 238 -30.11 -73.44 15.54
CA GLU A 238 -31.54 -73.31 15.85
C GLU A 238 -31.94 -73.68 17.27
N ILE A 239 -31.97 -72.69 18.15
CA ILE A 239 -32.37 -72.96 19.51
C ILE A 239 -33.77 -72.38 19.76
N VAL A 240 -34.65 -73.24 20.24
CA VAL A 240 -36.01 -72.85 20.48
C VAL A 240 -36.57 -73.48 21.74
N PRO A 241 -37.56 -72.82 22.37
CA PRO A 241 -38.11 -73.43 23.60
C PRO A 241 -38.70 -74.82 23.32
N ALA A 242 -38.48 -75.74 24.25
CA ALA A 242 -38.97 -77.09 24.09
C ALA A 242 -40.39 -77.23 24.66
N GLY A 243 -41.13 -78.22 24.17
CA GLY A 243 -42.50 -78.42 24.63
C GLY A 243 -43.53 -78.11 23.57
N LYS A 244 -44.65 -78.84 23.61
CA LYS A 244 -45.73 -78.66 22.65
C LYS A 244 -46.56 -77.46 23.09
N ALA A 245 -47.23 -76.80 22.15
CA ALA A 245 -48.08 -75.67 22.48
C ALA A 245 -49.18 -76.27 23.34
N ARG A 246 -49.82 -75.47 24.18
CA ARG A 246 -50.86 -76.00 25.04
C ARG A 246 -52.13 -75.16 25.10
N ASP A 247 -53.13 -75.66 25.81
CA ASP A 247 -54.37 -74.92 25.98
C ASP A 247 -54.11 -73.91 27.07
N TYR A 248 -54.40 -72.65 26.81
CA TYR A 248 -54.15 -71.65 27.83
C TYR A 248 -55.46 -71.19 28.46
N GLY A 249 -55.48 -71.17 29.80
CA GLY A 249 -56.66 -70.72 30.50
C GLY A 249 -57.60 -71.79 31.05
N PHE A 250 -58.26 -71.47 32.15
CA PHE A 250 -59.21 -72.39 32.77
C PHE A 250 -60.35 -72.76 31.83
N ASP A 251 -60.63 -71.92 30.85
CA ASP A 251 -61.71 -72.19 29.92
C ASP A 251 -61.18 -72.59 28.55
N ARG A 252 -59.90 -72.97 28.50
CA ARG A 252 -59.25 -73.39 27.24
C ARG A 252 -59.59 -72.47 26.08
N SER A 253 -59.74 -71.17 26.33
CA SER A 253 -60.09 -70.24 25.26
C SER A 253 -58.89 -69.72 24.45
N MET A 254 -57.70 -69.82 25.03
CA MET A 254 -56.53 -69.32 24.37
C MET A 254 -55.52 -70.43 24.16
N VAL A 255 -54.45 -70.12 23.44
CA VAL A 255 -53.39 -71.08 23.15
C VAL A 255 -52.01 -70.46 23.42
N MET A 256 -51.21 -71.15 24.20
CA MET A 256 -49.87 -70.70 24.54
C MET A 256 -48.84 -71.55 23.75
N GLY A 257 -47.95 -70.87 23.03
CA GLY A 257 -46.94 -71.60 22.27
C GLY A 257 -45.91 -70.71 21.59
N TYR A 258 -44.81 -71.32 21.17
CA TYR A 258 -43.73 -70.59 20.50
C TYR A 258 -44.05 -70.42 19.02
N GLY A 259 -43.55 -69.34 18.45
CA GLY A 259 -43.77 -69.11 17.03
C GLY A 259 -45.09 -68.46 16.65
N GLN A 260 -46.01 -68.40 17.61
CA GLN A 260 -47.32 -67.79 17.36
C GLN A 260 -47.21 -66.60 16.40
N ASP A 261 -46.15 -65.79 16.55
CA ASP A 261 -45.93 -64.62 15.72
C ASP A 261 -45.96 -64.94 14.23
N ASP A 262 -47.08 -64.53 13.65
CA ASP A 262 -47.39 -64.69 12.24
C ASP A 262 -47.53 -66.12 11.77
N ARG A 263 -46.84 -67.04 12.43
CA ARG A 263 -46.93 -68.43 12.05
C ARG A 263 -48.39 -68.85 12.21
N ILE A 264 -49.12 -68.13 13.05
CA ILE A 264 -50.52 -68.41 13.29
C ILE A 264 -51.29 -67.90 12.07
N CYS A 265 -50.86 -66.76 11.54
CA CYS A 265 -51.52 -66.21 10.37
C CYS A 265 -51.15 -67.06 9.18
N ALA A 266 -49.89 -67.45 9.11
CA ALA A 266 -49.40 -68.27 8.01
C ALA A 266 -50.19 -69.57 7.94
N TYR A 267 -50.71 -70.01 9.08
CA TYR A 267 -51.48 -71.25 9.12
C TYR A 267 -52.91 -71.06 8.68
N THR A 268 -53.60 -70.12 9.32
CA THR A 268 -54.98 -69.85 8.96
C THR A 268 -55.04 -69.50 7.49
N SER A 269 -54.09 -68.70 7.02
CA SER A 269 -54.05 -68.32 5.61
C SER A 269 -53.89 -69.58 4.78
N PHE A 270 -53.18 -70.56 5.33
CA PHE A 270 -52.96 -71.81 4.63
C PHE A 270 -54.26 -72.59 4.46
N GLU A 271 -54.86 -72.96 5.58
CA GLU A 271 -56.11 -73.72 5.53
C GLU A 271 -57.12 -72.99 4.67
N ALA A 272 -57.26 -71.68 4.87
CA ALA A 272 -58.20 -70.93 4.07
C ALA A 272 -57.90 -71.17 2.61
N MET A 273 -56.65 -70.94 2.21
CA MET A 273 -56.22 -71.13 0.81
C MET A 273 -56.38 -72.58 0.37
N LEU A 274 -56.08 -73.50 1.27
CA LEU A 274 -56.16 -74.91 0.96
C LEU A 274 -57.56 -75.38 0.63
N GLU A 275 -58.50 -75.19 1.57
CA GLU A 275 -59.87 -75.64 1.34
C GLU A 275 -60.68 -74.66 0.49
N MET A 276 -59.99 -73.99 -0.43
CA MET A 276 -60.62 -73.01 -1.30
C MET A 276 -60.86 -73.62 -2.68
N LYS A 277 -62.12 -73.97 -2.95
CA LYS A 277 -62.50 -74.58 -4.22
C LYS A 277 -63.36 -73.64 -5.05
N ASN A 278 -63.35 -73.84 -6.37
CA ASN A 278 -64.12 -73.00 -7.28
C ASN A 278 -63.63 -71.57 -7.18
N ALA A 279 -62.57 -71.27 -7.92
CA ALA A 279 -62.00 -69.93 -7.91
C ALA A 279 -62.42 -69.09 -9.10
N LYS A 280 -62.86 -67.87 -8.84
CA LYS A 280 -63.29 -66.96 -9.90
C LYS A 280 -62.05 -66.28 -10.45
N LYS A 281 -61.24 -65.70 -9.56
CA LYS A 281 -60.00 -65.04 -9.95
C LYS A 281 -58.83 -65.75 -9.26
N THR A 282 -57.84 -66.13 -10.04
CA THR A 282 -56.68 -66.84 -9.51
C THR A 282 -56.09 -66.19 -8.25
N CYS A 283 -56.04 -66.98 -7.18
CA CYS A 283 -55.52 -66.51 -5.90
C CYS A 283 -54.29 -67.28 -5.46
N ILE A 284 -53.39 -66.59 -4.74
CA ILE A 284 -52.15 -67.21 -4.30
C ILE A 284 -51.71 -66.89 -2.87
N THR A 285 -51.04 -67.87 -2.26
CA THR A 285 -50.55 -67.76 -0.90
C THR A 285 -49.05 -67.71 -0.82
N ILE A 286 -48.51 -66.68 -0.16
CA ILE A 286 -47.07 -66.54 -0.03
C ILE A 286 -46.63 -66.73 1.41
N LEU A 287 -45.50 -67.42 1.60
CA LEU A 287 -44.95 -67.67 2.92
C LEU A 287 -43.44 -67.54 2.86
N VAL A 288 -42.93 -66.40 3.29
CA VAL A 288 -41.48 -66.16 3.27
C VAL A 288 -40.89 -66.01 4.66
N ASP A 289 -39.60 -65.77 4.74
CA ASP A 289 -38.98 -65.57 6.04
C ASP A 289 -38.12 -64.30 6.06
N LYS A 290 -37.23 -64.23 7.04
CA LYS A 290 -36.34 -63.10 7.20
C LYS A 290 -37.10 -61.81 7.51
N GLU A 291 -38.41 -61.90 7.76
CA GLU A 291 -39.20 -60.71 8.06
C GLU A 291 -38.73 -60.09 9.37
N GLU A 292 -38.62 -60.91 10.41
CA GLU A 292 -38.22 -60.46 11.73
C GLU A 292 -36.81 -59.89 11.74
N VAL A 293 -36.08 -60.07 10.65
CA VAL A 293 -34.70 -59.58 10.56
C VAL A 293 -34.52 -58.43 9.56
N GLY A 294 -35.61 -58.04 8.89
CA GLY A 294 -35.51 -56.95 7.95
C GLY A 294 -36.11 -57.25 6.59
N SER A 295 -36.36 -58.53 6.33
CA SER A 295 -36.94 -58.98 5.07
C SER A 295 -35.97 -58.79 3.89
N ILE A 296 -34.67 -58.96 4.15
CA ILE A 296 -33.65 -58.81 3.12
C ILE A 296 -33.84 -59.82 2.02
N GLY A 297 -33.00 -59.72 1.00
CA GLY A 297 -33.08 -60.60 -0.15
C GLY A 297 -32.88 -62.09 0.10
N ALA A 298 -32.79 -62.84 -1.00
CA ALA A 298 -32.61 -64.28 -0.98
C ALA A 298 -33.89 -65.06 -0.72
N THR A 299 -34.54 -64.77 0.41
CA THR A 299 -35.79 -65.45 0.78
C THR A 299 -36.85 -64.58 1.47
N GLY A 300 -36.95 -63.30 1.08
CA GLY A 300 -37.94 -62.40 1.68
C GLY A 300 -38.46 -61.30 0.75
N MET A 301 -37.55 -60.43 0.31
CA MET A 301 -37.89 -59.33 -0.60
C MET A 301 -37.43 -59.74 -2.00
N GLN A 302 -36.96 -60.99 -2.09
CA GLN A 302 -36.47 -61.57 -3.33
C GLN A 302 -37.45 -61.45 -4.49
N SER A 303 -37.03 -61.94 -5.65
CA SER A 303 -37.87 -61.91 -6.85
C SER A 303 -38.54 -63.28 -7.00
N LYS A 304 -38.27 -64.17 -6.06
CA LYS A 304 -38.84 -65.52 -6.06
C LYS A 304 -40.33 -65.50 -6.42
N PHE A 305 -41.03 -64.46 -6.01
CA PHE A 305 -42.45 -64.33 -6.30
C PHE A 305 -42.62 -63.69 -7.68
N PHE A 306 -41.88 -62.60 -7.92
CA PHE A 306 -41.92 -61.88 -9.17
C PHE A 306 -41.65 -62.88 -10.29
N GLU A 307 -40.40 -63.33 -10.36
CA GLU A 307 -40.00 -64.29 -11.38
C GLU A 307 -40.54 -65.67 -11.02
N ASN A 308 -41.86 -65.76 -10.94
CA ASN A 308 -42.49 -67.00 -10.62
C ASN A 308 -43.94 -66.90 -11.04
N THR A 309 -44.53 -65.75 -10.77
CA THR A 309 -45.90 -65.51 -11.16
C THR A 309 -45.79 -65.52 -12.67
N VAL A 310 -44.62 -65.13 -13.16
CA VAL A 310 -44.37 -65.10 -14.59
C VAL A 310 -44.10 -66.50 -15.08
N ALA A 311 -43.14 -67.17 -14.47
CA ALA A 311 -42.81 -68.54 -14.85
C ALA A 311 -44.09 -69.37 -14.81
N ASP A 312 -45.09 -68.86 -14.11
CA ASP A 312 -46.35 -69.54 -13.99
C ASP A 312 -47.34 -68.98 -15.03
N ILE A 313 -47.24 -67.68 -15.30
CA ILE A 313 -48.10 -67.01 -16.28
C ILE A 313 -47.76 -67.61 -17.66
N MET A 314 -46.54 -68.12 -17.79
CA MET A 314 -46.08 -68.73 -19.04
C MET A 314 -46.97 -69.90 -19.46
N SER A 315 -47.42 -70.68 -18.48
CA SER A 315 -48.29 -71.82 -18.75
C SER A 315 -49.76 -71.43 -18.64
N ASP A 321 -49.58 -64.82 -23.86
CA ASP A 321 -49.42 -65.13 -22.44
C ASP A 321 -47.95 -65.11 -22.04
N GLU A 322 -47.19 -64.21 -22.64
CA GLU A 322 -45.77 -64.12 -22.34
C GLU A 322 -45.33 -62.74 -21.82
N LEU A 323 -45.07 -61.83 -22.76
CA LEU A 323 -44.61 -60.47 -22.46
C LEU A 323 -45.15 -59.82 -21.20
N LYS A 324 -44.25 -59.05 -20.57
CA LYS A 324 -44.51 -58.32 -19.34
C LYS A 324 -45.96 -58.04 -19.02
N LEU A 325 -46.59 -57.16 -19.80
CA LEU A 325 -47.99 -56.78 -19.57
C LEU A 325 -48.12 -55.95 -18.28
N ARG A 326 -47.42 -56.38 -17.22
CA ARG A 326 -47.41 -55.71 -15.89
C ARG A 326 -48.72 -55.77 -15.11
N LYS A 327 -49.78 -55.23 -15.71
CA LYS A 327 -51.11 -55.20 -15.13
C LYS A 327 -51.44 -56.37 -14.19
N ALA A 328 -50.96 -57.56 -14.54
CA ALA A 328 -51.20 -58.76 -13.75
C ALA A 328 -51.13 -58.49 -12.26
N LEU A 329 -49.99 -57.95 -11.81
CA LEU A 329 -49.78 -57.64 -10.40
C LEU A 329 -50.50 -56.37 -9.98
N TYR A 330 -50.40 -55.32 -10.81
CA TYR A 330 -51.02 -54.03 -10.52
C TYR A 330 -52.50 -54.14 -10.16
N ASN A 331 -53.20 -55.09 -10.76
CA ASN A 331 -54.64 -55.23 -10.49
C ASN A 331 -54.97 -56.30 -9.44
N SER A 332 -54.03 -56.63 -8.58
CA SER A 332 -54.29 -57.63 -7.56
C SER A 332 -54.64 -57.01 -6.22
N GLU A 333 -55.17 -57.83 -5.32
CA GLU A 333 -55.54 -57.40 -3.99
C GLU A 333 -54.85 -58.35 -3.01
N MET A 334 -54.10 -57.80 -2.06
CA MET A 334 -53.41 -58.64 -1.07
C MET A 334 -53.88 -58.40 0.34
N LEU A 335 -53.57 -59.36 1.19
CA LEU A 335 -53.93 -59.30 2.58
C LEU A 335 -52.71 -59.74 3.39
N SER A 336 -51.63 -58.99 3.29
CA SER A 336 -50.40 -59.27 4.02
C SER A 336 -50.71 -59.23 5.50
N SER A 337 -50.76 -60.40 6.13
CA SER A 337 -51.09 -60.44 7.55
C SER A 337 -49.90 -60.72 8.45
N ASP A 338 -50.00 -60.28 9.71
CA ASP A 338 -48.97 -60.46 10.73
C ASP A 338 -49.62 -60.11 12.07
N VAL A 339 -49.26 -60.86 13.12
CA VAL A 339 -49.82 -60.63 14.45
C VAL A 339 -49.64 -59.21 14.95
N SER A 340 -50.59 -58.78 15.79
CA SER A 340 -50.56 -57.44 16.38
C SER A 340 -50.52 -57.57 17.88
N ALA A 341 -50.22 -56.48 18.57
CA ALA A 341 -50.17 -56.50 20.03
C ALA A 341 -51.55 -56.34 20.65
N ALA A 342 -51.97 -57.35 21.41
CA ALA A 342 -53.26 -57.31 22.07
C ALA A 342 -53.14 -56.53 23.38
N PHE A 343 -54.18 -55.80 23.75
CA PHE A 343 -54.17 -55.01 24.97
C PHE A 343 -53.92 -55.89 26.18
N ASP A 344 -52.85 -55.62 26.92
CA ASP A 344 -52.54 -56.40 28.12
C ASP A 344 -52.96 -55.64 29.37
N PRO A 345 -53.85 -56.22 30.16
CA PRO A 345 -54.33 -55.58 31.38
C PRO A 345 -53.24 -55.37 32.43
N ASN A 346 -52.02 -55.82 32.16
CA ASN A 346 -50.93 -55.63 33.09
C ASN A 346 -50.18 -54.35 32.81
N TYR A 347 -50.17 -53.95 31.54
CA TYR A 347 -49.48 -52.73 31.13
C TYR A 347 -50.38 -51.96 30.19
N PRO A 348 -51.36 -51.23 30.74
CA PRO A 348 -52.31 -50.45 29.98
C PRO A 348 -51.84 -49.09 29.44
N ASN A 349 -51.00 -48.42 30.22
CA ASN A 349 -50.52 -47.10 29.86
C ASN A 349 -49.65 -47.08 28.61
N VAL A 350 -49.42 -48.25 28.03
CA VAL A 350 -48.61 -48.32 26.83
C VAL A 350 -49.45 -48.24 25.54
N MET A 351 -50.76 -48.45 25.68
CA MET A 351 -51.65 -48.38 24.54
C MET A 351 -52.78 -47.37 24.73
N GLU A 352 -53.39 -46.96 23.62
CA GLU A 352 -54.46 -45.96 23.65
C GLU A 352 -55.85 -46.49 24.00
N LYS A 353 -55.94 -47.72 24.49
CA LYS A 353 -57.24 -48.31 24.86
C LYS A 353 -58.04 -48.42 23.58
N ARG A 354 -58.70 -47.33 23.17
CA ARG A 354 -59.44 -47.34 21.93
C ARG A 354 -58.37 -47.40 20.85
N ASN A 355 -58.69 -47.96 19.69
CA ASN A 355 -57.70 -48.08 18.62
C ASN A 355 -56.61 -49.08 19.00
N SER A 356 -56.99 -50.08 19.78
CA SER A 356 -56.05 -51.12 20.19
C SER A 356 -56.77 -52.44 20.04
N ALA A 357 -56.06 -53.48 19.59
CA ALA A 357 -56.68 -54.79 19.40
C ALA A 357 -56.91 -55.50 20.73
N TYR A 358 -58.05 -56.15 20.84
CA TYR A 358 -58.38 -56.87 22.05
C TYR A 358 -58.52 -58.36 21.82
N LEU A 359 -58.10 -59.14 22.81
CA LEU A 359 -58.15 -60.59 22.75
C LEU A 359 -59.56 -61.13 22.54
N GLY A 360 -59.88 -61.53 21.31
CA GLY A 360 -61.19 -62.11 21.07
C GLY A 360 -62.18 -61.25 20.32
N LYS A 361 -61.78 -60.07 19.85
CA LYS A 361 -62.75 -59.26 19.12
C LYS A 361 -62.63 -59.44 17.60
N GLY A 362 -62.19 -60.61 17.17
CA GLY A 362 -62.07 -60.86 15.74
C GLY A 362 -60.72 -60.60 15.12
N ILE A 363 -60.69 -60.57 13.79
CA ILE A 363 -59.46 -60.33 13.04
C ILE A 363 -59.08 -58.85 13.12
N VAL A 364 -57.79 -58.58 13.13
CA VAL A 364 -57.30 -57.21 13.23
C VAL A 364 -56.94 -56.57 11.89
N PHE A 365 -57.24 -55.27 11.76
CA PHE A 365 -56.92 -54.50 10.57
C PHE A 365 -56.07 -53.31 10.94
N ASN A 366 -55.00 -53.08 10.19
CA ASN A 366 -54.10 -51.95 10.46
C ASN A 366 -53.90 -51.13 9.22
N LYS A 367 -54.55 -49.98 9.16
CA LYS A 367 -54.43 -49.11 7.99
C LYS A 367 -52.97 -48.73 7.82
N TYR A 368 -52.35 -48.30 8.91
CA TYR A 368 -50.95 -47.91 8.91
C TYR A 368 -50.26 -48.51 10.11
N THR A 369 -48.93 -48.59 10.03
CA THR A 369 -48.14 -49.15 11.12
C THR A 369 -46.67 -48.77 10.98
N GLY A 370 -46.32 -47.58 11.47
CA GLY A 370 -44.95 -47.14 11.37
C GLY A 370 -44.36 -46.68 12.69
N SER A 371 -43.67 -45.55 12.66
CA SER A 371 -43.04 -45.00 13.86
C SER A 371 -43.42 -43.54 14.06
N ARG A 372 -42.41 -42.69 14.14
CA ARG A 372 -42.60 -41.25 14.32
C ARG A 372 -43.40 -40.65 13.17
N GLY A 373 -44.72 -40.77 13.22
CA GLY A 373 -45.53 -40.19 12.17
C GLY A 373 -45.79 -41.08 10.96
N LYS A 374 -46.16 -42.33 11.23
CA LYS A 374 -46.46 -43.30 10.17
C LYS A 374 -45.26 -43.54 9.26
N SER A 375 -44.07 -43.17 9.74
CA SER A 375 -42.84 -43.33 8.97
C SER A 375 -42.50 -44.78 8.62
N GLY A 376 -42.18 -44.98 7.35
CA GLY A 376 -41.80 -46.30 6.85
C GLY A 376 -42.82 -47.39 7.05
N CYS A 377 -43.87 -47.40 6.24
CA CYS A 377 -44.89 -48.41 6.35
C CYS A 377 -45.95 -48.20 5.28
N ASN A 378 -46.70 -49.25 4.98
CA ASN A 378 -47.75 -49.17 3.97
C ASN A 378 -49.04 -48.60 4.55
N ASP A 379 -49.68 -47.72 3.78
CA ASP A 379 -50.93 -47.10 4.21
C ASP A 379 -52.07 -47.53 3.27
N ALA A 380 -52.92 -48.43 3.76
CA ALA A 380 -54.06 -48.95 2.99
C ALA A 380 -55.03 -47.87 2.54
N ASN A 381 -55.53 -48.02 1.32
CA ASN A 381 -56.50 -47.06 0.77
C ASN A 381 -57.90 -47.31 1.34
N PRO A 382 -58.63 -46.22 1.64
CA PRO A 382 -59.98 -46.33 2.19
C PRO A 382 -60.94 -47.09 1.27
N GLU A 383 -60.90 -46.77 -0.02
CA GLU A 383 -61.78 -47.44 -0.97
C GLU A 383 -61.61 -48.96 -0.86
N TYR A 384 -60.37 -49.41 -0.70
CA TYR A 384 -60.10 -50.84 -0.55
C TYR A 384 -60.60 -51.35 0.79
N ILE A 385 -60.36 -50.56 1.84
CA ILE A 385 -60.79 -50.91 3.18
C ILE A 385 -62.30 -51.09 3.22
N ALA A 386 -63.01 -50.10 2.72
CA ALA A 386 -64.46 -50.16 2.69
C ALA A 386 -64.89 -51.49 2.08
N GLU A 387 -64.29 -51.86 0.96
CA GLU A 387 -64.64 -53.11 0.30
C GLU A 387 -64.50 -54.28 1.26
N LEU A 388 -63.34 -54.38 1.91
CA LEU A 388 -63.11 -55.46 2.85
C LEU A 388 -64.19 -55.47 3.92
N ARG A 389 -64.63 -54.27 4.31
CA ARG A 389 -65.68 -54.17 5.32
C ARG A 389 -66.91 -54.87 4.80
N ARG A 390 -67.40 -54.39 3.67
CA ARG A 390 -68.58 -54.94 3.04
C ARG A 390 -68.47 -56.47 2.97
N ILE A 391 -67.35 -56.97 2.46
CA ILE A 391 -67.13 -58.41 2.34
C ILE A 391 -67.21 -59.15 3.68
N LEU A 392 -66.42 -58.68 4.64
CA LEU A 392 -66.40 -59.28 5.96
C LEU A 392 -67.69 -58.96 6.71
N SER A 393 -68.73 -58.58 5.97
CA SER A 393 -70.01 -58.29 6.59
C SER A 393 -70.97 -59.34 6.10
N LYS A 394 -70.95 -59.52 4.78
CA LYS A 394 -71.80 -60.51 4.15
C LYS A 394 -71.50 -61.88 4.78
N GLU A 395 -70.28 -62.38 4.58
CA GLU A 395 -69.88 -63.66 5.14
C GLU A 395 -69.72 -63.56 6.66
N SER A 396 -70.14 -62.42 7.21
CA SER A 396 -70.03 -62.16 8.64
C SER A 396 -68.56 -62.00 9.01
N VAL A 397 -68.14 -62.65 10.10
CA VAL A 397 -66.75 -62.57 10.57
C VAL A 397 -66.53 -61.29 11.36
N ASN A 398 -66.00 -61.42 12.59
CA ASN A 398 -65.75 -60.25 13.42
C ASN A 398 -64.36 -59.68 13.15
N TRP A 399 -64.29 -58.36 13.05
CA TRP A 399 -63.03 -57.69 12.79
C TRP A 399 -62.92 -56.45 13.67
N GLN A 400 -61.68 -56.05 13.93
CA GLN A 400 -61.40 -54.88 14.76
C GLN A 400 -60.16 -54.21 14.22
N THR A 401 -60.11 -52.88 14.38
CA THR A 401 -58.97 -52.12 13.91
C THR A 401 -58.09 -51.73 15.09
N ALA A 402 -56.79 -51.78 14.90
CA ALA A 402 -55.86 -51.46 15.96
C ALA A 402 -54.68 -50.61 15.49
N GLU A 403 -53.92 -50.12 16.45
CA GLU A 403 -52.76 -49.29 16.21
C GLU A 403 -51.73 -49.80 17.22
N LEU A 404 -50.46 -49.84 16.83
CA LEU A 404 -49.45 -50.35 17.77
C LEU A 404 -48.97 -49.36 18.82
N GLY A 405 -49.67 -49.31 19.96
CA GLY A 405 -49.26 -48.39 21.00
C GLY A 405 -49.58 -46.92 20.75
N LYS A 406 -49.76 -46.18 21.85
CA LYS A 406 -50.08 -44.76 21.78
C LYS A 406 -49.07 -43.94 20.97
N VAL A 407 -49.44 -43.65 19.75
CA VAL A 407 -48.61 -42.86 18.87
C VAL A 407 -47.12 -43.08 19.05
N ASP A 408 -46.43 -42.09 19.59
CA ASP A 408 -44.97 -42.18 19.78
C ASP A 408 -44.46 -43.19 20.79
N GLN A 409 -44.94 -44.43 20.71
CA GLN A 409 -44.49 -45.45 21.64
C GLN A 409 -43.52 -46.41 20.98
N GLY A 410 -44.06 -47.49 20.42
CA GLY A 410 -43.22 -48.49 19.77
C GLY A 410 -43.12 -48.23 18.28
N GLY A 411 -42.20 -48.95 17.63
CA GLY A 411 -42.02 -48.80 16.21
C GLY A 411 -42.68 -49.93 15.44
N GLY A 412 -42.87 -49.73 14.14
CA GLY A 412 -43.49 -50.75 13.32
C GLY A 412 -42.92 -50.83 11.92
N GLY A 413 -43.31 -51.87 11.20
CA GLY A 413 -42.82 -52.07 9.84
C GLY A 413 -43.13 -53.46 9.32
N THR A 414 -44.21 -53.58 8.56
CA THR A 414 -44.63 -54.86 8.00
C THR A 414 -44.17 -55.00 6.57
N ILE A 415 -44.13 -56.23 6.08
CA ILE A 415 -43.70 -56.49 4.70
C ILE A 415 -44.83 -56.21 3.71
N ALA A 416 -45.81 -55.43 4.14
CA ALA A 416 -46.95 -55.10 3.31
C ALA A 416 -46.61 -54.15 2.16
N TYR A 417 -45.71 -53.21 2.43
CA TYR A 417 -45.31 -52.23 1.41
C TYR A 417 -44.43 -52.86 0.33
N ILE A 418 -43.75 -53.94 0.69
CA ILE A 418 -42.87 -54.59 -0.24
C ILE A 418 -43.57 -55.05 -1.52
N LEU A 419 -44.81 -55.52 -1.40
CA LEU A 419 -45.55 -55.97 -2.58
C LEU A 419 -46.43 -54.88 -3.15
N ALA A 420 -46.81 -53.92 -2.32
CA ALA A 420 -47.64 -52.83 -2.78
C ALA A 420 -46.84 -52.01 -3.78
N GLU A 421 -45.52 -52.24 -3.81
CA GLU A 421 -44.63 -51.51 -4.72
C GLU A 421 -45.06 -51.74 -6.18
N TYR A 422 -45.87 -52.76 -6.41
CA TYR A 422 -46.36 -53.06 -7.76
C TYR A 422 -47.60 -52.22 -8.07
N GLY A 423 -48.33 -51.83 -7.02
CA GLY A 423 -49.53 -51.04 -7.21
C GLY A 423 -50.75 -51.74 -6.63
N MET A 424 -50.52 -52.91 -6.02
CA MET A 424 -51.60 -53.70 -5.40
C MET A 424 -52.37 -52.92 -4.35
N GLN A 425 -53.47 -53.52 -3.89
CA GLN A 425 -54.29 -52.94 -2.84
C GLN A 425 -54.03 -53.80 -1.61
N VAL A 426 -53.09 -53.35 -0.79
CA VAL A 426 -52.72 -54.11 0.40
C VAL A 426 -53.24 -53.49 1.67
N ILE A 427 -53.30 -54.30 2.72
CA ILE A 427 -53.75 -53.86 4.03
C ILE A 427 -53.24 -54.88 5.05
N ASP A 428 -52.93 -54.42 6.26
CA ASP A 428 -52.42 -55.31 7.29
C ASP A 428 -53.49 -56.02 8.11
N CYS A 429 -53.36 -57.35 8.16
CA CYS A 429 -54.28 -58.17 8.90
C CYS A 429 -53.54 -59.02 9.90
N GLY A 430 -54.26 -59.92 10.55
CA GLY A 430 -53.61 -60.76 11.53
C GLY A 430 -54.38 -60.87 12.82
N VAL A 431 -53.93 -61.79 13.66
CA VAL A 431 -54.53 -62.06 14.94
C VAL A 431 -53.84 -61.20 16.01
N ALA A 432 -54.51 -61.03 17.14
CA ALA A 432 -53.94 -60.26 18.23
C ALA A 432 -53.26 -61.20 19.22
N LEU A 433 -51.99 -60.93 19.54
CA LEU A 433 -51.24 -61.79 20.47
C LEU A 433 -50.96 -61.13 21.79
N LEU A 434 -50.45 -61.94 22.72
CA LEU A 434 -50.07 -61.47 24.04
C LEU A 434 -48.57 -61.78 24.16
N ASN A 435 -47.83 -60.80 24.68
CA ASN A 435 -46.37 -60.92 24.81
C ASN A 435 -45.70 -61.51 23.57
N HIS A 437 -42.93 -62.03 20.46
CA HIS A 437 -41.51 -62.37 20.43
C HIS A 437 -41.00 -62.96 21.74
N ALA A 438 -41.92 -63.53 22.51
CA ALA A 438 -41.54 -64.16 23.75
C ALA A 438 -41.48 -65.65 23.45
N PRO A 439 -40.74 -66.41 24.26
CA PRO A 439 -40.64 -67.86 24.03
C PRO A 439 -42.02 -68.51 24.02
N TRP A 440 -42.97 -67.92 24.75
CA TRP A 440 -44.31 -68.45 24.81
C TRP A 440 -45.31 -67.32 24.58
N GLU A 441 -46.00 -67.38 23.45
CA GLU A 441 -46.98 -66.37 23.09
C GLU A 441 -48.40 -66.90 23.28
N ILE A 442 -49.37 -65.99 23.44
CA ILE A 442 -50.75 -66.39 23.65
C ILE A 442 -51.68 -65.87 22.58
N SER A 443 -52.71 -66.64 22.27
CA SER A 443 -53.68 -66.24 21.24
C SER A 443 -55.08 -66.73 21.56
N SER A 444 -56.09 -66.06 21.00
CA SER A 444 -57.47 -66.45 21.24
C SER A 444 -57.99 -67.35 20.14
N LYS A 445 -58.42 -68.55 20.53
CA LYS A 445 -58.93 -69.48 19.55
C LYS A 445 -60.02 -68.84 18.70
N ALA A 446 -60.88 -68.07 19.37
CA ALA A 446 -61.94 -67.37 18.67
C ALA A 446 -61.32 -66.51 17.55
N ASP A 447 -60.29 -65.75 17.89
CA ASP A 447 -59.66 -64.91 16.89
C ASP A 447 -59.05 -65.76 15.78
N ILE A 448 -58.33 -66.82 16.16
CA ILE A 448 -57.72 -67.69 15.16
C ILE A 448 -58.80 -68.05 14.14
N TYR A 449 -59.89 -68.63 14.65
CA TYR A 449 -61.04 -69.02 13.84
C TYR A 449 -61.51 -67.87 12.98
N GLU A 450 -61.98 -66.81 13.64
CA GLU A 450 -62.47 -65.63 12.94
C GLU A 450 -61.53 -65.21 11.78
N THR A 451 -60.25 -65.11 12.08
CA THR A 451 -59.26 -64.72 11.09
C THR A 451 -59.33 -65.59 9.86
N LYS A 452 -59.31 -66.90 10.07
CA LYS A 452 -59.39 -67.81 8.95
C LYS A 452 -60.60 -67.49 8.11
N ASN A 453 -61.76 -67.42 8.73
CA ASN A 453 -62.98 -67.11 8.00
C ASN A 453 -62.80 -65.80 7.26
N GLY A 454 -62.11 -64.87 7.89
CA GLY A 454 -61.88 -63.58 7.25
C GLY A 454 -61.11 -63.77 5.96
N TYR A 455 -60.11 -64.64 6.01
CA TYR A 455 -59.29 -64.94 4.85
C TYR A 455 -60.15 -65.63 3.80
N SER A 456 -60.73 -66.76 4.17
CA SER A 456 -61.57 -67.51 3.26
C SER A 456 -62.65 -66.62 2.63
N ALA A 457 -63.20 -65.70 3.43
CA ALA A 457 -64.22 -64.79 2.92
C ALA A 457 -63.59 -63.71 2.06
N PHE A 458 -62.45 -64.05 1.46
CA PHE A 458 -61.72 -63.13 0.60
C PHE A 458 -61.48 -63.88 -0.73
N LEU A 459 -62.24 -64.95 -0.93
CA LEU A 459 -62.15 -65.79 -2.12
C LEU A 459 -62.94 -65.24 -3.31
N ASN A 460 -64.26 -65.12 -3.12
CA ASN A 460 -65.16 -64.69 -4.19
C ASN A 460 -65.45 -63.20 -4.18
N ASN A 461 -66.66 -62.86 -3.75
CA ASN A 461 -67.08 -61.48 -3.68
C ASN A 461 -66.20 -60.73 -2.67
N LEU B 1 -72.48 -67.13 44.60
CA LEU B 1 -71.76 -67.15 43.27
C LEU B 1 -70.36 -66.56 43.46
N LEU B 2 -70.35 -65.23 43.62
CA LEU B 2 -69.12 -64.44 43.81
C LEU B 2 -69.03 -64.05 45.29
N LYS B 3 -68.68 -62.79 45.58
CA LYS B 3 -68.60 -62.34 46.96
C LYS B 3 -68.71 -60.83 47.15
N GLU B 4 -69.07 -60.44 48.36
CA GLU B 4 -69.24 -59.05 48.72
C GLU B 4 -69.11 -59.10 50.24
N TYR B 5 -68.35 -58.17 50.81
CA TYR B 5 -68.12 -58.13 52.27
C TYR B 5 -69.12 -57.30 53.05
N LYS B 6 -69.90 -56.47 52.36
CA LYS B 6 -70.92 -55.64 53.00
C LYS B 6 -70.33 -54.67 54.02
N ASN B 7 -71.20 -53.85 54.60
CA ASN B 7 -70.81 -52.87 55.60
C ASN B 7 -71.35 -53.25 56.96
N ALA B 8 -70.52 -53.21 58.01
CA ALA B 8 -70.96 -53.55 59.37
C ALA B 8 -72.31 -52.93 59.72
N TRP B 9 -72.47 -51.63 59.46
CA TRP B 9 -73.72 -50.95 59.76
C TRP B 9 -74.80 -51.58 58.89
N ASP B 10 -76.00 -51.01 58.90
CA ASP B 10 -77.14 -51.56 58.14
C ASP B 10 -77.53 -52.83 58.88
N LYS B 11 -76.69 -53.85 58.71
CA LYS B 11 -76.91 -55.12 59.35
C LYS B 11 -77.18 -54.84 60.84
N TYR B 12 -76.42 -53.92 61.42
CA TYR B 12 -76.60 -53.56 62.83
C TYR B 12 -78.01 -53.04 63.09
N ASP B 13 -78.14 -51.72 63.08
CA ASP B 13 -79.42 -51.09 63.34
C ASP B 13 -80.01 -51.84 64.52
N ASP B 14 -81.14 -52.49 64.28
CA ASP B 14 -81.80 -53.26 65.32
C ASP B 14 -82.18 -52.33 66.48
N LYS B 15 -81.71 -51.08 66.41
CA LYS B 15 -81.97 -50.09 67.45
C LYS B 15 -81.25 -50.51 68.73
N GLN B 16 -81.02 -51.81 68.84
CA GLN B 16 -80.35 -52.38 70.00
C GLN B 16 -78.87 -52.43 69.67
N LEU B 17 -78.53 -53.34 68.76
CA LEU B 17 -77.16 -53.54 68.30
C LEU B 17 -76.41 -52.21 68.32
N LYS B 18 -76.95 -51.19 67.64
CA LYS B 18 -76.30 -49.88 67.60
C LYS B 18 -76.03 -49.37 69.01
N GLU B 19 -77.08 -49.11 69.76
CA GLU B 19 -76.96 -48.61 71.13
C GLU B 19 -76.00 -49.49 71.90
N VAL B 20 -76.05 -50.79 71.64
CA VAL B 20 -75.18 -51.75 72.32
C VAL B 20 -73.70 -51.55 72.04
N PHE B 21 -73.36 -50.50 71.30
CA PHE B 21 -71.97 -50.25 71.01
C PHE B 21 -71.67 -48.81 70.68
N ALA B 22 -72.57 -48.16 69.94
CA ALA B 22 -72.38 -46.76 69.57
C ALA B 22 -71.94 -46.05 70.83
N LEU B 23 -72.56 -46.43 71.94
CA LEU B 23 -72.23 -45.89 73.25
C LEU B 23 -71.66 -47.08 74.02
N GLY B 24 -71.93 -48.27 73.51
CA GLY B 24 -71.46 -49.48 74.15
C GLY B 24 -69.96 -49.44 74.35
N ASP B 25 -69.21 -49.92 73.36
CA ASP B 25 -67.77 -49.92 73.45
C ASP B 25 -67.21 -48.50 73.42
N ARG B 26 -67.78 -47.66 72.57
CA ARG B 26 -67.33 -46.27 72.53
C ARG B 26 -67.78 -45.65 73.85
N PHE B 27 -67.00 -45.91 74.88
CA PHE B 27 -67.28 -45.42 76.21
C PHE B 27 -66.27 -46.21 76.99
N LYS B 28 -66.44 -47.53 77.00
CA LYS B 28 -65.51 -48.39 77.69
C LYS B 28 -64.14 -48.15 77.06
N ASN B 29 -63.98 -48.58 75.80
CA ASN B 29 -62.72 -48.40 75.06
C ASN B 29 -62.46 -46.91 75.03
N PHE B 30 -63.41 -46.21 74.42
CA PHE B 30 -63.32 -44.78 74.31
C PHE B 30 -62.67 -44.13 75.53
N ILE B 31 -62.85 -44.71 76.71
CA ILE B 31 -62.28 -44.15 77.94
C ILE B 31 -61.02 -44.87 78.39
N SER B 32 -60.90 -46.14 78.01
CA SER B 32 -59.73 -46.92 78.39
C SER B 32 -58.44 -46.22 77.92
N ASN B 33 -58.34 -45.95 76.63
CA ASN B 33 -57.14 -45.32 76.11
C ASN B 33 -57.09 -43.83 76.42
N CYS B 34 -57.58 -43.44 77.58
CA CYS B 34 -57.55 -42.04 78.00
C CYS B 34 -56.96 -41.99 79.39
N LYS B 35 -57.37 -42.95 80.21
CA LYS B 35 -56.90 -43.05 81.57
C LYS B 35 -55.77 -44.09 81.66
N THR B 36 -55.27 -44.49 80.50
CA THR B 36 -54.21 -45.48 80.43
C THR B 36 -53.51 -45.30 79.08
N GLU B 37 -52.32 -44.71 79.10
CA GLU B 37 -51.57 -44.47 77.86
C GLU B 37 -50.14 -45.01 77.94
N ARG B 38 -49.76 -45.51 79.11
CA ARG B 38 -48.42 -46.05 79.30
C ARG B 38 -48.49 -47.41 79.95
N GLU B 39 -48.48 -48.47 79.14
CA GLU B 39 -48.55 -49.87 79.61
C GLU B 39 -48.99 -50.10 81.06
N CYS B 40 -49.76 -49.18 81.62
CA CYS B 40 -50.27 -49.32 82.99
C CYS B 40 -51.66 -49.87 82.79
N VAL B 41 -51.90 -50.28 81.55
CA VAL B 41 -53.17 -50.86 81.17
C VAL B 41 -53.33 -52.00 82.18
N THR B 42 -52.22 -52.60 82.57
CA THR B 42 -52.21 -53.69 83.54
C THR B 42 -52.98 -53.26 84.78
N GLU B 43 -52.56 -52.16 85.40
CA GLU B 43 -53.23 -51.67 86.60
C GLU B 43 -54.73 -51.53 86.43
N LEU B 44 -55.14 -50.57 85.59
CA LEU B 44 -56.56 -50.32 85.36
C LEU B 44 -57.31 -51.61 84.98
N ILE B 45 -56.67 -52.48 84.20
CA ILE B 45 -57.34 -53.72 83.81
C ILE B 45 -57.36 -54.71 84.96
N LYS B 46 -56.27 -54.77 85.70
CA LYS B 46 -56.20 -55.68 86.83
C LYS B 46 -57.20 -55.25 87.88
N THR B 47 -57.43 -53.94 87.98
CA THR B 47 -58.42 -53.42 88.95
C THR B 47 -59.76 -53.96 88.48
N ALA B 48 -60.00 -53.94 87.18
CA ALA B 48 -61.23 -54.51 86.64
C ALA B 48 -60.98 -56.02 86.84
N GLU B 49 -61.86 -56.87 86.35
CA GLU B 49 -61.66 -58.30 86.54
C GLU B 49 -61.65 -58.55 88.04
N LYS B 50 -62.15 -57.58 88.81
CA LYS B 50 -62.22 -57.72 90.26
C LYS B 50 -63.32 -58.74 90.52
N SER B 51 -64.07 -59.04 89.47
CA SER B 51 -65.14 -60.01 89.53
C SER B 51 -64.53 -61.40 89.39
N GLY B 52 -63.59 -61.71 90.28
CA GLY B 52 -62.90 -62.98 90.26
C GLY B 52 -61.42 -62.77 89.95
N TYR B 53 -60.71 -63.83 89.58
CA TYR B 53 -59.30 -63.71 89.24
C TYR B 53 -58.43 -63.35 90.44
N ARG B 54 -57.23 -63.90 90.47
CA ARG B 54 -56.29 -63.59 91.54
C ARG B 54 -54.94 -64.24 91.32
N ASN B 55 -54.88 -65.56 91.54
CA ASN B 55 -53.64 -66.34 91.38
C ASN B 55 -52.47 -65.61 91.99
N ILE B 56 -51.82 -64.83 91.14
CA ILE B 56 -50.66 -64.01 91.48
C ILE B 56 -49.85 -64.59 92.66
N GLU B 57 -50.30 -64.32 93.88
CA GLU B 57 -49.62 -64.80 95.08
C GLU B 57 -50.42 -65.94 95.75
N ASP B 58 -51.75 -65.82 95.71
CA ASP B 58 -52.64 -66.79 96.33
C ASP B 58 -52.62 -68.16 95.66
N ILE B 59 -51.48 -68.83 95.77
CA ILE B 59 -51.33 -70.17 95.21
C ILE B 59 -51.22 -71.16 96.37
N LEU B 60 -52.34 -71.84 96.64
CA LEU B 60 -52.42 -72.85 97.73
C LEU B 60 -53.07 -74.15 97.25
N ALA B 61 -53.20 -74.27 95.93
CA ALA B 61 -53.82 -75.46 95.29
C ALA B 61 -55.32 -75.44 95.53
N LYS B 62 -55.68 -75.32 96.81
CA LYS B 62 -57.07 -75.28 97.25
C LYS B 62 -57.39 -73.87 97.72
N GLY B 63 -56.43 -72.97 97.60
CA GLY B 63 -56.65 -71.59 98.02
C GLY B 63 -57.87 -71.06 97.29
N GLU B 64 -58.09 -71.58 96.10
CA GLU B 64 -59.23 -71.22 95.24
C GLU B 64 -59.70 -72.52 94.58
N THR B 65 -59.10 -73.63 95.01
CA THR B 65 -59.39 -74.97 94.47
C THR B 65 -59.45 -74.95 92.94
N LEU B 66 -58.28 -74.87 92.32
CA LEU B 66 -58.17 -74.81 90.86
C LEU B 66 -58.97 -75.91 90.18
N LYS B 67 -60.14 -75.54 89.66
CA LYS B 67 -61.02 -76.48 88.98
C LYS B 67 -62.08 -75.73 88.16
N GLU B 68 -63.09 -76.46 87.68
CA GLU B 68 -64.18 -75.89 86.90
C GLU B 68 -64.57 -74.48 87.32
N GLY B 69 -64.84 -73.63 86.33
CA GLY B 69 -65.27 -72.26 86.60
C GLY B 69 -64.33 -71.30 87.32
N ASP B 70 -63.07 -71.69 87.49
CA ASP B 70 -62.10 -70.83 88.16
C ASP B 70 -61.47 -69.84 87.19
N LYS B 71 -61.14 -68.66 87.72
CA LYS B 71 -60.54 -67.58 86.92
C LYS B 71 -59.41 -66.91 87.69
N VAL B 72 -58.22 -66.87 87.09
CA VAL B 72 -57.07 -66.24 87.74
C VAL B 72 -56.21 -65.41 86.78
N TYR B 73 -55.39 -64.51 87.34
CA TYR B 73 -54.53 -63.69 86.52
C TYR B 73 -53.10 -63.75 87.04
N ALA B 74 -52.14 -63.41 86.20
CA ALA B 74 -50.73 -63.42 86.59
C ALA B 74 -50.10 -62.13 86.13
N ASN B 75 -49.52 -61.39 87.07
CA ASN B 75 -48.87 -60.13 86.73
C ASN B 75 -47.37 -60.30 86.45
N ASN B 76 -46.89 -59.74 85.34
CA ASN B 76 -45.48 -59.83 85.01
C ASN B 76 -44.81 -58.49 85.26
N ARG B 77 -44.28 -58.34 86.48
CA ARG B 77 -43.60 -57.13 86.91
C ARG B 77 -44.34 -55.87 86.46
N GLY B 78 -45.67 -55.96 86.43
CA GLY B 78 -46.51 -54.84 86.07
C GLY B 78 -46.55 -54.47 84.60
N LYS B 79 -45.61 -54.99 83.82
CA LYS B 79 -45.54 -54.69 82.40
C LYS B 79 -46.40 -55.63 81.57
N GLY B 80 -46.70 -56.80 82.12
CA GLY B 80 -47.52 -57.76 81.37
C GLY B 80 -48.63 -58.40 82.18
N LEU B 81 -49.62 -58.93 81.48
CA LEU B 81 -50.76 -59.56 82.12
C LEU B 81 -51.33 -60.73 81.35
N ILE B 82 -51.70 -61.78 82.06
CA ILE B 82 -52.28 -62.96 81.45
C ILE B 82 -53.43 -63.50 82.33
N MET B 83 -54.58 -63.71 81.71
CA MET B 83 -55.75 -64.19 82.40
C MET B 83 -56.19 -65.60 81.97
N PHE B 84 -56.66 -66.39 82.93
CA PHE B 84 -57.13 -67.75 82.68
C PHE B 84 -58.61 -67.91 83.04
N LEU B 85 -59.18 -69.00 82.54
CA LEU B 85 -60.57 -69.32 82.79
C LEU B 85 -60.74 -70.82 82.55
N ILE B 86 -60.69 -71.59 83.63
CA ILE B 86 -60.82 -73.04 83.52
C ILE B 86 -62.16 -73.49 83.00
N GLY B 87 -62.13 -74.53 82.18
CA GLY B 87 -63.35 -75.09 81.61
C GLY B 87 -63.53 -76.55 81.94
N LYS B 88 -64.66 -77.12 81.51
CA LYS B 88 -64.97 -78.53 81.75
C LYS B 88 -63.80 -79.45 81.43
N GLU B 89 -63.46 -79.57 80.14
CA GLU B 89 -62.38 -80.42 79.70
C GLU B 89 -61.10 -80.09 80.44
N PRO B 90 -60.13 -81.03 80.44
CA PRO B 90 -58.83 -80.86 81.11
C PRO B 90 -57.87 -80.00 80.26
N LEU B 91 -56.91 -79.36 80.92
CA LEU B 91 -55.96 -78.52 80.22
C LEU B 91 -55.28 -79.30 79.13
N TYR B 92 -54.87 -80.53 79.44
CA TYR B 92 -54.18 -81.40 78.49
C TYR B 92 -54.89 -81.41 77.13
N THR B 93 -56.17 -81.08 77.11
CA THR B 93 -56.94 -81.06 75.87
C THR B 93 -56.40 -79.98 74.92
N GLY B 94 -56.42 -78.74 75.37
CA GLY B 94 -55.96 -77.63 74.56
C GLY B 94 -56.33 -76.30 75.21
N PHE B 95 -56.19 -75.22 74.46
CA PHE B 95 -56.54 -73.92 74.98
C PHE B 95 -57.19 -73.04 73.91
N LYS B 96 -57.76 -71.93 74.35
CA LYS B 96 -58.37 -70.97 73.46
C LYS B 96 -57.72 -69.65 73.85
N ILE B 97 -56.60 -69.33 73.22
CA ILE B 97 -55.88 -68.12 73.55
C ILE B 97 -56.21 -66.87 72.73
N LEU B 98 -56.15 -65.73 73.40
CA LEU B 98 -56.35 -64.43 72.76
C LEU B 98 -55.13 -63.60 73.14
N GLY B 99 -54.38 -63.14 72.14
CA GLY B 99 -53.19 -62.36 72.43
C GLY B 99 -53.17 -60.96 71.85
N ALA B 100 -52.42 -60.06 72.50
CA ALA B 100 -52.30 -58.68 72.07
C ALA B 100 -51.22 -57.94 72.88
N HIS B 101 -50.55 -56.98 72.25
CA HIS B 101 -49.54 -56.20 72.94
C HIS B 101 -50.16 -54.91 73.43
N ILE B 102 -49.80 -54.49 74.63
CA ILE B 102 -50.37 -53.27 75.17
C ILE B 102 -49.49 -52.01 75.03
N ASP B 103 -48.25 -52.20 74.56
CA ASP B 103 -47.33 -51.08 74.38
C ASP B 103 -47.62 -50.37 73.08
N SER B 104 -47.17 -49.12 73.01
CA SER B 104 -47.36 -48.31 71.80
C SER B 104 -46.23 -47.32 71.62
N PRO B 105 -45.90 -46.99 70.36
CA PRO B 105 -44.83 -46.04 70.05
C PRO B 105 -45.01 -44.70 70.77
N ARG B 106 -43.91 -44.14 71.23
CA ARG B 106 -43.93 -42.87 71.95
C ARG B 106 -42.51 -42.36 72.22
N LEU B 107 -42.43 -41.18 72.79
CA LEU B 107 -41.12 -40.60 73.12
C LEU B 107 -40.90 -40.90 74.60
N ASP B 108 -39.64 -40.87 75.05
CA ASP B 108 -39.37 -41.10 76.46
C ASP B 108 -37.97 -40.69 76.92
N LEU B 109 -37.94 -39.79 77.89
CA LEU B 109 -36.74 -39.23 78.49
C LEU B 109 -35.54 -40.18 78.64
N LYS B 110 -34.34 -39.67 78.37
CA LYS B 110 -33.13 -40.47 78.47
C LYS B 110 -32.76 -40.69 79.94
N GLN B 111 -31.56 -41.24 80.18
CA GLN B 111 -31.10 -41.48 81.54
C GLN B 111 -30.80 -40.15 82.26
N ASN B 112 -30.39 -39.15 81.49
CA ASN B 112 -30.07 -37.83 82.03
C ASN B 112 -30.74 -36.80 81.14
N PRO B 113 -32.08 -36.82 81.11
CA PRO B 113 -32.90 -35.92 80.31
C PRO B 113 -32.85 -34.41 80.61
N LEU B 114 -32.76 -34.06 81.88
CA LEU B 114 -32.72 -32.67 82.26
C LEU B 114 -31.41 -31.95 81.96
N TYR B 115 -31.49 -30.91 81.14
CA TYR B 115 -30.33 -30.09 80.78
C TYR B 115 -30.86 -28.72 80.40
N GLU B 116 -29.99 -27.73 80.43
CA GLU B 116 -30.40 -26.36 80.13
C GLU B 116 -29.59 -25.75 78.99
N ASP B 117 -30.26 -25.37 77.91
CA ASP B 117 -29.57 -24.77 76.78
C ASP B 117 -30.14 -23.41 76.42
N THR B 118 -29.30 -22.38 76.52
CA THR B 118 -29.72 -21.02 76.22
C THR B 118 -30.94 -20.65 77.04
N ASP B 119 -30.70 -20.23 78.27
CA ASP B 119 -31.76 -19.85 79.18
C ASP B 119 -32.68 -21.03 79.47
N LEU B 120 -33.80 -21.16 78.75
CA LEU B 120 -34.71 -22.26 79.01
C LEU B 120 -34.07 -23.64 79.16
N ALA B 121 -34.78 -24.54 79.81
CA ALA B 121 -34.29 -25.90 80.04
C ALA B 121 -35.11 -27.00 79.36
N MET B 122 -34.46 -27.82 78.54
CA MET B 122 -35.13 -28.89 77.85
C MET B 122 -35.06 -30.21 78.59
N LEU B 123 -35.44 -31.27 77.87
CA LEU B 123 -35.47 -32.64 78.39
C LEU B 123 -35.15 -33.61 77.25
N GLU B 124 -34.00 -34.26 77.32
CA GLU B 124 -33.62 -35.23 76.28
C GLU B 124 -34.63 -36.35 76.16
N THR B 125 -34.79 -36.87 74.94
CA THR B 125 -35.74 -37.96 74.70
C THR B 125 -35.11 -38.98 73.78
N HIS B 126 -35.89 -39.99 73.42
CA HIS B 126 -35.39 -41.04 72.56
C HIS B 126 -36.57 -41.86 72.14
N TYR B 127 -37.19 -41.53 71.01
CA TYR B 127 -38.39 -42.25 70.55
C TYR B 127 -38.29 -43.75 70.63
N TYR B 128 -39.44 -44.37 70.87
CA TYR B 128 -39.56 -45.82 71.01
C TYR B 128 -40.66 -46.39 70.14
N GLY B 129 -40.37 -47.52 69.50
CA GLY B 129 -41.37 -48.16 68.67
C GLY B 129 -41.31 -47.86 67.19
N GLY B 130 -40.60 -46.80 66.84
CA GLY B 130 -40.51 -46.45 65.43
C GLY B 130 -41.70 -45.63 64.97
N ILE B 131 -41.78 -44.40 65.45
CA ILE B 131 -42.83 -43.49 65.07
C ILE B 131 -42.42 -42.95 63.72
N LYS B 132 -41.20 -43.30 63.31
CA LYS B 132 -40.55 -42.90 62.05
C LYS B 132 -40.94 -41.52 61.57
N LYS B 133 -42.24 -41.28 61.46
CA LYS B 133 -42.73 -39.99 61.05
C LYS B 133 -42.62 -39.14 62.30
N TYR B 134 -41.53 -38.39 62.42
CA TYR B 134 -41.34 -37.57 63.57
C TYR B 134 -42.22 -36.35 63.59
N GLN B 135 -43.39 -36.43 62.96
CA GLN B 135 -44.32 -35.31 62.97
C GLN B 135 -45.09 -35.44 64.30
N TRP B 136 -44.28 -35.46 65.36
CA TRP B 136 -44.71 -35.54 66.75
C TRP B 136 -44.39 -34.22 67.42
N VAL B 137 -44.09 -33.22 66.61
CA VAL B 137 -43.71 -31.93 67.16
C VAL B 137 -44.89 -31.11 67.68
N THR B 138 -44.99 -29.89 67.19
CA THR B 138 -46.03 -28.97 67.55
C THR B 138 -47.16 -29.37 68.51
N LEU B 139 -47.87 -30.47 68.25
CA LEU B 139 -48.98 -30.85 69.13
C LEU B 139 -48.57 -31.06 70.60
N PRO B 140 -49.50 -30.76 71.54
CA PRO B 140 -49.38 -30.87 73.00
C PRO B 140 -49.10 -32.27 73.57
N LEU B 141 -48.10 -32.36 74.45
CA LEU B 141 -47.71 -33.64 75.07
C LEU B 141 -47.91 -33.68 76.56
N ALA B 142 -48.04 -34.90 77.09
CA ALA B 142 -48.22 -35.13 78.51
C ALA B 142 -47.16 -36.12 79.02
N ILE B 143 -46.77 -36.01 80.30
CA ILE B 143 -45.78 -36.92 80.84
C ILE B 143 -46.40 -37.98 81.74
N HIS B 144 -46.00 -39.24 81.53
CA HIS B 144 -46.48 -40.34 82.33
C HIS B 144 -45.29 -41.12 82.82
N GLY B 145 -45.51 -42.36 83.25
CA GLY B 145 -44.40 -43.17 83.74
C GLY B 145 -44.23 -43.15 85.25
N VAL B 146 -43.05 -43.57 85.69
CA VAL B 146 -42.75 -43.65 87.11
C VAL B 146 -41.27 -43.43 87.43
N ILE B 147 -40.98 -42.89 88.61
CA ILE B 147 -39.61 -42.66 89.01
C ILE B 147 -39.33 -43.47 90.28
N VAL B 148 -38.17 -44.12 90.33
CA VAL B 148 -37.81 -44.93 91.50
C VAL B 148 -36.69 -44.34 92.33
N LYS B 149 -37.00 -44.00 93.58
CA LYS B 149 -36.02 -43.45 94.51
C LYS B 149 -34.94 -44.50 94.75
N LYS B 150 -33.79 -44.06 95.26
CA LYS B 150 -32.70 -45.02 95.53
C LYS B 150 -33.17 -46.06 96.56
N ASP B 151 -34.00 -45.61 97.49
CA ASP B 151 -34.54 -46.48 98.55
C ASP B 151 -35.57 -47.49 98.03
N GLY B 152 -36.06 -47.26 96.82
CA GLY B 152 -37.04 -48.15 96.23
C GLY B 152 -38.46 -47.62 96.16
N THR B 153 -38.66 -46.40 96.64
CA THR B 153 -40.00 -45.79 96.64
C THR B 153 -40.44 -45.48 95.22
N ILE B 154 -41.58 -46.02 94.83
CA ILE B 154 -42.09 -45.79 93.49
C ILE B 154 -43.03 -44.59 93.45
N VAL B 155 -42.62 -43.55 92.74
CA VAL B 155 -43.45 -42.35 92.62
C VAL B 155 -44.11 -42.32 91.25
N ASN B 156 -45.41 -42.02 91.21
CA ASN B 156 -46.12 -41.99 89.93
C ASN B 156 -46.19 -40.59 89.36
N VAL B 157 -45.91 -40.47 88.07
CA VAL B 157 -45.96 -39.18 87.40
C VAL B 157 -47.03 -39.17 86.30
N CYS B 158 -47.84 -38.12 86.29
CA CYS B 158 -48.89 -37.98 85.28
C CYS B 158 -49.22 -36.50 85.14
N VAL B 159 -48.46 -35.80 84.29
CA VAL B 159 -48.65 -34.38 84.07
C VAL B 159 -49.13 -34.07 82.67
N GLY B 160 -50.13 -33.20 82.58
CA GLY B 160 -50.66 -32.81 81.27
C GLY B 160 -51.99 -33.44 80.92
N GLU B 161 -52.56 -34.25 81.80
CA GLU B 161 -53.84 -34.87 81.49
C GLU B 161 -55.04 -34.05 81.98
N ASP B 162 -55.00 -33.59 83.23
CA ASP B 162 -56.09 -32.79 83.77
C ASP B 162 -56.15 -31.43 83.06
N ASP B 163 -57.36 -30.92 82.87
CA ASP B 163 -57.52 -29.64 82.21
C ASP B 163 -56.78 -28.51 82.92
N ASN B 164 -56.20 -28.79 84.08
CA ASN B 164 -55.48 -27.77 84.83
C ASN B 164 -54.00 -28.02 84.91
N ASP B 165 -53.56 -29.15 84.35
CA ASP B 165 -52.14 -29.46 84.37
C ASP B 165 -51.45 -28.78 83.19
N PRO B 166 -50.18 -28.42 83.36
CA PRO B 166 -49.46 -27.77 82.26
C PRO B 166 -49.17 -28.85 81.23
N VAL B 167 -48.75 -28.43 80.04
CA VAL B 167 -48.45 -29.38 78.99
C VAL B 167 -47.03 -29.22 78.49
N PHE B 168 -46.62 -30.10 77.58
CA PHE B 168 -45.27 -30.06 77.01
C PHE B 168 -45.29 -30.33 75.51
N GLY B 169 -44.14 -30.18 74.88
CA GLY B 169 -44.08 -30.40 73.45
C GLY B 169 -42.72 -30.16 72.82
N VAL B 170 -42.58 -30.57 71.56
CA VAL B 170 -41.35 -30.40 70.82
C VAL B 170 -41.50 -29.24 69.84
N SER B 171 -40.53 -28.33 69.80
CA SER B 171 -40.59 -27.18 68.91
C SER B 171 -40.10 -27.49 67.50
N ASP B 172 -40.36 -26.58 66.58
CA ASP B 172 -39.95 -26.74 65.18
C ASP B 172 -39.85 -25.38 64.53
N ILE B 173 -38.74 -25.11 63.87
CA ILE B 173 -38.51 -23.81 63.22
C ILE B 173 -39.74 -23.30 62.51
N LEU B 174 -39.94 -21.99 62.55
CA LEU B 174 -41.07 -21.38 61.87
C LEU B 174 -40.82 -21.47 60.36
N VAL B 175 -41.89 -21.56 59.58
CA VAL B 175 -41.77 -21.67 58.15
C VAL B 175 -40.95 -20.55 57.54
N HIS B 176 -41.00 -19.39 58.17
CA HIS B 176 -40.28 -18.25 57.68
C HIS B 176 -38.78 -18.50 57.51
N LEU B 177 -38.22 -19.34 58.37
CA LEU B 177 -36.81 -19.64 58.30
C LEU B 177 -36.55 -21.13 58.09
N ALA B 178 -37.59 -21.87 57.74
CA ALA B 178 -37.45 -23.31 57.54
C ALA B 178 -36.98 -23.64 56.15
N SER B 179 -36.65 -22.61 55.39
CA SER B 179 -36.18 -22.77 54.01
C SER B 179 -35.06 -23.81 53.86
N GLU B 180 -34.02 -23.69 54.69
CA GLU B 180 -32.89 -24.60 54.64
C GLU B 180 -33.28 -26.04 55.00
N GLN B 181 -34.43 -26.19 55.64
CA GLN B 181 -34.94 -27.50 56.03
C GLN B 181 -35.87 -28.05 54.94
N LEU B 182 -35.29 -28.59 53.88
CA LEU B 182 -36.05 -29.15 52.75
C LEU B 182 -35.56 -30.53 52.32
N GLU B 183 -34.27 -30.79 52.52
CA GLU B 183 -33.72 -32.07 52.11
C GLU B 183 -34.41 -33.27 52.77
N LYS B 184 -34.76 -34.26 51.94
CA LYS B 184 -35.40 -35.49 52.39
C LYS B 184 -36.44 -35.39 53.48
N LYS B 185 -37.71 -35.58 53.14
CA LYS B 185 -38.78 -35.56 54.15
C LYS B 185 -38.46 -36.74 55.08
N ALA B 186 -37.80 -37.76 54.51
CA ALA B 186 -37.39 -38.97 55.23
C ALA B 186 -36.99 -38.61 56.63
N SER B 187 -36.36 -37.45 56.78
CA SER B 187 -35.94 -37.01 58.09
C SER B 187 -35.16 -35.71 58.10
N LYS B 188 -35.81 -34.65 58.56
CA LYS B 188 -35.19 -33.34 58.71
C LYS B 188 -35.61 -32.85 60.10
N VAL B 189 -36.16 -33.77 60.88
CA VAL B 189 -36.61 -33.57 62.26
C VAL B 189 -36.32 -34.93 62.87
N ILE B 190 -35.22 -35.09 63.60
CA ILE B 190 -34.91 -36.41 64.14
C ILE B 190 -34.11 -36.49 65.44
N GLU B 191 -33.60 -35.35 65.91
CA GLU B 191 -32.78 -35.32 67.14
C GLU B 191 -33.41 -36.05 68.32
N GLY B 192 -32.77 -35.95 69.48
CA GLY B 192 -33.30 -36.59 70.67
C GLY B 192 -33.04 -35.70 71.86
N GLU B 193 -32.99 -34.41 71.60
CA GLU B 193 -32.70 -33.43 72.63
C GLU B 193 -33.67 -32.28 72.41
N ASP B 194 -34.95 -32.65 72.36
CA ASP B 194 -36.05 -31.72 72.14
C ASP B 194 -36.94 -31.67 73.38
N LEU B 195 -37.98 -30.86 73.31
CA LEU B 195 -38.91 -30.77 74.43
C LEU B 195 -38.47 -29.99 75.67
N ASN B 196 -38.82 -28.70 75.69
CA ASN B 196 -38.49 -27.84 76.82
C ASN B 196 -39.57 -27.88 77.90
N ILE B 197 -39.14 -28.04 79.14
CA ILE B 197 -40.06 -28.12 80.25
C ILE B 197 -40.18 -26.85 81.08
N LEU B 198 -39.43 -25.81 80.74
CA LEU B 198 -39.55 -24.59 81.51
C LEU B 198 -38.72 -23.43 80.98
N ILE B 199 -39.35 -22.28 80.94
CA ILE B 199 -38.69 -21.09 80.48
C ILE B 199 -38.39 -20.25 81.70
N GLY B 200 -37.86 -19.05 81.46
CA GLY B 200 -37.52 -18.11 82.51
C GLY B 200 -37.61 -18.68 83.92
N SER B 201 -38.48 -18.07 84.72
CA SER B 201 -38.67 -18.49 86.09
C SER B 201 -37.30 -18.98 86.51
N ILE B 202 -36.33 -18.10 86.33
CA ILE B 202 -34.94 -18.36 86.61
C ILE B 202 -34.54 -17.49 87.80
N PRO B 203 -34.11 -18.13 88.92
CA PRO B 203 -34.14 -19.59 89.14
C PRO B 203 -34.70 -19.85 90.52
N LEU B 204 -33.96 -20.59 91.33
CA LEU B 204 -34.36 -20.91 92.70
C LEU B 204 -33.64 -19.93 93.64
N LYS B 205 -34.41 -19.10 94.32
CA LYS B 205 -33.88 -18.10 95.26
C LYS B 205 -32.79 -17.25 94.60
N ASP B 206 -32.68 -17.38 93.28
CA ASP B 206 -31.70 -16.64 92.49
C ASP B 206 -30.30 -16.68 93.10
N GLY B 207 -29.92 -17.86 93.58
CA GLY B 207 -28.62 -18.03 94.19
C GLY B 207 -27.52 -18.36 93.20
N GLU B 208 -27.44 -17.59 92.12
CA GLU B 208 -26.42 -17.79 91.09
C GLU B 208 -26.46 -19.20 90.48
N GLU B 209 -25.29 -19.70 90.09
CA GLU B 209 -25.14 -21.03 89.48
C GLU B 209 -25.61 -21.03 88.02
N LYS B 210 -24.67 -20.85 87.10
CA LYS B 210 -24.95 -20.82 85.66
C LYS B 210 -26.29 -21.36 85.21
N GLN B 211 -26.49 -22.67 85.37
CA GLN B 211 -27.73 -23.31 84.98
C GLN B 211 -28.89 -22.94 85.92
N LYS B 212 -29.30 -21.68 85.90
CA LYS B 212 -30.37 -21.24 86.79
C LYS B 212 -31.73 -21.82 86.45
N VAL B 213 -32.16 -21.66 85.20
CA VAL B 213 -33.46 -22.17 84.75
C VAL B 213 -33.57 -23.66 85.09
N LYS B 214 -32.47 -24.39 84.89
CA LYS B 214 -32.45 -25.81 85.19
C LYS B 214 -32.61 -25.99 86.69
N HIS B 215 -31.69 -25.39 87.44
CA HIS B 215 -31.69 -25.48 88.90
C HIS B 215 -33.11 -25.25 89.45
N ASN B 216 -33.79 -24.24 88.92
CA ASN B 216 -35.13 -23.93 89.38
C ASN B 216 -36.11 -25.06 89.17
N ILE B 217 -36.12 -25.62 87.97
CA ILE B 217 -37.05 -26.71 87.66
C ILE B 217 -36.79 -27.97 88.51
N MET B 218 -35.52 -28.30 88.74
CA MET B 218 -35.19 -29.45 89.54
C MET B 218 -35.79 -29.23 90.92
N LYS B 219 -35.67 -28.01 91.43
CA LYS B 219 -36.21 -27.67 92.73
C LYS B 219 -37.74 -27.80 92.70
N ILE B 220 -38.35 -27.31 91.64
CA ILE B 220 -39.80 -27.40 91.49
C ILE B 220 -40.20 -28.85 91.42
N LEU B 221 -39.40 -29.62 90.71
CA LEU B 221 -39.65 -31.03 90.55
C LEU B 221 -39.36 -31.73 91.87
N ASN B 222 -38.62 -31.06 92.75
CA ASN B 222 -38.28 -31.64 94.04
C ASN B 222 -39.41 -31.48 95.06
N GLU B 223 -40.05 -30.32 95.05
CA GLU B 223 -41.16 -30.07 95.96
C GLU B 223 -42.21 -31.15 95.74
N LYS B 224 -42.65 -31.33 94.49
CA LYS B 224 -43.60 -32.40 94.21
C LYS B 224 -42.68 -33.62 94.20
N TYR B 225 -43.22 -34.81 94.43
CA TYR B 225 -42.39 -36.00 94.44
C TYR B 225 -41.31 -35.82 95.49
N ASP B 226 -40.09 -36.23 95.18
CA ASP B 226 -39.00 -36.09 96.13
C ASP B 226 -37.73 -36.61 95.48
N ILE B 227 -37.61 -36.35 94.18
CA ILE B 227 -36.46 -36.81 93.42
C ILE B 227 -35.33 -35.81 93.38
N SER B 228 -34.23 -36.23 92.78
CA SER B 228 -33.05 -35.40 92.62
C SER B 228 -32.73 -35.48 91.12
N GLU B 229 -31.69 -34.79 90.68
CA GLU B 229 -31.35 -34.86 89.25
C GLU B 229 -31.08 -36.31 88.90
N GLU B 230 -30.52 -37.07 89.85
CA GLU B 230 -30.27 -38.49 89.64
C GLU B 230 -31.68 -39.06 89.66
N ASP B 231 -31.85 -40.33 90.05
CA ASP B 231 -33.21 -40.90 90.09
C ASP B 231 -33.75 -41.09 88.67
N PHE B 232 -33.49 -40.09 87.81
CA PHE B 232 -33.94 -40.17 86.43
C PHE B 232 -33.29 -41.41 85.86
N VAL B 233 -32.11 -41.72 86.37
CA VAL B 233 -31.36 -42.90 85.93
C VAL B 233 -32.23 -44.14 86.14
N SER B 234 -32.94 -44.16 87.26
CA SER B 234 -33.81 -45.27 87.59
C SER B 234 -35.26 -44.83 87.47
N ALA B 235 -35.56 -44.09 86.40
CA ALA B 235 -36.91 -43.59 86.16
C ALA B 235 -37.54 -44.24 84.93
N GLU B 236 -38.79 -43.88 84.66
CA GLU B 236 -39.49 -44.43 83.53
C GLU B 236 -40.09 -43.41 82.58
N LEU B 237 -39.23 -42.97 81.68
CA LEU B 237 -39.50 -42.02 80.62
C LEU B 237 -40.84 -42.29 79.92
N GLU B 238 -41.67 -41.28 79.76
CA GLU B 238 -42.95 -41.51 79.09
C GLU B 238 -43.64 -40.25 78.58
N ILE B 239 -43.42 -39.94 77.31
CA ILE B 239 -44.05 -38.77 76.74
C ILE B 239 -45.12 -39.21 75.76
N VAL B 240 -46.32 -38.71 75.96
CA VAL B 240 -47.44 -39.08 75.12
C VAL B 240 -48.36 -37.90 74.84
N PRO B 241 -49.08 -37.92 73.71
CA PRO B 241 -49.97 -36.80 73.44
C PRO B 241 -50.99 -36.64 74.53
N ALA B 242 -51.29 -35.39 74.88
CA ALA B 242 -52.28 -35.11 75.93
C ALA B 242 -53.70 -34.99 75.37
N GLY B 243 -54.69 -35.24 76.21
CA GLY B 243 -56.06 -35.17 75.77
C GLY B 243 -56.75 -36.53 75.75
N LYS B 244 -58.05 -36.54 76.04
CA LYS B 244 -58.85 -37.77 76.06
C LYS B 244 -59.20 -38.13 74.62
N ALA B 245 -59.44 -39.41 74.36
CA ALA B 245 -59.81 -39.86 73.03
C ALA B 245 -61.17 -39.20 72.78
N ARG B 246 -61.53 -38.99 71.51
CA ARG B 246 -62.79 -38.32 71.21
C ARG B 246 -63.62 -39.00 70.12
N ASP B 247 -64.83 -38.50 69.90
CA ASP B 247 -65.68 -39.04 68.85
C ASP B 247 -65.17 -38.45 67.55
N TYR B 248 -64.91 -39.28 66.56
CA TYR B 248 -64.41 -38.76 65.30
C TYR B 248 -65.48 -38.80 64.24
N GLY B 249 -65.68 -37.68 63.55
CA GLY B 249 -66.68 -37.60 62.48
C GLY B 249 -68.02 -36.99 62.83
N PHE B 250 -68.65 -36.37 61.83
CA PHE B 250 -69.96 -35.75 62.02
C PHE B 250 -71.02 -36.73 62.46
N ASP B 251 -70.80 -38.01 62.19
CA ASP B 251 -71.77 -39.02 62.57
C ASP B 251 -71.29 -39.85 63.74
N ARG B 252 -70.24 -39.37 64.40
CA ARG B 252 -69.66 -40.07 65.54
C ARG B 252 -69.44 -41.57 65.30
N SER B 253 -69.09 -41.93 64.06
CA SER B 253 -68.90 -43.33 63.72
C SER B 253 -67.53 -43.86 64.04
N MET B 254 -66.57 -42.95 64.17
CA MET B 254 -65.21 -43.38 64.46
C MET B 254 -64.71 -42.80 65.77
N VAL B 255 -63.51 -43.21 66.17
CA VAL B 255 -62.89 -42.78 67.41
C VAL B 255 -61.44 -42.39 67.16
N MET B 256 -61.08 -41.17 67.59
CA MET B 256 -59.73 -40.67 67.42
C MET B 256 -59.03 -40.70 68.78
N GLY B 257 -57.85 -41.34 68.85
CA GLY B 257 -57.12 -41.42 70.11
C GLY B 257 -55.75 -42.04 70.00
N TYR B 258 -54.93 -41.81 71.01
CA TYR B 258 -53.57 -42.35 71.06
C TYR B 258 -53.61 -43.78 71.56
N GLY B 259 -52.65 -44.58 71.10
CA GLY B 259 -52.58 -45.96 71.56
C GLY B 259 -53.49 -46.94 70.85
N GLN B 260 -54.41 -46.42 70.05
CA GLN B 260 -55.32 -47.26 69.31
C GLN B 260 -54.62 -48.55 68.85
N ASP B 261 -53.38 -48.43 68.40
CA ASP B 261 -52.60 -49.58 67.93
C ASP B 261 -52.58 -50.72 68.92
N ASP B 262 -53.36 -51.75 68.54
CA ASP B 262 -53.53 -52.99 69.28
C ASP B 262 -54.14 -52.83 70.65
N ARG B 263 -53.95 -51.67 71.28
CA ARG B 263 -54.54 -51.45 72.59
C ARG B 263 -56.06 -51.59 72.44
N ILE B 264 -56.54 -51.37 71.22
CA ILE B 264 -57.96 -51.48 70.92
C ILE B 264 -58.31 -52.97 70.89
N CYS B 265 -57.42 -53.79 70.34
CA CYS B 265 -57.65 -55.22 70.29
C CYS B 265 -57.50 -55.79 71.69
N ALA B 266 -56.51 -55.27 72.41
CA ALA B 266 -56.24 -55.72 73.76
C ALA B 266 -57.45 -55.48 74.64
N TYR B 267 -58.24 -54.49 74.27
CA TYR B 267 -59.42 -54.17 75.04
C TYR B 267 -60.59 -55.06 74.69
N THR B 268 -60.94 -55.09 73.41
CA THR B 268 -62.05 -55.93 72.97
C THR B 268 -61.76 -57.37 73.42
N SER B 269 -60.52 -57.80 73.27
CA SER B 269 -60.16 -59.16 73.69
C SER B 269 -60.40 -59.32 75.18
N PHE B 270 -60.20 -58.23 75.90
CA PHE B 270 -60.41 -58.24 77.34
C PHE B 270 -61.87 -58.45 77.68
N GLU B 271 -62.72 -57.52 77.27
CA GLU B 271 -64.14 -57.63 77.53
C GLU B 271 -64.66 -58.97 77.09
N ALA B 272 -64.31 -59.37 75.87
CA ALA B 272 -64.76 -60.67 75.38
C ALA B 272 -64.39 -61.73 76.41
N MET B 273 -63.11 -61.79 76.75
CA MET B 273 -62.62 -62.77 77.72
C MET B 273 -63.28 -62.59 79.09
N LEU B 274 -63.50 -61.34 79.48
CA LEU B 274 -64.08 -61.04 80.77
C LEU B 274 -65.49 -61.55 80.92
N GLU B 275 -66.39 -61.13 80.04
CA GLU B 275 -67.79 -61.54 80.11
C GLU B 275 -68.01 -62.92 79.50
N MET B 276 -67.01 -63.78 79.61
CA MET B 276 -67.10 -65.13 79.07
C MET B 276 -67.38 -66.14 80.18
N LYS B 277 -68.62 -66.59 80.25
CA LYS B 277 -69.05 -67.55 81.27
C LYS B 277 -69.35 -68.91 80.68
N ASN B 278 -69.25 -69.95 81.50
CA ASN B 278 -69.51 -71.31 81.05
C ASN B 278 -68.50 -71.68 79.96
N ALA B 279 -67.32 -72.13 80.39
CA ALA B 279 -66.26 -72.50 79.44
C ALA B 279 -66.17 -74.00 79.22
N LYS B 280 -66.13 -74.41 77.97
CA LYS B 280 -66.02 -75.82 77.64
C LYS B 280 -64.55 -76.20 77.70
N LYS B 281 -63.70 -75.44 77.02
CA LYS B 281 -62.27 -75.68 77.02
C LYS B 281 -61.58 -74.44 77.59
N THR B 282 -60.70 -74.65 78.57
CA THR B 282 -60.00 -73.56 79.22
C THR B 282 -59.40 -72.57 78.23
N CYS B 283 -59.78 -71.30 78.37
CA CYS B 283 -59.29 -70.24 77.49
C CYS B 283 -58.52 -69.17 78.25
N ILE B 284 -57.54 -68.57 77.58
CA ILE B 284 -56.71 -67.56 78.22
C ILE B 284 -56.36 -66.33 77.38
N THR B 285 -56.21 -65.21 78.07
CA THR B 285 -55.91 -63.94 77.44
C THR B 285 -54.52 -63.44 77.81
N ILE B 286 -53.72 -63.12 76.80
CA ILE B 286 -52.37 -62.64 77.03
C ILE B 286 -52.24 -61.20 76.58
N LEU B 287 -51.50 -60.42 77.37
CA LEU B 287 -51.27 -59.02 77.07
C LEU B 287 -49.85 -58.66 77.43
N VAL B 288 -48.98 -58.61 76.43
CA VAL B 288 -47.56 -58.29 76.66
C VAL B 288 -47.16 -56.98 76.00
N ASP B 289 -45.88 -56.64 76.11
CA ASP B 289 -45.40 -55.42 75.50
C ASP B 289 -44.13 -55.66 74.70
N LYS B 290 -43.42 -54.59 74.40
CA LYS B 290 -42.18 -54.64 73.64
C LYS B 290 -42.41 -55.13 72.21
N GLU B 291 -43.65 -55.28 71.80
CA GLU B 291 -43.95 -55.75 70.46
C GLU B 291 -43.46 -54.74 69.44
N GLU B 292 -43.82 -53.48 69.64
CA GLU B 292 -43.43 -52.41 68.72
C GLU B 292 -41.92 -52.20 68.66
N VAL B 293 -41.18 -52.84 69.56
CA VAL B 293 -39.73 -52.70 69.57
C VAL B 293 -39.00 -54.00 69.16
N GLY B 294 -39.73 -55.06 68.88
CA GLY B 294 -39.09 -56.29 68.48
C GLY B 294 -39.58 -57.52 69.23
N SER B 295 -40.28 -57.29 70.34
CA SER B 295 -40.82 -58.36 71.16
C SER B 295 -39.71 -59.14 71.87
N ILE B 296 -38.63 -58.46 72.24
CA ILE B 296 -37.52 -59.11 72.92
C ILE B 296 -37.95 -59.71 74.26
N GLY B 297 -37.01 -60.36 74.92
CA GLY B 297 -37.28 -61.00 76.20
C GLY B 297 -37.73 -60.11 77.35
N ALA B 298 -37.82 -60.73 78.53
CA ALA B 298 -38.22 -60.05 79.76
C ALA B 298 -39.73 -59.89 79.88
N THR B 299 -40.33 -59.23 78.90
CA THR B 299 -41.77 -58.99 78.92
C THR B 299 -42.48 -59.07 77.54
N GLY B 300 -42.01 -59.97 76.66
CA GLY B 300 -42.63 -60.13 75.36
C GLY B 300 -42.55 -61.53 74.77
N MET B 301 -41.33 -62.00 74.54
CA MET B 301 -41.08 -63.34 74.02
C MET B 301 -40.65 -64.23 75.18
N GLN B 302 -40.70 -63.65 76.36
CA GLN B 302 -40.34 -64.32 77.61
C GLN B 302 -41.04 -65.68 77.80
N SER B 303 -40.72 -66.35 78.90
CA SER B 303 -41.32 -67.63 79.23
C SER B 303 -42.45 -67.40 80.22
N LYS B 304 -42.67 -66.13 80.57
CA LYS B 304 -43.71 -65.75 81.52
C LYS B 304 -45.01 -66.53 81.28
N PHE B 305 -45.27 -66.81 80.00
CA PHE B 305 -46.47 -67.55 79.63
C PHE B 305 -46.20 -69.04 79.75
N PHE B 306 -45.08 -69.47 79.18
CA PHE B 306 -44.67 -70.85 79.21
C PHE B 306 -44.68 -71.31 80.65
N GLU B 307 -43.72 -70.82 81.43
CA GLU B 307 -43.58 -71.18 82.83
C GLU B 307 -44.67 -70.48 83.64
N ASN B 308 -45.90 -70.74 83.28
CA ASN B 308 -47.03 -70.14 83.98
C ASN B 308 -48.26 -70.98 83.69
N THR B 309 -48.37 -71.42 82.44
CA THR B 309 -49.48 -72.27 82.05
C THR B 309 -49.18 -73.55 82.84
N VAL B 310 -47.91 -73.76 83.08
CA VAL B 310 -47.48 -74.93 83.84
C VAL B 310 -47.74 -74.66 85.32
N ALA B 311 -47.18 -73.57 85.83
CA ALA B 311 -47.37 -73.23 87.24
C ALA B 311 -48.86 -73.24 87.53
N ASP B 312 -49.66 -73.16 86.47
CA ASP B 312 -51.12 -73.16 86.61
C ASP B 312 -51.65 -74.57 86.39
N ILE B 313 -51.02 -75.31 85.48
CA ILE B 313 -51.40 -76.70 85.18
C ILE B 313 -51.14 -77.53 86.45
N MET B 314 -50.23 -77.06 87.29
CA MET B 314 -49.89 -77.74 88.54
C MET B 314 -51.13 -77.88 89.44
N SER B 315 -51.96 -76.85 89.47
CA SER B 315 -53.15 -76.86 90.29
C SER B 315 -54.35 -77.39 89.49
N ASP B 321 -50.91 -84.54 86.74
CA ASP B 321 -51.08 -83.15 86.33
C ASP B 321 -49.79 -82.36 86.54
N GLU B 322 -48.66 -83.02 86.33
CA GLU B 322 -47.36 -82.39 86.50
C GLU B 322 -46.50 -82.39 85.23
N LEU B 323 -45.77 -83.49 85.04
CA LEU B 323 -44.86 -83.65 83.90
C LEU B 323 -45.25 -83.02 82.58
N LYS B 324 -44.22 -82.52 81.90
CA LYS B 324 -44.33 -81.86 80.62
C LYS B 324 -45.58 -82.14 79.81
N LEU B 325 -45.71 -83.36 79.31
CA LEU B 325 -46.85 -83.75 78.48
C LEU B 325 -46.82 -83.01 77.14
N ARG B 326 -46.48 -81.72 77.16
CA ARG B 326 -46.37 -80.84 75.96
C ARG B 326 -47.69 -80.55 75.25
N LYS B 327 -48.37 -81.62 74.81
CA LYS B 327 -49.65 -81.53 74.10
C LYS B 327 -50.52 -80.35 74.49
N ALA B 328 -50.49 -80.00 75.77
CA ALA B 328 -51.29 -78.89 76.28
C ALA B 328 -51.31 -77.69 75.34
N LEU B 329 -50.13 -77.20 74.99
CA LEU B 329 -49.99 -76.05 74.10
C LEU B 329 -50.19 -76.43 72.64
N TYR B 330 -49.59 -77.53 72.23
CA TYR B 330 -49.69 -78.01 70.84
C TYR B 330 -51.12 -78.11 70.33
N ASN B 331 -52.05 -78.46 71.21
CA ASN B 331 -53.44 -78.60 70.78
C ASN B 331 -54.31 -77.36 71.03
N SER B 332 -53.68 -76.19 71.14
CA SER B 332 -54.44 -74.98 71.39
C SER B 332 -54.70 -74.20 70.12
N GLU B 333 -55.62 -73.24 70.20
CA GLU B 333 -55.96 -72.39 69.07
C GLU B 333 -55.85 -70.94 69.55
N MET B 334 -55.07 -70.13 68.84
CA MET B 334 -54.90 -68.73 69.24
C MET B 334 -55.41 -67.77 68.21
N LEU B 335 -55.61 -66.53 68.65
CA LEU B 335 -56.10 -65.47 67.81
C LEU B 335 -55.27 -64.23 68.12
N SER B 336 -53.97 -64.31 67.85
CA SER B 336 -53.06 -63.19 68.08
C SER B 336 -53.54 -62.02 67.21
N SER B 337 -54.10 -61.01 67.85
CA SER B 337 -54.59 -59.88 67.08
C SER B 337 -53.73 -58.62 67.19
N ASP B 338 -53.80 -57.77 66.17
CA ASP B 338 -53.08 -56.51 66.12
C ASP B 338 -53.68 -55.70 64.98
N VAL B 339 -53.81 -54.39 65.18
CA VAL B 339 -54.39 -53.51 64.18
C VAL B 339 -53.72 -53.63 62.82
N SER B 340 -54.51 -53.35 61.78
CA SER B 340 -54.05 -53.40 60.40
C SER B 340 -54.26 -52.04 59.76
N ALA B 341 -53.66 -51.82 58.60
CA ALA B 341 -53.80 -50.55 57.91
C ALA B 341 -55.05 -50.50 57.07
N ALA B 342 -55.94 -49.57 57.41
CA ALA B 342 -57.18 -49.40 56.67
C ALA B 342 -56.94 -48.56 55.41
N PHE B 343 -57.65 -48.87 54.34
CA PHE B 343 -57.48 -48.15 53.08
C PHE B 343 -57.77 -46.65 53.29
N ASP B 344 -56.80 -45.81 52.98
CA ASP B 344 -56.97 -44.37 53.13
C ASP B 344 -57.21 -43.75 51.77
N PRO B 345 -58.35 -43.09 51.60
CA PRO B 345 -58.69 -42.45 50.32
C PRO B 345 -57.73 -41.32 49.93
N ASN B 346 -56.79 -41.00 50.80
CA ASN B 346 -55.84 -39.93 50.49
C ASN B 346 -54.62 -40.48 49.81
N TYR B 347 -54.29 -41.74 50.11
CA TYR B 347 -53.14 -42.39 49.51
C TYR B 347 -53.54 -43.79 49.10
N PRO B 348 -54.18 -43.91 47.93
CA PRO B 348 -54.66 -45.18 47.39
C PRO B 348 -53.64 -46.06 46.68
N ASN B 349 -52.71 -45.42 45.98
CA ASN B 349 -51.68 -46.14 45.23
C ASN B 349 -50.71 -46.96 46.07
N VAL B 350 -50.87 -46.91 47.38
CA VAL B 350 -50.01 -47.66 48.26
C VAL B 350 -50.57 -49.04 48.58
N MET B 351 -51.87 -49.23 48.32
CA MET B 351 -52.54 -50.51 48.58
C MET B 351 -53.20 -51.11 47.35
N GLU B 352 -53.43 -52.42 47.40
CA GLU B 352 -54.02 -53.13 46.27
C GLU B 352 -55.53 -53.01 46.12
N LYS B 353 -56.15 -52.10 46.87
CA LYS B 353 -57.60 -51.93 46.79
C LYS B 353 -58.22 -53.24 47.29
N ARG B 354 -58.36 -54.24 46.42
CA ARG B 354 -58.87 -55.53 46.83
C ARG B 354 -57.78 -56.09 47.72
N ASN B 355 -58.15 -56.95 48.66
CA ASN B 355 -57.15 -57.53 49.57
C ASN B 355 -56.60 -56.48 50.52
N SER B 356 -57.43 -55.49 50.83
CA SER B 356 -57.05 -54.41 51.75
C SER B 356 -58.20 -54.21 52.71
N ALA B 357 -57.88 -53.94 53.98
CA ALA B 357 -58.94 -53.74 54.98
C ALA B 357 -59.62 -52.38 54.81
N TYR B 358 -60.93 -52.35 54.98
CA TYR B 358 -61.68 -51.13 54.86
C TYR B 358 -62.37 -50.74 56.16
N LEU B 359 -62.42 -49.45 56.42
CA LEU B 359 -63.04 -48.91 57.61
C LEU B 359 -64.51 -49.29 57.77
N GLY B 360 -64.80 -50.27 58.63
CA GLY B 360 -66.18 -50.64 58.87
C GLY B 360 -66.65 -51.94 58.25
N LYS B 361 -65.76 -52.71 57.62
CA LYS B 361 -66.22 -53.96 57.04
C LYS B 361 -66.00 -55.14 57.97
N GLY B 362 -65.97 -54.88 59.27
CA GLY B 362 -65.79 -55.98 60.21
C GLY B 362 -64.37 -56.24 60.70
N ILE B 363 -64.17 -57.39 61.35
CA ILE B 363 -62.88 -57.77 61.87
C ILE B 363 -61.97 -58.19 60.73
N VAL B 364 -60.67 -57.90 60.88
CA VAL B 364 -59.71 -58.24 59.83
C VAL B 364 -58.94 -59.53 60.10
N PHE B 365 -58.69 -60.28 59.02
CA PHE B 365 -57.93 -61.53 59.08
C PHE B 365 -56.75 -61.45 58.15
N ASN B 366 -55.57 -61.84 58.65
CA ASN B 366 -54.37 -61.82 57.85
C ASN B 366 -53.70 -63.19 57.83
N LYS B 367 -53.83 -63.91 56.73
CA LYS B 367 -53.23 -65.24 56.63
C LYS B 367 -51.73 -65.09 56.82
N TYR B 368 -51.14 -64.16 56.09
CA TYR B 368 -49.71 -63.90 56.17
C TYR B 368 -49.47 -62.39 56.27
N THR B 369 -48.29 -62.03 56.76
CA THR B 369 -47.92 -60.63 56.91
C THR B 369 -46.42 -60.49 57.07
N GLY B 370 -45.71 -60.42 55.96
CA GLY B 370 -44.26 -60.29 56.02
C GLY B 370 -43.72 -59.16 55.17
N SER B 371 -42.63 -59.46 54.46
CA SER B 371 -42.00 -58.48 53.60
C SER B 371 -41.79 -59.03 52.20
N ARG B 372 -40.54 -59.00 51.75
CA ARG B 372 -40.18 -59.49 50.43
C ARG B 372 -40.51 -60.98 50.27
N GLY B 373 -41.77 -61.30 49.96
CA GLY B 373 -42.14 -62.68 49.77
C GLY B 373 -42.57 -63.41 51.03
N LYS B 374 -43.42 -62.78 51.82
CA LYS B 374 -43.94 -63.37 53.04
C LYS B 374 -42.83 -63.69 54.05
N SER B 375 -41.66 -63.07 53.85
CA SER B 375 -40.52 -63.31 54.71
C SER B 375 -40.73 -62.91 56.17
N GLY B 376 -40.35 -63.82 57.06
CA GLY B 376 -40.47 -63.59 58.49
C GLY B 376 -41.85 -63.26 59.01
N CYS B 377 -42.70 -64.28 59.11
CA CYS B 377 -44.05 -64.06 59.61
C CYS B 377 -44.80 -65.39 59.65
N ASN B 378 -45.85 -65.43 60.45
CA ASN B 378 -46.64 -66.64 60.59
C ASN B 378 -47.67 -66.77 59.46
N ASP B 379 -47.80 -67.98 58.93
CA ASP B 379 -48.73 -68.25 57.86
C ASP B 379 -49.82 -69.22 58.35
N ALA B 380 -51.02 -68.69 58.60
CA ALA B 380 -52.15 -69.47 59.08
C ALA B 380 -52.57 -70.60 58.15
N ASN B 381 -52.92 -71.74 58.74
CA ASN B 381 -53.35 -72.90 57.96
C ASN B 381 -54.79 -72.75 57.48
N PRO B 382 -55.07 -73.14 56.23
CA PRO B 382 -56.43 -73.04 55.66
C PRO B 382 -57.47 -73.81 56.47
N GLU B 383 -57.13 -75.02 56.88
CA GLU B 383 -58.08 -75.82 57.65
C GLU B 383 -58.54 -75.04 58.87
N TYR B 384 -57.62 -74.34 59.53
CA TYR B 384 -57.95 -73.54 60.70
C TYR B 384 -58.80 -72.33 60.30
N ILE B 385 -58.38 -71.67 59.22
CA ILE B 385 -59.08 -70.51 58.72
C ILE B 385 -60.53 -70.87 58.42
N ALA B 386 -60.74 -71.93 57.64
CA ALA B 386 -62.06 -72.37 57.30
C ALA B 386 -62.90 -72.48 58.56
N GLU B 387 -62.34 -73.09 59.60
CA GLU B 387 -63.07 -73.24 60.84
C GLU B 387 -63.54 -71.90 61.36
N LEU B 388 -62.62 -70.95 61.45
CA LEU B 388 -62.96 -69.62 61.93
C LEU B 388 -64.08 -69.03 61.09
N ARG B 389 -64.05 -69.31 59.79
CA ARG B 389 -65.11 -68.81 58.91
C ARG B 389 -66.44 -69.34 59.41
N ARG B 390 -66.56 -70.66 59.40
CA ARG B 390 -67.76 -71.33 59.86
C ARG B 390 -68.25 -70.70 61.16
N ILE B 391 -67.36 -70.59 62.15
CA ILE B 391 -67.72 -70.02 63.45
C ILE B 391 -68.23 -68.60 63.35
N LEU B 392 -67.45 -67.74 62.70
CA LEU B 392 -67.86 -66.36 62.56
C LEU B 392 -69.00 -66.23 61.57
N SER B 393 -69.69 -67.33 61.33
CA SER B 393 -70.83 -67.31 60.41
C SER B 393 -72.05 -67.58 61.26
N LYS B 394 -71.94 -68.62 62.07
CA LYS B 394 -73.02 -69.01 62.95
C LYS B 394 -73.36 -67.84 63.84
N GLU B 395 -72.43 -67.42 64.69
CA GLU B 395 -72.66 -66.28 65.58
C GLU B 395 -72.65 -64.96 64.78
N SER B 396 -72.66 -65.08 63.46
CA SER B 396 -72.65 -63.94 62.56
C SER B 396 -71.29 -63.24 62.67
N VAL B 397 -71.30 -61.91 62.79
CA VAL B 397 -70.07 -61.13 62.88
C VAL B 397 -69.46 -60.92 61.51
N ASN B 398 -69.21 -59.66 61.14
CA ASN B 398 -68.60 -59.37 59.85
C ASN B 398 -67.08 -59.43 59.93
N TRP B 399 -66.49 -60.02 58.90
CA TRP B 399 -65.04 -60.15 58.83
C TRP B 399 -64.57 -59.86 57.42
N GLN B 400 -63.32 -59.43 57.30
CA GLN B 400 -62.72 -59.13 56.01
C GLN B 400 -61.25 -59.49 56.09
N THR B 401 -60.69 -59.90 54.94
CA THR B 401 -59.28 -60.27 54.88
C THR B 401 -58.49 -59.16 54.23
N ALA B 402 -57.31 -58.89 54.76
CA ALA B 402 -56.48 -57.84 54.23
C ALA B 402 -54.99 -58.23 54.10
N GLU B 403 -54.24 -57.39 53.41
CA GLU B 403 -52.82 -57.59 53.18
C GLU B 403 -52.22 -56.21 53.39
N LEU B 404 -51.03 -56.14 53.97
CA LEU B 404 -50.43 -54.83 54.21
C LEU B 404 -49.74 -54.19 53.02
N GLY B 405 -50.48 -53.45 52.20
CA GLY B 405 -49.86 -52.80 51.05
C GLY B 405 -49.54 -53.71 49.88
N LYS B 406 -49.60 -53.14 48.68
CA LYS B 406 -49.33 -53.90 47.47
C LYS B 406 -47.99 -54.61 47.50
N VAL B 407 -48.04 -55.92 47.73
CA VAL B 407 -46.86 -56.76 47.77
C VAL B 407 -45.61 -56.05 48.28
N ASP B 408 -44.65 -55.80 47.41
CA ASP B 408 -43.39 -55.16 47.79
C ASP B 408 -43.46 -53.71 48.27
N GLN B 409 -44.38 -53.41 49.17
CA GLN B 409 -44.50 -52.05 49.68
C GLN B 409 -43.91 -51.93 51.07
N GLY B 410 -44.76 -52.13 52.07
CA GLY B 410 -44.31 -52.03 53.45
C GLY B 410 -43.92 -53.38 54.01
N GLY B 411 -43.29 -53.35 55.18
CA GLY B 411 -42.86 -54.57 55.83
C GLY B 411 -43.82 -54.96 56.95
N GLY B 412 -43.73 -56.22 57.38
CA GLY B 412 -44.60 -56.69 58.44
C GLY B 412 -43.93 -57.68 59.38
N GLY B 413 -44.60 -57.97 60.48
CA GLY B 413 -44.06 -58.91 61.46
C GLY B 413 -44.84 -58.86 62.77
N THR B 414 -45.77 -59.79 62.93
CA THR B 414 -46.59 -59.86 64.13
C THR B 414 -46.03 -60.91 65.10
N ILE B 415 -46.42 -60.82 66.37
CA ILE B 415 -45.95 -61.75 67.38
C ILE B 415 -46.73 -63.06 67.33
N ALA B 416 -47.38 -63.29 66.19
CA ALA B 416 -48.18 -64.50 66.00
C ALA B 416 -47.34 -65.77 65.90
N TYR B 417 -46.19 -65.68 65.25
CA TYR B 417 -45.31 -66.84 65.08
C TYR B 417 -44.62 -67.23 66.36
N ILE B 418 -44.47 -66.26 67.26
CA ILE B 418 -43.81 -66.53 68.53
C ILE B 418 -44.46 -67.63 69.36
N LEU B 419 -45.78 -67.73 69.31
CA LEU B 419 -46.47 -68.78 70.06
C LEU B 419 -46.77 -69.97 69.20
N ALA B 420 -46.84 -69.76 67.89
CA ALA B 420 -47.10 -70.87 66.97
C ALA B 420 -45.93 -71.83 67.03
N GLU B 421 -44.82 -71.36 67.60
CA GLU B 421 -43.61 -72.17 67.72
C GLU B 421 -43.91 -73.45 68.51
N TYR B 422 -45.03 -73.48 69.21
CA TYR B 422 -45.41 -74.65 69.99
C TYR B 422 -46.17 -75.63 69.11
N GLY B 423 -46.80 -75.12 68.07
CA GLY B 423 -47.56 -75.97 67.16
C GLY B 423 -49.02 -75.55 67.09
N MET B 424 -49.34 -74.47 67.82
CA MET B 424 -50.71 -73.93 67.87
C MET B 424 -51.25 -73.60 66.47
N GLN B 425 -52.54 -73.29 66.43
CA GLN B 425 -53.22 -72.88 65.21
C GLN B 425 -53.47 -71.40 65.38
N VAL B 426 -52.54 -70.59 64.86
CA VAL B 426 -52.66 -69.15 64.99
C VAL B 426 -53.05 -68.47 63.70
N ILE B 427 -53.56 -67.24 63.82
CA ILE B 427 -53.95 -66.45 62.68
C ILE B 427 -54.02 -65.00 63.17
N ASP B 428 -53.73 -64.07 62.26
CA ASP B 428 -53.75 -62.65 62.62
C ASP B 428 -55.11 -61.99 62.51
N CYS B 429 -55.52 -61.35 63.60
CA CYS B 429 -56.79 -60.63 63.65
C CYS B 429 -56.56 -59.20 64.05
N GLY B 430 -57.65 -58.49 64.24
CA GLY B 430 -57.53 -57.12 64.65
C GLY B 430 -58.43 -56.19 63.87
N VAL B 431 -58.51 -54.95 64.36
CA VAL B 431 -59.31 -53.89 63.76
C VAL B 431 -58.50 -53.12 62.74
N ALA B 432 -59.18 -52.45 61.82
CA ALA B 432 -58.52 -51.66 60.81
C ALA B 432 -58.38 -50.21 61.29
N LEU B 433 -57.16 -49.68 61.29
CA LEU B 433 -56.94 -48.30 61.73
C LEU B 433 -56.58 -47.34 60.59
N LEU B 434 -56.56 -46.06 60.94
CA LEU B 434 -56.20 -45.01 60.01
C LEU B 434 -54.97 -44.34 60.63
N ASN B 435 -53.97 -44.05 59.79
CA ASN B 435 -52.71 -43.47 60.23
C ASN B 435 -52.17 -44.07 61.53
N HIS B 437 -49.46 -45.69 64.30
CA HIS B 437 -48.29 -45.14 64.99
C HIS B 437 -48.24 -43.62 64.98
N ALA B 438 -49.39 -43.00 64.80
CA ALA B 438 -49.46 -41.55 64.81
C ALA B 438 -49.96 -41.18 66.18
N PRO B 439 -49.69 -39.95 66.63
CA PRO B 439 -50.14 -39.51 67.95
C PRO B 439 -51.65 -39.64 68.09
N TRP B 440 -52.36 -39.58 66.97
CA TRP B 440 -53.80 -39.72 66.98
C TRP B 440 -54.22 -40.69 65.89
N GLU B 441 -54.75 -41.83 66.31
CA GLU B 441 -55.20 -42.87 65.38
C GLU B 441 -56.72 -42.88 65.31
N ILE B 442 -57.27 -43.42 64.22
CA ILE B 442 -58.70 -43.49 64.05
C ILE B 442 -59.22 -44.91 63.89
N SER B 443 -60.43 -45.17 64.40
CA SER B 443 -61.01 -46.50 64.30
C SER B 443 -62.52 -46.45 64.15
N SER B 444 -63.10 -47.50 63.57
CA SER B 444 -64.54 -47.57 63.36
C SER B 444 -65.23 -48.29 64.50
N LYS B 445 -66.13 -47.60 65.18
CA LYS B 445 -66.85 -48.20 66.30
C LYS B 445 -67.47 -49.52 65.86
N ALA B 446 -68.04 -49.54 64.66
CA ALA B 446 -68.65 -50.75 64.15
C ALA B 446 -67.61 -51.86 64.17
N ASP B 447 -66.42 -51.58 63.66
CA ASP B 447 -65.36 -52.59 63.65
C ASP B 447 -65.01 -53.01 65.08
N ILE B 448 -64.81 -52.04 65.97
CA ILE B 448 -64.47 -52.34 67.35
C ILE B 448 -65.46 -53.38 67.86
N TYR B 449 -66.74 -53.05 67.74
CA TYR B 449 -67.83 -53.92 68.16
C TYR B 449 -67.70 -55.28 67.49
N GLU B 450 -67.79 -55.30 66.16
CA GLU B 450 -67.69 -56.54 65.41
C GLU B 450 -66.53 -57.41 65.91
N THR B 451 -65.35 -56.82 66.02
CA THR B 451 -64.17 -57.54 66.48
C THR B 451 -64.44 -58.25 67.81
N LYS B 452 -64.94 -57.52 68.79
CA LYS B 452 -65.23 -58.11 70.08
C LYS B 452 -66.09 -59.34 69.88
N ASN B 453 -67.22 -59.18 69.18
CA ASN B 453 -68.11 -60.31 68.95
C ASN B 453 -67.34 -61.43 68.28
N GLY B 454 -66.40 -61.07 67.41
CA GLY B 454 -65.60 -62.07 66.74
C GLY B 454 -64.82 -62.87 67.76
N TYR B 455 -64.26 -62.16 68.74
CA TYR B 455 -63.50 -62.80 69.78
C TYR B 455 -64.42 -63.67 70.61
N SER B 456 -65.43 -63.05 71.20
CA SER B 456 -66.38 -63.78 72.03
C SER B 456 -66.92 -65.01 71.30
N ALA B 457 -67.15 -64.89 69.99
CA ALA B 457 -67.67 -66.02 69.21
C ALA B 457 -66.54 -67.02 68.95
N PHE B 458 -65.57 -67.04 69.84
CA PHE B 458 -64.43 -67.94 69.74
C PHE B 458 -64.34 -68.68 71.07
N LEU B 459 -65.42 -68.64 71.82
CA LEU B 459 -65.51 -69.30 73.14
C LEU B 459 -65.85 -70.77 72.93
N ASN B 460 -66.82 -71.01 72.06
CA ASN B 460 -67.29 -72.35 71.72
C ASN B 460 -67.66 -72.42 70.25
N ASN B 461 -68.96 -72.30 69.97
CA ASN B 461 -69.46 -72.33 68.60
C ASN B 461 -69.41 -70.90 68.06
N LEU C 1 -28.73 -32.03 94.98
CA LEU C 1 -30.02 -31.98 94.26
C LEU C 1 -29.80 -32.12 92.74
N LEU C 2 -28.60 -31.77 92.29
CA LEU C 2 -28.25 -31.90 90.89
C LEU C 2 -27.14 -32.93 90.77
N LYS C 3 -27.00 -33.55 89.61
CA LYS C 3 -25.98 -34.58 89.46
C LYS C 3 -24.77 -34.30 88.56
N GLU C 4 -23.67 -34.94 88.92
CA GLU C 4 -22.42 -34.83 88.22
C GLU C 4 -21.71 -36.14 88.48
N TYR C 5 -21.19 -36.76 87.44
CA TYR C 5 -20.55 -38.07 87.58
C TYR C 5 -19.11 -38.20 88.13
N LYS C 6 -18.38 -37.11 88.31
CA LYS C 6 -17.00 -37.15 88.82
C LYS C 6 -16.12 -38.13 88.05
N ASN C 7 -14.84 -38.18 88.43
CA ASN C 7 -13.88 -39.06 87.78
C ASN C 7 -13.44 -40.19 88.72
N ALA C 8 -13.02 -41.32 88.15
CA ALA C 8 -12.57 -42.45 88.94
C ALA C 8 -11.34 -42.12 89.77
N TRP C 9 -10.33 -41.49 89.16
CA TRP C 9 -9.12 -41.13 89.89
C TRP C 9 -9.49 -40.10 90.94
N ASP C 10 -8.50 -39.55 91.62
CA ASP C 10 -8.75 -38.58 92.71
C ASP C 10 -9.31 -39.41 93.85
N LYS C 11 -10.56 -39.80 93.70
CA LYS C 11 -11.25 -40.64 94.67
C LYS C 11 -10.32 -41.80 95.03
N TYR C 12 -9.67 -42.38 94.02
CA TYR C 12 -8.75 -43.49 94.25
C TYR C 12 -7.63 -43.07 95.19
N ASP C 13 -6.52 -42.69 94.58
CA ASP C 13 -5.34 -42.30 95.34
C ASP C 13 -5.22 -43.32 96.45
N ASP C 14 -5.34 -42.85 97.69
CA ASP C 14 -5.26 -43.72 98.83
C ASP C 14 -3.89 -44.39 98.87
N LYS C 15 -3.11 -44.21 97.80
CA LYS C 15 -1.78 -44.81 97.67
C LYS C 15 -1.93 -46.32 97.54
N GLN C 16 -3.03 -46.84 98.10
CA GLN C 16 -3.33 -48.26 98.07
C GLN C 16 -4.15 -48.52 96.82
N LEU C 17 -5.39 -48.04 96.85
CA LEU C 17 -6.31 -48.19 95.74
C LEU C 17 -5.56 -48.15 94.41
N LYS C 18 -4.79 -47.09 94.18
CA LYS C 18 -4.02 -46.98 92.93
C LYS C 18 -3.18 -48.22 92.70
N GLU C 19 -2.20 -48.42 93.57
CA GLU C 19 -1.32 -49.57 93.48
C GLU C 19 -2.14 -50.85 93.29
N VAL C 20 -3.28 -50.91 93.97
CA VAL C 20 -4.15 -52.08 93.91
C VAL C 20 -4.75 -52.32 92.53
N PHE C 21 -4.34 -51.51 91.55
CA PHE C 21 -4.86 -51.72 90.21
C PHE C 21 -3.93 -51.19 89.12
N ALA C 22 -3.33 -50.03 89.36
CA ALA C 22 -2.42 -49.43 88.40
C ALA C 22 -1.54 -50.56 87.89
N LEU C 23 -1.14 -51.41 88.82
CA LEU C 23 -0.33 -52.57 88.52
C LEU C 23 -1.23 -53.75 88.83
N GLY C 24 -2.29 -53.48 89.60
CA GLY C 24 -3.22 -54.52 89.97
C GLY C 24 -3.76 -55.24 88.76
N ASP C 25 -4.87 -54.73 88.22
CA ASP C 25 -5.46 -55.36 87.04
C ASP C 25 -4.56 -55.21 85.83
N ARG C 26 -3.96 -54.03 85.68
CA ARG C 26 -3.05 -53.80 84.57
C ARG C 26 -1.84 -54.69 84.85
N PHE C 27 -1.99 -55.96 84.56
CA PHE C 27 -0.93 -56.94 84.77
C PHE C 27 -1.71 -58.20 84.52
N LYS C 28 -2.69 -58.45 85.36
CA LYS C 28 -3.52 -59.63 85.17
C LYS C 28 -4.17 -59.51 83.80
N ASN C 29 -5.08 -58.54 83.67
CA ASN C 29 -5.78 -58.28 82.39
C ASN C 29 -4.71 -57.99 81.37
N PHE C 30 -3.96 -56.93 81.65
CA PHE C 30 -2.90 -56.51 80.78
C PHE C 30 -2.17 -57.69 80.12
N ILE C 31 -2.08 -58.82 80.82
CA ILE C 31 -1.38 -60.00 80.29
C ILE C 31 -2.35 -61.04 79.72
N SER C 32 -3.56 -61.05 80.23
CA SER C 32 -4.57 -62.01 79.76
C SER C 32 -4.75 -61.91 78.25
N ASN C 33 -5.10 -60.72 77.77
CA ASN C 33 -5.31 -60.53 76.35
C ASN C 33 -4.01 -60.46 75.57
N CYS C 34 -3.02 -61.25 76.00
CA CYS C 34 -1.73 -61.30 75.33
C CYS C 34 -1.40 -62.75 75.06
N LYS C 35 -1.67 -63.57 76.06
CA LYS C 35 -1.40 -64.98 75.97
C LYS C 35 -2.69 -65.71 75.60
N THR C 36 -3.70 -64.95 75.21
CA THR C 36 -4.98 -65.53 74.84
C THR C 36 -5.70 -64.53 73.92
N GLU C 37 -5.72 -64.84 72.63
CA GLU C 37 -6.35 -63.94 71.65
C GLU C 37 -7.38 -64.66 70.79
N ARG C 38 -7.48 -65.98 70.95
CA ARG C 38 -8.43 -66.78 70.17
C ARG C 38 -9.24 -67.66 71.11
N GLU C 39 -10.42 -67.19 71.51
CA GLU C 39 -11.33 -67.93 72.40
C GLU C 39 -10.75 -69.12 73.17
N CYS C 40 -9.44 -69.12 73.42
CA CYS C 40 -8.80 -70.20 74.16
C CYS C 40 -8.72 -69.65 75.56
N VAL C 41 -9.45 -68.55 75.76
CA VAL C 41 -9.52 -67.88 77.04
C VAL C 41 -9.96 -69.00 77.98
N THR C 42 -10.77 -69.92 77.45
CA THR C 42 -11.25 -71.05 78.22
C THR C 42 -10.09 -71.78 78.86
N GLU C 43 -9.15 -72.23 78.04
CA GLU C 43 -7.98 -72.94 78.54
C GLU C 43 -7.28 -72.18 79.67
N LEU C 44 -6.65 -71.06 79.33
CA LEU C 44 -5.94 -70.27 80.33
C LEU C 44 -6.81 -69.97 81.55
N ILE C 45 -8.09 -69.70 81.34
CA ILE C 45 -8.96 -69.40 82.47
C ILE C 45 -9.30 -70.67 83.24
N LYS C 46 -9.54 -71.76 82.52
CA LYS C 46 -9.86 -73.02 83.18
C LYS C 46 -8.64 -73.50 83.98
N THR C 47 -7.43 -73.20 83.48
CA THR C 47 -6.20 -73.56 84.19
C THR C 47 -6.25 -72.78 85.51
N ALA C 48 -6.63 -71.51 85.45
CA ALA C 48 -6.77 -70.74 86.66
C ALA C 48 -8.00 -71.37 87.30
N GLU C 49 -8.53 -70.80 88.38
CA GLU C 49 -9.69 -71.42 89.02
C GLU C 49 -9.30 -72.84 89.43
N LYS C 50 -7.99 -73.10 89.47
CA LYS C 50 -7.50 -74.41 89.88
C LYS C 50 -7.75 -74.48 91.36
N SER C 51 -8.09 -73.33 91.93
CA SER C 51 -8.39 -73.23 93.35
C SER C 51 -9.83 -73.67 93.58
N GLY C 52 -10.13 -74.89 93.14
CA GLY C 52 -11.46 -75.43 93.26
C GLY C 52 -12.05 -75.66 91.88
N TYR C 53 -13.36 -75.82 91.80
CA TYR C 53 -14.02 -76.01 90.50
C TYR C 53 -13.63 -77.32 89.81
N ARG C 54 -14.58 -77.93 89.11
CA ARG C 54 -14.30 -79.16 88.40
C ARG C 54 -15.51 -79.63 87.60
N ASN C 55 -16.51 -80.15 88.30
CA ASN C 55 -17.75 -80.66 87.68
C ASN C 55 -17.44 -81.46 86.43
N ILE C 56 -17.41 -80.73 85.31
CA ILE C 56 -17.12 -81.26 84.00
C ILE C 56 -17.48 -82.75 83.84
N GLU C 57 -16.60 -83.62 84.32
CA GLU C 57 -16.80 -85.07 84.24
C GLU C 57 -17.09 -85.66 85.63
N ASP C 58 -16.44 -85.09 86.65
CA ASP C 58 -16.60 -85.54 88.02
C ASP C 58 -17.97 -85.28 88.61
N ILE C 59 -18.96 -85.97 88.07
CA ILE C 59 -20.34 -85.85 88.54
C ILE C 59 -20.71 -87.17 89.22
N LEU C 60 -20.68 -87.18 90.55
CA LEU C 60 -21.02 -88.36 91.37
C LEU C 60 -21.99 -88.02 92.50
N ALA C 61 -22.55 -86.81 92.42
CA ALA C 61 -23.49 -86.31 93.45
C ALA C 61 -22.73 -85.97 94.71
N LYS C 62 -21.98 -86.96 95.19
CA LYS C 62 -21.17 -86.83 96.39
C LYS C 62 -19.69 -86.80 96.00
N GLY C 63 -19.43 -86.82 94.69
CA GLY C 63 -18.05 -86.78 94.21
C GLY C 63 -17.37 -85.55 94.80
N GLU C 64 -18.19 -84.53 95.04
CA GLU C 64 -17.73 -83.26 95.63
C GLU C 64 -18.84 -82.80 96.58
N THR C 65 -19.84 -83.67 96.75
CA THR C 65 -21.00 -83.41 97.60
C THR C 65 -21.57 -82.00 97.36
N LEU C 66 -22.25 -81.86 96.23
CA LEU C 66 -22.83 -80.57 95.84
C LEU C 66 -23.63 -79.93 96.96
N LYS C 67 -23.03 -78.96 97.63
CA LYS C 67 -23.68 -78.25 98.72
C LYS C 67 -22.94 -76.96 99.04
N GLU C 68 -23.28 -76.34 100.16
CA GLU C 68 -22.66 -75.09 100.60
C GLU C 68 -21.17 -74.98 100.26
N GLY C 69 -20.75 -73.79 99.83
CA GLY C 69 -19.35 -73.53 99.50
C GLY C 69 -18.72 -74.29 98.34
N ASP C 70 -19.52 -74.99 97.55
CA ASP C 70 -18.97 -75.72 96.43
C ASP C 70 -18.84 -74.84 95.20
N LYS C 71 -17.82 -75.15 94.39
CA LYS C 71 -17.52 -74.40 93.16
C LYS C 71 -17.15 -75.35 92.00
N VAL C 72 -17.89 -75.25 90.89
CA VAL C 72 -17.63 -76.11 89.74
C VAL C 72 -17.72 -75.36 88.40
N TYR C 73 -17.13 -75.94 87.36
CA TYR C 73 -17.17 -75.31 86.05
C TYR C 73 -17.64 -76.31 85.01
N ALA C 74 -18.11 -75.81 83.87
CA ALA C 74 -18.57 -76.68 82.80
C ALA C 74 -18.00 -76.19 81.46
N ASN C 75 -17.28 -77.06 80.78
CA ASN C 75 -16.67 -76.69 79.51
C ASN C 75 -17.57 -77.04 78.32
N ASN C 76 -17.75 -76.09 77.41
CA ASN C 76 -18.57 -76.35 76.24
C ASN C 76 -17.70 -76.49 75.01
N ARG C 77 -17.30 -77.73 74.73
CA ARG C 77 -16.44 -78.07 73.60
C ARG C 77 -15.27 -77.10 73.46
N GLY C 78 -14.79 -76.61 74.60
CA GLY C 78 -13.67 -75.69 74.62
C GLY C 78 -13.93 -74.27 74.18
N LYS C 79 -15.07 -74.04 73.53
CA LYS C 79 -15.41 -72.71 73.04
C LYS C 79 -16.13 -71.88 74.11
N GLY C 80 -16.75 -72.55 75.09
CA GLY C 80 -17.47 -71.83 76.12
C GLY C 80 -17.17 -72.30 77.53
N LEU C 81 -17.45 -71.43 78.50
CA LEU C 81 -17.19 -71.73 79.90
C LEU C 81 -18.18 -71.11 80.85
N ILE C 82 -18.61 -71.88 81.85
CA ILE C 82 -19.56 -71.41 82.85
C ILE C 82 -19.16 -71.90 84.23
N MET C 83 -19.07 -70.97 85.18
CA MET C 83 -18.65 -71.31 86.55
C MET C 83 -19.76 -71.09 87.58
N PHE C 84 -19.81 -71.98 88.57
CA PHE C 84 -20.81 -71.90 89.62
C PHE C 84 -20.17 -71.71 90.99
N LEU C 85 -20.99 -71.33 91.96
CA LEU C 85 -20.55 -71.12 93.32
C LEU C 85 -21.78 -71.20 94.22
N ILE C 86 -22.02 -72.37 94.80
CA ILE C 86 -23.17 -72.57 95.64
C ILE C 86 -23.15 -71.70 96.90
N GLY C 87 -24.34 -71.24 97.30
CA GLY C 87 -24.47 -70.41 98.48
C GLY C 87 -25.44 -71.01 99.48
N LYS C 88 -25.58 -70.33 100.62
CA LYS C 88 -26.48 -70.80 101.69
C LYS C 88 -27.88 -71.17 101.16
N GLU C 89 -28.62 -70.16 100.71
CA GLU C 89 -29.96 -70.38 100.18
C GLU C 89 -29.95 -71.42 99.08
N PRO C 90 -31.13 -72.01 98.79
CA PRO C 90 -31.29 -73.03 97.75
C PRO C 90 -31.36 -72.43 96.34
N LEU C 91 -30.99 -73.23 95.33
CA LEU C 91 -31.02 -72.74 93.96
C LEU C 91 -32.40 -72.20 93.60
N TYR C 92 -33.42 -72.93 93.99
CA TYR C 92 -34.80 -72.53 93.72
C TYR C 92 -35.05 -71.05 94.05
N THR C 93 -34.23 -70.50 94.94
CA THR C 93 -34.37 -69.08 95.32
C THR C 93 -34.10 -68.17 94.13
N GLY C 94 -32.90 -68.27 93.58
CA GLY C 94 -32.52 -67.45 92.43
C GLY C 94 -31.03 -67.57 92.16
N PHE C 95 -30.52 -66.68 91.31
CA PHE C 95 -29.10 -66.69 90.98
C PHE C 95 -28.56 -65.30 90.84
N LYS C 96 -27.24 -65.21 90.81
CA LYS C 96 -26.55 -63.94 90.63
C LYS C 96 -25.61 -64.20 89.46
N ILE C 97 -26.10 -63.98 88.25
CA ILE C 97 -25.30 -64.24 87.06
C ILE C 97 -24.47 -63.09 86.50
N LEU C 98 -23.31 -63.42 85.95
CA LEU C 98 -22.42 -62.47 85.32
C LEU C 98 -22.14 -63.06 83.94
N GLY C 99 -22.49 -62.34 82.88
CA GLY C 99 -22.24 -62.87 81.55
C GLY C 99 -21.34 -62.00 80.68
N ALA C 100 -20.70 -62.64 79.70
CA ALA C 100 -19.82 -61.94 78.78
C ALA C 100 -19.36 -62.87 77.65
N HIS C 101 -19.12 -62.31 76.46
CA HIS C 101 -18.66 -63.12 75.34
C HIS C 101 -17.14 -63.00 75.25
N ILE C 102 -16.48 -64.11 74.95
CA ILE C 102 -15.02 -64.10 74.88
C ILE C 102 -14.47 -64.01 73.46
N ASP C 103 -15.35 -64.09 72.46
CA ASP C 103 -14.93 -63.98 71.06
C ASP C 103 -14.75 -62.53 70.66
N SER C 104 -13.95 -62.32 69.61
CA SER C 104 -13.70 -60.97 69.10
C SER C 104 -13.46 -60.99 67.59
N PRO C 105 -13.83 -59.90 66.90
CA PRO C 105 -13.66 -59.78 65.46
C PRO C 105 -12.21 -60.04 65.04
N ARG C 106 -12.05 -60.72 63.91
CA ARG C 106 -10.73 -61.06 63.37
C ARG C 106 -10.83 -61.71 62.00
N LEU C 107 -9.70 -61.95 61.38
CA LEU C 107 -9.67 -62.58 60.09
C LEU C 107 -9.42 -64.08 60.35
N ASP C 108 -9.73 -64.93 59.37
CA ASP C 108 -9.46 -66.35 59.53
C ASP C 108 -9.59 -67.17 58.25
N LEU C 109 -8.50 -67.87 57.96
CA LEU C 109 -8.33 -68.69 56.78
C LEU C 109 -9.54 -69.48 56.32
N LYS C 110 -9.74 -69.55 55.01
CA LYS C 110 -10.88 -70.30 54.46
C LYS C 110 -10.64 -71.81 54.55
N GLN C 111 -11.50 -72.58 53.90
CA GLN C 111 -11.37 -74.04 53.90
C GLN C 111 -10.16 -74.47 53.07
N ASN C 112 -9.82 -73.69 52.05
CA ASN C 112 -8.68 -73.97 51.18
C ASN C 112 -7.90 -72.69 51.03
N PRO C 113 -7.36 -72.16 52.14
CA PRO C 113 -6.59 -70.92 52.19
C PRO C 113 -5.29 -70.85 51.40
N LEU C 114 -4.54 -71.94 51.37
CA LEU C 114 -3.26 -71.94 50.66
C LEU C 114 -3.38 -71.98 49.14
N TYR C 115 -2.82 -70.96 48.49
CA TYR C 115 -2.82 -70.86 47.05
C TYR C 115 -1.63 -70.00 46.66
N GLU C 116 -1.20 -70.08 45.40
CA GLU C 116 -0.04 -69.33 44.95
C GLU C 116 -0.34 -68.47 43.74
N ASP C 117 -0.18 -67.16 43.89
CA ASP C 117 -0.44 -66.26 42.78
C ASP C 117 0.77 -65.40 42.45
N THR C 118 1.29 -65.55 41.23
CA THR C 118 2.45 -64.78 40.79
C THR C 118 3.61 -64.99 41.75
N ASP C 119 4.32 -66.09 41.57
CA ASP C 119 5.44 -66.40 42.42
C ASP C 119 4.99 -66.62 43.85
N LEU C 120 5.11 -65.61 44.69
CA LEU C 120 4.72 -65.77 46.09
C LEU C 120 3.39 -66.48 46.31
N ALA C 121 3.20 -66.99 47.53
CA ALA C 121 1.98 -67.71 47.87
C ALA C 121 1.21 -67.07 49.01
N MET C 122 -0.07 -66.80 48.76
CA MET C 122 -0.93 -66.20 49.76
C MET C 122 -1.74 -67.21 50.55
N LEU C 123 -2.69 -66.67 51.32
CA LEU C 123 -3.57 -67.44 52.18
C LEU C 123 -4.95 -66.80 52.25
N GLU C 124 -5.95 -67.41 51.63
CA GLU C 124 -7.32 -66.87 51.63
C GLU C 124 -7.83 -66.66 53.04
N THR C 125 -8.64 -65.62 53.23
CA THR C 125 -9.22 -65.32 54.54
C THR C 125 -10.69 -64.97 54.39
N HIS C 126 -11.31 -64.62 55.51
CA HIS C 126 -12.74 -64.27 55.49
C HIS C 126 -13.03 -63.67 56.85
N TYR C 127 -12.95 -62.35 56.94
CA TYR C 127 -13.17 -61.69 58.22
C TYR C 127 -14.42 -62.16 58.97
N TYR C 128 -14.35 -62.09 60.29
CA TYR C 128 -15.42 -62.53 61.18
C TYR C 128 -15.72 -61.49 62.22
N GLY C 129 -17.01 -61.30 62.48
CA GLY C 129 -17.42 -60.34 63.50
C GLY C 129 -17.77 -58.94 63.00
N GLY C 130 -17.37 -58.65 61.78
CA GLY C 130 -17.67 -57.34 61.24
C GLY C 130 -16.67 -56.30 61.69
N ILE C 131 -15.47 -56.40 61.16
CA ILE C 131 -14.43 -55.44 61.48
C ILE C 131 -14.71 -54.23 60.60
N LYS C 132 -15.69 -54.41 59.70
CA LYS C 132 -16.15 -53.40 58.73
C LYS C 132 -15.06 -52.48 58.21
N LYS C 133 -14.35 -51.84 59.12
CA LYS C 133 -13.26 -50.98 58.76
C LYS C 133 -12.12 -51.93 58.46
N TYR C 134 -11.96 -52.27 57.18
CA TYR C 134 -10.90 -53.18 56.81
C TYR C 134 -9.52 -52.56 56.88
N GLN C 135 -9.33 -51.62 57.79
CA GLN C 135 -8.01 -51.00 57.95
C GLN C 135 -7.25 -51.95 58.88
N TRP C 136 -7.18 -53.21 58.43
CA TRP C 136 -6.52 -54.33 59.11
C TRP C 136 -5.34 -54.73 58.26
N VAL C 137 -4.98 -53.88 57.32
CA VAL C 137 -3.87 -54.19 56.43
C VAL C 137 -2.47 -54.02 57.06
N THR C 138 -1.65 -53.24 56.39
CA THR C 138 -0.30 -52.96 56.83
C THR C 138 0.24 -53.49 58.15
N LEU C 139 -0.45 -53.28 59.26
CA LEU C 139 0.07 -53.75 60.55
C LEU C 139 0.31 -55.27 60.60
N PRO C 140 1.32 -55.70 61.38
CA PRO C 140 1.76 -57.10 61.60
C PRO C 140 0.73 -58.04 62.22
N LEU C 141 0.60 -59.22 61.63
CA LEU C 141 -0.36 -60.23 62.11
C LEU C 141 0.29 -61.53 62.58
N ALA C 142 -0.43 -62.23 63.46
CA ALA C 142 0.03 -63.51 64.00
C ALA C 142 -1.04 -64.59 63.76
N ILE C 143 -0.61 -65.84 63.61
CA ILE C 143 -1.59 -66.92 63.39
C ILE C 143 -1.82 -67.75 64.65
N HIS C 144 -3.09 -67.99 64.95
CA HIS C 144 -3.45 -68.81 66.11
C HIS C 144 -4.39 -69.89 65.63
N GLY C 145 -5.10 -70.52 66.56
CA GLY C 145 -6.05 -71.56 66.16
C GLY C 145 -5.51 -72.97 66.31
N VAL C 146 -6.19 -73.90 65.65
CA VAL C 146 -5.83 -75.29 65.73
C VAL C 146 -6.19 -76.05 64.45
N ILE C 147 -5.41 -77.09 64.14
CA ILE C 147 -5.69 -77.90 62.96
C ILE C 147 -5.96 -79.33 63.40
N VAL C 148 -6.97 -79.97 62.81
CA VAL C 148 -7.29 -81.34 63.19
C VAL C 148 -6.99 -82.37 62.10
N LYS C 149 -6.09 -83.30 62.42
CA LYS C 149 -5.70 -84.36 61.49
C LYS C 149 -6.92 -85.23 61.22
N LYS C 150 -6.88 -85.99 60.13
CA LYS C 150 -8.00 -86.87 59.81
C LYS C 150 -8.21 -87.88 60.93
N ASP C 151 -7.13 -88.28 61.58
CA ASP C 151 -7.18 -89.25 62.67
C ASP C 151 -7.73 -88.66 63.95
N GLY C 152 -7.83 -87.33 63.99
CA GLY C 152 -8.36 -86.67 65.17
C GLY C 152 -7.33 -85.96 66.05
N THR C 153 -6.06 -86.03 65.66
CA THR C 153 -5.00 -85.38 66.41
C THR C 153 -5.13 -83.87 66.34
N ILE C 154 -5.22 -83.23 67.50
CA ILE C 154 -5.34 -81.78 67.55
C ILE C 154 -3.98 -81.10 67.67
N VAL C 155 -3.60 -80.35 66.64
CA VAL C 155 -2.33 -79.65 66.66
C VAL C 155 -2.55 -78.16 66.92
N ASN C 156 -1.77 -77.59 67.82
CA ASN C 156 -1.92 -76.17 68.14
C ASN C 156 -0.97 -75.30 67.33
N VAL C 157 -1.52 -74.22 66.78
CA VAL C 157 -0.72 -73.28 65.99
C VAL C 157 -0.70 -71.90 66.66
N CYS C 158 0.50 -71.33 66.77
CA CYS C 158 0.67 -70.01 67.37
C CYS C 158 1.95 -69.41 66.83
N VAL C 159 1.86 -68.77 65.66
CA VAL C 159 3.01 -68.15 65.01
C VAL C 159 2.91 -66.63 64.99
N GLY C 160 4.02 -65.98 65.32
CA GLY C 160 4.05 -64.54 65.31
C GLY C 160 3.98 -63.87 66.68
N GLU C 161 3.91 -64.64 67.75
CA GLU C 161 3.84 -64.05 69.07
C GLU C 161 5.20 -63.84 69.70
N ASP C 162 6.06 -64.86 69.67
CA ASP C 162 7.40 -64.75 70.25
C ASP C 162 8.24 -63.76 69.43
N ASP C 163 9.12 -63.04 70.10
CA ASP C 163 9.96 -62.07 69.42
C ASP C 163 10.83 -62.69 68.33
N ASN C 164 10.82 -64.02 68.24
CA ASN C 164 11.63 -64.70 67.23
C ASN C 164 10.81 -65.39 66.15
N ASP C 165 9.49 -65.32 66.29
CA ASP C 165 8.63 -65.93 65.30
C ASP C 165 8.40 -64.97 64.16
N PRO C 166 8.23 -65.50 62.95
CA PRO C 166 8.00 -64.62 61.80
C PRO C 166 6.58 -64.05 61.93
N VAL C 167 6.25 -63.05 61.13
CA VAL C 167 4.93 -62.43 61.19
C VAL C 167 4.26 -62.47 59.84
N PHE C 168 2.99 -62.04 59.81
CA PHE C 168 2.23 -62.01 58.58
C PHE C 168 1.44 -60.70 58.45
N GLY C 169 0.81 -60.50 57.29
CA GLY C 169 0.04 -59.29 57.11
C GLY C 169 -0.60 -59.18 55.74
N VAL C 170 -1.50 -58.20 55.61
CA VAL C 170 -2.21 -57.96 54.34
C VAL C 170 -1.60 -56.73 53.67
N SER C 171 -1.31 -56.83 52.38
CA SER C 171 -0.71 -55.73 51.64
C SER C 171 -1.74 -54.73 51.16
N ASP C 172 -1.27 -53.58 50.69
CA ASP C 172 -2.13 -52.52 50.17
C ASP C 172 -1.31 -51.65 49.24
N ILE C 173 -1.86 -51.38 48.05
CA ILE C 173 -1.18 -50.55 47.05
C ILE C 173 -0.51 -49.33 47.62
N LEU C 174 0.67 -49.00 47.11
CA LEU C 174 1.38 -47.82 47.58
C LEU C 174 0.60 -46.59 47.14
N VAL C 175 0.69 -45.51 47.92
CA VAL C 175 -0.04 -44.28 47.60
C VAL C 175 0.30 -43.76 46.21
N HIS C 176 1.51 -44.04 45.75
CA HIS C 176 1.93 -43.59 44.45
C HIS C 176 1.01 -44.05 43.34
N LEU C 177 0.44 -45.24 43.49
CA LEU C 177 -0.46 -45.76 42.48
C LEU C 177 -1.86 -46.02 43.01
N ALA C 178 -2.14 -45.53 44.20
CA ALA C 178 -3.44 -45.73 44.82
C ALA C 178 -4.48 -44.71 44.35
N SER C 179 -4.10 -43.91 43.37
CA SER C 179 -4.99 -42.88 42.82
C SER C 179 -6.37 -43.42 42.43
N GLU C 180 -6.40 -44.51 41.66
CA GLU C 180 -7.65 -45.11 41.21
C GLU C 180 -8.47 -45.64 42.37
N GLN C 181 -7.84 -45.82 43.52
CA GLN C 181 -8.53 -46.31 44.72
C GLN C 181 -8.98 -45.11 45.58
N LEU C 182 -10.10 -44.50 45.19
CA LEU C 182 -10.67 -43.34 45.90
C LEU C 182 -12.17 -43.49 46.15
N GLU C 183 -12.88 -44.21 45.27
CA GLU C 183 -14.31 -44.35 45.43
C GLU C 183 -14.71 -44.98 46.75
N LYS C 184 -15.69 -44.37 47.42
CA LYS C 184 -16.24 -44.82 48.69
C LYS C 184 -15.28 -45.40 49.70
N LYS C 185 -15.02 -44.65 50.78
CA LYS C 185 -14.14 -45.16 51.85
C LYS C 185 -14.85 -46.41 52.40
N ALA C 186 -16.19 -46.40 52.26
CA ALA C 186 -17.05 -47.49 52.72
C ALA C 186 -16.38 -48.82 52.47
N SER C 187 -15.64 -48.89 51.37
CA SER C 187 -14.95 -50.12 51.03
C SER C 187 -14.23 -50.09 49.70
N LYS C 188 -12.91 -50.01 49.75
CA LYS C 188 -12.08 -50.06 48.56
C LYS C 188 -10.94 -51.04 48.89
N VAL C 189 -11.15 -51.77 49.98
CA VAL C 189 -10.24 -52.79 50.49
C VAL C 189 -11.22 -53.76 51.12
N ILE C 190 -11.53 -54.87 50.44
CA ILE C 190 -12.51 -55.79 51.01
C ILE C 190 -12.40 -57.27 50.64
N GLU C 191 -11.52 -57.60 49.70
CA GLU C 191 -11.38 -58.98 49.25
C GLU C 191 -11.24 -59.98 50.38
N GLY C 192 -10.99 -61.22 50.01
CA GLY C 192 -10.78 -62.26 51.02
C GLY C 192 -9.70 -63.22 50.54
N GLU C 193 -8.77 -62.67 49.77
CA GLU C 193 -7.72 -63.45 49.21
C GLU C 193 -6.44 -62.65 49.37
N ASP C 194 -6.22 -62.23 50.60
CA ASP C 194 -5.07 -61.42 50.97
C ASP C 194 -4.16 -62.17 51.88
N LEU C 195 -3.09 -61.53 52.33
CA LEU C 195 -2.15 -62.19 53.25
C LEU C 195 -1.21 -63.28 52.70
N ASN C 196 0.00 -62.85 52.29
CA ASN C 196 0.98 -63.77 51.78
C ASN C 196 1.84 -64.35 52.89
N ILE C 197 2.04 -65.66 52.84
CA ILE C 197 2.82 -66.33 53.86
C ILE C 197 4.22 -66.72 53.45
N LEU C 198 4.58 -66.48 52.19
CA LEU C 198 5.93 -66.82 51.79
C LEU C 198 6.30 -66.36 50.39
N ILE C 199 7.49 -65.79 50.28
CA ILE C 199 7.99 -65.33 49.01
C ILE C 199 9.03 -66.33 48.56
N GLY C 200 9.65 -66.01 47.43
CA GLY C 200 10.68 -66.87 46.85
C GLY C 200 10.82 -68.23 47.49
N SER C 201 12.01 -68.50 48.04
CA SER C 201 12.29 -69.76 48.68
C SER C 201 11.48 -70.78 47.90
N ILE C 202 11.67 -70.74 46.60
CA ILE C 202 10.99 -71.57 45.66
C ILE C 202 11.95 -72.57 45.04
N PRO C 203 11.75 -73.87 45.31
CA PRO C 203 10.65 -74.42 46.09
C PRO C 203 11.25 -75.52 46.99
N LEU C 204 10.63 -76.70 46.93
CA LEU C 204 11.10 -77.86 47.69
C LEU C 204 11.93 -78.74 46.75
N LYS C 205 13.22 -78.86 47.07
CA LYS C 205 14.17 -79.66 46.27
C LYS C 205 14.12 -79.25 44.80
N ASP C 206 13.44 -78.14 44.53
CA ASP C 206 13.30 -77.61 43.17
C ASP C 206 12.90 -78.68 42.16
N GLY C 207 11.97 -79.54 42.58
CA GLY C 207 11.51 -80.60 41.71
C GLY C 207 10.37 -80.20 40.81
N GLU C 208 10.53 -79.08 40.12
CA GLU C 208 9.50 -78.57 39.19
C GLU C 208 8.14 -78.35 39.87
N GLU C 209 7.07 -78.54 39.09
CA GLU C 209 5.70 -78.38 39.55
C GLU C 209 5.33 -76.89 39.68
N LYS C 210 4.69 -76.37 38.63
CA LYS C 210 4.28 -74.97 38.56
C LYS C 210 4.24 -74.19 39.90
N GLN C 211 3.33 -74.58 40.79
CA GLN C 211 3.20 -73.92 42.06
C GLN C 211 4.38 -74.26 42.98
N LYS C 212 5.56 -73.78 42.63
CA LYS C 212 6.72 -74.08 43.44
C LYS C 212 6.71 -73.42 44.80
N VAL C 213 6.53 -72.10 44.83
CA VAL C 213 6.51 -71.37 46.10
C VAL C 213 5.51 -71.99 47.06
N LYS C 214 4.35 -72.37 46.53
CA LYS C 214 3.32 -73.00 47.33
C LYS C 214 3.87 -74.34 47.85
N HIS C 215 4.23 -75.21 46.91
CA HIS C 215 4.74 -76.53 47.23
C HIS C 215 5.76 -76.46 48.37
N ASN C 216 6.65 -75.49 48.28
CA ASN C 216 7.67 -75.33 49.30
C ASN C 216 7.09 -75.06 50.69
N ILE C 217 6.16 -74.12 50.78
CA ILE C 217 5.58 -73.76 52.05
C ILE C 217 4.80 -74.93 52.67
N MET C 218 4.07 -75.67 51.85
CA MET C 218 3.29 -76.80 52.36
C MET C 218 4.28 -77.76 53.01
N LYS C 219 5.41 -77.99 52.35
CA LYS C 219 6.45 -78.87 52.87
C LYS C 219 6.99 -78.31 54.17
N ILE C 220 7.21 -77.00 54.20
CA ILE C 220 7.73 -76.35 55.40
C ILE C 220 6.71 -76.50 56.50
N LEU C 221 5.44 -76.35 56.12
CA LEU C 221 4.34 -76.45 57.06
C LEU C 221 4.16 -77.92 57.45
N ASN C 222 4.73 -78.81 56.65
CA ASN C 222 4.65 -80.23 56.92
C ASN C 222 5.67 -80.69 57.96
N GLU C 223 6.89 -80.16 57.87
CA GLU C 223 7.93 -80.50 58.82
C GLU C 223 7.42 -80.18 60.21
N LYS C 224 6.97 -78.95 60.43
CA LYS C 224 6.41 -78.61 61.74
C LYS C 224 5.02 -79.22 61.63
N TYR C 225 4.41 -79.54 62.76
CA TYR C 225 3.07 -80.13 62.72
C TYR C 225 3.16 -81.43 61.94
N ASP C 226 2.19 -81.70 61.08
CA ASP C 226 2.20 -82.92 60.29
C ASP C 226 0.97 -82.93 59.41
N ILE C 227 0.61 -81.75 58.92
CA ILE C 227 -0.56 -81.59 58.09
C ILE C 227 -0.27 -81.72 56.62
N SER C 228 -1.33 -81.69 55.82
CA SER C 228 -1.22 -81.78 54.38
C SER C 228 -2.02 -80.58 53.87
N GLU C 229 -2.10 -80.38 52.55
CA GLU C 229 -2.87 -79.24 52.05
C GLU C 229 -4.30 -79.39 52.52
N GLU C 230 -4.78 -80.63 52.66
CA GLU C 230 -6.14 -80.87 53.18
C GLU C 230 -5.99 -80.52 54.65
N ASP C 231 -6.76 -81.12 55.53
CA ASP C 231 -6.62 -80.80 56.95
C ASP C 231 -7.08 -79.37 57.24
N PHE C 232 -6.74 -78.46 56.33
CA PHE C 232 -7.14 -77.07 56.48
C PHE C 232 -8.66 -77.10 56.52
N VAL C 233 -9.23 -78.05 55.77
CA VAL C 233 -10.67 -78.20 55.72
C VAL C 233 -11.20 -78.38 57.14
N SER C 234 -10.46 -79.14 57.94
CA SER C 234 -10.85 -79.39 59.33
C SER C 234 -9.90 -78.65 60.25
N ALA C 235 -9.62 -77.39 59.89
CA ALA C 235 -8.72 -76.55 60.67
C ALA C 235 -9.46 -75.38 61.32
N GLU C 236 -8.73 -74.60 62.11
CA GLU C 236 -9.31 -73.46 62.78
C GLU C 236 -8.60 -72.15 62.53
N LEU C 237 -8.99 -71.54 61.41
CA LEU C 237 -8.52 -70.25 60.93
C LEU C 237 -8.44 -69.22 62.04
N GLU C 238 -7.33 -68.50 62.16
CA GLU C 238 -7.22 -67.49 63.21
C GLU C 238 -6.10 -66.47 63.00
N ILE C 239 -6.44 -65.33 62.41
CA ILE C 239 -5.45 -64.30 62.18
C ILE C 239 -5.74 -63.14 63.10
N VAL C 240 -4.73 -62.77 63.87
CA VAL C 240 -4.86 -61.69 64.83
C VAL C 240 -3.62 -60.82 64.90
N PRO C 241 -3.79 -59.55 65.29
CA PRO C 241 -2.60 -58.71 65.36
C PRO C 241 -1.57 -59.29 66.34
N ALA C 242 -0.29 -59.17 65.97
CA ALA C 242 0.79 -59.68 66.82
C ALA C 242 1.27 -58.63 67.83
N GLY C 243 1.83 -59.08 68.94
CA GLY C 243 2.30 -58.17 69.97
C GLY C 243 1.50 -58.23 71.27
N LYS C 244 2.16 -58.00 72.39
CA LYS C 244 1.52 -58.02 73.70
C LYS C 244 0.80 -56.70 73.89
N ALA C 245 -0.23 -56.69 74.74
CA ALA C 245 -0.96 -55.45 75.02
C ALA C 245 0.05 -54.55 75.74
N ARG C 246 -0.14 -53.25 75.69
CA ARG C 246 0.82 -52.36 76.31
C ARG C 246 0.20 -51.23 77.14
N ASP C 247 1.05 -50.49 77.85
CA ASP C 247 0.57 -49.36 78.64
C ASP C 247 0.33 -48.25 77.63
N TYR C 248 -0.84 -47.65 77.67
CA TYR C 248 -1.12 -46.58 76.75
C TYR C 248 -1.11 -45.23 77.45
N GLY C 249 -0.37 -44.28 76.88
CA GLY C 249 -0.32 -42.94 77.45
C GLY C 249 0.90 -42.60 78.29
N PHE C 250 1.26 -41.32 78.29
CA PHE C 250 2.41 -40.88 79.06
C PHE C 250 2.26 -41.11 80.55
N ASP C 251 1.03 -41.25 81.01
CA ASP C 251 0.78 -41.47 82.42
C ASP C 251 0.34 -42.91 82.67
N ARG C 252 0.58 -43.78 81.70
CA ARG C 252 0.21 -45.19 81.81
C ARG C 252 -1.19 -45.40 82.39
N SER C 253 -2.11 -44.50 82.07
CA SER C 253 -3.47 -44.60 82.60
C SER C 253 -4.38 -45.52 81.81
N MET C 254 -4.02 -45.79 80.56
CA MET C 254 -4.84 -46.65 79.74
C MET C 254 -4.08 -47.86 79.28
N VAL C 255 -4.78 -48.76 78.58
CA VAL C 255 -4.19 -49.99 78.06
C VAL C 255 -4.60 -50.21 76.61
N MET C 256 -3.63 -50.42 75.74
CA MET C 256 -3.89 -50.66 74.33
C MET C 256 -3.65 -52.15 74.02
N GLY C 257 -4.63 -52.78 73.38
CA GLY C 257 -4.48 -54.19 73.03
C GLY C 257 -5.63 -54.74 72.22
N TYR C 258 -5.42 -55.90 71.65
CA TYR C 258 -6.44 -56.58 70.86
C TYR C 258 -7.39 -57.36 71.74
N GLY C 259 -8.62 -57.49 71.27
CA GLY C 259 -9.60 -58.25 72.04
C GLY C 259 -10.30 -57.53 73.20
N GLN C 260 -9.79 -56.35 73.55
CA GLN C 260 -10.38 -55.55 74.61
C GLN C 260 -11.90 -55.70 74.64
N ASP C 261 -12.52 -55.75 73.47
CA ASP C 261 -13.97 -55.88 73.35
C ASP C 261 -14.51 -57.04 74.13
N ASP C 262 -15.14 -56.69 75.24
CA ASP C 262 -15.78 -57.59 76.20
C ASP C 262 -14.84 -58.57 76.89
N ARG C 263 -13.74 -58.92 76.24
CA ARG C 263 -12.80 -59.82 76.84
C ARG C 263 -12.31 -59.17 78.12
N ILE C 264 -12.44 -57.84 78.18
CA ILE C 264 -12.01 -57.08 79.34
C ILE C 264 -13.06 -57.27 80.40
N CYS C 265 -14.32 -57.32 79.99
CA CYS C 265 -15.40 -57.55 80.96
C CYS C 265 -15.35 -59.00 81.41
N ALA C 266 -15.11 -59.89 80.45
CA ALA C 266 -15.04 -61.30 80.73
C ALA C 266 -13.97 -61.59 81.77
N TYR C 267 -12.96 -60.72 81.83
CA TYR C 267 -11.88 -60.91 82.77
C TYR C 267 -12.25 -60.37 84.14
N THR C 268 -12.61 -59.11 84.20
CA THR C 268 -12.98 -58.52 85.47
C THR C 268 -14.09 -59.36 86.10
N SER C 269 -15.05 -59.78 85.29
CA SER C 269 -16.14 -60.61 85.79
C SER C 269 -15.56 -61.90 86.35
N PHE C 270 -14.47 -62.35 85.75
CA PHE C 270 -13.82 -63.57 86.19
C PHE C 270 -13.21 -63.39 87.58
N GLU C 271 -12.26 -62.48 87.70
CA GLU C 271 -11.62 -62.23 88.99
C GLU C 271 -12.66 -61.97 90.04
N ALA C 272 -13.63 -61.12 89.73
CA ALA C 272 -14.67 -60.82 90.72
C ALA C 272 -15.30 -62.14 91.16
N MET C 273 -15.75 -62.94 90.21
CA MET C 273 -16.37 -64.23 90.52
C MET C 273 -15.41 -65.19 91.21
N LEU C 274 -14.15 -65.13 90.81
CA LEU C 274 -13.14 -66.02 91.38
C LEU C 274 -12.88 -65.74 92.86
N GLU C 275 -12.49 -64.51 93.19
CA GLU C 275 -12.20 -64.17 94.58
C GLU C 275 -13.45 -63.88 95.39
N MET C 276 -14.54 -64.54 95.05
CA MET C 276 -15.81 -64.36 95.74
C MET C 276 -16.06 -65.50 96.71
N LYS C 277 -15.86 -65.22 98.00
CA LYS C 277 -16.03 -66.21 99.04
C LYS C 277 -17.24 -65.90 99.93
N ASN C 278 -17.80 -66.94 100.56
CA ASN C 278 -18.96 -66.76 101.43
C ASN C 278 -20.13 -66.25 100.57
N ALA C 279 -20.84 -67.17 99.92
CA ALA C 279 -21.96 -66.80 99.07
C ALA C 279 -23.31 -67.00 99.76
N LYS C 280 -24.17 -65.99 99.69
CA LYS C 280 -25.48 -66.07 100.31
C LYS C 280 -26.39 -66.77 99.31
N LYS C 281 -26.41 -66.27 98.09
CA LYS C 281 -27.23 -66.86 97.03
C LYS C 281 -26.30 -67.32 95.91
N THR C 282 -26.45 -68.58 95.50
CA THR C 282 -25.61 -69.15 94.45
C THR C 282 -25.47 -68.25 93.25
N CYS C 283 -24.23 -67.93 92.90
CA CYS C 283 -23.95 -67.06 91.78
C CYS C 283 -23.11 -67.76 90.71
N ILE C 284 -23.33 -67.39 89.44
CA ILE C 284 -22.64 -68.01 88.33
C ILE C 284 -22.13 -67.08 87.22
N THR C 285 -21.00 -67.47 86.65
CA THR C 285 -20.37 -66.70 85.59
C THR C 285 -20.41 -67.42 84.25
N ILE C 286 -20.91 -66.74 83.23
CA ILE C 286 -21.01 -67.32 81.89
C ILE C 286 -20.08 -66.62 80.91
N LEU C 287 -19.45 -67.41 80.06
CA LEU C 287 -18.53 -66.88 79.06
C LEU C 287 -18.72 -67.64 77.76
N VAL C 288 -19.47 -67.05 76.83
CA VAL C 288 -19.74 -67.69 75.55
C VAL C 288 -19.13 -66.92 74.39
N ASP C 289 -19.33 -67.43 73.17
CA ASP C 289 -18.79 -66.75 72.00
C ASP C 289 -19.89 -66.56 70.94
N LYS C 290 -19.44 -66.28 69.72
CA LYS C 290 -20.34 -66.07 68.60
C LYS C 290 -21.20 -64.84 68.77
N GLU C 291 -20.92 -64.04 69.79
CA GLU C 291 -21.71 -62.84 70.02
C GLU C 291 -21.52 -61.84 68.88
N GLU C 292 -20.26 -61.58 68.54
CA GLU C 292 -19.93 -60.64 67.47
C GLU C 292 -20.45 -61.09 66.11
N VAL C 293 -20.92 -62.33 66.02
CA VAL C 293 -21.44 -62.85 64.76
C VAL C 293 -22.97 -63.07 64.76
N GLY C 294 -23.61 -62.79 65.88
CA GLY C 294 -25.05 -62.97 65.95
C GLY C 294 -25.53 -63.75 67.15
N SER C 295 -24.61 -64.45 67.80
CA SER C 295 -24.90 -65.25 68.99
C SER C 295 -25.73 -66.47 68.63
N ILE C 296 -25.50 -67.04 67.45
CA ILE C 296 -26.22 -68.22 67.02
C ILE C 296 -25.99 -69.40 67.94
N GLY C 297 -26.67 -70.50 67.64
CA GLY C 297 -26.58 -71.71 68.45
C GLY C 297 -25.22 -72.37 68.55
N ALA C 298 -25.20 -73.54 69.18
CA ALA C 298 -24.00 -74.33 69.39
C ALA C 298 -23.17 -73.85 70.56
N THR C 299 -22.76 -72.59 70.52
CA THR C 299 -21.93 -72.02 71.58
C THR C 299 -22.23 -70.55 71.96
N GLY C 300 -23.49 -70.16 71.89
CA GLY C 300 -23.88 -68.79 72.23
C GLY C 300 -25.28 -68.64 72.83
N MET C 301 -26.28 -68.99 72.03
CA MET C 301 -27.69 -68.93 72.44
C MET C 301 -28.13 -70.35 72.79
N GLN C 302 -27.17 -71.25 72.74
CA GLN C 302 -27.37 -72.66 73.04
C GLN C 302 -28.08 -72.90 74.36
N SER C 303 -28.33 -74.17 74.65
CA SER C 303 -28.97 -74.56 75.90
C SER C 303 -27.91 -75.00 76.91
N LYS C 304 -26.66 -74.90 76.49
CA LYS C 304 -25.51 -75.27 77.31
C LYS C 304 -25.67 -74.76 78.74
N PHE C 305 -26.29 -73.59 78.87
CA PHE C 305 -26.51 -73.01 80.19
C PHE C 305 -27.79 -73.58 80.79
N PHE C 306 -28.84 -73.58 79.98
CA PHE C 306 -30.13 -74.11 80.40
C PHE C 306 -29.92 -75.52 80.92
N GLU C 307 -29.64 -76.44 80.01
CA GLU C 307 -29.43 -77.84 80.36
C GLU C 307 -28.08 -77.98 81.02
N ASN C 308 -27.91 -77.28 82.14
CA ASN C 308 -26.66 -77.33 82.87
C ASN C 308 -26.92 -76.83 84.27
N THR C 309 -27.70 -75.78 84.35
CA THR C 309 -28.06 -75.24 85.65
C THR C 309 -28.90 -76.36 86.24
N VAL C 310 -29.54 -77.11 85.35
CA VAL C 310 -30.36 -78.23 85.77
C VAL C 310 -29.45 -79.39 86.12
N ALA C 311 -28.62 -79.79 85.17
CA ALA C 311 -27.69 -80.89 85.41
C ALA C 311 -26.95 -80.60 86.71
N ASP C 312 -26.96 -79.33 87.11
CA ASP C 312 -26.26 -78.93 88.32
C ASP C 312 -27.26 -78.88 89.49
N ILE C 313 -28.51 -78.49 89.19
CA ILE C 313 -29.56 -78.42 90.20
C ILE C 313 -29.83 -79.87 90.67
N MET C 314 -29.52 -80.84 89.81
CA MET C 314 -29.73 -82.25 90.15
C MET C 314 -28.94 -82.64 91.41
N SER C 315 -27.73 -82.12 91.55
CA SER C 315 -26.90 -82.41 92.70
C SER C 315 -27.10 -81.39 93.81
N ASP C 321 -35.50 -81.91 94.30
CA ASP C 321 -34.47 -81.14 93.62
C ASP C 321 -34.31 -81.60 92.17
N GLU C 322 -35.43 -81.99 91.56
CA GLU C 322 -35.40 -82.46 90.18
C GLU C 322 -36.28 -81.65 89.23
N LEU C 323 -37.57 -82.01 89.18
CA LEU C 323 -38.55 -81.36 88.32
C LEU C 323 -38.39 -79.89 88.03
N LYS C 324 -38.72 -79.53 86.79
CA LYS C 324 -38.63 -78.19 86.27
C LYS C 324 -38.63 -77.06 87.30
N LEU C 325 -39.76 -76.87 87.97
CA LEU C 325 -39.90 -75.79 88.96
C LEU C 325 -39.87 -74.41 88.28
N ARG C 326 -38.96 -74.23 87.31
CA ARG C 326 -38.78 -72.98 86.53
C ARG C 326 -38.24 -71.78 87.32
N LYS C 327 -38.97 -71.40 88.36
CA LYS C 327 -38.63 -70.28 89.23
C LYS C 327 -37.15 -70.03 89.39
N ALA C 328 -36.37 -71.10 89.44
CA ALA C 328 -34.92 -70.99 89.60
C ALA C 328 -34.31 -69.84 88.79
N LEU C 329 -34.56 -69.86 87.48
CA LEU C 329 -34.04 -68.84 86.59
C LEU C 329 -34.85 -67.53 86.68
N TYR C 330 -36.17 -67.66 86.69
CA TYR C 330 -37.05 -66.50 86.77
C TYR C 330 -36.71 -65.54 87.91
N ASN C 331 -36.24 -66.08 89.02
CA ASN C 331 -35.90 -65.23 90.16
C ASN C 331 -34.44 -64.83 90.25
N SER C 332 -33.73 -64.89 89.14
CA SER C 332 -32.31 -64.51 89.17
C SER C 332 -32.07 -63.07 88.70
N GLU C 333 -30.87 -62.58 88.95
CA GLU C 333 -30.49 -61.24 88.56
C GLU C 333 -29.17 -61.35 87.79
N MET C 334 -29.15 -60.84 86.55
CA MET C 334 -27.93 -60.90 85.74
C MET C 334 -27.34 -59.54 85.45
N LEU C 335 -26.08 -59.56 85.05
CA LEU C 335 -25.35 -58.37 84.73
C LEU C 335 -24.58 -58.64 83.44
N SER C 336 -25.32 -58.91 82.36
CA SER C 336 -24.72 -59.17 81.05
C SER C 336 -23.91 -57.93 80.64
N SER C 337 -22.60 -58.03 80.70
CA SER C 337 -21.77 -56.88 80.36
C SER C 337 -21.08 -57.00 79.00
N ASP C 338 -20.77 -55.85 78.40
CA ASP C 338 -20.09 -55.76 77.11
C ASP C 338 -19.61 -54.32 76.97
N VAL C 339 -18.41 -54.14 76.42
CA VAL C 339 -17.83 -52.81 76.23
C VAL C 339 -18.76 -51.86 75.50
N SER C 340 -18.62 -50.58 75.80
CA SER C 340 -19.43 -49.54 75.17
C SER C 340 -18.48 -48.55 74.48
N ALA C 341 -19.03 -47.69 73.66
CA ALA C 341 -18.21 -46.70 72.95
C ALA C 341 -17.95 -45.47 73.83
N ALA C 342 -16.68 -45.21 74.09
CA ALA C 342 -16.29 -44.06 74.89
C ALA C 342 -16.24 -42.83 73.99
N PHE C 343 -16.59 -41.67 74.54
CA PHE C 343 -16.57 -40.44 73.77
C PHE C 343 -15.17 -40.15 73.23
N ASP C 344 -15.04 -40.05 71.91
CA ASP C 344 -13.74 -39.75 71.31
C ASP C 344 -13.67 -38.28 70.93
N PRO C 345 -12.69 -37.55 71.48
CA PRO C 345 -12.54 -36.14 71.18
C PRO C 345 -12.20 -35.85 69.72
N ASN C 346 -11.99 -36.89 68.93
CA ASN C 346 -11.68 -36.70 67.53
C ASN C 346 -12.94 -36.66 66.68
N TYR C 347 -13.97 -37.36 67.14
CA TYR C 347 -15.25 -37.40 66.41
C TYR C 347 -16.36 -37.22 67.41
N PRO C 348 -16.62 -35.96 67.79
CA PRO C 348 -17.67 -35.63 68.76
C PRO C 348 -19.11 -35.60 68.25
N ASN C 349 -19.28 -35.15 67.02
CA ASN C 349 -20.60 -35.02 66.42
C ASN C 349 -21.33 -36.33 66.23
N VAL C 350 -20.68 -37.42 66.59
CA VAL C 350 -21.34 -38.71 66.42
C VAL C 350 -22.08 -39.12 67.71
N MET C 351 -21.78 -38.46 68.81
CA MET C 351 -22.43 -38.76 70.09
C MET C 351 -23.11 -37.55 70.73
N GLU C 352 -24.04 -37.82 71.63
CA GLU C 352 -24.81 -36.77 72.28
C GLU C 352 -24.12 -36.06 73.44
N LYS C 353 -22.82 -36.28 73.60
CA LYS C 353 -22.09 -35.64 74.70
C LYS C 353 -22.67 -36.19 76.00
N ARG C 354 -23.76 -35.60 76.46
CA ARG C 354 -24.43 -36.10 77.67
C ARG C 354 -25.00 -37.45 77.26
N ASN C 355 -25.17 -38.37 78.20
CA ASN C 355 -25.71 -39.68 77.87
C ASN C 355 -24.72 -40.48 77.03
N SER C 356 -23.43 -40.22 77.25
CA SER C 356 -22.36 -40.91 76.54
C SER C 356 -21.30 -41.30 77.56
N ALA C 357 -20.72 -42.48 77.40
CA ALA C 357 -19.70 -42.93 78.34
C ALA C 357 -18.38 -42.22 78.12
N TYR C 358 -17.72 -41.90 79.22
CA TYR C 358 -16.44 -41.21 79.15
C TYR C 358 -15.32 -42.04 79.76
N LEU C 359 -14.14 -41.93 79.16
CA LEU C 359 -12.98 -42.67 79.61
C LEU C 359 -12.58 -42.34 81.05
N GLY C 360 -12.90 -43.26 81.97
CA GLY C 360 -12.53 -43.03 83.35
C GLY C 360 -13.62 -42.62 84.32
N LYS C 361 -14.87 -42.57 83.88
CA LYS C 361 -15.92 -42.20 84.81
C LYS C 361 -16.61 -43.40 85.44
N GLY C 362 -15.88 -44.50 85.55
CA GLY C 362 -16.47 -45.68 86.18
C GLY C 362 -17.08 -46.71 85.25
N ILE C 363 -17.85 -47.63 85.81
CA ILE C 363 -18.51 -48.66 85.06
C ILE C 363 -19.69 -48.08 84.30
N VAL C 364 -19.97 -48.63 83.12
CA VAL C 364 -21.07 -48.14 82.30
C VAL C 364 -22.36 -48.97 82.42
N PHE C 365 -23.49 -48.28 82.39
CA PHE C 365 -24.81 -48.89 82.45
C PHE C 365 -25.63 -48.47 81.26
N ASN C 366 -26.27 -49.44 80.61
CA ASN C 366 -27.11 -49.15 79.45
C ASN C 366 -28.49 -49.73 79.64
N LYS C 367 -29.45 -48.86 79.92
CA LYS C 367 -30.82 -49.32 80.12
C LYS C 367 -31.30 -50.01 78.84
N TYR C 368 -31.07 -49.35 77.71
CA TYR C 368 -31.46 -49.89 76.42
C TYR C 368 -30.33 -49.70 75.43
N THR C 369 -30.35 -50.48 74.36
CA THR C 369 -29.32 -50.41 73.35
C THR C 369 -29.79 -51.07 72.05
N GLY C 370 -30.50 -50.31 71.23
CA GLY C 370 -30.99 -50.86 69.97
C GLY C 370 -30.64 -50.03 68.77
N SER C 371 -31.64 -49.84 67.89
CA SER C 371 -31.46 -49.07 66.68
C SER C 371 -32.56 -48.03 66.53
N ARG C 372 -33.26 -48.09 65.40
CA ARG C 372 -34.34 -47.15 65.11
C ARG C 372 -35.47 -47.26 66.15
N GLY C 373 -35.27 -46.60 67.29
CA GLY C 373 -36.29 -46.63 68.31
C GLY C 373 -36.20 -47.79 69.29
N LYS C 374 -35.01 -48.00 69.82
CA LYS C 374 -34.77 -49.06 70.79
C LYS C 374 -35.11 -50.44 70.23
N SER C 375 -35.20 -50.54 68.91
CA SER C 375 -35.54 -51.78 68.25
C SER C 375 -34.56 -52.93 68.49
N GLY C 376 -35.11 -54.08 68.84
CA GLY C 376 -34.31 -55.27 69.08
C GLY C 376 -33.25 -55.16 70.15
N CYS C 377 -33.66 -55.17 71.41
CA CYS C 377 -32.70 -55.08 72.50
C CYS C 377 -33.43 -55.17 73.84
N ASN C 378 -32.69 -55.51 74.89
CA ASN C 378 -33.25 -55.64 76.21
C ASN C 378 -33.36 -54.29 76.92
N ASP C 379 -34.49 -54.06 77.57
CA ASP C 379 -34.72 -52.81 78.29
C ASP C 379 -34.85 -53.10 79.78
N ALA C 380 -33.79 -52.75 80.51
CA ALA C 380 -33.75 -52.96 81.97
C ALA C 380 -34.86 -52.25 82.75
N ASN C 381 -35.38 -52.92 83.76
CA ASN C 381 -36.44 -52.35 84.59
C ASN C 381 -35.88 -51.35 85.59
N PRO C 382 -36.57 -50.22 85.79
CA PRO C 382 -36.12 -49.19 86.73
C PRO C 382 -35.96 -49.71 88.16
N GLU C 383 -36.93 -50.48 88.63
CA GLU C 383 -36.86 -51.02 89.98
C GLU C 383 -35.55 -51.76 90.17
N TYR C 384 -35.13 -52.52 89.17
CA TYR C 384 -33.87 -53.26 89.24
C TYR C 384 -32.68 -52.30 89.20
N ILE C 385 -32.77 -51.30 88.31
CA ILE C 385 -31.72 -50.31 88.16
C ILE C 385 -31.50 -49.61 89.47
N ALA C 386 -32.58 -49.12 90.07
CA ALA C 386 -32.50 -48.42 91.34
C ALA C 386 -31.72 -49.26 92.34
N GLU C 387 -32.03 -50.55 92.40
CA GLU C 387 -31.33 -51.43 93.31
C GLU C 387 -29.84 -51.40 93.07
N LEU C 388 -29.45 -51.59 91.82
CA LEU C 388 -28.04 -51.58 91.47
C LEU C 388 -27.43 -50.27 91.93
N ARG C 389 -28.17 -49.18 91.79
CA ARG C 389 -27.67 -47.89 92.22
C ARG C 389 -27.31 -47.97 93.69
N ARG C 390 -28.32 -48.27 94.49
CA ARG C 390 -28.14 -48.38 95.92
C ARG C 390 -26.91 -49.21 96.25
N ILE C 391 -26.83 -50.40 95.66
CA ILE C 391 -25.70 -51.30 95.91
C ILE C 391 -24.36 -50.67 95.57
N LEU C 392 -24.24 -50.16 94.34
CA LEU C 392 -23.00 -49.54 93.89
C LEU C 392 -22.81 -48.19 94.57
N SER C 393 -23.50 -47.99 95.68
CA SER C 393 -23.34 -46.75 96.41
C SER C 393 -22.70 -47.12 97.74
N LYS C 394 -23.27 -48.14 98.36
CA LYS C 394 -22.77 -48.63 99.63
C LYS C 394 -21.30 -49.03 99.44
N GLU C 395 -21.04 -50.04 98.62
CA GLU C 395 -19.67 -50.48 98.36
C GLU C 395 -18.92 -49.45 97.50
N SER C 396 -19.55 -48.29 97.32
CA SER C 396 -18.99 -47.21 96.51
C SER C 396 -18.97 -47.62 95.03
N VAL C 397 -17.84 -47.43 94.36
CA VAL C 397 -17.70 -47.78 92.94
C VAL C 397 -18.35 -46.71 92.06
N ASN C 398 -17.58 -46.20 91.10
CA ASN C 398 -18.11 -45.17 90.21
C ASN C 398 -18.80 -45.80 89.01
N TRP C 399 -19.94 -45.23 88.64
CA TRP C 399 -20.70 -45.73 87.50
C TRP C 399 -21.24 -44.55 86.71
N GLN C 400 -21.48 -44.80 85.42
CA GLN C 400 -22.00 -43.79 84.53
C GLN C 400 -22.90 -44.49 83.53
N THR C 401 -23.93 -43.77 83.07
CA THR C 401 -24.88 -44.32 82.10
C THR C 401 -24.58 -43.75 80.73
N ALA C 402 -24.69 -44.60 79.71
CA ALA C 402 -24.41 -44.18 78.35
C ALA C 402 -25.43 -44.68 77.33
N GLU C 403 -25.33 -44.15 76.13
CA GLU C 403 -26.20 -44.50 75.01
C GLU C 403 -25.27 -44.58 73.81
N LEU C 404 -25.50 -45.51 72.90
CA LEU C 404 -24.60 -45.64 71.75
C LEU C 404 -24.88 -44.66 70.62
N GLY C 405 -24.28 -43.47 70.68
CA GLY C 405 -24.46 -42.53 69.61
C GLY C 405 -25.80 -41.81 69.62
N LYS C 406 -25.80 -40.58 69.12
CA LYS C 406 -27.01 -39.77 69.08
C LYS C 406 -28.16 -40.44 68.35
N VAL C 407 -29.09 -40.95 69.15
CA VAL C 407 -30.27 -41.63 68.63
C VAL C 407 -30.03 -42.39 67.32
N ASP C 408 -30.60 -41.88 66.23
CA ASP C 408 -30.47 -42.54 64.94
C ASP C 408 -29.08 -42.60 64.30
N GLN C 409 -28.07 -42.98 65.07
CA GLN C 409 -26.74 -43.07 64.53
C GLN C 409 -26.35 -44.52 64.25
N GLY C 410 -25.74 -45.16 65.24
CA GLY C 410 -25.31 -46.53 65.08
C GLY C 410 -26.35 -47.51 65.58
N GLY C 411 -26.13 -48.79 65.28
CA GLY C 411 -27.05 -49.82 65.72
C GLY C 411 -26.50 -50.57 66.92
N GLY C 412 -27.37 -51.29 67.61
CA GLY C 412 -26.95 -52.05 68.77
C GLY C 412 -27.68 -53.37 68.93
N GLY C 413 -27.21 -54.19 69.87
CA GLY C 413 -27.82 -55.48 70.12
C GLY C 413 -26.92 -56.37 70.97
N THR C 414 -27.18 -56.39 72.27
CA THR C 414 -26.41 -57.19 73.20
C THR C 414 -27.10 -58.51 73.49
N ILE C 415 -26.35 -59.49 73.97
CA ILE C 415 -26.90 -60.80 74.29
C ILE C 415 -27.65 -60.78 75.63
N ALA C 416 -28.01 -59.58 76.06
CA ALA C 416 -28.72 -59.41 77.34
C ALA C 416 -30.15 -59.94 77.32
N TYR C 417 -30.84 -59.75 76.21
CA TYR C 417 -32.22 -60.19 76.08
C TYR C 417 -32.32 -61.69 75.96
N ILE C 418 -31.25 -62.34 75.50
CA ILE C 418 -31.26 -63.77 75.33
C ILE C 418 -31.54 -64.55 76.61
N LEU C 419 -31.05 -64.04 77.74
CA LEU C 419 -31.30 -64.71 79.01
C LEU C 419 -32.50 -64.13 79.73
N ALA C 420 -32.81 -62.87 79.44
CA ALA C 420 -33.94 -62.23 80.07
C ALA C 420 -35.20 -62.97 79.62
N GLU C 421 -35.08 -63.78 78.57
CA GLU C 421 -36.22 -64.53 78.05
C GLU C 421 -36.81 -65.42 79.13
N TYR C 422 -36.05 -65.66 80.19
CA TYR C 422 -36.53 -66.49 81.28
C TYR C 422 -37.34 -65.66 82.26
N GLY C 423 -37.07 -64.35 82.29
CA GLY C 423 -37.78 -63.46 83.19
C GLY C 423 -36.84 -62.76 84.16
N MET C 424 -35.54 -63.03 84.01
CA MET C 424 -34.49 -62.43 84.87
C MET C 424 -34.54 -60.92 84.87
N GLN C 425 -33.75 -60.34 85.75
CA GLN C 425 -33.62 -58.90 85.83
C GLN C 425 -32.23 -58.58 85.28
N VAL C 426 -32.18 -58.27 83.99
CA VAL C 426 -30.92 -58.00 83.33
C VAL C 426 -30.71 -56.52 83.04
N ILE C 427 -29.45 -56.17 82.84
CA ILE C 427 -29.08 -54.80 82.51
C ILE C 427 -27.69 -54.85 81.88
N ASP C 428 -27.43 -53.92 80.96
CA ASP C 428 -26.14 -53.88 80.29
C ASP C 428 -25.04 -53.12 81.04
N CYS C 429 -23.92 -53.80 81.24
CA CYS C 429 -22.78 -53.21 81.92
C CYS C 429 -21.55 -53.32 81.04
N GLY C 430 -20.42 -52.91 81.58
CA GLY C 430 -19.20 -52.98 80.82
C GLY C 430 -18.36 -51.73 80.93
N VAL C 431 -17.16 -51.84 80.38
CA VAL C 431 -16.20 -50.75 80.37
C VAL C 431 -16.35 -49.94 79.09
N ALA C 432 -15.85 -48.71 79.14
CA ALA C 432 -15.90 -47.84 77.97
C ALA C 432 -14.59 -47.97 77.17
N LEU C 433 -14.69 -48.27 75.87
CA LEU C 433 -13.52 -48.42 75.03
C LEU C 433 -13.35 -47.31 74.01
N LEU C 434 -12.18 -47.30 73.37
CA LEU C 434 -11.86 -46.33 72.32
C LEU C 434 -11.61 -47.18 71.07
N ASN C 435 -12.13 -46.71 69.95
CA ASN C 435 -12.02 -47.45 68.67
C ASN C 435 -12.24 -48.94 68.82
N HIS C 437 -13.64 -52.83 67.99
CA HIS C 437 -13.42 -53.74 66.85
C HIS C 437 -12.21 -53.39 65.98
N ALA C 438 -11.26 -52.66 66.56
CA ALA C 438 -10.08 -52.30 65.84
C ALA C 438 -9.02 -53.27 66.33
N PRO C 439 -7.96 -53.47 65.53
CA PRO C 439 -6.90 -54.38 65.93
C PRO C 439 -6.31 -53.98 67.29
N TRP C 440 -6.37 -52.68 67.59
CA TRP C 440 -5.86 -52.21 68.86
C TRP C 440 -6.88 -51.30 69.51
N GLU C 441 -7.41 -51.74 70.65
CA GLU C 441 -8.42 -51.00 71.40
C GLU C 441 -7.80 -50.40 72.66
N ILE C 442 -8.42 -49.35 73.16
CA ILE C 442 -7.93 -48.68 74.35
C ILE C 442 -8.90 -48.70 75.52
N SER C 443 -8.40 -48.76 76.75
CA SER C 443 -9.27 -48.80 77.92
C SER C 443 -8.64 -48.09 79.09
N SER C 444 -9.47 -47.63 80.02
CA SER C 444 -8.97 -46.93 81.21
C SER C 444 -8.80 -47.87 82.40
N LYS C 445 -7.57 -47.98 82.88
CA LYS C 445 -7.30 -48.86 84.02
C LYS C 445 -8.26 -48.56 85.15
N ALA C 446 -8.50 -47.27 85.40
CA ALA C 446 -9.42 -46.89 86.45
C ALA C 446 -10.77 -47.56 86.19
N ASP C 447 -11.26 -47.49 84.96
CA ASP C 447 -12.54 -48.10 84.65
C ASP C 447 -12.48 -49.62 84.84
N ILE C 448 -11.43 -50.24 84.33
CA ILE C 448 -11.27 -51.70 84.49
C ILE C 448 -11.50 -52.04 85.97
N TYR C 449 -10.70 -51.40 86.81
CA TYR C 449 -10.76 -51.57 88.26
C TYR C 449 -12.18 -51.35 88.75
N GLU C 450 -12.68 -50.13 88.59
CA GLU C 450 -14.03 -49.79 89.03
C GLU C 450 -15.04 -50.87 88.64
N THR C 451 -15.02 -51.28 87.37
CA THR C 451 -15.94 -52.30 86.86
C THR C 451 -15.87 -53.55 87.71
N LYS C 452 -14.66 -54.05 87.93
CA LYS C 452 -14.50 -55.26 88.74
C LYS C 452 -15.20 -55.06 90.06
N ASN C 453 -14.86 -53.99 90.76
CA ASN C 453 -15.48 -53.72 92.03
C ASN C 453 -16.99 -53.68 91.89
N GLY C 454 -17.46 -53.14 90.77
CA GLY C 454 -18.89 -53.08 90.54
C GLY C 454 -19.47 -54.48 90.51
N TYR C 455 -18.76 -55.39 89.85
CA TYR C 455 -19.19 -56.78 89.76
C TYR C 455 -19.17 -57.40 91.14
N SER C 456 -18.00 -57.39 91.77
CA SER C 456 -17.84 -57.96 93.09
C SER C 456 -18.88 -57.41 94.05
N ALA C 457 -19.19 -56.13 93.95
CA ALA C 457 -20.19 -55.52 94.82
C ALA C 457 -21.59 -55.93 94.37
N PHE C 458 -21.67 -57.10 93.75
CA PHE C 458 -22.94 -57.64 93.26
C PHE C 458 -23.06 -59.06 93.84
N LEU C 459 -22.24 -59.32 94.86
CA LEU C 459 -22.22 -60.62 95.53
C LEU C 459 -23.39 -60.69 96.50
N ASN C 460 -23.68 -59.58 97.20
CA ASN C 460 -24.80 -59.55 98.14
C ASN C 460 -25.55 -58.23 98.18
N ASN C 461 -26.31 -58.04 99.26
CA ASN C 461 -27.13 -56.85 99.51
C ASN C 461 -28.37 -56.84 98.64
N LEU D 1 1.02 -83.26 52.17
CA LEU D 1 1.26 -82.88 50.75
C LEU D 1 0.06 -82.13 50.15
N LEU D 2 0.16 -81.83 48.85
CA LEU D 2 -0.90 -81.11 48.17
C LEU D 2 -2.10 -82.01 47.82
N LYS D 3 -3.09 -81.46 47.12
CA LYS D 3 -4.29 -82.24 46.77
C LYS D 3 -5.22 -81.64 45.71
N GLU D 4 -6.07 -82.50 45.14
CA GLU D 4 -7.04 -82.11 44.14
C GLU D 4 -8.39 -82.80 44.46
N TYR D 5 -9.42 -82.51 43.66
CA TYR D 5 -10.78 -83.06 43.86
C TYR D 5 -11.28 -83.96 42.71
N LYS D 6 -11.03 -83.55 41.46
CA LYS D 6 -11.44 -84.31 40.29
C LYS D 6 -12.94 -84.66 40.25
N ASN D 7 -13.42 -84.86 39.01
CA ASN D 7 -14.83 -85.16 38.73
C ASN D 7 -15.36 -86.54 39.07
N ALA D 8 -16.32 -86.58 39.98
CA ALA D 8 -17.03 -87.78 40.42
C ALA D 8 -17.00 -88.91 39.40
N TRP D 9 -17.18 -88.59 38.13
CA TRP D 9 -17.14 -89.61 37.09
C TRP D 9 -15.73 -90.19 37.05
N ASP D 10 -15.43 -91.02 36.06
CA ASP D 10 -14.12 -91.67 35.95
C ASP D 10 -14.09 -92.70 37.07
N LYS D 11 -13.94 -92.18 38.29
CA LYS D 11 -13.92 -93.01 39.47
C LYS D 11 -15.12 -93.95 39.40
N TYR D 12 -16.27 -93.41 39.01
CA TYR D 12 -17.48 -94.22 38.88
C TYR D 12 -17.24 -95.36 37.90
N ASP D 13 -17.70 -95.15 36.66
CA ASP D 13 -17.58 -96.16 35.62
C ASP D 13 -18.01 -97.45 36.29
N ASP D 14 -17.09 -98.41 36.38
CA ASP D 14 -17.40 -99.68 37.00
C ASP D 14 -18.53 -100.37 36.24
N LYS D 15 -19.14 -99.65 35.30
CA LYS D 15 -20.26 -100.17 34.50
C LYS D 15 -21.46 -100.36 35.41
N GLN D 16 -21.18 -100.57 36.70
CA GLN D 16 -22.21 -100.78 37.70
C GLN D 16 -22.56 -99.41 38.25
N LEU D 17 -21.62 -98.88 39.05
CA LEU D 17 -21.79 -97.57 39.67
C LEU D 17 -22.60 -96.64 38.78
N LYS D 18 -22.18 -96.47 37.52
CA LYS D 18 -22.90 -95.61 36.59
C LYS D 18 -24.36 -95.99 36.53
N GLU D 19 -24.62 -97.18 36.00
CA GLU D 19 -25.98 -97.69 35.87
C GLU D 19 -26.71 -97.53 37.20
N VAL D 20 -26.00 -97.74 38.29
CA VAL D 20 -26.59 -97.64 39.62
C VAL D 20 -27.04 -96.25 39.97
N PHE D 21 -26.96 -95.33 39.02
CA PHE D 21 -27.44 -93.97 39.30
C PHE D 21 -27.83 -93.20 38.06
N ALA D 22 -27.06 -93.37 36.98
CA ALA D 22 -27.34 -92.70 35.71
C ALA D 22 -28.85 -92.84 35.49
N LEU D 23 -29.35 -94.02 35.80
CA LEU D 23 -30.77 -94.32 35.70
C LEU D 23 -31.20 -94.55 37.12
N GLY D 24 -30.23 -94.77 38.00
CA GLY D 24 -30.51 -95.02 39.39
C GLY D 24 -31.32 -93.91 40.01
N ASP D 25 -30.65 -92.90 40.55
CA ASP D 25 -31.36 -91.77 41.14
C ASP D 25 -32.11 -90.97 40.08
N ARG D 26 -31.47 -90.77 38.93
CA ARG D 26 -32.13 -90.04 37.86
C ARG D 26 -33.26 -90.95 37.39
N PHE D 27 -34.34 -90.94 38.13
CA PHE D 27 -35.50 -91.75 37.82
C PHE D 27 -36.29 -91.54 39.08
N LYS D 28 -35.73 -92.02 40.20
CA LYS D 28 -36.39 -91.82 41.47
C LYS D 28 -36.55 -90.31 41.70
N ASN D 29 -35.43 -89.62 41.91
CA ASN D 29 -35.42 -88.17 42.10
C ASN D 29 -36.04 -87.58 40.86
N PHE D 30 -35.39 -87.83 39.74
CA PHE D 30 -35.87 -87.34 38.46
C PHE D 30 -37.39 -87.31 38.38
N ILE D 31 -38.08 -88.25 39.04
CA ILE D 31 -39.54 -88.29 38.99
C ILE D 31 -40.18 -87.69 40.22
N SER D 32 -39.47 -87.70 41.34
CA SER D 32 -39.99 -87.13 42.57
C SER D 32 -40.42 -85.68 42.38
N ASN D 33 -39.49 -84.84 41.96
CA ASN D 33 -39.80 -83.44 41.76
C ASN D 33 -40.62 -83.20 40.49
N CYS D 34 -41.53 -84.11 40.18
CA CYS D 34 -42.39 -83.98 39.01
C CYS D 34 -43.81 -84.23 39.45
N LYS D 35 -43.95 -85.22 40.33
CA LYS D 35 -45.24 -85.59 40.84
C LYS D 35 -45.43 -84.98 42.23
N THR D 36 -44.53 -84.07 42.57
CA THR D 36 -44.58 -83.40 43.86
C THR D 36 -43.83 -82.07 43.75
N GLU D 37 -44.58 -80.97 43.68
CA GLU D 37 -43.96 -79.65 43.53
C GLU D 37 -44.43 -78.66 44.60
N ARG D 38 -45.37 -79.09 45.44
CA ARG D 38 -45.91 -78.24 46.49
C ARG D 38 -45.91 -78.98 47.80
N GLU D 39 -44.87 -78.81 48.60
CA GLU D 39 -44.73 -79.45 49.91
C GLU D 39 -45.66 -80.64 50.22
N CYS D 40 -46.12 -81.33 49.19
CA CYS D 40 -46.97 -82.50 49.37
C CYS D 40 -46.00 -83.66 49.26
N VAL D 41 -44.73 -83.30 49.34
CA VAL D 41 -43.66 -84.27 49.27
C VAL D 41 -44.00 -85.23 50.40
N THR D 42 -44.57 -84.67 51.47
CA THR D 42 -44.98 -85.46 52.62
C THR D 42 -45.84 -86.65 52.18
N GLU D 43 -46.94 -86.36 51.49
CA GLU D 43 -47.82 -87.40 51.01
C GLU D 43 -47.08 -88.48 50.25
N LEU D 44 -46.56 -88.14 49.07
CA LEU D 44 -45.85 -89.11 48.25
C LEU D 44 -44.76 -89.83 49.03
N ILE D 45 -44.07 -89.10 49.90
CA ILE D 45 -43.01 -89.74 50.67
C ILE D 45 -43.59 -90.62 51.75
N LYS D 46 -44.62 -90.13 52.42
CA LYS D 46 -45.24 -90.92 53.48
C LYS D 46 -45.86 -92.18 52.87
N THR D 47 -46.33 -92.09 51.63
CA THR D 47 -46.89 -93.27 50.96
C THR D 47 -45.74 -94.24 50.82
N ALA D 48 -44.57 -93.74 50.47
CA ALA D 48 -43.39 -94.61 50.39
C ALA D 48 -43.12 -94.88 51.87
N GLU D 49 -42.01 -95.54 52.19
CA GLU D 49 -41.74 -95.84 53.60
C GLU D 49 -42.89 -96.70 54.12
N LYS D 50 -43.68 -97.27 53.20
CA LYS D 50 -44.80 -98.13 53.56
C LYS D 50 -44.16 -99.39 54.08
N SER D 51 -42.86 -99.51 53.87
CA SER D 51 -42.08 -100.65 54.32
C SER D 51 -41.72 -100.42 55.79
N GLY D 52 -42.74 -100.21 56.61
CA GLY D 52 -42.56 -99.97 58.03
C GLY D 52 -43.03 -98.56 58.36
N TYR D 53 -42.62 -98.05 59.51
CA TYR D 53 -43.00 -96.69 59.91
C TYR D 53 -44.49 -96.52 60.16
N ARG D 54 -44.84 -95.68 61.13
CA ARG D 54 -46.24 -95.44 61.42
C ARG D 54 -46.41 -94.39 62.52
N ASN D 55 -46.13 -94.77 63.76
CA ASN D 55 -46.24 -93.89 64.92
C ASN D 55 -47.51 -93.07 64.86
N ILE D 56 -47.38 -91.90 64.24
CA ILE D 56 -48.45 -90.94 64.03
C ILE D 56 -49.56 -91.04 65.08
N GLU D 57 -50.47 -91.99 64.91
CA GLU D 57 -51.59 -92.20 65.84
C GLU D 57 -51.39 -93.49 66.66
N ASP D 58 -50.82 -94.50 66.02
CA ASP D 58 -50.56 -95.79 66.65
C ASP D 58 -49.52 -95.77 67.76
N ILE D 59 -49.87 -95.07 68.85
CA ILE D 59 -48.99 -94.97 70.00
C ILE D 59 -49.62 -95.74 71.15
N LEU D 60 -49.12 -96.97 71.38
CA LEU D 60 -49.62 -97.86 72.45
C LEU D 60 -48.46 -98.44 73.26
N ALA D 61 -47.26 -97.88 73.08
CA ALA D 61 -46.04 -98.33 73.76
C ALA D 61 -45.61 -99.67 73.20
N LYS D 62 -46.56 -100.61 73.21
CA LYS D 62 -46.33 -101.96 72.70
C LYS D 62 -47.10 -102.14 71.40
N GLY D 63 -47.75 -101.06 70.95
CA GLY D 63 -48.49 -101.12 69.70
C GLY D 63 -47.58 -101.61 68.60
N GLU D 64 -46.29 -101.29 68.76
CA GLU D 64 -45.24 -101.68 67.82
C GLU D 64 -44.01 -102.01 68.67
N THR D 65 -44.21 -102.01 69.99
CA THR D 65 -43.15 -102.28 70.97
C THR D 65 -41.88 -101.53 70.63
N LEU D 66 -41.90 -100.22 70.90
CA LEU D 66 -40.76 -99.35 70.61
C LEU D 66 -39.45 -99.92 71.15
N LYS D 67 -38.65 -100.51 70.25
CA LYS D 67 -37.37 -101.07 70.61
C LYS D 67 -36.51 -101.32 69.37
N GLU D 68 -35.42 -102.06 69.53
CA GLU D 68 -34.51 -102.39 68.44
C GLU D 68 -35.21 -102.60 67.10
N GLY D 69 -34.59 -102.10 66.03
CA GLY D 69 -35.13 -102.25 64.69
C GLY D 69 -36.47 -101.62 64.36
N ASP D 70 -37.00 -100.78 65.24
CA ASP D 70 -38.28 -100.14 64.98
C ASP D 70 -38.11 -98.88 64.15
N LYS D 71 -39.12 -98.60 63.32
CA LYS D 71 -39.12 -97.42 62.43
C LYS D 71 -40.50 -96.75 62.42
N VAL D 72 -40.53 -95.45 62.74
CA VAL D 72 -41.79 -94.70 62.77
C VAL D 72 -41.66 -93.30 62.18
N TYR D 73 -42.80 -92.71 61.82
CA TYR D 73 -42.79 -91.37 61.26
C TYR D 73 -43.82 -90.50 61.97
N ALA D 74 -43.64 -89.18 61.86
CA ALA D 74 -44.57 -88.25 62.50
C ALA D 74 -44.94 -87.17 61.51
N ASN D 75 -46.23 -87.01 61.28
CA ASN D 75 -46.69 -86.00 60.33
C ASN D 75 -47.04 -84.71 61.05
N ASN D 76 -46.56 -83.58 60.51
CA ASN D 76 -46.86 -82.28 61.11
C ASN D 76 -47.85 -81.53 60.22
N ARG D 77 -49.13 -81.70 60.52
CA ARG D 77 -50.21 -81.08 59.78
C ARG D 77 -49.99 -81.15 58.27
N GLY D 78 -49.38 -82.24 57.82
CA GLY D 78 -49.11 -82.45 56.40
C GLY D 78 -48.03 -81.61 55.77
N LYS D 79 -47.58 -80.56 56.47
CA LYS D 79 -46.55 -79.68 55.94
C LYS D 79 -45.15 -80.17 56.29
N GLY D 80 -45.04 -81.00 57.32
CA GLY D 80 -43.73 -81.50 57.71
C GLY D 80 -43.69 -82.99 58.00
N LEU D 81 -42.49 -83.54 57.95
CA LEU D 81 -42.29 -84.97 58.18
C LEU D 81 -40.98 -85.31 58.87
N ILE D 82 -41.03 -86.24 59.81
CA ILE D 82 -39.84 -86.67 60.54
C ILE D 82 -39.87 -88.18 60.72
N MET D 83 -38.79 -88.84 60.32
CA MET D 83 -38.69 -90.29 60.43
C MET D 83 -37.63 -90.78 61.44
N PHE D 84 -37.94 -91.88 62.14
CA PHE D 84 -37.05 -92.45 63.12
C PHE D 84 -36.63 -93.85 62.75
N LEU D 85 -35.59 -94.34 63.41
CA LEU D 85 -35.05 -95.67 63.20
C LEU D 85 -34.25 -96.04 64.42
N ILE D 86 -34.87 -96.76 65.34
CA ILE D 86 -34.20 -97.15 66.57
C ILE D 86 -33.01 -98.09 66.34
N GLY D 87 -31.97 -97.89 67.15
CA GLY D 87 -30.79 -98.72 67.04
C GLY D 87 -30.44 -99.41 68.34
N LYS D 88 -29.39 -100.22 68.33
CA LYS D 88 -28.95 -100.95 69.50
C LYS D 88 -28.85 -100.06 70.74
N GLU D 89 -27.89 -99.15 70.72
CA GLU D 89 -27.69 -98.24 71.85
C GLU D 89 -28.97 -97.50 72.21
N PRO D 90 -29.04 -96.96 73.43
CA PRO D 90 -30.20 -96.22 73.92
C PRO D 90 -30.23 -94.78 73.38
N LEU D 91 -31.43 -94.18 73.30
CA LEU D 91 -31.57 -92.82 72.79
C LEU D 91 -30.67 -91.87 73.57
N TYR D 92 -30.65 -92.01 74.89
CA TYR D 92 -29.85 -91.17 75.76
C TYR D 92 -28.42 -91.02 75.23
N THR D 93 -27.98 -91.98 74.42
CA THR D 93 -26.62 -91.95 73.84
C THR D 93 -26.47 -90.73 72.91
N GLY D 94 -27.29 -90.70 71.87
CA GLY D 94 -27.23 -89.61 70.91
C GLY D 94 -28.07 -89.93 69.68
N PHE D 95 -27.93 -89.14 68.63
CA PHE D 95 -28.69 -89.37 67.41
C PHE D 95 -27.85 -89.11 66.17
N LYS D 96 -28.36 -89.57 65.04
CA LYS D 96 -27.71 -89.37 63.76
C LYS D 96 -28.78 -88.72 62.90
N ILE D 97 -28.86 -87.38 62.94
CA ILE D 97 -29.89 -86.65 62.22
C ILE D 97 -29.53 -86.16 60.81
N LEU D 98 -30.53 -86.18 59.93
CA LEU D 98 -30.39 -85.70 58.56
C LEU D 98 -31.53 -84.72 58.37
N GLY D 99 -31.20 -83.47 58.09
CA GLY D 99 -32.25 -82.47 57.91
C GLY D 99 -32.29 -81.81 56.54
N ALA D 100 -33.46 -81.31 56.17
CA ALA D 100 -33.65 -80.65 54.88
C ALA D 100 -35.05 -80.03 54.79
N HIS D 101 -35.16 -78.91 54.08
CA HIS D 101 -36.45 -78.26 53.91
C HIS D 101 -37.07 -78.72 52.59
N ILE D 102 -38.38 -78.95 52.58
CA ILE D 102 -39.04 -79.40 51.37
C ILE D 102 -39.76 -78.32 50.61
N ASP D 103 -39.84 -77.12 51.18
CA ASP D 103 -40.49 -76.00 50.50
C ASP D 103 -39.55 -75.33 49.49
N SER D 104 -40.13 -74.63 48.53
CA SER D 104 -39.36 -73.95 47.50
C SER D 104 -40.07 -72.69 47.02
N PRO D 105 -39.28 -71.67 46.63
CA PRO D 105 -39.83 -70.41 46.13
C PRO D 105 -40.84 -70.62 45.01
N ARG D 106 -41.89 -69.81 45.03
CA ARG D 106 -42.95 -69.90 44.02
C ARG D 106 -43.96 -68.77 44.20
N LEU D 107 -44.90 -68.68 43.26
CA LEU D 107 -45.95 -67.67 43.32
C LEU D 107 -47.17 -68.35 43.94
N ASP D 108 -48.08 -67.55 44.48
CA ASP D 108 -49.28 -68.14 45.06
C ASP D 108 -50.41 -67.16 45.35
N LEU D 109 -51.56 -67.45 44.76
CA LEU D 109 -52.77 -66.67 44.85
C LEU D 109 -53.07 -66.01 46.19
N LYS D 110 -53.54 -64.77 46.15
CA LYS D 110 -53.86 -64.03 47.39
C LYS D 110 -55.14 -64.56 48.01
N GLN D 111 -55.66 -63.85 49.01
CA GLN D 111 -56.89 -64.24 49.68
C GLN D 111 -58.09 -64.05 48.75
N ASN D 112 -57.99 -63.06 47.86
CA ASN D 112 -59.06 -62.77 46.90
C ASN D 112 -58.42 -62.60 45.54
N PRO D 113 -57.81 -63.68 45.02
CA PRO D 113 -57.12 -63.70 43.73
C PRO D 113 -57.96 -63.45 42.47
N LEU D 114 -59.19 -63.96 42.45
CA LEU D 114 -60.01 -63.79 41.26
C LEU D 114 -60.61 -62.40 41.08
N TYR D 115 -60.25 -61.78 39.95
CA TYR D 115 -60.73 -60.45 39.62
C TYR D 115 -60.72 -60.33 38.09
N GLU D 116 -61.47 -59.39 37.55
CA GLU D 116 -61.55 -59.22 36.11
C GLU D 116 -61.18 -57.80 35.66
N ASP D 117 -60.14 -57.68 34.86
CA ASP D 117 -59.72 -56.37 34.38
C ASP D 117 -59.69 -56.32 32.86
N THR D 118 -60.50 -55.44 32.29
CA THR D 118 -60.56 -55.28 30.85
C THR D 118 -60.85 -56.62 30.21
N ASP D 119 -62.14 -56.98 30.15
CA ASP D 119 -62.55 -58.25 29.55
C ASP D 119 -61.97 -59.42 30.30
N LEU D 120 -60.87 -59.98 29.83
CA LEU D 120 -60.28 -61.12 30.51
C LEU D 120 -60.19 -61.01 32.02
N ALA D 121 -60.06 -62.15 32.69
CA ALA D 121 -59.98 -62.20 34.14
C ALA D 121 -58.67 -62.80 34.67
N MET D 122 -57.98 -62.03 35.51
CA MET D 122 -56.72 -62.47 36.08
C MET D 122 -56.87 -63.13 37.44
N LEU D 123 -55.73 -63.32 38.09
CA LEU D 123 -55.64 -63.97 39.41
C LEU D 123 -54.48 -63.34 40.19
N GLU D 124 -54.79 -62.59 41.24
CA GLU D 124 -53.75 -61.97 42.06
C GLU D 124 -52.79 -63.01 42.64
N THR D 125 -51.52 -62.63 42.80
CA THR D 125 -50.52 -63.54 43.36
C THR D 125 -49.66 -62.79 44.35
N HIS D 126 -48.66 -63.48 44.88
CA HIS D 126 -47.78 -62.87 45.85
C HIS D 126 -46.63 -63.83 46.04
N TYR D 127 -45.55 -63.62 45.31
CA TYR D 127 -44.42 -64.52 45.38
C TYR D 127 -43.96 -64.86 46.80
N TYR D 128 -43.42 -66.06 46.94
CA TYR D 128 -42.95 -66.59 48.20
C TYR D 128 -41.56 -67.18 48.09
N GLY D 129 -40.75 -66.90 49.10
CA GLY D 129 -39.40 -67.43 49.11
C GLY D 129 -38.30 -66.51 48.58
N GLY D 130 -38.70 -65.48 47.85
CA GLY D 130 -37.70 -64.58 47.32
C GLY D 130 -37.13 -65.07 46.02
N ILE D 131 -37.96 -65.08 44.98
CA ILE D 131 -37.50 -65.52 43.67
C ILE D 131 -36.77 -64.34 43.09
N LYS D 132 -36.82 -63.22 43.83
CA LYS D 132 -36.19 -61.93 43.47
C LYS D 132 -36.13 -61.64 41.98
N LYS D 133 -35.58 -62.57 41.24
CA LYS D 133 -35.50 -62.44 39.80
C LYS D 133 -36.89 -62.81 39.32
N TYR D 134 -37.72 -61.80 39.09
CA TYR D 134 -39.06 -62.05 38.64
C TYR D 134 -39.14 -62.45 37.19
N GLN D 135 -38.11 -63.13 36.69
CA GLN D 135 -38.13 -63.61 35.31
C GLN D 135 -38.86 -64.96 35.39
N TRP D 136 -40.08 -64.88 35.92
CA TRP D 136 -41.00 -65.99 36.11
C TRP D 136 -42.18 -65.77 35.17
N VAL D 137 -42.01 -64.84 34.24
CA VAL D 137 -43.10 -64.53 33.34
C VAL D 137 -43.34 -65.53 32.24
N THR D 138 -43.30 -65.07 31.01
CA THR D 138 -43.49 -65.88 29.82
C THR D 138 -43.65 -67.42 29.90
N LEU D 139 -42.74 -68.11 30.59
CA LEU D 139 -42.85 -69.57 30.67
C LEU D 139 -44.16 -70.07 31.31
N PRO D 140 -44.66 -71.24 30.85
CA PRO D 140 -45.89 -71.94 31.27
C PRO D 140 -45.96 -72.34 32.73
N LEU D 141 -47.07 -72.02 33.37
CA LEU D 141 -47.29 -72.34 34.79
C LEU D 141 -48.43 -73.32 35.05
N ALA D 142 -48.36 -74.01 36.19
CA ALA D 142 -49.38 -74.97 36.59
C ALA D 142 -49.86 -74.63 38.00
N ILE D 143 -51.12 -74.96 38.30
CA ILE D 143 -51.66 -74.67 39.62
C ILE D 143 -51.75 -75.91 40.50
N HIS D 144 -51.28 -75.79 41.73
CA HIS D 144 -51.33 -76.88 42.69
C HIS D 144 -51.99 -76.36 43.97
N GLY D 145 -51.79 -77.07 45.06
CA GLY D 145 -52.38 -76.61 46.31
C GLY D 145 -53.70 -77.29 46.67
N VAL D 146 -54.41 -76.67 47.61
CA VAL D 146 -55.67 -77.21 48.07
C VAL D 146 -56.65 -76.12 48.52
N ILE D 147 -57.95 -76.37 48.37
CA ILE D 147 -58.96 -75.41 48.80
C ILE D 147 -59.83 -76.04 49.86
N VAL D 148 -60.13 -75.30 50.92
CA VAL D 148 -60.95 -75.85 52.01
C VAL D 148 -62.34 -75.22 52.11
N LYS D 149 -63.35 -76.06 51.92
CA LYS D 149 -64.75 -75.62 52.01
C LYS D 149 -65.02 -75.14 53.41
N LYS D 150 -66.08 -74.36 53.58
CA LYS D 150 -66.43 -73.86 54.91
C LYS D 150 -66.72 -75.03 55.85
N ASP D 151 -67.27 -76.10 55.28
CA ASP D 151 -67.61 -77.30 56.05
C ASP D 151 -66.38 -78.11 56.43
N GLY D 152 -65.24 -77.80 55.80
CA GLY D 152 -64.01 -78.51 56.11
C GLY D 152 -63.54 -79.50 55.06
N THR D 153 -64.31 -79.63 53.97
CA THR D 153 -63.96 -80.56 52.91
C THR D 153 -62.71 -80.07 52.20
N ILE D 154 -61.69 -80.93 52.13
CA ILE D 154 -60.43 -80.58 51.46
C ILE D 154 -60.43 -81.02 50.01
N VAL D 155 -60.40 -80.05 49.10
CA VAL D 155 -60.40 -80.37 47.68
C VAL D 155 -58.99 -80.17 47.13
N ASN D 156 -58.51 -81.12 46.33
CA ASN D 156 -57.17 -81.02 45.76
C ASN D 156 -57.18 -80.42 44.37
N VAL D 157 -56.28 -79.48 44.13
CA VAL D 157 -56.18 -78.85 42.82
C VAL D 157 -54.81 -79.12 42.19
N CYS D 158 -54.82 -79.50 40.92
CA CYS D 158 -53.60 -79.80 40.18
C CYS D 158 -53.88 -79.63 38.70
N VAL D 159 -53.78 -78.39 38.23
CA VAL D 159 -54.04 -78.08 36.82
C VAL D 159 -52.79 -77.66 36.07
N GLY D 160 -52.61 -78.21 34.87
CA GLY D 160 -51.46 -77.87 34.06
C GLY D 160 -50.36 -78.91 34.02
N GLU D 161 -50.54 -80.04 34.70
CA GLU D 161 -49.51 -81.07 34.69
C GLU D 161 -49.70 -82.09 33.58
N ASP D 162 -50.90 -82.62 33.42
CA ASP D 162 -51.17 -83.59 32.37
C ASP D 162 -51.04 -82.93 31.00
N ASP D 163 -50.58 -83.68 30.02
CA ASP D 163 -50.43 -83.14 28.68
C ASP D 163 -51.74 -82.63 28.09
N ASN D 164 -52.85 -82.86 28.79
CA ASN D 164 -54.14 -82.41 28.30
C ASN D 164 -54.76 -81.31 29.13
N ASP D 165 -54.09 -80.94 30.21
CA ASP D 165 -54.59 -79.87 31.07
C ASP D 165 -54.15 -78.53 30.50
N PRO D 166 -54.96 -77.49 30.72
CA PRO D 166 -54.60 -76.17 30.22
C PRO D 166 -53.48 -75.65 31.10
N VAL D 167 -52.84 -74.57 30.66
CA VAL D 167 -51.74 -74.00 31.44
C VAL D 167 -52.02 -72.54 31.75
N PHE D 168 -51.13 -71.94 32.53
CA PHE D 168 -51.25 -70.54 32.91
C PHE D 168 -49.91 -69.83 32.87
N GLY D 169 -49.93 -68.51 33.06
CA GLY D 169 -48.69 -67.77 33.03
C GLY D 169 -48.86 -66.28 33.22
N VAL D 170 -47.74 -65.59 33.42
CA VAL D 170 -47.71 -64.14 33.61
C VAL D 170 -47.25 -63.47 32.31
N SER D 171 -47.96 -62.43 31.89
CA SER D 171 -47.62 -61.72 30.67
C SER D 171 -46.54 -60.66 30.86
N ASP D 172 -46.01 -60.16 29.75
CA ASP D 172 -44.97 -59.14 29.80
C ASP D 172 -44.98 -58.38 28.49
N ILE D 173 -44.98 -57.05 28.56
CA ILE D 173 -45.00 -56.19 27.38
C ILE D 173 -44.08 -56.67 26.28
N LEU D 174 -44.54 -56.55 25.04
CA LEU D 174 -43.71 -56.97 23.91
C LEU D 174 -42.55 -55.99 23.81
N VAL D 175 -41.41 -56.46 23.31
CA VAL D 175 -40.23 -55.63 23.19
C VAL D 175 -40.50 -54.36 22.38
N HIS D 176 -41.42 -54.46 21.44
CA HIS D 176 -41.75 -53.33 20.60
C HIS D 176 -42.17 -52.10 21.41
N LEU D 177 -42.79 -52.31 22.55
CA LEU D 177 -43.23 -51.20 23.36
C LEU D 177 -42.62 -51.23 24.76
N ALA D 178 -41.63 -52.08 24.97
CA ALA D 178 -41.00 -52.20 26.27
C ALA D 178 -39.92 -51.17 26.48
N SER D 179 -39.80 -50.25 25.53
CA SER D 179 -38.79 -49.18 25.60
C SER D 179 -38.78 -48.45 26.96
N GLU D 180 -39.96 -48.01 27.40
CA GLU D 180 -40.08 -47.29 28.66
C GLU D 180 -39.69 -48.16 29.87
N GLN D 181 -39.66 -49.47 29.66
CA GLN D 181 -39.29 -50.40 30.71
C GLN D 181 -37.79 -50.71 30.62
N LEU D 182 -36.96 -49.80 31.14
CA LEU D 182 -35.51 -49.95 31.12
C LEU D 182 -34.85 -49.66 32.48
N GLU D 183 -35.47 -48.80 33.27
CA GLU D 183 -34.89 -48.45 34.56
C GLU D 183 -34.72 -49.66 35.49
N LYS D 184 -33.53 -49.75 36.08
CA LYS D 184 -33.17 -50.80 37.02
C LYS D 184 -33.65 -52.21 36.72
N LYS D 185 -32.74 -53.10 36.33
CA LYS D 185 -33.12 -54.49 36.08
C LYS D 185 -33.59 -55.02 37.42
N ALA D 186 -33.04 -54.43 38.48
CA ALA D 186 -33.37 -54.77 39.86
C ALA D 186 -34.84 -55.11 39.98
N SER D 187 -35.66 -54.40 39.23
CA SER D 187 -37.09 -54.64 39.25
C SER D 187 -37.90 -53.70 38.40
N LYS D 188 -38.40 -54.22 37.27
CA LYS D 188 -39.26 -53.45 36.38
C LYS D 188 -40.42 -54.41 36.03
N VAL D 189 -40.47 -55.50 36.80
CA VAL D 189 -41.50 -56.53 36.69
C VAL D 189 -41.62 -56.97 38.14
N ILE D 190 -42.65 -56.51 38.86
CA ILE D 190 -42.73 -56.87 40.27
C ILE D 190 -44.13 -56.93 40.90
N GLU D 191 -45.15 -56.50 40.16
CA GLU D 191 -46.51 -56.48 40.70
C GLU D 191 -46.95 -57.79 41.34
N GLY D 192 -48.21 -57.84 41.75
CA GLY D 192 -48.75 -59.06 42.36
C GLY D 192 -50.17 -59.25 41.89
N GLU D 193 -50.45 -58.78 40.69
CA GLU D 193 -51.77 -58.85 40.13
C GLU D 193 -51.60 -59.26 38.68
N ASP D 194 -50.87 -60.35 38.50
CA ASP D 194 -50.57 -60.88 37.19
C ASP D 194 -51.24 -62.22 37.00
N LEU D 195 -51.00 -62.87 35.86
CA LEU D 195 -51.56 -64.21 35.61
C LEU D 195 -53.06 -64.30 35.30
N ASN D 196 -53.40 -64.30 34.01
CA ASN D 196 -54.78 -64.39 33.60
C ASN D 196 -55.20 -65.85 33.41
N ILE D 197 -56.38 -66.20 33.95
CA ILE D 197 -56.88 -67.55 33.87
C ILE D 197 -57.98 -67.77 32.86
N LEU D 198 -58.39 -66.73 32.16
CA LEU D 198 -59.43 -66.92 31.16
C LEU D 198 -59.79 -65.69 30.35
N ILE D 199 -59.90 -65.89 29.05
CA ILE D 199 -60.22 -64.82 28.15
C ILE D 199 -61.66 -65.03 27.75
N GLY D 200 -62.12 -64.18 26.83
CA GLY D 200 -63.48 -64.22 26.32
C GLY D 200 -64.38 -65.19 27.07
N SER D 201 -64.90 -66.18 26.34
CA SER D 201 -65.80 -67.17 26.92
C SER D 201 -66.57 -66.41 27.99
N ILE D 202 -67.14 -65.30 27.53
CA ILE D 202 -67.89 -64.39 28.36
C ILE D 202 -69.35 -64.47 27.99
N PRO D 203 -70.22 -64.88 28.94
CA PRO D 203 -69.88 -65.36 30.27
C PRO D 203 -70.67 -66.64 30.54
N LEU D 204 -71.40 -66.64 31.65
CA LEU D 204 -72.24 -67.77 32.04
C LEU D 204 -73.68 -67.44 31.64
N LYS D 205 -74.21 -68.22 30.71
CA LYS D 205 -75.57 -68.04 30.20
C LYS D 205 -75.80 -66.59 29.74
N ASP D 206 -74.72 -65.83 29.65
CA ASP D 206 -74.75 -64.44 29.23
C ASP D 206 -75.84 -63.65 29.95
N GLY D 207 -75.97 -63.89 31.24
CA GLY D 207 -76.97 -63.20 32.03
C GLY D 207 -76.49 -61.86 32.58
N GLU D 208 -75.93 -61.03 31.72
CA GLU D 208 -75.44 -59.70 32.12
C GLU D 208 -74.40 -59.77 33.24
N GLU D 209 -74.40 -58.73 34.06
CA GLU D 209 -73.47 -58.61 35.19
C GLU D 209 -72.07 -58.23 34.73
N LYS D 210 -71.77 -56.93 34.76
CA LYS D 210 -70.48 -56.37 34.35
C LYS D 210 -69.33 -57.37 34.22
N GLN D 211 -68.89 -57.93 35.34
CA GLN D 211 -67.81 -58.88 35.33
C GLN D 211 -68.24 -60.21 34.75
N LYS D 212 -68.50 -60.23 33.44
CA LYS D 212 -68.94 -61.46 32.80
C LYS D 212 -67.84 -62.53 32.70
N VAL D 213 -66.69 -62.16 32.18
CA VAL D 213 -65.58 -63.11 32.03
C VAL D 213 -65.28 -63.75 33.37
N LYS D 214 -65.31 -62.93 34.42
CA LYS D 214 -65.05 -63.43 35.77
C LYS D 214 -66.17 -64.40 36.15
N HIS D 215 -67.40 -63.90 36.11
CA HIS D 215 -68.56 -64.69 36.48
C HIS D 215 -68.49 -66.06 35.82
N ASN D 216 -68.14 -66.09 34.54
CA ASN D 216 -68.04 -67.34 33.81
C ASN D 216 -67.03 -68.34 34.42
N ILE D 217 -65.82 -67.86 34.67
CA ILE D 217 -64.78 -68.71 35.21
C ILE D 217 -65.15 -69.25 36.59
N MET D 218 -65.76 -68.41 37.43
CA MET D 218 -66.14 -68.85 38.77
C MET D 218 -67.09 -70.01 38.61
N LYS D 219 -68.00 -69.89 37.66
CA LYS D 219 -68.97 -70.95 37.38
C LYS D 219 -68.25 -72.20 36.90
N ILE D 220 -67.28 -72.01 36.00
CA ILE D 220 -66.51 -73.12 35.47
C ILE D 220 -65.75 -73.77 36.61
N LEU D 221 -65.23 -72.93 37.49
CA LEU D 221 -64.47 -73.39 38.63
C LEU D 221 -65.42 -74.04 39.63
N ASN D 222 -66.71 -73.74 39.49
CA ASN D 222 -67.72 -74.29 40.39
C ASN D 222 -68.13 -75.70 39.99
N GLU D 223 -68.27 -75.93 38.69
CA GLU D 223 -68.64 -77.25 38.20
C GLU D 223 -67.61 -78.26 38.70
N LYS D 224 -66.33 -78.00 38.46
CA LYS D 224 -65.29 -78.88 39.00
C LYS D 224 -65.22 -78.43 40.44
N TYR D 225 -64.77 -79.30 41.34
CA TYR D 225 -64.69 -78.92 42.75
C TYR D 225 -66.09 -78.56 43.21
N ASP D 226 -66.20 -77.49 43.99
CA ASP D 226 -67.51 -77.08 44.49
C ASP D 226 -67.32 -75.83 45.34
N ILE D 227 -66.41 -74.98 44.91
CA ILE D 227 -66.09 -73.76 45.63
C ILE D 227 -66.90 -72.57 45.16
N SER D 228 -66.73 -71.46 45.87
CA SER D 228 -67.40 -70.22 45.55
C SER D 228 -66.29 -69.18 45.48
N GLU D 229 -66.61 -67.92 45.17
CA GLU D 229 -65.57 -66.92 45.11
C GLU D 229 -64.86 -66.87 46.45
N GLU D 230 -65.60 -67.13 47.53
CA GLU D 230 -65.02 -67.15 48.87
C GLU D 230 -64.23 -68.45 48.83
N ASP D 231 -64.01 -69.08 49.97
CA ASP D 231 -63.25 -70.34 49.97
C ASP D 231 -61.77 -70.09 49.63
N PHE D 232 -61.52 -69.18 48.69
CA PHE D 232 -60.18 -68.84 48.31
C PHE D 232 -59.53 -68.32 49.57
N VAL D 233 -60.33 -67.68 50.41
CA VAL D 233 -59.85 -67.12 51.67
C VAL D 233 -59.21 -68.24 52.48
N SER D 234 -59.82 -69.43 52.42
CA SER D 234 -59.31 -70.60 53.15
C SER D 234 -58.76 -71.59 52.15
N ALA D 235 -58.04 -71.08 51.16
CA ALA D 235 -57.43 -71.93 50.12
C ALA D 235 -55.91 -71.95 50.23
N GLU D 236 -55.28 -72.72 49.36
CA GLU D 236 -53.83 -72.84 49.37
C GLU D 236 -53.18 -72.57 48.02
N LEU D 237 -52.96 -71.28 47.81
CA LEU D 237 -52.31 -70.70 46.64
C LEU D 237 -51.07 -71.49 46.23
N GLU D 238 -50.94 -71.85 44.95
CA GLU D 238 -49.75 -72.58 44.51
C GLU D 238 -49.48 -72.56 43.02
N ILE D 239 -48.66 -71.62 42.57
CA ILE D 239 -48.35 -71.54 41.17
C ILE D 239 -46.93 -71.99 40.96
N VAL D 240 -46.76 -72.96 40.08
CA VAL D 240 -45.45 -73.51 39.81
C VAL D 240 -45.25 -73.83 38.33
N PRO D 241 -44.00 -73.81 37.86
CA PRO D 241 -43.80 -74.11 36.43
C PRO D 241 -44.33 -75.49 36.08
N ALA D 242 -44.93 -75.62 34.90
CA ALA D 242 -45.48 -76.89 34.47
C ALA D 242 -44.45 -77.72 33.70
N GLY D 243 -44.64 -79.03 33.68
CA GLY D 243 -43.71 -79.91 32.98
C GLY D 243 -42.91 -80.79 33.93
N LYS D 244 -42.58 -81.99 33.48
CA LYS D 244 -41.80 -82.94 34.28
C LYS D 244 -40.33 -82.53 34.20
N ALA D 245 -39.54 -82.89 35.20
CA ALA D 245 -38.11 -82.59 35.19
C ALA D 245 -37.56 -83.39 34.03
N ARG D 246 -36.43 -82.95 33.46
CA ARG D 246 -35.88 -83.68 32.31
C ARG D 246 -34.36 -83.95 32.39
N ASP D 247 -33.87 -84.68 31.40
CA ASP D 247 -32.46 -84.96 31.35
C ASP D 247 -31.82 -83.73 30.75
N TYR D 248 -30.81 -83.19 31.43
CA TYR D 248 -30.17 -82.00 30.91
C TYR D 248 -28.80 -82.32 30.30
N GLY D 249 -28.58 -81.84 29.07
CA GLY D 249 -27.31 -82.05 28.42
C GLY D 249 -27.26 -83.16 27.39
N PHE D 250 -26.38 -83.00 26.41
CA PHE D 250 -26.21 -84.00 25.35
C PHE D 250 -25.74 -85.35 25.91
N ASP D 251 -25.12 -85.34 27.08
CA ASP D 251 -24.64 -86.57 27.67
C ASP D 251 -25.51 -86.99 28.84
N ARG D 252 -26.72 -86.41 28.94
CA ARG D 252 -27.65 -86.72 30.03
C ARG D 252 -26.97 -86.78 31.40
N SER D 253 -25.99 -85.92 31.64
CA SER D 253 -25.26 -85.94 32.90
C SER D 253 -25.91 -85.10 34.00
N MET D 254 -26.78 -84.18 33.60
CA MET D 254 -27.44 -83.34 34.57
C MET D 254 -28.93 -83.49 34.49
N VAL D 255 -29.62 -82.84 35.43
CA VAL D 255 -31.09 -82.87 35.51
C VAL D 255 -31.65 -81.45 35.68
N MET D 256 -32.59 -81.09 34.82
CA MET D 256 -33.23 -79.79 34.88
C MET D 256 -34.65 -79.95 35.44
N GLY D 257 -34.98 -79.19 36.48
CA GLY D 257 -36.30 -79.27 37.07
C GLY D 257 -36.57 -78.23 38.15
N TYR D 258 -37.84 -78.08 38.48
CA TYR D 258 -38.27 -77.15 39.52
C TYR D 258 -38.15 -77.78 40.89
N GLY D 259 -37.90 -76.97 41.90
CA GLY D 259 -37.79 -77.50 43.25
C GLY D 259 -36.45 -78.08 43.63
N GLN D 260 -35.58 -78.28 42.65
CA GLN D 260 -34.25 -78.82 42.90
C GLN D 260 -33.71 -78.33 44.25
N ASP D 261 -33.93 -77.05 44.55
CA ASP D 261 -33.45 -76.45 45.80
C ASP D 261 -33.84 -77.24 47.02
N ASP D 262 -32.84 -77.93 47.56
CA ASP D 262 -32.93 -78.77 48.75
C ASP D 262 -33.86 -79.95 48.63
N ARG D 263 -34.87 -79.86 47.77
CA ARG D 263 -35.77 -80.96 47.59
C ARG D 263 -34.96 -82.14 47.08
N ILE D 264 -33.83 -81.85 46.47
CA ILE D 264 -32.95 -82.88 45.95
C ILE D 264 -32.23 -83.52 47.15
N CYS D 265 -31.85 -82.70 48.12
CA CYS D 265 -31.17 -83.20 49.29
C CYS D 265 -32.19 -83.94 50.13
N ALA D 266 -33.39 -83.39 50.19
CA ALA D 266 -34.46 -84.01 50.97
C ALA D 266 -34.76 -85.40 50.47
N TYR D 267 -34.48 -85.61 49.19
CA TYR D 267 -34.72 -86.92 48.58
C TYR D 267 -33.60 -87.88 48.86
N THR D 268 -32.37 -87.51 48.49
CA THR D 268 -31.23 -88.37 48.72
C THR D 268 -31.19 -88.73 50.20
N SER D 269 -31.44 -87.74 51.05
CA SER D 269 -31.46 -87.98 52.49
C SER D 269 -32.54 -89.01 52.82
N PHE D 270 -33.61 -88.98 52.05
CA PHE D 270 -34.70 -89.91 52.26
C PHE D 270 -34.27 -91.32 51.93
N GLU D 271 -33.92 -91.57 50.67
CA GLU D 271 -33.50 -92.90 50.26
C GLU D 271 -32.40 -93.41 51.19
N ALA D 272 -31.41 -92.58 51.46
CA ALA D 272 -30.34 -93.02 52.33
C ALA D 272 -30.95 -93.52 53.63
N MET D 273 -31.76 -92.67 54.26
CA MET D 273 -32.41 -93.02 55.53
C MET D 273 -33.32 -94.23 55.38
N LEU D 274 -33.99 -94.31 54.23
CA LEU D 274 -34.91 -95.39 53.98
C LEU D 274 -34.23 -96.77 53.90
N GLU D 275 -33.30 -96.92 52.99
CA GLU D 275 -32.61 -98.20 52.84
C GLU D 275 -31.51 -98.39 53.87
N MET D 276 -31.70 -97.83 55.06
CA MET D 276 -30.73 -97.96 56.13
C MET D 276 -31.17 -99.02 57.13
N LYS D 277 -30.52 -100.18 57.06
CA LYS D 277 -30.83 -101.30 57.94
C LYS D 277 -29.71 -101.58 58.94
N ASN D 278 -30.06 -102.18 60.08
CA ASN D 278 -29.08 -102.50 61.11
C ASN D 278 -28.49 -101.18 61.63
N ALA D 279 -29.17 -100.56 62.58
CA ALA D 279 -28.70 -99.30 63.14
C ALA D 279 -28.01 -99.46 64.47
N LYS D 280 -26.84 -98.86 64.61
CA LYS D 280 -26.10 -98.95 65.86
C LYS D 280 -26.65 -97.88 66.81
N LYS D 281 -26.72 -96.65 66.32
CA LYS D 281 -27.25 -95.54 67.11
C LYS D 281 -28.47 -95.00 66.38
N THR D 282 -29.57 -94.86 67.10
CA THR D 282 -30.82 -94.37 66.52
C THR D 282 -30.63 -93.09 65.70
N CYS D 283 -31.02 -93.18 64.43
CA CYS D 283 -30.90 -92.05 63.52
C CYS D 283 -32.25 -91.58 63.00
N ILE D 284 -32.36 -90.27 62.75
CA ILE D 284 -33.61 -89.69 62.27
C ILE D 284 -33.51 -88.65 61.16
N THR D 285 -34.53 -88.64 60.32
CA THR D 285 -34.61 -87.73 59.19
C THR D 285 -35.69 -86.67 59.36
N ILE D 286 -35.32 -85.41 59.22
CA ILE D 286 -36.27 -84.32 59.36
C ILE D 286 -36.49 -83.61 58.02
N LEU D 287 -37.74 -83.24 57.76
CA LEU D 287 -38.11 -82.55 56.53
C LEU D 287 -39.15 -81.49 56.83
N VAL D 288 -38.71 -80.24 56.98
CA VAL D 288 -39.62 -79.14 57.30
C VAL D 288 -39.74 -78.14 56.16
N ASP D 289 -40.53 -77.10 56.37
CA ASP D 289 -40.66 -76.08 55.33
C ASP D 289 -40.45 -74.68 55.91
N LYS D 290 -40.90 -73.68 55.17
CA LYS D 290 -40.77 -72.29 55.58
C LYS D 290 -39.33 -71.84 55.67
N GLU D 291 -38.41 -72.68 55.21
CA GLU D 291 -37.00 -72.30 55.25
C GLU D 291 -36.73 -71.10 54.36
N GLU D 292 -37.20 -71.18 53.11
CA GLU D 292 -37.00 -70.13 52.12
C GLU D 292 -37.67 -68.83 52.52
N VAL D 293 -38.48 -68.86 53.58
CA VAL D 293 -39.18 -67.66 54.02
C VAL D 293 -38.70 -67.16 55.39
N GLY D 294 -37.75 -67.86 55.99
CA GLY D 294 -37.25 -67.44 57.29
C GLY D 294 -37.20 -68.54 58.34
N SER D 295 -37.91 -69.64 58.07
CA SER D 295 -37.96 -70.78 58.97
C SER D 295 -38.73 -70.46 60.25
N ILE D 296 -39.75 -69.61 60.14
CA ILE D 296 -40.57 -69.24 61.29
C ILE D 296 -41.27 -70.43 61.90
N GLY D 297 -41.95 -70.18 63.01
CA GLY D 297 -42.66 -71.23 63.73
C GLY D 297 -43.75 -71.99 62.98
N ALA D 298 -44.48 -72.83 63.71
CA ALA D 298 -45.55 -73.65 63.17
C ALA D 298 -45.08 -74.89 62.46
N THR D 299 -44.25 -74.71 61.44
CA THR D 299 -43.73 -75.85 60.67
C THR D 299 -42.27 -75.72 60.19
N GLY D 300 -41.42 -75.09 61.01
CA GLY D 300 -40.01 -74.93 60.66
C GLY D 300 -39.05 -74.91 61.84
N MET D 301 -39.20 -73.91 62.70
CA MET D 301 -38.37 -73.75 63.89
C MET D 301 -39.18 -74.25 65.08
N GLN D 302 -40.36 -74.77 64.76
CA GLN D 302 -41.29 -75.30 65.75
C GLN D 302 -40.66 -76.30 66.72
N SER D 303 -41.46 -76.78 67.66
CA SER D 303 -41.01 -77.74 68.64
C SER D 303 -41.44 -79.13 68.19
N LYS D 304 -42.08 -79.18 67.02
CA LYS D 304 -42.56 -80.44 66.44
C LYS D 304 -41.51 -81.55 66.58
N PHE D 305 -40.24 -81.17 66.48
CA PHE D 305 -39.16 -82.13 66.60
C PHE D 305 -38.83 -82.34 68.07
N PHE D 306 -38.68 -81.23 68.78
CA PHE D 306 -38.38 -81.26 70.21
C PHE D 306 -39.40 -82.14 70.90
N GLU D 307 -40.64 -81.64 70.97
CA GLU D 307 -41.72 -82.37 71.61
C GLU D 307 -42.18 -83.49 70.69
N ASN D 308 -41.25 -84.39 70.39
CA ASN D 308 -41.55 -85.51 69.53
C ASN D 308 -40.48 -86.56 69.75
N THR D 309 -39.26 -86.10 69.85
CA THR D 309 -38.15 -86.99 70.12
C THR D 309 -38.47 -87.49 71.52
N VAL D 310 -39.13 -86.63 72.28
CA VAL D 310 -39.50 -86.98 73.64
C VAL D 310 -40.70 -87.91 73.58
N ALA D 311 -41.76 -87.47 72.91
CA ALA D 311 -42.97 -88.29 72.80
C ALA D 311 -42.56 -89.67 72.28
N ASP D 312 -41.38 -89.73 71.67
CA ASP D 312 -40.86 -90.96 71.12
C ASP D 312 -39.94 -91.64 72.13
N ILE D 313 -39.21 -90.83 72.89
CA ILE D 313 -38.29 -91.33 73.92
C ILE D 313 -39.16 -92.00 75.00
N MET D 314 -40.42 -91.57 75.11
CA MET D 314 -41.34 -92.13 76.08
C MET D 314 -41.50 -93.63 75.90
N SER D 315 -41.54 -94.08 74.65
CA SER D 315 -41.70 -95.50 74.35
C SER D 315 -40.34 -96.17 74.18
N ASP D 321 -36.89 -93.65 81.44
CA ASP D 321 -37.01 -93.24 80.05
C ASP D 321 -38.03 -92.10 79.90
N GLU D 322 -38.09 -91.24 80.91
CA GLU D 322 -39.02 -90.12 80.88
C GLU D 322 -38.35 -88.77 80.99
N LEU D 323 -38.11 -88.33 82.23
CA LEU D 323 -37.50 -87.05 82.52
C LEU D 323 -36.48 -86.49 81.53
N LYS D 324 -36.53 -85.17 81.37
CA LYS D 324 -35.67 -84.41 80.48
C LYS D 324 -34.36 -85.06 80.08
N LEU D 325 -33.44 -85.20 81.02
CA LEU D 325 -32.12 -85.79 80.76
C LEU D 325 -31.30 -84.86 79.87
N ARG D 326 -31.94 -84.28 78.84
CA ARG D 326 -31.31 -83.35 77.88
C ARG D 326 -30.25 -83.97 76.95
N LYS D 327 -29.21 -84.55 77.54
CA LYS D 327 -28.12 -85.19 76.84
C LYS D 327 -28.51 -85.83 75.51
N ALA D 328 -29.72 -86.38 75.44
CA ALA D 328 -30.19 -87.04 74.22
C ALA D 328 -29.83 -86.27 72.95
N LEU D 329 -30.23 -85.00 72.90
CA LEU D 329 -29.97 -84.14 71.76
C LEU D 329 -28.53 -83.62 71.74
N TYR D 330 -28.05 -83.17 72.90
CA TYR D 330 -26.70 -82.64 73.02
C TYR D 330 -25.63 -83.56 72.45
N ASN D 331 -25.82 -84.86 72.57
CA ASN D 331 -24.84 -85.81 72.07
C ASN D 331 -25.12 -86.33 70.66
N SER D 332 -25.90 -85.59 69.88
CA SER D 332 -26.21 -86.04 68.53
C SER D 332 -25.35 -85.37 67.48
N GLU D 333 -25.36 -85.94 66.27
CA GLU D 333 -24.59 -85.41 65.16
C GLU D 333 -25.56 -85.22 63.99
N MET D 334 -25.63 -84.01 63.46
CA MET D 334 -26.54 -83.73 62.34
C MET D 334 -25.81 -83.35 61.05
N LEU D 335 -26.54 -83.48 59.96
CA LEU D 335 -26.04 -83.16 58.66
C LEU D 335 -27.08 -82.34 57.92
N SER D 336 -27.40 -81.17 58.47
CA SER D 336 -28.39 -80.26 57.87
C SER D 336 -27.90 -79.89 56.47
N SER D 337 -28.54 -80.45 55.45
CA SER D 337 -28.12 -80.15 54.09
C SER D 337 -29.05 -79.21 53.34
N ASP D 338 -28.49 -78.54 52.34
CA ASP D 338 -29.22 -77.61 51.48
C ASP D 338 -28.32 -77.30 50.29
N VAL D 339 -28.91 -77.17 49.11
CA VAL D 339 -28.15 -76.90 47.90
C VAL D 339 -27.27 -75.67 47.99
N SER D 340 -26.17 -75.69 47.23
CA SER D 340 -25.22 -74.59 47.22
C SER D 340 -25.11 -74.09 45.79
N ALA D 341 -24.48 -72.94 45.61
CA ALA D 341 -24.33 -72.39 44.28
C ALA D 341 -23.10 -72.95 43.57
N ALA D 342 -23.33 -73.60 42.43
CA ALA D 342 -22.25 -74.18 41.65
C ALA D 342 -21.63 -73.10 40.77
N PHE D 343 -20.32 -73.18 40.56
CA PHE D 343 -19.62 -72.20 39.73
C PHE D 343 -20.20 -72.16 38.32
N ASP D 344 -20.70 -71.01 37.91
CA ASP D 344 -21.26 -70.86 36.57
C ASP D 344 -20.26 -70.19 35.64
N PRO D 345 -19.86 -70.88 34.56
CA PRO D 345 -18.90 -70.33 33.61
C PRO D 345 -19.41 -69.07 32.89
N ASN D 346 -20.66 -68.68 33.14
CA ASN D 346 -21.20 -67.47 32.51
C ASN D 346 -20.97 -66.24 33.38
N TYR D 347 -20.89 -66.43 34.69
CA TYR D 347 -20.65 -65.34 35.60
C TYR D 347 -19.62 -65.80 36.62
N PRO D 348 -18.34 -65.74 36.24
CA PRO D 348 -17.23 -66.15 37.10
C PRO D 348 -16.77 -65.16 38.16
N ASN D 349 -16.81 -63.87 37.82
CA ASN D 349 -16.36 -62.83 38.72
C ASN D 349 -17.16 -62.70 40.00
N VAL D 350 -18.20 -63.52 40.14
CA VAL D 350 -19.03 -63.46 41.34
C VAL D 350 -18.55 -64.43 42.40
N MET D 351 -17.68 -65.38 42.02
CA MET D 351 -17.16 -66.37 42.96
C MET D 351 -15.63 -66.40 42.99
N GLU D 352 -15.08 -66.92 44.08
CA GLU D 352 -13.65 -66.99 44.28
C GLU D 352 -12.92 -68.11 43.54
N LYS D 353 -13.61 -68.79 42.61
CA LYS D 353 -12.98 -69.89 41.87
C LYS D 353 -12.66 -70.99 42.88
N ARG D 354 -11.51 -70.87 43.56
CA ARG D 354 -11.16 -71.83 44.60
C ARG D 354 -12.16 -71.56 45.72
N ASN D 355 -12.46 -72.57 46.54
CA ASN D 355 -13.42 -72.38 47.62
C ASN D 355 -14.83 -72.17 47.07
N SER D 356 -15.10 -72.79 45.93
CA SER D 356 -16.41 -72.70 45.30
C SER D 356 -16.79 -74.10 44.83
N ALA D 357 -18.07 -74.47 44.95
CA ALA D 357 -18.49 -75.79 44.55
C ALA D 357 -18.58 -75.89 43.04
N TYR D 358 -18.18 -77.05 42.51
CA TYR D 358 -18.21 -77.28 41.06
C TYR D 358 -19.12 -78.43 40.73
N LEU D 359 -19.78 -78.30 39.59
CA LEU D 359 -20.71 -79.31 39.11
C LEU D 359 -20.07 -80.68 38.88
N GLY D 360 -20.30 -81.61 39.80
CA GLY D 360 -19.76 -82.93 39.64
C GLY D 360 -18.56 -83.31 40.50
N LYS D 361 -18.14 -82.44 41.42
CA LYS D 361 -17.02 -82.81 42.24
C LYS D 361 -17.43 -83.41 43.57
N GLY D 362 -18.61 -84.04 43.60
CA GLY D 362 -19.06 -84.67 44.84
C GLY D 362 -19.98 -83.84 45.72
N ILE D 363 -20.16 -84.30 46.95
CA ILE D 363 -21.03 -83.61 47.90
C ILE D 363 -20.34 -82.37 48.42
N VAL D 364 -21.11 -81.33 48.71
CA VAL D 364 -20.56 -80.05 49.19
C VAL D 364 -20.63 -79.88 50.71
N PHE D 365 -19.56 -79.29 51.25
CA PHE D 365 -19.47 -79.03 52.69
C PHE D 365 -19.24 -77.54 52.91
N ASN D 366 -19.99 -76.96 53.84
CA ASN D 366 -19.86 -75.55 54.14
C ASN D 366 -19.64 -75.34 55.63
N LYS D 367 -18.42 -75.05 56.02
CA LYS D 367 -18.13 -74.83 57.44
C LYS D 367 -18.97 -73.68 57.95
N TYR D 368 -18.98 -72.59 57.19
CA TYR D 368 -19.76 -71.41 57.54
C TYR D 368 -20.49 -70.89 56.32
N THR D 369 -21.53 -70.10 56.55
CA THR D 369 -22.32 -69.53 55.47
C THR D 369 -23.16 -68.37 55.97
N GLY D 370 -22.56 -67.18 56.01
CA GLY D 370 -23.28 -66.02 56.48
C GLY D 370 -23.22 -64.86 55.51
N SER D 371 -22.98 -63.66 56.06
CA SER D 371 -22.90 -62.45 55.26
C SER D 371 -21.64 -61.67 55.57
N ARG D 372 -21.82 -60.41 55.96
CA ARG D 372 -20.71 -59.53 56.29
C ARG D 372 -19.90 -60.10 57.46
N GLY D 373 -18.98 -61.02 57.18
CA GLY D 373 -18.16 -61.58 58.24
C GLY D 373 -18.75 -62.78 58.97
N LYS D 374 -19.25 -63.73 58.21
CA LYS D 374 -19.83 -64.95 58.76
C LYS D 374 -21.03 -64.66 59.67
N SER D 375 -21.59 -63.45 59.55
CA SER D 375 -22.71 -63.04 60.37
C SER D 375 -23.96 -63.88 60.21
N GLY D 376 -24.54 -64.26 61.36
CA GLY D 376 -25.75 -65.05 61.38
C GLY D 376 -25.70 -66.37 60.65
N CYS D 377 -25.05 -67.38 61.24
CA CYS D 377 -24.95 -68.67 60.61
C CYS D 377 -24.19 -69.63 61.51
N ASN D 378 -24.38 -70.92 61.27
CA ASN D 378 -23.71 -71.94 62.07
C ASN D 378 -22.30 -72.20 61.58
N ASP D 379 -21.36 -72.34 62.51
CA ASP D 379 -19.96 -72.60 62.16
C ASP D 379 -19.54 -73.97 62.69
N ALA D 380 -19.44 -74.93 61.78
CA ALA D 380 -19.07 -76.31 62.13
C ALA D 380 -17.69 -76.42 62.81
N ASN D 381 -17.61 -77.30 63.81
CA ASN D 381 -16.36 -77.52 64.53
C ASN D 381 -15.42 -78.41 63.72
N PRO D 382 -14.12 -78.05 63.71
CA PRO D 382 -13.12 -78.82 62.96
C PRO D 382 -13.05 -80.29 63.39
N GLU D 383 -13.08 -80.52 64.70
CA GLU D 383 -13.02 -81.89 65.21
C GLU D 383 -14.12 -82.73 64.55
N TYR D 384 -15.31 -82.15 64.41
CA TYR D 384 -16.41 -82.85 63.78
C TYR D 384 -16.17 -83.03 62.29
N ILE D 385 -15.68 -81.97 61.67
CA ILE D 385 -15.38 -81.98 60.23
C ILE D 385 -14.38 -83.09 59.91
N ALA D 386 -13.27 -83.09 60.64
CA ALA D 386 -12.25 -84.10 60.45
C ALA D 386 -12.91 -85.48 60.44
N GLU D 387 -13.76 -85.75 61.43
CA GLU D 387 -14.42 -87.03 61.50
C GLU D 387 -15.15 -87.35 60.22
N LEU D 388 -15.97 -86.41 59.76
CA LEU D 388 -16.71 -86.62 58.53
C LEU D 388 -15.76 -86.95 57.40
N ARG D 389 -14.59 -86.30 57.43
CA ARG D 389 -13.59 -86.55 56.39
C ARG D 389 -13.25 -88.02 56.43
N ARG D 390 -12.71 -88.44 57.56
CA ARG D 390 -12.32 -89.83 57.75
C ARG D 390 -13.42 -90.77 57.25
N ILE D 391 -14.64 -90.53 57.69
CA ILE D 391 -15.76 -91.37 57.29
C ILE D 391 -15.98 -91.41 55.78
N LEU D 392 -16.12 -90.23 55.19
CA LEU D 392 -16.33 -90.13 53.77
C LEU D 392 -15.06 -90.50 53.00
N SER D 393 -14.16 -91.19 53.69
CA SER D 393 -12.92 -91.62 53.04
C SER D 393 -13.00 -93.13 52.96
N LYS D 394 -13.33 -93.73 54.08
CA LYS D 394 -13.46 -95.17 54.18
C LYS D 394 -14.49 -95.63 53.15
N GLU D 395 -15.74 -95.21 53.31
CA GLU D 395 -16.79 -95.59 52.37
C GLU D 395 -16.61 -94.84 51.05
N SER D 396 -15.46 -94.19 50.91
CA SER D 396 -15.14 -93.42 49.70
C SER D 396 -16.08 -92.20 49.64
N VAL D 397 -16.65 -91.95 48.46
CA VAL D 397 -17.54 -90.80 48.27
C VAL D 397 -16.75 -89.52 48.06
N ASN D 398 -17.02 -88.81 46.96
CA ASN D 398 -16.33 -87.56 46.68
C ASN D 398 -17.01 -86.38 47.34
N TRP D 399 -16.21 -85.52 47.95
CA TRP D 399 -16.72 -84.34 48.60
C TRP D 399 -15.85 -83.14 48.27
N GLN D 400 -16.45 -81.95 48.34
CA GLN D 400 -15.76 -80.70 48.06
C GLN D 400 -16.32 -79.63 48.99
N THR D 401 -15.47 -78.68 49.36
CA THR D 401 -15.88 -77.60 50.23
C THR D 401 -16.08 -76.33 49.44
N ALA D 402 -17.12 -75.57 49.78
CA ALA D 402 -17.43 -74.35 49.06
C ALA D 402 -17.80 -73.19 49.98
N GLU D 403 -17.89 -72.01 49.39
CA GLU D 403 -18.22 -70.79 50.07
C GLU D 403 -19.17 -70.08 49.12
N LEU D 404 -20.19 -69.39 49.64
CA LEU D 404 -21.14 -68.71 48.75
C LEU D 404 -20.68 -67.34 48.23
N GLY D 405 -19.99 -67.32 47.09
CA GLY D 405 -19.55 -66.06 46.54
C GLY D 405 -18.38 -65.42 47.26
N LYS D 406 -17.58 -64.68 46.51
CA LYS D 406 -16.41 -64.01 47.05
C LYS D 406 -16.73 -63.10 48.24
N VAL D 407 -16.42 -63.61 49.43
CA VAL D 407 -16.65 -62.87 50.67
C VAL D 407 -17.87 -61.96 50.63
N ASP D 408 -17.65 -60.65 50.61
CA ASP D 408 -18.73 -59.69 50.61
C ASP D 408 -19.63 -59.63 49.37
N GLN D 409 -20.08 -60.79 48.89
CA GLN D 409 -20.96 -60.82 47.74
C GLN D 409 -22.41 -61.06 48.13
N GLY D 410 -22.80 -62.31 48.16
CA GLY D 410 -24.16 -62.65 48.52
C GLY D 410 -24.30 -62.96 50.00
N GLY D 411 -25.54 -63.08 50.44
CA GLY D 411 -25.81 -63.38 51.84
C GLY D 411 -26.18 -64.84 52.02
N GLY D 412 -26.12 -65.31 53.26
CA GLY D 412 -26.46 -66.69 53.54
C GLY D 412 -27.15 -66.88 54.88
N GLY D 413 -27.66 -68.10 55.10
CA GLY D 413 -28.35 -68.41 56.34
C GLY D 413 -29.11 -69.71 56.24
N THR D 414 -28.51 -70.79 56.73
CA THR D 414 -29.14 -72.10 56.69
C THR D 414 -29.79 -72.42 58.04
N ILE D 415 -30.70 -73.39 58.03
CA ILE D 415 -31.40 -73.78 59.25
C ILE D 415 -30.54 -74.70 60.11
N ALA D 416 -29.24 -74.68 59.86
CA ALA D 416 -28.30 -75.52 60.58
C ALA D 416 -28.12 -75.10 62.03
N TYR D 417 -28.10 -73.77 62.27
CA TYR D 417 -27.90 -73.26 63.62
C TYR D 417 -29.12 -73.48 64.51
N ILE D 418 -30.27 -73.63 63.87
CA ILE D 418 -31.51 -73.82 64.61
C ILE D 418 -31.50 -75.06 65.51
N LEU D 419 -30.88 -76.13 65.06
CA LEU D 419 -30.81 -77.35 65.87
C LEU D 419 -29.52 -77.44 66.67
N ALA D 420 -28.49 -76.75 66.21
CA ALA D 420 -27.23 -76.75 66.91
C ALA D 420 -27.45 -76.06 68.25
N GLU D 421 -28.56 -75.35 68.39
CA GLU D 421 -28.88 -74.63 69.61
C GLU D 421 -28.93 -75.59 70.79
N TYR D 422 -29.03 -76.88 70.50
CA TYR D 422 -29.07 -77.89 71.55
C TYR D 422 -27.65 -78.29 71.96
N GLY D 423 -26.70 -78.12 71.05
CA GLY D 423 -25.32 -78.46 71.34
C GLY D 423 -24.81 -79.51 70.37
N MET D 424 -25.65 -79.90 69.42
CA MET D 424 -25.31 -80.89 68.39
C MET D 424 -24.06 -80.50 67.60
N GLN D 425 -23.58 -81.44 66.80
CA GLN D 425 -22.43 -81.23 65.95
C GLN D 425 -23.00 -81.17 64.56
N VAL D 426 -23.27 -79.96 64.08
CA VAL D 426 -23.84 -79.77 62.77
C VAL D 426 -22.85 -79.24 61.75
N ILE D 427 -23.19 -79.43 60.49
CA ILE D 427 -22.36 -78.95 59.39
C ILE D 427 -23.26 -78.88 58.14
N ASP D 428 -22.99 -77.95 57.25
CA ASP D 428 -23.79 -77.80 56.05
C ASP D 428 -23.35 -78.67 54.88
N CYS D 429 -24.30 -79.43 54.36
CA CYS D 429 -24.04 -80.30 53.23
C CYS D 429 -25.00 -79.99 52.11
N GLY D 430 -24.95 -80.80 51.06
CA GLY D 430 -25.86 -80.58 49.96
C GLY D 430 -25.18 -80.68 48.62
N VAL D 431 -26.01 -80.68 47.59
CA VAL D 431 -25.53 -80.77 46.23
C VAL D 431 -25.32 -79.36 45.66
N ALA D 432 -24.54 -79.27 44.60
CA ALA D 432 -24.29 -77.99 43.95
C ALA D 432 -25.28 -77.79 42.80
N LEU D 433 -25.99 -76.66 42.81
CA LEU D 433 -26.94 -76.38 41.74
C LEU D 433 -26.50 -75.25 40.80
N LEU D 434 -27.28 -75.11 39.72
CA LEU D 434 -27.05 -74.08 38.73
C LEU D 434 -28.31 -73.24 38.75
N ASN D 435 -28.16 -71.92 38.73
CA ASN D 435 -29.29 -70.98 38.80
C ASN D 435 -30.36 -71.38 39.80
N HIS D 437 -33.22 -71.03 42.86
CA HIS D 437 -34.48 -70.31 42.95
C HIS D 437 -35.05 -69.89 41.61
N ALA D 438 -34.63 -70.59 40.56
CA ALA D 438 -35.14 -70.28 39.25
C ALA D 438 -36.21 -71.33 38.97
N PRO D 439 -37.14 -71.03 38.07
CA PRO D 439 -38.21 -71.99 37.75
C PRO D 439 -37.63 -73.33 37.31
N TRP D 440 -36.42 -73.30 36.73
CA TRP D 440 -35.76 -74.52 36.30
C TRP D 440 -34.33 -74.52 36.79
N GLU D 441 -34.03 -75.45 37.70
CA GLU D 441 -32.69 -75.58 38.26
C GLU D 441 -31.97 -76.78 37.66
N ILE D 442 -30.64 -76.77 37.72
CA ILE D 442 -29.83 -77.85 37.16
C ILE D 442 -28.95 -78.54 38.20
N SER D 443 -28.77 -79.85 38.06
CA SER D 443 -27.95 -80.60 38.99
C SER D 443 -27.20 -81.73 38.30
N SER D 444 -26.10 -82.16 38.93
CA SER D 444 -25.29 -83.24 38.39
C SER D 444 -25.65 -84.59 38.98
N LYS D 445 -26.08 -85.51 38.12
CA LYS D 445 -26.46 -86.83 38.58
C LYS D 445 -25.36 -87.44 39.43
N ALA D 446 -24.12 -87.27 38.98
CA ALA D 446 -23.00 -87.77 39.74
C ALA D 446 -23.05 -87.20 41.16
N ASP D 447 -23.28 -85.89 41.28
CA ASP D 447 -23.34 -85.28 42.62
C ASP D 447 -24.52 -85.85 43.40
N ILE D 448 -25.70 -85.91 42.77
CA ILE D 448 -26.86 -86.46 43.43
C ILE D 448 -26.44 -87.78 44.09
N TYR D 449 -25.97 -88.69 43.25
CA TYR D 449 -25.50 -90.01 43.69
C TYR D 449 -24.51 -89.89 44.84
N GLU D 450 -23.37 -89.27 44.55
CA GLU D 450 -22.34 -89.09 45.56
C GLU D 450 -22.93 -88.62 46.91
N THR D 451 -23.77 -87.60 46.85
CA THR D 451 -24.39 -87.06 48.06
C THR D 451 -25.11 -88.13 48.85
N LYS D 452 -25.95 -88.90 48.18
CA LYS D 452 -26.68 -89.97 48.85
C LYS D 452 -25.70 -90.87 49.57
N ASN D 453 -24.70 -91.36 48.84
CA ASN D 453 -23.71 -92.24 49.46
C ASN D 453 -23.07 -91.54 50.66
N GLY D 454 -22.85 -90.23 50.54
CA GLY D 454 -22.28 -89.48 51.65
C GLY D 454 -23.18 -89.58 52.86
N TYR D 455 -24.49 -89.47 52.63
CA TYR D 455 -25.45 -89.55 53.71
C TYR D 455 -25.42 -90.95 54.28
N SER D 456 -25.70 -91.93 53.42
CA SER D 456 -25.71 -93.32 53.84
C SER D 456 -24.43 -93.66 54.62
N ALA D 457 -23.29 -93.15 54.17
CA ALA D 457 -22.03 -93.43 54.83
C ALA D 457 -21.92 -92.64 56.11
N PHE D 458 -23.07 -92.30 56.69
CA PHE D 458 -23.14 -91.53 57.93
C PHE D 458 -24.00 -92.34 58.90
N LEU D 459 -24.20 -93.62 58.56
CA LEU D 459 -24.99 -94.55 59.36
C LEU D 459 -24.18 -95.09 60.53
N ASN D 460 -22.99 -95.63 60.24
CA ASN D 460 -22.13 -96.18 61.28
C ASN D 460 -20.95 -95.26 61.54
N ASN D 461 -20.81 -94.91 62.83
CA ASN D 461 -19.75 -94.03 63.36
C ASN D 461 -19.65 -92.64 62.68
N LEU E 1 -13.55 -84.28 14.36
CA LEU E 1 -13.16 -83.91 15.76
C LEU E 1 -12.67 -82.47 15.87
N LEU E 2 -12.12 -82.14 17.04
CA LEU E 2 -11.60 -80.82 17.30
C LEU E 2 -10.89 -80.31 16.06
N LYS E 3 -11.06 -79.02 15.76
CA LYS E 3 -10.45 -78.42 14.58
C LYS E 3 -9.84 -77.05 14.83
N GLU E 4 -8.51 -77.00 14.89
CA GLU E 4 -7.76 -75.76 15.10
C GLU E 4 -7.68 -75.03 13.75
N TYR E 5 -7.56 -73.71 13.75
CA TYR E 5 -7.51 -72.99 12.48
C TYR E 5 -6.13 -72.63 11.94
N LYS E 6 -5.26 -73.63 11.87
CA LYS E 6 -3.92 -73.50 11.33
C LYS E 6 -3.31 -72.10 11.36
N ASN E 7 -2.72 -71.73 10.22
CA ASN E 7 -2.03 -70.46 10.00
C ASN E 7 -1.66 -70.47 8.52
N ALA E 8 -1.55 -69.32 7.86
CA ALA E 8 -1.22 -69.33 6.44
C ALA E 8 0.23 -69.67 6.15
N TRP E 9 1.16 -69.05 6.86
CA TRP E 9 2.59 -69.32 6.65
C TRP E 9 2.85 -70.75 7.05
N ASP E 10 4.11 -71.16 7.07
CA ASP E 10 4.47 -72.56 7.39
C ASP E 10 4.05 -73.38 6.18
N LYS E 11 2.74 -73.58 6.08
CA LYS E 11 2.14 -74.29 4.98
C LYS E 11 2.75 -73.75 3.69
N TYR E 12 2.87 -72.42 3.61
CA TYR E 12 3.45 -71.77 2.43
C TYR E 12 4.86 -72.26 2.18
N ASP E 13 5.83 -71.48 2.64
CA ASP E 13 7.23 -71.80 2.46
C ASP E 13 7.35 -72.24 1.01
N ASP E 14 7.72 -73.51 0.82
CA ASP E 14 7.85 -74.05 -0.52
C ASP E 14 8.91 -73.25 -1.28
N LYS E 15 9.37 -72.14 -0.70
CA LYS E 15 10.37 -71.27 -1.31
C LYS E 15 9.74 -70.60 -2.53
N GLN E 16 8.74 -71.27 -3.08
CA GLN E 16 8.04 -70.77 -4.26
C GLN E 16 6.86 -69.97 -3.76
N LEU E 17 5.89 -70.68 -3.21
CA LEU E 17 4.68 -70.07 -2.67
C LEU E 17 5.00 -68.69 -2.08
N LYS E 18 5.96 -68.64 -1.15
CA LYS E 18 6.35 -67.37 -0.53
C LYS E 18 6.66 -66.34 -1.60
N GLU E 19 7.74 -66.56 -2.33
CA GLU E 19 8.17 -65.66 -3.39
C GLU E 19 6.99 -65.30 -4.27
N VAL E 20 6.13 -66.28 -4.53
CA VAL E 20 4.96 -66.10 -5.38
C VAL E 20 3.95 -65.10 -4.81
N PHE E 21 4.28 -64.47 -3.69
CA PHE E 21 3.37 -63.49 -3.14
C PHE E 21 4.04 -62.47 -2.25
N ALA E 22 5.03 -62.91 -1.46
CA ALA E 22 5.77 -62.01 -0.58
C ALA E 22 6.11 -60.78 -1.41
N LEU E 23 6.47 -61.03 -2.66
CA LEU E 23 6.78 -59.97 -3.59
C LEU E 23 5.68 -60.08 -4.64
N GLY E 24 5.03 -61.25 -4.67
CA GLY E 24 3.97 -61.49 -5.62
C GLY E 24 2.91 -60.41 -5.58
N ASP E 25 1.91 -60.59 -4.73
CA ASP E 25 0.84 -59.62 -4.60
C ASP E 25 1.36 -58.32 -3.98
N ARG E 26 2.22 -58.46 -2.98
CA ARG E 26 2.80 -57.29 -2.35
C ARG E 26 3.71 -56.68 -3.39
N PHE E 27 3.12 -55.96 -4.32
CA PHE E 27 3.85 -55.32 -5.40
C PHE E 27 2.69 -54.89 -6.26
N LYS E 28 1.96 -55.87 -6.77
CA LYS E 28 0.80 -55.55 -7.58
C LYS E 28 -0.16 -54.73 -6.69
N ASN E 29 -0.75 -55.38 -5.69
CA ASN E 29 -1.67 -54.70 -4.77
C ASN E 29 -0.88 -53.58 -4.15
N PHE E 30 0.19 -53.96 -3.47
CA PHE E 30 1.05 -53.00 -2.82
C PHE E 30 1.17 -51.69 -3.59
N ILE E 31 1.10 -51.74 -4.92
CA ILE E 31 1.23 -50.54 -5.75
C ILE E 31 -0.12 -50.02 -6.23
N SER E 32 -1.09 -50.91 -6.34
CA SER E 32 -2.41 -50.51 -6.80
C SER E 32 -2.99 -49.40 -5.93
N ASN E 33 -3.07 -49.63 -4.62
CA ASN E 33 -3.62 -48.65 -3.74
C ASN E 33 -2.63 -47.51 -3.47
N CYS E 34 -1.86 -47.14 -4.47
CA CYS E 34 -0.89 -46.06 -4.33
C CYS E 34 -1.08 -45.11 -5.49
N LYS E 35 -1.31 -45.68 -6.66
CA LYS E 35 -1.51 -44.93 -7.87
C LYS E 35 -3.01 -44.84 -8.15
N THR E 36 -3.82 -45.23 -7.18
CA THR E 36 -5.26 -45.21 -7.31
C THR E 36 -5.87 -45.14 -5.92
N GLU E 37 -6.36 -43.96 -5.53
CA GLU E 37 -6.93 -43.78 -4.20
C GLU E 37 -8.33 -43.17 -4.26
N ARG E 38 -8.77 -42.80 -5.45
CA ARG E 38 -10.08 -42.20 -5.63
C ARG E 38 -10.82 -42.91 -6.74
N GLU E 39 -11.65 -43.90 -6.40
CA GLU E 39 -12.45 -44.68 -7.36
C GLU E 39 -12.07 -44.58 -8.85
N CYS E 40 -10.81 -44.28 -9.13
CA CYS E 40 -10.32 -44.19 -10.51
C CYS E 40 -9.68 -45.52 -10.73
N VAL E 41 -9.96 -46.42 -9.80
CA VAL E 41 -9.46 -47.78 -9.84
C VAL E 41 -9.93 -48.26 -11.23
N THR E 42 -11.10 -47.78 -11.65
CA THR E 42 -11.66 -48.13 -12.92
C THR E 42 -10.64 -47.88 -14.01
N GLU E 43 -10.14 -46.66 -14.10
CA GLU E 43 -9.15 -46.31 -15.12
C GLU E 43 -7.95 -47.26 -15.13
N LEU E 44 -7.16 -47.22 -14.07
CA LEU E 44 -5.98 -48.07 -13.99
C LEU E 44 -6.34 -49.54 -14.22
N ILE E 45 -7.49 -49.99 -13.72
CA ILE E 45 -7.88 -51.38 -13.93
C ILE E 45 -8.34 -51.61 -15.36
N LYS E 46 -9.08 -50.67 -15.90
CA LYS E 46 -9.56 -50.81 -17.27
C LYS E 46 -8.37 -50.79 -18.22
N THR E 47 -7.33 -50.03 -17.87
CA THR E 47 -6.13 -49.99 -18.69
C THR E 47 -5.56 -51.39 -18.68
N ALA E 48 -5.56 -52.04 -17.51
CA ALA E 48 -5.08 -53.41 -17.44
C ALA E 48 -6.21 -54.14 -18.15
N GLU E 49 -6.22 -55.47 -18.13
CA GLU E 49 -7.28 -56.21 -18.83
C GLU E 49 -7.24 -55.81 -20.30
N LYS E 50 -6.13 -55.19 -20.71
CA LYS E 50 -5.95 -54.79 -22.10
C LYS E 50 -5.78 -56.08 -22.87
N SER E 51 -5.55 -57.17 -22.12
CA SER E 51 -5.39 -58.48 -22.70
C SER E 51 -6.77 -59.05 -23.00
N GLY E 52 -7.55 -58.29 -23.77
CA GLY E 52 -8.89 -58.69 -24.16
C GLY E 52 -9.87 -57.70 -23.58
N TYR E 53 -11.15 -58.08 -23.51
CA TYR E 53 -12.18 -57.21 -22.95
C TYR E 53 -12.41 -55.95 -23.77
N ARG E 54 -13.66 -55.49 -23.81
CA ARG E 54 -13.98 -54.28 -24.55
C ARG E 54 -15.45 -53.90 -24.38
N ASN E 55 -16.33 -54.65 -25.06
CA ASN E 55 -17.78 -54.41 -25.03
C ASN E 55 -18.09 -52.93 -25.15
N ILE E 56 -18.15 -52.30 -23.98
CA ILE E 56 -18.43 -50.89 -23.81
C ILE E 56 -19.24 -50.30 -24.99
N GLU E 57 -18.56 -49.97 -26.08
CA GLU E 57 -19.19 -49.39 -27.24
C GLU E 57 -19.26 -50.40 -28.40
N ASP E 58 -18.22 -51.21 -28.51
CA ASP E 58 -18.10 -52.21 -29.56
C ASP E 58 -19.10 -53.35 -29.46
N ILE E 59 -20.37 -53.00 -29.65
CA ILE E 59 -21.44 -53.97 -29.61
C ILE E 59 -21.99 -54.12 -31.03
N LEU E 60 -21.58 -55.20 -31.70
CA LEU E 60 -22.01 -55.51 -33.08
C LEU E 60 -22.47 -56.96 -33.22
N ALA E 61 -22.65 -57.64 -32.08
CA ALA E 61 -23.06 -59.05 -32.03
C ALA E 61 -21.90 -59.92 -32.48
N LYS E 62 -21.39 -59.61 -33.66
CA LYS E 62 -20.27 -60.33 -34.26
C LYS E 62 -19.03 -59.44 -34.21
N GLY E 63 -19.17 -58.26 -33.61
CA GLY E 63 -18.04 -57.35 -33.50
C GLY E 63 -16.89 -58.06 -32.83
N GLU E 64 -17.24 -59.00 -31.97
CA GLU E 64 -16.28 -59.83 -31.23
C GLU E 64 -16.89 -61.24 -31.17
N THR E 65 -18.01 -61.42 -31.88
CA THR E 65 -18.75 -62.68 -31.94
C THR E 65 -18.91 -63.28 -30.54
N LEU E 66 -19.81 -62.69 -29.76
CA LEU E 66 -20.06 -63.13 -28.39
C LEU E 66 -20.28 -64.65 -28.29
N LYS E 67 -19.25 -65.36 -27.86
CA LYS E 67 -19.32 -66.82 -27.71
C LYS E 67 -18.16 -67.32 -26.86
N GLU E 68 -17.97 -68.63 -26.84
CA GLU E 68 -16.91 -69.26 -26.06
C GLU E 68 -15.63 -68.43 -25.99
N GLY E 69 -15.00 -68.43 -24.81
CA GLY E 69 -13.75 -67.71 -24.61
C GLY E 69 -13.72 -66.20 -24.77
N ASP E 70 -14.88 -65.57 -24.88
CA ASP E 70 -14.92 -64.12 -25.02
C ASP E 70 -14.88 -63.42 -23.66
N LYS E 71 -14.28 -62.24 -23.65
CA LYS E 71 -14.14 -61.43 -22.44
C LYS E 71 -14.41 -59.94 -22.72
N VAL E 72 -15.34 -59.36 -21.97
CA VAL E 72 -15.69 -57.96 -22.17
C VAL E 72 -15.93 -57.20 -20.87
N TYR E 73 -15.88 -55.88 -20.93
CA TYR E 73 -16.11 -55.08 -19.74
C TYR E 73 -17.11 -53.97 -20.03
N ALA E 74 -17.70 -53.44 -18.97
CA ALA E 74 -18.69 -52.38 -19.11
C ALA E 74 -18.37 -51.29 -18.09
N ASN E 75 -18.21 -50.07 -18.59
CA ASN E 75 -17.91 -48.96 -17.71
C ASN E 75 -19.16 -48.21 -17.32
N ASN E 76 -19.31 -47.91 -16.04
CA ASN E 76 -20.48 -47.17 -15.56
C ASN E 76 -20.06 -45.75 -15.18
N ARG E 77 -20.18 -44.85 -16.15
CA ARG E 77 -19.81 -43.46 -15.99
C ARG E 77 -18.50 -43.28 -15.22
N GLY E 78 -17.58 -44.22 -15.44
CA GLY E 78 -16.27 -44.16 -14.81
C GLY E 78 -16.21 -44.48 -13.34
N LYS E 79 -17.36 -44.54 -12.69
CA LYS E 79 -17.42 -44.81 -11.26
C LYS E 79 -17.53 -46.31 -10.97
N GLY E 80 -17.98 -47.08 -11.96
CA GLY E 80 -18.11 -48.51 -11.76
C GLY E 80 -17.59 -49.35 -12.91
N LEU E 81 -17.31 -50.62 -12.61
CA LEU E 81 -16.80 -51.55 -13.60
C LEU E 81 -17.24 -52.99 -13.40
N ILE E 82 -17.56 -53.65 -14.51
CA ILE E 82 -18.00 -55.03 -14.46
C ILE E 82 -17.40 -55.80 -15.62
N MET E 83 -16.78 -56.94 -15.31
CA MET E 83 -16.11 -57.76 -16.34
C MET E 83 -16.76 -59.13 -16.53
N PHE E 84 -16.81 -59.58 -17.78
CA PHE E 84 -17.39 -60.88 -18.12
C PHE E 84 -16.35 -61.83 -18.72
N LEU E 85 -16.71 -63.11 -18.77
CA LEU E 85 -15.85 -64.13 -19.31
C LEU E 85 -16.74 -65.30 -19.68
N ILE E 86 -17.14 -65.38 -20.95
CA ILE E 86 -18.01 -66.45 -21.40
C ILE E 86 -17.38 -67.84 -21.29
N GLY E 87 -18.22 -68.81 -20.93
CA GLY E 87 -17.75 -70.18 -20.80
C GLY E 87 -18.53 -71.14 -21.68
N LYS E 88 -18.15 -72.41 -21.65
CA LYS E 88 -18.80 -73.45 -22.44
C LYS E 88 -20.33 -73.41 -22.32
N GLU E 89 -20.83 -73.74 -21.14
CA GLU E 89 -22.26 -73.75 -20.88
C GLU E 89 -22.88 -72.40 -21.24
N PRO E 90 -24.21 -72.39 -21.47
CA PRO E 90 -24.96 -71.17 -21.81
C PRO E 90 -25.23 -70.30 -20.58
N LEU E 91 -25.43 -69.01 -20.80
CA LEU E 91 -25.70 -68.10 -19.70
C LEU E 91 -26.88 -68.57 -18.88
N TYR E 92 -27.95 -68.97 -19.57
CA TYR E 92 -29.17 -69.46 -18.92
C TYR E 92 -28.84 -70.44 -17.79
N THR E 93 -27.67 -71.08 -17.84
CA THR E 93 -27.25 -72.02 -16.80
C THR E 93 -27.06 -71.34 -15.46
N GLY E 94 -26.16 -70.37 -15.43
CA GLY E 94 -25.88 -69.65 -14.20
C GLY E 94 -24.66 -68.77 -14.35
N PHE E 95 -24.16 -68.24 -13.25
CA PHE E 95 -22.98 -67.40 -13.28
C PHE E 95 -22.09 -67.66 -12.09
N LYS E 96 -20.87 -67.14 -12.16
CA LYS E 96 -19.92 -67.26 -11.08
C LYS E 96 -19.47 -65.83 -10.84
N ILE E 97 -20.19 -65.11 -9.98
CA ILE E 97 -19.89 -63.72 -9.70
C ILE E 97 -18.95 -63.43 -8.54
N LEU E 98 -18.14 -62.38 -8.70
CA LEU E 98 -17.23 -61.91 -7.66
C LEU E 98 -17.53 -60.43 -7.52
N GLY E 99 -17.91 -60.00 -6.33
CA GLY E 99 -18.23 -58.59 -6.13
C GLY E 99 -17.41 -57.87 -5.07
N ALA E 100 -17.29 -56.56 -5.23
CA ALA E 100 -16.55 -55.74 -4.29
C ALA E 100 -16.74 -54.26 -4.59
N HIS E 101 -16.68 -53.42 -3.55
CA HIS E 101 -16.83 -51.98 -3.73
C HIS E 101 -15.45 -51.36 -3.80
N ILE E 102 -15.28 -50.39 -4.68
CA ILE E 102 -13.97 -49.76 -4.83
C ILE E 102 -13.84 -48.43 -4.11
N ASP E 103 -14.94 -47.91 -3.57
CA ASP E 103 -14.92 -46.64 -2.84
C ASP E 103 -14.42 -46.84 -1.41
N SER E 104 -13.94 -45.75 -0.80
CA SER E 104 -13.43 -45.79 0.57
C SER E 104 -13.62 -44.47 1.28
N PRO E 105 -13.86 -44.52 2.59
CA PRO E 105 -14.07 -43.30 3.40
C PRO E 105 -12.95 -42.28 3.21
N ARG E 106 -13.34 -41.01 3.16
CA ARG E 106 -12.40 -39.93 2.97
C ARG E 106 -13.08 -38.57 3.12
N LEU E 107 -12.29 -37.51 3.06
CA LEU E 107 -12.82 -36.15 3.16
C LEU E 107 -12.96 -35.63 1.74
N ASP E 108 -13.81 -34.64 1.54
CA ASP E 108 -13.96 -34.08 0.20
C ASP E 108 -14.66 -32.72 0.13
N LEU E 109 -13.95 -31.77 -0.46
CA LEU E 109 -14.38 -30.38 -0.62
C LEU E 109 -15.86 -30.15 -0.91
N LYS E 110 -16.44 -29.15 -0.28
CA LYS E 110 -17.86 -28.81 -0.49
C LYS E 110 -18.06 -28.18 -1.88
N GLN E 111 -19.25 -27.64 -2.11
CA GLN E 111 -19.58 -27.00 -3.38
C GLN E 111 -18.84 -25.66 -3.49
N ASN E 112 -18.57 -25.03 -2.35
CA ASN E 112 -17.87 -23.75 -2.32
C ASN E 112 -16.80 -23.85 -1.23
N PRO E 113 -15.84 -24.75 -1.40
CA PRO E 113 -14.75 -25.00 -0.46
C PRO E 113 -13.76 -23.88 -0.18
N LEU E 114 -13.42 -23.09 -1.20
CA LEU E 114 -12.46 -22.02 -1.00
C LEU E 114 -13.00 -20.82 -0.27
N TYR E 115 -12.36 -20.50 0.85
CA TYR E 115 -12.74 -19.34 1.67
C TYR E 115 -11.50 -18.91 2.45
N GLU E 116 -11.50 -17.68 2.94
CA GLU E 116 -10.37 -17.15 3.66
C GLU E 116 -10.73 -16.64 5.05
N ASP E 117 -10.15 -17.25 6.08
CA ASP E 117 -10.43 -16.83 7.45
C ASP E 117 -9.17 -16.45 8.20
N THR E 118 -9.10 -15.19 8.62
CA THR E 118 -7.93 -14.68 9.35
C THR E 118 -6.67 -14.93 8.54
N ASP E 119 -6.40 -14.04 7.59
CA ASP E 119 -5.23 -14.16 6.76
C ASP E 119 -5.28 -15.41 5.90
N LEU E 120 -4.65 -16.49 6.35
CA LEU E 120 -4.66 -17.74 5.57
C LEU E 120 -6.02 -18.17 5.01
N ALA E 121 -5.99 -18.98 3.96
CA ALA E 121 -7.20 -19.46 3.31
C ALA E 121 -7.41 -20.97 3.39
N MET E 122 -8.54 -21.37 3.97
CA MET E 122 -8.88 -22.79 4.09
C MET E 122 -9.71 -23.32 2.93
N LEU E 123 -10.19 -24.55 3.12
CA LEU E 123 -10.99 -25.27 2.14
C LEU E 123 -12.04 -26.13 2.84
N GLU E 124 -13.31 -25.76 2.74
CA GLU E 124 -14.39 -26.53 3.39
C GLU E 124 -14.41 -27.98 2.92
N THR E 125 -14.77 -28.89 3.82
CA THR E 125 -14.83 -30.30 3.52
C THR E 125 -16.09 -30.91 4.06
N HIS E 126 -16.23 -32.21 3.91
CA HIS E 126 -17.43 -32.90 4.40
C HIS E 126 -17.14 -34.39 4.28
N TYR E 127 -16.66 -34.99 5.36
CA TYR E 127 -16.30 -36.40 5.31
C TYR E 127 -17.35 -37.30 4.69
N TYR E 128 -16.89 -38.37 4.04
CA TYR E 128 -17.73 -39.32 3.37
C TYR E 128 -17.40 -40.75 3.80
N GLY E 129 -18.44 -41.56 4.00
CA GLY E 129 -18.23 -42.96 4.37
C GLY E 129 -18.29 -43.25 5.83
N GLY E 130 -18.17 -42.23 6.67
CA GLY E 130 -18.22 -42.45 8.10
C GLY E 130 -16.87 -42.88 8.66
N ILE E 131 -15.94 -41.93 8.67
CA ILE E 131 -14.63 -42.18 9.21
C ILE E 131 -14.77 -42.06 10.70
N LYS E 132 -15.97 -41.64 11.11
CA LYS E 132 -16.35 -41.44 12.53
C LYS E 132 -15.23 -40.97 13.44
N LYS E 133 -14.13 -41.71 13.42
CA LYS E 133 -12.97 -41.35 14.20
C LYS E 133 -12.31 -40.24 13.38
N TYR E 134 -12.63 -39.00 13.73
CA TYR E 134 -12.07 -37.89 13.01
C TYR E 134 -10.60 -37.66 13.33
N GLN E 135 -9.87 -38.72 13.67
CA GLN E 135 -8.44 -38.59 13.95
C GLN E 135 -7.77 -38.66 12.56
N TRP E 136 -8.21 -37.75 11.70
CA TRP E 136 -7.75 -37.58 10.34
C TRP E 136 -7.03 -36.25 10.25
N VAL E 137 -6.73 -35.69 11.41
CA VAL E 137 -6.08 -34.40 11.45
C VAL E 137 -4.57 -34.45 11.11
N THR E 138 -3.77 -33.90 12.00
CA THR E 138 -2.33 -33.85 11.86
C THR E 138 -1.63 -34.50 10.65
N LEU E 139 -1.86 -35.77 10.38
CA LEU E 139 -1.18 -36.41 9.26
C LEU E 139 -1.40 -35.73 7.89
N PRO E 140 -0.37 -35.79 7.01
CA PRO E 140 -0.33 -35.21 5.65
C PRO E 140 -1.36 -35.74 4.65
N LEU E 141 -2.03 -34.82 3.96
CA LEU E 141 -3.06 -35.17 2.98
C LEU E 141 -2.71 -34.76 1.56
N ALA E 142 -3.33 -35.46 0.59
CA ALA E 142 -3.13 -35.18 -0.83
C ALA E 142 -4.50 -34.96 -1.49
N ILE E 143 -4.54 -34.17 -2.56
CA ILE E 143 -5.81 -33.92 -3.24
C ILE E 143 -5.92 -34.69 -4.55
N HIS E 144 -7.06 -35.33 -4.74
CA HIS E 144 -7.32 -36.07 -5.97
C HIS E 144 -8.65 -35.59 -6.56
N GLY E 145 -9.24 -36.37 -7.45
CA GLY E 145 -10.52 -35.99 -8.01
C GLY E 145 -10.39 -35.32 -9.36
N VAL E 146 -11.48 -34.66 -9.76
CA VAL E 146 -11.55 -34.00 -11.06
C VAL E 146 -12.46 -32.76 -11.02
N ILE E 147 -12.17 -31.78 -11.86
CA ILE E 147 -12.99 -30.57 -11.93
C ILE E 147 -13.54 -30.45 -13.34
N VAL E 148 -14.81 -30.10 -13.46
CA VAL E 148 -15.43 -29.97 -14.78
C VAL E 148 -15.76 -28.52 -15.17
N LYS E 149 -15.13 -28.05 -16.23
CA LYS E 149 -15.35 -26.69 -16.74
C LYS E 149 -16.80 -26.58 -17.20
N LYS E 150 -17.31 -25.37 -17.29
CA LYS E 150 -18.69 -25.18 -17.73
C LYS E 150 -18.86 -25.77 -19.13
N ASP E 151 -17.81 -25.70 -19.94
CA ASP E 151 -17.84 -26.20 -21.31
C ASP E 151 -17.81 -27.72 -21.38
N GLY E 152 -17.48 -28.35 -20.25
CA GLY E 152 -17.42 -29.80 -20.21
C GLY E 152 -16.02 -30.41 -20.18
N THR E 153 -15.00 -29.56 -20.19
CA THR E 153 -13.62 -30.03 -20.16
C THR E 153 -13.31 -30.65 -18.81
N ILE E 154 -12.86 -31.90 -18.82
CA ILE E 154 -12.53 -32.57 -17.57
C ILE E 154 -11.06 -32.41 -17.24
N VAL E 155 -10.78 -31.75 -16.12
CA VAL E 155 -9.39 -31.54 -15.72
C VAL E 155 -9.08 -32.47 -14.55
N ASN E 156 -7.92 -33.12 -14.58
CA ASN E 156 -7.57 -34.05 -13.51
C ASN E 156 -6.67 -33.39 -12.47
N VAL E 157 -6.98 -33.61 -11.20
CA VAL E 157 -6.20 -33.03 -10.12
C VAL E 157 -5.58 -34.14 -9.27
N CYS E 158 -4.30 -33.99 -8.95
CA CYS E 158 -3.59 -34.96 -8.14
C CYS E 158 -2.37 -34.26 -7.53
N VAL E 159 -2.60 -33.63 -6.38
CA VAL E 159 -1.55 -32.90 -5.68
C VAL E 159 -1.19 -33.55 -4.35
N GLY E 160 0.11 -33.65 -4.10
CA GLY E 160 0.56 -34.24 -2.85
C GLY E 160 1.10 -35.67 -2.94
N GLU E 161 1.12 -36.25 -4.15
CA GLU E 161 1.60 -37.61 -4.29
C GLU E 161 3.07 -37.67 -4.60
N ASP E 162 3.53 -36.88 -5.58
CA ASP E 162 4.96 -36.86 -5.94
C ASP E 162 5.78 -36.29 -4.80
N ASP E 163 6.99 -36.80 -4.62
CA ASP E 163 7.85 -36.31 -3.55
C ASP E 163 8.16 -34.82 -3.67
N ASN E 164 7.73 -34.20 -4.76
CA ASN E 164 7.98 -32.76 -4.94
C ASN E 164 6.71 -31.92 -4.88
N ASP E 165 5.57 -32.58 -4.73
CA ASP E 165 4.30 -31.85 -4.65
C ASP E 165 4.07 -31.40 -3.22
N PRO E 166 3.38 -30.26 -3.04
CA PRO E 166 3.13 -29.78 -1.69
C PRO E 166 2.07 -30.69 -1.10
N VAL E 167 1.85 -30.60 0.20
CA VAL E 167 0.84 -31.43 0.86
C VAL E 167 -0.19 -30.55 1.59
N PHE E 168 -1.20 -31.19 2.15
CA PHE E 168 -2.24 -30.48 2.89
C PHE E 168 -2.63 -31.23 4.15
N GLY E 169 -3.45 -30.61 4.98
CA GLY E 169 -3.86 -31.26 6.21
C GLY E 169 -4.80 -30.44 7.07
N VAL E 170 -5.34 -31.09 8.10
CA VAL E 170 -6.27 -30.45 9.03
C VAL E 170 -5.54 -30.16 10.33
N SER E 171 -5.69 -28.95 10.85
CA SER E 171 -5.02 -28.55 12.08
C SER E 171 -5.79 -28.97 13.33
N ASP E 172 -5.11 -28.91 14.47
CA ASP E 172 -5.73 -29.27 15.75
C ASP E 172 -5.00 -28.55 16.87
N ILE E 173 -5.75 -27.90 17.75
CA ILE E 173 -5.16 -27.15 18.87
C ILE E 173 -4.02 -27.88 19.54
N LEU E 174 -3.01 -27.13 19.95
CA LEU E 174 -1.87 -27.72 20.63
C LEU E 174 -2.34 -28.20 22.02
N VAL E 175 -1.70 -29.24 22.54
CA VAL E 175 -2.08 -29.78 23.83
C VAL E 175 -2.03 -28.73 24.94
N HIS E 176 -1.15 -27.75 24.79
CA HIS E 176 -0.99 -26.71 25.78
C HIS E 176 -2.29 -25.96 26.05
N LEU E 177 -3.14 -25.84 25.03
CA LEU E 177 -4.39 -25.14 25.19
C LEU E 177 -5.60 -26.01 24.89
N ALA E 178 -5.36 -27.31 24.75
CA ALA E 178 -6.44 -28.24 24.42
C ALA E 178 -7.21 -28.68 25.66
N SER E 179 -6.88 -28.08 26.79
CA SER E 179 -7.54 -28.39 28.05
C SER E 179 -9.06 -28.39 27.96
N GLU E 180 -9.63 -27.32 27.42
CA GLU E 180 -11.08 -27.19 27.30
C GLU E 180 -11.67 -28.24 26.36
N GLN E 181 -10.81 -28.87 25.56
CA GLN E 181 -11.25 -29.92 24.63
C GLN E 181 -11.07 -31.29 25.29
N LEU E 182 -12.03 -31.67 26.14
CA LEU E 182 -11.99 -32.95 26.85
C LEU E 182 -13.33 -33.69 26.80
N GLU E 183 -14.43 -32.96 26.72
CA GLU E 183 -15.74 -33.57 26.69
C GLU E 183 -15.91 -34.55 25.54
N LYS E 184 -16.42 -35.74 25.86
CA LYS E 184 -16.70 -36.81 24.91
C LYS E 184 -15.71 -37.03 23.77
N LYS E 185 -14.94 -38.10 23.83
CA LYS E 185 -14.00 -38.41 22.76
C LYS E 185 -14.85 -38.62 21.53
N ALA E 186 -16.09 -39.07 21.76
CA ALA E 186 -17.08 -39.34 20.72
C ALA E 186 -16.94 -38.31 19.61
N SER E 187 -16.61 -37.10 20.01
CA SER E 187 -16.44 -36.04 19.04
C SER E 187 -16.17 -34.67 19.63
N LYS E 188 -14.93 -34.23 19.49
CA LYS E 188 -14.51 -32.90 19.94
C LYS E 188 -13.67 -32.33 18.79
N VAL E 189 -13.78 -33.01 17.65
CA VAL E 189 -13.11 -32.65 16.40
C VAL E 189 -14.13 -33.14 15.38
N ILE E 190 -14.94 -32.25 14.82
CA ILE E 190 -15.95 -32.72 13.87
C ILE E 190 -16.39 -31.74 12.76
N GLU E 191 -15.96 -30.48 12.84
CA GLU E 191 -16.37 -29.47 11.85
C GLU E 191 -16.23 -29.92 10.42
N GLY E 192 -16.50 -29.00 9.51
CA GLY E 192 -16.35 -29.30 8.09
C GLY E 192 -15.78 -28.09 7.36
N GLU E 193 -14.98 -27.33 8.08
CA GLU E 193 -14.40 -26.13 7.56
C GLU E 193 -12.97 -26.09 8.02
N ASP E 194 -12.28 -27.19 7.74
CA ASP E 194 -10.89 -27.38 8.12
C ASP E 194 -10.00 -27.46 6.89
N LEU E 195 -8.70 -27.66 7.09
CA LEU E 195 -7.78 -27.78 5.95
C LEU E 195 -7.42 -26.51 5.19
N ASN E 196 -6.30 -25.90 5.58
CA ASN E 196 -5.84 -24.68 4.92
C ASN E 196 -4.90 -25.02 3.77
N ILE E 197 -5.14 -24.37 2.62
CA ILE E 197 -4.34 -24.60 1.43
C ILE E 197 -3.32 -23.54 1.13
N LEU E 198 -3.24 -22.49 1.94
CA LEU E 198 -2.24 -21.47 1.68
C LEU E 198 -2.17 -20.36 2.71
N ILE E 199 -0.95 -20.04 3.11
CA ILE E 199 -0.73 -19.01 4.07
C ILE E 199 -0.23 -17.81 3.30
N GLY E 200 0.14 -16.77 4.05
CA GLY E 200 0.65 -15.54 3.48
C GLY E 200 0.55 -15.43 1.97
N SER E 201 1.71 -15.32 1.33
CA SER E 201 1.77 -15.21 -0.12
C SER E 201 0.50 -14.47 -0.51
N ILE E 202 0.31 -13.33 0.15
CA ILE E 202 -0.82 -12.48 -0.01
C ILE E 202 -0.39 -11.21 -0.70
N PRO E 203 -0.93 -10.93 -1.91
CA PRO E 203 -1.85 -11.80 -2.64
C PRO E 203 -1.40 -11.82 -4.09
N LEU E 204 -2.32 -11.52 -4.99
CA LEU E 204 -2.03 -11.47 -6.43
C LEU E 204 -1.79 -10.01 -6.82
N LYS E 205 -0.57 -9.71 -7.25
CA LYS E 205 -0.16 -8.36 -7.65
C LYS E 205 -0.51 -7.34 -6.57
N ASP E 206 -0.88 -7.85 -5.39
CA ASP E 206 -1.23 -7.02 -4.24
C ASP E 206 -2.20 -5.91 -4.61
N GLY E 207 -3.19 -6.25 -5.42
CA GLY E 207 -4.17 -5.28 -5.85
C GLY E 207 -5.35 -5.14 -4.91
N GLU E 208 -5.07 -4.99 -3.62
CA GLU E 208 -6.11 -4.84 -2.60
C GLU E 208 -7.09 -6.02 -2.58
N GLU E 209 -8.34 -5.73 -2.22
CA GLU E 209 -9.41 -6.72 -2.13
C GLU E 209 -9.26 -7.58 -0.88
N LYS E 210 -9.97 -7.19 0.18
CA LYS E 210 -9.96 -7.88 1.48
C LYS E 210 -9.38 -9.31 1.49
N GLN E 211 -10.07 -10.24 0.82
CA GLN E 211 -9.63 -11.62 0.77
C GLN E 211 -8.39 -11.77 -0.13
N LYS E 212 -7.27 -11.21 0.29
CA LYS E 212 -6.08 -11.28 -0.52
C LYS E 212 -5.50 -12.68 -0.62
N VAL E 213 -5.27 -13.34 0.51
CA VAL E 213 -4.70 -14.70 0.51
C VAL E 213 -5.53 -15.60 -0.37
N LYS E 214 -6.86 -15.46 -0.27
CA LYS E 214 -7.75 -16.26 -1.08
C LYS E 214 -7.53 -15.92 -2.55
N HIS E 215 -7.72 -14.65 -2.87
CA HIS E 215 -7.55 -14.16 -4.25
C HIS E 215 -6.28 -14.71 -4.87
N ASN E 216 -5.20 -14.71 -4.11
CA ASN E 216 -3.93 -15.21 -4.60
C ASN E 216 -3.97 -16.69 -4.99
N ILE E 217 -4.51 -17.51 -4.10
CA ILE E 217 -4.59 -18.94 -4.37
C ILE E 217 -5.47 -19.26 -5.57
N MET E 218 -6.59 -18.55 -5.71
CA MET E 218 -7.48 -18.80 -6.82
C MET E 218 -6.71 -18.53 -8.12
N LYS E 219 -5.90 -17.48 -8.10
CA LYS E 219 -5.08 -17.11 -9.26
C LYS E 219 -4.04 -18.21 -9.51
N ILE E 220 -3.43 -18.69 -8.44
CA ILE E 220 -2.44 -19.75 -8.54
C ILE E 220 -3.10 -21.00 -9.11
N LEU E 221 -4.31 -21.26 -8.61
CA LEU E 221 -5.08 -22.41 -9.03
C LEU E 221 -5.57 -22.17 -10.45
N ASN E 222 -5.54 -20.93 -10.90
CA ASN E 222 -5.98 -20.59 -12.24
C ASN E 222 -4.90 -20.84 -13.26
N GLU E 223 -3.67 -20.50 -12.93
CA GLU E 223 -2.55 -20.74 -13.83
C GLU E 223 -2.51 -22.22 -14.19
N LYS E 224 -2.49 -23.09 -13.20
CA LYS E 224 -2.53 -24.51 -13.49
C LYS E 224 -4.00 -24.72 -13.77
N TYR E 225 -4.34 -25.76 -14.52
CA TYR E 225 -5.75 -25.99 -14.84
C TYR E 225 -6.28 -24.78 -15.58
N ASP E 226 -7.48 -24.35 -15.25
CA ASP E 226 -8.07 -23.19 -15.91
C ASP E 226 -9.44 -22.94 -15.32
N ILE E 227 -9.55 -23.17 -14.02
CA ILE E 227 -10.81 -23.02 -13.32
C ILE E 227 -11.00 -21.63 -12.73
N SER E 228 -12.18 -21.41 -12.18
CA SER E 228 -12.53 -20.16 -11.53
C SER E 228 -13.05 -20.55 -10.16
N GLU E 229 -13.43 -19.59 -9.32
CA GLU E 229 -13.92 -19.96 -8.01
C GLU E 229 -15.13 -20.86 -8.19
N GLU E 230 -15.89 -20.63 -9.26
CA GLU E 230 -17.05 -21.49 -9.55
C GLU E 230 -16.39 -22.78 -10.00
N ASP E 231 -17.05 -23.57 -10.84
CA ASP E 231 -16.40 -24.81 -11.31
C ASP E 231 -16.33 -25.82 -10.16
N PHE E 232 -15.97 -25.34 -8.97
CA PHE E 232 -15.88 -26.21 -7.80
C PHE E 232 -17.26 -26.82 -7.65
N VAL E 233 -18.28 -26.04 -8.01
CA VAL E 233 -19.66 -26.50 -7.93
C VAL E 233 -19.82 -27.79 -8.72
N SER E 234 -19.14 -27.85 -9.87
CA SER E 234 -19.18 -29.03 -10.73
C SER E 234 -17.83 -29.74 -10.67
N ALA E 235 -17.28 -29.82 -9.46
CA ALA E 235 -15.99 -30.47 -9.26
C ALA E 235 -16.14 -31.78 -8.48
N GLU E 236 -15.02 -32.46 -8.27
CA GLU E 236 -15.03 -33.71 -7.55
C GLU E 236 -14.06 -33.79 -6.39
N LEU E 237 -14.55 -33.28 -5.27
CA LEU E 237 -13.85 -33.22 -3.97
C LEU E 237 -13.15 -34.54 -3.65
N GLU E 238 -11.89 -34.49 -3.26
CA GLU E 238 -11.18 -35.72 -2.92
C GLU E 238 -9.92 -35.53 -2.09
N ILE E 239 -10.06 -35.67 -0.77
CA ILE E 239 -8.91 -35.52 0.10
C ILE E 239 -8.55 -36.87 0.66
N VAL E 240 -7.31 -37.26 0.48
CA VAL E 240 -6.84 -38.56 0.93
C VAL E 240 -5.42 -38.48 1.49
N PRO E 241 -5.07 -39.40 2.42
CA PRO E 241 -3.72 -39.35 2.96
C PRO E 241 -2.67 -39.50 1.86
N ALA E 242 -1.57 -38.76 1.95
CA ALA E 242 -0.53 -38.83 0.95
C ALA E 242 0.50 -39.88 1.31
N GLY E 243 1.21 -40.39 0.29
CA GLY E 243 2.22 -41.42 0.52
C GLY E 243 1.84 -42.75 -0.10
N LYS E 244 2.85 -43.52 -0.52
CA LYS E 244 2.62 -44.83 -1.13
C LYS E 244 2.41 -45.81 -0.01
N ALA E 245 1.71 -46.91 -0.30
CA ALA E 245 1.50 -47.95 0.71
C ALA E 245 2.90 -48.50 1.01
N ARG E 246 3.10 -49.10 2.17
CA ARG E 246 4.42 -49.59 2.50
C ARG E 246 4.43 -50.99 3.13
N ASP E 247 5.62 -51.54 3.33
CA ASP E 247 5.77 -52.83 3.96
C ASP E 247 5.60 -52.59 5.44
N TYR E 248 4.71 -53.33 6.08
CA TYR E 248 4.50 -53.13 7.50
C TYR E 248 5.11 -54.26 8.31
N GLY E 249 5.92 -53.91 9.30
CA GLY E 249 6.52 -54.91 10.16
C GLY E 249 7.98 -55.25 9.88
N PHE E 250 8.69 -55.65 10.93
CA PHE E 250 10.10 -56.02 10.79
C PHE E 250 10.32 -57.20 9.86
N ASP E 251 9.28 -58.00 9.68
CA ASP E 251 9.38 -59.15 8.82
C ASP E 251 8.64 -58.95 7.50
N ARG E 252 8.30 -57.70 7.21
CA ARG E 252 7.56 -57.36 5.99
C ARG E 252 6.40 -58.30 5.70
N SER E 253 5.72 -58.77 6.74
CA SER E 253 4.61 -59.69 6.57
C SER E 253 3.29 -59.02 6.29
N MET E 254 3.19 -57.74 6.65
CA MET E 254 1.95 -57.00 6.44
C MET E 254 2.16 -55.80 5.55
N VAL E 255 1.04 -55.16 5.19
CA VAL E 255 1.04 -54.00 4.32
C VAL E 255 0.20 -52.88 4.91
N MET E 256 0.79 -51.69 5.03
CA MET E 256 0.08 -50.54 5.57
C MET E 256 -0.26 -49.58 4.42
N GLY E 257 -1.53 -49.21 4.30
CA GLY E 257 -1.93 -48.31 3.24
C GLY E 257 -3.37 -47.85 3.31
N TYR E 258 -3.68 -46.78 2.57
CA TYR E 258 -5.03 -46.22 2.54
C TYR E 258 -5.88 -46.98 1.54
N GLY E 259 -7.17 -47.06 1.82
CA GLY E 259 -8.05 -47.76 0.90
C GLY E 259 -8.13 -49.28 1.02
N GLN E 260 -7.24 -49.85 1.81
CA GLN E 260 -7.23 -51.29 2.03
C GLN E 260 -8.65 -51.83 2.07
N ASP E 261 -9.57 -51.09 2.70
CA ASP E 261 -10.96 -51.51 2.82
C ASP E 261 -11.58 -51.89 1.51
N ASP E 262 -11.73 -53.20 1.36
CA ASP E 262 -12.32 -53.85 0.19
C ASP E 262 -11.54 -53.63 -1.10
N ARG E 263 -10.84 -52.51 -1.21
CA ARG E 263 -10.09 -52.27 -2.41
C ARG E 263 -9.06 -53.39 -2.55
N ILE E 264 -8.75 -54.03 -1.43
CA ILE E 264 -7.81 -55.15 -1.41
C ILE E 264 -8.54 -56.38 -2.00
N CYS E 265 -9.81 -56.52 -1.66
CA CYS E 265 -10.59 -57.62 -2.19
C CYS E 265 -10.87 -57.36 -3.65
N ALA E 266 -11.16 -56.10 -3.96
CA ALA E 266 -11.45 -55.71 -5.33
C ALA E 266 -10.29 -56.03 -6.22
N TYR E 267 -9.10 -56.04 -5.64
CA TYR E 267 -7.89 -56.33 -6.41
C TYR E 267 -7.65 -57.82 -6.60
N THR E 268 -7.60 -58.56 -5.48
CA THR E 268 -7.40 -59.98 -5.57
C THR E 268 -8.50 -60.58 -6.47
N SER E 269 -9.73 -60.10 -6.31
CA SER E 269 -10.84 -60.59 -7.12
C SER E 269 -10.53 -60.29 -8.57
N PHE E 270 -9.84 -59.19 -8.80
CA PHE E 270 -9.49 -58.79 -10.15
C PHE E 270 -8.51 -59.76 -10.76
N GLU E 271 -7.31 -59.86 -10.17
CA GLU E 271 -6.29 -60.76 -10.68
C GLU E 271 -6.86 -62.14 -10.84
N ALA E 272 -7.56 -62.63 -9.82
CA ALA E 272 -8.16 -63.96 -9.93
C ALA E 272 -8.99 -64.03 -11.21
N MET E 273 -9.94 -63.10 -11.36
CA MET E 273 -10.79 -63.06 -12.54
C MET E 273 -9.99 -62.85 -13.81
N LEU E 274 -8.95 -62.04 -13.73
CA LEU E 274 -8.13 -61.75 -14.89
C LEU E 274 -7.40 -62.97 -15.44
N GLU E 275 -6.56 -63.59 -14.62
CA GLU E 275 -5.81 -64.75 -15.06
C GLU E 275 -6.63 -66.05 -15.05
N MET E 276 -7.93 -65.90 -15.31
CA MET E 276 -8.82 -67.06 -15.34
C MET E 276 -9.11 -67.47 -16.77
N LYS E 277 -8.48 -68.56 -17.19
CA LYS E 277 -8.64 -69.07 -18.54
C LYS E 277 -9.40 -70.40 -18.56
N ASN E 278 -10.04 -70.71 -19.68
CA ASN E 278 -10.81 -71.94 -19.81
C ASN E 278 -11.95 -71.93 -18.80
N ALA E 279 -13.05 -71.29 -19.17
CA ALA E 279 -14.21 -71.19 -18.28
C ALA E 279 -15.30 -72.20 -18.63
N LYS E 280 -15.79 -72.91 -17.62
CA LYS E 280 -16.84 -73.89 -17.83
C LYS E 280 -18.18 -73.16 -17.81
N LYS E 281 -18.39 -72.35 -16.78
CA LYS E 281 -19.62 -71.56 -16.65
C LYS E 281 -19.23 -70.08 -16.61
N THR E 282 -19.86 -69.29 -17.46
CA THR E 282 -19.57 -67.86 -17.55
C THR E 282 -19.51 -67.19 -16.19
N CYS E 283 -18.38 -66.55 -15.88
CA CYS E 283 -18.20 -65.87 -14.60
C CYS E 283 -17.94 -64.38 -14.80
N ILE E 284 -18.39 -63.59 -13.83
CA ILE E 284 -18.24 -62.14 -13.91
C ILE E 284 -17.81 -61.43 -12.62
N THR E 285 -17.06 -60.35 -12.81
CA THR E 285 -16.54 -59.55 -11.71
C THR E 285 -17.19 -58.15 -11.65
N ILE E 286 -17.72 -57.81 -10.48
CA ILE E 286 -18.36 -56.51 -10.31
C ILE E 286 -17.59 -55.66 -9.33
N LEU E 287 -17.50 -54.37 -9.67
CA LEU E 287 -16.80 -53.40 -8.85
C LEU E 287 -17.56 -52.08 -8.83
N VAL E 288 -18.34 -51.86 -7.77
CA VAL E 288 -19.15 -50.65 -7.64
C VAL E 288 -18.68 -49.79 -6.49
N ASP E 289 -19.38 -48.67 -6.28
CA ASP E 289 -19.02 -47.78 -5.19
C ASP E 289 -20.24 -47.41 -4.36
N LYS E 290 -20.10 -46.36 -3.56
CA LYS E 290 -21.17 -45.87 -2.71
C LYS E 290 -21.54 -46.87 -1.61
N GLU E 291 -20.75 -47.93 -1.46
CA GLU E 291 -21.04 -48.93 -0.44
C GLU E 291 -20.88 -48.34 0.93
N GLU E 292 -19.76 -47.67 1.16
CA GLU E 292 -19.48 -47.05 2.46
C GLU E 292 -20.49 -45.96 2.83
N VAL E 293 -21.32 -45.55 1.88
CA VAL E 293 -22.29 -44.50 2.13
C VAL E 293 -23.74 -45.01 2.13
N GLY E 294 -23.94 -46.31 1.88
CA GLY E 294 -25.29 -46.86 1.87
C GLY E 294 -25.61 -47.71 0.65
N SER E 295 -24.79 -47.58 -0.39
CA SER E 295 -24.96 -48.33 -1.62
C SER E 295 -26.18 -47.86 -2.40
N ILE E 296 -26.49 -46.57 -2.31
CA ILE E 296 -27.63 -46.01 -3.01
C ILE E 296 -27.50 -46.18 -4.52
N GLY E 297 -28.54 -45.77 -5.22
CA GLY E 297 -28.59 -45.89 -6.68
C GLY E 297 -27.51 -45.16 -7.46
N ALA E 298 -27.68 -45.17 -8.78
CA ALA E 298 -26.77 -44.53 -9.72
C ALA E 298 -25.53 -45.37 -10.01
N THR E 299 -24.79 -45.72 -8.96
CA THR E 299 -23.56 -46.50 -9.13
C THR E 299 -23.28 -47.54 -8.02
N GLY E 300 -24.34 -48.15 -7.49
CA GLY E 300 -24.17 -49.15 -6.43
C GLY E 300 -25.23 -50.23 -6.42
N MET E 301 -26.48 -49.82 -6.17
CA MET E 301 -27.64 -50.73 -6.14
C MET E 301 -28.36 -50.60 -7.47
N GLN E 302 -27.77 -49.80 -8.35
CA GLN E 302 -28.31 -49.53 -9.68
C GLN E 302 -28.65 -50.80 -10.47
N SER E 303 -29.17 -50.61 -11.67
CA SER E 303 -29.53 -51.72 -12.54
C SER E 303 -28.39 -51.95 -13.54
N LYS E 304 -27.35 -51.13 -13.42
CA LYS E 304 -26.19 -51.21 -14.29
C LYS E 304 -25.77 -52.66 -14.53
N PHE E 305 -25.94 -53.50 -13.53
CA PHE E 305 -25.59 -54.90 -13.64
C PHE E 305 -26.74 -55.65 -14.26
N PHE E 306 -27.93 -55.41 -13.74
CA PHE E 306 -29.15 -56.04 -14.23
C PHE E 306 -29.25 -55.80 -15.72
N GLU E 307 -29.53 -54.56 -16.09
CA GLU E 307 -29.63 -54.19 -17.49
C GLU E 307 -28.26 -54.13 -18.13
N ASN E 308 -27.56 -55.26 -18.08
CA ASN E 308 -26.25 -55.35 -18.65
C ASN E 308 -25.94 -56.81 -18.90
N THR E 309 -26.31 -57.64 -17.93
CA THR E 309 -26.12 -59.07 -18.07
C THR E 309 -27.05 -59.40 -19.21
N VAL E 310 -28.11 -58.63 -19.33
CA VAL E 310 -29.08 -58.84 -20.39
C VAL E 310 -28.50 -58.27 -21.68
N ALA E 311 -28.11 -56.99 -21.66
CA ALA E 311 -27.53 -56.37 -22.85
C ALA E 311 -26.41 -57.25 -23.34
N ASP E 312 -25.91 -58.11 -22.46
CA ASP E 312 -24.83 -59.02 -22.80
C ASP E 312 -25.40 -60.38 -23.23
N ILE E 313 -26.47 -60.79 -22.57
CA ILE E 313 -27.15 -62.05 -22.89
C ILE E 313 -27.69 -61.95 -24.32
N MET E 314 -27.93 -60.73 -24.78
CA MET E 314 -28.45 -60.48 -26.11
C MET E 314 -27.51 -61.05 -27.17
N SER E 315 -26.21 -60.90 -26.94
CA SER E 315 -25.21 -61.40 -27.89
C SER E 315 -24.78 -62.82 -27.53
N ASP E 321 -32.43 -66.31 -27.14
CA ASP E 321 -31.44 -65.65 -26.29
C ASP E 321 -31.86 -64.21 -25.99
N GLU E 322 -33.16 -63.98 -25.86
CA GLU E 322 -33.67 -62.64 -25.60
C GLU E 322 -34.51 -62.56 -24.31
N LEU E 323 -35.79 -62.88 -24.43
CA LEU E 323 -36.75 -62.82 -23.33
C LEU E 323 -36.22 -63.14 -21.93
N LYS E 324 -36.77 -62.41 -20.97
CA LYS E 324 -36.44 -62.51 -19.56
C LYS E 324 -35.80 -63.82 -19.12
N LEU E 325 -36.59 -64.89 -19.13
CA LEU E 325 -36.12 -66.22 -18.69
C LEU E 325 -35.87 -66.22 -17.17
N ARG E 326 -35.25 -65.14 -16.66
CA ARG E 326 -34.94 -64.94 -15.22
C ARG E 326 -33.86 -65.88 -14.66
N LYS E 327 -34.13 -67.18 -14.74
CA LYS E 327 -33.23 -68.23 -14.26
C LYS E 327 -31.75 -67.87 -14.31
N ALA E 328 -31.35 -67.13 -15.34
CA ALA E 328 -29.95 -66.76 -15.53
C ALA E 328 -29.29 -66.33 -14.22
N LEU E 329 -29.90 -65.37 -13.55
CA LEU E 329 -29.38 -64.85 -12.28
C LEU E 329 -29.69 -65.79 -11.11
N TYR E 330 -30.93 -66.26 -11.05
CA TYR E 330 -31.36 -67.16 -9.98
C TYR E 330 -30.45 -68.36 -9.76
N ASN E 331 -29.85 -68.88 -10.83
CA ASN E 331 -28.98 -70.03 -10.70
C ASN E 331 -27.50 -69.70 -10.59
N SER E 332 -27.18 -68.48 -10.17
CA SER E 332 -25.77 -68.09 -10.06
C SER E 332 -25.25 -68.22 -8.63
N GLU E 333 -23.93 -68.17 -8.51
CA GLU E 333 -23.29 -68.25 -7.21
C GLU E 333 -22.36 -67.05 -7.09
N MET E 334 -22.50 -66.27 -6.03
CA MET E 334 -21.65 -65.11 -5.85
C MET E 334 -20.79 -65.19 -4.61
N LEU E 335 -19.75 -64.36 -4.60
CA LEU E 335 -18.82 -64.28 -3.49
C LEU E 335 -18.57 -62.81 -3.19
N SER E 336 -19.64 -62.11 -2.80
CA SER E 336 -19.55 -60.69 -2.45
C SER E 336 -18.55 -60.55 -1.28
N SER E 337 -17.38 -60.02 -1.56
CA SER E 337 -16.38 -59.89 -0.52
C SER E 337 -16.18 -58.46 -0.03
N ASP E 338 -15.69 -58.33 1.21
CA ASP E 338 -15.41 -57.05 1.84
C ASP E 338 -14.59 -57.36 3.09
N VAL E 339 -13.61 -56.50 3.37
CA VAL E 339 -12.74 -56.67 4.55
C VAL E 339 -13.51 -56.83 5.85
N SER E 340 -12.90 -57.56 6.77
CA SER E 340 -13.50 -57.80 8.08
C SER E 340 -12.53 -57.30 9.15
N ALA E 341 -13.00 -57.19 10.39
CA ALA E 341 -12.16 -56.70 11.45
C ALA E 341 -11.31 -57.81 12.05
N ALA E 342 -10.00 -57.63 11.98
CA ALA E 342 -9.07 -58.62 12.53
C ALA E 342 -8.89 -58.38 14.02
N PHE E 343 -8.71 -59.46 14.78
CA PHE E 343 -8.56 -59.33 16.22
C PHE E 343 -7.34 -58.46 16.57
N ASP E 344 -7.57 -57.37 17.30
CA ASP E 344 -6.47 -56.49 17.68
C ASP E 344 -6.09 -56.75 19.12
N PRO E 345 -4.84 -57.13 19.35
CA PRO E 345 -4.34 -57.41 20.70
C PRO E 345 -4.35 -56.20 21.61
N ASN E 346 -4.72 -55.04 21.08
CA ASN E 346 -4.77 -53.83 21.90
C ASN E 346 -6.15 -53.66 22.52
N TYR E 347 -7.16 -54.13 21.82
CA TYR E 347 -8.54 -54.04 22.30
C TYR E 347 -9.22 -55.38 22.11
N PRO E 348 -8.97 -56.32 23.03
CA PRO E 348 -9.54 -57.67 22.97
C PRO E 348 -10.98 -57.82 23.45
N ASN E 349 -11.35 -57.07 24.48
CA ASN E 349 -12.68 -57.16 25.05
C ASN E 349 -13.82 -56.76 24.11
N VAL E 350 -13.47 -56.32 22.91
CA VAL E 350 -14.49 -55.91 21.97
C VAL E 350 -14.92 -57.07 21.08
N MET E 351 -14.12 -58.15 21.05
CA MET E 351 -14.44 -59.32 20.23
C MET E 351 -14.51 -60.61 21.04
N GLU E 352 -15.19 -61.60 20.48
CA GLU E 352 -15.39 -62.87 21.16
C GLU E 352 -14.21 -63.85 21.10
N LYS E 353 -13.04 -63.39 20.67
CA LYS E 353 -11.87 -64.27 20.57
C LYS E 353 -12.18 -65.35 19.53
N ARG E 354 -12.89 -66.39 19.94
CA ARG E 354 -13.29 -67.43 19.00
C ARG E 354 -14.33 -66.74 18.12
N ASN E 355 -14.51 -67.19 16.89
CA ASN E 355 -15.50 -66.57 16.01
C ASN E 355 -15.06 -65.18 15.63
N SER E 356 -13.75 -64.96 15.55
CA SER E 356 -13.20 -63.66 15.18
C SER E 356 -12.08 -63.93 14.19
N ALA E 357 -11.95 -63.08 13.19
CA ALA E 357 -10.89 -63.26 12.19
C ALA E 357 -9.51 -62.87 12.75
N TYR E 358 -8.50 -63.66 12.41
CA TYR E 358 -7.17 -63.38 12.87
C TYR E 358 -6.21 -63.11 11.71
N LEU E 359 -5.28 -62.19 11.95
CA LEU E 359 -4.30 -61.78 10.96
C LEU E 359 -3.44 -62.92 10.46
N GLY E 360 -3.76 -63.42 9.26
CA GLY E 360 -2.95 -64.49 8.71
C GLY E 360 -3.54 -65.89 8.72
N LYS E 361 -4.79 -66.04 9.13
CA LYS E 361 -5.35 -67.38 9.14
C LYS E 361 -6.16 -67.67 7.88
N GLY E 362 -5.83 -67.00 6.78
CA GLY E 362 -6.54 -67.25 5.53
C GLY E 362 -7.66 -66.30 5.19
N ILE E 363 -8.46 -66.68 4.20
CA ILE E 363 -9.60 -65.87 3.77
C ILE E 363 -10.73 -65.98 4.79
N VAL E 364 -11.48 -64.90 4.96
CA VAL E 364 -12.57 -64.86 5.93
C VAL E 364 -13.96 -65.12 5.34
N PHE E 365 -14.77 -65.85 6.09
CA PHE E 365 -16.14 -66.16 5.69
C PHE E 365 -17.12 -65.68 6.75
N ASN E 366 -18.17 -65.00 6.33
CA ASN E 366 -19.17 -64.49 7.26
C ASN E 366 -20.55 -64.95 6.85
N LYS E 367 -21.08 -65.92 7.58
CA LYS E 367 -22.42 -66.43 7.26
C LYS E 367 -23.42 -65.28 7.37
N TYR E 368 -23.34 -64.54 8.46
CA TYR E 368 -24.22 -63.40 8.69
C TYR E 368 -23.40 -62.23 9.20
N THR E 369 -23.96 -61.03 9.09
CA THR E 369 -23.28 -59.82 9.53
C THR E 369 -24.27 -58.67 9.66
N GLY E 370 -24.96 -58.61 10.79
CA GLY E 370 -25.92 -57.54 10.99
C GLY E 370 -25.70 -56.76 12.28
N SER E 371 -26.79 -56.50 12.99
CA SER E 371 -26.74 -55.77 14.24
C SER E 371 -27.47 -56.52 15.36
N ARG E 372 -28.42 -55.84 15.98
CA ARG E 372 -29.21 -56.42 17.05
C ARG E 372 -29.96 -57.67 16.60
N GLY E 373 -29.27 -58.81 16.56
CA GLY E 373 -29.92 -60.04 16.15
C GLY E 373 -29.92 -60.33 14.66
N LYS E 374 -28.76 -60.18 14.05
CA LYS E 374 -28.61 -60.45 12.63
C LYS E 374 -29.49 -59.57 11.76
N SER E 375 -29.97 -58.48 12.34
CA SER E 375 -30.84 -57.54 11.64
C SER E 375 -30.21 -56.87 10.43
N GLY E 376 -30.95 -56.89 9.33
CA GLY E 376 -30.52 -56.27 8.09
C GLY E 376 -29.21 -56.78 7.52
N CYS E 377 -29.22 -57.96 6.92
CA CYS E 377 -28.01 -58.53 6.35
C CYS E 377 -28.32 -59.86 5.70
N ASN E 378 -27.45 -60.28 4.80
CA ASN E 378 -27.64 -61.55 4.10
C ASN E 378 -27.14 -62.73 4.93
N ASP E 379 -27.91 -63.80 4.92
CA ASP E 379 -27.53 -65.00 5.67
C ASP E 379 -27.30 -66.17 4.71
N ALA E 380 -26.04 -66.51 4.51
CA ALA E 380 -25.64 -67.58 3.60
C ALA E 380 -26.21 -68.95 3.97
N ASN E 381 -26.61 -69.71 2.95
CA ASN E 381 -27.16 -71.04 3.17
C ASN E 381 -26.07 -72.05 3.46
N PRO E 382 -26.30 -72.97 4.40
CA PRO E 382 -25.32 -73.99 4.76
C PRO E 382 -24.92 -74.88 3.58
N GLU E 383 -25.92 -75.31 2.81
CA GLU E 383 -25.63 -76.16 1.67
C GLU E 383 -24.59 -75.50 0.76
N TYR E 384 -24.71 -74.19 0.57
CA TYR E 384 -23.77 -73.46 -0.27
C TYR E 384 -22.43 -73.33 0.42
N ILE E 385 -22.47 -73.09 1.72
CA ILE E 385 -21.26 -72.95 2.51
C ILE E 385 -20.46 -74.24 2.43
N ALA E 386 -21.12 -75.36 2.73
CA ALA E 386 -20.47 -76.66 2.68
C ALA E 386 -19.72 -76.80 1.35
N GLU E 387 -20.38 -76.47 0.24
CA GLU E 387 -19.76 -76.57 -1.06
C GLU E 387 -18.48 -75.79 -1.11
N LEU E 388 -18.53 -74.54 -0.69
CA LEU E 388 -17.34 -73.70 -0.69
C LEU E 388 -16.25 -74.36 0.12
N ARG E 389 -16.64 -75.02 1.20
CA ARG E 389 -15.66 -75.71 2.05
C ARG E 389 -14.94 -76.74 1.21
N ARG E 390 -15.72 -77.68 0.69
CA ARG E 390 -15.19 -78.75 -0.14
C ARG E 390 -14.22 -78.17 -1.18
N ILE E 391 -14.68 -77.15 -1.91
CA ILE E 391 -13.85 -76.52 -2.94
C ILE E 391 -12.53 -75.95 -2.41
N LEU E 392 -12.63 -75.12 -1.38
CA LEU E 392 -11.45 -74.54 -0.79
C LEU E 392 -10.68 -75.57 0.02
N SER E 393 -10.92 -76.84 -0.28
CA SER E 393 -10.20 -77.91 0.40
C SER E 393 -9.35 -78.57 -0.67
N LYS E 394 -10.01 -78.90 -1.78
CA LYS E 394 -9.34 -79.52 -2.90
C LYS E 394 -8.17 -78.63 -3.32
N GLU E 395 -8.47 -77.43 -3.81
CA GLU E 395 -7.42 -76.50 -4.24
C GLU E 395 -6.69 -75.94 -3.03
N SER E 396 -6.96 -76.52 -1.86
CA SER E 396 -6.34 -76.08 -0.62
C SER E 396 -6.87 -74.69 -0.25
N VAL E 397 -5.97 -73.79 0.14
CA VAL E 397 -6.35 -72.43 0.54
C VAL E 397 -6.86 -72.42 1.96
N ASN E 398 -6.29 -71.56 2.79
CA ASN E 398 -6.71 -71.44 4.19
C ASN E 398 -7.86 -70.47 4.32
N TRP E 399 -8.85 -70.85 5.13
CA TRP E 399 -10.01 -70.01 5.37
C TRP E 399 -10.38 -70.05 6.85
N GLN E 400 -11.03 -68.98 7.31
CA GLN E 400 -11.47 -68.87 8.67
C GLN E 400 -12.79 -68.11 8.71
N THR E 401 -13.63 -68.45 9.69
CA THR E 401 -14.93 -67.80 9.82
C THR E 401 -14.89 -66.80 10.96
N ALA E 402 -15.53 -65.66 10.75
CA ALA E 402 -15.54 -64.60 11.75
C ALA E 402 -16.90 -63.96 11.93
N GLU E 403 -16.99 -63.15 12.97
CA GLU E 403 -18.20 -62.44 13.33
C GLU E 403 -17.72 -61.06 13.73
N LEU E 404 -18.48 -60.01 13.43
CA LEU E 404 -18.01 -58.67 13.78
C LEU E 404 -18.29 -58.24 15.22
N GLY E 405 -17.37 -58.53 16.12
CA GLY E 405 -17.55 -58.14 17.50
C GLY E 405 -18.56 -58.96 18.27
N LYS E 406 -18.32 -59.10 19.58
CA LYS E 406 -19.20 -59.87 20.46
C LYS E 406 -20.66 -59.45 20.37
N VAL E 407 -21.45 -60.25 19.65
CA VAL E 407 -22.86 -60.00 19.48
C VAL E 407 -23.25 -58.53 19.45
N ASP E 408 -23.91 -58.06 20.51
CA ASP E 408 -24.37 -56.67 20.58
C ASP E 408 -23.29 -55.58 20.68
N GLN E 409 -22.28 -55.66 19.83
CA GLN E 409 -21.23 -54.65 19.85
C GLN E 409 -21.38 -53.66 18.71
N GLY E 410 -20.75 -53.98 17.59
CA GLY E 410 -20.82 -53.09 16.43
C GLY E 410 -21.90 -53.50 15.48
N GLY E 411 -22.18 -52.64 14.51
CA GLY E 411 -23.20 -52.93 13.52
C GLY E 411 -22.59 -53.39 12.21
N GLY E 412 -23.41 -54.00 11.36
CA GLY E 412 -22.92 -54.48 10.09
C GLY E 412 -23.93 -54.34 8.96
N GLY E 413 -23.47 -54.57 7.73
CA GLY E 413 -24.34 -54.46 6.57
C GLY E 413 -23.56 -54.45 5.27
N THR E 414 -23.45 -55.62 4.65
CA THR E 414 -22.72 -55.74 3.39
C THR E 414 -23.69 -55.70 2.20
N ILE E 415 -23.14 -55.40 1.03
CA ILE E 415 -23.96 -55.33 -0.19
C ILE E 415 -24.24 -56.73 -0.75
N ALA E 416 -24.08 -57.74 0.10
CA ALA E 416 -24.30 -59.12 -0.28
C ALA E 416 -25.78 -59.44 -0.54
N TYR E 417 -26.66 -58.87 0.27
CA TYR E 417 -28.09 -59.12 0.13
C TYR E 417 -28.67 -58.45 -1.10
N ILE E 418 -28.03 -57.39 -1.55
CA ILE E 418 -28.51 -56.65 -2.71
C ILE E 418 -28.64 -57.49 -3.97
N LEU E 419 -27.73 -58.44 -4.16
CA LEU E 419 -27.78 -59.29 -5.34
C LEU E 419 -28.48 -60.60 -5.04
N ALA E 420 -28.46 -61.00 -3.77
CA ALA E 420 -29.13 -62.22 -3.39
C ALA E 420 -30.64 -62.06 -3.63
N GLU E 421 -31.08 -60.82 -3.82
CA GLU E 421 -32.48 -60.52 -4.05
C GLU E 421 -32.99 -61.25 -5.27
N TYR E 422 -32.08 -61.74 -6.10
CA TYR E 422 -32.44 -62.47 -7.31
C TYR E 422 -32.65 -63.94 -6.99
N GLY E 423 -32.00 -64.41 -5.93
CA GLY E 423 -32.12 -65.80 -5.54
C GLY E 423 -30.78 -66.51 -5.54
N MET E 424 -29.72 -65.76 -5.85
CA MET E 424 -28.35 -66.28 -5.89
C MET E 424 -27.94 -66.92 -4.58
N GLN E 425 -26.78 -67.58 -4.63
CA GLN E 425 -26.20 -68.22 -3.44
C GLN E 425 -25.01 -67.35 -3.10
N VAL E 426 -25.24 -66.40 -2.18
CA VAL E 426 -24.18 -65.48 -1.79
C VAL E 426 -23.64 -65.78 -0.39
N ILE E 427 -22.44 -65.27 -0.14
CA ILE E 427 -21.81 -65.43 1.15
C ILE E 427 -20.73 -64.35 1.25
N ASP E 428 -20.46 -63.89 2.47
CA ASP E 428 -19.47 -62.83 2.66
C ASP E 428 -18.04 -63.33 2.81
N CYS E 429 -17.16 -62.77 1.97
CA CYS E 429 -15.75 -63.12 1.99
C CYS E 429 -14.91 -61.88 2.19
N GLY E 430 -13.60 -62.05 2.11
CA GLY E 430 -12.73 -60.92 2.29
C GLY E 430 -11.58 -61.18 3.22
N VAL E 431 -10.65 -60.22 3.22
CA VAL E 431 -9.46 -60.27 4.03
C VAL E 431 -9.70 -59.64 5.38
N ALA E 432 -8.86 -59.96 6.36
CA ALA E 432 -9.01 -59.40 7.69
C ALA E 432 -8.09 -58.19 7.80
N LEU E 433 -8.64 -57.04 8.20
CA LEU E 433 -7.84 -55.83 8.34
C LEU E 433 -7.63 -55.38 9.78
N LEU E 434 -6.75 -54.41 9.94
CA LEU E 434 -6.45 -53.84 11.24
C LEU E 434 -6.82 -52.37 11.11
N ASN E 435 -7.50 -51.84 12.13
CA ASN E 435 -7.99 -50.46 12.14
C ASN E 435 -8.59 -50.01 10.80
N HIS E 437 -11.27 -48.27 8.07
CA HIS E 437 -11.66 -46.88 7.81
C HIS E 437 -10.71 -45.85 8.41
N ALA E 438 -9.46 -46.25 8.64
CA ALA E 438 -8.47 -45.35 9.17
C ALA E 438 -7.66 -44.93 7.97
N PRO E 439 -6.98 -43.79 8.07
CA PRO E 439 -6.17 -43.29 6.95
C PRO E 439 -5.11 -44.31 6.53
N TRP E 440 -4.71 -45.16 7.48
CA TRP E 440 -3.74 -46.20 7.19
C TRP E 440 -4.21 -47.51 7.78
N GLU E 441 -4.54 -48.45 6.90
CA GLU E 441 -5.01 -49.78 7.32
C GLU E 441 -3.90 -50.81 7.12
N ILE E 442 -4.00 -51.92 7.85
CA ILE E 442 -3.01 -52.98 7.75
C ILE E 442 -3.59 -54.31 7.29
N SER E 443 -2.80 -55.08 6.54
CA SER E 443 -3.27 -56.37 6.06
C SER E 443 -2.12 -57.39 6.01
N SER E 444 -2.46 -58.67 6.04
CA SER E 444 -1.45 -59.73 5.99
C SER E 444 -1.27 -60.22 4.57
N LYS E 445 -0.03 -60.12 4.08
CA LYS E 445 0.27 -60.57 2.73
C LYS E 445 -0.20 -62.01 2.53
N ALA E 446 0.03 -62.84 3.54
CA ALA E 446 -0.40 -64.22 3.48
C ALA E 446 -1.91 -64.26 3.21
N ASP E 447 -2.68 -63.46 3.94
CA ASP E 447 -4.13 -63.45 3.71
C ASP E 447 -4.47 -62.93 2.33
N ILE E 448 -3.84 -61.84 1.91
CA ILE E 448 -4.08 -61.31 0.57
C ILE E 448 -3.97 -62.47 -0.43
N TYR E 449 -2.81 -63.12 -0.42
CA TYR E 449 -2.51 -64.25 -1.29
C TYR E 449 -3.60 -65.31 -1.17
N GLU E 450 -3.72 -65.90 0.03
CA GLU E 450 -4.71 -66.92 0.27
C GLU E 450 -6.08 -66.55 -0.34
N THR E 451 -6.54 -65.34 -0.05
CA THR E 451 -7.82 -64.85 -0.56
C THR E 451 -7.92 -64.99 -2.07
N LYS E 452 -6.90 -64.50 -2.77
CA LYS E 452 -6.90 -64.58 -4.22
C LYS E 452 -7.10 -66.02 -4.62
N ASN E 453 -6.26 -66.91 -4.09
CA ASN E 453 -6.38 -68.33 -4.41
C ASN E 453 -7.80 -68.81 -4.12
N GLY E 454 -8.36 -68.33 -3.02
CA GLY E 454 -9.72 -68.71 -2.67
C GLY E 454 -10.69 -68.31 -3.78
N TYR E 455 -10.48 -67.12 -4.34
CA TYR E 455 -11.31 -66.64 -5.41
C TYR E 455 -11.08 -67.51 -6.64
N SER E 456 -9.84 -67.54 -7.10
CA SER E 456 -9.48 -68.33 -8.26
C SER E 456 -10.01 -69.77 -8.14
N ALA E 457 -9.92 -70.33 -6.95
CA ALA E 457 -10.41 -71.69 -6.71
C ALA E 457 -11.92 -71.71 -6.68
N PHE E 458 -12.53 -70.75 -7.38
CA PHE E 458 -13.98 -70.62 -7.43
C PHE E 458 -14.35 -70.55 -8.91
N LEU E 459 -13.41 -70.96 -9.76
CA LEU E 459 -13.59 -70.97 -11.21
C LEU E 459 -14.33 -72.21 -11.69
N ASN E 460 -13.80 -73.37 -11.34
CA ASN E 460 -14.35 -74.67 -11.71
C ASN E 460 -15.83 -74.81 -11.40
N ASN E 461 -16.17 -75.45 -10.28
CA ASN E 461 -17.55 -75.64 -9.90
C ASN E 461 -17.61 -76.30 -8.54
N LEU F 1 18.90 -66.53 23.12
CA LEU F 1 18.78 -65.15 22.56
C LEU F 1 17.67 -64.30 23.20
N LEU F 2 16.81 -64.92 24.00
CA LEU F 2 15.72 -64.19 24.66
C LEU F 2 15.96 -64.15 26.18
N LYS F 3 16.39 -62.99 26.70
CA LYS F 3 16.66 -62.82 28.12
C LYS F 3 15.50 -63.27 29.00
N GLU F 4 15.81 -63.86 30.14
CA GLU F 4 14.81 -64.33 31.08
C GLU F 4 15.27 -64.02 32.51
N TYR F 5 14.38 -63.48 33.34
CA TYR F 5 14.71 -63.13 34.72
C TYR F 5 14.46 -64.27 35.71
N LYS F 6 15.51 -64.67 36.40
CA LYS F 6 15.48 -65.77 37.36
C LYS F 6 15.58 -65.40 38.84
N ASN F 7 14.87 -66.16 39.66
CA ASN F 7 14.82 -65.93 41.11
C ASN F 7 16.19 -65.91 41.74
N ALA F 8 16.37 -64.97 42.64
CA ALA F 8 17.62 -64.82 43.36
C ALA F 8 18.00 -66.12 44.08
N TRP F 9 17.02 -66.76 44.70
CA TRP F 9 17.28 -68.02 45.41
C TRP F 9 17.68 -69.05 44.36
N ASP F 10 17.82 -70.31 44.77
CA ASP F 10 18.26 -71.38 43.86
C ASP F 10 19.74 -71.12 43.59
N LYS F 11 19.97 -70.10 42.77
CA LYS F 11 21.31 -69.67 42.43
C LYS F 11 22.11 -69.57 43.74
N TYR F 12 21.50 -68.99 44.77
CA TYR F 12 22.13 -68.85 46.08
C TYR F 12 22.54 -70.21 46.63
N ASP F 13 21.68 -70.73 47.51
CA ASP F 13 21.95 -72.02 48.15
C ASP F 13 23.41 -71.95 48.56
N ASP F 14 24.21 -72.84 47.97
CA ASP F 14 25.62 -72.87 48.27
C ASP F 14 25.82 -73.17 49.75
N LYS F 15 24.73 -73.15 50.52
CA LYS F 15 24.76 -73.39 51.96
C LYS F 15 25.47 -72.23 52.63
N GLN F 16 26.34 -71.58 51.87
CA GLN F 16 27.11 -70.45 52.36
C GLN F 16 26.31 -69.20 52.05
N LEU F 17 26.27 -68.87 50.76
CA LEU F 17 25.54 -67.71 50.28
C LEU F 17 24.30 -67.45 51.15
N LYS F 18 23.44 -68.46 51.29
CA LYS F 18 22.24 -68.32 52.10
C LYS F 18 22.59 -67.81 53.48
N GLU F 19 23.29 -68.63 54.24
CA GLU F 19 23.71 -68.27 55.59
C GLU F 19 24.33 -66.88 55.58
N VAL F 20 25.08 -66.58 54.53
CA VAL F 20 25.77 -65.30 54.41
C VAL F 20 24.82 -64.13 54.30
N PHE F 21 23.52 -64.38 54.42
CA PHE F 21 22.57 -63.28 54.35
C PHE F 21 21.26 -63.57 55.04
N ALA F 22 20.77 -64.81 54.92
CA ALA F 22 19.52 -65.20 55.55
C ALA F 22 19.56 -64.65 56.97
N LEU F 23 20.74 -64.75 57.56
CA LEU F 23 20.99 -64.25 58.90
C LEU F 23 22.01 -63.12 58.69
N GLY F 24 22.65 -63.14 57.53
CA GLY F 24 23.64 -62.14 57.21
C GLY F 24 23.09 -60.75 57.36
N ASP F 25 22.51 -60.23 56.28
CA ASP F 25 21.93 -58.88 56.34
C ASP F 25 20.69 -58.85 57.24
N ARG F 26 19.86 -59.88 57.15
CA ARG F 26 18.70 -59.94 58.01
C ARG F 26 19.25 -60.14 59.41
N PHE F 27 19.67 -59.05 60.01
CA PHE F 27 20.23 -59.05 61.35
C PHE F 27 20.78 -57.65 61.40
N LYS F 28 21.77 -57.39 60.56
CA LYS F 28 22.35 -56.06 60.51
C LYS F 28 21.22 -55.09 60.15
N ASN F 29 20.70 -55.19 58.91
CA ASN F 29 19.61 -54.34 58.43
C ASN F 29 18.46 -54.59 59.37
N PHE F 30 18.04 -55.85 59.38
CA PHE F 30 16.94 -56.25 60.24
C PHE F 30 16.93 -55.51 61.58
N ILE F 31 18.11 -55.15 62.10
CA ILE F 31 18.19 -54.46 63.38
C ILE F 31 18.39 -52.96 63.22
N SER F 32 18.96 -52.54 62.10
CA SER F 32 19.20 -51.14 61.85
C SER F 32 17.91 -50.34 61.92
N ASN F 33 16.94 -50.71 61.11
CA ASN F 33 15.67 -49.99 61.11
C ASN F 33 14.79 -50.32 62.32
N CYS F 34 15.43 -50.54 63.47
CA CYS F 34 14.72 -50.85 64.71
C CYS F 34 15.22 -49.92 65.77
N LYS F 35 16.53 -49.73 65.77
CA LYS F 35 17.17 -48.86 66.75
C LYS F 35 17.44 -47.49 66.12
N THR F 36 16.85 -47.26 64.96
CA THR F 36 17.02 -46.00 64.24
C THR F 36 15.82 -45.83 63.33
N GLU F 37 14.90 -44.95 63.71
CA GLU F 37 13.69 -44.73 62.89
C GLU F 37 13.48 -43.26 62.56
N ARG F 38 14.33 -42.40 63.11
CA ARG F 38 14.23 -40.97 62.88
C ARG F 38 15.57 -40.41 62.49
N GLU F 39 15.82 -40.29 61.19
CA GLU F 39 17.09 -39.76 60.62
C GLU F 39 18.29 -39.64 61.59
N CYS F 40 18.33 -40.48 62.62
CA CYS F 40 19.43 -40.48 63.58
C CYS F 40 20.29 -41.62 63.10
N VAL F 41 19.97 -42.08 61.89
CA VAL F 41 20.71 -43.16 61.26
C VAL F 41 22.14 -42.64 61.27
N THR F 42 22.29 -41.33 61.16
CA THR F 42 23.59 -40.69 61.18
C THR F 42 24.36 -41.13 62.41
N GLU F 43 23.76 -40.92 63.59
CA GLU F 43 24.42 -41.31 64.84
C GLU F 43 24.87 -42.77 64.84
N LEU F 44 23.91 -43.69 64.84
CA LEU F 44 24.23 -45.11 64.84
C LEU F 44 25.22 -45.48 63.74
N ILE F 45 25.07 -44.88 62.56
CA ILE F 45 25.98 -45.19 61.47
C ILE F 45 27.36 -44.55 61.69
N LYS F 46 27.36 -43.32 62.19
CA LYS F 46 28.61 -42.64 62.45
C LYS F 46 29.36 -43.37 63.55
N THR F 47 28.62 -43.96 64.50
CA THR F 47 29.26 -44.71 65.58
C THR F 47 29.95 -45.89 64.90
N ALA F 48 29.27 -46.51 63.93
CA ALA F 48 29.90 -47.59 63.18
C ALA F 48 30.93 -46.83 62.35
N GLU F 49 31.60 -47.50 61.43
CA GLU F 49 32.62 -46.80 60.66
C GLU F 49 33.68 -46.25 61.62
N LYS F 50 33.67 -46.78 62.84
CA LYS F 50 34.63 -46.37 63.85
C LYS F 50 35.95 -46.94 63.40
N SER F 51 35.87 -47.84 62.42
CA SER F 51 37.05 -48.48 61.85
C SER F 51 37.66 -47.52 60.82
N GLY F 52 37.99 -46.33 61.29
CA GLY F 52 38.56 -45.30 60.44
C GLY F 52 37.59 -44.14 60.31
N TYR F 53 37.80 -43.27 59.32
CA TYR F 53 36.90 -42.15 59.11
C TYR F 53 36.96 -41.12 60.22
N ARG F 54 36.82 -39.85 59.87
CA ARG F 54 36.83 -38.79 60.87
C ARG F 54 36.56 -37.43 60.25
N ASN F 55 37.56 -36.90 59.55
CA ASN F 55 37.47 -35.59 58.90
C ASN F 55 36.81 -34.57 59.81
N ILE F 56 35.49 -34.50 59.67
CA ILE F 56 34.63 -33.62 60.44
C ILE F 56 35.35 -32.37 60.95
N GLU F 57 36.07 -32.49 62.05
CA GLU F 57 36.80 -31.36 62.64
C GLU F 57 38.31 -31.52 62.43
N ASP F 58 38.78 -32.76 62.48
CA ASP F 58 40.19 -33.07 62.33
C ASP F 58 40.74 -32.82 60.93
N ILE F 59 40.78 -31.55 60.55
CA ILE F 59 41.30 -31.13 59.26
C ILE F 59 42.61 -30.38 59.48
N LEU F 60 43.72 -31.08 59.27
CA LEU F 60 45.09 -30.52 59.43
C LEU F 60 45.97 -30.83 58.23
N ALA F 61 45.35 -31.29 57.13
CA ALA F 61 46.04 -31.67 55.90
C ALA F 61 46.84 -32.94 56.14
N LYS F 62 47.66 -32.91 57.18
CA LYS F 62 48.49 -34.04 57.56
C LYS F 62 47.95 -34.65 58.85
N GLY F 63 46.83 -34.11 59.34
CA GLY F 63 46.23 -34.63 60.55
C GLY F 63 45.97 -36.12 60.39
N GLU F 64 45.74 -36.52 59.14
CA GLU F 64 45.51 -37.90 58.75
C GLU F 64 46.20 -38.11 57.41
N THR F 65 46.95 -37.08 56.99
CA THR F 65 47.68 -37.07 55.72
C THR F 65 46.82 -37.59 54.57
N LEU F 66 45.87 -36.76 54.13
CA LEU F 66 44.95 -37.11 53.06
C LEU F 66 45.66 -37.69 51.84
N LYS F 67 45.62 -39.01 51.72
CA LYS F 67 46.25 -39.72 50.60
C LYS F 67 45.74 -41.15 50.50
N GLU F 68 46.39 -41.97 49.67
CA GLU F 68 46.01 -43.36 49.46
C GLU F 68 45.46 -44.03 50.72
N GLY F 69 44.43 -44.84 50.53
CA GLY F 69 43.83 -45.58 51.65
C GLY F 69 43.17 -44.82 52.79
N ASP F 70 43.00 -43.52 52.63
CA ASP F 70 42.37 -42.73 53.69
C ASP F 70 40.85 -42.77 53.60
N LYS F 71 40.20 -42.70 54.76
CA LYS F 71 38.73 -42.73 54.84
C LYS F 71 38.24 -41.70 55.85
N VAL F 72 37.33 -40.83 55.41
CA VAL F 72 36.77 -39.78 56.28
C VAL F 72 35.28 -39.56 56.09
N TYR F 73 34.64 -38.95 57.08
CA TYR F 73 33.22 -38.68 56.97
C TYR F 73 32.93 -37.21 57.29
N ALA F 74 31.77 -36.72 56.87
CA ALA F 74 31.38 -35.35 57.12
C ALA F 74 29.94 -35.33 57.59
N ASN F 75 29.72 -34.75 58.76
CA ASN F 75 28.38 -34.68 59.32
C ASN F 75 27.70 -33.35 58.97
N ASN F 76 26.46 -33.44 58.50
CA ASN F 76 25.72 -32.23 58.16
C ASN F 76 24.64 -31.97 59.20
N ARG F 77 25.00 -31.18 60.21
CA ARG F 77 24.12 -30.83 61.31
C ARG F 77 23.33 -32.03 61.82
N GLY F 78 23.96 -33.20 61.77
CA GLY F 78 23.34 -34.42 62.25
C GLY F 78 22.26 -35.02 61.38
N LYS F 79 21.75 -34.24 60.44
CA LYS F 79 20.69 -34.71 59.55
C LYS F 79 21.24 -35.43 58.32
N GLY F 80 22.50 -35.18 57.99
CA GLY F 80 23.09 -35.81 56.82
C GLY F 80 24.47 -36.37 57.03
N LEU F 81 24.86 -37.28 56.15
CA LEU F 81 26.16 -37.93 56.25
C LEU F 81 26.77 -38.30 54.91
N ILE F 82 28.07 -38.08 54.77
CA ILE F 82 28.78 -38.41 53.54
C ILE F 82 30.15 -39.00 53.89
N MET F 83 30.45 -40.15 53.29
CA MET F 83 31.71 -40.85 53.55
C MET F 83 32.60 -40.93 52.30
N PHE F 84 33.92 -40.81 52.53
CA PHE F 84 34.90 -40.87 51.45
C PHE F 84 35.86 -42.04 51.64
N LEU F 85 36.57 -42.36 50.58
CA LEU F 85 37.54 -43.44 50.58
C LEU F 85 38.51 -43.18 49.44
N ILE F 86 39.64 -42.55 49.73
CA ILE F 86 40.61 -42.25 48.70
C ILE F 86 41.21 -43.49 48.04
N GLY F 87 41.45 -43.36 46.74
CA GLY F 87 42.03 -44.45 45.98
C GLY F 87 43.32 -44.06 45.28
N LYS F 88 43.92 -45.00 44.58
CA LYS F 88 45.17 -44.78 43.86
C LYS F 88 45.12 -43.53 43.00
N GLU F 89 44.30 -43.58 41.95
CA GLU F 89 44.16 -42.45 41.02
C GLU F 89 43.80 -41.17 41.78
N PRO F 90 44.03 -40.02 41.15
CA PRO F 90 43.73 -38.70 41.75
C PRO F 90 42.23 -38.36 41.65
N LEU F 91 41.75 -37.51 42.54
CA LEU F 91 40.35 -37.12 42.54
C LEU F 91 39.95 -36.57 41.18
N TYR F 92 40.80 -35.72 40.62
CA TYR F 92 40.55 -35.12 39.32
C TYR F 92 40.06 -36.15 38.30
N THR F 93 40.41 -37.42 38.53
CA THR F 93 40.00 -38.50 37.61
C THR F 93 38.48 -38.65 37.58
N GLY F 94 37.89 -38.91 38.74
CA GLY F 94 36.45 -39.08 38.84
C GLY F 94 36.07 -39.65 40.21
N PHE F 95 34.83 -40.10 40.35
CA PHE F 95 34.41 -40.68 41.60
C PHE F 95 33.47 -41.86 41.37
N LYS F 96 33.22 -42.60 42.44
CA LYS F 96 32.31 -43.73 42.41
C LYS F 96 31.34 -43.45 43.55
N ILE F 97 30.27 -42.73 43.26
CA ILE F 97 29.29 -42.35 44.28
C ILE F 97 28.10 -43.28 44.47
N LEU F 98 27.67 -43.40 45.72
CA LEU F 98 26.51 -44.18 46.11
C LEU F 98 25.64 -43.25 46.93
N GLY F 99 24.42 -42.99 46.46
CA GLY F 99 23.54 -42.11 47.20
C GLY F 99 22.23 -42.71 47.66
N ALA F 100 21.66 -42.12 48.70
CA ALA F 100 20.39 -42.59 49.24
C ALA F 100 19.88 -41.62 50.32
N HIS F 101 18.56 -41.50 50.45
CA HIS F 101 17.99 -40.64 51.46
C HIS F 101 17.67 -41.48 52.70
N ILE F 102 17.89 -40.92 53.88
CA ILE F 102 17.63 -41.66 55.11
C ILE F 102 16.31 -41.29 55.79
N ASP F 103 15.63 -40.27 55.27
CA ASP F 103 14.35 -39.85 55.84
C ASP F 103 13.22 -40.71 55.33
N SER F 104 12.11 -40.74 56.07
CA SER F 104 10.95 -41.53 55.69
C SER F 104 9.67 -40.90 56.20
N PRO F 105 8.58 -41.07 55.46
CA PRO F 105 7.27 -40.51 55.83
C PRO F 105 6.85 -40.88 57.23
N ARG F 106 6.24 -39.93 57.93
CA ARG F 106 5.81 -40.13 59.32
C ARG F 106 5.01 -38.94 59.82
N LEU F 107 4.49 -39.04 61.03
CA LEU F 107 3.72 -37.97 61.62
C LEU F 107 4.66 -37.23 62.54
N ASP F 108 4.36 -35.98 62.87
CA ASP F 108 5.22 -35.24 63.78
C ASP F 108 4.60 -33.98 64.37
N LEU F 109 4.56 -33.96 65.70
CA LEU F 109 4.00 -32.87 66.50
C LEU F 109 4.19 -31.44 65.97
N LYS F 110 3.15 -30.61 66.08
CA LYS F 110 3.22 -29.25 65.62
C LYS F 110 4.09 -28.41 66.56
N GLN F 111 4.06 -27.09 66.38
CA GLN F 111 4.81 -26.17 67.24
C GLN F 111 4.19 -26.11 68.63
N ASN F 112 2.88 -26.29 68.71
CA ASN F 112 2.16 -26.27 69.97
C ASN F 112 1.22 -27.46 70.00
N PRO F 113 1.79 -28.66 69.98
CA PRO F 113 1.08 -29.93 69.99
C PRO F 113 0.22 -30.27 71.20
N LEU F 114 0.66 -29.88 72.39
CA LEU F 114 -0.11 -30.21 73.58
C LEU F 114 -1.35 -29.36 73.79
N TYR F 115 -2.50 -30.02 73.84
CA TYR F 115 -3.77 -29.35 74.07
C TYR F 115 -4.70 -30.39 74.70
N GLU F 116 -5.77 -29.91 75.34
CA GLU F 116 -6.71 -30.80 76.01
C GLU F 116 -8.13 -30.59 75.53
N ASP F 117 -8.72 -31.65 74.96
CA ASP F 117 -10.10 -31.54 74.49
C ASP F 117 -10.98 -32.60 75.12
N THR F 118 -12.00 -32.15 75.84
CA THR F 118 -12.94 -33.06 76.50
C THR F 118 -12.17 -34.03 77.40
N ASP F 119 -11.85 -33.58 78.61
CA ASP F 119 -11.12 -34.39 79.55
C ASP F 119 -9.75 -34.74 79.03
N LEU F 120 -9.59 -35.92 78.43
CA LEU F 120 -8.28 -36.32 77.92
C LEU F 120 -7.54 -35.25 77.13
N ALA F 121 -6.22 -35.41 77.04
CA ALA F 121 -5.37 -34.45 76.31
C ALA F 121 -4.64 -35.07 75.11
N MET F 122 -4.85 -34.47 73.94
CA MET F 122 -4.20 -34.93 72.73
C MET F 122 -2.90 -34.22 72.42
N LEU F 123 -2.42 -34.45 71.20
CA LEU F 123 -1.17 -33.88 70.70
C LEU F 123 -1.30 -33.63 69.20
N GLU F 124 -1.34 -32.36 68.79
CA GLU F 124 -1.44 -32.01 67.38
C GLU F 124 -0.29 -32.59 66.57
N THR F 125 -0.56 -32.96 65.32
CA THR F 125 0.44 -33.52 64.44
C THR F 125 0.34 -32.90 63.06
N HIS F 126 1.18 -33.37 62.15
CA HIS F 126 1.18 -32.86 60.79
C HIS F 126 2.03 -33.80 59.96
N TYR F 127 1.39 -34.78 59.33
CA TYR F 127 2.14 -35.75 58.56
C TYR F 127 3.19 -35.16 57.63
N TYR F 128 4.25 -35.94 57.42
CA TYR F 128 5.38 -35.54 56.57
C TYR F 128 5.74 -36.63 55.57
N GLY F 129 6.03 -36.22 54.35
CA GLY F 129 6.43 -37.17 53.34
C GLY F 129 5.34 -37.65 52.41
N GLY F 130 4.09 -37.44 52.82
CA GLY F 130 3.00 -37.88 51.98
C GLY F 130 2.68 -39.35 52.19
N ILE F 131 2.12 -39.65 53.36
CA ILE F 131 1.74 -41.01 53.68
C ILE F 131 0.39 -41.21 53.02
N LYS F 132 -0.12 -40.12 52.44
CA LYS F 132 -1.41 -40.05 51.72
C LYS F 132 -2.48 -40.98 52.25
N LYS F 133 -2.13 -42.26 52.36
CA LYS F 133 -3.04 -43.25 52.90
C LYS F 133 -2.93 -43.04 54.40
N TYR F 134 -3.87 -42.27 54.96
CA TYR F 134 -3.84 -42.01 56.37
C TYR F 134 -4.29 -43.19 57.19
N GLN F 135 -4.06 -44.41 56.70
CA GLN F 135 -4.42 -45.60 57.46
C GLN F 135 -3.24 -45.83 58.40
N TRP F 136 -2.97 -44.79 59.18
CA TRP F 136 -1.90 -44.74 60.18
C TRP F 136 -2.55 -44.67 61.55
N VAL F 137 -3.85 -44.96 61.59
CA VAL F 137 -4.59 -44.88 62.83
C VAL F 137 -4.34 -46.03 63.78
N THR F 138 -5.42 -46.67 64.19
CA THR F 138 -5.39 -47.79 65.10
C THR F 138 -4.04 -48.37 65.59
N LEU F 139 -3.14 -48.76 64.69
CA LEU F 139 -1.88 -49.36 65.12
C LEU F 139 -1.05 -48.49 66.09
N PRO F 140 -0.31 -49.13 67.01
CA PRO F 140 0.57 -48.54 68.04
C PRO F 140 1.72 -47.68 67.56
N LEU F 141 1.86 -46.50 68.16
CA LEU F 141 2.92 -45.55 67.80
C LEU F 141 3.91 -45.26 68.91
N ALA F 142 5.11 -44.85 68.52
CA ALA F 142 6.17 -44.50 69.47
C ALA F 142 6.67 -43.08 69.17
N ILE F 143 7.18 -42.40 70.18
CA ILE F 143 7.69 -41.04 69.96
C ILE F 143 9.22 -41.00 69.95
N HIS F 144 9.78 -40.29 68.97
CA HIS F 144 11.21 -40.14 68.86
C HIS F 144 11.50 -38.66 68.71
N GLY F 145 12.69 -38.33 68.23
CA GLY F 145 13.06 -36.93 68.05
C GLY F 145 13.84 -36.33 69.19
N VAL F 146 13.90 -35.00 69.24
CA VAL F 146 14.65 -34.29 70.26
C VAL F 146 14.05 -32.93 70.60
N ILE F 147 14.24 -32.49 71.84
CA ILE F 147 13.70 -31.21 72.27
C ILE F 147 14.84 -30.32 72.70
N VAL F 148 14.82 -29.06 72.29
CA VAL F 148 15.90 -28.15 72.65
C VAL F 148 15.49 -27.08 73.63
N LYS F 149 16.14 -27.06 74.79
CA LYS F 149 15.86 -26.09 75.84
C LYS F 149 16.27 -24.71 75.33
N LYS F 150 15.75 -23.66 75.94
CA LYS F 150 16.09 -22.31 75.51
C LYS F 150 17.58 -22.09 75.64
N ASP F 151 18.19 -22.72 76.64
CA ASP F 151 19.64 -22.60 76.90
C ASP F 151 20.48 -23.37 75.87
N GLY F 152 19.81 -24.23 75.11
CA GLY F 152 20.52 -25.00 74.10
C GLY F 152 20.74 -26.47 74.43
N THR F 153 20.28 -26.89 75.61
CA THR F 153 20.43 -28.28 76.02
C THR F 153 19.58 -29.20 75.15
N ILE F 154 20.23 -30.18 74.53
CA ILE F 154 19.52 -31.12 73.68
C ILE F 154 19.08 -32.35 74.45
N VAL F 155 17.78 -32.54 74.58
CA VAL F 155 17.28 -33.70 75.30
C VAL F 155 16.75 -34.73 74.29
N ASN F 156 17.07 -35.99 74.49
CA ASN F 156 16.62 -37.03 73.58
C ASN F 156 15.35 -37.72 74.06
N VAL F 157 14.39 -37.88 73.15
CA VAL F 157 13.12 -38.52 73.48
C VAL F 157 12.93 -39.80 72.68
N CYS F 158 12.57 -40.89 73.37
CA CYS F 158 12.35 -42.16 72.72
C CYS F 158 11.41 -42.96 73.58
N VAL F 159 10.10 -42.77 73.37
CA VAL F 159 9.07 -43.46 74.14
C VAL F 159 8.26 -44.43 73.28
N GLY F 160 8.05 -45.62 73.80
CA GLY F 160 7.27 -46.61 73.08
C GLY F 160 8.06 -47.72 72.42
N GLU F 161 9.37 -47.70 72.57
CA GLU F 161 10.19 -48.75 71.96
C GLU F 161 10.43 -49.96 72.89
N ASP F 162 10.83 -49.69 74.14
CA ASP F 162 11.07 -50.76 75.10
C ASP F 162 9.76 -51.45 75.42
N ASP F 163 9.81 -52.76 75.65
CA ASP F 163 8.60 -53.51 75.99
C ASP F 163 7.91 -53.00 77.24
N ASN F 164 8.54 -52.06 77.94
CA ASN F 164 7.95 -51.51 79.16
C ASN F 164 7.53 -50.06 79.03
N ASP F 165 7.78 -49.48 77.86
CA ASP F 165 7.38 -48.10 77.63
C ASP F 165 5.94 -48.05 77.18
N PRO F 166 5.23 -46.97 77.51
CA PRO F 166 3.85 -46.86 77.10
C PRO F 166 3.86 -46.58 75.60
N VAL F 167 2.70 -46.68 74.95
CA VAL F 167 2.60 -46.42 73.53
C VAL F 167 1.57 -45.33 73.24
N PHE F 168 1.49 -44.93 71.98
CA PHE F 168 0.53 -43.92 71.54
C PHE F 168 -0.14 -44.30 70.22
N GLY F 169 -1.13 -43.51 69.83
CA GLY F 169 -1.81 -43.79 68.58
C GLY F 169 -2.94 -42.83 68.26
N VAL F 170 -3.45 -42.94 67.04
CA VAL F 170 -4.55 -42.11 66.57
C VAL F 170 -5.84 -42.92 66.60
N SER F 171 -6.91 -42.34 67.14
CA SER F 171 -8.20 -43.03 67.22
C SER F 171 -9.02 -42.92 65.92
N ASP F 172 -10.06 -43.73 65.82
CA ASP F 172 -10.93 -43.72 64.64
C ASP F 172 -12.30 -44.26 65.06
N ILE F 173 -13.35 -43.53 64.72
CA ILE F 173 -14.73 -43.94 65.05
C ILE F 173 -14.98 -45.42 64.86
N LEU F 174 -15.76 -46.01 65.76
CA LEU F 174 -16.07 -47.42 65.65
C LEU F 174 -16.98 -47.62 64.43
N VAL F 175 -16.91 -48.80 63.82
CA VAL F 175 -17.72 -49.10 62.65
C VAL F 175 -19.20 -48.90 62.91
N HIS F 176 -19.61 -49.12 64.16
CA HIS F 176 -21.01 -48.98 64.53
C HIS F 176 -21.57 -47.60 64.21
N LEU F 177 -20.72 -46.58 64.29
CA LEU F 177 -21.17 -45.23 64.01
C LEU F 177 -20.40 -44.58 62.87
N ALA F 178 -19.62 -45.39 62.16
CA ALA F 178 -18.82 -44.87 61.05
C ALA F 178 -19.62 -44.76 59.75
N SER F 179 -20.92 -45.02 59.84
CA SER F 179 -21.80 -44.96 58.67
C SER F 179 -21.64 -43.66 57.88
N GLU F 180 -21.72 -42.52 58.57
CA GLU F 180 -21.62 -41.22 57.92
C GLU F 180 -20.23 -41.00 57.28
N GLN F 181 -19.27 -41.82 57.66
CA GLN F 181 -17.91 -41.72 57.12
C GLN F 181 -17.77 -42.72 55.96
N LEU F 182 -18.28 -42.34 54.79
CA LEU F 182 -18.22 -43.18 53.59
C LEU F 182 -17.73 -42.42 52.35
N GLU F 183 -18.00 -41.12 52.29
CA GLU F 183 -17.59 -40.32 51.14
C GLU F 183 -16.09 -40.35 50.87
N LYS F 184 -15.74 -40.62 49.62
CA LYS F 184 -14.35 -40.67 49.15
C LYS F 184 -13.31 -41.30 50.07
N LYS F 185 -12.85 -42.50 49.72
CA LYS F 185 -11.81 -43.14 50.51
C LYS F 185 -10.60 -42.22 50.43
N ALA F 186 -10.52 -41.48 49.33
CA ALA F 186 -9.44 -40.52 49.08
C ALA F 186 -9.04 -39.85 50.37
N SER F 187 -10.03 -39.61 51.22
CA SER F 187 -9.76 -38.98 52.49
C SER F 187 -10.99 -38.70 53.32
N LYS F 188 -11.15 -39.46 54.39
CA LYS F 188 -12.25 -39.27 55.33
C LYS F 188 -11.60 -39.39 56.72
N VAL F 189 -10.27 -39.35 56.72
CA VAL F 189 -9.41 -39.42 57.91
C VAL F 189 -8.26 -38.54 57.47
N ILE F 190 -8.20 -37.27 57.91
CA ILE F 190 -7.10 -36.42 57.44
C ILE F 190 -6.64 -35.29 58.36
N GLU F 191 -7.38 -35.05 59.44
CA GLU F 191 -7.04 -33.96 60.38
C GLU F 191 -5.58 -33.93 60.79
N GLY F 192 -5.27 -33.04 61.72
CA GLY F 192 -3.90 -32.96 62.22
C GLY F 192 -3.93 -32.65 63.71
N GLU F 193 -4.99 -33.11 64.35
CA GLU F 193 -5.18 -32.84 65.77
C GLU F 193 -5.64 -34.13 66.38
N ASP F 194 -4.86 -35.17 66.10
CA ASP F 194 -5.14 -36.53 66.56
C ASP F 194 -4.09 -36.98 67.56
N LEU F 195 -4.22 -38.21 68.06
CA LEU F 195 -3.24 -38.74 69.00
C LEU F 195 -3.26 -38.24 70.44
N ASN F 196 -3.97 -38.95 71.30
CA ASN F 196 -4.05 -38.56 72.70
C ASN F 196 -2.94 -39.21 73.51
N ILE F 197 -2.30 -38.41 74.35
CA ILE F 197 -1.19 -38.89 75.15
C ILE F 197 -1.52 -39.16 76.59
N LEU F 198 -2.75 -38.87 77.01
CA LEU F 198 -3.11 -39.15 78.42
C LEU F 198 -4.57 -38.93 78.76
N ILE F 199 -5.12 -39.89 79.47
CA ILE F 199 -6.49 -39.83 79.89
C ILE F 199 -6.49 -39.47 81.37
N GLY F 200 -7.68 -39.45 81.96
CA GLY F 200 -7.87 -39.12 83.36
C GLY F 200 -6.64 -38.59 84.06
N SER F 201 -6.18 -39.34 85.07
CA SER F 201 -5.01 -38.95 85.84
C SER F 201 -5.01 -37.42 85.82
N ILE F 202 -6.16 -36.89 86.20
CA ILE F 202 -6.41 -35.48 86.24
C ILE F 202 -6.52 -35.02 87.68
N PRO F 203 -5.60 -34.14 88.12
CA PRO F 203 -4.50 -33.59 87.35
C PRO F 203 -3.23 -33.63 88.24
N LEU F 204 -2.58 -32.48 88.34
CA LEU F 204 -1.39 -32.33 89.19
C LEU F 204 -1.83 -31.71 90.52
N LYS F 205 -1.69 -32.47 91.60
CA LYS F 205 -2.05 -32.03 92.94
C LYS F 205 -3.51 -31.52 92.97
N ASP F 206 -4.22 -31.77 91.88
CA ASP F 206 -5.62 -31.37 91.74
C ASP F 206 -5.84 -29.91 92.15
N GLY F 207 -4.92 -29.05 91.74
CA GLY F 207 -5.02 -27.63 92.06
C GLY F 207 -5.84 -26.83 91.07
N GLU F 208 -7.03 -27.33 90.75
CA GLU F 208 -7.93 -26.64 89.82
C GLU F 208 -7.30 -26.43 88.45
N GLU F 209 -7.71 -25.33 87.80
CA GLU F 209 -7.22 -24.95 86.47
C GLU F 209 -7.85 -25.82 85.38
N LYS F 210 -8.92 -25.32 84.78
CA LYS F 210 -9.67 -26.01 83.71
C LYS F 210 -8.96 -27.19 83.04
N GLN F 211 -7.90 -26.90 82.31
CA GLN F 211 -7.15 -27.94 81.61
C GLN F 211 -6.36 -28.79 82.60
N LYS F 212 -7.05 -29.58 83.41
CA LYS F 212 -6.36 -30.39 84.38
C LYS F 212 -5.58 -31.54 83.79
N VAL F 213 -6.23 -32.33 82.94
CA VAL F 213 -5.56 -33.47 82.31
C VAL F 213 -4.27 -33.01 81.62
N LYS F 214 -4.37 -31.86 80.93
CA LYS F 214 -3.22 -31.31 80.25
C LYS F 214 -2.16 -30.96 81.29
N HIS F 215 -2.52 -30.07 82.21
CA HIS F 215 -1.62 -29.61 83.26
C HIS F 215 -0.85 -30.78 83.87
N ASN F 216 -1.55 -31.89 84.11
CA ASN F 216 -0.93 -33.05 84.69
C ASN F 216 0.17 -33.63 83.80
N ILE F 217 -0.14 -33.82 82.52
CA ILE F 217 0.81 -34.40 81.61
C ILE F 217 2.05 -33.52 81.45
N MET F 218 1.85 -32.21 81.38
CA MET F 218 2.97 -31.28 81.23
C MET F 218 3.91 -31.48 82.42
N LYS F 219 3.32 -31.63 83.60
CA LYS F 219 4.06 -31.84 84.83
C LYS F 219 4.80 -33.17 84.76
N ILE F 220 4.12 -34.19 84.27
CA ILE F 220 4.71 -35.52 84.12
C ILE F 220 5.86 -35.45 83.12
N LEU F 221 5.63 -34.68 82.07
CA LEU F 221 6.62 -34.50 81.03
C LEU F 221 7.74 -33.61 81.56
N ASN F 222 7.46 -32.88 82.64
CA ASN F 222 8.46 -32.01 83.24
C ASN F 222 9.44 -32.79 84.13
N GLU F 223 8.92 -33.73 84.90
CA GLU F 223 9.75 -34.55 85.78
C GLU F 223 10.83 -35.21 84.92
N LYS F 224 10.42 -35.91 83.87
CA LYS F 224 11.41 -36.52 82.99
C LYS F 224 11.83 -35.31 82.17
N TYR F 225 13.02 -35.34 81.60
CA TYR F 225 13.49 -34.21 80.80
C TYR F 225 13.51 -32.99 81.69
N ASP F 226 13.04 -31.86 81.17
CA ASP F 226 13.01 -30.63 81.97
C ASP F 226 12.44 -29.53 81.11
N ILE F 227 11.46 -29.89 80.29
CA ILE F 227 10.84 -28.94 79.37
C ILE F 227 9.64 -28.25 79.97
N SER F 228 9.10 -27.30 79.22
CA SER F 228 7.92 -26.57 79.62
C SER F 228 6.97 -26.69 78.44
N GLU F 229 5.78 -26.11 78.52
CA GLU F 229 4.85 -26.21 77.38
C GLU F 229 5.52 -25.59 76.17
N GLU F 230 6.36 -24.57 76.39
CA GLU F 230 7.11 -23.95 75.29
C GLU F 230 8.14 -25.02 74.96
N ASP F 231 9.29 -24.66 74.42
CA ASP F 231 10.31 -25.67 74.10
C ASP F 231 9.84 -26.54 72.93
N PHE F 232 8.55 -26.87 72.91
CA PHE F 232 8.01 -27.68 71.83
C PHE F 232 8.24 -26.87 70.58
N VAL F 233 8.22 -25.56 70.74
CA VAL F 233 8.45 -24.65 69.63
C VAL F 233 9.80 -24.96 68.99
N SER F 234 10.78 -25.24 69.84
CA SER F 234 12.12 -25.59 69.38
C SER F 234 12.38 -27.09 69.60
N ALA F 235 11.39 -27.90 69.28
CA ALA F 235 11.50 -29.33 69.45
C ALA F 235 11.52 -30.06 68.12
N GLU F 236 11.63 -31.38 68.18
CA GLU F 236 11.66 -32.18 66.96
C GLU F 236 10.67 -33.32 66.93
N LEU F 237 9.48 -32.95 66.51
CA LEU F 237 8.31 -33.82 66.34
C LEU F 237 8.69 -35.15 65.65
N GLU F 238 8.28 -36.28 66.20
CA GLU F 238 8.60 -37.57 65.57
C GLU F 238 7.73 -38.72 66.04
N ILE F 239 6.68 -39.01 65.28
CA ILE F 239 5.81 -40.13 65.63
C ILE F 239 5.99 -41.24 64.61
N VAL F 240 6.33 -42.42 65.11
CA VAL F 240 6.57 -43.57 64.25
C VAL F 240 6.00 -44.86 64.83
N PRO F 241 5.69 -45.83 63.98
CA PRO F 241 5.14 -47.07 64.51
C PRO F 241 6.10 -47.72 65.47
N ALA F 242 5.58 -48.27 66.57
CA ALA F 242 6.44 -48.92 67.57
C ALA F 242 6.66 -50.40 67.24
N GLY F 243 7.76 -50.97 67.75
CA GLY F 243 8.06 -52.36 67.49
C GLY F 243 9.28 -52.57 66.61
N LYS F 244 10.01 -53.66 66.82
CA LYS F 244 11.21 -53.96 66.04
C LYS F 244 10.76 -54.57 64.74
N ALA F 245 11.61 -54.47 63.71
CA ALA F 245 11.29 -55.06 62.42
C ALA F 245 11.28 -56.55 62.68
N ARG F 246 10.58 -57.32 61.85
CA ARG F 246 10.50 -58.76 62.08
C ARG F 246 10.69 -59.60 60.82
N ASP F 247 10.75 -60.92 61.01
CA ASP F 247 10.89 -61.83 59.90
C ASP F 247 9.50 -61.96 59.29
N TYR F 248 9.38 -61.75 57.99
CA TYR F 248 8.08 -61.86 57.38
C TYR F 248 7.95 -63.13 56.56
N GLY F 249 6.87 -63.87 56.79
CA GLY F 249 6.64 -65.11 56.04
C GLY F 249 6.99 -66.41 56.74
N PHE F 250 6.29 -67.48 56.37
CA PHE F 250 6.53 -68.78 56.97
C PHE F 250 7.91 -69.29 56.67
N ASP F 251 8.53 -68.78 55.63
CA ASP F 251 9.88 -69.23 55.27
C ASP F 251 10.93 -68.19 55.62
N ARG F 252 10.54 -67.20 56.43
CA ARG F 252 11.45 -66.10 56.83
C ARG F 252 12.22 -65.49 55.65
N SER F 253 11.62 -65.44 54.46
CA SER F 253 12.29 -64.93 53.29
C SER F 253 12.23 -63.42 53.16
N MET F 254 11.26 -62.81 53.82
CA MET F 254 11.09 -61.36 53.74
C MET F 254 11.23 -60.71 55.10
N VAL F 255 11.25 -59.38 55.09
CA VAL F 255 11.38 -58.58 56.31
C VAL F 255 10.33 -57.49 56.35
N MET F 256 9.60 -57.41 57.47
CA MET F 256 8.56 -56.40 57.65
C MET F 256 9.06 -55.34 58.64
N GLY F 257 9.01 -54.07 58.24
CA GLY F 257 9.46 -53.03 59.14
C GLY F 257 9.22 -51.62 58.62
N TYR F 258 9.33 -50.66 59.53
CA TYR F 258 9.14 -49.24 59.18
C TYR F 258 10.44 -48.67 58.62
N GLY F 259 10.31 -47.68 57.75
CA GLY F 259 11.49 -47.05 57.19
C GLY F 259 12.14 -47.76 56.02
N GLN F 260 11.73 -49.00 55.77
CA GLN F 260 12.29 -49.77 54.67
C GLN F 260 12.60 -48.88 53.47
N ASP F 261 11.71 -47.91 53.20
CA ASP F 261 11.88 -46.99 52.07
C ASP F 261 13.22 -46.33 52.06
N ASP F 262 14.04 -46.80 51.14
CA ASP F 262 15.40 -46.34 50.89
C ASP F 262 16.35 -46.53 52.05
N ARG F 263 15.84 -46.56 53.26
CA ARG F 263 16.71 -46.76 54.41
C ARG F 263 17.36 -48.13 54.24
N ILE F 264 16.71 -49.00 53.46
CA ILE F 264 17.25 -50.32 53.20
C ILE F 264 18.40 -50.18 52.22
N CYS F 265 18.28 -49.26 51.26
CA CYS F 265 19.33 -49.03 50.28
C CYS F 265 20.46 -48.29 50.98
N ALA F 266 20.09 -47.34 51.83
CA ALA F 266 21.06 -46.54 52.55
C ALA F 266 21.93 -47.44 53.38
N TYR F 267 21.38 -48.59 53.77
CA TYR F 267 22.13 -49.54 54.58
C TYR F 267 23.06 -50.42 53.75
N THR F 268 22.50 -51.11 52.76
CA THR F 268 23.30 -51.96 51.93
C THR F 268 24.43 -51.12 51.34
N SER F 269 24.08 -49.91 50.89
CA SER F 269 25.09 -49.02 50.31
C SER F 269 26.16 -48.74 51.35
N PHE F 270 25.75 -48.70 52.61
CA PHE F 270 26.68 -48.45 53.70
C PHE F 270 27.67 -49.60 53.85
N GLU F 271 27.16 -50.79 54.16
CA GLU F 271 28.03 -51.95 54.32
C GLU F 271 28.91 -52.11 53.10
N ALA F 272 28.32 -52.04 51.91
CA ALA F 272 29.12 -52.16 50.71
C ALA F 272 30.29 -51.18 50.79
N MET F 273 29.97 -49.90 50.99
CA MET F 273 31.00 -48.87 51.08
C MET F 273 31.94 -49.12 52.23
N LEU F 274 31.41 -49.60 53.34
CA LEU F 274 32.22 -49.83 54.53
C LEU F 274 33.27 -50.90 54.34
N GLU F 275 32.86 -52.10 53.97
CA GLU F 275 33.79 -53.20 53.78
C GLU F 275 34.49 -53.16 52.42
N MET F 276 34.70 -51.94 51.92
CA MET F 276 35.35 -51.76 50.63
C MET F 276 36.81 -51.35 50.83
N LYS F 277 37.71 -52.30 50.61
CA LYS F 277 39.14 -52.08 50.77
C LYS F 277 39.87 -52.09 49.43
N ASN F 278 41.02 -51.41 49.37
CA ASN F 278 41.81 -51.35 48.15
C ASN F 278 40.99 -50.66 47.07
N ALA F 279 41.03 -49.33 47.07
CA ALA F 279 40.27 -48.55 46.09
C ALA F 279 41.12 -48.05 44.95
N LYS F 280 40.66 -48.25 43.72
CA LYS F 280 41.39 -47.80 42.54
C LYS F 280 41.05 -46.33 42.32
N LYS F 281 39.76 -46.03 42.27
CA LYS F 281 39.30 -44.66 42.10
C LYS F 281 38.48 -44.27 43.33
N THR F 282 38.82 -43.12 43.92
CA THR F 282 38.13 -42.64 45.12
C THR F 282 36.62 -42.70 45.01
N CYS F 283 36.00 -43.42 45.93
CA CYS F 283 34.54 -43.57 45.95
C CYS F 283 33.92 -43.00 47.21
N ILE F 284 32.69 -42.51 47.08
CA ILE F 284 31.98 -41.88 48.21
C ILE F 284 30.51 -42.21 48.36
N THR F 285 30.07 -42.25 49.61
CA THR F 285 28.69 -42.57 49.96
C THR F 285 27.95 -41.37 50.54
N ILE F 286 26.82 -41.03 49.95
CA ILE F 286 26.03 -39.90 50.42
C ILE F 286 24.72 -40.37 51.01
N LEU F 287 24.32 -39.73 52.11
CA LEU F 287 23.08 -40.06 52.81
C LEU F 287 22.43 -38.79 53.27
N VAL F 288 21.41 -38.33 52.54
CA VAL F 288 20.72 -37.09 52.88
C VAL F 288 19.27 -37.33 53.22
N ASP F 289 18.54 -36.26 53.53
CA ASP F 289 17.14 -36.40 53.85
C ASP F 289 16.29 -35.43 53.05
N LYS F 290 15.07 -35.21 53.52
CA LYS F 290 14.12 -34.31 52.86
C LYS F 290 13.75 -34.77 51.46
N GLU F 291 14.13 -36.00 51.10
CA GLU F 291 13.79 -36.50 49.77
C GLU F 291 12.29 -36.68 49.64
N GLU F 292 11.70 -37.35 50.64
CA GLU F 292 10.26 -37.61 50.63
C GLU F 292 9.42 -36.33 50.66
N VAL F 293 10.06 -35.20 50.92
CA VAL F 293 9.34 -33.93 51.00
C VAL F 293 9.67 -32.99 49.83
N GLY F 294 10.56 -33.42 48.94
CA GLY F 294 10.91 -32.57 47.82
C GLY F 294 12.40 -32.39 47.59
N SER F 295 13.19 -32.74 48.61
CA SER F 295 14.63 -32.64 48.55
C SER F 295 15.10 -31.19 48.54
N ILE F 296 14.37 -30.33 49.25
CA ILE F 296 14.74 -28.93 49.33
C ILE F 296 16.10 -28.71 49.97
N GLY F 297 16.54 -27.46 50.00
CA GLY F 297 17.83 -27.11 50.54
C GLY F 297 18.09 -27.45 52.00
N ALA F 298 19.22 -26.97 52.51
CA ALA F 298 19.64 -27.17 53.88
C ALA F 298 20.27 -28.54 54.13
N THR F 299 19.52 -29.60 53.82
CA THR F 299 20.01 -30.96 54.02
C THR F 299 19.59 -31.99 52.94
N GLY F 300 19.49 -31.56 51.68
CA GLY F 300 19.09 -32.46 50.61
C GLY F 300 19.69 -32.12 49.26
N MET F 301 19.34 -30.94 48.74
CA MET F 301 19.84 -30.44 47.45
C MET F 301 20.95 -29.43 47.74
N GLN F 302 21.26 -29.30 49.02
CA GLN F 302 22.28 -28.39 49.51
C GLN F 302 23.61 -28.52 48.80
N SER F 303 24.56 -27.68 49.19
CA SER F 303 25.89 -27.71 48.61
C SER F 303 26.83 -28.51 49.54
N LYS F 304 26.26 -29.01 50.62
CA LYS F 304 27.01 -29.79 51.61
C LYS F 304 27.96 -30.77 50.94
N PHE F 305 27.55 -31.30 49.79
CA PHE F 305 28.34 -32.26 49.04
C PHE F 305 29.31 -31.53 48.17
N PHE F 306 28.78 -30.54 47.46
CA PHE F 306 29.59 -29.71 46.55
C PHE F 306 30.74 -29.13 47.35
N GLU F 307 30.42 -28.19 48.23
CA GLU F 307 31.42 -27.55 49.06
C GLU F 307 31.87 -28.51 50.15
N ASN F 308 32.42 -29.63 49.72
CA ASN F 308 32.90 -30.63 50.65
C ASN F 308 33.82 -31.56 49.91
N THR F 309 33.46 -31.89 48.69
CA THR F 309 34.30 -32.73 47.86
C THR F 309 35.49 -31.83 47.64
N VAL F 310 35.23 -30.52 47.65
CA VAL F 310 36.28 -29.56 47.46
C VAL F 310 37.07 -29.42 48.75
N ALA F 311 36.37 -29.14 49.85
CA ALA F 311 37.03 -29.00 51.13
C ALA F 311 37.87 -30.24 51.38
N ASP F 312 37.55 -31.30 50.64
CA ASP F 312 38.26 -32.57 50.76
C ASP F 312 39.35 -32.68 49.68
N ILE F 313 39.06 -32.14 48.50
CA ILE F 313 40.01 -32.13 47.39
C ILE F 313 41.20 -31.26 47.83
N MET F 314 40.96 -30.31 48.73
CA MET F 314 42.00 -29.43 49.23
C MET F 314 43.15 -30.21 49.85
N SER F 315 42.83 -31.28 50.55
CA SER F 315 43.85 -32.11 51.19
C SER F 315 44.26 -33.27 50.28
N ASP F 321 46.09 -28.70 43.43
CA ASP F 321 44.97 -29.42 44.03
C ASP F 321 43.97 -28.44 44.67
N GLU F 322 43.80 -27.29 44.05
CA GLU F 322 42.90 -26.27 44.59
C GLU F 322 41.79 -25.87 43.61
N LEU F 323 42.12 -24.93 42.73
CA LEU F 323 41.18 -24.39 41.75
C LEU F 323 40.14 -25.34 41.17
N LYS F 324 38.96 -24.77 40.96
CA LYS F 324 37.80 -25.46 40.42
C LYS F 324 38.07 -26.74 39.66
N LEU F 325 38.67 -26.62 38.47
CA LEU F 325 38.97 -27.76 37.62
C LEU F 325 37.66 -28.36 37.07
N ARG F 326 36.64 -28.48 37.93
CA ARG F 326 35.29 -29.02 37.58
C ARG F 326 35.25 -30.52 37.27
N LYS F 327 36.01 -30.93 36.25
CA LYS F 327 36.11 -32.31 35.80
C LYS F 327 35.90 -33.35 36.90
N ALA F 328 36.39 -33.05 38.09
CA ALA F 328 36.28 -33.98 39.22
C ALA F 328 34.92 -34.65 39.29
N LEU F 329 33.87 -33.85 39.33
CA LEU F 329 32.50 -34.36 39.39
C LEU F 329 32.00 -34.86 38.04
N TYR F 330 32.25 -34.09 36.99
CA TYR F 330 31.81 -34.45 35.64
C TYR F 330 32.21 -35.86 35.22
N ASN F 331 33.37 -36.32 35.67
CA ASN F 331 33.83 -37.65 35.30
C ASN F 331 33.50 -38.74 36.31
N SER F 332 32.50 -38.52 37.15
CA SER F 332 32.15 -39.54 38.13
C SER F 332 30.97 -40.39 37.68
N GLU F 333 30.76 -41.49 38.39
CA GLU F 333 29.66 -42.40 38.08
C GLU F 333 28.89 -42.62 39.38
N MET F 334 27.58 -42.38 39.36
CA MET F 334 26.78 -42.55 40.56
C MET F 334 25.74 -43.63 40.44
N LEU F 335 25.26 -44.08 41.58
CA LEU F 335 24.25 -45.11 41.66
C LEU F 335 23.21 -44.68 42.69
N SER F 336 22.55 -43.57 42.41
CA SER F 336 21.51 -43.03 43.29
C SER F 336 20.41 -44.09 43.40
N SER F 337 20.33 -44.74 44.55
CA SER F 337 19.34 -45.78 44.73
C SER F 337 18.16 -45.36 45.63
N ASP F 338 17.02 -46.02 45.42
CA ASP F 338 15.80 -45.78 46.18
C ASP F 338 14.86 -46.93 45.85
N VAL F 339 14.12 -47.38 46.86
CA VAL F 339 13.18 -48.48 46.70
C VAL F 339 12.18 -48.26 45.56
N SER F 340 11.75 -49.36 44.96
CA SER F 340 10.78 -49.33 43.88
C SER F 340 9.55 -50.15 44.30
N ALA F 341 8.47 -50.02 43.55
CA ALA F 341 7.27 -50.76 43.87
C ALA F 341 7.32 -52.18 43.28
N ALA F 342 7.26 -53.18 44.16
CA ALA F 342 7.25 -54.56 43.74
C ALA F 342 5.83 -54.97 43.34
N PHE F 343 5.72 -55.83 42.33
CA PHE F 343 4.41 -56.30 41.86
C PHE F 343 3.63 -56.97 42.99
N ASP F 344 2.44 -56.44 43.30
CA ASP F 344 1.61 -57.00 44.36
C ASP F 344 0.48 -57.83 43.75
N PRO F 345 0.44 -59.12 44.06
CA PRO F 345 -0.59 -60.02 43.52
C PRO F 345 -1.99 -59.64 43.94
N ASN F 346 -2.12 -58.64 44.80
CA ASN F 346 -3.45 -58.20 45.23
C ASN F 346 -4.02 -57.12 44.32
N TYR F 347 -3.13 -56.33 43.73
CA TYR F 347 -3.54 -55.27 42.83
C TYR F 347 -2.64 -55.32 41.61
N PRO F 348 -2.95 -56.21 40.67
CA PRO F 348 -2.18 -56.39 39.43
C PRO F 348 -2.43 -55.39 38.31
N ASN F 349 -3.68 -54.98 38.17
CA ASN F 349 -4.08 -54.05 37.11
C ASN F 349 -3.44 -52.67 37.19
N VAL F 350 -2.65 -52.46 38.22
CA VAL F 350 -2.02 -51.16 38.38
C VAL F 350 -0.63 -51.13 37.73
N MET F 351 -0.09 -52.31 37.42
CA MET F 351 1.23 -52.42 36.80
C MET F 351 1.23 -53.19 35.50
N GLU F 352 2.25 -52.98 34.68
CA GLU F 352 2.34 -53.61 33.38
C GLU F 352 2.85 -55.07 33.38
N LYS F 353 2.92 -55.69 34.54
CA LYS F 353 3.40 -57.08 34.62
C LYS F 353 4.88 -57.07 34.17
N ARG F 354 5.09 -57.10 32.86
CA ARG F 354 6.44 -57.04 32.33
C ARG F 354 6.88 -55.62 32.62
N ASN F 355 8.18 -55.39 32.76
CA ASN F 355 8.66 -54.04 33.05
C ASN F 355 8.25 -53.60 34.46
N SER F 356 8.13 -54.56 35.38
CA SER F 356 7.77 -54.27 36.75
C SER F 356 8.69 -55.10 37.63
N ALA F 357 9.10 -54.54 38.77
CA ALA F 357 9.99 -55.27 39.66
C ALA F 357 9.24 -56.34 40.46
N TYR F 358 9.89 -57.49 40.61
CA TYR F 358 9.29 -58.58 41.36
C TYR F 358 10.10 -58.91 42.59
N LEU F 359 9.38 -59.32 43.64
CA LEU F 359 10.00 -59.68 44.91
C LEU F 359 10.99 -60.84 44.82
N GLY F 360 12.28 -60.52 44.83
CA GLY F 360 13.27 -61.57 44.79
C GLY F 360 14.02 -61.76 43.49
N LYS F 361 13.79 -60.92 42.48
CA LYS F 361 14.52 -61.12 41.24
C LYS F 361 15.78 -60.28 41.16
N GLY F 362 16.35 -59.94 42.32
CA GLY F 362 17.56 -59.14 42.31
C GLY F 362 17.40 -57.63 42.49
N ILE F 363 18.47 -56.89 42.19
CA ILE F 363 18.47 -55.44 42.33
C ILE F 363 17.71 -54.84 41.19
N VAL F 364 17.03 -53.73 41.45
CA VAL F 364 16.22 -53.06 40.42
C VAL F 364 16.92 -51.87 39.75
N PHE F 365 16.70 -51.74 38.45
CA PHE F 365 17.26 -50.66 37.66
C PHE F 365 16.15 -49.88 36.99
N ASN F 366 16.21 -48.55 37.09
CA ASN F 366 15.20 -47.71 36.47
C ASN F 366 15.85 -46.67 35.57
N LYS F 367 15.76 -46.87 34.25
CA LYS F 367 16.34 -45.93 33.30
C LYS F 367 15.71 -44.58 33.50
N TYR F 368 14.38 -44.57 33.58
CA TYR F 368 13.62 -43.34 33.77
C TYR F 368 12.54 -43.57 34.81
N THR F 369 12.06 -42.48 35.40
CA THR F 369 11.03 -42.56 36.42
C THR F 369 10.35 -41.21 36.61
N GLY F 370 9.37 -40.90 35.77
CA GLY F 370 8.69 -39.63 35.88
C GLY F 370 7.19 -39.76 35.95
N SER F 371 6.50 -38.90 35.21
CA SER F 371 5.05 -38.91 35.18
C SER F 371 4.52 -38.97 33.76
N ARG F 372 3.68 -37.99 33.42
CA ARG F 372 3.09 -37.90 32.09
C ARG F 372 4.17 -37.77 31.01
N GLY F 373 4.74 -38.89 30.60
CA GLY F 373 5.75 -38.84 29.57
C GLY F 373 7.18 -38.62 30.04
N LYS F 374 7.59 -39.36 31.08
CA LYS F 374 8.93 -39.26 31.62
C LYS F 374 9.24 -37.87 32.15
N SER F 375 8.20 -37.07 32.35
CA SER F 375 8.36 -35.71 32.85
C SER F 375 9.02 -35.58 34.22
N GLY F 376 10.00 -34.68 34.29
CA GLY F 376 10.72 -34.43 35.52
C GLY F 376 11.41 -35.62 36.16
N CYS F 377 12.55 -36.03 35.61
CA CYS F 377 13.27 -37.16 36.15
C CYS F 377 14.53 -37.40 35.34
N ASN F 378 15.48 -38.10 35.93
CA ASN F 378 16.73 -38.39 35.25
C ASN F 378 16.60 -39.61 34.32
N ASP F 379 17.21 -39.51 33.15
CA ASP F 379 17.18 -40.59 32.18
C ASP F 379 18.61 -41.11 31.94
N ALA F 380 18.90 -42.28 32.50
CA ALA F 380 20.23 -42.90 32.38
C ALA F 380 20.64 -43.21 30.94
N ASN F 381 21.91 -42.98 30.64
CA ASN F 381 22.45 -43.23 29.30
C ASN F 381 22.69 -44.71 29.09
N PRO F 382 22.35 -45.22 27.88
CA PRO F 382 22.53 -46.63 27.55
C PRO F 382 23.98 -47.10 27.66
N GLU F 383 24.90 -46.28 27.16
CA GLU F 383 26.31 -46.64 27.25
C GLU F 383 26.68 -46.94 28.70
N TYR F 384 26.19 -46.13 29.64
CA TYR F 384 26.48 -46.34 31.05
C TYR F 384 25.78 -47.59 31.56
N ILE F 385 24.53 -47.76 31.13
CA ILE F 385 23.73 -48.93 31.53
C ILE F 385 24.43 -50.20 31.10
N ALA F 386 24.81 -50.26 29.83
CA ALA F 386 25.51 -51.43 29.31
C ALA F 386 26.66 -51.77 30.23
N GLU F 387 27.45 -50.78 30.59
CA GLU F 387 28.59 -51.02 31.46
C GLU F 387 28.17 -51.70 32.75
N LEU F 388 27.16 -51.15 33.41
CA LEU F 388 26.67 -51.72 34.65
C LEU F 388 26.28 -53.17 34.41
N ARG F 389 25.72 -53.44 33.24
CA ARG F 389 25.31 -54.79 32.90
C ARG F 389 26.53 -55.67 32.98
N ARG F 390 27.50 -55.35 32.13
CA ARG F 390 28.73 -56.10 32.06
C ARG F 390 29.30 -56.35 33.46
N ILE F 391 29.41 -55.29 34.26
CA ILE F 391 29.92 -55.41 35.61
C ILE F 391 29.11 -56.38 36.47
N LEU F 392 27.81 -56.15 36.56
CA LEU F 392 26.95 -57.00 37.35
C LEU F 392 26.79 -58.35 36.70
N SER F 393 27.70 -58.70 35.82
CA SER F 393 27.63 -60.00 35.16
C SER F 393 28.85 -60.77 35.64
N LYS F 394 30.00 -60.10 35.57
CA LYS F 394 31.25 -60.67 36.01
C LYS F 394 31.09 -61.09 37.47
N GLU F 395 30.91 -60.12 38.36
CA GLU F 395 30.74 -60.42 39.78
C GLU F 395 29.38 -61.07 40.03
N SER F 396 28.70 -61.44 38.94
CA SER F 396 27.39 -62.06 39.02
C SER F 396 26.37 -61.03 39.53
N VAL F 397 25.53 -61.42 40.49
CA VAL F 397 24.51 -60.54 41.05
C VAL F 397 23.30 -60.47 40.13
N ASN F 398 22.12 -60.74 40.68
CA ASN F 398 20.90 -60.69 39.89
C ASN F 398 20.32 -59.29 39.86
N TRP F 399 19.87 -58.87 38.68
CA TRP F 399 19.28 -57.56 38.52
C TRP F 399 18.05 -57.66 37.61
N GLN F 400 17.13 -56.71 37.79
CA GLN F 400 15.92 -56.64 37.01
C GLN F 400 15.57 -55.18 36.79
N THR F 401 14.95 -54.89 35.65
CA THR F 401 14.57 -53.53 35.34
C THR F 401 13.08 -53.35 35.56
N ALA F 402 12.70 -52.19 36.09
CA ALA F 402 11.31 -51.93 36.36
C ALA F 402 10.86 -50.52 35.97
N GLU F 403 9.54 -50.32 36.00
CA GLU F 403 8.90 -49.05 35.66
C GLU F 403 7.81 -48.90 36.71
N LEU F 404 7.59 -47.68 37.18
CA LEU F 404 6.57 -47.50 38.22
C LEU F 404 5.13 -47.42 37.70
N GLY F 405 4.47 -48.56 37.59
CA GLY F 405 3.09 -48.56 37.13
C GLY F 405 2.90 -48.33 35.64
N LYS F 406 1.82 -48.90 35.11
CA LYS F 406 1.52 -48.79 33.70
C LYS F 406 1.43 -47.35 33.22
N VAL F 407 2.48 -46.92 32.54
CA VAL F 407 2.57 -45.58 32.00
C VAL F 407 1.84 -44.53 32.84
N ASP F 408 0.74 -44.00 32.32
CA ASP F 408 -0.01 -42.95 32.99
C ASP F 408 -0.70 -43.33 34.30
N GLN F 409 0.02 -44.01 35.19
CA GLN F 409 -0.57 -44.38 36.47
C GLN F 409 -0.10 -43.47 37.60
N GLY F 410 0.98 -43.87 38.24
CA GLY F 410 1.51 -43.08 39.34
C GLY F 410 2.59 -42.13 38.87
N GLY F 411 2.98 -41.22 39.76
CA GLY F 411 4.02 -40.26 39.44
C GLY F 411 5.36 -40.67 40.05
N GLY F 412 6.43 -40.06 39.56
CA GLY F 412 7.75 -40.38 40.07
C GLY F 412 8.67 -39.18 40.12
N GLY F 413 9.83 -39.36 40.77
CA GLY F 413 10.78 -38.28 40.89
C GLY F 413 11.86 -38.60 41.92
N THR F 414 13.00 -39.10 41.46
CA THR F 414 14.11 -39.43 42.35
C THR F 414 15.14 -38.31 42.39
N ILE F 415 15.98 -38.32 43.42
CA ILE F 415 17.01 -37.30 43.57
C ILE F 415 18.22 -37.61 42.69
N ALA F 416 18.00 -38.44 41.68
CA ALA F 416 19.06 -38.84 40.77
C ALA F 416 19.51 -37.71 39.84
N TYR F 417 18.56 -36.91 39.38
CA TYR F 417 18.87 -35.81 38.48
C TYR F 417 19.60 -34.66 39.19
N ILE F 418 19.41 -34.56 40.50
CA ILE F 418 20.03 -33.50 41.27
C ILE F 418 21.54 -33.49 41.19
N LEU F 419 22.16 -34.67 41.11
CA LEU F 419 23.61 -34.73 41.02
C LEU F 419 24.07 -34.89 39.59
N ALA F 420 23.20 -35.40 38.73
CA ALA F 420 23.55 -35.56 37.34
C ALA F 420 23.73 -34.18 36.73
N GLU F 421 23.27 -33.16 37.44
CA GLU F 421 23.36 -31.77 36.98
C GLU F 421 24.81 -31.40 36.74
N TYR F 422 25.73 -32.18 37.28
CA TYR F 422 27.16 -31.92 37.10
C TYR F 422 27.64 -32.56 35.82
N GLY F 423 26.95 -33.59 35.36
CA GLY F 423 27.33 -34.28 34.14
C GLY F 423 27.66 -35.74 34.40
N MET F 424 27.49 -36.17 35.65
CA MET F 424 27.75 -37.56 36.07
C MET F 424 26.94 -38.56 35.26
N GLN F 425 27.27 -39.83 35.45
CA GLN F 425 26.56 -40.93 34.80
C GLN F 425 25.76 -41.59 35.91
N VAL F 426 24.51 -41.17 36.03
CA VAL F 426 23.65 -41.69 37.08
C VAL F 426 22.59 -42.66 36.54
N ILE F 427 22.04 -43.45 37.44
CA ILE F 427 21.01 -44.41 37.12
C ILE F 427 20.32 -44.79 38.43
N ASP F 428 19.03 -45.09 38.34
CA ASP F 428 18.26 -45.46 39.53
C ASP F 428 18.33 -46.93 39.92
N CYS F 429 18.71 -47.17 41.17
CA CYS F 429 18.81 -48.52 41.68
C CYS F 429 17.97 -48.66 42.92
N GLY F 430 18.06 -49.81 43.58
CA GLY F 430 17.30 -50.01 44.77
C GLY F 430 16.60 -51.35 44.81
N VAL F 431 16.05 -51.65 45.98
CA VAL F 431 15.34 -52.90 46.23
C VAL F 431 13.88 -52.72 45.92
N ALA F 432 13.19 -53.83 45.72
CA ALA F 432 11.76 -53.78 45.44
C ALA F 432 10.98 -53.98 46.75
N LEU F 433 10.08 -53.06 47.07
CA LEU F 433 9.29 -53.16 48.29
C LEU F 433 7.82 -53.50 48.06
N LEU F 434 7.13 -53.77 49.16
CA LEU F 434 5.71 -54.07 49.13
C LEU F 434 5.08 -52.98 50.00
N ASN F 435 3.95 -52.43 49.56
CA ASN F 435 3.25 -51.36 50.24
C ASN F 435 4.19 -50.30 50.81
N HIS F 437 5.72 -46.50 51.79
CA HIS F 437 5.22 -45.43 52.64
C HIS F 437 4.15 -45.87 53.61
N ALA F 438 4.13 -47.16 53.91
CA ALA F 438 3.17 -47.69 54.86
C ALA F 438 3.93 -47.84 56.17
N PRO F 439 3.24 -47.84 57.31
CA PRO F 439 3.91 -47.98 58.59
C PRO F 439 4.73 -49.26 58.63
N TRP F 440 4.32 -50.26 57.87
CA TRP F 440 5.07 -51.51 57.82
C TRP F 440 5.29 -51.91 56.37
N GLU F 441 6.54 -51.91 55.95
CA GLU F 441 6.91 -52.26 54.58
C GLU F 441 7.54 -53.63 54.54
N ILE F 442 7.52 -54.26 53.38
CA ILE F 442 8.09 -55.60 53.23
C ILE F 442 9.21 -55.66 52.19
N SER F 443 10.22 -56.49 52.42
CA SER F 443 11.33 -56.62 51.49
C SER F 443 11.86 -58.05 51.44
N SER F 444 12.48 -58.42 50.33
CA SER F 444 13.05 -59.75 50.17
C SER F 444 14.51 -59.80 50.57
N LYS F 445 14.83 -60.62 51.55
CA LYS F 445 16.21 -60.74 52.01
C LYS F 445 17.13 -60.99 50.83
N ALA F 446 16.71 -61.87 49.92
CA ALA F 446 17.49 -62.19 48.76
C ALA F 446 17.81 -60.88 48.03
N ASP F 447 16.80 -60.05 47.82
CA ASP F 447 17.03 -58.79 47.12
C ASP F 447 17.98 -57.91 47.93
N ILE F 448 17.74 -57.79 49.23
CA ILE F 448 18.61 -56.97 50.07
C ILE F 448 20.05 -57.36 49.77
N TYR F 449 20.32 -58.65 49.95
CA TYR F 449 21.64 -59.23 49.70
C TYR F 449 22.13 -58.87 48.29
N GLU F 450 21.43 -59.36 47.28
CA GLU F 450 21.79 -59.11 45.91
C GLU F 450 22.17 -57.66 45.71
N THR F 451 21.31 -56.76 46.17
CA THR F 451 21.56 -55.31 46.04
C THR F 451 22.92 -54.93 46.56
N LYS F 452 23.21 -55.33 47.79
CA LYS F 452 24.50 -55.02 48.39
C LYS F 452 25.61 -55.45 47.45
N ASN F 453 25.58 -56.71 47.05
CA ASN F 453 26.61 -57.22 46.14
C ASN F 453 26.67 -56.37 44.90
N GLY F 454 25.51 -55.93 44.44
CA GLY F 454 25.47 -55.08 43.25
C GLY F 454 26.26 -53.80 43.49
N TYR F 455 26.09 -53.22 44.68
CA TYR F 455 26.79 -52.01 45.02
C TYR F 455 28.27 -52.33 45.10
N SER F 456 28.63 -53.26 45.98
CA SER F 456 30.03 -53.64 46.16
C SER F 456 30.69 -53.94 44.81
N ALA F 457 29.95 -54.58 43.91
CA ALA F 457 30.49 -54.92 42.60
C ALA F 457 30.54 -53.68 41.73
N PHE F 458 30.65 -52.53 42.38
CA PHE F 458 30.70 -51.24 41.69
C PHE F 458 31.94 -50.53 42.20
N LEU F 459 32.83 -51.31 42.82
CA LEU F 459 34.08 -50.79 43.37
C LEU F 459 35.19 -50.63 42.33
N ASN F 460 35.49 -51.68 41.57
CA ASN F 460 36.58 -51.58 40.58
C ASN F 460 36.15 -51.67 39.13
N ASN F 461 36.01 -52.89 38.62
CA ASN F 461 35.62 -53.14 37.22
C ASN F 461 34.33 -52.42 36.85
N LEU G 1 4.51 -23.45 83.87
CA LEU G 1 4.62 -24.85 83.36
C LEU G 1 4.11 -24.89 81.94
N LEU G 2 2.87 -24.43 81.79
CA LEU G 2 2.18 -24.38 80.49
C LEU G 2 2.53 -23.02 79.84
N LYS G 3 2.50 -22.95 78.51
CA LYS G 3 2.85 -21.72 77.81
C LYS G 3 1.64 -20.88 77.40
N GLU G 4 1.80 -19.56 77.52
CA GLU G 4 0.75 -18.62 77.16
C GLU G 4 1.36 -17.61 76.20
N TYR G 5 0.57 -17.15 75.23
CA TYR G 5 1.05 -16.18 74.26
C TYR G 5 0.64 -14.75 74.59
N LYS G 6 1.59 -14.01 75.14
CA LYS G 6 1.39 -12.60 75.53
C LYS G 6 0.81 -11.72 74.42
N ASN G 7 0.29 -10.56 74.79
CA ASN G 7 -0.24 -9.62 73.79
C ASN G 7 0.78 -8.49 73.58
N ALA G 8 0.86 -7.89 72.40
CA ALA G 8 1.87 -6.84 72.21
C ALA G 8 1.61 -5.59 73.04
N TRP G 9 0.39 -5.07 72.97
CA TRP G 9 0.06 -3.87 73.75
C TRP G 9 0.14 -4.22 75.23
N ASP G 10 -0.27 -3.31 76.10
CA ASP G 10 -0.19 -3.52 77.56
C ASP G 10 1.29 -3.43 77.88
N LYS G 11 2.00 -4.49 77.52
CA LYS G 11 3.44 -4.55 77.73
C LYS G 11 4.06 -3.24 77.23
N TYR G 12 3.57 -2.76 76.08
CA TYR G 12 4.06 -1.51 75.51
C TYR G 12 3.83 -0.36 76.46
N ASP G 13 2.75 0.36 76.22
CA ASP G 13 2.40 1.52 77.03
C ASP G 13 3.70 2.28 77.21
N ASP G 14 4.15 2.38 78.45
CA ASP G 14 5.40 3.07 78.74
C ASP G 14 5.28 4.52 78.32
N LYS G 15 4.20 4.85 77.62
CA LYS G 15 3.95 6.21 77.11
C LYS G 15 5.00 6.52 76.03
N GLN G 16 6.14 5.85 76.12
CA GLN G 16 7.22 6.02 75.18
C GLN G 16 7.01 5.00 74.08
N LEU G 17 7.26 3.74 74.42
CA LEU G 17 7.11 2.62 73.50
C LEU G 17 5.99 2.89 72.51
N LYS G 18 4.78 3.19 73.02
CA LYS G 18 3.64 3.48 72.15
C LYS G 18 3.99 4.58 71.14
N GLU G 19 4.22 5.78 71.65
CA GLU G 19 4.57 6.91 70.80
C GLU G 19 5.68 6.51 69.86
N VAL G 20 6.63 5.71 70.35
CA VAL G 20 7.77 5.27 69.55
C VAL G 20 7.37 4.38 68.37
N PHE G 21 6.09 4.23 68.13
CA PHE G 21 5.67 3.43 66.99
C PHE G 21 4.27 3.76 66.50
N ALA G 22 3.36 4.03 67.44
CA ALA G 22 1.99 4.38 67.09
C ALA G 22 2.06 5.38 65.96
N LEU G 23 3.03 6.28 66.09
CA LEU G 23 3.29 7.29 65.08
C LEU G 23 4.68 6.95 64.56
N GLY G 24 5.40 6.16 65.34
CA GLY G 24 6.74 5.75 64.95
C GLY G 24 6.76 5.11 63.57
N ASP G 25 6.59 3.80 63.51
CA ASP G 25 6.58 3.13 62.24
C ASP G 25 5.37 3.53 61.40
N ARG G 26 4.21 3.64 62.04
CA ARG G 26 3.02 4.06 61.33
C ARG G 26 3.26 5.50 60.95
N PHE G 27 4.03 5.70 59.89
CA PHE G 27 4.37 7.02 59.41
C PHE G 27 5.41 6.66 58.39
N LYS G 28 6.52 6.11 58.89
CA LYS G 28 7.57 5.68 58.00
C LYS G 28 6.97 4.64 57.04
N ASN G 29 6.62 3.47 57.59
CA ASN G 29 6.01 2.39 56.80
C ASN G 29 4.75 2.96 56.21
N PHE G 30 3.86 3.37 57.10
CA PHE G 30 2.59 3.95 56.70
C PHE G 30 2.71 4.79 55.42
N ILE G 31 3.86 5.43 55.21
CA ILE G 31 4.04 6.27 54.03
C ILE G 31 4.84 5.56 52.92
N SER G 32 5.68 4.61 53.33
CA SER G 32 6.48 3.89 52.36
C SER G 32 5.61 3.24 51.30
N ASN G 33 4.68 2.39 51.71
CA ASN G 33 3.82 1.72 50.76
C ASN G 33 2.76 2.64 50.18
N CYS G 34 3.10 3.91 49.99
CA CYS G 34 2.17 4.88 49.41
C CYS G 34 2.87 5.58 48.26
N LYS G 35 4.14 5.89 48.49
CA LYS G 35 4.94 6.56 47.49
C LYS G 35 5.81 5.53 46.76
N THR G 36 5.48 4.26 46.97
CA THR G 36 6.22 3.17 46.35
C THR G 36 5.30 1.94 46.32
N GLU G 37 4.76 1.63 45.14
CA GLU G 37 3.85 0.50 45.00
C GLU G 37 4.29 -0.45 43.90
N ARG G 38 5.35 -0.07 43.17
CA ARG G 38 5.85 -0.90 42.08
C ARG G 38 7.33 -1.08 42.20
N GLU G 39 7.77 -2.18 42.83
CA GLU G 39 9.19 -2.50 43.03
C GLU G 39 10.21 -1.38 42.80
N CYS G 40 9.79 -0.13 42.98
CA CYS G 40 10.68 1.01 42.83
C CYS G 40 11.08 1.33 44.26
N VAL G 41 10.75 0.39 45.13
CA VAL G 41 11.06 0.50 46.52
C VAL G 41 12.56 0.74 46.53
N THR G 42 13.24 0.13 45.56
CA THR G 42 14.69 0.27 45.39
C THR G 42 15.07 1.74 45.37
N GLU G 43 14.46 2.50 44.45
CA GLU G 43 14.74 3.93 44.35
C GLU G 43 14.58 4.65 45.67
N LEU G 44 13.35 4.75 46.16
CA LEU G 44 13.08 5.45 47.40
C LEU G 44 13.96 4.93 48.53
N ILE G 45 14.21 3.63 48.57
CA ILE G 45 15.05 3.09 49.64
C ILE G 45 16.52 3.41 49.41
N LYS G 46 16.95 3.32 48.16
CA LYS G 46 18.33 3.63 47.83
C LYS G 46 18.59 5.12 48.09
N THR G 47 17.57 5.96 47.91
CA THR G 47 17.72 7.39 48.18
C THR G 47 17.97 7.50 49.66
N ALA G 48 17.24 6.72 50.46
CA ALA G 48 17.48 6.70 51.90
C ALA G 48 18.81 5.98 51.98
N GLU G 49 19.27 5.65 53.18
CA GLU G 49 20.57 4.99 53.28
C GLU G 49 21.62 5.90 52.67
N LYS G 50 21.26 7.18 52.49
CA LYS G 50 22.17 8.16 51.94
C LYS G 50 23.21 8.40 53.02
N SER G 51 22.89 7.91 54.21
CA SER G 51 23.78 8.03 55.36
C SER G 51 24.83 6.92 55.27
N GLY G 52 25.53 6.91 54.13
CA GLY G 52 26.56 5.92 53.88
C GLY G 52 26.16 5.05 52.71
N TYR G 53 26.81 3.90 52.56
CA TYR G 53 26.46 2.98 51.47
C TYR G 53 26.79 3.55 50.09
N ARG G 54 27.21 2.67 49.19
CA ARG G 54 27.52 3.10 47.84
C ARG G 54 27.89 1.92 46.95
N ASN G 55 29.10 1.39 47.14
CA ASN G 55 29.62 0.26 46.37
C ASN G 55 29.29 0.44 44.89
N ILE G 56 28.14 -0.12 44.52
CA ILE G 56 27.60 -0.07 43.16
C ILE G 56 28.70 0.06 42.08
N GLU G 57 29.18 1.27 41.86
CA GLU G 57 30.22 1.53 40.85
C GLU G 57 31.57 1.86 41.52
N ASP G 58 31.49 2.55 42.65
CA ASP G 58 32.67 2.96 43.40
C ASP G 58 33.44 1.81 44.03
N ILE G 59 34.02 0.97 43.18
CA ILE G 59 34.82 -0.16 43.64
C ILE G 59 36.27 0.12 43.29
N LEU G 60 37.04 0.55 44.30
CA LEU G 60 38.47 0.87 44.15
C LEU G 60 39.31 0.22 45.26
N ALA G 61 38.70 -0.70 46.01
CA ALA G 61 39.35 -1.41 47.11
C ALA G 61 39.54 -0.46 48.27
N LYS G 62 40.17 0.68 47.98
CA LYS G 62 40.43 1.72 48.96
C LYS G 62 39.54 2.92 48.67
N GLY G 63 38.68 2.78 47.66
CA GLY G 63 37.78 3.87 47.32
C GLY G 63 36.98 4.26 48.55
N GLU G 64 36.76 3.28 49.41
CA GLU G 64 36.04 3.45 50.67
C GLU G 64 36.76 2.59 51.70
N THR G 65 37.90 2.02 51.28
CA THR G 65 38.72 1.14 52.12
C THR G 65 37.87 0.11 52.86
N LEU G 66 37.38 -0.88 52.11
CA LEU G 66 36.52 -1.94 52.66
C LEU G 66 37.09 -2.53 53.95
N LYS G 67 36.55 -2.10 55.08
CA LYS G 67 36.99 -2.60 56.39
C LYS G 67 35.96 -2.24 57.47
N GLU G 68 36.34 -2.41 58.73
CA GLU G 68 35.47 -2.12 59.86
C GLU G 68 34.56 -0.92 59.64
N GLY G 69 33.32 -1.05 60.09
CA GLY G 69 32.35 0.04 59.98
C GLY G 69 31.90 0.51 58.60
N ASP G 70 32.27 -0.21 57.56
CA ASP G 70 31.88 0.18 56.20
C ASP G 70 30.50 -0.34 55.85
N LYS G 71 29.80 0.44 55.03
CA LYS G 71 28.44 0.09 54.59
C LYS G 71 28.26 0.39 53.10
N VAL G 72 27.84 -0.62 52.34
CA VAL G 72 27.63 -0.46 50.90
C VAL G 72 26.38 -1.17 50.38
N TYR G 73 25.93 -0.77 49.21
CA TYR G 73 24.74 -1.39 48.61
C TYR G 73 25.03 -1.80 47.18
N ALA G 74 24.22 -2.70 46.64
CA ALA G 74 24.39 -3.16 45.28
C ALA G 74 23.02 -3.19 44.60
N ASN G 75 22.91 -2.48 43.48
CA ASN G 75 21.65 -2.43 42.77
C ASN G 75 21.60 -3.48 41.68
N ASN G 76 20.50 -4.21 41.60
CA ASN G 76 20.35 -5.23 40.55
C ASN G 76 19.35 -4.75 39.51
N ARG G 77 19.86 -4.09 38.48
CA ARG G 77 19.05 -3.54 37.40
C ARG G 77 17.80 -2.86 37.91
N GLY G 78 17.92 -2.21 39.07
CA GLY G 78 16.82 -1.48 39.67
C GLY G 78 15.69 -2.31 40.27
N LYS G 79 15.64 -3.60 39.95
CA LYS G 79 14.59 -4.48 40.46
C LYS G 79 14.96 -5.08 41.82
N GLY G 80 16.25 -5.11 42.14
CA GLY G 80 16.66 -5.68 43.42
C GLY G 80 17.69 -4.86 44.17
N LEU G 81 17.78 -5.10 45.46
CA LEU G 81 18.70 -4.38 46.31
C LEU G 81 19.26 -5.19 47.45
N ILE G 82 20.56 -5.03 47.70
CA ILE G 82 21.22 -5.76 48.79
C ILE G 82 22.19 -4.82 49.51
N MET G 83 22.06 -4.76 50.84
CA MET G 83 22.90 -3.90 51.65
C MET G 83 23.86 -4.65 52.59
N PHE G 84 25.07 -4.12 52.75
CA PHE G 84 26.08 -4.73 53.60
C PHE G 84 26.46 -3.81 54.77
N LEU G 85 27.12 -4.39 55.76
CA LEU G 85 27.58 -3.64 56.92
C LEU G 85 28.70 -4.44 57.58
N ILE G 86 29.95 -4.10 57.24
CA ILE G 86 31.09 -4.82 57.77
C ILE G 86 31.23 -4.72 59.27
N GLY G 87 31.64 -5.81 59.88
CA GLY G 87 31.84 -5.85 61.32
C GLY G 87 33.26 -6.25 61.71
N LYS G 88 33.52 -6.27 63.02
CA LYS G 88 34.83 -6.62 63.55
C LYS G 88 35.37 -7.90 62.93
N GLU G 89 34.74 -9.03 63.26
CA GLU G 89 35.16 -10.31 62.74
C GLU G 89 35.24 -10.30 61.22
N PRO G 90 35.99 -11.25 60.64
CA PRO G 90 36.15 -11.38 59.18
C PRO G 90 34.93 -12.05 58.51
N LEU G 91 34.74 -11.78 57.23
CA LEU G 91 33.62 -12.36 56.50
C LEU G 91 33.64 -13.86 56.63
N TYR G 92 34.81 -14.44 56.45
CA TYR G 92 34.97 -15.90 56.54
C TYR G 92 34.25 -16.49 57.75
N THR G 93 34.03 -15.68 58.78
CA THR G 93 33.35 -16.13 59.99
C THR G 93 31.91 -16.54 59.68
N GLY G 94 31.12 -15.58 59.19
CA GLY G 94 29.73 -15.85 58.86
C GLY G 94 28.99 -14.56 58.53
N PHE G 95 27.67 -14.62 58.46
CA PHE G 95 26.88 -13.44 58.18
C PHE G 95 25.61 -13.41 58.98
N LYS G 96 24.95 -12.26 58.98
CA LYS G 96 23.69 -12.08 59.67
C LYS G 96 22.79 -11.50 58.59
N ILE G 97 22.14 -12.37 57.83
CA ILE G 97 21.27 -11.92 56.75
C ILE G 97 19.79 -11.73 57.07
N LEU G 98 19.20 -10.72 56.44
CA LEU G 98 17.77 -10.44 56.55
C LEU G 98 17.25 -10.38 55.12
N GLY G 99 16.29 -11.24 54.81
CA GLY G 99 15.76 -11.26 53.45
C GLY G 99 14.27 -11.00 53.34
N ALA G 100 13.86 -10.50 52.17
CA ALA G 100 12.45 -10.20 51.92
C ALA G 100 12.23 -9.80 50.45
N HIS G 101 11.07 -10.13 49.91
CA HIS G 101 10.77 -9.78 48.53
C HIS G 101 10.00 -8.47 48.51
N ILE G 102 10.28 -7.62 47.52
CA ILE G 102 9.61 -6.33 47.45
C ILE G 102 8.48 -6.28 46.44
N ASP G 103 8.32 -7.35 45.67
CA ASP G 103 7.24 -7.40 44.65
C ASP G 103 5.93 -7.80 45.29
N SER G 104 4.83 -7.47 44.62
CA SER G 104 3.50 -7.80 45.12
C SER G 104 2.52 -8.02 43.97
N PRO G 105 1.54 -8.93 44.16
CA PRO G 105 0.54 -9.23 43.14
C PRO G 105 -0.14 -7.96 42.63
N ARG G 106 -0.42 -7.95 41.34
CA ARG G 106 -1.06 -6.83 40.69
C ARG G 106 -1.40 -7.11 39.23
N LEU G 107 -2.06 -6.16 38.59
CA LEU G 107 -2.42 -6.31 37.20
C LEU G 107 -1.37 -5.54 36.42
N ASP G 108 -1.20 -5.87 35.13
CA ASP G 108 -0.23 -5.14 34.32
C ASP G 108 -0.37 -5.36 32.81
N LEU G 109 -0.57 -4.25 32.11
CA LEU G 109 -0.77 -4.17 30.67
C LEU G 109 0.05 -5.14 29.82
N LYS G 110 -0.57 -5.70 28.79
CA LYS G 110 0.12 -6.65 27.91
C LYS G 110 1.11 -5.93 27.00
N GLN G 111 1.64 -6.64 26.01
CA GLN G 111 2.59 -6.06 25.06
C GLN G 111 1.87 -5.07 24.12
N ASN G 112 0.60 -5.32 23.87
CA ASN G 112 -0.20 -4.45 23.02
C ASN G 112 -1.54 -4.20 23.73
N PRO G 113 -1.49 -3.54 24.89
CA PRO G 113 -2.64 -3.22 25.72
C PRO G 113 -3.71 -2.31 25.15
N LEU G 114 -3.30 -1.30 24.37
CA LEU G 114 -4.27 -0.37 23.84
C LEU G 114 -5.08 -0.89 22.68
N TYR G 115 -6.41 -0.92 22.86
CA TYR G 115 -7.33 -1.37 21.83
C TYR G 115 -8.67 -0.70 22.07
N GLU G 116 -9.52 -0.65 21.05
CA GLU G 116 -10.80 0.03 21.16
C GLU G 116 -11.97 -0.86 20.82
N ASP G 117 -12.84 -1.10 21.80
CA ASP G 117 -14.01 -1.96 21.56
C ASP G 117 -15.30 -1.24 21.86
N THR G 118 -16.14 -1.11 20.83
CA THR G 118 -17.44 -0.42 20.98
C THR G 118 -17.21 0.97 21.56
N ASP G 119 -16.91 1.90 20.68
CA ASP G 119 -16.67 3.26 21.10
C ASP G 119 -15.49 3.37 22.04
N LEU G 120 -15.74 3.40 23.34
CA LEU G 120 -14.65 3.52 24.31
C LEU G 120 -13.45 2.60 24.05
N ALA G 121 -12.29 2.98 24.61
CA ALA G 121 -11.07 2.23 24.43
C ALA G 121 -10.50 1.65 25.72
N MET G 122 -10.31 0.33 25.73
CA MET G 122 -9.75 -0.36 26.90
C MET G 122 -8.24 -0.54 26.82
N LEU G 123 -7.74 -1.33 27.76
CA LEU G 123 -6.33 -1.63 27.92
C LEU G 123 -6.15 -3.06 28.43
N GLU G 124 -5.64 -3.95 27.57
CA GLU G 124 -5.41 -5.35 27.95
C GLU G 124 -4.50 -5.48 29.17
N THR G 125 -4.76 -6.48 30.02
CA THR G 125 -3.95 -6.69 31.22
C THR G 125 -3.64 -8.16 31.36
N HIS G 126 -2.95 -8.50 32.44
CA HIS G 126 -2.59 -9.87 32.67
C HIS G 126 -2.08 -9.93 34.11
N TYR G 127 -2.96 -10.28 35.04
CA TYR G 127 -2.58 -10.32 36.44
C TYR G 127 -1.28 -11.06 36.70
N TYR G 128 -0.59 -10.61 37.76
CA TYR G 128 0.68 -11.17 38.16
C TYR G 128 0.72 -11.49 39.64
N GLY G 129 1.29 -12.64 39.97
CA GLY G 129 1.40 -13.01 41.37
C GLY G 129 0.32 -13.93 41.92
N GLY G 130 -0.78 -14.04 41.18
CA GLY G 130 -1.86 -14.88 41.65
C GLY G 130 -2.75 -14.17 42.68
N ILE G 131 -3.52 -13.20 42.20
CA ILE G 131 -4.42 -12.48 43.03
C ILE G 131 -5.64 -13.37 43.14
N LYS G 132 -5.61 -14.47 42.37
CA LYS G 132 -6.68 -15.49 42.29
C LYS G 132 -8.09 -14.96 42.48
N LYS G 133 -8.29 -14.23 43.57
CA LYS G 133 -9.58 -13.64 43.85
C LYS G 133 -9.59 -12.39 42.98
N TYR G 134 -10.18 -12.51 41.80
CA TYR G 134 -10.23 -11.40 40.89
C TYR G 134 -11.23 -10.33 41.33
N GLN G 135 -11.42 -10.18 42.63
CA GLN G 135 -12.32 -9.14 43.14
C GLN G 135 -11.44 -7.89 43.20
N TRP G 136 -10.88 -7.56 42.04
CA TRP G 136 -10.00 -6.42 41.82
C TRP G 136 -10.75 -5.46 40.92
N VAL G 137 -12.03 -5.69 40.74
CA VAL G 137 -12.81 -4.86 39.84
C VAL G 137 -13.16 -3.48 40.39
N THR G 138 -14.45 -3.17 40.39
CA THR G 138 -14.99 -1.91 40.89
C THR G 138 -14.07 -0.86 41.53
N LEU G 139 -13.27 -1.24 42.52
CA LEU G 139 -12.42 -0.24 43.17
C LEU G 139 -11.44 0.48 42.22
N PRO G 140 -11.13 1.76 42.50
CA PRO G 140 -10.24 2.66 41.76
C PRO G 140 -8.78 2.22 41.63
N LEU G 141 -8.25 2.28 40.41
CA LEU G 141 -6.87 1.88 40.14
C LEU G 141 -5.98 3.02 39.62
N ALA G 142 -4.67 2.87 39.84
CA ALA G 142 -3.68 3.85 39.39
C ALA G 142 -2.63 3.15 38.51
N ILE G 143 -2.03 3.88 37.58
CA ILE G 143 -1.00 3.30 36.74
C ILE G 143 0.42 3.73 37.14
N HIS G 144 1.31 2.76 37.25
CA HIS G 144 2.71 3.02 37.57
C HIS G 144 3.57 2.36 36.50
N GLY G 145 4.85 2.17 36.83
CA GLY G 145 5.74 1.54 35.87
C GLY G 145 6.55 2.52 35.06
N VAL G 146 7.11 2.01 33.96
CA VAL G 146 7.96 2.82 33.09
C VAL G 146 7.87 2.38 31.62
N ILE G 147 8.08 3.31 30.70
CA ILE G 147 8.07 2.98 29.28
C ILE G 147 9.42 3.32 28.69
N VAL G 148 9.95 2.43 27.84
CA VAL G 148 11.26 2.68 27.23
C VAL G 148 11.20 2.96 25.74
N LYS G 149 11.65 4.16 25.36
CA LYS G 149 11.65 4.58 23.96
C LYS G 149 12.63 3.68 23.21
N LYS G 150 12.49 3.64 21.89
CA LYS G 150 13.37 2.80 21.08
C LYS G 150 14.83 3.25 21.27
N ASP G 151 15.01 4.55 21.46
CA ASP G 151 16.33 5.14 21.65
C ASP G 151 16.91 4.83 23.02
N GLY G 152 16.07 4.34 23.92
CA GLY G 152 16.51 4.00 25.26
C GLY G 152 16.10 4.97 26.37
N THR G 153 15.36 6.01 26.01
CA THR G 153 14.92 6.98 26.99
C THR G 153 13.88 6.35 27.93
N ILE G 154 14.16 6.42 29.22
CA ILE G 154 13.25 5.87 30.20
C ILE G 154 12.25 6.92 30.71
N VAL G 155 10.98 6.71 30.42
CA VAL G 155 9.96 7.65 30.87
C VAL G 155 9.19 7.03 32.05
N ASN G 156 8.99 7.82 33.10
CA ASN G 156 8.27 7.33 34.27
C ASN G 156 6.80 7.66 34.23
N VAL G 157 5.97 6.67 34.54
CA VAL G 157 4.52 6.86 34.53
C VAL G 157 3.95 6.65 35.93
N CYS G 158 3.10 7.58 36.37
CA CYS G 158 2.46 7.50 37.68
C CYS G 158 1.16 8.30 37.64
N VAL G 159 0.09 7.67 37.17
CA VAL G 159 -1.21 8.31 37.07
C VAL G 159 -2.23 7.74 38.03
N GLY G 160 -2.95 8.63 38.72
CA GLY G 160 -3.97 8.18 39.65
C GLY G 160 -3.60 8.31 41.12
N GLU G 161 -2.42 8.82 41.41
CA GLU G 161 -2.01 8.95 42.81
C GLU G 161 -2.37 10.31 43.40
N ASP G 162 -2.06 11.39 42.68
CA ASP G 162 -2.39 12.73 43.16
C ASP G 162 -3.89 12.92 43.18
N ASP G 163 -4.38 13.69 44.16
CA ASP G 163 -5.82 13.93 44.27
C ASP G 163 -6.40 14.61 43.02
N ASN G 164 -5.54 14.99 42.07
CA ASN G 164 -6.00 15.65 40.86
C ASN G 164 -5.82 14.80 39.62
N ASP G 165 -5.21 13.63 39.77
CA ASP G 165 -4.99 12.75 38.64
C ASP G 165 -6.24 11.91 38.41
N PRO G 166 -6.50 11.56 37.16
CA PRO G 166 -7.68 10.74 36.87
C PRO G 166 -7.37 9.33 37.38
N VAL G 167 -8.38 8.46 37.42
CA VAL G 167 -8.18 7.11 37.91
C VAL G 167 -8.66 6.10 36.88
N PHE G 168 -8.44 4.82 37.15
CA PHE G 168 -8.84 3.75 36.25
C PHE G 168 -9.45 2.59 37.01
N GLY G 169 -10.00 1.63 36.28
CA GLY G 169 -10.61 0.49 36.93
C GLY G 169 -11.23 -0.52 36.00
N VAL G 170 -11.58 -1.69 36.55
CA VAL G 170 -12.16 -2.77 35.78
C VAL G 170 -13.65 -2.81 36.04
N SER G 171 -14.46 -2.91 34.99
CA SER G 171 -15.92 -2.93 35.13
C SER G 171 -16.46 -4.32 35.43
N ASP G 172 -17.72 -4.38 35.84
CA ASP G 172 -18.37 -5.66 36.15
C ASP G 172 -19.89 -5.48 36.03
N ILE G 173 -20.53 -6.39 35.30
CA ILE G 173 -21.97 -6.34 35.07
C ILE G 173 -22.75 -5.95 36.31
N LEU G 174 -23.79 -5.14 36.12
CA LEU G 174 -24.63 -4.74 37.24
C LEU G 174 -25.41 -5.96 37.72
N VAL G 175 -25.71 -6.01 39.01
CA VAL G 175 -26.43 -7.14 39.58
C VAL G 175 -27.73 -7.42 38.87
N HIS G 176 -28.34 -6.38 38.32
CA HIS G 176 -29.60 -6.53 37.62
C HIS G 176 -29.54 -7.55 36.48
N LEU G 177 -28.38 -7.66 35.85
CA LEU G 177 -28.23 -8.60 34.74
C LEU G 177 -27.12 -9.62 35.00
N ALA G 178 -26.63 -9.68 36.23
CA ALA G 178 -25.56 -10.61 36.57
C ALA G 178 -26.08 -11.99 36.90
N SER G 179 -27.38 -12.19 36.70
CA SER G 179 -28.04 -13.47 36.97
C SER G 179 -27.30 -14.66 36.34
N GLU G 180 -26.99 -14.56 35.06
CA GLU G 180 -26.32 -15.63 34.34
C GLU G 180 -24.90 -15.87 34.88
N GLN G 181 -24.38 -14.91 35.63
CA GLN G 181 -23.04 -15.02 36.21
C GLN G 181 -23.16 -15.56 37.64
N LEU G 182 -23.33 -16.88 37.76
CA LEU G 182 -23.46 -17.54 39.05
C LEU G 182 -22.56 -18.79 39.19
N GLU G 183 -22.28 -19.44 38.07
CA GLU G 183 -21.47 -20.64 38.12
C GLU G 183 -20.08 -20.41 38.71
N LYS G 184 -19.70 -21.30 39.64
CA LYS G 184 -18.40 -21.27 40.31
C LYS G 184 -17.84 -19.91 40.68
N LYS G 185 -17.81 -19.60 41.98
CA LYS G 185 -17.23 -18.33 42.44
C LYS G 185 -15.76 -18.41 42.07
N ALA G 186 -15.27 -19.64 42.00
CA ALA G 186 -13.87 -19.95 41.64
C ALA G 186 -13.39 -19.00 40.57
N SER G 187 -14.29 -18.66 39.66
CA SER G 187 -13.96 -17.74 38.59
C SER G 187 -15.07 -17.50 37.59
N LYS G 188 -15.66 -16.31 37.67
CA LYS G 188 -16.69 -15.89 36.74
C LYS G 188 -16.31 -14.45 36.34
N VAL G 189 -15.10 -14.09 36.70
CA VAL G 189 -14.48 -12.79 36.40
C VAL G 189 -13.03 -13.18 36.23
N ILE G 190 -12.53 -13.31 35.00
CA ILE G 190 -11.14 -13.73 34.84
C ILE G 190 -10.40 -13.27 33.59
N GLU G 191 -11.10 -12.65 32.65
CA GLU G 191 -10.47 -12.21 31.40
C GLU G 191 -9.18 -11.43 31.59
N GLY G 192 -8.64 -10.92 30.49
CA GLY G 192 -7.42 -10.13 30.55
C GLY G 192 -7.52 -9.00 29.56
N GLU G 193 -8.74 -8.57 29.30
CA GLU G 193 -8.98 -7.51 28.35
C GLU G 193 -10.01 -6.56 28.98
N ASP G 194 -9.68 -6.13 30.19
CA ASP G 194 -10.52 -5.27 30.98
C ASP G 194 -9.85 -3.92 31.18
N LEU G 195 -10.51 -3.02 31.88
CA LEU G 195 -9.93 -1.70 32.16
C LEU G 195 -9.92 -0.66 31.04
N ASN G 196 -10.97 0.16 30.98
CA ASN G 196 -11.06 1.20 29.96
C ASN G 196 -10.40 2.49 30.42
N ILE G 197 -9.60 3.05 29.52
CA ILE G 197 -8.87 4.27 29.84
C ILE G 197 -9.46 5.54 29.24
N LEU G 198 -10.53 5.42 28.46
CA LEU G 198 -11.12 6.63 27.91
C LEU G 198 -12.40 6.39 27.14
N ILE G 199 -13.37 7.26 27.41
CA ILE G 199 -14.66 7.18 26.75
C ILE G 199 -14.67 8.31 25.72
N GLY G 200 -15.82 8.43 25.07
CA GLY G 200 -16.04 9.46 24.05
C GLY G 200 -14.79 10.20 23.63
N SER G 201 -14.79 11.52 23.88
CA SER G 201 -13.66 12.37 23.52
C SER G 201 -13.05 11.72 22.27
N ILE G 202 -13.94 11.50 21.32
CA ILE G 202 -13.64 10.85 20.07
C ILE G 202 -13.71 11.89 18.95
N PRO G 203 -12.59 12.16 18.26
CA PRO G 203 -11.26 11.62 18.56
C PRO G 203 -10.25 12.76 18.48
N LEU G 204 -9.20 12.56 17.68
CA LEU G 204 -8.16 13.57 17.49
C LEU G 204 -8.48 14.33 16.20
N LYS G 205 -8.77 15.63 16.33
CA LYS G 205 -9.11 16.50 15.21
C LYS G 205 -10.22 15.89 14.35
N ASP G 206 -10.85 14.85 14.88
CA ASP G 206 -11.95 14.15 14.21
C ASP G 206 -11.63 13.82 12.76
N GLY G 207 -10.40 13.38 12.52
CA GLY G 207 -9.96 13.05 11.17
C GLY G 207 -10.28 11.63 10.76
N GLU G 208 -11.53 11.21 10.98
CA GLU G 208 -11.97 9.86 10.62
C GLU G 208 -11.14 8.76 11.30
N GLU G 209 -10.99 7.63 10.61
CA GLU G 209 -10.24 6.47 11.10
C GLU G 209 -11.02 5.70 12.17
N LYS G 210 -11.72 4.66 11.73
CA LYS G 210 -12.54 3.81 12.60
C LYS G 210 -12.27 3.92 14.11
N GLN G 211 -11.09 3.50 14.53
CA GLN G 211 -10.74 3.54 15.95
C GLN G 211 -10.47 4.99 16.39
N LYS G 212 -11.51 5.81 16.43
CA LYS G 212 -11.35 7.19 16.82
C LYS G 212 -11.00 7.37 18.30
N VAL G 213 -11.80 6.78 19.17
CA VAL G 213 -11.56 6.89 20.60
C VAL G 213 -10.14 6.48 20.94
N LYS G 214 -9.70 5.40 20.31
CA LYS G 214 -8.35 4.92 20.52
C LYS G 214 -7.35 5.97 20.02
N HIS G 215 -7.47 6.32 18.73
CA HIS G 215 -6.60 7.29 18.11
C HIS G 215 -6.43 8.51 19.00
N ASN G 216 -7.53 8.99 19.56
CA ASN G 216 -7.47 10.15 20.42
C ASN G 216 -6.60 9.95 21.67
N ILE G 217 -6.78 8.83 22.36
CA ILE G 217 -6.03 8.58 23.56
C ILE G 217 -4.54 8.43 23.29
N MET G 218 -4.19 7.78 22.19
CA MET G 218 -2.79 7.59 21.85
C MET G 218 -2.17 8.96 21.69
N LYS G 219 -2.89 9.86 21.03
CA LYS G 219 -2.44 11.24 20.82
C LYS G 219 -2.29 11.94 22.16
N ILE G 220 -3.26 11.74 23.05
CA ILE G 220 -3.24 12.36 24.37
C ILE G 220 -2.05 11.79 25.13
N LEU G 221 -1.85 10.50 24.95
CA LEU G 221 -0.74 9.81 25.59
C LEU G 221 0.56 10.23 24.94
N ASN G 222 0.46 10.77 23.74
CA ASN G 222 1.65 11.22 23.01
C ASN G 222 2.13 12.59 23.48
N GLU G 223 1.19 13.50 23.74
CA GLU G 223 1.52 14.85 24.22
C GLU G 223 2.34 14.71 25.49
N LYS G 224 1.83 13.97 26.47
CA LYS G 224 2.59 13.74 27.69
C LYS G 224 3.54 12.65 27.25
N TYR G 225 4.69 12.52 27.90
CA TYR G 225 5.65 11.50 27.49
C TYR G 225 6.06 11.77 26.05
N ASP G 226 6.15 10.72 25.24
CA ASP G 226 6.52 10.89 23.85
C ASP G 226 6.55 9.51 23.21
N ILE G 227 5.60 8.67 23.61
CA ILE G 227 5.52 7.32 23.10
C ILE G 227 4.61 7.19 21.88
N SER G 228 4.59 5.99 21.32
CA SER G 228 3.76 5.69 20.18
C SER G 228 3.01 4.44 20.59
N GLU G 229 2.13 3.91 19.73
CA GLU G 229 1.39 2.71 20.10
C GLU G 229 2.38 1.61 20.38
N GLU G 230 3.53 1.63 19.69
CA GLU G 230 4.58 0.64 19.95
C GLU G 230 5.13 1.10 21.30
N ASP G 231 6.39 0.84 21.59
CA ASP G 231 6.92 1.30 22.88
C ASP G 231 6.31 0.51 24.01
N PHE G 232 5.01 0.25 23.92
CA PHE G 232 4.33 -0.52 24.95
C PHE G 232 5.01 -1.87 24.99
N VAL G 233 5.49 -2.30 23.82
CA VAL G 233 6.19 -3.57 23.70
C VAL G 233 7.38 -3.57 24.66
N SER G 234 8.05 -2.43 24.77
CA SER G 234 9.20 -2.28 25.66
C SER G 234 8.82 -1.39 26.83
N ALA G 235 7.64 -1.65 27.38
CA ALA G 235 7.13 -0.86 28.51
C ALA G 235 7.02 -1.71 29.76
N GLU G 236 6.61 -1.07 30.86
CA GLU G 236 6.47 -1.77 32.11
C GLU G 236 5.12 -1.61 32.77
N LEU G 237 4.22 -2.50 32.33
CA LEU G 237 2.84 -2.62 32.80
C LEU G 237 2.75 -2.55 34.33
N GLU G 238 1.86 -1.73 34.87
CA GLU G 238 1.72 -1.65 36.32
C GLU G 238 0.42 -1.04 36.82
N ILE G 239 -0.57 -1.88 37.09
CA ILE G 239 -1.83 -1.39 37.60
C ILE G 239 -1.97 -1.73 39.06
N VAL G 240 -2.19 -0.71 39.86
CA VAL G 240 -2.31 -0.90 41.30
C VAL G 240 -3.41 -0.04 41.90
N PRO G 241 -3.99 -0.46 43.03
CA PRO G 241 -5.05 0.36 43.62
C PRO G 241 -4.54 1.75 43.98
N ALA G 242 -5.37 2.76 43.75
CA ALA G 242 -4.99 4.15 44.04
C ALA G 242 -5.34 4.53 45.47
N GLY G 243 -4.62 5.53 46.01
CA GLY G 243 -4.86 5.97 47.37
C GLY G 243 -3.72 5.64 48.31
N LYS G 244 -3.51 6.50 49.32
CA LYS G 244 -2.44 6.31 50.29
C LYS G 244 -2.92 5.29 51.31
N ALA G 245 -1.98 4.62 51.97
CA ALA G 245 -2.34 3.66 53.00
C ALA G 245 -2.96 4.50 54.12
N ARG G 246 -3.83 3.89 54.94
CA ARG G 246 -4.49 4.66 55.98
C ARG G 246 -4.51 4.00 57.34
N ASP G 247 -4.99 4.74 58.34
CA ASP G 247 -5.08 4.18 59.69
C ASP G 247 -6.34 3.32 59.69
N TYR G 248 -6.20 2.07 60.13
CA TYR G 248 -7.36 1.20 60.13
C TYR G 248 -7.87 0.99 61.54
N GLY G 249 -9.17 1.17 61.71
CA GLY G 249 -9.76 0.96 63.04
C GLY G 249 -10.04 2.19 63.88
N PHE G 250 -11.07 2.12 64.72
CA PHE G 250 -11.45 3.24 65.57
C PHE G 250 -10.34 3.61 66.54
N ASP G 251 -9.44 2.68 66.82
CA ASP G 251 -8.36 2.96 67.74
C ASP G 251 -7.04 3.12 67.01
N ARG G 252 -7.10 3.28 65.69
CA ARG G 252 -5.91 3.43 64.87
C ARG G 252 -4.83 2.42 65.19
N SER G 253 -5.22 1.19 65.52
CA SER G 253 -4.25 0.17 65.88
C SER G 253 -3.68 -0.59 64.70
N MET G 254 -4.39 -0.55 63.59
CA MET G 254 -3.95 -1.26 62.39
C MET G 254 -3.71 -0.31 61.22
N VAL G 255 -3.19 -0.87 60.13
CA VAL G 255 -2.91 -0.09 58.93
C VAL G 255 -3.43 -0.84 57.71
N MET G 256 -4.21 -0.15 56.88
CA MET G 256 -4.76 -0.71 55.67
C MET G 256 -4.01 -0.12 54.47
N GLY G 257 -3.51 -0.98 53.60
CA GLY G 257 -2.78 -0.51 52.43
C GLY G 257 -2.40 -1.62 51.47
N TYR G 258 -2.03 -1.22 50.25
CA TYR G 258 -1.62 -2.16 49.21
C TYR G 258 -0.15 -2.50 49.39
N GLY G 259 0.23 -3.70 48.97
CA GLY G 259 1.63 -4.10 49.08
C GLY G 259 2.08 -4.61 50.44
N GLN G 260 1.25 -4.44 51.45
CA GLN G 260 1.58 -4.92 52.79
C GLN G 260 2.36 -6.23 52.73
N ASP G 261 1.96 -7.13 51.83
CA ASP G 261 2.63 -8.43 51.68
C ASP G 261 4.12 -8.31 51.52
N ASP G 262 4.77 -8.65 52.61
CA ASP G 262 6.23 -8.66 52.74
C ASP G 262 6.89 -7.31 52.61
N ARG G 263 6.26 -6.41 51.88
CA ARG G 263 6.82 -5.09 51.73
C ARG G 263 6.92 -4.46 53.12
N ILE G 264 6.10 -4.95 54.04
CA ILE G 264 6.09 -4.47 55.39
C ILE G 264 7.31 -5.05 56.10
N CYS G 265 7.64 -6.30 55.79
CA CYS G 265 8.82 -6.93 56.40
C CYS G 265 10.06 -6.31 55.76
N ALA G 266 9.99 -6.08 54.46
CA ALA G 266 11.10 -5.51 53.74
C ALA G 266 11.44 -4.15 54.33
N TYR G 267 10.44 -3.48 54.90
CA TYR G 267 10.67 -2.17 55.47
C TYR G 267 11.25 -2.26 56.88
N THR G 268 10.60 -3.00 57.75
CA THR G 268 11.08 -3.15 59.11
C THR G 268 12.51 -3.68 59.05
N SER G 269 12.74 -4.64 58.17
CA SER G 269 14.07 -5.22 58.02
C SER G 269 15.04 -4.14 57.59
N PHE G 270 14.53 -3.18 56.83
CA PHE G 270 15.34 -2.07 56.36
C PHE G 270 15.76 -1.17 57.51
N GLU G 271 14.79 -0.56 58.19
CA GLU G 271 15.10 0.32 59.29
C GLU G 271 15.98 -0.40 60.29
N ALA G 272 15.62 -1.62 60.63
CA ALA G 272 16.44 -2.36 61.58
C ALA G 272 17.89 -2.37 61.09
N MET G 273 18.09 -2.81 59.85
CA MET G 273 19.42 -2.88 59.25
C MET G 273 20.05 -1.50 59.14
N LEU G 274 19.23 -0.50 58.83
CA LEU G 274 19.73 0.85 58.68
C LEU G 274 20.29 1.44 59.96
N GLU G 275 19.49 1.51 61.01
CA GLU G 275 19.96 2.08 62.27
C GLU G 275 20.78 1.10 63.10
N MET G 276 21.49 0.21 62.41
CA MET G 276 22.32 -0.77 63.08
C MET G 276 23.78 -0.34 63.07
N LYS G 277 24.24 0.12 64.23
CA LYS G 277 25.62 0.58 64.37
C LYS G 277 26.44 -0.36 65.26
N ASN G 278 27.76 -0.34 65.08
CA ASN G 278 28.65 -1.19 65.86
C ASN G 278 28.32 -2.66 65.58
N ALA G 279 28.86 -3.20 64.50
CA ALA G 279 28.59 -4.59 64.13
C ALA G 279 29.72 -5.52 64.53
N LYS G 280 29.35 -6.63 65.16
CA LYS G 280 30.34 -7.60 65.58
C LYS G 280 30.64 -8.50 64.39
N LYS G 281 29.57 -9.05 63.79
CA LYS G 281 29.72 -9.91 62.62
C LYS G 281 28.98 -9.25 61.46
N THR G 282 29.68 -9.12 60.33
CA THR G 282 29.10 -8.49 59.14
C THR G 282 27.71 -9.01 58.81
N CYS G 283 26.75 -8.10 58.74
CA CYS G 283 25.37 -8.46 58.45
C CYS G 283 24.88 -7.79 57.16
N ILE G 284 23.96 -8.46 56.47
CA ILE G 284 23.43 -7.95 55.22
C ILE G 284 21.93 -8.12 55.00
N THR G 285 21.36 -7.16 54.27
CA THR G 285 19.95 -7.14 53.96
C THR G 285 19.68 -7.35 52.48
N ILE G 286 18.85 -8.33 52.17
CA ILE G 286 18.51 -8.62 50.78
C ILE G 286 17.05 -8.30 50.49
N LEU G 287 16.81 -7.75 49.30
CA LEU G 287 15.46 -7.37 48.88
C LEU G 287 15.31 -7.68 47.41
N VAL G 288 14.70 -8.82 47.10
CA VAL G 288 14.51 -9.24 45.70
C VAL G 288 13.05 -9.27 45.31
N ASP G 289 12.78 -9.66 44.07
CA ASP G 289 11.39 -9.73 43.63
C ASP G 289 11.11 -11.08 42.96
N LYS G 290 10.01 -11.12 42.21
CA LYS G 290 9.59 -12.33 41.52
C LYS G 290 9.21 -13.46 42.47
N GLU G 291 9.15 -13.16 43.76
CA GLU G 291 8.79 -14.19 44.73
C GLU G 291 7.37 -14.65 44.52
N GLU G 292 6.46 -13.70 44.40
CA GLU G 292 5.04 -14.02 44.22
C GLU G 292 4.77 -14.75 42.90
N VAL G 293 5.78 -14.81 42.04
CA VAL G 293 5.62 -15.48 40.76
C VAL G 293 6.43 -16.78 40.64
N GLY G 294 7.17 -17.12 41.68
CA GLY G 294 7.96 -18.34 41.64
C GLY G 294 9.41 -18.16 42.03
N SER G 295 9.86 -16.91 42.06
CA SER G 295 11.23 -16.59 42.43
C SER G 295 12.24 -17.04 41.38
N ILE G 296 11.83 -17.03 40.11
CA ILE G 296 12.70 -17.43 39.01
C ILE G 296 13.95 -16.56 38.93
N GLY G 297 14.83 -16.92 38.00
CA GLY G 297 16.08 -16.21 37.82
C GLY G 297 16.00 -14.74 37.45
N ALA G 298 17.17 -14.17 37.15
CA ALA G 298 17.29 -12.76 36.77
C ALA G 298 17.29 -11.81 37.96
N THR G 299 16.23 -11.85 38.76
CA THR G 299 16.11 -10.97 39.92
C THR G 299 15.45 -11.60 41.16
N GLY G 300 15.69 -12.90 41.39
CA GLY G 300 15.11 -13.58 42.55
C GLY G 300 15.96 -14.71 43.11
N MET G 301 16.16 -15.75 42.30
CA MET G 301 16.96 -16.92 42.67
C MET G 301 18.34 -16.76 42.03
N GLN G 302 18.50 -15.62 41.36
CA GLN G 302 19.75 -15.27 40.68
C GLN G 302 20.99 -15.44 41.53
N SER G 303 22.15 -15.15 40.94
CA SER G 303 23.42 -15.25 41.62
C SER G 303 23.83 -13.86 42.08
N LYS G 304 22.98 -12.88 41.79
CA LYS G 304 23.22 -11.49 42.16
C LYS G 304 23.78 -11.38 43.57
N PHE G 305 23.32 -12.26 44.45
CA PHE G 305 23.78 -12.27 45.84
C PHE G 305 25.08 -13.05 45.94
N PHE G 306 25.07 -14.25 45.35
CA PHE G 306 26.24 -15.12 45.35
C PHE G 306 27.43 -14.34 44.82
N GLU G 307 27.39 -14.04 43.52
CA GLU G 307 28.46 -13.30 42.88
C GLU G 307 28.36 -11.84 43.26
N ASN G 308 28.46 -11.58 44.55
CA ASN G 308 28.38 -10.23 45.04
C ASN G 308 28.98 -10.19 46.43
N THR G 309 28.64 -11.21 47.21
CA THR G 309 29.19 -11.34 48.55
C THR G 309 30.66 -11.56 48.25
N VAL G 310 30.93 -12.18 47.11
CA VAL G 310 32.30 -12.45 46.71
C VAL G 310 32.91 -11.15 46.19
N ALA G 311 32.26 -10.53 45.22
CA ALA G 311 32.75 -9.28 44.66
C ALA G 311 33.00 -8.32 45.81
N ASP G 312 32.37 -8.60 46.95
CA ASP G 312 32.52 -7.76 48.12
C ASP G 312 33.59 -8.32 49.04
N ILE G 313 33.67 -9.65 49.10
CA ILE G 313 34.68 -10.34 49.91
C ILE G 313 36.07 -9.99 49.35
N MET G 314 36.11 -9.66 48.06
CA MET G 314 37.36 -9.29 47.39
C MET G 314 38.02 -8.09 48.07
N SER G 315 37.21 -7.12 48.50
CA SER G 315 37.73 -5.93 49.16
C SER G 315 37.76 -6.13 50.67
N ASP G 321 42.04 -13.39 50.85
CA ASP G 321 40.67 -12.90 50.81
C ASP G 321 40.07 -13.03 49.40
N GLU G 322 40.47 -14.09 48.70
CA GLU G 322 39.98 -14.32 47.35
C GLU G 322 39.25 -15.65 47.18
N LEU G 323 40.03 -16.70 46.94
CA LEU G 323 39.50 -18.06 46.73
C LEU G 323 38.24 -18.47 47.48
N LYS G 324 37.42 -19.23 46.77
CA LYS G 324 36.15 -19.75 47.26
C LYS G 324 35.99 -19.80 48.77
N LEU G 325 36.73 -20.70 49.42
CA LEU G 325 36.63 -20.86 50.88
C LEU G 325 35.27 -21.47 51.26
N ARG G 326 34.19 -20.98 50.64
CA ARG G 326 32.79 -21.44 50.86
C ARG G 326 32.20 -21.12 52.24
N LYS G 327 32.87 -21.60 53.28
CA LYS G 327 32.47 -21.39 54.67
C LYS G 327 31.74 -20.07 54.93
N ALA G 328 32.16 -19.02 54.23
CA ALA G 328 31.56 -17.71 54.40
C ALA G 328 30.03 -17.77 54.54
N LEU G 329 29.39 -18.38 53.54
CA LEU G 329 27.94 -18.50 53.54
C LEU G 329 27.46 -19.61 54.47
N TYR G 330 28.13 -20.75 54.43
CA TYR G 330 27.76 -21.90 55.25
C TYR G 330 27.62 -21.56 56.74
N ASN G 331 28.44 -20.63 57.22
CA ASN G 331 28.36 -20.28 58.63
C ASN G 331 27.49 -19.06 58.95
N SER G 332 26.58 -18.72 58.05
CA SER G 332 25.73 -17.57 58.29
C SER G 332 24.36 -17.96 58.86
N GLU G 333 23.64 -16.96 59.38
CA GLU G 333 22.33 -17.15 59.95
C GLU G 333 21.41 -16.16 59.27
N MET G 334 20.31 -16.64 58.68
CA MET G 334 19.37 -15.75 58.02
C MET G 334 17.99 -15.74 58.68
N LEU G 335 17.23 -14.71 58.34
CA LEU G 335 15.90 -14.54 58.86
C LEU G 335 14.99 -14.15 57.70
N SER G 336 14.87 -15.05 56.72
CA SER G 336 14.02 -14.81 55.53
C SER G 336 12.61 -14.58 56.02
N SER G 337 12.13 -13.34 55.96
CA SER G 337 10.79 -13.06 56.44
C SER G 337 9.78 -12.81 55.33
N ASP G 338 8.51 -13.06 55.63
CA ASP G 338 7.39 -12.85 54.69
C ASP G 338 6.11 -12.93 55.53
N VAL G 339 5.15 -12.07 55.20
CA VAL G 339 3.88 -12.03 55.93
C VAL G 339 3.19 -13.40 56.01
N SER G 340 2.42 -13.59 57.07
CA SER G 340 1.68 -14.82 57.28
C SER G 340 0.20 -14.49 57.40
N ALA G 341 -0.64 -15.50 57.35
CA ALA G 341 -2.08 -15.28 57.46
C ALA G 341 -2.54 -15.18 58.91
N ALA G 342 -3.12 -14.03 59.26
CA ALA G 342 -3.60 -13.83 60.62
C ALA G 342 -4.99 -14.43 60.73
N PHE G 343 -5.31 -14.96 61.90
CA PHE G 343 -6.61 -15.57 62.13
C PHE G 343 -7.72 -14.53 61.90
N ASP G 344 -8.63 -14.84 60.99
CA ASP G 344 -9.73 -13.94 60.71
C ASP G 344 -11.00 -14.47 61.36
N PRO G 345 -11.60 -13.67 62.25
CA PRO G 345 -12.83 -14.06 62.94
C PRO G 345 -14.02 -14.27 62.00
N ASN G 346 -13.85 -13.98 60.72
CA ASN G 346 -14.93 -14.18 59.77
C ASN G 346 -14.90 -15.57 59.18
N TYR G 347 -13.71 -16.15 59.09
CA TYR G 347 -13.55 -17.50 58.54
C TYR G 347 -12.60 -18.27 59.44
N PRO G 348 -13.13 -18.80 60.54
CA PRO G 348 -12.35 -19.56 61.53
C PRO G 348 -12.06 -21.02 61.20
N ASN G 349 -13.01 -21.67 60.56
CA ASN G 349 -12.88 -23.09 60.22
C ASN G 349 -11.77 -23.39 59.23
N VAL G 350 -11.10 -22.36 58.76
CA VAL G 350 -10.02 -22.56 57.81
C VAL G 350 -8.66 -22.71 58.50
N MET G 351 -8.59 -22.35 59.79
CA MET G 351 -7.34 -22.47 60.56
C MET G 351 -7.52 -23.27 61.84
N GLU G 352 -6.41 -23.75 62.36
CA GLU G 352 -6.42 -24.59 63.56
C GLU G 352 -6.52 -23.83 64.89
N LYS G 353 -6.84 -22.54 64.85
CA LYS G 353 -6.96 -21.77 66.09
C LYS G 353 -5.58 -21.73 66.73
N ARG G 354 -5.24 -22.78 67.47
CA ARG G 354 -3.91 -22.87 68.08
C ARG G 354 -2.96 -23.09 66.89
N ASN G 355 -1.71 -22.66 67.00
CA ASN G 355 -0.78 -22.82 65.90
C ASN G 355 -1.15 -21.91 64.72
N SER G 356 -1.74 -20.75 65.03
CA SER G 356 -2.15 -19.79 64.01
C SER G 356 -1.72 -18.44 64.51
N ALA G 357 -1.28 -17.59 63.62
CA ALA G 357 -0.85 -16.25 64.05
C ALA G 357 -2.04 -15.35 64.33
N TYR G 358 -1.91 -14.53 65.37
CA TYR G 358 -2.97 -13.61 65.73
C TYR G 358 -2.54 -12.16 65.64
N LEU G 359 -3.47 -11.32 65.21
CA LEU G 359 -3.23 -9.89 65.05
C LEU G 359 -2.77 -9.19 66.34
N GLY G 360 -1.47 -8.94 66.47
CA GLY G 360 -0.98 -8.25 67.63
C GLY G 360 -0.21 -9.07 68.65
N LYS G 361 0.02 -10.34 68.38
CA LYS G 361 0.77 -11.14 69.34
C LYS G 361 2.26 -11.18 69.05
N GLY G 362 2.77 -10.14 68.39
CA GLY G 362 4.19 -10.11 68.08
C GLY G 362 4.62 -10.62 66.71
N ILE G 363 5.91 -10.86 66.55
CA ILE G 363 6.47 -11.35 65.30
C ILE G 363 6.16 -12.83 65.15
N VAL G 364 5.94 -13.26 63.91
CA VAL G 364 5.61 -14.65 63.62
C VAL G 364 6.78 -15.52 63.19
N PHE G 365 6.79 -16.76 63.67
CA PHE G 365 7.83 -17.73 63.31
C PHE G 365 7.21 -18.97 62.70
N ASN G 366 7.77 -19.42 61.59
CA ASN G 366 7.25 -20.60 60.90
C ASN G 366 8.35 -21.61 60.69
N LYS G 367 8.34 -22.67 61.48
CA LYS G 367 9.35 -23.71 61.36
C LYS G 367 9.30 -24.30 59.95
N TYR G 368 8.09 -24.63 59.53
CA TYR G 368 7.87 -25.19 58.21
C TYR G 368 6.67 -24.53 57.58
N THR G 369 6.58 -24.61 56.25
CA THR G 369 5.49 -24.01 55.50
C THR G 369 5.39 -24.60 54.11
N GLY G 370 4.72 -25.73 54.00
CA GLY G 370 4.59 -26.36 52.70
C GLY G 370 3.15 -26.67 52.33
N SER G 371 2.95 -27.87 51.79
CA SER G 371 1.62 -28.32 51.37
C SER G 371 1.28 -29.69 51.97
N ARG G 372 0.96 -30.63 51.10
CA ARG G 372 0.63 -31.98 51.52
C ARG G 372 1.79 -32.65 52.25
N GLY G 373 1.92 -32.36 53.54
CA GLY G 373 3.00 -32.97 54.30
C GLY G 373 4.33 -32.25 54.28
N LYS G 374 4.27 -30.94 54.52
CA LYS G 374 5.47 -30.11 54.55
C LYS G 374 6.24 -30.14 53.23
N SER G 375 5.57 -30.60 52.17
CA SER G 375 6.19 -30.69 50.86
C SER G 375 6.69 -29.36 50.28
N GLY G 376 7.92 -29.39 49.80
CA GLY G 376 8.53 -28.22 49.20
C GLY G 376 8.60 -26.97 50.06
N CYS G 377 9.53 -26.95 51.01
CA CYS G 377 9.68 -25.81 51.88
C CYS G 377 10.84 -26.02 52.82
N ASN G 378 11.35 -24.94 53.38
CA ASN G 378 12.47 -25.03 54.32
C ASN G 378 12.01 -25.36 55.74
N ASP G 379 12.72 -26.25 56.40
CA ASP G 379 12.38 -26.64 57.77
C ASP G 379 13.49 -26.23 58.73
N ALA G 380 13.23 -25.16 59.49
CA ALA G 380 14.19 -24.63 60.44
C ALA G 380 14.64 -25.62 61.51
N ASN G 381 15.93 -25.58 61.85
CA ASN G 381 16.49 -26.49 62.86
C ASN G 381 16.15 -26.00 64.27
N PRO G 382 15.78 -26.93 65.17
CA PRO G 382 15.43 -26.57 66.55
C PRO G 382 16.56 -25.82 67.28
N GLU G 383 17.78 -26.33 67.14
CA GLU G 383 18.91 -25.69 67.80
C GLU G 383 18.97 -24.22 67.44
N TYR G 384 18.70 -23.90 66.18
CA TYR G 384 18.72 -22.51 65.73
C TYR G 384 17.51 -21.75 66.30
N ILE G 385 16.36 -22.42 66.31
CA ILE G 385 15.14 -21.84 66.82
C ILE G 385 15.32 -21.48 68.28
N ALA G 386 15.81 -22.43 69.05
CA ALA G 386 16.04 -22.19 70.47
C ALA G 386 16.84 -20.92 70.65
N GLU G 387 17.91 -20.78 69.88
CA GLU G 387 18.76 -19.59 69.98
C GLU G 387 17.94 -18.32 69.78
N LEU G 388 17.18 -18.29 68.71
CA LEU G 388 16.35 -17.12 68.43
C LEU G 388 15.45 -16.83 69.62
N ARG G 389 14.96 -17.89 70.25
CA ARG G 389 14.09 -17.73 71.40
C ARG G 389 14.85 -16.96 72.45
N ARG G 390 15.95 -17.54 72.89
CA ARG G 390 16.80 -16.93 73.91
C ARG G 390 17.03 -15.44 73.59
N ILE G 391 17.46 -15.17 72.36
CA ILE G 391 17.73 -13.81 71.92
C ILE G 391 16.51 -12.90 72.06
N LEU G 392 15.41 -13.31 71.44
CA LEU G 392 14.19 -12.52 71.49
C LEU G 392 13.59 -12.56 72.87
N SER G 393 14.39 -12.93 73.87
CA SER G 393 13.89 -12.96 75.24
C SER G 393 14.64 -11.86 75.97
N LYS G 394 15.96 -11.88 75.80
CA LYS G 394 16.82 -10.90 76.42
C LYS G 394 16.33 -9.51 76.00
N GLU G 395 16.41 -9.20 74.71
CA GLU G 395 15.98 -7.90 74.22
C GLU G 395 14.47 -7.82 74.24
N SER G 396 13.85 -8.82 74.86
CA SER G 396 12.39 -8.89 74.94
C SER G 396 11.81 -9.16 73.56
N VAL G 397 10.76 -8.43 73.18
CA VAL G 397 10.12 -8.60 71.88
C VAL G 397 9.15 -9.78 71.92
N ASN G 398 7.91 -9.55 71.52
CA ASN G 398 6.90 -10.60 71.52
C ASN G 398 6.93 -11.37 70.22
N TRP G 399 6.85 -12.69 70.33
CA TRP G 399 6.84 -13.54 69.17
C TRP G 399 5.81 -14.64 69.33
N GLN G 400 5.34 -15.16 68.20
CA GLN G 400 4.33 -16.23 68.18
C GLN G 400 4.63 -17.12 66.98
N THR G 401 4.29 -18.39 67.12
CA THR G 401 4.51 -19.35 66.04
C THR G 401 3.20 -19.68 65.36
N ALA G 402 3.25 -19.79 64.04
CA ALA G 402 2.04 -20.07 63.28
C ALA G 402 2.24 -21.14 62.18
N GLU G 403 1.13 -21.57 61.62
CA GLU G 403 1.11 -22.57 60.58
C GLU G 403 0.04 -22.07 59.61
N LEU G 404 0.24 -22.24 58.31
CA LEU G 404 -0.73 -21.73 57.35
C LEU G 404 -1.94 -22.62 57.12
N GLY G 405 -3.00 -22.42 57.92
CA GLY G 405 -4.20 -23.23 57.75
C GLY G 405 -4.10 -24.66 58.25
N LYS G 406 -5.24 -25.20 58.67
CA LYS G 406 -5.30 -26.54 59.19
C LYS G 406 -4.74 -27.57 58.22
N VAL G 407 -3.54 -28.04 58.52
CA VAL G 407 -2.86 -29.03 57.71
C VAL G 407 -3.21 -28.97 56.23
N ASP G 408 -3.95 -29.96 55.74
CA ASP G 408 -4.31 -30.02 54.33
C ASP G 408 -5.24 -28.94 53.78
N GLN G 409 -4.96 -27.68 54.10
CA GLN G 409 -5.80 -26.60 53.60
C GLN G 409 -5.15 -25.86 52.43
N GLY G 410 -4.39 -24.81 52.76
CA GLY G 410 -3.73 -24.04 51.74
C GLY G 410 -2.31 -24.52 51.50
N GLY G 411 -1.70 -24.01 50.43
CA GLY G 411 -0.35 -24.38 50.09
C GLY G 411 0.63 -23.30 50.50
N GLY G 412 1.91 -23.65 50.56
CA GLY G 412 2.92 -22.69 50.96
C GLY G 412 4.24 -22.88 50.22
N GLY G 413 5.14 -21.91 50.37
CA GLY G 413 6.42 -21.97 49.72
C GLY G 413 7.15 -20.64 49.78
N THR G 414 8.05 -20.50 50.74
CA THR G 414 8.82 -19.26 50.91
C THR G 414 10.20 -19.39 50.27
N ILE G 415 10.83 -18.25 50.00
CA ILE G 415 12.16 -18.25 49.39
C ILE G 415 13.24 -18.52 50.43
N ALA G 416 12.83 -19.10 51.56
CA ALA G 416 13.76 -19.40 52.64
C ALA G 416 14.73 -20.54 52.31
N TYR G 417 14.23 -21.54 51.58
CA TYR G 417 15.05 -22.69 51.21
C TYR G 417 16.08 -22.35 50.14
N ILE G 418 15.78 -21.32 49.35
CA ILE G 418 16.68 -20.91 48.28
C ILE G 418 18.08 -20.54 48.75
N LEU G 419 18.19 -19.94 49.93
CA LEU G 419 19.50 -19.57 50.46
C LEU G 419 20.04 -20.62 51.41
N ALA G 420 19.13 -21.39 52.00
CA ALA G 420 19.56 -22.44 52.93
C ALA G 420 20.34 -23.47 52.15
N GLU G 421 20.23 -23.41 50.82
CA GLU G 421 20.92 -24.36 49.95
C GLU G 421 22.43 -24.30 50.20
N TYR G 422 22.88 -23.22 50.83
CA TYR G 422 24.30 -23.06 51.12
C TYR G 422 24.64 -23.77 52.41
N GLY G 423 23.66 -23.93 53.28
CA GLY G 423 23.88 -24.58 54.56
C GLY G 423 23.57 -23.64 55.73
N MET G 424 23.08 -22.45 55.41
CA MET G 424 22.74 -21.44 56.41
C MET G 424 21.70 -21.95 57.40
N GLN G 425 21.49 -21.17 58.45
CA GLN G 425 20.49 -21.49 59.46
C GLN G 425 19.36 -20.50 59.22
N VAL G 426 18.37 -20.93 58.47
CA VAL G 426 17.25 -20.07 58.13
C VAL G 426 15.98 -20.43 58.86
N ILE G 427 15.07 -19.47 58.93
CA ILE G 427 13.78 -19.67 59.57
C ILE G 427 12.83 -18.60 59.04
N ASP G 428 11.55 -18.93 58.95
CA ASP G 428 10.58 -17.97 58.45
C ASP G 428 10.00 -17.01 59.47
N CYS G 429 10.10 -15.73 59.17
CA CYS G 429 9.59 -14.69 60.04
C CYS G 429 8.62 -13.81 59.29
N GLY G 430 8.18 -12.75 59.94
CA GLY G 430 7.25 -11.85 59.31
C GLY G 430 6.09 -11.47 60.19
N VAL G 431 5.33 -10.52 59.70
CA VAL G 431 4.16 -10.00 60.40
C VAL G 431 2.94 -10.76 59.97
N ALA G 432 1.89 -10.71 60.77
CA ALA G 432 0.64 -11.39 60.42
C ALA G 432 -0.30 -10.39 59.71
N LEU G 433 -0.80 -10.76 58.55
CA LEU G 433 -1.70 -9.89 57.83
C LEU G 433 -3.14 -10.38 57.78
N LEU G 434 -4.02 -9.53 57.28
CA LEU G 434 -5.42 -9.84 57.13
C LEU G 434 -5.68 -9.72 55.63
N ASN G 435 -6.43 -10.67 55.09
CA ASN G 435 -6.72 -10.72 53.65
C ASN G 435 -5.53 -10.38 52.76
N HIS G 437 -2.74 -10.67 49.62
CA HIS G 437 -2.88 -10.53 48.18
C HIS G 437 -4.15 -9.82 47.74
N ALA G 438 -4.72 -9.03 48.64
CA ALA G 438 -5.92 -8.27 48.31
C ALA G 438 -5.45 -6.87 48.03
N PRO G 439 -6.22 -6.10 47.27
CA PRO G 439 -5.83 -4.73 46.95
C PRO G 439 -5.59 -3.90 48.21
N TRP G 440 -6.24 -4.28 49.30
CA TRP G 440 -6.05 -3.60 50.57
C TRP G 440 -5.84 -4.62 51.66
N GLU G 441 -4.64 -4.61 52.24
CA GLU G 441 -4.26 -5.53 53.30
C GLU G 441 -4.22 -4.81 54.64
N ILE G 442 -4.37 -5.56 55.73
CA ILE G 442 -4.35 -4.97 57.08
C ILE G 442 -3.24 -5.52 57.95
N SER G 443 -2.69 -4.67 58.81
CA SER G 443 -1.61 -5.10 59.70
C SER G 443 -1.68 -4.40 61.05
N SER G 444 -1.12 -5.02 62.08
CA SER G 444 -1.10 -4.44 63.42
C SER G 444 0.17 -3.64 63.66
N LYS G 445 0.00 -2.36 63.96
CA LYS G 445 1.16 -1.51 64.23
C LYS G 445 2.03 -2.13 65.31
N ALA G 446 1.40 -2.69 66.33
CA ALA G 446 2.14 -3.33 67.40
C ALA G 446 3.03 -4.40 66.80
N ASP G 447 2.47 -5.23 65.91
CA ASP G 447 3.26 -6.29 65.28
C ASP G 447 4.39 -5.69 64.44
N ILE G 448 4.06 -4.71 63.60
CA ILE G 448 5.08 -4.05 62.78
C ILE G 448 6.27 -3.71 63.69
N TYR G 449 5.98 -2.94 64.74
CA TYR G 449 6.98 -2.51 65.71
C TYR G 449 7.74 -3.71 66.25
N GLU G 450 7.02 -4.59 66.93
CA GLU G 450 7.64 -5.78 67.51
C GLU G 450 8.59 -6.47 66.52
N THR G 451 8.11 -6.70 65.31
CA THR G 451 8.90 -7.35 64.28
C THR G 451 10.23 -6.65 64.10
N LYS G 452 10.19 -5.34 63.89
CA LYS G 452 11.42 -4.58 63.70
C LYS G 452 12.37 -4.87 64.86
N ASN G 453 11.90 -4.69 66.09
CA ASN G 453 12.73 -4.95 67.24
C ASN G 453 13.26 -6.36 67.18
N GLY G 454 12.45 -7.28 66.67
CA GLY G 454 12.87 -8.67 66.57
C GLY G 454 14.06 -8.76 65.65
N TYR G 455 13.99 -8.02 64.54
CA TYR G 455 15.09 -8.02 63.57
C TYR G 455 16.31 -7.39 64.21
N SER G 456 16.14 -6.15 64.66
CA SER G 456 17.23 -5.41 65.29
C SER G 456 17.88 -6.24 66.41
N ALA G 457 17.07 -6.97 67.18
CA ALA G 457 17.58 -7.81 68.24
C ALA G 457 18.22 -9.07 67.66
N PHE G 458 18.71 -8.96 66.43
CA PHE G 458 19.34 -10.08 65.73
C PHE G 458 20.70 -9.56 65.26
N LEU G 459 21.13 -8.43 65.82
CA LEU G 459 22.40 -7.81 65.48
C LEU G 459 23.53 -8.47 66.23
N ASN G 460 23.30 -8.66 67.53
CA ASN G 460 24.27 -9.26 68.43
C ASN G 460 23.92 -10.71 68.76
N ASN G 461 24.96 -11.53 68.89
CA ASN G 461 24.81 -12.95 69.21
C ASN G 461 23.94 -13.64 68.16
N LEU H 1 3.02 7.16 16.41
CA LEU H 1 1.71 6.93 15.75
C LEU H 1 1.05 5.65 16.25
N LEU H 2 0.69 4.75 15.34
CA LEU H 2 0.06 3.51 15.77
C LEU H 2 1.03 2.34 15.75
N LYS H 3 0.54 1.16 15.35
CA LYS H 3 1.40 0.00 15.30
C LYS H 3 0.75 -1.05 14.43
N GLU H 4 0.99 -0.99 13.13
CA GLU H 4 0.42 -1.98 12.22
C GLU H 4 1.56 -2.99 12.09
N TYR H 5 1.21 -4.24 11.83
CA TYR H 5 2.21 -5.30 11.71
C TYR H 5 2.57 -5.70 10.29
N LYS H 6 1.56 -5.79 9.43
CA LYS H 6 1.80 -6.20 8.06
C LYS H 6 2.49 -7.54 8.18
N ASN H 7 2.77 -8.19 7.06
CA ASN H 7 3.42 -9.49 7.23
C ASN H 7 4.81 -9.46 6.65
N ALA H 8 5.36 -10.65 6.49
CA ALA H 8 6.70 -10.83 6.00
C ALA H 8 6.84 -10.72 4.49
N TRP H 9 5.95 -11.37 3.74
CA TRP H 9 6.01 -11.31 2.28
C TRP H 9 5.75 -9.85 1.86
N ASP H 10 5.64 -9.60 0.56
CA ASP H 10 5.45 -8.24 0.04
C ASP H 10 6.78 -7.56 0.22
N LYS H 11 7.08 -7.23 1.47
CA LYS H 11 8.33 -6.60 1.81
C LYS H 11 9.46 -7.39 1.18
N TYR H 12 9.34 -8.72 1.22
CA TYR H 12 10.36 -9.59 0.61
C TYR H 12 10.48 -9.32 -0.88
N ASP H 13 9.80 -10.15 -1.66
CA ASP H 13 9.84 -10.03 -3.10
C ASP H 13 11.31 -9.81 -3.44
N ASP H 14 11.61 -8.65 -4.00
CA ASP H 14 12.97 -8.31 -4.35
C ASP H 14 13.49 -9.34 -5.36
N LYS H 15 12.72 -10.40 -5.60
CA LYS H 15 13.09 -11.47 -6.52
C LYS H 15 14.28 -12.22 -5.95
N GLN H 16 15.05 -11.53 -5.11
CA GLN H 16 16.23 -12.08 -4.49
C GLN H 16 15.78 -12.66 -3.16
N LEU H 17 15.45 -11.76 -2.23
CA LEU H 17 15.00 -12.14 -0.90
C LEU H 17 14.20 -13.44 -0.95
N LYS H 18 13.16 -13.49 -1.78
CA LYS H 18 12.34 -14.69 -1.91
C LYS H 18 13.20 -15.90 -2.21
N GLU H 19 13.82 -15.91 -3.39
CA GLU H 19 14.70 -17.00 -3.80
C GLU H 19 15.67 -17.33 -2.68
N VAL H 20 16.15 -16.29 -2.00
CA VAL H 20 17.11 -16.45 -0.92
C VAL H 20 16.56 -17.22 0.27
N PHE H 21 15.35 -17.73 0.14
CA PHE H 21 14.80 -18.50 1.25
C PHE H 21 13.70 -19.47 0.84
N ALA H 22 12.88 -19.05 -0.11
CA ALA H 22 11.80 -19.91 -0.61
C ALA H 22 12.42 -21.27 -0.85
N LEU H 23 13.63 -21.24 -1.39
CA LEU H 23 14.40 -22.45 -1.65
C LEU H 23 15.59 -22.35 -0.70
N GLY H 24 15.84 -21.13 -0.24
CA GLY H 24 16.95 -20.90 0.67
C GLY H 24 16.90 -21.82 1.87
N ASP H 25 16.21 -21.37 2.92
CA ASP H 25 16.09 -22.19 4.12
C ASP H 25 15.25 -23.43 3.87
N ARG H 26 14.16 -23.27 3.11
CA ARG H 26 13.32 -24.42 2.79
C ARG H 26 14.16 -25.26 1.86
N PHE H 27 15.05 -26.04 2.45
CA PHE H 27 15.94 -26.91 1.71
C PHE H 27 16.87 -27.30 2.82
N LYS H 28 17.61 -26.33 3.33
CA LYS H 28 18.51 -26.62 4.42
C LYS H 28 17.67 -27.17 5.57
N ASN H 29 16.85 -26.32 6.18
CA ASN H 29 15.97 -26.73 7.28
C ASN H 29 15.11 -27.85 6.73
N PHE H 30 14.36 -27.51 5.69
CA PHE H 30 13.48 -28.46 5.06
C PHE H 30 14.07 -29.87 5.06
N ILE H 31 15.39 -29.98 4.95
CA ILE H 31 16.04 -31.30 4.91
C ILE H 31 16.61 -31.71 6.25
N SER H 32 16.97 -30.73 7.07
CA SER H 32 17.53 -31.02 8.39
C SER H 32 16.61 -31.92 9.19
N ASN H 33 15.36 -31.50 9.37
CA ASN H 33 14.43 -32.30 10.15
C ASN H 33 13.89 -33.50 9.38
N CYS H 34 14.72 -34.10 8.54
CA CYS H 34 14.31 -35.28 7.77
C CYS H 34 15.38 -36.33 7.98
N LYS H 35 16.63 -35.89 7.97
CA LYS H 35 17.76 -36.78 8.15
C LYS H 35 18.22 -36.72 9.60
N THR H 36 17.40 -36.12 10.45
CA THR H 36 17.73 -35.97 11.87
C THR H 36 16.43 -35.78 12.63
N GLU H 37 15.96 -36.83 13.31
CA GLU H 37 14.70 -36.75 14.05
C GLU H 37 14.85 -37.18 15.51
N ARG H 38 16.04 -37.62 15.86
CA ARG H 38 16.31 -38.06 17.22
C ARG H 38 17.59 -37.44 17.73
N GLU H 39 17.48 -36.32 18.44
CA GLU H 39 18.62 -35.60 19.01
C GLU H 39 20.03 -35.96 18.48
N CYS H 40 20.11 -36.43 17.25
CA CYS H 40 21.38 -36.78 16.65
C CYS H 40 21.69 -35.57 15.81
N VAL H 41 20.91 -34.54 16.06
CA VAL H 41 21.08 -33.27 15.37
C VAL H 41 22.56 -32.93 15.62
N THR H 42 23.05 -33.31 16.79
CA THR H 42 24.43 -33.07 17.15
C THR H 42 25.33 -33.60 16.06
N GLU H 43 25.19 -34.88 15.73
CA GLU H 43 26.02 -35.49 14.69
C GLU H 43 26.00 -34.70 13.39
N LEU H 44 24.86 -34.69 12.72
CA LEU H 44 24.74 -33.98 11.46
C LEU H 44 25.22 -32.54 11.56
N ILE H 45 24.91 -31.89 12.67
CA ILE H 45 25.34 -30.50 12.84
C ILE H 45 26.84 -30.41 13.09
N LYS H 46 27.37 -31.32 13.91
CA LYS H 46 28.78 -31.32 14.21
C LYS H 46 29.56 -31.64 12.95
N THR H 47 28.97 -32.44 12.06
CA THR H 47 29.65 -32.76 10.80
C THR H 47 29.73 -31.45 10.05
N ALA H 48 28.65 -30.67 10.08
CA ALA H 48 28.69 -29.35 9.44
C ALA H 48 29.61 -28.57 10.38
N GLU H 49 29.77 -27.27 10.18
CA GLU H 49 30.67 -26.53 11.03
C GLU H 49 32.07 -27.13 10.90
N LYS H 50 32.26 -27.91 9.84
CA LYS H 50 33.55 -28.53 9.57
C LYS H 50 34.45 -27.40 9.12
N SER H 51 33.83 -26.25 8.84
CA SER H 51 34.54 -25.06 8.44
C SER H 51 35.09 -24.36 9.69
N GLY H 52 35.87 -25.12 10.46
CA GLY H 52 36.45 -24.62 11.70
C GLY H 52 35.87 -25.40 12.87
N TYR H 53 36.04 -24.85 14.09
CA TYR H 53 35.49 -25.51 15.27
C TYR H 53 36.19 -26.84 15.58
N ARG H 54 36.32 -27.14 16.88
CA ARG H 54 36.93 -28.39 17.28
C ARG H 54 36.92 -28.55 18.79
N ASN H 55 37.79 -27.79 19.48
CA ASN H 55 37.92 -27.84 20.94
C ASN H 55 37.88 -29.27 21.45
N ILE H 56 36.66 -29.71 21.72
CA ILE H 56 36.37 -31.05 22.21
C ILE H 56 37.54 -31.69 22.97
N GLU H 57 38.48 -32.26 22.22
CA GLU H 57 39.65 -32.92 22.81
C GLU H 57 40.90 -32.08 22.59
N ASP H 58 40.99 -31.43 21.43
CA ASP H 58 42.12 -30.61 21.07
C ASP H 58 42.30 -29.35 21.92
N ILE H 59 42.61 -29.56 23.20
CA ILE H 59 42.83 -28.46 24.11
C ILE H 59 44.30 -28.45 24.48
N LEU H 60 45.06 -27.54 23.86
CA LEU H 60 46.51 -27.38 24.09
C LEU H 60 46.88 -25.91 24.31
N ALA H 61 45.87 -25.07 24.52
CA ALA H 61 46.03 -23.62 24.73
C ALA H 61 46.44 -22.97 23.41
N LYS H 62 47.50 -23.52 22.82
CA LYS H 62 48.02 -23.03 21.56
C LYS H 62 47.72 -24.05 20.46
N GLY H 63 47.00 -25.11 20.83
CA GLY H 63 46.65 -26.13 19.85
C GLY H 63 45.94 -25.47 18.70
N GLU H 64 45.25 -24.38 19.01
CA GLU H 64 44.50 -23.58 18.03
C GLU H 64 44.69 -22.11 18.44
N THR H 65 45.56 -21.90 19.43
CA THR H 65 45.85 -20.58 19.98
C THR H 65 44.58 -19.77 20.19
N LEU H 66 43.85 -20.13 21.24
CA LEU H 66 42.59 -19.48 21.58
C LEU H 66 42.72 -17.96 21.59
N LYS H 67 42.25 -17.33 20.53
CA LYS H 67 42.29 -15.88 20.40
C LYS H 67 41.36 -15.40 19.29
N GLU H 68 41.48 -14.12 18.92
CA GLU H 68 40.67 -13.52 17.87
C GLU H 68 40.34 -14.48 16.73
N GLY H 69 39.10 -14.39 16.25
CA GLY H 69 38.67 -15.23 15.15
C GLY H 69 38.62 -16.75 15.32
N ASP H 70 38.80 -17.24 16.53
CA ASP H 70 38.76 -18.67 16.76
C ASP H 70 37.34 -19.17 16.97
N LYS H 71 37.10 -20.41 16.54
CA LYS H 71 35.78 -21.05 16.66
C LYS H 71 35.89 -22.51 17.09
N VAL H 72 35.21 -22.86 18.18
CA VAL H 72 35.26 -24.22 18.71
C VAL H 72 33.90 -24.74 19.19
N TYR H 73 33.80 -26.05 19.31
CA TYR H 73 32.56 -26.66 19.77
C TYR H 73 32.85 -27.63 20.89
N ALA H 74 31.82 -27.95 21.68
CA ALA H 74 31.96 -28.89 22.79
C ALA H 74 30.80 -29.86 22.77
N ASN H 75 31.12 -31.15 22.70
CA ASN H 75 30.06 -32.16 22.65
C ASN H 75 29.73 -32.70 24.03
N ASN H 76 28.45 -32.78 24.34
CA ASN H 76 28.03 -33.29 25.64
C ASN H 76 27.43 -34.68 25.49
N ARG H 77 28.29 -35.69 25.63
CA ARG H 77 27.90 -37.08 25.48
C ARG H 77 26.97 -37.30 24.31
N GLY H 78 27.18 -36.52 23.25
CA GLY H 78 26.38 -36.64 22.04
C GLY H 78 24.96 -36.11 22.10
N LYS H 79 24.46 -35.86 23.30
CA LYS H 79 23.10 -35.37 23.46
C LYS H 79 23.02 -33.86 23.37
N GLY H 80 24.14 -33.19 23.60
CA GLY H 80 24.14 -31.73 23.54
C GLY H 80 25.30 -31.13 22.79
N LEU H 81 25.13 -29.88 22.38
CA LEU H 81 26.17 -29.17 21.62
C LEU H 81 26.22 -27.67 21.89
N ILE H 82 27.43 -27.15 22.01
CA ILE H 82 27.62 -25.72 22.25
C ILE H 82 28.80 -25.21 21.40
N MET H 83 28.55 -24.15 20.65
CA MET H 83 29.57 -23.56 19.79
C MET H 83 30.01 -22.15 20.22
N PHE H 84 31.30 -21.86 20.06
CA PHE H 84 31.85 -20.56 20.40
C PHE H 84 32.43 -19.86 19.19
N LEU H 85 32.68 -18.57 19.35
CA LEU H 85 33.27 -17.75 18.30
C LEU H 85 33.88 -16.54 18.97
N ILE H 86 35.18 -16.60 19.21
CA ILE H 86 35.86 -15.50 19.87
C ILE H 86 35.85 -14.19 19.07
N GLY H 87 35.75 -13.08 19.79
CA GLY H 87 35.73 -11.78 19.16
C GLY H 87 36.82 -10.86 19.69
N LYS H 88 36.88 -9.65 19.15
CA LYS H 88 37.87 -8.67 19.55
C LYS H 88 37.94 -8.50 21.06
N GLU H 89 36.88 -7.94 21.63
CA GLU H 89 36.83 -7.71 23.07
C GLU H 89 37.09 -9.00 23.84
N PRO H 90 37.47 -8.89 25.12
CA PRO H 90 37.76 -10.03 25.99
C PRO H 90 36.47 -10.69 26.53
N LEU H 91 36.55 -11.97 26.88
CA LEU H 91 35.37 -12.68 27.38
C LEU H 91 34.78 -11.94 28.58
N TYR H 92 35.65 -11.50 29.48
CA TYR H 92 35.23 -10.78 30.68
C TYR H 92 34.19 -9.69 30.36
N THR H 93 34.16 -9.23 29.12
CA THR H 93 33.21 -8.20 28.70
C THR H 93 31.78 -8.72 28.76
N GLY H 94 31.51 -9.78 28.01
CA GLY H 94 30.18 -10.36 27.99
C GLY H 94 30.06 -11.39 26.87
N PHE H 95 28.84 -11.81 26.57
CA PHE H 95 28.63 -12.79 25.51
C PHE H 95 27.36 -12.49 24.74
N LYS H 96 27.22 -13.15 23.60
CA LYS H 96 26.05 -13.01 22.76
C LYS H 96 25.58 -14.43 22.56
N ILE H 97 24.72 -14.91 23.46
CA ILE H 97 24.26 -16.27 23.38
C ILE H 97 22.96 -16.52 22.64
N LEU H 98 22.88 -17.67 21.97
CA LEU H 98 21.69 -18.11 21.27
C LEU H 98 21.40 -19.51 21.78
N GLY H 99 20.23 -19.71 22.39
CA GLY H 99 19.90 -21.02 22.92
C GLY H 99 18.69 -21.67 22.31
N ALA H 100 18.66 -23.01 22.35
CA ALA H 100 17.53 -23.77 21.82
C ALA H 100 17.66 -25.26 22.19
N HIS H 101 16.53 -25.93 22.39
CA HIS H 101 16.54 -27.35 22.71
C HIS H 101 16.35 -28.16 21.43
N ILE H 102 17.07 -29.26 21.30
CA ILE H 102 16.97 -30.06 20.09
C ILE H 102 16.08 -31.28 20.23
N ASP H 103 15.62 -31.56 21.45
CA ASP H 103 14.74 -32.71 21.66
C ASP H 103 13.29 -32.38 21.30
N SER H 104 12.51 -33.42 21.04
CA SER H 104 11.10 -33.26 20.68
C SER H 104 10.26 -34.43 21.16
N PRO H 105 9.00 -34.18 21.52
CA PRO H 105 8.10 -35.22 22.00
C PRO H 105 8.02 -36.39 21.02
N ARG H 106 7.95 -37.60 21.57
CA ARG H 106 7.88 -38.82 20.78
C ARG H 106 7.65 -40.04 21.66
N LEU H 107 7.46 -41.19 21.02
CA LEU H 107 7.26 -42.44 21.72
C LEU H 107 8.61 -43.13 21.79
N ASP H 108 8.78 -44.05 22.73
CA ASP H 108 10.05 -44.76 22.80
C ASP H 108 10.04 -46.01 23.69
N LEU H 109 10.40 -47.12 23.07
CA LEU H 109 10.47 -48.45 23.67
C LEU H 109 10.92 -48.52 25.12
N LYS H 110 10.24 -49.36 25.91
CA LYS H 110 10.59 -49.52 27.31
C LYS H 110 11.91 -50.31 27.46
N GLN H 111 12.23 -50.73 28.68
CA GLN H 111 13.43 -51.50 28.94
C GLN H 111 13.28 -52.91 28.38
N ASN H 112 12.06 -53.42 28.36
CA ASN H 112 11.77 -54.76 27.83
C ASN H 112 10.57 -54.64 26.91
N PRO H 113 10.73 -53.90 25.81
CA PRO H 113 9.69 -53.65 24.82
C PRO H 113 9.14 -54.83 24.05
N LEU H 114 10.00 -55.79 23.71
CA LEU H 114 9.54 -56.95 22.93
C LEU H 114 8.74 -57.98 23.73
N TYR H 115 7.51 -58.22 23.27
CA TYR H 115 6.63 -59.18 23.91
C TYR H 115 5.65 -59.64 22.83
N GLU H 116 5.00 -60.78 23.05
CA GLU H 116 4.08 -61.32 22.06
C GLU H 116 2.70 -61.59 22.64
N ASP H 117 1.69 -60.93 22.10
CA ASP H 117 0.32 -61.12 22.59
C ASP H 117 -0.62 -61.54 21.48
N THR H 118 -1.19 -62.74 21.62
CA THR H 118 -2.11 -63.26 20.63
C THR H 118 -1.46 -63.29 19.26
N ASP H 119 -0.68 -64.34 19.02
CA ASP H 119 0.00 -64.50 17.76
C ASP H 119 1.02 -63.37 17.53
N LEU H 120 0.64 -62.33 16.81
CA LEU H 120 1.56 -61.22 16.55
C LEU H 120 2.32 -60.70 17.77
N ALA H 121 3.45 -60.05 17.53
CA ALA H 121 4.28 -59.51 18.61
C ALA H 121 4.42 -57.99 18.59
N MET H 122 4.07 -57.37 19.71
CA MET H 122 4.17 -55.93 19.85
C MET H 122 5.49 -55.46 20.44
N LEU H 123 5.51 -54.17 20.78
CA LEU H 123 6.68 -53.51 21.35
C LEU H 123 6.23 -52.42 22.33
N GLU H 124 6.44 -52.64 23.63
CA GLU H 124 6.05 -51.67 24.65
C GLU H 124 6.67 -50.30 24.40
N THR H 125 5.96 -49.24 24.74
CA THR H 125 6.46 -47.87 24.55
C THR H 125 6.14 -47.04 25.80
N HIS H 126 6.48 -45.77 25.74
CA HIS H 126 6.24 -44.89 26.86
C HIS H 126 6.50 -43.48 26.37
N TYR H 127 5.45 -42.80 25.90
CA TYR H 127 5.63 -41.45 25.36
C TYR H 127 6.48 -40.53 26.20
N TYR H 128 7.17 -39.62 25.52
CA TYR H 128 8.06 -38.66 26.14
C TYR H 128 7.80 -37.25 25.65
N GLY H 129 7.82 -36.30 26.59
CA GLY H 129 7.60 -34.90 26.23
C GLY H 129 6.19 -34.39 26.42
N GLY H 130 5.23 -35.30 26.54
CA GLY H 130 3.87 -34.85 26.71
C GLY H 130 3.22 -34.57 25.38
N ILE H 131 2.97 -35.61 24.61
CA ILE H 131 2.30 -35.45 23.33
C ILE H 131 0.83 -35.34 23.64
N LYS H 132 0.51 -35.53 24.93
CA LYS H 132 -0.85 -35.50 25.49
C LYS H 132 -1.94 -35.97 24.54
N LYS H 133 -1.99 -35.36 23.36
CA LYS H 133 -2.94 -35.76 22.36
C LYS H 133 -2.36 -37.04 21.77
N TYR H 134 -2.80 -38.18 22.29
CA TYR H 134 -2.31 -39.43 21.81
C TYR H 134 -2.85 -39.80 20.44
N GLN H 135 -3.14 -38.79 19.61
CA GLN H 135 -3.60 -39.07 18.26
C GLN H 135 -2.32 -39.28 17.43
N TRP H 136 -1.52 -40.23 17.91
CA TRP H 136 -0.27 -40.65 17.34
C TRP H 136 -0.46 -42.06 16.80
N VAL H 137 -1.71 -42.48 16.69
CA VAL H 137 -1.99 -43.82 16.23
C VAL H 137 -1.83 -44.02 14.72
N THR H 138 -2.89 -44.51 14.11
CA THR H 138 -2.93 -44.78 12.69
C THR H 138 -1.74 -44.42 11.78
N LEU H 139 -1.28 -43.16 11.80
CA LEU H 139 -0.20 -42.78 10.91
C LEU H 139 1.07 -43.61 11.07
N PRO H 140 1.84 -43.81 9.96
CA PRO H 140 3.10 -44.57 9.84
C PRO H 140 4.28 -44.06 10.68
N LEU H 141 4.93 -44.96 11.41
CA LEU H 141 6.07 -44.62 12.26
C LEU H 141 7.39 -45.28 11.81
N ALA H 142 8.49 -44.67 12.24
CA ALA H 142 9.81 -45.15 11.94
C ALA H 142 10.62 -45.31 13.23
N ILE H 143 11.59 -46.22 13.26
CA ILE H 143 12.40 -46.43 14.47
C ILE H 143 13.78 -45.85 14.32
N HIS H 144 14.19 -45.09 15.33
CA HIS H 144 15.52 -44.50 15.35
C HIS H 144 16.21 -44.88 16.65
N GLY H 145 17.25 -44.15 17.00
CA GLY H 145 17.94 -44.45 18.25
C GLY H 145 19.18 -45.31 18.09
N VAL H 146 19.63 -45.88 19.20
CA VAL H 146 20.84 -46.70 19.23
C VAL H 146 20.77 -47.79 20.30
N ILE H 147 21.42 -48.92 20.06
CA ILE H 147 21.44 -50.01 21.02
C ILE H 147 22.89 -50.27 21.41
N VAL H 148 23.12 -50.46 22.71
CA VAL H 148 24.48 -50.70 23.19
C VAL H 148 24.72 -52.14 23.67
N LYS H 149 25.65 -52.83 23.02
CA LYS H 149 25.98 -54.21 23.38
C LYS H 149 26.61 -54.19 24.77
N LYS H 150 26.63 -55.34 25.43
CA LYS H 150 27.21 -55.41 26.76
C LYS H 150 28.69 -55.03 26.71
N ASP H 151 29.35 -55.35 25.60
CA ASP H 151 30.75 -55.04 25.39
C ASP H 151 30.99 -53.55 25.13
N GLY H 152 29.92 -52.82 24.85
CA GLY H 152 30.03 -51.39 24.61
C GLY H 152 29.89 -50.98 23.16
N THR H 153 29.68 -51.95 22.27
CA THR H 153 29.54 -51.65 20.84
C THR H 153 28.26 -50.88 20.58
N ILE H 154 28.36 -49.72 19.95
CA ILE H 154 27.20 -48.91 19.66
C ILE H 154 26.65 -49.19 18.28
N VAL H 155 25.44 -49.76 18.23
CA VAL H 155 24.81 -50.07 16.96
C VAL H 155 23.73 -49.02 16.64
N ASN H 156 23.71 -48.52 15.41
CA ASN H 156 22.72 -47.50 15.03
C ASN H 156 21.51 -48.12 14.36
N VAL H 157 20.33 -47.69 14.78
CA VAL H 157 19.09 -48.19 14.20
C VAL H 157 18.32 -47.07 13.52
N CYS H 158 17.84 -47.33 12.31
CA CYS H 158 17.09 -46.35 11.56
C CYS H 158 16.23 -47.10 10.55
N VAL H 159 15.04 -47.52 10.99
CA VAL H 159 14.14 -48.27 10.14
C VAL H 159 12.86 -47.49 9.84
N GLY H 160 12.45 -47.51 8.57
CA GLY H 160 11.24 -46.82 8.18
C GLY H 160 11.44 -45.51 7.45
N GLU H 161 12.69 -45.11 7.24
CA GLU H 161 12.95 -43.86 6.54
C GLU H 161 13.08 -44.02 5.03
N ASP H 162 13.87 -44.99 4.58
CA ASP H 162 14.04 -45.24 3.14
C ASP H 162 12.74 -45.74 2.54
N ASP H 163 12.48 -45.37 1.30
CA ASP H 163 11.25 -45.80 0.65
C ASP H 163 11.13 -47.32 0.54
N ASN H 164 12.19 -48.04 0.93
CA ASN H 164 12.16 -49.50 0.87
C ASN H 164 12.16 -50.15 2.24
N ASP H 165 12.24 -49.35 3.30
CA ASP H 165 12.23 -49.89 4.64
C ASP H 165 10.79 -50.11 5.08
N PRO H 166 10.56 -51.10 5.93
CA PRO H 166 9.20 -51.36 6.40
C PRO H 166 8.87 -50.25 7.38
N VAL H 167 7.59 -50.13 7.77
CA VAL H 167 7.17 -49.10 8.72
C VAL H 167 6.47 -49.74 9.91
N PHE H 168 6.15 -48.90 10.89
CA PHE H 168 5.47 -49.35 12.09
C PHE H 168 4.36 -48.40 12.50
N GLY H 169 3.59 -48.78 13.52
CA GLY H 169 2.51 -47.92 13.95
C GLY H 169 1.68 -48.48 15.09
N VAL H 170 0.81 -47.63 15.65
CA VAL H 170 -0.06 -48.01 16.75
C VAL H 170 -1.46 -48.22 16.20
N SER H 171 -2.11 -49.32 16.58
CA SER H 171 -3.46 -49.60 16.09
C SER H 171 -4.55 -48.90 16.93
N ASP H 172 -5.77 -48.91 16.42
CA ASP H 172 -6.90 -48.31 17.12
C ASP H 172 -8.19 -48.93 16.60
N ILE H 173 -9.04 -49.37 17.53
CA ILE H 173 -10.30 -50.02 17.18
C ILE H 173 -11.02 -49.34 16.04
N LEU H 174 -11.63 -50.14 15.18
CA LEU H 174 -12.38 -49.60 14.05
C LEU H 174 -13.62 -48.90 14.61
N VAL H 175 -14.08 -47.88 13.91
CA VAL H 175 -15.25 -47.12 14.34
C VAL H 175 -16.46 -48.00 14.54
N HIS H 176 -16.54 -49.09 13.80
CA HIS H 176 -17.66 -50.01 13.91
C HIS H 176 -17.86 -50.55 15.32
N LEU H 177 -16.78 -50.70 16.07
CA LEU H 177 -16.85 -51.22 17.43
C LEU H 177 -16.28 -50.26 18.45
N ALA H 178 -16.01 -49.03 18.03
CA ALA H 178 -15.44 -48.02 18.91
C ALA H 178 -16.51 -47.30 19.74
N SER H 179 -17.75 -47.79 19.64
CA SER H 179 -18.88 -47.22 20.36
C SER H 179 -18.59 -47.03 21.85
N GLU H 180 -18.11 -48.10 22.49
CA GLU H 180 -17.81 -48.07 23.92
C GLU H 180 -16.68 -47.10 24.26
N GLN H 181 -15.93 -46.68 23.25
CA GLN H 181 -14.84 -45.74 23.43
C GLN H 181 -15.34 -44.32 23.13
N LEU H 182 -16.01 -43.71 24.11
CA LEU H 182 -16.55 -42.36 23.98
C LEU H 182 -16.24 -41.46 25.17
N GLU H 183 -16.11 -42.06 26.35
CA GLU H 183 -15.85 -41.29 27.54
C GLU H 183 -14.56 -40.47 27.45
N LYS H 184 -14.67 -39.19 27.83
CA LYS H 184 -13.56 -38.24 27.84
C LYS H 184 -12.55 -38.32 26.70
N LYS H 185 -12.56 -37.33 25.82
CA LYS H 185 -11.60 -37.30 24.73
C LYS H 185 -10.24 -37.15 25.40
N ALA H 186 -10.26 -36.52 26.58
CA ALA H 186 -9.07 -36.29 27.40
C ALA H 186 -8.14 -37.48 27.29
N SER H 187 -8.72 -38.66 27.18
CA SER H 187 -7.92 -39.85 27.07
C SER H 187 -8.72 -41.14 27.06
N LYS H 188 -8.79 -41.77 25.87
CA LYS H 188 -9.45 -43.06 25.71
C LYS H 188 -8.50 -43.88 24.83
N VAL H 189 -7.29 -43.37 24.70
CA VAL H 189 -6.18 -43.99 23.96
C VAL H 189 -4.98 -43.52 24.79
N ILE H 190 -4.43 -44.38 25.64
CA ILE H 190 -3.32 -43.93 26.46
C ILE H 190 -2.30 -44.98 26.94
N GLU H 191 -2.58 -46.26 26.67
CA GLU H 191 -1.68 -47.34 27.12
C GLU H 191 -0.22 -47.10 26.77
N GLY H 192 0.60 -48.12 27.05
CA GLY H 192 2.02 -48.03 26.71
C GLY H 192 2.50 -49.39 26.24
N GLU H 193 1.59 -50.14 25.64
CA GLU H 193 1.90 -51.46 25.20
C GLU H 193 1.26 -51.61 23.83
N ASP H 194 1.59 -50.66 22.97
CA ASP H 194 1.06 -50.60 21.63
C ASP H 194 2.17 -50.80 20.62
N LEU H 195 1.82 -50.76 19.34
CA LEU H 195 2.84 -50.91 18.27
C LEU H 195 3.39 -52.31 18.00
N ASN H 196 2.79 -53.00 17.04
CA ASN H 196 3.22 -54.34 16.68
C ASN H 196 4.28 -54.27 15.60
N ILE H 197 5.33 -55.07 15.79
CA ILE H 197 6.43 -55.09 14.84
C ILE H 197 6.47 -56.30 13.93
N LEU H 198 5.55 -57.25 14.13
CA LEU H 198 5.55 -58.40 13.26
C LEU H 198 4.40 -59.35 13.45
N ILE H 199 3.81 -59.74 12.33
CA ILE H 199 2.70 -60.66 12.35
C ILE H 199 3.23 -62.02 11.94
N GLY H 200 2.32 -62.98 11.81
CA GLY H 200 2.66 -64.34 11.43
C GLY H 200 4.15 -64.63 11.37
N SER H 201 4.63 -64.98 10.17
CA SER H 201 6.02 -65.29 9.97
C SER H 201 6.47 -65.92 11.29
N ILE H 202 5.70 -66.92 11.69
CA ILE H 202 5.90 -67.63 12.90
C ILE H 202 6.33 -69.06 12.64
N PRO H 203 7.58 -69.40 13.00
CA PRO H 203 8.51 -68.57 13.76
C PRO H 203 9.91 -68.79 13.12
N LEU H 204 10.88 -69.09 13.99
CA LEU H 204 12.24 -69.37 13.54
C LEU H 204 12.42 -70.89 13.48
N LYS H 205 12.64 -71.40 12.27
CA LYS H 205 12.81 -72.84 12.02
C LYS H 205 11.66 -73.65 12.62
N ASP H 206 10.62 -72.93 13.04
CA ASP H 206 9.43 -73.54 13.63
C ASP H 206 9.78 -74.57 14.70
N GLY H 207 10.75 -74.23 15.54
CA GLY H 207 11.18 -75.12 16.59
C GLY H 207 10.39 -74.97 17.88
N GLU H 208 9.06 -74.97 17.75
CA GLU H 208 8.17 -74.84 18.91
C GLU H 208 8.42 -73.55 19.71
N GLU H 209 8.18 -73.63 21.01
CA GLU H 209 8.35 -72.52 21.94
C GLU H 209 7.21 -71.51 21.82
N LYS H 210 6.21 -71.64 22.69
CA LYS H 210 5.03 -70.78 22.72
C LYS H 210 5.13 -69.47 21.95
N GLN H 211 5.98 -68.57 22.44
CA GLN H 211 6.15 -67.27 21.79
C GLN H 211 6.91 -67.41 20.46
N LYS H 212 6.28 -68.04 19.48
CA LYS H 212 6.93 -68.22 18.20
C LYS H 212 7.14 -66.92 17.43
N VAL H 213 6.06 -66.17 17.22
CA VAL H 213 6.15 -64.91 16.49
C VAL H 213 7.24 -64.04 17.09
N LYS H 214 7.30 -64.02 18.41
CA LYS H 214 8.32 -63.22 19.08
C LYS H 214 9.68 -63.78 18.74
N HIS H 215 9.87 -65.05 19.08
CA HIS H 215 11.13 -65.74 18.84
C HIS H 215 11.66 -65.45 17.43
N ASN H 216 10.77 -65.49 16.45
CA ASN H 216 11.18 -65.22 15.08
C ASN H 216 11.75 -63.84 14.89
N ILE H 217 11.03 -62.83 15.39
CA ILE H 217 11.48 -61.43 15.23
C ILE H 217 12.82 -61.16 15.93
N MET H 218 13.02 -61.73 17.11
CA MET H 218 14.26 -61.55 17.84
C MET H 218 15.39 -62.08 16.98
N LYS H 219 15.14 -63.21 16.32
CA LYS H 219 16.12 -63.84 15.44
C LYS H 219 16.37 -62.94 14.25
N ILE H 220 15.29 -62.40 13.69
CA ILE H 220 15.41 -61.49 12.55
C ILE H 220 16.20 -60.27 12.97
N LEU H 221 15.90 -59.79 14.16
CA LEU H 221 16.55 -58.62 14.71
C LEU H 221 17.98 -58.99 15.06
N ASN H 222 18.24 -60.29 15.19
CA ASN H 222 19.59 -60.75 15.52
C ASN H 222 20.52 -60.79 14.31
N GLU H 223 19.98 -61.20 13.16
CA GLU H 223 20.75 -61.26 11.93
C GLU H 223 21.29 -59.86 11.65
N LYS H 224 20.42 -58.86 11.63
CA LYS H 224 20.88 -57.49 11.43
C LYS H 224 21.36 -57.15 12.82
N TYR H 225 22.28 -56.20 12.93
CA TYR H 225 22.81 -55.83 14.24
C TYR H 225 23.44 -57.07 14.86
N ASP H 226 23.24 -57.27 16.14
CA ASP H 226 23.82 -58.44 16.80
C ASP H 226 23.38 -58.43 18.27
N ILE H 227 22.14 -58.00 18.48
CA ILE H 227 21.59 -57.90 19.82
C ILE H 227 20.86 -59.15 20.26
N SER H 228 20.44 -59.13 21.52
CA SER H 228 19.69 -60.25 22.09
C SER H 228 18.44 -59.59 22.68
N GLU H 229 17.56 -60.37 23.28
CA GLU H 229 16.37 -59.78 23.88
C GLU H 229 16.82 -58.78 24.93
N GLU H 230 17.95 -59.04 25.58
CA GLU H 230 18.48 -58.12 26.57
C GLU H 230 19.01 -57.00 25.67
N ASP H 231 20.02 -56.25 26.11
CA ASP H 231 20.53 -55.17 25.27
C ASP H 231 19.52 -54.03 25.16
N PHE H 232 18.24 -54.38 25.04
CA PHE H 232 17.20 -53.39 24.96
C PHE H 232 17.30 -52.58 26.26
N VAL H 233 17.69 -53.27 27.31
CA VAL H 233 17.85 -52.64 28.60
C VAL H 233 18.80 -51.46 28.48
N SER H 234 19.86 -51.67 27.70
CA SER H 234 20.85 -50.62 27.47
C SER H 234 20.71 -50.08 26.05
N ALA H 235 19.47 -49.87 25.63
CA ALA H 235 19.18 -49.36 24.28
C ALA H 235 18.60 -47.94 24.34
N GLU H 236 18.33 -47.39 23.15
CA GLU H 236 17.77 -46.06 23.07
C GLU H 236 16.52 -45.96 22.22
N LEU H 237 15.41 -46.24 22.90
CA LEU H 237 14.05 -46.20 22.38
C LEU H 237 13.80 -44.94 21.53
N GLU H 238 13.25 -45.09 20.34
CA GLU H 238 12.97 -43.92 19.51
C GLU H 238 11.98 -44.16 18.38
N ILE H 239 10.72 -43.84 18.63
CA ILE H 239 9.72 -44.00 17.61
C ILE H 239 9.29 -42.62 17.15
N VAL H 240 9.34 -42.43 15.84
CA VAL H 240 8.99 -41.15 15.25
C VAL H 240 8.24 -41.31 13.94
N PRO H 241 7.41 -40.32 13.57
CA PRO H 241 6.69 -40.48 12.31
C PRO H 241 7.67 -40.61 11.16
N ALA H 242 7.36 -41.47 10.20
CA ALA H 242 8.21 -41.69 9.03
C ALA H 242 7.86 -40.73 7.88
N GLY H 243 8.85 -40.46 7.03
CA GLY H 243 8.64 -39.55 5.92
C GLY H 243 9.44 -38.25 6.04
N LYS H 244 9.84 -37.71 4.90
CA LYS H 244 10.59 -36.46 4.85
C LYS H 244 9.62 -35.30 5.04
N ALA H 245 10.09 -34.16 5.55
CA ALA H 245 9.27 -32.99 5.73
C ALA H 245 8.90 -32.59 4.33
N ARG H 246 7.79 -31.88 4.16
CA ARG H 246 7.37 -31.49 2.81
C ARG H 246 6.93 -30.04 2.67
N ASP H 247 6.67 -29.61 1.44
CA ASP H 247 6.20 -28.26 1.18
C ASP H 247 4.71 -28.26 1.55
N TYR H 248 4.30 -27.33 2.40
CA TYR H 248 2.89 -27.31 2.78
C TYR H 248 2.16 -26.16 2.10
N GLY H 249 1.03 -26.47 1.48
CA GLY H 249 0.24 -25.45 0.83
C GLY H 249 0.37 -25.32 -0.67
N PHE H 250 -0.70 -24.90 -1.32
CA PHE H 250 -0.70 -24.72 -2.77
C PHE H 250 0.33 -23.69 -3.25
N ASP H 251 0.75 -22.80 -2.36
CA ASP H 251 1.73 -21.81 -2.73
C ASP H 251 3.09 -22.10 -2.10
N ARG H 252 3.25 -23.34 -1.62
CA ARG H 252 4.51 -23.75 -0.99
C ARG H 252 5.06 -22.72 -0.01
N SER H 253 4.18 -22.04 0.70
CA SER H 253 4.61 -21.02 1.66
C SER H 253 4.96 -21.53 3.03
N MET H 254 4.49 -22.72 3.34
CA MET H 254 4.78 -23.31 4.64
C MET H 254 5.51 -24.64 4.50
N VAL H 255 5.89 -25.21 5.64
CA VAL H 255 6.59 -26.48 5.70
C VAL H 255 5.98 -27.37 6.76
N MET H 256 5.66 -28.61 6.37
CA MET H 256 5.06 -29.59 7.27
C MET H 256 6.10 -30.65 7.61
N GLY H 257 6.33 -30.88 8.90
CA GLY H 257 7.32 -31.87 9.32
C GLY H 257 7.36 -32.13 10.81
N TYR H 258 8.00 -33.23 11.18
CA TYR H 258 8.15 -33.61 12.59
C TYR H 258 9.33 -32.88 13.20
N GLY H 259 9.25 -32.61 14.50
CA GLY H 259 10.34 -31.96 15.17
C GLY H 259 10.39 -30.45 15.05
N GLN H 260 9.57 -29.89 14.17
CA GLN H 260 9.51 -28.44 13.99
C GLN H 260 9.73 -27.71 15.32
N ASP H 261 9.12 -28.23 16.38
CA ASP H 261 9.23 -27.63 17.71
C ASP H 261 10.68 -27.37 18.13
N ASP H 262 11.03 -26.09 18.07
CA ASP H 262 12.33 -25.54 18.43
C ASP H 262 13.46 -26.03 17.55
N ARG H 263 13.34 -27.23 17.00
CA ARG H 263 14.39 -27.74 16.14
C ARG H 263 14.55 -26.77 14.98
N ILE H 264 13.48 -26.03 14.71
CA ILE H 264 13.48 -25.03 13.64
C ILE H 264 14.29 -23.83 14.11
N CYS H 265 14.15 -23.49 15.38
CA CYS H 265 14.90 -22.37 15.93
C CYS H 265 16.35 -22.80 16.07
N ALA H 266 16.54 -24.03 16.49
CA ALA H 266 17.88 -24.57 16.70
C ALA H 266 18.65 -24.55 15.40
N TYR H 267 17.92 -24.60 14.29
CA TYR H 267 18.55 -24.60 12.98
C TYR H 267 18.91 -23.18 12.53
N THR H 268 17.91 -22.30 12.51
CA THR H 268 18.12 -20.94 12.10
C THR H 268 19.21 -20.35 12.98
N SER H 269 19.15 -20.63 14.28
CA SER H 269 20.17 -20.13 15.20
C SER H 269 21.53 -20.66 14.79
N PHE H 270 21.53 -21.87 14.24
CA PHE H 270 22.77 -22.49 13.81
C PHE H 270 23.37 -21.75 12.62
N GLU H 271 22.63 -21.71 11.51
CA GLU H 271 23.12 -21.03 10.33
C GLU H 271 23.53 -19.62 10.68
N ALA H 272 22.68 -18.91 11.40
CA ALA H 272 23.03 -17.55 11.78
C ALA H 272 24.39 -17.56 12.44
N MET H 273 24.55 -18.37 13.49
CA MET H 273 25.82 -18.47 14.22
C MET H 273 26.94 -18.95 13.31
N LEU H 274 26.63 -19.87 12.41
CA LEU H 274 27.62 -20.43 11.53
C LEU H 274 28.22 -19.39 10.57
N GLU H 275 27.38 -18.77 9.75
CA GLU H 275 27.87 -17.79 8.80
C GLU H 275 28.12 -16.42 9.43
N MET H 276 28.52 -16.43 10.70
CA MET H 276 28.80 -15.19 11.42
C MET H 276 30.31 -14.94 11.49
N LYS H 277 30.78 -14.01 10.67
CA LYS H 277 32.20 -13.68 10.61
C LYS H 277 32.47 -12.28 11.17
N ASN H 278 33.70 -12.06 11.64
CA ASN H 278 34.08 -10.77 12.20
C ASN H 278 33.23 -10.49 13.43
N ALA H 279 33.64 -11.05 14.56
CA ALA H 279 32.91 -10.86 15.80
C ALA H 279 33.52 -9.79 16.70
N LYS H 280 32.68 -8.88 17.20
CA LYS H 280 33.14 -7.82 18.07
C LYS H 280 33.20 -8.39 19.48
N LYS H 281 32.10 -8.99 19.92
CA LYS H 281 32.03 -9.60 21.24
C LYS H 281 31.75 -11.09 21.08
N THR H 282 32.57 -11.92 21.73
CA THR H 282 32.44 -13.37 21.64
C THR H 282 31.02 -13.85 21.83
N CYS H 283 30.51 -14.56 20.83
CA CYS H 283 29.15 -15.08 20.88
C CYS H 283 29.11 -16.61 20.82
N ILE H 284 28.11 -17.20 21.46
CA ILE H 284 28.00 -18.64 21.52
C ILE H 284 26.59 -19.23 21.34
N THR H 285 26.55 -20.40 20.73
CA THR H 285 25.30 -21.10 20.46
C THR H 285 25.15 -22.35 21.30
N ILE H 286 24.02 -22.46 22.01
CA ILE H 286 23.78 -23.62 22.85
C ILE H 286 22.61 -24.44 22.33
N LEU H 287 22.77 -25.76 22.36
CA LEU H 287 21.74 -26.69 21.90
C LEU H 287 21.65 -27.87 22.85
N VAL H 288 20.67 -27.86 23.76
CA VAL H 288 20.52 -28.93 24.73
C VAL H 288 19.22 -29.68 24.52
N ASP H 289 18.96 -30.65 25.39
CA ASP H 289 17.72 -31.42 25.29
C ASP H 289 17.01 -31.51 26.63
N LYS H 290 16.07 -32.45 26.72
CA LYS H 290 15.31 -32.67 27.93
C LYS H 290 14.42 -31.48 28.27
N GLU H 291 14.30 -30.52 27.36
CA GLU H 291 13.47 -29.36 27.62
C GLU H 291 12.01 -29.77 27.72
N GLU H 292 11.55 -30.53 26.73
CA GLU H 292 10.16 -30.99 26.68
C GLU H 292 9.80 -31.91 27.84
N VAL H 293 10.78 -32.31 28.63
CA VAL H 293 10.53 -33.18 29.76
C VAL H 293 10.78 -32.50 31.12
N GLY H 294 11.22 -31.25 31.09
CA GLY H 294 11.47 -30.56 32.33
C GLY H 294 12.81 -29.86 32.42
N SER H 295 13.70 -30.20 31.50
CA SER H 295 15.04 -29.62 31.43
C SER H 295 15.89 -30.04 32.64
N ILE H 296 15.69 -31.27 33.12
CA ILE H 296 16.45 -31.77 34.26
C ILE H 296 17.95 -31.83 33.95
N GLY H 297 18.72 -32.24 34.95
CA GLY H 297 20.17 -32.31 34.81
C GLY H 297 20.72 -33.27 33.76
N ALA H 298 22.04 -33.41 33.78
CA ALA H 298 22.76 -34.29 32.86
C ALA H 298 23.00 -33.66 31.48
N THR H 299 21.90 -33.26 30.82
CA THR H 299 22.01 -32.66 29.49
C THR H 299 20.99 -31.54 29.20
N GLY H 300 20.69 -30.71 30.21
CA GLY H 300 19.74 -29.61 30.03
C GLY H 300 19.99 -28.41 30.94
N MET H 301 19.87 -28.62 32.24
CA MET H 301 20.10 -27.59 33.24
C MET H 301 21.49 -27.80 33.83
N GLN H 302 22.18 -28.79 33.27
CA GLN H 302 23.53 -29.16 33.68
C GLN H 302 24.50 -27.99 33.74
N SER H 303 25.73 -28.28 34.15
CA SER H 303 26.78 -27.27 34.24
C SER H 303 27.64 -27.34 32.99
N LYS H 304 27.28 -28.25 32.09
CA LYS H 304 28.01 -28.45 30.84
C LYS H 304 28.38 -27.11 30.21
N PHE H 305 27.50 -26.12 30.36
CA PHE H 305 27.74 -24.79 29.81
C PHE H 305 28.60 -23.98 30.78
N PHE H 306 28.20 -24.01 32.05
CA PHE H 306 28.92 -23.30 33.09
C PHE H 306 30.38 -23.72 33.05
N GLU H 307 30.63 -24.96 33.46
CA GLU H 307 31.98 -25.52 33.47
C GLU H 307 32.42 -25.84 32.05
N ASN H 308 32.45 -24.81 31.22
CA ASN H 308 32.85 -24.98 29.84
C ASN H 308 33.21 -23.63 29.30
N THR H 309 32.43 -22.63 29.67
CA THR H 309 32.71 -21.27 29.26
C THR H 309 34.01 -20.97 30.00
N VAL H 310 34.15 -21.63 31.15
CA VAL H 310 35.34 -21.45 31.94
C VAL H 310 36.47 -22.24 31.31
N ALA H 311 36.24 -23.53 31.12
CA ALA H 311 37.27 -24.39 30.51
C ALA H 311 37.73 -23.74 29.22
N ASP H 312 36.90 -22.83 28.71
CA ASP H 312 37.21 -22.13 27.48
C ASP H 312 37.86 -20.78 27.79
N ILE H 313 37.39 -20.16 28.86
CA ILE H 313 37.94 -18.87 29.31
C ILE H 313 39.42 -19.10 29.71
N MET H 314 39.74 -20.34 30.07
CA MET H 314 41.09 -20.70 30.46
C MET H 314 42.08 -20.41 29.35
N SER H 315 41.68 -20.69 28.12
CA SER H 315 42.55 -20.46 26.95
C SER H 315 42.32 -19.06 26.36
N ASP H 321 43.36 -14.63 33.46
CA ASP H 321 42.29 -15.27 32.69
C ASP H 321 41.87 -16.60 33.32
N GLU H 322 41.88 -16.64 34.65
CA GLU H 322 41.51 -17.85 35.37
C GLU H 322 40.35 -17.66 36.34
N LEU H 323 40.67 -17.20 37.55
CA LEU H 323 39.69 -16.99 38.61
C LEU H 323 38.30 -16.54 38.21
N LYS H 324 37.32 -17.06 38.95
CA LYS H 324 35.91 -16.79 38.76
C LYS H 324 35.54 -15.53 38.01
N LEU H 325 35.78 -14.37 38.63
CA LEU H 325 35.46 -13.07 38.03
C LEU H 325 33.94 -12.89 37.95
N ARG H 326 33.23 -13.95 37.54
CA ARG H 326 31.74 -13.98 37.43
C ARG H 326 31.17 -13.11 36.31
N LYS H 327 31.45 -11.82 36.37
CA LYS H 327 31.00 -10.83 35.39
C LYS H 327 30.82 -11.38 33.98
N ALA H 328 31.70 -12.29 33.58
CA ALA H 328 31.65 -12.87 32.24
C ALA H 328 30.22 -13.18 31.79
N LEU H 329 29.50 -13.96 32.58
CA LEU H 329 28.15 -14.34 32.27
C LEU H 329 27.16 -13.22 32.57
N TYR H 330 27.30 -12.59 33.74
CA TYR H 330 26.42 -11.51 34.17
C TYR H 330 26.24 -10.41 33.11
N ASN H 331 27.29 -10.14 32.33
CA ASN H 331 27.21 -9.10 31.33
C ASN H 331 26.87 -9.60 29.92
N SER H 332 26.25 -10.77 29.82
CA SER H 332 25.91 -11.31 28.51
C SER H 332 24.46 -11.05 28.14
N GLU H 333 24.15 -11.25 26.87
CA GLU H 333 22.81 -11.06 26.36
C GLU H 333 22.41 -12.34 25.63
N MET H 334 21.29 -12.94 26.02
CA MET H 334 20.84 -14.16 25.37
C MET H 334 19.53 -14.02 24.65
N LEU H 335 19.29 -14.96 23.75
CA LEU H 335 18.07 -14.98 22.96
C LEU H 335 17.56 -16.41 22.96
N SER H 336 17.19 -16.91 24.14
CA SER H 336 16.67 -18.27 24.29
C SER H 336 15.40 -18.37 23.45
N SER H 337 15.46 -19.09 22.35
CA SER H 337 14.29 -19.19 21.49
C SER H 337 13.60 -20.54 21.54
N ASP H 338 12.30 -20.55 21.23
CA ASP H 338 11.48 -21.76 21.20
C ASP H 338 10.19 -21.41 20.49
N VAL H 339 9.68 -22.32 19.68
CA VAL H 339 8.45 -22.11 18.94
C VAL H 339 7.27 -21.67 19.81
N SER H 340 6.37 -20.90 19.21
CA SER H 340 5.19 -20.40 19.91
C SER H 340 3.96 -20.87 19.15
N ALA H 341 2.80 -20.74 19.76
CA ALA H 341 1.57 -21.18 19.11
C ALA H 341 1.00 -20.11 18.18
N ALA H 342 0.89 -20.43 16.91
CA ALA H 342 0.36 -19.51 15.92
C ALA H 342 -1.16 -19.57 15.93
N PHE H 343 -1.80 -18.44 15.70
CA PHE H 343 -3.27 -18.38 15.70
C PHE H 343 -3.85 -19.33 14.67
N ASP H 344 -4.67 -20.27 15.12
CA ASP H 344 -5.29 -21.23 14.22
C ASP H 344 -6.73 -20.81 13.95
N PRO H 345 -7.06 -20.56 12.68
CA PRO H 345 -8.42 -20.15 12.31
C PRO H 345 -9.47 -21.23 12.59
N ASN H 346 -9.06 -22.40 13.05
CA ASN H 346 -10.01 -23.45 13.37
C ASN H 346 -10.47 -23.37 14.83
N TYR H 347 -9.59 -22.86 15.69
CA TYR H 347 -9.92 -22.72 17.11
C TYR H 347 -9.47 -21.35 17.56
N PRO H 348 -10.27 -20.31 17.29
CA PRO H 348 -9.97 -18.93 17.66
C PRO H 348 -10.24 -18.53 19.09
N ASN H 349 -11.29 -19.08 19.69
CA ASN H 349 -11.68 -18.73 21.05
C ASN H 349 -10.66 -19.13 22.11
N VAL H 350 -9.58 -19.76 21.69
CA VAL H 350 -8.57 -20.17 22.64
C VAL H 350 -7.49 -19.10 22.80
N MET H 351 -7.45 -18.15 21.88
CA MET H 351 -6.45 -17.08 21.94
C MET H 351 -7.06 -15.69 21.92
N GLU H 352 -6.30 -14.71 22.40
CA GLU H 352 -6.78 -13.34 22.48
C GLU H 352 -6.75 -12.53 21.17
N LYS H 353 -6.55 -13.19 20.03
CA LYS H 353 -6.50 -12.50 18.75
C LYS H 353 -5.30 -11.55 18.79
N ARG H 354 -5.48 -10.37 19.39
CA ARG H 354 -4.37 -9.43 19.53
C ARG H 354 -3.46 -10.09 20.57
N ASN H 355 -2.16 -9.81 20.52
CA ASN H 355 -1.26 -10.42 21.47
C ASN H 355 -1.08 -11.91 21.21
N SER H 356 -1.23 -12.29 19.94
CA SER H 356 -1.09 -13.69 19.53
C SER H 356 -0.23 -13.70 18.29
N ALA H 357 0.64 -14.70 18.15
CA ALA H 357 1.51 -14.77 16.99
C ALA H 357 0.75 -15.25 15.76
N TYR H 358 1.04 -14.66 14.62
CA TYR H 358 0.38 -15.05 13.39
C TYR H 358 1.37 -15.60 12.37
N LEU H 359 0.88 -16.58 11.61
CA LEU H 359 1.69 -17.23 10.60
C LEU H 359 2.22 -16.29 9.53
N GLY H 360 3.49 -15.91 9.62
CA GLY H 360 4.07 -15.04 8.61
C GLY H 360 4.30 -13.60 9.01
N LYS H 361 4.08 -13.23 10.26
CA LYS H 361 4.33 -11.85 10.64
C LYS H 361 5.70 -11.65 11.25
N GLY H 362 6.65 -12.50 10.89
CA GLY H 362 8.00 -12.35 11.43
C GLY H 362 8.35 -13.19 12.64
N ILE H 363 9.47 -12.84 13.28
CA ILE H 363 9.94 -13.55 14.46
C ILE H 363 9.11 -13.17 15.66
N VAL H 364 8.90 -14.12 16.57
CA VAL H 364 8.09 -13.89 17.75
C VAL H 364 8.87 -13.54 19.02
N PHE H 365 8.33 -12.62 19.80
CA PHE H 365 8.93 -12.19 21.06
C PHE H 365 7.94 -12.39 22.19
N ASN H 366 8.41 -13.00 23.28
CA ASN H 366 7.56 -13.25 24.45
C ASN H 366 8.20 -12.68 25.69
N LYS H 367 7.68 -11.56 26.16
CA LYS H 367 8.24 -10.94 27.37
C LYS H 367 8.11 -11.91 28.53
N TYR H 368 6.92 -12.48 28.67
CA TYR H 368 6.66 -13.45 29.73
C TYR H 368 5.90 -14.64 29.14
N THR H 369 5.94 -15.78 29.83
CA THR H 369 5.27 -16.99 29.39
C THR H 369 5.13 -17.96 30.54
N GLY H 370 4.07 -17.80 31.33
CA GLY H 370 3.87 -18.69 32.47
C GLY H 370 2.50 -19.29 32.51
N SER H 371 1.92 -19.31 33.70
CA SER H 371 0.57 -19.86 33.89
C SER H 371 -0.33 -18.88 34.61
N ARG H 372 -0.90 -19.34 35.72
CA ARG H 372 -1.79 -18.53 36.52
C ARG H 372 -1.08 -17.26 37.04
N GLY H 373 -1.01 -16.24 36.19
CA GLY H 373 -0.38 -15.00 36.61
C GLY H 373 1.12 -14.94 36.43
N LYS H 374 1.56 -15.29 35.22
CA LYS H 374 2.98 -15.26 34.87
C LYS H 374 3.83 -16.15 35.78
N SER H 375 3.18 -17.09 36.46
CA SER H 375 3.87 -18.00 37.37
C SER H 375 4.90 -18.89 36.71
N GLY H 376 6.08 -18.95 37.33
CA GLY H 376 7.18 -19.77 36.84
C GLY H 376 7.64 -19.51 35.43
N CYS H 377 8.36 -18.43 35.21
CA CYS H 377 8.85 -18.11 33.88
C CYS H 377 9.69 -16.85 33.92
N ASN H 378 10.53 -16.67 32.91
CA ASN H 378 11.40 -15.50 32.84
C ASN H 378 10.68 -14.29 32.26
N ASP H 379 10.89 -13.14 32.88
CA ASP H 379 10.26 -11.91 32.42
C ASP H 379 11.33 -10.93 31.91
N ALA H 380 11.39 -10.78 30.59
CA ALA H 380 12.36 -9.90 29.94
C ALA H 380 12.26 -8.43 30.35
N ASN H 381 13.41 -7.80 30.54
CA ASN H 381 13.45 -6.39 30.93
C ASN H 381 13.15 -5.49 29.75
N PRO H 382 12.35 -4.43 29.95
CA PRO H 382 11.99 -3.49 28.87
C PRO H 382 13.21 -2.83 28.24
N GLU H 383 14.14 -2.39 29.07
CA GLU H 383 15.34 -1.76 28.55
C GLU H 383 16.02 -2.66 27.52
N TYR H 384 16.06 -3.96 27.80
CA TYR H 384 16.67 -4.92 26.89
C TYR H 384 15.81 -5.09 25.65
N ILE H 385 14.50 -5.15 25.86
CA ILE H 385 13.55 -5.32 24.76
C ILE H 385 13.67 -4.16 23.79
N ALA H 386 13.63 -2.95 24.33
CA ALA H 386 13.75 -1.76 23.50
C ALA H 386 14.98 -1.90 22.60
N GLU H 387 16.10 -2.30 23.18
CA GLU H 387 17.33 -2.47 22.40
C GLU H 387 17.11 -3.40 21.22
N LEU H 388 16.55 -4.57 21.50
CA LEU H 388 16.29 -5.53 20.45
C LEU H 388 15.44 -4.90 19.38
N ARG H 389 14.51 -4.05 19.79
CA ARG H 389 13.65 -3.39 18.84
C ARG H 389 14.50 -2.58 17.90
N ARG H 390 15.24 -1.66 18.48
CA ARG H 390 16.13 -0.80 17.71
C ARG H 390 16.96 -1.61 16.72
N ILE H 391 17.60 -2.67 17.22
CA ILE H 391 18.43 -3.54 16.39
C ILE H 391 17.68 -4.16 15.23
N LEU H 392 16.57 -4.83 15.55
CA LEU H 392 15.76 -5.46 14.53
C LEU H 392 15.01 -4.43 13.70
N SER H 393 15.48 -3.19 13.73
CA SER H 393 14.84 -2.15 12.95
C SER H 393 15.86 -1.75 11.93
N LYS H 394 17.08 -1.51 12.39
CA LYS H 394 18.18 -1.13 11.52
C LYS H 394 18.33 -2.20 10.44
N GLU H 395 18.71 -3.41 10.86
CA GLU H 395 18.88 -4.52 9.91
C GLU H 395 17.53 -4.99 9.40
N SER H 396 16.48 -4.22 9.70
CA SER H 396 15.11 -4.55 9.31
C SER H 396 14.65 -5.78 10.06
N VAL H 397 14.04 -6.74 9.33
CA VAL H 397 13.53 -7.98 9.94
C VAL H 397 12.17 -7.73 10.62
N ASN H 398 11.19 -8.53 10.27
CA ASN H 398 9.86 -8.41 10.86
C ASN H 398 9.74 -9.19 12.15
N TRP H 399 9.12 -8.57 13.15
CA TRP H 399 8.93 -9.22 14.43
C TRP H 399 7.55 -8.93 14.95
N GLN H 400 7.05 -9.82 15.80
CA GLN H 400 5.73 -9.69 16.39
C GLN H 400 5.77 -10.24 17.80
N THR H 401 4.95 -9.69 18.69
CA THR H 401 4.92 -10.15 20.06
C THR H 401 3.67 -10.99 20.28
N ALA H 402 3.82 -12.05 21.07
CA ALA H 402 2.71 -12.94 21.33
C ALA H 402 2.62 -13.36 22.79
N GLU H 403 1.49 -14.00 23.12
CA GLU H 403 1.23 -14.50 24.46
C GLU H 403 0.58 -15.86 24.21
N LEU H 404 0.85 -16.83 25.07
CA LEU H 404 0.29 -18.16 24.85
C LEU H 404 -1.15 -18.35 25.33
N GLY H 405 -2.12 -18.05 24.49
CA GLY H 405 -3.51 -18.23 24.88
C GLY H 405 -4.04 -17.16 25.81
N LYS H 406 -5.34 -16.90 25.72
CA LYS H 406 -6.00 -15.91 26.56
C LYS H 406 -5.78 -16.17 28.06
N VAL H 407 -4.90 -15.37 28.63
CA VAL H 407 -4.57 -15.45 30.03
C VAL H 407 -4.67 -16.86 30.62
N ASP H 408 -5.68 -17.09 31.45
CA ASP H 408 -5.85 -18.39 32.12
C ASP H 408 -6.22 -19.58 31.23
N GLN H 409 -5.51 -19.74 30.11
CA GLN H 409 -5.77 -20.86 29.24
C GLN H 409 -4.76 -21.99 29.40
N GLY H 410 -3.70 -21.93 28.60
CA GLY H 410 -2.67 -22.94 28.68
C GLY H 410 -1.53 -22.53 29.58
N GLY H 411 -0.65 -23.47 29.87
CA GLY H 411 0.49 -23.20 30.74
C GLY H 411 1.75 -23.01 29.93
N GLY H 412 2.76 -22.44 30.55
CA GLY H 412 4.02 -22.21 29.86
C GLY H 412 5.24 -22.38 30.74
N GLY H 413 6.42 -22.38 30.14
CA GLY H 413 7.66 -22.54 30.89
C GLY H 413 8.83 -22.82 29.97
N THR H 414 9.58 -21.77 29.63
CA THR H 414 10.73 -21.92 28.75
C THR H 414 12.02 -22.01 29.57
N ILE H 415 13.08 -22.54 28.95
CA ILE H 415 14.36 -22.68 29.62
C ILE H 415 15.12 -21.36 29.62
N ALA H 416 14.39 -20.26 29.43
CA ALA H 416 14.99 -18.93 29.42
C ALA H 416 15.46 -18.45 30.79
N TYR H 417 14.71 -18.80 31.83
CA TYR H 417 15.05 -18.39 33.18
C TYR H 417 16.26 -19.15 33.73
N ILE H 418 16.48 -20.34 33.19
CA ILE H 418 17.58 -21.17 33.64
C ILE H 418 18.95 -20.52 33.51
N LEU H 419 19.14 -19.71 32.46
CA LEU H 419 20.41 -19.04 32.28
C LEU H 419 20.38 -17.62 32.81
N ALA H 420 19.19 -17.05 32.90
CA ALA H 420 19.05 -15.71 33.39
C ALA H 420 19.44 -15.71 34.86
N GLU H 421 19.53 -16.92 35.43
CA GLU H 421 19.90 -17.06 36.83
C GLU H 421 21.27 -16.45 37.10
N TYR H 422 22.02 -16.21 36.03
CA TYR H 422 23.34 -15.61 36.16
C TYR H 422 23.24 -14.08 36.21
N GLY H 423 22.17 -13.55 35.62
CA GLY H 423 21.97 -12.12 35.59
C GLY H 423 21.90 -11.59 34.16
N MET H 424 21.99 -12.50 33.19
CA MET H 424 21.92 -12.18 31.77
C MET H 424 20.67 -11.42 31.42
N GLN H 425 20.64 -10.93 30.18
CA GLN H 425 19.48 -10.21 29.66
C GLN H 425 18.86 -11.16 28.64
N VAL H 426 17.88 -11.93 29.09
CA VAL H 426 17.22 -12.90 28.23
C VAL H 426 15.84 -12.48 27.81
N ILE H 427 15.36 -13.10 26.74
CA ILE H 427 14.04 -12.85 26.22
C ILE H 427 13.66 -14.03 25.34
N ASP H 428 12.38 -14.35 25.27
CA ASP H 428 11.92 -15.48 24.46
C ASP H 428 11.66 -15.16 22.99
N CYS H 429 12.29 -15.92 22.12
CA CYS H 429 12.12 -15.75 20.69
C CYS H 429 11.68 -17.05 20.07
N GLY H 430 11.58 -17.06 18.75
CA GLY H 430 11.17 -18.27 18.08
C GLY H 430 10.16 -18.01 16.99
N VAL H 431 9.91 -19.06 16.22
CA VAL H 431 8.98 -19.03 15.12
C VAL H 431 7.61 -19.44 15.59
N ALA H 432 6.59 -19.08 14.82
CA ALA H 432 5.21 -19.45 15.17
C ALA H 432 4.81 -20.72 14.45
N LEU H 433 4.36 -21.73 15.20
CA LEU H 433 3.96 -23.00 14.59
C LEU H 433 2.47 -23.25 14.62
N LEU H 434 2.07 -24.31 13.92
CA LEU H 434 0.69 -24.72 13.85
C LEU H 434 0.68 -26.15 14.42
N ASN H 435 -0.30 -26.45 15.27
CA ASN H 435 -0.42 -27.74 15.95
C ASN H 435 0.91 -28.28 16.46
N HIS H 437 3.71 -30.03 19.04
CA HIS H 437 3.82 -31.39 19.60
C HIS H 437 2.98 -32.44 18.87
N ALA H 438 2.68 -32.17 17.61
CA ALA H 438 1.92 -33.10 16.81
C ALA H 438 2.95 -33.79 15.96
N PRO H 439 2.64 -34.99 15.45
CA PRO H 439 3.57 -35.73 14.61
C PRO H 439 3.97 -34.92 13.38
N TRP H 440 3.10 -34.00 12.96
CA TRP H 440 3.39 -33.15 11.83
C TRP H 440 3.04 -31.72 12.19
N GLU H 441 4.06 -30.87 12.26
CA GLU H 441 3.89 -29.46 12.59
C GLU H 441 4.05 -28.60 11.34
N ILE H 442 3.50 -27.39 11.37
CA ILE H 442 3.58 -26.48 10.22
C ILE H 442 4.28 -25.17 10.56
N SER H 443 4.98 -24.61 9.57
CA SER H 443 5.70 -23.35 9.77
C SER H 443 5.76 -22.53 8.52
N SER H 444 5.95 -21.22 8.69
CA SER H 444 6.00 -20.31 7.54
C SER H 444 7.43 -20.05 7.13
N LYS H 445 7.74 -20.36 5.89
CA LYS H 445 9.09 -20.15 5.38
C LYS H 445 9.52 -18.71 5.60
N ALA H 446 8.60 -17.78 5.38
CA ALA H 446 8.89 -16.38 5.59
C ALA H 446 9.36 -16.19 7.03
N ASP H 447 8.63 -16.75 7.99
CA ASP H 447 9.02 -16.62 9.39
C ASP H 447 10.37 -17.27 9.63
N ILE H 448 10.57 -18.48 9.13
CA ILE H 448 11.84 -19.18 9.30
C ILE H 448 12.95 -18.21 8.92
N TYR H 449 12.85 -17.69 7.70
CA TYR H 449 13.80 -16.74 7.15
C TYR H 449 13.97 -15.53 8.08
N GLU H 450 12.87 -14.82 8.29
CA GLU H 450 12.89 -13.64 9.14
C GLU H 450 13.62 -13.92 10.44
N THR H 451 13.24 -15.02 11.09
CA THR H 451 13.85 -15.41 12.36
C THR H 451 15.35 -15.46 12.27
N LYS H 452 15.86 -16.18 11.27
CA LYS H 452 17.30 -16.29 11.10
C LYS H 452 17.92 -14.91 11.03
N ASN H 453 17.39 -14.07 10.14
CA ASN H 453 17.91 -12.70 10.02
C ASN H 453 17.84 -12.00 11.38
N GLY H 454 16.77 -12.28 12.14
CA GLY H 454 16.63 -11.70 13.46
C GLY H 454 17.81 -12.11 14.33
N TYR H 455 18.21 -13.36 14.24
CA TYR H 455 19.32 -13.88 15.01
C TYR H 455 20.59 -13.25 14.53
N SER H 456 20.88 -13.41 13.24
CA SER H 456 22.10 -12.85 12.67
C SER H 456 22.23 -11.37 12.98
N ALA H 457 21.12 -10.64 12.95
CA ALA H 457 21.12 -9.22 13.27
C ALA H 457 21.27 -9.00 14.77
N PHE H 458 21.91 -9.95 15.44
CA PHE H 458 22.12 -9.90 16.88
C PHE H 458 23.62 -10.11 17.09
N LEU H 459 24.38 -9.99 16.00
CA LEU H 459 25.83 -10.15 16.02
C LEU H 459 26.54 -8.88 16.49
N ASN H 460 26.19 -7.75 15.86
CA ASN H 460 26.75 -6.42 16.11
C ASN H 460 25.89 -5.52 17.02
N ASN H 461 26.58 -4.74 17.86
CA ASN H 461 25.93 -3.82 18.79
C ASN H 461 24.82 -4.49 19.62
N LEU I 1 -11.45 -13.96 -11.39
CA LEU I 1 -12.94 -13.98 -11.37
C LEU I 1 -13.43 -15.08 -10.44
N LEU I 2 -13.50 -14.74 -9.15
CA LEU I 2 -13.92 -15.68 -8.11
C LEU I 2 -15.39 -16.04 -8.31
N LYS I 3 -16.18 -16.12 -7.22
CA LYS I 3 -17.59 -16.48 -7.35
C LYS I 3 -18.53 -15.70 -6.44
N GLU I 4 -19.31 -14.79 -7.02
CA GLU I 4 -20.26 -14.01 -6.25
C GLU I 4 -21.67 -14.51 -6.61
N TYR I 5 -22.47 -14.82 -5.60
CA TYR I 5 -23.81 -15.31 -5.90
C TYR I 5 -24.86 -14.21 -6.08
N LYS I 6 -25.28 -14.01 -7.31
CA LYS I 6 -26.25 -12.98 -7.63
C LYS I 6 -27.56 -13.09 -6.88
N ASN I 7 -28.19 -11.94 -6.67
CA ASN I 7 -29.49 -11.91 -6.00
C ASN I 7 -30.52 -12.00 -7.13
N ALA I 8 -31.76 -12.33 -6.82
CA ALA I 8 -32.75 -12.46 -7.89
C ALA I 8 -33.32 -11.14 -8.36
N TRP I 9 -33.74 -10.29 -7.42
CA TRP I 9 -34.30 -8.99 -7.79
C TRP I 9 -33.20 -8.17 -8.45
N ASP I 10 -33.45 -6.88 -8.71
CA ASP I 10 -32.47 -6.03 -9.39
C ASP I 10 -32.43 -6.51 -10.81
N LYS I 11 -31.79 -7.65 -10.99
CA LYS I 11 -31.68 -8.28 -12.29
C LYS I 11 -33.07 -8.31 -12.92
N TYR I 12 -34.08 -8.66 -12.12
CA TYR I 12 -35.47 -8.68 -12.62
C TYR I 12 -35.88 -7.32 -13.15
N ASP I 13 -36.57 -6.58 -12.29
CA ASP I 13 -37.06 -5.26 -12.65
C ASP I 13 -37.65 -5.44 -14.05
N ASP I 14 -37.06 -4.74 -15.01
CA ASP I 14 -37.53 -4.84 -16.38
C ASP I 14 -38.98 -4.37 -16.46
N LYS I 15 -39.60 -4.14 -15.31
CA LYS I 15 -40.99 -3.71 -15.22
C LYS I 15 -41.88 -4.84 -15.69
N GLN I 16 -41.33 -5.69 -16.53
CA GLN I 16 -42.04 -6.84 -17.08
C GLN I 16 -41.79 -8.01 -16.15
N LEU I 17 -40.55 -8.50 -16.18
CA LEU I 17 -40.13 -9.63 -15.36
C LEU I 17 -40.86 -9.61 -14.01
N LYS I 18 -40.80 -8.48 -13.30
CA LYS I 18 -41.46 -8.37 -12.01
C LYS I 18 -42.93 -8.71 -12.13
N GLU I 19 -43.66 -7.88 -12.85
CA GLU I 19 -45.09 -8.10 -13.06
C GLU I 19 -45.33 -9.54 -13.48
N VAL I 20 -44.44 -10.06 -14.32
CA VAL I 20 -44.56 -11.43 -14.82
C VAL I 20 -44.49 -12.50 -13.73
N PHE I 21 -44.41 -12.07 -12.47
CA PHE I 21 -44.36 -13.03 -11.40
C PHE I 21 -44.84 -12.49 -10.07
N ALA I 22 -44.51 -11.25 -9.79
CA ALA I 22 -44.93 -10.60 -8.54
C ALA I 22 -46.39 -10.95 -8.36
N LEU I 23 -47.11 -10.91 -9.47
CA LEU I 23 -48.51 -11.25 -9.49
C LEU I 23 -48.58 -12.51 -10.36
N GLY I 24 -47.51 -12.73 -11.12
CA GLY I 24 -47.43 -13.88 -11.97
C GLY I 24 -47.69 -15.18 -11.22
N ASP I 25 -46.62 -15.77 -10.68
CA ASP I 25 -46.76 -17.00 -9.93
C ASP I 25 -47.50 -16.76 -8.63
N ARG I 26 -47.19 -15.65 -7.96
CA ARG I 26 -47.89 -15.32 -6.73
C ARG I 26 -49.31 -15.00 -7.14
N PHE I 27 -50.09 -16.04 -7.35
CA PHE I 27 -51.47 -15.91 -7.77
C PHE I 27 -51.75 -17.35 -8.10
N LYS I 28 -51.10 -17.84 -9.16
CA LYS I 28 -51.28 -19.23 -9.54
C LYS I 28 -50.91 -20.09 -8.32
N ASN I 29 -49.62 -20.13 -7.98
CA ASN I 29 -49.13 -20.90 -6.82
C ASN I 29 -49.89 -20.36 -5.62
N PHE I 30 -49.70 -19.06 -5.37
CA PHE I 30 -50.34 -18.40 -4.26
C PHE I 30 -51.74 -18.95 -4.00
N ILE I 31 -52.44 -19.37 -5.05
CA ILE I 31 -53.80 -19.89 -4.89
C ILE I 31 -53.85 -21.42 -4.88
N SER I 32 -52.88 -22.04 -5.53
CA SER I 32 -52.83 -23.50 -5.61
C SER I 32 -52.85 -24.11 -4.20
N ASN I 33 -51.89 -23.74 -3.38
CA ASN I 33 -51.82 -24.29 -2.04
C ASN I 33 -52.87 -23.69 -1.09
N CYS I 34 -54.05 -23.39 -1.63
CA CYS I 34 -55.13 -22.83 -0.83
C CYS I 34 -56.37 -23.65 -1.10
N LYS I 35 -56.55 -24.01 -2.36
CA LYS I 35 -57.69 -24.78 -2.77
C LYS I 35 -57.27 -26.24 -2.91
N THR I 36 -56.09 -26.56 -2.43
CA THR I 36 -55.57 -27.92 -2.49
C THR I 36 -54.53 -28.07 -1.37
N GLU I 37 -54.91 -28.76 -0.30
CA GLU I 37 -53.99 -28.95 0.83
C GLU I 37 -53.83 -30.43 1.21
N ARG I 38 -54.59 -31.29 0.55
CA ARG I 38 -54.53 -32.72 0.82
C ARG I 38 -54.37 -33.49 -0.46
N GLU I 39 -53.12 -33.80 -0.83
CA GLU I 39 -52.80 -34.56 -2.06
C GLU I 39 -53.92 -34.69 -3.11
N CYS I 40 -54.83 -33.73 -3.16
CA CYS I 40 -55.91 -33.74 -4.15
C CYS I 40 -55.41 -32.79 -5.21
N VAL I 41 -54.11 -32.48 -5.08
CA VAL I 41 -53.44 -31.62 -6.01
C VAL I 41 -53.68 -32.28 -7.36
N THR I 42 -53.77 -33.61 -7.34
CA THR I 42 -54.04 -34.40 -8.54
C THR I 42 -55.29 -33.88 -9.23
N GLU I 43 -56.40 -33.84 -8.49
CA GLU I 43 -57.66 -33.36 -9.04
C GLU I 43 -57.52 -31.99 -9.69
N LEU I 44 -57.28 -30.96 -8.88
CA LEU I 44 -57.15 -29.61 -9.39
C LEU I 44 -56.14 -29.51 -10.51
N ILE I 45 -55.05 -30.26 -10.41
CA ILE I 45 -54.05 -30.23 -11.48
C ILE I 45 -54.54 -30.99 -12.72
N LYS I 46 -55.14 -32.15 -12.49
CA LYS I 46 -55.64 -32.93 -13.60
C LYS I 46 -56.73 -32.15 -14.32
N THR I 47 -57.50 -31.34 -13.58
CA THR I 47 -58.54 -30.52 -14.20
C THR I 47 -57.81 -29.56 -15.10
N ALA I 48 -56.69 -29.01 -14.63
CA ALA I 48 -55.89 -28.12 -15.48
C ALA I 48 -55.29 -29.11 -16.48
N GLU I 49 -54.40 -28.67 -17.34
CA GLU I 49 -53.85 -29.59 -18.33
C GLU I 49 -54.99 -30.11 -19.19
N LYS I 50 -56.13 -29.43 -19.13
CA LYS I 50 -57.30 -29.81 -19.91
C LYS I 50 -56.96 -29.46 -21.34
N SER I 51 -55.87 -28.71 -21.49
CA SER I 51 -55.36 -28.31 -22.80
C SER I 51 -54.54 -29.46 -23.37
N GLY I 52 -55.18 -30.63 -23.46
CA GLY I 52 -54.54 -31.83 -23.97
C GLY I 52 -54.45 -32.86 -22.87
N TYR I 53 -53.60 -33.87 -23.05
CA TYR I 53 -53.44 -34.90 -22.02
C TYR I 53 -54.69 -35.76 -21.83
N ARG I 54 -54.47 -37.04 -21.55
CA ARG I 54 -55.60 -37.95 -21.31
C ARG I 54 -55.12 -39.34 -20.93
N ASN I 55 -54.61 -40.08 -21.90
CA ASN I 55 -54.12 -41.46 -21.71
C ASN I 55 -55.07 -42.25 -20.82
N ILE I 56 -54.78 -42.16 -19.52
CA ILE I 56 -55.54 -42.81 -18.47
C ILE I 56 -56.28 -44.07 -18.96
N GLU I 57 -57.43 -43.89 -19.58
CA GLU I 57 -58.25 -45.00 -20.07
C GLU I 57 -58.19 -45.06 -21.61
N ASP I 58 -58.16 -43.90 -22.24
CA ASP I 58 -58.14 -43.78 -23.69
C ASP I 58 -56.86 -44.30 -24.34
N ILE I 59 -56.66 -45.60 -24.23
CA ILE I 59 -55.49 -46.24 -24.82
C ILE I 59 -55.99 -47.11 -25.99
N LEU I 60 -55.81 -46.60 -27.21
CA LEU I 60 -56.22 -47.30 -28.44
C LEU I 60 -55.11 -47.28 -29.50
N ALA I 61 -53.90 -46.90 -29.07
CA ALA I 61 -52.71 -46.80 -29.94
C ALA I 61 -52.89 -45.60 -30.88
N LYS I 62 -54.02 -45.59 -31.57
CA LYS I 62 -54.35 -44.53 -32.51
C LYS I 62 -55.48 -43.69 -31.91
N GLY I 63 -55.89 -44.01 -30.68
CA GLY I 63 -56.95 -43.25 -30.04
C GLY I 63 -56.56 -41.78 -30.02
N GLU I 64 -55.26 -41.55 -29.97
CA GLU I 64 -54.68 -40.20 -29.97
C GLU I 64 -53.40 -40.28 -30.82
N THR I 65 -53.21 -41.44 -31.47
CA THR I 65 -52.05 -41.71 -32.31
C THR I 65 -50.76 -41.25 -31.65
N LEU I 66 -50.33 -42.02 -30.66
CA LEU I 66 -49.10 -41.70 -29.91
C LEU I 66 -47.92 -41.40 -30.82
N LYS I 67 -47.62 -40.10 -30.97
CA LYS I 67 -46.52 -39.66 -31.81
C LYS I 67 -46.18 -38.20 -31.50
N GLU I 68 -45.35 -37.60 -32.36
CA GLU I 68 -44.92 -36.21 -32.20
C GLU I 68 -46.01 -35.30 -31.63
N GLY I 69 -45.60 -34.40 -30.74
CA GLY I 69 -46.52 -33.44 -30.15
C GLY I 69 -47.66 -33.94 -29.27
N ASP I 70 -47.65 -35.22 -28.93
CA ASP I 70 -48.71 -35.77 -28.09
C ASP I 70 -48.41 -35.56 -26.62
N LYS I 71 -49.49 -35.40 -25.84
CA LYS I 71 -49.38 -35.17 -24.39
C LYS I 71 -50.44 -35.97 -23.64
N VAL I 72 -50.01 -36.77 -22.67
CA VAL I 72 -50.92 -37.60 -21.89
C VAL I 72 -50.58 -37.66 -20.40
N TYR I 73 -51.55 -38.06 -19.58
CA TYR I 73 -51.31 -38.16 -18.15
C TYR I 73 -51.78 -39.51 -17.64
N ALA I 74 -51.29 -39.91 -16.48
CA ALA I 74 -51.66 -41.17 -15.90
C ALA I 74 -51.96 -40.96 -14.42
N ASN I 75 -53.16 -41.32 -14.00
CA ASN I 75 -53.55 -41.15 -12.61
C ASN I 75 -53.28 -42.42 -11.80
N ASN I 76 -52.66 -42.26 -10.63
CA ASN I 76 -52.39 -43.41 -9.77
C ASN I 76 -53.32 -43.39 -8.57
N ARG I 77 -54.45 -44.06 -8.71
CA ARG I 77 -55.46 -44.13 -7.67
C ARG I 77 -55.72 -42.78 -7.01
N GLY I 78 -55.60 -41.72 -7.80
CA GLY I 78 -55.84 -40.36 -7.31
C GLY I 78 -54.78 -39.77 -6.41
N LYS I 79 -53.87 -40.60 -5.91
CA LYS I 79 -52.81 -40.14 -5.01
C LYS I 79 -51.59 -39.68 -5.78
N GLY I 80 -51.45 -40.13 -7.02
CA GLY I 80 -50.28 -39.75 -7.80
C GLY I 80 -50.59 -39.34 -9.22
N LEU I 81 -49.68 -38.59 -9.83
CA LEU I 81 -49.86 -38.12 -11.20
C LEU I 81 -48.56 -38.00 -11.98
N ILE I 82 -48.60 -38.42 -13.24
CA ILE I 82 -47.44 -38.35 -14.11
C ILE I 82 -47.86 -37.89 -15.51
N MET I 83 -47.17 -36.88 -16.02
CA MET I 83 -47.47 -36.32 -17.33
C MET I 83 -46.35 -36.52 -18.36
N PHE I 84 -46.74 -36.78 -19.61
CA PHE I 84 -45.81 -36.99 -20.71
C PHE I 84 -45.97 -35.94 -21.78
N LEU I 85 -44.97 -35.86 -22.65
CA LEU I 85 -44.97 -34.92 -23.75
C LEU I 85 -43.98 -35.46 -24.78
N ILE I 86 -44.50 -36.16 -25.77
CA ILE I 86 -43.65 -36.73 -26.81
C ILE I 86 -42.90 -35.69 -27.64
N GLY I 87 -41.65 -36.02 -27.97
CA GLY I 87 -40.83 -35.12 -28.78
C GLY I 87 -40.37 -35.77 -30.07
N LYS I 88 -39.63 -35.01 -30.87
CA LYS I 88 -39.13 -35.50 -32.15
C LYS I 88 -38.42 -36.85 -32.02
N GLU I 89 -37.27 -36.84 -31.34
CA GLU I 89 -36.50 -38.06 -31.14
C GLU I 89 -37.35 -39.16 -30.52
N PRO I 90 -36.91 -40.42 -30.65
CA PRO I 90 -37.62 -41.58 -30.10
C PRO I 90 -37.39 -41.74 -28.61
N LEU I 91 -38.32 -42.41 -27.93
CA LEU I 91 -38.19 -42.61 -26.49
C LEU I 91 -36.86 -43.28 -26.15
N TYR I 92 -36.52 -44.30 -26.93
CA TYR I 92 -35.27 -45.04 -26.73
C TYR I 92 -34.08 -44.11 -26.52
N THR I 93 -34.18 -42.88 -27.00
CA THR I 93 -33.11 -41.90 -26.85
C THR I 93 -32.87 -41.56 -25.38
N GLY I 94 -33.92 -41.06 -24.72
CA GLY I 94 -33.83 -40.69 -23.32
C GLY I 94 -35.04 -39.89 -22.89
N PHE I 95 -34.97 -39.30 -21.71
CA PHE I 95 -36.09 -38.50 -21.22
C PHE I 95 -35.60 -37.27 -20.49
N LYS I 96 -36.52 -36.35 -20.23
CA LYS I 96 -36.23 -35.12 -19.50
C LYS I 96 -37.26 -35.13 -18.39
N ILE I 97 -36.94 -35.76 -17.27
CA ILE I 97 -37.88 -35.85 -16.16
C ILE I 97 -37.81 -34.75 -15.09
N LEU I 98 -38.98 -34.40 -14.56
CA LEU I 98 -39.10 -33.44 -13.47
C LEU I 98 -39.91 -34.14 -12.38
N GLY I 99 -39.32 -34.28 -11.20
CA GLY I 99 -40.03 -34.96 -10.13
C GLY I 99 -40.26 -34.14 -8.88
N ALA I 100 -41.30 -34.50 -8.13
CA ALA I 100 -41.64 -33.81 -6.90
C ALA I 100 -42.75 -34.53 -6.16
N HIS I 101 -42.74 -34.46 -4.82
CA HIS I 101 -43.78 -35.10 -4.02
C HIS I 101 -44.85 -34.05 -3.69
N ILE I 102 -46.11 -34.46 -3.72
CA ILE I 102 -47.19 -33.55 -3.44
C ILE I 102 -47.76 -33.65 -2.02
N ASP I 103 -47.30 -34.64 -1.26
CA ASP I 103 -47.76 -34.82 0.13
C ASP I 103 -47.00 -33.90 1.07
N SER I 104 -47.61 -33.63 2.22
CA SER I 104 -47.00 -32.75 3.23
C SER I 104 -47.42 -33.14 4.63
N PRO I 105 -46.51 -32.97 5.61
CA PRO I 105 -46.79 -33.29 7.01
C PRO I 105 -48.09 -32.65 7.52
N ARG I 106 -48.81 -33.42 8.33
CA ARG I 106 -50.09 -32.99 8.86
C ARG I 106 -50.63 -33.98 9.87
N LEU I 107 -51.75 -33.64 10.49
CA LEU I 107 -52.38 -34.53 11.48
C LEU I 107 -53.50 -35.23 10.74
N ASP I 108 -53.95 -36.36 11.25
CA ASP I 108 -55.05 -37.07 10.61
C ASP I 108 -55.69 -38.16 11.47
N LEU I 109 -57.00 -38.00 11.65
CA LEU I 109 -57.84 -38.90 12.43
C LEU I 109 -57.52 -40.38 12.38
N LYS I 110 -57.58 -41.04 13.53
CA LYS I 110 -57.33 -42.49 13.59
C LYS I 110 -58.49 -43.29 12.97
N GLN I 111 -58.46 -44.61 13.16
CA GLN I 111 -59.50 -45.47 12.63
C GLN I 111 -60.81 -45.26 13.40
N ASN I 112 -60.69 -44.91 14.67
CA ASN I 112 -61.86 -44.66 15.53
C ASN I 112 -61.62 -43.36 16.29
N PRO I 113 -61.51 -42.24 15.55
CA PRO I 113 -61.27 -40.90 16.08
C PRO I 113 -62.30 -40.31 17.00
N LEU I 114 -63.58 -40.56 16.74
CA LEU I 114 -64.64 -39.98 17.58
C LEU I 114 -64.80 -40.64 18.94
N TYR I 115 -64.64 -39.84 19.98
CA TYR I 115 -64.78 -40.31 21.35
C TYR I 115 -65.17 -39.10 22.20
N GLU I 116 -65.73 -39.35 23.38
CA GLU I 116 -66.16 -38.26 24.24
C GLU I 116 -65.54 -38.34 25.62
N ASP I 117 -64.78 -37.32 26.00
CA ASP I 117 -64.15 -37.31 27.32
C ASP I 117 -64.52 -36.08 28.12
N THR I 118 -65.18 -36.29 29.25
CA THR I 118 -65.61 -35.19 30.12
C THR I 118 -66.47 -34.21 29.33
N ASP I 119 -67.74 -34.53 29.19
CA ASP I 119 -68.67 -33.68 28.46
C ASP I 119 -68.27 -33.59 27.00
N LEU I 120 -67.55 -32.54 26.62
CA LEU I 120 -67.16 -32.37 25.22
C LEU I 120 -66.60 -33.62 24.55
N ALA I 121 -66.64 -33.63 23.22
CA ALA I 121 -66.16 -34.78 22.45
C ALA I 121 -64.99 -34.44 21.51
N MET I 122 -63.90 -35.18 21.68
CA MET I 122 -62.72 -35.00 20.86
C MET I 122 -62.67 -35.91 19.64
N LEU I 123 -61.50 -35.90 18.99
CA LEU I 123 -61.23 -36.66 17.79
C LEU I 123 -59.76 -37.11 17.79
N GLU I 124 -59.51 -38.41 17.98
CA GLU I 124 -58.15 -38.94 17.97
C GLU I 124 -57.41 -38.62 16.67
N THR I 125 -56.11 -38.39 16.77
CA THR I 125 -55.29 -38.09 15.61
C THR I 125 -54.00 -38.88 15.65
N HIS I 126 -53.14 -38.65 14.67
CA HIS I 126 -51.88 -39.34 14.61
C HIS I 126 -51.07 -38.62 13.55
N TYR I 127 -50.24 -37.68 13.96
CA TYR I 127 -49.45 -36.91 12.99
C TYR I 127 -48.73 -37.76 11.95
N TYR I 128 -48.56 -37.18 10.78
CA TYR I 128 -47.92 -37.82 9.65
C TYR I 128 -46.84 -36.94 9.03
N GLY I 129 -45.72 -37.58 8.68
CA GLY I 129 -44.64 -36.85 8.05
C GLY I 129 -43.54 -36.37 8.98
N GLY I 130 -43.83 -36.34 10.27
CA GLY I 130 -42.81 -35.90 11.20
C GLY I 130 -42.79 -34.39 11.31
N ILE I 131 -43.84 -33.85 11.93
CA ILE I 131 -43.93 -32.42 12.15
C ILE I 131 -43.07 -32.14 13.36
N LYS I 132 -42.59 -33.23 13.96
CA LYS I 132 -41.74 -33.23 15.17
C LYS I 132 -42.02 -32.09 16.16
N LYS I 133 -42.01 -30.88 15.65
CA LYS I 133 -42.31 -29.72 16.46
C LYS I 133 -43.82 -29.72 16.55
N TYR I 134 -44.33 -30.30 17.63
CA TYR I 134 -45.77 -30.36 17.80
C TYR I 134 -46.37 -29.03 18.16
N GLN I 135 -45.76 -27.94 17.71
CA GLN I 135 -46.31 -26.61 17.98
C GLN I 135 -47.35 -26.40 16.87
N TRP I 136 -48.29 -27.34 16.85
CA TRP I 136 -49.40 -27.38 15.91
C TRP I 136 -50.67 -27.18 16.71
N VAL I 137 -50.52 -26.75 17.95
CA VAL I 137 -51.67 -26.56 18.81
C VAL I 137 -52.51 -25.32 18.49
N THR I 138 -52.70 -24.49 19.51
CA THR I 138 -53.45 -23.27 19.42
C THR I 138 -54.01 -22.79 18.08
N LEU I 139 -53.19 -22.65 17.05
CA LEU I 139 -53.71 -22.14 15.77
C LEU I 139 -54.89 -22.97 15.18
N PRO I 140 -55.80 -22.29 14.46
CA PRO I 140 -57.01 -22.85 13.80
C PRO I 140 -56.75 -23.91 12.74
N LEU I 141 -57.52 -25.00 12.83
CA LEU I 141 -57.40 -26.12 11.87
C LEU I 141 -58.66 -26.37 11.04
N ALA I 142 -58.46 -26.98 9.87
CA ALA I 142 -59.56 -27.33 8.97
C ALA I 142 -59.50 -28.83 8.63
N ILE I 143 -60.65 -29.43 8.33
CA ILE I 143 -60.67 -30.83 8.00
C ILE I 143 -60.87 -31.06 6.52
N HIS I 144 -60.05 -31.94 5.96
CA HIS I 144 -60.15 -32.31 4.55
C HIS I 144 -60.22 -33.83 4.44
N GLY I 145 -59.96 -34.36 3.27
CA GLY I 145 -60.00 -35.80 3.10
C GLY I 145 -61.29 -36.32 2.51
N VAL I 146 -61.49 -37.63 2.66
CA VAL I 146 -62.67 -38.27 2.12
C VAL I 146 -63.11 -39.47 2.97
N ILE I 147 -64.41 -39.76 2.95
CA ILE I 147 -64.92 -40.90 3.70
C ILE I 147 -65.59 -41.86 2.72
N VAL I 148 -65.36 -43.16 2.89
CA VAL I 148 -65.95 -44.14 2.00
C VAL I 148 -67.00 -45.02 2.66
N LYS I 149 -68.23 -44.93 2.15
CA LYS I 149 -69.34 -45.72 2.66
C LYS I 149 -69.04 -47.17 2.40
N LYS I 150 -69.72 -48.06 3.12
CA LYS I 150 -69.51 -49.50 2.93
C LYS I 150 -69.85 -49.89 1.48
N ASP I 151 -70.84 -49.21 0.90
CA ASP I 151 -71.29 -49.47 -0.45
C ASP I 151 -70.28 -48.96 -1.48
N GLY I 152 -69.34 -48.13 -1.04
CA GLY I 152 -68.33 -47.60 -1.94
C GLY I 152 -68.51 -46.14 -2.34
N THR I 153 -69.55 -45.50 -1.82
CA THR I 153 -69.82 -44.10 -2.13
C THR I 153 -68.74 -43.21 -1.52
N ILE I 154 -68.09 -42.43 -2.37
CA ILE I 154 -67.03 -41.54 -1.88
C ILE I 154 -67.58 -40.16 -1.53
N VAL I 155 -67.51 -39.80 -0.25
CA VAL I 155 -68.01 -38.50 0.18
C VAL I 155 -66.83 -37.58 0.44
N ASN I 156 -66.91 -36.34 -0.04
CA ASN I 156 -65.81 -35.38 0.17
C ASN I 156 -66.06 -34.49 1.38
N VAL I 157 -65.03 -34.32 2.19
CA VAL I 157 -65.14 -33.48 3.38
C VAL I 157 -64.14 -32.31 3.29
N CYS I 158 -64.63 -31.12 3.59
CA CYS I 158 -63.80 -29.92 3.55
C CYS I 158 -64.44 -28.88 4.46
N VAL I 159 -64.12 -28.95 5.75
CA VAL I 159 -64.66 -28.02 6.73
C VAL I 159 -63.60 -27.09 7.31
N GLY I 160 -63.94 -25.81 7.41
CA GLY I 160 -63.02 -24.86 7.97
C GLY I 160 -62.32 -23.96 6.96
N GLU I 161 -62.63 -24.12 5.68
CA GLU I 161 -61.99 -23.28 4.67
C GLU I 161 -62.77 -22.02 4.37
N ASP I 162 -64.07 -22.15 4.14
CA ASP I 162 -64.91 -20.98 3.85
C ASP I 162 -65.01 -20.09 5.08
N ASP I 163 -65.08 -18.78 4.86
CA ASP I 163 -65.18 -17.85 5.98
C ASP I 163 -66.41 -18.09 6.86
N ASN I 164 -67.28 -19.00 6.46
CA ASN I 164 -68.47 -19.29 7.25
C ASN I 164 -68.46 -20.68 7.87
N ASP I 165 -67.43 -21.46 7.58
CA ASP I 165 -67.33 -22.80 8.12
C ASP I 165 -66.71 -22.72 9.50
N PRO I 166 -67.08 -23.66 10.38
CA PRO I 166 -66.52 -23.65 11.73
C PRO I 166 -65.08 -24.16 11.60
N VAL I 167 -64.29 -24.00 12.66
CA VAL I 167 -62.90 -24.43 12.64
C VAL I 167 -62.63 -25.41 13.77
N PHE I 168 -61.43 -25.95 13.79
CA PHE I 168 -61.01 -26.89 14.82
C PHE I 168 -59.59 -26.62 15.29
N GLY I 169 -59.17 -27.32 16.34
CA GLY I 169 -57.82 -27.13 16.84
C GLY I 169 -57.48 -27.97 18.05
N VAL I 170 -56.20 -27.97 18.41
CA VAL I 170 -55.70 -28.72 19.55
C VAL I 170 -55.48 -27.76 20.72
N SER I 171 -55.94 -28.13 21.90
CA SER I 171 -55.77 -27.28 23.08
C SER I 171 -54.42 -27.46 23.76
N ASP I 172 -54.09 -26.56 24.68
CA ASP I 172 -52.82 -26.64 25.42
C ASP I 172 -52.98 -25.87 26.72
N ILE I 173 -52.59 -26.50 27.82
CA ILE I 173 -52.70 -25.88 29.13
C ILE I 173 -52.32 -24.42 29.16
N LEU I 174 -53.05 -23.62 29.93
CA LEU I 174 -52.73 -22.20 30.03
C LEU I 174 -51.40 -22.08 30.78
N VAL I 175 -50.65 -21.02 30.48
CA VAL I 175 -49.36 -20.79 31.13
C VAL I 175 -49.46 -20.77 32.65
N HIS I 176 -50.60 -20.33 33.15
CA HIS I 176 -50.82 -20.24 34.59
C HIS I 176 -50.60 -21.55 35.30
N LEU I 177 -50.91 -22.66 34.63
CA LEU I 177 -50.75 -23.98 35.23
C LEU I 177 -49.81 -24.87 34.44
N ALA I 178 -49.11 -24.27 33.48
CA ALA I 178 -48.18 -25.02 32.64
C ALA I 178 -46.82 -25.22 33.29
N SER I 179 -46.72 -24.79 34.56
CA SER I 179 -45.48 -24.91 35.32
C SER I 179 -44.86 -26.32 35.28
N GLU I 180 -45.66 -27.33 35.56
CA GLU I 180 -45.20 -28.70 35.57
C GLU I 180 -44.76 -29.17 34.18
N GLN I 181 -45.17 -28.45 33.15
CA GLN I 181 -44.80 -28.78 31.78
C GLN I 181 -43.56 -27.98 31.37
N LEU I 182 -42.40 -28.46 31.81
CA LEU I 182 -41.12 -27.81 31.50
C LEU I 182 -40.04 -28.79 30.99
N GLU I 183 -40.11 -30.05 31.44
CA GLU I 183 -39.13 -31.04 31.02
C GLU I 183 -39.05 -31.22 29.50
N LYS I 184 -37.84 -31.20 28.99
CA LYS I 184 -37.54 -31.39 27.57
C LYS I 184 -38.49 -30.77 26.56
N LYS I 185 -38.04 -29.72 25.88
CA LYS I 185 -38.87 -29.09 24.85
C LYS I 185 -39.06 -30.14 23.78
N ALA I 186 -38.08 -31.05 23.70
CA ALA I 186 -38.07 -32.16 22.76
C ALA I 186 -39.48 -32.69 22.59
N SER I 187 -40.23 -32.69 23.68
CA SER I 187 -41.60 -33.17 23.63
C SER I 187 -42.32 -33.17 24.98
N LYS I 188 -43.25 -32.24 25.14
CA LYS I 188 -44.07 -32.15 26.34
C LYS I 188 -45.49 -31.92 25.82
N VAL I 189 -45.65 -32.12 24.52
CA VAL I 189 -46.91 -32.01 23.81
C VAL I 189 -46.74 -33.07 22.74
N ILE I 190 -47.33 -34.25 22.90
CA ILE I 190 -47.11 -35.29 21.90
C ILE I 190 -48.22 -36.34 21.71
N GLU I 191 -49.23 -36.32 22.58
CA GLU I 191 -50.32 -37.29 22.50
C GLU I 191 -50.92 -37.45 21.10
N GLY I 192 -51.99 -38.22 21.02
CA GLY I 192 -52.65 -38.42 19.74
C GLY I 192 -54.15 -38.50 19.98
N GLU I 193 -54.59 -37.84 21.02
CA GLU I 193 -55.99 -37.87 21.39
C GLU I 193 -56.37 -36.45 21.74
N ASP I 194 -56.07 -35.56 20.80
CA ASP I 194 -56.34 -34.13 20.94
C ASP I 194 -57.40 -33.69 19.96
N LEU I 195 -57.70 -32.40 19.94
CA LEU I 195 -58.68 -31.87 18.97
C LEU I 195 -60.16 -32.17 19.21
N ASN I 196 -60.84 -31.25 19.91
CA ASN I 196 -62.26 -31.42 20.20
C ASN I 196 -63.12 -30.80 19.09
N ILE I 197 -64.11 -31.55 18.67
CA ILE I 197 -64.98 -31.10 17.60
C ILE I 197 -66.33 -30.60 18.05
N LEU I 198 -66.62 -30.66 19.34
CA LEU I 198 -67.91 -30.15 19.79
C LEU I 198 -68.09 -30.15 21.30
N ILE I 199 -68.60 -29.03 21.78
CA ILE I 199 -68.86 -28.88 23.19
C ILE I 199 -70.37 -29.04 23.39
N GLY I 200 -70.79 -28.85 24.64
CA GLY I 200 -72.18 -28.95 25.01
C GLY I 200 -73.10 -29.50 23.93
N SER I 201 -74.05 -28.68 23.50
CA SER I 201 -75.00 -29.08 22.48
C SER I 201 -75.19 -30.58 22.68
N ILE I 202 -75.49 -30.90 23.93
CA ILE I 202 -75.67 -32.27 24.39
C ILE I 202 -77.16 -32.48 24.69
N PRO I 203 -77.80 -33.41 23.98
CA PRO I 203 -77.24 -34.16 22.85
C PRO I 203 -78.28 -34.18 21.74
N LEU I 204 -78.60 -35.38 21.25
CA LEU I 204 -79.58 -35.56 20.19
C LEU I 204 -80.91 -35.92 20.85
N LYS I 205 -81.90 -35.04 20.70
CA LYS I 205 -83.24 -35.24 21.27
C LYS I 205 -83.16 -35.56 22.77
N ASP I 206 -81.96 -35.38 23.34
CA ASP I 206 -81.70 -35.62 24.75
C ASP I 206 -82.25 -36.96 25.21
N GLY I 207 -82.07 -37.98 24.38
CA GLY I 207 -82.55 -39.30 24.70
C GLY I 207 -81.58 -40.13 25.53
N GLU I 208 -81.06 -39.54 26.59
CA GLU I 208 -80.11 -40.21 27.48
C GLU I 208 -78.86 -40.71 26.74
N GLU I 209 -78.32 -41.83 27.22
CA GLU I 209 -77.12 -42.43 26.66
C GLU I 209 -75.85 -41.68 27.03
N LYS I 210 -75.20 -42.13 28.11
CA LYS I 210 -73.97 -41.52 28.63
C LYS I 210 -73.24 -40.53 27.69
N GLN I 211 -72.70 -41.06 26.60
CA GLN I 211 -71.98 -40.23 25.65
C GLN I 211 -72.94 -39.34 24.86
N LYS I 212 -73.57 -38.39 25.52
CA LYS I 212 -74.49 -37.52 24.83
C LYS I 212 -73.85 -36.58 23.83
N VAL I 213 -72.86 -35.81 24.27
CA VAL I 213 -72.16 -34.87 23.39
C VAL I 213 -71.70 -35.60 22.15
N LYS I 214 -71.17 -36.81 22.33
CA LYS I 214 -70.70 -37.61 21.20
C LYS I 214 -71.88 -37.95 20.29
N HIS I 215 -72.87 -38.62 20.89
CA HIS I 215 -74.07 -39.02 20.16
C HIS I 215 -74.61 -37.88 19.31
N ASN I 216 -74.63 -36.68 19.87
CA ASN I 216 -75.13 -35.53 19.14
C ASN I 216 -74.32 -35.22 17.90
N ILE I 217 -73.00 -35.18 18.04
CA ILE I 217 -72.13 -34.87 16.91
C ILE I 217 -72.22 -35.91 15.80
N MET I 218 -72.31 -37.18 16.18
CA MET I 218 -72.41 -38.25 15.18
C MET I 218 -73.68 -38.00 14.36
N LYS I 219 -74.76 -37.62 15.04
CA LYS I 219 -76.04 -37.34 14.40
C LYS I 219 -75.88 -36.13 13.49
N ILE I 220 -75.20 -35.10 13.98
CA ILE I 220 -74.97 -33.90 13.19
C ILE I 220 -74.15 -34.26 11.96
N LEU I 221 -73.16 -35.12 12.19
CA LEU I 221 -72.27 -35.57 11.13
C LEU I 221 -73.05 -36.51 10.21
N ASN I 222 -74.18 -37.02 10.70
CA ASN I 222 -74.99 -37.92 9.91
C ASN I 222 -75.89 -37.17 8.93
N GLU I 223 -76.47 -36.05 9.38
CA GLU I 223 -77.33 -35.25 8.53
C GLU I 223 -76.54 -34.85 7.29
N LYS I 224 -75.37 -34.25 7.48
CA LYS I 224 -74.54 -33.91 6.33
C LYS I 224 -73.91 -35.26 6.00
N TYR I 225 -73.50 -35.45 4.76
CA TYR I 225 -72.90 -36.73 4.39
C TYR I 225 -73.94 -37.81 4.64
N ASP I 226 -73.52 -38.94 5.18
CA ASP I 226 -74.45 -40.03 5.45
C ASP I 226 -73.68 -41.18 6.08
N ILE I 227 -72.71 -40.82 6.90
CA ILE I 227 -71.84 -41.79 7.56
C ILE I 227 -72.37 -42.25 8.92
N SER I 228 -71.67 -43.21 9.50
CA SER I 228 -72.01 -43.73 10.81
C SER I 228 -70.73 -43.65 11.60
N GLU I 229 -70.74 -44.07 12.87
CA GLU I 229 -69.51 -44.00 13.64
C GLU I 229 -68.47 -44.87 12.94
N GLU I 230 -68.92 -45.94 12.29
CA GLU I 230 -68.00 -46.80 11.52
C GLU I 230 -67.66 -45.92 10.32
N ASP I 231 -67.32 -46.49 9.17
CA ASP I 231 -67.00 -45.66 8.02
C ASP I 231 -65.71 -44.92 8.23
N PHE I 232 -65.48 -44.42 9.45
CA PHE I 232 -64.26 -43.73 9.75
C PHE I 232 -63.14 -44.72 9.49
N VAL I 233 -63.45 -45.99 9.73
CA VAL I 233 -62.49 -47.06 9.52
C VAL I 233 -62.00 -47.01 8.07
N SER I 234 -62.92 -46.72 7.16
CA SER I 234 -62.59 -46.63 5.75
C SER I 234 -62.64 -45.17 5.30
N ALA I 235 -62.10 -44.30 6.14
CA ALA I 235 -62.10 -42.87 5.85
C ALA I 235 -60.70 -42.36 5.61
N GLU I 236 -60.60 -41.07 5.29
CA GLU I 236 -59.32 -40.46 5.01
C GLU I 236 -59.02 -39.21 5.83
N LEU I 237 -58.50 -39.48 7.01
CA LEU I 237 -58.08 -38.51 8.01
C LEU I 237 -57.30 -37.35 7.39
N GLU I 238 -57.65 -36.11 7.70
CA GLU I 238 -56.90 -34.97 7.14
C GLU I 238 -57.09 -33.66 7.87
N ILE I 239 -56.19 -33.36 8.79
CA ILE I 239 -56.29 -32.11 9.53
C ILE I 239 -55.18 -31.18 9.07
N VAL I 240 -55.57 -29.99 8.64
CA VAL I 240 -54.62 -29.02 8.15
C VAL I 240 -54.95 -27.61 8.59
N PRO I 241 -53.94 -26.74 8.69
CA PRO I 241 -54.26 -25.36 9.11
C PRO I 241 -55.26 -24.71 8.14
N ALA I 242 -56.19 -23.94 8.70
CA ALA I 242 -57.21 -23.27 7.90
C ALA I 242 -56.72 -21.90 7.45
N GLY I 243 -57.25 -21.41 6.33
CA GLY I 243 -56.86 -20.11 5.79
C GLY I 243 -56.11 -20.21 4.48
N LYS I 244 -56.31 -19.20 3.63
CA LYS I 244 -55.65 -19.14 2.32
C LYS I 244 -54.22 -18.65 2.53
N ALA I 245 -53.33 -19.02 1.62
CA ALA I 245 -51.94 -18.58 1.73
C ALA I 245 -52.01 -17.06 1.57
N ARG I 246 -51.01 -16.34 2.05
CA ARG I 246 -51.04 -14.89 1.94
C ARG I 246 -49.71 -14.25 1.51
N ASP I 247 -49.76 -12.95 1.26
CA ASP I 247 -48.55 -12.22 0.89
C ASP I 247 -47.78 -12.01 2.19
N TYR I 248 -46.53 -12.40 2.21
CA TYR I 248 -45.75 -12.21 3.41
C TYR I 248 -44.77 -11.05 3.25
N GLY I 249 -44.76 -10.15 4.25
CA GLY I 249 -43.84 -9.03 4.22
C GLY I 249 -44.41 -7.70 3.76
N PHE I 250 -43.85 -6.61 4.28
CA PHE I 250 -44.29 -5.27 3.93
C PHE I 250 -44.11 -4.99 2.45
N ASP I 251 -43.21 -5.72 1.79
CA ASP I 251 -42.97 -5.50 0.38
C ASP I 251 -43.55 -6.62 -0.46
N ARG I 252 -44.41 -7.42 0.15
CA ARG I 252 -45.05 -8.53 -0.56
C ARG I 252 -44.06 -9.36 -1.37
N SER I 253 -42.85 -9.53 -0.86
CA SER I 253 -41.83 -10.28 -1.59
C SER I 253 -41.86 -11.79 -1.33
N MET I 254 -42.50 -12.19 -0.24
CA MET I 254 -42.58 -13.59 0.11
C MET I 254 -44.01 -14.05 0.19
N VAL I 255 -44.19 -15.35 0.38
CA VAL I 255 -45.52 -15.97 0.49
C VAL I 255 -45.56 -16.92 1.66
N MET I 256 -46.57 -16.74 2.52
CA MET I 256 -46.75 -17.59 3.69
C MET I 256 -47.93 -18.55 3.47
N GLY I 257 -47.70 -19.83 3.66
CA GLY I 257 -48.75 -20.81 3.45
C GLY I 257 -48.38 -22.24 3.81
N TYR I 258 -49.41 -23.07 3.96
CA TYR I 258 -49.22 -24.48 4.30
C TYR I 258 -48.91 -25.29 3.06
N GLY I 259 -48.14 -26.37 3.22
CA GLY I 259 -47.81 -27.22 2.09
C GLY I 259 -46.66 -26.74 1.22
N GLN I 260 -46.21 -25.51 1.42
CA GLN I 260 -45.10 -24.96 0.66
C GLN I 260 -44.07 -26.07 0.35
N ASP I 261 -43.78 -26.93 1.33
CA ASP I 261 -42.81 -28.01 1.17
C ASP I 261 -43.06 -28.84 -0.05
N ASP I 262 -42.18 -28.60 -1.02
CA ASP I 262 -42.18 -29.27 -2.32
C ASP I 262 -43.41 -29.02 -3.18
N ARG I 263 -44.55 -28.76 -2.55
CA ARG I 263 -45.75 -28.51 -3.30
C ARG I 263 -45.49 -27.28 -4.16
N ILE I 264 -44.53 -26.47 -3.74
CA ILE I 264 -44.16 -25.26 -4.46
C ILE I 264 -43.37 -25.71 -5.67
N CYS I 265 -42.52 -26.71 -5.50
CA CYS I 265 -41.74 -27.22 -6.61
C CYS I 265 -42.66 -27.97 -7.54
N ALA I 266 -43.54 -28.76 -6.96
CA ALA I 266 -44.47 -29.54 -7.75
C ALA I 266 -45.30 -28.64 -8.67
N TYR I 267 -45.46 -27.38 -8.25
CA TYR I 267 -46.25 -26.44 -9.02
C TYR I 267 -45.43 -25.81 -10.15
N THR I 268 -44.31 -25.20 -9.79
CA THR I 268 -43.47 -24.57 -10.79
C THR I 268 -43.13 -25.63 -11.84
N SER I 269 -42.80 -26.84 -11.38
CA SER I 269 -42.45 -27.92 -12.31
C SER I 269 -43.65 -28.19 -13.21
N PHE I 270 -44.84 -27.99 -12.68
CA PHE I 270 -46.05 -28.22 -13.44
C PHE I 270 -46.16 -27.19 -14.56
N GLU I 271 -46.29 -25.92 -14.19
CA GLU I 271 -46.40 -24.85 -15.18
C GLU I 271 -45.28 -24.96 -16.19
N ALA I 272 -44.06 -25.14 -15.72
CA ALA I 272 -42.97 -25.27 -16.65
C ALA I 272 -43.32 -26.38 -17.65
N MET I 273 -43.63 -27.57 -17.15
CA MET I 273 -43.96 -28.70 -18.00
C MET I 273 -45.17 -28.43 -18.84
N LEU I 274 -46.15 -27.76 -18.26
CA LEU I 274 -47.39 -27.44 -19.00
C LEU I 274 -47.20 -26.53 -20.23
N GLU I 275 -46.64 -25.35 -20.02
CA GLU I 275 -46.43 -24.42 -21.11
C GLU I 275 -45.19 -24.74 -21.93
N MET I 276 -44.87 -26.03 -22.02
CA MET I 276 -43.71 -26.49 -22.77
C MET I 276 -44.13 -27.03 -24.12
N LYS I 277 -43.90 -26.23 -25.16
CA LYS I 277 -44.26 -26.61 -26.52
C LYS I 277 -43.03 -26.88 -27.38
N ASN I 278 -43.19 -27.69 -28.44
CA ASN I 278 -42.09 -28.03 -29.33
C ASN I 278 -41.02 -28.76 -28.55
N ALA I 279 -41.20 -30.07 -28.38
CA ALA I 279 -40.24 -30.87 -27.62
C ALA I 279 -39.27 -31.63 -28.52
N LYS I 280 -37.99 -31.54 -28.21
CA LYS I 280 -36.97 -32.24 -29.00
C LYS I 280 -36.89 -33.67 -28.47
N LYS I 281 -36.73 -33.82 -27.17
CA LYS I 281 -36.67 -35.14 -26.55
C LYS I 281 -37.82 -35.24 -25.55
N THR I 282 -38.60 -36.31 -25.66
CA THR I 282 -39.76 -36.54 -24.80
C THR I 282 -39.45 -36.31 -23.32
N CYS I 283 -40.19 -35.40 -22.71
CA CYS I 283 -40.01 -35.07 -21.31
C CYS I 283 -41.25 -35.37 -20.48
N ILE I 284 -41.04 -35.73 -19.21
CA ILE I 284 -42.13 -36.09 -18.32
C ILE I 284 -42.05 -35.57 -16.90
N THR I 285 -43.23 -35.30 -16.34
CA THR I 285 -43.37 -34.77 -14.99
C THR I 285 -44.00 -35.76 -14.04
N ILE I 286 -43.31 -36.03 -12.92
CA ILE I 286 -43.81 -36.97 -11.94
C ILE I 286 -44.19 -36.29 -10.64
N LEU I 287 -45.32 -36.68 -10.06
CA LEU I 287 -45.82 -36.11 -8.82
C LEU I 287 -46.36 -37.22 -7.94
N VAL I 288 -45.55 -37.67 -6.98
CA VAL I 288 -45.96 -38.75 -6.07
C VAL I 288 -46.09 -38.26 -4.62
N ASP I 289 -46.43 -39.18 -3.73
CA ASP I 289 -46.54 -38.83 -2.34
C ASP I 289 -45.78 -39.81 -1.44
N LYS I 290 -46.12 -39.78 -0.15
CA LYS I 290 -45.49 -40.63 0.83
C LYS I 290 -44.01 -40.33 1.02
N GLU I 291 -43.54 -39.25 0.39
CA GLU I 291 -42.13 -38.90 0.52
C GLU I 291 -41.80 -38.55 1.95
N GLU I 292 -42.62 -37.69 2.54
CA GLU I 292 -42.39 -37.24 3.92
C GLU I 292 -42.49 -38.38 4.94
N VAL I 293 -42.96 -39.54 4.48
CA VAL I 293 -43.11 -40.67 5.37
C VAL I 293 -42.13 -41.82 5.07
N GLY I 294 -41.32 -41.66 4.03
CA GLY I 294 -40.36 -42.69 3.70
C GLY I 294 -40.33 -43.08 2.24
N SER I 295 -41.37 -42.68 1.52
CA SER I 295 -41.50 -42.96 0.09
C SER I 295 -41.75 -44.45 -0.18
N ILE I 296 -42.45 -45.11 0.75
CA ILE I 296 -42.75 -46.53 0.60
C ILE I 296 -43.55 -46.79 -0.65
N GLY I 297 -43.82 -48.08 -0.88
CA GLY I 297 -44.58 -48.51 -2.05
C GLY I 297 -46.00 -48.00 -2.20
N ALA I 298 -46.68 -48.53 -3.21
CA ALA I 298 -48.07 -48.19 -3.52
C ALA I 298 -48.19 -46.89 -4.29
N THR I 299 -47.67 -45.81 -3.72
CA THR I 299 -47.75 -44.50 -4.37
C THR I 299 -46.52 -43.58 -4.23
N GLY I 300 -45.33 -44.18 -4.20
CA GLY I 300 -44.11 -43.40 -4.08
C GLY I 300 -42.89 -44.02 -4.76
N MET I 301 -42.48 -45.19 -4.28
CA MET I 301 -41.34 -45.92 -4.85
C MET I 301 -41.89 -47.01 -5.75
N GLN I 302 -43.21 -46.99 -5.90
CA GLN I 302 -43.92 -47.96 -6.73
C GLN I 302 -43.37 -48.08 -8.14
N SER I 303 -43.98 -48.98 -8.92
CA SER I 303 -43.57 -49.21 -10.30
C SER I 303 -44.49 -48.41 -11.23
N LYS I 304 -45.44 -47.69 -10.62
CA LYS I 304 -46.39 -46.87 -11.36
C LYS I 304 -45.73 -46.11 -12.49
N PHE I 305 -44.49 -45.71 -12.28
CA PHE I 305 -43.73 -44.96 -13.30
C PHE I 305 -43.07 -45.94 -14.23
N PHE I 306 -42.42 -46.95 -13.64
CA PHE I 306 -41.75 -47.98 -14.41
C PHE I 306 -42.74 -48.60 -15.38
N GLU I 307 -43.69 -49.34 -14.85
CA GLU I 307 -44.71 -49.97 -15.67
C GLU I 307 -45.72 -48.94 -16.14
N ASN I 308 -45.22 -47.96 -16.87
CA ASN I 308 -46.06 -46.90 -17.38
C ASN I 308 -45.34 -46.20 -18.51
N THR I 309 -44.04 -46.02 -18.32
CA THR I 309 -43.23 -45.41 -19.35
C THR I 309 -43.27 -46.47 -20.43
N VAL I 310 -43.41 -47.72 -19.99
CA VAL I 310 -43.47 -48.84 -20.91
C VAL I 310 -44.85 -48.89 -21.53
N ALA I 311 -45.88 -48.94 -20.69
CA ALA I 311 -47.25 -48.97 -21.19
C ALA I 311 -47.44 -47.81 -22.16
N ASP I 312 -46.55 -46.84 -22.07
CA ASP I 312 -46.60 -45.67 -22.93
C ASP I 312 -45.66 -45.86 -24.12
N ILE I 313 -44.53 -46.52 -23.88
CA ILE I 313 -43.56 -46.80 -24.94
C ILE I 313 -44.22 -47.74 -25.94
N MET I 314 -45.21 -48.50 -25.47
CA MET I 314 -45.93 -49.43 -26.34
C MET I 314 -46.58 -48.72 -27.52
N SER I 315 -47.10 -47.52 -27.27
CA SER I 315 -47.75 -46.73 -28.32
C SER I 315 -46.76 -45.78 -28.97
N ASP I 321 -40.82 -51.45 -30.85
CA ASP I 321 -41.19 -50.52 -29.78
C ASP I 321 -41.82 -51.26 -28.60
N GLU I 322 -41.35 -52.48 -28.36
CA GLU I 322 -41.88 -53.29 -27.26
C GLU I 322 -40.83 -53.68 -26.23
N LEU I 323 -40.12 -54.78 -26.51
CA LEU I 323 -39.10 -55.32 -25.62
C LEU I 323 -38.29 -54.34 -24.78
N LYS I 324 -38.00 -54.79 -23.56
CA LYS I 324 -37.25 -54.04 -22.57
C LYS I 324 -36.36 -52.92 -23.10
N LEU I 325 -35.29 -53.28 -23.80
CA LEU I 325 -34.34 -52.30 -24.33
C LEU I 325 -33.57 -51.62 -23.18
N ARG I 326 -34.27 -51.26 -22.10
CA ARG I 326 -33.71 -50.62 -20.88
C ARG I 326 -33.20 -49.19 -21.08
N LYS I 327 -32.24 -49.03 -22.00
CA LYS I 327 -31.63 -47.76 -22.33
C LYS I 327 -32.56 -46.55 -22.16
N ALA I 328 -33.84 -46.73 -22.49
CA ALA I 328 -34.81 -45.66 -22.40
C ALA I 328 -34.63 -44.81 -21.14
N LEU I 329 -34.64 -45.46 -19.98
CA LEU I 329 -34.48 -44.77 -18.70
C LEU I 329 -33.02 -44.41 -18.43
N TYR I 330 -32.12 -45.35 -18.68
CA TYR I 330 -30.70 -45.15 -18.45
C TYR I 330 -30.14 -43.87 -19.08
N ASN I 331 -30.68 -43.49 -20.23
CA ASN I 331 -30.19 -42.29 -20.91
C ASN I 331 -31.01 -41.04 -20.63
N SER I 332 -31.75 -41.01 -19.53
CA SER I 332 -32.54 -39.84 -19.21
C SER I 332 -31.85 -38.92 -18.21
N GLU I 333 -32.37 -37.70 -18.10
CA GLU I 333 -31.83 -36.70 -17.18
C GLU I 333 -33.00 -36.21 -16.33
N MET I 334 -32.87 -36.30 -15.00
CA MET I 334 -33.95 -35.85 -14.11
C MET I 334 -33.53 -34.68 -13.24
N LEU I 335 -34.55 -34.01 -12.71
CA LEU I 335 -34.34 -32.88 -11.85
C LEU I 335 -35.27 -33.01 -10.64
N SER I 336 -35.08 -34.10 -9.88
CA SER I 336 -35.89 -34.36 -8.69
C SER I 336 -35.72 -33.18 -7.74
N SER I 337 -36.76 -32.35 -7.62
CA SER I 337 -36.67 -31.19 -6.76
C SER I 337 -37.45 -31.32 -5.47
N ASP I 338 -37.00 -30.59 -4.45
CA ASP I 338 -37.63 -30.56 -3.13
C ASP I 338 -37.07 -29.36 -2.38
N VAL I 339 -37.93 -28.68 -1.62
CA VAL I 339 -37.51 -27.49 -0.87
C VAL I 339 -36.31 -27.73 0.03
N SER I 340 -35.54 -26.68 0.24
CA SER I 340 -34.36 -26.74 1.08
C SER I 340 -34.50 -25.74 2.21
N ALA I 341 -33.63 -25.81 3.20
CA ALA I 341 -33.70 -24.90 4.33
C ALA I 341 -32.96 -23.60 4.05
N ALA I 342 -33.69 -22.49 4.10
CA ALA I 342 -33.11 -21.18 3.84
C ALA I 342 -32.49 -20.67 5.13
N PHE I 343 -31.39 -19.95 5.00
CA PHE I 343 -30.70 -19.41 6.17
C PHE I 343 -31.63 -18.49 6.97
N ASP I 344 -31.85 -18.82 8.24
CA ASP I 344 -32.72 -18.00 9.08
C ASP I 344 -31.87 -17.13 9.99
N PRO I 345 -32.02 -15.82 9.90
CA PRO I 345 -31.24 -14.89 10.73
C PRO I 345 -31.54 -15.02 12.21
N ASN I 346 -32.51 -15.88 12.57
CA ASN I 346 -32.82 -16.06 13.99
C ASN I 346 -31.99 -17.19 14.60
N TYR I 347 -31.60 -18.16 13.77
CA TYR I 347 -30.79 -19.28 14.24
C TYR I 347 -29.70 -19.52 13.22
N PRO I 348 -28.63 -18.73 13.29
CA PRO I 348 -27.49 -18.82 12.38
C PRO I 348 -26.48 -19.94 12.65
N ASN I 349 -26.23 -20.20 13.93
CA ASN I 349 -25.25 -21.20 14.34
C ASN I 349 -25.58 -22.61 13.89
N VAL I 350 -26.73 -22.78 13.26
CA VAL I 350 -27.13 -24.12 12.83
C VAL I 350 -26.68 -24.40 11.40
N MET I 351 -26.27 -23.36 10.67
CA MET I 351 -25.81 -23.52 9.29
C MET I 351 -24.44 -22.93 9.07
N GLU I 352 -23.78 -23.39 8.00
CA GLU I 352 -22.42 -22.95 7.69
C GLU I 352 -22.30 -21.60 6.98
N LYS I 353 -23.38 -20.82 6.95
CA LYS I 353 -23.33 -19.51 6.28
C LYS I 353 -23.08 -19.75 4.79
N ARG I 354 -21.81 -19.95 4.43
CA ARG I 354 -21.47 -20.26 3.04
C ARG I 354 -21.98 -21.68 2.83
N ASN I 355 -22.33 -22.03 1.61
CA ASN I 355 -22.85 -23.37 1.36
C ASN I 355 -24.24 -23.55 1.99
N SER I 356 -25.00 -22.47 2.05
CA SER I 356 -26.34 -22.49 2.60
C SER I 356 -27.23 -21.70 1.66
N ALA I 357 -28.46 -22.14 1.46
CA ALA I 357 -29.37 -21.42 0.57
C ALA I 357 -29.91 -20.15 1.23
N TYR I 358 -30.00 -19.08 0.46
CA TYR I 358 -30.50 -17.83 0.96
C TYR I 358 -31.77 -17.41 0.25
N LEU I 359 -32.67 -16.81 1.01
CA LEU I 359 -33.96 -16.35 0.50
C LEU I 359 -33.83 -15.34 -0.65
N GLY I 360 -34.05 -15.81 -1.88
CA GLY I 360 -34.00 -14.90 -3.00
C GLY I 360 -32.78 -14.99 -3.88
N LYS I 361 -31.89 -15.95 -3.64
CA LYS I 361 -30.71 -16.04 -4.50
C LYS I 361 -30.90 -17.05 -5.64
N GLY I 362 -32.14 -17.27 -6.04
CA GLY I 362 -32.39 -18.19 -7.13
C GLY I 362 -32.75 -19.61 -6.74
N ILE I 363 -32.71 -20.51 -7.72
CA ILE I 363 -33.02 -21.92 -7.51
C ILE I 363 -31.86 -22.59 -6.80
N VAL I 364 -32.17 -23.57 -5.94
CA VAL I 364 -31.14 -24.25 -5.17
C VAL I 364 -30.72 -25.60 -5.78
N PHE I 365 -29.42 -25.88 -5.66
CA PHE I 365 -28.84 -27.13 -6.15
C PHE I 365 -28.11 -27.85 -5.03
N ASN I 366 -28.41 -29.14 -4.88
CA ASN I 366 -27.79 -29.94 -3.83
C ASN I 366 -27.11 -31.16 -4.42
N LYS I 367 -25.79 -31.12 -4.50
CA LYS I 367 -25.05 -32.25 -5.04
C LYS I 367 -25.33 -33.49 -4.21
N TYR I 368 -25.23 -33.32 -2.89
CA TYR I 368 -25.49 -34.41 -1.96
C TYR I 368 -26.36 -33.90 -0.81
N THR I 369 -27.00 -34.82 -0.13
CA THR I 369 -27.87 -34.48 0.99
C THR I 369 -28.14 -35.70 1.85
N GLY I 370 -27.24 -36.00 2.77
CA GLY I 370 -27.42 -37.14 3.64
C GLY I 370 -27.31 -36.82 5.11
N SER I 371 -26.59 -37.68 5.83
CA SER I 371 -26.39 -37.50 7.26
C SER I 371 -24.91 -37.57 7.63
N ARG I 372 -24.60 -38.47 8.55
CA ARG I 372 -23.24 -38.67 9.00
C ARG I 372 -22.31 -39.09 7.85
N GLY I 373 -21.85 -38.12 7.07
CA GLY I 373 -20.96 -38.44 5.98
C GLY I 373 -21.63 -38.78 4.66
N LYS I 374 -22.59 -37.95 4.27
CA LYS I 374 -23.31 -38.12 3.01
C LYS I 374 -24.04 -39.47 2.95
N SER I 375 -24.22 -40.09 4.11
CA SER I 375 -24.90 -41.37 4.21
C SER I 375 -26.35 -41.39 3.72
N GLY I 376 -26.64 -42.37 2.88
CA GLY I 376 -27.97 -42.53 2.33
C GLY I 376 -28.52 -41.36 1.56
N CYS I 377 -28.06 -41.18 0.33
CA CYS I 377 -28.53 -40.08 -0.49
C CYS I 377 -27.86 -40.13 -1.86
N ASN I 378 -28.48 -39.48 -2.83
CA ASN I 378 -27.95 -39.45 -4.18
C ASN I 378 -26.87 -38.37 -4.33
N ASP I 379 -25.80 -38.70 -5.02
CA ASP I 379 -24.71 -37.77 -5.24
C ASP I 379 -24.58 -37.47 -6.73
N ALA I 380 -25.01 -36.27 -7.12
CA ALA I 380 -24.97 -35.84 -8.52
C ALA I 380 -23.57 -35.81 -9.12
N ASN I 381 -23.46 -36.22 -10.39
CA ASN I 381 -22.19 -36.25 -11.10
C ASN I 381 -21.82 -34.85 -11.57
N PRO I 382 -20.53 -34.48 -11.44
CA PRO I 382 -20.04 -33.15 -11.85
C PRO I 382 -20.28 -32.87 -13.32
N GLU I 383 -20.01 -33.85 -14.17
CA GLU I 383 -20.22 -33.66 -15.61
C GLU I 383 -21.65 -33.21 -15.87
N TYR I 384 -22.61 -33.82 -15.16
CA TYR I 384 -24.01 -33.44 -15.32
C TYR I 384 -24.25 -32.04 -14.75
N ILE I 385 -23.68 -31.79 -13.57
CA ILE I 385 -23.82 -30.50 -12.92
C ILE I 385 -23.33 -29.39 -13.83
N ALA I 386 -22.12 -29.55 -14.34
CA ALA I 386 -21.55 -28.57 -15.23
C ALA I 386 -22.53 -28.24 -16.35
N GLU I 387 -23.14 -29.27 -16.94
CA GLU I 387 -24.09 -29.05 -18.00
C GLU I 387 -25.21 -28.15 -17.55
N LEU I 388 -25.81 -28.48 -16.43
CA LEU I 388 -26.92 -27.67 -15.89
C LEU I 388 -26.46 -26.23 -15.73
N ARG I 389 -25.21 -26.05 -15.32
CA ARG I 389 -24.65 -24.71 -15.16
C ARG I 389 -24.74 -23.99 -16.49
N ARG I 390 -24.06 -24.55 -17.48
CA ARG I 390 -24.05 -23.98 -18.80
C ARG I 390 -25.46 -23.62 -19.23
N ILE I 391 -26.40 -24.55 -19.10
CA ILE I 391 -27.78 -24.32 -19.49
C ILE I 391 -28.43 -23.15 -18.75
N LEU I 392 -28.37 -23.20 -17.42
CA LEU I 392 -28.93 -22.15 -16.59
C LEU I 392 -28.09 -20.88 -16.68
N SER I 393 -27.31 -20.75 -17.75
CA SER I 393 -26.49 -19.57 -17.94
C SER I 393 -27.01 -18.92 -19.18
N LYS I 394 -27.18 -19.73 -20.22
CA LYS I 394 -27.70 -19.27 -21.49
C LYS I 394 -29.05 -18.62 -21.25
N GLU I 395 -30.03 -19.42 -20.82
CA GLU I 395 -31.37 -18.90 -20.56
C GLU I 395 -31.37 -18.07 -19.29
N SER I 396 -30.17 -17.79 -18.79
CA SER I 396 -30.01 -17.00 -17.56
C SER I 396 -30.51 -17.81 -16.37
N VAL I 397 -31.29 -17.19 -15.49
CA VAL I 397 -31.83 -17.85 -14.31
C VAL I 397 -30.79 -17.90 -13.20
N ASN I 398 -31.14 -17.40 -12.01
CA ASN I 398 -30.21 -17.40 -10.90
C ASN I 398 -30.29 -18.71 -10.13
N TRP I 399 -29.14 -19.24 -9.76
CA TRP I 399 -29.07 -20.48 -9.01
C TRP I 399 -28.02 -20.37 -7.92
N GLN I 400 -28.20 -21.18 -6.88
CA GLN I 400 -27.29 -21.20 -5.74
C GLN I 400 -27.22 -22.61 -5.22
N THR I 401 -26.07 -22.97 -4.67
CA THR I 401 -25.88 -24.32 -4.13
C THR I 401 -25.94 -24.25 -2.62
N ALA I 402 -26.54 -25.27 -2.02
CA ALA I 402 -26.68 -25.32 -0.57
C ALA I 402 -26.41 -26.69 0.02
N GLU I 403 -26.30 -26.72 1.33
CA GLU I 403 -26.05 -27.94 2.08
C GLU I 403 -26.98 -27.82 3.29
N LEU I 404 -27.56 -28.93 3.75
CA LEU I 404 -28.48 -28.84 4.88
C LEU I 404 -27.80 -28.80 6.25
N GLY I 405 -27.48 -27.60 6.73
CA GLY I 405 -26.86 -27.49 8.03
C GLY I 405 -25.39 -27.91 8.10
N LYS I 406 -24.66 -27.29 9.02
CA LYS I 406 -23.25 -27.56 9.20
C LYS I 406 -22.96 -29.04 9.43
N VAL I 407 -22.47 -29.68 8.38
CA VAL I 407 -22.11 -31.09 8.42
C VAL I 407 -22.98 -31.91 9.37
N ASP I 408 -22.40 -32.35 10.49
CA ASP I 408 -23.11 -33.18 11.46
C ASP I 408 -24.26 -32.55 12.22
N GLN I 409 -25.13 -31.86 11.50
CA GLN I 409 -26.28 -31.24 12.16
C GLN I 409 -27.57 -32.03 11.94
N GLY I 410 -28.28 -31.67 10.88
CA GLY I 410 -29.52 -32.36 10.58
C GLY I 410 -29.31 -33.50 9.61
N GLY I 411 -30.35 -34.32 9.44
CA GLY I 411 -30.27 -35.44 8.53
C GLY I 411 -30.98 -35.13 7.23
N GLY I 412 -30.71 -35.93 6.19
CA GLY I 412 -31.34 -35.70 4.91
C GLY I 412 -31.66 -36.99 4.17
N GLY I 413 -32.43 -36.86 3.08
CA GLY I 413 -32.81 -38.02 2.30
C GLY I 413 -33.91 -37.70 1.30
N THR I 414 -33.52 -37.41 0.06
CA THR I 414 -34.49 -37.09 -0.98
C THR I 414 -34.78 -38.31 -1.85
N ILE I 415 -35.91 -38.28 -2.55
CA ILE I 415 -36.31 -39.39 -3.41
C ILE I 415 -35.56 -39.35 -4.73
N ALA I 416 -34.43 -38.63 -4.75
CA ALA I 416 -33.62 -38.51 -5.95
C ALA I 416 -32.90 -39.81 -6.33
N TYR I 417 -32.43 -40.55 -5.32
CA TYR I 417 -31.71 -41.79 -5.57
C TYR I 417 -32.64 -42.90 -6.05
N ILE I 418 -33.92 -42.78 -5.71
CA ILE I 418 -34.89 -43.79 -6.10
C ILE I 418 -35.01 -44.01 -7.59
N LEU I 419 -34.85 -42.95 -8.38
CA LEU I 419 -34.94 -43.09 -9.83
C LEU I 419 -33.56 -43.20 -10.46
N ALA I 420 -32.55 -42.72 -9.75
CA ALA I 420 -31.20 -42.78 -10.26
C ALA I 420 -30.80 -44.25 -10.30
N GLU I 421 -31.59 -45.09 -9.63
CA GLU I 421 -31.31 -46.53 -9.59
C GLU I 421 -31.28 -47.12 -10.99
N TYR I 422 -31.85 -46.38 -11.94
CA TYR I 422 -31.87 -46.83 -13.33
C TYR I 422 -30.57 -46.46 -14.04
N GLY I 423 -29.92 -45.41 -13.56
CA GLY I 423 -28.68 -44.95 -14.15
C GLY I 423 -28.78 -43.53 -14.63
N MET I 424 -29.94 -42.91 -14.40
CA MET I 424 -30.21 -41.52 -14.81
C MET I 424 -29.19 -40.55 -14.24
N GLN I 425 -29.26 -39.31 -14.72
CA GLN I 425 -28.39 -38.24 -14.25
C GLN I 425 -29.30 -37.35 -13.43
N VAL I 426 -29.30 -37.56 -12.12
CA VAL I 426 -30.16 -36.79 -11.24
C VAL I 426 -29.41 -35.81 -10.40
N ILE I 427 -30.14 -34.83 -9.88
CA ILE I 427 -29.57 -33.81 -9.01
C ILE I 427 -30.70 -33.17 -8.24
N ASP I 428 -30.43 -32.70 -7.04
CA ASP I 428 -31.46 -32.08 -6.22
C ASP I 428 -31.66 -30.60 -6.45
N CYS I 429 -32.91 -30.22 -6.74
CA CYS I 429 -33.26 -28.83 -6.96
C CYS I 429 -34.38 -28.44 -6.01
N GLY I 430 -34.87 -27.22 -6.19
CA GLY I 430 -35.94 -26.76 -5.35
C GLY I 430 -35.72 -25.36 -4.85
N VAL I 431 -36.77 -24.84 -4.23
CA VAL I 431 -36.77 -23.50 -3.67
C VAL I 431 -36.31 -23.53 -2.23
N ALA I 432 -35.87 -22.38 -1.73
CA ALA I 432 -35.43 -22.28 -0.34
C ALA I 432 -36.62 -21.80 0.54
N LEU I 433 -36.94 -22.56 1.58
CA LEU I 433 -38.03 -22.19 2.46
C LEU I 433 -37.57 -21.69 3.84
N LEU I 434 -38.53 -21.18 4.60
CA LEU I 434 -38.29 -20.72 5.96
C LEU I 434 -39.21 -21.59 6.83
N ASN I 435 -38.68 -22.07 7.96
CA ASN I 435 -39.41 -22.94 8.87
C ASN I 435 -40.22 -24.01 8.17
N HIS I 437 -41.86 -27.77 7.27
CA HIS I 437 -42.77 -28.65 8.00
C HIS I 437 -43.55 -27.96 9.10
N ALA I 438 -43.68 -26.64 8.99
CA ALA I 438 -44.44 -25.87 9.96
C ALA I 438 -45.81 -25.63 9.32
N PRO I 439 -46.83 -25.38 10.13
CA PRO I 439 -48.16 -25.13 9.59
C PRO I 439 -48.14 -23.98 8.59
N TRP I 440 -47.20 -23.07 8.76
CA TRP I 440 -47.08 -21.94 7.85
C TRP I 440 -45.63 -21.76 7.42
N GLU I 441 -45.37 -22.00 6.15
CA GLU I 441 -44.03 -21.89 5.58
C GLU I 441 -43.89 -20.63 4.74
N ILE I 442 -42.66 -20.16 4.58
CA ILE I 442 -42.42 -18.95 3.81
C ILE I 442 -41.53 -19.17 2.59
N SER I 443 -41.76 -18.43 1.53
CA SER I 443 -40.96 -18.59 0.31
C SER I 443 -40.79 -17.26 -0.41
N SER I 444 -39.75 -17.15 -1.21
CA SER I 444 -39.50 -15.93 -1.98
C SER I 444 -40.09 -16.03 -3.38
N LYS I 445 -40.97 -15.10 -3.70
CA LYS I 445 -41.59 -15.09 -5.02
C LYS I 445 -40.50 -15.09 -6.08
N ALA I 446 -39.45 -14.32 -5.86
CA ALA I 446 -38.36 -14.26 -6.81
C ALA I 446 -37.83 -15.69 -7.03
N ASP I 447 -37.59 -16.41 -5.94
CA ASP I 447 -37.10 -17.78 -6.07
C ASP I 447 -38.11 -18.63 -6.81
N ILE I 448 -39.37 -18.56 -6.39
CA ILE I 448 -40.43 -19.33 -7.06
C ILE I 448 -40.24 -19.17 -8.57
N TYR I 449 -40.29 -17.91 -9.00
CA TYR I 449 -40.15 -17.53 -10.41
C TYR I 449 -38.90 -18.14 -10.99
N GLU I 450 -37.75 -17.73 -10.45
CA GLU I 450 -36.47 -18.22 -10.93
C GLU I 450 -36.49 -19.74 -11.12
N THR I 451 -36.95 -20.46 -10.10
CA THR I 451 -37.02 -21.92 -10.14
C THR I 451 -37.76 -22.40 -11.37
N LYS I 452 -38.95 -21.85 -11.60
CA LYS I 452 -39.74 -22.25 -12.77
C LYS I 452 -38.89 -22.08 -14.02
N ASN I 453 -38.36 -20.88 -14.21
CA ASN I 453 -37.53 -20.64 -15.37
C ASN I 453 -36.40 -21.67 -15.44
N GLY I 454 -35.88 -22.03 -14.28
CA GLY I 454 -34.81 -23.01 -14.25
C GLY I 454 -35.30 -24.32 -14.82
N TYR I 455 -36.52 -24.69 -14.46
CA TYR I 455 -37.11 -25.92 -14.95
C TYR I 455 -37.33 -25.79 -16.45
N SER I 456 -38.12 -24.80 -16.84
CA SER I 456 -38.41 -24.58 -18.24
C SER I 456 -37.14 -24.55 -19.07
N ALA I 457 -36.08 -23.96 -18.54
CA ALA I 457 -34.80 -23.88 -19.26
C ALA I 457 -34.10 -25.23 -19.20
N PHE I 458 -34.90 -26.28 -19.07
CA PHE I 458 -34.39 -27.65 -19.01
C PHE I 458 -35.13 -28.44 -20.11
N LEU I 459 -35.76 -27.69 -21.03
CA LEU I 459 -36.51 -28.28 -22.12
C LEU I 459 -35.60 -28.69 -23.28
N ASN I 460 -34.75 -27.76 -23.74
CA ASN I 460 -33.87 -28.09 -24.86
C ASN I 460 -32.44 -28.49 -24.48
N ASN I 461 -31.49 -28.18 -25.36
CA ASN I 461 -30.08 -28.54 -25.16
C ASN I 461 -29.59 -28.25 -23.75
N LEU J 1 -35.57 7.84 5.55
CA LEU J 1 -34.54 8.45 6.48
C LEU J 1 -34.32 7.49 7.63
N LEU J 2 -33.09 7.42 8.11
CA LEU J 2 -32.82 6.52 9.20
C LEU J 2 -32.21 7.26 10.40
N LYS J 3 -32.18 6.56 11.52
CA LYS J 3 -31.68 7.13 12.76
C LYS J 3 -30.27 6.70 13.16
N GLU J 4 -29.49 7.69 13.56
CA GLU J 4 -28.14 7.48 14.05
C GLU J 4 -28.16 8.27 15.39
N TYR J 5 -27.40 7.84 16.38
CA TYR J 5 -27.40 8.50 17.69
C TYR J 5 -26.25 9.45 18.01
N LYS J 6 -25.14 9.36 17.29
CA LYS J 6 -24.01 10.25 17.53
C LYS J 6 -23.53 10.33 18.96
N ASN J 7 -22.37 10.95 19.14
CA ASN J 7 -21.73 11.14 20.43
C ASN J 7 -21.87 12.57 20.89
N ALA J 8 -22.32 12.76 22.12
CA ALA J 8 -22.50 14.08 22.73
C ALA J 8 -21.36 15.04 22.41
N TRP J 9 -20.11 14.56 22.49
CA TRP J 9 -18.96 15.41 22.21
C TRP J 9 -19.03 15.80 20.73
N ASP J 10 -17.99 16.44 20.22
CA ASP J 10 -17.97 16.89 18.82
C ASP J 10 -18.94 18.05 18.78
N LYS J 11 -20.23 17.70 18.82
CA LYS J 11 -21.29 18.68 18.81
C LYS J 11 -20.96 19.75 19.87
N TYR J 12 -20.45 19.31 21.02
CA TYR J 12 -20.08 20.24 22.08
C TYR J 12 -19.01 21.19 21.61
N ASP J 13 -17.77 20.86 21.94
CA ASP J 13 -16.63 21.69 21.58
C ASP J 13 -17.08 23.11 21.90
N ASP J 14 -17.16 23.94 20.87
CA ASP J 14 -17.58 25.32 21.04
C ASP J 14 -16.60 26.03 21.98
N LYS J 15 -15.69 25.27 22.58
CA LYS J 15 -14.70 25.81 23.51
C LYS J 15 -15.41 26.30 24.75
N GLN J 16 -16.69 26.63 24.59
CA GLN J 16 -17.52 27.10 25.68
C GLN J 16 -18.21 25.89 26.27
N LEU J 17 -19.15 25.35 25.51
CA LEU J 17 -19.91 24.18 25.92
C LEU J 17 -19.05 23.25 26.76
N LYS J 18 -17.89 22.85 26.24
CA LYS J 18 -17.00 21.95 26.98
C LYS J 18 -16.70 22.52 28.36
N GLU J 19 -15.99 23.64 28.39
CA GLU J 19 -15.62 24.30 29.64
C GLU J 19 -16.86 24.42 30.52
N VAL J 20 -18.00 24.69 29.90
CA VAL J 20 -19.25 24.86 30.64
C VAL J 20 -19.72 23.58 31.34
N PHE J 21 -18.90 22.54 31.29
CA PHE J 21 -19.30 21.31 31.97
C PHE J 21 -18.13 20.42 32.32
N ALA J 22 -17.14 20.35 31.43
CA ALA J 22 -15.95 19.54 31.68
C ALA J 22 -15.52 19.83 33.12
N LEU J 23 -15.61 21.10 33.47
CA LEU J 23 -15.30 21.55 34.80
C LEU J 23 -16.62 22.05 35.37
N GLY J 24 -17.57 22.29 34.47
CA GLY J 24 -18.88 22.76 34.86
C GLY J 24 -19.51 21.85 35.91
N ASP J 25 -20.26 20.84 35.44
CA ASP J 25 -20.89 19.92 36.36
C ASP J 25 -19.85 19.08 37.08
N ARG J 26 -18.84 18.62 36.36
CA ARG J 26 -17.79 17.85 36.99
C ARG J 26 -17.06 18.80 37.92
N PHE J 27 -17.67 19.03 39.07
CA PHE J 27 -17.12 19.95 40.06
C PHE J 27 -18.29 20.03 41.00
N LYS J 28 -19.39 20.57 40.51
CA LYS J 28 -20.58 20.66 41.34
C LYS J 28 -20.96 19.21 41.72
N ASN J 29 -21.38 18.41 40.73
CA ASN J 29 -21.77 17.01 40.94
C ASN J 29 -20.55 16.33 41.50
N PHE J 30 -19.50 16.37 40.72
CA PHE J 30 -18.24 15.76 41.11
C PHE J 30 -17.97 15.90 42.61
N ILE J 31 -18.41 16.99 43.23
CA ILE J 31 -18.18 17.22 44.66
C ILE J 31 -19.39 16.87 45.52
N SER J 32 -20.58 16.97 44.93
CA SER J 32 -21.80 16.67 45.66
C SER J 32 -21.74 15.25 46.25
N ASN J 33 -21.53 14.25 45.41
CA ASN J 33 -21.48 12.89 45.89
C ASN J 33 -20.16 12.57 46.59
N CYS J 34 -19.64 13.55 47.33
CA CYS J 34 -18.40 13.36 48.07
C CYS J 34 -18.63 13.84 49.49
N LYS J 35 -19.32 14.96 49.59
CA LYS J 35 -19.62 15.54 50.88
C LYS J 35 -21.05 15.15 51.29
N THR J 36 -21.62 14.20 50.56
CA THR J 36 -22.96 13.74 50.83
C THR J 36 -23.11 12.33 50.26
N GLU J 37 -23.09 11.32 51.14
CA GLU J 37 -23.19 9.94 50.70
C GLU J 37 -24.31 9.18 51.42
N ARG J 38 -24.94 9.83 52.41
CA ARG J 38 -26.02 9.21 53.18
C ARG J 38 -27.21 10.14 53.21
N GLU J 39 -28.16 9.94 52.29
CA GLU J 39 -29.39 10.75 52.18
C GLU J 39 -29.44 12.08 52.98
N CYS J 40 -28.27 12.68 53.21
CA CYS J 40 -28.19 13.95 53.91
C CYS J 40 -28.07 14.95 52.79
N VAL J 41 -28.33 14.44 51.59
CA VAL J 41 -28.30 15.25 50.39
C VAL J 41 -29.27 16.40 50.70
N THR J 42 -30.30 16.08 51.47
CA THR J 42 -31.28 17.06 51.87
C THR J 42 -30.59 18.27 52.50
N GLU J 43 -29.82 18.03 53.56
CA GLU J 43 -29.09 19.09 54.22
C GLU J 43 -28.29 19.96 53.26
N LEU J 44 -27.23 19.40 52.68
CA LEU J 44 -26.39 20.14 51.75
C LEU J 44 -27.21 20.81 50.65
N ILE J 45 -28.24 20.14 50.16
CA ILE J 45 -29.06 20.74 49.12
C ILE J 45 -29.96 21.82 49.68
N LYS J 46 -30.52 21.58 50.85
CA LYS J 46 -31.40 22.56 51.46
C LYS J 46 -30.56 23.81 51.82
N THR J 47 -29.29 23.61 52.15
CA THR J 47 -28.40 24.74 52.47
C THR J 47 -28.31 25.54 51.19
N ALA J 48 -28.17 24.85 50.06
CA ALA J 48 -28.13 25.55 48.77
C ALA J 48 -29.59 25.98 48.62
N GLU J 49 -29.96 26.53 47.47
CA GLU J 49 -31.34 26.99 47.31
C GLU J 49 -31.61 28.05 48.38
N LYS J 50 -30.52 28.56 48.97
CA LYS J 50 -30.62 29.61 49.98
C LYS J 50 -31.06 30.85 49.25
N SER J 51 -30.99 30.78 47.92
CA SER J 51 -31.38 31.87 47.05
C SER J 51 -32.91 31.81 46.87
N GLY J 52 -33.59 31.82 48.00
CA GLY J 52 -35.05 31.75 48.02
C GLY J 52 -35.51 30.48 48.70
N TYR J 53 -36.76 30.09 48.51
CA TYR J 53 -37.27 28.86 49.10
C TYR J 53 -37.35 28.92 50.63
N ARG J 54 -38.37 28.29 51.18
CA ARG J 54 -38.52 28.26 52.64
C ARG J 54 -39.70 27.41 53.07
N ASN J 55 -40.91 27.91 52.85
CA ASN J 55 -42.15 27.23 53.22
C ASN J 55 -42.03 26.59 54.58
N ILE J 56 -41.58 25.33 54.56
CA ILE J 56 -41.37 24.51 55.72
C ILE J 56 -42.27 24.90 56.92
N GLU J 57 -41.84 25.93 57.66
CA GLU J 57 -42.59 26.40 58.83
C GLU J 57 -43.27 27.76 58.53
N ASP J 58 -42.59 28.59 57.76
CA ASP J 58 -43.07 29.91 57.41
C ASP J 58 -44.30 29.90 56.51
N ILE J 59 -45.42 29.42 57.05
CA ILE J 59 -46.68 29.37 56.33
C ILE J 59 -47.62 30.40 56.96
N LEU J 60 -47.75 31.56 56.32
CA LEU J 60 -48.62 32.65 56.78
C LEU J 60 -49.50 33.20 55.66
N ALA J 61 -49.57 32.46 54.55
CA ALA J 61 -50.35 32.84 53.36
C ALA J 61 -49.68 34.03 52.69
N LYS J 62 -49.43 35.07 53.49
CA LYS J 62 -48.79 36.29 53.02
C LYS J 62 -47.38 36.38 53.61
N GLY J 63 -46.99 35.33 54.34
CA GLY J 63 -45.67 35.32 54.94
C GLY J 63 -44.63 35.51 53.85
N GLU J 64 -44.99 35.06 52.65
CA GLU J 64 -44.15 35.17 51.46
C GLU J 64 -45.10 35.47 50.29
N THR J 65 -46.37 35.69 50.63
CA THR J 65 -47.44 35.97 49.65
C THR J 65 -47.36 35.01 48.47
N LEU J 66 -47.78 33.77 48.70
CA LEU J 66 -47.76 32.73 47.67
C LEU J 66 -48.38 33.19 46.37
N LYS J 67 -47.52 33.55 45.41
CA LYS J 67 -47.98 34.01 44.10
C LYS J 67 -46.83 33.96 43.08
N GLU J 68 -47.03 34.57 41.92
CA GLU J 68 -46.02 34.60 40.86
C GLU J 68 -44.59 34.72 41.37
N GLY J 69 -43.69 33.98 40.72
CA GLY J 69 -42.28 34.01 41.10
C GLY J 69 -41.84 33.52 42.46
N ASP J 70 -42.75 32.89 43.19
CA ASP J 70 -42.41 32.39 44.52
C ASP J 70 -41.78 31.01 44.45
N LYS J 71 -40.88 30.75 45.40
CA LYS J 71 -40.17 29.47 45.47
C LYS J 71 -40.07 28.98 46.92
N VAL J 72 -40.53 27.76 47.16
CA VAL J 72 -40.49 27.18 48.51
C VAL J 72 -40.10 25.70 48.52
N TYR J 73 -39.68 25.21 49.69
CA TYR J 73 -39.31 23.81 49.81
C TYR J 73 -40.00 23.19 51.00
N ALA J 74 -40.07 21.86 51.02
CA ALA J 74 -40.70 21.15 52.13
C ALA J 74 -39.83 20.00 52.55
N ASN J 75 -39.45 19.97 53.82
CA ASN J 75 -38.59 18.91 54.31
C ASN J 75 -39.40 17.78 54.93
N ASN J 76 -39.09 16.55 54.54
CA ASN J 76 -39.79 15.38 55.08
C ASN J 76 -38.89 14.65 56.07
N ARG J 77 -39.00 15.02 57.34
CA ARG J 77 -38.22 14.44 58.41
C ARG J 77 -36.77 14.27 58.02
N GLY J 78 -36.25 15.19 57.20
CA GLY J 78 -34.87 15.16 56.77
C GLY J 78 -34.49 14.11 55.74
N LYS J 79 -35.36 13.13 55.54
CA LYS J 79 -35.08 12.05 54.59
C LYS J 79 -35.55 12.41 53.19
N GLY J 80 -36.46 13.37 53.07
CA GLY J 80 -36.97 13.74 51.76
C GLY J 80 -37.07 15.24 51.53
N LEU J 81 -37.09 15.62 50.26
CA LEU J 81 -37.16 17.03 49.88
C LEU J 81 -37.95 17.29 48.62
N ILE J 82 -38.74 18.36 48.64
CA ILE J 82 -39.53 18.72 47.47
C ILE J 82 -39.53 20.25 47.32
N MET J 83 -39.22 20.71 46.11
CA MET J 83 -39.15 22.12 45.83
C MET J 83 -40.21 22.61 44.84
N PHE J 84 -40.72 23.82 45.06
CA PHE J 84 -41.74 24.42 44.20
C PHE J 84 -41.26 25.70 43.55
N LEU J 85 -41.96 26.12 42.51
CA LEU J 85 -41.65 27.34 41.80
C LEU J 85 -42.91 27.78 41.08
N ILE J 86 -43.64 28.70 41.69
CA ILE J 86 -44.89 29.17 41.10
C ILE J 86 -44.70 29.91 39.79
N GLY J 87 -45.64 29.69 38.87
CA GLY J 87 -45.59 30.34 37.59
C GLY J 87 -46.82 31.17 37.29
N LYS J 88 -46.83 31.83 36.13
CA LYS J 88 -47.96 32.66 35.71
C LYS J 88 -49.29 31.94 35.87
N GLU J 89 -49.52 30.92 35.05
CA GLU J 89 -50.76 30.16 35.10
C GLU J 89 -51.03 29.64 36.51
N PRO J 90 -52.29 29.29 36.78
CA PRO J 90 -52.72 28.76 38.09
C PRO J 90 -52.36 27.29 38.27
N LEU J 91 -52.23 26.86 39.51
CA LEU J 91 -51.88 25.47 39.79
C LEU J 91 -52.89 24.53 39.11
N TYR J 92 -54.16 24.86 39.24
CA TYR J 92 -55.22 24.06 38.65
C TYR J 92 -54.90 23.66 37.21
N THR J 93 -54.03 24.43 36.56
CA THR J 93 -53.64 24.13 35.18
C THR J 93 -52.90 22.81 35.08
N GLY J 94 -51.77 22.72 35.79
CA GLY J 94 -50.97 21.50 35.77
C GLY J 94 -49.62 21.75 36.42
N PHE J 95 -48.71 20.80 36.27
CA PHE J 95 -47.39 20.95 36.86
C PHE J 95 -46.31 20.41 35.94
N LYS J 96 -45.06 20.74 36.26
CA LYS J 96 -43.91 20.27 35.52
C LYS J 96 -43.03 19.66 36.59
N ILE J 97 -43.23 18.36 36.84
CA ILE J 97 -42.46 17.70 37.89
C ILE J 97 -41.20 16.97 37.45
N LEU J 98 -40.20 16.98 38.34
CA LEU J 98 -38.93 16.30 38.11
C LEU J 98 -38.73 15.46 39.36
N GLY J 99 -38.64 14.15 39.18
CA GLY J 99 -38.46 13.28 40.34
C GLY J 99 -37.18 12.45 40.34
N ALA J 100 -36.74 12.05 41.52
CA ALA J 100 -35.55 11.26 41.66
C ALA J 100 -35.35 10.80 43.10
N HIS J 101 -34.76 9.62 43.31
CA HIS J 101 -34.52 9.13 44.66
C HIS J 101 -33.10 9.47 45.04
N ILE J 102 -32.89 9.82 46.30
CA ILE J 102 -31.56 10.18 46.75
C ILE J 102 -30.84 9.09 47.52
N ASP J 103 -31.53 8.00 47.83
CA ASP J 103 -30.93 6.90 48.57
C ASP J 103 -30.15 6.00 47.62
N SER J 104 -29.20 5.25 48.18
CA SER J 104 -28.37 4.33 47.41
C SER J 104 -27.97 3.12 48.23
N PRO J 105 -27.81 1.95 47.56
CA PRO J 105 -27.42 0.72 48.23
C PRO J 105 -26.16 0.88 49.07
N ARG J 106 -26.16 0.24 50.24
CA ARG J 106 -25.03 0.31 51.16
C ARG J 106 -25.20 -0.65 52.32
N LEU J 107 -24.18 -0.70 53.17
CA LEU J 107 -24.23 -1.57 54.34
C LEU J 107 -24.60 -0.67 55.52
N ASP J 108 -25.14 -1.24 56.59
CA ASP J 108 -25.49 -0.44 57.76
C ASP J 108 -25.76 -1.23 59.03
N LEU J 109 -24.99 -0.90 60.06
CA LEU J 109 -25.01 -1.52 61.37
C LEU J 109 -26.38 -1.95 61.89
N LYS J 110 -26.44 -3.12 62.53
CA LYS J 110 -27.71 -3.62 63.08
C LYS J 110 -28.11 -2.82 64.34
N GLN J 111 -29.10 -3.33 65.07
CA GLN J 111 -29.57 -2.69 66.29
C GLN J 111 -28.54 -2.86 67.39
N ASN J 112 -27.78 -3.96 67.35
CA ASN J 112 -26.75 -4.24 68.33
C ASN J 112 -25.50 -4.68 67.59
N PRO J 113 -24.93 -3.79 66.78
CA PRO J 113 -23.74 -4.02 65.97
C PRO J 113 -22.44 -4.33 66.67
N LEU J 114 -22.19 -3.71 67.81
CA LEU J 114 -20.94 -3.93 68.52
C LEU J 114 -20.87 -5.25 69.26
N TYR J 115 -19.88 -6.07 68.88
CA TYR J 115 -19.65 -7.37 69.53
C TYR J 115 -18.17 -7.70 69.36
N GLU J 116 -17.67 -8.61 70.18
CA GLU J 116 -16.27 -8.97 70.13
C GLU J 116 -16.04 -10.46 69.93
N ASP J 117 -15.41 -10.83 68.82
CA ASP J 117 -15.15 -12.23 68.53
C ASP J 117 -13.66 -12.50 68.36
N THR J 118 -13.12 -13.35 69.21
CA THR J 118 -11.70 -13.70 69.15
C THR J 118 -10.86 -12.43 69.18
N ASP J 119 -10.60 -11.94 70.38
CA ASP J 119 -9.81 -10.75 70.55
C ASP J 119 -10.48 -9.55 69.90
N LEU J 120 -10.08 -9.22 68.68
CA LEU J 120 -10.66 -8.05 68.00
C LEU J 120 -12.19 -7.95 68.07
N ALA J 121 -12.71 -6.74 67.88
CA ALA J 121 -14.15 -6.49 67.94
C ALA J 121 -14.74 -5.99 66.62
N MET J 122 -15.75 -6.74 66.12
CA MET J 122 -16.42 -6.37 64.89
C MET J 122 -17.67 -5.51 65.10
N LEU J 123 -18.42 -5.36 64.02
CA LEU J 123 -19.63 -4.58 63.98
C LEU J 123 -20.65 -5.20 63.01
N GLU J 124 -21.74 -5.76 63.54
CA GLU J 124 -22.76 -6.38 62.70
C GLU J 124 -23.32 -5.41 61.68
N THR J 125 -23.68 -5.91 60.51
CA THR J 125 -24.24 -5.07 59.45
C THR J 125 -25.42 -5.76 58.82
N HIS J 126 -25.98 -5.15 57.79
CA HIS J 126 -27.12 -5.72 57.11
C HIS J 126 -27.32 -4.89 55.85
N TYR J 127 -26.75 -5.34 54.74
CA TYR J 127 -26.85 -4.59 53.51
C TYR J 127 -28.25 -4.11 53.16
N TYR J 128 -28.30 -2.96 52.48
CA TYR J 128 -29.56 -2.34 52.08
C TYR J 128 -29.57 -1.97 50.63
N GLY J 129 -30.70 -2.21 49.97
CA GLY J 129 -30.82 -1.86 48.58
C GLY J 129 -30.55 -2.97 47.57
N GLY J 130 -29.92 -4.05 48.04
CA GLY J 130 -29.62 -5.13 47.12
C GLY J 130 -28.34 -4.85 46.33
N ILE J 131 -27.22 -4.91 47.04
CA ILE J 131 -25.93 -4.73 46.41
C ILE J 131 -25.59 -6.08 45.78
N LYS J 132 -26.44 -7.06 46.07
CA LYS J 132 -26.33 -8.45 45.58
C LYS J 132 -24.92 -8.96 45.40
N LYS J 133 -24.14 -8.21 44.62
CA LYS J 133 -22.75 -8.56 44.42
C LYS J 133 -22.04 -8.10 45.68
N TYR J 134 -21.88 -9.01 46.63
CA TYR J 134 -21.24 -8.64 47.86
C TYR J 134 -19.76 -8.42 47.72
N GLN J 135 -19.31 -7.98 46.54
CA GLN J 135 -17.89 -7.72 46.37
C GLN J 135 -17.69 -6.30 46.91
N TRP J 136 -18.08 -6.14 48.17
CA TRP J 136 -18.00 -4.90 48.94
C TRP J 136 -16.97 -5.11 50.03
N VAL J 137 -16.18 -6.18 49.90
CA VAL J 137 -15.18 -6.49 50.91
C VAL J 137 -13.94 -5.61 50.86
N THR J 138 -12.79 -6.26 50.80
CA THR J 138 -11.50 -5.60 50.74
C THR J 138 -11.41 -4.07 50.71
N LEU J 139 -12.07 -3.41 49.77
CA LEU J 139 -11.95 -1.94 49.68
C LEU J 139 -12.33 -1.19 50.96
N PRO J 140 -11.68 -0.04 51.22
CA PRO J 140 -11.86 0.85 52.38
C PRO J 140 -13.25 1.48 52.55
N LEU J 141 -13.78 1.41 53.77
CA LEU J 141 -15.09 1.94 54.09
C LEU J 141 -15.06 3.08 55.12
N ALA J 142 -16.11 3.91 55.06
CA ALA J 142 -16.27 5.04 55.99
C ALA J 142 -17.63 4.96 56.66
N ILE J 143 -17.73 5.48 57.89
CA ILE J 143 -19.00 5.46 58.61
C ILE J 143 -19.70 6.80 58.61
N HIS J 144 -21.00 6.79 58.30
CA HIS J 144 -21.80 8.01 58.28
C HIS J 144 -23.03 7.76 59.12
N GLY J 145 -24.05 8.59 58.94
CA GLY J 145 -25.26 8.41 59.72
C GLY J 145 -25.36 9.27 60.97
N VAL J 146 -26.28 8.91 61.86
CA VAL J 146 -26.49 9.67 63.08
C VAL J 146 -26.95 8.77 64.25
N ILE J 147 -26.61 9.15 65.47
CA ILE J 147 -27.04 8.40 66.65
C ILE J 147 -27.90 9.30 67.53
N VAL J 148 -28.99 8.76 68.04
CA VAL J 148 -29.88 9.54 68.88
C VAL J 148 -29.88 9.12 70.34
N LYS J 149 -29.48 10.06 71.21
CA LYS J 149 -29.42 9.80 72.66
C LYS J 149 -30.84 9.57 73.15
N LYS J 150 -30.97 8.94 74.32
CA LYS J 150 -32.30 8.69 74.86
C LYS J 150 -33.03 10.02 75.09
N ASP J 151 -32.28 11.06 75.45
CA ASP J 151 -32.84 12.39 75.67
C ASP J 151 -33.26 13.09 74.37
N GLY J 152 -32.84 12.54 73.24
CA GLY J 152 -33.20 13.10 71.96
C GLY J 152 -32.11 13.88 71.25
N THR J 153 -30.92 13.95 71.87
CA THR J 153 -29.79 14.67 71.27
C THR J 153 -29.29 13.95 70.03
N ILE J 154 -29.26 14.66 68.91
CA ILE J 154 -28.81 14.05 67.65
C ILE J 154 -27.32 14.28 67.42
N VAL J 155 -26.56 13.19 67.45
CA VAL J 155 -25.12 13.31 67.24
C VAL J 155 -24.79 12.86 65.81
N ASN J 156 -23.93 13.62 65.13
CA ASN J 156 -23.55 13.29 63.76
C ASN J 156 -22.24 12.50 63.70
N VAL J 157 -22.24 11.41 62.94
CA VAL J 157 -21.06 10.58 62.78
C VAL J 157 -20.58 10.61 61.33
N CYS J 158 -19.28 10.83 61.15
CA CYS J 158 -18.68 10.85 59.81
C CYS J 158 -17.20 10.50 59.97
N VAL J 159 -16.89 9.21 59.98
CA VAL J 159 -15.52 8.74 60.15
C VAL J 159 -15.00 8.05 58.88
N GLY J 160 -13.78 8.41 58.49
CA GLY J 160 -13.16 7.79 57.33
C GLY J 160 -13.14 8.66 56.09
N GLU J 161 -13.64 9.88 56.19
CA GLU J 161 -13.63 10.77 55.02
C GLU J 161 -12.38 11.64 54.94
N ASP J 162 -12.02 12.29 56.04
CA ASP J 162 -10.82 13.12 56.06
C ASP J 162 -9.57 12.27 55.90
N ASP J 163 -8.57 12.80 55.21
CA ASP J 163 -7.33 12.05 55.00
C ASP J 163 -6.65 11.64 56.30
N ASN J 164 -7.17 12.11 57.43
CA ASN J 164 -6.56 11.77 58.71
C ASN J 164 -7.45 10.88 59.56
N ASP J 165 -8.65 10.58 59.06
CA ASP J 165 -9.57 9.72 59.80
C ASP J 165 -9.23 8.26 59.50
N PRO J 166 -9.46 7.38 60.49
CA PRO J 166 -9.18 5.97 60.26
C PRO J 166 -10.26 5.44 59.31
N VAL J 167 -10.04 4.26 58.78
CA VAL J 167 -11.02 3.66 57.86
C VAL J 167 -11.49 2.28 58.38
N PHE J 168 -12.46 1.70 57.67
CA PHE J 168 -12.99 0.40 58.05
C PHE J 168 -13.21 -0.47 56.81
N GLY J 169 -13.53 -1.73 57.03
CA GLY J 169 -13.75 -2.64 55.91
C GLY J 169 -14.10 -4.05 56.31
N VAL J 170 -14.52 -4.83 55.32
CA VAL J 170 -14.90 -6.22 55.53
C VAL J 170 -13.78 -7.13 55.04
N SER J 171 -13.40 -8.11 55.85
CA SER J 171 -12.32 -9.02 55.48
C SER J 171 -12.80 -10.19 54.60
N ASP J 172 -11.85 -10.90 54.01
CA ASP J 172 -12.16 -12.03 53.15
C ASP J 172 -10.94 -12.96 53.13
N ILE J 173 -11.18 -14.26 53.36
CA ILE J 173 -10.11 -15.26 53.37
C ILE J 173 -9.11 -15.05 52.26
N LEU J 174 -7.84 -15.29 52.57
CA LEU J 174 -6.77 -15.15 51.58
C LEU J 174 -6.95 -16.27 50.55
N VAL J 175 -6.54 -16.02 49.32
CA VAL J 175 -6.68 -17.00 48.26
C VAL J 175 -6.02 -18.33 48.61
N HIS J 176 -4.97 -18.26 49.41
CA HIS J 176 -4.23 -19.45 49.80
C HIS J 176 -5.11 -20.50 50.47
N LEU J 177 -6.13 -20.05 51.19
CA LEU J 177 -7.03 -20.98 51.87
C LEU J 177 -8.49 -20.81 51.42
N ALA J 178 -8.70 -20.08 50.33
CA ALA J 178 -10.03 -19.83 49.83
C ALA J 178 -10.51 -20.97 48.96
N SER J 179 -9.71 -22.02 48.87
CA SER J 179 -10.05 -23.19 48.05
C SER J 179 -11.46 -23.71 48.28
N GLU J 180 -11.81 -23.93 49.54
CA GLU J 180 -13.14 -24.45 49.89
C GLU J 180 -14.26 -23.47 49.50
N GLN J 181 -13.89 -22.22 49.26
CA GLN J 181 -14.85 -21.18 48.88
C GLN J 181 -14.90 -21.09 47.35
N LEU J 182 -15.65 -22.01 46.73
CA LEU J 182 -15.80 -22.04 45.26
C LEU J 182 -17.25 -22.21 44.81
N GLU J 183 -18.06 -22.88 45.62
CA GLU J 183 -19.44 -23.12 45.25
C GLU J 183 -20.23 -21.84 45.01
N LYS J 184 -20.95 -21.80 43.89
CA LYS J 184 -21.79 -20.68 43.48
C LYS J 184 -21.26 -19.27 43.73
N LYS J 185 -20.88 -18.56 42.67
CA LYS J 185 -20.40 -17.18 42.82
C LYS J 185 -21.60 -16.42 43.36
N ALA J 186 -22.79 -16.92 43.01
CA ALA J 186 -24.06 -16.33 43.43
C ALA J 186 -23.94 -15.80 44.84
N SER J 187 -23.19 -16.52 45.66
CA SER J 187 -23.00 -16.10 47.02
C SER J 187 -22.16 -17.05 47.87
N LYS J 188 -20.94 -16.63 48.16
CA LYS J 188 -20.05 -17.39 49.03
C LYS J 188 -19.44 -16.35 49.99
N VAL J 189 -20.05 -15.16 50.00
CA VAL J 189 -19.69 -14.03 50.84
C VAL J 189 -21.05 -13.40 51.06
N ILE J 190 -21.68 -13.63 52.21
CA ILE J 190 -23.03 -13.05 52.40
C ILE J 190 -23.47 -12.73 53.83
N GLU J 191 -22.66 -13.12 54.81
CA GLU J 191 -23.02 -12.90 56.23
C GLU J 191 -23.42 -11.46 56.53
N GLY J 192 -23.65 -11.19 57.80
CA GLY J 192 -24.02 -9.84 58.22
C GLY J 192 -23.35 -9.54 59.55
N GLU J 193 -22.20 -10.15 59.75
CA GLU J 193 -21.48 -9.98 61.00
C GLU J 193 -20.03 -9.81 60.63
N ASP J 194 -19.81 -8.87 59.72
CA ASP J 194 -18.48 -8.56 59.20
C ASP J 194 -18.06 -7.17 59.64
N LEU J 195 -16.87 -6.75 59.23
CA LEU J 195 -16.40 -5.39 59.57
C LEU J 195 -15.90 -5.15 60.98
N ASN J 196 -14.59 -5.31 61.18
CA ASN J 196 -13.98 -5.08 62.49
C ASN J 196 -13.57 -3.61 62.66
N ILE J 197 -13.89 -3.06 63.82
CA ILE J 197 -13.57 -1.67 64.08
C ILE J 197 -12.41 -1.46 65.01
N LEU J 198 -11.82 -2.54 65.52
CA LEU J 198 -10.68 -2.35 66.40
C LEU J 198 -10.00 -3.64 66.84
N ILE J 199 -8.68 -3.61 66.76
CA ILE J 199 -7.89 -4.75 67.15
C ILE J 199 -7.28 -4.42 68.51
N GLY J 200 -6.43 -5.34 68.98
CA GLY J 200 -5.78 -5.19 70.26
C GLY J 200 -6.26 -4.03 71.10
N SER J 201 -5.37 -3.09 71.38
CA SER J 201 -5.69 -1.92 72.19
C SER J 201 -6.74 -2.42 73.18
N ILE J 202 -6.36 -3.51 73.84
CA ILE J 202 -7.20 -4.20 74.79
C ILE J 202 -6.63 -3.99 76.19
N PRO J 203 -7.40 -3.35 77.10
CA PRO J 203 -8.69 -2.71 76.81
C PRO J 203 -8.70 -1.32 77.45
N LEU J 204 -9.71 -1.06 78.28
CA LEU J 204 -9.84 0.20 78.99
C LEU J 204 -9.30 0.01 80.41
N LYS J 205 -8.22 0.72 80.72
CA LYS J 205 -7.58 0.64 82.04
C LYS J 205 -7.28 -0.81 82.42
N ASP J 206 -7.42 -1.71 81.45
CA ASP J 206 -7.18 -3.14 81.64
C ASP J 206 -7.84 -3.68 82.89
N GLY J 207 -9.07 -3.25 83.13
CA GLY J 207 -9.81 -3.69 84.30
C GLY J 207 -10.58 -4.98 84.09
N GLU J 208 -9.90 -5.99 83.54
CA GLU J 208 -10.53 -7.30 83.29
C GLU J 208 -11.75 -7.21 82.39
N GLU J 209 -12.70 -8.12 82.63
CA GLU J 209 -13.94 -8.20 81.86
C GLU J 209 -13.71 -8.80 80.47
N LYS J 210 -13.95 -10.11 80.36
CA LYS J 210 -13.77 -10.87 79.13
C LYS J 210 -13.66 -10.07 77.83
N GLN J 211 -14.75 -9.42 77.45
CA GLN J 211 -14.76 -8.62 76.23
C GLN J 211 -13.94 -7.33 76.39
N LYS J 212 -12.63 -7.46 76.53
CA LYS J 212 -11.80 -6.29 76.72
C LYS J 212 -11.72 -5.41 75.50
N VAL J 213 -11.37 -5.99 74.36
CA VAL J 213 -11.26 -5.21 73.11
C VAL J 213 -12.54 -4.43 72.87
N LYS J 214 -13.67 -5.07 73.12
CA LYS J 214 -14.95 -4.43 72.93
C LYS J 214 -15.05 -3.28 73.92
N HIS J 215 -14.94 -3.61 75.21
CA HIS J 215 -15.04 -2.62 76.28
C HIS J 215 -14.22 -1.38 75.96
N ASN J 216 -13.02 -1.59 75.45
CA ASN J 216 -12.16 -0.47 75.11
C ASN J 216 -12.76 0.44 74.03
N ILE J 217 -13.25 -0.15 72.95
CA ILE J 217 -13.80 0.64 71.87
C ILE J 217 -15.03 1.40 72.29
N MET J 218 -15.89 0.79 73.11
CA MET J 218 -17.10 1.46 73.55
C MET J 218 -16.67 2.70 74.32
N LYS J 219 -15.65 2.55 75.15
CA LYS J 219 -15.11 3.67 75.92
C LYS J 219 -14.57 4.74 74.96
N ILE J 220 -13.83 4.31 73.96
CA ILE J 220 -13.25 5.23 72.99
C ILE J 220 -14.38 5.94 72.27
N LEU J 221 -15.43 5.18 71.97
CA LEU J 221 -16.58 5.70 71.27
C LEU J 221 -17.38 6.57 72.22
N ASN J 222 -17.10 6.42 73.51
CA ASN J 222 -17.80 7.22 74.51
C ASN J 222 -17.18 8.61 74.67
N GLU J 223 -15.84 8.67 74.64
CA GLU J 223 -15.15 9.94 74.76
C GLU J 223 -15.65 10.87 73.66
N LYS J 224 -15.60 10.42 72.41
CA LYS J 224 -16.14 11.24 71.33
C LYS J 224 -17.63 10.99 71.47
N TYR J 225 -18.47 11.91 71.00
CA TYR J 225 -19.91 11.74 71.13
C TYR J 225 -20.24 11.62 72.61
N ASP J 226 -21.12 10.69 72.97
CA ASP J 226 -21.50 10.52 74.36
C ASP J 226 -22.53 9.39 74.44
N ILE J 227 -22.32 8.38 73.62
CA ILE J 227 -23.23 7.25 73.56
C ILE J 227 -22.82 6.11 74.48
N SER J 228 -23.68 5.09 74.54
CA SER J 228 -23.44 3.92 75.34
C SER J 228 -23.64 2.75 74.38
N GLU J 229 -23.45 1.52 74.84
CA GLU J 229 -23.64 0.40 73.94
C GLU J 229 -25.06 0.45 73.40
N GLU J 230 -25.99 0.93 74.22
CA GLU J 230 -27.38 1.07 73.79
C GLU J 230 -27.27 2.24 72.82
N ASP J 231 -28.34 3.01 72.64
CA ASP J 231 -28.27 4.14 71.72
C ASP J 231 -28.17 3.65 70.27
N PHE J 232 -27.36 2.61 70.06
CA PHE J 232 -27.21 2.04 68.73
C PHE J 232 -28.61 1.62 68.29
N VAL J 233 -29.42 1.22 69.26
CA VAL J 233 -30.79 0.82 69.01
C VAL J 233 -31.54 1.95 68.32
N SER J 234 -31.27 3.18 68.74
CA SER J 234 -31.89 4.37 68.14
C SER J 234 -30.86 5.13 67.33
N ALA J 235 -30.03 4.39 66.60
CA ALA J 235 -28.98 4.99 65.77
C ALA J 235 -29.28 4.83 64.29
N GLU J 236 -28.41 5.40 63.46
CA GLU J 236 -28.57 5.32 62.02
C GLU J 236 -27.36 4.78 61.28
N LEU J 237 -27.34 3.46 61.21
CA LEU J 237 -26.35 2.64 60.53
C LEU J 237 -26.00 3.20 59.15
N GLU J 238 -24.72 3.35 58.84
CA GLU J 238 -24.33 3.86 57.52
C GLU J 238 -22.89 3.59 57.12
N ILE J 239 -22.68 2.51 56.39
CA ILE J 239 -21.34 2.19 55.95
C ILE J 239 -21.24 2.42 54.44
N VAL J 240 -20.28 3.23 54.05
CA VAL J 240 -20.10 3.58 52.65
C VAL J 240 -18.64 3.65 52.27
N PRO J 241 -18.34 3.43 50.98
CA PRO J 241 -16.93 3.50 50.59
C PRO J 241 -16.33 4.87 50.86
N ALA J 242 -15.09 4.89 51.34
CA ALA J 242 -14.44 6.14 51.65
C ALA J 242 -13.71 6.70 50.43
N GLY J 243 -13.51 8.02 50.40
CA GLY J 243 -12.82 8.66 49.29
C GLY J 243 -13.73 9.56 48.48
N LYS J 244 -13.18 10.62 47.92
CA LYS J 244 -13.94 11.58 47.12
C LYS J 244 -14.09 10.97 45.74
N ALA J 245 -15.14 11.38 45.00
CA ALA J 245 -15.35 10.91 43.64
C ALA J 245 -14.18 11.47 42.86
N ARG J 246 -13.81 10.83 41.75
CA ARG J 246 -12.65 11.30 40.98
C ARG J 246 -12.88 11.37 39.48
N ASP J 247 -11.89 11.90 38.77
CA ASP J 247 -11.99 11.98 37.32
C ASP J 247 -11.64 10.59 36.82
N TYR J 248 -12.49 10.03 35.97
CA TYR J 248 -12.20 8.70 35.46
C TYR J 248 -11.77 8.75 34.00
N GLY J 249 -10.64 8.11 33.71
CA GLY J 249 -10.14 8.07 32.35
C GLY J 249 -8.98 8.99 32.03
N PHE J 250 -8.17 8.59 31.05
CA PHE J 250 -7.03 9.38 30.65
C PHE J 250 -7.44 10.73 30.06
N ASP J 251 -8.67 10.80 29.59
CA ASP J 251 -9.15 12.05 29.01
C ASP J 251 -10.15 12.75 29.94
N ARG J 252 -10.17 12.34 31.20
CA ARG J 252 -11.07 12.92 32.19
C ARG J 252 -12.50 13.07 31.68
N SER J 253 -12.95 12.15 30.85
CA SER J 253 -14.29 12.26 30.28
C SER J 253 -15.39 11.65 31.16
N MET J 254 -15.00 10.82 32.11
CA MET J 254 -15.98 10.19 32.97
C MET J 254 -15.70 10.51 34.41
N VAL J 255 -16.62 10.09 35.28
CA VAL J 255 -16.51 10.33 36.71
C VAL J 255 -16.79 9.03 37.48
N MET J 256 -15.89 8.68 38.39
CA MET J 256 -16.01 7.48 39.19
C MET J 256 -16.35 7.89 40.63
N GLY J 257 -17.42 7.32 41.18
CA GLY J 257 -17.81 7.65 42.54
C GLY J 257 -18.99 6.85 43.07
N TYR J 258 -19.19 6.89 44.38
CA TYR J 258 -20.27 6.19 45.04
C TYR J 258 -21.56 6.99 44.97
N GLY J 259 -22.68 6.30 44.95
CA GLY J 259 -23.96 6.99 44.91
C GLY J 259 -24.44 7.44 43.55
N GLN J 260 -23.55 7.41 42.57
CA GLN J 260 -23.91 7.82 41.22
C GLN J 260 -25.37 7.46 40.88
N ASP J 261 -25.80 6.28 41.31
CA ASP J 261 -27.15 5.81 41.05
C ASP J 261 -28.20 6.81 41.47
N ASP J 262 -28.78 7.43 40.45
CA ASP J 262 -29.84 8.42 40.55
C ASP J 262 -29.43 9.70 41.29
N ARG J 263 -28.49 9.61 42.20
CA ARG J 263 -28.04 10.78 42.90
C ARG J 263 -27.48 11.77 41.89
N ILE J 264 -27.08 11.25 40.74
CA ILE J 264 -26.55 12.08 39.65
C ILE J 264 -27.74 12.76 38.98
N CYS J 265 -28.85 12.04 38.84
CA CYS J 265 -30.04 12.62 38.25
C CYS J 265 -30.62 13.61 39.23
N ALA J 266 -30.63 13.22 40.49
CA ALA J 266 -31.18 14.07 41.54
C ALA J 266 -30.44 15.40 41.58
N TYR J 267 -29.19 15.41 41.13
CA TYR J 267 -28.40 16.63 41.12
C TYR J 267 -28.67 17.46 39.91
N THR J 268 -28.54 16.87 38.75
CA THR J 268 -28.80 17.63 37.53
C THR J 268 -30.23 18.20 37.60
N SER J 269 -31.16 17.38 38.06
CA SER J 269 -32.54 17.82 38.18
C SER J 269 -32.59 19.01 39.12
N PHE J 270 -31.72 19.01 40.11
CA PHE J 270 -31.66 20.09 41.08
C PHE J 270 -31.20 21.38 40.43
N GLU J 271 -29.98 21.39 39.88
CA GLU J 271 -29.46 22.58 39.24
C GLU J 271 -30.45 23.06 38.20
N ALA J 272 -30.95 22.15 37.38
CA ALA J 272 -31.89 22.55 36.35
C ALA J 272 -33.02 23.33 37.02
N MET J 273 -33.65 22.70 38.02
CA MET J 273 -34.76 23.34 38.75
C MET J 273 -34.33 24.63 39.46
N LEU J 274 -33.12 24.62 39.99
CA LEU J 274 -32.63 25.76 40.72
C LEU J 274 -32.47 26.98 39.86
N GLU J 275 -31.65 26.89 38.80
CA GLU J 275 -31.44 28.05 37.92
C GLU J 275 -32.56 28.25 36.91
N MET J 276 -33.77 27.89 37.31
CA MET J 276 -34.94 28.04 36.45
C MET J 276 -35.74 29.29 36.83
N LYS J 277 -35.61 30.34 36.02
CA LYS J 277 -36.29 31.60 36.28
C LYS J 277 -37.38 31.86 35.25
N ASN J 278 -38.39 32.66 35.62
CA ASN J 278 -39.48 32.99 34.72
C ASN J 278 -40.24 31.72 34.38
N ALA J 279 -41.15 31.32 35.24
CA ALA J 279 -41.92 30.09 35.01
C ALA J 279 -43.31 30.36 34.45
N LYS J 280 -43.67 29.64 33.40
CA LYS J 280 -44.98 29.82 32.79
C LYS J 280 -45.96 28.97 33.58
N LYS J 281 -45.63 27.70 33.78
CA LYS J 281 -46.49 26.79 34.55
C LYS J 281 -45.69 26.29 35.75
N THR J 282 -46.26 26.41 36.94
CA THR J 282 -45.61 26.00 38.18
C THR J 282 -44.98 24.59 38.07
N CYS J 283 -43.68 24.53 38.31
CA CYS J 283 -42.93 23.28 38.25
C CYS J 283 -42.32 22.92 39.59
N ILE J 284 -42.22 21.62 39.85
CA ILE J 284 -41.67 21.14 41.11
C ILE J 284 -40.70 19.96 41.03
N THR J 285 -39.77 19.94 41.97
CA THR J 285 -38.74 18.91 42.07
C THR J 285 -38.91 18.04 43.31
N ILE J 286 -39.00 16.73 43.09
CA ILE J 286 -39.13 15.80 44.19
C ILE J 286 -37.86 14.95 44.37
N LEU J 287 -37.51 14.70 45.63
CA LEU J 287 -36.36 13.90 45.95
C LEU J 287 -36.67 13.04 47.17
N VAL J 288 -37.01 11.78 46.93
CA VAL J 288 -37.35 10.86 48.02
C VAL J 288 -36.34 9.74 48.14
N ASP J 289 -36.59 8.83 49.08
CA ASP J 289 -35.70 7.71 49.25
C ASP J 289 -36.45 6.40 49.29
N LYS J 290 -35.80 5.35 49.80
CA LYS J 290 -36.38 4.02 49.92
C LYS J 290 -36.72 3.41 48.57
N GLU J 291 -36.28 4.06 47.49
CA GLU J 291 -36.54 3.51 46.16
C GLU J 291 -35.83 2.17 45.97
N GLU J 292 -34.54 2.14 46.28
CA GLU J 292 -33.73 0.93 46.13
C GLU J 292 -34.22 -0.20 47.02
N VAL J 293 -35.13 0.10 47.94
CA VAL J 293 -35.63 -0.93 48.84
C VAL J 293 -37.11 -1.29 48.59
N GLY J 294 -37.74 -0.63 47.61
CA GLY J 294 -39.12 -0.92 47.33
C GLY J 294 -40.02 0.29 47.23
N SER J 295 -39.53 1.41 47.75
CA SER J 295 -40.26 2.68 47.73
C SER J 295 -41.46 2.64 48.68
N ILE J 296 -41.33 1.91 49.78
CA ILE J 296 -42.41 1.80 50.75
C ILE J 296 -42.77 3.16 51.33
N GLY J 297 -43.79 3.15 52.18
CA GLY J 297 -44.27 4.39 52.80
C GLY J 297 -43.30 5.15 53.68
N ALA J 298 -43.83 6.17 54.35
CA ALA J 298 -43.07 7.03 55.25
C ALA J 298 -42.27 8.10 54.52
N THR J 299 -41.40 7.66 53.61
CA THR J 299 -40.55 8.59 52.87
C THR J 299 -40.29 8.22 51.39
N GLY J 300 -41.28 7.61 50.73
CA GLY J 300 -41.13 7.22 49.34
C GLY J 300 -42.42 7.25 48.51
N MET J 301 -43.37 6.42 48.90
CA MET J 301 -44.68 6.34 48.23
C MET J 301 -45.69 7.08 49.10
N GLN J 302 -45.15 7.70 50.15
CA GLN J 302 -45.95 8.49 51.10
C GLN J 302 -46.83 9.53 50.44
N SER J 303 -47.61 10.23 51.26
CA SER J 303 -48.50 11.26 50.78
C SER J 303 -47.82 12.61 50.92
N LYS J 304 -46.61 12.58 51.46
CA LYS J 304 -45.82 13.79 51.68
C LYS J 304 -45.94 14.76 50.51
N PHE J 305 -46.06 14.21 49.30
CA PHE J 305 -46.18 15.03 48.11
C PHE J 305 -47.63 15.41 47.92
N PHE J 306 -48.50 14.40 48.02
CA PHE J 306 -49.95 14.60 47.87
C PHE J 306 -50.40 15.70 48.82
N GLU J 307 -50.39 15.38 50.10
CA GLU J 307 -50.78 16.33 51.13
C GLU J 307 -49.67 17.35 51.32
N ASN J 308 -49.37 18.07 50.26
CA ASN J 308 -48.36 19.09 50.29
C ASN J 308 -48.55 20.00 49.12
N THR J 309 -48.87 19.41 47.99
CA THR J 309 -49.15 20.19 46.81
C THR J 309 -50.42 20.91 47.20
N VAL J 310 -51.20 20.27 48.07
CA VAL J 310 -52.44 20.85 48.54
C VAL J 310 -52.12 21.91 49.59
N ALA J 311 -51.37 21.52 50.61
CA ALA J 311 -50.99 22.45 51.66
C ALA J 311 -50.38 23.68 51.02
N ASP J 312 -49.93 23.52 49.78
CA ASP J 312 -49.30 24.60 49.04
C ASP J 312 -50.33 25.28 48.15
N ILE J 313 -51.25 24.49 47.60
CA ILE J 313 -52.32 25.01 46.73
C ILE J 313 -53.21 25.93 47.61
N MET J 314 -53.19 25.70 48.92
CA MET J 314 -53.98 26.49 49.85
C MET J 314 -53.59 27.96 49.78
N SER J 315 -52.29 28.22 49.63
CA SER J 315 -51.79 29.59 49.55
C SER J 315 -51.72 30.06 48.09
N ASP J 321 -59.63 28.20 45.85
CA ASP J 321 -58.30 27.61 45.87
C ASP J 321 -58.16 26.60 47.00
N GLU J 322 -59.25 25.89 47.30
CA GLU J 322 -59.24 24.91 48.39
C GLU J 322 -59.60 23.51 47.91
N LEU J 323 -60.90 23.23 47.86
CA LEU J 323 -61.43 21.92 47.48
C LEU J 323 -60.66 21.11 46.45
N LYS J 324 -60.67 19.80 46.67
CA LYS J 324 -60.01 18.83 45.84
C LYS J 324 -59.69 19.25 44.43
N LEU J 325 -60.73 19.41 43.60
CA LEU J 325 -60.56 19.78 42.19
C LEU J 325 -59.91 18.63 41.41
N ARG J 326 -58.87 18.01 42.01
CA ARG J 326 -58.11 16.86 41.42
C ARG J 326 -57.25 17.20 40.21
N LYS J 327 -57.89 17.73 39.17
CA LYS J 327 -57.25 18.12 37.93
C LYS J 327 -55.81 18.59 38.07
N ALA J 328 -55.52 19.30 39.16
CA ALA J 328 -54.19 19.82 39.41
C ALA J 328 -53.08 18.83 39.03
N LEU J 329 -53.16 17.63 39.60
CA LEU J 329 -52.17 16.60 39.35
C LEU J 329 -52.40 15.90 38.01
N TYR J 330 -53.66 15.58 37.71
CA TYR J 330 -54.01 14.90 36.46
C TYR J 330 -53.46 15.57 35.21
N ASN J 331 -53.38 16.89 35.22
CA ASN J 331 -52.88 17.62 34.06
C ASN J 331 -51.41 17.98 34.12
N SER J 332 -50.63 17.25 34.92
CA SER J 332 -49.21 17.55 35.02
C SER J 332 -48.37 16.63 34.15
N GLU J 333 -47.11 17.00 33.96
CA GLU J 333 -46.19 16.22 33.16
C GLU J 333 -44.94 15.98 34.03
N MET J 334 -44.56 14.72 34.20
CA MET J 334 -43.38 14.41 35.02
C MET J 334 -42.26 13.77 34.22
N LEU J 335 -41.07 13.82 34.80
CA LEU J 335 -39.89 13.25 34.19
C LEU J 335 -39.15 12.49 35.28
N SER J 336 -39.80 11.45 35.80
CA SER J 336 -39.18 10.62 36.84
C SER J 336 -37.92 10.01 36.27
N SER J 337 -36.76 10.48 36.72
CA SER J 337 -35.51 9.96 36.19
C SER J 337 -34.77 9.03 37.16
N ASP J 338 -33.95 8.14 36.59
CA ASP J 338 -33.13 7.19 37.35
C ASP J 338 -32.12 6.61 36.36
N VAL J 339 -30.89 6.40 36.85
CA VAL J 339 -29.83 5.87 36.02
C VAL J 339 -30.20 4.57 35.32
N SER J 340 -29.58 4.34 34.16
CA SER J 340 -29.82 3.15 33.38
C SER J 340 -28.48 2.44 33.17
N ALA J 341 -28.55 1.19 32.72
CA ALA J 341 -27.34 0.42 32.49
C ALA J 341 -26.71 0.72 31.12
N ALA J 342 -25.49 1.24 31.15
CA ALA J 342 -24.77 1.56 29.92
C ALA J 342 -24.11 0.30 29.37
N PHE J 343 -24.05 0.19 28.04
CA PHE J 343 -23.45 -0.98 27.42
C PHE J 343 -21.98 -1.13 27.84
N ASP J 344 -21.65 -2.27 28.45
CA ASP J 344 -20.28 -2.52 28.88
C ASP J 344 -19.60 -3.45 27.89
N PRO J 345 -18.50 -3.00 27.29
CA PRO J 345 -17.76 -3.80 26.32
C PRO J 345 -17.16 -5.08 26.92
N ASN J 346 -17.29 -5.25 28.24
CA ASN J 346 -16.75 -6.44 28.86
C ASN J 346 -17.79 -7.56 28.90
N TYR J 347 -19.06 -7.19 28.93
CA TYR J 347 -20.13 -8.16 28.94
C TYR J 347 -21.20 -7.71 27.98
N PRO J 348 -21.01 -7.99 26.70
CA PRO J 348 -21.94 -7.61 25.63
C PRO J 348 -23.15 -8.49 25.44
N ASN J 349 -22.97 -9.78 25.63
CA ASN J 349 -24.05 -10.74 25.43
C ASN J 349 -25.24 -10.58 26.40
N VAL J 350 -25.13 -9.63 27.30
CA VAL J 350 -26.20 -9.42 28.24
C VAL J 350 -27.21 -8.36 27.75
N MET J 351 -26.81 -7.59 26.73
CA MET J 351 -27.68 -6.55 26.17
C MET J 351 -27.90 -6.70 24.67
N GLU J 352 -28.98 -6.10 24.18
CA GLU J 352 -29.34 -6.20 22.78
C GLU J 352 -28.56 -5.29 21.83
N LYS J 353 -27.48 -4.68 22.29
CA LYS J 353 -26.69 -3.78 21.43
C LYS J 353 -27.58 -2.61 21.05
N ARG J 354 -28.43 -2.79 20.05
CA ARG J 354 -29.37 -1.74 19.66
C ARG J 354 -30.38 -1.73 20.79
N ASN J 355 -31.01 -0.57 21.04
CA ASN J 355 -31.97 -0.50 22.14
C ASN J 355 -31.27 -0.60 23.51
N SER J 356 -30.04 -0.09 23.57
CA SER J 356 -29.27 -0.11 24.79
C SER J 356 -28.58 1.24 24.92
N ALA J 357 -28.51 1.77 26.12
CA ALA J 357 -27.87 3.07 26.32
C ALA J 357 -26.37 2.99 26.22
N TYR J 358 -25.75 3.98 25.58
CA TYR J 358 -24.30 4.01 25.44
C TYR J 358 -23.69 5.21 26.13
N LEU J 359 -22.53 4.99 26.70
CA LEU J 359 -21.80 6.02 27.42
C LEU J 359 -21.50 7.26 26.58
N GLY J 360 -22.27 8.32 26.76
CA GLY J 360 -22.00 9.54 26.02
C GLY J 360 -22.93 9.88 24.88
N LYS J 361 -24.00 9.12 24.68
CA LYS J 361 -24.91 9.47 23.61
C LYS J 361 -26.09 10.30 24.08
N GLY J 362 -25.90 11.06 25.16
CA GLY J 362 -26.96 11.91 25.64
C GLY J 362 -27.82 11.34 26.76
N ILE J 363 -28.95 11.98 27.01
CA ILE J 363 -29.86 11.56 28.06
C ILE J 363 -30.64 10.32 27.61
N VAL J 364 -30.96 9.45 28.55
CA VAL J 364 -31.66 8.21 28.24
C VAL J 364 -33.17 8.25 28.48
N PHE J 365 -33.92 7.61 27.59
CA PHE J 365 -35.36 7.54 27.69
C PHE J 365 -35.81 6.10 27.69
N ASN J 366 -36.68 5.75 28.63
CA ASN J 366 -37.19 4.38 28.73
C ASN J 366 -38.71 4.37 28.71
N LYS J 367 -39.29 3.97 27.57
CA LYS J 367 -40.73 3.92 27.46
C LYS J 367 -41.27 2.97 28.52
N TYR J 368 -40.67 1.79 28.59
CA TYR J 368 -41.07 0.79 29.57
C TYR J 368 -39.83 0.20 30.22
N THR J 369 -40.02 -0.43 31.37
CA THR J 369 -38.93 -1.03 32.12
C THR J 369 -39.46 -2.00 33.16
N GLY J 370 -39.72 -3.23 32.74
CA GLY J 370 -40.23 -4.21 33.66
C GLY J 370 -39.43 -5.50 33.69
N SER J 371 -40.15 -6.62 33.69
CA SER J 371 -39.54 -7.94 33.71
C SER J 371 -40.10 -8.82 32.60
N ARG J 372 -40.62 -9.98 32.99
CA ARG J 372 -41.20 -10.93 32.06
C ARG J 372 -42.39 -10.32 31.30
N GLY J 373 -42.12 -9.56 30.26
CA GLY J 373 -43.21 -8.97 29.49
C GLY J 373 -43.71 -7.63 29.97
N LYS J 374 -42.77 -6.73 30.27
CA LYS J 374 -43.09 -5.38 30.70
C LYS J 374 -43.85 -5.39 32.02
N SER J 375 -43.81 -6.52 32.71
CA SER J 375 -44.52 -6.66 33.97
C SER J 375 -44.12 -5.70 35.07
N GLY J 376 -45.13 -5.08 35.70
CA GLY J 376 -44.91 -4.14 36.79
C GLY J 376 -44.02 -2.97 36.47
N CYS J 377 -44.54 -1.99 35.75
CA CYS J 377 -43.77 -0.82 35.39
C CYS J 377 -44.63 0.15 34.60
N ASN J 378 -44.23 1.42 34.59
CA ASN J 378 -44.97 2.45 33.86
C ASN J 378 -44.62 2.46 32.39
N ASP J 379 -45.63 2.60 31.55
CA ASP J 379 -45.44 2.64 30.11
C ASP J 379 -45.83 4.01 29.56
N ALA J 380 -44.83 4.82 29.22
CA ALA J 380 -45.05 6.17 28.70
C ALA J 380 -45.87 6.21 27.40
N ASN J 381 -46.75 7.20 27.29
CA ASN J 381 -47.59 7.35 26.11
C ASN J 381 -46.80 7.98 24.96
N PRO J 382 -47.02 7.47 23.73
CA PRO J 382 -46.31 7.99 22.56
C PRO J 382 -46.55 9.49 22.34
N GLU J 383 -47.80 9.92 22.46
CA GLU J 383 -48.12 11.32 22.26
C GLU J 383 -47.24 12.19 23.15
N TYR J 384 -47.02 11.75 24.38
CA TYR J 384 -46.18 12.50 25.32
C TYR J 384 -44.72 12.41 24.92
N ILE J 385 -44.31 11.23 24.49
CA ILE J 385 -42.93 11.00 24.06
C ILE J 385 -42.62 11.91 22.88
N ALA J 386 -43.47 11.88 21.86
CA ALA J 386 -43.27 12.71 20.70
C ALA J 386 -43.02 14.14 21.14
N GLU J 387 -43.83 14.65 22.06
CA GLU J 387 -43.67 16.02 22.53
C GLU J 387 -42.26 16.25 23.07
N LEU J 388 -41.82 15.36 23.95
CA LEU J 388 -40.49 15.47 24.52
C LEU J 388 -39.46 15.52 23.41
N ARG J 389 -39.69 14.72 22.37
CA ARG J 389 -38.78 14.70 21.23
C ARG J 389 -38.66 16.11 20.69
N ARG J 390 -39.80 16.62 20.23
CA ARG J 390 -39.87 17.95 19.66
C ARG J 390 -39.12 18.94 20.55
N ILE J 391 -39.44 18.92 21.85
CA ILE J 391 -38.81 19.84 22.80
C ILE J 391 -37.30 19.69 22.83
N LEU J 392 -36.84 18.46 23.08
CA LEU J 392 -35.42 18.18 23.13
C LEU J 392 -34.78 18.28 21.74
N SER J 393 -35.45 18.95 20.83
CA SER J 393 -34.91 19.12 19.49
C SER J 393 -34.65 20.59 19.34
N LYS J 394 -35.65 21.39 19.71
CA LYS J 394 -35.54 22.84 19.64
C LYS J 394 -34.34 23.27 20.47
N GLU J 395 -34.40 23.04 21.77
CA GLU J 395 -33.29 23.42 22.66
C GLU J 395 -32.11 22.48 22.45
N SER J 396 -32.20 21.66 21.42
CA SER J 396 -31.16 20.68 21.09
C SER J 396 -31.11 19.61 22.15
N VAL J 397 -29.92 19.25 22.63
CA VAL J 397 -29.76 18.23 23.65
C VAL J 397 -29.82 16.84 23.03
N ASN J 398 -28.80 16.03 23.30
CA ASN J 398 -28.75 14.67 22.75
C ASN J 398 -29.48 13.69 23.66
N TRP J 399 -30.27 12.83 23.05
CA TRP J 399 -31.02 11.82 23.81
C TRP J 399 -30.95 10.48 23.08
N GLN J 400 -31.13 9.41 23.84
CA GLN J 400 -31.08 8.06 23.30
C GLN J 400 -32.06 7.21 24.10
N THR J 401 -32.64 6.23 23.44
CA THR J 401 -33.59 5.33 24.11
C THR J 401 -32.90 3.99 24.39
N ALA J 402 -33.20 3.44 25.56
CA ALA J 402 -32.62 2.18 25.97
C ALA J 402 -33.63 1.22 26.60
N GLU J 403 -33.19 -0.01 26.79
CA GLU J 403 -33.99 -1.09 27.37
C GLU J 403 -33.03 -1.79 28.30
N LEU J 404 -33.50 -2.27 29.44
CA LEU J 404 -32.58 -2.94 30.36
C LEU J 404 -32.30 -4.41 30.05
N GLY J 405 -31.29 -4.67 29.24
CA GLY J 405 -30.96 -6.03 28.91
C GLY J 405 -31.88 -6.71 27.94
N LYS J 406 -31.34 -7.65 27.17
CA LYS J 406 -32.11 -8.38 26.17
C LYS J 406 -33.34 -9.07 26.75
N VAL J 407 -34.49 -8.46 26.50
CA VAL J 407 -35.77 -8.96 26.96
C VAL J 407 -35.69 -9.71 28.30
N ASP J 408 -35.86 -11.03 28.27
CA ASP J 408 -35.85 -11.83 29.48
C ASP J 408 -34.52 -11.95 30.24
N GLN J 409 -33.86 -10.83 30.47
CA GLN J 409 -32.60 -10.85 31.20
C GLN J 409 -32.77 -10.39 32.63
N GLY J 410 -32.60 -9.09 32.85
CA GLY J 410 -32.74 -8.54 34.17
C GLY J 410 -34.13 -8.01 34.42
N GLY J 411 -34.39 -7.66 35.68
CA GLY J 411 -35.70 -7.13 36.05
C GLY J 411 -35.65 -5.63 36.22
N GLY J 412 -36.82 -5.01 36.22
CA GLY J 412 -36.88 -3.57 36.39
C GLY J 412 -38.09 -3.10 37.19
N GLY J 413 -38.09 -1.82 37.56
CA GLY J 413 -39.18 -1.26 38.32
C GLY J 413 -38.83 0.11 38.88
N THR J 414 -39.25 1.15 38.18
CA THR J 414 -38.98 2.53 38.61
C THR J 414 -40.16 3.10 39.35
N ILE J 415 -39.93 4.16 40.12
CA ILE J 415 -40.99 4.82 40.89
C ILE J 415 -41.81 5.74 40.00
N ALA J 416 -41.74 5.51 38.69
CA ALA J 416 -42.47 6.32 37.72
C ALA J 416 -43.98 6.09 37.74
N TYR J 417 -44.38 4.85 37.93
CA TYR J 417 -45.79 4.51 37.97
C TYR J 417 -46.47 5.01 39.24
N ILE J 418 -45.69 5.19 40.29
CA ILE J 418 -46.23 5.64 41.55
C ILE J 418 -46.95 6.99 41.48
N LEU J 419 -46.45 7.89 40.64
CA LEU J 419 -47.11 9.19 40.51
C LEU J 419 -48.05 9.22 39.31
N ALA J 420 -47.80 8.34 38.35
CA ALA J 420 -48.66 8.28 37.18
C ALA J 420 -50.05 7.82 37.63
N GLU J 421 -50.12 7.29 38.84
CA GLU J 421 -51.39 6.80 39.38
C GLU J 421 -52.42 7.93 39.42
N TYR J 422 -51.95 9.16 39.32
CA TYR J 422 -52.85 10.30 39.32
C TYR J 422 -53.39 10.58 37.91
N GLY J 423 -52.64 10.15 36.90
CA GLY J 423 -53.05 10.36 35.53
C GLY J 423 -52.05 11.19 34.77
N MET J 424 -50.94 11.54 35.44
CA MET J 424 -49.86 12.34 34.84
C MET J 424 -49.29 11.68 33.57
N GLN J 425 -48.45 12.45 32.87
CA GLN J 425 -47.77 11.97 31.69
C GLN J 425 -46.32 11.78 32.11
N VAL J 426 -46.00 10.55 32.50
CA VAL J 426 -44.64 10.25 32.96
C VAL J 426 -43.84 9.44 31.95
N ILE J 427 -42.53 9.48 32.12
CA ILE J 427 -41.62 8.76 31.27
C ILE J 427 -40.29 8.65 32.02
N ASP J 428 -39.56 7.57 31.78
CA ASP J 428 -38.29 7.34 32.47
C ASP J 428 -37.10 8.00 31.80
N CYS J 429 -36.36 8.79 32.57
CA CYS J 429 -35.17 9.46 32.09
C CYS J 429 -34.00 9.12 32.96
N GLY J 430 -32.87 9.75 32.69
CA GLY J 430 -31.69 9.49 33.47
C GLY J 430 -30.45 9.29 32.65
N VAL J 431 -29.32 9.24 33.35
CA VAL J 431 -28.02 9.07 32.75
C VAL J 431 -27.67 7.60 32.67
N ALA J 432 -26.73 7.25 31.79
CA ALA J 432 -26.32 5.86 31.64
C ALA J 432 -25.08 5.62 32.50
N LEU J 433 -25.15 4.62 33.37
CA LEU J 433 -24.00 4.31 34.24
C LEU J 433 -23.26 3.03 33.87
N LEU J 434 -22.15 2.83 34.55
CA LEU J 434 -21.32 1.66 34.36
C LEU J 434 -21.27 1.00 35.73
N ASN J 435 -21.43 -0.33 35.76
CA ASN J 435 -21.47 -1.10 37.01
C ASN J 435 -22.27 -0.43 38.12
N HIS J 437 -24.95 0.04 41.30
CA HIS J 437 -24.99 -0.49 42.66
C HIS J 437 -23.66 -1.02 43.13
N ALA J 438 -22.59 -0.56 42.49
CA ALA J 438 -21.25 -0.98 42.90
C ALA J 438 -20.71 0.14 43.77
N PRO J 439 -19.74 -0.16 44.62
CA PRO J 439 -19.18 0.86 45.49
C PRO J 439 -18.65 2.05 44.71
N TRP J 440 -18.27 1.79 43.46
CA TRP J 440 -17.76 2.86 42.60
C TRP J 440 -18.41 2.75 41.24
N GLU J 441 -19.22 3.73 40.90
CA GLU J 441 -19.93 3.75 39.62
C GLU J 441 -19.30 4.76 38.69
N ILE J 442 -19.51 4.58 37.39
CA ILE J 442 -18.95 5.48 36.41
C ILE J 442 -19.99 6.21 35.57
N SER J 443 -19.69 7.43 35.15
CA SER J 443 -20.63 8.21 34.35
C SER J 443 -19.92 9.12 33.37
N SER J 444 -20.59 9.47 32.27
CA SER J 444 -20.01 10.36 31.27
C SER J 444 -20.39 11.83 31.51
N LYS J 445 -19.38 12.66 31.73
CA LYS J 445 -19.63 14.08 31.96
C LYS J 445 -20.52 14.65 30.88
N ALA J 446 -20.27 14.26 29.63
CA ALA J 446 -21.08 14.73 28.53
C ALA J 446 -22.54 14.37 28.82
N ASP J 447 -22.80 13.13 29.23
CA ASP J 447 -24.17 12.73 29.52
C ASP J 447 -24.72 13.55 30.68
N ILE J 448 -23.97 13.67 31.77
CA ILE J 448 -24.40 14.47 32.93
C ILE J 448 -24.93 15.79 32.40
N TYR J 449 -24.04 16.50 31.69
CA TYR J 449 -24.35 17.81 31.09
C TYR J 449 -25.62 17.73 30.25
N GLU J 450 -25.58 16.92 29.21
CA GLU J 450 -26.72 16.76 28.32
C GLU J 450 -28.03 16.57 29.11
N THR J 451 -28.00 15.66 30.07
CA THR J 451 -29.17 15.38 30.90
C THR J 451 -29.72 16.65 31.52
N LYS J 452 -28.86 17.40 32.21
CA LYS J 452 -29.29 18.64 32.83
C LYS J 452 -30.01 19.50 31.80
N ASN J 453 -29.36 19.77 30.68
CA ASN J 453 -29.99 20.57 29.66
C ASN J 453 -31.32 19.97 29.26
N GLY J 454 -31.40 18.65 29.24
CA GLY J 454 -32.64 17.99 28.88
C GLY J 454 -33.73 18.37 29.88
N TYR J 455 -33.36 18.39 31.16
CA TYR J 455 -34.29 18.75 32.23
C TYR J 455 -34.69 20.21 32.05
N SER J 456 -33.68 21.10 32.09
CA SER J 456 -33.93 22.52 31.94
C SER J 456 -34.78 22.82 30.70
N ALA J 457 -34.54 22.09 29.62
CA ALA J 457 -35.31 22.29 28.39
C ALA J 457 -36.70 21.68 28.54
N PHE J 458 -37.17 21.59 29.78
CA PHE J 458 -38.47 21.02 30.09
C PHE J 458 -39.21 22.07 30.92
N LEU J 459 -38.69 23.30 30.88
CA LEU J 459 -39.27 24.43 31.61
C LEU J 459 -40.44 25.04 30.89
N ASN J 460 -40.27 25.40 29.62
CA ASN J 460 -41.37 26.01 28.88
C ASN J 460 -41.56 25.26 27.59
N ASN J 461 -42.66 24.51 27.53
CA ASN J 461 -43.04 23.69 26.39
C ASN J 461 -41.84 23.36 25.51
N LEU K 1 -36.49 4.69 86.49
CA LEU K 1 -35.30 3.82 86.17
C LEU K 1 -35.05 3.67 84.65
N LEU K 2 -33.80 3.34 84.29
CA LEU K 2 -33.40 3.18 82.89
C LEU K 2 -33.63 1.79 82.30
N LYS K 3 -32.57 1.18 81.79
CA LYS K 3 -32.68 -0.14 81.21
C LYS K 3 -31.44 -1.03 81.28
N GLU K 4 -31.66 -2.28 80.89
CA GLU K 4 -30.65 -3.33 80.88
C GLU K 4 -31.24 -4.55 80.15
N TYR K 5 -30.72 -5.73 80.46
CA TYR K 5 -31.17 -6.95 79.78
C TYR K 5 -31.31 -8.16 80.71
N LYS K 6 -31.71 -7.91 81.95
CA LYS K 6 -31.81 -8.97 82.96
C LYS K 6 -33.10 -9.79 83.05
N ASN K 7 -33.65 -10.22 81.91
CA ASN K 7 -34.88 -11.02 81.91
C ASN K 7 -36.05 -10.38 82.64
N ALA K 8 -37.26 -10.73 82.22
CA ALA K 8 -38.49 -10.16 82.78
C ALA K 8 -38.75 -10.56 84.24
N TRP K 9 -38.62 -11.84 84.54
CA TRP K 9 -38.84 -12.32 85.91
C TRP K 9 -37.77 -11.69 86.79
N ASP K 10 -37.70 -12.10 88.05
CA ASP K 10 -36.76 -11.51 89.01
C ASP K 10 -37.27 -10.11 89.30
N LYS K 11 -37.08 -9.23 88.32
CA LYS K 11 -37.55 -7.87 88.41
C LYS K 11 -38.99 -7.89 88.86
N TYR K 12 -39.77 -8.81 88.32
CA TYR K 12 -41.20 -8.94 88.69
C TYR K 12 -41.34 -9.24 90.18
N ASP K 13 -41.48 -10.53 90.49
CA ASP K 13 -41.65 -10.96 91.86
C ASP K 13 -42.64 -9.96 92.46
N ASP K 14 -42.17 -9.22 93.45
CA ASP K 14 -43.01 -8.24 94.11
C ASP K 14 -44.20 -8.94 94.76
N LYS K 15 -44.38 -10.23 94.45
CA LYS K 15 -45.50 -11.03 94.97
C LYS K 15 -46.79 -10.53 94.35
N GLN K 16 -46.77 -9.26 93.94
CA GLN K 16 -47.92 -8.61 93.31
C GLN K 16 -47.77 -8.80 91.82
N LEU K 17 -46.81 -8.08 91.26
CA LEU K 17 -46.52 -8.13 89.84
C LEU K 17 -46.79 -9.53 89.29
N LYS K 18 -46.17 -10.54 89.88
CA LYS K 18 -46.38 -11.91 89.43
C LYS K 18 -47.86 -12.25 89.37
N GLU K 19 -48.49 -12.29 90.55
CA GLU K 19 -49.91 -12.59 90.64
C GLU K 19 -50.68 -11.74 89.64
N VAL K 20 -50.26 -10.49 89.48
CA VAL K 20 -50.93 -9.56 88.56
C VAL K 20 -50.85 -9.99 87.11
N PHE K 21 -50.30 -11.17 86.85
CA PHE K 21 -50.23 -11.64 85.48
C PHE K 21 -50.13 -13.15 85.35
N ALA K 22 -49.37 -13.77 86.24
CA ALA K 22 -49.20 -15.22 86.23
C ALA K 22 -50.59 -15.79 86.02
N LEU K 23 -51.54 -15.18 86.71
CA LEU K 23 -52.94 -15.57 86.59
C LEU K 23 -53.63 -14.36 85.95
N GLY K 24 -52.93 -13.22 85.99
CA GLY K 24 -53.47 -12.01 85.43
C GLY K 24 -53.86 -12.19 83.97
N ASP K 25 -52.91 -11.96 83.07
CA ASP K 25 -53.19 -12.13 81.67
C ASP K 25 -53.42 -13.61 81.31
N ARG K 26 -52.61 -14.49 81.90
CA ARG K 26 -52.80 -15.90 81.66
C ARG K 26 -54.11 -16.27 82.31
N PHE K 27 -55.20 -15.96 81.62
CA PHE K 27 -56.54 -16.22 82.11
C PHE K 27 -57.33 -15.47 81.08
N LYS K 28 -57.16 -14.15 81.07
CA LYS K 28 -57.83 -13.33 80.10
C LYS K 28 -57.42 -13.83 78.71
N ASN K 29 -56.17 -13.59 78.34
CA ASN K 29 -55.60 -14.05 77.05
C ASN K 29 -55.80 -15.54 77.01
N PHE K 30 -55.17 -16.20 77.96
CA PHE K 30 -55.24 -17.63 78.07
C PHE K 30 -56.60 -18.16 77.65
N ILE K 31 -57.66 -17.40 77.90
CA ILE K 31 -59.01 -17.86 77.56
C ILE K 31 -59.53 -17.25 76.25
N SER K 32 -59.02 -16.06 75.91
CA SER K 32 -59.44 -15.40 74.69
C SER K 32 -59.23 -16.31 73.48
N ASN K 33 -58.00 -16.76 73.28
CA ASN K 33 -57.72 -17.62 72.12
C ASN K 33 -58.22 -19.05 72.32
N CYS K 34 -59.36 -19.19 72.98
CA CYS K 34 -59.95 -20.50 73.20
C CYS K 34 -61.40 -20.44 72.77
N LYS K 35 -62.04 -19.33 73.13
CA LYS K 35 -63.43 -19.12 72.79
C LYS K 35 -63.51 -18.23 71.55
N THR K 36 -62.38 -18.06 70.87
CA THR K 36 -62.32 -17.24 69.68
C THR K 36 -61.09 -17.69 68.87
N GLU K 37 -61.33 -18.43 67.79
CA GLU K 37 -60.22 -18.91 66.96
C GLU K 37 -60.40 -18.53 65.48
N ARG K 38 -61.55 -17.94 65.15
CA ARG K 38 -61.85 -17.55 63.79
C ARG K 38 -62.31 -16.12 63.73
N GLU K 39 -61.38 -15.19 63.50
CA GLU K 39 -61.66 -13.74 63.41
C GLU K 39 -63.02 -13.26 63.96
N CYS K 40 -63.58 -13.98 64.93
CA CYS K 40 -64.85 -13.59 65.54
C CYS K 40 -64.41 -12.91 66.80
N VAL K 41 -63.11 -12.65 66.85
CA VAL K 41 -62.51 -11.96 67.97
C VAL K 41 -63.33 -10.67 68.09
N THR K 42 -63.77 -10.16 66.95
CA THR K 42 -64.59 -8.96 66.91
C THR K 42 -65.76 -9.12 67.85
N GLU K 43 -66.55 -10.17 67.66
CA GLU K 43 -67.73 -10.42 68.51
C GLU K 43 -67.39 -10.40 69.98
N LEU K 44 -66.63 -11.39 70.43
CA LEU K 44 -66.25 -11.48 71.83
C LEU K 44 -65.64 -10.18 72.35
N ILE K 45 -64.83 -9.53 71.51
CA ILE K 45 -64.21 -8.28 71.93
C ILE K 45 -65.22 -7.13 71.94
N LYS K 46 -66.07 -7.08 70.94
CA LYS K 46 -67.07 -6.04 70.88
C LYS K 46 -68.04 -6.21 72.04
N THR K 47 -68.28 -7.45 72.47
CA THR K 47 -69.17 -7.70 73.61
C THR K 47 -68.48 -7.06 74.80
N ALA K 48 -67.16 -7.23 74.91
CA ALA K 48 -66.42 -6.58 75.99
C ALA K 48 -66.46 -5.13 75.56
N GLU K 49 -65.76 -4.24 76.23
CA GLU K 49 -65.80 -2.83 75.86
C GLU K 49 -67.25 -2.36 75.96
N LYS K 50 -68.06 -3.15 76.67
CA LYS K 50 -69.47 -2.81 76.88
C LYS K 50 -69.45 -1.64 77.84
N SER K 51 -68.28 -1.39 78.42
CA SER K 51 -68.08 -0.29 79.36
C SER K 51 -67.84 0.98 78.54
N GLY K 52 -68.80 1.29 77.67
CA GLY K 52 -68.72 2.46 76.80
C GLY K 52 -68.63 2.01 75.36
N TYR K 53 -68.21 2.92 74.47
CA TYR K 53 -68.06 2.58 73.06
C TYR K 53 -69.39 2.27 72.37
N ARG K 54 -69.51 2.66 71.11
CA ARG K 54 -70.73 2.38 70.36
C ARG K 54 -70.61 2.83 68.91
N ASN K 55 -70.66 4.15 68.68
CA ASN K 55 -70.57 4.73 67.34
C ASN K 55 -71.39 3.96 66.36
N ILE K 56 -70.73 2.99 65.73
CA ILE K 56 -71.33 2.09 64.75
C ILE K 56 -72.52 2.71 63.99
N GLU K 57 -73.69 2.69 64.61
CA GLU K 57 -74.89 3.22 64.00
C GLU K 57 -75.31 4.53 64.70
N ASP K 58 -75.11 4.58 66.02
CA ASP K 58 -75.47 5.73 66.82
C ASP K 58 -74.65 6.98 66.52
N ILE K 59 -74.83 7.52 65.33
CA ILE K 59 -74.13 8.72 64.92
C ILE K 59 -75.16 9.85 64.82
N LEU K 60 -75.20 10.70 65.84
CA LEU K 60 -76.14 11.86 65.90
C LEU K 60 -75.42 13.14 66.31
N ALA K 61 -74.08 13.10 66.28
CA ALA K 61 -73.23 14.24 66.64
C ALA K 61 -73.29 14.45 68.15
N LYS K 62 -74.52 14.56 68.65
CA LYS K 62 -74.77 14.76 70.06
C LYS K 62 -75.37 13.49 70.64
N GLY K 63 -75.49 12.46 69.80
CA GLY K 63 -76.04 11.19 70.25
C GLY K 63 -75.25 10.72 71.47
N GLU K 64 -73.98 11.11 71.48
CA GLU K 64 -73.05 10.78 72.57
C GLU K 64 -72.17 12.01 72.76
N THR K 65 -72.52 13.09 72.06
CA THR K 65 -71.79 14.35 72.09
C THR K 65 -70.28 14.14 72.00
N LEU K 66 -69.83 13.81 70.80
CA LEU K 66 -68.42 13.55 70.54
C LEU K 66 -67.51 14.63 71.12
N LYS K 67 -66.90 14.35 72.26
CA LYS K 67 -66.00 15.28 72.92
C LYS K 67 -65.16 14.56 73.98
N GLU K 68 -64.46 15.34 74.81
CA GLU K 68 -63.61 14.80 75.88
C GLU K 68 -64.17 13.53 76.51
N GLY K 69 -63.27 12.59 76.80
CA GLY K 69 -63.66 11.34 77.43
C GLY K 69 -64.59 10.38 76.72
N ASP K 70 -64.87 10.63 75.45
CA ASP K 70 -65.76 9.75 74.70
C ASP K 70 -65.02 8.56 74.13
N LYS K 71 -65.74 7.45 74.02
CA LYS K 71 -65.16 6.20 73.49
C LYS K 71 -66.15 5.50 72.55
N VAL K 72 -65.71 5.21 71.33
CA VAL K 72 -66.57 4.53 70.35
C VAL K 72 -65.82 3.48 69.53
N TYR K 73 -66.59 2.58 68.90
CA TYR K 73 -65.98 1.56 68.07
C TYR K 73 -66.66 1.52 66.71
N ALA K 74 -66.00 0.91 65.74
CA ALA K 74 -66.56 0.80 64.40
C ALA K 74 -66.34 -0.61 63.88
N ASN K 75 -67.44 -1.26 63.52
CA ASN K 75 -67.34 -2.63 63.02
C ASN K 75 -67.23 -2.68 61.50
N ASN K 76 -66.29 -3.46 60.99
CA ASN K 76 -66.13 -3.59 59.54
C ASN K 76 -66.62 -4.96 59.10
N ARG K 77 -67.90 -5.01 58.73
CA ARG K 77 -68.54 -6.23 58.29
C ARG K 77 -68.15 -7.42 59.14
N GLY K 78 -67.98 -7.17 60.44
CA GLY K 78 -67.66 -8.22 61.38
C GLY K 78 -66.26 -8.78 61.31
N LYS K 79 -65.55 -8.49 60.23
CA LYS K 79 -64.19 -9.00 60.06
C LYS K 79 -63.15 -8.09 60.70
N GLY K 80 -63.50 -6.82 60.89
CA GLY K 80 -62.56 -5.88 61.46
C GLY K 80 -63.12 -5.00 62.55
N LEU K 81 -62.24 -4.46 63.38
CA LEU K 81 -62.65 -3.60 64.49
C LEU K 81 -61.66 -2.50 64.81
N ILE K 82 -62.20 -1.31 65.07
CA ILE K 82 -61.38 -0.16 65.40
C ILE K 82 -62.01 0.64 66.54
N MET K 83 -61.23 0.92 67.59
CA MET K 83 -61.72 1.63 68.77
C MET K 83 -61.06 2.99 68.96
N PHE K 84 -61.86 3.97 69.41
CA PHE K 84 -61.40 5.33 69.64
C PHE K 84 -61.52 5.72 71.09
N LEU K 85 -60.84 6.79 71.46
CA LEU K 85 -60.86 7.32 72.83
C LEU K 85 -60.42 8.78 72.74
N ILE K 86 -61.39 9.69 72.67
CA ILE K 86 -61.07 11.10 72.58
C ILE K 86 -60.34 11.64 73.80
N GLY K 87 -59.41 12.56 73.54
CA GLY K 87 -58.62 13.16 74.62
C GLY K 87 -58.74 14.67 74.62
N LYS K 88 -58.08 15.30 75.59
CA LYS K 88 -58.11 16.76 75.73
C LYS K 88 -57.83 17.48 74.42
N GLU K 89 -56.58 17.38 73.94
CA GLU K 89 -56.19 18.02 72.70
C GLU K 89 -57.11 17.62 71.55
N PRO K 90 -57.12 18.43 70.47
CA PRO K 90 -57.96 18.19 69.29
C PRO K 90 -57.37 17.10 68.38
N LEU K 91 -58.22 16.46 67.58
CA LEU K 91 -57.76 15.41 66.69
C LEU K 91 -56.65 15.93 65.78
N TYR K 92 -56.87 17.12 65.24
CA TYR K 92 -55.92 17.76 64.35
C TYR K 92 -54.47 17.66 64.89
N THR K 93 -54.33 17.51 66.20
CA THR K 93 -53.02 17.40 66.83
C THR K 93 -52.29 16.14 66.36
N GLY K 94 -52.90 14.99 66.61
CA GLY K 94 -52.31 13.73 66.22
C GLY K 94 -53.05 12.56 66.85
N PHE K 95 -52.47 11.36 66.79
CA PHE K 95 -53.11 10.20 67.37
C PHE K 95 -52.09 9.30 68.03
N LYS K 96 -52.60 8.33 68.79
CA LYS K 96 -51.76 7.34 69.44
C LYS K 96 -52.40 6.01 69.02
N ILE K 97 -51.97 5.47 67.89
CA ILE K 97 -52.53 4.24 67.38
C ILE K 97 -51.82 2.95 67.79
N LEU K 98 -52.62 1.90 67.96
CA LEU K 98 -52.12 0.57 68.28
C LEU K 98 -52.76 -0.35 67.24
N GLY K 99 -51.94 -1.03 66.46
CA GLY K 99 -52.50 -1.92 65.45
C GLY K 99 -52.09 -3.38 65.56
N ALA K 100 -52.93 -4.25 65.00
CA ALA K 100 -52.67 -5.68 65.03
C ALA K 100 -53.69 -6.43 64.17
N HIS K 101 -53.27 -7.56 63.59
CA HIS K 101 -54.18 -8.35 62.77
C HIS K 101 -54.74 -9.46 63.63
N ILE K 102 -56.02 -9.78 63.44
CA ILE K 102 -56.65 -10.81 64.23
C ILE K 102 -56.78 -12.16 63.54
N ASP K 103 -56.44 -12.19 62.25
CA ASP K 103 -56.52 -13.43 61.47
C ASP K 103 -55.28 -14.30 61.70
N SER K 104 -55.43 -15.60 61.45
CA SER K 104 -54.34 -16.55 61.61
C SER K 104 -54.42 -17.69 60.64
N PRO K 105 -53.26 -18.22 60.21
CA PRO K 105 -53.22 -19.32 59.26
C PRO K 105 -54.06 -20.50 59.70
N ARG K 106 -54.71 -21.13 58.74
CA ARG K 106 -55.59 -22.27 59.01
C ARG K 106 -56.09 -22.90 57.72
N LEU K 107 -56.82 -24.01 57.87
CA LEU K 107 -57.37 -24.70 56.71
C LEU K 107 -58.81 -24.24 56.60
N ASP K 108 -59.41 -24.38 55.42
CA ASP K 108 -60.80 -23.98 55.25
C ASP K 108 -61.46 -24.47 53.98
N LEU K 109 -62.57 -25.19 54.20
CA LEU K 109 -63.40 -25.81 53.16
C LEU K 109 -63.58 -25.02 51.85
N LYS K 110 -63.49 -25.71 50.72
CA LYS K 110 -63.66 -25.06 49.42
C LYS K 110 -65.13 -24.68 49.20
N GLN K 111 -65.45 -24.28 47.98
CA GLN K 111 -66.82 -23.91 47.62
C GLN K 111 -67.71 -25.13 47.60
N ASN K 112 -67.14 -26.29 47.25
CA ASN K 112 -67.88 -27.55 47.18
C ASN K 112 -67.05 -28.61 47.89
N PRO K 113 -66.83 -28.42 49.21
CA PRO K 113 -66.05 -29.32 50.07
C PRO K 113 -66.57 -30.75 50.27
N LEU K 114 -67.87 -30.93 50.32
CA LEU K 114 -68.42 -32.26 50.56
C LEU K 114 -68.38 -33.17 49.34
N TYR K 115 -67.70 -34.30 49.49
CA TYR K 115 -67.58 -35.30 48.43
C TYR K 115 -67.32 -36.65 49.09
N GLU K 116 -67.58 -37.73 48.37
CA GLU K 116 -67.39 -39.06 48.92
C GLU K 116 -66.45 -39.91 48.09
N ASP K 117 -65.36 -40.36 48.68
CA ASP K 117 -64.40 -41.18 47.96
C ASP K 117 -64.16 -42.50 48.68
N THR K 118 -64.48 -43.59 48.02
CA THR K 118 -64.29 -44.92 48.59
C THR K 118 -65.01 -45.00 49.93
N ASP K 119 -66.30 -45.28 49.88
CA ASP K 119 -67.10 -45.39 51.09
C ASP K 119 -67.13 -44.09 51.84
N LEU K 120 -66.27 -43.93 52.85
CA LEU K 120 -66.26 -42.68 53.63
C LEU K 120 -66.32 -41.38 52.82
N ALA K 121 -66.77 -40.31 53.46
CA ALA K 121 -66.89 -39.02 52.80
C ALA K 121 -65.98 -37.93 53.40
N MET K 122 -65.14 -37.33 52.55
CA MET K 122 -64.26 -36.28 52.98
C MET K 122 -64.83 -34.87 52.78
N LEU K 123 -63.95 -33.89 52.96
CA LEU K 123 -64.27 -32.48 52.84
C LEU K 123 -63.07 -31.72 52.27
N GLU K 124 -63.19 -31.22 51.05
CA GLU K 124 -62.09 -30.46 50.42
C GLU K 124 -61.71 -29.25 51.25
N THR K 125 -60.43 -28.89 51.22
CA THR K 125 -59.92 -27.75 51.97
C THR K 125 -58.96 -26.97 51.11
N HIS K 126 -58.38 -25.92 51.69
CA HIS K 126 -57.47 -25.08 50.95
C HIS K 126 -56.82 -24.17 51.97
N TYR K 127 -55.67 -24.57 52.49
CA TYR K 127 -55.00 -23.78 53.52
C TYR K 127 -54.91 -22.29 53.21
N TYR K 128 -54.91 -21.51 54.28
CA TYR K 128 -54.84 -20.08 54.18
C TYR K 128 -53.77 -19.49 55.10
N GLY K 129 -53.04 -18.50 54.60
CA GLY K 129 -52.03 -17.85 55.42
C GLY K 129 -50.61 -18.38 55.25
N GLY K 130 -50.47 -19.56 54.65
CA GLY K 130 -49.15 -20.10 54.47
C GLY K 130 -48.65 -20.83 55.71
N ILE K 131 -49.27 -21.98 55.98
CA ILE K 131 -48.87 -22.79 57.11
C ILE K 131 -47.67 -23.56 56.64
N LYS K 132 -47.38 -23.43 55.34
CA LYS K 132 -46.26 -24.07 54.64
C LYS K 132 -45.90 -25.46 55.16
N LYS K 133 -45.64 -25.54 56.47
CA LYS K 133 -45.33 -26.80 57.09
C LYS K 133 -46.69 -27.48 57.25
N TYR K 134 -47.05 -28.31 56.28
CA TYR K 134 -48.31 -28.99 56.33
C TYR K 134 -48.35 -30.09 57.37
N GLN K 135 -47.60 -29.94 58.46
CA GLN K 135 -47.64 -30.93 59.53
C GLN K 135 -48.86 -30.53 60.39
N TRP K 136 -49.99 -30.46 59.72
CA TRP K 136 -51.28 -30.10 60.27
C TRP K 136 -52.14 -31.35 60.23
N VAL K 137 -51.52 -32.49 59.99
CA VAL K 137 -52.27 -33.72 59.88
C VAL K 137 -52.74 -34.31 61.20
N THR K 138 -52.38 -35.56 61.43
CA THR K 138 -52.73 -36.30 62.62
C THR K 138 -53.48 -35.63 63.78
N LEU K 139 -53.01 -34.48 64.27
CA LEU K 139 -53.68 -33.84 65.40
C LEU K 139 -55.16 -33.46 65.12
N PRO K 140 -56.01 -33.52 66.18
CA PRO K 140 -57.46 -33.22 66.19
C PRO K 140 -57.86 -31.80 65.76
N LEU K 141 -58.85 -31.72 64.88
CA LEU K 141 -59.34 -30.44 64.39
C LEU K 141 -60.80 -30.16 64.73
N ALA K 142 -61.15 -28.87 64.74
CA ALA K 142 -62.52 -28.41 65.05
C ALA K 142 -63.01 -27.50 63.93
N ILE K 143 -64.31 -27.49 63.70
CA ILE K 143 -64.85 -26.63 62.65
C ILE K 143 -65.52 -25.39 63.20
N HIS K 144 -65.19 -24.24 62.61
CA HIS K 144 -65.78 -22.96 63.01
C HIS K 144 -66.32 -22.29 61.77
N GLY K 145 -66.57 -20.98 61.87
CA GLY K 145 -67.09 -20.26 60.73
C GLY K 145 -68.60 -20.09 60.72
N VAL K 146 -69.14 -19.76 59.56
CA VAL K 146 -70.57 -19.52 59.41
C VAL K 146 -71.09 -19.89 58.01
N ILE K 147 -72.35 -20.27 57.92
CA ILE K 147 -72.94 -20.61 56.63
C ILE K 147 -74.12 -19.68 56.39
N VAL K 148 -74.23 -19.17 55.16
CA VAL K 148 -75.32 -18.27 54.83
C VAL K 148 -76.36 -18.88 53.88
N LYS K 149 -77.59 -18.98 54.36
CA LYS K 149 -78.69 -19.52 53.58
C LYS K 149 -78.94 -18.59 52.41
N LYS K 150 -79.62 -19.08 51.38
CA LYS K 150 -79.91 -18.26 50.21
C LYS K 150 -80.75 -17.03 50.64
N ASP K 151 -81.62 -17.23 51.63
CA ASP K 151 -82.49 -16.16 52.12
C ASP K 151 -81.72 -15.13 52.95
N GLY K 152 -80.48 -15.46 53.33
CA GLY K 152 -79.68 -14.54 54.11
C GLY K 152 -79.51 -14.89 55.57
N THR K 153 -80.12 -16.00 56.00
CA THR K 153 -80.02 -16.42 57.39
C THR K 153 -78.61 -16.86 57.71
N ILE K 154 -78.01 -16.25 58.73
CA ILE K 154 -76.66 -16.59 59.12
C ILE K 154 -76.65 -17.66 60.21
N VAL K 155 -76.12 -18.84 59.89
CA VAL K 155 -76.05 -19.94 60.85
C VAL K 155 -74.62 -20.08 61.35
N ASN K 156 -74.46 -20.22 62.67
CA ASN K 156 -73.12 -20.34 63.25
C ASN K 156 -72.73 -21.79 63.46
N VAL K 157 -71.51 -22.13 63.06
CA VAL K 157 -71.00 -23.51 63.20
C VAL K 157 -69.79 -23.51 64.12
N CYS K 158 -69.80 -24.44 65.07
CA CYS K 158 -68.70 -24.57 66.03
C CYS K 158 -68.70 -26.01 66.54
N VAL K 159 -68.04 -26.89 65.80
CA VAL K 159 -67.98 -28.30 66.17
C VAL K 159 -66.58 -28.73 66.55
N GLY K 160 -66.47 -29.50 67.64
CA GLY K 160 -65.18 -29.99 68.08
C GLY K 160 -64.58 -29.28 69.28
N GLU K 161 -65.26 -28.26 69.79
CA GLU K 161 -64.74 -27.53 70.94
C GLU K 161 -65.17 -28.12 72.28
N ASP K 162 -66.47 -28.39 72.45
CA ASP K 162 -66.97 -28.98 73.70
C ASP K 162 -66.43 -30.40 73.87
N ASP K 163 -66.17 -30.79 75.11
CA ASP K 163 -65.65 -32.11 75.38
C ASP K 163 -66.57 -33.22 74.90
N ASN K 164 -67.75 -32.85 74.42
CA ASN K 164 -68.72 -33.85 73.93
C ASN K 164 -68.96 -33.78 72.43
N ASP K 165 -68.32 -32.81 71.77
CA ASP K 165 -68.46 -32.66 70.33
C ASP K 165 -67.48 -33.59 69.63
N PRO K 166 -67.84 -34.08 68.45
CA PRO K 166 -66.94 -34.97 67.73
C PRO K 166 -65.82 -34.09 67.18
N VAL K 167 -64.75 -34.71 66.69
CA VAL K 167 -63.63 -33.95 66.15
C VAL K 167 -63.34 -34.37 64.71
N PHE K 168 -62.39 -33.68 64.07
CA PHE K 168 -62.02 -33.98 62.71
C PHE K 168 -60.50 -33.93 62.52
N GLY K 169 -60.04 -34.32 61.34
CA GLY K 169 -58.62 -34.29 61.10
C GLY K 169 -58.21 -34.80 59.73
N VAL K 170 -56.93 -34.61 59.41
CA VAL K 170 -56.38 -35.04 58.14
C VAL K 170 -55.55 -36.29 58.36
N SER K 171 -55.72 -37.28 57.50
CA SER K 171 -54.98 -38.53 57.62
C SER K 171 -53.61 -38.47 56.95
N ASP K 172 -52.78 -39.47 57.25
CA ASP K 172 -51.44 -39.56 56.69
C ASP K 172 -50.98 -41.01 56.72
N ILE K 173 -50.50 -41.52 55.58
CA ILE K 173 -50.04 -42.89 55.48
C ILE K 173 -49.24 -43.36 56.68
N LEU K 174 -49.45 -44.61 57.06
CA LEU K 174 -48.70 -45.16 58.19
C LEU K 174 -47.24 -45.31 57.76
N VAL K 175 -46.33 -45.20 58.72
CA VAL K 175 -44.90 -45.31 58.43
C VAL K 175 -44.54 -46.62 57.72
N HIS K 176 -45.33 -47.66 57.99
CA HIS K 176 -45.07 -48.95 57.40
C HIS K 176 -45.07 -48.91 55.88
N LEU K 177 -45.87 -48.02 55.30
CA LEU K 177 -45.94 -47.92 53.84
C LEU K 177 -45.58 -46.53 53.35
N ALA K 178 -45.01 -45.71 54.24
CA ALA K 178 -44.65 -44.35 53.88
C ALA K 178 -43.29 -44.27 53.23
N SER K 179 -42.71 -45.43 52.96
CA SER K 179 -41.40 -45.51 52.33
C SER K 179 -41.27 -44.66 51.07
N GLU K 180 -42.22 -44.81 50.15
CA GLU K 180 -42.21 -44.06 48.90
C GLU K 180 -42.34 -42.55 49.13
N GLN K 181 -42.79 -42.16 50.31
CA GLN K 181 -42.96 -40.75 50.67
C GLN K 181 -41.70 -40.25 51.40
N LEU K 182 -40.67 -39.93 50.62
CA LEU K 182 -39.39 -39.46 51.17
C LEU K 182 -38.85 -38.22 50.44
N GLU K 183 -39.17 -38.09 49.16
CA GLU K 183 -38.68 -36.97 48.39
C GLU K 183 -39.11 -35.62 48.96
N LYS K 184 -38.14 -34.71 49.08
CA LYS K 184 -38.34 -33.36 49.57
C LYS K 184 -39.30 -33.16 50.73
N LYS K 185 -38.76 -32.86 51.92
CA LYS K 185 -39.61 -32.60 53.08
C LYS K 185 -40.42 -31.36 52.72
N ALA K 186 -39.82 -30.55 51.85
CA ALA K 186 -40.43 -29.30 51.36
C ALA K 186 -41.90 -29.51 51.16
N SER K 187 -42.27 -30.70 50.73
CA SER K 187 -43.66 -31.01 50.52
C SER K 187 -43.92 -32.39 49.94
N LYS K 188 -44.46 -33.27 50.79
CA LYS K 188 -44.85 -34.61 50.36
C LYS K 188 -46.22 -34.85 50.99
N VAL K 189 -46.80 -33.75 51.49
CA VAL K 189 -48.14 -33.71 52.10
C VAL K 189 -48.58 -32.32 51.68
N ILE K 190 -49.45 -32.20 50.67
CA ILE K 190 -49.84 -30.85 50.25
C ILE K 190 -51.21 -30.70 49.58
N GLU K 191 -51.87 -31.82 49.30
CA GLU K 191 -53.19 -31.78 48.62
C GLU K 191 -54.17 -30.81 49.25
N GLY K 192 -55.39 -30.81 48.74
CA GLY K 192 -56.44 -29.97 49.30
C GLY K 192 -57.76 -30.71 49.29
N GLU K 193 -57.67 -32.02 49.42
CA GLU K 193 -58.83 -32.87 49.38
C GLU K 193 -58.67 -33.89 50.47
N ASP K 194 -58.40 -33.35 51.67
CA ASP K 194 -58.17 -34.16 52.87
C ASP K 194 -59.27 -33.95 53.88
N LEU K 195 -59.18 -34.62 55.02
CA LEU K 195 -60.18 -34.44 56.07
C LEU K 195 -61.55 -35.09 55.91
N ASN K 196 -61.68 -36.31 56.44
CA ASN K 196 -62.95 -37.03 56.35
C ASN K 196 -63.86 -36.70 57.53
N ILE K 197 -65.12 -36.44 57.20
CA ILE K 197 -66.10 -36.10 58.21
C ILE K 197 -67.06 -37.20 58.60
N LEU K 198 -66.95 -38.35 57.94
CA LEU K 198 -67.84 -39.43 58.32
C LEU K 198 -67.57 -40.74 57.60
N ILE K 199 -67.59 -41.80 58.39
CA ILE K 199 -67.37 -43.15 57.87
C ILE K 199 -68.72 -43.84 57.84
N GLY K 200 -68.69 -45.11 57.46
CA GLY K 200 -69.88 -45.92 57.37
C GLY K 200 -71.18 -45.16 57.52
N SER K 201 -71.95 -45.50 58.56
CA SER K 201 -73.23 -44.87 58.82
C SER K 201 -73.76 -44.50 57.44
N ILE K 202 -73.79 -45.51 56.60
CA ILE K 202 -74.22 -45.40 55.22
C ILE K 202 -75.55 -46.14 55.08
N PRO K 203 -76.62 -45.41 54.70
CA PRO K 203 -76.65 -43.96 54.55
C PRO K 203 -77.92 -43.44 55.20
N LEU K 204 -78.70 -42.68 54.45
CA LEU K 204 -79.96 -42.12 54.94
C LEU K 204 -81.09 -43.05 54.47
N LYS K 205 -81.78 -43.68 55.43
CA LYS K 205 -82.89 -44.59 55.15
C LYS K 205 -82.48 -45.67 54.13
N ASP K 206 -81.18 -45.72 53.86
CA ASP K 206 -80.62 -46.69 52.91
C ASP K 206 -81.40 -46.74 51.60
N GLY K 207 -81.75 -45.56 51.10
CA GLY K 207 -82.50 -45.46 49.86
C GLY K 207 -81.63 -45.41 48.63
N GLU K 208 -80.67 -46.33 48.54
CA GLU K 208 -79.76 -46.40 47.40
C GLU K 208 -78.98 -45.10 47.18
N GLU K 209 -78.67 -44.82 45.91
CA GLU K 209 -77.93 -43.63 45.50
C GLU K 209 -76.43 -43.76 45.82
N LYS K 210 -75.66 -44.19 44.83
CA LYS K 210 -74.21 -44.39 44.94
C LYS K 210 -73.54 -43.76 46.15
N GLN K 211 -73.51 -42.43 46.18
CA GLN K 211 -72.88 -41.70 47.29
C GLN K 211 -73.71 -41.78 48.56
N LYS K 212 -73.81 -42.97 49.13
CA LYS K 212 -74.62 -43.13 50.33
C LYS K 212 -74.01 -42.44 51.55
N VAL K 213 -72.75 -42.73 51.85
CA VAL K 213 -72.09 -42.11 53.00
C VAL K 213 -72.24 -40.59 52.96
N LYS K 214 -72.09 -40.03 51.77
CA LYS K 214 -72.22 -38.61 51.59
C LYS K 214 -73.65 -38.21 51.87
N HIS K 215 -74.56 -38.80 51.12
CA HIS K 215 -75.99 -38.50 51.27
C HIS K 215 -76.39 -38.48 52.75
N ASN K 216 -75.89 -39.44 53.51
CA ASN K 216 -76.22 -39.52 54.91
C ASN K 216 -75.75 -38.31 55.69
N ILE K 217 -74.50 -37.93 55.49
CA ILE K 217 -73.94 -36.80 56.23
C ILE K 217 -74.66 -35.49 55.90
N MET K 218 -75.00 -35.31 54.63
CA MET K 218 -75.68 -34.09 54.22
C MET K 218 -76.98 -34.02 55.00
N LYS K 219 -77.66 -35.16 55.09
CA LYS K 219 -78.93 -35.23 55.83
C LYS K 219 -78.70 -34.93 57.31
N ILE K 220 -77.62 -35.48 57.85
CA ILE K 220 -77.28 -35.24 59.25
C ILE K 220 -76.98 -33.78 59.44
N LEU K 221 -76.28 -33.22 58.47
CA LEU K 221 -75.91 -31.81 58.50
C LEU K 221 -77.16 -30.97 58.24
N ASN K 222 -78.20 -31.60 57.71
CA ASN K 222 -79.44 -30.90 57.42
C ASN K 222 -80.31 -30.77 58.65
N GLU K 223 -80.35 -31.82 59.46
CA GLU K 223 -81.14 -31.81 60.69
C GLU K 223 -80.67 -30.64 61.54
N LYS K 224 -79.36 -30.57 61.82
CA LYS K 224 -78.84 -29.44 62.57
C LYS K 224 -78.77 -28.38 61.51
N TYR K 225 -78.82 -27.11 61.89
CA TYR K 225 -78.78 -26.04 60.90
C TYR K 225 -79.97 -26.20 59.97
N ASP K 226 -79.76 -26.01 58.68
CA ASP K 226 -80.85 -26.15 57.72
C ASP K 226 -80.29 -25.88 56.34
N ILE K 227 -79.07 -26.35 56.11
CA ILE K 227 -78.41 -26.14 54.84
C ILE K 227 -78.63 -27.28 53.86
N SER K 228 -78.13 -27.08 52.64
CA SER K 228 -78.22 -28.09 51.59
C SER K 228 -76.80 -28.24 51.10
N GLU K 229 -76.55 -29.12 50.14
CA GLU K 229 -75.18 -29.29 49.64
C GLU K 229 -74.70 -27.94 49.13
N GLU K 230 -75.63 -27.13 48.59
CA GLU K 230 -75.28 -25.79 48.13
C GLU K 230 -75.08 -25.04 49.41
N ASP K 231 -75.23 -23.72 49.42
CA ASP K 231 -75.04 -22.97 50.67
C ASP K 231 -73.56 -22.93 51.04
N PHE K 232 -72.87 -24.06 50.86
CA PHE K 232 -71.44 -24.13 51.14
C PHE K 232 -70.79 -23.08 50.26
N VAL K 233 -71.39 -22.86 49.08
CA VAL K 233 -70.90 -21.87 48.16
C VAL K 233 -70.85 -20.52 48.84
N SER K 234 -71.86 -20.25 49.67
CA SER K 234 -71.93 -18.99 50.40
C SER K 234 -71.67 -19.25 51.87
N ALA K 235 -70.69 -20.10 52.15
CA ALA K 235 -70.35 -20.45 53.51
C ALA K 235 -68.98 -19.91 53.91
N GLU K 236 -68.60 -20.16 55.17
CA GLU K 236 -67.33 -19.68 55.66
C GLU K 236 -66.47 -20.75 56.30
N LEU K 237 -65.73 -21.41 55.42
CA LEU K 237 -64.77 -22.46 55.70
C LEU K 237 -63.88 -22.12 56.92
N GLU K 238 -63.75 -23.03 57.88
CA GLU K 238 -62.90 -22.74 59.03
C GLU K 238 -62.48 -23.96 59.83
N ILE K 239 -61.30 -24.50 59.52
CA ILE K 239 -60.79 -25.65 60.26
C ILE K 239 -59.64 -25.21 61.12
N VAL K 240 -59.75 -25.52 62.40
CA VAL K 240 -58.73 -25.11 63.35
C VAL K 240 -58.50 -26.19 64.41
N PRO K 241 -57.29 -26.25 64.97
CA PRO K 241 -57.05 -27.28 65.99
C PRO K 241 -58.04 -27.16 67.14
N ALA K 242 -58.49 -28.29 67.66
CA ALA K 242 -59.44 -28.30 68.76
C ALA K 242 -58.72 -28.31 70.11
N GLY K 243 -59.39 -27.81 71.15
CA GLY K 243 -58.80 -27.76 72.48
C GLY K 243 -58.52 -26.34 72.97
N LYS K 244 -58.63 -26.13 74.28
CA LYS K 244 -58.40 -24.83 74.87
C LYS K 244 -56.90 -24.64 74.99
N ALA K 245 -56.45 -23.38 75.02
CA ALA K 245 -55.03 -23.09 75.18
C ALA K 245 -54.68 -23.61 76.56
N ARG K 246 -53.42 -23.92 76.82
CA ARG K 246 -53.05 -24.46 78.12
C ARG K 246 -51.79 -23.84 78.72
N ASP K 247 -51.50 -24.20 79.97
CA ASP K 247 -50.29 -23.73 80.64
C ASP K 247 -49.15 -24.57 80.09
N TYR K 248 -48.11 -23.92 79.59
CA TYR K 248 -47.00 -24.68 79.05
C TYR K 248 -45.79 -24.64 79.99
N GLY K 249 -45.25 -25.83 80.27
CA GLY K 249 -44.09 -25.93 81.13
C GLY K 249 -44.34 -26.31 82.58
N PHE K 250 -43.36 -26.98 83.19
CA PHE K 250 -43.46 -27.39 84.57
C PHE K 250 -43.64 -26.22 85.52
N ASP K 251 -43.22 -25.03 85.12
CA ASP K 251 -43.35 -23.88 85.98
C ASP K 251 -44.45 -22.95 85.50
N ARG K 252 -45.29 -23.46 84.61
CA ARG K 252 -46.41 -22.67 84.07
C ARG K 252 -46.01 -21.27 83.63
N SER K 253 -44.79 -21.13 83.12
CA SER K 253 -44.31 -19.84 82.69
C SER K 253 -44.72 -19.43 81.28
N MET K 254 -45.09 -20.41 80.47
CA MET K 254 -45.49 -20.14 79.09
C MET K 254 -46.91 -20.60 78.83
N VAL K 255 -47.40 -20.26 77.64
CA VAL K 255 -48.76 -20.61 77.22
C VAL K 255 -48.75 -21.22 75.80
N MET K 256 -49.35 -22.40 75.67
CA MET K 256 -49.42 -23.08 74.40
C MET K 256 -50.83 -22.96 73.85
N GLY K 257 -50.97 -22.49 72.61
CA GLY K 257 -52.29 -22.34 72.02
C GLY K 257 -52.28 -21.91 70.57
N TYR K 258 -53.41 -22.07 69.91
CA TYR K 258 -53.56 -21.70 68.51
C TYR K 258 -53.85 -20.22 68.39
N GLY K 259 -53.45 -19.63 67.27
CA GLY K 259 -53.72 -18.23 67.04
C GLY K 259 -52.77 -17.25 67.72
N GLN K 260 -51.95 -17.75 68.64
CA GLN K 260 -50.99 -16.90 69.34
C GLN K 260 -50.47 -15.78 68.42
N ASP K 261 -50.22 -16.12 67.15
CA ASP K 261 -49.71 -15.17 66.18
C ASP K 261 -50.54 -13.91 66.11
N ASP K 262 -49.96 -12.86 66.69
CA ASP K 262 -50.50 -11.52 66.76
C ASP K 262 -51.79 -11.39 67.54
N ARG K 263 -52.57 -12.47 67.58
CA ARG K 263 -53.81 -12.42 68.33
C ARG K 263 -53.45 -12.12 69.78
N ILE K 264 -52.22 -12.44 70.15
CA ILE K 264 -51.74 -12.19 71.50
C ILE K 264 -51.49 -10.70 71.64
N CYS K 265 -50.95 -10.10 70.58
CA CYS K 265 -50.69 -8.67 70.60
C CYS K 265 -52.03 -7.94 70.52
N ALA K 266 -52.91 -8.46 69.68
CA ALA K 266 -54.21 -7.87 69.49
C ALA K 266 -54.95 -7.81 70.81
N TYR K 267 -54.62 -8.74 71.71
CA TYR K 267 -55.28 -8.79 73.01
C TYR K 267 -54.67 -7.80 73.98
N THR K 268 -53.37 -7.92 74.21
CA THR K 268 -52.70 -7.02 75.11
C THR K 268 -52.99 -5.59 74.67
N SER K 269 -52.92 -5.34 73.37
CA SER K 269 -53.21 -4.00 72.88
C SER K 269 -54.62 -3.61 73.25
N PHE K 270 -55.50 -4.60 73.30
CA PHE K 270 -56.88 -4.36 73.65
C PHE K 270 -57.01 -3.91 75.10
N GLU K 271 -56.61 -4.79 76.02
CA GLU K 271 -56.69 -4.47 77.42
C GLU K 271 -56.02 -3.15 77.69
N ALA K 272 -54.83 -2.97 77.16
CA ALA K 272 -54.12 -1.71 77.37
C ALA K 272 -55.05 -0.56 76.96
N MET K 273 -55.54 -0.61 75.72
CA MET K 273 -56.43 0.42 75.22
C MET K 273 -57.72 0.52 76.03
N LEU K 274 -58.22 -0.63 76.46
CA LEU K 274 -59.46 -0.65 77.22
C LEU K 274 -59.37 0.06 78.57
N GLU K 275 -58.44 -0.38 79.41
CA GLU K 275 -58.30 0.24 80.73
C GLU K 275 -57.50 1.55 80.71
N MET K 276 -57.62 2.27 79.59
CA MET K 276 -56.91 3.52 79.42
C MET K 276 -57.84 4.69 79.69
N LYS K 277 -57.70 5.30 80.86
CA LYS K 277 -58.53 6.43 81.25
C LYS K 277 -57.73 7.73 81.29
N ASN K 278 -58.43 8.86 81.12
CA ASN K 278 -57.78 10.16 81.14
C ASN K 278 -56.79 10.25 79.98
N ALA K 279 -57.29 10.60 78.80
CA ALA K 279 -56.45 10.68 77.62
C ALA K 279 -56.06 12.11 77.29
N LYS K 280 -54.77 12.34 77.06
CA LYS K 280 -54.29 13.67 76.72
C LYS K 280 -54.50 13.85 75.23
N LYS K 281 -54.01 12.90 74.44
CA LYS K 281 -54.17 12.95 72.98
C LYS K 281 -54.98 11.73 72.53
N THR K 282 -56.03 11.97 71.76
CA THR K 282 -56.90 10.91 71.27
C THR K 282 -56.13 9.71 70.70
N CYS K 283 -56.37 8.54 71.29
CA CYS K 283 -55.70 7.31 70.87
C CYS K 283 -56.67 6.27 70.35
N ILE K 284 -56.21 5.47 69.38
CA ILE K 284 -57.07 4.46 68.77
C ILE K 284 -56.44 3.10 68.51
N THR K 285 -57.28 2.06 68.61
CA THR K 285 -56.84 0.69 68.42
C THR K 285 -57.45 0.07 67.18
N ILE K 286 -56.59 -0.48 66.33
CA ILE K 286 -57.05 -1.09 65.09
C ILE K 286 -56.80 -2.59 65.09
N LEU K 287 -57.76 -3.33 64.58
CA LEU K 287 -57.67 -4.78 64.51
C LEU K 287 -58.25 -5.27 63.20
N VAL K 288 -57.37 -5.55 62.23
CA VAL K 288 -57.81 -6.01 60.92
C VAL K 288 -57.38 -7.43 60.64
N ASP K 289 -57.72 -7.93 59.45
CA ASP K 289 -57.33 -9.28 59.08
C ASP K 289 -56.66 -9.31 57.71
N LYS K 290 -56.59 -10.50 57.13
CA LYS K 290 -55.98 -10.71 55.82
C LYS K 290 -54.49 -10.39 55.81
N GLU K 291 -53.92 -10.15 56.98
CA GLU K 291 -52.49 -9.84 57.06
C GLU K 291 -51.68 -11.04 56.60
N GLU K 292 -51.99 -12.21 57.16
CA GLU K 292 -51.27 -13.43 56.84
C GLU K 292 -51.42 -13.83 55.37
N VAL K 293 -52.33 -13.16 54.66
CA VAL K 293 -52.54 -13.49 53.25
C VAL K 293 -52.08 -12.38 52.30
N GLY K 294 -51.56 -11.28 52.84
CA GLY K 294 -51.08 -10.20 51.99
C GLY K 294 -51.61 -8.84 52.37
N SER K 295 -52.64 -8.82 53.20
CA SER K 295 -53.26 -7.57 53.68
C SER K 295 -53.99 -6.85 52.56
N ILE K 296 -54.57 -7.61 51.63
CA ILE K 296 -55.32 -7.02 50.53
C ILE K 296 -56.50 -6.19 51.01
N GLY K 297 -57.18 -5.56 50.06
CA GLY K 297 -58.32 -4.71 50.37
C GLY K 297 -59.51 -5.37 51.06
N ALA K 298 -60.59 -4.60 51.17
CA ALA K 298 -61.83 -5.04 51.79
C ALA K 298 -61.78 -4.99 53.31
N THR K 299 -60.82 -5.70 53.91
CA THR K 299 -60.69 -5.75 55.36
C THR K 299 -59.25 -5.77 55.91
N GLY K 300 -58.34 -5.07 55.23
CA GLY K 300 -56.95 -5.01 55.68
C GLY K 300 -56.21 -3.73 55.34
N MET K 301 -56.08 -3.45 54.05
CA MET K 301 -55.41 -2.25 53.56
C MET K 301 -56.50 -1.26 53.15
N GLN K 302 -57.74 -1.66 53.39
CA GLN K 302 -58.92 -0.87 53.07
C GLN K 302 -58.84 0.58 53.60
N SER K 303 -59.88 1.34 53.28
CA SER K 303 -59.98 2.72 53.73
C SER K 303 -60.84 2.80 54.98
N LYS K 304 -61.34 1.65 55.41
CA LYS K 304 -62.19 1.54 56.60
C LYS K 304 -61.67 2.41 57.72
N PHE K 305 -60.36 2.53 57.83
CA PHE K 305 -59.74 3.36 58.86
C PHE K 305 -59.71 4.81 58.39
N PHE K 306 -59.23 5.00 57.17
CA PHE K 306 -59.13 6.32 56.57
C PHE K 306 -60.50 6.98 56.67
N GLU K 307 -61.44 6.48 55.86
CA GLU K 307 -62.79 7.02 55.84
C GLU K 307 -63.53 6.57 57.10
N ASN K 308 -62.98 6.94 58.24
CA ASN K 308 -63.59 6.59 59.49
C ASN K 308 -63.06 7.53 60.54
N THR K 309 -61.76 7.79 60.47
CA THR K 309 -61.15 8.71 61.39
C THR K 309 -61.80 10.02 61.02
N VAL K 310 -62.17 10.12 59.75
CA VAL K 310 -62.82 11.31 59.25
C VAL K 310 -64.29 11.30 59.70
N ALA K 311 -64.99 10.22 59.37
CA ALA K 311 -66.40 10.11 59.77
C ALA K 311 -66.50 10.38 61.26
N ASP K 312 -65.37 10.23 61.95
CA ASP K 312 -65.31 10.44 63.38
C ASP K 312 -64.86 11.87 63.69
N ILE K 313 -63.95 12.38 62.86
CA ILE K 313 -63.44 13.75 63.01
C ILE K 313 -64.62 14.70 62.78
N MET K 314 -65.61 14.23 62.03
CA MET K 314 -66.80 15.04 61.74
C MET K 314 -67.52 15.46 63.02
N SER K 315 -67.57 14.55 63.99
CA SER K 315 -68.24 14.84 65.26
C SER K 315 -67.24 15.40 66.27
N ASP K 321 -64.02 21.60 61.59
CA ASP K 321 -63.78 20.19 61.90
C ASP K 321 -64.24 19.28 60.76
N GLU K 322 -64.11 19.78 59.53
CA GLU K 322 -64.53 19.01 58.36
C GLU K 322 -63.39 18.73 57.37
N LEU K 323 -63.16 19.70 56.48
CA LEU K 323 -62.13 19.59 55.43
C LEU K 323 -60.85 18.81 55.77
N LYS K 324 -60.38 18.09 54.75
CA LYS K 324 -59.18 17.26 54.82
C LYS K 324 -58.20 17.59 55.93
N LEU K 325 -57.53 18.73 55.83
CA LEU K 325 -56.53 19.14 56.80
C LEU K 325 -55.30 18.22 56.72
N ARG K 326 -55.53 16.92 56.58
CA ARG K 326 -54.47 15.87 56.47
C ARG K 326 -53.64 15.65 57.73
N LYS K 327 -52.98 16.71 58.21
CA LYS K 327 -52.14 16.71 59.39
C LYS K 327 -52.58 15.71 60.47
N ALA K 328 -53.89 15.53 60.62
CA ALA K 328 -54.43 14.63 61.63
C ALA K 328 -53.65 13.33 61.71
N LEU K 329 -53.53 12.64 60.58
CA LEU K 329 -52.80 11.37 60.51
C LEU K 329 -51.28 11.57 60.51
N TYR K 330 -50.80 12.50 59.70
CA TYR K 330 -49.38 12.79 59.59
C TYR K 330 -48.68 12.99 60.94
N ASN K 331 -49.38 13.59 61.89
CA ASN K 331 -48.79 13.84 63.20
C ASN K 331 -49.07 12.76 64.24
N SER K 332 -49.39 11.55 63.81
CA SER K 332 -49.68 10.49 64.76
C SER K 332 -48.50 9.58 64.97
N GLU K 333 -48.58 8.77 66.03
CA GLU K 333 -47.54 7.83 66.38
C GLU K 333 -48.22 6.46 66.51
N MET K 334 -47.74 5.46 65.77
CA MET K 334 -48.32 4.13 65.85
C MET K 334 -47.35 3.09 66.39
N LEU K 335 -47.93 1.97 66.83
CA LEU K 335 -47.16 0.88 67.38
C LEU K 335 -47.71 -0.41 66.77
N SER K 336 -47.61 -0.53 65.44
CA SER K 336 -48.09 -1.72 64.71
C SER K 336 -47.33 -2.93 65.24
N SER K 337 -47.99 -3.76 66.03
CA SER K 337 -47.34 -4.91 66.59
C SER K 337 -47.72 -6.23 65.92
N ASP K 338 -46.82 -7.22 66.02
CA ASP K 338 -47.01 -8.56 65.48
C ASP K 338 -45.91 -9.43 66.09
N VAL K 339 -46.25 -10.68 66.38
CA VAL K 339 -45.30 -11.62 66.96
C VAL K 339 -44.02 -11.78 66.15
N SER K 340 -42.94 -12.08 66.87
CA SER K 340 -41.65 -12.28 66.25
C SER K 340 -41.15 -13.69 66.59
N ALA K 341 -40.11 -14.16 65.90
CA ALA K 341 -39.59 -15.47 66.15
C ALA K 341 -38.61 -15.47 67.31
N ALA K 342 -38.93 -16.24 68.36
CA ALA K 342 -38.06 -16.35 69.52
C ALA K 342 -36.98 -17.38 69.25
N PHE K 343 -35.79 -17.14 69.79
CA PHE K 343 -34.66 -18.05 69.61
C PHE K 343 -35.01 -19.45 70.11
N ASP K 344 -34.94 -20.44 69.23
CA ASP K 344 -35.25 -21.82 69.61
C ASP K 344 -33.96 -22.59 69.80
N PRO K 345 -33.73 -23.11 71.01
CA PRO K 345 -32.52 -23.88 71.29
C PRO K 345 -32.40 -25.16 70.48
N ASN K 346 -33.43 -25.48 69.70
CA ASN K 346 -33.36 -26.68 68.88
C ASN K 346 -32.77 -26.39 67.52
N TYR K 347 -32.95 -25.17 67.03
CA TYR K 347 -32.41 -24.76 65.74
C TYR K 347 -31.77 -23.39 65.91
N PRO K 348 -30.53 -23.36 66.41
CA PRO K 348 -29.79 -22.12 66.63
C PRO K 348 -29.12 -21.49 65.41
N ASN K 349 -28.61 -22.33 64.53
CA ASN K 349 -27.91 -21.88 63.33
C ASN K 349 -28.76 -21.06 62.37
N VAL K 350 -30.04 -20.91 62.68
CA VAL K 350 -30.91 -20.17 61.79
C VAL K 350 -30.97 -18.70 62.19
N MET K 351 -30.51 -18.37 63.39
CA MET K 351 -30.53 -16.99 63.88
C MET K 351 -29.17 -16.50 64.34
N GLU K 352 -29.02 -15.19 64.38
CA GLU K 352 -27.75 -14.56 64.76
C GLU K 352 -27.44 -14.50 66.25
N LYS K 353 -28.21 -15.22 67.07
CA LYS K 353 -27.97 -15.20 68.52
C LYS K 353 -28.24 -13.77 69.01
N ARG K 354 -27.24 -12.90 68.88
CA ARG K 354 -27.42 -11.50 69.25
C ARG K 354 -28.36 -10.96 68.19
N ASN K 355 -29.13 -9.93 68.52
CA ASN K 355 -30.07 -9.37 67.56
C ASN K 355 -31.22 -10.36 67.27
N SER K 356 -31.56 -11.16 68.27
CA SER K 356 -32.63 -12.14 68.14
C SER K 356 -33.46 -12.06 69.40
N ALA K 357 -34.77 -12.17 69.28
CA ALA K 357 -35.65 -12.10 70.45
C ALA K 357 -35.57 -13.37 71.29
N TYR K 358 -35.57 -13.19 72.60
CA TYR K 358 -35.52 -14.34 73.50
C TYR K 358 -36.77 -14.44 74.36
N LEU K 359 -37.17 -15.67 74.64
CA LEU K 359 -38.34 -15.95 75.43
C LEU K 359 -38.27 -15.39 76.83
N GLY K 360 -38.96 -14.27 77.08
CA GLY K 360 -38.96 -13.69 78.41
C GLY K 360 -38.14 -12.44 78.62
N LYS K 361 -37.54 -11.89 77.58
CA LYS K 361 -36.75 -10.68 77.77
C LYS K 361 -37.54 -9.41 77.50
N GLY K 362 -38.85 -9.48 77.67
CA GLY K 362 -39.65 -8.29 77.44
C GLY K 362 -40.27 -8.15 76.07
N ILE K 363 -40.79 -6.96 75.77
CA ILE K 363 -41.42 -6.68 74.50
C ILE K 363 -40.36 -6.54 73.42
N VAL K 364 -40.71 -6.95 72.19
CA VAL K 364 -39.78 -6.90 71.06
C VAL K 364 -39.96 -5.69 70.15
N PHE K 365 -38.84 -5.14 69.69
CA PHE K 365 -38.82 -4.00 68.78
C PHE K 365 -38.07 -4.38 67.53
N ASN K 366 -38.65 -4.04 66.39
CA ASN K 366 -38.03 -4.34 65.10
C ASN K 366 -37.93 -3.09 64.26
N LYS K 367 -36.73 -2.52 64.16
CA LYS K 367 -36.55 -1.31 63.36
C LYS K 367 -36.93 -1.60 61.92
N TYR K 368 -36.42 -2.70 61.39
CA TYR K 368 -36.71 -3.12 60.03
C TYR K 368 -37.01 -4.62 60.01
N THR K 369 -37.70 -5.06 58.97
CA THR K 369 -38.06 -6.46 58.82
C THR K 369 -38.44 -6.77 57.39
N GLY K 370 -37.43 -7.05 56.57
CA GLY K 370 -37.70 -7.36 55.17
C GLY K 370 -37.07 -8.66 54.71
N SER K 371 -36.46 -8.61 53.52
CA SER K 371 -35.82 -9.77 52.94
C SER K 371 -34.40 -9.45 52.51
N ARG K 372 -34.11 -9.72 51.24
CA ARG K 372 -32.79 -9.46 50.68
C ARG K 372 -32.41 -7.98 50.78
N GLY K 373 -31.92 -7.58 51.93
CA GLY K 373 -31.52 -6.19 52.08
C GLY K 373 -32.61 -5.23 52.54
N LYS K 374 -33.36 -5.63 53.56
CA LYS K 374 -34.42 -4.80 54.11
C LYS K 374 -35.50 -4.49 53.09
N SER K 375 -35.51 -5.26 52.00
CA SER K 375 -36.48 -5.07 50.94
C SER K 375 -37.95 -5.23 51.35
N GLY K 376 -38.76 -4.26 50.95
CA GLY K 376 -40.19 -4.27 51.23
C GLY K 376 -40.57 -4.33 52.70
N CYS K 377 -40.43 -3.22 53.41
CA CYS K 377 -40.79 -3.19 54.82
C CYS K 377 -40.57 -1.80 55.37
N ASN K 378 -41.21 -1.51 56.49
CA ASN K 378 -41.08 -0.20 57.12
C ASN K 378 -39.85 -0.10 57.99
N ASP K 379 -39.17 1.04 57.90
CA ASP K 379 -37.95 1.28 58.68
C ASP K 379 -38.18 2.44 59.66
N ALA K 380 -38.34 2.09 60.94
CA ALA K 380 -38.58 3.05 62.00
C ALA K 380 -37.48 4.09 62.14
N ASN K 381 -37.86 5.34 62.39
CA ASN K 381 -36.89 6.43 62.56
C ASN K 381 -36.25 6.39 63.94
N PRO K 382 -34.94 6.63 64.03
CA PRO K 382 -34.23 6.60 65.31
C PRO K 382 -34.78 7.60 66.32
N GLU K 383 -35.08 8.82 65.85
CA GLU K 383 -35.62 9.84 66.75
C GLU K 383 -36.85 9.30 67.46
N TYR K 384 -37.71 8.59 66.72
CA TYR K 384 -38.93 8.02 67.30
C TYR K 384 -38.57 6.88 68.24
N ILE K 385 -37.63 6.06 67.82
CA ILE K 385 -37.19 4.92 68.62
C ILE K 385 -36.67 5.40 69.96
N ALA K 386 -35.76 6.35 69.92
CA ALA K 386 -35.18 6.90 71.14
C ALA K 386 -36.31 7.28 72.08
N GLU K 387 -37.32 7.98 71.56
CA GLU K 387 -38.45 8.39 72.40
C GLU K 387 -39.08 7.19 73.10
N LEU K 388 -39.39 6.16 72.32
CA LEU K 388 -39.98 4.96 72.88
C LEU K 388 -39.09 4.41 73.98
N ARG K 389 -37.78 4.52 73.78
CA ARG K 389 -36.84 4.02 74.78
C ARG K 389 -37.09 4.78 76.07
N ARG K 390 -36.94 6.10 75.99
CA ARG K 390 -37.15 6.96 77.13
C ARG K 390 -38.44 6.60 77.86
N ILE K 391 -39.54 6.53 77.09
CA ILE K 391 -40.85 6.19 77.66
C ILE K 391 -40.87 4.84 78.39
N LEU K 392 -40.46 3.79 77.69
CA LEU K 392 -40.42 2.47 78.26
C LEU K 392 -39.30 2.35 79.28
N SER K 393 -38.85 3.48 79.78
CA SER K 393 -37.80 3.47 80.80
C SER K 393 -38.45 4.01 82.06
N LYS K 394 -39.11 5.15 81.90
CA LYS K 394 -39.80 5.80 82.99
C LYS K 394 -40.77 4.78 83.60
N GLU K 395 -41.79 4.39 82.83
CA GLU K 395 -42.78 3.43 83.31
C GLU K 395 -42.17 2.05 83.42
N SER K 396 -40.85 1.98 83.26
CA SER K 396 -40.11 0.72 83.31
C SER K 396 -40.45 -0.13 82.08
N VAL K 397 -40.76 -1.42 82.30
CA VAL K 397 -41.10 -2.33 81.20
C VAL K 397 -39.84 -2.81 80.47
N ASN K 398 -39.68 -4.12 80.36
CA ASN K 398 -38.53 -4.69 79.69
C ASN K 398 -38.77 -4.80 78.19
N TRP K 399 -37.77 -4.43 77.41
CA TRP K 399 -37.85 -4.50 75.96
C TRP K 399 -36.56 -5.03 75.39
N GLN K 400 -36.66 -5.64 74.21
CA GLN K 400 -35.50 -6.19 73.51
C GLN K 400 -35.72 -6.02 72.02
N THR K 401 -34.62 -5.83 71.30
CA THR K 401 -34.70 -5.66 69.85
C THR K 401 -34.27 -6.95 69.15
N ALA K 402 -34.97 -7.29 68.07
CA ALA K 402 -34.68 -8.50 67.35
C ALA K 402 -34.69 -8.31 65.83
N GLU K 403 -34.23 -9.34 65.13
CA GLU K 403 -34.15 -9.35 63.67
C GLU K 403 -34.61 -10.75 63.29
N LEU K 404 -35.33 -10.89 62.19
CA LEU K 404 -35.81 -12.22 61.82
C LEU K 404 -34.80 -13.09 61.09
N GLY K 405 -34.02 -13.85 61.85
CA GLY K 405 -33.05 -14.72 61.23
C GLY K 405 -31.82 -14.04 60.65
N LYS K 406 -30.70 -14.77 60.64
CA LYS K 406 -29.44 -14.24 60.14
C LYS K 406 -29.54 -13.70 58.72
N VAL K 407 -29.59 -12.37 58.63
CA VAL K 407 -29.69 -11.68 57.36
C VAL K 407 -30.45 -12.46 56.28
N ASP K 408 -29.72 -12.96 55.28
CA ASP K 408 -30.34 -13.69 54.18
C ASP K 408 -31.00 -15.04 54.49
N GLN K 409 -31.79 -15.11 55.54
CA GLN K 409 -32.45 -16.35 55.89
C GLN K 409 -33.91 -16.35 55.48
N GLY K 410 -34.77 -15.90 56.39
CA GLY K 410 -36.20 -15.85 56.10
C GLY K 410 -36.64 -14.50 55.59
N GLY K 411 -37.88 -14.44 55.11
CA GLY K 411 -38.42 -13.21 54.58
C GLY K 411 -39.32 -12.55 55.58
N GLY K 412 -39.61 -11.27 55.38
CA GLY K 412 -40.48 -10.54 56.28
C GLY K 412 -41.36 -9.52 55.58
N GLY K 413 -42.32 -8.98 56.32
CA GLY K 413 -43.23 -7.99 55.76
C GLY K 413 -44.43 -7.74 56.67
N THR K 414 -44.35 -6.70 57.48
CA THR K 414 -45.43 -6.35 58.40
C THR K 414 -46.32 -5.27 57.81
N ILE K 415 -47.53 -5.15 58.34
CA ILE K 415 -48.47 -4.15 57.86
C ILE K 415 -48.15 -2.76 58.44
N ALA K 416 -46.92 -2.61 58.93
CA ALA K 416 -46.48 -1.36 59.51
C ALA K 416 -46.32 -0.22 58.49
N TYR K 417 -45.85 -0.56 57.30
CA TYR K 417 -45.64 0.44 56.27
C TYR K 417 -46.95 0.93 55.67
N ILE K 418 -47.98 0.09 55.75
CA ILE K 418 -49.27 0.45 55.18
C ILE K 418 -49.87 1.73 55.77
N LEU K 419 -49.64 1.99 57.04
CA LEU K 419 -50.16 3.20 57.66
C LEU K 419 -49.12 4.30 57.69
N ALA K 420 -47.84 3.93 57.65
CA ALA K 420 -46.79 4.92 57.66
C ALA K 420 -46.86 5.71 56.37
N GLU K 421 -47.63 5.20 55.41
CA GLU K 421 -47.80 5.87 54.11
C GLU K 421 -48.37 7.27 54.30
N TYR K 422 -48.94 7.52 55.46
CA TYR K 422 -49.50 8.83 55.77
C TYR K 422 -48.41 9.78 56.28
N GLY K 423 -47.36 9.20 56.87
CA GLY K 423 -46.27 9.98 57.39
C GLY K 423 -46.07 9.76 58.87
N MET K 424 -46.88 8.86 59.44
CA MET K 424 -46.83 8.51 60.87
C MET K 424 -45.44 8.04 61.31
N GLN K 425 -45.28 7.89 62.62
CA GLN K 425 -44.04 7.41 63.19
C GLN K 425 -44.36 6.00 63.67
N VAL K 426 -44.08 5.02 62.82
CA VAL K 426 -44.37 3.64 63.16
C VAL K 426 -43.12 2.84 63.51
N ILE K 427 -43.34 1.71 64.18
CA ILE K 427 -42.27 0.83 64.56
C ILE K 427 -42.90 -0.53 64.87
N ASP K 428 -42.16 -1.61 64.64
CA ASP K 428 -42.69 -2.94 64.90
C ASP K 428 -42.50 -3.44 66.31
N CYS K 429 -43.60 -3.86 66.92
CA CYS K 429 -43.57 -4.39 68.27
C CYS K 429 -44.19 -5.76 68.30
N GLY K 430 -44.33 -6.31 69.50
CA GLY K 430 -44.91 -7.63 69.61
C GLY K 430 -44.16 -8.52 70.57
N VAL K 431 -44.78 -9.66 70.84
CA VAL K 431 -44.22 -10.66 71.71
C VAL K 431 -43.40 -11.66 70.91
N ALA K 432 -42.53 -12.39 71.58
CA ALA K 432 -41.71 -13.39 70.91
C ALA K 432 -42.39 -14.75 71.04
N LEU K 433 -42.60 -15.43 69.92
CA LEU K 433 -43.22 -16.75 69.96
C LEU K 433 -42.28 -17.90 69.63
N LEU K 434 -42.77 -19.11 69.83
CA LEU K 434 -42.02 -20.32 69.53
C LEU K 434 -42.88 -21.04 68.47
N ASN K 435 -42.23 -21.57 67.45
CA ASN K 435 -42.90 -22.24 66.34
C ASN K 435 -44.16 -21.54 65.87
N HIS K 437 -47.00 -19.90 63.25
CA HIS K 437 -47.89 -20.50 62.26
C HIS K 437 -48.05 -21.98 62.41
N ALA K 438 -47.84 -22.46 63.63
CA ALA K 438 -48.01 -23.87 63.91
C ALA K 438 -49.36 -23.98 64.60
N PRO K 439 -49.99 -25.17 64.54
CA PRO K 439 -51.29 -25.34 65.18
C PRO K 439 -51.22 -24.99 66.67
N TRP K 440 -50.04 -25.16 67.27
CA TRP K 440 -49.86 -24.83 68.66
C TRP K 440 -48.62 -23.99 68.83
N GLU K 441 -48.82 -22.74 69.23
CA GLU K 441 -47.73 -21.79 69.43
C GLU K 441 -47.48 -21.58 70.92
N ILE K 442 -46.26 -21.17 71.26
CA ILE K 442 -45.88 -20.94 72.66
C ILE K 442 -45.48 -19.49 72.94
N SER K 443 -45.80 -19.01 74.13
CA SER K 443 -45.47 -17.63 74.51
C SER K 443 -45.12 -17.52 75.97
N SER K 444 -44.35 -16.49 76.31
CA SER K 444 -43.97 -16.29 77.72
C SER K 444 -44.92 -15.32 78.42
N LYS K 445 -45.55 -15.79 79.48
CA LYS K 445 -46.49 -14.95 80.22
C LYS K 445 -45.83 -13.63 80.60
N ALA K 446 -44.56 -13.70 81.03
CA ALA K 446 -43.84 -12.50 81.40
C ALA K 446 -43.84 -11.54 80.23
N ASP K 447 -43.53 -12.04 79.03
CA ASP K 447 -43.52 -11.18 77.86
C ASP K 447 -44.92 -10.62 77.59
N ILE K 448 -45.94 -11.48 77.64
CA ILE K 448 -47.31 -11.04 77.42
C ILE K 448 -47.55 -9.80 78.29
N TYR K 449 -47.33 -9.99 79.58
CA TYR K 449 -47.47 -8.93 80.60
C TYR K 449 -46.67 -7.71 80.20
N GLU K 450 -45.35 -7.88 80.14
CA GLU K 450 -44.46 -6.78 79.79
C GLU K 450 -44.99 -6.00 78.58
N THR K 451 -45.35 -6.72 77.52
CA THR K 451 -45.85 -6.11 76.30
C THR K 451 -47.02 -5.19 76.57
N LYS K 452 -48.01 -5.70 77.30
CA LYS K 452 -49.18 -4.88 77.62
C LYS K 452 -48.71 -3.58 78.28
N ASN K 453 -47.93 -3.71 79.35
CA ASN K 453 -47.43 -2.53 80.03
C ASN K 453 -46.74 -1.60 79.05
N GLY K 454 -46.01 -2.19 78.09
CA GLY K 454 -45.32 -1.40 77.10
C GLY K 454 -46.34 -0.59 76.30
N TYR K 455 -47.46 -1.22 75.98
CA TYR K 455 -48.50 -0.55 75.23
C TYR K 455 -49.10 0.54 76.09
N SER K 456 -49.60 0.15 77.25
CA SER K 456 -50.22 1.09 78.17
C SER K 456 -49.28 2.27 78.45
N ALA K 457 -47.99 2.01 78.58
CA ALA K 457 -47.03 3.07 78.83
C ALA K 457 -46.79 3.87 77.55
N PHE K 458 -47.77 3.89 76.68
CA PHE K 458 -47.68 4.60 75.42
C PHE K 458 -48.91 5.53 75.36
N LEU K 459 -49.56 5.69 76.51
CA LEU K 459 -50.75 6.54 76.64
C LEU K 459 -50.33 8.01 76.76
N ASN K 460 -49.39 8.23 77.66
CA ASN K 460 -48.80 9.53 77.93
C ASN K 460 -47.36 9.35 77.50
N ASN K 461 -46.83 10.33 76.78
CA ASN K 461 -45.48 10.24 76.26
C ASN K 461 -45.49 9.21 75.13
N LEU L 1 -81.60 -31.63 48.90
CA LEU L 1 -80.96 -31.01 47.71
C LEU L 1 -79.43 -31.05 47.76
N LEU L 2 -78.87 -31.73 46.78
CA LEU L 2 -77.44 -31.90 46.62
C LEU L 2 -77.00 -31.25 45.34
N LYS L 3 -76.32 -30.12 45.47
CA LYS L 3 -75.85 -29.38 44.33
C LYS L 3 -75.52 -30.24 43.11
N GLU L 4 -75.74 -29.66 41.92
CA GLU L 4 -75.46 -30.32 40.63
C GLU L 4 -75.52 -29.31 39.50
N TYR L 5 -74.50 -28.47 39.39
CA TYR L 5 -74.42 -27.44 38.35
C TYR L 5 -74.74 -27.98 36.95
N LYS L 6 -76.01 -27.91 36.55
CA LYS L 6 -76.40 -28.42 35.25
C LYS L 6 -75.85 -27.65 34.06
N ASN L 7 -76.09 -28.18 32.86
CA ASN L 7 -75.61 -27.51 31.65
C ASN L 7 -76.48 -26.32 31.22
N ALA L 8 -75.87 -25.36 30.52
CA ALA L 8 -76.55 -24.16 30.00
C ALA L 8 -77.57 -24.51 28.93
N TRP L 9 -77.17 -25.34 27.97
CA TRP L 9 -78.09 -25.74 26.90
C TRP L 9 -79.23 -26.55 27.52
N ASP L 10 -80.11 -27.13 26.70
CA ASP L 10 -81.26 -27.88 27.20
C ASP L 10 -82.19 -26.83 27.76
N LYS L 11 -81.82 -26.32 28.93
CA LYS L 11 -82.59 -25.29 29.59
C LYS L 11 -82.90 -24.22 28.57
N TYR L 12 -81.93 -23.88 27.74
CA TYR L 12 -82.12 -22.87 26.70
C TYR L 12 -83.23 -23.27 25.75
N ASP L 13 -82.83 -23.84 24.62
CA ASP L 13 -83.79 -24.26 23.60
C ASP L 13 -84.76 -23.10 23.48
N ASP L 14 -86.01 -23.38 23.81
CA ASP L 14 -87.03 -22.36 23.74
C ASP L 14 -87.16 -21.86 22.29
N LYS L 15 -86.23 -22.27 21.44
CA LYS L 15 -86.21 -21.87 20.03
C LYS L 15 -85.88 -20.39 19.95
N GLN L 16 -86.19 -19.68 21.04
CA GLN L 16 -85.95 -18.25 21.13
C GLN L 16 -84.58 -18.10 21.75
N LEU L 17 -84.52 -18.39 23.05
CA LEU L 17 -83.29 -18.30 23.81
C LEU L 17 -82.07 -18.63 22.93
N LYS L 18 -82.09 -19.79 22.28
CA LYS L 18 -80.98 -20.17 21.42
C LYS L 18 -80.69 -19.09 20.39
N GLU L 19 -81.64 -18.87 19.49
CA GLU L 19 -81.50 -17.87 18.46
C GLU L 19 -81.06 -16.55 19.07
N VAL L 20 -81.57 -16.26 20.27
CA VAL L 20 -81.24 -15.00 20.95
C VAL L 20 -79.78 -14.91 21.36
N PHE L 21 -78.97 -15.88 20.95
CA PHE L 21 -77.56 -15.82 21.28
C PHE L 21 -76.67 -16.61 20.34
N ALA L 22 -77.15 -17.78 19.92
CA ALA L 22 -76.40 -18.64 18.99
C ALA L 22 -75.86 -17.71 17.91
N LEU L 23 -76.71 -16.78 17.51
CA LEU L 23 -76.37 -15.79 16.53
C LEU L 23 -76.41 -14.46 17.28
N GLY L 24 -77.07 -14.48 18.43
CA GLY L 24 -77.19 -13.30 19.25
C GLY L 24 -75.83 -12.71 19.55
N ASP L 25 -75.23 -13.14 20.66
CA ASP L 25 -73.92 -12.63 21.02
C ASP L 25 -72.85 -13.07 20.01
N ARG L 26 -72.93 -14.32 19.57
CA ARG L 26 -71.99 -14.81 18.59
C ARG L 26 -72.31 -14.06 17.32
N PHE L 27 -71.83 -12.83 17.26
CA PHE L 27 -72.06 -11.96 16.12
C PHE L 27 -71.52 -10.68 16.68
N LYS L 28 -72.20 -10.18 17.71
CA LYS L 28 -71.75 -8.95 18.33
C LYS L 28 -70.33 -9.20 18.83
N ASN L 29 -70.21 -10.04 19.86
CA ASN L 29 -68.90 -10.40 20.44
C ASN L 29 -68.08 -10.98 19.29
N PHE L 30 -68.59 -12.08 18.75
CA PHE L 30 -67.93 -12.72 17.65
C PHE L 30 -67.22 -11.75 16.72
N ILE L 31 -67.77 -10.55 16.55
CA ILE L 31 -67.17 -9.55 15.65
C ILE L 31 -66.36 -8.50 16.39
N SER L 32 -66.70 -8.26 17.64
CA SER L 32 -65.99 -7.27 18.43
C SER L 32 -64.51 -7.58 18.46
N ASN L 33 -64.15 -8.76 18.93
CA ASN L 33 -62.74 -9.14 19.00
C ASN L 33 -62.14 -9.48 17.63
N CYS L 34 -62.58 -8.76 16.61
CA CYS L 34 -62.07 -8.97 15.26
C CYS L 34 -61.68 -7.63 14.70
N LYS L 35 -62.52 -6.65 14.96
CA LYS L 35 -62.29 -5.30 14.49
C LYS L 35 -61.66 -4.47 15.62
N THR L 36 -61.23 -5.16 16.67
CA THR L 36 -60.65 -4.51 17.83
C THR L 36 -59.77 -5.52 18.55
N GLU L 37 -58.46 -5.41 18.38
CA GLU L 37 -57.53 -6.35 19.02
C GLU L 37 -56.45 -5.64 19.84
N ARG L 38 -56.44 -4.31 19.79
CA ARG L 38 -55.46 -3.54 20.52
C ARG L 38 -56.15 -2.45 21.30
N GLU L 39 -56.43 -2.68 22.57
CA GLU L 39 -57.09 -1.71 23.47
C GLU L 39 -57.77 -0.49 22.81
N CYS L 40 -58.20 -0.63 21.57
CA CYS L 40 -58.86 0.46 20.87
C CYS L 40 -60.33 0.08 21.01
N VAL L 41 -60.55 -0.86 21.91
CA VAL L 41 -61.88 -1.32 22.20
C VAL L 41 -62.63 -0.03 22.59
N THR L 42 -61.88 0.88 23.22
CA THR L 42 -62.42 2.16 23.63
C THR L 42 -63.10 2.86 22.43
N GLU L 43 -62.36 3.04 21.35
CA GLU L 43 -62.91 3.67 20.16
C GLU L 43 -64.20 3.03 19.70
N LEU L 44 -64.10 1.80 19.22
CA LEU L 44 -65.28 1.08 18.72
C LEU L 44 -66.41 1.06 19.75
N ILE L 45 -66.08 0.92 21.02
CA ILE L 45 -67.11 0.91 22.04
C ILE L 45 -67.68 2.31 22.27
N LYS L 46 -66.80 3.30 22.31
CA LYS L 46 -67.24 4.67 22.52
C LYS L 46 -68.10 5.09 21.34
N THR L 47 -67.83 4.58 20.14
CA THR L 47 -68.63 4.91 18.97
C THR L 47 -69.99 4.34 19.26
N ALA L 48 -70.05 3.14 19.83
CA ALA L 48 -71.34 2.57 20.18
C ALA L 48 -71.71 3.42 21.39
N GLU L 49 -72.79 3.10 22.08
CA GLU L 49 -73.20 3.94 23.21
C GLU L 49 -73.48 5.34 22.69
N LYS L 50 -73.63 5.46 21.37
CA LYS L 50 -73.92 6.74 20.75
C LYS L 50 -75.35 7.05 21.14
N SER L 51 -76.01 6.04 21.68
CA SER L 51 -77.38 6.17 22.16
C SER L 51 -77.36 6.81 23.55
N GLY L 52 -76.73 7.98 23.63
CA GLY L 52 -76.60 8.70 24.87
C GLY L 52 -75.14 8.78 25.26
N TYR L 53 -74.88 9.11 26.53
CA TYR L 53 -73.50 9.18 27.02
C TYR L 53 -72.70 10.31 26.38
N ARG L 54 -71.81 10.91 27.15
CA ARG L 54 -70.97 11.99 26.63
C ARG L 54 -69.96 12.46 27.67
N ASN L 55 -70.44 13.19 28.67
CA ASN L 55 -69.61 13.75 29.74
C ASN L 55 -68.32 14.31 29.17
N ILE L 56 -67.32 13.44 29.14
CA ILE L 56 -66.00 13.74 28.63
C ILE L 56 -65.62 15.23 28.76
N GLU L 57 -66.08 16.05 27.81
CA GLU L 57 -65.80 17.48 27.81
C GLU L 57 -67.05 18.30 28.18
N ASP L 58 -68.21 17.82 27.74
CA ASP L 58 -69.47 18.49 27.97
C ASP L 58 -69.91 18.49 29.43
N ILE L 59 -69.15 19.20 30.25
CA ILE L 59 -69.46 19.32 31.66
C ILE L 59 -69.90 20.75 31.93
N LEU L 60 -71.22 20.95 32.05
CA LEU L 60 -71.82 22.27 32.31
C LEU L 60 -72.86 22.21 33.43
N ALA L 61 -72.87 21.09 34.16
CA ALA L 61 -73.81 20.84 35.27
C ALA L 61 -75.21 20.62 34.69
N LYS L 62 -75.64 21.57 33.87
CA LYS L 62 -76.94 21.52 33.22
C LYS L 62 -76.76 21.25 31.73
N GLY L 63 -75.50 21.05 31.32
CA GLY L 63 -75.23 20.78 29.93
C GLY L 63 -76.04 19.58 29.47
N GLU L 64 -76.30 18.70 30.44
CA GLU L 64 -77.10 17.49 30.24
C GLU L 64 -77.95 17.30 31.51
N THR L 65 -77.89 18.30 32.39
CA THR L 65 -78.60 18.31 33.66
C THR L 65 -78.48 16.97 34.39
N LEU L 66 -77.30 16.74 34.94
CA LEU L 66 -77.00 15.49 35.65
C LEU L 66 -78.09 15.13 36.65
N LYS L 67 -78.94 14.18 36.27
CA LYS L 67 -80.02 13.73 37.14
C LYS L 67 -80.60 12.41 36.62
N GLU L 68 -81.75 12.00 37.17
CA GLU L 68 -82.42 10.77 36.77
C GLU L 68 -82.28 10.44 35.28
N GLY L 69 -82.08 9.16 34.99
CA GLY L 69 -81.97 8.70 33.61
C GLY L 69 -80.82 9.19 32.75
N ASP L 70 -79.84 9.87 33.35
CA ASP L 70 -78.71 10.36 32.58
C ASP L 70 -77.64 9.30 32.42
N LYS L 71 -76.94 9.37 31.29
CA LYS L 71 -75.87 8.42 30.99
C LYS L 71 -74.66 9.13 30.35
N VAL L 72 -73.49 8.95 30.96
CA VAL L 72 -72.26 9.58 30.47
C VAL L 72 -71.04 8.67 30.51
N TYR L 73 -70.01 9.01 29.73
CA TYR L 73 -68.80 8.22 29.71
C TYR L 73 -67.58 9.12 29.91
N ALA L 74 -66.48 8.50 30.32
CA ALA L 74 -65.24 9.24 30.54
C ALA L 74 -64.09 8.50 29.88
N ASN L 75 -63.39 9.17 28.98
CA ASN L 75 -62.27 8.54 28.30
C ASN L 75 -60.95 8.83 29.02
N ASN L 76 -60.15 7.79 29.21
CA ASN L 76 -58.86 7.96 29.87
C ASN L 76 -57.75 7.82 28.84
N ARG L 77 -57.33 8.94 28.28
CA ARG L 77 -56.30 9.00 27.27
C ARG L 77 -56.44 7.88 26.25
N GLY L 78 -57.68 7.52 25.95
CA GLY L 78 -57.96 6.49 24.97
C GLY L 78 -57.68 5.06 25.36
N LYS L 79 -56.94 4.87 26.44
CA LYS L 79 -56.59 3.52 26.91
C LYS L 79 -57.64 2.96 27.84
N GLY L 80 -58.45 3.82 28.44
CA GLY L 80 -59.46 3.34 29.36
C GLY L 80 -60.81 3.99 29.17
N LEU L 81 -61.85 3.32 29.69
CA LEU L 81 -63.23 3.80 29.55
C LEU L 81 -64.10 3.46 30.74
N ILE L 82 -64.93 4.40 31.14
CA ILE L 82 -65.85 4.20 32.27
C ILE L 82 -67.21 4.84 31.95
N MET L 83 -68.28 4.06 32.10
CA MET L 83 -69.62 4.53 31.79
C MET L 83 -70.51 4.59 33.03
N PHE L 84 -71.37 5.62 33.07
CA PHE L 84 -72.30 5.83 34.19
C PHE L 84 -73.75 5.75 33.73
N LEU L 85 -74.64 5.60 34.69
CA LEU L 85 -76.08 5.54 34.42
C LEU L 85 -76.79 5.92 35.72
N ILE L 86 -77.16 7.19 35.84
CA ILE L 86 -77.82 7.64 37.05
C ILE L 86 -79.17 6.99 37.29
N GLY L 87 -79.46 6.74 38.56
CA GLY L 87 -80.73 6.12 38.94
C GLY L 87 -81.51 6.96 39.93
N LYS L 88 -82.70 6.48 40.30
CA LYS L 88 -83.55 7.18 41.25
C LYS L 88 -82.80 7.62 42.49
N GLU L 89 -82.39 6.66 43.31
CA GLU L 89 -81.69 6.96 44.54
C GLU L 89 -80.47 7.83 44.29
N PRO L 90 -79.97 8.51 45.32
CA PRO L 90 -78.80 9.39 45.23
C PRO L 90 -77.47 8.59 45.21
N LEU L 91 -76.44 9.17 44.63
CA LEU L 91 -75.15 8.50 44.57
C LEU L 91 -74.71 8.08 45.96
N TYR L 92 -74.85 8.99 46.92
CA TYR L 92 -74.44 8.74 48.31
C TYR L 92 -74.93 7.37 48.78
N THR L 93 -75.96 6.84 48.13
CA THR L 93 -76.50 5.53 48.50
C THR L 93 -75.49 4.42 48.25
N GLY L 94 -75.08 4.29 47.00
CA GLY L 94 -74.13 3.27 46.62
C GLY L 94 -74.02 3.14 45.11
N PHE L 95 -73.36 2.09 44.62
CA PHE L 95 -73.22 1.90 43.19
C PHE L 95 -73.35 0.45 42.82
N LYS L 96 -73.51 0.21 41.52
CA LYS L 96 -73.59 -1.14 40.99
C LYS L 96 -72.52 -1.16 39.91
N ILE L 97 -71.30 -1.53 40.29
CA ILE L 97 -70.20 -1.53 39.35
C ILE L 97 -69.92 -2.84 38.63
N LEU L 98 -69.50 -2.73 37.37
CA LEU L 98 -69.10 -3.87 36.56
C LEU L 98 -67.70 -3.54 36.05
N GLY L 99 -66.70 -4.36 36.38
CA GLY L 99 -65.34 -4.08 35.93
C GLY L 99 -64.72 -5.16 35.08
N ALA L 100 -63.76 -4.74 34.25
CA ALA L 100 -63.05 -5.67 33.37
C ALA L 100 -61.88 -4.99 32.66
N HIS L 101 -60.82 -5.73 32.38
CA HIS L 101 -59.67 -5.16 31.67
C HIS L 101 -59.79 -5.46 30.18
N ILE L 102 -59.45 -4.49 29.34
CA ILE L 102 -59.56 -4.68 27.92
C ILE L 102 -58.25 -5.06 27.23
N ASP L 103 -57.14 -5.02 27.97
CA ASP L 103 -55.82 -5.36 27.40
C ASP L 103 -55.63 -6.88 27.38
N SER L 104 -54.75 -7.33 26.50
CA SER L 104 -54.45 -8.76 26.37
C SER L 104 -53.02 -8.99 25.96
N PRO L 105 -52.43 -10.11 26.41
CA PRO L 105 -51.05 -10.47 26.09
C PRO L 105 -50.78 -10.45 24.61
N ARG L 106 -49.60 -9.97 24.24
CA ARG L 106 -49.22 -9.87 22.84
C ARG L 106 -47.76 -9.43 22.70
N LEU L 107 -47.27 -9.40 21.47
CA LEU L 107 -45.90 -8.97 21.19
C LEU L 107 -45.99 -7.53 20.77
N ASP L 108 -44.88 -6.81 20.87
CA ASP L 108 -44.89 -5.41 20.45
C ASP L 108 -43.51 -4.77 20.30
N LEU L 109 -43.27 -4.26 19.09
CA LEU L 109 -42.02 -3.63 18.68
C LEU L 109 -41.31 -2.78 19.72
N LYS L 110 -39.99 -2.89 19.78
CA LYS L 110 -39.20 -2.11 20.72
C LYS L 110 -39.14 -0.63 20.29
N GLN L 111 -38.28 0.14 20.94
CA GLN L 111 -38.12 1.56 20.62
C GLN L 111 -37.42 1.72 19.27
N ASN L 112 -36.56 0.76 18.94
CA ASN L 112 -35.82 0.79 17.67
C ASN L 112 -35.91 -0.61 17.06
N PRO L 113 -37.14 -1.03 16.74
CA PRO L 113 -37.45 -2.35 16.16
C PRO L 113 -36.85 -2.67 14.79
N LEU L 114 -36.74 -1.68 13.91
CA LEU L 114 -36.22 -1.94 12.57
C LEU L 114 -34.73 -2.10 12.51
N TYR L 115 -34.30 -3.27 12.04
CA TYR L 115 -32.88 -3.59 11.89
C TYR L 115 -32.77 -4.64 10.78
N GLU L 116 -31.58 -4.78 10.21
CA GLU L 116 -31.38 -5.73 9.12
C GLU L 116 -30.26 -6.71 9.41
N ASP L 117 -30.60 -8.00 9.45
CA ASP L 117 -29.60 -9.03 9.71
C ASP L 117 -29.55 -10.06 8.59
N THR L 118 -28.39 -10.16 7.95
CA THR L 118 -28.22 -11.12 6.85
C THR L 118 -29.28 -10.92 5.79
N ASP L 119 -29.05 -9.95 4.92
CA ASP L 119 -29.99 -9.66 3.85
C ASP L 119 -31.31 -9.17 4.39
N LEU L 120 -32.28 -10.06 4.53
CA LEU L 120 -33.60 -9.65 5.06
C LEU L 120 -33.56 -8.76 6.31
N ALA L 121 -34.65 -8.04 6.54
CA ALA L 121 -34.74 -7.14 7.68
C ALA L 121 -35.86 -7.50 8.65
N MET L 122 -35.49 -7.68 9.93
CA MET L 122 -36.44 -8.03 10.97
C MET L 122 -36.97 -6.81 11.72
N LEU L 123 -37.68 -7.10 12.82
CA LEU L 123 -38.30 -6.09 13.67
C LEU L 123 -38.26 -6.57 15.13
N GLU L 124 -37.43 -5.95 15.96
CA GLU L 124 -37.33 -6.31 17.38
C GLU L 124 -38.68 -6.24 18.08
N THR L 125 -38.90 -7.13 19.04
CA THR L 125 -40.14 -7.17 19.80
C THR L 125 -39.87 -7.36 21.26
N HIS L 126 -40.93 -7.48 22.04
CA HIS L 126 -40.76 -7.65 23.48
C HIS L 126 -42.15 -8.01 24.02
N TYR L 127 -42.43 -9.30 24.12
CA TYR L 127 -43.73 -9.73 24.58
C TYR L 127 -44.25 -9.00 25.81
N TYR L 128 -45.57 -8.90 25.89
CA TYR L 128 -46.25 -8.20 26.98
C TYR L 128 -47.38 -9.04 27.55
N GLY L 129 -47.48 -9.04 28.87
CA GLY L 129 -48.56 -9.78 29.51
C GLY L 129 -48.19 -11.16 30.01
N GLY L 130 -47.09 -11.70 29.50
CA GLY L 130 -46.70 -13.02 29.94
C GLY L 130 -47.41 -14.10 29.16
N ILE L 131 -47.05 -14.21 27.90
CA ILE L 131 -47.61 -15.24 27.04
C ILE L 131 -46.86 -16.50 27.37
N LYS L 132 -45.84 -16.35 28.20
CA LYS L 132 -44.95 -17.42 28.69
C LYS L 132 -44.69 -18.54 27.69
N LYS L 133 -45.78 -19.11 27.17
CA LYS L 133 -45.68 -20.14 26.18
C LYS L 133 -45.41 -19.39 24.89
N TYR L 134 -44.13 -19.27 24.54
CA TYR L 134 -43.76 -18.56 23.34
C TYR L 134 -44.10 -19.32 22.08
N GLN L 135 -45.14 -20.14 22.12
CA GLN L 135 -45.55 -20.87 20.92
C GLN L 135 -46.45 -19.89 20.14
N TRP L 136 -45.86 -18.74 19.85
CA TRP L 136 -46.47 -17.64 19.13
C TRP L 136 -45.74 -17.52 17.81
N VAL L 137 -44.96 -18.53 17.47
CA VAL L 137 -44.18 -18.48 16.24
C VAL L 137 -44.99 -18.72 14.97
N THR L 138 -44.53 -19.67 14.19
CA THR L 138 -45.18 -20.05 12.95
C THR L 138 -46.47 -19.39 12.49
N LEU L 139 -47.51 -19.36 13.32
CA LEU L 139 -48.78 -18.76 12.90
C LEU L 139 -48.68 -17.28 12.45
N PRO L 140 -49.52 -16.88 11.48
CA PRO L 140 -49.62 -15.54 10.89
C PRO L 140 -49.98 -14.39 11.84
N LEU L 141 -49.22 -13.30 11.76
CA LEU L 141 -49.43 -12.14 12.60
C LEU L 141 -49.81 -10.87 11.84
N ALA L 142 -50.48 -9.95 12.54
CA ALA L 142 -50.89 -8.67 11.96
C ALA L 142 -50.37 -7.52 12.84
N ILE L 143 -50.14 -6.37 12.23
CA ILE L 143 -49.66 -5.23 13.00
C ILE L 143 -50.74 -4.18 13.26
N HIS L 144 -50.85 -3.76 14.51
CA HIS L 144 -51.82 -2.72 14.90
C HIS L 144 -51.08 -1.62 15.62
N GLY L 145 -51.82 -0.82 16.38
CA GLY L 145 -51.19 0.26 17.12
C GLY L 145 -51.21 1.61 16.40
N VAL L 146 -50.37 2.52 16.88
CA VAL L 146 -50.29 3.86 16.34
C VAL L 146 -48.88 4.46 16.43
N ILE L 147 -48.55 5.35 15.49
CA ILE L 147 -47.24 6.01 15.50
C ILE L 147 -47.44 7.51 15.60
N VAL L 148 -46.66 8.16 16.45
CA VAL L 148 -46.81 9.61 16.64
C VAL L 148 -45.66 10.43 16.08
N LYS L 149 -45.97 11.27 15.11
CA LYS L 149 -44.97 12.14 14.47
C LYS L 149 -44.43 13.09 15.52
N LYS L 150 -43.27 13.67 15.27
CA LYS L 150 -42.68 14.61 16.22
C LYS L 150 -43.61 15.80 16.42
N ASP L 151 -44.34 16.16 15.36
CA ASP L 151 -45.28 17.28 15.40
C ASP L 151 -46.56 16.95 16.17
N GLY L 152 -46.77 15.67 16.44
CA GLY L 152 -47.94 15.25 17.18
C GLY L 152 -49.02 14.56 16.37
N THR L 153 -48.79 14.43 15.06
CA THR L 153 -49.76 13.78 14.19
C THR L 153 -49.87 12.28 14.51
N ILE L 154 -51.08 11.84 14.80
CA ILE L 154 -51.29 10.44 15.14
C ILE L 154 -51.67 9.62 13.92
N VAL L 155 -50.81 8.69 13.53
CA VAL L 155 -51.08 7.86 12.35
C VAL L 155 -51.49 6.47 12.82
N ASN L 156 -52.54 5.92 12.21
CA ASN L 156 -53.03 4.61 12.60
C ASN L 156 -52.49 3.52 11.71
N VAL L 157 -52.03 2.43 12.33
CA VAL L 157 -51.48 1.30 11.59
C VAL L 157 -52.30 0.04 11.82
N CYS L 158 -52.63 -0.66 10.74
CA CYS L 158 -53.42 -1.88 10.82
C CYS L 158 -53.14 -2.70 9.58
N VAL L 159 -52.06 -3.49 9.65
CA VAL L 159 -51.66 -4.32 8.51
C VAL L 159 -51.82 -5.81 8.80
N GLY L 160 -52.37 -6.53 7.84
CA GLY L 160 -52.55 -7.96 7.99
C GLY L 160 -53.98 -8.41 8.29
N GLU L 161 -54.91 -7.48 8.40
CA GLU L 161 -56.29 -7.86 8.68
C GLU L 161 -57.11 -8.13 7.44
N ASP L 162 -57.04 -7.24 6.47
CA ASP L 162 -57.79 -7.42 5.22
C ASP L 162 -57.23 -8.61 4.45
N ASP L 163 -58.10 -9.33 3.76
CA ASP L 163 -57.66 -10.50 2.99
C ASP L 163 -56.64 -10.14 1.91
N ASN L 164 -56.36 -8.86 1.74
CA ASN L 164 -55.40 -8.43 0.73
C ASN L 164 -54.14 -7.81 1.34
N ASP L 165 -54.11 -7.69 2.66
CA ASP L 165 -52.94 -7.13 3.32
C ASP L 165 -51.92 -8.23 3.53
N PRO L 166 -50.64 -7.87 3.52
CA PRO L 166 -49.60 -8.88 3.74
C PRO L 166 -49.64 -9.25 5.20
N VAL L 167 -48.95 -10.31 5.58
CA VAL L 167 -48.92 -10.74 6.98
C VAL L 167 -47.49 -10.82 7.50
N PHE L 168 -47.35 -11.12 8.78
CA PHE L 168 -46.04 -11.22 9.40
C PHE L 168 -45.99 -12.40 10.36
N GLY L 169 -44.79 -12.72 10.86
CA GLY L 169 -44.65 -13.83 11.77
C GLY L 169 -43.25 -14.08 12.26
N VAL L 170 -43.13 -14.93 13.28
CA VAL L 170 -41.84 -15.28 13.86
C VAL L 170 -41.41 -16.66 13.34
N SER L 171 -40.16 -16.76 12.90
CA SER L 171 -39.66 -18.03 12.37
C SER L 171 -39.15 -18.98 13.47
N ASP L 172 -38.91 -20.23 13.11
CA ASP L 172 -38.45 -21.23 14.05
C ASP L 172 -37.76 -22.33 13.27
N ILE L 173 -36.55 -22.69 13.70
CA ILE L 173 -35.75 -23.74 13.03
C ILE L 173 -36.59 -24.93 12.61
N LEU L 174 -36.24 -25.49 11.46
CA LEU L 174 -36.96 -26.66 10.95
C LEU L 174 -36.59 -27.83 11.84
N VAL L 175 -37.52 -28.78 12.00
CA VAL L 175 -37.28 -29.94 12.84
C VAL L 175 -36.01 -30.70 12.45
N HIS L 176 -35.68 -30.64 11.15
CA HIS L 176 -34.51 -31.33 10.65
C HIS L 176 -33.23 -30.93 11.39
N LEU L 177 -33.16 -29.67 11.81
CA LEU L 177 -31.98 -29.19 12.50
C LEU L 177 -32.30 -28.68 13.90
N ALA L 178 -33.50 -28.96 14.39
CA ALA L 178 -33.90 -28.51 15.71
C ALA L 178 -33.44 -29.44 16.81
N SER L 179 -32.65 -30.44 16.42
CA SER L 179 -32.12 -31.42 17.37
C SER L 179 -31.49 -30.78 18.62
N GLU L 180 -30.59 -29.83 18.41
CA GLU L 180 -29.90 -29.17 19.50
C GLU L 180 -30.87 -28.37 20.39
N GLN L 181 -32.06 -28.11 19.87
CA GLN L 181 -33.08 -27.35 20.61
C GLN L 181 -34.01 -28.34 21.33
N LEU L 182 -33.56 -28.87 22.46
CA LEU L 182 -34.33 -29.83 23.26
C LEU L 182 -34.37 -29.48 24.75
N GLU L 183 -33.34 -28.82 25.24
CA GLU L 183 -33.28 -28.48 26.65
C GLU L 183 -34.45 -27.61 27.10
N LYS L 184 -35.06 -28.01 28.22
CA LYS L 184 -36.17 -27.31 28.84
C LYS L 184 -37.23 -26.71 27.91
N LYS L 185 -38.43 -27.30 27.89
CA LYS L 185 -39.50 -26.75 27.07
C LYS L 185 -39.80 -25.38 27.67
N ALA L 186 -39.53 -25.25 28.97
CA ALA L 186 -39.71 -24.01 29.72
C ALA L 186 -39.37 -22.84 28.86
N SER L 187 -38.36 -23.00 28.02
CA SER L 187 -37.96 -21.93 27.13
C SER L 187 -36.74 -22.23 26.27
N LYS L 188 -36.99 -22.46 24.99
CA LYS L 188 -35.92 -22.68 24.03
C LYS L 188 -36.25 -21.81 22.80
N VAL L 189 -37.22 -20.92 23.02
CA VAL L 189 -37.71 -19.94 22.04
C VAL L 189 -38.06 -18.78 22.95
N ILE L 190 -37.22 -17.76 23.03
CA ILE L 190 -37.52 -16.65 23.95
C ILE L 190 -36.97 -15.26 23.59
N GLU L 191 -36.12 -15.19 22.57
CA GLU L 191 -35.52 -13.91 22.18
C GLU L 191 -36.50 -12.77 22.04
N GLY L 192 -36.01 -11.63 21.57
CA GLY L 192 -36.88 -10.49 21.37
C GLY L 192 -36.44 -9.75 20.13
N GLU L 193 -35.89 -10.50 19.19
CA GLU L 193 -35.37 -9.94 17.97
C GLU L 193 -35.79 -10.86 16.85
N ASP L 194 -37.08 -11.11 16.82
CA ASP L 194 -37.69 -12.01 15.84
C ASP L 194 -38.62 -11.24 14.93
N LEU L 195 -39.28 -11.95 14.01
CA LEU L 195 -40.22 -11.28 13.10
C LEU L 195 -39.65 -10.41 11.96
N ASN L 196 -39.47 -11.03 10.80
CA ASN L 196 -38.95 -10.32 9.65
C ASN L 196 -40.08 -9.70 8.83
N ILE L 197 -39.88 -8.44 8.44
CA ILE L 197 -40.90 -7.71 7.70
C ILE L 197 -40.63 -7.57 6.24
N LEU L 198 -39.48 -8.04 5.78
CA LEU L 198 -39.21 -7.93 4.36
C LEU L 198 -37.93 -8.61 3.90
N ILE L 199 -38.06 -9.35 2.80
CA ILE L 199 -36.94 -10.04 2.23
C ILE L 199 -36.49 -9.24 1.02
N GLY L 200 -35.51 -9.79 0.31
CA GLY L 200 -34.94 -9.16 -0.88
C GLY L 200 -35.42 -7.74 -1.13
N SER L 201 -36.10 -7.56 -2.26
CA SER L 201 -36.60 -6.25 -2.65
C SER L 201 -35.58 -5.26 -2.06
N ILE L 202 -34.33 -5.52 -2.41
CA ILE L 202 -33.19 -4.76 -1.95
C ILE L 202 -32.63 -3.99 -3.12
N PRO L 203 -32.63 -2.64 -3.04
CA PRO L 203 -33.23 -1.84 -1.97
C PRO L 203 -34.03 -0.71 -2.60
N LEU L 204 -33.74 0.52 -2.17
CA LEU L 204 -34.39 1.71 -2.69
C LEU L 204 -33.46 2.32 -3.74
N LYS L 205 -33.92 2.33 -4.99
CA LYS L 205 -33.16 2.88 -6.12
C LYS L 205 -31.76 2.27 -6.19
N ASP L 206 -31.54 1.22 -5.39
CA ASP L 206 -30.27 0.51 -5.31
C ASP L 206 -29.08 1.47 -5.19
N GLY L 207 -29.26 2.48 -4.34
CA GLY L 207 -28.22 3.47 -4.14
C GLY L 207 -27.22 3.08 -3.05
N GLU L 208 -26.72 1.85 -3.13
CA GLU L 208 -25.74 1.35 -2.17
C GLU L 208 -26.26 1.39 -0.72
N GLU L 209 -25.33 1.59 0.22
CA GLU L 209 -25.64 1.65 1.65
C GLU L 209 -25.91 0.27 2.23
N LYS L 210 -24.87 -0.34 2.80
CA LYS L 210 -24.92 -1.68 3.41
C LYS L 210 -26.32 -2.23 3.69
N GLN L 211 -27.02 -1.62 4.63
CA GLN L 211 -28.36 -2.07 5.00
C GLN L 211 -29.37 -1.73 3.90
N LYS L 212 -29.25 -2.38 2.75
CA LYS L 212 -30.16 -2.10 1.65
C LYS L 212 -31.59 -2.54 1.91
N VAL L 213 -31.77 -3.81 2.27
CA VAL L 213 -33.09 -4.36 2.53
C VAL L 213 -33.81 -3.48 3.53
N LYS L 214 -33.08 -3.05 4.56
CA LYS L 214 -33.66 -2.19 5.58
C LYS L 214 -34.06 -0.88 4.93
N HIS L 215 -33.06 -0.21 4.34
CA HIS L 215 -33.28 1.09 3.69
C HIS L 215 -34.54 1.06 2.82
N ASN L 216 -34.71 -0.02 2.06
CA ASN L 216 -35.87 -0.15 1.21
C ASN L 216 -37.19 -0.15 1.97
N ILE L 217 -37.28 -0.95 3.02
CA ILE L 217 -38.51 -1.04 3.77
C ILE L 217 -38.87 0.28 4.45
N MET L 218 -37.86 0.98 4.98
CA MET L 218 -38.11 2.27 5.64
C MET L 218 -38.76 3.21 4.61
N LYS L 219 -38.23 3.18 3.39
CA LYS L 219 -38.75 4.00 2.31
C LYS L 219 -40.18 3.58 2.00
N ILE L 220 -40.41 2.28 1.94
CA ILE L 220 -41.75 1.75 1.66
C ILE L 220 -42.69 2.17 2.77
N LEU L 221 -42.18 2.11 3.99
CA LEU L 221 -42.94 2.49 5.17
C LEU L 221 -43.10 4.02 5.17
N ASN L 222 -42.25 4.70 4.42
CA ASN L 222 -42.32 6.15 4.36
C ASN L 222 -43.40 6.62 3.40
N GLU L 223 -43.55 5.95 2.25
CA GLU L 223 -44.57 6.30 1.29
C GLU L 223 -45.93 6.27 1.98
N LYS L 224 -46.26 5.13 2.61
CA LYS L 224 -47.51 5.06 3.36
C LYS L 224 -47.15 5.81 4.65
N TYR L 225 -48.13 6.37 5.33
CA TYR L 225 -47.84 7.11 6.55
C TYR L 225 -46.92 8.27 6.20
N ASP L 226 -45.91 8.50 7.02
CA ASP L 226 -44.98 9.59 6.76
C ASP L 226 -43.96 9.61 7.89
N ILE L 227 -43.58 8.42 8.34
CA ILE L 227 -42.62 8.28 9.43
C ILE L 227 -41.19 8.15 8.95
N SER L 228 -40.28 8.14 9.91
CA SER L 228 -38.86 8.00 9.63
C SER L 228 -38.43 6.84 10.52
N GLU L 229 -37.14 6.47 10.48
CA GLU L 229 -36.70 5.37 11.34
C GLU L 229 -36.98 5.77 12.78
N GLU L 230 -36.88 7.08 13.09
CA GLU L 230 -37.18 7.55 14.42
C GLU L 230 -38.68 7.40 14.48
N ASP L 231 -39.37 8.20 15.28
CA ASP L 231 -40.84 8.07 15.36
C ASP L 231 -41.24 6.77 16.04
N PHE L 232 -40.52 5.69 15.74
CA PHE L 232 -40.80 4.40 16.35
C PHE L 232 -40.62 4.62 17.83
N VAL L 233 -39.71 5.52 18.18
CA VAL L 233 -39.45 5.85 19.57
C VAL L 233 -40.75 6.30 20.25
N SER L 234 -41.55 7.06 19.51
CA SER L 234 -42.82 7.55 20.00
C SER L 234 -43.96 6.84 19.27
N ALA L 235 -43.80 5.52 19.12
CA ALA L 235 -44.81 4.71 18.43
C ALA L 235 -45.48 3.75 19.39
N GLU L 236 -46.45 2.99 18.87
CA GLU L 236 -47.17 2.04 19.68
C GLU L 236 -47.21 0.61 19.15
N LEU L 237 -46.13 -0.09 19.47
CA LEU L 237 -45.87 -1.49 19.13
C LEU L 237 -47.12 -2.36 19.32
N GLU L 238 -47.47 -3.16 18.33
CA GLU L 238 -48.65 -4.01 18.47
C GLU L 238 -48.73 -5.18 17.49
N ILE L 239 -48.23 -6.33 17.92
CA ILE L 239 -48.29 -7.49 17.06
C ILE L 239 -49.32 -8.46 17.59
N VAL L 240 -50.25 -8.85 16.74
CA VAL L 240 -51.31 -9.75 17.13
C VAL L 240 -51.65 -10.76 16.04
N PRO L 241 -52.19 -11.92 16.42
CA PRO L 241 -52.53 -12.88 15.38
C PRO L 241 -53.55 -12.29 14.39
N ALA L 242 -53.38 -12.61 13.11
CA ALA L 242 -54.26 -12.11 12.07
C ALA L 242 -55.45 -13.06 11.86
N GLY L 243 -56.55 -12.51 11.35
CA GLY L 243 -57.74 -13.32 11.12
C GLY L 243 -58.90 -12.95 12.04
N LYS L 244 -60.12 -13.11 11.53
CA LYS L 244 -61.32 -12.83 12.31
C LYS L 244 -61.61 -14.02 13.22
N ALA L 245 -62.28 -13.78 14.34
CA ALA L 245 -62.65 -14.84 15.26
C ALA L 245 -63.59 -15.73 14.47
N ARG L 246 -63.69 -17.01 14.83
CA ARG L 246 -64.53 -17.92 14.08
C ARG L 246 -65.41 -18.82 14.92
N ASP L 247 -66.32 -19.54 14.26
CA ASP L 247 -67.19 -20.47 14.97
C ASP L 247 -66.31 -21.68 15.27
N TYR L 248 -66.29 -22.12 16.52
CA TYR L 248 -65.48 -23.28 16.83
C TYR L 248 -66.36 -24.52 17.10
N GLY L 249 -66.02 -25.63 16.44
CA GLY L 249 -66.76 -26.86 16.63
C GLY L 249 -67.77 -27.21 15.56
N PHE L 250 -68.00 -28.50 15.38
CA PHE L 250 -68.95 -28.99 14.38
C PHE L 250 -70.37 -28.52 14.67
N ASP L 251 -70.65 -28.16 15.92
CA ASP L 251 -71.98 -27.71 16.27
C ASP L 251 -72.00 -26.21 16.54
N ARG L 252 -70.94 -25.53 16.10
CA ARG L 252 -70.83 -24.07 16.28
C ARG L 252 -71.19 -23.63 17.69
N SER L 253 -70.87 -24.43 18.70
CA SER L 253 -71.21 -24.08 20.06
C SER L 253 -70.20 -23.18 20.75
N MET L 254 -68.97 -23.15 20.23
CA MET L 254 -67.93 -22.33 20.84
C MET L 254 -67.40 -21.31 19.86
N VAL L 255 -66.52 -20.44 20.36
CA VAL L 255 -65.93 -19.38 19.55
C VAL L 255 -64.43 -19.33 19.76
N MET L 256 -63.68 -19.33 18.66
CA MET L 256 -62.22 -19.29 18.72
C MET L 256 -61.74 -17.91 18.26
N GLY L 257 -60.92 -17.27 19.08
CA GLY L 257 -60.43 -15.95 18.71
C GLY L 257 -59.38 -15.39 19.68
N TYR L 258 -58.70 -14.35 19.23
CA TYR L 258 -57.70 -13.68 20.04
C TYR L 258 -58.34 -12.67 20.97
N GLY L 259 -57.72 -12.43 22.11
CA GLY L 259 -58.26 -11.46 23.05
C GLY L 259 -59.37 -11.94 23.96
N GLN L 260 -59.95 -13.10 23.64
CA GLN L 260 -61.03 -13.67 24.46
C GLN L 260 -60.84 -13.33 25.93
N ASP L 261 -59.58 -13.37 26.42
CA ASP L 261 -59.28 -13.10 27.81
C ASP L 261 -59.81 -11.78 28.27
N ASP L 262 -60.86 -11.89 29.08
CA ASP L 262 -61.59 -10.79 29.68
C ASP L 262 -62.27 -9.85 28.69
N ARG L 263 -61.72 -9.75 27.49
CA ARG L 263 -62.33 -8.91 26.50
C ARG L 263 -63.74 -9.42 26.24
N ILE L 264 -63.95 -10.69 26.54
CA ILE L 264 -65.26 -11.29 26.37
C ILE L 264 -66.16 -10.81 27.52
N CYS L 265 -65.59 -10.67 28.71
CA CYS L 265 -66.35 -10.20 29.83
C CYS L 265 -66.58 -8.72 29.64
N ALA L 266 -65.57 -8.03 29.16
CA ALA L 266 -65.66 -6.60 28.94
C ALA L 266 -66.78 -6.27 27.97
N TYR L 267 -67.08 -7.23 27.10
CA TYR L 267 -68.14 -7.05 26.12
C TYR L 267 -69.53 -7.32 26.71
N THR L 268 -69.71 -8.52 27.26
CA THR L 268 -70.99 -8.88 27.84
C THR L 268 -71.34 -7.82 28.87
N SER L 269 -70.36 -7.40 29.68
CA SER L 269 -70.60 -6.40 30.70
C SER L 269 -71.05 -5.11 30.02
N PHE L 270 -70.55 -4.89 28.81
CA PHE L 270 -70.92 -3.70 28.06
C PHE L 270 -72.39 -3.74 27.65
N GLU L 271 -72.76 -4.73 26.83
CA GLU L 271 -74.11 -4.86 26.38
C GLU L 271 -75.04 -4.86 27.55
N ALA L 272 -74.73 -5.62 28.59
CA ALA L 272 -75.61 -5.64 29.74
C ALA L 272 -75.79 -4.19 30.24
N MET L 273 -74.68 -3.50 30.49
CA MET L 273 -74.73 -2.11 30.94
C MET L 273 -75.43 -1.21 29.95
N LEU L 274 -75.19 -1.45 28.68
CA LEU L 274 -75.77 -0.65 27.63
C LEU L 274 -77.29 -0.72 27.56
N GLU L 275 -77.83 -1.92 27.38
CA GLU L 275 -79.28 -2.09 27.29
C GLU L 275 -79.96 -2.10 28.66
N MET L 276 -79.38 -1.36 29.60
CA MET L 276 -79.93 -1.28 30.95
C MET L 276 -80.71 0.01 31.14
N LYS L 277 -82.03 -0.09 31.13
CA LYS L 277 -82.90 1.05 31.28
C LYS L 277 -83.64 1.02 32.62
N ASN L 278 -84.06 2.19 33.10
CA ASN L 278 -84.78 2.29 34.36
C ASN L 278 -83.87 1.80 35.48
N ALA L 279 -83.02 2.69 35.98
CA ALA L 279 -82.09 2.32 37.05
C ALA L 279 -82.56 2.78 38.42
N LYS L 280 -82.52 1.87 39.39
CA LYS L 280 -82.94 2.22 40.74
C LYS L 280 -81.75 2.87 41.43
N LYS L 281 -80.62 2.19 41.39
CA LYS L 281 -79.40 2.72 42.00
C LYS L 281 -78.36 2.90 40.89
N THR L 282 -77.77 4.09 40.83
CA THR L 282 -76.79 4.40 39.82
C THR L 282 -75.72 3.33 39.67
N CYS L 283 -75.59 2.79 38.46
CA CYS L 283 -74.62 1.76 38.17
C CYS L 283 -73.59 2.19 37.12
N ILE L 284 -72.38 1.67 37.25
CA ILE L 284 -71.30 2.02 36.34
C ILE L 284 -70.41 0.89 35.85
N THR L 285 -69.92 1.05 34.62
CA THR L 285 -69.05 0.06 33.98
C THR L 285 -67.64 0.58 33.78
N ILE L 286 -66.68 -0.18 34.27
CA ILE L 286 -65.26 0.22 34.14
C ILE L 286 -64.50 -0.73 33.21
N LEU L 287 -63.67 -0.15 32.36
CA LEU L 287 -62.86 -0.92 31.43
C LEU L 287 -61.44 -0.34 31.37
N VAL L 288 -60.51 -0.96 32.09
CA VAL L 288 -59.12 -0.50 32.13
C VAL L 288 -58.18 -1.49 31.50
N ASP L 289 -56.89 -1.15 31.49
CA ASP L 289 -55.89 -2.05 30.94
C ASP L 289 -54.74 -2.27 31.92
N LYS L 290 -53.63 -2.78 31.38
CA LYS L 290 -52.44 -3.05 32.16
C LYS L 290 -52.65 -4.13 33.22
N GLU L 291 -53.80 -4.78 33.17
CA GLU L 291 -54.08 -5.84 34.14
C GLU L 291 -53.10 -7.01 33.97
N GLU L 292 -52.97 -7.47 32.73
CA GLU L 292 -52.08 -8.58 32.40
C GLU L 292 -50.63 -8.28 32.70
N VAL L 293 -50.31 -7.03 32.99
CA VAL L 293 -48.94 -6.65 33.27
C VAL L 293 -48.73 -6.24 34.73
N GLY L 294 -49.80 -6.26 35.54
CA GLY L 294 -49.66 -5.91 36.94
C GLY L 294 -50.67 -4.90 37.43
N SER L 295 -51.33 -4.23 36.49
CA SER L 295 -52.34 -3.23 36.81
C SER L 295 -51.75 -1.98 37.43
N ILE L 296 -50.54 -1.63 37.00
CA ILE L 296 -49.85 -0.44 37.51
C ILE L 296 -50.63 0.83 37.21
N GLY L 297 -50.12 1.94 37.71
CA GLY L 297 -50.77 3.23 37.54
C GLY L 297 -50.96 3.72 36.12
N ALA L 298 -51.43 4.97 36.01
CA ALA L 298 -51.67 5.63 34.73
C ALA L 298 -52.99 5.24 34.08
N THR L 299 -53.18 3.94 33.87
CA THR L 299 -54.43 3.46 33.24
C THR L 299 -54.97 2.11 33.79
N GLY L 300 -54.80 1.85 35.09
CA GLY L 300 -55.27 0.61 35.69
C GLY L 300 -55.66 0.72 37.16
N MET L 301 -54.69 1.07 38.00
CA MET L 301 -54.90 1.22 39.43
C MET L 301 -55.01 2.71 39.72
N GLN L 302 -54.96 3.48 38.63
CA GLN L 302 -55.05 4.93 38.69
C GLN L 302 -56.23 5.45 39.50
N SER L 303 -56.32 6.78 39.60
CA SER L 303 -57.40 7.41 40.33
C SER L 303 -58.47 7.86 39.32
N LYS L 304 -58.21 7.56 38.06
CA LYS L 304 -59.13 7.90 36.97
C LYS L 304 -60.56 7.62 37.36
N PHE L 305 -60.78 6.56 38.14
CA PHE L 305 -62.12 6.21 38.59
C PHE L 305 -62.47 6.99 39.83
N PHE L 306 -61.53 7.02 40.77
CA PHE L 306 -61.71 7.75 42.03
C PHE L 306 -62.08 9.20 41.69
N GLU L 307 -61.09 9.93 41.18
CA GLU L 307 -61.29 11.31 40.80
C GLU L 307 -62.09 11.39 39.51
N ASN L 308 -63.30 10.85 39.57
CA ASN L 308 -64.17 10.87 38.43
C ASN L 308 -65.58 10.61 38.90
N THR L 309 -65.71 9.67 39.83
CA THR L 309 -67.00 9.38 40.40
C THR L 309 -67.32 10.67 41.14
N VAL L 310 -66.27 11.35 41.58
CA VAL L 310 -66.44 12.60 42.28
C VAL L 310 -66.75 13.70 41.27
N ALA L 311 -65.88 13.85 40.29
CA ALA L 311 -66.09 14.85 39.25
C ALA L 311 -67.50 14.67 38.69
N ASP L 312 -68.07 13.50 38.90
CA ASP L 312 -69.40 13.19 38.42
C ASP L 312 -70.41 13.45 39.54
N ILE L 313 -70.01 13.15 40.78
CA ILE L 313 -70.86 13.37 41.95
C ILE L 313 -71.11 14.88 42.08
N MET L 314 -70.18 15.68 41.54
CA MET L 314 -70.29 17.13 41.58
C MET L 314 -71.58 17.61 40.90
N SER L 315 -71.93 16.97 39.79
CA SER L 315 -73.15 17.32 39.06
C SER L 315 -74.35 16.51 39.53
N ASP L 321 -73.69 18.10 47.78
CA ASP L 321 -73.25 17.13 46.79
C ASP L 321 -71.78 17.34 46.41
N GLU L 322 -70.98 17.78 47.37
CA GLU L 322 -69.57 18.03 47.14
C GLU L 322 -68.63 17.20 48.02
N LEU L 323 -68.37 17.71 49.22
CA LEU L 323 -67.48 17.06 50.19
C LEU L 323 -67.41 15.54 50.19
N LYS L 324 -66.19 15.05 50.43
CA LYS L 324 -65.88 13.63 50.47
C LYS L 324 -67.04 12.69 50.73
N LEU L 325 -67.58 12.71 51.96
CA LEU L 325 -68.66 11.83 52.35
C LEU L 325 -68.18 10.37 52.43
N ARG L 326 -67.37 9.95 51.44
CA ARG L 326 -66.79 8.59 51.35
C ARG L 326 -67.79 7.46 51.08
N LYS L 327 -68.76 7.33 51.98
CA LYS L 327 -69.81 6.32 51.89
C LYS L 327 -70.20 5.92 50.47
N ALA L 328 -70.20 6.89 49.56
CA ALA L 328 -70.56 6.64 48.17
C ALA L 328 -69.99 5.31 47.65
N LEU L 329 -68.68 5.15 47.75
CA LEU L 329 -68.00 3.95 47.28
C LEU L 329 -68.16 2.79 48.25
N TYR L 330 -67.96 3.07 49.53
CA TYR L 330 -68.08 2.04 50.57
C TYR L 330 -69.38 1.22 50.50
N ASN L 331 -70.47 1.85 50.07
CA ASN L 331 -71.74 1.15 50.01
C ASN L 331 -72.07 0.60 48.64
N SER L 332 -71.06 0.41 47.79
CA SER L 332 -71.32 -0.12 46.45
C SER L 332 -71.09 -1.62 46.35
N GLU L 333 -71.57 -2.21 45.26
CA GLU L 333 -71.41 -3.63 45.03
C GLU L 333 -70.79 -3.80 43.64
N MET L 334 -69.67 -4.50 43.56
CA MET L 334 -69.01 -4.71 42.27
C MET L 334 -68.97 -6.16 41.83
N LEU L 335 -68.74 -6.33 40.54
CA LEU L 335 -68.67 -7.64 39.94
C LEU L 335 -67.47 -7.64 39.01
N SER L 336 -66.28 -7.46 39.59
CA SER L 336 -65.03 -7.44 38.80
C SER L 336 -64.89 -8.81 38.14
N SER L 337 -65.08 -8.86 36.83
CA SER L 337 -65.00 -10.12 36.13
C SER L 337 -63.75 -10.30 35.29
N ASP L 338 -63.36 -11.56 35.07
CA ASP L 338 -62.21 -11.93 34.28
C ASP L 338 -62.32 -13.42 33.99
N VAL L 339 -61.92 -13.83 32.79
CA VAL L 339 -61.99 -15.23 32.37
C VAL L 339 -61.28 -16.16 33.32
N SER L 340 -61.78 -17.39 33.40
CA SER L 340 -61.19 -18.42 34.25
C SER L 340 -60.78 -19.59 33.39
N ALA L 341 -60.00 -20.50 33.96
CA ALA L 341 -59.55 -21.66 33.20
C ALA L 341 -60.59 -22.78 33.21
N ALA L 342 -61.05 -23.16 32.02
CA ALA L 342 -62.03 -24.21 31.89
C ALA L 342 -61.33 -25.56 31.91
N PHE L 343 -61.98 -26.58 32.47
CA PHE L 343 -61.39 -27.92 32.54
C PHE L 343 -61.09 -28.45 31.13
N ASP L 344 -59.82 -28.76 30.87
CA ASP L 344 -59.42 -29.28 29.57
C ASP L 344 -59.25 -30.79 29.66
N PRO L 345 -60.01 -31.55 28.87
CA PRO L 345 -59.91 -33.02 28.89
C PRO L 345 -58.56 -33.54 28.41
N ASN L 346 -57.66 -32.65 27.98
CA ASN L 346 -56.34 -33.08 27.53
C ASN L 346 -55.34 -33.08 28.68
N TYR L 347 -55.57 -32.20 29.66
CA TYR L 347 -54.70 -32.13 30.83
C TYR L 347 -55.56 -32.03 32.07
N PRO L 348 -56.07 -33.16 32.55
CA PRO L 348 -56.93 -33.23 33.74
C PRO L 348 -56.25 -33.18 35.09
N ASN L 349 -55.07 -33.77 35.17
CA ASN L 349 -54.33 -33.82 36.44
C ASN L 349 -53.90 -32.47 36.98
N VAL L 350 -54.17 -31.41 36.23
CA VAL L 350 -53.77 -30.09 36.67
C VAL L 350 -54.87 -29.41 37.47
N MET L 351 -56.10 -29.93 37.40
CA MET L 351 -57.21 -29.37 38.14
C MET L 351 -57.91 -30.39 39.04
N GLU L 352 -58.64 -29.88 40.03
CA GLU L 352 -59.33 -30.72 40.99
C GLU L 352 -60.66 -31.34 40.53
N LYS L 353 -60.95 -31.27 39.24
CA LYS L 353 -62.21 -31.83 38.74
C LYS L 353 -63.34 -31.03 39.38
N ARG L 354 -63.73 -31.39 40.59
CA ARG L 354 -64.77 -30.64 41.30
C ARG L 354 -64.11 -29.32 41.64
N ASN L 355 -64.89 -28.26 41.77
CA ASN L 355 -64.30 -26.96 42.08
C ASN L 355 -63.50 -26.41 40.90
N SER L 356 -63.92 -26.76 39.69
CA SER L 356 -63.26 -26.31 38.47
C SER L 356 -64.36 -25.92 37.50
N ALA L 357 -64.13 -24.86 36.74
CA ALA L 357 -65.14 -24.39 35.79
C ALA L 357 -65.19 -25.30 34.57
N TYR L 358 -66.41 -25.55 34.08
CA TYR L 358 -66.58 -26.39 32.91
C TYR L 358 -67.21 -25.62 31.77
N LEU L 359 -66.78 -25.96 30.56
CA LEU L 359 -67.28 -25.31 29.35
C LEU L 359 -68.79 -25.44 29.15
N GLY L 360 -69.55 -24.39 29.46
CA GLY L 360 -70.97 -24.44 29.26
C GLY L 360 -71.83 -24.56 30.49
N LYS L 361 -71.25 -24.53 31.68
CA LYS L 361 -72.07 -24.64 32.87
C LYS L 361 -72.46 -23.28 33.45
N GLY L 362 -72.52 -22.25 32.61
CA GLY L 362 -72.89 -20.94 33.09
C GLY L 362 -71.76 -20.00 33.46
N ILE L 363 -72.10 -18.91 34.15
CA ILE L 363 -71.12 -17.92 34.55
C ILE L 363 -70.31 -18.47 35.73
N VAL L 364 -69.05 -18.07 35.80
CA VAL L 364 -68.17 -18.54 36.87
C VAL L 364 -68.00 -17.56 38.05
N PHE L 365 -67.94 -18.13 39.25
CA PHE L 365 -67.75 -17.35 40.46
C PHE L 365 -66.52 -17.85 41.20
N ASN L 366 -65.68 -16.91 41.62
CA ASN L 366 -64.45 -17.25 42.34
C ASN L 366 -64.39 -16.48 43.65
N LYS L 367 -64.65 -17.17 44.75
CA LYS L 367 -64.60 -16.53 46.06
C LYS L 367 -63.20 -15.98 46.29
N TYR L 368 -62.21 -16.83 46.03
CA TYR L 368 -60.82 -16.45 46.20
C TYR L 368 -60.02 -16.93 45.00
N THR L 369 -58.86 -16.31 44.79
CA THR L 369 -58.00 -16.66 43.68
C THR L 369 -56.59 -16.13 43.92
N GLY L 370 -55.77 -16.91 44.62
CA GLY L 370 -54.42 -16.47 44.90
C GLY L 370 -53.38 -17.50 44.53
N SER L 371 -52.41 -17.69 45.44
CA SER L 371 -51.34 -18.64 45.26
C SER L 371 -51.20 -19.57 46.46
N ARG L 372 -49.99 -19.62 47.00
CA ARG L 372 -49.70 -20.45 48.16
C ARG L 372 -50.56 -20.07 49.36
N GLY L 373 -51.79 -20.58 49.39
CA GLY L 373 -52.66 -20.27 50.51
C GLY L 373 -53.49 -19.00 50.39
N LYS L 374 -54.13 -18.84 49.23
CA LYS L 374 -54.98 -17.68 48.97
C LYS L 374 -54.20 -16.37 49.06
N SER L 375 -52.88 -16.45 49.00
CA SER L 375 -52.03 -15.27 49.07
C SER L 375 -52.24 -14.24 47.97
N GLY L 376 -52.35 -12.99 48.38
CA GLY L 376 -52.54 -11.88 47.46
C GLY L 376 -53.74 -11.97 46.55
N CYS L 377 -54.93 -11.71 47.08
CA CYS L 377 -56.13 -11.76 46.27
C CYS L 377 -57.33 -11.39 47.13
N ASN L 378 -58.41 -11.00 46.46
CA ASN L 378 -59.63 -10.61 47.16
C ASN L 378 -60.47 -11.82 47.53
N ASP L 379 -61.01 -11.81 48.74
CA ASP L 379 -61.85 -12.91 49.22
C ASP L 379 -63.28 -12.40 49.46
N ALA L 380 -64.19 -12.76 48.56
CA ALA L 380 -65.59 -12.35 48.64
C ALA L 380 -66.29 -12.81 49.91
N ASN L 381 -67.12 -11.94 50.47
CA ASN L 381 -67.87 -12.25 51.68
C ASN L 381 -69.07 -13.14 51.36
N PRO L 382 -69.35 -14.13 52.23
CA PRO L 382 -70.47 -15.05 52.04
C PRO L 382 -71.81 -14.37 51.96
N GLU L 383 -72.03 -13.42 52.86
CA GLU L 383 -73.30 -12.69 52.87
C GLU L 383 -73.57 -12.08 51.49
N TYR L 384 -72.53 -11.54 50.86
CA TYR L 384 -72.68 -10.96 49.53
C TYR L 384 -72.90 -12.05 48.50
N ILE L 385 -72.15 -13.14 48.62
CA ILE L 385 -72.26 -14.26 47.71
C ILE L 385 -73.68 -14.81 47.73
N ALA L 386 -74.18 -15.07 48.92
CA ALA L 386 -75.53 -15.59 49.06
C ALA L 386 -76.50 -14.71 48.28
N GLU L 387 -76.37 -13.38 48.44
CA GLU L 387 -77.24 -12.46 47.73
C GLU L 387 -77.20 -12.70 46.23
N LEU L 388 -75.99 -12.76 45.68
CA LEU L 388 -75.84 -12.99 44.25
C LEU L 388 -76.53 -14.27 43.86
N ARG L 389 -76.46 -15.27 44.75
CA ARG L 389 -77.12 -16.55 44.49
C ARG L 389 -78.59 -16.29 44.29
N ARG L 390 -79.21 -15.76 45.33
CA ARG L 390 -80.63 -15.47 45.30
C ARG L 390 -81.00 -14.74 44.02
N ILE L 391 -80.27 -13.67 43.70
CA ILE L 391 -80.53 -12.91 42.50
C ILE L 391 -80.45 -13.74 41.22
N LEU L 392 -79.32 -14.42 41.03
CA LEU L 392 -79.11 -15.24 39.85
C LEU L 392 -79.99 -16.47 39.92
N SER L 393 -81.03 -16.43 40.75
CA SER L 393 -81.93 -17.56 40.86
C SER L 393 -83.26 -17.08 40.32
N LYS L 394 -83.66 -15.91 40.80
CA LYS L 394 -84.90 -15.30 40.37
C LYS L 394 -84.86 -15.13 38.86
N GLU L 395 -83.95 -14.30 38.38
CA GLU L 395 -83.82 -14.07 36.93
C GLU L 395 -83.22 -15.29 36.25
N SER L 396 -83.11 -16.39 37.00
CA SER L 396 -82.54 -17.63 36.51
C SER L 396 -81.04 -17.43 36.27
N VAL L 397 -80.53 -17.88 35.12
CA VAL L 397 -79.11 -17.77 34.79
C VAL L 397 -78.30 -18.87 35.47
N ASN L 398 -77.54 -19.62 34.68
CA ASN L 398 -76.72 -20.68 35.25
C ASN L 398 -75.37 -20.14 35.69
N TRP L 399 -74.93 -20.60 36.86
CA TRP L 399 -73.66 -20.19 37.40
C TRP L 399 -72.94 -21.39 38.01
N GLN L 400 -71.62 -21.30 38.06
CA GLN L 400 -70.79 -22.36 38.63
C GLN L 400 -69.61 -21.73 39.31
N THR L 401 -69.12 -22.39 40.35
CA THR L 401 -67.97 -21.87 41.08
C THR L 401 -66.73 -22.68 40.73
N ALA L 402 -65.60 -21.99 40.59
CA ALA L 402 -64.37 -22.64 40.23
C ALA L 402 -63.18 -22.15 41.06
N GLU L 403 -62.07 -22.86 40.91
CA GLU L 403 -60.81 -22.57 41.61
C GLU L 403 -59.76 -22.77 40.54
N LEU L 404 -58.72 -21.96 40.55
CA LEU L 404 -57.68 -22.11 39.52
C LEU L 404 -56.65 -23.21 39.78
N GLY L 405 -56.94 -24.44 39.34
CA GLY L 405 -56.01 -25.52 39.55
C GLY L 405 -55.91 -26.04 40.98
N LYS L 406 -55.59 -27.33 41.09
CA LYS L 406 -55.49 -27.99 42.38
C LYS L 406 -54.55 -27.29 43.35
N VAL L 407 -55.14 -26.56 44.29
CA VAL L 407 -54.40 -25.83 45.31
C VAL L 407 -53.05 -25.30 44.83
N ASP L 408 -51.97 -25.89 45.33
CA ASP L 408 -50.63 -25.45 44.97
C ASP L 408 -50.17 -25.66 43.52
N GLN L 409 -51.00 -25.28 42.56
CA GLN L 409 -50.64 -25.43 41.16
C GLN L 409 -50.22 -24.12 40.54
N GLY L 410 -51.19 -23.41 39.98
CA GLY L 410 -50.90 -22.14 39.34
C GLY L 410 -51.14 -20.98 40.28
N GLY L 411 -50.69 -19.80 39.86
CA GLY L 411 -50.88 -18.61 40.68
C GLY L 411 -52.03 -17.77 40.18
N GLY L 412 -52.50 -16.85 41.01
CA GLY L 412 -53.61 -15.99 40.62
C GLY L 412 -53.50 -14.59 41.18
N GLY L 413 -54.37 -13.70 40.70
CA GLY L 413 -54.36 -12.32 41.16
C GLY L 413 -55.20 -11.44 40.26
N THR L 414 -56.43 -11.18 40.66
CA THR L 414 -57.34 -10.35 39.88
C THR L 414 -57.35 -8.92 40.42
N ILE L 415 -57.81 -7.98 39.59
CA ILE L 415 -57.88 -6.58 40.00
C ILE L 415 -59.11 -6.33 40.86
N ALA L 416 -59.65 -7.39 41.44
CA ALA L 416 -60.84 -7.29 42.29
C ALA L 416 -60.56 -6.61 43.62
N TYR L 417 -59.39 -6.88 44.20
CA TYR L 417 -59.02 -6.30 45.49
C TYR L 417 -58.71 -4.81 45.37
N ILE L 418 -58.32 -4.39 44.18
CA ILE L 418 -57.96 -3.00 43.98
C ILE L 418 -59.09 -2.01 44.30
N LEU L 419 -60.32 -2.40 44.02
CA LEU L 419 -61.45 -1.51 44.30
C LEU L 419 -62.09 -1.86 45.62
N ALA L 420 -61.91 -3.08 46.08
CA ALA L 420 -62.48 -3.48 47.36
C ALA L 420 -61.78 -2.69 48.46
N GLU L 421 -60.67 -2.06 48.10
CA GLU L 421 -59.89 -1.27 49.06
C GLU L 421 -60.75 -0.16 49.65
N TYR L 422 -61.86 0.15 48.98
CA TYR L 422 -62.78 1.17 49.45
C TYR L 422 -63.76 0.60 50.49
N GLY L 423 -64.01 -0.71 50.40
CA GLY L 423 -64.92 -1.35 51.33
C GLY L 423 -66.08 -2.00 50.60
N MET L 424 -66.04 -1.94 49.26
CA MET L 424 -67.07 -2.52 48.40
C MET L 424 -67.26 -4.01 48.64
N GLN L 425 -68.32 -4.55 48.05
CA GLN L 425 -68.62 -5.96 48.13
C GLN L 425 -68.30 -6.50 46.75
N VAL L 426 -67.07 -7.02 46.62
CA VAL L 426 -66.63 -7.54 45.32
C VAL L 426 -66.56 -9.05 45.29
N ILE L 427 -66.57 -9.58 44.07
CA ILE L 427 -66.47 -11.01 43.86
C ILE L 427 -66.03 -11.24 42.42
N ASP L 428 -65.27 -12.31 42.18
CA ASP L 428 -64.78 -12.61 40.84
C ASP L 428 -65.76 -13.38 39.96
N CYS L 429 -66.01 -12.83 38.78
CA CYS L 429 -66.91 -13.45 37.82
C CYS L 429 -66.18 -13.63 36.50
N GLY L 430 -66.91 -14.08 35.50
CA GLY L 430 -66.30 -14.26 34.20
C GLY L 430 -66.67 -15.56 33.55
N VAL L 431 -66.30 -15.67 32.28
CA VAL L 431 -66.57 -16.85 31.49
C VAL L 431 -65.41 -17.82 31.61
N ALA L 432 -65.65 -19.07 31.27
CA ALA L 432 -64.61 -20.08 31.33
C ALA L 432 -63.98 -20.23 29.95
N LEU L 433 -62.65 -20.09 29.86
CA LEU L 433 -61.96 -20.22 28.59
C LEU L 433 -61.13 -21.51 28.45
N LEU L 434 -60.66 -21.74 27.24
CA LEU L 434 -59.82 -22.88 26.92
C LEU L 434 -58.51 -22.26 26.43
N ASN L 435 -57.39 -22.81 26.89
CA ASN L 435 -56.05 -22.31 26.56
C ASN L 435 -55.95 -20.77 26.56
N HIS L 437 -54.43 -16.93 27.30
CA HIS L 437 -53.24 -16.24 26.86
C HIS L 437 -52.59 -16.85 25.64
N ALA L 438 -53.38 -17.60 24.88
CA ALA L 438 -52.87 -18.22 23.66
C ALA L 438 -53.36 -17.33 22.53
N PRO L 439 -52.68 -17.36 21.38
CA PRO L 439 -53.08 -16.53 20.25
C PRO L 439 -54.54 -16.79 19.86
N TRP L 440 -55.02 -18.01 20.14
CA TRP L 440 -56.39 -18.36 19.84
C TRP L 440 -57.01 -19.02 21.04
N GLU L 441 -57.99 -18.34 21.63
CA GLU L 441 -58.71 -18.84 22.81
C GLU L 441 -60.10 -19.33 22.44
N ILE L 442 -60.66 -20.22 23.25
CA ILE L 442 -61.99 -20.77 22.98
C ILE L 442 -62.99 -20.48 24.09
N SER L 443 -64.26 -20.25 23.71
CA SER L 443 -65.31 -19.95 24.68
C SER L 443 -66.64 -20.55 24.27
N SER L 444 -67.50 -20.77 25.26
CA SER L 444 -68.83 -21.34 24.99
C SER L 444 -69.88 -20.26 24.83
N LYS L 445 -70.52 -20.24 23.66
CA LYS L 445 -71.54 -19.24 23.41
C LYS L 445 -72.58 -19.25 24.53
N ALA L 446 -72.95 -20.45 24.95
CA ALA L 446 -73.91 -20.56 26.03
C ALA L 446 -73.40 -19.78 27.24
N ASP L 447 -72.14 -19.97 27.59
CA ASP L 447 -71.59 -19.26 28.73
C ASP L 447 -71.59 -17.76 28.48
N ILE L 448 -71.12 -17.33 27.32
CA ILE L 448 -71.10 -15.91 26.98
C ILE L 448 -72.48 -15.36 27.32
N TYR L 449 -73.50 -15.96 26.71
CA TYR L 449 -74.90 -15.57 26.91
C TYR L 449 -75.23 -15.53 28.38
N GLU L 450 -75.15 -16.68 29.03
CA GLU L 450 -75.47 -16.78 30.45
C GLU L 450 -74.81 -15.66 31.25
N THR L 451 -73.51 -15.45 31.02
CA THR L 451 -72.76 -14.40 31.73
C THR L 451 -73.44 -13.06 31.60
N LYS L 452 -73.73 -12.67 30.37
CA LYS L 452 -74.39 -11.40 30.14
C LYS L 452 -75.64 -11.31 31.01
N ASN L 453 -76.52 -12.30 30.88
CA ASN L 453 -77.73 -12.30 31.68
C ASN L 453 -77.39 -12.18 33.15
N GLY L 454 -76.29 -12.82 33.55
CA GLY L 454 -75.88 -12.76 34.94
C GLY L 454 -75.58 -11.33 35.32
N TYR L 455 -74.92 -10.61 34.41
CA TYR L 455 -74.60 -9.20 34.64
C TYR L 455 -75.90 -8.39 34.69
N SER L 456 -76.66 -8.45 33.60
CA SER L 456 -77.91 -7.72 33.51
C SER L 456 -78.78 -7.98 34.72
N ALA L 457 -78.81 -9.22 35.20
CA ALA L 457 -79.62 -9.57 36.36
C ALA L 457 -78.96 -9.06 37.64
N PHE L 458 -78.17 -8.00 37.50
CA PHE L 458 -77.47 -7.39 38.61
C PHE L 458 -77.83 -5.90 38.61
N LEU L 459 -78.89 -5.57 37.86
CA LEU L 459 -79.39 -4.20 37.73
C LEU L 459 -80.21 -3.85 38.97
N ASN L 460 -81.05 -4.78 39.40
CA ASN L 460 -81.86 -4.58 40.58
C ASN L 460 -81.52 -5.67 41.57
N ASN L 461 -82.11 -5.61 42.76
CA ASN L 461 -81.87 -6.61 43.79
C ASN L 461 -82.86 -7.78 43.62
N LEU M 1 36.00 7.57 -89.07
CA LEU M 1 37.09 8.59 -88.95
C LEU M 1 36.71 9.45 -87.77
N LEU M 2 35.44 9.81 -87.68
CA LEU M 2 34.96 10.62 -86.56
C LEU M 2 33.84 9.82 -85.86
N LYS M 3 34.13 9.36 -84.64
CA LYS M 3 33.18 8.59 -83.84
C LYS M 3 32.72 9.32 -82.56
N GLU M 4 31.41 9.60 -82.47
CA GLU M 4 30.80 10.27 -81.34
C GLU M 4 30.77 9.28 -80.18
N TYR M 5 29.57 9.04 -79.62
CA TYR M 5 29.36 8.11 -78.50
C TYR M 5 29.29 6.63 -78.87
N LYS M 6 28.06 6.14 -79.07
CA LYS M 6 27.79 4.75 -79.42
C LYS M 6 27.80 3.86 -78.18
N ASN M 7 26.63 3.31 -77.87
CA ASN M 7 26.45 2.45 -76.70
C ASN M 7 26.81 0.98 -76.92
N ALA M 8 27.20 0.32 -75.84
CA ALA M 8 27.61 -1.07 -75.90
C ALA M 8 26.60 -2.00 -76.55
N TRP M 9 25.33 -1.90 -76.15
CA TRP M 9 24.28 -2.74 -76.72
C TRP M 9 24.16 -2.39 -78.20
N ASP M 10 23.16 -2.94 -78.88
CA ASP M 10 22.99 -2.72 -80.33
C ASP M 10 24.10 -3.49 -81.00
N LYS M 11 25.30 -2.93 -80.89
CA LYS M 11 26.49 -3.54 -81.43
C LYS M 11 26.50 -5.00 -81.00
N TYR M 12 26.16 -5.25 -79.74
CA TYR M 12 26.13 -6.62 -79.21
C TYR M 12 25.15 -7.48 -79.99
N ASP M 13 23.94 -7.59 -79.46
CA ASP M 13 22.91 -8.40 -80.08
C ASP M 13 23.62 -9.68 -80.50
N ASP M 14 23.64 -9.92 -81.82
CA ASP M 14 24.29 -11.09 -82.35
C ASP M 14 23.61 -12.34 -81.81
N LYS M 15 22.71 -12.15 -80.84
CA LYS M 15 21.99 -13.26 -80.20
C LYS M 15 22.98 -14.08 -79.39
N GLN M 16 24.24 -14.02 -79.79
CA GLN M 16 25.32 -14.74 -79.12
C GLN M 16 25.90 -13.81 -78.08
N LEU M 17 26.60 -12.79 -78.56
CA LEU M 17 27.23 -11.80 -77.70
C LEU M 17 26.39 -11.56 -76.45
N LYS M 18 25.12 -11.22 -76.65
CA LYS M 18 24.23 -10.98 -75.51
C LYS M 18 24.27 -12.16 -74.55
N GLU M 19 23.74 -13.29 -75.00
CA GLU M 19 23.71 -14.49 -74.19
C GLU M 19 25.08 -14.73 -73.57
N VAL M 20 26.13 -14.45 -74.33
CA VAL M 20 27.50 -14.65 -73.85
C VAL M 20 27.88 -13.76 -72.68
N PHE M 21 26.91 -13.01 -72.16
CA PHE M 21 27.20 -12.16 -71.01
C PHE M 21 25.99 -11.82 -70.17
N ALA M 22 24.86 -11.57 -70.84
CA ALA M 22 23.61 -11.24 -70.14
C ALA M 22 23.48 -12.22 -69.01
N LEU M 23 23.84 -13.46 -69.30
CA LEU M 23 23.83 -14.54 -68.32
C LEU M 23 25.31 -14.94 -68.17
N GLY M 24 26.10 -14.53 -69.15
CA GLY M 24 27.51 -14.83 -69.13
C GLY M 24 28.16 -14.38 -67.84
N ASP M 25 28.65 -13.13 -67.84
CA ASP M 25 29.28 -12.60 -66.64
C ASP M 25 28.26 -12.41 -65.52
N ARG M 26 27.07 -11.94 -65.86
CA ARG M 26 26.03 -11.77 -64.85
C ARG M 26 25.65 -13.17 -64.43
N PHE M 27 26.46 -13.77 -63.59
CA PHE M 27 26.24 -15.12 -63.10
C PHE M 27 27.54 -15.34 -62.39
N LYS M 28 28.62 -15.35 -63.17
CA LYS M 28 29.94 -15.53 -62.58
C LYS M 28 30.15 -14.38 -61.59
N ASN M 29 30.28 -13.16 -62.12
CA ASN M 29 30.46 -11.96 -61.28
C ASN M 29 29.27 -11.92 -60.37
N PHE M 30 28.10 -11.78 -61.00
CA PHE M 30 26.87 -11.71 -60.26
C PHE M 30 26.88 -12.58 -59.00
N ILE M 31 27.60 -13.71 -59.02
CA ILE M 31 27.64 -14.59 -57.86
C ILE M 31 28.91 -14.41 -57.03
N SER M 32 29.98 -13.97 -57.68
CA SER M 32 31.25 -13.77 -56.98
C SER M 32 31.06 -12.83 -55.79
N ASN M 33 30.56 -11.63 -56.04
CA ASN M 33 30.38 -10.68 -54.95
C ASN M 33 29.18 -11.02 -54.07
N CYS M 34 28.93 -12.31 -53.87
CA CYS M 34 27.83 -12.74 -53.04
C CYS M 34 28.36 -13.75 -52.04
N LYS M 35 29.24 -14.61 -52.55
CA LYS M 35 29.84 -15.64 -51.72
C LYS M 35 31.24 -15.17 -51.30
N THR M 36 31.51 -13.90 -51.49
CA THR M 36 32.81 -13.32 -51.14
C THR M 36 32.63 -11.81 -50.97
N GLU M 37 32.59 -11.35 -49.73
CA GLU M 37 32.39 -9.92 -49.47
C GLU M 37 33.47 -9.35 -48.56
N ARG M 38 34.37 -10.21 -48.09
CA ARG M 38 35.46 -9.79 -47.20
C ARG M 38 36.78 -10.33 -47.70
N GLU M 39 37.51 -9.55 -48.48
CA GLU M 39 38.81 -9.95 -49.03
C GLU M 39 39.18 -11.43 -48.99
N CYS M 40 38.19 -12.32 -48.99
CA CYS M 40 38.44 -13.74 -48.98
C CYS M 40 38.28 -14.13 -50.42
N VAL M 41 38.26 -13.09 -51.25
CA VAL M 41 38.14 -13.26 -52.68
C VAL M 41 39.31 -14.18 -53.03
N THR M 42 40.40 -14.02 -52.29
CA THR M 42 41.59 -14.84 -52.47
C THR M 42 41.20 -16.32 -52.43
N GLU M 43 40.57 -16.76 -51.34
CA GLU M 43 40.15 -18.14 -51.20
C GLU M 43 39.36 -18.63 -52.39
N LEU M 44 38.15 -18.10 -52.54
CA LEU M 44 37.29 -18.51 -53.65
C LEU M 44 38.01 -18.43 -55.00
N ILE M 45 38.83 -17.40 -55.19
CA ILE M 45 39.55 -17.26 -56.45
C ILE M 45 40.68 -18.26 -56.54
N LYS M 46 41.39 -18.46 -55.44
CA LYS M 46 42.49 -19.41 -55.45
C LYS M 46 41.94 -20.82 -55.65
N THR M 47 40.72 -21.08 -55.17
CA THR M 47 40.11 -22.39 -55.38
C THR M 47 39.91 -22.52 -56.87
N ALA M 48 39.45 -21.45 -57.51
CA ALA M 48 39.30 -21.47 -58.97
C ALA M 48 40.76 -21.47 -59.42
N GLU M 49 41.02 -21.34 -60.71
CA GLU M 49 42.40 -21.38 -61.18
C GLU M 49 43.01 -22.72 -60.77
N LYS M 50 42.15 -23.67 -60.42
CA LYS M 50 42.59 -25.01 -60.04
C LYS M 50 43.08 -25.65 -61.31
N SER M 51 42.77 -25.00 -62.42
CA SER M 51 43.19 -25.45 -63.73
C SER M 51 44.63 -25.00 -63.98
N GLY M 52 45.52 -25.37 -63.06
CA GLY M 52 46.92 -25.01 -63.13
C GLY M 52 47.27 -24.12 -61.95
N TYR M 53 48.41 -23.42 -62.03
CA TYR M 53 48.80 -22.51 -60.96
C TYR M 53 49.15 -23.22 -59.67
N ARG M 54 50.13 -22.70 -58.94
CA ARG M 54 50.50 -23.30 -57.67
C ARG M 54 51.59 -22.50 -56.98
N ASN M 55 52.81 -22.58 -57.50
CA ASN M 55 53.98 -21.88 -56.95
C ASN M 55 54.00 -21.97 -55.44
N ILE M 56 53.36 -20.97 -54.85
CA ILE M 56 53.22 -20.83 -53.40
C ILE M 56 54.35 -21.52 -52.61
N GLU M 57 54.25 -22.83 -52.42
CA GLU M 57 55.24 -23.60 -51.68
C GLU M 57 56.06 -24.47 -52.63
N ASP M 58 55.39 -25.00 -53.65
CA ASP M 58 56.01 -25.88 -54.63
C ASP M 58 57.06 -25.20 -55.51
N ILE M 59 58.16 -24.79 -54.89
CA ILE M 59 59.25 -24.15 -55.59
C ILE M 59 60.43 -25.10 -55.58
N LEU M 60 60.64 -25.79 -56.71
CA LEU M 60 61.75 -26.76 -56.89
C LEU M 60 62.49 -26.54 -58.20
N ALA M 61 62.22 -25.39 -58.84
CA ALA M 61 62.84 -25.02 -60.13
C ALA M 61 62.26 -25.89 -61.23
N LYS M 62 62.32 -27.19 -61.01
CA LYS M 62 61.82 -28.17 -61.96
C LYS M 62 60.57 -28.82 -61.36
N GLY M 63 60.16 -28.34 -60.19
CA GLY M 63 58.96 -28.88 -59.56
C GLY M 63 57.81 -28.78 -60.52
N GLU M 64 57.88 -27.77 -61.39
CA GLU M 64 56.88 -27.52 -62.43
C GLU M 64 57.65 -27.03 -63.66
N THR M 65 58.99 -27.10 -63.57
CA THR M 65 59.89 -26.68 -64.63
C THR M 65 59.47 -25.33 -65.22
N LEU M 66 59.71 -24.27 -64.45
CA LEU M 66 59.36 -22.92 -64.86
C LEU M 66 59.81 -22.60 -66.28
N LYS M 67 58.87 -22.65 -67.22
CA LYS M 67 59.15 -22.37 -68.62
C LYS M 67 57.86 -22.12 -69.40
N GLU M 68 57.96 -22.07 -70.73
CA GLU M 68 56.81 -21.85 -71.59
C GLU M 68 55.51 -22.49 -71.08
N GLY M 69 54.41 -21.76 -71.23
CA GLY M 69 53.11 -22.26 -70.82
C GLY M 69 52.84 -22.54 -69.34
N ASP M 70 53.76 -22.14 -68.46
CA ASP M 70 53.56 -22.37 -67.05
C ASP M 70 52.72 -21.29 -66.40
N LYS M 71 51.97 -21.68 -65.38
CA LYS M 71 51.08 -20.76 -64.65
C LYS M 71 51.14 -21.00 -63.14
N VAL M 72 51.45 -19.96 -62.37
CA VAL M 72 51.55 -20.08 -60.92
C VAL M 72 50.94 -18.89 -60.17
N TYR M 73 50.65 -19.09 -58.89
CA TYR M 73 50.09 -18.02 -58.09
C TYR M 73 50.87 -17.87 -56.79
N ALA M 74 50.75 -16.72 -56.14
CA ALA M 74 51.46 -16.47 -54.90
C ALA M 74 50.49 -15.84 -53.92
N ASN M 75 50.31 -16.46 -52.76
CA ASN M 75 49.39 -15.94 -51.76
C ASN M 75 50.10 -15.07 -50.75
N ASN M 76 49.54 -13.90 -50.48
CA ASN M 76 50.12 -12.98 -49.51
C ASN M 76 49.31 -12.98 -48.21
N ARG M 77 49.70 -13.86 -47.30
CA ARG M 77 49.03 -14.00 -46.02
C ARG M 77 47.50 -13.99 -46.15
N GLY M 78 47.02 -14.54 -47.27
CA GLY M 78 45.59 -14.63 -47.53
C GLY M 78 44.89 -13.34 -47.90
N LYS M 79 45.55 -12.22 -47.67
CA LYS M 79 44.96 -10.92 -47.97
C LYS M 79 45.21 -10.49 -49.42
N GLY M 80 46.25 -11.06 -50.04
CA GLY M 80 46.57 -10.68 -51.41
C GLY M 80 46.87 -11.84 -52.33
N LEU M 81 46.73 -11.61 -53.63
CA LEU M 81 46.95 -12.65 -54.62
C LEU M 81 47.54 -12.14 -55.92
N ILE M 82 48.51 -12.88 -56.46
CA ILE M 82 49.16 -12.51 -57.71
C ILE M 82 49.35 -13.74 -58.58
N MET M 83 48.91 -13.67 -59.84
CA MET M 83 49.00 -14.79 -60.77
C MET M 83 49.94 -14.53 -61.95
N PHE M 84 50.67 -15.56 -62.36
CA PHE M 84 51.60 -15.47 -63.48
C PHE M 84 51.20 -16.40 -64.62
N LEU M 85 51.79 -16.14 -65.78
CA LEU M 85 51.55 -16.95 -66.97
C LEU M 85 52.73 -16.73 -67.91
N ILE M 86 53.71 -17.64 -67.87
CA ILE M 86 54.89 -17.51 -68.70
C ILE M 86 54.59 -17.60 -70.19
N GLY M 87 55.31 -16.79 -70.97
CA GLY M 87 55.12 -16.77 -72.40
C GLY M 87 56.42 -17.09 -73.14
N LYS M 88 56.33 -17.12 -74.47
CA LYS M 88 57.49 -17.41 -75.32
C LYS M 88 58.71 -16.58 -74.94
N GLU M 89 58.64 -15.27 -75.19
CA GLU M 89 59.74 -14.36 -74.88
C GLU M 89 60.17 -14.49 -73.43
N PRO M 90 61.40 -14.04 -73.11
CA PRO M 90 61.94 -14.10 -71.75
C PRO M 90 61.38 -12.97 -70.86
N LEU M 91 61.41 -13.18 -69.55
CA LEU M 91 60.89 -12.18 -68.62
C LEU M 91 61.59 -10.85 -68.84
N TYR M 92 62.91 -10.89 -68.99
CA TYR M 92 63.72 -9.69 -69.20
C TYR M 92 63.09 -8.76 -70.25
N THR M 93 62.28 -9.32 -71.14
CA THR M 93 61.61 -8.55 -72.18
C THR M 93 60.67 -7.52 -71.56
N GLY M 94 59.67 -8.01 -70.82
CA GLY M 94 58.70 -7.14 -70.18
C GLY M 94 57.54 -7.93 -69.62
N PHE M 95 56.46 -7.25 -69.24
CA PHE M 95 55.31 -7.94 -68.71
C PHE M 95 54.01 -7.30 -69.20
N LYS M 96 52.92 -8.01 -68.96
CA LYS M 96 51.59 -7.53 -69.30
C LYS M 96 50.81 -7.66 -67.99
N ILE M 97 50.86 -6.64 -67.15
CA ILE M 97 50.18 -6.67 -65.86
C ILE M 97 48.75 -6.12 -65.81
N LEU M 98 47.94 -6.76 -64.98
CA LEU M 98 46.56 -6.33 -64.75
C LEU M 98 46.43 -6.21 -63.24
N GLY M 99 46.09 -5.02 -62.77
CA GLY M 99 45.97 -4.83 -61.32
C GLY M 99 44.62 -4.36 -60.84
N ALA M 100 44.33 -4.65 -59.57
CA ALA M 100 43.06 -4.27 -58.97
C ALA M 100 43.06 -4.58 -57.47
N HIS M 101 42.34 -3.77 -56.68
CA HIS M 101 42.26 -4.01 -55.25
C HIS M 101 40.99 -4.79 -54.96
N ILE M 102 41.07 -5.72 -54.02
CA ILE M 102 39.90 -6.54 -53.70
C ILE M 102 39.15 -6.10 -52.45
N ASP M 103 39.73 -5.14 -51.73
CA ASP M 103 39.09 -4.62 -50.51
C ASP M 103 38.02 -3.60 -50.84
N SER M 104 37.08 -3.42 -49.90
CA SER M 104 35.99 -2.45 -50.08
C SER M 104 35.54 -1.86 -48.76
N PRO M 105 35.10 -0.60 -48.78
CA PRO M 105 34.65 0.09 -47.58
C PRO M 105 33.60 -0.71 -46.83
N ARG M 106 33.67 -0.68 -45.50
CA ARG M 106 32.74 -1.41 -44.63
C ARG M 106 32.97 -1.06 -43.17
N LEU M 107 32.11 -1.59 -42.31
CA LEU M 107 32.22 -1.37 -40.88
C LEU M 107 32.93 -2.60 -40.31
N ASP M 108 33.53 -2.46 -39.13
CA ASP M 108 34.20 -3.61 -38.53
C ASP M 108 34.56 -3.43 -37.06
N LEU M 109 34.03 -4.36 -36.26
CA LEU M 109 34.20 -4.43 -34.81
C LEU M 109 35.56 -4.00 -34.24
N LYS M 110 35.55 -3.25 -33.15
CA LYS M 110 36.79 -2.79 -32.54
C LYS M 110 37.50 -3.95 -31.83
N GLN M 111 38.52 -3.63 -31.05
CA GLN M 111 39.28 -4.64 -30.32
C GLN M 111 38.42 -5.22 -29.19
N ASN M 112 37.53 -4.40 -28.63
CA ASN M 112 36.64 -4.83 -27.56
C ASN M 112 35.22 -4.37 -27.91
N PRO M 113 34.67 -4.91 -29.01
CA PRO M 113 33.34 -4.59 -29.51
C PRO M 113 32.14 -4.93 -28.64
N LEU M 114 32.20 -6.05 -27.92
CA LEU M 114 31.07 -6.45 -27.10
C LEU M 114 30.91 -5.66 -25.82
N TYR M 115 29.76 -5.00 -25.67
CA TYR M 115 29.44 -4.21 -24.47
C TYR M 115 27.93 -4.18 -24.35
N GLU M 116 27.43 -3.89 -23.16
CA GLU M 116 25.99 -3.84 -22.93
C GLU M 116 25.52 -2.50 -22.38
N ASP M 117 24.64 -1.84 -23.11
CA ASP M 117 24.12 -0.55 -22.67
C ASP M 117 22.61 -0.55 -22.60
N THR M 118 22.09 -0.31 -21.41
CA THR M 118 20.64 -0.29 -21.20
C THR M 118 20.02 -1.58 -21.71
N ASP M 119 20.06 -2.61 -20.86
CA ASP M 119 19.50 -3.90 -21.23
C ASP M 119 20.22 -4.51 -22.41
N LEU M 120 19.70 -4.34 -23.61
CA LEU M 120 20.33 -4.91 -24.81
C LEU M 120 21.84 -4.69 -24.91
N ALA M 121 22.51 -5.55 -25.68
CA ALA M 121 23.96 -5.45 -25.85
C ALA M 121 24.39 -5.13 -27.28
N MET M 122 25.17 -4.07 -27.44
CA MET M 122 25.66 -3.69 -28.74
C MET M 122 27.07 -4.26 -29.06
N LEU M 123 27.65 -3.73 -30.13
CA LEU M 123 28.94 -4.13 -30.65
C LEU M 123 29.63 -2.93 -31.26
N GLU M 124 30.68 -2.44 -30.63
CA GLU M 124 31.45 -1.28 -31.15
C GLU M 124 31.98 -1.54 -32.57
N THR M 125 32.04 -0.50 -33.38
CA THR M 125 32.53 -0.62 -34.74
C THR M 125 33.46 0.52 -35.07
N HIS M 126 33.93 0.56 -36.30
CA HIS M 126 34.84 1.60 -36.71
C HIS M 126 34.96 1.49 -38.22
N TYR M 127 34.15 2.25 -38.94
CA TYR M 127 34.15 2.17 -40.40
C TYR M 127 35.53 2.23 -41.02
N TYR M 128 35.65 1.56 -42.17
CA TYR M 128 36.89 1.47 -42.90
C TYR M 128 36.71 1.81 -44.38
N GLY M 129 37.67 2.56 -44.92
CA GLY M 129 37.60 2.91 -46.33
C GLY M 129 36.98 4.25 -46.65
N GLY M 130 36.28 4.83 -45.69
CA GLY M 130 35.66 6.12 -45.95
C GLY M 130 34.34 5.97 -46.66
N ILE M 131 33.35 5.46 -45.92
CA ILE M 131 32.02 5.30 -46.48
C ILE M 131 31.38 6.67 -46.37
N LYS M 132 32.11 7.57 -45.70
CA LYS M 132 31.70 8.98 -45.44
C LYS M 132 30.20 9.20 -45.24
N LYS M 133 29.42 8.73 -46.22
CA LYS M 133 27.99 8.83 -46.14
C LYS M 133 27.61 7.70 -45.21
N TYR M 134 27.46 8.01 -43.93
CA TYR M 134 27.10 6.99 -42.97
C TYR M 134 25.65 6.55 -43.07
N GLN M 135 25.10 6.58 -44.29
CA GLN M 135 23.73 6.13 -44.48
C GLN M 135 23.86 4.61 -44.66
N TRP M 136 24.47 4.00 -43.65
CA TRP M 136 24.72 2.57 -43.55
C TRP M 136 23.85 2.03 -42.44
N VAL M 137 22.92 2.84 -41.98
CA VAL M 137 22.07 2.43 -40.87
C VAL M 137 20.99 1.42 -41.24
N THR M 138 19.75 1.75 -40.90
CA THR M 138 18.59 0.94 -41.17
C THR M 138 18.69 -0.38 -41.93
N LEU M 139 19.31 -0.40 -43.10
CA LEU M 139 19.41 -1.65 -43.87
C LEU M 139 20.15 -2.79 -43.13
N PRO M 140 19.72 -4.06 -43.40
CA PRO M 140 20.24 -5.32 -42.82
C PRO M 140 21.72 -5.61 -43.08
N LEU M 141 22.44 -5.98 -42.02
CA LEU M 141 23.86 -6.30 -42.10
C LEU M 141 24.19 -7.76 -41.75
N ALA M 142 25.32 -8.22 -42.26
CA ALA M 142 25.81 -9.58 -42.01
C ALA M 142 27.24 -9.54 -41.47
N ILE M 143 27.60 -10.53 -40.66
CA ILE M 143 28.96 -10.54 -40.12
C ILE M 143 29.85 -11.55 -40.81
N HIS M 144 31.06 -11.11 -41.17
CA HIS M 144 32.04 -11.98 -41.82
C HIS M 144 33.33 -11.87 -41.06
N GLY M 145 34.42 -12.30 -41.67
CA GLY M 145 35.71 -12.22 -41.00
C GLY M 145 36.13 -13.51 -40.34
N VAL M 146 37.11 -13.40 -39.44
CA VAL M 146 37.66 -14.56 -38.75
C VAL M 146 38.16 -14.22 -37.35
N ILE M 147 38.13 -15.18 -36.43
CA ILE M 147 38.61 -14.97 -35.07
C ILE M 147 39.73 -15.93 -34.79
N VAL M 148 40.80 -15.45 -34.17
CA VAL M 148 41.93 -16.32 -33.87
C VAL M 148 42.09 -16.61 -32.38
N LYS M 149 41.98 -17.89 -32.02
CA LYS M 149 42.15 -18.35 -30.65
C LYS M 149 43.59 -18.06 -30.21
N LYS M 150 43.82 -18.05 -28.90
CA LYS M 150 45.16 -17.76 -28.41
C LYS M 150 46.12 -18.85 -28.91
N ASP M 151 45.63 -20.07 -29.04
CA ASP M 151 46.43 -21.21 -29.52
C ASP M 151 46.73 -21.15 -31.01
N GLY M 152 46.03 -20.26 -31.71
CA GLY M 152 46.27 -20.10 -33.14
C GLY M 152 45.18 -20.67 -34.04
N THR M 153 44.16 -21.26 -33.44
CA THR M 153 43.07 -21.86 -34.21
C THR M 153 42.27 -20.77 -34.92
N ILE M 154 42.15 -20.89 -36.23
CA ILE M 154 41.41 -19.91 -37.01
C ILE M 154 39.95 -20.33 -37.19
N VAL M 155 39.04 -19.55 -36.61
CA VAL M 155 37.61 -19.86 -36.72
C VAL M 155 36.96 -18.90 -37.73
N ASN M 156 36.16 -19.44 -38.64
CA ASN M 156 35.51 -18.62 -39.65
C ASN M 156 34.11 -18.20 -39.24
N VAL M 157 33.81 -16.91 -39.40
CA VAL M 157 32.49 -16.39 -39.03
C VAL M 157 31.76 -15.87 -40.26
N CYS M 158 30.50 -16.25 -40.42
CA CYS M 158 29.69 -15.82 -41.55
C CYS M 158 28.23 -15.90 -41.15
N VAL M 159 27.74 -14.85 -40.49
CA VAL M 159 26.35 -14.81 -40.04
C VAL M 159 25.53 -13.75 -40.78
N GLY M 160 24.32 -14.14 -41.19
CA GLY M 160 23.45 -13.22 -41.88
C GLY M 160 23.33 -13.44 -43.38
N GLU M 161 24.03 -14.43 -43.91
CA GLU M 161 23.97 -14.68 -45.35
C GLU M 161 22.87 -15.66 -45.73
N ASP M 162 22.80 -16.81 -45.04
CA ASP M 162 21.76 -17.81 -45.34
C ASP M 162 20.39 -17.25 -45.00
N ASP M 163 19.38 -17.64 -45.77
CA ASP M 163 18.04 -17.16 -45.52
C ASP M 163 17.52 -17.55 -44.13
N ASN M 164 18.29 -18.35 -43.39
CA ASN M 164 17.88 -18.77 -42.05
C ASN M 164 18.76 -18.18 -40.95
N ASP M 165 19.79 -17.43 -41.33
CA ASP M 165 20.67 -16.82 -40.35
C ASP M 165 20.07 -15.50 -39.90
N PRO M 166 20.32 -15.12 -38.64
CA PRO M 166 19.78 -13.87 -38.14
C PRO M 166 20.57 -12.76 -38.80
N VAL M 167 20.10 -11.52 -38.68
CA VAL M 167 20.81 -10.39 -39.28
C VAL M 167 21.14 -9.34 -38.22
N PHE M 168 21.84 -8.30 -38.64
CA PHE M 168 22.23 -7.23 -37.73
C PHE M 168 22.08 -5.86 -38.39
N GLY M 169 22.26 -4.79 -37.62
CA GLY M 169 22.12 -3.47 -38.19
C GLY M 169 22.32 -2.34 -37.21
N VAL M 170 22.44 -1.13 -37.73
CA VAL M 170 22.63 0.05 -36.91
C VAL M 170 21.31 0.81 -36.84
N SER M 171 20.93 1.22 -35.64
CA SER M 171 19.68 1.96 -35.44
C SER M 171 19.80 3.47 -35.71
N ASP M 172 18.65 4.14 -35.80
CA ASP M 172 18.63 5.57 -36.04
C ASP M 172 17.30 6.13 -35.53
N ILE M 173 17.37 7.19 -34.74
CA ILE M 173 16.18 7.82 -34.17
C ILE M 173 15.03 7.93 -35.15
N LEU M 174 13.81 7.71 -34.66
CA LEU M 174 12.64 7.81 -35.51
C LEU M 174 12.45 9.28 -35.89
N VAL M 175 11.90 9.53 -37.07
CA VAL M 175 11.69 10.90 -37.54
C VAL M 175 10.89 11.73 -36.55
N HIS M 176 10.02 11.07 -35.79
CA HIS M 176 9.20 11.77 -34.83
C HIS M 176 10.01 12.57 -33.81
N LEU M 177 11.19 12.08 -33.47
CA LEU M 177 12.03 12.76 -32.51
C LEU M 177 13.38 13.14 -33.09
N ALA M 178 13.51 13.05 -34.41
CA ALA M 178 14.77 13.37 -35.07
C ALA M 178 14.91 14.84 -35.35
N SER M 179 13.96 15.62 -34.84
CA SER M 179 13.97 17.06 -35.04
C SER M 179 15.30 17.73 -34.68
N GLU M 180 15.82 17.43 -33.51
CA GLU M 180 17.08 18.00 -33.05
C GLU M 180 18.25 17.57 -33.94
N GLN M 181 18.06 16.52 -34.71
CA GLN M 181 19.09 16.01 -35.62
C GLN M 181 18.92 16.62 -37.01
N LEU M 182 19.37 17.87 -37.18
CA LEU M 182 19.26 18.58 -38.45
C LEU M 182 20.57 19.25 -38.87
N GLU M 183 21.39 19.64 -37.92
CA GLU M 183 22.65 20.31 -38.24
C GLU M 183 23.57 19.48 -39.12
N LYS M 184 24.08 20.12 -40.18
CA LYS M 184 25.01 19.52 -41.12
C LYS M 184 24.76 18.06 -41.53
N LYS M 185 24.29 17.87 -42.76
CA LYS M 185 24.08 16.51 -43.27
C LYS M 185 25.47 15.85 -43.27
N ALA M 186 26.49 16.70 -43.40
CA ALA M 186 27.89 16.29 -43.42
C ALA M 186 28.10 15.17 -42.43
N SER M 187 27.38 15.25 -41.31
CA SER M 187 27.49 14.23 -40.31
C SER M 187 26.68 14.49 -39.05
N LYS M 188 25.61 13.72 -38.88
CA LYS M 188 24.78 13.79 -37.69
C LYS M 188 24.52 12.33 -37.30
N VAL M 189 25.29 11.44 -37.92
CA VAL M 189 25.26 9.98 -37.67
C VAL M 189 26.72 9.65 -37.90
N ILE M 190 27.49 9.45 -36.84
CA ILE M 190 28.91 9.16 -37.05
C ILE M 190 29.64 8.34 -35.99
N GLU M 191 28.97 8.06 -34.87
CA GLU M 191 29.59 7.31 -33.76
C GLU M 191 30.28 6.02 -34.21
N GLY M 192 30.76 5.27 -33.23
CA GLY M 192 31.40 4.00 -33.53
C GLY M 192 31.03 2.99 -32.46
N GLU M 193 29.84 3.15 -31.91
CA GLU M 193 29.36 2.30 -30.85
C GLU M 193 27.92 2.01 -31.15
N ASP M 194 27.70 1.53 -32.37
CA ASP M 194 26.36 1.21 -32.86
C ASP M 194 26.24 -0.29 -33.11
N LEU M 195 25.08 -0.71 -33.60
CA LEU M 195 24.87 -2.13 -33.91
C LEU M 195 24.66 -3.10 -32.75
N ASN M 196 23.40 -3.34 -32.40
CA ASN M 196 23.09 -4.24 -31.31
C ASN M 196 22.94 -5.67 -31.83
N ILE M 197 23.54 -6.61 -31.09
CA ILE M 197 23.49 -8.01 -31.47
C ILE M 197 22.55 -8.88 -30.68
N LEU M 198 21.91 -8.30 -29.67
CA LEU M 198 20.97 -9.11 -28.91
C LEU M 198 20.19 -8.34 -27.86
N ILE M 199 18.89 -8.62 -27.84
CA ILE M 199 18.01 -7.97 -26.89
C ILE M 199 17.70 -9.00 -25.82
N GLY M 200 16.81 -8.62 -24.90
CA GLY M 200 16.40 -9.47 -23.80
C GLY M 200 17.20 -10.75 -23.65
N SER M 201 16.51 -11.88 -23.77
CA SER M 201 17.16 -13.17 -23.65
C SER M 201 18.27 -12.97 -22.63
N ILE M 202 17.86 -12.40 -21.51
CA ILE M 202 18.73 -12.07 -20.43
C ILE M 202 18.46 -12.97 -19.23
N PRO M 203 19.43 -13.82 -18.87
CA PRO M 203 20.77 -13.90 -19.45
C PRO M 203 21.10 -15.42 -19.57
N LEU M 204 22.27 -15.79 -19.04
CA LEU M 204 22.70 -17.17 -19.03
C LEU M 204 22.39 -17.76 -17.66
N LYS M 205 21.50 -18.76 -17.63
CA LYS M 205 21.08 -19.42 -16.39
C LYS M 205 20.63 -18.41 -15.35
N ASP M 206 20.47 -17.16 -15.78
CA ASP M 206 20.03 -16.07 -14.92
C ASP M 206 20.81 -16.01 -13.61
N GLY M 207 22.12 -16.21 -13.71
CA GLY M 207 22.97 -16.21 -12.54
C GLY M 207 23.47 -14.83 -12.16
N GLU M 208 22.56 -13.86 -12.09
CA GLU M 208 22.92 -12.48 -11.74
C GLU M 208 23.97 -11.88 -12.68
N GLU M 209 24.80 -10.99 -12.12
CA GLU M 209 25.87 -10.30 -12.85
C GLU M 209 25.32 -9.20 -13.75
N LYS M 210 25.31 -7.98 -13.23
CA LYS M 210 24.81 -6.79 -13.94
C LYS M 210 24.62 -6.94 -15.46
N GLN M 211 25.72 -7.12 -16.18
CA GLN M 211 25.66 -7.25 -17.63
C GLN M 211 25.09 -8.60 -18.04
N LYS M 212 23.81 -8.82 -17.76
CA LYS M 212 23.20 -10.09 -18.08
C LYS M 212 23.06 -10.33 -19.58
N VAL M 213 22.42 -9.40 -20.27
CA VAL M 213 22.22 -9.54 -21.72
C VAL M 213 23.56 -9.83 -22.42
N LYS M 214 24.60 -9.13 -21.98
CA LYS M 214 25.92 -9.33 -22.54
C LYS M 214 26.36 -10.75 -22.21
N HIS M 215 26.42 -11.06 -20.92
CA HIS M 215 26.87 -12.37 -20.45
C HIS M 215 26.21 -13.47 -21.28
N ASN M 216 24.92 -13.33 -21.52
CA ASN M 216 24.20 -14.33 -22.28
C ASN M 216 24.74 -14.52 -23.70
N ILE M 217 24.91 -13.41 -24.41
CA ILE M 217 25.39 -13.47 -25.78
C ILE M 217 26.81 -14.07 -25.88
N MET M 218 27.68 -13.72 -24.95
CA MET M 218 29.03 -14.24 -24.96
C MET M 218 28.94 -15.75 -24.85
N LYS M 219 28.06 -16.22 -23.98
CA LYS M 219 27.85 -17.65 -23.78
C LYS M 219 27.33 -18.25 -25.10
N ILE M 220 26.37 -17.58 -25.71
CA ILE M 220 25.80 -18.05 -26.96
C ILE M 220 26.87 -18.11 -28.00
N LEU M 221 27.70 -17.07 -28.00
CA LEU M 221 28.80 -16.97 -28.95
C LEU M 221 29.88 -18.00 -28.58
N ASN M 222 29.80 -18.52 -27.35
CA ASN M 222 30.77 -19.50 -26.90
C ASN M 222 30.42 -20.89 -27.37
N GLU M 223 29.13 -21.22 -27.34
CA GLU M 223 28.67 -22.53 -27.79
C GLU M 223 29.13 -22.72 -29.23
N LYS M 224 28.80 -21.78 -30.11
CA LYS M 224 29.27 -21.88 -31.48
C LYS M 224 30.70 -21.41 -31.34
N TYR M 225 31.57 -21.81 -32.26
CA TYR M 225 32.96 -21.39 -32.18
C TYR M 225 33.52 -21.89 -30.85
N ASP M 226 34.30 -21.05 -30.17
CA ASP M 226 34.88 -21.45 -28.90
C ASP M 226 35.70 -20.29 -28.37
N ILE M 227 35.20 -19.09 -28.59
CA ILE M 227 35.90 -17.90 -28.17
C ILE M 227 35.49 -17.42 -26.79
N SER M 228 36.17 -16.38 -26.33
CA SER M 228 35.89 -15.78 -25.05
C SER M 228 35.73 -14.30 -25.35
N GLU M 229 35.44 -13.47 -24.35
CA GLU M 229 35.29 -12.04 -24.63
C GLU M 229 36.59 -11.54 -25.21
N GLU M 230 37.71 -12.15 -24.80
CA GLU M 230 39.03 -11.78 -25.36
C GLU M 230 38.96 -12.38 -26.76
N ASP M 231 40.09 -12.70 -27.39
CA ASP M 231 40.03 -13.28 -28.72
C ASP M 231 39.61 -12.24 -29.73
N PHE M 232 38.64 -11.41 -29.36
CA PHE M 232 38.15 -10.35 -30.23
C PHE M 232 39.38 -9.48 -30.52
N VAL M 233 40.27 -9.40 -29.54
CA VAL M 233 41.48 -8.62 -29.68
C VAL M 233 42.24 -9.12 -30.89
N SER M 234 42.25 -10.44 -31.08
CA SER M 234 42.94 -11.07 -32.20
C SER M 234 41.92 -11.59 -33.19
N ALA M 235 40.89 -10.79 -33.44
CA ALA M 235 39.83 -11.18 -34.36
C ALA M 235 39.82 -10.30 -35.62
N GLU M 236 38.92 -10.61 -36.54
CA GLU M 236 38.83 -9.87 -37.77
C GLU M 236 37.45 -9.33 -38.08
N LEU M 237 37.20 -8.16 -37.48
CA LEU M 237 35.98 -7.37 -37.62
C LEU M 237 35.49 -7.31 -39.07
N GLU M 238 34.22 -7.57 -39.32
CA GLU M 238 33.71 -7.51 -40.69
C GLU M 238 32.21 -7.41 -40.82
N ILE M 239 31.71 -6.18 -40.93
CA ILE M 239 30.26 -5.99 -41.07
C ILE M 239 29.96 -5.53 -42.49
N VAL M 240 29.08 -6.27 -43.15
CA VAL M 240 28.74 -5.96 -44.51
C VAL M 240 27.25 -6.16 -44.77
N PRO M 241 26.69 -5.43 -45.75
CA PRO M 241 25.27 -5.63 -46.01
C PRO M 241 24.96 -7.09 -46.37
N ALA M 242 23.82 -7.60 -45.89
CA ALA M 242 23.43 -8.96 -46.16
C ALA M 242 22.61 -9.07 -47.43
N GLY M 243 22.64 -10.24 -48.07
CA GLY M 243 21.88 -10.44 -49.31
C GLY M 243 22.77 -10.66 -50.52
N LYS M 244 22.30 -11.46 -51.47
CA LYS M 244 23.05 -11.75 -52.69
C LYS M 244 22.86 -10.58 -53.62
N ALA M 245 23.82 -10.38 -54.53
CA ALA M 245 23.72 -9.30 -55.53
C ALA M 245 22.51 -9.68 -56.39
N ARG M 246 21.88 -8.70 -57.03
CA ARG M 246 20.71 -9.01 -57.83
C ARG M 246 20.69 -8.35 -59.20
N ASP M 247 19.70 -8.71 -60.02
CA ASP M 247 19.55 -8.10 -61.33
C ASP M 247 18.91 -6.75 -61.07
N TYR M 248 19.49 -5.70 -61.62
CA TYR M 248 18.91 -4.38 -61.41
C TYR M 248 18.23 -3.87 -62.67
N GLY M 249 17.00 -3.39 -62.51
CA GLY M 249 16.27 -2.87 -63.65
C GLY M 249 15.25 -3.78 -64.31
N PHE M 250 14.19 -3.19 -64.87
CA PHE M 250 13.14 -3.95 -65.54
C PHE M 250 13.67 -4.75 -66.72
N ASP M 251 14.80 -4.34 -67.27
CA ASP M 251 15.37 -5.05 -68.41
C ASP M 251 16.59 -5.85 -68.00
N ARG M 252 16.77 -6.04 -66.70
CA ARG M 252 17.92 -6.79 -66.18
C ARG M 252 19.25 -6.39 -66.81
N SER M 253 19.40 -5.13 -67.16
CA SER M 253 20.62 -4.66 -67.79
C SER M 253 21.75 -4.32 -66.84
N MET M 254 21.40 -4.07 -65.58
CA MET M 254 22.40 -3.73 -64.59
C MET M 254 22.43 -4.74 -63.45
N VAL M 255 23.39 -4.56 -62.56
CA VAL M 255 23.56 -5.43 -61.39
C VAL M 255 23.76 -4.57 -60.14
N MET M 256 22.98 -4.87 -59.10
CA MET M 256 23.07 -4.17 -57.84
C MET M 256 23.72 -5.10 -56.81
N GLY M 257 24.77 -4.62 -56.14
CA GLY M 257 25.44 -5.44 -55.14
C GLY M 257 26.54 -4.73 -54.38
N TYR M 258 26.94 -5.32 -53.27
CA TYR M 258 28.00 -4.76 -52.44
C TYR M 258 29.36 -5.14 -52.99
N GLY M 259 30.35 -4.27 -52.75
CA GLY M 259 31.70 -4.57 -53.20
C GLY M 259 31.99 -4.26 -54.65
N GLN M 260 30.95 -3.99 -55.43
CA GLN M 260 31.14 -3.64 -56.85
C GLN M 260 32.43 -2.86 -57.08
N ASP M 261 32.75 -1.95 -56.16
CA ASP M 261 33.95 -1.13 -56.27
C ASP M 261 35.20 -1.96 -56.46
N ASP M 262 35.67 -1.91 -57.70
CA ASP M 262 36.88 -2.59 -58.17
C ASP M 262 36.82 -4.11 -58.11
N ARG M 263 36.04 -4.66 -57.18
CA ARG M 263 35.94 -6.09 -57.09
C ARG M 263 35.38 -6.59 -58.42
N ILE M 264 34.69 -5.70 -59.14
CA ILE M 264 34.12 -6.04 -60.42
C ILE M 264 35.26 -6.08 -61.43
N CYS M 265 36.22 -5.16 -61.28
CA CYS M 265 37.37 -5.14 -62.19
C CYS M 265 38.26 -6.32 -61.84
N ALA M 266 38.41 -6.55 -60.55
CA ALA M 266 39.24 -7.64 -60.06
C ALA M 266 38.75 -8.97 -60.61
N TYR M 267 37.46 -9.04 -60.91
CA TYR M 267 36.88 -10.25 -61.44
C TYR M 267 37.10 -10.38 -62.93
N THR M 268 36.65 -9.39 -63.67
CA THR M 268 36.81 -9.42 -65.12
C THR M 268 38.30 -9.62 -65.42
N SER M 269 39.16 -8.93 -64.69
CA SER M 269 40.59 -9.07 -64.92
C SER M 269 41.00 -10.50 -64.68
N PHE M 270 40.30 -11.12 -63.74
CA PHE M 270 40.58 -12.52 -63.38
C PHE M 270 40.23 -13.45 -64.55
N GLU M 271 38.96 -13.49 -64.93
CA GLU M 271 38.54 -14.34 -66.02
C GLU M 271 39.38 -14.08 -67.23
N ALA M 272 39.57 -12.81 -67.57
CA ALA M 272 40.39 -12.50 -68.74
C ALA M 272 41.74 -13.20 -68.59
N MET M 273 42.42 -12.97 -67.47
CA MET M 273 43.72 -13.58 -67.21
C MET M 273 43.63 -15.11 -67.16
N LEU M 274 42.54 -15.62 -66.60
CA LEU M 274 42.35 -17.05 -66.48
C LEU M 274 42.25 -17.76 -67.81
N GLU M 275 41.28 -17.38 -68.63
CA GLU M 275 41.09 -18.02 -69.93
C GLU M 275 42.06 -17.51 -71.00
N MET M 276 43.25 -17.12 -70.57
CA MET M 276 44.26 -16.61 -71.48
C MET M 276 45.28 -17.68 -71.79
N LYS M 277 45.17 -18.25 -72.98
CA LYS M 277 46.08 -19.31 -73.42
C LYS M 277 47.01 -18.83 -74.55
N ASN M 278 48.16 -19.48 -74.68
CA ASN M 278 49.13 -19.11 -75.71
C ASN M 278 49.62 -17.68 -75.45
N ALA M 279 50.60 -17.53 -74.57
CA ALA M 279 51.12 -16.20 -74.24
C ALA M 279 52.41 -15.89 -74.97
N LYS M 280 52.48 -14.72 -75.58
CA LYS M 280 53.68 -14.31 -76.29
C LYS M 280 54.64 -13.72 -75.27
N LYS M 281 54.14 -12.78 -74.48
CA LYS M 281 54.96 -12.16 -73.44
C LYS M 281 54.31 -12.44 -72.09
N THR M 282 55.11 -12.94 -71.14
CA THR M 282 54.60 -13.27 -69.81
C THR M 282 53.75 -12.17 -69.18
N CYS M 283 52.51 -12.52 -68.85
CA CYS M 283 51.58 -11.56 -68.26
C CYS M 283 51.16 -11.98 -66.85
N ILE M 284 50.90 -10.99 -66.00
CA ILE M 284 50.51 -11.26 -64.63
C ILE M 284 49.38 -10.41 -64.05
N THR M 285 48.61 -11.03 -63.16
CA THR M 285 47.47 -10.40 -62.51
C THR M 285 47.71 -10.17 -61.02
N ILE M 286 47.53 -8.93 -60.58
CA ILE M 286 47.73 -8.58 -59.19
C ILE M 286 46.41 -8.19 -58.53
N LEU M 287 46.23 -8.63 -57.29
CA LEU M 287 45.02 -8.33 -56.54
C LEU M 287 45.38 -8.06 -55.09
N VAL M 288 45.49 -6.79 -54.73
CA VAL M 288 45.86 -6.40 -53.37
C VAL M 288 44.72 -5.71 -52.64
N ASP M 289 44.96 -5.30 -51.40
CA ASP M 289 43.94 -4.60 -50.64
C ASP M 289 44.50 -3.31 -50.03
N LYS M 290 43.77 -2.79 -49.05
CA LYS M 290 44.16 -1.56 -48.36
C LYS M 290 44.15 -0.35 -49.27
N GLU M 291 43.65 -0.52 -50.50
CA GLU M 291 43.60 0.60 -51.42
C GLU M 291 42.68 1.70 -50.90
N GLU M 292 41.47 1.30 -50.51
CA GLU M 292 40.46 2.23 -50.00
C GLU M 292 40.90 2.92 -48.71
N VAL M 293 41.99 2.46 -48.12
CA VAL M 293 42.47 3.03 -46.88
C VAL M 293 43.80 3.78 -47.05
N GLY M 294 44.36 3.79 -48.26
CA GLY M 294 45.61 4.49 -48.49
C GLY M 294 46.66 3.68 -49.20
N SER M 295 46.44 2.37 -49.26
CA SER M 295 47.35 1.43 -49.93
C SER M 295 48.68 1.30 -49.17
N ILE M 296 48.63 1.40 -47.84
CA ILE M 296 49.82 1.28 -47.03
C ILE M 296 50.49 -0.07 -47.18
N GLY M 297 51.63 -0.22 -46.52
CA GLY M 297 52.41 -1.46 -46.61
C GLY M 297 51.73 -2.73 -46.13
N ALA M 298 52.53 -3.80 -46.06
CA ALA M 298 52.08 -5.12 -45.62
C ALA M 298 51.32 -5.88 -46.71
N THR M 299 50.25 -5.29 -47.24
CA THR M 299 49.45 -5.94 -48.26
C THR M 299 48.88 -5.00 -49.35
N GLY M 300 49.64 -3.97 -49.71
CA GLY M 300 49.19 -3.04 -50.76
C GLY M 300 50.32 -2.41 -51.58
N MET M 301 51.18 -1.67 -50.92
CA MET M 301 52.32 -1.00 -51.56
C MET M 301 53.56 -1.82 -51.25
N GLN M 302 53.33 -2.94 -50.57
CA GLN M 302 54.39 -3.88 -50.18
C GLN M 302 55.31 -4.28 -51.32
N SER M 303 56.31 -5.09 -50.99
CA SER M 303 57.26 -5.58 -51.96
C SER M 303 56.85 -6.99 -52.42
N LYS M 304 55.74 -7.47 -51.87
CA LYS M 304 55.19 -8.78 -52.18
C LYS M 304 55.25 -9.06 -53.68
N PHE M 305 55.08 -8.02 -54.48
CA PHE M 305 55.12 -8.16 -55.93
C PHE M 305 56.57 -8.08 -56.38
N PHE M 306 57.26 -7.05 -55.89
CA PHE M 306 58.66 -6.84 -56.23
C PHE M 306 59.42 -8.12 -55.94
N GLU M 307 59.59 -8.42 -54.66
CA GLU M 307 60.30 -9.62 -54.24
C GLU M 307 59.43 -10.84 -54.48
N ASN M 308 59.06 -11.03 -55.73
CA ASN M 308 58.24 -12.16 -56.09
C ASN M 308 58.37 -12.39 -57.59
N THR M 309 58.39 -11.29 -58.33
CA THR M 309 58.58 -11.38 -59.75
C THR M 309 60.00 -11.89 -59.86
N VAL M 310 60.81 -11.56 -58.86
CA VAL M 310 62.20 -12.00 -58.83
C VAL M 310 62.23 -13.46 -58.38
N ALA M 311 61.62 -13.74 -57.24
CA ALA M 311 61.59 -15.10 -56.73
C ALA M 311 61.07 -16.01 -57.83
N ASP M 312 60.39 -15.40 -58.80
CA ASP M 312 59.81 -16.14 -59.92
C ASP M 312 60.78 -16.10 -61.09
N ILE M 313 61.46 -14.97 -61.26
CA ILE M 313 62.44 -14.81 -62.34
C ILE M 313 63.57 -15.80 -62.10
N MET M 314 63.75 -16.18 -60.83
CA MET M 314 64.80 -17.14 -60.46
C MET M 314 64.63 -18.47 -61.20
N SER M 315 63.38 -18.90 -61.35
CA SER M 315 63.10 -20.16 -62.03
C SER M 315 62.86 -19.93 -63.50
N ASP M 321 69.87 -15.58 -65.22
CA ASP M 321 68.49 -15.36 -64.81
C ASP M 321 68.39 -15.03 -63.32
N GLU M 322 69.39 -14.31 -62.81
CA GLU M 322 69.43 -13.96 -61.40
C GLU M 322 69.48 -12.45 -61.16
N LEU M 323 70.69 -11.91 -61.17
CA LEU M 323 70.94 -10.49 -60.93
C LEU M 323 69.88 -9.50 -61.39
N LYS M 324 69.71 -8.47 -60.57
CA LYS M 324 68.77 -7.38 -60.78
C LYS M 324 68.28 -7.17 -62.20
N LEU M 325 69.17 -6.70 -63.08
CA LEU M 325 68.82 -6.43 -64.47
C LEU M 325 67.87 -5.23 -64.55
N ARG M 326 66.88 -5.18 -63.65
CA ARG M 326 65.87 -4.10 -63.57
C ARG M 326 64.88 -4.04 -64.74
N LYS M 327 65.42 -3.87 -65.94
CA LYS M 327 64.65 -3.79 -67.18
C LYS M 327 63.35 -4.59 -67.17
N ALA M 328 63.36 -5.74 -66.50
CA ALA M 328 62.19 -6.61 -66.45
C ALA M 328 60.90 -5.83 -66.21
N LEU M 329 60.89 -5.04 -65.15
CA LEU M 329 59.71 -4.23 -64.81
C LEU M 329 59.60 -2.97 -65.68
N TYR M 330 60.71 -2.27 -65.84
CA TYR M 330 60.73 -1.05 -66.64
C TYR M 330 60.09 -1.20 -68.02
N ASN M 331 60.24 -2.37 -68.65
CA ASN M 331 59.68 -2.59 -69.98
C ASN M 331 58.29 -3.25 -69.98
N SER M 332 57.56 -3.15 -68.88
CA SER M 332 56.24 -3.76 -68.83
C SER M 332 55.13 -2.75 -69.11
N GLU M 333 53.93 -3.26 -69.34
CA GLU M 333 52.78 -2.43 -69.59
C GLU M 333 51.68 -2.90 -68.63
N MET M 334 51.13 -1.97 -67.84
CA MET M 334 50.07 -2.33 -66.90
C MET M 334 48.74 -1.66 -67.22
N LEU M 335 47.69 -2.22 -66.64
CA LEU M 335 46.35 -1.71 -66.82
C LEU M 335 45.69 -1.70 -65.44
N SER M 336 46.25 -0.90 -64.52
CA SER M 336 45.71 -0.75 -63.16
C SER M 336 44.27 -0.24 -63.27
N SER M 337 43.29 -1.11 -63.02
CA SER M 337 41.92 -0.70 -63.14
C SER M 337 41.22 -0.50 -61.80
N ASP M 338 40.16 0.33 -61.82
CA ASP M 338 39.34 0.63 -60.65
C ASP M 338 38.10 1.34 -61.15
N VAL M 339 36.97 1.05 -60.53
CA VAL M 339 35.70 1.67 -60.92
C VAL M 339 35.74 3.19 -60.94
N SER M 340 34.92 3.77 -61.81
CA SER M 340 34.83 5.21 -61.94
C SER M 340 33.38 5.64 -61.69
N ALA M 341 33.17 6.93 -61.49
CA ALA M 341 31.83 7.41 -61.22
C ALA M 341 31.05 7.62 -62.50
N ALA M 342 29.93 6.93 -62.64
CA ALA M 342 29.09 7.05 -63.83
C ALA M 342 28.16 8.25 -63.65
N PHE M 343 27.85 8.92 -64.75
CA PHE M 343 26.98 10.06 -64.70
C PHE M 343 25.60 9.69 -64.13
N ASP M 344 25.21 10.36 -63.05
CA ASP M 344 23.92 10.09 -62.43
C ASP M 344 22.92 11.17 -62.81
N PRO M 345 21.82 10.80 -63.47
CA PRO M 345 20.81 11.77 -63.88
C PRO M 345 20.12 12.47 -62.71
N ASN M 346 20.45 12.07 -61.49
CA ASN M 346 19.84 12.70 -60.32
C ASN M 346 20.68 13.88 -59.85
N TYR M 347 21.99 13.81 -60.08
CA TYR M 347 22.88 14.88 -59.69
C TYR M 347 23.82 15.16 -60.84
N PRO M 348 23.37 15.93 -61.81
CA PRO M 348 24.16 16.29 -63.01
C PRO M 348 25.18 17.39 -62.85
N ASN M 349 24.83 18.41 -62.05
CA ASN M 349 25.69 19.56 -61.84
C ASN M 349 27.03 19.25 -61.18
N VAL M 350 27.23 17.99 -60.82
CA VAL M 350 28.47 17.63 -60.18
C VAL M 350 29.52 17.16 -61.18
N MET M 351 29.08 16.85 -62.40
CA MET M 351 29.99 16.40 -63.46
C MET M 351 29.92 17.25 -64.73
N GLU M 352 30.98 17.18 -65.53
CA GLU M 352 31.08 17.99 -66.73
C GLU M 352 30.31 17.46 -67.96
N LYS M 353 29.43 16.48 -67.75
CA LYS M 353 28.66 15.92 -68.86
C LYS M 353 29.67 15.26 -69.82
N ARG M 354 30.27 16.04 -70.70
CA ARG M 354 31.29 15.51 -71.59
C ARG M 354 32.47 15.20 -70.67
N ASN M 355 33.30 14.25 -71.05
CA ASN M 355 34.44 13.89 -70.21
C ASN M 355 33.98 13.20 -68.93
N SER M 356 32.85 12.52 -68.99
CA SER M 356 32.30 11.80 -67.86
C SER M 356 31.87 10.44 -68.34
N ALA M 357 32.10 9.41 -67.53
CA ALA M 357 31.74 8.04 -67.94
C ALA M 357 30.22 7.82 -67.87
N TYR M 358 29.69 7.12 -68.86
CA TYR M 358 28.28 6.83 -68.90
C TYR M 358 27.97 5.35 -68.81
N LEU M 359 26.88 5.03 -68.12
CA LEU M 359 26.45 3.66 -67.93
C LEU M 359 26.20 2.90 -69.23
N GLY M 360 27.15 2.07 -69.63
CA GLY M 360 26.96 1.28 -70.84
C GLY M 360 27.76 1.69 -72.06
N LYS M 361 28.63 2.68 -71.94
CA LYS M 361 29.40 3.08 -73.12
C LYS M 361 30.75 2.40 -73.19
N GLY M 362 30.85 1.21 -72.60
CA GLY M 362 32.12 0.50 -72.64
C GLY M 362 33.05 0.67 -71.47
N ILE M 363 34.29 0.25 -71.65
CA ILE M 363 35.29 0.34 -70.60
C ILE M 363 35.79 1.79 -70.47
N VAL M 364 36.12 2.21 -69.25
CA VAL M 364 36.57 3.56 -68.99
C VAL M 364 38.08 3.72 -68.90
N PHE M 365 38.55 4.84 -69.47
CA PHE M 365 39.97 5.19 -69.45
C PHE M 365 40.16 6.54 -68.78
N ASN M 366 41.12 6.62 -67.87
CA ASN M 366 41.40 7.85 -67.17
C ASN M 366 42.87 8.20 -67.29
N LYS M 367 43.17 9.18 -68.13
CA LYS M 367 44.56 9.60 -68.31
C LYS M 367 45.12 10.07 -66.98
N TYR M 368 44.37 10.92 -66.30
CA TYR M 368 44.77 11.44 -65.00
C TYR M 368 43.58 11.38 -64.05
N THR M 369 43.88 11.44 -62.76
CA THR M 369 42.84 11.38 -61.74
C THR M 369 43.39 11.87 -60.41
N GLY M 370 43.37 13.18 -60.21
CA GLY M 370 43.88 13.72 -58.97
C GLY M 370 42.90 14.67 -58.29
N SER M 371 43.43 15.78 -57.81
CA SER M 371 42.62 16.78 -57.13
C SER M 371 42.84 18.17 -57.72
N ARG M 372 43.23 19.11 -56.86
CA ARG M 372 43.48 20.48 -57.28
C ARG M 372 44.59 20.56 -58.31
N GLY M 373 44.26 20.31 -59.58
CA GLY M 373 45.26 20.39 -60.61
C GLY M 373 46.05 19.12 -60.87
N LYS M 374 45.33 18.01 -60.97
CA LYS M 374 45.94 16.71 -61.25
C LYS M 374 46.94 16.30 -60.16
N SER M 375 46.83 16.95 -59.00
CA SER M 375 47.72 16.66 -57.88
C SER M 375 47.65 15.23 -57.33
N GLY M 376 48.82 14.63 -57.16
CA GLY M 376 48.94 13.28 -56.63
C GLY M 376 48.21 12.21 -57.41
N CYS M 377 48.76 11.80 -58.54
CA CYS M 377 48.13 10.77 -59.35
C CYS M 377 48.98 10.47 -60.56
N ASN M 378 48.77 9.30 -61.15
CA ASN M 378 49.53 8.90 -62.33
C ASN M 378 48.95 9.47 -63.62
N ASP M 379 49.82 9.95 -64.49
CA ASP M 379 49.40 10.53 -65.76
C ASP M 379 49.92 9.68 -66.93
N ALA M 380 49.00 8.93 -67.53
CA ALA M 380 49.32 8.03 -68.65
C ALA M 380 49.90 8.75 -69.86
N ASN M 381 50.91 8.13 -70.49
CA ASN M 381 51.54 8.71 -71.67
C ASN M 381 50.68 8.53 -72.91
N PRO M 382 50.61 9.56 -73.77
CA PRO M 382 49.80 9.50 -75.00
C PRO M 382 50.23 8.37 -75.93
N GLU M 383 51.53 8.21 -76.12
CA GLU M 383 52.03 7.16 -76.99
C GLU M 383 51.46 5.80 -76.55
N TYR M 384 51.40 5.57 -75.25
CA TYR M 384 50.86 4.31 -74.71
C TYR M 384 49.34 4.26 -74.94
N ILE M 385 48.69 5.39 -74.69
CA ILE M 385 47.24 5.49 -74.85
C ILE M 385 46.85 5.15 -76.29
N ALA M 386 47.52 5.82 -77.22
CA ALA M 386 47.25 5.59 -78.63
C ALA M 386 47.31 4.10 -78.90
N GLU M 387 48.35 3.43 -78.41
CA GLU M 387 48.47 1.98 -78.62
C GLU M 387 47.23 1.25 -78.13
N LEU M 388 46.81 1.53 -76.91
CA LEU M 388 45.64 0.89 -76.36
C LEU M 388 44.46 1.12 -77.28
N ARG M 389 44.40 2.32 -77.84
CA ARG M 389 43.30 2.64 -78.75
C ARG M 389 43.32 1.66 -79.89
N ARG M 390 44.44 1.67 -80.62
CA ARG M 390 44.61 0.79 -81.76
C ARG M 390 44.19 -0.65 -81.40
N ILE M 391 44.72 -1.17 -80.28
CA ILE M 391 44.39 -2.52 -79.84
C ILE M 391 42.90 -2.72 -79.61
N LEU M 392 42.31 -1.87 -78.79
CA LEU M 392 40.89 -1.96 -78.50
C LEU M 392 40.06 -1.55 -79.70
N SER M 393 40.66 -1.58 -80.87
CA SER M 393 39.92 -1.24 -82.09
C SER M 393 39.87 -2.52 -82.90
N LYS M 394 41.03 -3.15 -83.05
CA LYS M 394 41.15 -4.38 -83.79
C LYS M 394 40.18 -5.39 -83.17
N GLU M 395 40.43 -5.78 -81.93
CA GLU M 395 39.56 -6.74 -81.25
C GLU M 395 38.24 -6.10 -80.90
N SER M 396 38.01 -4.90 -81.43
CA SER M 396 36.79 -4.14 -81.17
C SER M 396 36.76 -3.68 -79.70
N VAL M 397 35.64 -3.87 -79.02
CA VAL M 397 35.49 -3.47 -77.62
C VAL M 397 35.22 -1.97 -77.51
N ASN M 398 34.14 -1.61 -76.82
CA ASN M 398 33.80 -0.19 -76.66
C ASN M 398 34.51 0.40 -75.46
N TRP M 399 35.03 1.60 -75.64
CA TRP M 399 35.72 2.30 -74.57
C TRP M 399 35.32 3.76 -74.56
N GLN M 400 35.44 4.38 -73.39
CA GLN M 400 35.10 5.78 -73.19
C GLN M 400 36.06 6.36 -72.16
N THR M 401 36.37 7.63 -72.32
CA THR M 401 37.27 8.31 -71.39
C THR M 401 36.45 9.19 -70.44
N ALA M 402 36.86 9.21 -69.17
CA ALA M 402 36.16 9.99 -68.17
C ALA M 402 37.09 10.77 -67.25
N GLU M 403 36.50 11.66 -66.47
CA GLU M 403 37.21 12.50 -65.52
C GLU M 403 36.31 12.50 -64.28
N LEU M 404 36.89 12.48 -63.08
CA LEU M 404 36.05 12.44 -61.90
C LEU M 404 35.51 13.79 -61.44
N GLY M 405 34.33 14.16 -61.96
CA GLY M 405 33.74 15.42 -61.55
C GLY M 405 34.36 16.66 -62.16
N LYS M 406 33.56 17.70 -62.33
CA LYS M 406 34.02 18.95 -62.92
C LYS M 406 35.21 19.54 -62.18
N VAL M 407 36.37 19.38 -62.80
CA VAL M 407 37.63 19.88 -62.25
C VAL M 407 37.67 19.91 -60.71
N ASP M 408 37.62 21.10 -60.13
CA ASP M 408 37.68 21.26 -58.69
C ASP M 408 36.51 20.73 -57.86
N GLN M 409 36.08 19.50 -58.13
CA GLN M 409 34.97 18.93 -57.38
C GLN M 409 35.45 17.91 -56.36
N GLY M 410 35.53 16.65 -56.78
CA GLY M 410 35.97 15.60 -55.89
C GLY M 410 37.45 15.33 -56.03
N GLY M 411 37.98 14.54 -55.10
CA GLY M 411 39.39 14.20 -55.13
C GLY M 411 39.60 12.80 -55.69
N GLY M 412 40.84 12.50 -56.07
CA GLY M 412 41.15 11.20 -56.61
C GLY M 412 42.53 10.69 -56.23
N GLY M 413 42.79 9.44 -56.53
CA GLY M 413 44.09 8.83 -56.22
C GLY M 413 44.04 7.33 -56.36
N THR M 414 44.51 6.83 -57.50
CA THR M 414 44.53 5.39 -57.76
C THR M 414 45.91 4.81 -57.47
N ILE M 415 45.97 3.50 -57.29
CA ILE M 415 47.22 2.82 -57.01
C ILE M 415 48.02 2.61 -58.30
N ALA M 416 47.67 3.38 -59.33
CA ALA M 416 48.35 3.27 -60.61
C ALA M 416 49.79 3.79 -60.59
N TYR M 417 50.03 4.87 -59.87
CA TYR M 417 51.36 5.46 -59.78
C TYR M 417 52.32 4.59 -58.97
N ILE M 418 51.78 3.80 -58.06
CA ILE M 418 52.60 2.97 -57.20
C ILE M 418 53.49 2.00 -57.97
N LEU M 419 53.00 1.47 -59.10
CA LEU M 419 53.81 0.55 -59.89
C LEU M 419 54.52 1.26 -61.02
N ALA M 420 53.98 2.41 -61.44
CA ALA M 420 54.62 3.16 -62.51
C ALA M 420 55.97 3.66 -62.01
N GLU M 421 56.17 3.61 -60.69
CA GLU M 421 57.42 4.05 -60.07
C GLU M 421 58.61 3.28 -60.65
N TYR M 422 58.33 2.16 -61.30
CA TYR M 422 59.37 1.35 -61.91
C TYR M 422 59.71 1.89 -63.30
N GLY M 423 58.73 2.53 -63.94
CA GLY M 423 58.92 3.07 -65.26
C GLY M 423 57.94 2.48 -66.25
N MET M 424 57.05 1.63 -65.75
CA MET M 424 56.02 0.96 -66.56
C MET M 424 55.14 1.97 -67.32
N GLN M 425 54.31 1.44 -68.21
CA GLN M 425 53.37 2.25 -68.98
C GLN M 425 52.02 1.89 -68.40
N VAL M 426 51.56 2.71 -67.45
CA VAL M 426 50.28 2.45 -66.80
C VAL M 426 49.20 3.42 -67.26
N ILE M 427 47.97 3.03 -67.02
CA ILE M 427 46.82 3.86 -67.36
C ILE M 427 45.64 3.34 -66.54
N ASP M 428 44.72 4.22 -66.18
CA ASP M 428 43.57 3.83 -65.37
C ASP M 428 42.39 3.32 -66.18
N CYS M 429 41.94 2.13 -65.81
CA CYS M 429 40.79 1.50 -66.48
C CYS M 429 39.74 1.15 -65.45
N GLY M 430 38.70 0.47 -65.90
CA GLY M 430 37.66 0.09 -64.99
C GLY M 430 36.29 0.35 -65.55
N VAL M 431 35.30 -0.17 -64.82
CA VAL M 431 33.90 -0.01 -65.18
C VAL M 431 33.32 1.22 -64.52
N ALA M 432 32.20 1.71 -65.05
CA ALA M 432 31.54 2.87 -64.48
C ALA M 432 30.44 2.41 -63.51
N LEU M 433 30.48 2.91 -62.29
CA LEU M 433 29.49 2.54 -61.29
C LEU M 433 28.51 3.66 -60.94
N LEU M 434 27.49 3.29 -60.18
CA LEU M 434 26.49 4.24 -59.72
C LEU M 434 26.56 4.17 -58.20
N ASN M 435 26.54 5.33 -57.55
CA ASN M 435 26.66 5.43 -56.10
C ASN M 435 27.72 4.53 -55.50
N HIS M 437 30.98 3.27 -53.15
CA HIS M 437 31.14 3.15 -51.71
C HIS M 437 29.83 3.12 -50.94
N ALA M 438 28.76 2.72 -51.63
CA ALA M 438 27.47 2.62 -50.98
C ALA M 438 27.27 1.13 -50.71
N PRO M 439 26.44 0.79 -49.73
CA PRO M 439 26.20 -0.62 -49.42
C PRO M 439 25.72 -1.39 -50.65
N TRP M 440 25.08 -0.69 -51.57
CA TRP M 440 24.61 -1.32 -52.79
C TRP M 440 25.00 -0.46 -53.98
N GLU M 441 25.89 -1.00 -54.81
CA GLU M 441 26.37 -0.32 -55.99
C GLU M 441 25.74 -0.91 -57.24
N ILE M 442 25.70 -0.12 -58.31
CA ILE M 442 25.10 -0.56 -59.57
C ILE M 442 26.09 -0.58 -60.73
N SER M 443 25.95 -1.53 -61.64
CA SER M 443 26.86 -1.64 -62.78
C SER M 443 26.14 -2.14 -64.03
N SER M 444 26.66 -1.79 -65.20
CA SER M 444 26.06 -2.23 -66.45
C SER M 444 26.69 -3.51 -66.97
N LYS M 445 25.87 -4.56 -67.11
CA LYS M 445 26.38 -5.84 -67.59
C LYS M 445 27.16 -5.65 -68.87
N ALA M 446 26.65 -4.81 -69.76
CA ALA M 446 27.34 -4.55 -71.02
C ALA M 446 28.75 -4.06 -70.71
N ASP M 447 28.88 -3.11 -69.79
CA ASP M 447 30.19 -2.60 -69.45
C ASP M 447 31.07 -3.69 -68.85
N ILE M 448 30.51 -4.46 -67.92
CA ILE M 448 31.26 -5.56 -67.31
C ILE M 448 31.90 -6.38 -68.44
N TYR M 449 31.04 -6.85 -69.34
CA TYR M 449 31.44 -7.64 -70.50
C TYR M 449 32.53 -6.91 -71.27
N GLU M 450 32.16 -5.77 -71.84
CA GLU M 450 33.11 -4.98 -72.62
C GLU M 450 34.46 -4.89 -71.92
N THR M 451 34.47 -4.54 -70.64
CA THR M 451 35.70 -4.40 -69.88
C THR M 451 36.55 -5.64 -69.97
N LYS M 452 35.93 -6.79 -69.70
CA LYS M 452 36.66 -8.05 -69.76
C LYS M 452 37.33 -8.18 -71.12
N ASN M 453 36.54 -8.05 -72.19
CA ASN M 453 37.09 -8.16 -73.53
C ASN M 453 38.25 -7.18 -73.69
N GLY M 454 38.10 -6.00 -73.11
CA GLY M 454 39.15 -4.99 -73.18
C GLY M 454 40.42 -5.53 -72.55
N TYR M 455 40.28 -6.22 -71.43
CA TYR M 455 41.42 -6.79 -70.74
C TYR M 455 42.00 -7.90 -71.59
N SER M 456 41.18 -8.87 -71.92
CA SER M 456 41.61 -10.00 -72.74
C SER M 456 42.28 -9.51 -74.03
N ALA M 457 41.75 -8.46 -74.64
CA ALA M 457 42.33 -7.92 -75.85
C ALA M 457 43.62 -7.15 -75.52
N PHE M 458 44.27 -7.52 -74.43
CA PHE M 458 45.49 -6.89 -73.99
C PHE M 458 46.52 -8.00 -73.82
N LEU M 459 46.21 -9.17 -74.39
CA LEU M 459 47.07 -10.35 -74.32
C LEU M 459 48.18 -10.28 -75.37
N ASN M 460 47.77 -10.06 -76.62
CA ASN M 460 48.65 -9.97 -77.77
C ASN M 460 48.75 -8.52 -78.29
N ASN M 461 49.91 -8.19 -78.88
CA ASN M 461 50.16 -6.87 -79.45
C ASN M 461 50.27 -5.80 -78.34
N LEU N 1 2.79 2.13 -78.37
CA LEU N 1 1.92 3.20 -77.77
C LEU N 1 2.58 3.95 -76.63
N LEU N 2 2.25 5.22 -76.56
CA LEU N 2 2.81 6.08 -75.55
C LEU N 2 2.06 7.40 -75.58
N LYS N 3 1.30 7.67 -74.52
CA LYS N 3 0.51 8.88 -74.41
C LYS N 3 1.30 10.19 -74.44
N GLU N 4 0.68 11.22 -75.03
CA GLU N 4 1.26 12.55 -75.16
C GLU N 4 0.14 13.57 -75.02
N TYR N 5 0.02 14.16 -73.85
CA TYR N 5 -1.02 15.16 -73.57
C TYR N 5 -1.26 16.22 -74.66
N LYS N 6 -2.35 16.05 -75.40
CA LYS N 6 -2.71 16.95 -76.51
C LYS N 6 -3.18 18.35 -76.06
N ASN N 7 -3.32 19.28 -77.01
CA ASN N 7 -3.78 20.65 -76.73
C ASN N 7 -5.30 20.71 -76.90
N ALA N 8 -5.99 21.56 -76.13
CA ALA N 8 -7.46 21.65 -76.28
C ALA N 8 -7.85 22.21 -77.65
N TRP N 9 -7.20 23.29 -78.08
CA TRP N 9 -7.50 23.87 -79.39
C TRP N 9 -7.11 22.86 -80.46
N ASP N 10 -7.17 23.27 -81.72
CA ASP N 10 -6.86 22.35 -82.84
C ASP N 10 -8.02 21.40 -82.91
N LYS N 11 -8.04 20.48 -81.96
CA LYS N 11 -9.12 19.49 -81.84
C LYS N 11 -10.46 20.23 -81.94
N TYR N 12 -10.54 21.38 -81.27
CA TYR N 12 -11.76 22.19 -81.31
C TYR N 12 -12.10 22.59 -82.74
N ASP N 13 -11.69 23.80 -83.09
CA ASP N 13 -11.96 24.35 -84.41
C ASP N 13 -13.41 23.99 -84.69
N ASP N 14 -13.62 23.17 -85.73
CA ASP N 14 -14.96 22.75 -86.08
C ASP N 14 -15.79 23.97 -86.45
N LYS N 15 -15.25 25.16 -86.21
CA LYS N 15 -15.94 26.43 -86.50
C LYS N 15 -17.12 26.56 -85.54
N GLN N 16 -17.61 25.42 -85.07
CA GLN N 16 -18.74 25.37 -84.15
C GLN N 16 -18.16 25.37 -82.76
N LEU N 17 -17.54 24.24 -82.39
CA LEU N 17 -16.92 24.07 -81.08
C LEU N 17 -16.36 25.40 -80.57
N LYS N 18 -15.50 26.04 -81.37
CA LYS N 18 -14.91 27.32 -80.97
C LYS N 18 -15.99 28.32 -80.59
N GLU N 19 -16.80 28.72 -81.57
CA GLU N 19 -17.88 29.66 -81.35
C GLU N 19 -18.70 29.22 -80.14
N VAL N 20 -18.88 27.92 -79.99
CA VAL N 20 -19.66 27.37 -78.88
C VAL N 20 -19.04 27.62 -77.52
N PHE N 21 -17.95 28.38 -77.48
CA PHE N 21 -17.35 28.67 -76.19
C PHE N 21 -16.52 29.94 -76.19
N ALA N 22 -15.78 30.18 -77.28
CA ALA N 22 -14.96 31.37 -77.41
C ALA N 22 -15.81 32.53 -76.92
N LEU N 23 -17.08 32.48 -77.32
CA LEU N 23 -18.05 33.48 -76.91
C LEU N 23 -19.03 32.71 -76.04
N GLY N 24 -19.00 31.39 -76.17
CA GLY N 24 -19.88 30.54 -75.41
C GLY N 24 -19.77 30.80 -73.92
N ASP N 25 -18.86 30.10 -73.27
CA ASP N 25 -18.68 30.31 -71.84
C ASP N 25 -18.10 31.69 -71.53
N ARG N 26 -17.15 32.12 -72.37
CA ARG N 26 -16.57 33.43 -72.18
C ARG N 26 -17.68 34.42 -72.52
N PHE N 27 -18.56 34.62 -71.56
CA PHE N 27 -19.70 35.52 -71.74
C PHE N 27 -20.48 35.17 -70.51
N LYS N 28 -20.94 33.92 -70.44
CA LYS N 28 -21.68 33.49 -69.27
C LYS N 28 -20.76 33.64 -68.07
N ASN N 29 -19.71 32.82 -68.03
CA ASN N 29 -18.71 32.86 -66.95
C ASN N 29 -18.14 34.26 -66.96
N PHE N 30 -17.53 34.60 -68.08
CA PHE N 30 -16.94 35.90 -68.25
C PHE N 30 -17.73 37.01 -67.54
N ILE N 31 -19.06 36.87 -67.48
CA ILE N 31 -19.91 37.89 -66.85
C ILE N 31 -20.31 37.52 -65.42
N SER N 32 -20.34 36.22 -65.15
CA SER N 32 -20.72 35.76 -63.82
C SER N 32 -19.83 36.39 -62.75
N ASN N 33 -18.52 36.19 -62.87
CA ASN N 33 -17.60 36.73 -61.89
C ASN N 33 -17.40 38.23 -62.05
N CYS N 34 -18.46 38.94 -62.41
CA CYS N 34 -18.39 40.39 -62.59
C CYS N 34 -19.54 40.99 -61.82
N LYS N 35 -20.69 40.35 -61.94
CA LYS N 35 -21.88 40.82 -61.26
C LYS N 35 -22.08 40.00 -59.98
N THR N 36 -21.05 39.27 -59.58
CA THR N 36 -21.10 38.44 -58.39
C THR N 36 -19.66 38.21 -57.92
N GLU N 37 -19.25 38.91 -56.86
CA GLU N 37 -17.89 38.77 -56.36
C GLU N 37 -17.85 38.45 -54.87
N ARG N 38 -19.02 38.45 -54.24
CA ARG N 38 -19.12 38.17 -52.81
C ARG N 38 -20.19 37.12 -52.56
N GLU N 39 -19.78 35.86 -52.48
CA GLU N 39 -20.68 34.72 -52.23
C GLU N 39 -22.18 34.96 -52.43
N CYS N 40 -22.55 35.93 -53.25
CA CYS N 40 -23.95 36.22 -53.53
C CYS N 40 -24.22 35.48 -54.82
N VAL N 41 -23.26 34.63 -55.16
CA VAL N 41 -23.34 33.81 -56.35
C VAL N 41 -24.68 33.08 -56.18
N THR N 42 -25.02 32.79 -54.92
CA THR N 42 -26.28 32.13 -54.59
C THR N 42 -27.44 32.87 -55.24
N GLU N 43 -27.56 34.17 -54.93
CA GLU N 43 -28.63 34.97 -55.49
C GLU N 43 -28.72 34.87 -57.00
N LEU N 44 -27.71 35.41 -57.68
CA LEU N 44 -27.69 35.39 -59.15
C LEU N 44 -27.90 33.97 -59.70
N ILE N 45 -27.34 32.97 -59.04
CA ILE N 45 -27.50 31.61 -59.52
C ILE N 45 -28.89 31.09 -59.21
N LYS N 46 -29.39 31.41 -58.03
CA LYS N 46 -30.72 30.97 -57.65
C LYS N 46 -31.77 31.63 -58.55
N THR N 47 -31.48 32.87 -58.99
CA THR N 47 -32.38 33.58 -59.91
C THR N 47 -32.40 32.75 -61.19
N ALA N 48 -31.22 32.28 -61.62
CA ALA N 48 -31.16 31.42 -62.79
C ALA N 48 -31.78 30.12 -62.25
N GLU N 49 -31.76 29.06 -63.03
CA GLU N 49 -32.38 27.82 -62.56
C GLU N 49 -33.86 28.11 -62.29
N LYS N 50 -34.34 29.22 -62.83
CA LYS N 50 -35.74 29.61 -62.67
C LYS N 50 -36.51 28.62 -63.51
N SER N 51 -35.78 27.89 -64.34
CA SER N 51 -36.36 26.88 -65.22
C SER N 51 -36.57 25.60 -64.41
N GLY N 52 -37.30 25.74 -63.31
CA GLY N 52 -37.58 24.62 -62.43
C GLY N 52 -36.95 24.89 -61.08
N TYR N 53 -36.80 23.85 -60.27
CA TYR N 53 -36.18 24.01 -58.96
C TYR N 53 -37.00 24.87 -57.99
N ARG N 54 -36.97 24.52 -56.71
CA ARG N 54 -37.68 25.29 -55.71
C ARG N 54 -37.45 24.75 -54.30
N ASN N 55 -38.05 23.61 -54.00
CA ASN N 55 -37.93 22.97 -52.68
C ASN N 55 -38.03 23.99 -51.56
N ILE N 56 -36.87 24.51 -51.19
CA ILE N 56 -36.69 25.51 -50.17
C ILE N 56 -37.81 25.48 -49.11
N GLU N 57 -38.94 26.10 -49.41
CA GLU N 57 -40.07 26.16 -48.50
C GLU N 57 -41.22 25.26 -48.99
N ASP N 58 -41.39 25.19 -50.31
CA ASP N 58 -42.45 24.40 -50.92
C ASP N 58 -42.27 22.89 -50.76
N ILE N 59 -42.38 22.44 -49.52
CA ILE N 59 -42.26 21.03 -49.22
C ILE N 59 -43.65 20.53 -48.79
N LEU N 60 -44.34 19.86 -49.71
CA LEU N 60 -45.68 19.30 -49.47
C LEU N 60 -45.78 17.84 -49.95
N ALA N 61 -44.63 17.25 -50.24
CA ALA N 61 -44.54 15.85 -50.72
C ALA N 61 -45.07 15.78 -52.14
N LYS N 62 -46.27 16.29 -52.32
CA LYS N 62 -46.93 16.32 -53.61
C LYS N 62 -46.98 17.77 -54.12
N GLY N 63 -46.38 18.68 -53.36
CA GLY N 63 -46.36 20.07 -53.74
C GLY N 63 -45.76 20.19 -55.14
N GLU N 64 -44.86 19.25 -55.43
CA GLU N 64 -44.18 19.14 -56.73
C GLU N 64 -44.07 17.65 -57.05
N THR N 65 -44.71 16.83 -56.20
CA THR N 65 -44.71 15.37 -56.33
C THR N 65 -43.30 14.85 -56.63
N LEU N 66 -42.46 14.85 -55.59
CA LEU N 66 -41.08 14.40 -55.69
C LEU N 66 -40.96 13.05 -56.39
N LYS N 67 -40.59 13.07 -57.67
CA LYS N 67 -40.43 11.86 -58.46
C LYS N 67 -39.65 12.15 -59.74
N GLU N 68 -39.64 11.18 -60.65
CA GLU N 68 -38.93 11.32 -61.93
C GLU N 68 -38.95 12.74 -62.49
N GLY N 69 -37.81 13.15 -63.06
CA GLY N 69 -37.69 14.47 -63.67
C GLY N 69 -37.85 15.70 -62.80
N ASP N 70 -37.89 15.54 -61.49
CA ASP N 70 -38.04 16.68 -60.61
C ASP N 70 -36.70 17.34 -60.31
N LYS N 71 -36.73 18.66 -60.12
CA LYS N 71 -35.54 19.45 -59.81
C LYS N 71 -35.82 20.48 -58.72
N VAL N 72 -35.03 20.45 -57.65
CA VAL N 72 -35.20 21.40 -56.54
C VAL N 72 -33.87 21.93 -55.99
N TYR N 73 -33.94 23.03 -55.26
CA TYR N 73 -32.74 23.60 -54.67
C TYR N 73 -32.97 23.89 -53.21
N ALA N 74 -31.88 24.05 -52.45
CA ALA N 74 -31.97 24.35 -51.03
C ALA N 74 -30.98 25.45 -50.68
N ASN N 75 -31.50 26.53 -50.12
CA ASN N 75 -30.66 27.65 -49.76
C ASN N 75 -30.18 27.56 -48.32
N ASN N 76 -28.88 27.76 -48.09
CA ASN N 76 -28.34 27.71 -46.73
C ASN N 76 -28.00 29.12 -46.27
N ARG N 77 -28.97 29.75 -45.62
CA ARG N 77 -28.84 31.11 -45.11
C ARG N 77 -28.17 32.04 -46.12
N GLY N 78 -28.43 31.79 -47.40
CA GLY N 78 -27.88 32.61 -48.47
C GLY N 78 -26.41 32.44 -48.79
N LYS N 79 -25.68 31.79 -47.89
CA LYS N 79 -24.25 31.58 -48.08
C LYS N 79 -23.96 30.30 -48.88
N GLY N 80 -24.90 29.38 -48.89
CA GLY N 80 -24.69 28.13 -49.62
C GLY N 80 -25.86 27.70 -50.48
N LEU N 81 -25.57 26.83 -51.44
CA LEU N 81 -26.59 26.35 -52.36
C LEU N 81 -26.37 24.93 -52.84
N ILE N 82 -27.45 24.16 -52.90
CA ILE N 82 -27.38 22.77 -53.34
C ILE N 82 -28.57 22.45 -54.23
N MET N 83 -28.30 21.89 -55.40
CA MET N 83 -29.33 21.56 -56.36
C MET N 83 -29.49 20.06 -56.62
N PHE N 84 -30.72 19.62 -56.81
CA PHE N 84 -31.02 18.22 -57.06
C PHE N 84 -31.68 18.01 -58.42
N LEU N 85 -31.69 16.77 -58.86
CA LEU N 85 -32.29 16.40 -60.14
C LEU N 85 -32.58 14.90 -60.07
N ILE N 86 -33.82 14.56 -59.74
CA ILE N 86 -34.21 13.15 -59.61
C ILE N 86 -34.12 12.40 -60.93
N GLY N 87 -33.70 11.14 -60.84
CA GLY N 87 -33.58 10.30 -62.01
C GLY N 87 -34.42 9.03 -61.89
N LYS N 88 -34.41 8.22 -62.94
CA LYS N 88 -35.16 6.97 -62.98
C LYS N 88 -34.95 6.13 -61.72
N GLU N 89 -33.73 5.61 -61.56
CA GLU N 89 -33.40 4.78 -60.41
C GLU N 89 -33.71 5.50 -59.11
N PRO N 90 -33.83 4.75 -58.01
CA PRO N 90 -34.14 5.29 -56.68
C PRO N 90 -32.90 5.90 -56.00
N LEU N 91 -33.12 6.83 -55.09
CA LEU N 91 -32.03 7.47 -54.39
C LEU N 91 -31.12 6.44 -53.74
N TYR N 92 -31.74 5.45 -53.09
CA TYR N 92 -31.01 4.39 -52.41
C TYR N 92 -29.89 3.82 -53.29
N THR N 93 -30.01 3.97 -54.60
CA THR N 93 -29.01 3.47 -55.53
C THR N 93 -27.68 4.19 -55.34
N GLY N 94 -27.71 5.51 -55.53
CA GLY N 94 -26.50 6.32 -55.39
C GLY N 94 -26.74 7.72 -55.89
N PHE N 95 -25.67 8.49 -56.05
CA PHE N 95 -25.79 9.86 -56.52
C PHE N 95 -24.66 10.21 -57.44
N LYS N 96 -24.81 11.33 -58.13
CA LYS N 96 -23.78 11.83 -59.02
C LYS N 96 -23.59 13.28 -58.55
N ILE N 97 -22.67 13.46 -57.61
CA ILE N 97 -22.45 14.79 -57.06
C ILE N 97 -21.35 15.62 -57.72
N LEU N 98 -21.56 16.94 -57.75
CA LEU N 98 -20.59 17.89 -58.27
C LEU N 98 -20.43 18.94 -57.18
N GLY N 99 -19.22 19.12 -56.66
CA GLY N 99 -19.03 20.09 -55.61
C GLY N 99 -18.04 21.18 -55.91
N ALA N 100 -18.20 22.31 -55.22
CA ALA N 100 -17.29 23.46 -55.42
C ALA N 100 -17.59 24.55 -54.39
N HIS N 101 -16.57 25.30 -54.00
CA HIS N 101 -16.75 26.38 -53.05
C HIS N 101 -16.91 27.68 -53.81
N ILE N 102 -17.82 28.53 -53.35
CA ILE N 102 -18.05 29.79 -54.05
C ILE N 102 -17.33 31.00 -53.42
N ASP N 103 -16.73 30.80 -52.25
CA ASP N 103 -16.01 31.88 -51.57
C ASP N 103 -14.62 32.06 -52.16
N SER N 104 -14.06 33.25 -51.96
CA SER N 104 -12.72 33.56 -52.45
C SER N 104 -12.01 34.55 -51.54
N PRO N 105 -10.68 34.46 -51.44
CA PRO N 105 -9.88 35.34 -50.61
C PRO N 105 -10.14 36.81 -50.92
N ARG N 106 -10.16 37.63 -49.86
CA ARG N 106 -10.43 39.06 -49.99
C ARG N 106 -10.26 39.78 -48.67
N LEU N 107 -10.38 41.10 -48.70
CA LEU N 107 -10.23 41.91 -47.50
C LEU N 107 -11.63 42.18 -47.02
N ASP N 108 -11.80 42.52 -45.75
CA ASP N 108 -13.13 42.84 -45.24
C ASP N 108 -13.14 43.52 -43.87
N LEU N 109 -13.77 44.69 -43.87
CA LEU N 109 -13.89 45.56 -42.71
C LEU N 109 -14.10 44.88 -41.36
N LYS N 110 -13.46 45.41 -40.33
CA LYS N 110 -13.60 44.84 -38.98
C LYS N 110 -14.96 45.19 -38.38
N GLN N 111 -15.12 44.90 -37.08
CA GLN N 111 -16.37 45.20 -36.37
C GLN N 111 -16.55 46.72 -36.22
N ASN N 112 -15.44 47.44 -36.11
CA ASN N 112 -15.46 48.88 -35.96
C ASN N 112 -14.43 49.46 -36.92
N PRO N 113 -14.65 49.26 -38.22
CA PRO N 113 -13.79 49.73 -39.30
C PRO N 113 -13.57 51.23 -39.48
N LEU N 114 -14.61 52.02 -39.25
CA LEU N 114 -14.48 53.46 -39.40
C LEU N 114 -13.72 54.17 -38.30
N TYR N 115 -12.64 54.83 -38.68
CA TYR N 115 -11.81 55.58 -37.74
C TYR N 115 -11.11 56.68 -38.54
N GLU N 116 -10.64 57.72 -37.85
CA GLU N 116 -9.99 58.83 -38.52
C GLU N 116 -8.58 59.08 -38.00
N ASP N 117 -7.59 58.99 -38.87
CA ASP N 117 -6.21 59.22 -38.46
C ASP N 117 -5.57 60.31 -39.31
N THR N 118 -5.15 61.38 -38.66
CA THR N 118 -4.51 62.49 -39.36
C THR N 118 -5.39 62.98 -40.49
N ASP N 119 -6.35 63.82 -40.15
CA ASP N 119 -7.26 64.37 -41.13
C ASP N 119 -8.08 63.28 -41.77
N LEU N 120 -7.69 62.80 -42.95
CA LEU N 120 -8.47 61.75 -43.61
C LEU N 120 -8.92 60.61 -42.72
N ALA N 121 -9.95 59.89 -43.16
CA ALA N 121 -10.49 58.77 -42.39
C ALA N 121 -10.39 57.44 -43.12
N MET N 122 -9.78 56.46 -42.45
CA MET N 122 -9.63 55.12 -43.02
C MET N 122 -10.73 54.17 -42.61
N LEU N 123 -10.49 52.90 -42.92
CA LEU N 123 -11.41 51.81 -42.64
C LEU N 123 -10.64 50.53 -42.33
N GLU N 124 -10.67 50.09 -41.07
CA GLU N 124 -9.96 48.86 -40.66
C GLU N 124 -10.41 47.64 -41.48
N THR N 125 -9.49 46.74 -41.75
CA THR N 125 -9.79 45.53 -42.51
C THR N 125 -9.16 44.32 -41.85
N HIS N 126 -9.30 43.17 -42.48
CA HIS N 126 -8.75 41.94 -41.94
C HIS N 126 -8.87 40.90 -43.02
N TYR N 127 -7.82 40.74 -43.82
CA TYR N 127 -7.88 39.79 -44.94
C TYR N 127 -8.44 38.44 -44.57
N TYR N 128 -9.05 37.80 -45.54
CA TYR N 128 -9.66 36.49 -45.36
C TYR N 128 -9.26 35.53 -46.47
N GLY N 129 -9.00 34.29 -46.09
CA GLY N 129 -8.63 33.29 -47.06
C GLY N 129 -7.14 33.08 -47.28
N GLY N 130 -6.33 34.01 -46.81
CA GLY N 130 -4.91 33.88 -46.98
C GLY N 130 -4.46 34.32 -48.36
N ILE N 131 -4.49 35.64 -48.55
CA ILE N 131 -4.03 36.21 -49.81
C ILE N 131 -2.52 36.28 -49.70
N LYS N 132 -2.03 35.96 -48.50
CA LYS N 132 -0.60 35.95 -48.13
C LYS N 132 0.23 37.01 -48.82
N LYS N 133 0.15 37.04 -50.13
CA LYS N 133 0.86 38.04 -50.90
C LYS N 133 -0.01 39.28 -50.77
N TYR N 134 0.33 40.13 -49.82
CA TYR N 134 -0.45 41.33 -49.60
C TYR N 134 -0.23 42.37 -50.68
N GLN N 135 0.09 41.94 -51.90
CA GLN N 135 0.28 42.88 -53.00
C GLN N 135 -1.14 43.15 -53.52
N TRP N 136 -1.98 43.61 -52.59
CA TRP N 136 -3.37 43.96 -52.79
C TRP N 136 -3.49 45.45 -52.60
N VAL N 137 -2.37 46.14 -52.59
CA VAL N 137 -2.39 47.57 -52.39
C VAL N 137 -2.82 48.39 -53.61
N THR N 138 -1.98 49.35 -53.99
CA THR N 138 -2.23 50.21 -55.12
C THR N 138 -3.45 50.03 -56.00
N LEU N 139 -3.71 48.83 -56.52
CA LEU N 139 -4.87 48.65 -57.41
C LEU N 139 -6.22 49.02 -56.78
N PRO N 140 -7.17 49.53 -57.61
CA PRO N 140 -8.53 49.97 -57.25
C PRO N 140 -9.45 48.90 -56.66
N LEU N 141 -10.11 49.24 -55.55
CA LEU N 141 -11.03 48.32 -54.87
C LEU N 141 -12.49 48.81 -54.83
N ALA N 142 -13.39 47.84 -54.69
CA ALA N 142 -14.82 48.11 -54.60
C ALA N 142 -15.39 47.48 -53.33
N ILE N 143 -16.46 48.06 -52.78
CA ILE N 143 -17.06 47.51 -51.58
C ILE N 143 -18.37 46.76 -51.88
N HIS N 144 -18.49 45.57 -51.31
CA HIS N 144 -19.69 44.76 -51.48
C HIS N 144 -20.18 44.37 -50.11
N GLY N 145 -21.02 43.35 -50.05
CA GLY N 145 -21.53 42.90 -48.77
C GLY N 145 -22.89 43.46 -48.39
N VAL N 146 -23.21 43.36 -47.11
CA VAL N 146 -24.50 43.81 -46.60
C VAL N 146 -24.42 44.28 -45.14
N ILE N 147 -25.29 45.24 -44.78
CA ILE N 147 -25.32 45.75 -43.43
C ILE N 147 -26.69 45.46 -42.84
N VAL N 148 -26.74 45.02 -41.58
CA VAL N 148 -28.03 44.71 -40.95
C VAL N 148 -28.37 45.68 -39.82
N LYS N 149 -29.48 46.38 -40.00
CA LYS N 149 -29.97 47.34 -39.01
C LYS N 149 -30.33 46.57 -37.74
N LYS N 150 -30.43 47.29 -36.63
CA LYS N 150 -30.79 46.64 -35.38
C LYS N 150 -32.17 45.99 -35.49
N ASP N 151 -33.05 46.62 -36.27
CA ASP N 151 -34.41 46.12 -36.48
C ASP N 151 -34.46 44.89 -37.39
N GLY N 152 -33.35 44.62 -38.07
CA GLY N 152 -33.30 43.46 -38.95
C GLY N 152 -33.35 43.77 -40.44
N THR N 153 -33.44 45.06 -40.78
CA THR N 153 -33.48 45.47 -42.18
C THR N 153 -32.14 45.22 -42.88
N ILE N 154 -32.18 44.42 -43.93
CA ILE N 154 -30.97 44.12 -44.67
C ILE N 154 -30.71 45.12 -45.81
N VAL N 155 -29.62 45.87 -45.70
CA VAL N 155 -29.28 46.85 -46.73
C VAL N 155 -28.13 46.32 -47.57
N ASN N 156 -28.25 46.43 -48.89
CA ASN N 156 -27.19 45.95 -49.77
C ASN N 156 -26.22 47.06 -50.17
N VAL N 157 -24.94 46.75 -50.08
CA VAL N 157 -23.90 47.71 -50.45
C VAL N 157 -23.09 47.20 -51.64
N CYS N 158 -22.88 48.06 -52.63
CA CYS N 158 -22.11 47.71 -53.81
C CYS N 158 -21.57 49.00 -54.41
N VAL N 159 -20.41 49.44 -53.90
CA VAL N 159 -19.78 50.68 -54.37
C VAL N 159 -18.47 50.43 -55.12
N GLY N 160 -18.32 51.11 -56.24
CA GLY N 160 -17.11 50.95 -57.01
C GLY N 160 -17.21 50.08 -58.26
N GLU N 161 -18.40 49.57 -58.54
CA GLU N 161 -18.55 48.72 -59.72
C GLU N 161 -18.97 49.51 -60.96
N ASP N 162 -19.96 50.37 -60.82
CA ASP N 162 -20.41 51.19 -61.95
C ASP N 162 -19.32 52.19 -62.34
N ASP N 163 -19.23 52.49 -63.63
CA ASP N 163 -18.23 53.42 -64.10
C ASP N 163 -18.37 54.80 -63.49
N ASN N 164 -19.43 55.01 -62.72
CA ASN N 164 -19.64 56.32 -62.08
C ASN N 164 -19.51 56.27 -60.56
N ASP N 165 -19.28 55.08 -60.01
CA ASP N 165 -19.13 54.97 -58.58
C ASP N 165 -17.69 55.26 -58.21
N PRO N 166 -17.48 55.81 -57.02
CA PRO N 166 -16.12 56.10 -56.58
C PRO N 166 -15.44 54.76 -56.26
N VAL N 167 -14.12 54.79 -56.07
CA VAL N 167 -13.40 53.56 -55.76
C VAL N 167 -12.61 53.71 -54.48
N PHE N 168 -12.00 52.61 -54.05
CA PHE N 168 -11.20 52.61 -52.83
C PHE N 168 -9.90 51.83 -53.02
N GLY N 169 -9.03 51.88 -52.01
CA GLY N 169 -7.78 51.17 -52.13
C GLY N 169 -6.86 51.33 -50.94
N VAL N 170 -5.80 50.54 -50.90
CA VAL N 170 -4.81 50.57 -49.83
C VAL N 170 -3.55 51.28 -50.31
N SER N 171 -3.03 52.21 -49.52
CA SER N 171 -1.85 52.96 -49.91
C SER N 171 -0.56 52.21 -49.59
N ASP N 172 0.56 52.72 -50.12
CA ASP N 172 1.86 52.12 -49.90
C ASP N 172 2.93 53.19 -50.13
N ILE N 173 3.85 53.34 -49.18
CA ILE N 173 4.92 54.32 -49.28
C ILE N 173 5.53 54.41 -50.66
N LEU N 174 5.85 55.63 -51.08
CA LEU N 174 6.47 55.83 -52.39
C LEU N 174 7.89 55.23 -52.34
N VAL N 175 8.38 54.77 -53.49
CA VAL N 175 9.70 54.15 -53.56
C VAL N 175 10.78 55.09 -53.04
N HIS N 176 10.55 56.38 -53.19
CA HIS N 176 11.52 57.36 -52.76
C HIS N 176 11.87 57.23 -51.28
N LEU N 177 10.90 56.81 -50.48
CA LEU N 177 11.12 56.66 -49.05
C LEU N 177 10.91 55.25 -48.57
N ALA N 178 10.77 54.33 -49.51
CA ALA N 178 10.55 52.93 -49.18
C ALA N 178 11.83 52.17 -48.86
N SER N 179 12.94 52.90 -48.79
CA SER N 179 14.23 52.31 -48.49
C SER N 179 14.24 51.43 -47.24
N GLU N 180 13.73 51.96 -46.14
CA GLU N 180 13.70 51.23 -44.88
C GLU N 180 12.82 49.98 -44.96
N GLN N 181 11.96 49.93 -45.98
CA GLN N 181 11.06 48.79 -46.18
C GLN N 181 11.72 47.79 -47.16
N LEU N 182 12.64 46.98 -46.65
CA LEU N 182 13.36 45.98 -47.45
C LEU N 182 13.39 44.59 -46.80
N GLU N 183 13.37 44.56 -45.47
CA GLU N 183 13.43 43.30 -44.76
C GLU N 183 12.30 42.34 -45.13
N LYS N 184 12.66 41.09 -45.41
CA LYS N 184 11.74 40.02 -45.75
C LYS N 184 10.55 40.36 -46.63
N LYS N 185 10.57 39.91 -47.89
CA LYS N 185 9.44 40.17 -48.80
C LYS N 185 8.26 39.43 -48.17
N ALA N 186 8.58 38.39 -47.41
CA ALA N 186 7.59 37.57 -46.70
C ALA N 186 6.48 38.44 -46.18
N SER N 187 6.83 39.64 -45.74
CA SER N 187 5.85 40.57 -45.22
C SER N 187 6.42 41.87 -44.69
N LYS N 188 6.21 42.94 -45.44
CA LYS N 188 6.62 44.28 -45.03
C LYS N 188 5.41 45.19 -45.32
N VAL N 189 4.29 44.53 -45.58
CA VAL N 189 3.00 45.16 -45.85
C VAL N 189 2.05 44.13 -45.26
N ILE N 190 1.53 44.37 -44.06
CA ILE N 190 0.64 43.37 -43.46
C ILE N 190 -0.43 43.85 -42.48
N GLU N 191 -0.39 45.13 -42.12
CA GLU N 191 -1.35 45.67 -41.15
C GLU N 191 -2.80 45.32 -41.45
N GLY N 192 -3.70 45.89 -40.68
CA GLY N 192 -5.12 45.66 -40.92
C GLY N 192 -5.89 46.95 -40.65
N GLU N 193 -5.23 48.07 -40.87
CA GLU N 193 -5.81 49.35 -40.61
C GLU N 193 -5.44 50.23 -41.79
N ASP N 194 -5.74 49.72 -42.97
CA ASP N 194 -5.45 50.38 -44.23
C ASP N 194 -6.73 50.78 -44.93
N LEU N 195 -6.63 51.37 -46.10
CA LEU N 195 -7.83 51.75 -46.87
C LEU N 195 -8.63 52.97 -46.40
N ASN N 196 -8.29 54.13 -46.96
CA ASN N 196 -8.98 55.36 -46.62
C ASN N 196 -10.20 55.58 -47.53
N ILE N 197 -11.32 55.94 -46.91
CA ILE N 197 -12.54 56.14 -47.65
C ILE N 197 -12.93 57.58 -47.86
N LEU N 198 -12.14 58.51 -47.32
CA LEU N 198 -12.48 59.91 -47.54
C LEU N 198 -11.47 60.90 -47.01
N ILE N 199 -11.15 61.88 -47.85
CA ILE N 199 -10.19 62.91 -47.49
C ILE N 199 -11.00 64.16 -47.18
N GLY N 200 -10.28 65.24 -46.90
CA GLY N 200 -10.88 66.51 -46.58
C GLY N 200 -12.38 66.48 -46.37
N SER N 201 -13.11 67.21 -47.20
CA SER N 201 -14.56 67.29 -47.11
C SER N 201 -14.87 67.13 -45.63
N ILE N 202 -14.19 67.98 -44.87
CA ILE N 202 -14.29 68.02 -43.43
C ILE N 202 -15.00 69.28 -42.99
N PRO N 203 -16.19 69.14 -42.36
CA PRO N 203 -16.86 67.87 -42.07
C PRO N 203 -18.34 68.05 -42.39
N LEU N 204 -19.18 67.71 -41.43
CA LEU N 204 -20.63 67.86 -41.57
C LEU N 204 -21.03 69.17 -40.90
N LYS N 205 -21.56 70.10 -41.70
CA LYS N 205 -21.98 71.41 -41.22
C LYS N 205 -20.88 72.10 -40.40
N ASP N 206 -19.68 71.53 -40.45
CA ASP N 206 -18.52 72.05 -39.74
C ASP N 206 -18.84 72.39 -38.29
N GLY N 207 -19.58 71.50 -37.64
CA GLY N 207 -19.96 71.70 -36.26
C GLY N 207 -18.95 71.17 -35.27
N GLU N 208 -17.68 71.51 -35.46
CA GLU N 208 -16.60 71.07 -34.59
C GLU N 208 -16.50 69.55 -34.47
N GLU N 209 -16.06 69.09 -33.30
CA GLU N 209 -15.90 67.66 -33.00
C GLU N 209 -14.65 67.09 -33.68
N LYS N 210 -13.56 67.05 -32.92
CA LYS N 210 -12.27 66.54 -33.40
C LYS N 210 -12.29 65.72 -34.71
N GLN N 211 -12.91 64.53 -34.64
CA GLN N 211 -12.98 63.66 -35.79
C GLN N 211 -13.94 64.21 -36.83
N LYS N 212 -13.59 65.34 -37.44
CA LYS N 212 -14.48 65.93 -38.43
C LYS N 212 -14.60 65.11 -39.71
N VAL N 213 -13.48 64.77 -40.33
CA VAL N 213 -13.51 63.99 -41.57
C VAL N 213 -14.32 62.72 -41.39
N LYS N 214 -14.17 62.09 -40.24
CA LYS N 214 -14.92 60.88 -39.93
C LYS N 214 -16.40 61.23 -39.85
N HIS N 215 -16.71 62.14 -38.93
CA HIS N 215 -18.09 62.58 -38.72
C HIS N 215 -18.81 62.83 -40.05
N ASN N 216 -18.12 63.50 -40.97
CA ASN N 216 -18.70 63.80 -42.27
C ASN N 216 -19.06 62.54 -43.07
N ILE N 217 -18.14 61.60 -43.14
CA ILE N 217 -18.38 60.39 -43.89
C ILE N 217 -19.53 59.56 -43.30
N MET N 218 -19.60 59.49 -41.98
CA MET N 218 -20.66 58.72 -41.34
C MET N 218 -21.98 59.32 -41.78
N LYS N 219 -22.03 60.65 -41.77
CA LYS N 219 -23.24 61.37 -42.20
C LYS N 219 -23.54 61.07 -43.66
N ILE N 220 -22.50 61.08 -44.49
CA ILE N 220 -22.67 60.79 -45.90
C ILE N 220 -23.16 59.36 -46.05
N LEU N 221 -22.60 58.48 -45.24
CA LEU N 221 -22.97 57.08 -45.26
C LEU N 221 -24.35 56.92 -44.67
N ASN N 222 -24.79 57.93 -43.93
CA ASN N 222 -26.11 57.90 -43.31
C ASN N 222 -27.22 58.29 -44.31
N GLU N 223 -26.96 59.27 -45.15
CA GLU N 223 -27.94 59.70 -46.14
C GLU N 223 -28.28 58.50 -47.00
N LYS N 224 -27.26 57.84 -47.57
CA LYS N 224 -27.54 56.64 -48.35
C LYS N 224 -27.74 55.61 -47.25
N TYR N 225 -28.47 54.54 -47.54
CA TYR N 225 -28.71 53.51 -46.53
C TYR N 225 -29.40 54.18 -45.35
N ASP N 226 -29.01 53.84 -44.14
CA ASP N 226 -29.62 54.43 -42.96
C ASP N 226 -28.95 53.86 -41.73
N ILE N 227 -27.65 53.66 -41.84
CA ILE N 227 -26.88 53.09 -40.75
C ILE N 227 -26.29 54.13 -39.82
N SER N 228 -25.65 53.66 -38.77
CA SER N 228 -25.01 54.52 -37.79
C SER N 228 -23.61 53.95 -37.66
N GLU N 229 -22.76 54.54 -36.83
CA GLU N 229 -21.39 54.01 -36.70
C GLU N 229 -21.49 52.58 -36.21
N GLU N 230 -22.53 52.27 -35.43
CA GLU N 230 -22.75 50.90 -34.96
C GLU N 230 -23.23 50.20 -36.22
N ASP N 231 -24.02 49.16 -36.11
CA ASP N 231 -24.50 48.48 -37.32
C ASP N 231 -23.36 47.76 -38.02
N PHE N 232 -22.19 48.41 -38.07
CA PHE N 232 -21.04 47.80 -38.69
C PHE N 232 -20.79 46.51 -37.93
N VAL N 233 -21.09 46.55 -36.63
CA VAL N 233 -20.92 45.39 -35.78
C VAL N 233 -21.70 44.23 -36.39
N SER N 234 -22.89 44.53 -36.90
CA SER N 234 -23.74 43.51 -37.52
C SER N 234 -23.74 43.71 -39.03
N ALA N 235 -22.58 43.99 -39.59
CA ALA N 235 -22.43 44.21 -41.03
C ALA N 235 -21.64 43.09 -41.70
N GLU N 236 -21.51 43.18 -43.02
CA GLU N 236 -20.79 42.18 -43.77
C GLU N 236 -19.70 42.74 -44.66
N LEU N 237 -18.54 42.92 -44.02
CA LEU N 237 -17.30 43.41 -44.61
C LEU N 237 -17.01 42.75 -45.97
N GLU N 238 -16.69 43.54 -46.99
CA GLU N 238 -16.39 42.95 -48.29
C GLU N 238 -15.64 43.87 -49.25
N ILE N 239 -14.32 43.75 -49.29
CA ILE N 239 -13.53 44.57 -50.18
C ILE N 239 -12.97 43.68 -51.28
N VAL N 240 -13.24 44.07 -52.52
CA VAL N 240 -12.81 43.31 -53.67
C VAL N 240 -12.34 44.20 -54.81
N PRO N 241 -11.43 43.69 -55.64
CA PRO N 241 -10.98 44.55 -56.74
C PRO N 241 -12.15 44.97 -57.62
N ALA N 242 -12.12 46.22 -58.09
CA ALA N 242 -13.19 46.74 -58.93
C ALA N 242 -12.89 46.48 -60.41
N GLY N 243 -13.95 46.41 -61.23
CA GLY N 243 -13.79 46.17 -62.64
C GLY N 243 -14.34 44.83 -63.09
N LYS N 244 -14.85 44.78 -64.32
CA LYS N 244 -15.41 43.55 -64.87
C LYS N 244 -14.28 42.67 -65.34
N ALA N 245 -14.52 41.36 -65.40
CA ALA N 245 -13.49 40.42 -65.87
C ALA N 245 -13.29 40.78 -67.34
N ARG N 246 -12.13 40.48 -67.90
CA ARG N 246 -11.88 40.83 -69.28
C ARG N 246 -11.25 39.73 -70.13
N ASP N 247 -11.12 39.99 -71.43
CA ASP N 247 -10.49 39.02 -72.32
C ASP N 247 -9.00 39.20 -72.11
N TYR N 248 -8.30 38.11 -71.84
CA TYR N 248 -6.88 38.21 -71.64
C TYR N 248 -6.11 37.67 -72.84
N GLY N 249 -5.16 38.46 -73.32
CA GLY N 249 -4.35 38.03 -74.44
C GLY N 249 -4.70 38.58 -75.81
N PHE N 250 -3.71 38.72 -76.68
CA PHE N 250 -3.93 39.24 -78.01
C PHE N 250 -4.87 38.34 -78.81
N ASP N 251 -4.98 37.08 -78.43
CA ASP N 251 -5.84 36.16 -79.15
C ASP N 251 -7.09 35.85 -78.35
N ARG N 252 -7.37 36.67 -77.35
CA ARG N 252 -8.55 36.48 -76.49
C ARG N 252 -8.76 35.03 -76.06
N SER N 253 -7.66 34.29 -75.85
CA SER N 253 -7.77 32.89 -75.47
C SER N 253 -7.96 32.66 -73.99
N MET N 254 -7.62 33.66 -73.17
CA MET N 254 -7.76 33.52 -71.74
C MET N 254 -8.70 34.57 -71.17
N VAL N 255 -8.96 34.48 -69.88
CA VAL N 255 -9.83 35.41 -69.17
C VAL N 255 -9.19 35.85 -67.86
N MET N 256 -9.12 37.15 -67.66
CA MET N 256 -8.55 37.71 -66.44
C MET N 256 -9.68 38.26 -65.55
N GLY N 257 -9.73 37.82 -64.30
CA GLY N 257 -10.76 38.30 -63.40
C GLY N 257 -10.59 37.83 -61.97
N TYR N 258 -11.32 38.48 -61.06
CA TYR N 258 -11.28 38.14 -59.64
C TYR N 258 -12.21 36.98 -59.35
N GLY N 259 -11.87 36.19 -58.34
CA GLY N 259 -12.72 35.08 -57.97
C GLY N 259 -12.56 33.81 -58.79
N GLN N 260 -11.84 33.90 -59.90
CA GLN N 260 -11.60 32.75 -60.75
C GLN N 260 -11.48 31.46 -59.90
N ASP N 261 -10.78 31.56 -58.76
CA ASP N 261 -10.57 30.42 -57.88
C ASP N 261 -11.84 29.70 -57.53
N ASP N 262 -11.98 28.53 -58.16
CA ASP N 262 -13.10 27.62 -58.01
C ASP N 262 -14.44 28.17 -58.44
N ARG N 263 -14.61 29.49 -58.36
CA ARG N 263 -15.86 30.09 -58.78
C ARG N 263 -16.06 29.74 -60.26
N ILE N 264 -14.95 29.44 -60.94
CA ILE N 264 -14.99 29.09 -62.35
C ILE N 264 -15.51 27.68 -62.44
N CYS N 265 -15.08 26.83 -61.49
CA CYS N 265 -15.55 25.44 -61.47
C CYS N 265 -17.00 25.43 -61.03
N ALA N 266 -17.31 26.26 -60.04
CA ALA N 266 -18.66 26.37 -59.52
C ALA N 266 -19.63 26.76 -60.61
N TYR N 267 -19.13 27.46 -61.63
CA TYR N 267 -19.97 27.89 -62.72
C TYR N 267 -20.14 26.80 -63.74
N THR N 268 -19.04 26.29 -64.27
CA THR N 268 -19.12 25.23 -65.26
C THR N 268 -19.95 24.08 -64.68
N SER N 269 -19.71 23.76 -63.42
CA SER N 269 -20.44 22.69 -62.77
C SER N 269 -21.92 23.04 -62.77
N PHE N 270 -22.19 24.33 -62.67
CA PHE N 270 -23.56 24.80 -62.65
C PHE N 270 -24.25 24.56 -64.00
N GLU N 271 -23.73 25.18 -65.06
CA GLU N 271 -24.30 25.02 -66.37
C GLU N 271 -24.42 23.55 -66.71
N ALA N 272 -23.36 22.79 -66.45
CA ALA N 272 -23.41 21.36 -66.75
C ALA N 272 -24.62 20.77 -66.07
N MET N 273 -24.74 20.98 -64.75
CA MET N 273 -25.86 20.46 -63.97
C MET N 273 -27.19 21.04 -64.44
N LEU N 274 -27.19 22.31 -64.81
CA LEU N 274 -28.40 22.97 -65.25
C LEU N 274 -28.98 22.38 -66.53
N GLU N 275 -28.21 22.37 -67.61
CA GLU N 275 -28.69 21.85 -68.89
C GLU N 275 -28.63 20.33 -68.96
N MET N 276 -28.79 19.68 -67.81
CA MET N 276 -28.74 18.22 -67.74
C MET N 276 -30.14 17.65 -67.68
N LYS N 277 -30.61 17.12 -68.80
CA LYS N 277 -31.94 16.54 -68.90
C LYS N 277 -31.90 15.02 -69.05
N ASN N 278 -32.99 14.36 -68.65
CA ASN N 278 -33.07 12.89 -68.74
C ASN N 278 -31.98 12.30 -67.84
N ALA N 279 -32.28 12.17 -66.55
CA ALA N 279 -31.32 11.62 -65.61
C ALA N 279 -31.60 10.15 -65.28
N LYS N 280 -30.56 9.33 -65.33
CA LYS N 280 -30.70 7.91 -65.02
C LYS N 280 -30.61 7.76 -63.51
N LYS N 281 -29.57 8.33 -62.92
CA LYS N 281 -29.36 8.26 -61.49
C LYS N 281 -29.34 9.70 -60.97
N THR N 282 -30.16 9.96 -59.94
CA THR N 282 -30.26 11.29 -59.35
C THR N 282 -28.91 11.93 -59.07
N CYS N 283 -28.70 13.11 -59.63
CA CYS N 283 -27.44 13.83 -59.47
C CYS N 283 -27.64 15.18 -58.80
N ILE N 284 -26.64 15.60 -58.02
CA ILE N 284 -26.74 16.87 -57.30
C ILE N 284 -25.49 17.74 -57.29
N THR N 285 -25.72 19.05 -57.28
CA THR N 285 -24.66 20.04 -57.28
C THR N 285 -24.58 20.82 -55.97
N ILE N 286 -23.40 20.81 -55.37
CA ILE N 286 -23.19 21.51 -54.11
C ILE N 286 -22.28 22.70 -54.28
N LEU N 287 -22.63 23.79 -53.59
CA LEU N 287 -21.84 25.03 -53.66
C LEU N 287 -21.77 25.65 -52.28
N VAL N 288 -20.65 25.42 -51.59
CA VAL N 288 -20.48 25.95 -50.23
C VAL N 288 -19.38 26.99 -50.16
N ASP N 289 -19.14 27.52 -48.96
CA ASP N 289 -18.07 28.49 -48.79
C ASP N 289 -17.17 28.12 -47.62
N LYS N 290 -16.41 29.09 -47.15
CA LYS N 290 -15.49 28.90 -46.05
C LYS N 290 -14.39 27.92 -46.37
N GLU N 291 -14.29 27.51 -47.63
CA GLU N 291 -13.25 26.57 -48.02
C GLU N 291 -11.86 27.21 -47.86
N GLU N 292 -11.71 28.42 -48.39
CA GLU N 292 -10.45 29.12 -48.33
C GLU N 292 -10.03 29.46 -46.91
N VAL N 293 -10.94 29.27 -45.96
CA VAL N 293 -10.62 29.57 -44.57
C VAL N 293 -10.52 28.32 -43.67
N GLY N 294 -10.75 27.14 -44.26
CA GLY N 294 -10.66 25.91 -43.49
C GLY N 294 -11.83 24.99 -43.66
N SER N 295 -12.92 25.53 -44.19
CA SER N 295 -14.15 24.75 -44.43
C SER N 295 -14.85 24.40 -43.12
N ILE N 296 -14.75 25.28 -42.12
CA ILE N 296 -15.39 25.06 -40.83
C ILE N 296 -16.90 24.92 -40.96
N GLY N 297 -17.54 24.63 -39.83
CA GLY N 297 -18.98 24.47 -39.80
C GLY N 297 -19.84 25.65 -40.22
N ALA N 298 -21.15 25.49 -40.03
CA ALA N 298 -22.15 26.50 -40.36
C ALA N 298 -22.50 26.53 -41.85
N THR N 299 -21.49 26.72 -42.69
CA THR N 299 -21.72 26.78 -44.13
C THR N 299 -20.62 26.12 -45.01
N GLY N 300 -20.01 25.05 -44.52
CA GLY N 300 -18.97 24.36 -45.29
C GLY N 300 -18.88 22.87 -45.06
N MET N 301 -18.58 22.49 -43.81
CA MET N 301 -18.47 21.09 -43.42
C MET N 301 -19.76 20.72 -42.70
N GLN N 302 -20.68 21.69 -42.65
CA GLN N 302 -21.97 21.52 -42.01
C GLN N 302 -22.72 20.26 -42.44
N SER N 303 -23.89 20.06 -41.85
CA SER N 303 -24.73 18.91 -42.15
C SER N 303 -25.80 19.34 -43.16
N LYS N 304 -25.74 20.61 -43.55
CA LYS N 304 -26.68 21.18 -44.50
C LYS N 304 -26.95 20.23 -45.67
N PHE N 305 -25.93 19.49 -46.06
CA PHE N 305 -26.06 18.54 -47.16
C PHE N 305 -26.61 17.22 -46.61
N PHE N 306 -26.01 16.76 -45.52
CA PHE N 306 -26.42 15.53 -44.87
C PHE N 306 -27.90 15.60 -44.60
N GLU N 307 -28.26 16.45 -43.64
CA GLU N 307 -29.66 16.63 -43.25
C GLU N 307 -30.37 17.44 -44.31
N ASN N 308 -30.38 16.90 -45.51
CA ASN N 308 -31.04 17.57 -46.62
C ASN N 308 -31.28 16.55 -47.72
N THR N 309 -30.29 15.70 -47.93
CA THR N 309 -30.42 14.64 -48.91
C THR N 309 -31.51 13.78 -48.29
N VAL N 310 -31.57 13.80 -46.96
CA VAL N 310 -32.56 13.03 -46.24
C VAL N 310 -33.90 13.76 -46.33
N ALA N 311 -33.92 15.02 -45.90
CA ALA N 311 -35.14 15.82 -45.95
C ALA N 311 -35.69 15.74 -47.37
N ASP N 312 -34.84 15.36 -48.31
CA ASP N 312 -35.25 15.25 -49.70
C ASP N 312 -35.62 13.80 -50.00
N ILE N 313 -34.89 12.86 -49.40
CA ILE N 313 -35.14 11.43 -49.57
C ILE N 313 -36.54 11.13 -48.99
N MET N 314 -36.99 11.97 -48.06
CA MET N 314 -38.30 11.81 -47.44
C MET N 314 -39.42 11.86 -48.49
N SER N 315 -39.27 12.72 -49.48
CA SER N 315 -40.27 12.85 -50.53
C SER N 315 -39.93 11.97 -51.71
N ASP N 321 -39.04 4.72 -47.52
CA ASP N 321 -38.25 5.86 -47.97
C ASP N 321 -37.92 6.81 -46.82
N GLU N 322 -37.73 6.25 -45.63
CA GLU N 322 -37.43 7.04 -44.46
C GLU N 322 -36.10 6.70 -43.80
N LEU N 323 -36.14 5.70 -42.91
CA LEU N 323 -34.97 5.24 -42.16
C LEU N 323 -33.61 5.34 -42.84
N LYS N 324 -32.62 5.67 -42.01
CA LYS N 324 -31.24 5.84 -42.42
C LYS N 324 -30.83 5.15 -43.71
N LEU N 325 -30.78 3.83 -43.69
CA LEU N 325 -30.36 3.03 -44.86
C LEU N 325 -28.86 3.24 -45.14
N ARG N 326 -28.39 4.49 -45.03
CA ARG N 326 -26.98 4.89 -45.25
C ARG N 326 -26.48 4.77 -46.69
N LYS N 327 -26.54 3.55 -47.22
CA LYS N 327 -26.11 3.23 -48.58
C LYS N 327 -26.27 4.37 -49.59
N ALA N 328 -27.33 5.16 -49.44
CA ALA N 328 -27.60 6.27 -50.34
C ALA N 328 -26.34 7.04 -50.70
N LEU N 329 -25.64 7.53 -49.68
CA LEU N 329 -24.42 8.30 -49.87
C LEU N 329 -23.22 7.39 -50.21
N TYR N 330 -23.07 6.29 -49.48
CA TYR N 330 -21.98 5.36 -49.70
C TYR N 330 -21.81 4.93 -51.15
N ASN N 331 -22.92 4.80 -51.88
CA ASN N 331 -22.84 4.37 -53.27
C ASN N 331 -22.84 5.50 -54.28
N SER N 332 -22.43 6.69 -53.86
CA SER N 332 -22.40 7.81 -54.79
C SER N 332 -21.00 8.08 -55.35
N GLU N 333 -20.94 8.88 -56.40
CA GLU N 333 -19.69 9.24 -57.04
C GLU N 333 -19.63 10.77 -57.11
N MET N 334 -18.58 11.36 -56.56
CA MET N 334 -18.46 12.82 -56.59
C MET N 334 -17.27 13.30 -57.41
N LEU N 335 -17.35 14.56 -57.79
CA LEU N 335 -16.31 15.20 -58.56
C LEU N 335 -16.02 16.56 -57.93
N SER N 336 -15.56 16.54 -56.67
CA SER N 336 -15.23 17.77 -55.94
C SER N 336 -14.13 18.49 -56.72
N SER N 337 -14.48 19.59 -57.38
CA SER N 337 -13.50 20.31 -58.17
C SER N 337 -13.04 21.61 -57.51
N ASP N 338 -11.83 22.04 -57.89
CA ASP N 338 -11.22 23.28 -57.40
C ASP N 338 -10.03 23.57 -58.31
N VAL N 339 -9.82 24.83 -58.63
CA VAL N 339 -8.72 25.24 -59.49
C VAL N 339 -7.36 24.72 -59.01
N SER N 340 -6.47 24.52 -59.97
CA SER N 340 -5.12 24.04 -59.69
C SER N 340 -4.13 25.06 -60.22
N ALA N 341 -2.87 24.92 -59.84
CA ALA N 341 -1.85 25.84 -60.30
C ALA N 341 -1.30 25.45 -61.67
N ALA N 342 -1.47 26.34 -62.64
CA ALA N 342 -0.97 26.11 -64.00
C ALA N 342 0.51 26.48 -64.07
N PHE N 343 1.26 25.73 -64.86
CA PHE N 343 2.68 25.99 -65.00
C PHE N 343 2.93 27.41 -65.50
N ASP N 344 3.68 28.21 -64.73
CA ASP N 344 3.98 29.57 -65.14
C ASP N 344 5.40 29.65 -65.66
N PRO N 345 5.56 30.07 -66.92
CA PRO N 345 6.87 30.19 -67.53
C PRO N 345 7.78 31.20 -66.88
N ASN N 346 7.26 31.93 -65.89
CA ASN N 346 8.08 32.90 -65.19
C ASN N 346 8.79 32.28 -63.99
N TYR N 347 8.16 31.27 -63.40
CA TYR N 347 8.73 30.58 -62.24
C TYR N 347 8.59 29.09 -62.47
N PRO N 348 9.51 28.50 -63.25
CA PRO N 348 9.49 27.07 -63.56
C PRO N 348 10.03 26.13 -62.49
N ASN N 349 11.08 26.57 -61.81
CA ASN N 349 11.75 25.77 -60.79
C ASN N 349 10.88 25.42 -59.60
N VAL N 350 9.65 25.90 -59.60
CA VAL N 350 8.76 25.60 -58.49
C VAL N 350 7.90 24.37 -58.75
N MET N 351 7.85 23.94 -60.00
CA MET N 351 7.07 22.77 -60.37
C MET N 351 7.88 21.71 -61.09
N GLU N 352 7.36 20.48 -61.11
CA GLU N 352 8.06 19.36 -61.72
C GLU N 352 7.94 19.24 -63.24
N LYS N 353 7.43 20.29 -63.89
CA LYS N 353 7.27 20.23 -65.35
C LYS N 353 6.26 19.14 -65.65
N ARG N 354 6.72 17.90 -65.72
CA ARG N 354 5.81 16.77 -65.95
C ARG N 354 5.00 16.69 -64.66
N ASN N 355 3.78 16.16 -64.74
CA ASN N 355 2.95 16.06 -63.54
C ASN N 355 2.53 17.45 -63.06
N SER N 356 2.40 18.38 -63.99
CA SER N 356 1.99 19.75 -63.67
C SER N 356 0.93 20.14 -64.68
N ALA N 357 -0.09 20.88 -64.26
CA ALA N 357 -1.15 21.28 -65.18
C ALA N 357 -0.70 22.41 -66.08
N TYR N 358 -1.11 22.34 -67.34
CA TYR N 358 -0.72 23.37 -68.32
C TYR N 358 -1.94 24.10 -68.87
N LEU N 359 -1.76 25.38 -69.12
CA LEU N 359 -2.82 26.24 -69.63
C LEU N 359 -3.37 25.79 -70.98
N GLY N 360 -4.53 25.13 -70.96
CA GLY N 360 -5.13 24.70 -72.20
C GLY N 360 -5.08 23.23 -72.54
N LYS N 361 -4.59 22.39 -71.62
CA LYS N 361 -4.54 20.98 -71.93
C LYS N 361 -5.75 20.22 -71.38
N GLY N 362 -6.88 20.92 -71.23
CA GLY N 362 -8.07 20.25 -70.73
C GLY N 362 -8.33 20.35 -69.25
N ILE N 363 -9.25 19.53 -68.77
CA ILE N 363 -9.62 19.52 -67.36
C ILE N 363 -8.52 18.82 -66.55
N VAL N 364 -8.32 19.28 -65.32
CA VAL N 364 -7.29 18.73 -64.46
C VAL N 364 -7.79 17.70 -63.44
N PHE N 365 -6.97 16.65 -63.24
CA PHE N 365 -7.27 15.60 -62.28
C PHE N 365 -6.15 15.48 -61.26
N ASN N 366 -6.52 15.41 -59.99
CA ASN N 366 -5.55 15.30 -58.90
C ASN N 366 -5.86 14.11 -58.02
N LYS N 367 -5.11 13.04 -58.19
CA LYS N 367 -5.33 11.84 -57.38
C LYS N 367 -5.16 12.21 -55.91
N TYR N 368 -4.08 12.90 -55.61
CA TYR N 368 -3.80 13.33 -54.24
C TYR N 368 -3.34 14.78 -54.25
N THR N 369 -3.45 15.43 -53.10
CA THR N 369 -3.06 16.82 -52.97
C THR N 369 -2.87 17.19 -51.51
N GLY N 370 -1.69 16.92 -50.98
CA GLY N 370 -1.43 17.23 -49.59
C GLY N 370 -0.16 18.03 -49.38
N SER N 371 0.61 17.64 -48.37
CA SER N 371 1.84 18.32 -48.04
C SER N 371 3.00 17.34 -47.93
N ARG N 372 3.66 17.36 -46.78
CA ARG N 372 4.79 16.48 -46.52
C ARG N 372 4.38 15.00 -46.62
N GLY N 373 4.32 14.48 -47.84
CA GLY N 373 3.96 13.08 -47.98
C GLY N 373 2.48 12.81 -48.08
N LYS N 374 1.81 13.56 -48.93
CA LYS N 374 0.38 13.38 -49.16
C LYS N 374 -0.43 13.57 -47.88
N SER N 375 0.18 14.21 -46.87
CA SER N 375 -0.48 14.43 -45.61
C SER N 375 -1.73 15.28 -45.67
N GLY N 376 -2.78 14.79 -45.01
CA GLY N 376 -4.06 15.49 -44.96
C GLY N 376 -4.70 15.81 -46.29
N CYS N 377 -5.28 14.79 -46.93
CA CYS N 377 -5.93 15.01 -48.21
C CYS N 377 -6.56 13.71 -48.70
N ASN N 378 -7.51 13.83 -49.62
CA ASN N 378 -8.18 12.67 -50.16
C ASN N 378 -7.40 12.04 -51.30
N ASP N 379 -7.33 10.72 -51.29
CA ASP N 379 -6.61 9.97 -52.33
C ASP N 379 -7.58 9.12 -53.13
N ALA N 380 -7.86 9.57 -54.35
CA ALA N 380 -8.80 8.88 -55.25
C ALA N 380 -8.39 7.45 -55.59
N ASN N 381 -9.37 6.56 -55.68
CA ASN N 381 -9.11 5.16 -56.00
C ASN N 381 -8.89 4.99 -57.49
N PRO N 382 -7.91 4.14 -57.86
CA PRO N 382 -7.61 3.89 -59.28
C PRO N 382 -8.80 3.34 -60.06
N GLU N 383 -9.50 2.38 -59.47
CA GLU N 383 -10.65 1.80 -60.13
C GLU N 383 -11.63 2.90 -60.55
N TYR N 384 -11.82 3.88 -59.67
CA TYR N 384 -12.72 5.00 -59.98
C TYR N 384 -12.12 5.89 -61.06
N ILE N 385 -10.82 6.16 -60.94
CA ILE N 385 -10.09 7.00 -61.90
C ILE N 385 -10.21 6.40 -63.28
N ALA N 386 -9.89 5.12 -63.39
CA ALA N 386 -9.97 4.43 -64.67
C ALA N 386 -11.34 4.68 -65.29
N GLU N 387 -12.40 4.53 -64.49
CA GLU N 387 -13.74 4.75 -65.01
C GLU N 387 -13.86 6.13 -65.61
N LEU N 388 -13.45 7.14 -64.86
CA LEU N 388 -13.53 8.52 -65.35
C LEU N 388 -12.79 8.62 -66.67
N ARG N 389 -11.67 7.91 -66.77
CA ARG N 389 -10.88 7.94 -68.02
C ARG N 389 -11.77 7.48 -69.15
N ARG N 390 -12.24 6.24 -69.02
CA ARG N 390 -13.09 5.65 -70.03
C ARG N 390 -14.20 6.62 -70.43
N ILE N 391 -14.91 7.17 -69.44
CA ILE N 391 -15.98 8.10 -69.71
C ILE N 391 -15.53 9.34 -70.49
N LEU N 392 -14.52 10.01 -69.97
CA LEU N 392 -13.99 11.20 -70.61
C LEU N 392 -13.25 10.84 -71.88
N SER N 393 -13.53 9.66 -72.41
CA SER N 393 -12.88 9.23 -73.65
C SER N 393 -13.98 9.13 -74.68
N LYS N 394 -15.06 8.46 -74.28
CA LYS N 394 -16.22 8.27 -75.13
C LYS N 394 -16.72 9.66 -75.54
N GLU N 395 -17.20 10.44 -74.58
CA GLU N 395 -17.70 11.79 -74.88
C GLU N 395 -16.54 12.73 -75.22
N SER N 396 -15.36 12.14 -75.37
CA SER N 396 -14.14 12.90 -75.69
C SER N 396 -13.74 13.74 -74.46
N VAL N 397 -13.43 15.02 -74.69
CA VAL N 397 -13.03 15.92 -73.61
C VAL N 397 -11.56 15.71 -73.25
N ASN N 398 -10.78 16.78 -73.25
CA ASN N 398 -9.38 16.69 -72.91
C ASN N 398 -9.16 16.82 -71.42
N TRP N 399 -8.30 15.97 -70.87
CA TRP N 399 -7.99 16.01 -69.46
C TRP N 399 -6.49 15.81 -69.26
N GLN N 400 -6.00 16.32 -68.14
CA GLN N 400 -4.60 16.22 -67.79
C GLN N 400 -4.50 16.07 -66.29
N THR N 401 -3.47 15.36 -65.83
CA THR N 401 -3.26 15.14 -64.41
C THR N 401 -2.14 16.04 -63.91
N ALA N 402 -2.33 16.61 -62.72
CA ALA N 402 -1.35 17.50 -62.15
C ALA N 402 -1.07 17.24 -60.68
N GLU N 403 -0.01 17.89 -60.17
CA GLU N 403 0.43 17.77 -58.78
C GLU N 403 0.81 19.20 -58.40
N LEU N 404 0.53 19.61 -57.17
CA LEU N 404 0.85 20.98 -56.80
C LEU N 404 2.29 21.23 -56.38
N GLY N 405 3.14 21.55 -57.34
CA GLY N 405 4.53 21.82 -57.01
C GLY N 405 5.38 20.59 -56.74
N LYS N 406 6.67 20.69 -57.07
CA LYS N 406 7.61 19.58 -56.84
C LYS N 406 7.62 19.09 -55.40
N VAL N 407 6.96 17.95 -55.21
CA VAL N 407 6.87 17.33 -53.90
C VAL N 407 6.87 18.31 -52.73
N ASP N 408 7.95 18.35 -51.97
CA ASP N 408 8.03 19.21 -50.80
C ASP N 408 8.05 20.73 -51.05
N GLN N 409 7.15 21.22 -51.88
CA GLN N 409 7.09 22.65 -52.14
C GLN N 409 5.96 23.32 -51.39
N GLY N 410 4.80 23.38 -52.03
CA GLY N 410 3.64 24.00 -51.40
C GLY N 410 2.76 23.00 -50.71
N GLY N 411 1.79 23.50 -49.94
CA GLY N 411 0.88 22.64 -49.22
C GLY N 411 -0.46 22.57 -49.93
N GLY N 412 -1.25 21.57 -49.59
CA GLY N 412 -2.56 21.40 -50.20
C GLY N 412 -3.61 20.90 -49.23
N GLY N 413 -4.87 20.91 -49.68
CA GLY N 413 -5.97 20.46 -48.85
C GLY N 413 -7.32 20.86 -49.42
N THR N 414 -7.94 19.96 -50.17
CA THR N 414 -9.25 20.23 -50.78
C THR N 414 -10.37 19.65 -49.93
N ILE N 415 -11.58 20.15 -50.13
CA ILE N 415 -12.73 19.69 -49.38
C ILE N 415 -13.25 18.37 -49.92
N ALA N 416 -12.40 17.68 -50.68
CA ALA N 416 -12.79 16.39 -51.27
C ALA N 416 -12.96 15.28 -50.25
N TYR N 417 -12.09 15.26 -49.24
CA TYR N 417 -12.13 14.22 -48.20
C TYR N 417 -13.33 14.38 -47.28
N ILE N 418 -13.83 15.61 -47.17
CA ILE N 418 -14.96 15.88 -46.29
C ILE N 418 -16.20 15.07 -46.61
N LEU N 419 -16.43 14.81 -47.89
CA LEU N 419 -17.60 14.04 -48.28
C LEU N 419 -17.25 12.58 -48.49
N ALA N 420 -15.99 12.30 -48.77
CA ALA N 420 -15.57 10.93 -48.97
C ALA N 420 -15.72 10.20 -47.65
N GLU N 421 -15.88 10.97 -46.57
CA GLU N 421 -16.03 10.39 -45.24
C GLU N 421 -17.22 9.44 -45.19
N TYR N 422 -18.10 9.54 -46.17
CA TYR N 422 -19.26 8.68 -46.24
C TYR N 422 -18.91 7.38 -46.92
N GLY N 423 -17.89 7.42 -47.78
CA GLY N 423 -17.47 6.23 -48.50
C GLY N 423 -17.55 6.41 -50.01
N MET N 424 -17.95 7.62 -50.43
CA MET N 424 -18.07 7.97 -51.85
C MET N 424 -16.80 7.75 -52.62
N GLN N 425 -16.91 7.88 -53.93
CA GLN N 425 -15.76 7.75 -54.83
C GLN N 425 -15.48 9.15 -55.31
N VAL N 426 -14.56 9.82 -54.62
CA VAL N 426 -14.25 11.20 -54.96
C VAL N 426 -12.91 11.35 -55.65
N ILE N 427 -12.73 12.47 -56.34
CA ILE N 427 -11.48 12.77 -57.02
C ILE N 427 -11.45 14.27 -57.27
N ASP N 428 -10.26 14.85 -57.28
CA ASP N 428 -10.11 16.28 -57.49
C ASP N 428 -10.06 16.71 -58.96
N CYS N 429 -10.95 17.65 -59.31
CA CYS N 429 -11.01 18.16 -60.67
C CYS N 429 -10.89 19.67 -60.63
N GLY N 430 -11.05 20.27 -61.80
CA GLY N 430 -10.94 21.71 -61.85
C GLY N 430 -10.08 22.20 -63.00
N VAL N 431 -10.14 23.51 -63.20
CA VAL N 431 -9.39 24.17 -64.25
C VAL N 431 -8.04 24.61 -63.73
N ALA N 432 -7.12 24.86 -64.65
CA ALA N 432 -5.79 25.32 -64.27
C ALA N 432 -5.73 26.86 -64.33
N LEU N 433 -5.32 27.49 -63.23
CA LEU N 433 -5.24 28.94 -63.20
C LEU N 433 -3.81 29.48 -63.19
N LEU N 434 -3.70 30.79 -63.34
CA LEU N 434 -2.43 31.48 -63.31
C LEU N 434 -2.54 32.45 -62.13
N ASN N 435 -1.48 32.55 -61.33
CA ASN N 435 -1.47 33.39 -60.14
C ASN N 435 -2.76 33.35 -59.34
N HIS N 437 -5.34 33.13 -56.02
CA HIS N 437 -5.56 34.01 -54.87
C HIS N 437 -5.04 35.43 -55.08
N ALA N 438 -4.91 35.82 -56.34
CA ALA N 438 -4.45 37.15 -56.66
C ALA N 438 -5.71 37.92 -57.01
N PRO N 439 -5.66 39.25 -56.89
CA PRO N 439 -6.84 40.06 -57.22
C PRO N 439 -7.30 39.81 -58.65
N TRP N 440 -6.37 39.41 -59.52
CA TRP N 440 -6.71 39.11 -60.90
C TRP N 440 -6.10 37.80 -61.31
N GLU N 441 -6.94 36.81 -61.55
CA GLU N 441 -6.51 35.47 -61.95
C GLU N 441 -6.75 35.25 -63.43
N ILE N 442 -6.01 34.32 -64.01
CA ILE N 442 -6.15 34.02 -65.43
C ILE N 442 -6.57 32.59 -65.73
N SER N 443 -7.36 32.39 -66.78
CA SER N 443 -7.82 31.04 -67.12
C SER N 443 -7.94 30.86 -68.62
N SER N 444 -7.87 29.62 -69.08
CA SER N 444 -7.98 29.32 -70.50
C SER N 444 -9.40 28.98 -70.87
N LYS N 445 -9.98 29.76 -71.79
CA LYS N 445 -11.35 29.50 -72.23
C LYS N 445 -11.50 28.05 -72.68
N ALA N 446 -10.50 27.55 -73.40
CA ALA N 446 -10.53 26.17 -73.86
C ALA N 446 -10.71 25.26 -72.66
N ASP N 447 -9.93 25.50 -71.60
CA ASP N 447 -10.04 24.67 -70.41
C ASP N 447 -11.44 24.82 -69.76
N ILE N 448 -11.91 26.06 -69.63
CA ILE N 448 -13.23 26.31 -69.06
C ILE N 448 -14.22 25.39 -69.77
N TYR N 449 -14.26 25.52 -71.09
CA TYR N 449 -15.13 24.73 -71.94
C TYR N 449 -14.93 23.24 -71.66
N GLU N 450 -13.74 22.75 -71.96
CA GLU N 450 -13.42 21.34 -71.76
C GLU N 450 -13.95 20.84 -70.39
N THR N 451 -13.64 21.59 -69.33
CA THR N 451 -14.07 21.23 -67.99
C THR N 451 -15.55 21.00 -67.91
N LYS N 452 -16.33 21.94 -68.43
CA LYS N 452 -17.78 21.81 -68.41
C LYS N 452 -18.15 20.50 -69.06
N ASN N 453 -17.67 20.28 -70.29
CA ASN N 453 -17.99 19.05 -70.99
C ASN N 453 -17.59 17.86 -70.13
N GLY N 454 -16.48 17.97 -69.43
CA GLY N 454 -16.02 16.88 -68.57
C GLY N 454 -17.09 16.60 -67.53
N TYR N 455 -17.65 17.67 -66.96
CA TYR N 455 -18.69 17.52 -65.94
C TYR N 455 -19.92 16.90 -66.57
N SER N 456 -20.45 17.56 -67.60
CA SER N 456 -21.64 17.08 -68.29
C SER N 456 -21.48 15.62 -68.69
N ALA N 457 -20.28 15.24 -69.13
CA ALA N 457 -20.01 13.86 -69.54
C ALA N 457 -19.86 12.97 -68.31
N PHE N 458 -20.53 13.37 -67.23
CA PHE N 458 -20.49 12.64 -65.97
C PHE N 458 -21.94 12.41 -65.56
N LEU N 459 -22.84 12.60 -66.54
CA LEU N 459 -24.27 12.44 -66.33
C LEU N 459 -24.72 10.97 -66.44
N ASN N 460 -24.44 10.36 -67.59
CA ASN N 460 -24.81 8.97 -67.85
C ASN N 460 -23.84 8.08 -67.08
N ASN N 461 -24.11 6.78 -67.04
CA ASN N 461 -23.25 5.83 -66.32
C ASN N 461 -21.83 6.36 -66.14
N LEU O 1 -25.39 57.55 -36.26
CA LEU O 1 -24.56 58.47 -35.42
C LEU O 1 -23.38 57.73 -34.81
N LEU O 2 -22.23 58.40 -34.82
CA LEU O 2 -20.99 57.85 -34.31
C LEU O 2 -21.16 57.15 -32.96
N LYS O 3 -20.81 55.87 -32.92
CA LYS O 3 -20.91 55.06 -31.71
C LYS O 3 -19.67 55.15 -30.87
N GLU O 4 -19.81 54.79 -29.59
CA GLU O 4 -18.70 54.80 -28.65
C GLU O 4 -19.01 54.03 -27.38
N TYR O 5 -18.55 52.78 -27.36
CA TYR O 5 -18.73 51.86 -26.23
C TYR O 5 -18.49 52.56 -24.88
N LYS O 6 -19.48 52.45 -23.99
CA LYS O 6 -19.44 53.06 -22.66
C LYS O 6 -18.99 52.12 -21.57
N ASN O 7 -18.64 52.70 -20.44
CA ASN O 7 -18.18 51.97 -19.26
C ASN O 7 -19.34 51.30 -18.51
N ALA O 8 -19.09 50.17 -17.84
CA ALA O 8 -20.12 49.45 -17.10
C ALA O 8 -20.56 50.17 -15.82
N TRP O 9 -19.60 50.65 -15.03
CA TRP O 9 -19.92 51.36 -13.81
C TRP O 9 -20.65 52.64 -14.20
N ASP O 10 -20.89 53.53 -13.23
CA ASP O 10 -21.64 54.78 -13.49
C ASP O 10 -23.08 54.33 -13.72
N LYS O 11 -23.29 53.75 -14.90
CA LYS O 11 -24.59 53.25 -15.28
C LYS O 11 -25.12 52.41 -14.12
N TYR O 12 -24.24 51.59 -13.53
CA TYR O 12 -24.65 50.74 -12.39
C TYR O 12 -25.14 51.59 -11.25
N ASP O 13 -24.24 51.83 -10.31
CA ASP O 13 -24.58 52.62 -9.12
C ASP O 13 -25.92 52.07 -8.67
N ASP O 14 -26.94 52.91 -8.70
CA ASP O 14 -28.27 52.49 -8.31
C ASP O 14 -28.25 52.05 -6.85
N LYS O 15 -27.04 51.93 -6.28
CA LYS O 15 -26.87 51.49 -4.89
C LYS O 15 -27.28 50.03 -4.80
N GLN O 16 -28.15 49.61 -5.71
CA GLN O 16 -28.65 48.24 -5.76
C GLN O 16 -27.72 47.48 -6.69
N LEU O 17 -27.85 47.78 -7.98
CA LEU O 17 -27.05 47.16 -9.01
C LEU O 17 -25.66 46.82 -8.48
N LYS O 18 -24.96 47.81 -7.92
CA LYS O 18 -23.63 47.58 -7.38
C LYS O 18 -23.64 46.44 -6.39
N GLU O 19 -24.32 46.65 -5.28
CA GLU O 19 -24.42 45.64 -4.23
C GLU O 19 -24.82 44.29 -4.84
N VAL O 20 -25.69 44.35 -5.84
CA VAL O 20 -26.18 43.14 -6.50
C VAL O 20 -25.10 42.39 -7.24
N PHE O 21 -23.86 42.83 -7.12
CA PHE O 21 -22.78 42.12 -7.79
C PHE O 21 -21.41 42.34 -7.15
N ALA O 22 -21.15 43.57 -6.71
CA ALA O 22 -19.89 43.90 -6.06
C ALA O 22 -19.61 42.78 -5.08
N LEU O 23 -20.66 42.34 -4.41
CA LEU O 23 -20.59 41.25 -3.46
C LEU O 23 -21.45 40.17 -4.08
N GLY O 24 -22.27 40.55 -5.04
CA GLY O 24 -23.15 39.61 -5.72
C GLY O 24 -22.37 38.47 -6.32
N ASP O 25 -21.91 38.62 -7.55
CA ASP O 25 -21.15 37.57 -8.18
C ASP O 25 -19.79 37.39 -7.51
N ARG O 26 -19.14 38.50 -7.16
CA ARG O 26 -17.86 38.41 -6.48
C ARG O 26 -18.17 37.83 -5.11
N PHE O 27 -18.33 36.53 -5.08
CA PHE O 27 -18.64 35.82 -3.85
C PHE O 27 -18.96 34.47 -4.43
N LYS O 28 -20.03 34.41 -5.20
CA LYS O 28 -20.39 33.16 -5.84
C LYS O 28 -19.20 32.71 -6.70
N ASN O 29 -18.96 33.45 -7.79
CA ASN O 29 -17.83 33.17 -8.68
C ASN O 29 -16.58 33.22 -7.82
N PHE O 30 -16.35 34.39 -7.25
CA PHE O 30 -15.21 34.60 -6.41
C PHE O 30 -14.85 33.37 -5.59
N ILE O 31 -15.84 32.57 -5.21
CA ILE O 31 -15.57 31.36 -4.41
C ILE O 31 -15.56 30.09 -5.26
N SER O 32 -16.28 30.11 -6.37
CA SER O 32 -16.34 28.94 -7.23
C SER O 32 -14.96 28.50 -7.65
N ASN O 33 -14.21 29.40 -8.27
CA ASN O 33 -12.87 29.05 -8.72
C ASN O 33 -11.85 28.96 -7.57
N CYS O 34 -12.31 28.52 -6.41
CA CYS O 34 -11.43 28.38 -5.25
C CYS O 34 -11.60 26.99 -4.69
N LYS O 35 -12.84 26.54 -4.69
CA LYS O 35 -13.18 25.22 -4.19
C LYS O 35 -13.35 24.26 -5.38
N THR O 36 -12.92 24.72 -6.55
CA THR O 36 -13.02 23.93 -7.76
C THR O 36 -11.98 24.45 -8.75
N GLU O 37 -10.88 23.71 -8.92
CA GLU O 37 -9.82 24.14 -9.82
C GLU O 37 -9.45 23.04 -10.83
N ARG O 38 -10.06 21.87 -10.67
CA ARG O 38 -9.78 20.75 -11.56
C ARG O 38 -11.07 20.16 -12.07
N GLU O 39 -11.52 20.58 -13.24
CA GLU O 39 -12.76 20.10 -13.86
C GLU O 39 -13.74 19.31 -12.98
N CYS O 40 -13.72 19.56 -11.68
CA CYS O 40 -14.62 18.90 -10.75
C CYS O 40 -15.71 19.92 -10.56
N VAL O 41 -15.69 20.90 -11.44
CA VAL O 41 -16.68 21.96 -11.43
C VAL O 41 -18.00 21.20 -11.51
N THR O 42 -17.97 20.10 -12.25
CA THR O 42 -19.15 19.26 -12.41
C THR O 42 -19.75 18.91 -11.06
N GLU O 43 -18.93 18.34 -10.18
CA GLU O 43 -19.39 17.97 -8.84
C GLU O 43 -20.06 19.14 -8.13
N LEU O 44 -19.27 20.15 -7.77
CA LEU O 44 -19.79 21.30 -7.06
C LEU O 44 -20.98 21.90 -7.77
N ILE O 45 -20.95 21.93 -9.10
CA ILE O 45 -22.08 22.48 -9.83
C ILE O 45 -23.28 21.54 -9.82
N LYS O 46 -23.02 20.25 -9.99
CA LYS O 46 -24.09 19.28 -9.97
C LYS O 46 -24.74 19.26 -8.59
N THR O 47 -23.95 19.51 -7.55
CA THR O 47 -24.48 19.55 -6.18
C THR O 47 -25.45 20.72 -6.17
N ALA O 48 -25.08 21.84 -6.78
CA ALA O 48 -25.99 22.97 -6.87
C ALA O 48 -27.00 22.45 -7.88
N GLU O 49 -27.93 23.29 -8.32
CA GLU O 49 -28.95 22.81 -9.24
C GLU O 49 -29.72 21.67 -8.56
N LYS O 50 -29.58 21.58 -7.25
CA LYS O 50 -30.28 20.58 -6.47
C LYS O 50 -31.73 21.00 -6.48
N SER O 51 -31.95 22.24 -6.92
CA SER O 51 -33.29 22.80 -7.02
C SER O 51 -33.91 22.30 -8.33
N GLY O 52 -33.96 20.98 -8.48
CA GLY O 52 -34.51 20.35 -9.66
C GLY O 52 -33.41 19.60 -10.40
N TYR O 53 -33.65 19.26 -11.66
CA TYR O 53 -32.64 18.57 -12.45
C TYR O 53 -32.34 17.16 -11.94
N ARG O 54 -32.08 16.24 -12.87
CA ARG O 54 -31.76 14.87 -12.49
C ARG O 54 -31.41 14.02 -13.70
N ASN O 55 -32.41 13.66 -14.49
CA ASN O 55 -32.25 12.83 -15.69
C ASN O 55 -31.28 11.70 -15.42
N ILE O 56 -30.01 11.98 -15.69
CA ILE O 56 -28.91 11.06 -15.51
C ILE O 56 -29.32 9.58 -15.62
N GLU O 57 -29.86 9.04 -14.54
CA GLU O 57 -30.30 7.64 -14.49
C GLU O 57 -31.83 7.55 -14.49
N ASP O 58 -32.47 8.49 -13.80
CA ASP O 58 -33.91 8.54 -13.67
C ASP O 58 -34.66 8.81 -14.97
N ILE O 59 -34.57 7.87 -15.90
CA ILE O 59 -35.24 7.98 -17.18
C ILE O 59 -36.35 6.95 -17.24
N LEU O 60 -37.58 7.42 -17.00
CA LEU O 60 -38.80 6.56 -17.00
C LEU O 60 -39.92 7.18 -17.82
N ALA O 61 -39.59 8.21 -18.62
CA ALA O 61 -40.54 8.93 -19.47
C ALA O 61 -41.47 9.76 -18.60
N LYS O 62 -42.07 9.08 -17.62
CA LYS O 62 -42.98 9.71 -16.68
C LYS O 62 -42.32 9.77 -15.31
N GLY O 63 -41.07 9.33 -15.24
CA GLY O 63 -40.35 9.37 -13.98
C GLY O 63 -40.35 10.79 -13.44
N GLU O 64 -40.41 11.74 -14.37
CA GLU O 64 -40.45 13.18 -14.07
C GLU O 64 -41.40 13.80 -15.10
N THR O 65 -42.04 12.94 -15.89
CA THR O 65 -42.96 13.35 -16.95
C THR O 65 -42.40 14.50 -17.76
N LEU O 66 -41.43 14.17 -18.62
CA LEU O 66 -40.77 15.17 -19.46
C LEU O 66 -41.78 16.06 -20.19
N LYS O 67 -41.95 17.27 -19.68
CA LYS O 67 -42.86 18.23 -20.28
C LYS O 67 -42.59 19.64 -19.74
N GLU O 68 -43.50 20.57 -20.02
CA GLU O 68 -43.39 21.96 -19.57
C GLU O 68 -42.75 22.10 -18.19
N GLY O 69 -41.90 23.12 -18.06
CA GLY O 69 -41.24 23.39 -16.78
C GLY O 69 -40.28 22.37 -16.19
N ASP O 70 -39.95 21.33 -16.96
CA ASP O 70 -39.03 20.31 -16.46
C ASP O 70 -37.57 20.72 -16.66
N LYS O 71 -36.72 20.27 -15.74
CA LYS O 71 -35.29 20.57 -15.76
C LYS O 71 -34.45 19.34 -15.40
N VAL O 72 -33.54 18.97 -16.29
CA VAL O 72 -32.67 17.80 -16.06
C VAL O 72 -31.22 18.04 -16.45
N TYR O 73 -30.33 17.19 -15.94
CA TYR O 73 -28.91 17.32 -16.29
C TYR O 73 -28.36 15.97 -16.70
N ALA O 74 -27.23 15.99 -17.41
CA ALA O 74 -26.61 14.76 -17.87
C ALA O 74 -25.12 14.83 -17.59
N ASN O 75 -24.62 13.86 -16.84
CA ASN O 75 -23.21 13.83 -16.50
C ASN O 75 -22.41 12.99 -17.49
N ASN O 76 -21.29 13.53 -17.96
CA ASN O 76 -20.44 12.80 -18.90
C ASN O 76 -19.18 12.34 -18.19
N ARG O 77 -19.22 11.11 -17.67
CA ARG O 77 -18.12 10.51 -16.94
C ARG O 77 -17.45 11.51 -15.99
N GLY O 78 -18.26 12.40 -15.43
CA GLY O 78 -17.77 13.39 -14.47
C GLY O 78 -16.95 14.52 -15.04
N LYS O 79 -16.51 14.40 -16.29
CA LYS O 79 -15.69 15.41 -16.93
C LYS O 79 -16.54 16.47 -17.63
N GLY O 80 -17.78 16.13 -17.95
CA GLY O 80 -18.65 17.08 -18.63
C GLY O 80 -20.05 17.16 -18.04
N LEU O 81 -20.72 18.28 -18.32
CA LEU O 81 -22.07 18.51 -17.82
C LEU O 81 -22.95 19.30 -18.76
N ILE O 82 -24.20 18.87 -18.90
CA ILE O 82 -25.15 19.55 -19.76
C ILE O 82 -26.52 19.63 -19.07
N MET O 83 -27.08 20.84 -19.02
CA MET O 83 -28.36 21.06 -18.37
C MET O 83 -29.48 21.50 -19.34
N PHE O 84 -30.69 21.01 -19.10
CA PHE O 84 -31.85 21.33 -19.91
C PHE O 84 -32.92 22.05 -19.12
N LEU O 85 -33.84 22.66 -19.86
CA LEU O 85 -34.97 23.38 -19.26
C LEU O 85 -36.06 23.46 -20.32
N ILE O 86 -37.03 22.55 -20.25
CA ILE O 86 -38.10 22.51 -21.22
C ILE O 86 -38.99 23.75 -21.16
N GLY O 87 -39.43 24.17 -22.35
CA GLY O 87 -40.28 25.35 -22.45
C GLY O 87 -41.59 25.04 -23.15
N LYS O 88 -42.46 26.03 -23.24
CA LYS O 88 -43.77 25.88 -23.89
C LYS O 88 -43.66 25.19 -25.25
N GLU O 89 -43.07 25.90 -26.21
CA GLU O 89 -42.92 25.35 -27.56
C GLU O 89 -42.25 23.99 -27.53
N PRO O 90 -42.39 23.21 -28.61
CA PRO O 90 -41.80 21.88 -28.74
C PRO O 90 -40.32 21.95 -29.11
N LEU O 91 -39.56 20.90 -28.78
CA LEU O 91 -38.13 20.87 -29.08
C LEU O 91 -37.90 21.10 -30.57
N TYR O 92 -38.69 20.43 -31.39
CA TYR O 92 -38.58 20.55 -32.85
C TYR O 92 -38.45 22.00 -33.28
N THR O 93 -38.93 22.92 -32.44
CA THR O 93 -38.85 24.37 -32.76
C THR O 93 -37.40 24.83 -32.83
N GLY O 94 -36.69 24.70 -31.72
CA GLY O 94 -35.31 25.10 -31.66
C GLY O 94 -34.78 25.07 -30.25
N PHE O 95 -33.61 25.66 -30.02
CA PHE O 95 -33.04 25.68 -28.68
C PHE O 95 -32.35 27.00 -28.41
N LYS O 96 -32.03 27.21 -27.14
CA LYS O 96 -31.32 28.40 -26.71
C LYS O 96 -30.14 27.85 -25.93
N ILE O 97 -29.05 27.60 -26.62
CA ILE O 97 -27.86 27.03 -25.98
C ILE O 97 -26.81 28.02 -25.47
N LEU O 98 -26.18 27.65 -24.36
CA LEU O 98 -25.11 28.43 -23.76
C LEU O 98 -23.98 27.44 -23.57
N GLY O 99 -22.84 27.70 -24.20
CA GLY O 99 -21.71 26.78 -24.06
C GLY O 99 -20.46 27.38 -23.45
N ALA O 100 -19.63 26.53 -22.86
CA ALA O 100 -18.39 26.96 -22.24
C ALA O 100 -17.56 25.74 -21.80
N HIS O 101 -16.23 25.88 -21.84
CA HIS O 101 -15.37 24.79 -21.43
C HIS O 101 -14.96 25.03 -19.98
N ILE O 102 -14.89 23.96 -19.19
CA ILE O 102 -14.53 24.09 -17.79
C ILE O 102 -13.10 23.75 -17.47
N ASP O 103 -12.36 23.25 -18.46
CA ASP O 103 -10.94 22.90 -18.26
C ASP O 103 -10.05 24.13 -18.39
N SER O 104 -8.87 24.06 -17.79
CA SER O 104 -7.93 25.16 -17.84
C SER O 104 -6.48 24.66 -17.82
N PRO O 105 -5.58 25.39 -18.49
CA PRO O 105 -4.16 25.02 -18.54
C PRO O 105 -3.57 24.81 -17.15
N ARG O 106 -2.70 23.80 -17.04
CA ARG O 106 -2.06 23.45 -15.79
C ARG O 106 -1.01 22.36 -15.99
N LEU O 107 -0.29 22.04 -14.92
CA LEU O 107 0.72 20.99 -14.96
C LEU O 107 0.06 19.73 -14.39
N ASP O 108 0.61 18.57 -14.72
CA ASP O 108 0.05 17.33 -14.21
C ASP O 108 0.92 16.10 -14.35
N LEU O 109 1.21 15.49 -13.21
CA LEU O 109 2.06 14.30 -13.08
C LEU O 109 1.99 13.27 -14.19
N LYS O 110 3.14 12.73 -14.55
CA LYS O 110 3.20 11.73 -15.62
C LYS O 110 2.66 10.40 -15.14
N GLN O 111 2.86 9.34 -15.92
CA GLN O 111 2.41 7.99 -15.55
C GLN O 111 3.27 7.44 -14.41
N ASN O 112 4.53 7.87 -14.37
CA ASN O 112 5.46 7.44 -13.32
C ASN O 112 6.18 8.67 -12.81
N PRO O 113 5.43 9.60 -12.22
CA PRO O 113 5.95 10.86 -11.67
C PRO O 113 6.95 10.79 -10.53
N LEU O 114 6.76 9.85 -9.60
CA LEU O 114 7.67 9.75 -8.46
C LEU O 114 9.04 9.17 -8.79
N TYR O 115 10.07 9.96 -8.52
CA TYR O 115 11.43 9.56 -8.75
C TYR O 115 12.31 10.35 -7.77
N GLU O 116 13.54 9.89 -7.53
CA GLU O 116 14.43 10.56 -6.60
C GLU O 116 15.77 10.89 -7.23
N ASP O 117 16.10 12.19 -7.28
CA ASP O 117 17.36 12.61 -7.86
C ASP O 117 18.16 13.44 -6.87
N THR O 118 19.36 12.96 -6.53
CA THR O 118 20.24 13.65 -5.59
C THR O 118 19.49 13.92 -4.30
N ASP O 119 19.46 12.92 -3.43
CA ASP O 119 18.79 13.03 -2.15
C ASP O 119 17.30 13.26 -2.34
N LEU O 120 16.86 14.52 -2.29
CA LEU O 120 15.44 14.82 -2.44
C LEU O 120 14.75 14.08 -3.58
N ALA O 121 13.42 13.99 -3.48
CA ALA O 121 12.63 13.29 -4.50
C ALA O 121 11.61 14.20 -5.21
N MET O 122 11.71 14.24 -6.53
CA MET O 122 10.81 15.06 -7.33
C MET O 122 9.59 14.30 -7.81
N LEU O 123 8.87 14.94 -8.74
CA LEU O 123 7.66 14.42 -9.35
C LEU O 123 7.56 14.90 -10.79
N GLU O 124 7.70 13.99 -11.75
CA GLU O 124 7.62 14.35 -13.17
C GLU O 124 6.28 14.98 -13.50
N THR O 125 6.27 15.91 -14.45
CA THR O 125 5.03 16.58 -14.86
C THR O 125 4.99 16.69 -16.38
N HIS O 126 3.96 17.34 -16.88
CA HIS O 126 3.81 17.49 -18.32
C HIS O 126 2.69 18.47 -18.54
N TYR O 127 3.04 19.75 -18.67
CA TYR O 127 2.03 20.78 -18.82
C TYR O 127 0.94 20.46 -19.83
N TYR O 128 -0.25 20.99 -19.57
CA TYR O 128 -1.43 20.79 -20.39
C TYR O 128 -2.12 22.10 -20.72
N GLY O 129 -2.55 22.23 -21.97
CA GLY O 129 -3.26 23.42 -22.38
C GLY O 129 -2.42 24.48 -23.07
N GLY O 130 -1.11 24.40 -22.89
CA GLY O 130 -0.26 25.38 -23.52
C GLY O 130 -0.14 26.62 -22.66
N ILE O 131 0.55 26.48 -21.54
CA ILE O 131 0.76 27.60 -20.65
C ILE O 131 1.93 28.37 -21.26
N LYS O 132 2.49 27.79 -22.32
CA LYS O 132 3.62 28.34 -23.08
C LYS O 132 4.62 29.14 -22.26
N LYS O 133 4.11 30.12 -21.53
CA LYS O 133 4.94 30.93 -20.65
C LYS O 133 5.13 30.06 -19.42
N TYR O 134 6.25 29.34 -19.39
CA TYR O 134 6.53 28.47 -18.26
C TYR O 134 6.94 29.23 -17.01
N GLN O 135 6.45 30.45 -16.86
CA GLN O 135 6.74 31.23 -15.65
C GLN O 135 5.70 30.75 -14.62
N TRP O 136 5.73 29.44 -14.40
CA TRP O 136 4.87 28.73 -13.47
C TRP O 136 5.76 28.19 -12.35
N VAL O 137 6.98 28.69 -12.30
CA VAL O 137 7.91 28.21 -11.31
C VAL O 137 7.67 28.73 -9.90
N THR O 138 8.69 29.36 -9.34
CA THR O 138 8.65 29.93 -8.01
C THR O 138 7.35 29.93 -7.17
N LEU O 139 6.25 30.45 -7.71
CA LEU O 139 5.00 30.50 -6.94
C LEU O 139 4.52 29.14 -6.44
N PRO O 140 3.85 29.11 -5.27
CA PRO O 140 3.28 27.94 -4.57
C PRO O 140 2.22 27.17 -5.32
N LEU O 141 2.35 25.85 -5.33
CA LEU O 141 1.40 24.97 -6.03
C LEU O 141 0.67 24.00 -5.11
N ALA O 142 -0.49 23.55 -5.56
CA ALA O 142 -1.32 22.60 -4.80
C ALA O 142 -1.66 21.41 -5.69
N ILE O 143 -1.87 20.24 -5.07
CA ILE O 143 -2.19 19.05 -5.86
C ILE O 143 -3.66 18.69 -5.75
N HIS O 144 -4.28 18.41 -6.90
CA HIS O 144 -5.68 18.00 -6.95
C HIS O 144 -5.77 16.72 -7.75
N GLY O 145 -6.96 16.40 -8.23
CA GLY O 145 -7.10 15.18 -9.02
C GLY O 145 -7.59 13.98 -8.24
N VAL O 146 -7.43 12.80 -8.83
CA VAL O 146 -7.89 11.56 -8.22
C VAL O 146 -7.02 10.37 -8.60
N ILE O 147 -6.92 9.39 -7.71
CA ILE O 147 -6.13 8.20 -7.99
C ILE O 147 -7.05 6.97 -7.94
N VAL O 148 -6.92 6.07 -8.91
CA VAL O 148 -7.77 4.89 -8.93
C VAL O 148 -7.01 3.60 -8.63
N LYS O 149 -7.44 2.93 -7.55
CA LYS O 149 -6.85 1.66 -7.13
C LYS O 149 -7.12 0.62 -8.19
N LYS O 150 -6.34 -0.46 -8.19
CA LYS O 150 -6.54 -1.51 -9.18
C LYS O 150 -7.94 -2.10 -9.05
N ASP O 151 -8.46 -2.12 -7.83
CA ASP O 151 -9.79 -2.65 -7.55
C ASP O 151 -10.89 -1.70 -8.01
N GLY O 152 -10.52 -0.47 -8.32
CA GLY O 152 -11.49 0.50 -8.77
C GLY O 152 -11.88 1.58 -7.77
N THR O 153 -11.29 1.52 -6.57
CA THR O 153 -11.60 2.50 -5.54
C THR O 153 -11.07 3.87 -5.95
N ILE O 154 -11.96 4.87 -5.96
CA ILE O 154 -11.56 6.23 -6.33
C ILE O 154 -11.18 7.05 -5.12
N VAL O 155 -9.92 7.43 -5.03
CA VAL O 155 -9.45 8.22 -3.90
C VAL O 155 -9.26 9.66 -4.35
N ASN O 156 -9.75 10.62 -3.55
CA ASN O 156 -9.63 12.03 -3.90
C ASN O 156 -8.41 12.67 -3.25
N VAL O 157 -7.67 13.43 -4.04
CA VAL O 157 -6.48 14.11 -3.53
C VAL O 157 -6.66 15.63 -3.65
N CYS O 158 -6.31 16.33 -2.58
CA CYS O 158 -6.42 17.77 -2.54
C CYS O 158 -5.46 18.30 -1.50
N VAL O 159 -4.20 18.49 -1.87
CA VAL O 159 -3.19 18.97 -0.94
C VAL O 159 -2.68 20.36 -1.31
N GLY O 160 -2.57 21.22 -0.29
CA GLY O 160 -2.07 22.56 -0.50
C GLY O 160 -3.13 23.65 -0.48
N GLU O 161 -4.39 23.27 -0.28
CA GLU O 161 -5.45 24.29 -0.24
C GLU O 161 -5.70 24.86 1.15
N ASP O 162 -5.84 23.99 2.15
CA ASP O 162 -6.07 24.45 3.52
C ASP O 162 -4.84 25.18 4.04
N ASP O 163 -5.06 26.18 4.87
CA ASP O 163 -3.95 26.96 5.42
C ASP O 163 -2.98 26.10 6.23
N ASN O 164 -3.31 24.82 6.43
CA ASN O 164 -2.44 23.93 7.19
C ASN O 164 -1.83 22.83 6.35
N ASP O 165 -2.20 22.78 5.07
CA ASP O 165 -1.65 21.77 4.18
C ASP O 165 -0.31 22.25 3.64
N PRO O 166 0.60 21.31 3.36
CA PRO O 166 1.90 21.71 2.83
C PRO O 166 1.68 22.13 1.37
N VAL O 167 2.68 22.75 0.77
CA VAL O 167 2.57 23.20 -0.60
C VAL O 167 3.68 22.61 -1.46
N PHE O 168 3.60 22.87 -2.77
CA PHE O 168 4.60 22.37 -3.70
C PHE O 168 4.98 23.44 -4.72
N GLY O 169 6.00 23.16 -5.52
CA GLY O 169 6.41 24.12 -6.52
C GLY O 169 7.60 23.67 -7.37
N VAL O 170 7.87 24.42 -8.43
CA VAL O 170 8.97 24.14 -9.34
C VAL O 170 10.11 25.11 -9.05
N SER O 171 11.32 24.60 -8.94
CA SER O 171 12.49 25.44 -8.64
C SER O 171 13.06 26.11 -9.89
N ASP O 172 13.95 27.08 -9.68
CA ASP O 172 14.61 27.79 -10.78
C ASP O 172 15.91 28.36 -10.28
N ILE O 173 16.99 28.13 -11.03
CA ILE O 173 18.32 28.64 -10.66
C ILE O 173 18.30 30.06 -10.13
N LEU O 174 19.11 30.32 -9.11
CA LEU O 174 19.19 31.65 -8.56
C LEU O 174 19.85 32.56 -9.60
N VAL O 175 19.49 33.84 -9.58
CA VAL O 175 20.03 34.80 -10.54
C VAL O 175 21.55 34.84 -10.53
N HIS O 176 22.14 34.56 -9.37
CA HIS O 176 23.57 34.58 -9.23
C HIS O 176 24.27 33.65 -10.21
N LEU O 177 23.63 32.54 -10.56
CA LEU O 177 24.23 31.60 -11.48
C LEU O 177 23.38 31.38 -12.73
N ALA O 178 22.37 32.21 -12.91
CA ALA O 178 21.47 32.09 -14.06
C ALA O 178 22.03 32.74 -15.30
N SER O 179 23.27 33.21 -15.22
CA SER O 179 23.94 33.88 -16.33
C SER O 179 23.86 33.09 -17.64
N GLU O 180 24.23 31.81 -17.58
CA GLU O 180 24.21 30.95 -18.76
C GLU O 180 22.79 30.76 -19.31
N GLN O 181 21.79 31.07 -18.49
CA GLN O 181 20.39 30.94 -18.89
C GLN O 181 19.90 32.29 -19.43
N LEU O 182 20.24 32.59 -20.69
CA LEU O 182 19.85 33.85 -21.35
C LEU O 182 19.28 33.65 -22.76
N GLU O 183 19.71 32.59 -23.43
CA GLU O 183 19.24 32.34 -24.77
C GLU O 183 17.72 32.16 -24.87
N LYS O 184 17.12 32.86 -25.82
CA LYS O 184 15.69 32.80 -26.10
C LYS O 184 14.76 32.74 -24.90
N LYS O 185 14.04 33.83 -24.63
CA LYS O 185 13.08 33.83 -23.53
C LYS O 185 12.02 32.80 -23.94
N ALA O 186 11.88 32.62 -25.25
CA ALA O 186 10.94 31.67 -25.84
C ALA O 186 10.88 30.42 -25.00
N SER O 187 12.02 30.03 -24.44
CA SER O 187 12.06 28.86 -23.60
C SER O 187 13.45 28.50 -23.10
N LYS O 188 13.67 28.74 -21.81
CA LYS O 188 14.94 28.39 -21.16
C LYS O 188 14.53 27.72 -19.83
N VAL O 189 13.24 27.39 -19.75
CA VAL O 189 12.62 26.73 -18.61
C VAL O 189 11.55 25.92 -19.32
N ILE O 190 11.75 24.63 -19.53
CA ILE O 190 10.73 23.87 -20.24
C ILE O 190 10.63 22.37 -19.93
N GLU O 191 11.56 21.83 -19.14
CA GLU O 191 11.56 20.41 -18.82
C GLU O 191 10.22 19.88 -18.35
N GLY O 192 10.20 18.60 -17.95
CA GLY O 192 8.97 18.00 -17.44
C GLY O 192 9.31 17.08 -16.29
N GLU O 193 10.38 17.41 -15.59
CA GLU O 193 10.85 16.60 -14.51
C GLU O 193 11.23 17.57 -13.40
N ASP O 194 10.27 18.42 -13.06
CA ASP O 194 10.43 19.43 -12.04
C ASP O 194 9.52 19.15 -10.86
N LEU O 195 9.53 20.01 -9.85
CA LEU O 195 8.64 19.85 -8.69
C LEU O 195 8.98 18.77 -7.68
N ASN O 196 9.73 19.15 -6.64
CA ASN O 196 10.11 18.22 -5.59
C ASN O 196 9.06 18.18 -4.49
N ILE O 197 8.71 16.95 -4.09
CA ILE O 197 7.70 16.75 -3.07
C ILE O 197 8.24 16.40 -1.69
N LEU O 198 9.56 16.28 -1.55
CA LEU O 198 10.09 15.96 -0.25
C LEU O 198 11.60 15.93 -0.18
N ILE O 199 12.11 16.55 0.88
CA ILE O 199 13.53 16.60 1.10
C ILE O 199 13.83 15.63 2.22
N GLY O 200 15.09 15.61 2.64
CA GLY O 200 15.57 14.74 3.69
C GLY O 200 14.57 13.71 4.14
N SER O 201 14.20 13.79 5.43
CA SER O 201 13.25 12.85 6.01
C SER O 201 13.49 11.55 5.27
N ILE O 202 14.75 11.15 5.27
CA ILE O 202 15.21 9.98 4.62
C ILE O 202 15.66 8.94 5.63
N PRO O 203 14.94 7.83 5.72
CA PRO O 203 13.84 7.42 4.85
C PRO O 203 12.76 6.78 5.75
N LEU O 204 12.32 5.59 5.34
CA LEU O 204 11.33 4.83 6.11
C LEU O 204 12.09 3.80 6.94
N LYS O 205 12.00 3.94 8.27
CA LYS O 205 12.68 3.04 9.20
C LYS O 205 14.17 2.89 8.86
N ASP O 206 14.64 3.75 7.97
CA ASP O 206 16.04 3.76 7.54
C ASP O 206 16.53 2.36 7.21
N GLY O 207 15.69 1.61 6.50
CA GLY O 207 16.06 0.26 6.10
C GLY O 207 16.82 0.18 4.80
N GLU O 208 17.85 1.01 4.65
CA GLU O 208 18.67 1.03 3.43
C GLU O 208 17.86 1.33 2.17
N GLU O 209 18.30 0.76 1.06
CA GLU O 209 17.65 0.93 -0.25
C GLU O 209 17.94 2.30 -0.85
N LYS O 210 18.97 2.36 -1.70
CA LYS O 210 19.40 3.60 -2.37
C LYS O 210 18.41 4.78 -2.34
N GLN O 211 17.28 4.61 -3.02
CA GLN O 211 16.27 5.64 -3.07
C GLN O 211 15.54 5.77 -1.74
N LYS O 212 16.24 6.24 -0.72
CA LYS O 212 15.62 6.37 0.59
C LYS O 212 14.56 7.48 0.66
N VAL O 213 14.93 8.69 0.25
CA VAL O 213 14.00 9.82 0.28
C VAL O 213 12.72 9.45 -0.46
N LYS O 214 12.87 8.76 -1.57
CA LYS O 214 11.72 8.34 -2.36
C LYS O 214 10.92 7.33 -1.53
N HIS O 215 11.58 6.24 -1.16
CA HIS O 215 10.95 5.17 -0.39
C HIS O 215 10.13 5.77 0.74
N ASN O 216 10.70 6.74 1.44
CA ASN O 216 10.00 7.37 2.55
C ASN O 216 8.68 8.03 2.14
N ILE O 217 8.72 8.85 1.09
CA ILE O 217 7.53 9.54 0.65
C ILE O 217 6.44 8.59 0.18
N MET O 218 6.81 7.52 -0.51
CA MET O 218 5.84 6.56 -1.00
C MET O 218 5.14 5.99 0.22
N LYS O 219 5.90 5.72 1.26
CA LYS O 219 5.34 5.19 2.51
C LYS O 219 4.39 6.21 3.12
N ILE O 220 4.83 7.47 3.15
CA ILE O 220 4.01 8.55 3.70
C ILE O 220 2.74 8.67 2.88
N LEU O 221 2.90 8.54 1.57
CA LEU O 221 1.78 8.64 0.65
C LEU O 221 0.93 7.40 0.80
N ASN O 222 1.49 6.36 1.39
CA ASN O 222 0.76 5.10 1.58
C ASN O 222 -0.14 5.14 2.79
N GLU O 223 0.34 5.76 3.88
CA GLU O 223 -0.45 5.89 5.10
C GLU O 223 -1.75 6.61 4.75
N LYS O 224 -1.64 7.79 4.14
CA LYS O 224 -2.86 8.48 3.71
C LYS O 224 -3.23 7.73 2.45
N TYR O 225 -4.49 7.74 2.07
CA TYR O 225 -4.91 7.02 0.87
C TYR O 225 -4.58 5.54 1.07
N ASP O 226 -4.07 4.89 0.04
CA ASP O 226 -3.73 3.48 0.15
C ASP O 226 -3.16 3.03 -1.19
N ILE O 227 -2.39 3.92 -1.80
CA ILE O 227 -1.77 3.65 -3.09
C ILE O 227 -0.36 3.06 -2.99
N SER O 228 0.16 2.67 -4.14
CA SER O 228 1.49 2.11 -4.25
C SER O 228 2.19 2.95 -5.29
N GLU O 229 3.45 2.67 -5.59
CA GLU O 229 4.13 3.46 -6.62
C GLU O 229 3.36 3.34 -7.91
N GLU O 230 2.74 2.17 -8.14
CA GLU O 230 1.92 1.97 -9.33
C GLU O 230 0.70 2.81 -9.02
N ASP O 231 -0.46 2.48 -9.58
CA ASP O 231 -1.66 3.28 -9.29
C ASP O 231 -1.55 4.67 -9.96
N PHE O 232 -0.36 5.27 -9.91
CA PHE O 232 -0.13 6.56 -10.51
C PHE O 232 -0.46 6.38 -11.98
N VAL O 233 -0.20 5.17 -12.48
CA VAL O 233 -0.48 4.84 -13.87
C VAL O 233 -1.96 5.10 -14.16
N SER O 234 -2.81 4.76 -13.19
CA SER O 234 -4.25 4.97 -13.34
C SER O 234 -4.69 6.10 -12.42
N ALA O 235 -3.88 7.16 -12.37
CA ALA O 235 -4.17 8.31 -11.53
C ALA O 235 -4.53 9.53 -12.36
N GLU O 236 -4.86 10.63 -11.68
CA GLU O 236 -5.22 11.85 -12.36
C GLU O 236 -4.44 13.08 -11.93
N LEU O 237 -3.28 13.20 -12.57
CA LEU O 237 -2.32 14.28 -12.41
C LEU O 237 -3.01 15.66 -12.34
N GLU O 238 -2.67 16.49 -11.36
CA GLU O 238 -3.30 17.81 -11.28
C GLU O 238 -2.57 18.82 -10.40
N ILE O 239 -1.71 19.62 -11.01
CA ILE O 239 -0.98 20.61 -10.25
C ILE O 239 -1.52 21.99 -10.59
N VAL O 240 -1.91 22.71 -9.56
CA VAL O 240 -2.50 24.04 -9.77
C VAL O 240 -2.02 25.02 -8.68
N PRO O 241 -2.03 26.32 -9.01
CA PRO O 241 -1.58 27.26 -7.98
C PRO O 241 -2.45 27.18 -6.75
N ALA O 242 -1.85 27.31 -5.57
CA ALA O 242 -2.59 27.23 -4.33
C ALA O 242 -3.08 28.62 -3.90
N GLY O 243 -4.15 28.64 -3.10
CA GLY O 243 -4.69 29.90 -2.63
C GLY O 243 -6.06 30.20 -3.22
N LYS O 244 -6.90 30.87 -2.44
CA LYS O 244 -8.25 31.23 -2.87
C LYS O 244 -8.15 32.46 -3.77
N ALA O 245 -9.11 32.64 -4.68
CA ALA O 245 -9.13 33.80 -5.55
C ALA O 245 -9.31 34.99 -4.62
N ARG O 246 -8.86 36.17 -5.04
CA ARG O 246 -8.99 37.34 -4.16
C ARG O 246 -9.53 38.60 -4.82
N ASP O 247 -9.74 39.64 -4.03
CA ASP O 247 -10.21 40.90 -4.56
C ASP O 247 -9.00 41.58 -5.14
N TYR O 248 -9.09 42.02 -6.39
CA TYR O 248 -7.93 42.66 -6.99
C TYR O 248 -8.15 44.16 -7.09
N GLY O 249 -7.17 44.93 -6.62
CA GLY O 249 -7.27 46.37 -6.72
C GLY O 249 -7.69 47.11 -5.46
N PHE O 250 -7.21 48.35 -5.33
CA PHE O 250 -7.54 49.18 -4.15
C PHE O 250 -9.02 49.45 -4.07
N ASP O 251 -9.72 49.33 -5.19
CA ASP O 251 -11.15 49.59 -5.20
C ASP O 251 -11.94 48.31 -5.33
N ARG O 252 -11.29 47.18 -5.10
CA ARG O 252 -11.94 45.87 -5.20
C ARG O 252 -12.81 45.72 -6.44
N SER O 253 -12.39 46.31 -7.57
CA SER O 253 -13.18 46.25 -8.78
C SER O 253 -12.93 45.02 -9.63
N MET O 254 -11.78 44.38 -9.41
CA MET O 254 -11.45 43.20 -10.18
C MET O 254 -11.25 42.00 -9.28
N VAL O 255 -11.05 40.84 -9.90
CA VAL O 255 -10.84 39.59 -9.21
C VAL O 255 -9.65 38.83 -9.78
N MET O 256 -8.73 38.44 -8.91
CA MET O 256 -7.54 37.70 -9.32
C MET O 256 -7.68 36.23 -8.89
N GLY O 257 -7.53 35.31 -9.84
CA GLY O 257 -7.64 33.90 -9.51
C GLY O 257 -7.28 32.97 -10.65
N TYR O 258 -7.07 31.71 -10.31
CA TYR O 258 -6.72 30.69 -11.30
C TYR O 258 -7.98 30.15 -11.95
N GLY O 259 -7.86 29.72 -13.20
CA GLY O 259 -9.01 29.17 -13.90
C GLY O 259 -9.95 30.18 -14.54
N GLN O 260 -9.79 31.45 -14.19
CA GLN O 260 -10.63 32.50 -14.75
C GLN O 260 -11.01 32.18 -16.20
N ASP O 261 -10.04 31.67 -16.97
CA ASP O 261 -10.26 31.34 -18.38
C ASP O 261 -11.48 30.47 -18.60
N ASP O 262 -12.52 31.11 -19.10
CA ASP O 262 -13.80 30.52 -19.43
C ASP O 262 -14.57 29.97 -18.25
N ARG O 263 -13.87 29.55 -17.20
CA ARG O 263 -14.54 29.03 -16.04
C ARG O 263 -15.42 30.14 -15.49
N ILE O 264 -15.06 31.38 -15.80
CA ILE O 264 -15.83 32.54 -15.35
C ILE O 264 -17.10 32.60 -16.20
N CYS O 265 -16.98 32.27 -17.49
CA CYS O 265 -18.14 32.28 -18.37
C CYS O 265 -18.99 31.11 -18.02
N ALA O 266 -18.34 29.99 -17.75
CA ALA O 266 -19.06 28.76 -17.41
C ALA O 266 -19.91 28.96 -16.18
N TYR O 267 -19.49 29.90 -15.33
CA TYR O 267 -20.22 30.18 -14.11
C TYR O 267 -21.40 31.11 -14.36
N THR O 268 -21.11 32.28 -14.94
CA THR O 268 -22.16 33.23 -15.22
C THR O 268 -23.24 32.53 -16.05
N SER O 269 -22.80 31.75 -17.03
CA SER O 269 -23.73 31.01 -17.87
C SER O 269 -24.56 30.07 -17.00
N PHE O 270 -23.93 29.56 -15.95
CA PHE O 270 -24.61 28.66 -15.06
C PHE O 270 -25.72 29.39 -14.31
N GLU O 271 -25.35 30.37 -13.48
CA GLU O 271 -26.34 31.12 -12.72
C GLU O 271 -27.44 31.62 -13.64
N ALA O 272 -27.08 32.22 -14.76
CA ALA O 272 -28.08 32.70 -15.67
C ALA O 272 -29.05 31.55 -15.99
N MET O 273 -28.52 30.43 -16.45
CA MET O 273 -29.35 29.27 -16.80
C MET O 273 -30.10 28.77 -15.60
N LEU O 274 -29.45 28.79 -14.45
CA LEU O 274 -30.07 28.30 -13.22
C LEU O 274 -31.32 29.08 -12.78
N GLU O 275 -31.15 30.39 -12.57
CA GLU O 275 -32.28 31.21 -12.13
C GLU O 275 -33.17 31.62 -13.28
N MET O 276 -33.26 30.75 -14.28
CA MET O 276 -34.10 31.03 -15.45
C MET O 276 -35.42 30.27 -15.35
N LYS O 277 -36.48 31.00 -15.01
CA LYS O 277 -37.80 30.42 -14.86
C LYS O 277 -38.75 30.87 -15.97
N ASN O 278 -39.79 30.07 -16.25
CA ASN O 278 -40.76 30.39 -17.29
C ASN O 278 -40.04 30.44 -18.63
N ALA O 279 -39.86 29.28 -19.25
CA ALA O 279 -39.18 29.21 -20.53
C ALA O 279 -40.13 29.12 -21.72
N LYS O 280 -39.91 29.94 -22.73
CA LYS O 280 -40.76 29.93 -23.91
C LYS O 280 -40.25 28.83 -24.83
N LYS O 281 -38.96 28.87 -25.11
CA LYS O 281 -38.32 27.85 -25.96
C LYS O 281 -37.26 27.14 -25.13
N THR O 282 -37.31 25.82 -25.13
CA THR O 282 -36.36 25.01 -24.37
C THR O 282 -34.92 25.44 -24.57
N CYS O 283 -34.26 25.78 -23.47
CA CYS O 283 -32.87 26.22 -23.51
C CYS O 283 -31.95 25.29 -22.71
N ILE O 284 -30.71 25.16 -23.17
CA ILE O 284 -29.75 24.27 -22.53
C ILE O 284 -28.32 24.81 -22.36
N THR O 285 -27.69 24.38 -21.27
CA THR O 285 -26.35 24.79 -20.94
C THR O 285 -25.33 23.66 -21.07
N ILE O 286 -24.27 23.89 -21.83
CA ILE O 286 -23.24 22.87 -22.03
C ILE O 286 -21.93 23.30 -21.39
N LEU O 287 -21.25 22.34 -20.76
CA LEU O 287 -19.99 22.58 -20.11
C LEU O 287 -19.07 21.39 -20.35
N VAL O 288 -18.17 21.52 -21.32
CA VAL O 288 -17.23 20.45 -21.66
C VAL O 288 -15.79 20.83 -21.34
N ASP O 289 -14.87 19.92 -21.63
CA ASP O 289 -13.47 20.22 -21.40
C ASP O 289 -12.63 19.90 -22.64
N LYS O 290 -11.32 19.79 -22.44
CA LYS O 290 -10.38 19.49 -23.51
C LYS O 290 -10.32 20.60 -24.56
N GLU O 291 -10.95 21.74 -24.27
CA GLU O 291 -10.92 22.85 -25.21
C GLU O 291 -9.51 23.37 -25.37
N GLU O 292 -8.87 23.65 -24.23
CA GLU O 292 -7.50 24.19 -24.21
C GLU O 292 -6.50 23.25 -24.84
N VAL O 293 -6.91 22.02 -25.12
CA VAL O 293 -6.00 21.04 -25.72
C VAL O 293 -6.38 20.66 -27.15
N GLY O 294 -7.46 21.23 -27.67
CA GLY O 294 -7.87 20.91 -29.02
C GLY O 294 -9.34 20.55 -29.19
N SER O 295 -9.98 20.24 -28.07
CA SER O 295 -11.39 19.88 -28.05
C SER O 295 -11.61 18.51 -28.70
N ILE O 296 -10.65 17.61 -28.56
CA ILE O 296 -10.77 16.27 -29.13
C ILE O 296 -11.96 15.51 -28.55
N GLY O 297 -12.17 14.31 -29.08
CA GLY O 297 -13.29 13.48 -28.65
C GLY O 297 -13.34 13.06 -27.19
N ALA O 298 -14.30 12.18 -26.88
CA ALA O 298 -14.50 11.66 -25.54
C ALA O 298 -15.28 12.60 -24.64
N THR O 299 -14.77 13.82 -24.46
CA THR O 299 -15.41 14.80 -23.60
C THR O 299 -15.33 16.26 -24.09
N GLY O 300 -15.40 16.47 -25.41
CA GLY O 300 -15.35 17.81 -25.97
C GLY O 300 -16.12 18.00 -27.28
N MET O 301 -15.68 17.28 -28.31
CA MET O 301 -16.31 17.32 -29.62
C MET O 301 -17.18 16.08 -29.75
N GLN O 302 -17.23 15.33 -28.67
CA GLN O 302 -18.00 14.09 -28.59
C GLN O 302 -19.45 14.25 -29.04
N SER O 303 -20.18 13.14 -29.01
CA SER O 303 -21.59 13.15 -29.40
C SER O 303 -22.44 13.21 -28.14
N LYS O 304 -21.77 13.28 -26.99
CA LYS O 304 -22.44 13.35 -25.70
C LYS O 304 -23.63 14.30 -25.74
N PHE O 305 -23.49 15.37 -26.50
CA PHE O 305 -24.56 16.35 -26.64
C PHE O 305 -25.55 15.88 -27.69
N PHE O 306 -25.02 15.49 -28.84
CA PHE O 306 -25.82 15.00 -29.95
C PHE O 306 -26.73 13.87 -29.44
N GLU O 307 -26.12 12.73 -29.12
CA GLU O 307 -26.85 11.59 -28.63
C GLU O 307 -27.23 11.84 -27.18
N ASN O 308 -28.01 12.89 -26.97
CA ASN O 308 -28.46 13.24 -25.64
C ASN O 308 -29.65 14.17 -25.76
N THR O 309 -29.55 15.08 -26.71
CA THR O 309 -30.64 15.99 -26.97
C THR O 309 -31.70 15.06 -27.51
N VAL O 310 -31.25 13.98 -28.14
CA VAL O 310 -32.17 13.01 -28.69
C VAL O 310 -32.69 12.14 -27.55
N ALA O 311 -31.78 11.55 -26.79
CA ALA O 311 -32.18 10.70 -25.67
C ALA O 311 -33.15 11.50 -24.80
N ASP O 312 -33.10 12.82 -24.95
CA ASP O 312 -33.96 13.70 -24.18
C ASP O 312 -35.22 14.03 -24.98
N ILE O 313 -35.07 14.16 -26.29
CA ILE O 313 -36.18 14.44 -27.21
C ILE O 313 -37.13 13.23 -27.15
N MET O 314 -36.59 12.07 -26.81
CA MET O 314 -37.39 10.84 -26.71
C MET O 314 -38.53 11.00 -25.71
N SER O 315 -38.25 11.68 -24.61
CA SER O 315 -39.26 11.90 -23.57
C SER O 315 -40.00 13.22 -23.79
N ASP O 321 -42.27 11.95 -31.80
CA ASP O 321 -41.19 12.54 -31.02
C ASP O 321 -39.96 11.62 -31.00
N GLU O 322 -39.73 10.91 -32.11
CA GLU O 322 -38.61 10.00 -32.21
C GLU O 322 -37.64 10.33 -33.34
N LEU O 323 -37.97 9.84 -34.54
CA LEU O 323 -37.15 10.02 -35.73
C LEU O 323 -36.38 11.33 -35.87
N LYS O 324 -35.17 11.18 -36.42
CA LYS O 324 -34.24 12.28 -36.66
C LYS O 324 -34.82 13.67 -36.71
N LEU O 325 -35.60 13.97 -37.74
CA LEU O 325 -36.19 15.29 -37.92
C LEU O 325 -35.11 16.33 -38.22
N ARG O 326 -33.99 16.27 -37.50
CA ARG O 326 -32.83 17.18 -37.65
C ARG O 326 -33.06 18.63 -37.23
N LYS O 327 -34.06 19.27 -37.87
CA LYS O 327 -34.44 20.65 -37.60
C LYS O 327 -34.22 21.11 -36.16
N ALA O 328 -34.44 20.21 -35.22
CA ALA O 328 -34.28 20.53 -33.79
C ALA O 328 -33.04 21.39 -33.52
N LEU O 329 -31.88 20.90 -33.95
CA LEU O 329 -30.62 21.61 -33.76
C LEU O 329 -30.45 22.76 -34.75
N TYR O 330 -30.74 22.50 -36.03
CA TYR O 330 -30.61 23.50 -37.07
C TYR O 330 -31.30 24.82 -36.75
N ASN O 331 -32.41 24.77 -36.02
CA ASN O 331 -33.13 25.99 -35.70
C ASN O 331 -32.80 26.56 -34.33
N SER O 332 -31.64 26.22 -33.79
CA SER O 332 -31.28 26.73 -32.47
C SER O 332 -30.35 27.93 -32.55
N GLU O 333 -30.20 28.62 -31.42
CA GLU O 333 -29.32 29.78 -31.33
C GLU O 333 -28.38 29.55 -30.16
N MET O 334 -27.08 29.60 -30.40
CA MET O 334 -26.10 29.40 -29.32
C MET O 334 -25.27 30.63 -29.02
N LEU O 335 -24.69 30.62 -27.84
CA LEU O 335 -23.85 31.69 -27.38
C LEU O 335 -22.58 31.08 -26.77
N SER O 336 -21.84 30.35 -27.60
CA SER O 336 -20.58 29.73 -27.16
C SER O 336 -19.66 30.83 -26.65
N SER O 337 -19.47 30.89 -25.34
CA SER O 337 -18.62 31.92 -24.78
C SER O 337 -17.27 31.43 -24.29
N ASP O 338 -16.29 32.34 -24.26
CA ASP O 338 -14.92 32.06 -23.79
C ASP O 338 -14.23 33.40 -23.60
N VAL O 339 -13.42 33.50 -22.56
CA VAL O 339 -12.70 34.74 -22.27
C VAL O 339 -11.89 35.27 -23.44
N SER O 340 -11.73 36.59 -23.48
CA SER O 340 -10.97 37.25 -24.54
C SER O 340 -9.83 38.03 -23.89
N ALA O 341 -8.90 38.52 -24.69
CA ALA O 341 -7.78 39.26 -24.14
C ALA O 341 -8.13 40.74 -23.99
N ALA O 342 -8.04 41.22 -22.76
CA ALA O 342 -8.34 42.63 -22.47
C ALA O 342 -7.10 43.46 -22.75
N PHE O 343 -7.32 44.69 -23.22
CA PHE O 343 -6.20 45.59 -23.53
C PHE O 343 -5.35 45.84 -22.28
N ASP O 344 -4.07 45.49 -22.37
CA ASP O 344 -3.16 45.68 -21.24
C ASP O 344 -2.30 46.93 -21.47
N PRO O 345 -2.41 47.91 -20.58
CA PRO O 345 -1.63 49.15 -20.71
C PRO O 345 -0.12 48.94 -20.64
N ASN O 346 0.33 47.71 -20.39
CA ASN O 346 1.76 47.43 -20.31
C ASN O 346 2.30 47.01 -21.68
N TYR O 347 1.45 46.42 -22.51
CA TYR O 347 1.85 46.00 -23.83
C TYR O 347 0.76 46.38 -24.81
N PRO O 348 0.75 47.65 -25.23
CA PRO O 348 -0.24 48.18 -26.17
C PRO O 348 -0.03 47.87 -27.63
N ASN O 349 1.22 47.86 -28.06
CA ASN O 349 1.56 47.61 -29.47
C ASN O 349 1.18 46.25 -29.99
N VAL O 350 0.62 45.42 -29.12
CA VAL O 350 0.22 44.09 -29.54
C VAL O 350 -1.24 44.05 -30.01
N MET O 351 -2.00 45.10 -29.68
CA MET O 351 -3.41 45.19 -30.08
C MET O 351 -3.73 46.47 -30.85
N GLU O 352 -4.83 46.42 -31.59
CA GLU O 352 -5.26 47.54 -32.42
C GLU O 352 -5.97 48.69 -31.69
N LYS O 353 -5.95 48.69 -30.37
CA LYS O 353 -6.61 49.74 -29.59
C LYS O 353 -8.11 49.62 -29.87
N ARG O 354 -8.57 50.20 -30.98
CA ARG O 354 -9.97 50.08 -31.36
C ARG O 354 -10.12 48.62 -31.75
N ASN O 355 -11.32 48.06 -31.63
CA ASN O 355 -11.54 46.65 -31.97
C ASN O 355 -10.81 45.74 -30.99
N SER O 356 -10.70 46.19 -29.74
CA SER O 356 -10.05 45.43 -28.69
C SER O 356 -10.92 45.53 -27.45
N ALA O 357 -11.05 44.45 -26.69
CA ALA O 357 -11.87 44.47 -25.49
C ALA O 357 -11.18 45.21 -24.36
N TYR O 358 -11.95 45.99 -23.61
CA TYR O 358 -11.40 46.74 -22.49
C TYR O 358 -12.02 46.30 -21.17
N LEU O 359 -11.21 46.34 -20.13
CA LEU O 359 -11.64 45.94 -18.80
C LEU O 359 -12.80 46.77 -18.25
N GLY O 360 -14.00 46.22 -18.28
CA GLY O 360 -15.14 46.94 -17.73
C GLY O 360 -16.12 47.54 -18.73
N LYS O 361 -15.94 47.31 -20.02
CA LYS O 361 -16.88 47.86 -20.96
C LYS O 361 -17.98 46.88 -21.33
N GLY O 362 -18.31 45.97 -20.42
CA GLY O 362 -19.37 45.00 -20.71
C GLY O 362 -18.95 43.65 -21.28
N ILE O 363 -19.93 42.91 -21.79
CA ILE O 363 -19.67 41.61 -22.34
C ILE O 363 -19.04 41.75 -23.71
N VAL O 364 -18.17 40.81 -24.06
CA VAL O 364 -17.46 40.85 -25.35
C VAL O 364 -18.07 39.98 -26.45
N PHE O 365 -18.05 40.51 -27.67
CA PHE O 365 -18.58 39.80 -28.83
C PHE O 365 -17.48 39.67 -29.87
N ASN O 366 -17.34 38.47 -30.43
CA ASN O 366 -16.32 38.24 -31.45
C ASN O 366 -16.96 37.61 -32.67
N LYS O 367 -17.14 38.41 -33.73
CA LYS O 367 -17.72 37.88 -34.95
C LYS O 367 -16.85 36.75 -35.48
N TYR O 368 -15.55 37.00 -35.54
CA TYR O 368 -14.61 36.00 -36.01
C TYR O 368 -13.42 35.96 -35.06
N THR O 369 -12.66 34.87 -35.12
CA THR O 369 -11.50 34.70 -34.28
C THR O 369 -10.61 33.57 -34.81
N GLY O 370 -9.75 33.90 -35.77
CA GLY O 370 -8.87 32.89 -36.33
C GLY O 370 -7.42 33.30 -36.32
N SER O 371 -6.75 33.04 -37.43
CA SER O 371 -5.33 33.37 -37.58
C SER O 371 -5.07 34.17 -38.85
N ARG O 372 -4.18 33.65 -39.68
CA ARG O 372 -3.83 34.29 -40.93
C ARG O 372 -5.04 34.43 -41.84
N GLY O 373 -5.85 35.47 -41.62
CA GLY O 373 -7.01 35.67 -42.48
C GLY O 373 -8.27 34.95 -42.04
N LYS O 374 -8.59 35.07 -40.76
CA LYS O 374 -9.79 34.45 -40.21
C LYS O 374 -9.79 32.92 -40.39
N SER O 375 -8.61 32.36 -40.63
CA SER O 375 -8.45 30.93 -40.84
C SER O 375 -8.85 30.06 -39.66
N GLY O 376 -9.65 29.04 -39.94
CA GLY O 376 -10.11 28.11 -38.92
C GLY O 376 -10.85 28.72 -37.75
N CYS O 377 -12.11 29.08 -37.96
CA CYS O 377 -12.90 29.67 -36.89
C CYS O 377 -14.29 29.96 -37.39
N ASN O 378 -15.23 30.10 -36.46
CA ASN O 378 -16.61 30.39 -36.80
C ASN O 378 -16.85 31.87 -37.04
N ASP O 379 -17.62 32.18 -38.08
CA ASP O 379 -17.91 33.57 -38.41
C ASP O 379 -19.42 33.81 -38.27
N ALA O 380 -19.79 34.52 -37.21
CA ALA O 380 -21.18 34.82 -36.90
C ALA O 380 -21.88 35.63 -37.99
N ASN O 381 -23.15 35.30 -38.25
CA ASN O 381 -23.94 35.99 -39.26
C ASN O 381 -24.45 37.33 -38.72
N PRO O 382 -24.39 38.38 -39.56
CA PRO O 382 -24.83 39.72 -39.16
C PRO O 382 -26.30 39.73 -38.71
N GLU O 383 -27.17 39.06 -39.46
CA GLU O 383 -28.57 39.02 -39.12
C GLU O 383 -28.74 38.56 -37.68
N TYR O 384 -27.96 37.54 -37.29
CA TYR O 384 -28.03 37.03 -35.92
C TYR O 384 -27.45 38.05 -34.94
N ILE O 385 -26.33 38.66 -35.33
CA ILE O 385 -25.67 39.66 -34.49
C ILE O 385 -26.62 40.81 -34.20
N ALA O 386 -27.20 41.35 -35.25
CA ALA O 386 -28.13 42.45 -35.10
C ALA O 386 -29.18 42.09 -34.03
N GLU O 387 -29.73 40.89 -34.12
CA GLU O 387 -30.74 40.46 -33.16
C GLU O 387 -30.22 40.56 -31.74
N LEU O 388 -29.04 40.00 -31.51
CA LEU O 388 -28.44 40.06 -30.18
C LEU O 388 -28.33 41.49 -29.73
N ARG O 389 -28.01 42.38 -30.67
CA ARG O 389 -27.88 43.78 -30.36
C ARG O 389 -29.19 44.26 -29.78
N ARG O 390 -30.22 44.15 -30.60
CA ARG O 390 -31.55 44.57 -30.21
C ARG O 390 -31.89 44.05 -28.82
N ILE O 391 -31.70 42.75 -28.61
CA ILE O 391 -31.98 42.12 -27.31
C ILE O 391 -31.20 42.73 -26.16
N LEU O 392 -29.88 42.79 -26.31
CA LEU O 392 -29.03 43.34 -25.29
C LEU O 392 -29.19 44.85 -25.22
N SER O 393 -30.29 45.35 -25.78
CA SER O 393 -30.55 46.78 -25.74
C SER O 393 -31.76 46.97 -24.85
N LYS O 394 -32.78 46.18 -25.13
CA LYS O 394 -34.01 46.20 -24.38
C LYS O 394 -33.66 45.95 -22.91
N GLU O 395 -33.18 44.75 -22.61
CA GLU O 395 -32.81 44.42 -21.22
C GLU O 395 -31.55 45.16 -20.82
N SER O 396 -31.13 46.11 -21.65
CA SER O 396 -29.93 46.90 -21.40
C SER O 396 -28.70 46.01 -21.54
N VAL O 397 -27.78 46.10 -20.57
CA VAL O 397 -26.54 45.29 -20.57
C VAL O 397 -25.52 45.91 -21.51
N ASN O 398 -24.31 46.16 -21.01
CA ASN O 398 -23.26 46.73 -21.83
C ASN O 398 -22.48 45.65 -22.57
N TRP O 399 -22.20 45.91 -23.83
CA TRP O 399 -21.46 44.97 -24.64
C TRP O 399 -20.43 45.72 -25.49
N GLN O 400 -19.37 45.01 -25.88
CA GLN O 400 -18.31 45.57 -26.69
C GLN O 400 -17.78 44.47 -27.60
N THR O 401 -17.34 44.87 -28.79
CA THR O 401 -16.80 43.90 -29.72
C THR O 401 -15.27 44.00 -29.74
N ALA O 402 -14.62 42.85 -29.85
CA ALA O 402 -13.18 42.81 -29.86
C ALA O 402 -12.61 41.85 -30.91
N GLU O 403 -11.30 41.95 -31.09
CA GLU O 403 -10.56 41.14 -32.03
C GLU O 403 -9.30 40.75 -31.26
N LEU O 404 -8.79 39.53 -31.46
CA LEU O 404 -7.59 39.12 -30.73
C LEU O 404 -6.26 39.59 -31.34
N GLY O 405 -5.79 40.77 -30.93
CA GLY O 405 -4.53 41.26 -31.44
C GLY O 405 -4.59 41.78 -32.86
N LYS O 406 -3.72 42.75 -33.15
CA LYS O 406 -3.66 43.37 -34.48
C LYS O 406 -3.46 42.34 -35.59
N VAL O 407 -4.52 42.06 -36.31
CA VAL O 407 -4.51 41.12 -37.42
C VAL O 407 -3.50 39.99 -37.24
N ASP O 408 -2.44 40.01 -38.04
CA ASP O 408 -1.42 38.96 -37.99
C ASP O 408 -0.56 38.85 -36.73
N GLN O 409 -1.21 38.88 -35.57
CA GLN O 409 -0.47 38.76 -34.31
C GLN O 409 -0.60 37.36 -33.72
N GLY O 410 -1.61 37.19 -32.88
CA GLY O 410 -1.82 35.89 -32.25
C GLY O 410 -2.80 35.04 -33.01
N GLY O 411 -2.89 33.77 -32.62
CA GLY O 411 -3.81 32.86 -33.28
C GLY O 411 -5.05 32.65 -32.45
N GLY O 412 -6.10 32.12 -33.07
CA GLY O 412 -7.34 31.87 -32.36
C GLY O 412 -8.06 30.61 -32.80
N GLY O 413 -9.08 30.22 -32.05
CA GLY O 413 -9.84 29.02 -32.39
C GLY O 413 -10.75 28.60 -31.25
N THR O 414 -12.02 29.00 -31.32
CA THR O 414 -12.99 28.66 -30.30
C THR O 414 -13.82 27.45 -30.72
N ILE O 415 -14.45 26.80 -29.74
CA ILE O 415 -15.27 25.62 -29.99
C ILE O 415 -16.64 26.01 -30.53
N ALA O 416 -16.74 27.25 -31.03
CA ALA O 416 -18.00 27.76 -31.55
C ALA O 416 -18.41 27.12 -32.87
N TYR O 417 -17.44 26.82 -33.72
CA TYR O 417 -17.73 26.21 -35.02
C TYR O 417 -18.14 24.75 -34.87
N ILE O 418 -17.72 24.12 -33.78
CA ILE O 418 -18.02 22.73 -33.57
C ILE O 418 -19.51 22.42 -33.53
N LEU O 419 -20.30 23.33 -32.97
CA LEU O 419 -21.75 23.12 -32.91
C LEU O 419 -22.47 23.79 -34.07
N ALA O 420 -21.84 24.81 -34.65
CA ALA O 420 -22.44 25.51 -35.76
C ALA O 420 -22.51 24.54 -36.94
N GLU O 421 -21.79 23.43 -36.82
CA GLU O 421 -21.75 22.41 -37.88
C GLU O 421 -23.15 21.90 -38.16
N TYR O 422 -24.06 22.11 -37.22
CA TYR O 422 -25.44 21.67 -37.37
C TYR O 422 -26.25 22.70 -38.17
N GLY O 423 -25.82 23.95 -38.11
CA GLY O 423 -26.51 25.01 -38.83
C GLY O 423 -26.99 26.09 -37.89
N MET O 424 -26.68 25.92 -36.61
CA MET O 424 -27.06 26.90 -35.56
C MET O 424 -26.57 28.30 -35.85
N GLN O 425 -27.05 29.25 -35.06
CA GLN O 425 -26.65 30.64 -35.18
C GLN O 425 -25.78 30.89 -33.97
N VAL O 426 -24.47 30.76 -34.16
CA VAL O 426 -23.52 30.94 -33.07
C VAL O 426 -22.76 32.24 -33.16
N ILE O 427 -22.18 32.63 -32.04
CA ILE O 427 -21.37 33.82 -31.96
C ILE O 427 -20.53 33.73 -30.68
N ASP O 428 -19.33 34.30 -30.71
CA ASP O 428 -18.45 34.26 -29.56
C ASP O 428 -18.66 35.34 -28.54
N CYS O 429 -18.86 34.92 -27.29
CA CYS O 429 -19.05 35.84 -26.19
C CYS O 429 -18.04 35.59 -25.11
N GLY O 430 -18.21 36.27 -23.99
CA GLY O 430 -17.29 36.07 -22.90
C GLY O 430 -16.82 37.36 -22.29
N VAL O 431 -16.13 37.21 -21.16
CA VAL O 431 -15.59 38.33 -20.43
C VAL O 431 -14.16 38.61 -20.90
N ALA O 432 -13.68 39.82 -20.61
CA ALA O 432 -12.33 40.21 -20.98
C ALA O 432 -11.39 39.96 -19.79
N LEU O 433 -10.33 39.20 -20.02
CA LEU O 433 -9.36 38.93 -18.97
C LEU O 433 -8.00 39.63 -19.16
N LEU O 434 -7.20 39.54 -18.11
CA LEU O 434 -5.87 40.13 -18.11
C LEU O 434 -4.93 38.94 -17.89
N ASN O 435 -3.85 38.91 -18.66
CA ASN O 435 -2.87 37.80 -18.63
C ASN O 435 -3.54 36.40 -18.55
N HIS O 437 -4.25 32.36 -19.37
CA HIS O 437 -3.46 31.16 -19.16
C HIS O 437 -2.31 31.33 -18.17
N ALA O 438 -2.43 32.32 -17.32
CA ALA O 438 -1.41 32.55 -16.31
C ALA O 438 -1.95 31.94 -15.04
N PRO O 439 -1.08 31.59 -14.09
CA PRO O 439 -1.52 31.00 -12.84
C PRO O 439 -2.52 31.89 -12.13
N TRP O 440 -2.42 33.19 -12.36
CA TRP O 440 -3.36 34.13 -11.76
C TRP O 440 -3.88 35.09 -12.82
N GLU O 441 -5.17 34.98 -13.11
CA GLU O 441 -5.82 35.83 -14.10
C GLU O 441 -6.67 36.90 -13.42
N ILE O 442 -6.92 38.00 -14.13
CA ILE O 442 -7.72 39.10 -13.58
C ILE O 442 -8.99 39.36 -14.38
N SER O 443 -10.05 39.78 -13.69
CA SER O 443 -11.31 40.06 -14.37
C SER O 443 -12.05 41.21 -13.69
N SER O 444 -12.93 41.86 -14.46
CA SER O 444 -13.71 42.97 -13.92
C SER O 444 -15.07 42.51 -13.42
N LYS O 445 -15.33 42.73 -12.13
CA LYS O 445 -16.62 42.34 -11.55
C LYS O 445 -17.76 42.90 -12.38
N ALA O 446 -17.62 44.16 -12.79
CA ALA O 446 -18.63 44.79 -13.61
C ALA O 446 -18.87 43.94 -14.83
N ASP O 447 -17.80 43.50 -15.49
CA ASP O 447 -17.96 42.66 -16.70
C ASP O 447 -18.61 41.33 -16.35
N ILE O 448 -18.13 40.70 -15.28
CA ILE O 448 -18.71 39.43 -14.84
C ILE O 448 -20.23 39.60 -14.81
N TYR O 449 -20.66 40.56 -13.99
CA TYR O 449 -22.06 40.91 -13.83
C TYR O 449 -22.72 41.12 -15.18
N GLU O 450 -22.29 42.14 -15.90
CA GLU O 450 -22.84 42.45 -17.21
C GLU O 450 -23.01 41.21 -18.07
N THR O 451 -21.98 40.37 -18.13
CA THR O 451 -22.01 39.15 -18.94
C THR O 451 -23.19 38.28 -18.55
N LYS O 452 -23.32 38.02 -17.25
CA LYS O 452 -24.42 37.20 -16.78
C LYS O 452 -25.75 37.77 -17.31
N ASN O 453 -25.99 39.04 -17.04
CA ASN O 453 -27.22 39.68 -17.51
C ASN O 453 -27.36 39.47 -19.00
N GLY O 454 -26.24 39.54 -19.71
CA GLY O 454 -26.29 39.36 -21.16
C GLY O 454 -26.80 37.98 -21.48
N TYR O 455 -26.35 36.99 -20.72
CA TYR O 455 -26.79 35.62 -20.92
C TYR O 455 -28.26 35.53 -20.58
N SER O 456 -28.59 35.89 -19.34
CA SER O 456 -29.98 35.84 -18.89
C SER O 456 -30.91 36.55 -19.88
N ALA O 457 -30.47 37.69 -20.40
CA ALA O 457 -31.28 38.44 -21.36
C ALA O 457 -31.28 37.74 -22.72
N PHE O 458 -31.08 36.42 -22.70
CA PHE O 458 -31.04 35.62 -23.92
C PHE O 458 -32.08 34.50 -23.73
N LEU O 459 -32.94 34.70 -22.72
CA LEU O 459 -33.98 33.73 -22.39
C LEU O 459 -35.23 33.82 -23.27
N ASN O 460 -35.84 35.00 -23.34
CA ASN O 460 -37.08 35.15 -24.13
C ASN O 460 -36.94 35.76 -25.54
N ASN O 461 -35.80 36.40 -25.81
CA ASN O 461 -35.55 37.04 -27.10
C ASN O 461 -36.64 38.10 -27.34
N LEU P 1 4.65 -1.83 -3.27
CA LEU P 1 5.33 -0.64 -2.69
C LEU P 1 5.92 0.33 -3.74
N LEU P 2 7.00 -0.09 -4.41
CA LEU P 2 7.68 0.74 -5.41
C LEU P 2 7.66 0.16 -6.83
N LYS P 3 6.84 -0.87 -7.02
CA LYS P 3 6.63 -1.59 -8.29
C LYS P 3 7.50 -1.20 -9.48
N GLU P 4 8.29 -2.15 -9.96
CA GLU P 4 9.19 -1.97 -11.11
C GLU P 4 8.74 -2.80 -12.30
N TYR P 5 9.32 -2.51 -13.46
CA TYR P 5 9.00 -3.25 -14.69
C TYR P 5 10.05 -4.34 -14.96
N LYS P 6 9.63 -5.59 -14.86
CA LYS P 6 10.52 -6.74 -15.08
C LYS P 6 10.64 -6.96 -16.59
N ASN P 7 11.12 -8.15 -16.99
CA ASN P 7 11.34 -8.46 -18.39
C ASN P 7 10.54 -9.63 -18.90
N ALA P 8 9.79 -9.43 -19.98
CA ALA P 8 8.94 -10.48 -20.54
C ALA P 8 9.53 -11.89 -20.45
N TRP P 9 10.79 -12.06 -20.86
CA TRP P 9 11.42 -13.37 -20.80
C TRP P 9 11.53 -13.75 -19.32
N ASP P 10 12.23 -14.85 -19.02
CA ASP P 10 12.36 -15.33 -17.63
C ASP P 10 10.99 -15.86 -17.27
N LYS P 11 10.07 -14.94 -17.04
CA LYS P 11 8.70 -15.29 -16.71
C LYS P 11 8.23 -16.32 -17.72
N TYR P 12 8.57 -16.12 -18.99
CA TYR P 12 8.18 -17.05 -20.06
C TYR P 12 8.74 -18.43 -19.80
N ASP P 13 9.88 -18.72 -20.42
CA ASP P 13 10.51 -20.01 -20.28
C ASP P 13 9.38 -21.01 -20.39
N ASP P 14 9.16 -21.76 -19.31
CA ASP P 14 8.10 -22.75 -19.28
C ASP P 14 8.35 -23.80 -20.36
N LYS P 15 9.34 -23.53 -21.23
CA LYS P 15 9.70 -24.43 -22.32
C LYS P 15 8.55 -24.44 -23.34
N GLN P 16 7.36 -24.13 -22.85
CA GLN P 16 6.16 -24.08 -23.69
C GLN P 16 6.03 -22.67 -24.17
N LEU P 17 5.68 -21.78 -23.24
CA LEU P 17 5.51 -20.36 -23.52
C LEU P 17 6.47 -19.91 -24.62
N LYS P 18 7.78 -20.15 -24.41
CA LYS P 18 8.78 -19.76 -25.40
C LYS P 18 8.42 -20.32 -26.78
N GLU P 19 8.48 -21.65 -26.90
CA GLU P 19 8.17 -22.33 -28.15
C GLU P 19 6.86 -21.78 -28.70
N VAL P 20 5.90 -21.52 -27.82
CA VAL P 20 4.59 -21.01 -28.21
C VAL P 20 4.64 -19.63 -28.86
N PHE P 21 5.84 -19.11 -29.09
CA PHE P 21 5.94 -17.82 -29.74
C PHE P 21 7.27 -17.59 -30.43
N ALA P 22 8.35 -18.05 -29.81
CA ALA P 22 9.69 -17.90 -30.38
C ALA P 22 9.57 -18.27 -31.84
N LEU P 23 8.78 -19.32 -32.07
CA LEU P 23 8.51 -19.80 -33.43
C LEU P 23 7.02 -19.56 -33.63
N GLY P 24 6.32 -19.37 -32.51
CA GLY P 24 4.89 -19.12 -32.56
C GLY P 24 4.54 -17.97 -33.47
N ASP P 25 4.53 -16.77 -32.90
CA ASP P 25 4.22 -15.59 -33.70
C ASP P 25 5.32 -15.31 -34.72
N ARG P 26 6.57 -15.46 -34.30
CA ARG P 26 7.67 -15.24 -35.21
C ARG P 26 7.60 -16.39 -36.21
N PHE P 27 6.71 -16.23 -37.18
CA PHE P 27 6.50 -17.23 -38.20
C PHE P 27 5.25 -16.67 -38.84
N LYS P 28 4.17 -16.64 -38.07
CA LYS P 28 2.93 -16.09 -38.56
C LYS P 28 3.21 -14.63 -38.96
N ASN P 29 3.47 -13.80 -37.95
CA ASN P 29 3.77 -12.37 -38.17
C ASN P 29 4.99 -12.35 -39.06
N PHE P 30 6.06 -12.92 -38.52
CA PHE P 30 7.31 -12.99 -39.25
C PHE P 30 7.11 -13.16 -40.76
N ILE P 31 6.05 -13.86 -41.16
CA ILE P 31 5.79 -14.09 -42.59
C ILE P 31 4.72 -13.15 -43.15
N SER P 32 3.83 -12.68 -42.28
CA SER P 32 2.78 -11.79 -42.73
C SER P 32 3.37 -10.56 -43.42
N ASN P 33 4.23 -9.83 -42.73
CA ASN P 33 4.80 -8.64 -43.31
C ASN P 33 5.89 -8.94 -44.34
N CYS P 34 5.70 -10.01 -45.10
CA CYS P 34 6.66 -10.40 -46.13
C CYS P 34 5.88 -10.64 -47.40
N LYS P 35 4.73 -11.27 -47.25
CA LYS P 35 3.88 -11.58 -48.38
C LYS P 35 2.76 -10.53 -48.45
N THR P 36 2.92 -9.46 -47.70
CA THR P 36 1.94 -8.39 -47.68
C THR P 36 2.63 -7.11 -47.20
N GLU P 37 2.93 -6.20 -48.13
CA GLU P 37 3.61 -4.98 -47.78
C GLU P 37 2.87 -3.74 -48.26
N ARG P 38 1.78 -3.96 -49.00
CA ARG P 38 0.99 -2.85 -49.53
C ARG P 38 -0.48 -3.07 -49.22
N GLU P 39 -0.95 -2.49 -48.13
CA GLU P 39 -2.35 -2.59 -47.69
C GLU P 39 -3.21 -3.69 -48.34
N CYS P 40 -2.57 -4.76 -48.80
CA CYS P 40 -3.30 -5.88 -49.40
C CYS P 40 -3.40 -6.88 -48.28
N VAL P 41 -3.08 -6.38 -47.09
CA VAL P 41 -3.15 -7.18 -45.88
C VAL P 41 -4.59 -7.69 -45.89
N THR P 42 -5.49 -6.87 -46.41
CA THR P 42 -6.90 -7.21 -46.49
C THR P 42 -7.06 -8.55 -47.19
N GLU P 43 -6.50 -8.67 -48.40
CA GLU P 43 -6.59 -9.91 -49.14
C GLU P 43 -6.10 -11.11 -48.34
N LEU P 44 -4.81 -11.16 -48.06
CA LEU P 44 -4.23 -12.27 -47.30
C LEU P 44 -4.98 -12.54 -46.00
N ILE P 45 -5.42 -11.48 -45.32
CA ILE P 45 -6.14 -11.66 -44.07
C ILE P 45 -7.55 -12.16 -44.33
N LYS P 46 -8.18 -11.60 -45.35
CA LYS P 46 -9.55 -12.00 -45.68
C LYS P 46 -9.54 -13.46 -46.14
N THR P 47 -8.45 -13.89 -46.77
CA THR P 47 -8.32 -15.28 -47.20
C THR P 47 -8.31 -16.10 -45.92
N ALA P 48 -7.58 -15.62 -44.91
CA ALA P 48 -7.57 -16.31 -43.64
C ALA P 48 -8.99 -16.01 -43.11
N GLU P 49 -9.29 -16.36 -41.88
CA GLU P 49 -10.63 -16.11 -41.37
C GLU P 49 -11.61 -16.84 -42.26
N LYS P 50 -11.09 -17.79 -43.05
CA LYS P 50 -11.93 -18.59 -43.94
C LYS P 50 -12.73 -19.51 -43.02
N SER P 51 -12.31 -19.55 -41.76
CA SER P 51 -12.97 -20.36 -40.75
C SER P 51 -14.17 -19.59 -40.23
N GLY P 52 -15.05 -19.21 -41.17
CA GLY P 52 -16.24 -18.46 -40.84
C GLY P 52 -16.17 -17.08 -41.47
N TYR P 53 -17.00 -16.15 -41.02
CA TYR P 53 -16.98 -14.80 -41.55
C TYR P 53 -17.44 -14.72 -42.99
N ARG P 54 -18.12 -13.64 -43.35
CA ARG P 54 -18.59 -13.46 -44.71
C ARG P 54 -19.27 -12.11 -44.91
N ASN P 55 -20.49 -12.00 -44.40
CA ASN P 55 -21.30 -10.77 -44.51
C ASN P 55 -21.21 -10.18 -45.90
N ILE P 56 -20.22 -9.31 -46.06
CA ILE P 56 -19.92 -8.63 -47.31
C ILE P 56 -21.15 -8.47 -48.22
N GLU P 57 -21.48 -9.53 -48.97
CA GLU P 57 -22.62 -9.51 -49.89
C GLU P 57 -23.76 -10.37 -49.34
N ASP P 58 -23.39 -11.48 -48.69
CA ASP P 58 -24.37 -12.42 -48.15
C ASP P 58 -25.18 -11.88 -46.99
N ILE P 59 -26.02 -10.89 -47.29
CA ILE P 59 -26.88 -10.29 -46.29
C ILE P 59 -28.32 -10.67 -46.62
N LEU P 60 -28.84 -11.65 -45.88
CA LEU P 60 -30.23 -12.15 -46.05
C LEU P 60 -30.96 -12.27 -44.70
N ALA P 61 -30.37 -11.68 -43.66
CA ALA P 61 -30.92 -11.70 -42.30
C ALA P 61 -30.76 -13.10 -41.73
N LYS P 62 -31.26 -14.08 -42.48
CA LYS P 62 -31.19 -15.48 -42.09
C LYS P 62 -30.19 -16.21 -43.00
N GLY P 63 -29.54 -15.45 -43.87
CA GLY P 63 -28.56 -16.04 -44.77
C GLY P 63 -27.53 -16.78 -43.94
N GLU P 64 -27.31 -16.26 -42.73
CA GLU P 64 -26.37 -16.84 -41.76
C GLU P 64 -27.03 -16.71 -40.39
N THR P 65 -28.30 -16.26 -40.40
CA THR P 65 -29.08 -16.04 -39.19
C THR P 65 -28.29 -15.32 -38.12
N LEU P 66 -28.09 -14.01 -38.33
CA LEU P 66 -27.32 -13.17 -37.41
C LEU P 66 -27.76 -13.36 -35.96
N LYS P 67 -26.97 -14.11 -35.21
CA LYS P 67 -27.24 -14.38 -33.80
C LYS P 67 -26.00 -14.95 -33.10
N GLU P 68 -26.19 -15.44 -31.88
CA GLU P 68 -25.12 -16.03 -31.08
C GLU P 68 -24.09 -16.78 -31.93
N GLY P 69 -22.82 -16.62 -31.56
CA GLY P 69 -21.73 -17.31 -32.25
C GLY P 69 -21.46 -17.01 -33.72
N ASP P 70 -22.11 -15.97 -34.26
CA ASP P 70 -21.89 -15.63 -35.65
C ASP P 70 -20.67 -14.73 -35.82
N LYS P 71 -20.01 -14.86 -36.97
CA LYS P 71 -18.81 -14.09 -37.30
C LYS P 71 -18.84 -13.63 -38.75
N VAL P 72 -18.70 -12.33 -38.96
CA VAL P 72 -18.72 -11.78 -40.32
C VAL P 72 -17.70 -10.67 -40.54
N TYR P 73 -17.37 -10.40 -41.80
CA TYR P 73 -16.41 -9.35 -42.11
C TYR P 73 -16.99 -8.41 -43.16
N ALA P 74 -16.42 -7.21 -43.26
CA ALA P 74 -16.89 -6.23 -44.23
C ALA P 74 -15.69 -5.63 -44.92
N ASN P 75 -15.66 -5.73 -46.25
CA ASN P 75 -14.54 -5.17 -46.99
C ASN P 75 -14.83 -3.73 -47.46
N ASN P 76 -13.87 -2.84 -47.27
CA ASN P 76 -14.03 -1.45 -47.70
C ASN P 76 -13.17 -1.20 -48.91
N ARG P 77 -13.75 -1.40 -50.08
CA ARG P 77 -13.06 -1.21 -51.35
C ARG P 77 -11.65 -1.78 -51.34
N GLY P 78 -11.48 -2.88 -50.60
CA GLY P 78 -10.20 -3.56 -50.50
C GLY P 78 -9.12 -2.89 -49.67
N LYS P 79 -9.31 -1.61 -49.35
CA LYS P 79 -8.34 -0.85 -48.57
C LYS P 79 -8.55 -1.02 -47.07
N GLY P 80 -9.76 -1.42 -46.67
CA GLY P 80 -10.04 -1.58 -45.26
C GLY P 80 -10.79 -2.85 -44.90
N LEU P 81 -10.70 -3.24 -43.64
CA LEU P 81 -11.36 -4.45 -43.16
C LEU P 81 -11.84 -4.39 -41.73
N ILE P 82 -13.03 -4.91 -41.51
CA ILE P 82 -13.60 -4.93 -40.17
C ILE P 82 -14.30 -6.27 -39.91
N MET P 83 -13.98 -6.89 -38.77
CA MET P 83 -14.53 -8.18 -38.42
C MET P 83 -15.40 -8.14 -37.16
N PHE P 84 -16.47 -8.92 -37.16
CA PHE P 84 -17.40 -9.00 -36.04
C PHE P 84 -17.44 -10.40 -35.44
N LEU P 85 -18.00 -10.48 -34.25
CA LEU P 85 -18.16 -11.74 -33.54
C LEU P 85 -19.26 -11.57 -32.51
N ILE P 86 -20.47 -11.97 -32.88
CA ILE P 86 -21.59 -11.82 -31.98
C ILE P 86 -21.48 -12.63 -30.70
N GLY P 87 -21.92 -12.03 -29.60
CA GLY P 87 -21.88 -12.70 -28.30
C GLY P 87 -23.26 -12.83 -27.68
N LYS P 88 -23.31 -13.46 -26.51
CA LYS P 88 -24.56 -13.67 -25.78
C LYS P 88 -25.38 -12.39 -25.67
N GLU P 89 -24.88 -11.43 -24.89
CA GLU P 89 -25.58 -10.17 -24.69
C GLU P 89 -25.90 -9.50 -26.03
N PRO P 90 -26.88 -8.58 -26.03
CA PRO P 90 -27.30 -7.85 -27.23
C PRO P 90 -26.32 -6.71 -27.59
N LEU P 91 -26.29 -6.33 -28.87
CA LEU P 91 -25.39 -5.27 -29.31
C LEU P 91 -25.62 -4.02 -28.47
N TYR P 92 -26.88 -3.67 -28.26
CA TYR P 92 -27.25 -2.48 -27.49
C TYR P 92 -26.45 -2.37 -26.21
N THR P 93 -25.92 -3.49 -25.73
CA THR P 93 -25.12 -3.50 -24.49
C THR P 93 -23.83 -2.69 -24.66
N GLY P 94 -23.01 -3.12 -25.64
CA GLY P 94 -21.76 -2.45 -25.91
C GLY P 94 -20.90 -3.28 -26.86
N PHE P 95 -19.63 -2.92 -26.97
CA PHE P 95 -18.74 -3.65 -27.84
C PHE P 95 -17.33 -3.77 -27.24
N LYS P 96 -16.54 -4.65 -27.84
CA LYS P 96 -15.17 -4.83 -27.42
C LYS P 96 -14.38 -4.67 -28.72
N ILE P 97 -13.97 -3.43 -29.02
CA ILE P 97 -13.26 -3.16 -30.25
C ILE P 97 -11.74 -3.16 -30.18
N LEU P 98 -11.13 -3.60 -31.26
CA LEU P 98 -9.68 -3.63 -31.40
C LEU P 98 -9.40 -2.91 -32.70
N GLY P 99 -8.63 -1.82 -32.64
CA GLY P 99 -8.34 -1.08 -33.87
C GLY P 99 -6.87 -0.95 -34.21
N ALA P 100 -6.60 -0.77 -35.50
CA ALA P 100 -5.23 -0.64 -35.99
C ALA P 100 -5.20 -0.25 -37.47
N HIS P 101 -4.19 0.51 -37.89
CA HIS P 101 -4.07 0.90 -39.28
C HIS P 101 -3.14 -0.06 -39.98
N ILE P 102 -3.46 -0.42 -41.22
CA ILE P 102 -2.61 -1.36 -41.95
C ILE P 102 -1.65 -0.71 -42.95
N ASP P 103 -1.79 0.60 -43.14
CA ASP P 103 -0.93 1.31 -44.07
C ASP P 103 0.40 1.65 -43.41
N SER P 104 1.42 1.90 -44.23
CA SER P 104 2.74 2.25 -43.75
C SER P 104 3.46 3.17 -44.72
N PRO P 105 4.33 4.05 -44.20
CA PRO P 105 5.09 4.98 -45.02
C PRO P 105 5.88 4.27 -46.12
N ARG P 106 5.93 4.90 -47.29
CA ARG P 106 6.61 4.33 -48.45
C ARG P 106 6.63 5.31 -49.62
N LEU P 107 7.32 4.95 -50.68
CA LEU P 107 7.41 5.78 -51.86
C LEU P 107 6.37 5.25 -52.83
N ASP P 108 5.96 6.07 -53.79
CA ASP P 108 4.99 5.61 -54.78
C ASP P 108 4.85 6.50 -56.00
N LEU P 109 5.09 5.89 -57.15
CA LEU P 109 5.05 6.52 -58.48
C LEU P 109 3.97 7.58 -58.69
N LYS P 110 4.32 8.66 -59.38
CA LYS P 110 3.37 9.74 -59.64
C LYS P 110 2.37 9.32 -60.72
N GLN P 111 1.56 10.27 -61.18
CA GLN P 111 0.57 10.00 -62.23
C GLN P 111 1.26 9.70 -63.57
N ASN P 112 2.43 10.30 -63.79
CA ASN P 112 3.20 10.11 -65.00
C ASN P 112 4.64 9.85 -64.60
N PRO P 113 4.88 8.75 -63.88
CA PRO P 113 6.20 8.35 -63.41
C PRO P 113 7.29 8.04 -64.43
N LEU P 114 6.91 7.41 -65.53
CA LEU P 114 7.90 7.05 -66.54
C LEU P 114 8.43 8.21 -67.38
N TYR P 115 9.73 8.43 -67.33
CA TYR P 115 10.39 9.47 -68.08
C TYR P 115 11.84 9.04 -68.29
N GLU P 116 12.51 9.66 -69.26
CA GLU P 116 13.88 9.28 -69.56
C GLU P 116 14.84 10.45 -69.52
N ASP P 117 15.82 10.41 -68.63
CA ASP P 117 16.78 11.50 -68.51
C ASP P 117 18.20 11.01 -68.70
N THR P 118 18.87 11.53 -69.73
CA THR P 118 20.26 11.15 -70.03
C THR P 118 20.35 9.64 -70.16
N ASP P 119 20.04 9.15 -71.35
CA ASP P 119 20.09 7.71 -71.62
C ASP P 119 19.10 6.94 -70.75
N LEU P 120 19.56 6.40 -69.64
CA LEU P 120 18.68 5.63 -68.78
C LEU P 120 17.32 6.28 -68.49
N ALA P 121 16.35 5.47 -68.08
CA ALA P 121 15.01 5.98 -67.77
C ALA P 121 14.59 5.78 -66.32
N MET P 122 14.20 6.87 -65.66
CA MET P 122 13.78 6.81 -64.28
C MET P 122 12.27 6.66 -64.13
N LEU P 123 11.81 6.83 -62.88
CA LEU P 123 10.41 6.72 -62.50
C LEU P 123 10.12 7.71 -61.37
N GLU P 124 9.33 8.75 -61.65
CA GLU P 124 8.97 9.75 -60.63
C GLU P 124 8.26 9.12 -59.44
N THR P 125 8.50 9.67 -58.26
CA THR P 125 7.87 9.15 -57.04
C THR P 125 7.35 10.29 -56.19
N HIS P 126 6.84 9.96 -55.03
CA HIS P 126 6.30 10.98 -54.14
C HIS P 126 6.03 10.30 -52.83
N TYR P 127 7.00 10.35 -51.91
CA TYR P 127 6.86 9.66 -50.62
C TYR P 127 5.53 9.92 -49.92
N TYR P 128 5.09 8.90 -49.19
CA TYR P 128 3.83 8.91 -48.47
C TYR P 128 4.00 8.49 -47.00
N GLY P 129 3.33 9.22 -46.12
CA GLY P 129 3.40 8.91 -44.72
C GLY P 129 4.41 9.68 -43.89
N GLY P 130 5.33 10.33 -44.57
CA GLY P 130 6.32 11.09 -43.84
C GLY P 130 7.46 10.21 -43.36
N ILE P 131 8.28 9.75 -44.29
CA ILE P 131 9.43 8.93 -43.97
C ILE P 131 10.51 9.90 -43.55
N LYS P 132 10.18 11.20 -43.69
CA LYS P 132 11.05 12.34 -43.37
C LYS P 132 12.54 12.09 -43.56
N LYS P 133 13.02 11.02 -42.95
CA LYS P 133 14.40 10.63 -43.09
C LYS P 133 14.47 9.96 -44.45
N TYR P 134 14.83 10.72 -45.48
CA TYR P 134 14.90 10.17 -46.80
C TYR P 134 16.09 9.25 -47.00
N GLN P 135 16.54 8.57 -45.94
CA GLN P 135 17.65 7.64 -46.08
C GLN P 135 16.99 6.34 -46.52
N TRP P 136 16.29 6.46 -47.65
CA TRP P 136 15.57 5.39 -48.32
C TRP P 136 16.28 5.11 -49.65
N VAL P 137 17.48 5.66 -49.77
CA VAL P 137 18.23 5.51 -51.01
C VAL P 137 18.86 4.14 -51.22
N THR P 138 20.16 4.14 -51.44
CA THR P 138 20.94 2.95 -51.66
C THR P 138 20.30 1.56 -51.54
N LEU P 139 19.65 1.26 -50.43
CA LEU P 139 19.08 -0.08 -50.27
C LEU P 139 18.07 -0.47 -51.38
N PRO P 140 18.00 -1.78 -51.71
CA PRO P 140 17.14 -2.43 -52.72
C PRO P 140 15.63 -2.29 -52.50
N LEU P 141 14.91 -1.91 -53.56
CA LEU P 141 13.46 -1.72 -53.50
C LEU P 141 12.70 -2.67 -54.42
N ALA P 142 11.43 -2.89 -54.07
CA ALA P 142 10.53 -3.75 -54.85
C ALA P 142 9.25 -3.00 -55.20
N ILE P 143 8.63 -3.34 -56.32
CA ILE P 143 7.40 -2.65 -56.71
C ILE P 143 6.15 -3.50 -56.47
N HIS P 144 5.15 -2.88 -55.87
CA HIS P 144 3.90 -3.55 -55.59
C HIS P 144 2.77 -2.70 -56.14
N GLY P 145 1.55 -2.94 -55.65
CA GLY P 145 0.42 -2.15 -56.13
C GLY P 145 -0.36 -2.80 -57.26
N VAL P 146 -1.17 -1.99 -57.93
CA VAL P 146 -2.01 -2.46 -59.01
C VAL P 146 -2.25 -1.40 -60.08
N ILE P 147 -2.45 -1.84 -61.32
CA ILE P 147 -2.71 -0.91 -62.41
C ILE P 147 -4.10 -1.21 -62.99
N VAL P 148 -4.88 -0.17 -63.27
CA VAL P 148 -6.21 -0.39 -63.83
C VAL P 148 -6.36 0.06 -65.28
N LYS P 149 -6.66 -0.89 -66.14
CA LYS P 149 -6.85 -0.63 -67.56
C LYS P 149 -8.05 0.29 -67.74
N LYS P 150 -8.14 0.94 -68.89
CA LYS P 150 -9.27 1.84 -69.13
C LYS P 150 -10.58 1.06 -69.06
N ASP P 151 -10.53 -0.20 -69.50
CA ASP P 151 -11.70 -1.07 -69.51
C ASP P 151 -12.10 -1.54 -68.10
N GLY P 152 -11.18 -1.34 -67.15
CA GLY P 152 -11.47 -1.74 -65.78
C GLY P 152 -10.73 -2.98 -65.30
N THR P 153 -9.91 -3.58 -66.16
CA THR P 153 -9.17 -4.78 -65.80
C THR P 153 -8.10 -4.46 -64.77
N ILE P 154 -8.16 -5.16 -63.65
CA ILE P 154 -7.19 -4.93 -62.59
C ILE P 154 -5.99 -5.86 -62.72
N VAL P 155 -4.82 -5.28 -62.98
CA VAL P 155 -3.60 -6.09 -63.12
C VAL P 155 -2.77 -5.93 -61.84
N ASN P 156 -2.25 -7.05 -61.33
CA ASN P 156 -1.43 -7.00 -60.12
C ASN P 156 0.05 -6.94 -60.42
N VAL P 157 0.76 -6.05 -59.73
CA VAL P 157 2.20 -5.91 -59.94
C VAL P 157 2.95 -6.23 -58.65
N CYS P 158 3.99 -7.04 -58.78
CA CYS P 158 4.80 -7.43 -57.63
C CYS P 158 6.18 -7.83 -58.13
N VAL P 159 7.05 -6.84 -58.30
CA VAL P 159 8.40 -7.08 -58.81
C VAL P 159 9.46 -6.81 -57.76
N GLY P 160 10.42 -7.73 -57.64
CA GLY P 160 11.50 -7.55 -56.70
C GLY P 160 11.42 -8.40 -55.46
N GLU P 161 10.38 -9.23 -55.35
CA GLU P 161 10.24 -10.08 -54.16
C GLU P 161 10.90 -11.44 -54.32
N ASP P 162 10.63 -12.12 -55.43
CA ASP P 162 11.23 -13.43 -55.67
C ASP P 162 12.75 -13.30 -55.86
N ASP P 163 13.49 -14.30 -55.40
CA ASP P 163 14.93 -14.25 -55.54
C ASP P 163 15.39 -14.16 -56.99
N ASN P 164 14.46 -14.24 -57.92
CA ASN P 164 14.81 -14.16 -59.35
C ASN P 164 14.29 -12.91 -60.03
N ASP P 165 13.55 -12.09 -59.28
CA ASP P 165 13.00 -10.85 -59.83
C ASP P 165 14.06 -9.76 -59.73
N PRO P 166 14.05 -8.82 -60.68
CA PRO P 166 15.04 -7.74 -60.64
C PRO P 166 14.62 -6.82 -59.51
N VAL P 167 15.49 -5.90 -59.13
CA VAL P 167 15.18 -4.97 -58.05
C VAL P 167 15.31 -3.53 -58.52
N PHE P 168 14.95 -2.59 -57.65
CA PHE P 168 15.03 -1.16 -57.96
C PHE P 168 15.57 -0.37 -56.79
N GLY P 169 15.84 0.91 -57.03
CA GLY P 169 16.37 1.73 -55.95
C GLY P 169 16.65 3.17 -56.36
N VAL P 170 16.93 4.00 -55.36
CA VAL P 170 17.22 5.41 -55.58
C VAL P 170 18.71 5.62 -55.43
N SER P 171 19.31 6.36 -56.35
CA SER P 171 20.76 6.62 -56.31
C SER P 171 21.13 7.80 -55.44
N ASP P 172 22.42 7.93 -55.14
CA ASP P 172 22.91 9.02 -54.30
C ASP P 172 24.39 9.25 -54.63
N ILE P 173 24.74 10.50 -54.87
CA ILE P 173 26.13 10.85 -55.22
C ILE P 173 27.15 10.12 -54.38
N LEU P 174 28.27 9.76 -55.00
CA LEU P 174 29.32 9.08 -54.27
C LEU P 174 29.96 10.08 -53.31
N VAL P 175 30.49 9.60 -52.21
CA VAL P 175 31.10 10.46 -51.21
C VAL P 175 32.21 11.31 -51.81
N HIS P 176 32.87 10.78 -52.83
CA HIS P 176 33.97 11.49 -53.46
C HIS P 176 33.56 12.88 -53.97
N LEU P 177 32.31 13.01 -54.39
CA LEU P 177 31.84 14.28 -54.90
C LEU P 177 30.65 14.83 -54.11
N ALA P 178 30.37 14.21 -52.97
CA ALA P 178 29.25 14.64 -52.13
C ALA P 178 29.61 15.79 -51.23
N SER P 179 30.80 16.34 -51.42
CA SER P 179 31.29 17.47 -50.63
C SER P 179 30.29 18.63 -50.56
N GLU P 180 29.79 19.05 -51.72
CA GLU P 180 28.84 20.16 -51.78
C GLU P 180 27.52 19.84 -51.09
N GLN P 181 27.27 18.56 -50.84
CA GLN P 181 26.06 18.10 -50.17
C GLN P 181 26.33 17.95 -48.66
N LEU P 182 26.31 19.08 -47.95
CA LEU P 182 26.56 19.09 -46.50
C LEU P 182 25.52 19.92 -45.73
N GLU P 183 24.97 20.95 -46.37
CA GLU P 183 24.00 21.80 -45.70
C GLU P 183 22.78 21.04 -45.18
N LYS P 184 22.44 21.29 -43.93
CA LYS P 184 21.28 20.69 -43.25
C LYS P 184 20.98 19.23 -43.54
N LYS P 185 21.24 18.36 -42.56
CA LYS P 185 20.94 16.94 -42.72
C LYS P 185 19.41 16.87 -42.88
N ALA P 186 18.73 17.88 -42.31
CA ALA P 186 17.29 18.00 -42.36
C ALA P 186 16.78 17.57 -43.71
N SER P 187 17.57 17.85 -44.74
CA SER P 187 17.20 17.47 -46.08
C SER P 187 18.16 17.96 -47.17
N LYS P 188 18.92 17.02 -47.73
CA LYS P 188 19.83 17.30 -48.82
C LYS P 188 19.61 16.16 -49.82
N VAL P 189 18.53 15.42 -49.60
CA VAL P 189 18.09 14.30 -50.43
C VAL P 189 16.57 14.40 -50.27
N ILE P 190 15.87 14.98 -51.24
CA ILE P 190 14.43 15.13 -51.08
C ILE P 190 13.56 15.15 -52.32
N GLU P 191 14.18 15.17 -53.50
CA GLU P 191 13.43 15.21 -54.76
C GLU P 191 12.32 14.17 -54.86
N GLY P 192 11.70 14.10 -56.03
CA GLY P 192 10.64 13.13 -56.25
C GLY P 192 10.73 12.60 -57.66
N GLU P 193 11.94 12.60 -58.18
CA GLU P 193 12.17 12.18 -59.54
C GLU P 193 13.42 11.31 -59.51
N ASP P 194 13.37 10.31 -58.64
CA ASP P 194 14.45 9.37 -58.43
C ASP P 194 14.05 7.98 -58.85
N LEU P 195 14.94 7.02 -58.70
CA LEU P 195 14.61 5.63 -59.05
C LEU P 195 14.56 5.24 -60.52
N ASN P 196 15.69 4.77 -61.04
CA ASN P 196 15.76 4.36 -62.45
C ASN P 196 15.38 2.91 -62.61
N ILE P 197 14.54 2.65 -63.60
CA ILE P 197 14.07 1.29 -63.84
C ILE P 197 14.74 0.57 -65.00
N LEU P 198 15.63 1.26 -65.72
CA LEU P 198 16.30 0.59 -66.81
C LEU P 198 17.38 1.40 -67.48
N ILE P 199 18.50 0.74 -67.73
CA ILE P 199 19.62 1.37 -68.37
C ILE P 199 19.64 0.87 -69.80
N GLY P 200 20.69 1.28 -70.53
CA GLY P 200 20.87 0.89 -71.92
C GLY P 200 19.69 0.16 -72.53
N SER P 201 19.95 -1.07 -72.97
CA SER P 201 18.92 -1.88 -73.58
C SER P 201 18.03 -0.89 -74.30
N ILE P 202 18.73 -0.10 -75.10
CA ILE P 202 18.11 0.98 -75.89
C ILE P 202 18.10 0.59 -77.38
N PRO P 203 16.91 0.41 -77.97
CA PRO P 203 15.58 0.51 -77.37
C PRO P 203 14.77 -0.67 -77.91
N LEU P 204 13.62 -0.36 -78.49
CA LEU P 204 12.73 -1.38 -79.05
C LEU P 204 12.93 -1.37 -80.55
N LYS P 205 13.44 -2.49 -81.06
CA LYS P 205 13.70 -2.66 -82.49
C LYS P 205 14.56 -1.52 -83.03
N ASP P 206 15.11 -0.72 -82.12
CA ASP P 206 15.96 0.42 -82.47
C ASP P 206 15.36 1.27 -83.58
N GLY P 207 14.05 1.52 -83.47
CA GLY P 207 13.37 2.33 -84.46
C GLY P 207 13.38 3.81 -84.16
N GLU P 208 14.57 4.35 -83.87
CA GLU P 208 14.74 5.76 -83.56
C GLU P 208 13.87 6.23 -82.40
N GLU P 209 13.46 7.50 -82.44
CA GLU P 209 12.63 8.12 -81.42
C GLU P 209 13.45 8.48 -80.18
N LYS P 210 13.91 9.72 -80.12
CA LYS P 210 14.72 10.24 -79.01
C LYS P 210 14.73 9.40 -77.72
N GLN P 211 13.59 9.33 -77.06
CA GLN P 211 13.49 8.57 -75.82
C GLN P 211 13.52 7.07 -76.08
N LYS P 212 14.67 6.57 -76.54
CA LYS P 212 14.76 5.15 -76.83
C LYS P 212 14.71 4.25 -75.60
N VAL P 213 15.55 4.53 -74.60
CA VAL P 213 15.58 3.73 -73.38
C VAL P 213 14.19 3.66 -72.78
N LYS P 214 13.48 4.78 -72.81
CA LYS P 214 12.12 4.82 -72.28
C LYS P 214 11.22 3.93 -73.13
N HIS P 215 11.19 4.23 -74.43
CA HIS P 215 10.36 3.49 -75.37
C HIS P 215 10.53 1.99 -75.15
N ASN P 216 11.77 1.55 -74.98
CA ASN P 216 12.05 0.13 -74.77
C ASN P 216 11.38 -0.43 -73.53
N ILE P 217 11.54 0.24 -72.41
CA ILE P 217 10.93 -0.23 -71.16
C ILE P 217 9.38 -0.28 -71.23
N MET P 218 8.77 0.72 -71.85
CA MET P 218 7.33 0.75 -71.95
C MET P 218 6.91 -0.50 -72.69
N LYS P 219 7.65 -0.84 -73.74
CA LYS P 219 7.37 -2.03 -74.56
C LYS P 219 7.55 -3.27 -73.70
N ILE P 220 8.62 -3.31 -72.91
CA ILE P 220 8.89 -4.43 -72.03
C ILE P 220 7.77 -4.54 -71.03
N LEU P 221 7.35 -3.37 -70.54
CA LEU P 221 6.28 -3.32 -69.57
C LEU P 221 4.96 -3.65 -70.25
N ASN P 222 4.95 -3.58 -71.57
CA ASN P 222 3.75 -3.90 -72.33
C ASN P 222 3.56 -5.39 -72.53
N GLU P 223 4.66 -6.09 -72.79
CA GLU P 223 4.60 -7.54 -72.99
C GLU P 223 3.99 -8.16 -71.74
N LYS P 224 4.55 -7.86 -70.57
CA LYS P 224 3.96 -8.38 -69.34
C LYS P 224 2.79 -7.43 -69.15
N TYR P 225 1.76 -7.86 -68.43
CA TYR P 225 0.60 -6.99 -68.22
C TYR P 225 0.02 -6.65 -69.59
N ASP P 226 -0.37 -5.39 -69.77
CA ASP P 226 -0.93 -4.98 -71.05
C ASP P 226 -1.27 -3.50 -70.97
N ILE P 227 -0.42 -2.76 -70.28
CA ILE P 227 -0.62 -1.34 -70.09
C ILE P 227 0.04 -0.49 -71.17
N SER P 228 -0.22 0.81 -71.09
CA SER P 228 0.36 1.77 -72.02
C SER P 228 1.00 2.83 -71.12
N GLU P 229 1.64 3.83 -71.70
CA GLU P 229 2.24 4.87 -70.85
C GLU P 229 1.15 5.47 -69.99
N GLU P 230 -0.07 5.53 -70.53
CA GLU P 230 -1.22 6.04 -69.77
C GLU P 230 -1.46 4.93 -68.76
N ASP P 231 -2.68 4.78 -68.27
CA ASP P 231 -2.94 3.71 -67.32
C ASP P 231 -2.28 4.00 -65.98
N PHE P 232 -1.05 4.52 -66.04
CA PHE P 232 -0.31 4.86 -64.83
C PHE P 232 -1.19 5.87 -64.12
N VAL P 233 -1.92 6.66 -64.90
CA VAL P 233 -2.81 7.68 -64.35
C VAL P 233 -3.81 7.01 -63.42
N SER P 234 -4.27 5.82 -63.82
CA SER P 234 -5.22 5.06 -63.02
C SER P 234 -4.51 3.84 -62.44
N ALA P 235 -3.30 4.05 -61.94
CA ALA P 235 -2.52 2.96 -61.36
C ALA P 235 -2.33 3.16 -59.85
N GLU P 236 -1.66 2.21 -59.23
CA GLU P 236 -1.42 2.28 -57.80
C GLU P 236 0.04 2.13 -57.38
N LEU P 237 0.70 3.27 -57.42
CA LEU P 237 2.10 3.46 -57.06
C LEU P 237 2.45 2.73 -55.77
N GLU P 238 3.55 1.96 -55.76
CA GLU P 238 3.93 1.26 -54.53
C GLU P 238 5.37 0.77 -54.49
N ILE P 239 6.25 1.57 -53.91
CA ILE P 239 7.65 1.18 -53.82
C ILE P 239 7.98 0.86 -52.38
N VAL P 240 8.49 -0.34 -52.18
CA VAL P 240 8.81 -0.80 -50.84
C VAL P 240 10.12 -1.59 -50.80
N PRO P 241 10.81 -1.59 -49.64
CA PRO P 241 12.07 -2.34 -49.60
C PRO P 241 11.82 -3.82 -49.92
N ALA P 242 12.75 -4.43 -50.64
CA ALA P 242 12.60 -5.84 -51.03
C ALA P 242 13.24 -6.75 -49.99
N GLY P 243 12.78 -7.99 -49.93
CA GLY P 243 13.32 -8.93 -48.97
C GLY P 243 12.30 -9.32 -47.91
N LYS P 244 12.38 -10.57 -47.42
CA LYS P 244 11.49 -11.08 -46.39
C LYS P 244 11.99 -10.57 -45.04
N ALA P 245 11.09 -10.44 -44.06
CA ALA P 245 11.47 -10.01 -42.73
C ALA P 245 12.40 -11.10 -42.22
N ARG P 246 13.28 -10.78 -41.27
CA ARG P 246 14.21 -11.78 -40.78
C ARG P 246 14.35 -11.82 -39.26
N ASP P 247 15.08 -12.80 -38.76
CA ASP P 247 15.31 -12.91 -37.32
C ASP P 247 16.40 -11.88 -37.02
N TYR P 248 16.16 -11.04 -36.03
CA TYR P 248 17.16 -10.04 -35.69
C TYR P 248 17.85 -10.39 -34.39
N GLY P 249 19.18 -10.35 -34.42
CA GLY P 249 19.97 -10.64 -33.22
C GLY P 249 20.56 -12.04 -33.10
N PHE P 250 21.70 -12.13 -32.42
CA PHE P 250 22.37 -13.41 -32.22
C PHE P 250 21.51 -14.41 -31.47
N ASP P 251 20.54 -13.92 -30.71
CA ASP P 251 19.67 -14.80 -29.95
C ASP P 251 18.29 -14.86 -30.57
N ARG P 252 18.16 -14.41 -31.80
CA ARG P 252 16.88 -14.42 -32.52
C ARG P 252 15.73 -13.90 -31.67
N SER P 253 16.01 -12.93 -30.82
CA SER P 253 14.96 -12.39 -29.94
C SER P 253 14.08 -11.31 -30.58
N MET P 254 14.60 -10.71 -31.62
CA MET P 254 13.87 -9.66 -32.29
C MET P 254 13.58 -10.00 -33.75
N VAL P 255 12.81 -9.13 -34.40
CA VAL P 255 12.43 -9.32 -35.80
C VAL P 255 12.63 -8.00 -36.56
N MET P 256 13.36 -8.07 -37.66
CA MET P 256 13.62 -6.92 -38.50
C MET P 256 12.77 -7.04 -39.77
N GLY P 257 12.01 -5.99 -40.09
CA GLY P 257 11.17 -6.02 -41.28
C GLY P 257 10.46 -4.72 -41.57
N TYR P 258 9.96 -4.61 -42.79
CA TYR P 258 9.25 -3.42 -43.23
C TYR P 258 7.79 -3.52 -42.82
N GLY P 259 7.17 -2.37 -42.57
CA GLY P 259 5.77 -2.38 -42.20
C GLY P 259 5.47 -2.61 -40.71
N GLN P 260 6.48 -3.06 -39.97
CA GLN P 260 6.32 -3.30 -38.54
C GLN P 260 5.35 -2.30 -37.91
N ASP P 261 5.44 -1.03 -38.32
CA ASP P 261 4.60 0.02 -37.80
C ASP P 261 3.12 -0.32 -37.87
N ASP P 262 2.59 -0.64 -36.69
CA ASP P 262 1.20 -0.99 -36.47
C ASP P 262 0.75 -2.25 -37.17
N ARG P 263 1.36 -2.57 -38.31
CA ARG P 263 0.98 -3.78 -39.01
C ARG P 263 1.22 -4.97 -38.07
N ILE P 264 2.12 -4.77 -37.11
CA ILE P 264 2.43 -5.81 -36.12
C ILE P 264 1.26 -5.88 -35.14
N CYS P 265 0.68 -4.73 -34.80
CA CYS P 265 -0.45 -4.70 -33.89
C CYS P 265 -1.65 -5.22 -34.62
N ALA P 266 -1.78 -4.81 -35.88
CA ALA P 266 -2.90 -5.23 -36.70
C ALA P 266 -2.92 -6.74 -36.82
N TYR P 267 -1.75 -7.36 -36.69
CA TYR P 267 -1.66 -8.80 -36.79
C TYR P 267 -2.03 -9.49 -35.49
N THR P 268 -1.34 -9.12 -34.42
CA THR P 268 -1.63 -9.71 -33.13
C THR P 268 -3.11 -9.50 -32.81
N SER P 269 -3.63 -8.31 -33.10
CA SER P 269 -5.03 -8.03 -32.85
C SER P 269 -5.87 -8.99 -33.67
N PHE P 270 -5.35 -9.36 -34.84
CA PHE P 270 -6.05 -10.28 -35.73
C PHE P 270 -6.15 -11.66 -35.11
N GLU P 271 -5.00 -12.29 -34.86
CA GLU P 271 -4.98 -13.61 -34.28
C GLU P 271 -5.80 -13.63 -33.01
N ALA P 272 -5.58 -12.65 -32.16
CA ALA P 272 -6.34 -12.61 -30.91
C ALA P 272 -7.82 -12.68 -31.24
N MET P 273 -8.29 -11.77 -32.08
CA MET P 273 -9.70 -11.72 -32.49
C MET P 273 -10.13 -13.00 -33.18
N LEU P 274 -9.24 -13.57 -33.99
CA LEU P 274 -9.54 -14.76 -34.74
C LEU P 274 -9.79 -15.97 -33.86
N GLU P 275 -8.81 -16.32 -33.03
CA GLU P 275 -8.96 -17.49 -32.16
C GLU P 275 -9.76 -17.19 -30.89
N MET P 276 -10.72 -16.28 -31.02
CA MET P 276 -11.57 -15.88 -29.90
C MET P 276 -12.93 -16.56 -30.00
N LYS P 277 -13.11 -17.58 -29.17
CA LYS P 277 -14.36 -18.34 -29.17
C LYS P 277 -15.17 -18.11 -27.88
N ASN P 278 -16.48 -18.31 -27.95
CA ASN P 278 -17.35 -18.11 -26.80
C ASN P 278 -17.29 -16.65 -26.38
N ALA P 279 -18.09 -15.80 -27.03
CA ALA P 279 -18.09 -14.38 -26.72
C ALA P 279 -19.26 -13.98 -25.83
N LYS P 280 -18.96 -13.23 -24.78
CA LYS P 280 -20.00 -12.79 -23.86
C LYS P 280 -20.61 -11.52 -24.45
N LYS P 281 -19.76 -10.56 -24.81
CA LYS P 281 -20.23 -9.32 -25.42
C LYS P 281 -19.62 -9.20 -26.80
N THR P 282 -20.45 -8.93 -27.80
CA THR P 282 -19.99 -8.83 -29.18
C THR P 282 -18.77 -7.93 -29.33
N CYS P 283 -17.70 -8.50 -29.89
CA CYS P 283 -16.45 -7.78 -30.08
C CYS P 283 -16.07 -7.68 -31.56
N ILE P 284 -15.41 -6.58 -31.93
CA ILE P 284 -15.03 -6.34 -33.31
C ILE P 284 -13.64 -5.78 -33.55
N THR P 285 -13.06 -6.19 -34.68
CA THR P 285 -11.73 -5.78 -35.08
C THR P 285 -11.73 -4.86 -36.30
N ILE P 286 -11.11 -3.70 -36.17
CA ILE P 286 -11.07 -2.75 -37.26
C ILE P 286 -9.66 -2.60 -37.78
N LEU P 287 -9.54 -2.49 -39.11
CA LEU P 287 -8.24 -2.33 -39.76
C LEU P 287 -8.38 -1.36 -40.91
N VAL P 288 -7.98 -0.11 -40.69
CA VAL P 288 -8.09 0.92 -41.73
C VAL P 288 -6.73 1.43 -42.17
N ASP P 289 -6.73 2.39 -43.08
CA ASP P 289 -5.47 2.96 -43.55
C ASP P 289 -5.51 4.47 -43.51
N LYS P 290 -4.58 5.08 -44.23
CA LYS P 290 -4.46 6.52 -44.30
C LYS P 290 -4.10 7.15 -42.95
N GLU P 291 -3.80 6.32 -41.96
CA GLU P 291 -3.44 6.84 -40.65
C GLU P 291 -2.16 7.66 -40.73
N GLU P 292 -1.14 7.07 -41.36
CA GLU P 292 0.16 7.74 -41.48
C GLU P 292 0.09 9.03 -42.31
N VAL P 293 -1.03 9.25 -42.96
CA VAL P 293 -1.18 10.43 -43.78
C VAL P 293 -2.19 11.46 -43.19
N GLY P 294 -2.79 11.13 -42.06
CA GLY P 294 -3.74 12.05 -41.46
C GLY P 294 -5.07 11.41 -41.09
N SER P 295 -5.32 10.22 -41.62
CA SER P 295 -6.55 9.47 -41.36
C SER P 295 -7.77 10.14 -41.98
N ILE P 296 -7.58 10.77 -43.15
CA ILE P 296 -8.68 11.43 -43.83
C ILE P 296 -9.77 10.46 -44.21
N GLY P 297 -10.84 11.00 -44.79
CA GLY P 297 -11.98 10.20 -45.19
C GLY P 297 -11.75 9.11 -46.22
N ALA P 298 -12.85 8.50 -46.66
CA ALA P 298 -12.85 7.44 -47.66
C ALA P 298 -12.50 6.07 -47.07
N THR P 299 -11.33 5.98 -46.44
CA THR P 299 -10.89 4.73 -45.85
C THR P 299 -10.13 4.85 -44.51
N GLY P 300 -10.52 5.82 -43.68
CA GLY P 300 -9.87 6.01 -42.39
C GLY P 300 -10.76 6.55 -41.29
N MET P 301 -11.25 7.77 -41.48
CA MET P 301 -12.15 8.44 -40.54
C MET P 301 -13.57 8.31 -41.08
N GLN P 302 -13.68 7.57 -42.19
CA GLN P 302 -14.96 7.32 -42.86
C GLN P 302 -16.05 6.82 -41.94
N SER P 303 -17.24 6.62 -42.51
CA SER P 303 -18.38 6.12 -41.76
C SER P 303 -18.50 4.62 -41.99
N LYS P 304 -17.56 4.08 -42.77
CA LYS P 304 -17.53 2.65 -43.09
C LYS P 304 -17.82 1.80 -41.86
N PHE P 305 -17.36 2.25 -40.71
CA PHE P 305 -17.58 1.54 -39.47
C PHE P 305 -18.95 1.90 -38.90
N PHE P 306 -19.22 3.20 -38.84
CA PHE P 306 -20.48 3.72 -38.34
C PHE P 306 -21.61 3.04 -39.09
N GLU P 307 -21.76 3.38 -40.37
CA GLU P 307 -22.79 2.81 -41.21
C GLU P 307 -22.42 1.39 -41.58
N ASN P 308 -22.25 0.56 -40.57
CA ASN P 308 -21.89 -0.82 -40.79
C ASN P 308 -22.23 -1.59 -39.53
N THR P 309 -21.93 -0.99 -38.39
CA THR P 309 -22.25 -1.60 -37.12
C THR P 309 -23.78 -1.59 -37.15
N VAL P 310 -24.33 -0.61 -37.85
CA VAL P 310 -25.76 -0.49 -37.96
C VAL P 310 -26.24 -1.51 -38.97
N ALA P 311 -25.69 -1.45 -40.18
CA ALA P 311 -26.08 -2.39 -41.23
C ALA P 311 -25.99 -3.80 -40.65
N ASP P 312 -25.23 -3.93 -39.58
CA ASP P 312 -25.03 -5.22 -38.94
C ASP P 312 -26.02 -5.37 -37.78
N ILE P 313 -26.28 -4.27 -37.09
CA ILE P 313 -27.23 -4.25 -35.97
C ILE P 313 -28.63 -4.59 -36.53
N MET P 314 -28.83 -4.30 -37.81
CA MET P 314 -30.10 -4.58 -38.48
C MET P 314 -30.46 -6.06 -38.40
N SER P 315 -29.45 -6.91 -38.55
CA SER P 315 -29.67 -8.35 -38.49
C SER P 315 -29.48 -8.88 -37.07
N ASP P 321 -34.70 -3.57 -33.15
CA ASP P 321 -33.30 -3.70 -33.53
C ASP P 321 -32.97 -2.82 -34.73
N GLU P 322 -33.63 -1.67 -34.82
CA GLU P 322 -33.41 -0.75 -35.93
C GLU P 322 -32.93 0.62 -35.49
N LEU P 323 -33.88 1.49 -35.16
CA LEU P 323 -33.61 2.87 -34.74
C LEU P 323 -32.32 3.14 -33.99
N LYS P 324 -31.74 4.29 -34.30
CA LYS P 324 -30.51 4.78 -33.72
C LYS P 324 -30.10 4.18 -32.39
N LEU P 325 -30.85 4.51 -31.33
CA LEU P 325 -30.55 4.02 -29.98
C LEU P 325 -29.26 4.66 -29.46
N ARG P 326 -28.22 4.75 -30.32
CA ARG P 326 -26.90 5.35 -30.02
C ARG P 326 -26.04 4.57 -29.01
N LYS P 327 -26.59 4.37 -27.81
CA LYS P 327 -25.94 3.66 -26.73
C LYS P 327 -24.99 2.55 -27.19
N ALA P 328 -25.36 1.86 -28.26
CA ALA P 328 -24.54 0.76 -28.78
C ALA P 328 -23.05 1.07 -28.75
N LEU P 329 -22.66 2.19 -29.37
CA LEU P 329 -21.27 2.60 -29.42
C LEU P 329 -20.82 3.25 -28.13
N TYR P 330 -21.65 4.13 -27.58
CA TYR P 330 -21.31 4.83 -26.33
C TYR P 330 -20.88 3.89 -25.21
N ASN P 331 -21.45 2.70 -25.16
CA ASN P 331 -21.11 1.76 -24.09
C ASN P 331 -20.04 0.74 -24.46
N SER P 332 -19.24 1.05 -25.48
CA SER P 332 -18.19 0.11 -25.89
C SER P 332 -16.83 0.45 -25.29
N GLU P 333 -15.92 -0.50 -25.38
CA GLU P 333 -14.56 -0.31 -24.88
C GLU P 333 -13.60 -0.66 -26.02
N MET P 334 -12.71 0.26 -26.37
CA MET P 334 -11.77 0.02 -27.45
C MET P 334 -10.32 -0.01 -27.00
N LEU P 335 -9.48 -0.60 -27.84
CA LEU P 335 -8.06 -0.70 -27.58
C LEU P 335 -7.31 -0.33 -28.86
N SER P 336 -7.51 0.91 -29.30
CA SER P 336 -6.84 1.41 -30.51
C SER P 336 -5.34 1.30 -30.30
N SER P 337 -4.70 0.35 -30.96
CA SER P 337 -3.27 0.16 -30.79
C SER P 337 -2.44 0.66 -31.97
N ASP P 338 -1.18 1.01 -31.68
CA ASP P 338 -0.21 1.49 -32.67
C ASP P 338 1.16 1.47 -32.00
N VAL P 339 2.17 1.08 -32.77
CA VAL P 339 3.53 0.99 -32.26
C VAL P 339 4.01 2.26 -31.59
N SER P 340 4.92 2.11 -30.63
CA SER P 340 5.49 3.23 -29.89
C SER P 340 7.00 3.19 -30.05
N ALA P 341 7.66 4.28 -29.69
CA ALA P 341 9.10 4.34 -29.82
C ALA P 341 9.83 3.72 -28.64
N ALA P 342 10.61 2.68 -28.93
CA ALA P 342 11.35 1.98 -27.88
C ALA P 342 12.63 2.73 -27.58
N PHE P 343 13.04 2.76 -26.32
CA PHE P 343 14.25 3.44 -25.92
C PHE P 343 15.46 2.88 -26.70
N ASP P 344 16.15 3.76 -27.43
CA ASP P 344 17.32 3.32 -28.19
C ASP P 344 18.59 3.74 -27.48
N PRO P 345 19.43 2.77 -27.11
CA PRO P 345 20.68 3.06 -26.41
C PRO P 345 21.65 3.91 -27.21
N ASN P 346 21.32 4.21 -28.46
CA ASN P 346 22.20 5.03 -29.29
C ASN P 346 21.86 6.50 -29.14
N TYR P 347 20.60 6.79 -28.87
CA TYR P 347 20.16 8.18 -28.69
C TYR P 347 19.27 8.23 -27.47
N PRO P 348 19.88 8.32 -26.28
CA PRO P 348 19.16 8.37 -25.02
C PRO P 348 18.61 9.72 -24.59
N ASN P 349 19.34 10.78 -24.92
CA ASN P 349 18.95 12.12 -24.55
C ASN P 349 17.64 12.61 -25.16
N VAL P 350 17.05 11.78 -26.01
CA VAL P 350 15.81 12.17 -26.66
C VAL P 350 14.59 11.70 -25.86
N MET P 351 14.79 10.78 -24.92
CA MET P 351 13.71 10.28 -24.09
C MET P 351 13.95 10.44 -22.60
N GLU P 352 12.88 10.39 -21.82
CA GLU P 352 12.96 10.56 -20.37
C GLU P 352 13.39 9.33 -19.58
N LYS P 353 13.90 8.30 -20.25
CA LYS P 353 14.33 7.09 -19.55
C LYS P 353 13.09 6.49 -18.90
N ARG P 354 12.72 6.98 -17.72
CA ARG P 354 11.51 6.51 -17.05
C ARG P 354 10.39 7.03 -17.93
N ASN P 355 9.24 6.35 -17.92
CA ASN P 355 8.12 6.80 -18.74
C ASN P 355 8.44 6.65 -20.23
N SER P 356 9.24 5.63 -20.55
CA SER P 356 9.60 5.33 -21.92
C SER P 356 9.49 3.83 -22.11
N ALA P 357 9.02 3.40 -23.27
CA ALA P 357 8.87 1.97 -23.52
C ALA P 357 10.21 1.30 -23.79
N TYR P 358 10.39 0.10 -23.25
CA TYR P 358 11.62 -0.64 -23.44
C TYR P 358 11.39 -1.94 -24.18
N LEU P 359 12.36 -2.31 -25.00
CA LEU P 359 12.30 -3.52 -25.79
C LEU P 359 12.18 -4.78 -24.95
N GLY P 360 10.97 -5.35 -24.89
CA GLY P 360 10.79 -6.58 -24.16
C GLY P 360 10.10 -6.47 -22.81
N LYS P 361 9.60 -5.30 -22.44
CA LYS P 361 8.92 -5.19 -21.16
C LYS P 361 7.42 -5.34 -21.28
N GLY P 362 6.96 -6.05 -22.30
CA GLY P 362 5.52 -6.24 -22.46
C GLY P 362 4.81 -5.27 -23.38
N ILE P 363 3.47 -5.28 -23.32
CA ILE P 363 2.66 -4.41 -24.14
C ILE P 363 2.72 -2.98 -23.60
N VAL P 364 2.64 -2.00 -24.50
CA VAL P 364 2.72 -0.60 -24.11
C VAL P 364 1.38 0.09 -23.98
N PHE P 365 1.28 0.97 -22.98
CA PHE P 365 0.05 1.74 -22.75
C PHE P 365 0.38 3.23 -22.75
N ASN P 366 -0.41 4.00 -23.49
CA ASN P 366 -0.21 5.44 -23.56
C ASN P 366 -1.48 6.19 -23.19
N LYS P 367 -1.51 6.75 -21.98
CA LYS P 367 -2.68 7.49 -21.53
C LYS P 367 -2.93 8.63 -22.48
N TYR P 368 -1.86 9.38 -22.79
CA TYR P 368 -1.94 10.51 -23.70
C TYR P 368 -0.78 10.46 -24.66
N THR P 369 -0.92 11.16 -25.79
CA THR P 369 0.11 11.20 -26.81
C THR P 369 -0.13 12.36 -27.76
N GLY P 370 0.35 13.54 -27.38
CA GLY P 370 0.17 14.70 -28.23
C GLY P 370 1.46 15.45 -28.51
N SER P 371 1.39 16.77 -28.42
CA SER P 371 2.53 17.62 -28.67
C SER P 371 2.75 18.61 -27.52
N ARG P 372 2.78 19.88 -27.86
CA ARG P 372 2.99 20.94 -26.90
C ARG P 372 1.87 20.94 -25.84
N GLY P 373 2.00 20.08 -24.84
CA GLY P 373 1.00 20.06 -23.79
C GLY P 373 -0.18 19.15 -24.03
N LYS P 374 0.09 17.92 -24.49
CA LYS P 374 -0.94 16.94 -24.74
C LYS P 374 -1.91 17.39 -25.83
N SER P 375 -1.51 18.40 -26.59
CA SER P 375 -2.35 18.95 -27.65
C SER P 375 -2.72 17.96 -28.76
N GLY P 376 -4.01 17.92 -29.08
CA GLY P 376 -4.54 17.06 -30.12
C GLY P 376 -4.28 15.58 -29.94
N CYS P 377 -5.03 14.96 -29.04
CA CYS P 377 -4.86 13.52 -28.81
C CYS P 377 -5.87 13.05 -27.79
N ASN P 378 -6.11 11.75 -27.76
CA ASN P 378 -7.06 11.17 -26.83
C ASN P 378 -6.41 10.91 -25.46
N ASP P 379 -7.14 11.25 -24.40
CA ASP P 379 -6.65 11.04 -23.05
C ASP P 379 -7.51 10.00 -22.34
N ALA P 380 -6.98 8.80 -22.17
CA ALA P 380 -7.67 7.69 -21.53
C ALA P 380 -8.07 7.97 -20.07
N ASN P 381 -9.27 7.53 -19.70
CA ASN P 381 -9.76 7.72 -18.34
C ASN P 381 -9.14 6.74 -17.35
N PRO P 382 -8.77 7.22 -16.16
CA PRO P 382 -8.16 6.36 -15.14
C PRO P 382 -9.02 5.15 -14.77
N GLU P 383 -10.31 5.38 -14.57
CA GLU P 383 -11.21 4.29 -14.20
C GLU P 383 -11.10 3.17 -15.22
N TYR P 384 -11.00 3.52 -16.50
CA TYR P 384 -10.88 2.52 -17.55
C TYR P 384 -9.49 1.86 -17.49
N ILE P 385 -8.47 2.68 -17.29
CA ILE P 385 -7.10 2.19 -17.20
C ILE P 385 -6.99 1.16 -16.10
N ALA P 386 -7.45 1.55 -14.91
CA ALA P 386 -7.40 0.65 -13.76
C ALA P 386 -7.99 -0.69 -14.15
N GLU P 387 -9.14 -0.68 -14.81
CA GLU P 387 -9.77 -1.93 -15.21
C GLU P 387 -8.81 -2.77 -16.03
N LEU P 388 -8.23 -2.16 -17.06
CA LEU P 388 -7.31 -2.87 -17.91
C LEU P 388 -6.19 -3.47 -17.07
N ARG P 389 -5.77 -2.73 -16.06
CA ARG P 389 -4.70 -3.23 -15.19
C ARG P 389 -5.16 -4.53 -14.59
N ARG P 390 -6.26 -4.46 -13.84
CA ARG P 390 -6.82 -5.62 -13.18
C ARG P 390 -6.88 -6.80 -14.14
N ILE P 391 -7.44 -6.56 -15.33
CA ILE P 391 -7.58 -7.62 -16.34
C ILE P 391 -6.24 -8.20 -16.74
N LEU P 392 -5.33 -7.34 -17.17
CA LEU P 392 -4.00 -7.77 -17.57
C LEU P 392 -3.18 -8.23 -16.38
N SER P 393 -3.86 -8.57 -15.29
CA SER P 393 -3.17 -9.04 -14.10
C SER P 393 -3.62 -10.46 -13.91
N LYS P 394 -4.93 -10.67 -13.99
CA LYS P 394 -5.52 -11.98 -13.84
C LYS P 394 -4.91 -12.89 -14.89
N GLU P 395 -5.17 -12.60 -16.16
CA GLU P 395 -4.62 -13.42 -17.26
C GLU P 395 -3.12 -13.18 -17.41
N SER P 396 -2.53 -12.49 -16.43
CA SER P 396 -1.12 -12.16 -16.42
C SER P 396 -0.82 -11.16 -17.55
N VAL P 397 0.24 -11.41 -18.32
CA VAL P 397 0.62 -10.53 -19.42
C VAL P 397 1.39 -9.33 -18.89
N ASN P 398 2.59 -9.09 -19.45
CA ASN P 398 3.39 -7.95 -19.03
C ASN P 398 3.03 -6.70 -19.81
N TRP P 399 2.95 -5.58 -19.09
CA TRP P 399 2.62 -4.30 -19.70
C TRP P 399 3.49 -3.22 -19.13
N GLN P 400 3.70 -2.16 -19.91
CA GLN P 400 4.50 -1.03 -19.49
C GLN P 400 3.88 0.23 -20.10
N THR P 401 4.03 1.35 -19.39
CA THR P 401 3.48 2.61 -19.86
C THR P 401 4.62 3.47 -20.40
N ALA P 402 4.36 4.16 -21.49
CA ALA P 402 5.36 4.99 -22.12
C ALA P 402 4.82 6.36 -22.56
N GLU P 403 5.76 7.24 -22.92
CA GLU P 403 5.45 8.59 -23.38
C GLU P 403 6.39 8.81 -24.55
N LEU P 404 5.94 9.50 -25.58
CA LEU P 404 6.81 9.70 -26.74
C LEU P 404 7.83 10.83 -26.61
N GLY P 405 9.01 10.52 -26.08
CA GLY P 405 10.04 11.54 -25.95
C GLY P 405 9.81 12.54 -24.83
N LYS P 406 10.90 13.04 -24.28
CA LYS P 406 10.84 14.00 -23.19
C LYS P 406 9.98 15.22 -23.51
N VAL P 407 8.78 15.22 -22.95
CA VAL P 407 7.83 16.31 -23.13
C VAL P 407 7.93 17.00 -24.49
N ASP P 408 8.44 18.23 -24.51
CA ASP P 408 8.55 19.01 -25.73
C ASP P 408 9.54 18.51 -26.79
N GLN P 409 9.51 17.22 -27.10
CA GLN P 409 10.40 16.67 -28.11
C GLN P 409 9.68 16.43 -29.43
N GLY P 410 9.16 15.22 -29.58
CA GLY P 410 8.45 14.87 -30.80
C GLY P 410 6.97 15.09 -30.68
N GLY P 411 6.27 15.01 -31.81
CA GLY P 411 4.83 15.19 -31.82
C GLY P 411 4.10 13.86 -31.90
N GLY P 412 2.82 13.88 -31.57
CA GLY P 412 2.04 12.66 -31.62
C GLY P 412 0.60 12.88 -32.08
N GLY P 413 -0.10 11.78 -32.33
CA GLY P 413 -1.48 11.87 -32.77
C GLY P 413 -1.98 10.52 -33.30
N THR P 414 -2.67 9.78 -32.45
CA THR P 414 -3.20 8.47 -32.83
C THR P 414 -4.66 8.59 -33.23
N ILE P 415 -5.16 7.59 -33.96
CA ILE P 415 -6.54 7.57 -34.40
C ILE P 415 -7.46 7.10 -33.28
N ALA P 416 -6.98 7.20 -32.05
CA ALA P 416 -7.75 6.78 -30.87
C ALA P 416 -8.92 7.71 -30.57
N TYR P 417 -8.72 9.00 -30.74
CA TYR P 417 -9.76 10.00 -30.46
C TYR P 417 -10.87 9.96 -31.49
N ILE P 418 -10.56 9.48 -32.68
CA ILE P 418 -11.54 9.42 -33.75
C ILE P 418 -12.77 8.60 -33.41
N LEU P 419 -12.60 7.52 -32.65
CA LEU P 419 -13.74 6.69 -32.28
C LEU P 419 -14.24 7.04 -30.89
N ALA P 420 -13.38 7.64 -30.08
CA ALA P 420 -13.78 8.04 -28.75
C ALA P 420 -14.84 9.14 -28.88
N GLU P 421 -14.95 9.71 -30.08
CA GLU P 421 -15.90 10.77 -30.34
C GLU P 421 -17.32 10.30 -30.05
N TYR P 422 -17.50 8.98 -29.97
CA TYR P 422 -18.81 8.43 -29.68
C TYR P 422 -19.05 8.36 -28.18
N GLY P 423 -17.97 8.32 -27.41
CA GLY P 423 -18.08 8.26 -25.96
C GLY P 423 -17.44 7.01 -25.39
N MET P 424 -16.85 6.20 -26.29
CA MET P 424 -16.17 4.96 -25.92
C MET P 424 -15.07 5.17 -24.87
N GLN P 425 -14.56 4.06 -24.36
CA GLN P 425 -13.48 4.07 -23.38
C GLN P 425 -12.28 3.57 -24.16
N VAL P 426 -11.51 4.49 -24.70
CA VAL P 426 -10.34 4.13 -25.49
C VAL P 426 -9.03 4.39 -24.75
N ILE P 427 -7.99 3.73 -25.22
CA ILE P 427 -6.66 3.89 -24.66
C ILE P 427 -5.67 3.38 -25.71
N ASP P 428 -4.48 3.97 -25.74
CA ASP P 428 -3.47 3.58 -26.71
C ASP P 428 -2.60 2.41 -26.29
N CYS P 429 -2.55 1.41 -27.16
CA CYS P 429 -1.76 0.21 -26.93
C CYS P 429 -0.80 0.00 -28.08
N GLY P 430 -0.10 -1.12 -28.04
CA GLY P 430 0.83 -1.41 -29.10
C GLY P 430 2.18 -1.89 -28.60
N VAL P 431 2.97 -2.37 -29.55
CA VAL P 431 4.30 -2.88 -29.29
C VAL P 431 5.33 -1.77 -29.39
N ALA P 432 6.49 -1.96 -28.79
CA ALA P 432 7.56 -0.97 -28.84
C ALA P 432 8.50 -1.32 -29.99
N LEU P 433 8.72 -0.37 -30.89
CA LEU P 433 9.64 -0.60 -32.03
C LEU P 433 10.95 0.16 -31.93
N LEU P 434 11.83 -0.18 -32.86
CA LEU P 434 13.13 0.46 -32.96
C LEU P 434 13.17 1.09 -34.35
N ASN P 435 13.66 2.33 -34.43
CA ASN P 435 13.70 3.09 -35.67
C ASN P 435 12.42 2.96 -36.51
N HIS P 437 9.17 4.03 -38.93
CA HIS P 437 9.06 4.60 -40.28
C HIS P 437 10.34 4.44 -41.09
N ALA P 438 11.15 3.46 -40.73
CA ALA P 438 12.38 3.20 -41.46
C ALA P 438 12.06 2.01 -42.34
N PRO P 439 12.82 1.84 -43.43
CA PRO P 439 12.60 0.71 -44.34
C PRO P 439 12.69 -0.61 -43.60
N TRP P 440 13.44 -0.63 -42.51
CA TRP P 440 13.58 -1.83 -41.71
C TRP P 440 13.41 -1.50 -40.25
N GLU P 441 12.33 -2.00 -39.66
CA GLU P 441 12.01 -1.76 -38.26
C GLU P 441 12.30 -3.01 -37.42
N ILE P 442 12.52 -2.83 -36.14
CA ILE P 442 12.81 -3.94 -35.25
C ILE P 442 11.77 -4.10 -34.13
N SER P 443 11.52 -5.35 -33.74
CA SER P 443 10.54 -5.61 -32.67
C SER P 443 10.94 -6.81 -31.82
N SER P 444 10.44 -6.85 -30.59
CA SER P 444 10.77 -7.95 -29.67
C SER P 444 9.71 -9.02 -29.72
N LYS P 445 10.11 -10.23 -30.10
CA LYS P 445 9.16 -11.34 -30.18
C LYS P 445 8.37 -11.46 -28.88
N ALA P 446 9.08 -11.31 -27.74
CA ALA P 446 8.44 -11.38 -26.45
C ALA P 446 7.32 -10.38 -26.41
N ASP P 447 7.59 -9.14 -26.82
CA ASP P 447 6.54 -8.11 -26.81
C ASP P 447 5.40 -8.48 -27.75
N ILE P 448 5.73 -8.92 -28.97
CA ILE P 448 4.72 -9.32 -29.93
C ILE P 448 3.76 -10.27 -29.23
N TYR P 449 4.34 -11.34 -28.69
CA TYR P 449 3.59 -12.36 -27.95
C TYR P 449 2.74 -11.72 -26.85
N GLU P 450 3.42 -11.10 -25.88
CA GLU P 450 2.75 -10.45 -24.76
C GLU P 450 1.54 -9.60 -25.22
N THR P 451 1.76 -8.76 -26.23
CA THR P 451 0.72 -7.91 -26.76
C THR P 451 -0.50 -8.71 -27.15
N LYS P 452 -0.29 -9.75 -27.96
CA LYS P 452 -1.40 -10.59 -28.39
C LYS P 452 -2.17 -11.06 -27.17
N ASN P 453 -1.47 -11.65 -26.21
CA ASN P 453 -2.13 -12.13 -25.00
C ASN P 453 -2.88 -10.98 -24.35
N GLY P 454 -2.29 -9.79 -24.40
CA GLY P 454 -2.95 -8.63 -23.82
C GLY P 454 -4.28 -8.40 -24.51
N TYR P 455 -4.29 -8.52 -25.83
CA TYR P 455 -5.50 -8.33 -26.59
C TYR P 455 -6.48 -9.42 -26.23
N SER P 456 -6.08 -10.67 -26.45
CA SER P 456 -6.96 -11.80 -26.17
C SER P 456 -7.52 -11.70 -24.75
N ALA P 457 -6.72 -11.25 -23.80
CA ALA P 457 -7.16 -11.11 -22.42
C ALA P 457 -8.06 -9.89 -22.28
N PHE P 458 -8.73 -9.54 -23.38
CA PHE P 458 -9.62 -8.39 -23.39
C PHE P 458 -10.94 -8.91 -23.96
N LEU P 459 -11.09 -10.24 -23.98
CA LEU P 459 -12.29 -10.90 -24.48
C LEU P 459 -13.36 -10.86 -23.40
N ASN P 460 -12.90 -11.18 -22.19
CA ASN P 460 -13.69 -11.19 -20.98
C ASN P 460 -12.71 -10.73 -19.90
N ASN P 461 -12.84 -11.30 -18.70
CA ASN P 461 -11.97 -10.94 -17.59
C ASN P 461 -11.58 -12.18 -16.76
N LEU Q 1 35.46 -17.04 -20.64
CA LEU Q 1 35.09 -16.07 -19.57
C LEU Q 1 34.99 -14.67 -20.18
N LEU Q 2 34.87 -13.66 -19.32
CA LEU Q 2 34.77 -12.27 -19.75
C LEU Q 2 36.07 -11.54 -19.44
N LYS Q 3 36.65 -10.90 -20.45
CA LYS Q 3 37.89 -10.19 -20.26
C LYS Q 3 37.87 -9.14 -19.17
N GLU Q 4 39.01 -9.03 -18.49
CA GLU Q 4 39.19 -8.05 -17.43
C GLU Q 4 40.61 -7.50 -17.55
N TYR Q 5 40.73 -6.19 -17.76
CA TYR Q 5 42.04 -5.56 -17.87
C TYR Q 5 42.49 -5.05 -16.49
N LYS Q 6 42.94 -6.00 -15.65
CA LYS Q 6 43.41 -5.70 -14.31
C LYS Q 6 44.55 -4.70 -14.39
N ASN Q 7 44.88 -4.11 -13.24
CA ASN Q 7 45.98 -3.14 -13.16
C ASN Q 7 47.34 -3.81 -13.33
N ALA Q 8 48.37 -3.00 -13.20
CA ALA Q 8 49.72 -3.51 -13.25
C ALA Q 8 50.17 -3.76 -11.81
N TRP Q 9 49.88 -2.82 -10.91
CA TRP Q 9 50.28 -2.98 -9.51
C TRP Q 9 49.50 -4.16 -8.94
N ASP Q 10 49.58 -4.38 -7.63
CA ASP Q 10 48.91 -5.52 -7.00
C ASP Q 10 49.69 -6.75 -7.46
N LYS Q 11 49.45 -7.13 -8.70
CA LYS Q 11 50.14 -8.25 -9.29
C LYS Q 11 51.61 -8.11 -8.99
N TYR Q 12 52.14 -6.89 -9.11
CA TYR Q 12 53.55 -6.64 -8.84
C TYR Q 12 53.90 -7.01 -7.40
N ASP Q 13 53.91 -6.00 -6.54
CA ASP Q 13 54.24 -6.21 -5.14
C ASP Q 13 55.47 -7.11 -5.16
N ASP Q 14 55.31 -8.31 -4.60
CA ASP Q 14 56.39 -9.26 -4.57
C ASP Q 14 57.57 -8.68 -3.78
N LYS Q 15 57.47 -7.39 -3.45
CA LYS Q 15 58.52 -6.68 -2.71
C LYS Q 15 59.75 -6.56 -3.61
N GLN Q 16 59.86 -7.48 -4.55
CA GLN Q 16 60.97 -7.51 -5.49
C GLN Q 16 60.53 -6.71 -6.70
N LEU Q 17 59.61 -7.30 -7.47
CA LEU Q 17 59.07 -6.68 -8.66
C LEU Q 17 59.02 -5.16 -8.51
N LYS Q 18 58.37 -4.69 -7.44
CA LYS Q 18 58.27 -3.24 -7.21
C LYS Q 18 59.65 -2.60 -7.23
N GLU Q 19 60.46 -2.95 -6.24
CA GLU Q 19 61.82 -2.42 -6.13
C GLU Q 19 62.53 -2.54 -7.47
N VAL Q 20 62.27 -3.64 -8.17
CA VAL Q 20 62.92 -3.89 -9.46
C VAL Q 20 62.51 -2.89 -10.53
N PHE Q 21 61.74 -1.88 -10.16
CA PHE Q 21 61.36 -0.88 -11.14
C PHE Q 21 61.01 0.47 -10.53
N ALA Q 22 60.32 0.44 -9.39
CA ALA Q 22 59.94 1.66 -8.70
C ALA Q 22 61.17 2.57 -8.72
N LEU Q 23 62.31 1.94 -8.49
CA LEU Q 23 63.58 2.63 -8.52
C LEU Q 23 64.33 2.02 -9.72
N GLY Q 24 63.84 0.86 -10.15
CA GLY Q 24 64.44 0.19 -11.28
C GLY Q 24 64.54 1.09 -12.50
N ASP Q 25 63.51 1.06 -13.33
CA ASP Q 25 63.51 1.91 -14.50
C ASP Q 25 63.43 3.40 -14.12
N ARG Q 26 62.62 3.72 -13.13
CA ARG Q 26 62.54 5.10 -12.69
C ARG Q 26 63.88 5.40 -12.05
N PHE Q 27 64.84 5.69 -12.89
CA PHE Q 27 66.19 5.97 -12.45
C PHE Q 27 66.90 5.95 -13.78
N LYS Q 28 66.94 4.78 -14.39
CA LYS Q 28 67.56 4.67 -15.69
C LYS Q 28 66.84 5.63 -16.64
N ASN Q 29 65.59 5.31 -16.94
CA ASN Q 29 64.75 6.15 -17.82
C ASN Q 29 64.68 7.51 -17.16
N PHE Q 30 64.14 7.51 -15.95
CA PHE Q 30 64.00 8.73 -15.20
C PHE Q 30 65.18 9.69 -15.43
N ILE Q 31 66.38 9.16 -15.66
CA ILE Q 31 67.56 10.00 -15.86
C ILE Q 31 67.93 10.16 -17.34
N SER Q 32 67.56 9.18 -18.14
CA SER Q 32 67.85 9.22 -19.55
C SER Q 32 67.30 10.51 -20.17
N ASN Q 33 66.00 10.72 -20.05
CA ASN Q 33 65.39 11.90 -20.63
C ASN Q 33 65.68 13.16 -19.83
N CYS Q 34 66.89 13.24 -19.28
CA CYS Q 34 67.29 14.41 -18.51
C CYS Q 34 68.64 14.87 -19.03
N LYS Q 35 69.48 13.90 -19.30
CA LYS Q 35 70.81 14.17 -19.81
C LYS Q 35 70.82 13.97 -21.32
N THR Q 36 69.63 13.87 -21.91
CA THR Q 36 69.48 13.68 -23.34
C THR Q 36 68.09 14.16 -23.75
N GLU Q 37 68.03 15.33 -24.37
CA GLU Q 37 66.74 15.89 -24.77
C GLU Q 37 66.73 16.28 -26.25
N ARG Q 38 67.87 16.15 -26.91
CA ARG Q 38 67.98 16.50 -28.33
C ARG Q 38 68.63 15.37 -29.09
N GLU Q 39 67.83 14.47 -29.67
CA GLU Q 39 68.31 13.32 -30.45
C GLU Q 39 69.79 12.95 -30.31
N CYS Q 40 70.40 13.26 -29.17
CA CYS Q 40 71.79 12.93 -28.92
C CYS Q 40 71.69 11.68 -28.07
N VAL Q 41 70.48 11.13 -28.08
CA VAL Q 41 70.19 9.92 -27.35
C VAL Q 41 71.21 8.93 -27.91
N THR Q 42 71.52 9.10 -29.20
CA THR Q 42 72.50 8.26 -29.88
C THR Q 42 73.80 8.23 -29.06
N GLU Q 43 74.37 9.40 -28.80
CA GLU Q 43 75.60 9.48 -28.05
C GLU Q 43 75.54 8.73 -26.74
N LEU Q 44 74.73 9.22 -25.81
CA LEU Q 44 74.60 8.59 -24.50
C LEU Q 44 74.29 7.09 -24.61
N ILE Q 45 73.46 6.71 -25.58
CA ILE Q 45 73.13 5.31 -25.74
C ILE Q 45 74.29 4.54 -26.36
N LYS Q 46 74.95 5.14 -27.33
CA LYS Q 46 76.07 4.48 -27.97
C LYS Q 46 77.19 4.32 -26.95
N THR Q 47 77.30 5.26 -26.01
CA THR Q 47 78.33 5.16 -24.98
C THR Q 47 77.96 3.92 -24.18
N ALA Q 48 76.68 3.73 -23.91
CA ALA Q 48 76.25 2.53 -23.19
C ALA Q 48 76.43 1.48 -24.27
N GLU Q 49 76.01 0.24 -24.02
CA GLU Q 49 76.21 -0.80 -25.03
C GLU Q 49 77.71 -0.94 -25.26
N LYS Q 50 78.49 -0.40 -24.34
CA LYS Q 50 79.95 -0.48 -24.43
C LYS Q 50 80.28 -1.92 -24.14
N SER Q 51 79.28 -2.65 -23.66
CA SER Q 51 79.41 -4.06 -23.36
C SER Q 51 79.24 -4.84 -24.65
N GLY Q 52 80.09 -4.52 -25.63
CA GLY Q 52 80.03 -5.17 -26.93
C GLY Q 52 79.62 -4.17 -27.98
N TYR Q 53 79.19 -4.64 -29.14
CA TYR Q 53 78.75 -3.75 -30.20
C TYR Q 53 79.88 -2.90 -30.78
N ARG Q 54 79.82 -2.62 -32.08
CA ARG Q 54 80.83 -1.80 -32.71
C ARG Q 54 80.53 -1.56 -34.18
N ASN Q 55 80.74 -2.58 -35.00
CA ASN Q 55 80.52 -2.51 -36.46
C ASN Q 55 81.03 -1.21 -37.02
N ILE Q 56 80.15 -0.24 -37.05
CA ILE Q 56 80.40 1.11 -37.53
C ILE Q 56 81.51 1.16 -38.58
N GLU Q 57 82.76 1.18 -38.13
CA GLU Q 57 83.92 1.23 -39.02
C GLU Q 57 84.65 -0.12 -39.06
N ASP Q 58 84.69 -0.80 -37.92
CA ASP Q 58 85.37 -2.07 -37.79
C ASP Q 58 84.72 -3.22 -38.56
N ILE Q 59 84.75 -3.11 -39.88
CA ILE Q 59 84.19 -4.13 -40.74
C ILE Q 59 85.35 -4.82 -41.45
N LEU Q 60 85.70 -6.01 -40.97
CA LEU Q 60 86.80 -6.83 -41.53
C LEU Q 60 86.37 -8.29 -41.72
N ALA Q 61 85.06 -8.53 -41.64
CA ALA Q 61 84.47 -9.87 -41.78
C ALA Q 61 84.83 -10.71 -40.56
N LYS Q 62 86.13 -10.76 -40.28
CA LYS Q 62 86.66 -11.51 -39.16
C LYS Q 62 87.16 -10.53 -38.09
N GLY Q 63 86.96 -9.24 -38.34
CA GLY Q 63 87.38 -8.22 -37.39
C GLY Q 63 86.75 -8.53 -36.04
N GLU Q 64 85.57 -9.14 -36.10
CA GLU Q 64 84.80 -9.55 -34.92
C GLU Q 64 84.17 -10.90 -35.25
N THR Q 65 84.55 -11.44 -36.41
CA THR Q 65 84.05 -12.72 -36.93
C THR Q 65 82.54 -12.82 -36.78
N LEU Q 66 81.83 -12.09 -37.64
CA LEU Q 66 80.37 -12.06 -37.62
C LEU Q 66 79.75 -13.46 -37.56
N LYS Q 67 79.31 -13.85 -36.37
CA LYS Q 67 78.69 -15.15 -36.17
C LYS Q 67 77.96 -15.19 -34.83
N GLU Q 68 77.54 -16.39 -34.41
CA GLU Q 68 76.83 -16.59 -33.15
C GLU Q 68 77.28 -15.64 -32.04
N GLY Q 69 76.31 -15.15 -31.27
CA GLY Q 69 76.61 -14.27 -30.14
C GLY Q 69 77.23 -12.91 -30.41
N ASP Q 70 77.32 -12.50 -31.67
CA ASP Q 70 77.91 -11.21 -31.98
C ASP Q 70 76.91 -10.08 -31.87
N LYS Q 71 77.39 -8.91 -31.49
CA LYS Q 71 76.56 -7.72 -31.31
C LYS Q 71 77.24 -6.47 -31.87
N VAL Q 72 76.56 -5.79 -32.80
CA VAL Q 72 77.12 -4.57 -33.42
C VAL Q 72 76.10 -3.45 -33.59
N TYR Q 73 76.59 -2.24 -33.77
CA TYR Q 73 75.71 -1.09 -33.96
C TYR Q 73 76.14 -0.29 -35.18
N ALA Q 74 75.21 0.51 -35.70
CA ALA Q 74 75.50 1.33 -36.87
C ALA Q 74 74.99 2.74 -36.62
N ASN Q 75 75.87 3.72 -36.72
CA ASN Q 75 75.47 5.10 -36.50
C ASN Q 75 75.11 5.79 -37.80
N ASN Q 76 73.97 6.49 -37.81
CA ASN Q 76 73.55 7.20 -39.00
C ASN Q 76 73.74 8.70 -38.80
N ARG Q 77 74.90 9.19 -39.21
CA ARG Q 77 75.26 10.60 -39.07
C ARG Q 77 74.87 11.16 -37.71
N GLY Q 78 74.94 10.32 -36.69
CA GLY Q 78 74.63 10.72 -35.32
C GLY Q 78 73.17 10.94 -35.00
N LYS Q 79 72.33 11.02 -36.02
CA LYS Q 79 70.91 11.26 -35.81
C LYS Q 79 70.16 9.94 -35.60
N GLY Q 80 70.72 8.84 -36.06
CA GLY Q 80 70.05 7.55 -35.92
C GLY Q 80 70.95 6.43 -35.43
N LEU Q 81 70.32 5.39 -34.91
CA LEU Q 81 71.04 4.23 -34.38
C LEU Q 81 70.32 2.92 -34.55
N ILE Q 82 71.07 1.90 -34.91
CA ILE Q 82 70.50 0.56 -35.09
C ILE Q 82 71.45 -0.51 -34.53
N MET Q 83 70.91 -1.38 -33.67
CA MET Q 83 71.69 -2.41 -33.01
C MET Q 83 71.30 -3.82 -33.44
N PHE Q 84 72.30 -4.69 -33.56
CA PHE Q 84 72.09 -6.08 -33.96
C PHE Q 84 72.54 -7.04 -32.88
N LEU Q 85 72.09 -8.28 -33.01
CA LEU Q 85 72.45 -9.34 -32.07
C LEU Q 85 72.23 -10.65 -32.79
N ILE Q 86 73.30 -11.21 -33.33
CA ILE Q 86 73.20 -12.46 -34.07
C ILE Q 86 72.77 -13.64 -33.21
N GLY Q 87 71.96 -14.51 -33.79
CA GLY Q 87 71.50 -15.69 -33.08
C GLY Q 87 71.86 -16.99 -33.79
N LYS Q 88 71.48 -18.11 -33.19
CA LYS Q 88 71.77 -19.43 -33.75
C LYS Q 88 71.38 -19.51 -35.22
N GLU Q 89 70.07 -19.50 -35.48
CA GLU Q 89 69.57 -19.58 -36.85
C GLU Q 89 70.21 -18.52 -37.75
N PRO Q 90 70.15 -18.74 -39.07
CA PRO Q 90 70.73 -17.82 -40.05
C PRO Q 90 69.81 -16.61 -40.30
N LEU Q 91 70.41 -15.50 -40.76
CA LEU Q 91 69.63 -14.30 -41.02
C LEU Q 91 68.49 -14.60 -41.96
N TYR Q 92 68.79 -15.34 -43.02
CA TYR Q 92 67.79 -15.71 -44.03
C TYR Q 92 66.48 -16.19 -43.39
N THR Q 93 66.55 -16.65 -42.15
CA THR Q 93 65.37 -17.14 -41.44
C THR Q 93 64.37 -16.01 -41.19
N GLY Q 94 64.82 -14.98 -40.47
CA GLY Q 94 63.97 -13.85 -40.17
C GLY Q 94 64.62 -12.95 -39.12
N PHE Q 95 63.87 -12.00 -38.58
CA PHE Q 95 64.40 -11.10 -37.58
C PHE Q 95 63.39 -10.82 -36.51
N LYS Q 96 63.87 -10.25 -35.41
CA LYS Q 96 63.02 -9.85 -34.30
C LYS Q 96 63.35 -8.38 -34.10
N ILE Q 97 62.62 -7.51 -34.79
CA ILE Q 97 62.89 -6.08 -34.70
C ILE Q 97 62.09 -5.27 -33.67
N LEU Q 98 62.74 -4.29 -33.08
CA LEU Q 98 62.11 -3.38 -32.15
C LEU Q 98 62.39 -1.98 -32.68
N GLY Q 99 61.34 -1.21 -32.99
CA GLY Q 99 61.55 0.13 -33.52
C GLY Q 99 60.97 1.25 -32.70
N ALA Q 100 61.56 2.43 -32.83
CA ALA Q 100 61.11 3.62 -32.10
C ALA Q 100 61.82 4.88 -32.58
N HIS Q 101 61.14 6.03 -32.54
CA HIS Q 101 61.75 7.29 -32.94
C HIS Q 101 62.29 7.99 -31.70
N ILE Q 102 63.46 8.61 -31.82
CA ILE Q 102 64.04 9.28 -30.67
C ILE Q 102 63.83 10.80 -30.68
N ASP Q 103 63.27 11.34 -31.76
CA ASP Q 103 63.02 12.79 -31.87
C ASP Q 103 61.73 13.16 -31.15
N SER Q 104 61.62 14.43 -30.77
CA SER Q 104 60.44 14.93 -30.09
C SER Q 104 60.15 16.38 -30.42
N PRO Q 105 58.88 16.77 -30.43
CA PRO Q 105 58.49 18.15 -30.73
C PRO Q 105 59.20 19.17 -29.86
N ARG Q 106 59.57 20.29 -30.46
CA ARG Q 106 60.29 21.34 -29.77
C ARG Q 106 60.48 22.57 -30.67
N LEU Q 107 61.02 23.63 -30.08
CA LEU Q 107 61.25 24.86 -30.81
C LEU Q 107 62.71 24.84 -31.23
N ASP Q 108 63.07 25.61 -32.25
CA ASP Q 108 64.46 25.65 -32.69
C ASP Q 108 64.80 26.80 -33.62
N LEU Q 109 65.80 27.57 -33.18
CA LEU Q 109 66.31 28.76 -33.86
C LEU Q 109 66.37 28.70 -35.40
N LYS Q 110 66.01 29.79 -36.05
CA LYS Q 110 66.04 29.85 -37.51
C LYS Q 110 67.48 29.94 -38.02
N GLN Q 111 67.64 30.20 -39.32
CA GLN Q 111 68.98 30.32 -39.91
C GLN Q 111 69.64 31.60 -39.44
N ASN Q 112 68.86 32.63 -39.14
CA ASN Q 112 69.37 33.92 -38.66
C ASN Q 112 68.53 34.32 -37.47
N PRO Q 113 68.57 33.53 -36.40
CA PRO Q 113 67.83 33.76 -35.16
C PRO Q 113 68.13 35.03 -34.36
N LEU Q 114 69.39 35.45 -34.33
CA LEU Q 114 69.75 36.62 -33.56
C LEU Q 114 69.35 37.92 -34.19
N TYR Q 115 68.53 38.70 -33.46
CA TYR Q 115 68.06 40.01 -33.92
C TYR Q 115 67.73 40.81 -32.67
N GLU Q 116 67.68 42.13 -32.81
CA GLU Q 116 67.39 43.00 -31.67
C GLU Q 116 66.20 43.91 -31.92
N ASP Q 117 65.16 43.78 -31.10
CA ASP Q 117 63.98 44.62 -31.27
C ASP Q 117 63.66 45.40 -29.98
N THR Q 118 63.69 46.71 -30.07
CA THR Q 118 63.40 47.54 -28.92
C THR Q 118 64.32 47.19 -27.77
N ASP Q 119 65.53 47.73 -27.79
CA ASP Q 119 66.50 47.46 -26.74
C ASP Q 119 66.87 46.00 -26.70
N LEU Q 120 66.24 45.22 -25.82
CA LEU Q 120 66.56 43.80 -25.72
C LEU Q 120 66.69 43.05 -27.06
N ALA Q 121 67.38 41.92 -27.03
CA ALA Q 121 67.58 41.13 -28.23
C ALA Q 121 66.99 39.71 -28.15
N MET Q 122 66.12 39.38 -29.11
CA MET Q 122 65.48 38.07 -29.15
C MET Q 122 66.23 37.08 -30.03
N LEU Q 123 65.55 35.95 -30.28
CA LEU Q 123 66.07 34.85 -31.06
C LEU Q 123 64.93 34.17 -31.83
N GLU Q 124 64.89 34.35 -33.15
CA GLU Q 124 63.85 33.72 -33.98
C GLU Q 124 63.79 32.21 -33.79
N THR Q 125 62.59 31.63 -33.87
CA THR Q 125 62.41 30.19 -33.72
C THR Q 125 61.45 29.68 -34.77
N HIS Q 126 61.17 28.39 -34.71
CA HIS Q 126 60.28 27.79 -35.68
C HIS Q 126 59.96 26.39 -35.17
N TYR Q 127 58.87 26.27 -34.42
CA TYR Q 127 58.51 24.99 -33.83
C TYR Q 127 58.59 23.82 -34.79
N TYR Q 128 58.90 22.65 -34.24
CA TYR Q 128 59.06 21.42 -35.00
C TYR Q 128 58.27 20.28 -34.37
N GLY Q 129 57.63 19.49 -35.22
CA GLY Q 129 56.88 18.35 -34.72
C GLY Q 129 55.40 18.56 -34.52
N GLY Q 130 54.98 19.82 -34.46
CA GLY Q 130 53.57 20.09 -34.26
C GLY Q 130 53.19 20.07 -32.80
N ILE Q 131 53.68 21.05 -32.06
CA ILE Q 131 53.36 21.16 -30.66
C ILE Q 131 51.97 21.77 -30.59
N LYS Q 132 51.49 22.17 -31.77
CA LYS Q 132 50.17 22.80 -31.98
C LYS Q 132 49.69 23.69 -30.84
N LYS Q 133 49.68 23.13 -29.65
CA LYS Q 133 49.30 23.88 -28.48
C LYS Q 133 50.53 24.68 -28.14
N TYR Q 134 50.56 25.93 -28.61
CA TYR Q 134 51.70 26.77 -28.35
C TYR Q 134 51.76 27.26 -26.91
N GLN Q 135 51.22 26.48 -25.98
CA GLN Q 135 51.31 26.86 -24.58
C GLN Q 135 52.70 26.38 -24.11
N TRP Q 136 53.71 26.89 -24.81
CA TRP Q 136 55.12 26.61 -24.58
C TRP Q 136 55.74 27.90 -24.12
N VAL Q 137 54.92 28.87 -23.75
CA VAL Q 137 55.43 30.16 -23.33
C VAL Q 137 56.01 30.17 -21.94
N THR Q 138 55.53 31.09 -21.12
CA THR Q 138 55.96 31.27 -19.76
C THR Q 138 57.00 30.34 -19.12
N LEU Q 139 56.81 29.03 -19.19
CA LEU Q 139 57.77 28.10 -18.57
C LEU Q 139 59.22 28.24 -19.10
N PRO Q 140 60.21 28.00 -18.21
CA PRO Q 140 61.67 28.07 -18.45
C PRO Q 140 62.21 27.11 -19.52
N LEU Q 141 63.03 27.64 -20.42
CA LEU Q 141 63.61 26.86 -21.49
C LEU Q 141 65.15 26.79 -21.44
N ALA Q 142 65.68 25.73 -22.05
CA ALA Q 142 67.13 25.49 -22.12
C ALA Q 142 67.55 25.31 -23.58
N ILE Q 143 68.78 25.68 -23.90
CA ILE Q 143 69.26 25.53 -25.26
C ILE Q 143 70.20 24.37 -25.44
N HIS Q 144 69.97 23.55 -26.46
CA HIS Q 144 70.82 22.40 -26.75
C HIS Q 144 71.24 22.48 -28.19
N GLY Q 145 71.68 21.37 -28.76
CA GLY Q 145 72.11 21.38 -30.15
C GLY Q 145 73.60 21.54 -30.36
N VAL Q 146 73.96 21.91 -31.60
CA VAL Q 146 75.35 22.07 -31.97
C VAL Q 146 75.55 23.12 -33.07
N ILE Q 147 76.71 23.76 -33.07
CA ILE Q 147 77.02 24.77 -34.07
C ILE Q 147 78.26 24.34 -34.83
N VAL Q 148 78.23 24.48 -36.15
CA VAL Q 148 79.39 24.07 -36.97
C VAL Q 148 80.14 25.23 -37.60
N LYS Q 149 81.40 25.37 -37.23
CA LYS Q 149 82.26 26.43 -37.75
C LYS Q 149 82.43 26.21 -39.24
N LYS Q 150 82.84 27.24 -39.96
CA LYS Q 150 83.04 27.12 -41.40
C LYS Q 150 84.11 26.07 -41.68
N ASP Q 151 85.08 25.98 -40.78
CA ASP Q 151 86.19 25.02 -40.90
C ASP Q 151 85.75 23.58 -40.60
N GLY Q 152 84.57 23.44 -40.02
CA GLY Q 152 84.06 22.13 -39.71
C GLY Q 152 84.11 21.73 -38.25
N THR Q 153 84.60 22.62 -37.40
CA THR Q 153 84.68 22.34 -35.97
C THR Q 153 83.28 22.27 -35.36
N ILE Q 154 82.98 21.16 -34.70
CA ILE Q 154 81.67 21.00 -34.09
C ILE Q 154 81.69 21.44 -32.63
N VAL Q 155 80.94 22.49 -32.32
CA VAL Q 155 80.88 22.99 -30.94
C VAL Q 155 79.55 22.56 -30.31
N ASN Q 156 79.60 22.06 -29.08
CA ASN Q 156 78.38 21.62 -28.41
C ASN Q 156 77.81 22.69 -27.51
N VAL Q 157 76.50 22.89 -27.61
CA VAL Q 157 75.83 23.90 -26.79
C VAL Q 157 74.80 23.24 -25.86
N CYS Q 158 74.84 23.62 -24.59
CA CYS Q 158 73.91 23.09 -23.60
C CYS Q 158 73.79 24.10 -22.47
N VAL Q 159 72.88 25.06 -22.64
CA VAL Q 159 72.67 26.12 -21.64
C VAL Q 159 71.30 26.02 -20.99
N GLY Q 160 71.29 26.15 -19.67
CA GLY Q 160 70.03 26.08 -18.95
C GLY Q 160 69.74 24.80 -18.20
N GLU Q 161 70.68 23.85 -18.25
CA GLU Q 161 70.46 22.58 -17.55
C GLU Q 161 71.03 22.59 -16.14
N ASP Q 162 72.26 23.05 -15.98
CA ASP Q 162 72.88 23.10 -14.65
C ASP Q 162 72.16 24.13 -13.80
N ASP Q 163 72.07 23.86 -12.50
CA ASP Q 163 71.39 24.78 -11.59
C ASP Q 163 72.04 26.16 -11.56
N ASN Q 164 73.16 26.32 -12.26
CA ASN Q 164 73.85 27.60 -12.29
C ASN Q 164 73.83 28.27 -13.67
N ASP Q 165 73.25 27.58 -14.64
CA ASP Q 165 73.17 28.14 -15.97
C ASP Q 165 71.94 29.04 -16.07
N PRO Q 166 72.01 30.07 -16.90
CA PRO Q 166 70.86 30.95 -17.04
C PRO Q 166 69.82 30.19 -17.84
N VAL Q 167 68.61 30.71 -17.91
CA VAL Q 167 67.54 30.06 -18.65
C VAL Q 167 66.94 30.99 -19.69
N PHE Q 168 66.01 30.47 -20.48
CA PHE Q 168 65.35 31.27 -21.51
C PHE Q 168 63.86 30.97 -21.57
N GLY Q 169 63.13 31.73 -22.38
CA GLY Q 169 61.70 31.50 -22.48
C GLY Q 169 60.99 32.47 -23.41
N VAL Q 170 59.74 32.15 -23.70
CA VAL Q 170 58.92 32.97 -24.58
C VAL Q 170 57.94 33.77 -23.74
N SER Q 171 57.82 35.07 -24.03
CA SER Q 171 56.93 35.93 -23.26
C SER Q 171 55.48 35.90 -23.76
N ASP Q 172 54.57 36.45 -22.95
CA ASP Q 172 53.17 36.48 -23.31
C ASP Q 172 52.51 37.62 -22.55
N ILE Q 173 51.75 38.45 -23.27
CA ILE Q 173 51.06 39.59 -22.68
C ILE Q 173 50.42 39.29 -21.35
N LEU Q 174 50.49 40.24 -20.43
CA LEU Q 174 49.89 40.06 -19.12
C LEU Q 174 48.37 40.05 -19.30
N VAL Q 175 47.67 39.34 -18.44
CA VAL Q 175 46.23 39.24 -18.52
C VAL Q 175 45.55 40.61 -18.50
N HIS Q 176 46.20 41.56 -17.84
CA HIS Q 176 45.65 42.91 -17.72
C HIS Q 176 45.40 43.55 -19.08
N LEU Q 177 46.21 43.21 -20.07
CA LEU Q 177 46.04 43.77 -21.39
C LEU Q 177 45.81 42.70 -22.46
N ALA Q 178 45.56 41.47 -22.03
CA ALA Q 178 45.34 40.36 -22.96
C ALA Q 178 43.91 40.29 -23.43
N SER Q 179 43.12 41.31 -23.07
CA SER Q 179 41.72 41.37 -23.47
C SER Q 179 41.50 41.17 -24.99
N GLU Q 180 42.23 41.91 -25.80
CA GLU Q 180 42.13 41.81 -27.26
C GLU Q 180 42.53 40.44 -27.78
N GLN Q 181 43.24 39.68 -26.95
CA GLN Q 181 43.68 38.33 -27.33
C GLN Q 181 42.66 37.30 -26.81
N LEU Q 182 41.56 37.14 -27.56
CA LEU Q 182 40.49 36.20 -27.19
C LEU Q 182 40.04 35.33 -28.37
N GLU Q 183 40.15 35.86 -29.59
CA GLU Q 183 39.71 35.12 -30.75
C GLU Q 183 40.43 33.78 -30.93
N LYS Q 184 39.65 32.73 -31.16
CA LYS Q 184 40.13 31.38 -31.38
C LYS Q 184 41.30 30.91 -30.54
N LYS Q 185 41.03 30.01 -29.61
CA LYS Q 185 42.11 29.46 -28.78
C LYS Q 185 43.03 28.73 -29.75
N ALA Q 186 42.42 28.25 -30.84
CA ALA Q 186 43.13 27.53 -31.91
C ALA Q 186 44.50 28.11 -32.12
N SER Q 187 44.60 29.42 -31.96
CA SER Q 187 45.88 30.09 -32.12
C SER Q 187 45.82 31.59 -32.00
N LYS Q 188 46.33 32.10 -30.88
CA LYS Q 188 46.42 33.54 -30.66
C LYS Q 188 47.83 33.78 -30.10
N VAL Q 189 48.65 32.74 -30.24
CA VAL Q 189 50.06 32.73 -29.83
C VAL Q 189 50.65 31.80 -30.87
N ILE Q 190 51.32 32.33 -31.90
CA ILE Q 190 51.85 31.44 -32.94
C ILE Q 190 53.07 31.92 -33.71
N GLU Q 191 53.50 33.16 -33.48
CA GLU Q 191 54.66 33.72 -34.18
C GLU Q 191 55.88 32.80 -34.18
N GLY Q 192 56.97 33.31 -34.73
CA GLY Q 192 58.21 32.55 -34.75
C GLY Q 192 59.39 33.47 -34.50
N GLU Q 193 59.12 34.53 -33.76
CA GLU Q 193 60.11 35.52 -33.49
C GLU Q 193 59.98 35.88 -32.02
N ASP Q 194 60.01 34.85 -31.20
CA ASP Q 194 59.87 34.99 -29.76
C ASP Q 194 61.16 34.60 -29.07
N LEU Q 195 61.16 34.62 -27.73
CA LEU Q 195 62.36 34.21 -26.97
C LEU Q 195 63.55 35.17 -26.94
N ASN Q 196 63.59 36.01 -25.91
CA ASN Q 196 64.68 36.96 -25.76
C ASN Q 196 65.83 36.36 -24.95
N ILE Q 197 67.04 36.55 -25.46
CA ILE Q 197 68.22 36.01 -24.81
C ILE Q 197 69.04 37.00 -24.03
N LEU Q 198 68.65 38.26 -24.05
CA LEU Q 198 69.41 39.23 -23.28
C LEU Q 198 68.82 40.63 -23.26
N ILE Q 199 68.80 41.19 -22.06
CA ILE Q 199 68.29 42.53 -21.87
C ILE Q 199 69.49 43.45 -21.69
N GLY Q 200 69.20 44.72 -21.42
CA GLY Q 200 70.22 45.73 -21.22
C GLY Q 200 71.62 45.28 -21.55
N SER Q 201 72.49 45.28 -20.54
CA SER Q 201 73.88 44.90 -20.70
C SER Q 201 74.23 45.31 -22.13
N ILE Q 202 73.95 46.58 -22.40
CA ILE Q 202 74.15 47.19 -23.69
C ILE Q 202 75.27 48.18 -23.60
N PRO Q 203 76.36 47.96 -24.35
CA PRO Q 203 76.60 46.79 -25.20
C PRO Q 203 78.04 46.29 -24.95
N LEU Q 204 78.80 46.16 -26.03
CA LEU Q 204 80.19 45.74 -25.96
C LEU Q 204 81.06 46.98 -26.05
N LYS Q 205 81.79 47.25 -24.96
CA LYS Q 205 82.67 48.42 -24.86
C LYS Q 205 81.94 49.71 -25.22
N ASP Q 206 80.61 49.61 -25.32
CA ASP Q 206 79.74 50.74 -25.64
C ASP Q 206 80.27 51.54 -26.84
N GLY Q 207 80.72 50.82 -27.86
CA GLY Q 207 81.24 51.47 -29.04
C GLY Q 207 80.19 51.78 -30.09
N GLU Q 208 79.09 52.40 -29.65
CA GLU Q 208 78.01 52.77 -30.55
C GLU Q 208 77.40 51.57 -31.28
N GLU Q 209 76.93 51.82 -32.52
CA GLU Q 209 76.31 50.81 -33.37
C GLU Q 209 74.90 50.46 -32.90
N LYS Q 210 73.91 51.10 -33.50
CA LYS Q 210 72.49 50.91 -33.18
C LYS Q 210 72.15 49.66 -32.37
N GLN Q 211 72.32 48.48 -32.99
CA GLN Q 211 72.01 47.23 -32.31
C GLN Q 211 73.04 46.92 -31.22
N LYS Q 212 73.05 47.72 -30.16
CA LYS Q 212 74.01 47.49 -29.10
C LYS Q 212 73.76 46.22 -28.31
N VAL Q 213 72.54 46.04 -27.81
CA VAL Q 213 72.21 44.86 -27.02
C VAL Q 213 72.57 43.62 -27.80
N LYS Q 214 72.26 43.63 -29.09
CA LYS Q 214 72.58 42.49 -29.93
C LYS Q 214 74.09 42.32 -29.99
N HIS Q 215 74.77 43.37 -30.45
CA HIS Q 215 76.23 43.36 -30.56
C HIS Q 215 76.88 42.77 -29.32
N ASN Q 216 76.41 43.18 -28.15
CA ASN Q 216 76.96 42.67 -26.90
C ASN Q 216 76.81 41.17 -26.75
N ILE Q 217 75.61 40.65 -27.00
CA ILE Q 217 75.38 39.22 -26.85
C ILE Q 217 76.21 38.39 -27.83
N MET Q 218 76.36 38.86 -29.06
CA MET Q 218 77.14 38.14 -30.06
C MET Q 218 78.57 38.02 -29.52
N LYS Q 219 79.06 39.11 -28.92
CA LYS Q 219 80.40 39.15 -28.35
C LYS Q 219 80.48 38.16 -27.19
N ILE Q 220 79.45 38.16 -26.36
CA ILE Q 220 79.40 37.25 -25.22
C ILE Q 220 79.37 35.81 -25.71
N LEU Q 221 78.60 35.60 -26.78
CA LEU Q 221 78.48 34.29 -27.39
C LEU Q 221 79.77 33.97 -28.11
N ASN Q 222 80.58 34.99 -28.38
CA ASN Q 222 81.84 34.78 -29.06
C ASN Q 222 82.93 34.31 -28.09
N GLU Q 223 82.95 34.87 -26.89
CA GLU Q 223 83.93 34.49 -25.90
C GLU Q 223 83.81 32.99 -25.65
N LYS Q 224 82.60 32.53 -25.34
CA LYS Q 224 82.41 31.09 -25.16
C LYS Q 224 82.31 30.62 -26.60
N TYR Q 225 82.62 29.36 -26.87
CA TYR Q 225 82.57 28.86 -28.25
C TYR Q 225 83.56 29.68 -29.08
N ASP Q 226 83.16 30.03 -30.29
CA ASP Q 226 84.02 30.82 -31.14
C ASP Q 226 83.29 31.09 -32.44
N ILE Q 227 81.98 31.32 -32.32
CA ILE Q 227 81.14 31.58 -33.48
C ILE Q 227 81.01 33.05 -33.82
N SER Q 228 80.34 33.30 -34.94
CA SER Q 228 80.09 34.66 -35.39
C SER Q 228 78.57 34.70 -35.62
N GLU Q 229 78.04 35.85 -36.04
CA GLU Q 229 76.61 35.92 -36.28
C GLU Q 229 76.26 34.88 -37.32
N GLU Q 230 77.19 34.63 -38.26
CA GLU Q 230 76.97 33.60 -39.28
C GLU Q 230 77.11 32.32 -38.47
N ASP Q 231 77.49 31.21 -39.09
CA ASP Q 231 77.63 29.97 -38.33
C ASP Q 231 76.26 29.44 -37.91
N PHE Q 232 75.38 30.34 -37.49
CA PHE Q 232 74.04 29.94 -37.08
C PHE Q 232 73.42 29.28 -38.31
N VAL Q 233 73.84 29.75 -39.48
CA VAL Q 233 73.36 29.20 -40.74
C VAL Q 233 73.64 27.72 -40.78
N SER Q 234 74.80 27.34 -40.28
CA SER Q 234 75.21 25.93 -40.21
C SER Q 234 75.19 25.45 -38.78
N ALA Q 235 74.13 25.82 -38.06
CA ALA Q 235 73.98 25.44 -36.66
C ALA Q 235 72.81 24.49 -36.46
N GLU Q 236 72.61 24.06 -35.21
CA GLU Q 236 71.54 23.16 -34.89
C GLU Q 236 70.62 23.60 -33.77
N LEU Q 237 69.66 24.43 -34.16
CA LEU Q 237 68.61 25.00 -33.34
C LEU Q 237 68.02 23.98 -32.37
N GLU Q 238 67.92 24.30 -31.09
CA GLU Q 238 67.35 23.35 -30.14
C GLU Q 238 66.87 23.96 -28.82
N ILE Q 239 65.59 24.29 -28.75
CA ILE Q 239 65.06 24.86 -27.53
C ILE Q 239 64.16 23.84 -26.87
N VAL Q 240 64.43 23.55 -25.60
CA VAL Q 240 63.67 22.56 -24.88
C VAL Q 240 63.45 22.97 -23.42
N PRO Q 241 62.38 22.48 -22.81
CA PRO Q 241 62.16 22.86 -21.42
C PRO Q 241 63.34 22.47 -20.54
N ALA Q 242 63.67 23.32 -19.57
CA ALA Q 242 64.80 23.04 -18.68
C ALA Q 242 64.33 22.30 -17.44
N GLY Q 243 65.24 21.56 -16.81
CA GLY Q 243 64.91 20.81 -15.62
C GLY Q 243 64.97 19.29 -15.85
N LYS Q 244 65.32 18.56 -14.80
CA LYS Q 244 65.41 17.10 -14.88
C LYS Q 244 64.00 16.55 -14.74
N ALA Q 245 63.77 15.35 -15.26
CA ALA Q 245 62.46 14.71 -15.15
C ALA Q 245 62.28 14.45 -13.66
N ARG Q 246 61.04 14.34 -13.19
CA ARG Q 246 60.82 14.13 -11.76
C ARG Q 246 59.80 13.05 -11.43
N ASP Q 247 59.68 12.75 -10.14
CA ASP Q 247 58.70 11.77 -9.69
C ASP Q 247 57.37 12.50 -9.68
N TYR Q 248 56.37 11.93 -10.32
CA TYR Q 248 55.08 12.58 -10.35
C TYR Q 248 54.07 11.88 -9.44
N GLY Q 249 53.41 12.66 -8.58
CA GLY Q 249 52.40 12.10 -7.68
C GLY Q 249 52.84 11.87 -6.26
N PHE Q 250 51.88 11.92 -5.34
CA PHE Q 250 52.17 11.70 -3.92
C PHE Q 250 52.69 10.31 -3.65
N ASP Q 251 52.39 9.38 -4.54
CA ASP Q 251 52.85 8.00 -4.36
C ASP Q 251 53.98 7.66 -5.32
N ARG Q 252 54.60 8.68 -5.90
CA ARG Q 252 55.70 8.49 -6.84
C ARG Q 252 55.44 7.38 -7.86
N SER Q 253 54.19 7.23 -8.27
CA SER Q 253 53.86 6.18 -9.22
C SER Q 253 54.07 6.56 -10.69
N MET Q 254 54.13 7.85 -10.97
CA MET Q 254 54.31 8.30 -12.34
C MET Q 254 55.56 9.12 -12.47
N VAL Q 255 55.89 9.48 -13.71
CA VAL Q 255 57.07 10.27 -14.03
C VAL Q 255 56.74 11.41 -14.97
N MET Q 256 57.14 12.63 -14.59
CA MET Q 256 56.87 13.81 -15.39
C MET Q 256 58.18 14.26 -16.04
N GLY Q 257 58.16 14.43 -17.37
CA GLY Q 257 59.36 14.87 -18.06
C GLY Q 257 59.14 15.17 -19.53
N TYR Q 258 60.12 15.84 -20.12
CA TYR Q 258 60.06 16.19 -21.54
C TYR Q 258 60.58 15.01 -22.38
N GLY Q 259 60.08 14.89 -23.60
CA GLY Q 259 60.53 13.83 -24.47
C GLY Q 259 59.89 12.48 -24.26
N GLN Q 260 59.14 12.33 -23.16
CA GLN Q 260 58.47 11.07 -22.87
C GLN Q 260 57.99 10.40 -24.16
N ASP Q 261 57.46 11.21 -25.09
CA ASP Q 261 56.94 10.69 -26.35
C ASP Q 261 57.93 9.80 -27.07
N ASP Q 262 57.62 8.51 -27.02
CA ASP Q 262 58.37 7.45 -27.64
C ASP Q 262 59.79 7.29 -27.13
N ARG Q 263 60.37 8.37 -26.63
CA ARG Q 263 61.71 8.28 -26.09
C ARG Q 263 61.70 7.29 -24.92
N ILE Q 264 60.51 7.09 -24.36
CA ILE Q 264 60.32 6.17 -23.26
C ILE Q 264 60.30 4.76 -23.82
N CYS Q 265 59.71 4.59 -24.99
CA CYS Q 265 59.68 3.29 -25.63
C CYS Q 265 61.07 2.98 -26.14
N ALA Q 266 61.71 4.00 -26.69
CA ALA Q 266 63.04 3.87 -27.25
C ALA Q 266 64.01 3.40 -26.18
N TYR Q 267 63.70 3.72 -24.93
CA TYR Q 267 64.55 3.34 -23.83
C TYR Q 267 64.29 1.90 -23.39
N THR Q 268 63.04 1.63 -23.04
CA THR Q 268 62.68 0.30 -22.61
C THR Q 268 63.12 -0.69 -23.70
N SER Q 269 62.86 -0.35 -24.96
CA SER Q 269 63.25 -1.22 -26.05
C SER Q 269 64.76 -1.41 -26.02
N PHE Q 270 65.47 -0.39 -25.57
CA PHE Q 270 66.92 -0.45 -25.50
C PHE Q 270 67.37 -1.45 -24.45
N GLU Q 271 67.01 -1.20 -23.19
CA GLU Q 271 67.38 -2.09 -22.12
C GLU Q 271 66.97 -3.49 -22.45
N ALA Q 272 65.75 -3.67 -22.93
CA ALA Q 272 65.30 -5.02 -23.27
C ALA Q 272 66.30 -5.63 -24.25
N MET Q 273 66.55 -4.93 -25.35
CA MET Q 273 67.49 -5.40 -26.36
C MET Q 273 68.91 -5.58 -25.79
N LEU Q 274 69.31 -4.66 -24.92
CA LEU Q 274 70.62 -4.70 -24.33
C LEU Q 274 70.87 -5.93 -23.48
N GLU Q 275 70.05 -6.13 -22.45
CA GLU Q 275 70.23 -7.28 -21.57
C GLU Q 275 69.64 -8.55 -22.14
N MET Q 276 69.67 -8.68 -23.45
CA MET Q 276 69.16 -9.86 -24.15
C MET Q 276 70.31 -10.77 -24.55
N LYS Q 277 70.47 -11.86 -23.81
CA LYS Q 277 71.53 -12.83 -24.07
C LYS Q 277 70.97 -14.15 -24.59
N ASN Q 278 71.79 -14.91 -25.32
CA ASN Q 278 71.37 -16.20 -25.86
C ASN Q 278 70.21 -15.96 -26.83
N ALA Q 279 70.55 -15.62 -28.08
CA ALA Q 279 69.53 -15.36 -29.09
C ALA Q 279 69.31 -16.54 -30.02
N LYS Q 280 68.05 -16.90 -30.23
CA LYS Q 280 67.73 -18.01 -31.11
C LYS Q 280 67.70 -17.47 -32.54
N LYS Q 281 66.95 -16.38 -32.74
CA LYS Q 281 66.86 -15.76 -34.05
C LYS Q 281 67.38 -14.33 -33.92
N THR Q 282 68.29 -13.95 -34.80
CA THR Q 282 68.88 -12.62 -34.77
C THR Q 282 67.85 -11.50 -34.65
N CYS Q 283 67.99 -10.68 -33.62
CA CYS Q 283 67.06 -9.58 -33.36
C CYS Q 283 67.77 -8.25 -33.39
N ILE Q 284 67.04 -7.22 -33.83
CA ILE Q 284 67.61 -5.88 -33.95
C ILE Q 284 66.75 -4.72 -33.48
N THR Q 285 67.41 -3.69 -32.97
CA THR Q 285 66.75 -2.50 -32.46
C THR Q 285 67.03 -1.27 -33.32
N ILE Q 286 65.95 -0.60 -33.75
CA ILE Q 286 66.09 0.59 -34.58
C ILE Q 286 65.62 1.83 -33.84
N LEU Q 287 66.37 2.91 -34.01
CA LEU Q 287 66.05 4.18 -33.37
C LEU Q 287 66.29 5.33 -34.34
N VAL Q 288 65.23 5.80 -34.99
CA VAL Q 288 65.34 6.89 -35.97
C VAL Q 288 64.65 8.16 -35.50
N ASP Q 289 64.69 9.18 -36.34
CA ASP Q 289 64.03 10.43 -35.99
C ASP Q 289 63.14 10.92 -37.13
N LYS Q 290 62.78 12.20 -37.08
CA LYS Q 290 61.93 12.81 -38.08
C LYS Q 290 60.54 12.21 -38.12
N GLU Q 291 60.20 11.37 -37.14
CA GLU Q 291 58.88 10.77 -37.11
C GLU Q 291 57.81 11.82 -36.89
N GLU Q 292 58.03 12.64 -35.87
CA GLU Q 292 57.09 13.70 -35.51
C GLU Q 292 56.92 14.75 -36.61
N VAL Q 293 57.76 14.69 -37.63
CA VAL Q 293 57.67 15.65 -38.72
C VAL Q 293 57.24 15.00 -40.03
N GLY Q 294 57.02 13.69 -40.02
CA GLY Q 294 56.58 13.01 -41.24
C GLY Q 294 57.36 11.76 -41.58
N SER Q 295 58.53 11.62 -40.96
CA SER Q 295 59.41 10.47 -41.19
C SER Q 295 60.05 10.49 -42.58
N ILE Q 296 60.33 11.68 -43.09
CA ILE Q 296 60.94 11.84 -44.40
C ILE Q 296 62.30 11.16 -44.46
N GLY Q 297 62.90 11.20 -45.65
CA GLY Q 297 64.19 10.57 -45.87
C GLY Q 297 65.36 11.09 -45.06
N ALA Q 298 66.56 10.60 -45.41
CA ALA Q 298 67.80 10.99 -44.75
C ALA Q 298 68.03 10.26 -43.43
N THR Q 299 67.09 10.39 -42.50
CA THR Q 299 67.21 9.73 -41.21
C THR Q 299 65.90 9.18 -40.60
N GLY Q 300 65.01 8.68 -41.45
CA GLY Q 300 63.74 8.14 -40.97
C GLY Q 300 63.17 7.01 -41.82
N MET Q 301 62.83 7.32 -43.07
CA MET Q 301 62.28 6.34 -44.01
C MET Q 301 63.43 5.93 -44.93
N GLN Q 302 64.62 6.44 -44.61
CA GLN Q 302 65.83 6.15 -45.37
C GLN Q 302 66.08 4.66 -45.58
N SER Q 303 67.15 4.35 -46.30
CA SER Q 303 67.53 2.97 -46.57
C SER Q 303 68.60 2.57 -45.58
N LYS Q 304 68.95 3.49 -44.69
CA LYS Q 304 69.97 3.24 -43.66
C LYS Q 304 69.81 1.86 -43.05
N PHE Q 305 68.56 1.42 -42.93
CA PHE Q 305 68.27 0.11 -42.36
C PHE Q 305 68.39 -0.96 -43.44
N PHE Q 306 67.76 -0.67 -44.58
CA PHE Q 306 67.78 -1.57 -45.71
C PHE Q 306 69.22 -1.89 -46.05
N GLU Q 307 69.92 -0.90 -46.59
CA GLU Q 307 71.31 -1.04 -46.96
C GLU Q 307 72.17 -1.05 -45.72
N ASN Q 308 71.90 -2.01 -44.85
CA ASN Q 308 72.66 -2.14 -43.62
C ASN Q 308 72.46 -3.54 -43.10
N THR Q 309 71.22 -4.01 -43.18
CA THR Q 309 70.94 -5.37 -42.77
C THR Q 309 71.72 -6.20 -43.77
N VAL Q 310 71.87 -5.65 -44.97
CA VAL Q 310 72.62 -6.32 -46.02
C VAL Q 310 74.10 -6.18 -45.73
N ALA Q 311 74.57 -4.95 -45.60
CA ALA Q 311 75.98 -4.72 -45.31
C ALA Q 311 76.37 -5.58 -44.13
N ASP Q 312 75.38 -6.01 -43.37
CA ASP Q 312 75.61 -6.85 -42.20
C ASP Q 312 75.45 -8.32 -42.56
N ILE Q 313 74.51 -8.60 -43.46
CA ILE Q 313 74.24 -9.95 -43.94
C ILE Q 313 75.50 -10.43 -44.70
N MET Q 314 76.27 -9.48 -45.21
CA MET Q 314 77.49 -9.79 -45.94
C MET Q 314 78.47 -10.56 -45.08
N SER Q 315 78.57 -10.19 -43.80
CA SER Q 315 79.48 -10.86 -42.87
C SER Q 315 78.77 -12.00 -42.14
N ASP Q 321 75.79 -16.01 -48.95
CA ASP Q 321 75.40 -14.99 -47.99
C ASP Q 321 75.51 -13.59 -48.59
N GLU Q 322 75.22 -13.49 -49.88
CA GLU Q 322 75.30 -12.21 -50.58
C GLU Q 322 73.98 -11.77 -51.21
N LEU Q 323 73.75 -12.26 -52.44
CA LEU Q 323 72.56 -11.93 -53.22
C LEU Q 323 71.26 -11.68 -52.45
N LYS Q 324 70.50 -10.72 -52.98
CA LYS Q 324 69.23 -10.29 -52.44
C LYS Q 324 68.50 -11.28 -51.53
N LEU Q 325 68.02 -12.38 -52.11
CA LEU Q 325 67.28 -13.39 -51.36
C LEU Q 325 65.93 -12.84 -50.88
N ARG Q 326 65.92 -11.59 -50.41
CA ARG Q 326 64.71 -10.86 -49.93
C ARG Q 326 64.08 -11.41 -48.65
N LYS Q 327 63.70 -12.69 -48.69
CA LYS Q 327 63.08 -13.39 -47.57
C LYS Q 327 63.53 -12.91 -46.20
N ALA Q 328 64.81 -12.55 -46.09
CA ALA Q 328 65.38 -12.09 -44.81
C ALA Q 328 64.42 -11.17 -44.06
N LEU Q 329 63.98 -10.09 -44.71
CA LEU Q 329 63.08 -9.12 -44.10
C LEU Q 329 61.64 -9.61 -44.07
N TYR Q 330 61.18 -10.18 -45.18
CA TYR Q 330 59.82 -10.68 -45.31
C TYR Q 330 59.41 -11.64 -44.18
N ASN Q 331 60.36 -12.40 -43.65
CA ASN Q 331 60.04 -13.34 -42.59
C ASN Q 331 60.33 -12.82 -41.20
N SER Q 332 60.41 -11.51 -41.05
CA SER Q 332 60.69 -10.94 -39.72
C SER Q 332 59.43 -10.49 -38.99
N GLU Q 333 59.57 -10.24 -37.70
CA GLU Q 333 58.47 -9.81 -36.86
C GLU Q 333 58.93 -8.55 -36.15
N MET Q 334 58.16 -7.47 -36.28
CA MET Q 334 58.54 -6.21 -35.63
C MET Q 334 57.54 -5.76 -34.60
N LEU Q 335 57.98 -4.85 -33.75
CA LEU Q 335 57.16 -4.31 -32.70
C LEU Q 335 57.38 -2.80 -32.67
N SER Q 336 57.03 -2.14 -33.77
CA SER Q 336 57.20 -0.68 -33.88
C SER Q 336 56.37 -0.04 -32.77
N SER Q 337 57.04 0.48 -31.75
CA SER Q 337 56.31 1.08 -30.65
C SER Q 337 56.36 2.60 -30.63
N ASP Q 338 55.34 3.20 -30.02
CA ASP Q 338 55.21 4.65 -29.87
C ASP Q 338 54.11 4.90 -28.85
N VAL Q 339 54.30 5.92 -28.01
CA VAL Q 339 53.34 6.28 -26.96
C VAL Q 339 51.94 6.51 -27.49
N SER Q 340 50.96 6.20 -26.65
CA SER Q 340 49.55 6.37 -27.00
C SER Q 340 48.92 7.34 -26.00
N ALA Q 341 47.73 7.81 -26.30
CA ALA Q 341 47.05 8.74 -25.41
C ALA Q 341 46.30 8.01 -24.30
N ALA Q 342 46.67 8.28 -23.05
CA ALA Q 342 46.03 7.66 -21.90
C ALA Q 342 44.76 8.43 -21.55
N PHE Q 343 43.74 7.72 -21.09
CA PHE Q 343 42.47 8.35 -20.74
C PHE Q 343 42.68 9.41 -19.67
N ASP Q 344 42.31 10.65 -19.97
CA ASP Q 344 42.46 11.74 -19.00
C ASP Q 344 41.10 12.03 -18.37
N PRO Q 345 41.00 11.92 -17.04
CA PRO Q 345 39.76 12.19 -16.32
C PRO Q 345 39.29 13.64 -16.42
N ASN Q 346 40.10 14.50 -17.05
CA ASN Q 346 39.71 15.90 -17.21
C ASN Q 346 38.94 16.12 -18.50
N TYR Q 347 39.22 15.30 -19.51
CA TYR Q 347 38.53 15.41 -20.78
C TYR Q 347 38.15 14.02 -21.24
N PRO Q 348 37.05 13.50 -20.73
CA PRO Q 348 36.55 12.16 -21.05
C PRO Q 348 35.79 12.01 -22.35
N ASN Q 349 35.03 13.03 -22.71
CA ASN Q 349 34.20 12.99 -23.92
C ASN Q 349 34.99 12.89 -25.21
N VAL Q 350 36.30 12.91 -25.11
CA VAL Q 350 37.12 12.85 -26.30
C VAL Q 350 37.50 11.40 -26.65
N MET Q 351 37.33 10.49 -25.69
CA MET Q 351 37.64 9.08 -25.92
C MET Q 351 36.46 8.16 -25.67
N GLU Q 352 36.52 6.96 -26.22
CA GLU Q 352 35.44 5.98 -26.10
C GLU Q 352 35.40 5.19 -24.78
N LYS Q 353 36.18 5.60 -23.78
CA LYS Q 353 36.21 4.88 -22.51
C LYS Q 353 36.76 3.49 -22.77
N ARG Q 354 35.92 2.58 -23.21
CA ARG Q 354 36.38 1.23 -23.55
C ARG Q 354 37.21 1.45 -24.81
N ASN Q 355 38.17 0.58 -25.08
CA ASN Q 355 38.99 0.75 -26.27
C ASN Q 355 39.90 1.98 -26.16
N SER Q 356 40.29 2.31 -24.93
CA SER Q 356 41.17 3.44 -24.68
C SER Q 356 42.19 2.99 -23.66
N ALA Q 357 43.44 3.44 -23.82
CA ALA Q 357 44.49 3.03 -22.89
C ALA Q 357 44.37 3.75 -21.56
N TYR Q 358 44.62 3.02 -20.48
CA TYR Q 358 44.54 3.59 -19.16
C TYR Q 358 45.89 3.56 -18.43
N LEU Q 359 46.13 4.60 -17.65
CA LEU Q 359 47.38 4.74 -16.92
C LEU Q 359 47.64 3.60 -15.94
N GLY Q 360 48.50 2.67 -16.33
CA GLY Q 360 48.83 1.57 -15.43
C GLY Q 360 48.27 0.21 -15.77
N LYS Q 361 47.59 0.08 -16.91
CA LYS Q 361 47.07 -1.23 -17.24
C LYS Q 361 47.98 -2.04 -18.15
N GLY Q 362 49.29 -1.77 -18.09
CA GLY Q 362 50.22 -2.51 -18.91
C GLY Q 362 50.60 -1.87 -20.23
N ILE Q 363 51.25 -2.67 -21.08
CA ILE Q 363 51.69 -2.19 -22.39
C ILE Q 363 50.49 -2.07 -23.33
N VAL Q 364 50.55 -1.09 -24.23
CA VAL Q 364 49.45 -0.84 -25.16
C VAL Q 364 49.64 -1.43 -26.55
N PHE Q 365 48.55 -1.95 -27.11
CA PHE Q 365 48.55 -2.54 -28.44
C PHE Q 365 47.54 -1.84 -29.31
N ASN Q 366 47.96 -1.47 -30.52
CA ASN Q 366 47.08 -0.78 -31.46
C ASN Q 366 47.05 -1.52 -32.79
N LYS Q 367 45.96 -2.24 -33.03
CA LYS Q 367 45.83 -2.96 -34.29
C LYS Q 367 45.90 -1.98 -35.45
N TYR Q 368 45.14 -0.90 -35.34
CA TYR Q 368 45.11 0.13 -36.36
C TYR Q 368 45.18 1.49 -35.69
N THR Q 369 45.57 2.50 -36.46
CA THR Q 369 45.68 3.86 -35.96
C THR Q 369 45.73 4.85 -37.10
N GLY Q 370 44.57 5.26 -37.60
CA GLY Q 370 44.54 6.19 -38.70
C GLY Q 370 43.65 7.38 -38.45
N SER Q 371 42.85 7.74 -39.46
CA SER Q 371 41.95 8.88 -39.37
C SER Q 371 40.55 8.48 -39.79
N ARG Q 372 40.01 9.20 -40.76
CA ARG Q 372 38.68 8.95 -41.27
C ARG Q 372 38.55 7.55 -41.84
N GLY Q 373 38.34 6.56 -40.98
CA GLY Q 373 38.19 5.20 -41.46
C GLY Q 373 39.48 4.41 -41.61
N LYS Q 374 40.33 4.47 -40.59
CA LYS Q 374 41.58 3.74 -40.58
C LYS Q 374 42.51 4.18 -41.71
N SER Q 375 42.22 5.33 -42.29
CA SER Q 375 43.01 5.85 -43.41
C SER Q 375 44.47 6.12 -43.08
N GLY Q 376 45.34 5.64 -43.97
CA GLY Q 376 46.78 5.84 -43.83
C GLY Q 376 47.40 5.31 -42.55
N CYS Q 377 47.56 4.00 -42.44
CA CYS Q 377 48.14 3.41 -41.24
C CYS Q 377 48.25 1.92 -41.42
N ASN Q 378 49.12 1.30 -40.62
CA ASN Q 378 49.31 -0.14 -40.68
C ASN Q 378 48.27 -0.89 -39.86
N ASP Q 379 47.76 -1.99 -40.42
CA ASP Q 379 46.76 -2.79 -39.75
C ASP Q 379 47.31 -4.19 -39.45
N ALA Q 380 47.64 -4.43 -38.18
CA ALA Q 380 48.21 -5.69 -37.73
C ALA Q 380 47.31 -6.90 -38.01
N ASN Q 381 47.94 -8.00 -38.42
CA ASN Q 381 47.20 -9.24 -38.70
C ASN Q 381 46.82 -9.97 -37.41
N PRO Q 382 45.58 -10.50 -37.34
CA PRO Q 382 45.12 -11.22 -36.15
C PRO Q 382 46.01 -12.40 -35.78
N GLU Q 383 46.39 -13.19 -36.77
CA GLU Q 383 47.23 -14.35 -36.50
C GLU Q 383 48.48 -13.93 -35.75
N TYR Q 384 49.06 -12.80 -36.13
CA TYR Q 384 50.26 -12.30 -35.47
C TYR Q 384 49.90 -11.80 -34.06
N ILE Q 385 48.78 -11.10 -33.96
CA ILE Q 385 48.33 -10.55 -32.68
C ILE Q 385 48.13 -11.68 -31.69
N ALA Q 386 47.39 -12.72 -32.12
CA ALA Q 386 47.14 -13.86 -31.25
C ALA Q 386 48.46 -14.38 -30.70
N GLU Q 387 49.47 -14.51 -31.56
CA GLU Q 387 50.76 -14.99 -31.11
C GLU Q 387 51.31 -14.14 -29.98
N LEU Q 388 51.33 -12.83 -30.19
CA LEU Q 388 51.83 -11.91 -29.16
C LEU Q 388 51.08 -12.12 -27.89
N ARG Q 389 49.77 -12.39 -28.01
CA ARG Q 389 48.95 -12.62 -26.82
C ARG Q 389 49.55 -13.80 -26.07
N ARG Q 390 49.56 -14.94 -26.73
CA ARG Q 390 50.10 -16.16 -26.16
C ARG Q 390 51.43 -15.88 -25.47
N ILE Q 391 52.34 -15.24 -26.19
CA ILE Q 391 53.66 -14.92 -25.63
C ILE Q 391 53.57 -14.07 -24.36
N LEU Q 392 52.88 -12.94 -24.45
CA LEU Q 392 52.75 -12.05 -23.33
C LEU Q 392 51.85 -12.64 -22.29
N SER Q 393 51.67 -13.96 -22.35
CA SER Q 393 50.83 -14.64 -21.36
C SER Q 393 51.76 -15.52 -20.58
N LYS Q 394 52.56 -16.29 -21.31
CA LYS Q 394 53.52 -17.17 -20.71
C LYS Q 394 54.42 -16.35 -19.77
N GLU Q 395 55.21 -15.45 -20.35
CA GLU Q 395 56.10 -14.61 -19.55
C GLU Q 395 55.29 -13.58 -18.76
N SER Q 396 53.97 -13.75 -18.75
CA SER Q 396 53.07 -12.85 -18.06
C SER Q 396 53.09 -11.49 -18.75
N VAL Q 397 53.18 -10.41 -17.99
CA VAL Q 397 53.20 -9.05 -18.54
C VAL Q 397 51.78 -8.58 -18.84
N ASN Q 398 51.41 -7.42 -18.31
CA ASN Q 398 50.07 -6.88 -18.54
C ASN Q 398 50.03 -6.05 -19.82
N TRP Q 399 48.96 -6.24 -20.59
CA TRP Q 399 48.79 -5.52 -21.82
C TRP Q 399 47.35 -5.09 -21.96
N GLN Q 400 47.14 -4.03 -22.74
CA GLN Q 400 45.80 -3.49 -23.00
C GLN Q 400 45.77 -2.94 -24.40
N THR Q 401 44.61 -3.00 -25.03
CA THR Q 401 44.46 -2.49 -26.38
C THR Q 401 43.73 -1.14 -26.34
N ALA Q 402 44.18 -0.22 -27.19
CA ALA Q 402 43.60 1.10 -27.24
C ALA Q 402 43.37 1.60 -28.68
N GLU Q 403 42.63 2.70 -28.77
CA GLU Q 403 42.28 3.34 -30.03
C GLU Q 403 42.45 4.83 -29.73
N LEU Q 404 42.94 5.61 -30.70
CA LEU Q 404 43.13 7.03 -30.43
C LEU Q 404 41.90 7.90 -30.57
N GLY Q 405 41.13 8.03 -29.49
CA GLY Q 405 39.93 8.86 -29.54
C GLY Q 405 38.75 8.26 -30.28
N LYS Q 406 37.55 8.63 -29.83
CA LYS Q 406 36.32 8.11 -30.43
C LYS Q 406 36.26 8.31 -31.93
N VAL Q 407 36.49 7.22 -32.65
CA VAL Q 407 36.46 7.22 -34.11
C VAL Q 407 36.89 8.53 -34.75
N ASP Q 408 35.94 9.26 -35.33
CA ASP Q 408 36.25 10.51 -36.00
C ASP Q 408 36.72 11.69 -35.14
N GLN Q 409 37.67 11.44 -34.25
CA GLN Q 409 38.18 12.51 -33.41
C GLN Q 409 39.53 13.02 -33.90
N GLY Q 410 40.60 12.41 -33.37
CA GLY Q 410 41.94 12.82 -33.76
C GLY Q 410 42.48 11.98 -34.89
N GLY Q 411 43.60 12.41 -35.44
CA GLY Q 411 44.23 11.68 -36.53
C GLY Q 411 45.41 10.87 -36.04
N GLY Q 412 45.85 9.91 -36.86
CA GLY Q 412 46.97 9.08 -36.47
C GLY Q 412 47.85 8.69 -37.64
N GLY Q 413 49.01 8.09 -37.33
CA GLY Q 413 49.94 7.68 -38.36
C GLY Q 413 51.30 7.34 -37.78
N THR Q 414 51.53 6.04 -37.57
CA THR Q 414 52.79 5.58 -37.01
C THR Q 414 53.72 5.09 -38.11
N ILE Q 415 55.01 5.02 -37.80
CA ILE Q 415 56.01 4.57 -38.78
C ILE Q 415 56.01 3.05 -38.89
N ALA Q 416 54.92 2.43 -38.45
CA ALA Q 416 54.79 0.98 -38.47
C ALA Q 416 54.64 0.42 -39.88
N TYR Q 417 53.90 1.13 -40.73
CA TYR Q 417 53.68 0.68 -42.10
C TYR Q 417 54.94 0.82 -42.97
N ILE Q 418 55.83 1.71 -42.57
CA ILE Q 418 57.02 1.95 -43.34
C ILE Q 418 57.90 0.71 -43.49
N LEU Q 419 57.95 -0.14 -42.47
CA LEU Q 419 58.76 -1.35 -42.56
C LEU Q 419 57.93 -2.54 -42.96
N ALA Q 420 56.63 -2.46 -42.73
CA ALA Q 420 55.76 -3.57 -43.09
C ALA Q 420 55.73 -3.66 -44.62
N GLU Q 421 56.23 -2.62 -45.28
CA GLU Q 421 56.27 -2.58 -46.73
C GLU Q 421 57.05 -3.75 -47.27
N TYR Q 422 57.85 -4.37 -46.40
CA TYR Q 422 58.65 -5.52 -46.80
C TYR Q 422 57.84 -6.81 -46.71
N GLY Q 423 56.83 -6.80 -45.86
CA GLY Q 423 56.00 -7.98 -45.67
C GLY Q 423 56.04 -8.49 -44.24
N MET Q 424 56.77 -7.77 -43.38
CA MET Q 424 56.91 -8.10 -41.96
C MET Q 424 55.56 -8.20 -41.26
N GLN Q 425 55.59 -8.69 -40.03
CA GLN Q 425 54.41 -8.80 -39.19
C GLN Q 425 54.60 -7.73 -38.14
N VAL Q 426 54.01 -6.56 -38.39
CA VAL Q 426 54.14 -5.43 -37.47
C VAL Q 426 52.87 -5.17 -36.68
N ILE Q 427 53.04 -4.46 -35.57
CA ILE Q 427 51.94 -4.09 -34.71
C ILE Q 427 52.38 -2.93 -33.85
N ASP Q 428 51.46 -2.04 -33.50
CA ASP Q 428 51.81 -0.87 -32.70
C ASP Q 428 51.79 -1.12 -31.19
N CYS Q 429 52.90 -0.79 -30.56
CA CYS Q 429 53.03 -0.95 -29.11
C CYS Q 429 53.40 0.37 -28.48
N GLY Q 430 53.68 0.34 -27.19
CA GLY Q 430 54.06 1.56 -26.52
C GLY Q 430 53.35 1.75 -25.20
N VAL Q 431 53.83 2.76 -24.47
CA VAL Q 431 53.29 3.12 -23.17
C VAL Q 431 52.21 4.15 -23.34
N ALA Q 432 51.36 4.27 -22.34
CA ALA Q 432 50.29 5.27 -22.38
C ALA Q 432 50.74 6.54 -21.67
N LEU Q 433 50.65 7.68 -22.35
CA LEU Q 433 51.06 8.93 -21.76
C LEU Q 433 49.88 9.88 -21.42
N LEU Q 434 50.22 10.95 -20.72
CA LEU Q 434 49.26 11.98 -20.35
C LEU Q 434 49.79 13.26 -21.00
N ASN Q 435 48.89 14.03 -21.59
CA ASN Q 435 49.23 15.25 -22.31
C ASN Q 435 50.49 15.14 -23.17
N HIS Q 437 53.06 15.51 -26.47
CA HIS Q 437 53.65 16.67 -27.14
C HIS Q 437 53.63 17.93 -26.32
N ALA Q 438 53.54 17.77 -25.00
CA ALA Q 438 53.53 18.91 -24.10
C ALA Q 438 54.94 18.98 -23.56
N PRO Q 439 55.35 20.16 -23.08
CA PRO Q 439 56.70 20.32 -22.55
C PRO Q 439 56.96 19.33 -21.40
N TRP Q 440 55.89 18.95 -20.71
CA TRP Q 440 56.00 18.00 -19.61
C TRP Q 440 54.96 16.93 -19.78
N GLU Q 441 55.41 15.70 -20.04
CA GLU Q 441 54.52 14.55 -20.22
C GLU Q 441 54.56 13.66 -19.00
N ILE Q 442 53.52 12.86 -18.83
CA ILE Q 442 53.44 11.95 -17.66
C ILE Q 442 53.34 10.48 -18.06
N SER Q 443 53.93 9.60 -17.26
CA SER Q 443 53.88 8.17 -17.56
C SER Q 443 53.83 7.35 -16.28
N SER Q 444 53.31 6.13 -16.40
CA SER Q 444 53.20 5.23 -15.24
C SER Q 444 54.39 4.29 -15.15
N LYS Q 445 55.14 4.38 -14.05
CA LYS Q 445 56.30 3.51 -13.88
C LYS Q 445 55.92 2.05 -14.10
N ALA Q 446 54.77 1.66 -13.57
CA ALA Q 446 54.31 0.31 -13.76
C ALA Q 446 54.25 0.00 -15.25
N ASP Q 447 53.66 0.90 -16.03
CA ASP Q 447 53.58 0.67 -17.47
C ASP Q 447 54.99 0.60 -18.07
N ILE Q 448 55.85 1.55 -17.74
CA ILE Q 448 57.20 1.57 -18.27
C ILE Q 448 57.77 0.17 -18.10
N TYR Q 449 57.76 -0.29 -16.85
CA TYR Q 449 58.26 -1.63 -16.48
C TYR Q 449 57.61 -2.71 -17.35
N GLU Q 450 56.29 -2.84 -17.22
CA GLU Q 450 55.55 -3.82 -17.96
C GLU Q 450 55.97 -3.83 -19.43
N THR Q 451 56.01 -2.65 -20.05
CA THR Q 451 56.39 -2.54 -21.46
C THR Q 451 57.70 -3.19 -21.72
N LYS Q 452 58.71 -2.86 -20.92
CA LYS Q 452 60.04 -3.46 -21.11
C LYS Q 452 59.90 -4.99 -21.12
N ASN Q 453 59.29 -5.53 -20.07
CA ASN Q 453 59.11 -6.96 -19.99
C ASN Q 453 58.41 -7.46 -21.23
N GLY Q 454 57.46 -6.68 -21.73
CA GLY Q 454 56.73 -7.07 -22.92
C GLY Q 454 57.71 -7.21 -24.07
N TYR Q 455 58.63 -6.26 -24.18
CA TYR Q 455 59.62 -6.30 -25.23
C TYR Q 455 60.54 -7.50 -25.03
N SER Q 456 61.17 -7.58 -23.86
CA SER Q 456 62.07 -8.67 -23.56
C SER Q 456 61.39 -10.01 -23.80
N ALA Q 457 60.12 -10.12 -23.45
CA ALA Q 457 59.38 -11.36 -23.65
C ALA Q 457 59.04 -11.54 -25.13
N PHE Q 458 59.87 -10.97 -25.99
CA PHE Q 458 59.68 -11.04 -27.44
C PHE Q 458 61.02 -11.53 -28.02
N LEU Q 459 61.87 -12.06 -27.14
CA LEU Q 459 63.18 -12.59 -27.51
C LEU Q 459 63.02 -13.99 -28.09
N ASN Q 460 62.29 -14.81 -27.34
CA ASN Q 460 62.01 -16.18 -27.75
C ASN Q 460 60.55 -16.22 -28.12
N ASN Q 461 60.21 -17.21 -28.92
CA ASN Q 461 58.84 -17.43 -29.39
C ASN Q 461 57.98 -17.96 -28.23
N LEU R 1 41.78 8.17 7.48
CA LEU R 1 40.32 8.32 7.71
C LEU R 1 39.62 9.12 6.61
N LEU R 2 38.59 8.53 6.01
CA LEU R 2 37.83 9.17 4.95
C LEU R 2 36.66 9.95 5.51
N LYS R 3 36.29 11.06 4.86
CA LYS R 3 35.20 11.94 5.31
C LYS R 3 33.85 11.76 4.61
N GLU R 4 32.79 11.64 5.41
CA GLU R 4 31.44 11.52 4.87
C GLU R 4 30.61 12.63 5.54
N TYR R 5 29.58 13.14 4.86
CA TYR R 5 28.79 14.23 5.44
C TYR R 5 27.38 13.90 5.97
N LYS R 6 27.13 12.62 6.23
CA LYS R 6 25.87 12.12 6.77
C LYS R 6 24.65 12.93 6.37
N ASN R 7 23.91 13.41 7.36
CA ASN R 7 22.70 14.21 7.12
C ASN R 7 22.20 14.74 8.46
N ALA R 8 21.10 15.50 8.45
CA ALA R 8 20.61 16.04 9.72
C ALA R 8 19.60 15.14 10.40
N TRP R 9 18.62 14.63 9.65
CA TRP R 9 17.62 13.75 10.23
C TRP R 9 18.33 12.46 10.64
N ASP R 10 17.57 11.46 11.05
CA ASP R 10 18.17 10.18 11.53
C ASP R 10 18.79 10.50 12.87
N LYS R 11 19.91 11.20 12.81
CA LYS R 11 20.61 11.61 14.02
C LYS R 11 19.62 12.27 14.94
N TYR R 12 18.72 13.08 14.38
CA TYR R 12 17.68 13.74 15.19
C TYR R 12 16.81 12.73 15.90
N ASP R 13 15.66 12.44 15.29
CA ASP R 13 14.70 11.50 15.85
C ASP R 13 14.64 11.86 17.33
N ASP R 14 15.07 10.93 18.17
CA ASP R 14 15.06 11.17 19.60
C ASP R 14 13.62 11.43 20.07
N LYS R 15 12.71 11.59 19.11
CA LYS R 15 11.30 11.87 19.40
C LYS R 15 11.20 13.27 19.99
N GLN R 16 12.28 13.70 20.61
CA GLN R 16 12.36 15.01 21.24
C GLN R 16 12.89 15.96 20.20
N LEU R 17 14.18 15.80 19.90
CA LEU R 17 14.86 16.63 18.92
C LEU R 17 13.90 17.04 17.80
N LYS R 18 13.25 16.06 17.16
CA LYS R 18 12.31 16.36 16.08
C LYS R 18 11.27 17.36 16.53
N GLU R 19 10.44 16.93 17.47
CA GLU R 19 9.38 17.80 18.01
C GLU R 19 9.97 19.16 18.37
N VAL R 20 11.18 19.15 18.92
CA VAL R 20 11.84 20.37 19.34
C VAL R 20 12.15 21.31 18.19
N PHE R 21 11.70 20.98 16.99
CA PHE R 21 11.95 21.87 15.88
C PHE R 21 10.95 21.70 14.74
N ALA R 22 10.57 20.45 14.46
CA ALA R 22 9.59 20.17 13.40
C ALA R 22 8.47 21.18 13.57
N LEU R 23 8.13 21.42 14.82
CA LEU R 23 7.11 22.39 15.17
C LEU R 23 7.87 23.47 15.94
N GLY R 24 9.06 23.12 16.41
CA GLY R 24 9.89 24.05 17.14
C GLY R 24 10.10 25.33 16.36
N ASP R 25 11.15 25.38 15.56
CA ASP R 25 11.43 26.57 14.79
C ASP R 25 10.37 26.79 13.72
N ARG R 26 9.94 25.71 13.08
CA ARG R 26 8.89 25.82 12.07
C ARG R 26 7.62 26.20 12.82
N PHE R 27 7.51 27.48 13.16
CA PHE R 27 6.39 27.99 13.90
C PHE R 27 6.92 29.36 14.20
N LYS R 28 7.97 29.41 14.99
CA LYS R 28 8.59 30.70 15.32
C LYS R 28 9.00 31.35 13.99
N ASN R 29 10.02 30.77 13.34
CA ASN R 29 10.50 31.29 12.05
C ASN R 29 9.33 31.24 11.11
N PHE R 30 8.81 30.03 10.93
CA PHE R 30 7.67 29.85 10.06
C PHE R 30 6.69 31.01 10.11
N ILE R 31 6.55 31.65 11.26
CA ILE R 31 5.59 32.76 11.40
C ILE R 31 6.28 34.14 11.29
N SER R 32 7.55 34.19 11.68
CA SER R 32 8.28 35.43 11.62
C SER R 32 8.22 36.05 10.23
N ASN R 33 8.66 35.31 9.22
CA ASN R 33 8.65 35.84 7.87
C ASN R 33 7.26 35.86 7.25
N CYS R 34 6.24 36.13 8.07
CA CYS R 34 4.86 36.20 7.60
C CYS R 34 4.28 37.51 8.09
N LYS R 35 4.60 37.83 9.34
CA LYS R 35 4.10 39.04 9.97
C LYS R 35 5.19 40.11 9.89
N THR R 36 6.22 39.83 9.10
CA THR R 36 7.34 40.76 8.94
C THR R 36 8.01 40.47 7.60
N GLU R 37 7.75 41.31 6.59
CA GLU R 37 8.34 41.10 5.27
C GLU R 37 9.09 42.34 4.76
N ARG R 38 9.05 43.42 5.53
CA ARG R 38 9.70 44.67 5.15
C ARG R 38 10.50 45.19 6.30
N GLU R 39 11.80 44.86 6.35
CA GLU R 39 12.72 45.31 7.40
C GLU R 39 12.10 45.88 8.69
N CYS R 40 10.88 45.48 9.01
CA CYS R 40 10.21 45.96 10.23
C CYS R 40 10.46 44.81 11.20
N VAL R 41 11.37 43.94 10.80
CA VAL R 41 11.76 42.80 11.59
C VAL R 41 12.19 43.44 12.90
N THR R 42 12.74 44.65 12.80
CA THR R 42 13.18 45.38 13.97
C THR R 42 12.06 45.49 14.99
N GLU R 43 10.92 46.03 14.54
CA GLU R 43 9.76 46.18 15.42
C GLU R 43 9.39 44.86 16.11
N LEU R 44 8.89 43.90 15.35
CA LEU R 44 8.49 42.63 15.89
C LEU R 44 9.59 42.01 16.74
N ILE R 45 10.83 42.14 16.32
CA ILE R 45 11.92 41.57 17.11
C ILE R 45 12.19 42.39 18.36
N LYS R 46 12.13 43.71 18.23
CA LYS R 46 12.37 44.58 19.38
C LYS R 46 11.25 44.38 20.40
N THR R 47 10.04 44.07 19.93
CA THR R 47 8.91 43.80 20.82
C THR R 47 9.30 42.56 21.62
N ALA R 48 9.86 41.56 20.92
CA ALA R 48 10.34 40.37 21.62
C ALA R 48 11.57 40.91 22.36
N GLU R 49 12.34 40.04 22.99
CA GLU R 49 13.48 40.53 23.75
C GLU R 49 12.98 41.51 24.83
N LYS R 50 11.67 41.44 25.10
CA LYS R 50 11.05 42.29 26.10
C LYS R 50 11.54 41.72 27.43
N SER R 51 12.14 40.55 27.36
CA SER R 51 12.68 39.88 28.52
C SER R 51 14.06 40.46 28.80
N GLY R 52 14.09 41.78 28.97
CA GLY R 52 15.32 42.50 29.22
C GLY R 52 15.63 43.43 28.06
N TYR R 53 16.87 43.89 27.96
CA TYR R 53 17.26 44.77 26.86
C TYR R 53 16.56 46.13 26.91
N ARG R 54 17.27 47.17 26.50
CA ARG R 54 16.70 48.51 26.48
C ARG R 54 17.67 49.53 25.90
N ASN R 55 18.68 49.90 26.69
CA ASN R 55 19.69 50.87 26.28
C ASN R 55 19.04 52.06 25.59
N ILE R 56 18.95 51.93 24.27
CA ILE R 56 18.36 52.91 23.38
C ILE R 56 18.45 54.36 23.94
N GLU R 57 17.54 54.71 24.84
CA GLU R 57 17.50 56.03 25.44
C GLU R 57 17.94 55.98 26.91
N ASP R 58 17.59 54.90 27.59
CA ASP R 58 17.90 54.70 28.98
C ASP R 58 19.39 54.51 29.27
N ILE R 59 20.15 55.56 29.04
CA ILE R 59 21.58 55.55 29.28
C ILE R 59 21.87 56.47 30.47
N LEU R 60 22.07 55.87 31.64
CA LEU R 60 22.36 56.61 32.89
C LEU R 60 23.55 56.00 33.63
N ALA R 61 24.28 55.12 32.95
CA ALA R 61 25.44 54.42 33.53
C ALA R 61 24.97 53.41 34.56
N LYS R 62 24.17 53.89 35.51
CA LYS R 62 23.61 53.06 36.56
C LYS R 62 22.11 52.90 36.32
N GLY R 63 21.62 53.44 35.21
CA GLY R 63 20.22 53.32 34.88
C GLY R 63 19.84 51.86 34.86
N GLU R 64 20.82 51.02 34.52
CA GLU R 64 20.67 49.57 34.48
C GLU R 64 21.99 48.99 35.00
N THR R 65 22.85 49.87 35.48
CA THR R 65 24.18 49.51 36.01
C THR R 65 24.89 48.52 35.09
N LEU R 66 25.38 49.03 33.96
CA LEU R 66 26.07 48.22 32.96
C LEU R 66 27.15 47.34 33.58
N LYS R 67 26.83 46.06 33.75
CA LYS R 67 27.76 45.10 34.32
C LYS R 67 27.29 43.68 34.04
N GLU R 68 27.91 42.70 34.70
CA GLU R 68 27.58 41.28 34.55
C GLU R 68 26.08 41.03 34.32
N GLY R 69 25.78 40.09 33.42
CA GLY R 69 24.40 39.73 33.14
C GLY R 69 23.46 40.77 32.54
N ASP R 70 24.00 41.90 32.11
CA ASP R 70 23.17 42.94 31.52
C ASP R 70 22.94 42.71 30.03
N LYS R 71 21.76 43.11 29.56
CA LYS R 71 21.38 42.95 28.15
C LYS R 71 20.67 44.20 27.61
N VAL R 72 21.20 44.76 26.52
CA VAL R 72 20.63 45.96 25.92
C VAL R 72 20.59 45.92 24.40
N TYR R 73 19.76 46.79 23.81
CA TYR R 73 19.67 46.84 22.35
C TYR R 73 19.77 48.28 21.88
N ALA R 74 20.09 48.46 20.61
CA ALA R 74 20.23 49.78 20.04
C ALA R 74 19.51 49.82 18.70
N ASN R 75 18.56 50.74 18.57
CA ASN R 75 17.81 50.85 17.33
C ASN R 75 18.44 51.88 16.40
N ASN R 76 18.60 51.52 15.13
CA ASN R 76 19.17 52.44 14.15
C ASN R 76 18.07 52.93 13.21
N ARG R 77 17.46 54.06 13.58
CA ARG R 77 16.38 54.66 12.82
C ARG R 77 15.37 53.63 12.32
N GLY R 78 15.16 52.60 13.14
CA GLY R 78 14.20 51.54 12.82
C GLY R 78 14.59 50.56 11.73
N LYS R 79 15.63 50.89 10.96
CA LYS R 79 16.07 50.03 9.88
C LYS R 79 17.08 49.00 10.36
N GLY R 80 17.74 49.27 11.48
CA GLY R 80 18.73 48.33 11.99
C GLY R 80 18.62 48.04 13.47
N LEU R 81 19.20 46.92 13.89
CA LEU R 81 19.15 46.50 15.29
C LEU R 81 20.38 45.75 15.74
N ILE R 82 20.84 46.05 16.94
CA ILE R 82 22.02 45.38 17.50
C ILE R 82 21.79 45.10 18.98
N MET R 83 22.00 43.85 19.38
CA MET R 83 21.80 43.43 20.78
C MET R 83 23.10 43.04 21.49
N PHE R 84 23.17 43.37 22.77
CA PHE R 84 24.35 43.06 23.59
C PHE R 84 23.99 42.14 24.76
N LEU R 85 25.02 41.54 25.34
CA LEU R 85 24.85 40.66 26.48
C LEU R 85 26.19 40.61 27.20
N ILE R 86 26.34 41.40 28.24
CA ILE R 86 27.59 41.45 28.97
C ILE R 86 27.92 40.13 29.66
N GLY R 87 29.21 39.83 29.68
CA GLY R 87 29.65 38.60 30.32
C GLY R 87 30.69 38.87 31.42
N LYS R 88 31.15 37.81 32.06
CA LYS R 88 32.14 37.91 33.13
C LYS R 88 33.33 38.76 32.73
N GLU R 89 34.12 38.25 31.79
CA GLU R 89 35.30 38.96 31.33
C GLU R 89 34.95 40.36 30.86
N PRO R 90 35.96 41.25 30.80
CA PRO R 90 35.78 42.64 30.37
C PRO R 90 35.69 42.76 28.85
N LEU R 91 35.04 43.82 28.37
CA LEU R 91 34.89 44.03 26.93
C LEU R 91 36.25 44.01 26.25
N TYR R 92 37.22 44.69 26.86
CA TYR R 92 38.56 44.78 26.31
C TYR R 92 39.07 43.40 25.87
N THR R 93 38.51 42.33 26.46
CA THR R 93 38.92 40.97 26.10
C THR R 93 38.61 40.65 24.65
N GLY R 94 37.33 40.72 24.30
CA GLY R 94 36.89 40.45 22.95
C GLY R 94 35.38 40.34 22.87
N PHE R 95 34.86 39.84 21.76
CA PHE R 95 33.42 39.71 21.61
C PHE R 95 33.07 38.44 20.88
N LYS R 96 31.78 38.11 20.91
CA LYS R 96 31.26 36.94 20.22
C LYS R 96 30.11 37.50 19.41
N ILE R 97 30.40 37.95 18.20
CA ILE R 97 29.38 38.55 17.35
C ILE R 97 28.67 37.60 16.38
N LEU R 98 27.39 37.89 16.16
CA LEU R 98 26.58 37.15 15.20
C LEU R 98 25.97 38.20 14.30
N GLY R 99 26.24 38.12 13.00
CA GLY R 99 25.70 39.12 12.09
C GLY R 99 24.80 38.59 10.98
N ALA R 100 23.92 39.44 10.48
CA ALA R 100 22.99 39.07 9.43
C ALA R 100 22.20 40.27 8.92
N HIS R 101 21.86 40.27 7.64
CA HIS R 101 21.09 41.37 7.08
C HIS R 101 19.61 41.00 7.09
N ILE R 102 18.76 41.98 7.39
CA ILE R 102 17.32 41.69 7.44
C ILE R 102 16.56 42.12 6.19
N ASP R 103 17.23 42.81 5.27
CA ASP R 103 16.57 43.26 4.05
C ASP R 103 16.51 42.14 3.03
N SER R 104 15.62 42.27 2.07
CA SER R 104 15.47 41.27 1.01
C SER R 104 14.96 41.89 -0.28
N PRO R 105 15.38 41.34 -1.42
CA PRO R 105 14.96 41.84 -2.74
C PRO R 105 13.45 41.94 -2.87
N ARG R 106 12.99 43.00 -3.54
CA ARG R 106 11.58 43.25 -3.73
C ARG R 106 11.34 44.46 -4.64
N LEU R 107 10.09 44.70 -4.98
CA LEU R 107 9.74 45.84 -5.82
C LEU R 107 9.31 46.97 -4.86
N ASP R 108 9.34 48.21 -5.33
CA ASP R 108 8.91 49.30 -4.48
C ASP R 108 8.67 50.62 -5.22
N LEU R 109 7.44 51.10 -5.11
CA LEU R 109 6.94 52.34 -5.73
C LEU R 109 7.95 53.49 -5.84
N LYS R 110 7.92 54.17 -6.98
CA LYS R 110 8.81 55.30 -7.19
C LYS R 110 8.37 56.53 -6.35
N GLN R 111 8.96 57.69 -6.64
CA GLN R 111 8.62 58.91 -5.94
C GLN R 111 7.22 59.40 -6.34
N ASN R 112 6.83 59.09 -7.58
CA ASN R 112 5.53 59.48 -8.11
C ASN R 112 4.94 58.27 -8.81
N PRO R 113 4.68 57.20 -8.04
CA PRO R 113 4.12 55.93 -8.52
C PRO R 113 2.73 55.96 -9.13
N LEU R 114 1.83 56.78 -8.58
CA LEU R 114 0.46 56.83 -9.08
C LEU R 114 0.29 57.56 -10.41
N TYR R 115 -0.19 56.83 -11.41
CA TYR R 115 -0.43 57.39 -12.73
C TYR R 115 -1.54 56.56 -13.38
N GLU R 116 -2.20 57.11 -14.38
CA GLU R 116 -3.30 56.41 -15.05
C GLU R 116 -3.07 56.28 -16.54
N ASP R 117 -3.01 55.04 -17.03
CA ASP R 117 -2.80 54.80 -18.45
C ASP R 117 -3.90 53.95 -19.04
N THR R 118 -4.63 54.51 -20.00
CA THR R 118 -5.73 53.79 -20.66
C THR R 118 -6.71 53.30 -19.62
N ASP R 119 -7.62 54.18 -19.21
CA ASP R 119 -8.61 53.82 -18.22
C ASP R 119 -7.96 53.48 -16.89
N LEU R 120 -7.76 52.20 -16.61
CA LEU R 120 -7.16 51.79 -15.35
C LEU R 120 -5.94 52.58 -14.92
N ALA R 121 -5.64 52.54 -13.62
CA ALA R 121 -4.49 53.27 -13.07
C ALA R 121 -3.44 52.36 -12.44
N MET R 122 -2.20 52.49 -12.92
CA MET R 122 -1.09 51.70 -12.40
C MET R 122 -0.33 52.40 -11.29
N LEU R 123 0.82 51.80 -10.95
CA LEU R 123 1.71 52.28 -9.91
C LEU R 123 3.17 51.97 -10.29
N GLU R 124 3.95 53.00 -10.62
CA GLU R 124 5.34 52.83 -10.99
C GLU R 124 6.11 52.12 -9.88
N THR R 125 7.10 51.31 -10.27
CA THR R 125 7.94 50.60 -9.30
C THR R 125 9.39 50.69 -9.71
N HIS R 126 10.24 50.01 -8.97
CA HIS R 126 11.66 50.02 -9.28
C HIS R 126 12.30 48.97 -8.40
N TYR R 127 12.44 47.75 -8.93
CA TYR R 127 12.97 46.65 -8.14
C TYR R 127 14.23 47.00 -7.36
N TYR R 128 14.37 46.33 -6.23
CA TYR R 128 15.52 46.53 -5.35
C TYR R 128 16.18 45.20 -4.94
N GLY R 129 17.50 45.20 -4.92
CA GLY R 129 18.21 44.00 -4.52
C GLY R 129 18.69 43.11 -5.63
N GLY R 130 18.13 43.31 -6.83
CA GLY R 130 18.54 42.49 -7.95
C GLY R 130 17.81 41.15 -7.97
N ILE R 131 16.53 41.23 -8.27
CA ILE R 131 15.72 40.04 -8.37
C ILE R 131 16.00 39.45 -9.72
N LYS R 132 16.79 40.20 -10.50
CA LYS R 132 17.21 39.87 -11.87
C LYS R 132 16.19 39.06 -12.68
N LYS R 133 15.76 37.94 -12.10
CA LYS R 133 14.76 37.13 -12.74
C LYS R 133 13.46 37.86 -12.45
N TYR R 134 13.00 38.65 -13.41
CA TYR R 134 11.78 39.41 -13.23
C TYR R 134 10.56 38.55 -13.34
N GLN R 135 10.66 37.27 -12.96
CA GLN R 135 9.49 36.39 -13.01
C GLN R 135 8.78 36.62 -11.68
N TRP R 136 8.45 37.91 -11.47
CA TRP R 136 7.75 38.42 -10.29
C TRP R 136 6.39 38.90 -10.76
N VAL R 137 6.00 38.49 -11.96
CA VAL R 137 4.74 38.92 -12.51
C VAL R 137 3.53 38.21 -11.92
N THR R 138 2.73 37.66 -12.80
CA THR R 138 1.53 36.92 -12.44
C THR R 138 1.15 36.70 -10.97
N LEU R 139 2.03 36.12 -10.16
CA LEU R 139 1.68 35.86 -8.75
C LEU R 139 1.23 37.12 -7.96
N PRO R 140 0.31 36.93 -6.99
CA PRO R 140 -0.29 37.93 -6.10
C PRO R 140 0.68 38.70 -5.18
N LEU R 141 0.55 40.03 -5.18
CA LEU R 141 1.40 40.89 -4.37
C LEU R 141 0.66 41.68 -3.28
N ALA R 142 1.41 42.06 -2.25
CA ALA R 142 0.87 42.82 -1.13
C ALA R 142 1.69 44.08 -0.91
N ILE R 143 1.07 45.14 -0.40
CA ILE R 143 1.81 46.39 -0.16
C ILE R 143 2.13 46.60 1.31
N HIS R 144 3.38 46.95 1.58
CA HIS R 144 3.82 47.21 2.94
C HIS R 144 4.49 48.56 2.96
N GLY R 145 5.28 48.83 4.00
CA GLY R 145 5.95 50.11 4.08
C GLY R 145 5.24 51.17 4.93
N VAL R 146 5.66 52.41 4.75
CA VAL R 146 5.12 53.52 5.51
C VAL R 146 5.11 54.84 4.72
N ILE R 147 4.14 55.70 5.01
CA ILE R 147 4.06 57.00 4.34
C ILE R 147 4.18 58.09 5.37
N VAL R 148 4.97 59.11 5.07
CA VAL R 148 5.15 60.21 6.02
C VAL R 148 4.50 61.51 5.57
N LYS R 149 3.56 62.00 6.38
CA LYS R 149 2.86 63.25 6.09
C LYS R 149 3.87 64.39 6.18
N LYS R 150 3.53 65.52 5.57
CA LYS R 150 4.44 66.66 5.60
C LYS R 150 4.70 67.08 7.06
N ASP R 151 3.67 66.93 7.90
CA ASP R 151 3.78 67.29 9.32
C ASP R 151 4.64 66.31 10.10
N GLY R 152 4.94 65.15 9.50
CA GLY R 152 5.75 64.16 10.17
C GLY R 152 5.01 62.94 10.69
N THR R 153 3.70 62.90 10.48
CA THR R 153 2.88 61.78 10.93
C THR R 153 3.22 60.53 10.14
N ILE R 154 3.62 59.48 10.85
CA ILE R 154 3.96 58.22 10.19
C ILE R 154 2.76 57.28 10.08
N VAL R 155 2.33 57.02 8.86
CA VAL R 155 1.18 56.14 8.66
C VAL R 155 1.67 54.79 8.18
N ASN R 156 1.15 53.71 8.75
CA ASN R 156 1.57 52.36 8.37
C ASN R 156 0.66 51.76 7.32
N VAL R 157 1.26 51.16 6.28
CA VAL R 157 0.46 50.54 5.22
C VAL R 157 0.75 49.05 5.15
N CYS R 158 -0.30 48.25 5.06
CA CYS R 158 -0.17 46.80 4.99
C CYS R 158 -1.42 46.23 4.32
N VAL R 159 -1.42 46.22 2.99
CA VAL R 159 -2.58 45.73 2.24
C VAL R 159 -2.24 44.44 1.48
N GLY R 160 -3.16 43.48 1.54
CA GLY R 160 -2.97 42.23 0.84
C GLY R 160 -2.58 41.05 1.71
N GLU R 161 -2.43 41.27 3.01
CA GLU R 161 -2.05 40.18 3.89
C GLU R 161 -3.25 39.42 4.46
N ASP R 162 -4.23 40.15 5.00
CA ASP R 162 -5.43 39.50 5.56
C ASP R 162 -6.23 38.83 4.44
N ASP R 163 -6.87 37.72 4.76
CA ASP R 163 -7.66 37.00 3.78
C ASP R 163 -8.78 37.84 3.20
N ASN R 164 -8.99 39.03 3.75
CA ASN R 164 -10.07 39.90 3.26
C ASN R 164 -9.55 41.16 2.57
N ASP R 165 -8.23 41.34 2.54
CA ASP R 165 -7.66 42.50 1.89
C ASP R 165 -7.50 42.20 0.42
N PRO R 166 -7.59 43.25 -0.41
CA PRO R 166 -7.45 43.04 -1.85
C PRO R 166 -5.95 42.80 -2.11
N VAL R 167 -5.62 42.34 -3.31
CA VAL R 167 -4.24 42.08 -3.64
C VAL R 167 -3.82 42.88 -4.87
N PHE R 168 -2.55 42.76 -5.24
CA PHE R 168 -2.01 43.47 -6.40
C PHE R 168 -1.06 42.57 -7.19
N GLY R 169 -0.64 43.05 -8.36
CA GLY R 169 0.27 42.26 -9.17
C GLY R 169 0.68 42.91 -10.47
N VAL R 170 1.67 42.31 -11.13
CA VAL R 170 2.19 42.82 -12.41
C VAL R 170 1.64 41.93 -13.52
N SER R 171 1.13 42.54 -14.58
CA SER R 171 0.58 41.78 -15.70
C SER R 171 1.65 41.34 -16.70
N ASP R 172 1.28 40.44 -17.61
CA ASP R 172 2.18 39.93 -18.63
C ASP R 172 1.36 39.41 -19.79
N ILE R 173 1.73 39.83 -21.00
CA ILE R 173 1.00 39.42 -22.21
C ILE R 173 0.63 37.95 -22.23
N LEU R 174 -0.54 37.64 -22.74
CA LEU R 174 -0.97 36.25 -22.82
C LEU R 174 -0.09 35.55 -23.86
N VAL R 175 0.11 34.26 -23.67
CA VAL R 175 0.95 33.48 -24.59
C VAL R 175 0.47 33.58 -26.03
N HIS R 176 -0.84 33.78 -26.21
CA HIS R 176 -1.41 33.89 -27.53
C HIS R 176 -0.79 34.99 -28.38
N LEU R 177 -0.36 36.07 -27.72
CA LEU R 177 0.25 37.17 -28.44
C LEU R 177 1.67 37.45 -27.97
N ALA R 178 2.22 36.55 -27.17
CA ALA R 178 3.56 36.73 -26.64
C ALA R 178 4.64 36.28 -27.62
N SER R 179 4.23 35.93 -28.83
CA SER R 179 5.14 35.48 -29.87
C SER R 179 6.34 36.42 -30.07
N GLU R 180 6.06 37.71 -30.23
CA GLU R 180 7.11 38.70 -30.44
C GLU R 180 8.04 38.83 -29.24
N GLN R 181 7.61 38.32 -28.10
CA GLN R 181 8.41 38.36 -26.87
C GLN R 181 9.18 37.04 -26.73
N LEU R 182 10.30 36.94 -27.46
CA LEU R 182 11.15 35.74 -27.43
C LEU R 182 12.64 36.06 -27.27
N GLU R 183 13.06 37.23 -27.76
CA GLU R 183 14.46 37.59 -27.67
C GLU R 183 14.98 37.64 -26.23
N LYS R 184 16.13 37.01 -26.03
CA LYS R 184 16.82 36.96 -24.74
C LYS R 184 15.96 36.80 -23.50
N LYS R 185 16.01 35.63 -22.87
CA LYS R 185 15.26 35.39 -21.64
C LYS R 185 15.87 36.36 -20.64
N ALA R 186 17.14 36.69 -20.86
CA ALA R 186 17.91 37.62 -20.02
C ALA R 186 17.02 38.75 -19.56
N SER R 187 16.10 39.14 -20.43
CA SER R 187 15.19 40.21 -20.08
C SER R 187 14.26 40.65 -21.20
N LYS R 188 12.99 40.27 -21.07
CA LYS R 188 11.97 40.66 -22.04
C LYS R 188 10.77 41.09 -21.18
N VAL R 189 11.06 41.29 -19.90
CA VAL R 189 10.10 41.75 -18.88
C VAL R 189 11.03 42.53 -17.96
N ILE R 190 11.04 43.86 -18.05
CA ILE R 190 11.96 44.61 -17.20
C ILE R 190 11.57 46.03 -16.81
N GLU R 191 10.50 46.56 -17.40
CA GLU R 191 10.06 47.94 -17.13
C GLU R 191 9.98 48.27 -15.67
N GLY R 192 9.50 49.46 -15.38
CA GLY R 192 9.33 49.89 -13.99
C GLY R 192 8.05 50.68 -13.86
N GLU R 193 7.09 50.35 -14.71
CA GLU R 193 5.84 51.05 -14.74
C GLU R 193 4.77 50.01 -14.89
N ASP R 194 4.82 49.05 -13.98
CA ASP R 194 3.88 47.93 -13.95
C ASP R 194 3.01 47.98 -12.69
N LEU R 195 2.14 46.99 -12.53
CA LEU R 195 1.30 46.93 -11.34
C LEU R 195 0.13 47.90 -11.23
N ASN R 196 -1.04 47.45 -11.68
CA ASN R 196 -2.23 48.30 -11.62
C ASN R 196 -2.97 48.12 -10.30
N ILE R 197 -3.36 49.25 -9.71
CA ILE R 197 -4.05 49.21 -8.43
C ILE R 197 -5.54 49.46 -8.49
N LEU R 198 -6.08 49.69 -9.68
CA LEU R 198 -7.51 49.88 -9.77
C LEU R 198 -8.04 50.05 -11.18
N ILE R 199 -9.14 49.35 -11.44
CA ILE R 199 -9.77 49.41 -12.73
C ILE R 199 -11.02 50.25 -12.57
N GLY R 200 -11.80 50.34 -13.65
CA GLY R 200 -13.03 51.11 -13.67
C GLY R 200 -13.25 51.98 -12.46
N SER R 201 -14.34 51.70 -11.74
CA SER R 201 -14.68 52.47 -10.56
C SER R 201 -14.17 53.89 -10.82
N ILE R 202 -14.59 54.38 -11.98
CA ILE R 202 -14.22 55.67 -12.47
C ILE R 202 -15.41 56.62 -12.46
N PRO R 203 -15.37 57.66 -11.62
CA PRO R 203 -14.24 58.04 -10.76
C PRO R 203 -14.83 58.46 -9.41
N LEU R 204 -14.43 59.64 -8.94
CA LEU R 204 -14.92 60.20 -7.69
C LEU R 204 -16.03 61.19 -8.03
N LYS R 205 -17.25 60.89 -7.59
CA LYS R 205 -18.42 61.73 -7.83
C LYS R 205 -18.57 62.05 -9.32
N ASP R 206 -17.78 61.36 -10.13
CA ASP R 206 -17.79 61.53 -11.58
C ASP R 206 -17.74 63.00 -12.00
N GLY R 207 -16.90 63.77 -11.31
CA GLY R 207 -16.77 65.17 -11.59
C GLY R 207 -15.76 65.49 -12.68
N GLU R 208 -15.86 64.77 -13.80
CA GLU R 208 -14.95 64.97 -14.93
C GLU R 208 -13.48 64.76 -14.56
N GLU R 209 -12.60 65.51 -15.24
CA GLU R 209 -11.15 65.46 -15.02
C GLU R 209 -10.54 64.20 -15.65
N LYS R 210 -10.06 64.35 -16.87
CA LYS R 210 -9.43 63.25 -17.64
C LYS R 210 -9.06 61.99 -16.83
N GLN R 211 -8.09 62.15 -15.93
CA GLN R 211 -7.63 61.03 -15.12
C GLN R 211 -8.66 60.66 -14.07
N LYS R 212 -9.80 60.15 -14.50
CA LYS R 212 -10.85 59.78 -13.55
C LYS R 212 -10.49 58.58 -12.65
N VAL R 213 -10.10 57.46 -13.27
CA VAL R 213 -9.76 56.26 -12.54
C VAL R 213 -8.71 56.59 -11.48
N LYS R 214 -7.75 57.42 -11.88
CA LYS R 214 -6.69 57.82 -10.96
C LYS R 214 -7.31 58.64 -9.83
N HIS R 215 -7.96 59.75 -10.21
CA HIS R 215 -8.60 60.64 -9.26
C HIS R 215 -9.38 59.83 -8.21
N ASN R 216 -10.14 58.84 -8.67
CA ASN R 216 -10.92 58.01 -7.77
C ASN R 216 -10.07 57.29 -6.73
N ILE R 217 -9.01 56.63 -7.17
CA ILE R 217 -8.16 55.88 -6.27
C ILE R 217 -7.47 56.77 -5.25
N MET R 218 -7.03 57.94 -5.68
CA MET R 218 -6.36 58.87 -4.78
C MET R 218 -7.34 59.22 -3.66
N LYS R 219 -8.58 59.44 -4.05
CA LYS R 219 -9.64 59.77 -3.07
C LYS R 219 -9.85 58.57 -2.13
N ILE R 220 -9.88 57.36 -2.70
CA ILE R 220 -10.06 56.15 -1.93
C ILE R 220 -8.91 56.00 -0.99
N LEU R 221 -7.73 56.31 -1.49
CA LEU R 221 -6.50 56.22 -0.71
C LEU R 221 -6.48 57.36 0.32
N ASN R 222 -7.32 58.37 0.08
CA ASN R 222 -7.39 59.51 0.98
C ASN R 222 -8.26 59.21 2.19
N GLU R 223 -9.39 58.55 1.97
CA GLU R 223 -10.30 58.19 3.06
C GLU R 223 -9.52 57.40 4.10
N LYS R 224 -8.86 56.32 3.68
CA LYS R 224 -8.03 55.56 4.62
C LYS R 224 -6.78 56.44 4.69
N TYR R 225 -6.03 56.34 5.77
CA TYR R 225 -4.83 57.16 5.92
C TYR R 225 -5.26 58.62 5.84
N ASP R 226 -4.48 59.44 5.14
CA ASP R 226 -4.82 60.85 5.01
C ASP R 226 -3.77 61.51 4.14
N ILE R 227 -3.35 60.78 3.12
CA ILE R 227 -2.32 61.28 2.22
C ILE R 227 -2.89 61.99 1.00
N SER R 228 -1.99 62.55 0.21
CA SER R 228 -2.36 63.25 -1.01
C SER R 228 -1.48 62.61 -2.09
N GLU R 229 -1.61 63.05 -3.34
CA GLU R 229 -0.78 62.46 -4.38
C GLU R 229 0.68 62.67 -4.02
N GLU R 230 0.96 63.79 -3.34
CA GLU R 230 2.33 64.05 -2.88
C GLU R 230 2.49 63.06 -1.74
N ASP R 231 3.34 63.34 -0.77
CA ASP R 231 3.50 62.40 0.34
C ASP R 231 4.22 61.14 -0.14
N PHE R 232 3.85 60.66 -1.32
CA PHE R 232 4.48 59.48 -1.88
C PHE R 232 5.95 59.81 -1.96
N VAL R 233 6.24 61.08 -2.21
CA VAL R 233 7.61 61.55 -2.30
C VAL R 233 8.36 61.20 -1.03
N SER R 234 7.67 61.33 0.11
CA SER R 234 8.26 61.01 1.41
C SER R 234 7.62 59.73 1.96
N ALA R 235 7.42 58.76 1.07
CA ALA R 235 6.82 57.48 1.45
C ALA R 235 7.84 56.34 1.39
N GLU R 236 7.38 55.14 1.74
CA GLU R 236 8.25 53.99 1.74
C GLU R 236 7.72 52.81 0.98
N LEU R 237 7.99 52.87 -0.32
CA LEU R 237 7.65 51.87 -1.33
C LEU R 237 7.91 50.44 -0.83
N GLU R 238 6.95 49.53 -0.97
CA GLU R 238 7.17 48.16 -0.53
C GLU R 238 6.22 47.12 -1.09
N ILE R 239 6.61 46.51 -2.20
CA ILE R 239 5.76 45.49 -2.78
C ILE R 239 6.38 44.11 -2.54
N VAL R 240 5.58 43.21 -1.97
CA VAL R 240 6.05 41.90 -1.64
C VAL R 240 4.97 40.85 -1.89
N PRO R 241 5.39 39.60 -2.17
CA PRO R 241 4.37 38.58 -2.39
C PRO R 241 3.45 38.42 -1.18
N ALA R 242 2.17 38.23 -1.45
CA ALA R 242 1.20 38.07 -0.37
C ALA R 242 1.06 36.60 0.04
N GLY R 243 0.63 36.36 1.28
CA GLY R 243 0.48 35.00 1.78
C GLY R 243 1.48 34.66 2.86
N LYS R 244 1.06 33.81 3.79
CA LYS R 244 1.91 33.38 4.90
C LYS R 244 2.84 32.28 4.39
N ALA R 245 3.99 32.13 5.04
CA ALA R 245 4.94 31.08 4.64
C ALA R 245 4.21 29.78 4.92
N ARG R 246 4.58 28.70 4.24
CA ARG R 246 3.89 27.44 4.45
C ARG R 246 4.80 26.23 4.60
N ASP R 247 4.21 25.09 4.93
CA ASP R 247 4.99 23.85 5.05
C ASP R 247 5.22 23.38 3.62
N TYR R 248 6.46 23.10 3.29
CA TYR R 248 6.74 22.63 1.94
C TYR R 248 7.05 21.14 1.92
N GLY R 249 6.39 20.42 1.01
CA GLY R 249 6.62 18.99 0.90
C GLY R 249 5.63 18.06 1.58
N PHE R 250 5.47 16.87 1.01
CA PHE R 250 4.56 15.89 1.57
C PHE R 250 4.93 15.47 2.98
N ASP R 251 6.19 15.64 3.35
CA ASP R 251 6.63 15.26 4.67
C ASP R 251 6.88 16.48 5.54
N ARG R 252 6.38 17.63 5.11
CA ARG R 252 6.53 18.89 5.86
C ARG R 252 7.97 19.08 6.35
N SER R 253 8.95 18.67 5.55
CA SER R 253 10.35 18.83 5.97
C SER R 253 10.98 20.18 5.63
N MET R 254 10.37 20.88 4.68
CA MET R 254 10.89 22.16 4.27
C MET R 254 9.87 23.25 4.50
N VAL R 255 10.31 24.50 4.27
CA VAL R 255 9.46 25.68 4.46
C VAL R 255 9.57 26.60 3.25
N MET R 256 8.43 26.96 2.68
CA MET R 256 8.39 27.85 1.52
C MET R 256 7.89 29.24 1.97
N GLY R 257 8.66 30.28 1.65
CA GLY R 257 8.26 31.62 2.05
C GLY R 257 9.16 32.72 1.51
N TYR R 258 8.66 33.95 1.57
CA TYR R 258 9.40 35.10 1.08
C TYR R 258 10.34 35.58 2.15
N GLY R 259 11.44 36.19 1.74
CA GLY R 259 12.40 36.71 2.71
C GLY R 259 13.40 35.72 3.28
N GLN R 260 13.14 34.43 3.07
CA GLN R 260 14.03 33.37 3.55
C GLN R 260 15.48 33.84 3.53
N ASP R 261 15.87 34.55 2.47
CA ASP R 261 17.24 35.02 2.31
C ASP R 261 17.73 35.79 3.52
N ASP R 262 18.60 35.11 4.25
CA ASP R 262 19.25 35.61 5.45
C ASP R 262 18.31 35.93 6.60
N ARG R 263 17.08 36.29 6.28
CA ARG R 263 16.13 36.59 7.31
C ARG R 263 15.97 35.34 8.18
N ILE R 264 16.27 34.18 7.58
CA ILE R 264 16.18 32.92 8.29
C ILE R 264 17.37 32.84 9.23
N CYS R 265 18.51 33.34 8.77
CA CYS R 265 19.70 33.34 9.62
C CYS R 265 19.52 34.39 10.69
N ALA R 266 18.96 35.54 10.30
CA ALA R 266 18.74 36.62 11.23
C ALA R 266 17.85 36.19 12.36
N TYR R 267 17.01 35.19 12.10
CA TYR R 267 16.09 34.68 13.12
C TYR R 267 16.76 33.67 14.05
N THR R 268 17.35 32.64 13.45
CA THR R 268 18.01 31.63 14.25
C THR R 268 19.06 32.31 15.11
N SER R 269 19.79 33.25 14.51
CA SER R 269 20.82 33.99 15.25
C SER R 269 20.16 34.74 16.40
N PHE R 270 18.92 35.17 16.19
CA PHE R 270 18.20 35.89 17.21
C PHE R 270 17.89 34.98 18.39
N GLU R 271 17.10 33.93 18.13
CA GLU R 271 16.74 33.00 19.20
C GLU R 271 17.98 32.51 19.92
N ALA R 272 18.99 32.11 19.16
CA ALA R 272 20.20 31.64 19.79
C ALA R 272 20.68 32.71 20.77
N MET R 273 20.86 33.94 20.28
CA MET R 273 21.32 35.06 21.11
C MET R 273 20.36 35.36 22.24
N LEU R 274 19.08 35.24 21.97
CA LEU R 274 18.06 35.53 22.97
C LEU R 274 18.10 34.57 24.16
N GLU R 275 17.96 33.28 23.92
CA GLU R 275 17.96 32.30 24.99
C GLU R 275 19.36 31.96 25.47
N MET R 276 20.27 32.92 25.37
CA MET R 276 21.65 32.72 25.78
C MET R 276 21.90 33.32 27.17
N LYS R 277 21.97 32.45 28.17
CA LYS R 277 22.18 32.88 29.55
C LYS R 277 23.56 32.47 30.06
N ASN R 278 24.06 33.20 31.06
CA ASN R 278 25.37 32.92 31.64
C ASN R 278 26.43 33.10 30.56
N ALA R 279 26.86 34.34 30.36
CA ALA R 279 27.87 34.64 29.35
C ALA R 279 29.26 34.80 29.93
N LYS R 280 30.23 34.12 29.33
CA LYS R 280 31.61 34.21 29.79
C LYS R 280 32.24 35.45 29.18
N LYS R 281 32.12 35.58 27.86
CA LYS R 281 32.64 36.74 27.15
C LYS R 281 31.46 37.44 26.47
N THR R 282 31.35 38.75 26.68
CA THR R 282 30.28 39.54 26.12
C THR R 282 30.05 39.28 24.62
N CYS R 283 28.84 38.87 24.28
CA CYS R 283 28.49 38.58 22.90
C CYS R 283 27.39 39.48 22.37
N ILE R 284 27.45 39.78 21.08
CA ILE R 284 26.47 40.66 20.46
C ILE R 284 25.91 40.23 19.09
N THR R 285 24.65 40.59 18.86
CA THR R 285 23.96 40.27 17.62
C THR R 285 23.68 41.50 16.77
N ILE R 286 24.10 41.47 15.51
CA ILE R 286 23.88 42.58 14.61
C ILE R 286 22.91 42.21 13.50
N LEU R 287 22.04 43.15 13.17
CA LEU R 287 21.04 42.95 12.12
C LEU R 287 20.89 44.23 11.33
N VAL R 288 21.54 44.30 10.18
CA VAL R 288 21.48 45.49 9.34
C VAL R 288 20.78 45.22 8.01
N ASP R 289 20.71 46.23 7.16
CA ASP R 289 20.07 46.06 5.86
C ASP R 289 20.96 46.61 4.75
N LYS R 290 20.36 46.82 3.58
CA LYS R 290 21.07 47.33 2.42
C LYS R 290 22.14 46.36 1.91
N GLU R 291 22.18 45.15 2.46
CA GLU R 291 23.17 44.18 2.03
C GLU R 291 22.94 43.81 0.57
N GLU R 292 21.69 43.46 0.25
CA GLU R 292 21.32 43.05 -1.09
C GLU R 292 21.53 44.14 -2.12
N VAL R 293 21.79 45.35 -1.66
CA VAL R 293 21.99 46.49 -2.57
C VAL R 293 23.44 47.01 -2.58
N GLY R 294 24.31 46.40 -1.79
CA GLY R 294 25.70 46.83 -1.76
C GLY R 294 26.25 47.08 -0.39
N SER R 295 25.35 47.19 0.59
CA SER R 295 25.72 47.42 1.99
C SER R 295 26.30 48.84 2.20
N ILE R 296 25.79 49.81 1.46
CA ILE R 296 26.23 51.19 1.57
C ILE R 296 25.98 51.75 2.95
N GLY R 297 26.45 52.97 3.16
CA GLY R 297 26.31 53.63 4.45
C GLY R 297 24.90 53.86 4.97
N ALA R 298 24.81 54.60 6.06
CA ALA R 298 23.54 54.94 6.71
C ALA R 298 22.99 53.82 7.59
N THR R 299 22.79 52.65 7.00
CA THR R 299 22.26 51.50 7.74
C THR R 299 22.83 50.12 7.35
N GLY R 300 24.12 50.07 7.01
CA GLY R 300 24.75 48.81 6.63
C GLY R 300 26.24 48.72 6.95
N MET R 301 27.03 49.59 6.33
CA MET R 301 28.48 49.65 6.54
C MET R 301 28.76 50.83 7.48
N GLN R 302 27.67 51.45 7.94
CA GLN R 302 27.72 52.58 8.85
C GLN R 302 28.60 52.35 10.07
N SER R 303 28.70 53.37 10.91
CA SER R 303 29.49 53.30 12.13
C SER R 303 28.56 52.99 13.30
N LYS R 304 27.28 52.83 12.99
CA LYS R 304 26.25 52.53 13.99
C LYS R 304 26.74 51.48 14.99
N PHE R 305 27.53 50.53 14.52
CA PHE R 305 28.07 49.48 15.37
C PHE R 305 29.32 49.97 16.05
N PHE R 306 30.20 50.57 15.27
CA PHE R 306 31.46 51.12 15.75
C PHE R 306 31.15 52.07 16.90
N GLU R 307 30.58 53.21 16.56
CA GLU R 307 30.22 54.21 17.55
C GLU R 307 28.98 53.74 18.30
N ASN R 308 29.11 52.60 18.97
CA ASN R 308 28.03 52.06 19.73
C ASN R 308 28.61 51.06 20.69
N THR R 309 29.54 50.26 20.21
CA THR R 309 30.20 49.29 21.06
C THR R 309 30.94 50.19 22.04
N VAL R 310 31.31 51.38 21.56
CA VAL R 310 32.01 52.33 22.40
C VAL R 310 31.03 52.99 23.33
N ALA R 311 29.97 53.57 22.77
CA ALA R 311 28.95 54.23 23.58
C ALA R 311 28.48 53.24 24.64
N ASP R 312 28.74 51.95 24.41
CA ASP R 312 28.35 50.92 25.33
C ASP R 312 29.52 50.58 26.24
N ILE R 313 30.74 50.63 25.69
CA ILE R 313 31.96 50.35 26.45
C ILE R 313 32.09 51.43 27.52
N MET R 314 31.50 52.60 27.26
CA MET R 314 31.54 53.72 28.20
C MET R 314 30.94 53.33 29.56
N SER R 315 29.87 52.54 29.53
CA SER R 315 29.22 52.12 30.76
C SER R 315 29.77 50.77 31.23
N ASP R 321 37.94 52.79 31.18
CA ASP R 321 36.92 52.21 30.32
C ASP R 321 36.45 53.23 29.28
N GLU R 322 37.37 54.09 28.83
CA GLU R 322 37.03 55.12 27.86
C GLU R 322 37.85 55.02 26.57
N LEU R 323 39.03 55.63 26.58
CA LEU R 323 39.93 55.67 25.44
C LEU R 323 39.94 54.48 24.50
N LYS R 324 40.10 54.80 23.21
CA LYS R 324 40.13 53.83 22.12
C LYS R 324 40.49 52.40 22.49
N LEU R 325 41.74 52.16 22.89
CA LEU R 325 42.21 50.83 23.24
C LEU R 325 42.27 49.93 21.99
N ARG R 326 41.23 50.01 21.15
CA ARG R 326 41.11 49.24 19.88
C ARG R 326 40.91 47.73 20.05
N LYS R 327 41.86 47.10 20.72
CA LYS R 327 41.86 45.65 20.99
C LYS R 327 40.47 45.05 21.13
N ALA R 328 39.54 45.79 21.73
CA ALA R 328 38.18 45.32 21.96
C ALA R 328 37.63 44.56 20.76
N LEU R 329 37.63 45.20 19.60
CA LEU R 329 37.14 44.60 18.36
C LEU R 329 38.13 43.60 17.77
N TYR R 330 39.41 43.99 17.72
CA TYR R 330 40.45 43.15 17.16
C TYR R 330 40.47 41.73 17.72
N ASN R 331 40.11 41.58 19.00
CA ASN R 331 40.12 40.26 19.63
C ASN R 331 38.77 39.56 19.63
N SER R 332 37.87 39.96 18.74
CA SER R 332 36.56 39.33 18.71
C SER R 332 36.46 38.24 17.64
N GLU R 333 35.41 37.43 17.75
CA GLU R 333 35.17 36.36 16.81
C GLU R 333 33.74 36.54 16.29
N MET R 334 33.56 36.61 14.97
CA MET R 334 32.23 36.77 14.40
C MET R 334 31.81 35.60 13.54
N LEU R 335 30.51 35.53 13.32
CA LEU R 335 29.92 34.49 12.52
C LEU R 335 28.92 35.13 11.57
N SER R 336 29.40 36.02 10.70
CA SER R 336 28.56 36.71 9.72
C SER R 336 27.89 35.65 8.85
N SER R 337 26.59 35.44 9.05
CA SER R 337 25.90 34.43 8.29
C SER R 337 24.97 34.98 7.21
N ASP R 338 24.73 34.17 6.17
CA ASP R 338 23.86 34.52 5.04
C ASP R 338 23.60 33.22 4.28
N VAL R 339 22.38 33.08 3.77
CA VAL R 339 21.98 31.89 3.04
C VAL R 339 22.89 31.59 1.85
N SER R 340 23.00 30.30 1.54
CA SER R 340 23.82 29.85 0.41
C SER R 340 22.93 29.09 -0.56
N ALA R 341 23.45 28.83 -1.75
CA ALA R 341 22.66 28.12 -2.75
C ALA R 341 22.75 26.61 -2.56
N ALA R 342 21.59 25.99 -2.34
CA ALA R 342 21.53 24.55 -2.15
C ALA R 342 21.48 23.85 -3.50
N PHE R 343 22.13 22.69 -3.59
CA PHE R 343 22.16 21.95 -4.85
C PHE R 343 20.75 21.63 -5.34
N ASP R 344 20.41 22.10 -6.54
CA ASP R 344 19.08 21.85 -7.10
C ASP R 344 19.15 20.75 -8.15
N PRO R 345 18.45 19.63 -7.93
CA PRO R 345 18.44 18.51 -8.86
C PRO R 345 17.88 18.85 -10.23
N ASN R 346 17.42 20.08 -10.41
CA ASN R 346 16.89 20.48 -11.71
C ASN R 346 17.96 21.10 -12.57
N TYR R 347 18.95 21.71 -11.92
CA TYR R 347 20.06 22.34 -12.66
C TYR R 347 21.35 21.98 -11.94
N PRO R 348 21.86 20.78 -12.22
CA PRO R 348 23.10 20.27 -11.62
C PRO R 348 24.42 20.78 -12.20
N ASN R 349 24.44 20.99 -13.52
CA ASN R 349 25.63 21.43 -14.23
C ASN R 349 26.12 22.80 -13.82
N VAL R 350 25.40 23.44 -12.93
CA VAL R 350 25.79 24.77 -12.50
C VAL R 350 26.67 24.73 -11.25
N MET R 351 26.68 23.59 -10.58
CA MET R 351 27.50 23.42 -9.37
C MET R 351 28.44 22.21 -9.44
N GLU R 352 29.47 22.25 -8.60
CA GLU R 352 30.49 21.22 -8.58
C GLU R 352 30.11 19.93 -7.84
N LYS R 353 28.84 19.77 -7.49
CA LYS R 353 28.41 18.56 -6.77
C LYS R 353 29.13 18.57 -5.43
N ARG R 354 30.37 18.10 -5.39
CA ARG R 354 31.14 18.12 -4.17
C ARG R 354 31.44 19.60 -3.93
N ASN R 355 31.61 20.01 -2.68
CA ASN R 355 31.89 21.42 -2.39
C ASN R 355 30.64 22.28 -2.68
N SER R 356 29.47 21.68 -2.49
CA SER R 356 28.22 22.37 -2.70
C SER R 356 27.31 22.04 -1.53
N ALA R 357 26.53 23.00 -1.06
CA ALA R 357 25.64 22.77 0.07
C ALA R 357 24.43 21.96 -0.35
N TYR R 358 24.03 21.03 0.51
CA TYR R 358 22.88 20.20 0.23
C TYR R 358 21.77 20.40 1.25
N LEU R 359 20.54 20.32 0.77
CA LEU R 359 19.37 20.50 1.61
C LEU R 359 19.27 19.49 2.76
N GLY R 360 19.61 19.93 3.97
CA GLY R 360 19.50 19.04 5.11
C GLY R 360 20.80 18.49 5.66
N LYS R 361 21.95 18.92 5.16
CA LYS R 361 23.18 18.39 5.71
C LYS R 361 23.77 19.31 6.77
N GLY R 362 22.93 20.07 7.45
CA GLY R 362 23.42 20.94 8.50
C GLY R 362 23.70 22.38 8.12
N ILE R 363 24.41 23.08 8.98
CA ILE R 363 24.76 24.48 8.75
C ILE R 363 25.89 24.57 7.73
N VAL R 364 25.87 25.61 6.93
CA VAL R 364 26.89 25.79 5.88
C VAL R 364 28.04 26.73 6.27
N PHE R 365 29.24 26.37 5.82
CA PHE R 365 30.44 27.17 6.06
C PHE R 365 31.09 27.52 4.74
N ASN R 366 31.45 28.80 4.58
CA ASN R 366 32.09 29.24 3.35
C ASN R 366 33.39 29.96 3.66
N LYS R 367 34.52 29.29 3.43
CA LYS R 367 35.81 29.89 3.71
C LYS R 367 35.96 31.17 2.89
N TYR R 368 35.63 31.05 1.60
CA TYR R 368 35.71 32.19 0.69
C TYR R 368 34.45 32.21 -0.16
N THR R 369 34.17 33.37 -0.74
CA THR R 369 32.99 33.54 -1.60
C THR R 369 33.12 34.80 -2.45
N GLY R 370 33.79 34.67 -3.59
CA GLY R 370 33.97 35.83 -4.45
C GLY R 370 33.56 35.57 -5.89
N SER R 371 34.39 36.01 -6.82
CA SER R 371 34.13 35.85 -8.24
C SER R 371 35.33 35.24 -8.95
N ARG R 372 35.81 35.93 -9.98
CA ARG R 372 36.96 35.49 -10.75
C ARG R 372 38.21 35.34 -9.90
N GLY R 373 38.32 34.22 -9.19
CA GLY R 373 39.50 34.01 -8.36
C GLY R 373 39.42 34.54 -6.94
N LYS R 374 38.30 34.27 -6.28
CA LYS R 374 38.08 34.69 -4.90
C LYS R 374 38.11 36.20 -4.76
N SER R 375 37.97 36.90 -5.89
CA SER R 375 37.98 38.36 -5.91
C SER R 375 36.89 39.02 -5.08
N GLY R 376 37.31 39.99 -4.27
CA GLY R 376 36.39 40.74 -3.43
C GLY R 376 35.55 39.93 -2.46
N CYS R 377 36.15 39.48 -1.37
CA CYS R 377 35.43 38.69 -0.39
C CYS R 377 36.35 38.34 0.77
N ASN R 378 35.77 38.00 1.91
CA ASN R 378 36.55 37.65 3.07
C ASN R 378 36.98 36.18 3.02
N ASP R 379 38.23 35.92 3.43
CA ASP R 379 38.76 34.57 3.44
C ASP R 379 39.10 34.16 4.89
N ALA R 380 38.25 33.30 5.45
CA ALA R 380 38.42 32.83 6.82
C ALA R 380 39.74 32.09 7.06
N ASN R 381 40.34 32.34 8.23
CA ASN R 381 41.61 31.69 8.59
C ASN R 381 41.37 30.25 9.05
N PRO R 382 42.27 29.34 8.63
CA PRO R 382 42.15 27.92 9.01
C PRO R 382 42.16 27.71 10.53
N GLU R 383 43.09 28.36 11.23
CA GLU R 383 43.16 28.22 12.66
C GLU R 383 41.81 28.50 13.28
N TYR R 384 41.11 29.52 12.79
CA TYR R 384 39.78 29.87 13.32
C TYR R 384 38.77 28.80 12.91
N ILE R 385 38.86 28.35 11.66
CA ILE R 385 37.97 27.32 11.15
C ILE R 385 38.08 26.06 11.99
N ALA R 386 39.29 25.60 12.18
CA ALA R 386 39.53 24.40 12.97
C ALA R 386 38.80 24.54 14.31
N GLU R 387 38.96 25.68 14.96
CA GLU R 387 38.29 25.90 16.24
C GLU R 387 36.80 25.67 16.13
N LEU R 388 36.17 26.31 15.15
CA LEU R 388 34.74 26.15 14.95
C LEU R 388 34.40 24.69 14.80
N ARG R 389 35.28 23.96 14.12
CA ARG R 389 35.05 22.52 13.92
C ARG R 389 34.96 21.87 15.28
N ARG R 390 36.05 21.96 16.03
CA ARG R 390 36.11 21.39 17.35
C ARG R 390 34.84 21.70 18.14
N ILE R 391 34.46 22.98 18.19
CA ILE R 391 33.28 23.40 18.92
C ILE R 391 31.99 22.72 18.44
N LEU R 392 31.74 22.82 17.14
CA LEU R 392 30.56 22.23 16.56
C LEU R 392 30.69 20.72 16.53
N SER R 393 31.59 20.19 17.37
CA SER R 393 31.75 18.75 17.43
C SER R 393 31.31 18.34 18.80
N LYS R 394 31.82 19.06 19.79
CA LYS R 394 31.47 18.83 21.18
C LYS R 394 29.94 18.93 21.31
N GLU R 395 29.39 20.12 21.10
CA GLU R 395 27.95 20.32 21.19
C GLU R 395 27.24 19.65 20.01
N SER R 396 27.98 18.85 19.26
CA SER R 396 27.45 18.15 18.09
C SER R 396 27.12 19.18 17.00
N VAL R 397 25.94 19.05 16.38
CA VAL R 397 25.53 19.95 15.32
C VAL R 397 26.16 19.55 13.99
N ASN R 398 25.33 19.37 12.97
CA ASN R 398 25.83 18.99 11.65
C ASN R 398 26.19 20.23 10.83
N TRP R 399 27.33 20.16 10.15
CA TRP R 399 27.79 21.26 9.33
C TRP R 399 28.35 20.72 8.03
N GLN R 400 28.33 21.57 7.01
CA GLN R 400 28.83 21.23 5.68
C GLN R 400 29.44 22.47 5.07
N THR R 401 30.46 22.25 4.24
CA THR R 401 31.13 23.37 3.59
C THR R 401 30.69 23.43 2.13
N ALA R 402 30.49 24.63 1.62
CA ALA R 402 30.04 24.82 0.25
C ALA R 402 30.77 25.94 -0.47
N GLU R 403 30.55 26.00 -1.78
CA GLU R 403 31.16 26.99 -2.65
C GLU R 403 30.01 27.39 -3.59
N LEU R 404 29.93 28.66 -3.95
CA LEU R 404 28.84 29.09 -4.82
C LEU R 404 29.05 28.82 -6.31
N GLY R 405 28.65 27.64 -6.77
CA GLY R 405 28.80 27.32 -8.18
C GLY R 405 30.22 26.99 -8.62
N LYS R 406 30.32 26.15 -9.64
CA LYS R 406 31.61 25.72 -10.17
C LYS R 406 32.51 26.88 -10.58
N VAL R 407 33.47 27.19 -9.71
CA VAL R 407 34.43 28.24 -9.95
C VAL R 407 33.86 29.44 -10.71
N ASP R 408 34.30 29.61 -11.96
CA ASP R 408 33.84 30.74 -12.78
C ASP R 408 32.38 30.77 -13.19
N GLN R 409 31.47 30.56 -12.23
CA GLN R 409 30.05 30.59 -12.55
C GLN R 409 29.40 31.87 -12.09
N GLY R 410 28.89 31.85 -10.86
CA GLY R 410 28.23 33.02 -10.33
C GLY R 410 29.18 33.87 -9.51
N GLY R 411 28.74 35.06 -9.15
CA GLY R 411 29.54 35.96 -8.36
C GLY R 411 29.12 35.94 -6.91
N GLY R 412 29.97 36.47 -6.03
CA GLY R 412 29.64 36.51 -4.61
C GLY R 412 30.18 37.73 -3.91
N GLY R 413 29.74 37.93 -2.68
CA GLY R 413 30.19 39.08 -1.89
C GLY R 413 29.35 39.27 -0.64
N THR R 414 29.84 38.76 0.48
CA THR R 414 29.13 38.88 1.75
C THR R 414 29.66 40.05 2.57
N ILE R 415 28.86 40.50 3.53
CA ILE R 415 29.26 41.61 4.38
C ILE R 415 30.22 41.16 5.48
N ALA R 416 30.84 39.99 5.28
CA ALA R 416 31.76 39.42 6.24
C ALA R 416 33.06 40.20 6.34
N TYR R 417 33.55 40.69 5.22
CA TYR R 417 34.81 41.42 5.19
C TYR R 417 34.68 42.82 5.81
N ILE R 418 33.47 43.34 5.80
CA ILE R 418 33.24 44.67 6.33
C ILE R 418 33.62 44.82 7.80
N LEU R 419 33.40 43.78 8.59
CA LEU R 419 33.77 43.84 10.00
C LEU R 419 35.15 43.24 10.26
N ALA R 420 35.60 42.37 9.38
CA ALA R 420 36.89 41.77 9.54
C ALA R 420 37.94 42.86 9.39
N GLU R 421 37.52 44.01 8.85
CA GLU R 421 38.42 45.14 8.64
C GLU R 421 39.05 45.58 9.96
N TYR R 422 38.47 45.15 11.08
CA TYR R 422 39.00 45.49 12.39
C TYR R 422 40.09 44.49 12.79
N GLY R 423 40.03 43.29 12.23
CA GLY R 423 41.00 42.26 12.54
C GLY R 423 40.36 41.03 13.15
N MET R 424 39.03 41.04 13.23
CA MET R 424 38.25 39.93 13.79
C MET R 424 38.52 38.62 13.06
N GLN R 425 37.99 37.54 13.61
CA GLN R 425 38.09 36.22 13.02
C GLN R 425 36.69 35.92 12.51
N VAL R 426 36.46 36.21 11.24
CA VAL R 426 35.15 35.99 10.65
C VAL R 426 35.12 34.79 9.71
N ILE R 427 33.92 34.30 9.44
CA ILE R 427 33.72 33.19 8.55
C ILE R 427 32.24 33.20 8.14
N ASP R 428 31.96 32.77 6.92
CA ASP R 428 30.59 32.75 6.41
C ASP R 428 29.77 31.52 6.80
N CYS R 429 28.61 31.77 7.40
CA CYS R 429 27.72 30.70 7.80
C CYS R 429 26.36 30.92 7.18
N GLY R 430 25.41 30.10 7.58
CA GLY R 430 24.08 30.25 7.03
C GLY R 430 23.48 28.93 6.59
N VAL R 431 22.19 29.01 6.30
CA VAL R 431 21.42 27.86 5.85
C VAL R 431 21.46 27.76 4.34
N ALA R 432 21.14 26.58 3.82
CA ALA R 432 21.14 26.37 2.38
C ALA R 432 19.72 26.56 1.85
N LEU R 433 19.55 27.41 0.85
CA LEU R 433 18.22 27.65 0.29
C LEU R 433 18.05 27.11 -1.13
N LEU R 434 16.80 27.16 -1.58
CA LEU R 434 16.44 26.71 -2.92
C LEU R 434 15.85 27.95 -3.59
N ASN R 435 16.24 28.19 -4.83
CA ASN R 435 15.81 29.38 -5.59
C ASN R 435 15.82 30.66 -4.79
N HIS R 437 16.46 34.70 -3.81
CA HIS R 437 15.91 35.93 -4.34
C HIS R 437 14.66 35.74 -5.18
N ALA R 438 13.95 34.65 -4.93
CA ALA R 438 12.70 34.40 -5.64
C ALA R 438 11.60 34.78 -4.68
N PRO R 439 10.42 35.09 -5.19
CA PRO R 439 9.30 35.48 -4.33
C PRO R 439 9.00 34.42 -3.29
N TRP R 440 9.32 33.18 -3.61
CA TRP R 440 9.11 32.08 -2.69
C TRP R 440 10.36 31.21 -2.63
N GLU R 441 11.03 31.21 -1.47
CA GLU R 441 12.24 30.44 -1.26
C GLU R 441 11.96 29.24 -0.40
N ILE R 442 12.83 28.23 -0.49
CA ILE R 442 12.64 27.00 0.27
C ILE R 442 13.80 26.72 1.24
N SER R 443 13.51 26.10 2.37
CA SER R 443 14.54 25.80 3.33
C SER R 443 14.25 24.52 4.09
N SER R 444 15.28 23.89 4.63
CA SER R 444 15.09 22.64 5.38
C SER R 444 14.98 22.91 6.88
N LYS R 445 13.87 22.48 7.46
CA LYS R 445 13.66 22.67 8.87
C LYS R 445 14.84 22.12 9.66
N ALA R 446 15.30 20.95 9.25
CA ALA R 446 16.46 20.34 9.91
C ALA R 446 17.63 21.34 9.89
N ASP R 447 17.90 21.93 8.73
CA ASP R 447 19.00 22.87 8.64
C ASP R 447 18.74 24.08 9.52
N ILE R 448 17.53 24.64 9.46
CA ILE R 448 17.18 25.79 10.30
C ILE R 448 17.62 25.48 11.74
N TYR R 449 17.06 24.37 12.26
CA TYR R 449 17.36 23.88 13.60
C TYR R 449 18.87 23.77 13.81
N GLU R 450 19.51 22.92 13.02
CA GLU R 450 20.94 22.70 13.14
C GLU R 450 21.70 24.02 13.22
N THR R 451 21.38 24.94 12.31
CA THR R 451 22.03 26.25 12.29
C THR R 451 21.93 26.95 13.62
N LYS R 452 20.74 27.03 14.16
CA LYS R 452 20.55 27.67 15.44
C LYS R 452 21.50 27.07 16.45
N ASN R 453 21.43 25.76 16.59
CA ASN R 453 22.30 25.08 17.54
C ASN R 453 23.75 25.43 17.25
N GLY R 454 24.10 25.58 15.99
CA GLY R 454 25.46 25.92 15.64
C GLY R 454 25.79 27.26 16.22
N TYR R 455 24.85 28.20 16.13
CA TYR R 455 25.05 29.55 16.68
C TYR R 455 25.17 29.46 18.18
N SER R 456 24.13 28.93 18.82
CA SER R 456 24.13 28.80 20.27
C SER R 456 25.40 28.11 20.77
N ALA R 457 25.88 27.11 20.02
CA ALA R 457 27.09 26.39 20.41
C ALA R 457 28.31 27.24 20.12
N PHE R 458 28.12 28.56 20.12
CA PHE R 458 29.19 29.50 19.85
C PHE R 458 29.20 30.49 21.01
N LEU R 459 28.53 30.11 22.09
CA LEU R 459 28.42 30.93 23.30
C LEU R 459 29.64 30.80 24.22
N ASN R 460 29.88 29.57 24.67
CA ASN R 460 30.94 29.26 25.62
C ASN R 460 32.36 29.19 25.09
N ASN R 461 33.19 28.61 25.95
CA ASN R 461 34.61 28.44 25.70
C ASN R 461 34.92 28.08 24.25
N LEU S 1 -4.53 64.79 -11.96
CA LEU S 1 -4.16 66.24 -11.81
C LEU S 1 -4.12 66.68 -10.34
N LEU S 2 -4.38 65.74 -9.42
CA LEU S 2 -4.36 66.03 -7.97
C LEU S 2 -2.92 66.00 -7.50
N LYS S 3 -2.38 67.19 -7.24
CA LYS S 3 -1.00 67.35 -6.76
C LYS S 3 0.06 67.18 -7.88
N GLU S 4 0.34 68.30 -8.57
CA GLU S 4 1.31 68.37 -9.66
C GLU S 4 2.40 69.44 -9.45
N TYR S 5 3.51 69.26 -10.17
CA TYR S 5 4.68 70.16 -10.14
C TYR S 5 4.45 71.21 -11.21
N LYS S 6 5.23 72.28 -11.17
CA LYS S 6 5.00 73.36 -12.11
C LYS S 6 6.26 74.09 -12.53
N ASN S 7 6.06 75.12 -13.34
CA ASN S 7 7.16 75.91 -13.85
C ASN S 7 7.67 76.99 -12.90
N ALA S 8 8.99 77.05 -12.72
CA ALA S 8 9.63 78.03 -11.85
C ALA S 8 9.26 79.46 -12.21
N TRP S 9 9.24 79.77 -13.50
CA TRP S 9 8.87 81.11 -13.95
C TRP S 9 7.41 81.33 -13.59
N ASP S 10 6.83 82.44 -14.04
CA ASP S 10 5.42 82.76 -13.72
C ASP S 10 5.43 83.16 -12.24
N LYS S 11 5.55 82.14 -11.41
CA LYS S 11 5.63 82.32 -9.98
C LYS S 11 6.63 83.43 -9.70
N TYR S 12 7.76 83.40 -10.41
CA TYR S 12 8.80 84.41 -10.25
C TYR S 12 8.25 85.78 -10.55
N ASP S 13 8.49 86.25 -11.77
CA ASP S 13 8.05 87.56 -12.19
C ASP S 13 8.40 88.48 -11.04
N ASP S 14 7.37 89.07 -10.43
CA ASP S 14 7.56 89.96 -9.31
C ASP S 14 8.42 91.15 -9.75
N LYS S 15 8.97 91.06 -10.97
CA LYS S 15 9.83 92.11 -11.51
C LYS S 15 11.13 92.15 -10.72
N GLN S 16 11.05 91.68 -9.48
CA GLN S 16 12.19 91.65 -8.58
C GLN S 16 12.81 90.29 -8.75
N LEU S 17 12.12 89.27 -8.24
CA LEU S 17 12.59 87.90 -8.31
C LEU S 17 13.37 87.67 -9.60
N LYS S 18 12.77 87.97 -10.74
CA LYS S 18 13.46 87.80 -12.02
C LYS S 18 14.82 88.49 -12.01
N GLU S 19 14.79 89.81 -11.95
CA GLU S 19 16.01 90.61 -11.93
C GLU S 19 16.97 90.05 -10.90
N VAL S 20 16.44 89.59 -9.77
CA VAL S 20 17.26 89.04 -8.71
C VAL S 20 17.98 87.76 -9.09
N PHE S 21 17.88 87.37 -10.36
CA PHE S 21 18.60 86.17 -10.77
C PHE S 21 18.89 86.15 -12.27
N ALA S 22 17.92 86.59 -13.07
CA ALA S 22 18.10 86.63 -14.51
C ALA S 22 19.49 87.17 -14.76
N LEU S 23 19.84 88.18 -13.99
CA LEU S 23 21.15 88.79 -14.06
C LEU S 23 21.79 88.47 -12.72
N GLY S 24 20.95 88.08 -11.77
CA GLY S 24 21.44 87.73 -10.44
C GLY S 24 22.53 86.66 -10.49
N ASP S 25 22.11 85.40 -10.46
CA ASP S 25 23.08 84.31 -10.51
C ASP S 25 23.73 84.25 -11.88
N ARG S 26 22.96 84.44 -12.94
CA ARG S 26 23.52 84.43 -14.27
C ARG S 26 24.40 85.67 -14.36
N PHE S 27 25.57 85.57 -13.79
CA PHE S 27 26.52 86.67 -13.78
C PHE S 27 27.54 86.10 -12.82
N LYS S 28 27.13 85.89 -11.58
CA LYS S 28 28.01 85.32 -10.61
C LYS S 28 28.44 83.93 -11.14
N ASN S 29 27.49 82.99 -11.18
CA ASN S 29 27.74 81.64 -11.71
C ASN S 29 28.24 81.82 -13.12
N PHE S 30 27.36 82.39 -13.93
CA PHE S 30 27.68 82.64 -15.32
C PHE S 30 29.15 82.99 -15.53
N ILE S 31 29.80 83.63 -14.56
CA ILE S 31 31.20 84.03 -14.70
C ILE S 31 32.14 83.09 -13.95
N SER S 32 31.63 82.45 -12.91
CA SER S 32 32.45 81.54 -12.12
C SER S 32 33.06 80.44 -13.02
N ASN S 33 32.20 79.71 -13.73
CA ASN S 33 32.69 78.65 -14.58
C ASN S 33 33.31 79.17 -15.85
N CYS S 34 34.00 80.31 -15.77
CA CYS S 34 34.66 80.90 -16.93
C CYS S 34 36.08 81.23 -16.54
N LYS S 35 36.22 81.73 -15.33
CA LYS S 35 37.52 82.10 -14.82
C LYS S 35 38.03 80.99 -13.89
N THR S 36 37.35 79.85 -13.94
CA THR S 36 37.71 78.70 -13.11
C THR S 36 37.16 77.45 -13.79
N GLU S 37 38.05 76.67 -14.41
CA GLU S 37 37.63 75.46 -15.13
C GLU S 37 38.43 74.24 -14.69
N ARG S 38 39.42 74.45 -13.83
CA ARG S 38 40.27 73.37 -13.35
C ARG S 38 40.38 73.43 -11.85
N GLU S 39 39.54 72.68 -11.14
CA GLU S 39 39.52 72.62 -9.66
C GLU S 39 40.31 73.71 -8.91
N CYS S 40 40.46 74.89 -9.51
CA CYS S 40 41.15 76.00 -8.87
C CYS S 40 40.01 76.84 -8.36
N VAL S 41 38.82 76.23 -8.38
CA VAL S 41 37.63 76.87 -7.89
C VAL S 41 37.99 77.28 -6.46
N THR S 42 38.82 76.45 -5.82
CA THR S 42 39.29 76.71 -4.47
C THR S 42 39.88 78.11 -4.40
N GLU S 43 40.86 78.41 -5.24
CA GLU S 43 41.47 79.73 -5.24
C GLU S 43 40.46 80.86 -5.35
N LEU S 44 39.81 80.96 -6.50
CA LEU S 44 38.82 82.00 -6.71
C LEU S 44 37.77 82.04 -5.60
N ILE S 45 37.37 80.88 -5.10
CA ILE S 45 36.37 80.84 -4.03
C ILE S 45 36.99 81.24 -2.70
N LYS S 46 38.21 80.79 -2.44
CA LYS S 46 38.87 81.12 -1.21
C LYS S 46 39.15 82.62 -1.19
N THR S 47 39.41 83.21 -2.36
CA THR S 47 39.64 84.65 -2.44
C THR S 47 38.34 85.31 -2.00
N ALA S 48 37.21 84.77 -2.46
CA ALA S 48 35.93 85.30 -2.03
C ALA S 48 35.89 84.83 -0.59
N GLU S 49 34.77 84.99 0.10
CA GLU S 49 34.71 84.58 1.51
C GLU S 49 35.79 85.34 2.27
N LYS S 50 36.30 86.41 1.67
CA LYS S 50 37.31 87.24 2.29
C LYS S 50 36.58 87.97 3.42
N SER S 51 35.26 87.90 3.36
CA SER S 51 34.41 88.52 4.35
C SER S 51 34.34 87.59 5.58
N GLY S 52 35.52 87.28 6.12
CA GLY S 52 35.63 86.40 7.27
C GLY S 52 36.35 85.13 6.86
N TYR S 53 36.23 84.08 7.67
CA TYR S 53 36.88 82.80 7.35
C TYR S 53 38.40 82.88 7.37
N ARG S 54 39.04 81.79 7.79
CA ARG S 54 40.48 81.75 7.82
C ARG S 54 41.00 80.39 8.27
N ASN S 55 40.88 80.11 9.56
CA ASN S 55 41.34 78.85 10.17
C ASN S 55 42.69 78.45 9.63
N ILE S 56 42.63 77.68 8.54
CA ILE S 56 43.79 77.18 7.83
C ILE S 56 45.04 77.04 8.73
N GLU S 57 45.75 78.16 8.95
CA GLU S 57 46.95 78.16 9.75
C GLU S 57 46.70 78.87 11.10
N ASP S 58 45.88 79.90 11.06
CA ASP S 58 45.54 80.68 12.25
C ASP S 58 44.71 79.93 13.29
N ILE S 59 45.35 78.94 13.89
CA ILE S 59 44.73 78.15 14.93
C ILE S 59 45.42 78.45 16.24
N LEU S 60 44.78 79.30 17.06
CA LEU S 60 45.30 79.71 18.38
C LEU S 60 44.24 79.60 19.47
N ALA S 61 43.13 78.93 19.14
CA ALA S 61 42.00 78.76 20.06
C ALA S 61 41.27 80.08 20.24
N LYS S 62 42.03 81.10 20.60
CA LYS S 62 41.51 82.44 20.81
C LYS S 62 42.01 83.34 19.69
N GLY S 63 42.73 82.75 18.72
CA GLY S 63 43.23 83.52 17.60
C GLY S 63 42.07 84.23 16.91
N GLU S 64 40.90 83.60 17.00
CA GLU S 64 39.65 84.12 16.46
C GLU S 64 38.56 83.76 17.47
N THR S 65 38.98 83.22 18.61
CA THR S 65 38.09 82.80 19.70
C THR S 65 36.89 82.01 19.16
N LEU S 66 37.17 80.76 18.77
CA LEU S 66 36.15 79.88 18.21
C LEU S 66 34.87 79.85 19.05
N LYS S 67 33.86 80.59 18.60
CA LYS S 67 32.57 80.65 19.30
C LYS S 67 31.49 81.22 18.39
N GLU S 68 30.34 81.55 18.97
CA GLU S 68 29.21 82.11 18.22
C GLU S 68 29.63 83.03 17.08
N GLY S 69 28.92 82.92 15.96
CA GLY S 69 29.19 83.77 14.80
C GLY S 69 30.54 83.69 14.11
N ASP S 70 31.34 82.68 14.44
CA ASP S 70 32.64 82.53 13.80
C ASP S 70 32.54 81.76 12.49
N LYS S 71 33.41 82.10 11.55
CA LYS S 71 33.44 81.46 10.23
C LYS S 71 34.88 81.19 9.77
N VAL S 72 35.17 79.94 9.45
CA VAL S 72 36.51 79.55 9.02
C VAL S 72 36.52 78.56 7.86
N TYR S 73 37.64 78.45 7.18
CA TYR S 73 37.75 77.52 6.06
C TYR S 73 39.00 76.68 6.20
N ALA S 74 39.04 75.56 5.51
CA ALA S 74 40.20 74.67 5.55
C ALA S 74 40.55 74.24 4.13
N ASN S 75 41.78 74.48 3.74
CA ASN S 75 42.22 74.14 2.41
C ASN S 75 42.89 72.76 2.40
N ASN S 76 42.50 71.91 1.45
CA ASN S 76 43.10 70.58 1.33
C ASN S 76 44.02 70.54 0.12
N ARG S 77 45.29 70.85 0.36
CA ARG S 77 46.31 70.88 -0.68
C ARG S 77 45.81 71.55 -1.97
N GLY S 78 44.97 72.56 -1.80
CA GLY S 78 44.45 73.32 -2.93
C GLY S 78 43.42 72.63 -3.78
N LYS S 79 43.28 71.32 -3.63
CA LYS S 79 42.31 70.55 -4.42
C LYS S 79 40.93 70.52 -3.77
N GLY S 80 40.87 70.78 -2.47
CA GLY S 80 39.60 70.75 -1.78
C GLY S 80 39.37 71.89 -0.82
N LEU S 81 38.10 72.13 -0.49
CA LEU S 81 37.74 73.22 0.39
C LEU S 81 36.51 72.94 1.26
N ILE S 82 36.58 73.33 2.52
CA ILE S 82 35.48 73.13 3.45
C ILE S 82 35.31 74.36 4.32
N MET S 83 34.08 74.86 4.39
CA MET S 83 33.78 76.07 5.16
C MET S 83 32.85 75.83 6.35
N PHE S 84 33.12 76.51 7.46
CA PHE S 84 32.33 76.38 8.67
C PHE S 84 31.63 77.69 9.05
N LEU S 85 30.64 77.58 9.93
CA LEU S 85 29.90 78.74 10.41
C LEU S 85 29.27 78.34 11.72
N ILE S 86 29.93 78.70 12.83
CA ILE S 86 29.41 78.33 14.14
C ILE S 86 28.09 78.98 14.48
N GLY S 87 27.23 78.23 15.17
CA GLY S 87 25.93 78.73 15.56
C GLY S 87 25.72 78.68 17.06
N LYS S 88 24.55 79.15 17.51
CA LYS S 88 24.22 79.16 18.93
C LYS S 88 24.47 77.83 19.61
N GLU S 89 23.68 76.82 19.25
CA GLU S 89 23.82 75.49 19.83
C GLU S 89 25.25 74.97 19.67
N PRO S 90 25.63 73.98 20.49
CA PRO S 90 26.96 73.37 20.46
C PRO S 90 27.12 72.39 19.32
N LEU S 91 28.35 72.15 18.89
CA LEU S 91 28.61 71.22 17.79
C LEU S 91 28.00 69.86 18.09
N TYR S 92 28.21 69.39 19.31
CA TYR S 92 27.70 68.10 19.75
C TYR S 92 26.25 67.90 19.34
N THR S 93 25.54 68.99 19.11
CA THR S 93 24.12 68.92 18.71
C THR S 93 23.97 68.26 17.33
N GLY S 94 24.61 68.86 16.34
CA GLY S 94 24.54 68.35 14.99
C GLY S 94 25.11 69.33 14.00
N PHE S 95 24.89 69.10 12.71
CA PHE S 95 25.41 70.00 11.69
C PHE S 95 24.41 70.15 10.57
N LYS S 96 24.66 71.14 9.71
CA LYS S 96 23.84 71.38 8.54
C LYS S 96 24.84 71.42 7.40
N ILE S 97 25.12 70.26 6.82
CA ILE S 97 26.09 70.20 5.75
C ILE S 97 25.59 70.34 4.33
N LEU S 98 26.41 70.96 3.49
CA LEU S 98 26.13 71.12 2.07
C LEU S 98 27.36 70.60 1.34
N GLY S 99 27.18 69.57 0.50
CA GLY S 99 28.32 69.01 -0.21
C GLY S 99 28.20 69.03 -1.72
N ALA S 100 29.37 69.06 -2.37
CA ALA S 100 29.43 69.06 -3.82
C ALA S 100 30.87 68.85 -4.32
N HIS S 101 31.03 68.22 -5.48
CA HIS S 101 32.36 68.01 -6.03
C HIS S 101 32.66 69.13 -7.02
N ILE S 102 33.89 69.62 -7.03
CA ILE S 102 34.23 70.70 -7.92
C ILE S 102 34.97 70.25 -9.18
N ASP S 103 35.33 68.97 -9.25
CA ASP S 103 36.02 68.44 -10.44
C ASP S 103 35.03 68.13 -11.56
N SER S 104 35.55 68.06 -12.78
CA SER S 104 34.73 67.76 -13.94
C SER S 104 35.52 67.05 -15.04
N PRO S 105 34.86 66.16 -15.78
CA PRO S 105 35.50 65.41 -16.85
C PRO S 105 36.25 66.29 -17.83
N ARG S 106 37.41 65.83 -18.27
CA ARG S 106 38.26 66.57 -19.19
C ARG S 106 39.45 65.75 -19.65
N LEU S 107 40.23 66.30 -20.59
CA LEU S 107 41.40 65.63 -21.10
C LEU S 107 42.59 66.20 -20.34
N ASP S 108 43.68 65.45 -20.28
CA ASP S 108 44.86 65.96 -19.60
C ASP S 108 46.16 65.22 -19.91
N LEU S 109 47.14 66.00 -20.37
CA LEU S 109 48.46 65.53 -20.76
C LEU S 109 49.08 64.43 -19.93
N LYS S 110 49.72 63.47 -20.59
CA LYS S 110 50.37 62.35 -19.89
C LYS S 110 51.66 62.83 -19.18
N GLN S 111 52.44 61.88 -18.68
CA GLN S 111 53.69 62.19 -17.99
C GLN S 111 54.73 62.69 -19.01
N ASN S 112 54.63 62.22 -20.24
CA ASN S 112 55.55 62.62 -21.30
C ASN S 112 54.72 62.93 -22.53
N PRO S 113 53.86 63.96 -22.44
CA PRO S 113 52.97 64.40 -23.51
C PRO S 113 53.59 64.94 -24.81
N LEU S 114 54.71 65.64 -24.71
CA LEU S 114 55.32 66.22 -25.89
C LEU S 114 56.07 65.22 -26.75
N TYR S 115 55.63 65.11 -28.00
CA TYR S 115 56.27 64.20 -28.97
C TYR S 115 56.00 64.76 -30.35
N GLU S 116 56.77 64.34 -31.33
CA GLU S 116 56.62 64.84 -32.69
C GLU S 116 56.43 63.73 -33.70
N ASP S 117 55.29 63.75 -34.39
CA ASP S 117 55.01 62.73 -35.39
C ASP S 117 54.72 63.36 -36.75
N THR S 118 55.54 63.02 -37.74
CA THR S 118 55.36 63.56 -39.09
C THR S 118 55.33 65.07 -39.05
N ASP S 119 56.51 65.68 -39.04
CA ASP S 119 56.63 67.13 -39.00
C ASP S 119 56.02 67.69 -37.73
N LEU S 120 54.77 68.15 -37.79
CA LEU S 120 54.12 68.72 -36.60
C LEU S 120 54.30 67.93 -35.31
N ALA S 121 54.12 68.61 -34.19
CA ALA S 121 54.28 67.98 -32.89
C ALA S 121 53.00 67.97 -32.04
N MET S 122 52.60 66.79 -31.61
CA MET S 122 51.41 66.64 -30.79
C MET S 122 51.70 66.64 -29.29
N LEU S 123 50.67 66.29 -28.52
CA LEU S 123 50.72 66.24 -27.08
C LEU S 123 49.81 65.10 -26.56
N GLU S 124 50.40 64.03 -26.03
CA GLU S 124 49.64 62.90 -25.52
C GLU S 124 48.67 63.33 -24.44
N THR S 125 47.52 62.67 -24.37
CA THR S 125 46.51 62.97 -23.38
C THR S 125 45.96 61.70 -22.79
N HIS S 126 44.98 61.83 -21.91
CA HIS S 126 44.37 60.66 -21.27
C HIS S 126 43.13 61.18 -20.57
N TYR S 127 41.98 61.09 -21.23
CA TYR S 127 40.75 61.60 -20.65
C TYR S 127 40.52 61.16 -19.21
N TYR S 128 39.86 62.03 -18.45
CA TYR S 128 39.53 61.81 -17.05
C TYR S 128 38.06 62.06 -16.76
N GLY S 129 37.48 61.19 -15.95
CA GLY S 129 36.09 61.34 -15.58
C GLY S 129 35.10 60.55 -16.39
N GLY S 130 35.52 60.06 -17.55
CA GLY S 130 34.60 59.30 -18.36
C GLY S 130 33.73 60.20 -19.21
N ILE S 131 34.34 60.84 -20.20
CA ILE S 131 33.60 61.70 -21.10
C ILE S 131 32.95 60.77 -22.10
N LYS S 132 33.32 59.50 -21.99
CA LYS S 132 32.85 58.40 -22.85
C LYS S 132 32.57 58.80 -24.30
N LYS S 133 31.74 59.82 -24.47
CA LYS S 133 31.44 60.31 -25.79
C LYS S 133 32.66 61.15 -26.16
N TYR S 134 33.59 60.56 -26.89
CA TYR S 134 34.79 61.27 -27.26
C TYR S 134 34.55 62.31 -28.33
N GLN S 135 33.34 62.84 -28.40
CA GLN S 135 33.05 63.90 -29.37
C GLN S 135 33.56 65.21 -28.75
N TRP S 136 34.84 65.17 -28.42
CA TRP S 136 35.59 66.26 -27.81
C TRP S 136 36.62 66.72 -28.84
N VAL S 137 36.44 66.29 -30.08
CA VAL S 137 37.39 66.64 -31.11
C VAL S 137 37.25 68.07 -31.62
N THR S 138 37.10 68.21 -32.93
CA THR S 138 36.95 69.48 -33.59
C THR S 138 36.89 70.80 -32.80
N LEU S 139 35.98 70.92 -31.83
CA LEU S 139 35.89 72.17 -31.09
C LEU S 139 37.20 72.62 -30.42
N PRO S 140 37.41 73.95 -30.29
CA PRO S 140 38.58 74.62 -29.70
C PRO S 140 38.83 74.35 -28.21
N LEU S 141 40.09 74.05 -27.88
CA LEU S 141 40.49 73.74 -26.50
C LEU S 141 41.50 74.73 -25.92
N ALA S 142 41.50 74.82 -24.60
CA ALA S 142 42.43 75.70 -23.87
C ALA S 142 43.21 74.89 -22.82
N ILE S 143 44.43 75.30 -22.50
CA ILE S 143 45.22 74.57 -21.51
C ILE S 143 45.26 75.28 -20.17
N HIS S 144 45.03 74.50 -19.12
CA HIS S 144 45.08 75.04 -17.76
C HIS S 144 46.01 74.16 -16.94
N GLY S 145 45.93 74.25 -15.61
CA GLY S 145 46.78 73.43 -14.78
C GLY S 145 48.02 74.14 -14.30
N VAL S 146 48.97 73.36 -13.80
CA VAL S 146 50.20 73.90 -13.24
C VAL S 146 51.40 72.97 -13.45
N ILE S 147 52.59 73.53 -13.54
CA ILE S 147 53.80 72.72 -13.72
C ILE S 147 54.71 72.99 -12.54
N VAL S 148 55.31 71.94 -11.98
CA VAL S 148 56.21 72.10 -10.84
C VAL S 148 57.69 71.84 -11.16
N LYS S 149 58.51 72.86 -11.01
CA LYS S 149 59.94 72.75 -11.27
C LYS S 149 60.52 71.78 -10.28
N LYS S 150 61.71 71.26 -10.58
CA LYS S 150 62.35 70.31 -9.67
C LYS S 150 62.62 70.97 -8.31
N ASP S 151 62.88 72.28 -8.34
CA ASP S 151 63.17 73.05 -7.14
C ASP S 151 61.92 73.32 -6.32
N GLY S 152 60.75 73.08 -6.93
CA GLY S 152 59.50 73.30 -6.22
C GLY S 152 58.70 74.53 -6.65
N THR S 153 59.24 75.27 -7.61
CA THR S 153 58.57 76.47 -8.10
C THR S 153 57.29 76.10 -8.85
N ILE S 154 56.17 76.65 -8.42
CA ILE S 154 54.91 76.36 -9.07
C ILE S 154 54.59 77.39 -10.13
N VAL S 155 54.54 76.95 -11.38
CA VAL S 155 54.23 77.86 -12.48
C VAL S 155 52.79 77.62 -12.94
N ASN S 156 52.04 78.69 -13.17
CA ASN S 156 50.66 78.56 -13.59
C ASN S 156 50.52 78.66 -15.10
N VAL S 157 49.74 77.76 -15.69
CA VAL S 157 49.52 77.76 -17.13
C VAL S 157 48.05 77.98 -17.44
N CYS S 158 47.77 78.88 -18.38
CA CYS S 158 46.42 79.19 -18.79
C CYS S 158 46.47 79.76 -20.19
N VAL S 159 46.46 78.88 -21.19
CA VAL S 159 46.52 79.31 -22.59
C VAL S 159 45.21 78.99 -23.32
N GLY S 160 44.75 79.95 -24.12
CA GLY S 160 43.54 79.75 -24.88
C GLY S 160 42.30 80.43 -24.35
N GLU S 161 42.42 81.16 -23.24
CA GLU S 161 41.25 81.83 -22.69
C GLU S 161 41.09 83.25 -23.21
N ASP S 162 42.16 84.04 -23.18
CA ASP S 162 42.10 85.41 -23.68
C ASP S 162 41.84 85.42 -25.18
N ASP S 163 41.10 86.40 -25.65
CA ASP S 163 40.80 86.50 -27.08
C ASP S 163 42.06 86.62 -27.94
N ASN S 164 43.22 86.74 -27.31
CA ASN S 164 44.47 86.86 -28.06
C ASN S 164 45.38 85.66 -27.89
N ASP S 165 44.96 84.70 -27.07
CA ASP S 165 45.76 83.51 -26.84
C ASP S 165 45.45 82.50 -27.93
N PRO S 166 46.45 81.68 -28.31
CA PRO S 166 46.21 80.69 -29.35
C PRO S 166 45.36 79.61 -28.73
N VAL S 167 44.82 78.72 -29.54
CA VAL S 167 43.98 77.64 -29.03
C VAL S 167 44.53 76.27 -29.45
N PHE S 168 43.89 75.21 -28.97
CA PHE S 168 44.30 73.85 -29.30
C PHE S 168 43.12 72.96 -29.58
N GLY S 169 43.37 71.75 -30.06
CA GLY S 169 42.28 70.84 -30.33
C GLY S 169 42.70 69.49 -30.85
N VAL S 170 41.74 68.58 -30.94
CA VAL S 170 41.98 67.22 -31.44
C VAL S 170 41.43 67.09 -32.84
N SER S 171 42.21 66.54 -33.75
CA SER S 171 41.76 66.39 -35.14
C SER S 171 40.92 65.13 -35.38
N ASP S 172 40.27 65.09 -36.53
CA ASP S 172 39.45 63.95 -36.91
C ASP S 172 39.34 63.88 -38.42
N ILE S 173 39.57 62.70 -38.98
CA ILE S 173 39.53 62.49 -40.42
C ILE S 173 38.36 63.19 -41.09
N LEU S 174 38.59 63.74 -42.26
CA LEU S 174 37.53 64.40 -42.99
C LEU S 174 36.52 63.34 -43.45
N VAL S 175 35.26 63.73 -43.59
CA VAL S 175 34.22 62.80 -43.99
C VAL S 175 34.54 62.12 -45.31
N HIS S 176 35.27 62.82 -46.17
CA HIS S 176 35.62 62.28 -47.47
C HIS S 176 36.34 60.95 -47.38
N LEU S 177 37.12 60.77 -46.32
CA LEU S 177 37.86 59.53 -46.15
C LEU S 177 37.52 58.81 -44.87
N ALA S 178 36.45 59.25 -44.22
CA ALA S 178 36.03 58.63 -42.95
C ALA S 178 35.17 57.38 -43.16
N SER S 179 35.04 56.97 -44.42
CA SER S 179 34.25 55.80 -44.77
C SER S 179 34.60 54.57 -43.93
N GLU S 180 35.88 54.25 -43.83
CA GLU S 180 36.33 53.10 -43.07
C GLU S 180 36.02 53.23 -41.58
N GLN S 181 35.75 54.45 -41.14
CA GLN S 181 35.43 54.72 -39.74
C GLN S 181 33.90 54.70 -39.56
N LEU S 182 33.33 53.50 -39.45
CA LEU S 182 31.88 53.32 -39.28
C LEU S 182 31.53 52.33 -38.17
N GLU S 183 32.40 51.36 -37.93
CA GLU S 183 32.13 50.35 -36.91
C GLU S 183 31.93 50.94 -35.51
N LYS S 184 30.86 50.50 -34.86
CA LYS S 184 30.51 50.92 -33.51
C LYS S 184 30.73 52.38 -33.14
N LYS S 185 29.65 53.15 -33.01
CA LYS S 185 29.76 54.55 -32.62
C LYS S 185 30.37 54.52 -31.23
N ALA S 186 30.09 53.42 -30.53
CA ALA S 186 30.59 53.17 -29.16
C ALA S 186 31.98 53.73 -29.01
N SER S 187 32.75 53.63 -30.09
CA SER S 187 34.10 54.14 -30.07
C SER S 187 34.89 53.87 -31.33
N LYS S 188 35.09 54.94 -32.11
CA LYS S 188 35.89 54.87 -33.33
C LYS S 188 36.80 56.10 -33.27
N VAL S 189 36.82 56.72 -32.09
CA VAL S 189 37.64 57.89 -31.77
C VAL S 189 37.95 57.64 -30.30
N ILE S 190 39.15 57.14 -29.98
CA ILE S 190 39.42 56.86 -28.57
C ILE S 190 40.88 56.93 -28.10
N GLU S 191 41.82 57.10 -29.04
CA GLU S 191 43.25 57.14 -28.69
C GLU S 191 43.58 58.09 -27.55
N GLY S 192 44.87 58.23 -27.29
CA GLY S 192 45.31 59.13 -26.23
C GLY S 192 46.57 59.82 -26.67
N GLU S 193 46.70 59.99 -27.97
CA GLU S 193 47.89 60.62 -28.53
C GLU S 193 47.40 61.56 -29.61
N ASP S 194 46.48 62.44 -29.20
CA ASP S 194 45.89 63.42 -30.06
C ASP S 194 46.30 64.84 -29.64
N LEU S 195 45.78 65.84 -30.33
CA LEU S 195 46.07 67.23 -29.97
C LEU S 195 47.46 67.77 -30.30
N ASN S 196 47.57 68.42 -31.46
CA ASN S 196 48.85 69.00 -31.90
C ASN S 196 48.99 70.42 -31.43
N ILE S 197 50.15 70.75 -30.86
CA ILE S 197 50.39 72.08 -30.35
C ILE S 197 51.23 72.97 -31.22
N LEU S 198 51.71 72.45 -32.35
CA LEU S 198 52.50 73.29 -33.23
C LEU S 198 52.89 72.65 -34.54
N ILE S 199 52.74 73.42 -35.61
CA ILE S 199 53.08 72.96 -36.92
C ILE S 199 54.39 73.64 -37.29
N GLY S 200 54.80 73.42 -38.54
CA GLY S 200 56.03 73.98 -39.07
C GLY S 200 56.90 74.68 -38.05
N SER S 201 57.13 75.98 -38.27
CA SER S 201 57.95 76.77 -37.37
C SER S 201 59.00 75.80 -36.85
N ILE S 202 59.63 75.15 -37.81
CA ILE S 202 60.63 74.18 -37.55
C ILE S 202 61.99 74.72 -37.97
N PRO S 203 62.93 74.86 -37.01
CA PRO S 203 62.76 74.59 -35.58
C PRO S 203 63.37 75.76 -34.81
N LEU S 204 64.28 75.43 -33.89
CA LEU S 204 64.98 76.42 -33.10
C LEU S 204 66.36 76.62 -33.72
N LYS S 205 66.61 77.84 -34.22
CA LYS S 205 67.87 78.20 -34.86
C LYS S 205 68.25 77.20 -35.96
N ASP S 206 67.29 76.34 -36.31
CA ASP S 206 67.46 75.32 -37.33
C ASP S 206 68.77 74.56 -37.18
N GLY S 207 69.08 74.20 -35.94
CA GLY S 207 70.30 73.48 -35.65
C GLY S 207 70.16 71.98 -35.75
N GLU S 208 69.57 71.52 -36.86
CA GLU S 208 69.37 70.09 -37.09
C GLU S 208 68.55 69.41 -36.00
N GLU S 209 68.85 68.14 -35.75
CA GLU S 209 68.17 67.33 -34.73
C GLU S 209 66.79 66.90 -35.20
N LYS S 210 66.72 65.69 -35.76
CA LYS S 210 65.47 65.11 -36.29
C LYS S 210 64.16 65.79 -35.83
N GLN S 211 63.85 65.68 -34.54
CA GLN S 211 62.63 66.26 -34.01
C GLN S 211 62.73 67.78 -33.96
N LYS S 212 62.78 68.42 -35.11
CA LYS S 212 62.89 69.87 -35.13
C LYS S 212 61.66 70.62 -34.62
N VAL S 213 60.49 70.31 -35.17
CA VAL S 213 59.24 70.95 -34.75
C VAL S 213 59.10 70.83 -33.25
N LYS S 214 59.41 69.65 -32.71
CA LYS S 214 59.32 69.44 -31.28
C LYS S 214 60.31 70.36 -30.58
N HIS S 215 61.59 70.20 -30.93
CA HIS S 215 62.66 71.00 -30.35
C HIS S 215 62.30 72.47 -30.28
N ASN S 216 61.69 72.98 -31.36
CA ASN S 216 61.28 74.38 -31.40
C ASN S 216 60.24 74.73 -30.33
N ILE S 217 59.19 73.92 -30.24
CA ILE S 217 58.15 74.19 -29.27
C ILE S 217 58.67 74.15 -27.84
N MET S 218 59.52 73.17 -27.54
CA MET S 218 60.05 73.05 -26.19
C MET S 218 60.78 74.34 -25.84
N LYS S 219 61.52 74.87 -26.82
CA LYS S 219 62.26 76.11 -26.64
C LYS S 219 61.27 77.25 -26.43
N ILE S 220 60.20 77.26 -27.22
CA ILE S 220 59.18 78.31 -27.11
C ILE S 220 58.55 78.21 -25.74
N LEU S 221 58.31 76.97 -25.32
CA LEU S 221 57.71 76.70 -24.03
C LEU S 221 58.71 77.01 -22.93
N ASN S 222 59.98 77.11 -23.32
CA ASN S 222 61.03 77.40 -22.35
C ASN S 222 61.14 78.89 -22.07
N GLU S 223 61.00 79.71 -23.11
CA GLU S 223 61.07 81.16 -22.95
C GLU S 223 60.00 81.58 -21.95
N LYS S 224 58.76 81.18 -22.17
CA LYS S 224 57.71 81.49 -21.20
C LYS S 224 57.97 80.45 -20.15
N TYR S 225 57.54 80.69 -18.92
CA TYR S 225 57.76 79.70 -17.85
C TYR S 225 59.26 79.50 -17.73
N ASP S 226 59.69 78.25 -17.55
CA ASP S 226 61.10 77.96 -17.41
C ASP S 226 61.25 76.46 -17.23
N ILE S 227 60.43 75.70 -17.94
CA ILE S 227 60.44 74.26 -17.86
C ILE S 227 61.34 73.60 -18.88
N SER S 228 61.46 72.28 -18.76
CA SER S 228 62.26 71.49 -19.68
C SER S 228 61.32 70.40 -20.13
N GLU S 229 61.78 69.51 -21.02
CA GLU S 229 60.89 68.44 -21.47
C GLU S 229 60.46 67.64 -20.24
N GLU S 230 61.33 67.55 -19.24
CA GLU S 230 60.98 66.85 -18.00
C GLU S 230 60.01 67.81 -17.38
N ASP S 231 59.89 67.81 -16.05
CA ASP S 231 58.96 68.76 -15.39
C ASP S 231 57.51 68.36 -15.71
N PHE S 232 57.25 67.93 -16.94
CA PHE S 232 55.93 67.51 -17.32
C PHE S 232 55.58 66.35 -16.41
N VAL S 233 56.61 65.61 -16.02
CA VAL S 233 56.45 64.47 -15.13
C VAL S 233 55.78 64.94 -13.83
N SER S 234 56.19 66.12 -13.39
CA SER S 234 55.64 66.69 -12.16
C SER S 234 54.77 67.88 -12.53
N ALA S 235 53.98 67.72 -13.59
CA ALA S 235 53.10 68.77 -14.04
C ALA S 235 51.62 68.42 -13.81
N GLU S 236 50.72 69.32 -14.17
CA GLU S 236 49.31 69.10 -13.99
C GLU S 236 48.49 69.33 -15.24
N LEU S 237 48.44 68.26 -16.02
CA LEU S 237 47.69 68.14 -17.27
C LEU S 237 46.28 68.74 -17.16
N GLU S 238 45.89 69.59 -18.10
CA GLU S 238 44.54 70.16 -18.03
C GLU S 238 44.03 70.75 -19.34
N ILE S 239 43.29 69.96 -20.10
CA ILE S 239 42.75 70.43 -21.36
C ILE S 239 41.26 70.60 -21.23
N VAL S 240 40.80 71.80 -21.51
CA VAL S 240 39.38 72.13 -21.38
C VAL S 240 38.90 73.01 -22.52
N PRO S 241 37.60 72.92 -22.87
CA PRO S 241 37.11 73.76 -23.97
C PRO S 241 37.34 75.25 -23.67
N ALA S 242 37.73 76.01 -24.67
CA ALA S 242 37.99 77.44 -24.49
C ALA S 242 36.72 78.26 -24.70
N GLY S 243 36.69 79.46 -24.11
CA GLY S 243 35.53 80.34 -24.25
C GLY S 243 34.76 80.49 -22.95
N LYS S 244 34.18 81.67 -22.75
CA LYS S 244 33.39 81.97 -21.55
C LYS S 244 32.02 81.33 -21.69
N ALA S 245 31.37 81.06 -20.56
CA ALA S 245 30.03 80.47 -20.60
C ALA S 245 29.16 81.56 -21.21
N ARG S 246 28.04 81.20 -21.81
CA ARG S 246 27.20 82.20 -22.45
C ARG S 246 25.71 82.06 -22.15
N ASP S 247 24.93 83.03 -22.60
CA ASP S 247 23.48 82.99 -22.41
C ASP S 247 22.97 82.04 -23.46
N TYR S 248 22.19 81.06 -23.04
CA TYR S 248 21.68 80.11 -24.01
C TYR S 248 20.20 80.36 -24.26
N GLY S 249 19.83 80.42 -25.54
CA GLY S 249 18.43 80.63 -25.90
C GLY S 249 18.02 82.03 -26.29
N PHE S 250 17.01 82.13 -27.15
CA PHE S 250 16.52 83.43 -27.60
C PHE S 250 15.96 84.26 -26.45
N ASP S 251 15.58 83.59 -25.37
CA ASP S 251 15.03 84.30 -24.22
C ASP S 251 16.01 84.36 -23.06
N ARG S 252 17.27 84.06 -23.35
CA ARG S 252 18.29 84.06 -22.31
C ARG S 252 17.87 83.36 -21.03
N SER S 253 17.10 82.28 -21.16
CA SER S 253 16.62 81.55 -19.99
C SER S 253 17.56 80.49 -19.49
N MET S 254 18.48 80.06 -20.35
CA MET S 254 19.44 79.04 -19.95
C MET S 254 20.85 79.53 -20.06
N VAL S 255 21.79 78.70 -19.59
CA VAL S 255 23.21 79.01 -19.62
C VAL S 255 24.00 77.83 -20.16
N MET S 256 24.84 78.10 -21.17
CA MET S 256 25.68 77.08 -21.79
C MET S 256 27.13 77.27 -21.35
N GLY S 257 27.74 76.22 -20.79
CA GLY S 257 29.12 76.33 -20.36
C GLY S 257 29.74 75.02 -19.93
N TYR S 258 31.07 75.00 -19.82
CA TYR S 258 31.79 73.82 -19.38
C TYR S 258 31.80 73.75 -17.86
N GLY S 259 31.86 72.53 -17.34
CA GLY S 259 31.92 72.38 -15.89
C GLY S 259 30.58 72.43 -15.15
N GLN S 260 29.53 72.84 -15.85
CA GLN S 260 28.21 72.92 -15.25
C GLN S 260 28.00 71.78 -14.26
N ASP S 261 28.47 70.59 -14.60
CA ASP S 261 28.31 69.41 -13.75
C ASP S 261 28.79 69.62 -12.34
N ASP S 262 27.80 69.77 -11.47
CA ASP S 262 27.95 69.98 -10.05
C ASP S 262 28.65 71.28 -9.67
N ARG S 263 29.50 71.78 -10.55
CA ARG S 263 30.17 73.01 -10.25
C ARG S 263 29.11 74.09 -10.08
N ILE S 264 27.96 73.86 -10.69
CA ILE S 264 26.82 74.79 -10.58
C ILE S 264 26.22 74.64 -9.17
N CYS S 265 26.17 73.42 -8.65
CA CYS S 265 25.66 73.21 -7.32
C CYS S 265 26.67 73.70 -6.33
N ALA S 266 27.93 73.46 -6.64
CA ALA S 266 29.01 73.88 -5.74
C ALA S 266 29.00 75.37 -5.58
N TYR S 267 28.47 76.06 -6.59
CA TYR S 267 28.39 77.52 -6.54
C TYR S 267 27.17 78.01 -5.74
N THR S 268 25.99 77.58 -6.15
CA THR S 268 24.80 77.97 -5.44
C THR S 268 24.99 77.62 -3.96
N SER S 269 25.52 76.43 -3.69
CA SER S 269 25.74 76.00 -2.32
C SER S 269 26.67 76.96 -1.65
N PHE S 270 27.56 77.54 -2.43
CA PHE S 270 28.53 78.48 -1.89
C PHE S 270 27.85 79.77 -1.47
N GLU S 271 27.23 80.46 -2.42
CA GLU S 271 26.54 81.72 -2.12
C GLU S 271 25.56 81.51 -0.98
N ALA S 272 24.77 80.45 -1.06
CA ALA S 272 23.81 80.18 0.00
C ALA S 272 24.57 80.19 1.32
N MET S 273 25.58 79.35 1.43
CA MET S 273 26.39 79.25 2.66
C MET S 273 27.05 80.58 3.01
N LEU S 274 27.51 81.29 1.99
CA LEU S 274 28.19 82.55 2.20
C LEU S 274 27.31 83.61 2.84
N GLU S 275 26.21 83.96 2.17
CA GLU S 275 25.31 84.98 2.69
C GLU S 275 24.38 84.46 3.79
N MET S 276 24.89 83.49 4.55
CA MET S 276 24.11 82.90 5.63
C MET S 276 24.53 83.49 6.98
N LYS S 277 23.71 84.37 7.51
CA LYS S 277 24.00 85.03 8.79
C LYS S 277 23.04 84.57 9.88
N ASN S 278 23.47 84.68 11.13
CA ASN S 278 22.65 84.27 12.27
C ASN S 278 22.36 82.78 12.17
N ALA S 279 23.29 81.97 12.65
CA ALA S 279 23.14 80.52 12.59
C ALA S 279 22.68 79.91 13.90
N LYS S 280 21.65 79.07 13.84
CA LYS S 280 21.12 78.43 15.04
C LYS S 280 21.99 77.21 15.32
N LYS S 281 22.17 76.37 14.31
CA LYS S 281 23.00 75.17 14.44
C LYS S 281 24.14 75.28 13.43
N THR S 282 25.37 75.11 13.92
CA THR S 282 26.55 75.21 13.08
C THR S 282 26.40 74.43 11.78
N CYS S 283 26.59 75.13 10.67
CA CYS S 283 26.48 74.51 9.34
C CYS S 283 27.78 74.62 8.56
N ILE S 284 28.03 73.64 7.70
CA ILE S 284 29.25 73.61 6.91
C ILE S 284 29.12 73.19 5.44
N THR S 285 29.99 73.78 4.63
CA THR S 285 30.01 73.51 3.20
C THR S 285 31.26 72.76 2.76
N ILE S 286 31.07 71.64 2.06
CA ILE S 286 32.19 70.84 1.61
C ILE S 286 32.27 70.85 0.08
N LEU S 287 33.50 70.94 -0.42
CA LEU S 287 33.76 70.96 -1.85
C LEU S 287 34.98 70.12 -2.16
N VAL S 288 34.77 68.89 -2.60
CA VAL S 288 35.88 67.98 -2.91
C VAL S 288 35.93 67.63 -4.38
N ASP S 289 36.91 66.82 -4.75
CA ASP S 289 37.03 66.41 -6.13
C ASP S 289 37.16 64.89 -6.25
N LYS S 290 37.60 64.44 -7.43
CA LYS S 290 37.79 63.03 -7.72
C LYS S 290 36.46 62.28 -7.74
N GLU S 291 35.34 63.00 -7.69
CA GLU S 291 34.03 62.36 -7.70
C GLU S 291 33.80 61.66 -9.02
N GLU S 292 34.03 62.40 -10.11
CA GLU S 292 33.83 61.87 -11.45
C GLU S 292 34.76 60.67 -11.77
N VAL S 293 35.74 60.44 -10.91
CA VAL S 293 36.68 59.36 -11.12
C VAL S 293 36.53 58.21 -10.11
N GLY S 294 35.60 58.34 -9.16
CA GLY S 294 35.39 57.28 -8.18
C GLY S 294 35.36 57.78 -6.74
N SER S 295 35.84 59.01 -6.53
CA SER S 295 35.86 59.62 -5.21
C SER S 295 36.89 58.94 -4.30
N ILE S 296 37.99 58.48 -4.89
CA ILE S 296 39.03 57.81 -4.12
C ILE S 296 39.63 58.73 -3.08
N GLY S 297 40.55 58.18 -2.29
CA GLY S 297 41.19 58.92 -1.23
C GLY S 297 42.00 60.14 -1.62
N ALA S 298 42.69 60.71 -0.64
CA ALA S 298 43.53 61.89 -0.80
C ALA S 298 42.74 63.19 -0.82
N THR S 299 41.77 63.29 -1.73
CA THR S 299 40.97 64.51 -1.84
C THR S 299 39.48 64.29 -2.19
N GLY S 300 38.89 63.20 -1.69
CA GLY S 300 37.48 62.92 -1.95
C GLY S 300 36.78 62.16 -0.83
N MET S 301 37.23 60.94 -0.58
CA MET S 301 36.67 60.09 0.47
C MET S 301 37.60 60.17 1.68
N GLN S 302 38.61 61.02 1.55
CA GLN S 302 39.61 61.24 2.60
C GLN S 302 39.00 61.53 3.97
N SER S 303 39.87 61.73 4.95
CA SER S 303 39.44 62.04 6.30
C SER S 303 39.56 63.54 6.52
N LYS S 304 39.98 64.25 5.48
CA LYS S 304 40.14 65.70 5.52
C LYS S 304 38.96 66.37 6.23
N PHE S 305 37.77 65.81 6.07
CA PHE S 305 36.59 66.35 6.71
C PHE S 305 36.50 65.80 8.13
N PHE S 306 36.65 64.50 8.24
CA PHE S 306 36.59 63.82 9.54
C PHE S 306 37.57 64.49 10.46
N GLU S 307 38.86 64.29 10.21
CA GLU S 307 39.90 64.90 11.02
C GLU S 307 40.02 66.39 10.71
N ASN S 308 38.92 67.09 10.93
CA ASN S 308 38.89 68.51 10.69
C ASN S 308 37.71 69.08 11.46
N THR S 309 36.59 68.37 11.43
CA THR S 309 35.44 68.80 12.17
C THR S 309 35.91 68.67 13.60
N VAL S 310 36.83 67.74 13.81
CA VAL S 310 37.38 67.53 15.14
C VAL S 310 38.40 68.61 15.44
N ALA S 311 39.39 68.75 14.56
CA ALA S 311 40.41 69.78 14.74
C ALA S 311 39.70 71.11 14.97
N ASP S 312 38.44 71.19 14.56
CA ASP S 312 37.66 72.39 14.71
C ASP S 312 36.83 72.32 15.99
N ILE S 313 36.35 71.12 16.32
CA ILE S 313 35.57 70.90 17.54
C ILE S 313 36.49 71.19 18.75
N MET S 314 37.80 71.06 18.53
CA MET S 314 38.78 71.31 19.58
C MET S 314 38.68 72.73 20.11
N SER S 315 38.43 73.68 19.21
CA SER S 315 38.30 75.09 19.60
C SER S 315 36.85 75.45 19.87
N ASP S 321 35.16 69.30 25.37
CA ASP S 321 35.10 69.57 23.94
C ASP S 321 36.23 68.88 23.18
N GLU S 322 36.60 67.69 23.65
CA GLU S 322 37.68 66.94 23.04
C GLU S 322 37.26 65.55 22.54
N LEU S 323 37.30 64.58 23.45
CA LEU S 323 36.95 63.19 23.16
C LEU S 323 35.87 62.93 22.11
N LYS S 324 36.10 61.87 21.35
CA LYS S 324 35.24 61.41 20.29
C LYS S 324 33.79 61.88 20.35
N LEU S 325 33.04 61.37 21.32
CA LEU S 325 31.62 61.70 21.48
C LEU S 325 30.80 61.11 20.32
N ARG S 326 31.33 61.22 19.09
CA ARG S 326 30.71 60.70 17.85
C ARG S 326 29.44 61.42 17.41
N LYS S 327 28.44 61.41 18.29
CA LYS S 327 27.14 62.05 18.06
C LYS S 327 27.18 63.29 17.15
N ALA S 328 28.26 64.07 17.25
CA ALA S 328 28.41 65.28 16.46
C ALA S 328 27.96 65.08 15.01
N LEU S 329 28.56 64.09 14.35
CA LEU S 329 28.24 63.78 12.95
C LEU S 329 26.92 63.02 12.81
N TYR S 330 26.73 62.02 13.66
CA TYR S 330 25.51 61.20 13.63
C TYR S 330 24.21 62.03 13.64
N ASN S 331 24.22 63.16 14.33
CA ASN S 331 23.02 63.98 14.41
C ASN S 331 22.97 65.13 13.40
N SER S 332 23.72 65.02 12.31
CA SER S 332 23.72 66.08 11.31
C SER S 332 22.79 65.77 10.14
N GLU S 333 22.52 66.79 9.34
CA GLU S 333 21.66 66.65 8.17
C GLU S 333 22.42 67.21 6.98
N MET S 334 22.58 66.40 5.94
CA MET S 334 23.30 66.85 4.76
C MET S 334 22.45 66.93 3.52
N LEU S 335 22.94 67.70 2.54
CA LEU S 335 22.26 67.88 1.28
C LEU S 335 23.30 67.74 0.16
N SER S 336 23.89 66.54 0.07
CA SER S 336 24.89 66.23 -0.95
C SER S 336 24.23 66.43 -2.31
N SER S 337 24.59 67.50 -3.00
CA SER S 337 23.99 67.77 -4.30
C SER S 337 24.91 67.48 -5.49
N ASP S 338 24.29 67.21 -6.63
CA ASP S 338 24.99 66.94 -7.90
C ASP S 338 23.96 67.02 -9.01
N VAL S 339 24.34 67.56 -10.16
CA VAL S 339 23.43 67.70 -11.28
C VAL S 339 22.78 66.38 -11.69
N SER S 340 21.59 66.50 -12.27
CA SER S 340 20.84 65.34 -12.72
C SER S 340 20.53 65.52 -14.20
N ALA S 341 20.08 64.45 -14.86
CA ALA S 341 19.78 64.52 -16.27
C ALA S 341 18.39 65.06 -16.53
N ALA S 342 18.33 66.18 -17.23
CA ALA S 342 17.04 66.80 -17.56
C ALA S 342 16.46 66.12 -18.79
N PHE S 343 15.14 66.00 -18.83
CA PHE S 343 14.48 65.37 -19.96
C PHE S 343 14.83 66.09 -21.27
N ASP S 344 15.38 65.37 -22.24
CA ASP S 344 15.73 65.97 -23.52
C ASP S 344 14.71 65.56 -24.56
N PRO S 345 14.04 66.54 -25.15
CA PRO S 345 13.03 66.28 -26.18
C PRO S 345 13.58 65.62 -27.43
N ASN S 346 14.90 65.45 -27.50
CA ASN S 346 15.49 64.80 -28.66
C ASN S 346 15.59 63.28 -28.46
N TYR S 347 15.73 62.87 -27.20
CA TYR S 347 15.82 61.46 -26.88
C TYR S 347 14.92 61.17 -25.70
N PRO S 348 13.61 61.01 -25.95
CA PRO S 348 12.61 60.74 -24.91
C PRO S 348 12.52 59.31 -24.42
N ASN S 349 12.71 58.36 -25.32
CA ASN S 349 12.60 56.94 -24.99
C ASN S 349 13.62 56.45 -23.98
N VAL S 350 14.52 57.32 -23.57
CA VAL S 350 15.54 56.93 -22.62
C VAL S 350 15.10 57.18 -21.18
N MET S 351 14.08 58.01 -21.00
CA MET S 351 13.56 58.31 -19.66
C MET S 351 12.08 58.00 -19.49
N GLU S 352 11.66 57.85 -18.25
CA GLU S 352 10.27 57.50 -17.94
C GLU S 352 9.25 58.65 -17.99
N LYS S 353 9.64 59.79 -18.55
CA LYS S 353 8.73 60.93 -18.63
C LYS S 353 8.42 61.37 -17.18
N ARG S 354 7.45 60.71 -16.55
CA ARG S 354 7.14 61.02 -15.15
C ARG S 354 8.35 60.52 -14.39
N ASN S 355 8.63 61.09 -13.23
CA ASN S 355 9.78 60.65 -12.46
C ASN S 355 11.09 61.03 -13.14
N SER S 356 11.06 62.13 -13.88
CA SER S 356 12.24 62.61 -14.58
C SER S 356 12.30 64.12 -14.36
N ALA S 357 13.51 64.66 -14.18
CA ALA S 357 13.66 66.09 -13.95
C ALA S 357 13.44 66.88 -15.25
N TYR S 358 12.75 68.01 -15.14
CA TYR S 358 12.52 68.85 -16.28
C TYR S 358 13.17 70.23 -16.14
N LEU S 359 13.65 70.75 -17.25
CA LEU S 359 14.31 72.04 -17.28
C LEU S 359 13.43 73.18 -16.78
N GLY S 360 13.68 73.63 -15.55
CA GLY S 360 12.91 74.74 -15.04
C GLY S 360 11.84 74.43 -14.00
N LYS S 361 11.72 73.18 -13.58
CA LYS S 361 10.71 72.90 -12.58
C LYS S 361 11.26 72.92 -11.16
N GLY S 362 12.31 73.71 -10.93
CA GLY S 362 12.87 73.79 -9.59
C GLY S 362 14.04 72.88 -9.29
N ILE S 363 14.39 72.80 -8.01
CA ILE S 363 15.51 71.98 -7.55
C ILE S 363 15.10 70.49 -7.60
N VAL S 364 16.08 69.64 -7.90
CA VAL S 364 15.82 68.21 -8.01
C VAL S 364 16.17 67.39 -6.78
N PHE S 365 15.32 66.41 -6.47
CA PHE S 365 15.51 65.51 -5.33
C PHE S 365 15.55 64.08 -5.81
N ASN S 366 16.54 63.32 -5.35
CA ASN S 366 16.69 61.92 -5.74
C ASN S 366 16.78 61.05 -4.50
N LYS S 367 15.69 60.35 -4.21
CA LYS S 367 15.68 59.48 -3.04
C LYS S 367 16.78 58.43 -3.21
N TYR S 368 16.82 57.81 -4.39
CA TYR S 368 17.82 56.79 -4.69
C TYR S 368 18.39 57.04 -6.07
N THR S 369 19.56 56.49 -6.33
CA THR S 369 20.23 56.65 -7.61
C THR S 369 21.32 55.60 -7.79
N GLY S 370 20.93 54.42 -8.26
CA GLY S 370 21.90 53.37 -8.45
C GLY S 370 21.86 52.76 -9.84
N SER S 371 21.90 51.44 -9.91
CA SER S 371 21.88 50.72 -11.17
C SER S 371 20.82 49.63 -11.16
N ARG S 372 21.25 48.40 -11.43
CA ARG S 372 20.37 47.24 -11.45
C ARG S 372 19.69 47.03 -10.10
N GLY S 373 18.61 47.77 -9.84
CA GLY S 373 17.92 47.61 -8.58
C GLY S 373 18.43 48.43 -7.41
N LYS S 374 18.65 49.71 -7.68
CA LYS S 374 19.13 50.64 -6.65
C LYS S 374 20.48 50.25 -6.09
N SER S 375 21.18 49.38 -6.81
CA SER S 375 22.48 48.90 -6.37
C SER S 375 23.55 49.98 -6.21
N GLY S 376 24.24 49.94 -5.07
CA GLY S 376 25.30 50.88 -4.78
C GLY S 376 24.91 52.35 -4.81
N CYS S 377 24.23 52.81 -3.78
CA CYS S 377 23.82 54.20 -3.71
C CYS S 377 23.08 54.46 -2.41
N ASN S 378 23.03 55.73 -2.01
CA ASN S 378 22.36 56.11 -0.78
C ASN S 378 20.86 56.25 -0.98
N ASP S 379 20.09 55.75 -0.01
CA ASP S 379 18.63 55.83 -0.09
C ASP S 379 18.10 56.70 1.06
N ALA S 380 17.68 57.91 0.71
CA ALA S 380 17.17 58.86 1.69
C ALA S 380 15.93 58.38 2.45
N ASN S 381 15.89 58.68 3.75
CA ASN S 381 14.76 58.28 4.59
C ASN S 381 13.56 59.19 4.36
N PRO S 382 12.35 58.61 4.33
CA PRO S 382 11.13 59.39 4.12
C PRO S 382 10.91 60.45 5.17
N GLU S 383 11.13 60.09 6.44
CA GLU S 383 10.94 61.05 7.52
C GLU S 383 11.77 62.30 7.25
N TYR S 384 12.99 62.12 6.76
CA TYR S 384 13.86 63.25 6.46
C TYR S 384 13.36 64.00 5.23
N ILE S 385 12.92 63.24 4.24
CA ILE S 385 12.39 63.83 3.02
C ILE S 385 11.19 64.72 3.33
N ALA S 386 10.23 64.16 4.07
CA ALA S 386 9.04 64.90 4.45
C ALA S 386 9.45 66.23 5.04
N GLU S 387 10.43 66.22 5.95
CA GLU S 387 10.88 67.45 6.56
C GLU S 387 11.32 68.47 5.51
N LEU S 388 12.19 68.04 4.61
CA LEU S 388 12.66 68.91 3.56
C LEU S 388 11.48 69.48 2.81
N ARG S 389 10.46 68.66 2.61
CA ARG S 389 9.26 69.12 1.90
C ARG S 389 8.69 70.30 2.64
N ARG S 390 8.31 70.04 3.89
CA ARG S 390 7.74 71.07 4.74
C ARG S 390 8.57 72.37 4.65
N ILE S 391 9.89 72.24 4.83
CA ILE S 391 10.78 73.40 4.78
C ILE S 391 10.73 74.13 3.45
N LEU S 392 10.93 73.40 2.37
CA LEU S 392 10.90 74.00 1.05
C LEU S 392 9.47 74.36 0.65
N SER S 393 8.60 74.49 1.64
CA SER S 393 7.23 74.88 1.36
C SER S 393 7.05 76.23 2.01
N LYS S 394 7.47 76.32 3.27
CA LYS S 394 7.38 77.56 4.01
C LYS S 394 8.13 78.64 3.23
N GLU S 395 9.45 78.48 3.09
CA GLU S 395 10.25 79.46 2.35
C GLU S 395 9.96 79.37 0.86
N SER S 396 8.93 78.60 0.51
CA SER S 396 8.56 78.39 -0.87
C SER S 396 9.62 77.57 -1.59
N VAL S 397 10.02 78.01 -2.79
CA VAL S 397 11.03 77.29 -3.59
C VAL S 397 10.41 76.09 -4.30
N ASN S 398 10.61 76.03 -5.62
CA ASN S 398 10.07 74.92 -6.39
C ASN S 398 11.04 73.74 -6.39
N TRP S 399 10.50 72.54 -6.24
CA TRP S 399 11.30 71.34 -6.25
C TRP S 399 10.59 70.25 -7.06
N GLN S 400 11.37 69.32 -7.58
CA GLN S 400 10.85 68.21 -8.34
C GLN S 400 11.70 66.98 -8.07
N THR S 401 11.09 65.81 -8.14
CA THR S 401 11.82 64.57 -7.89
C THR S 401 12.08 63.87 -9.22
N ALA S 402 13.27 63.29 -9.35
CA ALA S 402 13.64 62.62 -10.57
C ALA S 402 14.35 61.29 -10.34
N GLU S 403 14.50 60.54 -11.43
CA GLU S 403 15.14 59.23 -11.41
C GLU S 403 16.00 59.25 -12.67
N LEU S 404 17.18 58.65 -12.62
CA LEU S 404 18.04 58.66 -13.81
C LEU S 404 17.72 57.60 -14.87
N GLY S 405 16.85 57.94 -15.80
CA GLY S 405 16.52 56.99 -16.84
C GLY S 405 15.61 55.85 -16.42
N LYS S 406 14.80 55.37 -17.36
CA LYS S 406 13.86 54.28 -17.09
C LYS S 406 14.54 53.04 -16.50
N VAL S 407 14.37 52.88 -15.21
CA VAL S 407 14.93 51.76 -14.49
C VAL S 407 16.25 51.25 -15.04
N ASP S 408 16.24 50.08 -15.66
CA ASP S 408 17.45 49.47 -16.21
C ASP S 408 18.13 50.17 -17.39
N GLN S 409 18.30 51.48 -17.30
CA GLN S 409 18.94 52.21 -18.39
C GLN S 409 20.37 52.55 -18.04
N GLY S 410 20.57 53.73 -17.45
CA GLY S 410 21.91 54.16 -17.10
C GLY S 410 22.25 53.80 -15.67
N GLY S 411 23.53 53.98 -15.33
CA GLY S 411 23.97 53.68 -13.97
C GLY S 411 24.14 54.95 -13.17
N GLY S 412 24.22 54.80 -11.85
CA GLY S 412 24.37 55.95 -10.98
C GLY S 412 25.26 55.67 -9.77
N GLY S 413 25.60 56.73 -9.05
CA GLY S 413 26.44 56.60 -7.87
C GLY S 413 26.95 57.95 -7.40
N THR S 414 26.28 58.53 -6.42
CA THR S 414 26.68 59.82 -5.87
C THR S 414 27.50 59.64 -4.60
N ILE S 415 28.26 60.68 -4.24
CA ILE S 415 29.07 60.63 -3.05
C ILE S 415 28.23 60.87 -1.77
N ALA S 416 26.92 60.70 -1.90
CA ALA S 416 26.01 60.91 -0.80
C ALA S 416 26.15 59.85 0.29
N TYR S 417 26.38 58.60 -0.10
CA TYR S 417 26.51 57.52 0.86
C TYR S 417 27.81 57.59 1.64
N ILE S 418 28.80 58.24 1.06
CA ILE S 418 30.10 58.33 1.71
C ILE S 418 30.06 59.01 3.06
N LEU S 419 29.19 60.00 3.22
CA LEU S 419 29.09 60.69 4.50
C LEU S 419 27.95 60.13 5.35
N ALA S 420 26.98 59.51 4.70
CA ALA S 420 25.89 58.92 5.43
C ALA S 420 26.43 57.76 6.26
N GLU S 421 27.65 57.33 5.97
CA GLU S 421 28.28 56.23 6.68
C GLU S 421 28.38 56.55 8.17
N TYR S 422 28.23 57.83 8.51
CA TYR S 422 28.29 58.25 9.90
C TYR S 422 26.94 58.10 10.57
N GLY S 423 25.87 58.15 9.77
CA GLY S 423 24.51 58.02 10.30
C GLY S 423 23.68 59.25 9.98
N MET S 424 24.26 60.20 9.25
CA MET S 424 23.60 61.44 8.85
C MET S 424 22.33 61.19 8.08
N GLN S 425 21.56 62.26 7.88
CA GLN S 425 20.33 62.22 7.12
C GLN S 425 20.67 62.91 5.80
N VAL S 426 21.02 62.11 4.79
CA VAL S 426 21.40 62.65 3.49
C VAL S 426 20.34 62.41 2.43
N ILE S 427 20.41 63.22 1.38
CA ILE S 427 19.50 63.09 0.26
C ILE S 427 20.16 63.80 -0.94
N ASP S 428 19.88 63.32 -2.14
CA ASP S 428 20.48 63.90 -3.33
C ASP S 428 19.72 65.07 -3.89
N CYS S 429 20.46 66.18 -4.08
CA CYS S 429 19.88 67.40 -4.64
C CYS S 429 20.67 67.82 -5.85
N GLY S 430 20.31 68.98 -6.38
CA GLY S 430 21.01 69.47 -7.54
C GLY S 430 20.10 69.98 -8.63
N VAL S 431 20.74 70.62 -9.61
CA VAL S 431 20.06 71.19 -10.75
C VAL S 431 19.96 70.19 -11.87
N ALA S 432 19.02 70.41 -12.78
CA ALA S 432 18.84 69.52 -13.91
C ALA S 432 19.63 70.07 -15.10
N LEU S 433 20.50 69.26 -15.69
CA LEU S 433 21.29 69.69 -16.84
C LEU S 433 20.88 69.03 -18.16
N LEU S 434 21.45 69.56 -19.24
CA LEU S 434 21.22 69.04 -20.57
C LEU S 434 22.60 68.60 -21.06
N ASN S 435 22.65 67.42 -21.67
CA ASN S 435 23.90 66.82 -22.15
C ASN S 435 25.06 66.97 -21.17
N HIS S 437 28.42 65.94 -18.87
CA HIS S 437 29.79 65.55 -19.22
C HIS S 437 30.17 65.91 -20.64
N ALA S 438 29.47 66.88 -21.22
CA ALA S 438 29.77 67.31 -22.57
C ALA S 438 30.60 68.57 -22.40
N PRO S 439 31.38 68.93 -23.41
CA PRO S 439 32.21 70.14 -23.32
C PRO S 439 31.36 71.36 -23.04
N TRP S 440 30.11 71.33 -23.47
CA TRP S 440 29.20 72.45 -23.23
C TRP S 440 27.88 71.91 -22.69
N GLU S 441 27.61 72.23 -21.43
CA GLU S 441 26.38 71.79 -20.76
C GLU S 441 25.39 72.94 -20.65
N ILE S 442 24.11 72.62 -20.50
CA ILE S 442 23.08 73.65 -20.40
C ILE S 442 22.31 73.59 -19.09
N SER S 443 21.89 74.74 -18.59
CA SER S 443 21.15 74.79 -17.33
C SER S 443 20.11 75.91 -17.34
N SER S 444 19.07 75.76 -16.52
CA SER S 444 18.02 76.78 -16.44
C SER S 444 18.29 77.77 -15.32
N LYS S 445 18.41 79.05 -15.67
CA LYS S 445 18.67 80.08 -14.68
C LYS S 445 17.64 79.98 -13.55
N ALA S 446 16.38 79.75 -13.93
CA ALA S 446 15.32 79.60 -12.95
C ALA S 446 15.71 78.51 -11.97
N ASP S 447 16.14 77.35 -12.48
CA ASP S 447 16.54 76.26 -11.58
C ASP S 447 17.74 76.65 -10.73
N ILE S 448 18.75 77.24 -11.35
CA ILE S 448 19.92 77.68 -10.60
C ILE S 448 19.45 78.45 -9.37
N TYR S 449 18.68 79.51 -9.64
CA TYR S 449 18.11 80.36 -8.61
C TYR S 449 17.38 79.53 -7.56
N GLU S 450 16.30 78.88 -8.01
CA GLU S 450 15.49 78.06 -7.13
C GLU S 450 16.38 77.18 -6.23
N THR S 451 17.34 76.48 -6.81
CA THR S 451 18.23 75.61 -6.06
C THR S 451 18.89 76.35 -4.91
N LYS S 452 19.49 77.50 -5.21
CA LYS S 452 20.15 78.28 -4.19
C LYS S 452 19.18 78.52 -3.05
N ASN S 453 18.01 79.07 -3.38
CA ASN S 453 17.01 79.34 -2.35
C ASN S 453 16.71 78.07 -1.58
N GLY S 454 16.69 76.94 -2.29
CA GLY S 454 16.44 75.66 -1.64
C GLY S 454 17.51 75.40 -0.59
N TYR S 455 18.75 75.70 -0.94
CA TYR S 455 19.86 75.51 -0.03
C TYR S 455 19.72 76.47 1.14
N SER S 456 19.67 77.76 0.82
CA SER S 456 19.54 78.78 1.85
C SER S 456 18.39 78.46 2.79
N ALA S 457 17.28 77.99 2.23
CA ALA S 457 16.11 77.64 3.04
C ALA S 457 16.37 76.33 3.80
N PHE S 458 17.64 76.07 4.10
CA PHE S 458 18.04 74.86 4.80
C PHE S 458 18.91 75.34 5.95
N LEU S 459 18.82 76.64 6.26
CA LEU S 459 19.59 77.25 7.34
C LEU S 459 18.92 77.02 8.69
N ASN S 460 17.61 77.29 8.79
CA ASN S 460 16.90 77.10 10.05
C ASN S 460 16.13 75.77 10.15
N ASN S 461 15.38 75.60 11.24
CA ASN S 461 14.60 74.37 11.50
C ASN S 461 13.71 73.97 10.31
N LEU T 1 66.80 71.81 -23.95
CA LEU T 1 67.06 70.34 -23.86
C LEU T 1 65.74 69.62 -23.67
N LEU T 2 65.76 68.31 -23.90
CA LEU T 2 64.57 67.47 -23.77
C LEU T 2 64.93 66.21 -22.95
N LYS T 3 64.01 65.25 -22.83
CA LYS T 3 64.29 64.03 -22.06
C LYS T 3 64.86 62.88 -22.89
N GLU T 4 65.70 62.06 -22.26
CA GLU T 4 66.31 60.92 -22.91
C GLU T 4 66.50 59.91 -21.80
N TYR T 5 65.40 59.41 -21.26
CA TYR T 5 65.45 58.43 -20.17
C TYR T 5 66.62 57.46 -20.29
N LYS T 6 67.65 57.70 -19.48
CA LYS T 6 68.87 56.90 -19.46
C LYS T 6 68.65 55.42 -19.19
N ASN T 7 69.74 54.66 -19.34
CA ASN T 7 69.73 53.22 -19.11
C ASN T 7 70.39 52.98 -17.75
N ALA T 8 70.01 51.92 -17.04
CA ALA T 8 70.61 51.66 -15.72
C ALA T 8 72.07 51.25 -15.81
N TRP T 9 72.38 50.30 -16.69
CA TRP T 9 73.76 49.86 -16.85
C TRP T 9 74.58 51.03 -17.39
N ASP T 10 75.84 50.79 -17.75
CA ASP T 10 76.73 51.85 -18.25
C ASP T 10 77.04 52.70 -17.03
N LYS T 11 76.05 53.49 -16.63
CA LYS T 11 76.16 54.35 -15.46
C LYS T 11 76.73 53.50 -14.32
N TYR T 12 76.21 52.28 -14.17
CA TYR T 12 76.69 51.37 -13.11
C TYR T 12 78.18 51.13 -13.26
N ASP T 13 78.50 50.00 -13.89
CA ASP T 13 79.89 49.61 -14.08
C ASP T 13 80.56 49.86 -12.74
N ASP T 14 81.51 50.78 -12.73
CA ASP T 14 82.22 51.12 -11.51
C ASP T 14 82.93 49.88 -10.97
N LYS T 15 82.64 48.72 -11.57
CA LYS T 15 83.23 47.45 -11.15
C LYS T 15 82.69 47.09 -9.77
N GLN T 16 82.28 48.11 -9.03
CA GLN T 16 81.74 47.95 -7.69
C GLN T 16 80.23 47.82 -7.85
N LEU T 17 79.60 48.93 -8.20
CA LEU T 17 78.16 49.00 -8.39
C LEU T 17 77.63 47.68 -8.95
N LYS T 18 78.19 47.22 -10.07
CA LYS T 18 77.76 45.96 -10.67
C LYS T 18 77.81 44.83 -9.65
N GLU T 19 79.02 44.49 -9.22
CA GLU T 19 79.22 43.43 -8.25
C GLU T 19 78.26 43.64 -7.09
N VAL T 20 78.08 44.90 -6.69
CA VAL T 20 77.21 45.23 -5.56
C VAL T 20 75.74 44.87 -5.81
N PHE T 21 75.45 44.21 -6.92
CA PHE T 21 74.08 43.82 -7.17
C PHE T 21 73.96 42.65 -8.12
N ALA T 22 74.81 42.61 -9.13
CA ALA T 22 74.79 41.52 -10.12
C ALA T 22 74.68 40.23 -9.32
N LEU T 23 75.41 40.21 -8.21
CA LEU T 23 75.40 39.08 -7.30
C LEU T 23 74.79 39.63 -6.02
N GLY T 24 74.80 40.96 -5.93
CA GLY T 24 74.24 41.63 -4.76
C GLY T 24 72.81 41.19 -4.47
N ASP T 25 71.84 41.88 -5.07
CA ASP T 25 70.46 41.53 -4.87
C ASP T 25 70.14 40.18 -5.51
N ARG T 26 70.68 39.95 -6.70
CA ARG T 26 70.45 38.68 -7.37
C ARG T 26 71.20 37.66 -6.54
N PHE T 27 70.58 37.25 -5.45
CA PHE T 27 71.15 36.29 -4.54
C PHE T 27 70.17 36.42 -3.41
N LYS T 28 70.16 37.58 -2.77
CA LYS T 28 69.21 37.80 -1.69
C LYS T 28 67.80 37.59 -2.26
N ASN T 29 67.37 38.49 -3.13
CA ASN T 29 66.04 38.39 -3.78
C ASN T 29 66.03 37.05 -4.48
N PHE T 30 66.95 36.93 -5.43
CA PHE T 30 67.06 35.71 -6.20
C PHE T 30 66.74 34.47 -5.38
N ILE T 31 67.04 34.49 -4.09
CA ILE T 31 66.78 33.33 -3.25
C ILE T 31 65.50 33.49 -2.41
N SER T 32 65.13 34.73 -2.14
CA SER T 32 63.93 34.98 -1.35
C SER T 32 62.71 34.31 -1.98
N ASN T 33 62.44 34.64 -3.23
CA ASN T 33 61.28 34.06 -3.89
C ASN T 33 61.51 32.60 -4.32
N CYS T 34 62.24 31.86 -3.50
CA CYS T 34 62.51 30.45 -3.79
C CYS T 34 62.18 29.65 -2.56
N LYS T 35 62.56 30.20 -1.41
CA LYS T 35 62.33 29.57 -0.15
C LYS T 35 61.09 30.17 0.51
N THR T 36 60.34 30.95 -0.27
CA THR T 36 59.14 31.60 0.22
C THR T 36 58.26 31.92 -0.99
N GLU T 37 57.19 31.13 -1.16
CA GLU T 37 56.30 31.34 -2.31
C GLU T 37 54.83 31.47 -1.87
N ARG T 38 54.58 31.27 -0.59
CA ARG T 38 53.23 31.36 -0.05
C ARG T 38 53.21 32.26 1.15
N GLU T 39 52.88 33.54 0.96
CA GLU T 39 52.81 34.55 2.03
C GLU T 39 53.44 34.20 3.38
N CYS T 40 54.45 33.32 3.37
CA CYS T 40 55.14 32.92 4.60
C CYS T 40 56.37 33.79 4.57
N VAL T 41 56.33 34.76 3.66
CA VAL T 41 57.40 35.72 3.50
C VAL T 41 57.57 36.29 4.91
N THR T 42 56.46 36.39 5.63
CA THR T 42 56.48 36.90 7.00
C THR T 42 57.49 36.13 7.83
N GLU T 43 57.36 34.82 7.87
CA GLU T 43 58.27 33.99 8.64
C GLU T 43 59.73 34.26 8.29
N LEU T 44 60.14 33.91 7.08
CA LEU T 44 61.51 34.11 6.65
C LEU T 44 61.97 35.54 6.86
N ILE T 45 61.09 36.50 6.63
CA ILE T 45 61.47 37.90 6.83
C ILE T 45 61.54 38.24 8.32
N LYS T 46 60.57 37.76 9.07
CA LYS T 46 60.57 38.01 10.50
C LYS T 46 61.80 37.37 11.14
N THR T 47 62.26 36.24 10.59
CA THR T 47 63.44 35.58 11.12
C THR T 47 64.58 36.55 10.85
N ALA T 48 64.60 37.17 9.68
CA ALA T 48 65.63 38.16 9.40
C ALA T 48 65.19 39.31 10.30
N GLU T 49 65.82 40.47 10.19
CA GLU T 49 65.44 41.58 11.07
C GLU T 49 65.65 41.13 12.52
N LYS T 50 66.40 40.05 12.68
CA LYS T 50 66.70 39.52 14.02
C LYS T 50 67.66 40.53 14.64
N SER T 51 68.15 41.43 13.79
CA SER T 51 69.06 42.49 14.22
C SER T 51 68.22 43.63 14.80
N GLY T 52 67.42 43.29 15.80
CA GLY T 52 66.55 44.25 16.46
C GLY T 52 65.11 43.86 16.21
N TYR T 53 64.20 44.80 16.42
CA TYR T 53 62.77 44.55 16.18
C TYR T 53 62.18 43.49 17.12
N ARG T 54 60.91 43.69 17.50
CA ARG T 54 60.25 42.75 18.38
C ARG T 54 58.80 43.12 18.60
N ASN T 55 58.57 44.15 19.42
CA ASN T 55 57.23 44.64 19.76
C ASN T 55 56.29 43.48 20.04
N ILE T 56 55.64 43.04 18.96
CA ILE T 56 54.70 41.93 18.96
C ILE T 56 54.03 41.73 20.33
N GLU T 57 54.72 41.04 21.24
CA GLU T 57 54.19 40.76 22.59
C GLU T 57 54.91 41.61 23.64
N ASP T 58 56.20 41.83 23.44
CA ASP T 58 57.03 42.60 24.36
C ASP T 58 56.68 44.09 24.44
N ILE T 59 55.48 44.37 24.94
CA ILE T 59 55.04 45.74 25.09
C ILE T 59 54.99 46.05 26.59
N LEU T 60 56.00 46.77 27.08
CA LEU T 60 56.11 47.17 28.49
C LEU T 60 56.46 48.65 28.64
N ALA T 61 56.34 49.39 27.54
CA ALA T 61 56.64 50.83 27.49
C ALA T 61 58.14 51.02 27.59
N LYS T 62 58.72 50.41 28.63
CA LYS T 62 60.15 50.50 28.87
C LYS T 62 60.78 49.12 28.60
N GLY T 63 59.97 48.18 28.13
CA GLY T 63 60.46 46.85 27.82
C GLY T 63 61.62 46.97 26.84
N GLU T 64 61.55 48.02 26.03
CA GLU T 64 62.58 48.35 25.03
C GLU T 64 62.71 49.87 25.02
N THR T 65 62.02 50.51 25.96
CA THR T 65 62.00 51.97 26.10
C THR T 65 61.81 52.66 24.74
N LEU T 66 60.58 52.61 24.25
CA LEU T 66 60.23 53.20 22.95
C LEU T 66 60.73 54.64 22.82
N LYS T 67 61.84 54.80 22.10
CA LYS T 67 62.43 56.11 21.88
C LYS T 67 63.45 56.06 20.73
N GLU T 68 64.22 57.12 20.57
CA GLU T 68 65.24 57.22 19.52
C GLU T 68 65.91 55.89 19.19
N GLY T 69 66.14 55.64 17.91
CA GLY T 69 66.82 54.44 17.47
C GLY T 69 66.16 53.08 17.71
N ASP T 70 64.91 53.07 18.15
CA ASP T 70 64.23 51.82 18.39
C ASP T 70 63.60 51.26 17.13
N LYS T 71 63.54 49.93 17.05
CA LYS T 71 62.98 49.22 15.89
C LYS T 71 62.12 48.05 16.34
N VAL T 72 60.88 48.00 15.88
CA VAL T 72 59.97 46.92 16.25
C VAL T 72 59.10 46.45 15.08
N TYR T 73 58.53 45.25 15.22
CA TYR T 73 57.67 44.72 14.17
C TYR T 73 56.37 44.23 14.76
N ALA T 74 55.34 44.10 13.93
CA ALA T 74 54.05 43.63 14.38
C ALA T 74 53.55 42.57 13.41
N ASN T 75 53.24 41.39 13.92
CA ASN T 75 52.75 40.32 13.08
C ASN T 75 51.24 40.28 13.05
N ASN T 76 50.67 40.16 11.85
CA ASN T 76 49.21 40.09 11.72
C ASN T 76 48.79 38.67 11.35
N ARG T 77 48.50 37.89 12.38
CA ARG T 77 48.11 36.50 12.23
C ARG T 77 48.95 35.77 11.18
N GLY T 78 50.23 36.14 11.11
CA GLY T 78 51.17 35.51 10.19
C GLY T 78 51.02 35.87 8.73
N LYS T 79 49.88 36.45 8.37
CA LYS T 79 49.62 36.82 6.98
C LYS T 79 50.16 38.21 6.63
N GLY T 80 50.38 39.04 7.64
CA GLY T 80 50.88 40.38 7.40
C GLY T 80 52.00 40.81 8.32
N LEU T 81 52.77 41.80 7.87
CA LEU T 81 53.90 42.29 8.64
C LEU T 81 54.16 43.79 8.47
N ILE T 82 54.45 44.46 9.58
CA ILE T 82 54.73 45.87 9.55
C ILE T 82 55.90 46.20 10.48
N MET T 83 56.88 46.93 9.94
CA MET T 83 58.08 47.29 10.72
C MET T 83 58.23 48.79 10.96
N PHE T 84 58.73 49.14 12.14
CA PHE T 84 58.92 50.51 12.52
C PHE T 84 60.39 50.82 12.79
N LEU T 85 60.70 52.11 12.84
CA LEU T 85 62.06 52.58 13.10
C LEU T 85 61.95 54.01 13.58
N ILE T 86 61.96 54.19 14.90
CA ILE T 86 61.83 55.52 15.47
C ILE T 86 62.99 56.46 15.12
N GLY T 87 62.65 57.72 14.89
CA GLY T 87 63.64 58.71 14.56
C GLY T 87 63.66 59.87 15.55
N LYS T 88 64.57 60.80 15.33
CA LYS T 88 64.73 61.98 16.19
C LYS T 88 63.39 62.67 16.45
N GLU T 89 62.83 63.28 15.40
CA GLU T 89 61.56 63.98 15.51
C GLU T 89 60.48 63.07 16.09
N PRO T 90 59.41 63.68 16.61
CA PRO T 90 58.28 62.95 17.22
C PRO T 90 57.35 62.38 16.15
N LEU T 91 56.61 61.32 16.51
CA LEU T 91 55.69 60.70 15.57
C LEU T 91 54.71 61.73 15.02
N TYR T 92 54.18 62.56 15.92
CA TYR T 92 53.22 63.60 15.55
C TYR T 92 53.67 64.38 14.31
N THR T 93 54.98 64.39 14.04
CA THR T 93 55.53 65.08 12.87
C THR T 93 55.02 64.47 11.57
N GLY T 94 55.31 63.19 11.37
CA GLY T 94 54.89 62.48 10.18
C GLY T 94 55.56 61.13 10.09
N PHE T 95 55.46 60.50 8.93
CA PHE T 95 56.08 59.18 8.74
C PHE T 95 56.66 59.05 7.34
N LYS T 96 57.48 58.03 7.16
CA LYS T 96 58.08 57.72 5.87
C LYS T 96 57.71 56.27 5.63
N ILE T 97 56.55 56.05 5.02
CA ILE T 97 56.09 54.70 4.79
C ILE T 97 56.46 54.05 3.45
N LEU T 98 56.69 52.73 3.49
CA LEU T 98 56.99 51.93 2.31
C LEU T 98 56.00 50.77 2.35
N GLY T 99 55.17 50.66 1.32
CA GLY T 99 54.19 49.58 1.31
C GLY T 99 54.28 48.63 0.13
N ALA T 100 53.78 47.42 0.33
CA ALA T 100 53.79 46.40 -0.72
C ALA T 100 53.02 45.17 -0.27
N HIS T 101 52.43 44.47 -1.24
CA HIS T 101 51.68 43.26 -0.93
C HIS T 101 52.59 42.05 -1.15
N ILE T 102 52.49 41.06 -0.27
CA ILE T 102 53.31 39.88 -0.39
C ILE T 102 52.61 38.67 -1.03
N ASP T 103 51.31 38.79 -1.27
CA ASP T 103 50.55 37.70 -1.88
C ASP T 103 50.71 37.72 -3.39
N SER T 104 50.47 36.57 -4.02
CA SER T 104 50.57 36.46 -5.48
C SER T 104 49.60 35.42 -6.02
N PRO T 105 49.09 35.64 -7.24
CA PRO T 105 48.15 34.72 -7.88
C PRO T 105 48.67 33.28 -7.90
N ARG T 106 47.75 32.34 -7.69
CA ARG T 106 48.09 30.92 -7.65
C ARG T 106 46.84 30.07 -7.54
N LEU T 107 47.03 28.76 -7.59
CA LEU T 107 45.91 27.83 -7.47
C LEU T 107 45.89 27.38 -6.03
N ASP T 108 44.76 26.86 -5.56
CA ASP T 108 44.70 26.36 -4.20
C ASP T 108 43.47 25.51 -3.90
N LEU T 109 43.75 24.29 -3.42
CA LEU T 109 42.77 23.29 -3.05
C LEU T 109 41.49 23.77 -2.39
N LYS T 110 40.36 23.19 -2.79
CA LYS T 110 39.05 23.58 -2.21
C LYS T 110 38.92 23.02 -0.79
N GLN T 111 37.71 23.11 -0.25
CA GLN T 111 37.44 22.62 1.10
C GLN T 111 37.47 21.09 1.13
N ASN T 112 37.10 20.48 0.01
CA ASN T 112 37.08 19.02 -0.12
C ASN T 112 37.76 18.66 -1.45
N PRO T 113 39.05 18.99 -1.57
CA PRO T 113 39.86 18.75 -2.76
C PRO T 113 40.07 17.30 -3.19
N LEU T 114 40.25 16.40 -2.23
CA LEU T 114 40.51 15.01 -2.58
C LEU T 114 39.30 14.25 -3.08
N TYR T 115 39.42 13.73 -4.29
CA TYR T 115 38.36 12.95 -4.91
C TYR T 115 39.03 12.02 -5.93
N GLU T 116 38.32 10.97 -6.33
CA GLU T 116 38.89 10.01 -7.26
C GLU T 116 38.00 9.81 -8.47
N ASP T 117 38.52 10.13 -9.66
CA ASP T 117 37.74 9.96 -10.89
C ASP T 117 38.45 9.07 -11.88
N THR T 118 37.80 7.96 -12.23
CA THR T 118 38.37 6.99 -13.19
C THR T 118 39.76 6.56 -12.72
N ASP T 119 39.80 5.60 -11.80
CA ASP T 119 41.06 5.11 -11.29
C ASP T 119 41.81 6.20 -10.54
N LEU T 120 42.75 6.86 -11.19
CA LEU T 120 43.52 7.90 -10.52
C LEU T 120 42.71 8.87 -9.69
N ALA T 121 43.38 9.54 -8.76
CA ALA T 121 42.71 10.50 -7.86
C ALA T 121 43.25 11.93 -7.98
N MET T 122 42.33 12.86 -8.26
CA MET T 122 42.69 14.26 -8.40
C MET T 122 42.54 15.06 -7.13
N LEU T 123 42.65 16.38 -7.28
CA LEU T 123 42.56 17.33 -6.18
C LEU T 123 41.91 18.64 -6.70
N GLU T 124 40.67 18.90 -6.28
CA GLU T 124 39.98 20.13 -6.69
C GLU T 124 40.78 21.38 -6.34
N THR T 125 40.67 22.41 -7.18
CA THR T 125 41.36 23.66 -6.94
C THR T 125 40.43 24.83 -7.22
N HIS T 126 40.96 26.04 -7.09
CA HIS T 126 40.17 27.23 -7.33
C HIS T 126 41.15 28.39 -7.39
N TYR T 127 41.58 28.76 -8.60
CA TYR T 127 42.57 29.83 -8.73
C TYR T 127 42.25 31.07 -7.94
N TYR T 128 43.31 31.75 -7.53
CA TYR T 128 43.21 32.96 -6.74
C TYR T 128 44.06 34.09 -7.31
N GLY T 129 43.49 35.29 -7.32
CA GLY T 129 44.23 36.44 -7.81
C GLY T 129 43.96 36.82 -9.25
N GLY T 130 43.37 35.91 -10.01
CA GLY T 130 43.10 36.21 -11.40
C GLY T 130 44.31 35.97 -12.29
N ILE T 131 44.66 34.70 -12.48
CA ILE T 131 45.76 34.32 -13.33
C ILE T 131 45.21 34.35 -14.72
N LYS T 132 43.90 34.59 -14.80
CA LYS T 132 43.13 34.67 -16.06
C LYS T 132 43.64 33.76 -17.18
N LYS T 133 44.91 33.90 -17.50
CA LYS T 133 45.52 33.07 -18.50
C LYS T 133 45.76 31.76 -17.79
N TYR T 134 44.83 30.83 -17.96
CA TYR T 134 44.97 29.54 -17.32
C TYR T 134 46.02 28.66 -17.96
N GLN T 135 47.04 29.27 -18.56
CA GLN T 135 48.13 28.50 -19.14
C GLN T 135 49.06 28.18 -17.97
N TRP T 136 48.48 27.52 -16.98
CA TRP T 136 49.13 27.09 -15.75
C TRP T 136 49.11 25.58 -15.76
N VAL T 137 48.84 25.00 -16.93
CA VAL T 137 48.77 23.56 -17.04
C VAL T 137 50.13 22.86 -17.04
N THR T 138 50.34 22.06 -18.07
CA THR T 138 51.56 21.32 -18.28
C THR T 138 52.74 21.49 -17.33
N LEU T 139 53.22 22.71 -17.10
CA LEU T 139 54.39 22.88 -16.23
C LEU T 139 54.22 22.30 -14.79
N PRO T 140 55.33 21.82 -14.19
CA PRO T 140 55.43 21.23 -12.84
C PRO T 140 55.04 22.13 -11.68
N LEU T 141 54.20 21.59 -10.78
CA LEU T 141 53.73 22.32 -9.60
C LEU T 141 54.16 21.72 -8.27
N ALA T 142 54.20 22.56 -7.24
CA ALA T 142 54.58 22.14 -5.89
C ALA T 142 53.48 22.56 -4.89
N ILE T 143 53.34 21.83 -3.81
CA ILE T 143 52.33 22.18 -2.82
C ILE T 143 52.92 22.84 -1.59
N HIS T 144 52.31 23.93 -1.16
CA HIS T 144 52.74 24.64 0.04
C HIS T 144 51.54 24.81 0.96
N GLY T 145 51.64 25.73 1.90
CA GLY T 145 50.53 25.97 2.79
C GLY T 145 50.62 25.25 4.11
N VAL T 146 49.49 25.17 4.80
CA VAL T 146 49.42 24.54 6.12
C VAL T 146 48.06 23.88 6.40
N ILE T 147 48.07 22.83 7.20
CA ILE T 147 46.83 22.16 7.55
C ILE T 147 46.65 22.22 9.06
N VAL T 148 45.43 22.51 9.52
CA VAL T 148 45.18 22.59 10.94
C VAL T 148 44.30 21.47 11.47
N LYS T 149 44.86 20.71 12.41
CA LYS T 149 44.15 19.61 13.04
C LYS T 149 42.98 20.18 13.84
N LYS T 150 42.00 19.34 14.15
CA LYS T 150 40.85 19.79 14.92
C LYS T 150 41.32 20.32 16.28
N ASP T 151 42.37 19.70 16.81
CA ASP T 151 42.92 20.07 18.11
C ASP T 151 43.69 21.39 18.05
N GLY T 152 43.98 21.85 16.83
CA GLY T 152 44.69 23.10 16.66
C GLY T 152 46.14 22.97 16.25
N THR T 153 46.63 21.74 16.09
CA THR T 153 48.02 21.50 15.69
C THR T 153 48.26 21.98 14.28
N ILE T 154 49.23 22.86 14.11
CA ILE T 154 49.54 23.38 12.78
C ILE T 154 50.64 22.57 12.09
N VAL T 155 50.28 21.90 11.00
CA VAL T 155 51.24 21.08 10.26
C VAL T 155 51.66 21.81 9.00
N ASN T 156 52.95 21.85 8.73
CA ASN T 156 53.45 22.55 7.53
C ASN T 156 53.63 21.60 6.35
N VAL T 157 53.14 22.01 5.18
CA VAL T 157 53.27 21.21 3.98
C VAL T 157 54.11 21.93 2.92
N CYS T 158 55.08 21.22 2.34
CA CYS T 158 55.94 21.78 1.31
C CYS T 158 56.47 20.62 0.47
N VAL T 159 55.70 20.24 -0.54
CA VAL T 159 56.07 19.14 -1.42
C VAL T 159 56.35 19.60 -2.84
N GLY T 160 57.45 19.11 -3.41
CA GLY T 160 57.80 19.46 -4.76
C GLY T 160 58.94 20.46 -4.88
N GLU T 161 59.51 20.90 -3.77
CA GLU T 161 60.60 21.86 -3.85
C GLU T 161 61.97 21.19 -3.92
N ASP T 162 62.23 20.24 -3.02
CA ASP T 162 63.50 19.53 -3.02
C ASP T 162 63.66 18.69 -4.28
N ASP T 163 64.88 18.56 -4.77
CA ASP T 163 65.11 17.79 -5.98
C ASP T 163 64.70 16.33 -5.84
N ASN T 164 64.31 15.92 -4.64
CA ASN T 164 63.88 14.54 -4.43
C ASN T 164 62.40 14.40 -4.12
N ASP T 165 61.70 15.51 -4.04
CA ASP T 165 60.26 15.49 -3.77
C ASP T 165 59.51 15.28 -5.06
N PRO T 166 58.35 14.63 -4.98
CA PRO T 166 57.57 14.41 -6.18
C PRO T 166 56.94 15.73 -6.56
N VAL T 167 56.38 15.83 -7.76
CA VAL T 167 55.77 17.06 -8.23
C VAL T 167 54.34 16.83 -8.64
N PHE T 168 53.64 17.91 -8.98
CA PHE T 168 52.24 17.84 -9.39
C PHE T 168 51.96 18.76 -10.56
N GLY T 169 50.77 18.64 -11.13
CA GLY T 169 50.43 19.48 -12.26
C GLY T 169 49.04 19.24 -12.82
N VAL T 170 48.62 20.12 -13.73
CA VAL T 170 47.31 20.04 -14.35
C VAL T 170 47.49 19.51 -15.77
N SER T 171 46.66 18.55 -16.16
CA SER T 171 46.75 17.96 -17.50
C SER T 171 46.00 18.76 -18.55
N ASP T 172 46.24 18.43 -19.82
CA ASP T 172 45.57 19.13 -20.92
C ASP T 172 45.58 18.22 -22.14
N ILE T 173 44.42 18.05 -22.76
CA ILE T 173 44.29 17.17 -23.92
C ILE T 173 45.43 17.31 -24.89
N LEU T 174 45.85 16.20 -25.48
CA LEU T 174 46.91 16.22 -26.47
C LEU T 174 46.39 16.92 -27.72
N VAL T 175 47.30 17.58 -28.44
CA VAL T 175 46.92 18.30 -29.65
C VAL T 175 46.19 17.41 -30.65
N HIS T 176 46.53 16.13 -30.65
CA HIS T 176 45.92 15.19 -31.57
C HIS T 176 44.41 15.18 -31.48
N LEU T 177 43.89 15.40 -30.28
CA LEU T 177 42.44 15.39 -30.08
C LEU T 177 41.91 16.71 -29.55
N ALA T 178 42.75 17.74 -29.57
CA ALA T 178 42.37 19.05 -29.07
C ALA T 178 41.62 19.87 -30.10
N SER T 179 41.32 19.24 -31.23
CA SER T 179 40.61 19.90 -32.32
C SER T 179 39.33 20.62 -31.85
N GLU T 180 38.47 19.92 -31.12
CA GLU T 180 37.24 20.48 -30.64
C GLU T 180 37.47 21.63 -29.67
N GLN T 181 38.67 21.75 -29.14
CA GLN T 181 39.01 22.81 -28.21
C GLN T 181 39.65 23.96 -28.97
N LEU T 182 38.81 24.78 -29.60
CA LEU T 182 39.28 25.95 -30.39
C LEU T 182 38.51 27.23 -30.07
N GLU T 183 37.25 27.10 -29.68
CA GLU T 183 36.45 28.27 -29.38
C GLU T 183 37.05 29.15 -28.28
N LYS T 184 37.10 30.46 -28.55
CA LYS T 184 37.60 31.47 -27.65
C LYS T 184 38.83 31.11 -26.80
N LYS T 185 39.97 31.73 -27.11
CA LYS T 185 41.18 31.50 -26.33
C LYS T 185 40.86 32.02 -24.94
N ALA T 186 39.97 33.01 -24.90
CA ALA T 186 39.51 33.66 -23.66
C ALA T 186 39.40 32.62 -22.56
N SER T 187 39.01 31.42 -22.93
CA SER T 187 38.87 30.35 -21.95
C SER T 187 38.32 29.04 -22.51
N LYS T 188 39.20 28.06 -22.64
CA LYS T 188 38.80 26.72 -23.09
C LYS T 188 39.54 25.76 -22.15
N VAL T 189 40.05 26.34 -21.07
CA VAL T 189 40.76 25.63 -19.99
C VAL T 189 40.37 26.49 -18.79
N ILE T 190 39.40 26.05 -17.98
CA ILE T 190 39.00 26.89 -16.86
C ILE T 190 38.43 26.19 -15.63
N GLU T 191 38.19 24.88 -15.72
CA GLU T 191 37.61 24.13 -14.58
C GLU T 191 38.31 24.39 -13.25
N GLY T 192 37.90 23.64 -12.24
CA GLY T 192 38.50 23.77 -10.93
C GLY T 192 38.59 22.40 -10.28
N GLU T 193 38.69 21.38 -11.13
CA GLU T 193 38.74 20.02 -10.67
C GLU T 193 39.83 19.32 -11.44
N ASP T 194 40.99 19.96 -11.42
CA ASP T 194 42.17 19.48 -12.13
C ASP T 194 43.25 19.05 -11.16
N LEU T 195 44.39 18.63 -11.68
CA LEU T 195 45.50 18.25 -10.80
C LEU T 195 45.42 16.90 -10.06
N ASN T 196 45.97 15.86 -10.67
CA ASN T 196 45.96 14.53 -10.07
C ASN T 196 47.20 14.31 -9.22
N ILE T 197 46.98 13.79 -8.01
CA ILE T 197 48.05 13.56 -7.07
C ILE T 197 48.49 12.12 -6.95
N LEU T 198 47.84 11.21 -7.66
CA LEU T 198 48.28 9.82 -7.58
C LEU T 198 47.56 8.88 -8.52
N ILE T 199 48.34 8.05 -9.19
CA ILE T 199 47.81 7.08 -10.11
C ILE T 199 47.85 5.73 -9.41
N GLY T 200 47.48 4.69 -10.15
CA GLY T 200 47.46 3.33 -9.63
C GLY T 200 47.71 3.22 -8.15
N SER T 201 48.79 2.53 -7.79
CA SER T 201 49.15 2.31 -6.40
C SER T 201 47.81 2.24 -5.66
N ILE T 202 46.97 1.37 -6.18
CA ILE T 202 45.64 1.14 -5.69
C ILE T 202 45.55 -0.23 -5.05
N PRO T 203 45.28 -0.27 -3.73
CA PRO T 203 45.08 0.88 -2.85
C PRO T 203 45.85 0.61 -1.56
N LEU T 204 45.13 0.74 -0.44
CA LEU T 204 45.71 0.49 0.88
C LEU T 204 45.32 -0.93 1.29
N LYS T 205 46.33 -1.80 1.44
CA LYS T 205 46.13 -3.20 1.82
C LYS T 205 45.08 -3.88 0.92
N ASP T 206 44.71 -3.18 -0.16
CA ASP T 206 43.74 -3.68 -1.13
C ASP T 206 42.49 -4.21 -0.46
N GLY T 207 42.01 -3.49 0.55
CA GLY T 207 40.83 -3.91 1.28
C GLY T 207 39.53 -3.41 0.65
N GLU T 208 39.39 -3.61 -0.66
CA GLU T 208 38.19 -3.18 -1.39
C GLU T 208 37.91 -1.68 -1.26
N GLU T 209 36.63 -1.33 -1.28
CA GLU T 209 36.18 0.05 -1.18
C GLU T 209 36.39 0.82 -2.48
N LYS T 210 35.34 0.87 -3.31
CA LYS T 210 35.37 1.55 -4.61
C LYS T 210 36.54 2.52 -4.85
N GLN T 211 36.55 3.62 -4.11
CA GLN T 211 37.60 4.62 -4.25
C GLN T 211 38.92 4.12 -3.68
N LYS T 212 39.51 3.12 -4.32
CA LYS T 212 40.76 2.57 -3.82
C LYS T 212 41.94 3.52 -3.96
N VAL T 213 42.16 4.05 -5.17
CA VAL T 213 43.27 4.96 -5.42
C VAL T 213 43.21 6.12 -4.43
N LYS T 214 42.00 6.62 -4.18
CA LYS T 214 41.82 7.69 -3.24
C LYS T 214 42.21 7.22 -1.85
N HIS T 215 41.53 6.16 -1.40
CA HIS T 215 41.78 5.59 -0.08
C HIS T 215 43.27 5.43 0.18
N ASN T 216 44.00 4.95 -0.82
CA ASN T 216 45.43 4.77 -0.67
C ASN T 216 46.17 6.05 -0.39
N ILE T 217 45.89 7.08 -1.17
CA ILE T 217 46.57 8.36 -1.01
C ILE T 217 46.26 9.01 0.35
N MET T 218 45.01 8.91 0.80
CA MET T 218 44.63 9.49 2.08
C MET T 218 45.50 8.82 3.16
N LYS T 219 45.67 7.50 3.04
CA LYS T 219 46.48 6.74 3.98
C LYS T 219 47.93 7.20 3.89
N ILE T 220 48.43 7.38 2.67
CA ILE T 220 49.79 7.83 2.46
C ILE T 220 49.95 9.21 3.07
N LEU T 221 48.92 10.03 2.86
CA LEU T 221 48.92 11.38 3.38
C LEU T 221 48.74 11.33 4.89
N ASN T 222 48.27 10.19 5.40
CA ASN T 222 48.06 10.04 6.83
C ASN T 222 49.37 9.69 7.56
N GLU T 223 50.19 8.84 6.94
CA GLU T 223 51.46 8.45 7.55
C GLU T 223 52.27 9.72 7.79
N LYS T 224 52.47 10.53 6.75
CA LYS T 224 53.18 11.78 6.94
C LYS T 224 52.10 12.65 7.57
N TYR T 225 52.49 13.68 8.31
CA TYR T 225 51.49 14.55 8.93
C TYR T 225 50.66 13.68 9.85
N ASP T 226 49.34 13.89 9.85
CA ASP T 226 48.46 13.11 10.71
C ASP T 226 47.03 13.59 10.49
N ILE T 227 46.73 13.92 9.25
CA ILE T 227 45.42 14.43 8.88
C ILE T 227 44.44 13.33 8.46
N SER T 228 43.21 13.75 8.21
CA SER T 228 42.17 12.84 7.77
C SER T 228 41.58 13.49 6.54
N GLU T 229 40.60 12.88 5.88
CA GLU T 229 40.04 13.49 4.70
C GLU T 229 39.49 14.85 5.11
N GLU T 230 39.00 14.95 6.35
CA GLU T 230 38.49 16.24 6.85
C GLU T 230 39.76 17.03 7.04
N ASP T 231 39.80 17.99 7.95
CA ASP T 231 41.03 18.75 8.16
C ASP T 231 41.29 19.65 6.97
N PHE T 232 41.07 19.13 5.77
CA PHE T 232 41.26 19.90 4.56
C PHE T 232 40.35 21.10 4.69
N VAL T 233 39.22 20.89 5.35
CA VAL T 233 38.25 21.95 5.57
C VAL T 233 38.92 23.12 6.27
N SER T 234 39.80 22.79 7.22
CA SER T 234 40.53 23.79 7.98
C SER T 234 41.98 23.80 7.54
N ALA T 235 42.19 23.69 6.24
CA ALA T 235 43.55 23.66 5.68
C ALA T 235 43.87 24.91 4.88
N GLU T 236 45.09 24.97 4.36
CA GLU T 236 45.49 26.12 3.57
C GLU T 236 46.07 25.80 2.21
N LEU T 237 45.15 25.65 1.28
CA LEU T 237 45.37 25.36 -0.12
C LEU T 237 46.52 26.18 -0.70
N GLU T 238 47.48 25.56 -1.38
CA GLU T 238 48.59 26.34 -1.96
C GLU T 238 49.36 25.63 -3.06
N ILE T 239 48.96 25.86 -4.31
CA ILE T 239 49.66 25.24 -5.43
C ILE T 239 50.46 26.30 -6.16
N VAL T 240 51.75 26.05 -6.29
CA VAL T 240 52.65 26.98 -6.92
C VAL T 240 53.67 26.28 -7.81
N PRO T 241 54.16 26.96 -8.85
CA PRO T 241 55.16 26.30 -9.71
C PRO T 241 56.40 25.88 -8.90
N ALA T 242 56.94 24.70 -9.20
CA ALA T 242 58.09 24.19 -8.49
C ALA T 242 59.39 24.67 -9.15
N GLY T 243 60.47 24.73 -8.38
CA GLY T 243 61.76 25.18 -8.91
C GLY T 243 62.20 26.50 -8.34
N LYS T 244 63.51 26.65 -8.18
CA LYS T 244 64.09 27.90 -7.65
C LYS T 244 64.13 28.92 -8.77
N ALA T 245 64.13 30.20 -8.41
CA ALA T 245 64.18 31.25 -9.41
C ALA T 245 65.55 31.07 -10.05
N ARG T 246 65.74 31.57 -11.26
CA ARG T 246 67.03 31.41 -11.93
C ARG T 246 67.52 32.66 -12.62
N ASP T 247 68.74 32.59 -13.15
CA ASP T 247 69.32 33.72 -13.89
C ASP T 247 68.70 33.67 -15.28
N TYR T 248 68.13 34.77 -15.72
CA TYR T 248 67.53 34.78 -17.02
C TYR T 248 68.39 35.52 -18.02
N GLY T 249 68.63 34.89 -19.18
CA GLY T 249 69.44 35.53 -20.22
C GLY T 249 70.91 35.12 -20.32
N PHE T 250 71.45 35.18 -21.52
CA PHE T 250 72.83 34.83 -21.76
C PHE T 250 73.79 35.72 -21.01
N ASP T 251 73.34 36.91 -20.63
CA ASP T 251 74.19 37.84 -19.89
C ASP T 251 73.79 37.94 -18.43
N ARG T 252 72.97 36.98 -17.99
CA ARG T 252 72.50 36.96 -16.60
C ARG T 252 72.02 38.33 -16.10
N SER T 253 71.40 39.11 -16.98
CA SER T 253 70.94 40.44 -16.59
C SER T 253 69.56 40.46 -15.96
N MET T 254 68.78 39.42 -16.19
CA MET T 254 67.45 39.35 -15.65
C MET T 254 67.29 38.15 -14.73
N VAL T 255 66.12 38.07 -14.11
CA VAL T 255 65.79 36.99 -13.18
C VAL T 255 64.39 36.45 -13.47
N MET T 256 64.30 35.14 -13.62
CA MET T 256 63.03 34.48 -13.90
C MET T 256 62.58 33.72 -12.64
N GLY T 257 61.35 33.97 -12.20
CA GLY T 257 60.85 33.31 -11.00
C GLY T 257 59.40 33.61 -10.70
N TYR T 258 58.81 32.79 -9.83
CA TYR T 258 57.42 32.95 -9.42
C TYR T 258 57.31 33.98 -8.31
N GLY T 259 56.16 34.66 -8.23
CA GLY T 259 55.97 35.64 -7.19
C GLY T 259 56.58 37.00 -7.43
N GLN T 260 57.43 37.13 -8.45
CA GLN T 260 58.06 38.40 -8.78
C GLN T 260 57.10 39.56 -8.52
N ASP T 261 55.83 39.39 -8.88
CA ASP T 261 54.81 40.42 -8.68
C ASP T 261 54.77 40.99 -7.27
N ASP T 262 55.32 42.19 -7.17
CA ASP T 262 55.41 42.97 -5.95
C ASP T 262 56.28 42.34 -4.88
N ARG T 263 56.38 41.02 -4.87
CA ARG T 263 57.21 40.37 -3.87
C ARG T 263 58.64 40.88 -4.05
N ILE T 264 58.93 41.35 -5.26
CA ILE T 264 60.24 41.89 -5.57
C ILE T 264 60.34 43.27 -4.92
N CYS T 265 59.25 44.02 -4.95
CA CYS T 265 59.24 45.34 -4.33
C CYS T 265 59.25 45.15 -2.83
N ALA T 266 58.47 44.18 -2.37
CA ALA T 266 58.37 43.91 -0.95
C ALA T 266 59.72 43.58 -0.37
N TYR T 267 60.61 43.07 -1.23
CA TYR T 267 61.96 42.70 -0.79
C TYR T 267 62.91 43.89 -0.77
N THR T 268 63.00 44.57 -1.90
CA THR T 268 63.88 45.71 -1.98
C THR T 268 63.45 46.69 -0.88
N SER T 269 62.15 46.87 -0.71
CA SER T 269 61.66 47.78 0.31
C SER T 269 62.11 47.30 1.67
N PHE T 270 62.23 45.99 1.80
CA PHE T 270 62.67 45.40 3.06
C PHE T 270 64.13 45.74 3.34
N GLU T 271 65.03 45.30 2.46
CA GLU T 271 66.44 45.58 2.65
C GLU T 271 66.66 47.06 2.85
N ALA T 272 66.05 47.88 2.01
CA ALA T 272 66.21 49.31 2.18
C ALA T 272 65.84 49.69 3.62
N MET T 273 64.64 49.31 4.05
CA MET T 273 64.17 49.60 5.39
C MET T 273 65.07 48.99 6.45
N LEU T 274 65.54 47.78 6.18
CA LEU T 274 66.39 47.08 7.13
C LEU T 274 67.73 47.78 7.39
N GLU T 275 68.52 47.97 6.34
CA GLU T 275 69.82 48.60 6.50
C GLU T 275 69.72 50.13 6.62
N MET T 276 68.62 50.61 7.18
CA MET T 276 68.41 52.04 7.34
C MET T 276 68.71 52.47 8.77
N LYS T 277 69.86 53.10 8.95
CA LYS T 277 70.30 53.55 10.27
C LYS T 277 70.28 55.08 10.38
N ASN T 278 70.17 55.59 11.61
CA ASN T 278 70.13 57.03 11.83
C ASN T 278 68.92 57.62 11.13
N ALA T 279 67.77 57.56 11.80
CA ALA T 279 66.53 58.07 11.23
C ALA T 279 66.16 59.46 11.75
N LYS T 280 65.83 60.36 10.83
CA LYS T 280 65.46 61.71 11.22
C LYS T 280 63.98 61.70 11.58
N LYS T 281 63.16 61.16 10.68
CA LYS T 281 61.73 61.06 10.92
C LYS T 281 61.35 59.57 10.88
N THR T 282 60.64 59.13 11.92
CA THR T 282 60.23 57.73 12.02
C THR T 282 59.63 57.18 10.74
N CYS T 283 60.22 56.11 10.21
CA CYS T 283 59.75 55.48 8.98
C CYS T 283 59.31 54.04 9.20
N ILE T 284 58.33 53.60 8.42
CA ILE T 284 57.78 52.26 8.55
C ILE T 284 57.46 51.52 7.27
N THR T 285 57.64 50.20 7.33
CA THR T 285 57.42 49.31 6.19
C THR T 285 56.23 48.40 6.38
N ILE T 286 55.31 48.43 5.41
CA ILE T 286 54.11 47.62 5.49
C ILE T 286 54.10 46.54 4.43
N LEU T 287 53.68 45.34 4.81
CA LEU T 287 53.62 44.20 3.91
C LEU T 287 52.35 43.42 4.15
N VAL T 288 51.33 43.67 3.33
CA VAL T 288 50.04 42.97 3.49
C VAL T 288 49.73 42.05 2.31
N ASP T 289 48.58 41.40 2.35
CA ASP T 289 48.20 40.51 1.28
C ASP T 289 46.79 40.81 0.81
N LYS T 290 46.21 39.86 0.08
CA LYS T 290 44.87 39.99 -0.46
C LYS T 290 44.77 41.10 -1.50
N GLU T 291 45.90 41.69 -1.89
CA GLU T 291 45.87 42.76 -2.87
C GLU T 291 45.37 42.25 -4.19
N GLU T 292 45.94 41.13 -4.63
CA GLU T 292 45.58 40.53 -5.93
C GLU T 292 44.12 40.06 -5.97
N VAL T 293 43.47 40.05 -4.81
CA VAL T 293 42.08 39.60 -4.75
C VAL T 293 41.10 40.74 -4.44
N GLY T 294 41.61 41.95 -4.23
CA GLY T 294 40.72 43.08 -3.95
C GLY T 294 41.14 43.91 -2.77
N SER T 295 42.03 43.36 -1.95
CA SER T 295 42.52 44.04 -0.75
C SER T 295 41.46 44.16 0.32
N ILE T 296 40.58 43.17 0.41
CA ILE T 296 39.52 43.17 1.41
C ILE T 296 40.07 43.17 2.82
N GLY T 297 39.15 43.25 3.78
CA GLY T 297 39.52 43.28 5.18
C GLY T 297 40.30 42.10 5.74
N ALA T 298 40.50 42.12 7.06
CA ALA T 298 41.21 41.07 7.79
C ALA T 298 42.72 41.20 7.70
N THR T 299 43.24 41.21 6.47
CA THR T 299 44.68 41.30 6.28
C THR T 299 45.15 42.15 5.06
N GLY T 300 44.42 43.22 4.76
CA GLY T 300 44.77 44.09 3.64
C GLY T 300 44.37 45.54 3.82
N MET T 301 43.07 45.79 3.90
CA MET T 301 42.52 47.14 4.09
C MET T 301 42.17 47.29 5.55
N GLN T 302 42.52 46.26 6.33
CA GLN T 302 42.27 46.20 7.76
C GLN T 302 42.78 47.43 8.52
N SER T 303 42.52 47.44 9.83
CA SER T 303 42.95 48.53 10.68
C SER T 303 44.26 48.14 11.35
N LYS T 304 44.72 46.94 11.05
CA LYS T 304 45.97 46.42 11.62
C LYS T 304 47.07 47.48 11.65
N PHE T 305 47.07 48.36 10.66
CA PHE T 305 48.06 49.42 10.59
C PHE T 305 47.59 50.59 11.42
N PHE T 306 46.33 50.97 11.20
CA PHE T 306 45.72 52.08 11.93
C PHE T 306 45.89 51.83 13.42
N GLU T 307 45.16 50.85 13.93
CA GLU T 307 45.23 50.49 15.34
C GLU T 307 46.53 49.76 15.63
N ASN T 308 47.64 50.44 15.34
CA ASN T 308 48.94 49.84 15.58
C ASN T 308 49.95 50.96 15.61
N THR T 309 49.78 51.93 14.73
CA THR T 309 50.66 53.09 14.71
C THR T 309 50.32 53.75 16.03
N VAL T 310 49.07 53.57 16.44
CA VAL T 310 48.61 54.13 17.70
C VAL T 310 49.16 53.30 18.85
N ALA T 311 48.87 52.00 18.83
CA ALA T 311 49.36 51.12 19.88
C ALA T 311 50.87 51.32 20.04
N ASP T 312 51.48 51.89 19.00
CA ASP T 312 52.89 52.15 19.00
C ASP T 312 53.16 53.58 19.47
N ILE T 313 52.28 54.49 19.05
CA ILE T 313 52.38 55.91 19.42
C ILE T 313 52.22 56.00 20.95
N MET T 314 51.55 55.01 21.53
CA MET T 314 51.33 54.98 22.96
C MET T 314 52.66 54.97 23.73
N SER T 315 53.63 54.23 23.20
CA SER T 315 54.93 54.14 23.83
C SER T 315 55.88 55.20 23.29
N ASP T 321 50.95 61.92 24.52
CA ASP T 321 51.27 60.93 23.50
C ASP T 321 50.16 59.87 23.40
N GLU T 322 48.92 60.31 23.62
CA GLU T 322 47.79 59.39 23.57
C GLU T 322 46.74 59.77 22.54
N LEU T 323 45.82 60.65 22.95
CA LEU T 323 44.72 61.11 22.10
C LEU T 323 44.96 61.23 20.61
N LYS T 324 43.92 60.89 19.87
CA LYS T 324 43.91 60.92 18.41
C LYS T 324 44.95 61.79 17.73
N LEU T 325 44.81 63.11 17.85
CA LEU T 325 45.72 64.07 17.23
C LEU T 325 45.56 64.03 15.70
N ARG T 326 45.45 62.81 15.13
CA ARG T 326 45.27 62.57 13.68
C ARG T 326 46.48 62.93 12.80
N LYS T 327 46.89 64.19 12.86
CA LYS T 327 48.02 64.71 12.11
C LYS T 327 49.13 63.70 11.84
N ALA T 328 49.37 62.80 12.79
CA ALA T 328 50.41 61.79 12.66
C ALA T 328 50.45 61.18 11.26
N LEU T 329 49.32 60.65 10.81
CA LEU T 329 49.23 60.03 9.50
C LEU T 329 49.12 61.06 8.38
N TYR T 330 48.28 62.07 8.58
CA TYR T 330 48.07 63.13 7.58
C TYR T 330 49.36 63.77 7.07
N ASN T 331 50.37 63.88 7.93
CA ASN T 331 51.62 64.49 7.52
C ASN T 331 52.70 63.50 7.07
N SER T 332 52.29 62.29 6.68
CA SER T 332 53.26 61.30 6.26
C SER T 332 53.40 61.23 4.75
N GLU T 333 54.46 60.57 4.29
CA GLU T 333 54.74 60.41 2.87
C GLU T 333 54.93 58.93 2.62
N MET T 334 54.16 58.37 1.70
CA MET T 334 54.29 56.93 1.39
C MET T 334 54.76 56.67 -0.03
N LEU T 335 55.24 55.46 -0.23
CA LEU T 335 55.73 55.03 -1.52
C LEU T 335 55.17 53.63 -1.81
N SER T 336 53.85 53.53 -1.86
CA SER T 336 53.17 52.26 -2.13
C SER T 336 53.65 51.74 -3.48
N SER T 337 54.49 50.71 -3.46
CA SER T 337 55.02 50.16 -4.69
C SER T 337 54.39 48.85 -5.11
N ASP T 338 54.42 48.57 -6.42
CA ASP T 338 53.89 47.35 -7.01
C ASP T 338 54.42 47.29 -8.44
N VAL T 339 54.77 46.10 -8.91
CA VAL T 339 55.31 45.91 -10.25
C VAL T 339 54.42 46.47 -11.33
N SER T 340 55.05 46.89 -12.42
CA SER T 340 54.33 47.45 -13.58
C SER T 340 54.65 46.61 -14.80
N ALA T 341 53.89 46.80 -15.86
CA ALA T 341 54.12 46.03 -17.08
C ALA T 341 55.23 46.65 -17.96
N ALA T 342 56.28 45.87 -18.19
CA ALA T 342 57.39 46.33 -19.00
C ALA T 342 57.06 46.11 -20.47
N PHE T 343 57.54 47.01 -21.32
CA PHE T 343 57.27 46.90 -22.76
C PHE T 343 57.80 45.58 -23.31
N ASP T 344 56.93 44.78 -23.91
CA ASP T 344 57.34 43.50 -24.46
C ASP T 344 57.45 43.64 -25.97
N PRO T 345 58.64 43.37 -26.52
CA PRO T 345 58.85 43.46 -27.97
C PRO T 345 58.03 42.46 -28.76
N ASN T 346 57.32 41.57 -28.07
CA ASN T 346 56.50 40.60 -28.78
C ASN T 346 55.08 41.11 -29.02
N TYR T 347 54.61 42.00 -28.15
CA TYR T 347 53.29 42.58 -28.28
C TYR T 347 53.40 44.07 -28.02
N PRO T 348 53.81 44.84 -29.02
CA PRO T 348 53.98 46.30 -28.92
C PRO T 348 52.72 47.14 -29.05
N ASN T 349 51.81 46.71 -29.91
CA ASN T 349 50.58 47.45 -30.15
C ASN T 349 49.67 47.57 -28.94
N VAL T 350 50.06 46.97 -27.83
CA VAL T 350 49.24 47.03 -26.63
C VAL T 350 49.65 48.20 -25.73
N MET T 351 50.81 48.79 -25.99
CA MET T 351 51.29 49.91 -25.19
C MET T 351 51.65 51.11 -26.05
N GLU T 352 51.66 52.28 -25.42
CA GLU T 352 51.93 53.54 -26.11
C GLU T 352 53.41 53.83 -26.41
N LYS T 353 54.30 52.84 -26.25
CA LYS T 353 55.72 53.05 -26.51
C LYS T 353 56.22 54.09 -25.50
N ARG T 354 56.01 55.38 -25.78
CA ARG T 354 56.38 56.43 -24.85
C ARG T 354 55.38 56.29 -23.70
N ASN T 355 55.78 56.69 -22.50
CA ASN T 355 54.87 56.56 -21.35
C ASN T 355 54.67 55.10 -20.99
N SER T 356 55.69 54.28 -21.22
CA SER T 356 55.63 52.85 -20.90
C SER T 356 56.96 52.49 -20.23
N ALA T 357 56.91 51.61 -19.24
CA ALA T 357 58.13 51.22 -18.55
C ALA T 357 58.96 50.26 -19.38
N TYR T 358 60.28 50.46 -19.36
CA TYR T 358 61.18 49.61 -20.11
C TYR T 358 62.13 48.85 -19.20
N LEU T 359 62.43 47.62 -19.59
CA LEU T 359 63.30 46.74 -18.84
C LEU T 359 64.70 47.32 -18.63
N GLY T 360 64.98 47.83 -17.44
CA GLY T 360 66.31 48.36 -17.18
C GLY T 360 66.47 49.86 -17.15
N LYS T 361 65.37 50.60 -17.25
CA LYS T 361 65.51 52.06 -17.20
C LYS T 361 65.27 52.63 -15.81
N GLY T 362 65.52 51.83 -14.78
CA GLY T 362 65.35 52.33 -13.42
C GLY T 362 64.02 52.00 -12.77
N ILE T 363 63.76 52.65 -11.64
CA ILE T 363 62.53 52.45 -10.90
C ILE T 363 61.37 53.14 -11.61
N VAL T 364 60.17 52.56 -11.52
CA VAL T 364 59.01 53.11 -12.21
C VAL T 364 58.11 53.95 -11.33
N PHE T 365 57.56 55.02 -11.92
CA PHE T 365 56.64 55.92 -11.21
C PHE T 365 55.33 56.02 -11.96
N ASN T 366 54.24 55.90 -11.24
CA ASN T 366 52.93 55.96 -11.85
C ASN T 366 52.06 57.00 -11.14
N LYS T 367 51.89 58.14 -11.78
CA LYS T 367 51.07 59.20 -11.19
C LYS T 367 49.66 58.67 -10.97
N TYR T 368 49.12 58.05 -12.01
CA TYR T 368 47.77 57.49 -11.95
C TYR T 368 47.79 56.10 -12.57
N THR T 369 46.77 55.30 -12.23
CA THR T 369 46.67 53.94 -12.73
C THR T 369 45.25 53.41 -12.54
N GLY T 370 44.38 53.73 -13.49
CA GLY T 370 43.00 53.26 -13.38
C GLY T 370 42.51 52.55 -14.62
N SER T 371 41.29 52.89 -15.03
CA SER T 371 40.67 52.28 -16.20
C SER T 371 40.14 53.34 -17.15
N ARG T 372 38.86 53.24 -17.48
CA ARG T 372 38.21 54.18 -18.37
C ARG T 372 38.28 55.62 -17.83
N GLY T 373 39.41 56.29 -18.04
CA GLY T 373 39.53 57.65 -17.57
C GLY T 373 40.03 57.83 -16.15
N LYS T 374 41.09 57.11 -15.81
CA LYS T 374 41.71 57.19 -14.49
C LYS T 374 40.76 56.77 -13.39
N SER T 375 39.68 56.08 -13.78
CA SER T 375 38.68 55.63 -12.81
C SER T 375 39.19 54.68 -11.74
N GLY T 376 38.84 54.99 -10.50
CA GLY T 376 39.22 54.18 -9.37
C GLY T 376 40.72 53.98 -9.17
N CYS T 377 41.41 54.98 -8.65
CA CYS T 377 42.85 54.87 -8.43
C CYS T 377 43.37 56.15 -7.83
N ASN T 378 44.52 56.05 -7.20
CA ASN T 378 45.13 57.20 -6.56
C ASN T 378 45.91 58.06 -7.56
N ASP T 379 45.78 59.37 -7.45
CA ASP T 379 46.47 60.30 -8.34
C ASP T 379 47.44 61.15 -7.54
N ALA T 380 48.73 60.84 -7.68
CA ALA T 380 49.79 61.54 -6.97
C ALA T 380 49.86 63.03 -7.28
N ASN T 381 50.12 63.84 -6.26
CA ASN T 381 50.23 65.29 -6.42
C ASN T 381 51.58 65.67 -7.02
N PRO T 382 51.58 66.64 -7.94
CA PRO T 382 52.82 67.09 -8.60
C PRO T 382 53.85 67.63 -7.62
N GLU T 383 53.41 68.43 -6.67
CA GLU T 383 54.33 68.98 -5.68
C GLU T 383 55.13 67.85 -5.01
N TYR T 384 54.44 66.75 -4.69
CA TYR T 384 55.09 65.61 -4.06
C TYR T 384 56.03 64.91 -5.05
N ILE T 385 55.55 64.76 -6.28
CA ILE T 385 56.32 64.12 -7.34
C ILE T 385 57.62 64.88 -7.55
N ALA T 386 57.52 66.19 -7.74
CA ALA T 386 58.70 67.02 -7.93
C ALA T 386 59.71 66.74 -6.83
N GLU T 387 59.26 66.67 -5.59
CA GLU T 387 60.16 66.39 -4.48
C GLU T 387 60.91 65.09 -4.71
N LEU T 388 60.17 64.03 -4.99
CA LEU T 388 60.78 62.72 -5.24
C LEU T 388 61.82 62.84 -6.33
N ARG T 389 61.52 63.65 -7.34
CA ARG T 389 62.46 63.86 -8.43
C ARG T 389 63.76 64.38 -7.86
N ARG T 390 63.68 65.55 -7.23
CA ARG T 390 64.83 66.19 -6.62
C ARG T 390 65.62 65.17 -5.81
N ILE T 391 64.93 64.43 -4.94
CA ILE T 391 65.58 63.44 -4.09
C ILE T 391 66.30 62.36 -4.89
N LEU T 392 65.56 61.72 -5.79
CA LEU T 392 66.15 60.68 -6.62
C LEU T 392 67.11 61.27 -7.67
N SER T 393 67.60 62.47 -7.40
CA SER T 393 68.55 63.10 -8.31
C SER T 393 69.82 63.24 -7.52
N LYS T 394 69.69 63.75 -6.31
CA LYS T 394 70.83 63.93 -5.42
C LYS T 394 71.50 62.57 -5.24
N GLU T 395 70.80 61.64 -4.61
CA GLU T 395 71.35 60.30 -4.39
C GLU T 395 71.42 59.53 -5.69
N SER T 396 71.17 60.23 -6.79
CA SER T 396 71.18 59.64 -8.12
C SER T 396 69.98 58.68 -8.27
N VAL T 397 70.21 57.48 -8.80
CA VAL T 397 69.15 56.50 -8.99
C VAL T 397 68.36 56.79 -10.25
N ASN T 398 68.24 55.81 -11.13
CA ASN T 398 67.49 56.00 -12.37
C ASN T 398 66.01 55.70 -12.17
N TRP T 399 65.16 56.55 -12.73
CA TRP T 399 63.74 56.37 -12.61
C TRP T 399 63.09 56.66 -13.96
N GLN T 400 61.92 56.07 -14.17
CA GLN T 400 61.16 56.25 -15.40
C GLN T 400 59.68 56.22 -15.04
N THR T 401 58.89 56.95 -15.80
CA THR T 401 57.44 57.00 -15.55
C THR T 401 56.73 56.16 -16.61
N ALA T 402 55.70 55.44 -16.17
CA ALA T 402 54.96 54.59 -17.07
C ALA T 402 53.44 54.68 -16.89
N GLU T 403 52.72 54.08 -17.82
CA GLU T 403 51.27 54.06 -17.83
C GLU T 403 50.94 52.63 -18.24
N LEU T 404 49.89 52.04 -17.69
CA LEU T 404 49.56 50.67 -18.04
C LEU T 404 48.76 50.51 -19.34
N GLY T 405 49.46 50.40 -20.46
CA GLY T 405 48.77 50.21 -21.72
C GLY T 405 48.13 51.46 -22.29
N LYS T 406 48.05 51.51 -23.62
CA LYS T 406 47.47 52.65 -24.32
C LYS T 406 46.04 52.96 -23.85
N VAL T 407 45.94 53.99 -23.03
CA VAL T 407 44.68 54.46 -22.50
C VAL T 407 43.67 53.33 -22.29
N ASP T 408 42.62 53.30 -23.11
CA ASP T 408 41.56 52.30 -22.98
C ASP T 408 41.93 50.85 -23.25
N GLN T 409 43.04 50.39 -22.67
CA GLN T 409 43.44 49.00 -22.87
C GLN T 409 43.12 48.14 -21.66
N GLY T 410 44.09 48.05 -20.75
CA GLY T 410 43.89 47.25 -19.56
C GLY T 410 43.39 48.08 -18.40
N GLY T 411 42.99 47.40 -17.33
CA GLY T 411 42.49 48.07 -16.16
C GLY T 411 43.55 48.13 -15.07
N GLY T 412 43.35 49.00 -14.08
CA GLY T 412 44.31 49.12 -13.00
C GLY T 412 43.66 49.41 -11.66
N GLY T 413 44.45 49.32 -10.60
CA GLY T 413 43.95 49.57 -9.26
C GLY T 413 44.93 49.11 -8.19
N THR T 414 45.74 50.05 -7.69
CA THR T 414 46.72 49.74 -6.65
C THR T 414 46.18 50.11 -5.27
N ILE T 415 46.78 49.51 -4.24
CA ILE T 415 46.35 49.77 -2.87
C ILE T 415 46.92 51.10 -2.36
N ALA T 416 47.31 51.97 -3.29
CA ALA T 416 47.88 53.27 -2.95
C ALA T 416 46.84 54.23 -2.37
N TYR T 417 45.62 54.20 -2.90
CA TYR T 417 44.56 55.08 -2.45
C TYR T 417 44.05 54.70 -1.07
N ILE T 418 44.20 53.43 -0.71
CA ILE T 418 43.72 52.95 0.57
C ILE T 418 44.32 53.68 1.76
N LEU T 419 45.59 54.07 1.68
CA LEU T 419 46.23 54.79 2.78
C LEU T 419 46.19 56.28 2.58
N ALA T 420 46.07 56.71 1.33
CA ALA T 420 46.01 58.13 1.04
C ALA T 420 44.74 58.66 1.64
N GLU T 421 43.82 57.76 2.00
CA GLU T 421 42.54 58.14 2.58
C GLU T 421 42.75 58.98 3.84
N TYR T 422 43.96 58.91 4.39
CA TYR T 422 44.28 59.67 5.59
C TYR T 422 44.73 61.08 5.22
N GLY T 423 45.24 61.23 4.01
CA GLY T 423 45.69 62.54 3.56
C GLY T 423 47.16 62.53 3.18
N MET T 424 47.78 61.35 3.29
CA MET T 424 49.19 61.16 2.96
C MET T 424 49.54 61.60 1.55
N GLN T 425 50.83 61.63 1.28
CA GLN T 425 51.34 61.97 -0.04
C GLN T 425 51.85 60.65 -0.61
N VAL T 426 51.00 59.99 -1.39
CA VAL T 426 51.35 58.71 -1.96
C VAL T 426 51.61 58.79 -3.44
N ILE T 427 52.32 57.79 -3.96
CA ILE T 427 52.63 57.71 -5.38
C ILE T 427 52.99 56.25 -5.67
N ASP T 428 52.72 55.79 -6.88
CA ASP T 428 53.00 54.40 -7.24
C ASP T 428 54.41 54.16 -7.75
N CYS T 429 55.09 53.22 -7.12
CA CYS T 429 56.45 52.86 -7.51
C CYS T 429 56.52 51.37 -7.82
N GLY T 430 57.73 50.90 -8.08
CA GLY T 430 57.90 49.50 -8.36
C GLY T 430 58.79 49.24 -9.56
N VAL T 431 59.11 47.96 -9.72
CA VAL T 431 59.95 47.50 -10.80
C VAL T 431 59.10 47.12 -11.98
N ALA T 432 59.73 47.06 -13.16
CA ALA T 432 59.01 46.69 -14.38
C ALA T 432 59.19 45.18 -14.64
N LEU T 433 58.09 44.46 -14.80
CA LEU T 433 58.17 43.04 -15.06
C LEU T 433 57.78 42.64 -16.47
N LEU T 434 58.02 41.36 -16.78
CA LEU T 434 57.67 40.79 -18.07
C LEU T 434 56.68 39.68 -17.74
N ASN T 435 55.62 39.59 -18.53
CA ASN T 435 54.55 38.60 -18.32
C ASN T 435 54.16 38.44 -16.87
N HIS T 437 51.74 38.00 -13.45
CA HIS T 437 50.81 36.97 -13.04
C HIS T 437 50.98 35.65 -13.76
N ALA T 438 52.18 35.44 -14.30
CA ALA T 438 52.48 34.21 -14.99
C ALA T 438 53.27 33.34 -14.01
N PRO T 439 53.24 32.02 -14.17
CA PRO T 439 53.98 31.16 -13.25
C PRO T 439 55.44 31.56 -13.18
N TRP T 440 55.95 32.15 -14.25
CA TRP T 440 57.34 32.57 -14.29
C TRP T 440 57.43 33.99 -14.82
N GLU T 441 57.83 34.91 -13.96
CA GLU T 441 57.96 36.32 -14.30
C GLU T 441 59.40 36.70 -14.47
N ILE T 442 59.66 37.77 -15.22
CA ILE T 442 61.04 38.22 -15.46
C ILE T 442 61.30 39.64 -14.96
N SER T 443 62.52 39.89 -14.49
CA SER T 443 62.85 41.22 -13.97
C SER T 443 64.30 41.58 -14.24
N SER T 444 64.59 42.88 -14.30
CA SER T 444 65.96 43.32 -14.55
C SER T 444 66.71 43.59 -13.27
N LYS T 445 67.81 42.87 -13.08
CA LYS T 445 68.61 43.05 -11.87
C LYS T 445 68.94 44.52 -11.67
N ALA T 446 69.29 45.21 -12.75
CA ALA T 446 69.60 46.62 -12.67
C ALA T 446 68.41 47.35 -12.05
N ASP T 447 67.20 47.07 -12.55
CA ASP T 447 66.03 47.72 -12.00
C ASP T 447 65.87 47.37 -10.52
N ILE T 448 65.96 46.08 -10.20
CA ILE T 448 65.84 45.65 -8.81
C ILE T 448 66.72 46.56 -7.94
N TYR T 449 68.00 46.59 -8.30
CA TYR T 449 69.01 47.39 -7.62
C TYR T 449 68.56 48.84 -7.54
N GLU T 450 68.41 49.46 -8.70
CA GLU T 450 68.00 50.86 -8.76
C GLU T 450 66.82 51.14 -7.82
N THR T 451 65.78 50.30 -7.89
CA THR T 451 64.59 50.47 -7.06
C THR T 451 64.95 50.54 -5.60
N LYS T 452 65.76 49.59 -5.13
CA LYS T 452 66.17 49.57 -3.74
C LYS T 452 66.78 50.92 -3.38
N ASN T 453 67.77 51.33 -4.17
CA ASN T 453 68.41 52.61 -3.92
C ASN T 453 67.40 53.73 -3.88
N GLY T 454 66.39 53.63 -4.75
CA GLY T 454 65.34 54.63 -4.80
C GLY T 454 64.61 54.69 -3.46
N TYR T 455 64.35 53.51 -2.91
CA TYR T 455 63.68 53.41 -1.63
C TYR T 455 64.60 54.00 -0.56
N SER T 456 65.77 53.41 -0.42
CA SER T 456 66.73 53.88 0.57
C SER T 456 66.93 55.39 0.48
N ALA T 457 66.97 55.92 -0.74
CA ALA T 457 67.14 57.35 -0.94
C ALA T 457 65.84 58.09 -0.62
N PHE T 458 65.06 57.50 0.27
CA PHE T 458 63.79 58.08 0.69
C PHE T 458 63.81 58.10 2.22
N LEU T 459 65.01 57.96 2.79
CA LEU T 459 65.21 57.96 4.23
C LEU T 459 65.24 59.40 4.72
N ASN T 460 65.95 60.24 3.97
CA ASN T 460 66.05 61.66 4.30
C ASN T 460 65.35 62.52 3.23
N ASN T 461 64.40 63.33 3.68
CA ASN T 461 63.63 64.23 2.82
C ASN T 461 62.65 63.49 1.88
N LEU U 1 81.67 38.76 -35.39
CA LEU U 1 81.01 39.91 -36.05
C LEU U 1 79.64 39.49 -36.58
N LEU U 2 78.97 40.39 -37.30
CA LEU U 2 77.68 40.09 -37.86
C LEU U 2 77.77 40.16 -39.38
N LYS U 3 76.93 39.38 -40.07
CA LYS U 3 76.99 39.36 -41.52
C LYS U 3 75.89 40.13 -42.23
N GLU U 4 76.25 41.24 -42.86
CA GLU U 4 75.29 42.02 -43.61
C GLU U 4 75.29 41.25 -44.94
N TYR U 5 74.18 40.63 -45.32
CA TYR U 5 74.16 39.90 -46.58
C TYR U 5 74.28 40.85 -47.79
N LYS U 6 75.50 41.30 -48.09
CA LYS U 6 75.72 42.20 -49.20
C LYS U 6 75.06 41.67 -50.46
N ASN U 7 74.91 42.53 -51.47
CA ASN U 7 74.27 42.15 -52.72
C ASN U 7 75.23 41.62 -53.78
N ALA U 8 74.72 41.30 -54.95
CA ALA U 8 75.53 40.72 -56.01
C ALA U 8 76.29 41.71 -56.88
N TRP U 9 75.63 42.78 -57.31
CA TRP U 9 76.27 43.77 -58.14
C TRP U 9 77.36 44.43 -57.32
N ASP U 10 77.97 45.48 -57.83
CA ASP U 10 79.08 46.18 -57.13
C ASP U 10 80.25 45.22 -57.21
N LYS U 11 80.16 44.17 -56.40
CA LYS U 11 81.18 43.15 -56.37
C LYS U 11 81.48 42.75 -57.81
N TYR U 12 80.42 42.60 -58.62
CA TYR U 12 80.59 42.23 -60.03
C TYR U 12 81.44 43.24 -60.76
N ASP U 13 80.77 44.17 -61.43
CA ASP U 13 81.45 45.20 -62.21
C ASP U 13 82.55 44.47 -62.95
N ASP U 14 83.80 44.84 -62.64
CA ASP U 14 84.95 44.21 -63.26
C ASP U 14 84.88 44.45 -64.78
N LYS U 15 83.77 45.00 -65.25
CA LYS U 15 83.56 45.27 -66.67
C LYS U 15 83.46 43.94 -67.41
N GLN U 16 84.07 42.91 -66.82
CA GLN U 16 84.06 41.59 -67.39
C GLN U 16 82.87 40.86 -66.81
N LEU U 17 82.98 40.53 -65.52
CA LEU U 17 81.93 39.83 -64.80
C LEU U 17 80.55 40.24 -65.32
N LYS U 18 80.26 41.55 -65.34
CA LYS U 18 78.96 42.02 -65.83
C LYS U 18 78.67 41.48 -67.21
N GLU U 19 79.47 41.90 -68.19
CA GLU U 19 79.32 41.46 -69.56
C GLU U 19 79.20 39.95 -69.60
N VAL U 20 79.97 39.28 -68.74
CA VAL U 20 79.96 37.82 -68.70
C VAL U 20 78.62 37.24 -68.27
N PHE U 21 77.62 38.08 -68.10
CA PHE U 21 76.33 37.56 -67.71
C PHE U 21 75.17 38.49 -68.09
N ALA U 22 75.38 39.79 -67.95
CA ALA U 22 74.34 40.77 -68.30
C ALA U 22 73.78 40.33 -69.64
N LEU U 23 74.69 39.89 -70.50
CA LEU U 23 74.33 39.39 -71.82
C LEU U 23 74.70 37.92 -71.79
N GLY U 24 75.55 37.55 -70.82
CA GLY U 24 75.98 36.19 -70.68
C GLY U 24 74.80 35.25 -70.57
N ASP U 25 74.34 34.99 -69.35
CA ASP U 25 73.22 34.11 -69.16
C ASP U 25 71.95 34.71 -69.75
N ARG U 26 71.74 36.00 -69.53
CA ARG U 26 70.57 36.66 -70.08
C ARG U 26 70.77 36.64 -71.59
N PHE U 27 70.48 35.50 -72.18
CA PHE U 27 70.62 35.31 -73.61
C PHE U 27 70.42 33.82 -73.70
N LYS U 28 71.34 33.09 -73.08
CA LYS U 28 71.22 31.65 -73.08
C LYS U 28 69.89 31.31 -72.40
N ASN U 29 69.81 31.58 -71.09
CA ASN U 29 68.58 31.33 -70.30
C ASN U 29 67.50 32.14 -70.96
N PHE U 30 67.71 33.45 -70.96
CA PHE U 30 66.76 34.37 -71.55
C PHE U 30 66.08 33.79 -72.79
N ILE U 31 66.77 32.95 -73.56
CA ILE U 31 66.19 32.36 -74.77
C ILE U 31 65.69 30.94 -74.54
N SER U 32 66.28 30.24 -73.59
CA SER U 32 65.89 28.87 -73.31
C SER U 32 64.40 28.80 -73.00
N ASN U 33 63.95 29.56 -72.01
CA ASN U 33 62.55 29.52 -71.65
C ASN U 33 61.67 30.29 -72.63
N CYS U 34 62.03 30.24 -73.90
CA CYS U 34 61.26 30.92 -74.94
C CYS U 34 60.97 29.91 -76.05
N LYS U 35 62.00 29.12 -76.34
CA LYS U 35 61.89 28.11 -77.38
C LYS U 35 61.62 26.76 -76.73
N THR U 36 61.28 26.78 -75.45
CA THR U 36 61.01 25.57 -74.71
C THR U 36 60.13 25.93 -73.51
N GLU U 37 58.85 25.62 -73.58
CA GLU U 37 57.93 25.95 -72.50
C GLU U 37 57.14 24.73 -72.02
N ARG U 38 57.29 23.61 -72.70
CA ARG U 38 56.60 22.39 -72.35
C ARG U 38 57.57 21.24 -72.24
N GLU U 39 58.06 20.96 -71.03
CA GLU U 39 59.01 19.86 -70.75
C GLU U 39 59.74 19.25 -71.96
N CYS U 40 59.90 20.01 -73.04
CA CYS U 40 60.59 19.53 -74.23
C CYS U 40 61.98 20.10 -74.05
N VAL U 41 62.21 20.56 -72.83
CA VAL U 41 63.50 21.12 -72.46
C VAL U 41 64.49 19.99 -72.80
N THR U 42 64.00 18.76 -72.63
CA THR U 42 64.80 17.58 -72.92
C THR U 42 65.37 17.69 -74.33
N GLU U 43 64.47 17.82 -75.32
CA GLU U 43 64.91 17.93 -76.70
C GLU U 43 65.99 19.00 -76.91
N LEU U 44 65.61 20.26 -76.76
CA LEU U 44 66.55 21.36 -76.93
C LEU U 44 67.81 21.15 -76.13
N ILE U 45 67.69 20.62 -74.91
CA ILE U 45 68.88 20.40 -74.10
C ILE U 45 69.69 19.22 -74.59
N LYS U 46 68.98 18.17 -74.98
CA LYS U 46 69.67 16.97 -75.48
C LYS U 46 70.38 17.32 -76.79
N THR U 47 69.80 18.24 -77.57
CA THR U 47 70.43 18.66 -78.82
C THR U 47 71.73 19.32 -78.41
N ALA U 48 71.70 20.13 -77.36
CA ALA U 48 72.93 20.74 -76.86
C ALA U 48 73.65 19.54 -76.26
N GLU U 49 74.76 19.76 -75.56
CA GLU U 49 75.50 18.63 -75.01
C GLU U 49 75.89 17.69 -76.16
N LYS U 50 75.82 18.22 -77.37
CA LYS U 50 76.19 17.46 -78.57
C LYS U 50 77.70 17.30 -78.50
N SER U 51 78.30 18.09 -77.60
CA SER U 51 79.73 18.05 -77.37
C SER U 51 80.05 16.87 -76.45
N GLY U 52 79.62 15.69 -76.88
CA GLY U 52 79.83 14.48 -76.11
C GLY U 52 78.49 13.92 -75.67
N TYR U 53 78.50 13.03 -74.69
CA TYR U 53 77.26 12.44 -74.19
C TYR U 53 76.55 11.56 -75.23
N ARG U 54 75.91 10.49 -74.75
CA ARG U 54 75.18 9.62 -75.64
C ARG U 54 74.46 8.50 -74.88
N ASN U 55 75.22 7.53 -74.39
CA ASN U 55 74.69 6.39 -73.64
C ASN U 55 73.43 5.85 -74.28
N ILE U 56 72.31 6.43 -73.84
CA ILE U 56 70.98 6.10 -74.30
C ILE U 56 70.86 4.66 -74.87
N GLU U 57 71.27 4.48 -76.13
CA GLU U 57 71.21 3.19 -76.79
C GLU U 57 72.62 2.58 -76.96
N ASP U 58 73.58 3.46 -77.22
CA ASP U 58 74.97 3.06 -77.43
C ASP U 58 75.65 2.50 -76.18
N ILE U 59 75.18 1.35 -75.74
CA ILE U 59 75.74 0.68 -74.58
C ILE U 59 76.44 -0.59 -75.06
N LEU U 60 77.77 -0.52 -75.16
CA LEU U 60 78.62 -1.64 -75.61
C LEU U 60 79.82 -1.85 -74.68
N ALA U 61 79.77 -1.22 -73.51
CA ALA U 61 80.85 -1.30 -72.52
C ALA U 61 82.07 -0.55 -73.02
N LYS U 62 82.48 -0.91 -74.23
CA LYS U 62 83.62 -0.29 -74.89
C LYS U 62 83.14 0.57 -76.05
N GLY U 63 81.82 0.66 -76.20
CA GLY U 63 81.25 1.46 -77.28
C GLY U 63 81.79 2.87 -77.16
N GLU U 64 82.08 3.26 -75.93
CA GLU U 64 82.63 4.58 -75.60
C GLU U 64 83.65 4.35 -74.47
N THR U 65 83.90 3.07 -74.17
CA THR U 65 84.82 2.66 -73.12
C THR U 65 84.61 3.47 -71.83
N LEU U 66 83.53 3.17 -71.13
CA LEU U 66 83.17 3.86 -69.89
C LEU U 66 84.35 3.96 -68.94
N LYS U 67 84.98 5.14 -68.91
CA LYS U 67 86.13 5.39 -68.03
C LYS U 67 86.38 6.90 -67.91
N GLU U 68 87.53 7.25 -67.33
CA GLU U 68 87.91 8.65 -67.14
C GLU U 68 87.46 9.58 -68.27
N GLY U 69 87.02 10.78 -67.90
CA GLY U 69 86.59 11.77 -68.88
C GLY U 69 85.40 11.47 -69.76
N ASP U 70 84.66 10.40 -69.49
CA ASP U 70 83.51 10.07 -70.31
C ASP U 70 82.27 10.81 -69.85
N LYS U 71 81.39 11.11 -70.81
CA LYS U 71 80.15 11.83 -70.55
C LYS U 71 78.98 11.22 -71.32
N VAL U 72 77.91 10.86 -70.61
CA VAL U 72 76.74 10.27 -71.25
C VAL U 72 75.42 10.78 -70.68
N TYR U 73 74.34 10.58 -71.43
CA TYR U 73 73.04 11.02 -70.97
C TYR U 73 72.03 9.90 -71.12
N ALA U 74 70.91 10.01 -70.40
CA ALA U 74 69.88 8.99 -70.45
C ALA U 74 68.53 9.66 -70.57
N ASN U 75 67.79 9.34 -71.62
CA ASN U 75 66.48 9.95 -71.81
C ASN U 75 65.37 9.08 -71.22
N ASN U 76 64.47 9.72 -70.47
CA ASN U 76 63.35 9.00 -69.87
C ASN U 76 62.06 9.33 -70.62
N ARG U 77 61.74 8.51 -71.62
CA ARG U 77 60.56 8.67 -72.45
C ARG U 77 60.34 10.12 -72.83
N GLY U 78 61.44 10.85 -73.00
CA GLY U 78 61.39 12.26 -73.42
C GLY U 78 60.96 13.27 -72.35
N LYS U 79 60.39 12.78 -71.25
CA LYS U 79 59.93 13.64 -70.18
C LYS U 79 61.03 13.95 -69.18
N GLY U 80 62.06 13.09 -69.13
CA GLY U 80 63.14 13.30 -68.18
C GLY U 80 64.53 13.15 -68.77
N LEU U 81 65.50 13.74 -68.09
CA LEU U 81 66.89 13.69 -68.55
C LEU U 81 67.91 13.67 -67.43
N ILE U 82 68.94 12.85 -67.58
CA ILE U 82 69.99 12.74 -66.57
C ILE U 82 71.35 12.64 -67.27
N MET U 83 72.28 13.48 -66.84
CA MET U 83 73.60 13.51 -67.44
C MET U 83 74.72 13.07 -66.47
N PHE U 84 75.71 12.35 -67.01
CA PHE U 84 76.84 11.87 -66.22
C PHE U 84 78.15 12.46 -66.71
N LEU U 85 79.17 12.34 -65.88
CA LEU U 85 80.51 12.82 -66.19
C LEU U 85 81.47 12.07 -65.30
N ILE U 86 82.07 11.01 -65.82
CA ILE U 86 83.01 10.21 -65.03
C ILE U 86 84.27 10.98 -64.61
N GLY U 87 84.72 10.70 -63.39
CA GLY U 87 85.91 11.34 -62.88
C GLY U 87 86.97 10.34 -62.48
N LYS U 88 88.12 10.85 -62.02
CA LYS U 88 89.25 10.01 -61.61
C LYS U 88 88.81 8.90 -60.66
N GLU U 89 88.42 9.27 -59.45
CA GLU U 89 87.99 8.30 -58.45
C GLU U 89 86.89 7.40 -59.00
N PRO U 90 86.67 6.24 -58.36
CA PRO U 90 85.66 5.27 -58.76
C PRO U 90 84.26 5.67 -58.29
N LEU U 91 83.24 5.18 -58.98
CA LEU U 91 81.86 5.51 -58.61
C LEU U 91 81.61 5.17 -57.14
N TYR U 92 82.05 3.98 -56.75
CA TYR U 92 81.88 3.50 -55.39
C TYR U 92 82.22 4.59 -54.37
N THR U 93 83.03 5.57 -54.77
CA THR U 93 83.42 6.64 -53.87
C THR U 93 82.22 7.50 -53.49
N GLY U 94 81.57 8.06 -54.50
CA GLY U 94 80.41 8.91 -54.26
C GLY U 94 80.02 9.68 -55.52
N PHE U 95 79.13 10.64 -55.38
CA PHE U 95 78.72 11.43 -56.52
C PHE U 95 78.56 12.90 -56.16
N LYS U 96 78.44 13.73 -57.19
CA LYS U 96 78.21 15.16 -57.04
C LYS U 96 76.99 15.43 -57.90
N ILE U 97 75.81 15.28 -57.29
CA ILE U 97 74.57 15.46 -58.03
C ILE U 97 73.94 16.87 -58.00
N LEU U 98 73.32 17.24 -59.12
CA LEU U 98 72.63 18.50 -59.26
C LEU U 98 71.25 18.14 -59.76
N GLY U 99 70.21 18.46 -58.99
CA GLY U 99 68.85 18.12 -59.42
C GLY U 99 67.93 19.32 -59.62
N ALA U 100 66.92 19.12 -60.45
CA ALA U 100 65.95 20.16 -60.73
C ALA U 100 64.78 19.63 -61.56
N HIS U 101 63.58 20.18 -61.39
CA HIS U 101 62.43 19.73 -62.16
C HIS U 101 62.24 20.68 -63.33
N ILE U 102 61.89 20.14 -64.48
CA ILE U 102 61.71 20.98 -65.67
C ILE U 102 60.26 21.32 -65.99
N ASP U 103 59.32 20.74 -65.26
CA ASP U 103 57.91 21.00 -65.50
C ASP U 103 57.49 22.27 -64.79
N SER U 104 56.39 22.86 -65.25
CA SER U 104 55.87 24.09 -64.65
C SER U 104 54.35 24.15 -64.78
N PRO U 105 53.69 24.80 -63.81
CA PRO U 105 52.23 24.94 -63.81
C PRO U 105 51.71 25.53 -65.10
N ARG U 106 50.57 25.03 -65.55
CA ARG U 106 49.95 25.47 -66.79
C ARG U 106 48.59 24.84 -67.00
N LEU U 107 47.90 25.26 -68.06
CA LEU U 107 46.59 24.71 -68.39
C LEU U 107 46.83 23.65 -69.47
N ASP U 108 45.88 22.72 -69.62
CA ASP U 108 46.04 21.72 -70.65
C ASP U 108 44.78 20.91 -70.96
N LEU U 109 44.38 20.99 -72.23
CA LEU U 109 43.19 20.35 -72.79
C LEU U 109 42.82 18.99 -72.22
N LYS U 110 41.53 18.76 -72.01
CA LYS U 110 41.07 17.47 -71.48
C LYS U 110 41.17 16.36 -72.55
N GLN U 111 40.56 15.21 -72.28
CA GLN U 111 40.57 14.10 -73.22
C GLN U 111 39.67 14.41 -74.40
N ASN U 112 38.62 15.20 -74.16
CA ASN U 112 37.70 15.59 -75.22
C ASN U 112 37.47 17.10 -75.10
N PRO U 113 38.52 17.88 -75.32
CA PRO U 113 38.53 19.34 -75.25
C PRO U 113 37.66 20.10 -76.23
N LEU U 114 37.57 19.62 -77.46
CA LEU U 114 36.77 20.33 -78.47
C LEU U 114 35.26 20.18 -78.32
N TYR U 115 34.60 21.32 -78.14
CA TYR U 115 33.15 21.35 -78.01
C TYR U 115 32.68 22.72 -78.48
N GLU U 116 31.40 22.83 -78.82
CA GLU U 116 30.86 24.09 -79.31
C GLU U 116 29.68 24.57 -78.49
N ASP U 117 29.81 25.74 -77.87
CA ASP U 117 28.71 26.30 -77.07
C ASP U 117 28.32 27.68 -77.55
N THR U 118 27.06 27.81 -77.98
CA THR U 118 26.54 29.07 -78.46
C THR U 118 27.42 29.61 -79.58
N ASP U 119 27.19 29.12 -80.79
CA ASP U 119 27.95 29.54 -81.94
C ASP U 119 29.41 29.16 -81.79
N LEU U 120 30.24 30.09 -81.33
CA LEU U 120 31.68 29.80 -81.18
C LEU U 120 31.99 28.47 -80.52
N ALA U 121 33.21 27.98 -80.76
CA ALA U 121 33.65 26.70 -80.19
C ALA U 121 34.84 26.81 -79.24
N MET U 122 34.68 26.32 -78.02
CA MET U 122 35.74 26.35 -77.01
C MET U 122 36.59 25.11 -76.98
N LEU U 123 37.40 25.03 -75.93
CA LEU U 123 38.31 23.91 -75.70
C LEU U 123 38.47 23.66 -74.19
N GLU U 124 37.94 22.54 -73.71
CA GLU U 124 38.02 22.19 -72.29
C GLU U 124 39.46 22.12 -71.82
N THR U 125 39.71 22.52 -70.57
CA THR U 125 41.04 22.48 -70.00
C THR U 125 41.00 21.92 -68.60
N HIS U 126 42.15 21.90 -67.94
CA HIS U 126 42.23 21.37 -66.60
C HIS U 126 43.61 21.75 -66.07
N TYR U 127 43.70 22.89 -65.38
CA TYR U 127 44.97 23.36 -64.89
C TYR U 127 45.81 22.30 -64.20
N TYR U 128 47.13 22.47 -64.30
CA TYR U 128 48.10 21.54 -63.71
C TYR U 128 49.16 22.25 -62.91
N GLY U 129 49.49 21.68 -61.77
CA GLY U 129 50.52 22.27 -60.94
C GLY U 129 50.05 23.17 -59.82
N GLY U 130 48.81 23.60 -59.89
CA GLY U 130 48.30 24.47 -58.86
C GLY U 130 48.70 25.90 -59.11
N ILE U 131 48.07 26.50 -60.13
CA ILE U 131 48.32 27.89 -60.45
C ILE U 131 47.46 28.68 -59.48
N LYS U 132 46.63 27.95 -58.74
CA LYS U 132 45.68 28.47 -57.73
C LYS U 132 45.10 29.83 -58.07
N LYS U 133 45.97 30.79 -58.33
CA LYS U 133 45.53 32.10 -58.72
C LYS U 133 45.14 31.97 -60.18
N TYR U 134 43.87 31.73 -60.43
CA TYR U 134 43.43 31.57 -61.80
C TYR U 134 43.41 32.87 -62.57
N GLN U 135 44.28 33.80 -62.22
CA GLN U 135 44.34 35.06 -62.97
C GLN U 135 45.21 34.75 -64.17
N TRP U 136 44.77 33.74 -64.92
CA TRP U 136 45.39 33.23 -66.13
C TRP U 136 44.48 33.56 -67.29
N VAL U 137 43.50 34.43 -67.05
CA VAL U 137 42.54 34.78 -68.08
C VAL U 137 43.07 35.72 -69.14
N THR U 138 42.35 36.80 -69.34
CA THR U 138 42.69 37.84 -70.31
C THR U 138 43.99 37.74 -71.14
N LEU U 139 45.15 37.59 -70.49
CA LEU U 139 46.39 37.55 -71.27
C LEU U 139 46.43 36.44 -72.36
N PRO U 140 47.15 36.69 -73.46
CA PRO U 140 47.34 35.80 -74.63
C PRO U 140 48.05 34.46 -74.36
N LEU U 141 47.46 33.38 -74.87
CA LEU U 141 48.00 32.05 -74.71
C LEU U 141 48.42 31.38 -76.02
N ALA U 142 49.33 30.41 -75.89
CA ALA U 142 49.84 29.65 -77.04
C ALA U 142 49.67 28.17 -76.76
N ILE U 143 49.50 27.38 -77.82
CA ILE U 143 49.35 25.92 -77.65
C ILE U 143 50.63 25.14 -77.99
N HIS U 144 51.01 24.23 -77.11
CA HIS U 144 52.18 23.40 -77.33
C HIS U 144 51.77 21.94 -77.15
N GLY U 145 52.75 21.07 -76.95
CA GLY U 145 52.43 19.67 -76.77
C GLY U 145 52.54 18.82 -78.02
N VAL U 146 51.94 17.64 -77.97
CA VAL U 146 52.00 16.71 -79.09
C VAL U 146 50.73 15.84 -79.18
N ILE U 147 50.38 15.43 -80.40
CA ILE U 147 49.23 14.56 -80.58
C ILE U 147 49.69 13.25 -81.21
N VAL U 148 49.18 12.13 -80.73
CA VAL U 148 49.58 10.84 -81.27
C VAL U 148 48.47 10.15 -82.04
N LYS U 149 48.73 9.88 -83.31
CA LYS U 149 47.77 9.20 -84.19
C LYS U 149 47.58 7.78 -83.68
N LYS U 150 46.50 7.13 -84.10
CA LYS U 150 46.24 5.77 -83.65
C LYS U 150 47.38 4.86 -84.11
N ASP U 151 47.94 5.18 -85.27
CA ASP U 151 49.04 4.40 -85.84
C ASP U 151 50.36 4.62 -85.11
N GLY U 152 50.40 5.67 -84.28
CA GLY U 152 51.61 5.95 -83.53
C GLY U 152 52.41 7.14 -84.02
N THR U 153 51.94 7.79 -85.07
CA THR U 153 52.65 8.96 -85.62
C THR U 153 52.57 10.13 -84.65
N ILE U 154 53.73 10.65 -84.28
CA ILE U 154 53.78 11.76 -83.34
C ILE U 154 53.80 13.11 -84.06
N VAL U 155 52.75 13.89 -83.90
CA VAL U 155 52.68 15.19 -84.54
C VAL U 155 52.96 16.28 -83.50
N ASN U 156 53.79 17.25 -83.87
CA ASN U 156 54.13 18.34 -82.94
C ASN U 156 53.27 19.58 -83.17
N VAL U 157 52.74 20.12 -82.07
CA VAL U 157 51.91 21.31 -82.14
C VAL U 157 52.58 22.48 -81.42
N CYS U 158 52.61 23.63 -82.08
CA CYS U 158 53.19 24.84 -81.50
C CYS U 158 52.56 26.05 -82.17
N VAL U 159 51.42 26.48 -81.64
CA VAL U 159 50.68 27.61 -82.21
C VAL U 159 50.67 28.81 -81.26
N GLY U 160 50.92 30.00 -81.80
CA GLY U 160 50.88 31.20 -81.00
C GLY U 160 52.24 31.75 -80.62
N GLU U 161 53.32 31.12 -81.07
CA GLU U 161 54.65 31.61 -80.75
C GLU U 161 55.19 32.59 -81.79
N ASP U 162 55.11 32.23 -83.06
CA ASP U 162 55.59 33.12 -84.13
C ASP U 162 54.71 34.36 -84.20
N ASP U 163 55.33 35.49 -84.52
CA ASP U 163 54.56 36.74 -84.61
C ASP U 163 53.44 36.69 -85.63
N ASN U 164 53.34 35.60 -86.37
CA ASN U 164 52.29 35.45 -87.37
C ASN U 164 51.28 34.38 -87.04
N ASP U 165 51.51 33.68 -85.93
CA ASP U 165 50.58 32.64 -85.52
C ASP U 165 49.44 33.27 -84.73
N PRO U 166 48.24 32.67 -84.80
CA PRO U 166 47.11 33.21 -84.06
C PRO U 166 47.35 32.88 -82.58
N VAL U 167 46.58 33.51 -81.69
CA VAL U 167 46.73 33.26 -80.27
C VAL U 167 45.41 32.79 -79.66
N PHE U 168 45.46 32.41 -78.38
CA PHE U 168 44.29 31.93 -77.67
C PHE U 168 44.22 32.51 -76.27
N GLY U 169 43.10 32.30 -75.58
CA GLY U 169 42.97 32.83 -74.25
C GLY U 169 41.64 32.51 -73.58
N VAL U 170 41.58 32.80 -72.28
CA VAL U 170 40.37 32.55 -71.51
C VAL U 170 39.65 33.88 -71.26
N SER U 171 38.34 33.89 -71.51
CA SER U 171 37.56 35.11 -71.32
C SER U 171 37.11 35.32 -69.85
N ASP U 172 36.63 36.53 -69.55
CA ASP U 172 36.18 36.88 -68.22
C ASP U 172 35.18 38.03 -68.34
N ILE U 173 34.03 37.88 -67.70
CA ILE U 173 32.98 38.91 -67.71
C ILE U 173 33.52 40.32 -67.58
N LEU U 174 32.93 41.24 -68.32
CA LEU U 174 33.35 42.63 -68.24
C LEU U 174 32.98 43.18 -66.87
N VAL U 175 33.73 44.15 -66.37
CA VAL U 175 33.47 44.72 -65.06
C VAL U 175 32.07 45.27 -64.96
N HIS U 176 31.52 45.72 -66.08
CA HIS U 176 30.19 46.29 -66.09
C HIS U 176 29.13 45.34 -65.54
N LEU U 177 29.33 44.03 -65.75
CA LEU U 177 28.38 43.05 -65.26
C LEU U 177 29.01 42.05 -64.30
N ALA U 178 30.23 42.34 -63.85
CA ALA U 178 30.93 41.45 -62.95
C ALA U 178 30.54 41.67 -61.50
N SER U 179 29.53 42.51 -61.30
CA SER U 179 29.04 42.83 -59.94
C SER U 179 28.75 41.58 -59.12
N GLU U 180 27.98 40.65 -59.68
CA GLU U 180 27.61 39.43 -58.98
C GLU U 180 28.82 38.55 -58.66
N GLN U 181 29.94 38.82 -59.33
CA GLN U 181 31.17 38.07 -59.12
C GLN U 181 32.05 38.83 -58.11
N LEU U 182 31.73 38.66 -56.82
CA LEU U 182 32.47 39.31 -55.73
C LEU U 182 32.83 38.35 -54.59
N GLU U 183 32.02 37.32 -54.40
CA GLU U 183 32.25 36.38 -53.33
C GLU U 183 33.61 35.68 -53.43
N LYS U 184 34.34 35.67 -52.31
CA LYS U 184 35.65 35.02 -52.19
C LYS U 184 36.60 35.15 -53.37
N LYS U 185 37.66 35.94 -53.20
CA LYS U 185 38.66 36.08 -54.27
C LYS U 185 39.23 34.68 -54.43
N ALA U 186 39.23 33.94 -53.33
CA ALA U 186 39.73 32.56 -53.27
C ALA U 186 39.43 31.84 -54.57
N SER U 187 38.29 32.16 -55.15
CA SER U 187 37.91 31.54 -56.39
C SER U 187 36.52 31.92 -56.89
N LYS U 188 36.50 32.74 -57.94
CA LYS U 188 35.25 33.13 -58.58
C LYS U 188 35.52 33.00 -60.09
N VAL U 189 36.62 32.32 -60.39
CA VAL U 189 37.07 32.03 -61.76
C VAL U 189 37.74 30.69 -61.54
N ILE U 190 37.09 29.59 -61.90
CA ILE U 190 37.74 28.28 -61.64
C ILE U 190 37.37 27.12 -62.56
N GLU U 191 36.37 27.33 -63.41
CA GLU U 191 35.91 26.25 -64.32
C GLU U 191 37.04 25.56 -65.08
N GLY U 192 36.66 24.67 -65.98
CA GLY U 192 37.63 23.96 -66.78
C GLY U 192 37.09 23.78 -68.18
N GLU U 193 36.26 24.72 -68.59
CA GLU U 193 35.63 24.65 -69.88
C GLU U 193 35.68 26.04 -70.46
N ASP U 194 36.91 26.57 -70.46
CA ASP U 194 37.19 27.91 -70.95
C ASP U 194 38.06 27.86 -72.20
N LEU U 195 38.41 29.03 -72.74
CA LEU U 195 39.28 29.07 -73.92
C LEU U 195 38.66 28.70 -75.27
N ASN U 196 38.19 29.72 -75.98
CA ASN U 196 37.59 29.51 -77.30
C ASN U 196 38.66 29.59 -78.40
N ILE U 197 38.61 28.61 -79.30
CA ILE U 197 39.56 28.54 -80.38
C ILE U 197 39.04 29.01 -81.73
N LEU U 198 37.77 29.38 -81.81
CA LEU U 198 37.26 29.85 -83.09
C LEU U 198 35.84 30.37 -83.06
N ILE U 199 35.66 31.52 -83.70
CA ILE U 199 34.36 32.13 -83.77
C ILE U 199 33.83 31.89 -85.17
N GLY U 200 32.66 32.47 -85.45
CA GLY U 200 32.00 32.33 -86.73
C GLY U 200 32.63 31.32 -87.66
N SER U 201 33.13 31.81 -88.80
CA SER U 201 33.75 30.96 -89.80
C SER U 201 33.02 29.63 -89.68
N ILE U 202 31.70 29.73 -89.74
CA ILE U 202 30.81 28.63 -89.62
C ILE U 202 30.12 28.31 -90.93
N PRO U 203 30.44 27.15 -91.54
CA PRO U 203 31.27 26.08 -90.99
C PRO U 203 32.14 25.56 -92.16
N LEU U 204 32.12 24.24 -92.34
CA LEU U 204 32.84 23.59 -93.42
C LEU U 204 31.85 23.33 -94.57
N LYS U 205 32.08 23.97 -95.70
CA LYS U 205 31.23 23.84 -96.88
C LYS U 205 29.76 24.09 -96.54
N ASP U 206 29.53 24.59 -95.32
CA ASP U 206 28.19 24.89 -94.83
C ASP U 206 27.21 23.74 -95.06
N GLY U 207 27.68 22.52 -94.82
CA GLY U 207 26.85 21.35 -95.01
C GLY U 207 26.02 20.99 -93.80
N GLU U 208 25.32 21.97 -93.24
CA GLU U 208 24.47 21.76 -92.07
C GLU U 208 25.23 21.19 -90.86
N GLU U 209 24.53 20.39 -90.06
CA GLU U 209 25.09 19.77 -88.86
C GLU U 209 25.24 20.76 -87.72
N LYS U 210 24.23 20.80 -86.85
CA LYS U 210 24.19 21.71 -85.70
C LYS U 210 25.52 22.36 -85.29
N GLN U 211 26.46 21.56 -84.83
CA GLN U 211 27.76 22.08 -84.42
C GLN U 211 28.59 22.50 -85.62
N LYS U 212 28.17 23.55 -86.31
CA LYS U 212 28.90 24.00 -87.47
C LYS U 212 30.26 24.61 -87.15
N VAL U 213 30.30 25.57 -86.24
CA VAL U 213 31.56 26.23 -85.87
C VAL U 213 32.58 25.18 -85.45
N LYS U 214 32.11 24.19 -84.70
CA LYS U 214 32.98 23.11 -84.26
C LYS U 214 33.48 22.34 -85.49
N HIS U 215 32.52 21.81 -86.25
CA HIS U 215 32.81 21.03 -87.45
C HIS U 215 33.88 21.72 -88.29
N ASN U 216 33.72 23.02 -88.47
CA ASN U 216 34.68 23.77 -89.25
C ASN U 216 36.11 23.72 -88.69
N ILE U 217 36.26 23.98 -87.40
CA ILE U 217 37.56 23.97 -86.79
C ILE U 217 38.23 22.61 -86.86
N MET U 218 37.47 21.54 -86.65
CA MET U 218 38.02 20.20 -86.69
C MET U 218 38.59 19.99 -88.08
N LYS U 219 37.86 20.45 -89.09
CA LYS U 219 38.31 20.33 -90.48
C LYS U 219 39.58 21.15 -90.67
N ILE U 220 39.60 22.36 -90.12
CA ILE U 220 40.77 23.22 -90.24
C ILE U 220 41.94 22.56 -89.55
N LEU U 221 41.65 21.95 -88.41
CA LEU U 221 42.68 21.27 -87.63
C LEU U 221 43.07 19.99 -88.34
N ASN U 222 42.24 19.53 -89.27
CA ASN U 222 42.50 18.31 -90.01
C ASN U 222 43.46 18.56 -91.17
N GLU U 223 43.30 19.70 -91.84
CA GLU U 223 44.16 20.06 -92.96
C GLU U 223 45.60 20.09 -92.44
N LYS U 224 45.84 20.85 -91.37
CA LYS U 224 47.18 20.86 -90.80
C LYS U 224 47.17 19.57 -90.00
N TYR U 225 48.34 18.98 -89.76
CA TYR U 225 48.41 17.72 -89.01
C TYR U 225 47.61 16.68 -89.79
N ASP U 226 46.82 15.87 -89.09
CA ASP U 226 46.03 14.86 -89.76
C ASP U 226 45.23 14.11 -88.69
N ILE U 227 44.76 14.85 -87.70
CA ILE U 227 44.02 14.26 -86.61
C ILE U 227 42.51 14.27 -86.85
N SER U 228 41.80 13.65 -85.93
CA SER U 228 40.34 13.59 -85.97
C SER U 228 39.89 14.10 -84.60
N GLU U 229 38.59 14.17 -84.36
CA GLU U 229 38.13 14.64 -83.06
C GLU U 229 38.72 13.72 -82.01
N GLU U 230 38.89 12.44 -82.35
CA GLU U 230 39.50 11.48 -81.41
C GLU U 230 40.94 11.92 -81.41
N ASP U 231 41.88 11.02 -81.15
CA ASP U 231 43.29 11.41 -81.15
C ASP U 231 43.58 12.33 -79.98
N PHE U 232 42.67 13.25 -79.68
CA PHE U 232 42.84 14.16 -78.55
C PHE U 232 42.99 13.27 -77.33
N VAL U 233 42.29 12.12 -77.35
CA VAL U 233 42.34 11.16 -76.27
C VAL U 233 43.78 10.77 -76.01
N SER U 234 44.54 10.59 -77.09
CA SER U 234 45.95 10.23 -76.99
C SER U 234 46.83 11.41 -77.37
N ALA U 235 46.42 12.60 -76.90
CA ALA U 235 47.15 13.84 -77.20
C ALA U 235 47.84 14.39 -75.95
N GLU U 236 48.58 15.48 -76.14
CA GLU U 236 49.27 16.09 -75.03
C GLU U 236 48.99 17.58 -74.84
N LEU U 237 47.89 17.81 -74.11
CA LEU U 237 47.39 19.10 -73.73
C LEU U 237 48.49 20.05 -73.25
N GLU U 238 48.54 21.27 -73.78
CA GLU U 238 49.57 22.22 -73.34
C GLU U 238 49.28 23.68 -73.67
N ILE U 239 48.71 24.39 -72.70
CA ILE U 239 48.42 25.79 -72.92
C ILE U 239 49.35 26.62 -72.07
N VAL U 240 50.06 27.54 -72.73
CA VAL U 240 51.03 28.37 -72.05
C VAL U 240 51.01 29.80 -72.57
N PRO U 241 51.42 30.76 -71.74
CA PRO U 241 51.40 32.14 -72.21
C PRO U 241 52.29 32.30 -73.43
N ALA U 242 51.85 33.09 -74.40
CA ALA U 242 52.63 33.31 -75.62
C ALA U 242 53.59 34.50 -75.45
N GLY U 243 54.66 34.49 -76.25
CA GLY U 243 55.64 35.56 -76.17
C GLY U 243 56.98 35.10 -75.62
N LYS U 244 58.06 35.73 -76.09
CA LYS U 244 59.41 35.40 -75.65
C LYS U 244 59.65 36.08 -74.30
N ALA U 245 60.57 35.54 -73.49
CA ALA U 245 60.90 36.13 -72.22
C ALA U 245 61.54 37.45 -72.56
N ARG U 246 61.50 38.43 -71.65
CA ARG U 246 62.06 39.75 -71.96
C ARG U 246 62.93 40.33 -70.87
N ASP U 247 63.55 41.46 -71.17
CA ASP U 247 64.39 42.14 -70.19
C ASP U 247 63.41 42.88 -69.27
N TYR U 248 63.53 42.68 -67.98
CA TYR U 248 62.62 43.37 -67.08
C TYR U 248 63.33 44.51 -66.34
N GLY U 249 62.72 45.68 -66.37
CA GLY U 249 63.30 46.81 -65.69
C GLY U 249 64.02 47.83 -66.55
N PHE U 250 64.02 49.09 -66.10
CA PHE U 250 64.69 50.16 -66.81
C PHE U 250 66.20 49.94 -66.90
N ASP U 251 66.72 49.15 -65.99
CA ASP U 251 68.16 48.87 -66.00
C ASP U 251 68.47 47.45 -66.49
N ARG U 252 67.49 46.82 -67.14
CA ARG U 252 67.62 45.46 -67.66
C ARG U 252 68.29 44.52 -66.65
N SER U 253 68.00 44.68 -65.36
CA SER U 253 68.64 43.84 -64.35
C SER U 253 67.90 42.56 -64.07
N MET U 254 66.64 42.50 -64.48
CA MET U 254 65.86 41.31 -64.23
C MET U 254 65.33 40.73 -65.54
N VAL U 255 64.69 39.56 -65.43
CA VAL U 255 64.14 38.88 -66.59
C VAL U 255 62.73 38.40 -66.29
N MET U 256 61.81 38.75 -67.18
CA MET U 256 60.40 38.36 -67.02
C MET U 256 60.07 37.27 -68.06
N GLY U 257 59.52 36.15 -67.58
CA GLY U 257 59.18 35.06 -68.47
C GLY U 257 58.46 33.92 -67.81
N TYR U 258 57.88 33.05 -68.64
CA TYR U 258 57.14 31.88 -68.16
C TYR U 258 58.08 30.73 -67.88
N GLY U 259 57.71 29.89 -66.93
CA GLY U 259 58.55 28.75 -66.62
C GLY U 259 59.71 29.00 -65.68
N GLN U 260 60.03 30.26 -65.45
CA GLN U 260 61.12 30.62 -64.55
C GLN U 260 61.26 29.63 -63.40
N ASP U 261 60.13 29.20 -62.84
CA ASP U 261 60.13 28.27 -61.72
C ASP U 261 60.94 27.03 -62.00
N ASP U 262 62.08 26.99 -61.33
CA ASP U 262 63.06 25.91 -61.39
C ASP U 262 63.69 25.70 -62.76
N ARG U 263 62.97 26.03 -63.82
CA ARG U 263 63.52 25.87 -65.14
C ARG U 263 64.76 26.75 -65.25
N ILE U 264 64.83 27.75 -64.39
CA ILE U 264 65.97 28.65 -64.38
C ILE U 264 67.12 27.91 -63.68
N CYS U 265 66.80 27.15 -62.64
CA CYS U 265 67.81 26.39 -61.94
C CYS U 265 68.24 25.27 -62.84
N ALA U 266 67.26 24.63 -63.48
CA ALA U 266 67.54 23.51 -64.37
C ALA U 266 68.49 23.92 -65.47
N TYR U 267 68.51 25.21 -65.79
CA TYR U 267 69.39 25.71 -66.84
C TYR U 267 70.78 26.01 -66.32
N THR U 268 70.86 26.81 -65.27
CA THR U 268 72.16 27.15 -64.71
C THR U 268 72.86 25.86 -64.32
N SER U 269 72.10 24.92 -63.75
CA SER U 269 72.67 23.63 -63.35
C SER U 269 73.19 22.92 -64.60
N PHE U 270 72.52 23.15 -65.72
CA PHE U 270 72.92 22.55 -66.97
C PHE U 270 74.26 23.08 -67.43
N GLU U 271 74.31 24.39 -67.71
CA GLU U 271 75.56 25.02 -68.16
C GLU U 271 76.68 24.69 -67.19
N ALA U 272 76.43 24.82 -65.90
CA ALA U 272 77.47 24.52 -64.94
C ALA U 272 77.97 23.11 -65.22
N MET U 273 77.05 22.14 -65.25
CA MET U 273 77.41 20.73 -65.50
C MET U 273 78.05 20.53 -66.88
N LEU U 274 77.56 21.26 -67.87
CA LEU U 274 78.07 21.14 -69.21
C LEU U 274 79.51 21.58 -69.35
N GLU U 275 79.82 22.82 -68.99
CA GLU U 275 81.18 23.32 -69.12
C GLU U 275 82.08 22.88 -67.97
N MET U 276 81.79 21.70 -67.42
CA MET U 276 82.58 21.16 -66.32
C MET U 276 83.59 20.12 -66.84
N LYS U 277 84.85 20.51 -66.90
CA LYS U 277 85.90 19.65 -67.39
C LYS U 277 86.85 19.24 -66.26
N ASN U 278 87.53 18.10 -66.44
CA ASN U 278 88.47 17.60 -65.43
C ASN U 278 87.71 17.33 -64.14
N ALA U 279 87.10 16.15 -64.06
CA ALA U 279 86.32 15.78 -62.88
C ALA U 279 87.11 14.88 -61.92
N LYS U 280 87.10 15.22 -60.65
CA LYS U 280 87.80 14.41 -59.65
C LYS U 280 86.87 13.27 -59.25
N LYS U 281 85.64 13.62 -58.87
CA LYS U 281 84.64 12.62 -58.49
C LYS U 281 83.46 12.73 -59.45
N THR U 282 83.07 11.61 -60.02
CA THR U 282 81.96 11.57 -60.98
C THR U 282 80.74 12.33 -60.50
N CYS U 283 80.32 13.31 -61.29
CA CYS U 283 79.16 14.14 -60.96
C CYS U 283 78.04 14.00 -62.00
N ILE U 284 76.80 14.11 -61.54
CA ILE U 284 75.66 13.97 -62.43
C ILE U 284 74.52 14.98 -62.26
N THR U 285 73.87 15.29 -63.38
CA THR U 285 72.77 16.23 -63.42
C THR U 285 71.43 15.55 -63.71
N ILE U 286 70.46 15.77 -62.83
CA ILE U 286 69.14 15.20 -63.02
C ILE U 286 68.09 16.29 -63.32
N LEU U 287 67.19 15.97 -64.24
CA LEU U 287 66.14 16.87 -64.63
C LEU U 287 64.86 16.08 -64.85
N VAL U 288 63.97 16.09 -63.84
CA VAL U 288 62.70 15.36 -63.93
C VAL U 288 61.51 16.30 -63.94
N ASP U 289 60.31 15.73 -63.98
CA ASP U 289 59.11 16.53 -63.96
C ASP U 289 58.12 16.04 -62.91
N LYS U 290 56.87 16.47 -63.04
CA LYS U 290 55.81 16.09 -62.12
C LYS U 290 56.05 16.60 -60.71
N GLU U 291 57.05 17.47 -60.54
CA GLU U 291 57.32 18.00 -59.21
C GLU U 291 56.18 18.88 -58.73
N GLU U 292 55.76 19.81 -59.59
CA GLU U 292 54.67 20.71 -59.27
C GLU U 292 53.34 20.00 -59.02
N VAL U 293 53.27 18.72 -59.34
CA VAL U 293 52.05 17.95 -59.16
C VAL U 293 52.17 16.88 -58.05
N GLY U 294 53.33 16.77 -57.42
CA GLY U 294 53.48 15.80 -56.36
C GLY U 294 54.72 14.93 -56.50
N SER U 295 55.31 14.93 -57.68
CA SER U 295 56.51 14.15 -57.96
C SER U 295 56.22 12.65 -57.96
N ILE U 296 55.02 12.27 -58.40
CA ILE U 296 54.64 10.87 -58.45
C ILE U 296 55.54 10.08 -59.37
N GLY U 297 55.30 8.78 -59.42
CA GLY U 297 56.11 7.89 -60.25
C GLY U 297 56.11 8.14 -61.74
N ALA U 298 56.74 7.20 -62.46
CA ALA U 298 56.85 7.25 -63.91
C ALA U 298 57.98 8.17 -64.40
N THR U 299 57.92 9.44 -63.99
CA THR U 299 58.93 10.41 -64.41
C THR U 299 59.31 11.46 -63.34
N GLY U 300 59.32 11.07 -62.07
CA GLY U 300 59.67 11.98 -60.99
C GLY U 300 60.36 11.32 -59.80
N MET U 301 59.64 10.43 -59.12
CA MET U 301 60.15 9.70 -57.96
C MET U 301 60.53 8.29 -58.44
N GLN U 302 60.40 8.10 -59.74
CA GLN U 302 60.72 6.83 -60.40
C GLN U 302 62.12 6.28 -60.05
N SER U 303 62.41 5.11 -60.59
CA SER U 303 63.69 4.47 -60.36
C SER U 303 64.61 4.77 -61.52
N LYS U 304 64.09 5.52 -62.47
CA LYS U 304 64.86 5.91 -63.65
C LYS U 304 66.30 6.30 -63.31
N PHE U 305 66.48 6.91 -62.14
CA PHE U 305 67.79 7.32 -61.70
C PHE U 305 68.47 6.16 -61.02
N PHE U 306 67.75 5.52 -60.10
CA PHE U 306 68.26 4.36 -59.37
C PHE U 306 68.78 3.33 -60.37
N GLU U 307 67.85 2.71 -61.09
CA GLU U 307 68.18 1.72 -62.09
C GLU U 307 68.74 2.41 -63.31
N ASN U 308 69.83 3.11 -63.11
CA ASN U 308 70.49 3.81 -64.20
C ASN U 308 71.90 4.15 -63.78
N THR U 309 72.03 4.55 -62.54
CA THR U 309 73.34 4.84 -62.00
C THR U 309 73.99 3.46 -62.00
N VAL U 310 73.16 2.44 -61.85
CA VAL U 310 73.63 1.06 -61.85
C VAL U 310 73.92 0.65 -63.28
N ALA U 311 72.93 0.77 -64.15
CA ALA U 311 73.11 0.41 -65.55
C ALA U 311 74.35 1.12 -66.06
N ASP U 312 74.76 2.16 -65.36
CA ASP U 312 75.93 2.94 -65.75
C ASP U 312 77.15 2.45 -64.98
N ILE U 313 76.93 2.07 -63.73
CA ILE U 313 78.01 1.55 -62.88
C ILE U 313 78.51 0.23 -63.50
N MET U 314 77.63 -0.42 -64.28
CA MET U 314 77.98 -1.67 -64.93
C MET U 314 79.17 -1.50 -65.85
N SER U 315 79.23 -0.38 -66.55
CA SER U 315 80.33 -0.10 -67.47
C SER U 315 81.46 0.67 -66.77
N ASP U 321 82.51 -4.54 -60.23
CA ASP U 321 81.76 -3.35 -60.60
C ASP U 321 80.29 -3.70 -60.91
N GLU U 322 79.76 -4.68 -60.19
CA GLU U 322 78.38 -5.12 -60.41
C GLU U 322 77.50 -4.98 -59.16
N LEU U 323 77.53 -6.02 -58.33
CA LEU U 323 76.73 -6.08 -57.10
C LEU U 323 76.44 -4.78 -56.37
N LYS U 324 75.22 -4.73 -55.84
CA LYS U 324 74.70 -3.60 -55.10
C LYS U 324 75.73 -2.64 -54.51
N LEU U 325 76.47 -3.09 -53.51
CA LEU U 325 77.47 -2.26 -52.83
C LEU U 325 76.78 -1.16 -52.04
N ARG U 326 75.76 -0.53 -52.64
CA ARG U 326 74.96 0.58 -52.02
C ARG U 326 75.71 1.90 -51.82
N LYS U 327 76.80 1.83 -51.04
CA LYS U 327 77.64 2.97 -50.73
C LYS U 327 77.70 4.04 -51.82
N ALA U 328 77.66 3.61 -53.08
CA ALA U 328 77.74 4.53 -54.20
C ALA U 328 76.89 5.78 -54.00
N LEU U 329 75.61 5.58 -53.72
CA LEU U 329 74.69 6.68 -53.50
C LEU U 329 74.84 7.30 -52.10
N TYR U 330 74.92 6.44 -51.09
CA TYR U 330 75.05 6.89 -49.70
C TYR U 330 76.17 7.91 -49.49
N ASN U 331 77.26 7.80 -50.24
CA ASN U 331 78.37 8.72 -50.08
C ASN U 331 78.37 9.89 -51.05
N SER U 332 77.21 10.22 -51.61
CA SER U 332 77.14 11.33 -52.57
C SER U 332 76.66 12.61 -51.91
N GLU U 333 76.85 13.72 -52.62
CA GLU U 333 76.42 15.03 -52.14
C GLU U 333 75.55 15.65 -53.23
N MET U 334 74.33 16.04 -52.89
CA MET U 334 73.43 16.65 -53.89
C MET U 334 73.09 18.09 -53.57
N LEU U 335 72.61 18.78 -54.59
CA LEU U 335 72.23 20.16 -54.49
C LEU U 335 70.91 20.33 -55.20
N SER U 336 69.88 19.65 -54.69
CA SER U 336 68.53 19.72 -55.28
C SER U 336 68.09 21.18 -55.20
N SER U 337 68.02 21.83 -56.35
CA SER U 337 67.63 23.23 -56.35
C SER U 337 66.24 23.49 -56.89
N ASP U 338 65.63 24.59 -56.45
CA ASP U 338 64.29 25.02 -56.88
C ASP U 338 64.10 26.46 -56.42
N VAL U 339 63.46 27.26 -57.26
CA VAL U 339 63.23 28.66 -56.96
C VAL U 339 62.57 28.87 -55.62
N SER U 340 62.84 30.02 -55.03
CA SER U 340 62.27 30.40 -53.74
C SER U 340 61.53 31.72 -53.92
N ALA U 341 60.74 32.09 -52.92
CA ALA U 341 60.00 33.33 -53.00
C ALA U 341 60.84 34.51 -52.54
N ALA U 342 61.03 35.47 -53.45
CA ALA U 342 61.80 36.67 -53.13
C ALA U 342 60.90 37.68 -52.44
N PHE U 343 61.46 38.43 -51.50
CA PHE U 343 60.69 39.43 -50.78
C PHE U 343 60.07 40.46 -51.74
N ASP U 344 58.75 40.58 -51.70
CA ASP U 344 58.07 41.53 -52.58
C ASP U 344 57.65 42.74 -51.77
N PRO U 345 58.16 43.92 -52.14
CA PRO U 345 57.83 45.17 -51.43
C PRO U 345 56.34 45.53 -51.48
N ASN U 346 55.54 44.76 -52.21
CA ASN U 346 54.12 45.03 -52.29
C ASN U 346 53.37 44.31 -51.21
N TYR U 347 53.89 43.18 -50.76
CA TYR U 347 53.25 42.38 -49.72
C TYR U 347 54.31 41.93 -48.76
N PRO U 348 54.69 42.82 -47.84
CA PRO U 348 55.74 42.55 -46.84
C PRO U 348 55.33 41.74 -45.62
N ASN U 349 54.11 41.96 -45.16
CA ASN U 349 53.61 41.28 -43.98
C ASN U 349 53.48 39.77 -44.10
N VAL U 350 53.79 39.25 -45.28
CA VAL U 350 53.69 37.83 -45.49
C VAL U 350 55.02 37.09 -45.19
N MET U 351 56.11 37.85 -45.11
CA MET U 351 57.41 37.28 -44.82
C MET U 351 58.08 37.90 -43.60
N GLU U 352 59.06 37.19 -43.04
CA GLU U 352 59.74 37.65 -41.85
C GLU U 352 60.86 38.68 -42.08
N LYS U 353 60.94 39.25 -43.27
CA LYS U 353 61.99 40.25 -43.56
C LYS U 353 63.33 39.52 -43.47
N ARG U 354 63.87 39.38 -42.26
CA ARG U 354 65.11 38.65 -42.08
C ARG U 354 64.73 37.20 -42.34
N ASN U 355 65.69 36.38 -42.79
CA ASN U 355 65.39 34.98 -43.09
C ASN U 355 64.47 34.87 -44.31
N SER U 356 64.63 35.81 -45.24
CA SER U 356 63.83 35.83 -46.46
C SER U 356 64.78 36.17 -47.61
N ALA U 357 64.59 35.53 -48.76
CA ALA U 357 65.46 35.78 -49.90
C ALA U 357 65.16 37.11 -50.56
N TYR U 358 66.21 37.81 -50.96
CA TYR U 358 66.05 39.10 -51.62
C TYR U 358 66.58 39.08 -53.03
N LEU U 359 65.90 39.81 -53.90
CA LEU U 359 66.27 39.90 -55.30
C LEU U 359 67.68 40.44 -55.55
N GLY U 360 68.63 39.56 -55.84
CA GLY U 360 69.98 40.02 -56.10
C GLY U 360 71.01 39.77 -55.03
N LYS U 361 70.67 39.08 -53.96
CA LYS U 361 71.68 38.83 -52.94
C LYS U 361 72.35 37.48 -53.09
N GLY U 362 72.40 36.97 -54.32
CA GLY U 362 73.07 35.69 -54.55
C GLY U 362 72.19 34.46 -54.58
N ILE U 363 72.81 33.29 -54.50
CA ILE U 363 72.09 32.04 -54.53
C ILE U 363 71.44 31.79 -53.18
N VAL U 364 70.26 31.15 -53.20
CA VAL U 364 69.51 30.88 -51.97
C VAL U 364 69.71 29.48 -51.39
N PHE U 365 69.77 29.40 -50.07
CA PHE U 365 69.92 28.15 -49.36
C PHE U 365 68.79 27.96 -48.37
N ASN U 366 68.17 26.80 -48.38
CA ASN U 366 67.07 26.50 -47.48
C ASN U 366 67.35 25.23 -46.69
N LYS U 367 67.70 25.40 -45.41
CA LYS U 367 67.98 24.24 -44.56
C LYS U 367 66.75 23.36 -44.51
N TYR U 368 65.61 23.98 -44.26
CA TYR U 368 64.34 23.27 -44.19
C TYR U 368 63.29 24.04 -44.95
N THR U 369 62.22 23.35 -45.31
CA THR U 369 61.13 23.97 -46.06
C THR U 369 59.88 23.10 -45.98
N GLY U 370 59.10 23.27 -44.92
CA GLY U 370 57.90 22.48 -44.77
C GLY U 370 56.66 23.31 -44.51
N SER U 371 55.85 22.86 -43.55
CA SER U 371 54.62 23.54 -43.17
C SER U 371 54.55 23.77 -41.66
N ARG U 372 53.48 23.29 -41.06
CA ARG U 372 53.27 23.43 -39.64
C ARG U 372 54.37 22.75 -38.83
N GLY U 373 55.50 23.42 -38.66
CA GLY U 373 56.59 22.83 -37.90
C GLY U 373 57.58 21.99 -38.68
N LYS U 374 57.99 22.50 -39.84
CA LYS U 374 58.96 21.83 -40.69
C LYS U 374 58.43 20.48 -41.18
N SER U 375 57.12 20.30 -41.09
CA SER U 375 56.48 19.05 -41.50
C SER U 375 56.65 18.68 -42.97
N GLY U 376 57.03 17.43 -43.20
CA GLY U 376 57.23 16.92 -44.54
C GLY U 376 58.21 17.67 -45.41
N CYS U 377 59.50 17.48 -45.17
CA CYS U 377 60.53 18.16 -45.95
C CYS U 377 61.90 17.72 -45.47
N ASN U 378 62.89 17.90 -46.33
CA ASN U 378 64.27 17.53 -46.00
C ASN U 378 64.97 18.61 -45.17
N ASP U 379 65.72 18.17 -44.16
CA ASP U 379 66.44 19.09 -43.30
C ASP U 379 67.95 18.86 -43.44
N ALA U 380 68.61 19.77 -44.14
CA ALA U 380 70.06 19.67 -44.39
C ALA U 380 70.90 19.67 -43.12
N ASN U 381 71.95 18.85 -43.11
CA ASN U 381 72.84 18.75 -41.96
C ASN U 381 73.80 19.93 -41.90
N PRO U 382 74.04 20.46 -40.70
CA PRO U 382 74.95 21.59 -40.53
C PRO U 382 76.36 21.32 -41.05
N GLU U 383 76.90 20.15 -40.70
CA GLU U 383 78.24 19.80 -41.16
C GLU U 383 78.34 19.95 -42.67
N TYR U 384 77.31 19.53 -43.40
CA TYR U 384 77.31 19.65 -44.84
C TYR U 384 77.17 21.10 -45.27
N ILE U 385 76.31 21.83 -44.57
CA ILE U 385 76.08 23.25 -44.85
C ILE U 385 77.39 24.02 -44.70
N ALA U 386 78.05 23.83 -43.56
CA ALA U 386 79.31 24.50 -43.31
C ALA U 386 80.24 24.28 -44.49
N GLU U 387 80.34 23.05 -44.96
CA GLU U 387 81.21 22.75 -46.10
C GLU U 387 80.86 23.62 -47.29
N LEU U 388 79.59 23.64 -47.64
CA LEU U 388 79.14 24.44 -48.77
C LEU U 388 79.56 25.88 -48.56
N ARG U 389 79.47 26.34 -47.31
CA ARG U 389 79.86 27.71 -47.00
C ARG U 389 81.31 27.91 -47.42
N ARG U 390 82.18 27.12 -46.80
CA ARG U 390 83.60 27.18 -47.09
C ARG U 390 83.83 27.21 -48.59
N ILE U 391 83.23 26.28 -49.31
CA ILE U 391 83.39 26.20 -50.76
C ILE U 391 82.95 27.47 -51.48
N LEU U 392 81.73 27.90 -51.21
CA LEU U 392 81.20 29.09 -51.82
C LEU U 392 81.86 30.33 -51.25
N SER U 393 83.00 30.15 -50.63
CA SER U 393 83.73 31.29 -50.09
C SER U 393 85.01 31.41 -50.91
N LYS U 394 85.69 30.26 -51.07
CA LYS U 394 86.91 30.19 -51.84
C LYS U 394 86.62 30.71 -53.25
N GLU U 395 85.78 30.00 -54.00
CA GLU U 395 85.44 30.42 -55.36
C GLU U 395 84.53 31.65 -55.33
N SER U 396 84.40 32.24 -54.15
CA SER U 396 83.56 33.41 -53.94
C SER U 396 82.09 33.03 -54.11
N VAL U 397 81.34 33.82 -54.90
CA VAL U 397 79.91 33.56 -55.11
C VAL U 397 79.08 34.02 -53.92
N ASN U 398 78.07 34.85 -54.20
CA ASN U 398 77.20 35.34 -53.13
C ASN U 398 76.04 34.38 -52.87
N TRP U 399 75.76 34.15 -51.59
CA TRP U 399 74.68 33.27 -51.19
C TRP U 399 73.93 33.90 -50.04
N GLN U 400 72.67 33.51 -49.89
CA GLN U 400 71.79 34.01 -48.82
C GLN U 400 70.86 32.88 -48.42
N THR U 401 70.48 32.87 -47.15
CA THR U 401 69.57 31.84 -46.67
C THR U 401 68.16 32.43 -46.50
N ALA U 402 67.15 31.64 -46.86
CA ALA U 402 65.77 32.08 -46.78
C ALA U 402 64.85 31.03 -46.18
N GLU U 403 63.63 31.47 -45.89
CA GLU U 403 62.58 30.63 -45.30
C GLU U 403 61.33 31.05 -46.06
N LEU U 404 60.43 30.12 -46.35
CA LEU U 404 59.23 30.49 -47.09
C LEU U 404 58.11 31.09 -46.25
N GLY U 405 58.10 32.41 -46.09
CA GLY U 405 57.05 33.04 -45.32
C GLY U 405 57.14 32.86 -43.81
N LYS U 406 56.66 33.85 -43.07
CA LYS U 406 56.70 33.82 -41.62
C LYS U 406 56.06 32.57 -41.04
N VAL U 407 56.93 31.66 -40.59
CA VAL U 407 56.51 30.40 -39.99
C VAL U 407 55.17 29.87 -40.54
N ASP U 408 54.12 29.92 -39.74
CA ASP U 408 52.83 29.41 -40.14
C ASP U 408 52.10 30.12 -41.27
N GLN U 409 52.80 30.42 -42.35
CA GLN U 409 52.17 31.09 -43.48
C GLN U 409 51.85 30.13 -44.62
N GLY U 410 52.80 29.98 -45.53
CA GLY U 410 52.61 29.09 -46.65
C GLY U 410 53.18 27.72 -46.40
N GLY U 411 52.88 26.80 -47.29
CA GLY U 411 53.38 25.44 -47.16
C GLY U 411 54.54 25.18 -48.10
N GLY U 412 55.28 24.10 -47.84
CA GLY U 412 56.41 23.78 -48.67
C GLY U 412 56.63 22.29 -48.85
N GLY U 413 57.52 21.93 -49.76
CA GLY U 413 57.81 20.53 -50.03
C GLY U 413 58.61 20.36 -51.30
N THR U 414 59.93 20.23 -51.17
CA THR U 414 60.81 20.06 -52.31
C THR U 414 61.14 18.58 -52.51
N ILE U 415 61.59 18.24 -53.72
CA ILE U 415 61.94 16.85 -54.04
C ILE U 415 63.31 16.51 -53.50
N ALA U 416 63.78 17.29 -52.53
CA ALA U 416 65.10 17.08 -51.92
C ALA U 416 65.17 15.83 -51.05
N TYR U 417 64.10 15.56 -50.32
CA TYR U 417 64.05 14.40 -49.45
C TYR U 417 63.96 13.09 -50.21
N ILE U 418 63.41 13.16 -51.43
CA ILE U 418 63.25 11.97 -52.25
C ILE U 418 64.56 11.23 -52.54
N LEU U 419 65.65 11.97 -52.70
CA LEU U 419 66.93 11.33 -52.96
C LEU U 419 67.74 11.16 -51.70
N ALA U 420 67.45 11.99 -50.71
CA ALA U 420 68.16 11.90 -49.44
C ALA U 420 67.81 10.56 -48.80
N GLU U 421 66.76 9.92 -49.30
CA GLU U 421 66.31 8.64 -48.77
C GLU U 421 67.42 7.61 -48.87
N TYR U 422 68.43 7.90 -49.68
CA TYR U 422 69.56 6.99 -49.83
C TYR U 422 70.59 7.22 -48.74
N GLY U 423 70.62 8.45 -48.21
CA GLY U 423 71.57 8.80 -47.17
C GLY U 423 72.48 9.92 -47.60
N MET U 424 72.22 10.46 -48.80
CA MET U 424 73.01 11.57 -49.36
C MET U 424 72.99 12.80 -48.45
N GLN U 425 73.83 13.78 -48.80
CA GLN U 425 73.90 15.03 -48.09
C GLN U 425 73.25 16.06 -49.01
N VAL U 426 71.96 16.29 -48.81
CA VAL U 426 71.22 17.22 -49.65
C VAL U 426 70.91 18.53 -48.95
N ILE U 427 70.61 19.54 -49.75
CA ILE U 427 70.27 20.85 -49.26
C ILE U 427 69.54 21.59 -50.38
N ASP U 428 68.62 22.47 -50.02
CA ASP U 428 67.85 23.21 -51.01
C ASP U 428 68.53 24.48 -51.51
N CYS U 429 68.65 24.58 -52.84
CA CYS U 429 69.25 25.74 -53.47
C CYS U 429 68.29 26.31 -54.48
N GLY U 430 68.75 27.33 -55.20
CA GLY U 430 67.91 27.94 -56.19
C GLY U 430 67.93 29.45 -56.17
N VAL U 431 67.33 30.02 -57.20
CA VAL U 431 67.26 31.45 -57.36
C VAL U 431 66.00 31.99 -56.73
N ALA U 432 65.99 33.28 -56.42
CA ALA U 432 64.82 33.91 -55.80
C ALA U 432 63.95 34.51 -56.90
N LEU U 433 62.67 34.14 -56.92
CA LEU U 433 61.75 34.68 -57.92
C LEU U 433 60.72 35.65 -57.36
N LEU U 434 60.00 36.27 -58.29
CA LEU U 434 58.96 37.23 -57.95
C LEU U 434 57.69 36.64 -58.56
N ASN U 435 56.61 36.65 -57.80
CA ASN U 435 55.33 36.08 -58.23
C ASN U 435 55.47 34.72 -58.92
N HIS U 437 54.74 30.73 -59.97
CA HIS U 437 53.61 30.07 -60.60
C HIS U 437 52.69 31.01 -61.32
N ALA U 438 53.20 32.18 -61.68
CA ALA U 438 52.39 33.16 -62.43
C ALA U 438 52.78 33.01 -63.89
N PRO U 439 51.91 33.38 -64.81
CA PRO U 439 52.22 33.27 -66.23
C PRO U 439 53.52 33.97 -66.57
N TRP U 440 53.86 35.00 -65.80
CA TRP U 440 55.10 35.74 -66.02
C TRP U 440 55.83 35.92 -64.71
N GLU U 441 56.97 35.28 -64.59
CA GLU U 441 57.78 35.35 -63.37
C GLU U 441 59.00 36.26 -63.59
N ILE U 442 59.56 36.75 -62.50
CA ILE U 442 60.70 37.65 -62.59
C ILE U 442 61.93 37.10 -61.87
N SER U 443 63.12 37.40 -62.38
CA SER U 443 64.35 36.92 -61.76
C SER U 443 65.47 37.93 -61.93
N SER U 444 66.46 37.87 -61.05
CA SER U 444 67.60 38.77 -61.13
C SER U 444 68.77 38.15 -61.88
N LYS U 445 69.19 38.78 -62.97
CA LYS U 445 70.30 38.25 -63.75
C LYS U 445 71.48 38.00 -62.84
N ALA U 446 71.76 38.92 -61.93
CA ALA U 446 72.86 38.74 -61.00
C ALA U 446 72.69 37.42 -60.27
N ASP U 447 71.49 37.15 -59.77
CA ASP U 447 71.27 35.90 -59.05
C ASP U 447 71.46 34.71 -59.99
N ILE U 448 70.87 34.76 -61.18
CA ILE U 448 71.02 33.67 -62.16
C ILE U 448 72.49 33.32 -62.23
N TYR U 449 73.30 34.34 -62.58
CA TYR U 449 74.76 34.22 -62.70
C TYR U 449 75.36 33.61 -61.44
N GLU U 450 75.20 34.31 -60.32
CA GLU U 450 75.74 33.84 -59.05
C GLU U 450 75.41 32.36 -58.83
N THR U 451 74.15 32.00 -59.01
CA THR U 451 73.72 30.62 -58.83
C THR U 451 74.56 29.66 -59.66
N LYS U 452 74.69 29.94 -60.94
CA LYS U 452 75.49 29.07 -61.80
C LYS U 452 76.86 28.88 -61.19
N ASN U 453 77.55 29.99 -60.90
CA ASN U 453 78.86 29.90 -60.30
C ASN U 453 78.82 29.06 -59.04
N GLY U 454 77.73 29.20 -58.28
CA GLY U 454 77.59 28.42 -57.06
C GLY U 454 77.60 26.93 -57.40
N TYR U 455 76.88 26.57 -58.46
CA TYR U 455 76.82 25.19 -58.90
C TYR U 455 78.20 24.76 -59.35
N SER U 456 78.73 25.46 -60.34
CA SER U 456 80.05 25.13 -60.86
C SER U 456 81.10 25.03 -59.75
N ALA U 457 80.99 25.89 -58.73
CA ALA U 457 81.94 25.85 -57.63
C ALA U 457 81.60 24.69 -56.70
N PHE U 458 80.98 23.66 -57.26
CA PHE U 458 80.59 22.48 -56.50
C PHE U 458 81.19 21.27 -57.24
N LEU U 459 82.13 21.56 -58.14
CA LEU U 459 82.81 20.54 -58.94
C LEU U 459 83.92 19.91 -58.12
N ASN U 460 84.72 20.78 -57.52
CA ASN U 460 85.87 20.41 -56.69
C ASN U 460 85.49 20.22 -55.23
N ASN U 461 85.03 19.02 -54.91
CA ASN U 461 84.59 18.64 -53.56
C ASN U 461 83.63 19.70 -53.00
N LEU V 1 68.55 64.77 -61.14
CA LEU V 1 68.44 65.37 -59.78
C LEU V 1 67.32 64.66 -59.01
N LEU V 2 67.12 65.05 -57.76
CA LEU V 2 66.09 64.47 -56.91
C LEU V 2 65.02 65.47 -56.51
N LYS V 3 65.39 66.52 -55.79
CA LYS V 3 64.42 67.56 -55.37
C LYS V 3 63.35 67.05 -54.42
N GLU V 4 62.86 68.01 -53.62
CA GLU V 4 61.81 67.74 -52.68
C GLU V 4 61.06 69.02 -52.35
N TYR V 5 60.32 69.02 -51.24
CA TYR V 5 59.53 70.17 -50.80
C TYR V 5 59.87 70.49 -49.37
N LYS V 6 60.79 71.42 -49.13
CA LYS V 6 61.17 71.75 -47.77
C LYS V 6 60.33 72.84 -47.16
N ASN V 7 59.06 72.51 -46.94
CA ASN V 7 58.11 73.42 -46.33
C ASN V 7 58.14 74.86 -46.85
N ALA V 8 57.75 75.78 -45.98
CA ALA V 8 57.64 77.18 -46.33
C ALA V 8 58.47 78.08 -45.45
N TRP V 9 58.47 77.83 -44.14
CA TRP V 9 59.25 78.65 -43.21
C TRP V 9 60.72 78.48 -43.57
N ASP V 10 61.62 79.01 -42.74
CA ASP V 10 63.06 78.94 -43.00
C ASP V 10 63.29 79.90 -44.17
N LYS V 11 62.89 79.44 -45.34
CA LYS V 11 63.00 80.23 -46.54
C LYS V 11 62.46 81.61 -46.24
N TYR V 12 61.35 81.67 -45.52
CA TYR V 12 60.73 82.97 -45.16
C TYR V 12 61.70 83.80 -44.35
N ASP V 13 61.52 83.75 -43.04
CA ASP V 13 62.34 84.52 -42.14
C ASP V 13 62.43 85.90 -42.77
N ASP V 14 63.63 86.29 -43.15
CA ASP V 14 63.84 87.57 -43.78
C ASP V 14 63.42 88.69 -42.80
N LYS V 15 62.78 88.29 -41.70
CA LYS V 15 62.29 89.23 -40.69
C LYS V 15 61.14 90.04 -41.29
N GLN V 16 61.16 90.16 -42.61
CA GLN V 16 60.14 90.90 -43.36
C GLN V 16 59.07 89.90 -43.72
N LEU V 17 59.41 89.03 -44.67
CA LEU V 17 58.50 87.99 -45.14
C LEU V 17 57.58 87.51 -44.02
N LYS V 18 58.17 87.08 -42.90
CA LYS V 18 57.37 86.61 -41.76
C LYS V 18 56.35 87.66 -41.37
N GLU V 19 56.83 88.80 -40.88
CA GLU V 19 55.95 89.89 -40.46
C GLU V 19 54.92 90.18 -41.54
N VAL V 20 55.36 90.09 -42.80
CA VAL V 20 54.49 90.36 -43.95
C VAL V 20 53.34 89.38 -44.07
N PHE V 21 53.20 88.48 -43.10
CA PHE V 21 52.09 87.54 -43.17
C PHE V 21 51.69 86.98 -41.82
N ALA V 22 52.68 86.71 -40.97
CA ALA V 22 52.41 86.16 -39.63
C ALA V 22 51.26 86.99 -39.07
N LEU V 23 51.34 88.28 -39.34
CA LEU V 23 50.32 89.23 -38.91
C LEU V 23 49.70 89.74 -40.21
N GLY V 24 50.43 89.53 -41.30
CA GLY V 24 49.96 89.96 -42.59
C GLY V 24 48.60 89.40 -42.91
N ASP V 25 48.56 88.21 -43.51
CA ASP V 25 47.28 87.60 -43.85
C ASP V 25 46.54 87.19 -42.59
N ARG V 26 47.26 86.64 -41.61
CA ARG V 26 46.61 86.26 -40.37
C ARG V 26 46.21 87.57 -39.70
N PHE V 27 45.11 88.11 -40.16
CA PHE V 27 44.60 89.38 -39.64
C PHE V 27 43.52 89.62 -40.65
N LYS V 28 43.94 89.85 -41.89
CA LYS V 28 42.98 90.07 -42.95
C LYS V 28 42.07 88.82 -43.02
N ASN V 29 42.63 87.70 -43.47
CA ASN V 29 41.89 86.43 -43.55
C ASN V 29 41.39 86.15 -42.15
N PHE V 30 42.34 86.00 -41.23
CA PHE V 30 42.01 85.72 -39.85
C PHE V 30 40.75 86.41 -39.42
N ILE V 31 40.45 87.60 -39.95
CA ILE V 31 39.25 88.35 -39.55
C ILE V 31 38.11 88.17 -40.55
N SER V 32 38.45 87.92 -41.81
CA SER V 32 37.43 87.75 -42.83
C SER V 32 36.43 86.67 -42.44
N ASN V 33 36.92 85.47 -42.18
CA ASN V 33 36.03 84.38 -41.82
C ASN V 33 35.52 84.48 -40.38
N CYS V 34 35.29 85.72 -39.91
CA CYS V 34 34.77 85.93 -38.56
C CYS V 34 33.58 86.87 -38.67
N LYS V 35 33.72 87.86 -39.55
CA LYS V 35 32.68 88.83 -39.77
C LYS V 35 31.90 88.45 -41.03
N THR V 36 32.14 87.24 -41.51
CA THR V 36 31.48 86.75 -42.71
C THR V 36 31.50 85.23 -42.67
N GLU V 37 30.35 84.62 -42.36
CA GLU V 37 30.26 83.16 -42.27
C GLU V 37 29.14 82.58 -43.12
N ARG V 38 28.37 83.47 -43.73
CA ARG V 38 27.25 83.05 -44.56
C ARG V 38 27.27 83.77 -45.89
N GLU V 39 27.88 83.16 -46.89
CA GLU V 39 27.97 83.73 -48.24
C GLU V 39 27.67 85.22 -48.40
N CYS V 40 27.87 85.99 -47.34
CA CYS V 40 27.65 87.42 -47.41
C CYS V 40 29.05 87.96 -47.61
N VAL V 41 29.94 87.04 -47.95
CA VAL V 41 31.32 87.38 -48.22
C VAL V 41 31.20 88.45 -49.31
N THR V 42 30.20 88.30 -50.17
CA THR V 42 29.96 89.24 -51.22
C THR V 42 29.91 90.66 -50.67
N GLU V 43 29.03 90.88 -49.70
CA GLU V 43 28.90 92.20 -49.10
C GLU V 43 30.22 92.75 -48.60
N LEU V 44 30.78 92.14 -47.58
CA LEU V 44 32.04 92.59 -47.01
C LEU V 44 33.11 92.76 -48.09
N ILE V 45 33.15 91.84 -49.04
CA ILE V 45 34.15 91.93 -50.11
C ILE V 45 33.80 93.06 -51.08
N LYS V 46 32.52 93.19 -51.43
CA LYS V 46 32.12 94.22 -52.35
C LYS V 46 32.36 95.57 -51.72
N THR V 47 32.25 95.66 -50.39
CA THR V 47 32.49 96.92 -49.70
C THR V 47 33.97 97.22 -49.91
N ALA V 48 34.81 96.18 -49.82
CA ALA V 48 36.23 96.38 -50.08
C ALA V 48 36.23 96.57 -51.60
N GLU V 49 37.39 96.63 -52.23
CA GLU V 49 37.42 96.86 -53.67
C GLU V 49 36.73 98.17 -53.95
N LYS V 50 36.56 98.99 -52.91
CA LYS V 50 35.94 100.29 -53.06
C LYS V 50 36.95 101.14 -53.80
N SER V 51 38.16 100.61 -53.91
CA SER V 51 39.25 101.27 -54.63
C SER V 51 39.09 100.98 -56.12
N GLY V 52 37.91 101.32 -56.65
CA GLY V 52 37.60 101.11 -58.05
C GLY V 52 36.48 100.11 -58.17
N TYR V 53 36.28 99.54 -59.35
CA TYR V 53 35.23 98.55 -59.54
C TYR V 53 33.82 99.14 -59.41
N ARG V 54 32.89 98.62 -60.20
CA ARG V 54 31.51 99.10 -60.12
C ARG V 54 30.60 98.32 -61.06
N ASN V 55 30.71 98.60 -62.36
CA ASN V 55 29.91 97.94 -63.40
C ASN V 55 28.46 97.83 -62.98
N ILE V 56 28.17 96.71 -62.33
CA ILE V 56 26.86 96.37 -61.80
C ILE V 56 25.72 97.06 -62.57
N GLU V 57 25.45 98.32 -62.24
CA GLU V 57 24.39 99.08 -62.89
C GLU V 57 24.97 100.16 -63.82
N ASP V 58 26.09 100.73 -63.41
CA ASP V 58 26.75 101.78 -64.16
C ASP V 58 27.34 101.32 -65.50
N ILE V 59 26.46 100.94 -66.41
CA ILE V 59 26.87 100.50 -67.73
C ILE V 59 26.42 101.54 -68.74
N LEU V 60 27.37 102.38 -69.18
CA LEU V 60 27.12 103.46 -70.15
C LEU V 60 28.17 103.47 -71.27
N ALA V 61 28.96 102.40 -71.34
CA ALA V 61 30.03 102.24 -72.32
C ALA V 61 31.17 103.19 -71.97
N LYS V 62 30.83 104.46 -71.83
CA LYS V 62 31.79 105.49 -71.48
C LYS V 62 31.55 105.94 -70.04
N GLY V 63 30.60 105.29 -69.38
CA GLY V 63 30.31 105.63 -67.99
C GLY V 63 31.58 105.55 -67.18
N GLU V 64 32.46 104.66 -67.62
CA GLU V 64 33.77 104.44 -66.99
C GLU V 64 34.76 104.20 -68.14
N THR V 65 34.27 104.38 -69.36
CA THR V 65 35.04 104.17 -70.59
C THR V 65 35.85 102.87 -70.53
N LEU V 66 35.14 101.75 -70.67
CA LEU V 66 35.76 100.43 -70.61
C LEU V 66 37.01 100.34 -71.48
N LYS V 67 38.17 100.42 -70.86
CA LYS V 67 39.44 100.32 -71.56
C LYS V 67 40.59 100.06 -70.58
N GLU V 68 41.82 100.19 -71.06
CA GLU V 68 43.01 99.96 -70.25
C GLU V 68 42.84 100.41 -68.79
N GLY V 69 43.38 99.61 -67.88
CA GLY V 69 43.33 99.93 -66.46
C GLY V 69 41.99 100.00 -65.75
N ASP V 70 40.91 99.59 -66.42
CA ASP V 70 39.61 99.61 -65.81
C ASP V 70 39.34 98.38 -64.97
N LYS V 71 38.56 98.56 -63.91
CA LYS V 71 38.21 97.47 -62.99
C LYS V 71 36.74 97.53 -62.57
N VAL V 72 36.02 96.43 -62.78
CA VAL V 72 34.59 96.38 -62.44
C VAL V 72 34.17 95.06 -61.81
N TYR V 73 33.01 95.07 -61.16
CA TYR V 73 32.51 93.87 -60.53
C TYR V 73 31.08 93.65 -60.92
N ALA V 74 30.61 92.42 -60.75
CA ALA V 74 29.24 92.08 -61.09
C ALA V 74 28.64 91.26 -59.97
N ASN V 75 27.51 91.70 -59.43
CA ASN V 75 26.87 90.99 -58.33
C ASN V 75 25.78 90.06 -58.84
N ASN V 76 25.79 88.83 -58.35
CA ASN V 76 24.78 87.86 -58.76
C ASN V 76 23.81 87.62 -57.62
N ARG V 77 22.74 88.41 -57.60
CA ARG V 77 21.71 88.34 -56.59
C ARG V 77 22.29 88.20 -55.18
N GLY V 78 23.43 88.85 -54.97
CA GLY V 78 24.10 88.82 -53.67
C GLY V 78 24.78 87.52 -53.27
N LYS V 79 24.49 86.42 -53.97
CA LYS V 79 25.05 85.13 -53.66
C LYS V 79 26.39 84.91 -54.35
N GLY V 80 26.65 85.65 -55.42
CA GLY V 80 27.90 85.48 -56.14
C GLY V 80 28.56 86.77 -56.55
N LEU V 81 29.85 86.68 -56.85
CA LEU V 81 30.64 87.86 -57.23
C LEU V 81 31.75 87.56 -58.23
N ILE V 82 31.91 88.44 -59.19
CA ILE V 82 32.96 88.29 -60.20
C ILE V 82 33.60 89.65 -60.48
N MET V 83 34.92 89.69 -60.42
CA MET V 83 35.67 90.91 -60.65
C MET V 83 36.55 90.89 -61.90
N PHE V 84 36.65 92.02 -62.60
CA PHE V 84 37.45 92.13 -63.81
C PHE V 84 38.55 93.15 -63.63
N LEU V 85 39.50 93.12 -64.56
CA LEU V 85 40.62 94.05 -64.56
C LEU V 85 41.19 94.06 -65.97
N ILE V 86 40.77 95.03 -66.77
CA ILE V 86 41.22 95.11 -68.14
C ILE V 86 42.71 95.36 -68.26
N GLY V 87 43.31 94.77 -69.29
CA GLY V 87 44.74 94.92 -69.53
C GLY V 87 45.04 95.43 -70.92
N LYS V 88 46.31 95.61 -71.22
CA LYS V 88 46.75 96.10 -72.52
C LYS V 88 46.11 95.34 -73.68
N GLU V 89 46.49 94.08 -73.83
CA GLU V 89 45.95 93.25 -74.91
C GLU V 89 44.41 93.23 -74.89
N PRO V 90 43.79 92.87 -76.02
CA PRO V 90 42.33 92.81 -76.15
C PRO V 90 41.75 91.54 -75.51
N LEU V 91 40.48 91.58 -75.13
CA LEU V 91 39.85 90.43 -74.51
C LEU V 91 39.97 89.21 -75.41
N TYR V 92 39.71 89.40 -76.70
CA TYR V 92 39.78 88.32 -77.68
C TYR V 92 41.05 87.48 -77.50
N THR V 93 42.08 88.05 -76.89
CA THR V 93 43.35 87.34 -76.66
C THR V 93 43.13 86.16 -75.72
N GLY V 94 42.68 86.46 -74.51
CA GLY V 94 42.45 85.44 -73.51
C GLY V 94 42.19 86.05 -72.14
N PHE V 95 42.19 85.23 -71.10
CA PHE V 95 41.96 85.73 -69.76
C PHE V 95 42.85 85.04 -68.75
N LYS V 96 42.89 85.61 -67.56
CA LYS V 96 43.65 85.04 -66.46
C LYS V 96 42.64 84.94 -65.32
N ILE V 97 41.93 83.81 -65.25
CA ILE V 97 40.91 83.63 -64.25
C ILE V 97 41.33 82.95 -62.94
N LEU V 98 40.73 83.39 -61.84
CA LEU V 98 40.95 82.82 -60.53
C LEU V 98 39.56 82.48 -60.00
N GLY V 99 39.31 81.20 -59.71
CA GLY V 99 37.99 80.81 -59.23
C GLY V 99 37.98 80.20 -57.85
N ALA V 100 36.83 80.33 -57.17
CA ALA V 100 36.66 79.77 -55.83
C ALA V 100 35.21 79.88 -55.36
N HIS V 101 34.75 78.91 -54.56
CA HIS V 101 33.40 78.95 -54.04
C HIS V 101 33.41 79.56 -52.64
N ILE V 102 32.42 80.37 -52.32
CA ILE V 102 32.39 81.03 -51.03
C ILE V 102 31.46 80.37 -50.03
N ASP V 103 30.69 79.38 -50.48
CA ASP V 103 29.75 78.68 -49.58
C ASP V 103 30.48 77.61 -48.78
N SER V 104 29.89 77.22 -47.67
CA SER V 104 30.47 76.18 -46.81
C SER V 104 29.39 75.39 -46.09
N PRO V 105 29.66 74.11 -45.82
CA PRO V 105 28.71 73.23 -45.13
C PRO V 105 28.25 73.82 -43.82
N ARG V 106 26.96 73.64 -43.52
CA ARG V 106 26.36 74.16 -42.31
C ARG V 106 24.93 73.67 -42.14
N LEU V 107 24.31 74.00 -41.01
CA LEU V 107 22.93 73.60 -40.74
C LEU V 107 22.08 74.81 -41.11
N ASP V 108 20.79 74.58 -41.36
CA ASP V 108 19.92 75.70 -41.66
C ASP V 108 18.42 75.39 -41.60
N LEU V 109 17.74 76.16 -40.77
CA LEU V 109 16.31 76.07 -40.51
C LEU V 109 15.41 75.71 -41.70
N LYS V 110 14.43 74.85 -41.46
CA LYS V 110 13.52 74.43 -42.52
C LYS V 110 12.55 75.56 -42.87
N GLN V 111 11.52 75.23 -43.65
CA GLN V 111 10.51 76.22 -44.03
C GLN V 111 9.63 76.58 -42.83
N ASN V 112 9.45 75.63 -41.92
CA ASN V 112 8.66 75.83 -40.72
C ASN V 112 9.44 75.30 -39.54
N PRO V 113 10.60 75.91 -39.26
CA PRO V 113 11.50 75.53 -38.18
C PRO V 113 10.99 75.63 -36.75
N LEU V 114 10.20 76.65 -36.46
CA LEU V 114 9.70 76.83 -35.10
C LEU V 114 8.57 75.89 -34.68
N TYR V 115 8.85 75.11 -33.62
CA TYR V 115 7.89 74.16 -33.10
C TYR V 115 8.23 73.95 -31.63
N GLU V 116 7.27 73.46 -30.85
CA GLU V 116 7.48 73.26 -29.42
C GLU V 116 7.22 71.84 -28.98
N ASP V 117 8.24 71.19 -28.42
CA ASP V 117 8.08 69.81 -27.98
C ASP V 117 8.47 69.65 -26.52
N THR V 118 7.51 69.23 -25.71
CA THR V 118 7.76 69.04 -24.28
C THR V 118 8.31 70.32 -23.68
N ASP V 119 7.41 71.23 -23.34
CA ASP V 119 7.80 72.50 -22.75
C ASP V 119 8.66 73.32 -23.71
N LEU V 120 9.96 73.23 -23.56
CA LEU V 120 10.85 74.01 -24.43
C LEU V 120 10.52 73.95 -25.91
N ALA V 121 11.02 74.93 -26.67
CA ALA V 121 10.75 75.00 -28.10
C ALA V 121 12.01 74.91 -28.96
N MET V 122 12.00 73.96 -29.88
CA MET V 122 13.13 73.78 -30.78
C MET V 122 12.97 74.52 -32.11
N LEU V 123 13.89 74.19 -33.04
CA LEU V 123 13.95 74.78 -34.35
C LEU V 123 14.44 73.73 -35.36
N GLU V 124 13.56 73.25 -36.24
CA GLU V 124 13.92 72.27 -37.26
C GLU V 124 15.08 72.76 -38.14
N THR V 125 15.94 71.84 -38.55
CA THR V 125 17.09 72.17 -39.40
C THR V 125 17.21 71.16 -40.53
N HIS V 126 18.25 71.30 -41.31
CA HIS V 126 18.46 70.40 -42.43
C HIS V 126 19.84 70.69 -42.99
N TYR V 127 20.86 69.98 -42.49
CA TYR V 127 22.22 70.24 -42.90
C TYR V 127 22.39 70.41 -44.41
N TYR V 128 23.40 71.21 -44.76
CA TYR V 128 23.73 71.51 -46.14
C TYR V 128 25.21 71.33 -46.41
N GLY V 129 25.52 70.75 -47.57
CA GLY V 129 26.91 70.58 -47.94
C GLY V 129 27.51 69.22 -47.62
N GLY V 130 26.85 68.47 -46.76
CA GLY V 130 27.38 67.17 -46.41
C GLY V 130 28.44 67.26 -45.33
N ILE V 131 28.01 67.60 -44.13
CA ILE V 131 28.93 67.69 -43.00
C ILE V 131 29.13 66.28 -42.52
N LYS V 132 28.36 65.36 -43.15
CA LYS V 132 28.36 63.91 -42.86
C LYS V 132 28.65 63.55 -41.41
N LYS V 133 29.76 64.05 -40.89
CA LYS V 133 30.10 63.82 -39.51
C LYS V 133 29.23 64.78 -38.74
N TYR V 134 28.10 64.28 -38.26
CA TYR V 134 27.19 65.12 -37.51
C TYR V 134 27.69 65.43 -36.12
N GLN V 135 29.00 65.50 -35.93
CA GLN V 135 29.54 65.85 -34.63
C GLN V 135 29.54 67.38 -34.60
N TRP V 136 28.36 67.93 -34.84
CA TRP V 136 28.08 69.35 -34.87
C TRP V 136 27.22 69.66 -33.67
N VAL V 137 27.12 68.72 -32.74
CA VAL V 137 26.28 68.90 -31.58
C VAL V 137 26.85 69.86 -30.51
N THR V 138 26.95 69.35 -29.29
CA THR V 138 27.46 70.08 -28.18
C THR V 138 28.01 71.51 -28.33
N LEU V 139 28.96 71.71 -29.23
CA LEU V 139 29.55 73.05 -29.39
C LEU V 139 28.53 74.15 -29.72
N PRO V 140 28.79 75.39 -29.24
CA PRO V 140 27.97 76.61 -29.41
C PRO V 140 27.75 77.10 -30.85
N LEU V 141 26.51 77.39 -31.19
CA LEU V 141 26.15 77.86 -32.52
C LEU V 141 25.58 79.29 -32.55
N ALA V 142 25.68 79.92 -33.71
CA ALA V 142 25.17 81.26 -33.90
C ALA V 142 24.23 81.27 -35.13
N ILE V 143 23.26 82.19 -35.15
CA ILE V 143 22.35 82.27 -36.28
C ILE V 143 22.64 83.44 -37.19
N HIS V 144 22.68 83.17 -38.49
CA HIS V 144 22.92 84.21 -39.48
C HIS V 144 21.83 84.15 -40.51
N GLY V 145 22.05 84.75 -41.66
CA GLY V 145 21.04 84.71 -42.71
C GLY V 145 20.16 85.95 -42.78
N VAL V 146 19.03 85.82 -43.47
CA VAL V 146 18.11 86.92 -43.66
C VAL V 146 16.65 86.46 -43.79
N ILE V 147 15.72 87.29 -43.35
CA ILE V 147 14.30 86.95 -43.44
C ILE V 147 13.61 87.99 -44.32
N VAL V 148 12.76 87.53 -45.22
CA VAL V 148 12.05 88.45 -46.11
C VAL V 148 10.55 88.57 -45.81
N LYS V 149 10.13 89.78 -45.46
CA LYS V 149 8.74 90.08 -45.15
C LYS V 149 7.93 89.88 -46.42
N LYS V 150 6.61 89.70 -46.28
CA LYS V 150 5.76 89.51 -47.44
C LYS V 150 5.84 90.73 -48.37
N ASP V 151 6.02 91.90 -47.76
CA ASP V 151 6.13 93.15 -48.50
C ASP V 151 7.47 93.30 -49.23
N GLY V 152 8.42 92.44 -48.87
CA GLY V 152 9.72 92.47 -49.51
C GLY V 152 10.83 93.06 -48.66
N THR V 153 10.52 93.46 -47.44
CA THR V 153 11.52 94.05 -46.56
C THR V 153 12.53 93.01 -46.13
N ILE V 154 13.81 93.28 -46.39
CA ILE V 154 14.86 92.34 -46.03
C ILE V 154 15.44 92.64 -44.65
N VAL V 155 15.22 91.73 -43.71
CA VAL V 155 15.72 91.91 -42.36
C VAL V 155 16.96 91.01 -42.15
N ASN V 156 18.02 91.57 -41.57
CA ASN V 156 19.25 90.81 -41.34
C ASN V 156 19.30 90.22 -39.93
N VAL V 157 19.65 88.94 -39.85
CA VAL V 157 19.75 88.27 -38.57
C VAL V 157 21.18 87.83 -38.31
N CYS V 158 21.67 88.10 -37.10
CA CYS V 158 23.03 87.73 -36.72
C CYS V 158 23.06 87.63 -35.21
N VAL V 159 22.70 86.46 -34.69
CA VAL V 159 22.67 86.23 -33.24
C VAL V 159 23.71 85.22 -32.80
N GLY V 160 24.41 85.54 -31.71
CA GLY V 160 25.41 84.64 -31.19
C GLY V 160 26.84 85.03 -31.47
N GLU V 161 27.06 86.15 -32.17
CA GLU V 161 28.42 86.54 -32.49
C GLU V 161 29.03 87.46 -31.43
N ASP V 162 28.30 88.49 -31.01
CA ASP V 162 28.79 89.41 -30.00
C ASP V 162 28.92 88.70 -28.66
N ASP V 163 29.92 89.07 -27.88
CA ASP V 163 30.12 88.46 -26.58
C ASP V 163 28.92 88.60 -25.64
N ASN V 164 27.92 89.37 -26.08
CA ASN V 164 26.73 89.59 -25.26
C ASN V 164 25.47 88.96 -25.85
N ASP V 165 25.60 88.36 -27.03
CA ASP V 165 24.45 87.73 -27.66
C ASP V 165 24.33 86.33 -27.12
N PRO V 166 23.10 85.82 -27.06
CA PRO V 166 22.90 84.45 -26.56
C PRO V 166 23.38 83.49 -27.65
N VAL V 167 23.51 82.21 -27.31
CA VAL V 167 23.98 81.23 -28.28
C VAL V 167 22.97 80.10 -28.42
N PHE V 168 23.23 79.20 -29.36
CA PHE V 168 22.36 78.06 -29.60
C PHE V 168 23.17 76.78 -29.81
N GLY V 169 22.48 75.66 -29.92
CA GLY V 169 23.19 74.40 -30.13
C GLY V 169 22.29 73.18 -30.18
N VAL V 170 22.87 72.06 -30.60
CA VAL V 170 22.15 70.81 -30.69
C VAL V 170 22.51 69.92 -29.50
N SER V 171 21.52 69.33 -28.85
CA SER V 171 21.78 68.48 -27.68
C SER V 171 22.13 67.03 -28.08
N ASP V 172 22.62 66.27 -27.11
CA ASP V 172 22.98 64.89 -27.33
C ASP V 172 22.94 64.15 -26.01
N ILE V 173 22.27 63.00 -25.98
CA ILE V 173 22.14 62.19 -24.76
C ILE V 173 23.42 62.10 -23.96
N LEU V 174 23.30 62.14 -22.64
CA LEU V 174 24.46 62.03 -21.78
C LEU V 174 25.01 60.62 -21.90
N VAL V 175 26.31 60.46 -21.70
CA VAL V 175 26.95 59.15 -21.82
C VAL V 175 26.33 58.13 -20.89
N HIS V 176 25.81 58.60 -19.76
CA HIS V 176 25.19 57.72 -18.80
C HIS V 176 24.05 56.88 -19.37
N LEU V 177 23.34 57.43 -20.35
CA LEU V 177 22.23 56.73 -20.96
C LEU V 177 22.41 56.54 -22.45
N ALA V 178 23.62 56.84 -22.94
CA ALA V 178 23.91 56.72 -24.37
C ALA V 178 24.28 55.28 -24.77
N SER V 179 24.14 54.36 -23.83
CA SER V 179 24.46 52.96 -24.06
C SER V 179 23.80 52.40 -25.32
N GLU V 180 22.48 52.61 -25.44
CA GLU V 180 21.73 52.10 -26.58
C GLU V 180 22.18 52.75 -27.90
N GLN V 181 22.90 53.86 -27.80
CA GLN V 181 23.40 54.56 -28.98
C GLN V 181 24.84 54.12 -29.27
N LEU V 182 24.97 52.95 -29.91
CA LEU V 182 26.28 52.38 -30.26
C LEU V 182 26.36 51.90 -31.72
N GLU V 183 25.23 51.48 -32.26
CA GLU V 183 25.22 50.97 -33.63
C GLU V 183 25.71 51.99 -34.66
N LYS V 184 26.62 51.54 -35.52
CA LYS V 184 27.19 52.34 -36.60
C LYS V 184 27.52 53.81 -36.29
N LYS V 185 28.81 54.12 -36.19
CA LYS V 185 29.21 55.51 -35.94
C LYS V 185 28.75 56.27 -37.17
N ALA V 186 28.67 55.55 -38.29
CA ALA V 186 28.24 56.10 -39.58
C ALA V 186 27.13 57.10 -39.36
N SER V 187 26.28 56.83 -38.37
CA SER V 187 25.19 57.71 -38.06
C SER V 187 24.27 57.22 -36.97
N LYS V 188 24.37 57.85 -35.80
CA LYS V 188 23.48 57.55 -34.68
C LYS V 188 23.05 58.92 -34.12
N VAL V 189 23.32 59.95 -34.92
CA VAL V 189 22.98 61.34 -34.65
C VAL V 189 22.73 61.85 -36.06
N ILE V 190 21.47 61.98 -36.47
CA ILE V 190 21.21 62.43 -37.84
C ILE V 190 19.92 63.18 -38.12
N GLU V 191 19.03 63.24 -37.13
CA GLU V 191 17.73 63.91 -37.32
C GLU V 191 17.83 65.32 -37.93
N GLY V 192 16.69 65.99 -38.02
CA GLY V 192 16.68 67.34 -38.54
C GLY V 192 15.69 68.17 -37.75
N GLU V 193 15.53 67.81 -36.49
CA GLU V 193 14.59 68.47 -35.64
C GLU V 193 15.29 68.66 -34.31
N ASP V 194 16.45 69.28 -34.39
CA ASP V 194 17.29 69.54 -33.24
C ASP V 194 17.43 71.03 -33.00
N LEU V 195 18.15 71.40 -31.96
CA LEU V 195 18.39 72.82 -31.69
C LEU V 195 17.27 73.63 -31.04
N ASN V 196 17.30 73.69 -29.71
CA ASN V 196 16.29 74.43 -28.98
C ASN V 196 16.69 75.89 -28.81
N ILE V 197 15.73 76.78 -29.06
CA ILE V 197 15.97 78.20 -28.97
C ILE V 197 15.42 78.87 -27.72
N LEU V 198 14.70 78.12 -26.89
CA LEU V 198 14.18 78.72 -25.69
C LEU V 198 13.49 77.76 -24.74
N ILE V 199 13.82 77.90 -23.46
CA ILE V 199 13.25 77.08 -22.43
C ILE V 199 12.23 77.92 -21.71
N GLY V 200 11.65 77.34 -20.65
CA GLY V 200 10.65 78.02 -19.85
C GLY V 200 10.16 79.34 -20.41
N SER V 201 10.39 80.41 -19.64
CA SER V 201 9.96 81.73 -20.06
C SER V 201 8.68 81.50 -20.86
N ILE V 202 7.78 80.78 -20.22
CA ILE V 202 6.51 80.38 -20.78
C ILE V 202 5.42 81.13 -20.05
N PRO V 203 4.64 81.96 -20.77
CA PRO V 203 4.84 82.31 -22.18
C PRO V 203 4.70 83.82 -22.34
N LEU V 204 3.84 84.24 -23.26
CA LEU V 204 3.57 85.64 -23.50
C LEU V 204 2.30 86.02 -22.74
N LYS V 205 2.44 86.92 -21.76
CA LYS V 205 1.33 87.38 -20.92
C LYS V 205 0.55 86.20 -20.32
N ASP V 206 1.13 85.01 -20.46
CA ASP V 206 0.55 83.78 -19.95
C ASP V 206 -0.94 83.65 -20.31
N GLY V 207 -1.26 84.00 -21.55
CA GLY V 207 -2.63 83.92 -22.01
C GLY V 207 -3.01 82.57 -22.57
N GLU V 208 -2.69 81.50 -21.82
CA GLU V 208 -3.01 80.14 -22.23
C GLU V 208 -2.39 79.76 -23.57
N GLU V 209 -3.08 78.87 -24.31
CA GLU V 209 -2.65 78.40 -25.61
C GLU V 209 -1.52 77.35 -25.48
N LYS V 210 -1.90 76.08 -25.49
CA LYS V 210 -0.97 74.96 -25.36
C LYS V 210 0.51 75.27 -25.59
N GLN V 211 0.87 75.62 -26.81
CA GLN V 211 2.25 75.93 -27.15
C GLN V 211 2.68 77.27 -26.56
N LYS V 212 2.76 77.34 -25.24
CA LYS V 212 3.14 78.59 -24.59
C LYS V 212 4.59 79.00 -24.85
N VAL V 213 5.52 78.10 -24.57
CA VAL V 213 6.94 78.39 -24.77
C VAL V 213 7.16 78.89 -26.18
N LYS V 214 6.51 78.25 -27.14
CA LYS V 214 6.64 78.63 -28.53
C LYS V 214 6.10 80.04 -28.69
N HIS V 215 4.82 80.19 -28.35
CA HIS V 215 4.12 81.46 -28.46
C HIS V 215 4.99 82.61 -27.93
N ASN V 216 5.63 82.38 -26.78
CA ASN V 216 6.47 83.39 -26.20
C ASN V 216 7.63 83.79 -27.09
N ILE V 217 8.35 82.81 -27.60
CA ILE V 217 9.53 83.09 -28.46
C ILE V 217 9.14 83.81 -29.73
N MET V 218 8.02 83.43 -30.35
CA MET V 218 7.57 84.07 -31.57
C MET V 218 7.37 85.55 -31.28
N LYS V 219 6.78 85.82 -30.12
CA LYS V 219 6.52 87.20 -29.67
C LYS V 219 7.85 87.91 -29.46
N ILE V 220 8.79 87.22 -28.82
CA ILE V 220 10.11 87.81 -28.58
C ILE V 220 10.78 88.09 -29.89
N LEU V 221 10.61 87.15 -30.82
CA LEU V 221 11.20 87.25 -32.14
C LEU V 221 10.44 88.31 -32.91
N ASN V 222 9.25 88.65 -32.44
CA ASN V 222 8.43 89.66 -33.10
C ASN V 222 8.86 91.08 -32.73
N GLU V 223 9.19 91.27 -31.45
CA GLU V 223 9.63 92.58 -30.98
C GLU V 223 10.84 93.00 -31.79
N LYS V 224 11.87 92.15 -31.84
CA LYS V 224 13.03 92.47 -32.67
C LYS V 224 12.52 92.11 -34.06
N TYR V 225 13.09 92.71 -35.09
CA TYR V 225 12.63 92.41 -36.45
C TYR V 225 11.16 92.79 -36.53
N ASP V 226 10.35 91.94 -37.18
CA ASP V 226 8.94 92.23 -37.31
C ASP V 226 8.30 91.12 -38.10
N ILE V 227 8.77 89.90 -37.85
CA ILE V 227 8.28 88.72 -38.54
C ILE V 227 7.13 88.05 -37.82
N SER V 228 6.58 87.03 -38.47
CA SER V 228 5.50 86.26 -37.90
C SER V 228 5.97 84.81 -38.03
N GLU V 229 5.17 83.85 -37.58
CA GLU V 229 5.60 82.45 -37.70
C GLU V 229 5.81 82.15 -39.17
N GLU V 230 5.05 82.80 -40.04
CA GLU V 230 5.23 82.63 -41.48
C GLU V 230 6.52 83.38 -41.72
N ASP V 231 6.74 83.90 -42.92
CA ASP V 231 7.99 84.63 -43.19
C ASP V 231 9.19 83.68 -43.19
N PHE V 232 9.17 82.71 -42.28
CA PHE V 232 10.23 81.73 -42.22
C PHE V 232 10.23 81.02 -43.57
N VAL V 233 9.04 80.90 -44.13
CA VAL V 233 8.88 80.28 -45.43
C VAL V 233 9.77 81.00 -46.45
N SER V 234 9.81 82.32 -46.35
CA SER V 234 10.62 83.14 -47.25
C SER V 234 11.82 83.69 -46.49
N ALA V 235 12.44 82.84 -45.67
CA ALA V 235 13.60 83.23 -44.88
C ALA V 235 14.87 82.53 -45.35
N GLU V 236 15.99 82.85 -44.72
CA GLU V 236 17.26 82.26 -45.07
C GLU V 236 18.02 81.63 -43.92
N LEU V 237 17.63 80.38 -43.67
CA LEU V 237 18.19 79.50 -42.65
C LEU V 237 19.72 79.56 -42.60
N GLU V 238 20.30 79.73 -41.42
CA GLU V 238 21.77 79.79 -41.34
C GLU V 238 22.34 79.57 -39.93
N ILE V 239 22.70 78.33 -39.64
CA ILE V 239 23.28 78.03 -38.35
C ILE V 239 24.75 77.72 -38.54
N VAL V 240 25.57 78.43 -37.78
CA VAL V 240 27.01 78.27 -37.88
C VAL V 240 27.68 78.36 -36.51
N PRO V 241 28.85 77.74 -36.35
CA PRO V 241 29.51 77.83 -35.04
C PRO V 241 29.80 79.27 -34.68
N ALA V 242 29.64 79.61 -33.41
CA ALA V 242 29.88 80.97 -32.94
C ALA V 242 31.34 81.14 -32.49
N GLY V 243 31.83 82.37 -32.53
CA GLY V 243 33.20 82.64 -32.14
C GLY V 243 34.07 83.10 -33.32
N LYS V 244 35.04 83.96 -33.05
CA LYS V 244 35.95 84.47 -34.07
C LYS V 244 37.00 83.40 -34.30
N ALA V 245 37.60 83.39 -35.49
CA ALA V 245 38.66 82.44 -35.80
C ALA V 245 39.78 82.81 -34.86
N ARG V 246 40.68 81.87 -34.58
CA ARG V 246 41.77 82.17 -33.65
C ARG V 246 43.14 81.68 -34.09
N ASP V 247 44.17 82.05 -33.35
CA ASP V 247 45.51 81.61 -33.63
C ASP V 247 45.60 80.17 -33.13
N TYR V 248 46.03 79.25 -33.98
CA TYR V 248 46.12 77.87 -33.55
C TYR V 248 47.56 77.47 -33.32
N GLY V 249 47.82 76.87 -32.16
CA GLY V 249 49.17 76.41 -31.85
C GLY V 249 50.00 77.29 -30.94
N PHE V 250 50.91 76.67 -30.19
CA PHE V 250 51.79 77.41 -29.30
C PHE V 250 52.70 78.40 -30.02
N ASP V 251 52.92 78.17 -31.31
CA ASP V 251 53.76 79.06 -32.08
C ASP V 251 52.95 79.91 -33.04
N ARG V 252 51.64 79.96 -32.81
CA ARG V 252 50.72 80.74 -33.66
C ARG V 252 50.99 80.56 -35.15
N SER V 253 51.37 79.34 -35.55
CA SER V 253 51.67 79.08 -36.95
C SER V 253 50.45 78.73 -37.80
N MET V 254 49.39 78.31 -37.14
CA MET V 254 48.18 77.94 -37.87
C MET V 254 46.99 78.79 -37.44
N VAL V 255 45.87 78.62 -38.12
CA VAL V 255 44.63 79.34 -37.85
C VAL V 255 43.45 78.39 -37.79
N MET V 256 42.69 78.47 -36.70
CA MET V 256 41.53 77.63 -36.52
C MET V 256 40.27 78.47 -36.71
N GLY V 257 39.37 78.02 -37.59
CA GLY V 257 38.15 78.78 -37.85
C GLY V 257 37.17 78.08 -38.75
N TYR V 258 35.93 78.56 -38.77
CA TYR V 258 34.87 78.00 -39.59
C TYR V 258 34.94 78.58 -40.99
N GLY V 259 34.53 77.80 -41.97
CA GLY V 259 34.52 78.28 -43.33
C GLY V 259 35.84 78.16 -44.08
N GLN V 260 36.91 77.89 -43.35
CA GLN V 260 38.22 77.74 -43.96
C GLN V 260 38.13 77.12 -45.36
N ASP V 261 37.25 76.13 -45.52
CA ASP V 261 37.07 75.46 -46.79
C ASP V 261 36.80 76.41 -47.93
N ASP V 262 37.83 76.56 -48.74
CA ASP V 262 37.86 77.41 -49.93
C ASP V 262 37.69 78.88 -49.66
N ARG V 263 36.99 79.23 -48.60
CA ARG V 263 36.82 80.63 -48.27
C ARG V 263 38.19 81.24 -48.08
N ILE V 264 39.15 80.38 -47.72
CA ILE V 264 40.53 80.81 -47.54
C ILE V 264 41.15 81.08 -48.90
N CYS V 265 40.81 80.26 -49.89
CA CYS V 265 41.34 80.46 -51.23
C CYS V 265 40.65 81.65 -51.83
N ALA V 266 39.35 81.75 -51.55
CA ALA V 266 38.54 82.85 -52.08
C ALA V 266 39.08 84.18 -51.60
N TYR V 267 39.72 84.15 -50.43
CA TYR V 267 40.28 85.36 -49.88
C TYR V 267 41.64 85.71 -50.49
N THR V 268 42.58 84.77 -50.42
CA THR V 268 43.90 84.98 -50.97
C THR V 268 43.73 85.36 -52.43
N SER V 269 42.83 84.67 -53.12
CA SER V 269 42.60 84.96 -54.54
C SER V 269 42.13 86.40 -54.68
N PHE V 270 41.38 86.85 -53.67
CA PHE V 270 40.86 88.20 -53.67
C PHE V 270 41.98 89.24 -53.56
N GLU V 271 42.71 89.20 -52.45
CA GLU V 271 43.80 90.13 -52.24
C GLU V 271 44.72 90.12 -53.44
N ALA V 272 45.11 88.93 -53.87
CA ALA V 272 46.01 88.84 -55.03
C ALA V 272 45.41 89.65 -56.17
N MET V 273 44.16 89.33 -56.54
CA MET V 273 43.48 90.03 -57.62
C MET V 273 43.32 91.51 -57.33
N LEU V 274 43.07 91.84 -56.07
CA LEU V 274 42.87 93.22 -55.68
C LEU V 274 44.11 94.09 -55.86
N GLU V 275 45.20 93.72 -55.21
CA GLU V 275 46.43 94.50 -55.32
C GLU V 275 47.21 94.20 -56.58
N MET V 276 46.48 93.87 -57.64
CA MET V 276 47.10 93.57 -58.94
C MET V 276 46.99 94.77 -59.87
N LYS V 277 48.11 95.47 -60.04
CA LYS V 277 48.17 96.65 -60.90
C LYS V 277 49.00 96.41 -62.16
N ASN V 278 48.72 97.17 -63.21
CA ASN V 278 49.44 97.03 -64.47
C ASN V 278 49.20 95.63 -65.03
N ALA V 279 48.09 95.46 -65.73
CA ALA V 279 47.75 94.17 -66.31
C ALA V 279 48.07 94.07 -67.78
N LYS V 280 48.73 92.98 -68.17
CA LYS V 280 49.09 92.78 -69.56
C LYS V 280 47.88 92.16 -70.26
N LYS V 281 47.36 91.08 -69.69
CA LYS V 281 46.19 90.42 -70.24
C LYS V 281 45.08 90.46 -69.20
N THR V 282 43.89 90.92 -69.61
CA THR V 282 42.74 91.05 -68.72
C THR V 282 42.51 89.80 -67.90
N CYS V 283 42.51 89.98 -66.57
CA CYS V 283 42.31 88.88 -65.64
C CYS V 283 41.08 89.09 -64.78
N ILE V 284 40.44 87.98 -64.41
CA ILE V 284 39.22 88.06 -63.62
C ILE V 284 39.09 87.04 -62.47
N THR V 285 38.41 87.48 -61.41
CA THR V 285 38.18 86.66 -60.23
C THR V 285 36.72 86.27 -60.08
N ILE V 286 36.47 84.97 -59.94
CA ILE V 286 35.12 84.49 -59.77
C ILE V 286 34.92 83.89 -58.39
N LEU V 287 33.75 84.15 -57.81
CA LEU V 287 33.41 83.65 -56.49
C LEU V 287 31.95 83.24 -56.46
N VAL V 288 31.69 81.94 -56.58
CA VAL V 288 30.32 81.43 -56.60
C VAL V 288 30.03 80.56 -55.42
N ASP V 289 28.81 80.02 -55.35
CA ASP V 289 28.45 79.13 -54.26
C ASP V 289 27.81 77.85 -54.77
N LYS V 290 27.16 77.12 -53.86
CA LYS V 290 26.50 75.87 -54.19
C LYS V 290 27.48 74.79 -54.59
N GLU V 291 28.77 75.06 -54.44
CA GLU V 291 29.78 74.07 -54.80
C GLU V 291 29.65 72.83 -53.90
N GLU V 292 29.59 73.08 -52.59
CA GLU V 292 29.49 71.99 -51.61
C GLU V 292 28.21 71.18 -51.75
N VAL V 293 27.28 71.67 -52.57
CA VAL V 293 26.01 70.97 -52.75
C VAL V 293 25.86 70.37 -54.17
N GLY V 294 26.84 70.59 -55.03
CA GLY V 294 26.75 70.05 -56.36
C GLY V 294 27.03 71.05 -57.47
N SER V 295 27.05 72.32 -57.11
CA SER V 295 27.31 73.41 -58.05
C SER V 295 26.19 73.55 -59.09
N ILE V 296 24.95 73.29 -58.67
CA ILE V 296 23.81 73.41 -59.56
C ILE V 296 23.64 74.83 -60.06
N GLY V 297 22.67 75.02 -60.95
CA GLY V 297 22.40 76.32 -61.54
C GLY V 297 22.03 77.46 -60.61
N ALA V 298 21.65 78.58 -61.22
CA ALA V 298 21.25 79.79 -60.49
C ALA V 298 22.43 80.61 -59.99
N THR V 299 23.30 79.98 -59.20
CA THR V 299 24.46 80.68 -58.64
C THR V 299 25.76 79.84 -58.53
N GLY V 300 25.97 78.94 -59.49
CA GLY V 300 27.17 78.10 -59.47
C GLY V 300 27.68 77.70 -60.85
N MET V 301 26.86 76.94 -61.57
CA MET V 301 27.19 76.48 -62.92
C MET V 301 26.44 77.37 -63.91
N GLN V 302 25.77 78.37 -63.36
CA GLN V 302 24.99 79.33 -64.12
C GLN V 302 25.76 79.95 -65.28
N SER V 303 25.07 80.81 -66.03
CA SER V 303 25.69 81.51 -67.16
C SER V 303 26.12 82.91 -66.71
N LYS V 304 25.87 83.20 -65.43
CA LYS V 304 26.22 84.48 -64.84
C LYS V 304 27.60 84.96 -65.28
N PHE V 305 28.50 84.01 -65.50
CA PHE V 305 29.85 84.33 -65.93
C PHE V 305 29.89 84.45 -67.44
N PHE V 306 29.28 83.46 -68.10
CA PHE V 306 29.21 83.42 -69.55
C PHE V 306 28.60 84.71 -70.04
N GLU V 307 27.30 84.88 -69.78
CA GLU V 307 26.58 86.08 -70.18
C GLU V 307 26.96 87.24 -69.26
N ASN V 308 28.24 87.56 -69.27
CA ASN V 308 28.72 88.63 -68.44
C ASN V 308 30.08 89.06 -68.97
N THR V 309 30.87 88.07 -69.35
CA THR V 309 32.18 88.35 -69.91
C THR V 309 31.80 88.99 -71.23
N VAL V 310 30.63 88.62 -71.74
CA VAL V 310 30.15 89.18 -72.99
C VAL V 310 29.58 90.56 -72.72
N ALA V 311 28.67 90.65 -71.77
CA ALA V 311 28.07 91.94 -71.43
C ALA V 311 29.20 92.91 -71.12
N ASP V 312 30.37 92.35 -70.83
CA ASP V 312 31.52 93.16 -70.51
C ASP V 312 32.38 93.38 -71.76
N ILE V 313 32.45 92.35 -72.60
CA ILE V 313 33.19 92.40 -73.87
C ILE V 313 32.52 93.47 -74.76
N MET V 314 31.22 93.71 -74.52
CA MET V 314 30.48 94.70 -75.29
C MET V 314 31.11 96.07 -75.17
N SER V 315 31.57 96.41 -73.98
CA SER V 315 32.19 97.72 -73.74
C SER V 315 33.71 97.65 -73.96
N ASP V 321 33.61 94.22 -81.66
CA ASP V 321 33.67 93.82 -80.26
C ASP V 321 32.32 93.31 -79.78
N GLU V 322 31.60 92.64 -80.67
CA GLU V 322 30.29 92.11 -80.33
C GLU V 322 30.17 90.60 -80.51
N LEU V 323 29.89 90.18 -81.74
CA LEU V 323 29.71 88.78 -82.10
C LEU V 323 30.56 87.74 -81.35
N LYS V 324 29.92 86.61 -81.08
CA LYS V 324 30.49 85.48 -80.38
C LYS V 324 32.00 85.40 -80.36
N LEU V 325 32.62 85.13 -81.50
CA LEU V 325 34.07 84.99 -81.61
C LEU V 325 34.55 83.74 -80.88
N ARG V 326 33.99 83.49 -79.70
CA ARG V 326 34.30 82.31 -78.84
C ARG V 326 35.70 82.29 -78.23
N LYS V 327 36.71 82.33 -79.10
CA LYS V 327 38.12 82.32 -78.73
C LYS V 327 38.42 82.99 -77.39
N ALA V 328 37.69 84.07 -77.07
CA ALA V 328 37.91 84.79 -75.83
C ALA V 328 38.16 83.86 -74.63
N LEU V 329 37.21 82.95 -74.40
CA LEU V 329 37.29 82.00 -73.29
C LEU V 329 38.26 80.86 -73.59
N TYR V 330 38.17 80.29 -74.80
CA TYR V 330 39.02 79.19 -75.20
C TYR V 330 40.51 79.45 -74.98
N ASN V 331 40.95 80.70 -75.12
CA ASN V 331 42.36 81.02 -74.95
C ASN V 331 42.72 81.53 -73.55
N SER V 332 41.90 81.22 -72.57
CA SER V 332 42.18 81.70 -71.21
C SER V 332 42.85 80.63 -70.36
N GLU V 333 43.40 81.05 -69.23
CA GLU V 333 44.06 80.14 -68.30
C GLU V 333 43.44 80.38 -66.93
N MET V 334 42.93 79.31 -66.30
CA MET V 334 42.32 79.44 -64.99
C MET V 334 43.05 78.69 -63.90
N LEU V 335 42.76 79.08 -62.67
CA LEU V 335 43.37 78.48 -61.51
C LEU V 335 42.28 78.22 -60.49
N SER V 336 41.30 77.38 -60.86
CA SER V 336 40.19 77.05 -59.96
C SER V 336 40.76 76.41 -58.70
N SER V 337 40.73 77.14 -57.59
CA SER V 337 41.29 76.62 -56.36
C SER V 337 40.25 76.20 -55.34
N ASP V 338 40.64 75.28 -54.46
CA ASP V 338 39.79 74.76 -53.39
C ASP V 338 40.69 73.99 -52.44
N VAL V 339 40.42 74.09 -51.15
CA VAL V 339 41.23 73.42 -50.14
C VAL V 339 41.36 71.92 -50.37
N SER V 340 42.49 71.37 -49.91
CA SER V 340 42.77 69.94 -50.06
C SER V 340 42.98 69.35 -48.66
N ALA V 341 43.00 68.03 -48.57
CA ALA V 341 43.18 67.40 -47.26
C ALA V 341 44.66 67.26 -46.91
N ALA V 342 45.06 67.89 -45.81
CA ALA V 342 46.43 67.84 -45.36
C ALA V 342 46.65 66.55 -44.57
N PHE V 343 47.85 65.99 -44.66
CA PHE V 343 48.17 64.75 -43.96
C PHE V 343 48.01 64.92 -42.46
N ASP V 344 47.14 64.12 -41.86
CA ASP V 344 46.92 64.18 -40.43
C ASP V 344 47.67 63.06 -39.71
N PRO V 345 48.60 63.41 -38.82
CA PRO V 345 49.37 62.41 -38.09
C PRO V 345 48.53 61.52 -37.18
N ASN V 346 47.23 61.78 -37.12
CA ASN V 346 46.35 60.95 -36.28
C ASN V 346 45.75 59.81 -37.08
N TYR V 347 45.60 60.02 -38.38
CA TYR V 347 45.05 59.00 -39.26
C TYR V 347 45.89 58.96 -40.52
N PRO V 348 47.03 58.27 -40.48
CA PRO V 348 47.95 58.15 -41.60
C PRO V 348 47.61 57.11 -42.67
N ASN V 349 47.03 56.00 -42.25
CA ASN V 349 46.70 54.91 -43.16
C ASN V 349 45.64 55.27 -44.19
N VAL V 350 45.13 56.50 -44.12
CA VAL V 350 44.11 56.90 -45.06
C VAL V 350 44.72 57.57 -46.28
N MET V 351 45.99 57.97 -46.19
CA MET V 351 46.66 58.63 -47.30
C MET V 351 47.96 57.94 -47.70
N GLU V 352 48.41 58.20 -48.92
CA GLU V 352 49.62 57.57 -49.46
C GLU V 352 50.94 58.17 -49.01
N LYS V 353 50.93 59.03 -47.99
CA LYS V 353 52.17 59.66 -47.50
C LYS V 353 52.72 60.52 -48.64
N ARG V 354 53.44 59.90 -49.57
CA ARG V 354 53.94 60.64 -50.72
C ARG V 354 52.70 60.94 -51.54
N ASN V 355 52.72 62.02 -52.33
CA ASN V 355 51.55 62.38 -53.13
C ASN V 355 50.39 62.85 -52.22
N SER V 356 50.74 63.45 -51.09
CA SER V 356 49.76 63.96 -50.14
C SER V 356 50.22 65.32 -49.70
N ALA V 357 49.30 66.27 -49.56
CA ALA V 357 49.67 67.61 -49.14
C ALA V 357 50.04 67.66 -47.67
N TYR V 358 51.06 68.45 -47.35
CA TYR V 358 51.48 68.59 -45.97
C TYR V 358 51.36 70.03 -45.48
N LEU V 359 51.02 70.15 -44.21
CA LEU V 359 50.83 71.45 -43.59
C LEU V 359 52.07 72.33 -43.62
N GLY V 360 52.09 73.30 -44.52
CA GLY V 360 53.22 74.19 -44.59
C GLY V 360 54.20 74.01 -45.75
N LYS V 361 53.91 73.11 -46.68
CA LYS V 361 54.83 72.93 -47.77
C LYS V 361 54.44 73.75 -48.99
N GLY V 362 53.72 74.85 -48.78
CA GLY V 362 53.33 75.68 -49.92
C GLY V 362 51.94 75.44 -50.48
N ILE V 363 51.70 76.02 -51.64
CA ILE V 363 50.42 75.89 -52.31
C ILE V 363 50.29 74.50 -52.91
N VAL V 364 49.07 73.97 -52.93
CA VAL V 364 48.84 72.63 -53.46
C VAL V 364 48.33 72.59 -54.91
N PHE V 365 48.79 71.59 -55.65
CA PHE V 365 48.39 71.39 -57.02
C PHE V 365 47.83 69.99 -57.20
N ASN V 366 46.67 69.89 -57.86
CA ASN V 366 46.04 68.60 -58.10
C ASN V 366 45.75 68.43 -59.57
N LYS V 367 46.55 67.58 -60.23
CA LYS V 367 46.35 67.34 -61.65
C LYS V 367 44.97 66.76 -61.88
N TYR V 368 44.62 65.77 -61.07
CA TYR V 368 43.32 65.14 -61.14
C TYR V 368 42.77 64.95 -59.73
N THR V 369 41.45 64.77 -59.63
CA THR V 369 40.79 64.60 -58.35
C THR V 369 39.40 64.01 -58.55
N GLY V 370 39.33 62.68 -58.65
CA GLY V 370 38.05 62.04 -58.86
C GLY V 370 37.77 60.94 -57.86
N SER V 371 37.26 59.82 -58.37
CA SER V 371 36.94 58.68 -57.53
C SER V 371 37.58 57.40 -58.08
N ARG V 372 36.73 56.41 -58.32
CA ARG V 372 37.17 55.13 -58.85
C ARG V 372 37.84 55.29 -60.21
N GLY V 373 39.12 55.65 -60.22
CA GLY V 373 39.82 55.81 -61.48
C GLY V 373 39.69 57.17 -62.14
N LYS V 374 39.92 58.21 -61.35
CA LYS V 374 39.86 59.59 -61.85
C LYS V 374 38.51 59.94 -62.43
N SER V 375 37.49 59.15 -62.07
CA SER V 375 36.13 59.37 -62.56
C SER V 375 35.51 60.71 -62.17
N GLY V 376 34.96 61.38 -63.16
CA GLY V 376 34.30 62.66 -62.95
C GLY V 376 35.15 63.75 -62.35
N CYS V 377 36.03 64.35 -63.15
CA CYS V 377 36.88 65.41 -62.66
C CYS V 377 37.75 65.94 -63.78
N ASN V 378 38.27 67.14 -63.61
CA ASN V 378 39.14 67.75 -64.61
C ASN V 378 40.57 67.28 -64.48
N ASP V 379 41.21 67.01 -65.61
CA ASP V 379 42.59 66.55 -65.62
C ASP V 379 43.47 67.57 -66.35
N ALA V 380 44.24 68.32 -65.56
CA ALA V 380 45.13 69.37 -66.09
C ALA V 380 46.18 68.86 -67.07
N ASN V 381 46.41 69.64 -68.12
CA ASN V 381 47.39 69.26 -69.13
C ASN V 381 48.82 69.53 -68.65
N PRO V 382 49.75 68.62 -68.94
CA PRO V 382 51.15 68.76 -68.52
C PRO V 382 51.80 70.03 -69.04
N GLU V 383 51.57 70.33 -70.31
CA GLU V 383 52.14 71.52 -70.90
C GLU V 383 51.78 72.75 -70.06
N TYR V 384 50.54 72.80 -69.60
CA TYR V 384 50.09 73.92 -68.78
C TYR V 384 50.73 73.87 -67.40
N ILE V 385 50.82 72.65 -66.86
CA ILE V 385 51.42 72.43 -65.54
C ILE V 385 52.87 72.90 -65.54
N ALA V 386 53.62 72.43 -66.52
CA ALA V 386 55.02 72.81 -66.63
C ALA V 386 55.12 74.34 -66.56
N GLU V 387 54.29 75.03 -67.34
CA GLU V 387 54.31 76.49 -67.33
C GLU V 387 54.17 77.05 -65.93
N LEU V 388 53.14 76.59 -65.22
CA LEU V 388 52.92 77.05 -63.86
C LEU V 388 54.16 76.81 -63.04
N ARG V 389 54.82 75.69 -63.28
CA ARG V 389 56.03 75.38 -62.55
C ARG V 389 57.03 76.48 -62.76
N ARG V 390 57.40 76.68 -64.02
CA ARG V 390 58.35 77.71 -64.39
C ARG V 390 58.00 79.03 -63.70
N ILE V 391 56.74 79.46 -63.82
CA ILE V 391 56.27 80.71 -63.23
C ILE V 391 56.48 80.75 -61.72
N LEU V 392 55.96 79.74 -61.03
CA LEU V 392 56.09 79.67 -59.59
C LEU V 392 57.52 79.33 -59.20
N SER V 393 58.44 79.57 -60.10
CA SER V 393 59.85 79.30 -59.81
C SER V 393 60.52 80.65 -59.82
N LYS V 394 60.25 81.40 -60.88
CA LYS V 394 60.81 82.73 -61.05
C LYS V 394 60.42 83.56 -59.82
N GLU V 395 59.13 83.80 -59.65
CA GLU V 395 58.66 84.58 -58.51
C GLU V 395 58.77 83.77 -57.22
N SER V 396 59.46 82.64 -57.32
CA SER V 396 59.65 81.75 -56.18
C SER V 396 58.31 81.12 -55.78
N VAL V 397 58.00 81.11 -54.49
CA VAL V 397 56.74 80.53 -54.01
C VAL V 397 56.84 79.01 -53.90
N ASN V 398 56.52 78.45 -52.75
CA ASN V 398 56.59 77.01 -52.56
C ASN V 398 55.30 76.35 -52.96
N TRP V 399 55.42 75.23 -53.65
CA TRP V 399 54.25 74.48 -54.10
C TRP V 399 54.49 72.99 -53.89
N GLN V 400 53.40 72.26 -53.74
CA GLN V 400 53.45 70.82 -53.55
C GLN V 400 52.26 70.20 -54.24
N THR V 401 52.42 68.98 -54.73
CA THR V 401 51.32 68.30 -55.41
C THR V 401 50.76 67.24 -54.49
N ALA V 402 49.44 67.07 -54.54
CA ALA V 402 48.77 66.11 -53.68
C ALA V 402 47.67 65.33 -54.40
N GLU V 403 47.18 64.30 -53.72
CA GLU V 403 46.14 63.43 -54.23
C GLU V 403 45.24 63.20 -53.02
N LEU V 404 43.93 63.12 -53.24
CA LEU V 404 43.04 62.94 -52.09
C LEU V 404 42.90 61.50 -51.61
N GLY V 405 43.76 61.09 -50.69
CA GLY V 405 43.68 59.73 -50.17
C GLY V 405 44.17 58.63 -51.12
N LYS V 406 44.68 57.56 -50.53
CA LYS V 406 45.21 56.44 -51.29
C LYS V 406 44.20 55.89 -52.27
N VAL V 407 44.41 56.23 -53.53
CA VAL V 407 43.56 55.77 -54.62
C VAL V 407 42.10 55.56 -54.22
N ASP V 408 41.66 54.30 -54.16
CA ASP V 408 40.28 53.98 -53.84
C ASP V 408 39.80 54.29 -52.43
N GLN V 409 40.10 55.49 -51.95
CA GLN V 409 39.66 55.88 -50.62
C GLN V 409 38.45 56.80 -50.65
N GLY V 410 38.70 58.10 -50.65
CA GLY V 410 37.63 59.06 -50.71
C GLY V 410 37.30 59.50 -52.12
N GLY V 411 36.19 60.22 -52.27
CA GLY V 411 35.78 60.68 -53.58
C GLY V 411 36.11 62.15 -53.77
N GLY V 412 36.08 62.61 -55.01
CA GLY V 412 36.38 64.00 -55.29
C GLY V 412 35.56 64.57 -56.42
N GLY V 413 35.65 65.88 -56.61
CA GLY V 413 34.91 66.55 -57.67
C GLY V 413 34.93 68.05 -57.50
N THR V 414 35.83 68.72 -58.19
CA THR V 414 35.95 70.18 -58.11
C THR V 414 35.21 70.84 -59.26
N ILE V 415 34.89 72.12 -59.08
CA ILE V 415 34.20 72.88 -60.11
C ILE V 415 35.17 73.33 -61.22
N ALA V 416 36.32 72.67 -61.29
CA ALA V 416 37.35 73.01 -62.27
C ALA V 416 36.94 72.64 -63.69
N TYR V 417 36.27 71.50 -63.85
CA TYR V 417 35.85 71.03 -65.16
C TYR V 417 34.71 71.86 -65.74
N ILE V 418 33.96 72.50 -64.86
CA ILE V 418 32.82 73.30 -65.29
C ILE V 418 33.19 74.43 -66.23
N LEU V 419 34.37 75.03 -66.04
CA LEU V 419 34.79 76.11 -66.92
C LEU V 419 35.72 75.62 -68.00
N ALA V 420 36.37 74.49 -67.76
CA ALA V 420 37.26 73.93 -68.75
C ALA V 420 36.44 73.50 -69.94
N GLU V 421 35.12 73.43 -69.75
CA GLU V 421 34.20 73.02 -70.81
C GLU V 421 34.35 73.96 -72.01
N TYR V 422 34.94 75.13 -71.79
CA TYR V 422 35.13 76.08 -72.87
C TYR V 422 36.41 75.78 -73.64
N GLY V 423 37.36 75.11 -72.98
CA GLY V 423 38.62 74.77 -73.61
C GLY V 423 39.80 75.38 -72.87
N MET V 424 39.50 76.07 -71.78
CA MET V 424 40.52 76.71 -70.94
C MET V 424 41.57 75.74 -70.45
N GLN V 425 42.63 76.30 -69.87
CA GLN V 425 43.71 75.51 -69.30
C GLN V 425 43.54 75.65 -67.79
N VAL V 426 42.84 74.69 -67.20
CA VAL V 426 42.59 74.73 -65.77
C VAL V 426 43.41 73.72 -64.99
N ILE V 427 43.52 73.98 -63.70
CA ILE V 427 44.25 73.10 -62.80
C ILE V 427 43.79 73.40 -61.38
N ASP V 428 43.78 72.39 -60.52
CA ASP V 428 43.33 72.57 -59.15
C ASP V 428 44.39 73.08 -58.18
N CYS V 429 44.08 74.16 -57.50
CA CYS V 429 44.99 74.75 -56.53
C CYS V 429 44.30 74.87 -55.19
N GLY V 430 44.98 75.50 -54.24
CA GLY V 430 44.40 75.68 -52.93
C GLY V 430 45.36 75.36 -51.82
N VAL V 431 44.90 75.67 -50.61
CA VAL V 431 45.66 75.45 -49.41
C VAL V 431 45.32 74.09 -48.83
N ALA V 432 46.20 73.57 -47.98
CA ALA V 432 45.97 72.29 -47.34
C ALA V 432 45.34 72.50 -45.96
N LEU V 433 44.20 71.87 -45.71
CA LEU V 433 43.52 72.03 -44.42
C LEU V 433 43.58 70.80 -43.54
N LEU V 434 43.12 70.97 -42.31
CA LEU V 434 43.06 69.89 -41.35
C LEU V 434 41.58 69.77 -40.99
N ASN V 435 41.08 68.54 -40.91
CA ASN V 435 39.66 68.26 -40.64
C ASN V 435 38.70 69.19 -41.38
N HIS V 437 35.39 70.43 -43.61
CA HIS V 437 33.95 70.41 -43.34
C HIS V 437 33.60 70.22 -41.88
N ALA V 438 34.54 70.57 -41.02
CA ALA V 438 34.29 70.47 -39.60
C ALA V 438 33.95 71.88 -39.16
N PRO V 439 33.26 72.03 -38.03
CA PRO V 439 32.90 73.35 -37.54
C PRO V 439 34.13 74.22 -37.32
N TRP V 440 35.27 73.59 -37.07
CA TRP V 440 36.51 74.31 -36.91
C TRP V 440 37.60 73.64 -37.72
N GLU V 441 38.08 74.36 -38.73
CA GLU V 441 39.13 73.86 -39.61
C GLU V 441 40.46 74.54 -39.29
N ILE V 442 41.56 73.90 -39.67
CA ILE V 442 42.89 74.44 -39.41
C ILE V 442 43.70 74.69 -40.68
N SER V 443 44.53 75.73 -40.67
CA SER V 443 45.34 76.05 -41.83
C SER V 443 46.68 76.64 -41.44
N SER V 444 47.65 76.53 -42.34
CA SER V 444 48.99 77.06 -42.05
C SER V 444 49.17 78.44 -42.63
N LYS V 445 49.46 79.41 -41.76
CA LYS V 445 49.65 80.79 -42.21
C LYS V 445 50.67 80.83 -43.36
N ALA V 446 51.72 80.04 -43.22
CA ALA V 446 52.74 79.99 -44.24
C ALA V 446 52.08 79.61 -45.56
N ASP V 447 51.24 78.59 -45.55
CA ASP V 447 50.57 78.15 -46.76
C ASP V 447 49.65 79.25 -47.29
N ILE V 448 48.88 79.86 -46.41
CA ILE V 448 47.97 80.94 -46.81
C ILE V 448 48.77 81.94 -47.62
N TYR V 449 49.84 82.43 -47.01
CA TYR V 449 50.75 83.40 -47.62
C TYR V 449 51.26 82.88 -48.97
N GLU V 450 51.98 81.77 -48.93
CA GLU V 450 52.52 81.16 -50.14
C GLU V 450 51.49 81.13 -51.26
N THR V 451 50.29 80.61 -50.94
CA THR V 451 49.20 80.51 -51.91
C THR V 451 48.90 81.84 -52.58
N LYS V 452 48.74 82.88 -51.78
CA LYS V 452 48.46 84.21 -52.31
C LYS V 452 49.56 84.57 -53.32
N ASN V 453 50.81 84.50 -52.89
CA ASN V 453 51.91 84.81 -53.78
C ASN V 453 51.82 83.96 -55.04
N GLY V 454 51.40 82.71 -54.88
CA GLY V 454 51.25 81.83 -56.03
C GLY V 454 50.24 82.40 -57.00
N TYR V 455 49.16 82.93 -56.47
CA TYR V 455 48.12 83.53 -57.29
C TYR V 455 48.66 84.78 -57.94
N SER V 456 49.13 85.72 -57.12
CA SER V 456 49.67 86.96 -57.62
C SER V 456 50.72 86.70 -58.70
N ALA V 457 51.55 85.69 -58.49
CA ALA V 457 52.60 85.35 -59.46
C ALA V 457 51.98 84.66 -60.68
N PHE V 458 50.73 84.98 -60.95
CA PHE V 458 50.00 84.41 -62.09
C PHE V 458 49.43 85.59 -62.87
N LEU V 459 49.94 86.79 -62.57
CA LEU V 459 49.51 88.01 -63.23
C LEU V 459 50.19 88.15 -64.58
N ASN V 460 51.50 87.92 -64.60
CA ASN V 460 52.34 88.06 -65.79
C ASN V 460 52.94 86.76 -66.35
N ASN V 461 52.93 86.66 -67.69
CA ASN V 461 53.47 85.53 -68.46
C ASN V 461 52.95 84.12 -68.11
N LEU W 1 1.62 86.75 -36.93
CA LEU W 1 1.31 86.18 -35.60
C LEU W 1 1.93 84.79 -35.58
N LEU W 2 1.09 83.77 -35.79
CA LEU W 2 1.53 82.39 -35.84
C LEU W 2 0.82 81.73 -37.01
N LYS W 3 1.57 81.29 -38.02
CA LYS W 3 0.94 80.67 -39.17
C LYS W 3 0.30 79.30 -38.86
N GLU W 4 -0.93 79.11 -39.35
CA GLU W 4 -1.67 77.85 -39.19
C GLU W 4 -2.21 77.51 -40.57
N TYR W 5 -1.94 76.31 -41.05
CA TYR W 5 -2.40 75.87 -42.36
C TYR W 5 -3.81 75.27 -42.27
N LYS W 6 -4.75 75.86 -43.03
CA LYS W 6 -6.17 75.44 -43.06
C LYS W 6 -6.45 74.51 -44.27
N ASN W 7 -7.67 73.96 -44.31
CA ASN W 7 -8.07 73.06 -45.38
C ASN W 7 -8.64 73.78 -46.60
N ALA W 8 -8.26 73.34 -47.77
CA ALA W 8 -8.75 73.97 -48.97
C ALA W 8 -10.27 74.08 -48.96
N TRP W 9 -10.96 73.02 -48.55
CA TRP W 9 -12.42 73.04 -48.51
C TRP W 9 -12.84 74.06 -47.45
N ASP W 10 -14.12 74.13 -47.14
CA ASP W 10 -14.63 75.12 -46.17
C ASP W 10 -14.54 76.46 -46.88
N LYS W 11 -13.32 76.95 -46.98
CA LYS W 11 -13.05 78.21 -47.66
C LYS W 11 -13.77 78.17 -48.99
N TYR W 12 -13.70 77.03 -49.68
CA TYR W 12 -14.37 76.86 -50.97
C TYR W 12 -15.87 77.09 -50.85
N ASP W 13 -16.60 75.99 -50.74
CA ASP W 13 -18.04 76.05 -50.63
C ASP W 13 -18.47 77.06 -51.69
N ASP W 14 -19.06 78.15 -51.22
CA ASP W 14 -19.51 79.19 -52.13
C ASP W 14 -20.55 78.62 -53.09
N LYS W 15 -20.72 77.30 -53.06
CA LYS W 15 -21.67 76.61 -53.94
C LYS W 15 -21.18 76.70 -55.38
N GLN W 16 -20.41 77.75 -55.64
CA GLN W 16 -19.85 77.98 -56.96
C GLN W 16 -18.49 77.31 -56.99
N LEU W 17 -17.55 77.90 -56.26
CA LEU W 17 -16.20 77.39 -56.17
C LEU W 17 -16.18 75.85 -56.27
N LYS W 18 -16.94 75.18 -55.41
CA LYS W 18 -17.00 73.73 -55.43
C LYS W 18 -17.35 73.23 -56.82
N GLU W 19 -18.57 73.52 -57.25
CA GLU W 19 -19.02 73.12 -58.57
C GLU W 19 -17.97 73.47 -59.61
N VAL W 20 -17.33 74.62 -59.43
CA VAL W 20 -16.32 75.09 -60.37
C VAL W 20 -15.10 74.19 -60.43
N PHE W 21 -15.15 73.07 -59.73
CA PHE W 21 -13.99 72.16 -59.79
C PHE W 21 -14.34 70.72 -59.43
N ALA W 22 -15.22 70.55 -58.44
CA ALA W 22 -15.65 69.22 -58.04
C ALA W 22 -15.91 68.45 -59.32
N LEU W 23 -16.53 69.14 -60.26
CA LEU W 23 -16.83 68.58 -61.57
C LEU W 23 -15.97 69.40 -62.53
N GLY W 24 -15.52 70.56 -62.05
CA GLY W 24 -14.70 71.43 -62.87
C GLY W 24 -13.50 70.70 -63.43
N ASP W 25 -12.41 70.71 -62.67
CA ASP W 25 -11.20 70.01 -63.12
C ASP W 25 -11.40 68.49 -63.14
N ARG W 26 -12.05 67.97 -62.11
CA ARG W 26 -12.32 66.54 -62.07
C ARG W 26 -13.30 66.29 -63.20
N PHE W 27 -12.77 66.20 -64.40
CA PHE W 27 -13.58 65.98 -65.59
C PHE W 27 -12.53 66.23 -66.64
N LYS W 28 -12.07 67.47 -66.70
CA LYS W 28 -11.04 67.81 -67.66
C LYS W 28 -9.82 66.90 -67.35
N ASN W 29 -9.18 67.15 -66.20
CA ASN W 29 -8.03 66.36 -65.76
C ASN W 29 -8.51 64.93 -65.69
N PHE W 30 -9.49 64.73 -64.82
CA PHE W 30 -10.05 63.42 -64.63
C PHE W 30 -10.10 62.61 -65.93
N ILE W 31 -10.28 63.28 -67.07
CA ILE W 31 -10.38 62.58 -68.35
C ILE W 31 -9.07 62.63 -69.14
N SER W 32 -8.27 63.65 -68.88
CA SER W 32 -7.00 63.80 -69.59
C SER W 32 -6.11 62.56 -69.39
N ASN W 33 -5.85 62.21 -68.14
CA ASN W 33 -5.02 61.06 -67.87
C ASN W 33 -5.76 59.73 -68.09
N CYS W 34 -6.63 59.69 -69.08
CA CYS W 34 -7.38 58.48 -69.39
C CYS W 34 -7.25 58.22 -70.87
N LYS W 35 -7.33 59.30 -71.63
CA LYS W 35 -7.22 59.21 -73.07
C LYS W 35 -5.79 59.60 -73.51
N THR W 36 -4.88 59.65 -72.54
CA THR W 36 -3.50 60.02 -72.79
C THR W 36 -2.67 59.46 -71.65
N GLU W 37 -1.95 58.36 -71.90
CA GLU W 37 -1.14 57.76 -70.86
C GLU W 37 0.31 57.56 -71.30
N ARG W 38 0.59 57.87 -72.56
CA ARG W 38 1.94 57.72 -73.11
C ARG W 38 2.37 58.98 -73.82
N GLU W 39 3.07 59.86 -73.12
CA GLU W 39 3.58 61.14 -73.66
C GLU W 39 2.95 61.63 -74.98
N CYS W 40 1.71 61.24 -75.26
CA CYS W 40 1.02 61.66 -76.47
C CYS W 40 0.15 62.79 -75.98
N VAL W 41 0.45 63.20 -74.75
CA VAL W 41 -0.26 64.31 -74.13
C VAL W 41 -0.11 65.45 -75.13
N THR W 42 1.03 65.45 -75.83
CA THR W 42 1.31 66.45 -76.85
C THR W 42 0.16 66.51 -77.84
N GLU W 43 -0.16 65.37 -78.46
CA GLU W 43 -1.24 65.31 -79.42
C GLU W 43 -2.54 65.89 -78.89
N LEU W 44 -3.14 65.20 -77.92
CA LEU W 44 -4.40 65.65 -77.33
C LEU W 44 -4.32 67.10 -76.88
N ILE W 45 -3.19 67.53 -76.32
CA ILE W 45 -3.06 68.91 -75.89
C ILE W 45 -2.89 69.85 -77.07
N LYS W 46 -2.12 69.42 -78.06
CA LYS W 46 -1.91 70.25 -79.23
C LYS W 46 -3.22 70.40 -79.98
N THR W 47 -4.07 69.37 -79.93
CA THR W 47 -5.38 69.44 -80.58
C THR W 47 -6.14 70.54 -79.86
N ALA W 48 -6.04 70.56 -78.53
CA ALA W 48 -6.69 71.63 -77.78
C ALA W 48 -5.81 72.83 -78.13
N GLU W 49 -6.02 73.97 -77.50
CA GLU W 49 -5.22 75.13 -77.86
C GLU W 49 -5.46 75.44 -79.34
N LYS W 50 -6.53 74.87 -79.89
CA LYS W 50 -6.87 75.09 -81.28
C LYS W 50 -7.38 76.51 -81.35
N SER W 51 -7.60 77.08 -80.16
CA SER W 51 -8.07 78.44 -80.03
C SER W 51 -6.85 79.37 -80.11
N GLY W 52 -6.14 79.26 -81.24
CA GLY W 52 -4.95 80.04 -81.48
C GLY W 52 -3.74 79.13 -81.52
N TYR W 53 -2.55 79.71 -81.40
CA TYR W 53 -1.34 78.91 -81.41
C TYR W 53 -1.05 78.24 -82.75
N ARG W 54 0.23 78.13 -83.10
CA ARG W 54 0.61 77.49 -84.34
C ARG W 54 2.12 77.40 -84.50
N ASN W 55 2.73 78.54 -84.81
CA ASN W 55 4.18 78.64 -85.02
C ASN W 55 4.70 77.46 -85.84
N ILE W 56 5.06 76.41 -85.11
CA ILE W 56 5.58 75.18 -85.66
C ILE W 56 6.24 75.36 -87.03
N GLU W 57 5.43 75.41 -88.09
CA GLU W 57 5.95 75.56 -89.45
C GLU W 57 5.64 76.97 -90.00
N ASP W 58 4.48 77.50 -89.63
CA ASP W 58 4.05 78.81 -90.08
C ASP W 58 4.87 79.97 -89.55
N ILE W 59 6.12 80.02 -89.97
CA ILE W 59 7.03 81.07 -89.56
C ILE W 59 7.30 81.97 -90.77
N LEU W 60 6.62 83.11 -90.83
CA LEU W 60 6.75 84.10 -91.93
C LEU W 60 6.93 85.51 -91.39
N ALA W 61 7.22 85.63 -90.08
CA ALA W 61 7.41 86.92 -89.40
C ALA W 61 6.08 87.63 -89.30
N LYS W 62 5.41 87.76 -90.43
CA LYS W 62 4.11 88.42 -90.51
C LYS W 62 3.04 87.37 -90.80
N GLY W 63 3.46 86.10 -90.86
CA GLY W 63 2.51 85.03 -91.11
C GLY W 63 1.39 85.10 -90.08
N GLU W 64 1.74 85.61 -88.90
CA GLU W 64 0.82 85.79 -87.78
C GLU W 64 1.21 87.12 -87.12
N THR W 65 2.14 87.82 -87.75
CA THR W 65 2.67 89.11 -87.26
C THR W 65 2.98 89.04 -85.76
N LEU W 66 4.07 88.37 -85.43
CA LEU W 66 4.49 88.19 -84.04
C LEU W 66 4.50 89.51 -83.27
N LYS W 67 3.44 89.72 -82.47
CA LYS W 67 3.32 90.93 -81.67
C LYS W 67 2.26 90.74 -80.57
N GLU W 68 1.88 91.82 -79.91
CA GLU W 68 0.88 91.81 -78.84
C GLU W 68 -0.23 90.78 -79.06
N GLY W 69 -0.62 90.11 -77.98
CA GLY W 69 -1.69 89.12 -78.05
C GLY W 69 -1.51 87.86 -78.89
N ASP W 70 -0.31 87.63 -79.39
CA ASP W 70 -0.07 86.44 -80.19
C ASP W 70 0.23 85.22 -79.35
N LYS W 71 -0.18 84.05 -79.83
CA LYS W 71 0.01 82.78 -79.14
C LYS W 71 0.46 81.69 -80.10
N VAL W 72 1.59 81.04 -79.79
CA VAL W 72 2.12 79.98 -80.67
C VAL W 72 2.68 78.80 -79.91
N TYR W 73 2.81 77.66 -80.58
CA TYR W 73 3.37 76.49 -79.92
C TYR W 73 4.47 75.88 -80.76
N ALA W 74 5.31 75.06 -80.13
CA ALA W 74 6.40 74.42 -80.82
C ALA W 74 6.46 72.96 -80.43
N ASN W 75 6.38 72.09 -81.43
CA ASN W 75 6.41 70.66 -81.17
C ASN W 75 7.81 70.08 -81.28
N ASN W 76 8.22 69.30 -80.28
CA ASN W 76 9.54 68.70 -80.32
C ASN W 76 9.44 67.22 -80.64
N ARG W 77 9.51 66.89 -81.92
CA ARG W 77 9.41 65.53 -82.41
C ARG W 77 8.29 64.76 -81.70
N GLY W 78 7.23 65.47 -81.38
CA GLY W 78 6.07 64.85 -80.74
C GLY W 78 6.21 64.47 -79.29
N LYS W 79 7.44 64.45 -78.79
CA LYS W 79 7.69 64.07 -77.41
C LYS W 79 7.61 65.27 -76.46
N GLY W 80 7.76 66.48 -77.00
CA GLY W 80 7.71 67.67 -76.17
C GLY W 80 6.89 68.80 -76.73
N LEU W 81 6.49 69.70 -75.84
CA LEU W 81 5.66 70.82 -76.23
C LEU W 81 5.91 72.09 -75.43
N ILE W 82 5.93 73.23 -76.12
CA ILE W 82 6.14 74.50 -75.47
C ILE W 82 5.22 75.56 -76.08
N MET W 83 4.51 76.27 -75.21
CA MET W 83 3.56 77.30 -75.67
C MET W 83 3.96 78.71 -75.24
N PHE W 84 3.70 79.67 -76.12
CA PHE W 84 4.02 81.07 -75.85
C PHE W 84 2.76 81.94 -75.86
N LEU W 85 2.90 83.14 -75.33
CA LEU W 85 1.82 84.09 -75.27
C LEU W 85 2.44 85.47 -75.10
N ILE W 86 2.61 86.18 -76.20
CA ILE W 86 3.22 87.51 -76.15
C ILE W 86 2.41 88.52 -75.35
N GLY W 87 3.13 89.39 -74.66
CA GLY W 87 2.50 90.43 -73.85
C GLY W 87 2.94 91.82 -74.25
N LYS W 88 2.38 92.82 -73.57
CA LYS W 88 2.70 94.22 -73.85
C LYS W 88 4.21 94.44 -73.89
N GLU W 89 4.86 94.33 -72.72
CA GLU W 89 6.30 94.53 -72.62
C GLU W 89 7.05 93.66 -73.61
N PRO W 90 8.31 94.04 -73.93
CA PRO W 90 9.16 93.30 -74.86
C PRO W 90 9.78 92.05 -74.22
N LEU W 91 10.13 91.06 -75.04
CA LEU W 91 10.71 89.84 -74.53
C LEU W 91 11.94 90.14 -73.68
N TYR W 92 12.78 91.03 -74.19
CA TYR W 92 14.00 91.42 -73.49
C TYR W 92 13.73 91.69 -72.00
N THR W 93 12.49 92.02 -71.65
CA THR W 93 12.13 92.31 -70.26
C THR W 93 12.30 91.07 -69.39
N GLY W 94 11.60 90.00 -69.75
CA GLY W 94 11.66 88.75 -69.00
C GLY W 94 10.57 87.80 -69.44
N PHE W 95 10.33 86.76 -68.66
CA PHE W 95 9.29 85.80 -69.00
C PHE W 95 8.59 85.29 -67.74
N LYS W 96 7.48 84.60 -67.95
CA LYS W 96 6.73 84.02 -66.86
C LYS W 96 6.56 82.57 -67.30
N ILE W 97 7.52 81.73 -66.93
CA ILE W 97 7.47 80.33 -67.34
C ILE W 97 6.81 79.34 -66.38
N LEU W 98 6.16 78.34 -66.95
CA LEU W 98 5.53 77.27 -66.20
C LEU W 98 6.08 75.98 -66.82
N GLY W 99 6.73 75.16 -66.01
CA GLY W 99 7.28 73.93 -66.53
C GLY W 99 6.77 72.66 -65.87
N ALA W 100 6.84 71.56 -66.61
CA ALA W 100 6.40 70.26 -66.10
C ALA W 100 6.76 69.14 -67.07
N HIS W 101 7.04 67.95 -66.55
CA HIS W 101 7.35 66.82 -67.40
C HIS W 101 6.08 66.02 -67.63
N ILE W 102 5.89 65.52 -68.86
CA ILE W 102 4.69 64.76 -69.17
C ILE W 102 4.90 63.24 -69.15
N ASP W 103 6.14 62.80 -69.00
CA ASP W 103 6.44 61.36 -68.97
C ASP W 103 6.18 60.80 -67.59
N SER W 104 5.96 59.49 -67.53
CA SER W 104 5.72 58.80 -66.26
C SER W 104 6.24 57.38 -66.28
N PRO W 105 6.67 56.87 -65.13
CA PRO W 105 7.21 55.51 -65.02
C PRO W 105 6.27 54.48 -65.57
N ARG W 106 6.83 53.46 -66.22
CA ARG W 106 6.04 52.41 -66.83
C ARG W 106 6.94 51.31 -67.41
N LEU W 107 6.32 50.23 -67.90
CA LEU W 107 7.07 49.12 -68.48
C LEU W 107 7.02 49.34 -69.97
N ASP W 108 7.95 48.74 -70.70
CA ASP W 108 7.96 48.87 -72.16
C ASP W 108 8.85 47.88 -72.91
N LEU W 109 8.20 47.15 -73.80
CA LEU W 109 8.80 46.11 -74.63
C LEU W 109 10.22 46.38 -75.14
N LYS W 110 11.06 45.35 -75.12
CA LYS W 110 12.44 45.49 -75.57
C LYS W 110 12.50 45.60 -77.08
N GLN W 111 13.71 45.48 -77.64
CA GLN W 111 13.90 45.55 -79.08
C GLN W 111 13.36 44.28 -79.74
N ASN W 112 13.41 43.16 -79.03
CA ASN W 112 12.91 41.88 -79.54
C ASN W 112 12.06 41.25 -78.45
N PRO W 113 10.96 41.91 -78.09
CA PRO W 113 10.03 41.47 -77.06
C PRO W 113 9.30 40.15 -77.27
N LEU W 114 8.92 39.85 -78.51
CA LEU W 114 8.17 38.62 -78.78
C LEU W 114 9.02 37.36 -78.74
N TYR W 115 8.65 36.46 -77.85
CA TYR W 115 9.33 35.19 -77.71
C TYR W 115 8.31 34.19 -77.13
N GLU W 116 8.60 32.90 -77.28
CA GLU W 116 7.68 31.87 -76.80
C GLU W 116 8.35 30.90 -75.85
N ASP W 117 7.86 30.84 -74.61
CA ASP W 117 8.44 29.92 -73.64
C ASP W 117 7.40 28.98 -73.04
N THR W 118 7.58 27.69 -73.27
CA THR W 118 6.67 26.67 -72.77
C THR W 118 5.26 26.97 -73.26
N ASP W 119 4.96 26.55 -74.48
CA ASP W 119 3.64 26.78 -75.06
C ASP W 119 3.38 28.26 -75.23
N LEU W 120 2.67 28.86 -74.28
CA LEU W 120 2.35 30.29 -74.38
C LEU W 120 3.52 31.20 -74.77
N ALA W 121 3.20 32.37 -75.31
CA ALA W 121 4.20 33.32 -75.74
C ALA W 121 4.16 34.64 -74.96
N MET W 122 5.31 35.01 -74.39
CA MET W 122 5.41 36.26 -73.64
C MET W 122 5.94 37.41 -74.47
N LEU W 123 6.27 38.48 -73.76
CA LEU W 123 6.77 39.72 -74.36
C LEU W 123 7.77 40.36 -73.40
N GLU W 124 9.05 40.39 -73.77
CA GLU W 124 10.09 41.00 -72.93
C GLU W 124 9.79 42.45 -72.66
N THR W 125 10.19 42.92 -71.48
CA THR W 125 9.97 44.31 -71.09
C THR W 125 11.20 44.86 -70.41
N HIS W 126 11.12 46.11 -69.97
CA HIS W 126 12.24 46.74 -69.31
C HIS W 126 11.70 48.02 -68.70
N TYR W 127 11.34 47.97 -67.43
CA TYR W 127 10.76 49.13 -66.76
C TYR W 127 11.55 50.42 -66.97
N TYR W 128 10.81 51.53 -66.97
CA TYR W 128 11.36 52.86 -67.17
C TYR W 128 10.89 53.84 -66.11
N GLY W 129 11.82 54.67 -65.64
CA GLY W 129 11.45 55.66 -64.64
C GLY W 129 11.72 55.28 -63.20
N GLY W 130 11.93 54.01 -62.96
CA GLY W 130 12.20 53.59 -61.59
C GLY W 130 10.90 53.40 -60.80
N ILE W 131 10.15 52.35 -61.15
CA ILE W 131 8.93 52.04 -60.47
C ILE W 131 9.34 51.30 -59.23
N LYS W 132 10.65 51.01 -59.15
CA LYS W 132 11.30 50.29 -58.04
C LYS W 132 10.43 49.24 -57.38
N LYS W 133 9.25 49.65 -56.94
CA LYS W 133 8.32 48.73 -56.33
C LYS W 133 7.71 48.00 -57.51
N TYR W 134 8.25 46.82 -57.82
CA TYR W 134 7.74 46.06 -58.93
C TYR W 134 6.40 45.40 -58.64
N GLN W 135 5.59 46.02 -57.78
CA GLN W 135 4.27 45.47 -57.49
C GLN W 135 3.37 46.02 -58.63
N TRP W 136 3.78 45.70 -59.85
CA TRP W 136 3.13 46.07 -61.09
C TRP W 136 2.64 44.79 -61.73
N VAL W 137 2.62 43.72 -60.95
CA VAL W 137 2.18 42.44 -61.48
C VAL W 137 0.66 42.29 -61.66
N THR W 138 0.12 41.26 -61.03
CA THR W 138 -1.28 40.96 -61.06
C THR W 138 -2.28 41.90 -61.77
N LEU W 139 -2.29 43.19 -61.42
CA LEU W 139 -3.27 44.10 -62.03
C LEU W 139 -3.18 44.17 -63.58
N PRO W 140 -4.33 44.40 -64.25
CA PRO W 140 -4.51 44.51 -65.71
C PRO W 140 -3.76 45.63 -66.41
N LEU W 141 -3.10 45.28 -67.52
CA LEU W 141 -2.31 46.24 -68.31
C LEU W 141 -2.82 46.44 -69.73
N ALA W 142 -2.50 47.60 -70.28
CA ALA W 142 -2.88 47.95 -71.64
C ALA W 142 -1.63 48.35 -72.44
N ILE W 143 -1.66 48.15 -73.75
CA ILE W 143 -0.51 48.51 -74.56
C ILE W 143 -0.74 49.78 -75.37
N HIS W 144 0.24 50.68 -75.34
CA HIS W 144 0.15 51.93 -76.07
C HIS W 144 1.41 52.05 -76.91
N GLY W 145 1.70 53.27 -77.37
CA GLY W 145 2.90 53.46 -78.17
C GLY W 145 2.68 53.45 -79.66
N VAL W 146 3.76 53.30 -80.41
CA VAL W 146 3.71 53.32 -81.86
C VAL W 146 4.79 52.44 -82.50
N ILE W 147 4.49 51.89 -83.67
CA ILE W 147 5.45 51.04 -84.37
C ILE W 147 5.75 51.68 -85.71
N VAL W 148 7.03 51.72 -86.10
CA VAL W 148 7.42 52.31 -87.37
C VAL W 148 7.89 51.31 -88.41
N LYS W 149 7.18 51.24 -89.52
CA LYS W 149 7.51 50.33 -90.61
C LYS W 149 8.86 50.76 -91.19
N LYS W 150 9.52 49.85 -91.90
CA LYS W 150 10.81 50.18 -92.50
C LYS W 150 10.66 51.36 -93.46
N ASP W 151 9.51 51.42 -94.12
CA ASP W 151 9.22 52.48 -95.08
C ASP W 151 8.94 53.83 -94.40
N GLY W 152 8.72 53.78 -93.09
CA GLY W 152 8.46 55.00 -92.34
C GLY W 152 7.02 55.20 -91.92
N THR W 153 6.15 54.26 -92.26
CA THR W 153 4.74 54.36 -91.91
C THR W 153 4.57 54.24 -90.39
N ILE W 154 3.94 55.23 -89.78
CA ILE W 154 3.72 55.20 -88.34
C ILE W 154 2.36 54.60 -87.99
N VAL W 155 2.39 53.45 -87.32
CA VAL W 155 1.14 52.79 -86.94
C VAL W 155 0.90 53.03 -85.45
N ASN W 156 -0.33 53.36 -85.08
CA ASN W 156 -0.64 53.60 -83.68
C ASN W 156 -1.22 52.37 -83.00
N VAL W 157 -0.73 52.07 -81.80
CA VAL W 157 -1.22 50.91 -81.06
C VAL W 157 -1.85 51.36 -79.74
N CYS W 158 -3.03 50.81 -79.44
CA CYS W 158 -3.73 51.14 -78.21
C CYS W 158 -4.67 49.99 -77.90
N VAL W 159 -4.16 48.98 -77.20
CA VAL W 159 -4.95 47.81 -76.85
C VAL W 159 -5.15 47.70 -75.34
N GLY W 160 -6.39 47.40 -74.95
CA GLY W 160 -6.71 47.26 -73.55
C GLY W 160 -7.45 48.41 -72.92
N GLU W 161 -7.76 49.44 -73.71
CA GLU W 161 -8.48 50.58 -73.15
C GLU W 161 -9.99 50.47 -73.28
N ASP W 162 -10.48 50.11 -74.46
CA ASP W 162 -11.92 49.95 -74.67
C ASP W 162 -12.44 48.76 -73.88
N ASP W 163 -13.66 48.86 -73.37
CA ASP W 163 -14.24 47.78 -72.58
C ASP W 163 -14.32 46.48 -73.36
N ASN W 164 -13.99 46.51 -74.65
CA ASN W 164 -14.05 45.29 -75.47
C ASN W 164 -12.68 44.81 -75.93
N ASP W 165 -11.65 45.56 -75.58
CA ASP W 165 -10.30 45.17 -75.94
C ASP W 165 -9.76 44.19 -74.92
N PRO W 166 -8.91 43.27 -75.36
CA PRO W 166 -8.35 42.30 -74.43
C PRO W 166 -7.35 43.06 -73.56
N VAL W 167 -6.89 42.44 -72.48
CA VAL W 167 -5.92 43.07 -71.60
C VAL W 167 -4.67 42.21 -71.45
N PHE W 168 -3.68 42.75 -70.75
CA PHE W 168 -2.43 42.04 -70.51
C PHE W 168 -1.96 42.22 -69.07
N GLY W 169 -0.93 41.46 -68.69
CA GLY W 169 -0.41 41.56 -67.34
C GLY W 169 0.78 40.67 -67.06
N VAL W 170 1.42 40.89 -65.92
CA VAL W 170 2.58 40.12 -65.49
C VAL W 170 2.14 39.13 -64.42
N SER W 171 2.55 37.88 -64.55
CA SER W 171 2.16 36.86 -63.58
C SER W 171 3.05 36.83 -62.34
N ASP W 172 2.62 36.11 -61.32
CA ASP W 172 3.39 36.00 -60.08
C ASP W 172 2.99 34.70 -59.37
N ILE W 173 3.97 33.90 -58.98
CA ILE W 173 3.71 32.62 -58.30
C ILE W 173 2.60 32.72 -57.27
N LEU W 174 1.80 31.66 -57.17
CA LEU W 174 0.72 31.64 -56.20
C LEU W 174 1.33 31.52 -54.81
N VAL W 175 0.65 32.08 -53.82
CA VAL W 175 1.16 32.05 -52.44
C VAL W 175 1.46 30.63 -51.97
N HIS W 176 0.72 29.65 -52.50
CA HIS W 176 0.90 28.28 -52.11
C HIS W 176 2.33 27.80 -52.33
N LEU W 177 2.97 28.32 -53.36
CA LEU W 177 4.35 27.91 -53.65
C LEU W 177 5.34 29.08 -53.61
N ALA W 178 4.90 30.22 -53.09
CA ALA W 178 5.74 31.39 -53.01
C ALA W 178 6.63 31.39 -51.79
N SER W 179 6.60 30.29 -51.04
CA SER W 179 7.41 30.15 -49.84
C SER W 179 8.87 30.51 -50.05
N GLU W 180 9.51 29.93 -51.08
CA GLU W 180 10.91 30.19 -51.38
C GLU W 180 11.16 31.65 -51.74
N GLN W 181 10.10 32.38 -52.08
CA GLN W 181 10.20 33.79 -52.45
C GLN W 181 9.93 34.66 -51.20
N LEU W 182 10.94 34.80 -50.34
CA LEU W 182 10.83 35.58 -49.11
C LEU W 182 12.01 36.55 -48.92
N GLU W 183 13.20 36.18 -49.42
CA GLU W 183 14.37 37.02 -49.26
C GLU W 183 14.20 38.43 -49.83
N LYS W 184 14.55 39.43 -49.02
CA LYS W 184 14.49 40.83 -49.38
C LYS W 184 13.30 41.29 -50.21
N LYS W 185 12.41 42.06 -49.58
CA LYS W 185 11.25 42.60 -50.30
C LYS W 185 11.83 43.54 -51.34
N ALA W 186 13.01 44.08 -51.03
CA ALA W 186 13.74 44.98 -51.90
C ALA W 186 13.57 44.55 -53.34
N SER W 187 13.52 43.24 -53.54
CA SER W 187 13.36 42.72 -54.89
C SER W 187 13.40 41.21 -54.97
N LYS W 188 12.23 40.62 -55.21
CA LYS W 188 12.12 39.18 -55.41
C LYS W 188 11.20 39.01 -56.62
N VAL W 189 10.98 40.13 -57.30
CA VAL W 189 10.16 40.23 -58.53
C VAL W 189 10.91 41.33 -59.28
N ILE W 190 11.74 40.98 -60.28
CA ILE W 190 12.48 42.03 -60.95
C ILE W 190 12.89 41.76 -62.41
N GLU W 191 12.64 40.55 -62.90
CA GLU W 191 13.04 40.21 -64.28
C GLU W 191 12.57 41.22 -65.32
N GLY W 192 12.80 40.89 -66.59
CA GLY W 192 12.37 41.76 -67.66
C GLY W 192 11.88 40.91 -68.83
N GLU W 193 11.37 39.75 -68.49
CA GLU W 193 10.89 38.80 -69.49
C GLU W 193 9.59 38.26 -68.98
N ASP W 194 8.71 39.19 -68.64
CA ASP W 194 7.39 38.88 -68.10
C ASP W 194 6.29 39.30 -69.08
N LEU W 195 5.03 39.10 -68.70
CA LEU W 195 3.94 39.52 -69.56
C LEU W 195 3.63 38.68 -70.80
N ASN W 196 2.72 37.72 -70.65
CA ASN W 196 2.34 36.88 -71.77
C ASN W 196 1.18 37.48 -72.56
N ILE W 197 1.30 37.46 -73.87
CA ILE W 197 0.28 38.04 -74.73
C ILE W 197 -0.61 37.03 -75.41
N LEU W 198 -0.36 35.74 -75.22
CA LEU W 198 -1.23 34.75 -75.84
C LEU W 198 -0.95 33.30 -75.46
N ILE W 199 -2.03 32.60 -75.16
CA ILE W 199 -1.94 31.22 -74.79
C ILE W 199 -2.37 30.40 -75.99
N GLY W 200 -2.45 29.08 -75.78
CA GLY W 200 -2.85 28.14 -76.82
C GLY W 200 -2.99 28.75 -78.20
N SER W 201 -4.22 28.71 -78.73
CA SER W 201 -4.50 29.24 -80.04
C SER W 201 -3.22 29.04 -80.84
N ILE W 202 -2.76 27.80 -80.81
CA ILE W 202 -1.53 27.37 -81.44
C ILE W 202 -1.89 26.48 -82.62
N PRO W 203 -1.51 26.88 -83.85
CA PRO W 203 -0.90 28.17 -84.15
C PRO W 203 -1.59 28.75 -85.38
N LEU W 204 -0.80 29.09 -86.40
CA LEU W 204 -1.32 29.64 -87.65
C LEU W 204 -1.39 28.49 -88.66
N LYS W 205 -2.62 28.16 -89.08
CA LYS W 205 -2.86 27.08 -90.03
C LYS W 205 -2.19 25.76 -89.59
N ASP W 206 -1.70 25.77 -88.35
CA ASP W 206 -1.04 24.61 -87.76
C ASP W 206 0.01 24.02 -88.69
N GLY W 207 0.78 24.90 -89.32
CA GLY W 207 1.82 24.46 -90.24
C GLY W 207 3.15 24.18 -89.57
N GLU W 208 3.12 23.41 -88.49
CA GLU W 208 4.33 23.05 -87.75
C GLU W 208 5.10 24.27 -87.25
N GLU W 209 6.42 24.12 -87.17
CA GLU W 209 7.32 25.18 -86.72
C GLU W 209 7.27 25.34 -85.19
N LYS W 210 8.20 24.69 -84.51
CA LYS W 210 8.31 24.70 -83.04
C LYS W 210 7.53 25.81 -82.32
N GLN W 211 7.94 27.05 -82.51
CA GLN W 211 7.28 28.19 -81.88
C GLN W 211 5.92 28.46 -82.50
N LYS W 212 4.98 27.54 -82.31
CA LYS W 212 3.65 27.71 -82.88
C LYS W 212 2.84 28.84 -82.27
N VAL W 213 2.74 28.86 -80.94
CA VAL W 213 1.99 29.90 -80.24
C VAL W 213 2.50 31.27 -80.65
N LYS W 214 3.81 31.40 -80.74
CA LYS W 214 4.43 32.65 -81.16
C LYS W 214 4.01 32.96 -82.60
N HIS W 215 4.34 32.04 -83.51
CA HIS W 215 4.02 32.20 -84.92
C HIS W 215 2.58 32.67 -85.10
N ASN W 216 1.66 32.11 -84.32
CA ASN W 216 0.26 32.49 -84.42
C ASN W 216 0.02 33.94 -84.07
N ILE W 217 0.59 34.38 -82.95
CA ILE W 217 0.40 35.76 -82.51
C ILE W 217 0.99 36.78 -83.49
N MET W 218 2.15 36.45 -84.05
CA MET W 218 2.79 37.34 -85.00
C MET W 218 1.84 37.53 -86.18
N LYS W 219 1.24 36.43 -86.61
CA LYS W 219 0.29 36.45 -87.72
C LYS W 219 -0.91 37.30 -87.34
N ILE W 220 -1.40 37.09 -86.12
CA ILE W 220 -2.54 37.86 -85.63
C ILE W 220 -2.19 39.33 -85.57
N LEU W 221 -0.98 39.59 -85.13
CA LEU W 221 -0.49 40.94 -85.02
C LEU W 221 -0.23 41.49 -86.41
N ASN W 222 -0.10 40.58 -87.38
CA ASN W 222 0.13 40.99 -88.76
C ASN W 222 -1.14 41.45 -89.47
N GLU W 223 -2.24 40.73 -89.23
CA GLU W 223 -3.52 41.09 -89.83
C GLU W 223 -3.83 42.52 -89.44
N LYS W 224 -3.82 42.83 -88.15
CA LYS W 224 -4.05 44.21 -87.73
C LYS W 224 -2.70 44.84 -88.01
N TYR W 225 -2.65 46.15 -88.22
CA TYR W 225 -1.38 46.81 -88.49
C TYR W 225 -0.81 46.20 -89.76
N ASP W 226 0.48 45.93 -89.77
CA ASP W 226 1.11 45.34 -90.94
C ASP W 226 2.59 45.17 -90.64
N ILE W 227 2.88 44.81 -89.41
CA ILE W 227 4.25 44.63 -88.96
C ILE W 227 4.75 43.21 -89.12
N SER W 228 6.03 43.04 -88.84
CA SER W 228 6.67 41.73 -88.90
C SER W 228 7.34 41.58 -87.55
N GLU W 229 8.01 40.45 -87.30
CA GLU W 229 8.68 40.28 -86.01
C GLU W 229 9.70 41.41 -85.84
N GLU W 230 10.27 41.85 -86.95
CA GLU W 230 11.22 42.96 -86.90
C GLU W 230 10.30 44.14 -86.65
N ASP W 231 10.66 45.35 -87.06
CA ASP W 231 9.78 46.49 -86.82
C ASP W 231 9.73 46.83 -85.33
N PHE W 232 9.70 45.79 -84.49
CA PHE W 232 9.68 46.01 -83.05
C PHE W 232 10.96 46.76 -82.74
N VAL W 233 11.99 46.49 -83.53
CA VAL W 233 13.26 47.16 -83.37
C VAL W 233 13.08 48.67 -83.46
N SER W 234 12.23 49.09 -84.38
CA SER W 234 11.94 50.52 -84.57
C SER W 234 10.53 50.81 -84.07
N ALA W 235 10.18 50.23 -82.91
CA ALA W 235 8.87 50.43 -82.32
C ALA W 235 8.94 51.23 -81.04
N GLU W 236 7.77 51.48 -80.44
CA GLU W 236 7.72 52.25 -79.21
C GLU W 236 6.96 51.58 -78.07
N LEU W 237 7.70 50.74 -77.38
CA LEU W 237 7.27 49.98 -76.21
C LEU W 237 6.44 50.83 -75.24
N GLU W 238 5.29 50.33 -74.80
CA GLU W 238 4.49 51.10 -73.86
C GLU W 238 3.42 50.30 -73.12
N ILE W 239 3.75 49.84 -71.92
CA ILE W 239 2.80 49.09 -71.14
C ILE W 239 2.35 49.92 -69.96
N VAL W 240 1.04 50.09 -69.86
CA VAL W 240 0.47 50.90 -68.78
C VAL W 240 -0.80 50.28 -68.21
N PRO W 241 -1.13 50.60 -66.95
CA PRO W 241 -2.33 50.02 -66.39
C PRO W 241 -3.56 50.41 -67.20
N ALA W 242 -4.49 49.48 -67.38
CA ALA W 242 -5.70 49.75 -68.15
C ALA W 242 -6.80 50.29 -67.25
N GLY W 243 -7.73 51.05 -67.84
CA GLY W 243 -8.84 51.63 -67.08
C GLY W 243 -8.78 53.14 -67.00
N LYS W 244 -9.95 53.78 -66.97
CA LYS W 244 -10.03 55.22 -66.90
C LYS W 244 -9.79 55.63 -65.46
N ALA W 245 -9.35 56.87 -65.24
CA ALA W 245 -9.12 57.37 -63.89
C ALA W 245 -10.49 57.43 -63.27
N ARG W 246 -10.58 57.34 -61.95
CA ARG W 246 -11.89 57.34 -61.28
C ARG W 246 -12.00 58.26 -60.08
N ASP W 247 -13.22 58.40 -59.56
CA ASP W 247 -13.44 59.24 -58.38
C ASP W 247 -12.97 58.40 -57.20
N TYR W 248 -12.11 58.95 -56.37
CA TYR W 248 -11.64 58.20 -55.24
C TYR W 248 -12.26 58.69 -53.93
N GLY W 249 -12.84 57.77 -53.16
CA GLY W 249 -13.43 58.12 -51.88
C GLY W 249 -14.94 58.22 -51.85
N PHE W 250 -15.51 57.95 -50.68
CA PHE W 250 -16.97 58.02 -50.51
C PHE W 250 -17.52 59.41 -50.74
N ASP W 251 -16.67 60.42 -50.61
CA ASP W 251 -17.11 61.80 -50.83
C ASP W 251 -16.59 62.36 -52.14
N ARG W 252 -16.10 61.48 -53.01
CA ARG W 252 -15.55 61.88 -54.32
C ARG W 252 -14.61 63.08 -54.22
N SER W 253 -13.83 63.16 -53.14
CA SER W 253 -12.93 64.27 -52.96
C SER W 253 -11.57 64.10 -53.62
N MET W 254 -11.22 62.86 -53.93
CA MET W 254 -9.95 62.58 -54.54
C MET W 254 -10.12 61.90 -55.87
N VAL W 255 -9.00 61.73 -56.59
CA VAL W 255 -8.98 61.10 -57.91
C VAL W 255 -7.89 60.05 -57.96
N MET W 256 -8.25 58.84 -58.39
CA MET W 256 -7.29 57.75 -58.51
C MET W 256 -7.00 57.50 -60.00
N GLY W 257 -5.73 57.48 -60.37
CA GLY W 257 -5.39 57.27 -61.76
C GLY W 257 -3.90 57.16 -62.04
N TYR W 258 -3.57 56.64 -63.22
CA TYR W 258 -2.18 56.48 -63.65
C TYR W 258 -1.66 57.78 -64.22
N GLY W 259 -0.35 58.00 -64.08
CA GLY W 259 0.24 59.22 -64.64
C GLY W 259 0.11 60.47 -63.80
N GLN W 260 -0.72 60.42 -62.77
CA GLN W 260 -0.91 61.56 -61.88
C GLN W 260 0.40 62.34 -61.70
N ASP W 261 1.52 61.60 -61.55
CA ASP W 261 2.84 62.20 -61.36
C ASP W 261 3.16 63.25 -62.39
N ASP W 262 3.07 64.50 -61.93
CA ASP W 262 3.33 65.71 -62.69
C ASP W 262 2.40 65.93 -63.85
N ARG W 263 1.86 64.86 -64.42
CA ARG W 263 0.94 65.02 -65.54
C ARG W 263 -0.25 65.83 -65.04
N ILE W 264 -0.47 65.81 -63.73
CA ILE W 264 -1.54 66.59 -63.11
C ILE W 264 -1.12 68.06 -63.09
N CYS W 265 0.16 68.31 -62.86
CA CYS W 265 0.67 69.68 -62.85
C CYS W 265 0.71 70.16 -64.29
N ALA W 266 1.14 69.27 -65.18
CA ALA W 266 1.25 69.60 -66.59
C ALA W 266 -0.09 70.01 -67.13
N TYR W 267 -1.15 69.53 -66.49
CA TYR W 267 -2.50 69.85 -66.94
C TYR W 267 -2.99 71.17 -66.38
N THR W 268 -2.95 71.29 -65.06
CA THR W 268 -3.38 72.52 -64.45
C THR W 268 -2.58 73.68 -65.05
N SER W 269 -1.28 73.48 -65.22
CA SER W 269 -0.43 74.51 -65.80
C SER W 269 -0.93 74.82 -67.20
N PHE W 270 -1.46 73.83 -67.87
CA PHE W 270 -1.97 74.01 -69.22
C PHE W 270 -3.19 74.90 -69.21
N GLU W 271 -4.26 74.47 -68.55
CA GLU W 271 -5.46 75.26 -68.49
C GLU W 271 -5.15 76.66 -68.02
N ALA W 272 -4.36 76.79 -66.96
CA ALA W 272 -4.02 78.12 -66.46
C ALA W 272 -3.45 78.92 -67.63
N MET W 273 -2.42 78.38 -68.27
CA MET W 273 -1.78 79.06 -69.40
C MET W 273 -2.75 79.29 -70.54
N LEU W 274 -3.61 78.32 -70.79
CA LEU W 274 -4.57 78.41 -71.88
C LEU W 274 -5.57 79.53 -71.72
N GLU W 275 -6.30 79.54 -70.61
CA GLU W 275 -7.31 80.57 -70.39
C GLU W 275 -6.71 81.86 -69.85
N MET W 276 -5.47 82.13 -70.24
CA MET W 276 -4.77 83.34 -69.80
C MET W 276 -4.81 84.40 -70.89
N LYS W 277 -5.66 85.41 -70.69
CA LYS W 277 -5.83 86.49 -71.64
C LYS W 277 -5.28 87.82 -71.09
N ASN W 278 -4.91 88.72 -71.99
CA ASN W 278 -4.38 90.02 -71.59
C ASN W 278 -3.09 89.79 -70.81
N ALA W 279 -1.98 89.65 -71.52
CA ALA W 279 -0.69 89.41 -70.88
C ALA W 279 0.16 90.67 -70.81
N LYS W 280 0.69 90.95 -69.61
CA LYS W 280 1.53 92.13 -69.42
C LYS W 280 2.95 91.77 -69.88
N LYS W 281 3.47 90.66 -69.34
CA LYS W 281 4.79 90.19 -69.71
C LYS W 281 4.65 88.79 -70.34
N THR W 282 5.23 88.63 -71.52
CA THR W 282 5.16 87.36 -72.24
C THR W 282 5.46 86.15 -71.37
N CYS W 283 4.49 85.23 -71.31
CA CYS W 283 4.63 84.02 -70.50
C CYS W 283 4.58 82.76 -71.34
N ILE W 284 5.30 81.73 -70.89
CA ILE W 284 5.37 80.47 -71.62
C ILE W 284 5.30 79.19 -70.80
N THR W 285 4.71 78.17 -71.42
CA THR W 285 4.52 76.87 -70.78
C THR W 285 5.36 75.79 -71.45
N ILE W 286 6.14 75.09 -70.64
CA ILE W 286 6.99 74.03 -71.15
C ILE W 286 6.55 72.67 -70.64
N LEU W 287 6.58 71.68 -71.53
CA LEU W 287 6.19 70.32 -71.19
C LEU W 287 7.15 69.34 -71.86
N VAL W 288 8.12 68.84 -71.09
CA VAL W 288 9.11 67.90 -71.63
C VAL W 288 9.00 66.53 -70.99
N ASP W 289 9.86 65.61 -71.41
CA ASP W 289 9.84 64.29 -70.83
C ASP W 289 11.22 63.87 -70.36
N LYS W 290 11.39 62.56 -70.16
CA LYS W 290 12.66 61.99 -69.72
C LYS W 290 13.05 62.47 -68.32
N GLU W 291 12.15 63.15 -67.62
CA GLU W 291 12.46 63.62 -66.29
C GLU W 291 12.65 62.45 -65.36
N GLU W 292 11.70 61.54 -65.38
CA GLU W 292 11.74 60.36 -64.49
C GLU W 292 12.96 59.45 -64.78
N VAL W 293 13.67 59.71 -65.87
CA VAL W 293 14.81 58.90 -66.22
C VAL W 293 16.13 59.65 -66.09
N GLY W 294 16.06 60.92 -65.71
CA GLY W 294 17.29 61.70 -65.56
C GLY W 294 17.28 63.05 -66.26
N SER W 295 16.32 63.23 -67.16
CA SER W 295 16.18 64.47 -67.91
C SER W 295 17.31 64.66 -68.92
N ILE W 296 17.81 63.56 -69.48
CA ILE W 296 18.88 63.64 -70.45
C ILE W 296 18.48 64.43 -71.70
N GLY W 297 19.43 64.61 -72.60
CA GLY W 297 19.20 65.38 -73.82
C GLY W 297 18.13 64.86 -74.76
N ALA W 298 18.06 65.50 -75.92
CA ALA W 298 17.09 65.16 -76.97
C ALA W 298 15.71 65.74 -76.72
N THR W 299 15.12 65.40 -75.59
CA THR W 299 13.78 65.89 -75.25
C THR W 299 13.55 66.24 -73.75
N GLY W 300 14.57 66.76 -73.07
CA GLY W 300 14.43 67.12 -71.67
C GLY W 300 15.32 68.29 -71.22
N MET W 301 16.62 68.11 -71.32
CA MET W 301 17.61 69.14 -70.96
C MET W 301 18.11 69.77 -72.25
N GLN W 302 17.52 69.33 -73.36
CA GLN W 302 17.84 69.82 -74.70
C GLN W 302 17.84 71.34 -74.82
N SER W 303 18.17 71.81 -76.00
CA SER W 303 18.19 73.24 -76.28
C SER W 303 16.88 73.64 -76.96
N LYS W 304 16.01 72.67 -77.16
CA LYS W 304 14.71 72.87 -77.78
C LYS W 304 14.05 74.16 -77.29
N PHE W 305 14.26 74.47 -76.02
CA PHE W 305 13.69 75.67 -75.42
C PHE W 305 14.58 76.84 -75.70
N PHE W 306 15.86 76.66 -75.46
CA PHE W 306 16.87 77.69 -75.69
C PHE W 306 16.74 78.18 -77.13
N GLU W 307 17.14 77.32 -78.06
CA GLU W 307 17.07 77.65 -79.47
C GLU W 307 15.64 77.59 -79.94
N ASN W 308 14.80 78.41 -79.33
CA ASN W 308 13.40 78.45 -79.70
C ASN W 308 12.82 79.75 -79.17
N THR W 309 13.23 80.11 -77.96
CA THR W 309 12.79 81.37 -77.38
C THR W 309 13.45 82.38 -78.31
N VAL W 310 14.58 81.99 -78.87
CA VAL W 310 15.29 82.84 -79.79
C VAL W 310 14.60 82.81 -81.14
N ALA W 311 14.43 81.61 -81.69
CA ALA W 311 13.77 81.48 -82.98
C ALA W 311 12.44 82.23 -82.91
N ASP W 312 11.98 82.48 -81.68
CA ASP W 312 10.72 83.17 -81.45
C ASP W 312 10.99 84.66 -81.22
N ILE W 313 12.09 84.97 -80.56
CA ILE W 313 12.50 86.35 -80.29
C ILE W 313 12.78 87.01 -81.65
N MET W 314 13.14 86.19 -82.63
CA MET W 314 13.44 86.69 -83.97
C MET W 314 12.25 87.45 -84.55
N SER W 315 11.05 86.95 -84.30
CA SER W 315 9.84 87.58 -84.82
C SER W 315 9.25 88.56 -83.81
N ASP W 321 16.26 93.09 -82.46
CA ASP W 321 15.56 91.91 -81.94
C ASP W 321 16.23 90.62 -82.38
N GLU W 322 17.56 90.65 -82.49
CA GLU W 322 18.30 89.48 -82.93
C GLU W 322 19.35 89.01 -81.91
N LEU W 323 20.53 89.61 -81.97
CA LEU W 323 21.66 89.27 -81.10
C LEU W 323 21.34 88.81 -79.68
N LYS W 324 22.14 87.86 -79.22
CA LYS W 324 22.04 87.25 -77.92
C LYS W 324 21.31 88.06 -76.85
N LEU W 325 21.90 89.16 -76.43
CA LEU W 325 21.32 90.01 -75.38
C LEU W 325 21.34 89.28 -74.02
N ARG W 326 21.00 87.98 -74.04
CA ARG W 326 20.98 87.10 -72.84
C ARG W 326 19.89 87.43 -71.81
N LYS W 327 19.92 88.65 -71.29
CA LYS W 327 18.98 89.15 -70.31
C LYS W 327 17.58 88.56 -70.40
N ALA W 328 17.12 88.30 -71.62
CA ALA W 328 15.79 87.74 -71.84
C ALA W 328 15.44 86.65 -70.85
N LEU W 329 16.29 85.65 -70.75
CA LEU W 329 16.09 84.52 -69.84
C LEU W 329 16.44 84.87 -68.40
N TYR W 330 17.59 85.53 -68.22
CA TYR W 330 18.06 85.93 -66.90
C TYR W 330 17.02 86.67 -66.06
N ASN W 331 16.19 87.46 -66.71
CA ASN W 331 15.18 88.23 -65.99
C ASN W 331 13.80 87.56 -65.95
N SER W 332 13.75 86.25 -66.13
CA SER W 332 12.49 85.56 -66.08
C SER W 332 12.20 84.92 -64.72
N GLU W 333 10.95 84.53 -64.51
CA GLU W 333 10.52 83.90 -63.27
C GLU W 333 9.82 82.60 -63.66
N MET W 334 10.27 81.48 -63.09
CA MET W 334 9.66 80.19 -63.42
C MET W 334 9.02 79.53 -62.24
N LEU W 335 8.14 78.58 -62.53
CA LEU W 335 7.43 77.82 -61.52
C LEU W 335 7.47 76.35 -61.93
N SER W 336 8.68 75.78 -61.99
CA SER W 336 8.85 74.38 -62.35
C SER W 336 8.12 73.53 -61.33
N SER W 337 7.00 72.95 -61.72
CA SER W 337 6.24 72.15 -60.79
C SER W 337 6.34 70.64 -61.03
N ASP W 338 6.12 69.88 -59.95
CA ASP W 338 6.15 68.43 -59.98
C ASP W 338 5.51 67.94 -58.67
N VAL W 339 4.74 66.86 -58.74
CA VAL W 339 4.08 66.32 -57.57
C VAL W 339 5.03 66.04 -56.42
N SER W 340 4.50 66.13 -55.21
CA SER W 340 5.27 65.88 -53.98
C SER W 340 4.59 64.75 -53.22
N ALA W 341 5.28 64.22 -52.22
CA ALA W 341 4.72 63.13 -51.44
C ALA W 341 3.81 63.65 -50.31
N ALA W 342 2.54 63.27 -50.35
CA ALA W 342 1.58 63.65 -49.35
C ALA W 342 1.68 62.73 -48.14
N PHE W 343 1.50 63.29 -46.94
CA PHE W 343 1.59 62.51 -45.71
C PHE W 343 0.62 61.34 -45.72
N ASP W 344 1.13 60.11 -45.63
CA ASP W 344 0.27 58.93 -45.62
C ASP W 344 0.10 58.43 -44.19
N PRO W 345 -1.14 58.39 -43.70
CA PRO W 345 -1.43 57.92 -42.35
C PRO W 345 -1.07 56.46 -42.12
N ASN W 346 -0.63 55.76 -43.16
CA ASN W 346 -0.24 54.36 -43.01
C ASN W 346 1.24 54.23 -42.67
N TYR W 347 2.03 55.18 -43.13
CA TYR W 347 3.47 55.17 -42.86
C TYR W 347 3.87 56.58 -42.46
N PRO W 348 3.68 56.92 -41.20
CA PRO W 348 4.01 58.24 -40.65
C PRO W 348 5.44 58.48 -40.29
N ASN W 349 6.11 57.45 -39.78
CA ASN W 349 7.50 57.56 -39.33
C ASN W 349 8.50 57.86 -40.44
N VAL W 350 8.02 57.96 -41.67
CA VAL W 350 8.89 58.25 -42.78
C VAL W 350 8.99 59.76 -43.05
N MET W 351 8.06 60.52 -42.49
CA MET W 351 8.06 61.97 -42.69
C MET W 351 8.06 62.75 -41.38
N GLU W 352 8.46 64.02 -41.46
CA GLU W 352 8.57 64.86 -40.28
C GLU W 352 7.28 65.48 -39.79
N LYS W 353 6.14 65.01 -40.29
CA LYS W 353 4.83 65.55 -39.85
C LYS W 353 4.79 67.03 -40.29
N ARG W 354 5.40 67.91 -39.50
CA ARG W 354 5.48 69.32 -39.85
C ARG W 354 6.44 69.33 -41.01
N ASN W 355 6.30 70.31 -41.90
CA ASN W 355 7.21 70.40 -43.07
C ASN W 355 6.94 69.25 -44.04
N SER W 356 5.69 68.81 -44.10
CA SER W 356 5.30 67.74 -44.99
C SER W 356 3.99 68.16 -45.64
N ALA W 357 3.80 67.84 -46.91
CA ALA W 357 2.57 68.21 -47.60
C ALA W 357 1.40 67.32 -47.17
N TYR W 358 0.25 67.92 -47.01
CA TYR W 358 -0.96 67.18 -46.63
C TYR W 358 -2.02 67.25 -47.72
N LEU W 359 -2.75 66.16 -47.86
CA LEU W 359 -3.81 66.04 -48.83
C LEU W 359 -4.93 67.07 -48.67
N GLY W 360 -4.91 68.13 -49.48
CA GLY W 360 -5.97 69.12 -49.40
C GLY W 360 -5.58 70.45 -48.79
N LYS W 361 -4.32 70.66 -48.46
CA LYS W 361 -3.98 71.96 -47.88
C LYS W 361 -3.46 72.95 -48.93
N GLY W 362 -3.88 72.78 -50.17
CA GLY W 362 -3.44 73.69 -51.22
C GLY W 362 -2.25 73.26 -52.04
N ILE W 363 -1.68 74.22 -52.78
CA ILE W 363 -0.53 73.95 -53.64
C ILE W 363 0.74 73.84 -52.78
N VAL W 364 1.65 72.98 -53.21
CA VAL W 364 2.88 72.76 -52.45
C VAL W 364 4.10 73.55 -52.96
N PHE W 365 4.91 74.01 -52.02
CA PHE W 365 6.12 74.75 -52.35
C PHE W 365 7.31 74.08 -51.73
N ASN W 366 8.36 73.91 -52.51
CA ASN W 366 9.58 73.26 -52.03
C ASN W 366 10.79 74.15 -52.28
N LYS W 367 11.31 74.78 -51.22
CA LYS W 367 12.47 75.64 -51.37
C LYS W 367 13.63 74.84 -51.91
N TYR W 368 13.85 73.68 -51.29
CA TYR W 368 14.92 72.78 -51.70
C TYR W 368 14.39 71.36 -51.72
N THR W 369 15.10 70.50 -52.45
CA THR W 369 14.71 69.11 -52.58
C THR W 369 15.86 68.25 -53.09
N GLY W 370 16.72 67.83 -52.18
CA GLY W 370 17.86 67.02 -52.57
C GLY W 370 17.99 65.73 -51.79
N SER W 371 19.21 65.43 -51.37
CA SER W 371 19.50 64.22 -50.62
C SER W 371 20.28 64.53 -49.35
N ARG W 372 21.42 63.87 -49.21
CA ARG W 372 22.29 64.08 -48.05
C ARG W 372 22.74 65.53 -47.93
N GLY W 373 21.90 66.37 -47.37
CA GLY W 373 22.28 67.76 -47.20
C GLY W 373 21.98 68.68 -48.37
N LYS W 374 20.75 68.58 -48.88
CA LYS W 374 20.29 69.41 -49.99
C LYS W 374 21.13 69.20 -51.25
N SER W 375 21.89 68.12 -51.28
CA SER W 375 22.77 67.81 -52.42
C SER W 375 22.05 67.64 -53.76
N GLY W 376 22.59 68.29 -54.77
CA GLY W 376 22.04 68.23 -56.12
C GLY W 376 20.58 68.63 -56.27
N CYS W 377 20.32 69.93 -56.23
CA CYS W 377 18.95 70.41 -56.37
C CYS W 377 18.94 71.92 -56.34
N ASN W 378 17.87 72.50 -56.86
CA ASN W 378 17.75 73.96 -56.88
C ASN W 378 17.22 74.50 -55.56
N ASP W 379 17.80 75.60 -55.10
CA ASP W 379 17.38 76.23 -53.86
C ASP W 379 16.80 77.62 -54.14
N ALA W 380 15.48 77.73 -54.06
CA ALA W 380 14.77 78.99 -54.32
C ALA W 380 15.18 80.14 -53.40
N ASN W 381 15.28 81.34 -53.96
CA ASN W 381 15.65 82.52 -53.18
C ASN W 381 14.48 83.04 -52.37
N PRO W 382 14.73 83.45 -51.13
CA PRO W 382 13.68 83.98 -50.24
C PRO W 382 12.97 85.20 -50.80
N GLU W 383 13.72 86.13 -51.36
CA GLU W 383 13.13 87.30 -51.95
C GLU W 383 12.06 86.91 -52.98
N TYR W 384 12.36 85.89 -53.79
CA TYR W 384 11.40 85.42 -54.79
C TYR W 384 10.22 84.73 -54.12
N ILE W 385 10.52 83.91 -53.11
CA ILE W 385 9.50 83.18 -52.36
C ILE W 385 8.51 84.17 -51.74
N ALA W 386 9.03 85.17 -51.03
CA ALA W 386 8.19 86.17 -50.40
C ALA W 386 7.23 86.73 -51.43
N GLU W 387 7.74 87.05 -52.62
CA GLU W 387 6.88 87.59 -53.67
C GLU W 387 5.72 86.66 -53.99
N LEU W 388 6.02 85.39 -54.22
CA LEU W 388 5.00 84.41 -54.50
C LEU W 388 3.97 84.41 -53.39
N ARG W 389 4.44 84.57 -52.16
CA ARG W 389 3.55 84.58 -51.01
C ARG W 389 2.57 85.69 -51.22
N ARG W 390 3.10 86.91 -51.29
CA ARG W 390 2.27 88.09 -51.49
C ARG W 390 1.24 87.86 -52.60
N ILE W 391 1.69 87.39 -53.75
CA ILE W 391 0.80 87.13 -54.87
C ILE W 391 -0.29 86.14 -54.55
N LEU W 392 0.10 84.96 -54.06
CA LEU W 392 -0.85 83.92 -53.73
C LEU W 392 -1.64 84.30 -52.49
N SER W 393 -1.63 85.58 -52.14
CA SER W 393 -2.39 86.04 -50.99
C SER W 393 -3.51 86.91 -51.54
N LYS W 394 -3.11 87.83 -52.42
CA LYS W 394 -4.04 88.73 -53.05
C LYS W 394 -5.12 87.89 -53.75
N GLU W 395 -4.72 87.14 -54.77
CA GLU W 395 -5.68 86.29 -55.49
C GLU W 395 -6.10 85.11 -54.63
N SER W 396 -5.73 85.16 -53.36
CA SER W 396 -6.03 84.09 -52.41
C SER W 396 -5.24 82.82 -52.77
N VAL W 397 -5.91 81.67 -52.79
CA VAL W 397 -5.26 80.40 -53.13
C VAL W 397 -4.51 79.84 -51.92
N ASN W 398 -4.79 78.60 -51.56
CA ASN W 398 -4.12 77.99 -50.43
C ASN W 398 -2.82 77.33 -50.85
N TRP W 399 -1.79 77.51 -50.04
CA TRP W 399 -0.50 76.93 -50.32
C TRP W 399 0.11 76.39 -49.04
N GLN W 400 0.99 75.40 -49.18
CA GLN W 400 1.67 74.79 -48.05
C GLN W 400 3.08 74.42 -48.51
N THR W 401 4.01 74.46 -47.57
CA THR W 401 5.39 74.11 -47.88
C THR W 401 5.71 72.72 -47.36
N ALA W 402 6.47 71.96 -48.14
CA ALA W 402 6.81 70.60 -47.77
C ALA W 402 8.27 70.25 -48.00
N GLU W 403 8.68 69.10 -47.47
CA GLU W 403 10.03 68.59 -47.58
C GLU W 403 9.83 67.09 -47.84
N LEU W 404 10.66 66.48 -48.67
CA LEU W 404 10.48 65.06 -48.96
C LEU W 404 11.07 64.11 -47.92
N GLY W 405 10.29 63.76 -46.90
CA GLY W 405 10.77 62.84 -45.89
C GLY W 405 11.75 63.42 -44.91
N LYS W 406 11.75 62.87 -43.69
CA LYS W 406 12.62 63.35 -42.63
C LYS W 406 14.10 63.33 -43.03
N VAL W 407 14.61 64.53 -43.33
CA VAL W 407 16.00 64.71 -43.71
C VAL W 407 16.59 63.52 -44.46
N ASP W 408 17.50 62.80 -43.82
CA ASP W 408 18.16 61.66 -44.44
C ASP W 408 17.30 60.45 -44.79
N GLN W 409 16.15 60.67 -45.40
CA GLN W 409 15.29 59.56 -45.78
C GLN W 409 15.40 59.24 -47.27
N GLY W 410 14.53 59.86 -48.05
CA GLY W 410 14.54 59.63 -49.49
C GLY W 410 15.37 60.65 -50.21
N GLY W 411 15.61 60.40 -51.50
CA GLY W 411 16.38 61.31 -52.31
C GLY W 411 15.49 62.17 -53.19
N GLY W 412 16.05 63.25 -53.72
CA GLY W 412 15.27 64.15 -54.57
C GLY W 412 16.09 64.73 -55.71
N GLY W 413 15.39 65.39 -56.64
CA GLY W 413 16.06 66.00 -57.77
C GLY W 413 15.08 66.39 -58.85
N THR W 414 14.68 67.67 -58.86
CA THR W 414 13.74 68.18 -59.85
C THR W 414 14.46 68.88 -60.99
N ILE W 415 13.78 69.02 -62.12
CA ILE W 415 14.36 69.69 -63.28
C ILE W 415 14.32 71.21 -63.13
N ALA W 416 14.18 71.67 -61.90
CA ALA W 416 14.12 73.09 -61.60
C ALA W 416 15.45 73.80 -61.79
N TYR W 417 16.53 73.14 -61.42
CA TYR W 417 17.87 73.73 -61.55
C TYR W 417 18.32 73.82 -62.99
N ILE W 418 17.78 72.95 -63.83
CA ILE W 418 18.15 72.92 -65.23
C ILE W 418 17.92 74.24 -65.95
N LEU W 419 16.86 74.95 -65.60
CA LEU W 419 16.59 76.24 -66.24
C LEU W 419 17.12 77.39 -65.41
N ALA W 420 17.29 77.16 -64.12
CA ALA W 420 17.80 78.21 -63.26
C ALA W 420 19.24 78.51 -63.68
N GLU W 421 19.82 77.60 -64.46
CA GLU W 421 21.19 77.75 -64.92
C GLU W 421 21.36 79.07 -65.68
N TYR W 422 20.24 79.64 -66.12
CA TYR W 422 20.28 80.89 -66.85
C TYR W 422 20.32 82.06 -65.90
N GLY W 423 19.81 81.84 -64.69
CA GLY W 423 19.78 82.91 -63.69
C GLY W 423 18.37 83.24 -63.25
N MET W 424 17.39 82.49 -63.79
CA MET W 424 15.98 82.67 -63.47
C MET W 424 15.70 82.55 -61.98
N GLN W 425 14.47 82.91 -61.61
CA GLN W 425 14.02 82.79 -60.22
C GLN W 425 13.05 81.63 -60.22
N VAL W 426 13.56 80.46 -59.90
CA VAL W 426 12.76 79.25 -59.90
C VAL W 426 12.41 78.78 -58.49
N ILE W 427 11.38 77.95 -58.42
CA ILE W 427 10.93 77.38 -57.16
C ILE W 427 10.07 76.17 -57.48
N ASP W 428 10.11 75.17 -56.62
CA ASP W 428 9.34 73.94 -56.86
C ASP W 428 7.89 74.00 -56.38
N CYS W 429 6.98 73.68 -57.30
CA CYS W 429 5.56 73.68 -57.01
C CYS W 429 4.98 72.34 -57.35
N GLY W 430 3.66 72.23 -57.24
CA GLY W 430 3.02 70.98 -57.55
C GLY W 430 2.00 70.56 -56.51
N VAL W 431 1.25 69.53 -56.87
CA VAL W 431 0.21 68.96 -56.03
C VAL W 431 0.78 67.87 -55.17
N ALA W 432 0.08 67.54 -54.09
CA ALA W 432 0.54 66.46 -53.21
C ALA W 432 -0.16 65.15 -53.60
N LEU W 433 0.63 64.11 -53.85
CA LEU W 433 0.06 62.82 -54.22
C LEU W 433 0.17 61.75 -53.14
N LEU W 434 -0.50 60.63 -53.40
CA LEU W 434 -0.47 59.50 -52.50
C LEU W 434 0.12 58.37 -53.35
N ASN W 435 1.01 57.58 -52.75
CA ASN W 435 1.70 56.50 -53.45
C ASN W 435 2.12 56.85 -54.88
N HIS W 437 4.54 57.09 -58.31
CA HIS W 437 5.09 56.09 -59.19
C HIS W 437 4.42 54.73 -59.07
N ALA W 438 3.19 54.73 -58.59
CA ALA W 438 2.44 53.50 -58.47
C ALA W 438 1.49 53.48 -59.67
N PRO W 439 1.04 52.29 -60.09
CA PRO W 439 0.14 52.20 -61.23
C PRO W 439 -1.11 53.05 -61.01
N TRP W 440 -1.48 53.24 -59.75
CA TRP W 440 -2.63 54.06 -59.45
C TRP W 440 -2.27 55.06 -58.36
N GLU W 441 -2.27 56.35 -58.70
CA GLU W 441 -1.94 57.40 -57.76
C GLU W 441 -3.20 58.13 -57.36
N ILE W 442 -3.13 58.82 -56.22
CA ILE W 442 -4.29 59.56 -55.71
C ILE W 442 -4.01 61.05 -55.54
N SER W 443 -5.03 61.87 -55.77
CA SER W 443 -4.86 63.31 -55.63
C SER W 443 -6.13 63.98 -55.11
N SER W 444 -5.97 65.14 -54.47
CA SER W 444 -7.12 65.89 -53.95
C SER W 444 -7.64 66.92 -54.93
N LYS W 445 -8.90 66.77 -55.33
CA LYS W 445 -9.49 67.70 -56.27
C LYS W 445 -9.29 69.12 -55.81
N ALA W 446 -9.47 69.35 -54.51
CA ALA W 446 -9.27 70.69 -53.96
C ALA W 446 -7.87 71.16 -54.31
N ASP W 447 -6.88 70.30 -54.09
CA ASP W 447 -5.51 70.71 -54.39
C ASP W 447 -5.36 70.97 -55.89
N ILE W 448 -5.85 70.06 -56.72
CA ILE W 448 -5.75 70.24 -58.16
C ILE W 448 -6.21 71.66 -58.48
N TYR W 449 -7.44 71.96 -58.06
CA TYR W 449 -8.06 73.27 -58.26
C TYR W 449 -7.13 74.37 -57.74
N GLU W 450 -6.89 74.37 -56.43
CA GLU W 450 -6.05 75.36 -55.82
C GLU W 450 -4.78 75.60 -56.63
N THR W 451 -4.11 74.52 -57.00
CA THR W 451 -2.88 74.62 -57.79
C THR W 451 -3.07 75.44 -59.05
N LYS W 452 -4.09 75.09 -59.82
CA LYS W 452 -4.36 75.82 -61.04
C LYS W 452 -4.45 77.29 -60.73
N ASN W 453 -5.31 77.64 -59.79
CA ASN W 453 -5.46 79.05 -59.42
C ASN W 453 -4.12 79.64 -59.06
N GLY W 454 -3.30 78.86 -58.37
CA GLY W 454 -1.97 79.33 -58.00
C GLY W 454 -1.17 79.69 -59.23
N TYR W 455 -1.28 78.86 -60.27
CA TYR W 455 -0.56 79.10 -61.49
C TYR W 455 -1.12 80.35 -62.15
N SER W 456 -2.42 80.33 -62.42
CA SER W 456 -3.10 81.46 -63.05
C SER W 456 -2.79 82.76 -62.31
N ALA W 457 -2.74 82.71 -60.99
CA ALA W 457 -2.45 83.90 -60.19
C ALA W 457 -0.96 84.22 -60.28
N PHE W 458 -0.34 83.82 -61.38
CA PHE W 458 1.08 84.04 -61.61
C PHE W 458 1.19 84.72 -62.97
N LEU W 459 0.04 85.22 -63.45
CA LEU W 459 -0.03 85.92 -64.74
C LEU W 459 0.46 87.37 -64.60
N ASN W 460 0.00 88.01 -63.53
CA ASN W 460 0.38 89.38 -63.22
C ASN W 460 0.20 89.61 -61.74
N ASN W 461 0.82 90.68 -61.25
CA ASN W 461 0.77 91.06 -59.83
C ASN W 461 1.23 89.90 -58.95
N LEU X 1 5.61 36.21 -90.36
CA LEU X 1 7.08 35.95 -90.30
C LEU X 1 7.64 36.17 -88.89
N LEU X 2 8.92 35.90 -88.77
CA LEU X 2 9.60 36.06 -87.51
C LEU X 2 10.97 36.63 -87.86
N LYS X 3 11.81 36.88 -86.86
CA LYS X 3 13.13 37.46 -87.13
C LYS X 3 14.26 36.45 -87.26
N GLU X 4 15.37 36.94 -87.74
CA GLU X 4 16.54 36.11 -87.93
C GLU X 4 17.65 37.09 -88.23
N TYR X 5 18.86 36.80 -87.75
CA TYR X 5 19.99 37.68 -87.97
C TYR X 5 21.12 37.18 -88.91
N LYS X 6 21.40 35.87 -88.95
CA LYS X 6 22.44 35.33 -89.86
C LYS X 6 23.89 35.76 -89.52
N ASN X 7 24.81 34.80 -89.39
CA ASN X 7 26.23 35.07 -89.08
C ASN X 7 26.91 35.78 -90.25
N ALA X 8 27.47 36.95 -89.99
CA ALA X 8 28.14 37.75 -91.00
C ALA X 8 28.82 36.93 -92.09
N TRP X 9 29.53 35.87 -91.69
CA TRP X 9 30.21 35.02 -92.68
C TRP X 9 29.16 34.36 -93.55
N ASP X 10 29.55 33.42 -94.40
CA ASP X 10 28.61 32.75 -95.30
C ASP X 10 28.25 33.80 -96.34
N LYS X 11 27.42 34.73 -95.92
CA LYS X 11 26.99 35.84 -96.77
C LYS X 11 28.22 36.44 -97.42
N TYR X 12 29.30 36.58 -96.64
CA TYR X 12 30.56 37.13 -97.17
C TYR X 12 31.07 36.27 -98.29
N ASP X 13 32.01 35.39 -97.95
CA ASP X 13 32.62 34.51 -98.93
C ASP X 13 32.92 35.41 -100.11
N ASP X 14 32.30 35.12 -101.25
CA ASP X 14 32.49 35.91 -102.45
C ASP X 14 33.96 35.84 -102.85
N LYS X 15 34.79 35.26 -102.00
CA LYS X 15 36.23 35.14 -102.24
C LYS X 15 36.85 36.54 -102.22
N GLN X 16 36.02 37.53 -102.50
CA GLN X 16 36.45 38.92 -102.51
C GLN X 16 36.18 39.47 -101.13
N LEU X 17 34.90 39.66 -100.83
CA LEU X 17 34.46 40.18 -99.53
C LEU X 17 35.42 39.72 -98.43
N LYS X 18 35.63 38.41 -98.31
CA LYS X 18 36.54 37.87 -97.29
C LYS X 18 37.89 38.55 -97.36
N GLU X 19 38.61 38.31 -98.45
CA GLU X 19 39.93 38.90 -98.65
C GLU X 19 39.87 40.39 -98.38
N VAL X 20 38.77 41.02 -98.77
CA VAL X 20 38.59 42.46 -98.58
C VAL X 20 38.52 42.88 -97.13
N PHE X 21 38.76 41.95 -96.21
CA PHE X 21 38.74 42.31 -94.82
C PHE X 21 39.53 41.35 -93.94
N ALA X 22 39.45 40.06 -94.24
CA ALA X 22 40.17 39.05 -93.49
C ALA X 22 41.58 39.59 -93.28
N LEU X 23 42.08 40.20 -94.33
CA LEU X 23 43.39 40.81 -94.32
C LEU X 23 43.12 42.30 -94.50
N GLY X 24 41.90 42.60 -94.98
CA GLY X 24 41.51 43.98 -95.19
C GLY X 24 41.69 44.81 -93.93
N ASP X 25 40.65 44.87 -93.10
CA ASP X 25 40.73 45.64 -91.88
C ASP X 25 41.72 45.01 -90.91
N ARG X 26 41.70 43.69 -90.81
CA ARG X 26 42.64 43.01 -89.93
C ARG X 26 44.01 43.22 -90.56
N PHE X 27 44.57 44.39 -90.34
CA PHE X 27 45.86 44.75 -90.87
C PHE X 27 45.87 46.21 -90.54
N LYS X 28 44.96 46.95 -91.15
CA LYS X 28 44.86 48.37 -90.86
C LYS X 28 44.59 48.50 -89.36
N ASN X 29 43.38 48.12 -88.94
CA ASN X 29 42.98 48.16 -87.51
C ASN X 29 44.01 47.33 -86.77
N PHE X 30 44.06 46.05 -87.14
CA PHE X 30 44.97 45.13 -86.53
C PHE X 30 46.31 45.79 -86.15
N ILE X 31 46.74 46.76 -86.95
CA ILE X 31 48.02 47.43 -86.68
C ILE X 31 47.84 48.78 -85.96
N SER X 32 46.69 49.40 -86.17
CA SER X 32 46.44 50.69 -85.54
C SER X 32 46.59 50.61 -84.03
N ASN X 33 45.85 49.70 -83.40
CA ASN X 33 45.93 49.58 -81.97
C ASN X 33 47.20 48.88 -81.50
N CYS X 34 48.29 49.10 -82.21
CA CYS X 34 49.58 48.50 -81.86
C CYS X 34 50.62 49.60 -81.81
N LYS X 35 50.53 50.50 -82.77
CA LYS X 35 51.45 51.61 -82.85
C LYS X 35 50.79 52.87 -82.25
N THR X 36 49.66 52.67 -81.57
CA THR X 36 48.93 53.76 -80.95
C THR X 36 48.09 53.17 -79.82
N GLU X 37 48.52 53.40 -78.58
CA GLU X 37 47.81 52.85 -77.43
C GLU X 37 47.48 53.93 -76.39
N ARG X 38 47.96 55.14 -76.64
CA ARG X 38 47.75 56.25 -75.72
C ARG X 38 47.26 57.45 -76.47
N GLU X 39 45.94 57.64 -76.55
CA GLU X 39 45.31 58.76 -77.24
C GLU X 39 46.19 59.59 -78.21
N CYS X 40 47.21 58.97 -78.78
CA CYS X 40 48.09 59.63 -79.74
C CYS X 40 47.56 59.17 -81.07
N VAL X 41 46.39 58.56 -81.00
CA VAL X 41 45.70 58.07 -82.17
C VAL X 41 45.62 59.30 -83.05
N THR X 42 45.49 60.46 -82.43
CA THR X 42 45.42 61.73 -83.14
C THR X 42 46.60 61.86 -84.10
N GLU X 43 47.81 61.75 -83.56
CA GLU X 43 49.01 61.85 -84.39
C GLU X 43 48.98 60.91 -85.59
N LEU X 44 49.05 59.61 -85.33
CA LEU X 44 49.03 58.63 -86.40
C LEU X 44 47.86 58.83 -87.35
N ILE X 45 46.69 59.19 -86.82
CA ILE X 45 45.55 59.41 -87.68
C ILE X 45 45.67 60.72 -88.44
N LYS X 46 46.15 61.76 -87.78
CA LYS X 46 46.31 63.05 -88.44
C LYS X 46 47.38 62.93 -89.52
N THR X 47 48.36 62.04 -89.32
CA THR X 47 49.40 61.83 -90.33
C THR X 47 48.68 61.23 -91.54
N ALA X 48 47.77 60.31 -91.27
CA ALA X 48 46.98 59.74 -92.37
C ALA X 48 46.08 60.93 -92.74
N GLU X 49 45.11 60.72 -93.61
CA GLU X 49 44.26 61.84 -94.00
C GLU X 49 45.14 62.92 -94.61
N LYS X 50 46.37 62.54 -94.95
CA LYS X 50 47.31 63.47 -95.57
C LYS X 50 46.76 63.73 -96.97
N SER X 51 45.81 62.90 -97.36
CA SER X 51 45.15 63.00 -98.65
C SER X 51 44.09 64.09 -98.54
N GLY X 52 44.52 65.27 -98.12
CA GLY X 52 43.63 66.42 -97.96
C GLY X 52 43.57 66.82 -96.52
N TYR X 53 42.56 67.59 -96.14
CA TYR X 53 42.40 68.01 -94.75
C TYR X 53 43.52 68.94 -94.27
N ARG X 54 43.16 69.89 -93.42
CA ARG X 54 44.16 70.81 -92.89
C ARG X 54 43.57 71.76 -91.86
N ASN X 55 42.78 72.74 -92.33
CA ASN X 55 42.13 73.73 -91.48
C ASN X 55 43.08 74.22 -90.41
N ILE X 56 43.04 73.51 -89.28
CA ILE X 56 43.86 73.77 -88.10
C ILE X 56 44.31 75.25 -87.99
N GLU X 57 45.35 75.61 -88.72
CA GLU X 57 45.90 76.98 -88.71
C GLU X 57 45.56 77.70 -90.03
N ASP X 58 45.60 76.96 -91.13
CA ASP X 58 45.33 77.49 -92.45
C ASP X 58 43.90 77.95 -92.67
N ILE X 59 43.52 79.00 -91.96
CA ILE X 59 42.19 79.57 -92.08
C ILE X 59 42.33 80.94 -92.73
N LEU X 60 42.04 81.00 -94.03
CA LEU X 60 42.10 82.24 -94.84
C LEU X 60 40.84 82.44 -95.68
N ALA X 61 39.81 81.65 -95.39
CA ALA X 61 38.52 81.70 -96.11
C ALA X 61 38.70 81.12 -97.50
N LYS X 62 39.69 81.64 -98.20
CA LYS X 62 40.01 81.20 -99.56
C LYS X 62 41.33 80.45 -99.53
N GLY X 63 41.90 80.28 -98.33
CA GLY X 63 43.16 79.56 -98.20
C GLY X 63 43.02 78.19 -98.84
N GLU X 64 41.78 77.68 -98.80
CA GLU X 64 41.42 76.39 -99.38
C GLU X 64 40.03 76.56 -99.99
N THR X 65 39.56 77.81 -99.99
CA THR X 65 38.24 78.17 -100.51
C THR X 65 37.16 77.20 -100.04
N LEU X 66 36.79 77.35 -98.76
CA LEU X 66 35.79 76.47 -98.14
C LEU X 66 34.53 76.34 -98.99
N LYS X 67 34.41 75.23 -99.70
CA LYS X 67 33.25 74.97 -100.55
C LYS X 67 33.19 73.49 -100.94
N GLU X 68 32.33 73.17 -101.90
CA GLU X 68 32.16 71.81 -102.37
C GLU X 68 33.44 71.00 -102.38
N GLY X 69 33.34 69.72 -101.99
CA GLY X 69 34.48 68.82 -101.98
C GLY X 69 35.68 69.12 -101.07
N ASP X 70 35.53 70.08 -100.18
CA ASP X 70 36.62 70.42 -99.27
C ASP X 70 36.63 69.52 -98.05
N LYS X 71 37.83 69.28 -97.53
CA LYS X 71 38.02 68.42 -96.36
C LYS X 71 39.05 68.99 -95.39
N VAL X 72 38.66 69.19 -94.14
CA VAL X 72 39.56 69.75 -93.13
C VAL X 72 39.47 69.08 -91.77
N TYR X 73 40.49 69.27 -90.94
CA TYR X 73 40.49 68.67 -89.62
C TYR X 73 40.82 69.73 -88.57
N ALA X 74 40.49 69.45 -87.32
CA ALA X 74 40.76 70.38 -86.23
C ALA X 74 41.35 69.61 -85.06
N ASN X 75 42.53 70.02 -84.63
CA ASN X 75 43.18 69.34 -83.53
C ASN X 75 42.87 70.02 -82.20
N ASN X 76 42.50 69.23 -81.20
CA ASN X 76 42.21 69.79 -79.88
C ASN X 76 43.32 69.44 -78.90
N ARG X 77 44.30 70.33 -78.82
CA ARG X 77 45.46 70.15 -77.96
C ARG X 77 46.01 68.73 -78.03
N GLY X 78 45.93 68.14 -79.22
CA GLY X 78 46.44 66.79 -79.44
C GLY X 78 45.66 65.65 -78.84
N LYS X 79 44.75 65.95 -77.92
CA LYS X 79 43.95 64.92 -77.26
C LYS X 79 42.69 64.59 -78.06
N GLY X 80 42.27 65.50 -78.92
CA GLY X 80 41.05 65.26 -79.69
C GLY X 80 41.18 65.60 -81.16
N LEU X 81 40.29 65.03 -81.96
CA LEU X 81 40.29 65.25 -83.39
C LEU X 81 38.92 65.23 -84.02
N ILE X 82 38.68 66.16 -84.95
CA ILE X 82 37.41 66.23 -85.64
C ILE X 82 37.65 66.54 -87.13
N MET X 83 37.04 65.74 -88.00
CA MET X 83 37.20 65.89 -89.43
C MET X 83 35.89 66.27 -90.15
N PHE X 84 36.02 67.14 -91.15
CA PHE X 84 34.89 67.61 -91.94
C PHE X 84 35.01 67.19 -93.42
N LEU X 85 33.90 67.29 -94.13
CA LEU X 85 33.85 66.96 -95.54
C LEU X 85 32.65 67.66 -96.13
N ILE X 86 32.87 68.83 -96.72
CA ILE X 86 31.76 69.60 -97.29
C ILE X 86 31.07 68.91 -98.43
N GLY X 87 29.76 69.10 -98.50
CA GLY X 87 28.96 68.50 -99.55
C GLY X 87 28.17 69.52 -100.33
N LYS X 88 27.44 69.06 -101.34
CA LYS X 88 26.63 69.92 -102.19
C LYS X 88 25.77 70.88 -101.37
N GLU X 89 24.78 70.33 -100.69
CA GLU X 89 23.86 71.14 -99.86
C GLU X 89 24.64 72.00 -98.87
N PRO X 90 23.99 73.07 -98.38
CA PRO X 90 24.59 74.00 -97.41
C PRO X 90 24.61 73.43 -95.98
N LEU X 91 25.53 73.90 -95.15
CA LEU X 91 25.62 73.42 -93.78
C LEU X 91 24.28 73.56 -93.07
N TYR X 92 23.66 74.73 -93.25
CA TYR X 92 22.37 75.03 -92.63
C TYR X 92 21.40 73.85 -92.78
N THR X 93 21.61 73.01 -93.79
CA THR X 93 20.73 71.86 -94.01
C THR X 93 20.81 70.88 -92.85
N GLY X 94 22.02 70.37 -92.59
CA GLY X 94 22.22 69.42 -91.52
C GLY X 94 23.60 68.79 -91.60
N PHE X 95 23.82 67.72 -90.84
CA PHE X 95 25.11 67.05 -90.88
C PHE X 95 24.95 65.55 -90.79
N LYS X 96 26.05 64.86 -91.04
CA LYS X 96 26.08 63.41 -90.95
C LYS X 96 27.29 63.14 -90.06
N ILE X 97 27.07 63.13 -88.76
CA ILE X 97 28.17 62.91 -87.83
C ILE X 97 28.44 61.45 -87.40
N LEU X 98 29.72 61.16 -87.17
CA LEU X 98 30.16 59.87 -86.68
C LEU X 98 31.02 60.18 -85.47
N GLY X 99 30.64 59.64 -84.31
CA GLY X 99 31.41 59.92 -83.10
C GLY X 99 31.97 58.70 -82.40
N ALA X 100 33.05 58.91 -81.65
CA ALA X 100 33.69 57.83 -80.91
C ALA X 100 34.81 58.38 -80.01
N HIS X 101 35.04 57.72 -78.87
CA HIS X 101 36.09 58.15 -77.97
C HIS X 101 37.36 57.33 -78.24
N ILE X 102 38.52 57.98 -78.18
CA ILE X 102 39.76 57.29 -78.45
C ILE X 102 40.52 56.88 -77.21
N ASP X 103 40.06 57.29 -76.04
CA ASP X 103 40.73 56.93 -74.79
C ASP X 103 40.31 55.55 -74.32
N SER X 104 41.13 54.93 -73.48
CA SER X 104 40.85 53.59 -72.96
C SER X 104 41.43 53.42 -71.57
N PRO X 105 40.75 52.62 -70.73
CA PRO X 105 41.20 52.37 -69.36
C PRO X 105 42.66 51.89 -69.32
N ARG X 106 43.39 52.34 -68.30
CA ARG X 106 44.80 52.00 -68.14
C ARG X 106 45.36 52.54 -66.84
N LEU X 107 46.59 52.20 -66.54
CA LEU X 107 47.24 52.66 -65.33
C LEU X 107 48.08 53.85 -65.74
N ASP X 108 48.45 54.70 -64.79
CA ASP X 108 49.29 55.84 -65.11
C ASP X 108 49.89 56.55 -63.92
N LEU X 109 51.22 56.61 -63.93
CA LEU X 109 52.06 57.22 -62.88
C LEU X 109 51.52 58.47 -62.21
N LYS X 110 51.70 58.57 -60.90
CA LYS X 110 51.22 59.73 -60.17
C LYS X 110 52.11 60.97 -60.44
N GLN X 111 51.91 62.03 -59.66
CA GLN X 111 52.71 63.24 -59.79
C GLN X 111 54.14 63.00 -59.32
N ASN X 112 54.31 62.10 -58.36
CA ASN X 112 55.61 61.76 -57.84
C ASN X 112 55.71 60.24 -57.76
N PRO X 113 55.66 59.56 -58.92
CA PRO X 113 55.71 58.11 -59.06
C PRO X 113 56.97 57.40 -58.60
N LEU X 114 58.13 58.02 -58.80
CA LEU X 114 59.38 57.36 -58.44
C LEU X 114 59.67 57.38 -56.95
N TYR X 115 59.81 56.18 -56.39
CA TYR X 115 60.12 56.02 -54.98
C TYR X 115 60.82 54.66 -54.81
N GLU X 116 61.55 54.49 -53.71
CA GLU X 116 62.29 53.26 -53.48
C GLU X 116 61.93 52.59 -52.18
N ASP X 117 61.39 51.38 -52.26
CA ASP X 117 61.02 50.65 -51.06
C ASP X 117 61.72 49.30 -50.97
N THR X 118 62.51 49.12 -49.91
CA THR X 118 63.25 47.87 -49.70
C THR X 118 64.09 47.56 -50.93
N ASP X 119 65.27 48.16 -51.00
CA ASP X 119 66.15 47.94 -52.12
C ASP X 119 65.53 48.41 -53.42
N LEU X 120 64.94 47.51 -54.19
CA LEU X 120 64.34 47.90 -55.47
C LEU X 120 63.48 49.17 -55.42
N ALA X 121 63.28 49.78 -56.58
CA ALA X 121 62.51 51.00 -56.70
C ALA X 121 61.28 50.88 -57.58
N MET X 122 60.12 51.20 -56.99
CA MET X 122 58.85 51.14 -57.71
C MET X 122 58.46 52.47 -58.35
N LEU X 123 57.21 52.49 -58.83
CA LEU X 123 56.63 53.63 -59.50
C LEU X 123 55.14 53.72 -59.19
N GLU X 124 54.74 54.71 -58.39
CA GLU X 124 53.30 54.89 -58.03
C GLU X 124 52.41 55.02 -59.27
N THR X 125 51.20 54.50 -59.18
CA THR X 125 50.25 54.57 -60.28
C THR X 125 48.88 54.96 -59.77
N HIS X 126 47.91 55.00 -60.67
CA HIS X 126 46.56 55.38 -60.29
C HIS X 126 45.70 55.06 -61.49
N TYR X 127 45.10 53.87 -61.50
CA TYR X 127 44.28 53.46 -62.62
C TYR X 127 43.29 54.51 -63.10
N TYR X 128 43.01 54.46 -64.39
CA TYR X 128 42.08 55.39 -65.02
C TYR X 128 41.07 54.67 -65.90
N GLY X 129 39.82 55.11 -65.80
CA GLY X 129 38.79 54.53 -66.63
C GLY X 129 37.94 53.47 -65.94
N GLY X 130 38.43 52.96 -64.82
CA GLY X 130 37.69 51.94 -64.13
C GLY X 130 37.92 50.56 -64.74
N ILE X 131 39.12 50.03 -64.52
CA ILE X 131 39.46 48.72 -65.00
C ILE X 131 38.89 47.76 -63.99
N LYS X 132 38.36 48.33 -62.90
CA LYS X 132 37.73 47.63 -61.77
C LYS X 132 38.34 46.27 -61.46
N LYS X 133 38.42 45.42 -62.48
CA LYS X 133 39.02 44.12 -62.31
C LYS X 133 40.52 44.40 -62.36
N TYR X 134 41.12 44.54 -61.19
CA TYR X 134 42.53 44.82 -61.13
C TYR X 134 43.38 43.62 -61.48
N GLN X 135 42.88 42.75 -62.35
CA GLN X 135 43.68 41.60 -62.77
C GLN X 135 44.53 42.13 -63.94
N TRP X 136 45.31 43.16 -63.61
CA TRP X 136 46.22 43.86 -64.51
C TRP X 136 47.61 43.60 -64.01
N VAL X 137 47.75 42.64 -63.12
CA VAL X 137 49.05 42.35 -62.54
C VAL X 137 49.99 41.59 -63.47
N THR X 138 50.48 40.46 -62.96
CA THR X 138 51.39 39.59 -63.68
C THR X 138 51.77 39.89 -65.14
N LEU X 139 50.81 40.05 -66.03
CA LEU X 139 51.15 40.28 -67.43
C LEU X 139 52.07 41.52 -67.66
N PRO X 140 52.94 41.45 -68.68
CA PRO X 140 53.90 42.48 -69.11
C PRO X 140 53.33 43.82 -69.55
N LEU X 141 53.90 44.89 -69.03
CA LEU X 141 53.46 46.26 -69.35
C LEU X 141 54.51 47.11 -70.05
N ALA X 142 54.04 48.11 -70.79
CA ALA X 142 54.91 49.05 -71.51
C ALA X 142 54.56 50.49 -71.10
N ILE X 143 55.54 51.39 -71.15
CA ILE X 143 55.28 52.77 -70.79
C ILE X 143 55.17 53.69 -72.02
N HIS X 144 54.13 54.51 -72.03
CA HIS X 144 53.92 55.47 -73.11
C HIS X 144 53.75 56.85 -72.50
N GLY X 145 53.18 57.76 -73.28
CA GLY X 145 52.98 59.11 -72.77
C GLY X 145 54.07 60.10 -73.14
N VAL X 146 54.10 61.22 -72.41
CA VAL X 146 55.06 62.28 -72.67
C VAL X 146 55.45 63.04 -71.42
N ILE X 147 56.67 63.57 -71.38
CA ILE X 147 57.13 64.35 -70.23
C ILE X 147 57.47 65.77 -70.71
N VAL X 148 57.05 66.77 -69.94
CA VAL X 148 57.32 68.16 -70.32
C VAL X 148 58.33 68.86 -69.43
N LYS X 149 59.45 69.26 -70.04
CA LYS X 149 60.52 69.96 -69.31
C LYS X 149 59.98 71.28 -68.83
N LYS X 150 60.64 71.88 -67.82
CA LYS X 150 60.17 73.17 -67.30
C LYS X 150 60.18 74.22 -68.42
N ASP X 151 61.15 74.10 -69.33
CA ASP X 151 61.29 75.02 -70.45
C ASP X 151 60.23 74.83 -71.52
N GLY X 152 59.51 73.72 -71.43
CA GLY X 152 58.45 73.44 -72.41
C GLY X 152 58.78 72.36 -73.45
N THR X 153 59.98 71.79 -73.36
CA THR X 153 60.39 70.77 -74.30
C THR X 153 59.58 69.50 -74.09
N ILE X 154 58.92 69.05 -75.13
CA ILE X 154 58.11 67.84 -75.04
C ILE X 154 58.92 66.58 -75.43
N VAL X 155 59.13 65.69 -74.46
CA VAL X 155 59.87 64.48 -74.73
C VAL X 155 58.90 63.29 -74.82
N ASN X 156 59.08 62.45 -75.84
CA ASN X 156 58.21 61.30 -76.00
C ASN X 156 58.79 60.05 -75.38
N VAL X 157 57.96 59.32 -74.65
CA VAL X 157 58.40 58.08 -74.01
C VAL X 157 57.61 56.88 -74.55
N CYS X 158 58.32 55.81 -74.88
CA CYS X 158 57.69 54.61 -75.40
C CYS X 158 58.63 53.43 -75.15
N VAL X 159 58.54 52.86 -73.95
CA VAL X 159 59.38 51.75 -73.56
C VAL X 159 58.59 50.45 -73.39
N GLY X 160 59.13 49.37 -73.94
CA GLY X 160 58.46 48.08 -73.82
C GLY X 160 57.75 47.59 -75.07
N GLU X 161 57.80 48.37 -76.14
CA GLU X 161 57.13 47.95 -77.36
C GLU X 161 58.04 47.15 -78.29
N ASP X 162 59.24 47.64 -78.55
CA ASP X 162 60.19 46.94 -79.40
C ASP X 162 60.63 45.63 -78.74
N ASP X 163 60.86 44.60 -79.55
CA ASP X 163 61.29 43.31 -79.02
C ASP X 163 62.60 43.38 -78.23
N ASN X 164 63.23 44.56 -78.22
CA ASN X 164 64.49 44.72 -77.50
C ASN X 164 64.38 45.68 -76.32
N ASP X 165 63.19 46.24 -76.12
CA ASP X 165 62.98 47.14 -75.00
C ASP X 165 62.63 46.34 -73.76
N PRO X 166 63.03 46.82 -72.59
CA PRO X 166 62.70 46.11 -71.36
C PRO X 166 61.21 46.28 -71.13
N VAL X 167 60.65 45.54 -70.18
CA VAL X 167 59.23 45.63 -69.90
C VAL X 167 58.99 45.92 -68.42
N PHE X 168 57.74 46.14 -68.06
CA PHE X 168 57.38 46.41 -66.69
C PHE X 168 56.13 45.64 -66.26
N GLY X 169 55.80 45.72 -64.98
CA GLY X 169 54.62 45.02 -64.50
C GLY X 169 54.37 45.16 -63.02
N VAL X 170 53.19 44.71 -62.61
CA VAL X 170 52.76 44.77 -61.20
C VAL X 170 52.88 43.37 -60.60
N SER X 171 53.49 43.26 -59.43
CA SER X 171 53.66 41.97 -58.78
C SER X 171 52.43 41.55 -57.98
N ASP X 172 52.41 40.30 -57.56
CA ASP X 172 51.30 39.75 -56.78
C ASP X 172 51.79 38.53 -56.00
N ILE X 173 51.52 38.51 -54.69
CA ILE X 173 51.94 37.41 -53.84
C ILE X 173 51.78 36.05 -54.46
N LEU X 174 52.75 35.17 -54.21
CA LEU X 174 52.68 33.81 -54.76
C LEU X 174 51.54 33.07 -54.04
N VAL X 175 50.91 32.13 -54.74
CA VAL X 175 49.80 31.38 -54.17
C VAL X 175 50.17 30.70 -52.87
N HIS X 176 51.45 30.36 -52.73
CA HIS X 176 51.90 29.69 -51.52
C HIS X 176 51.62 30.49 -50.25
N LEU X 177 51.65 31.81 -50.35
CA LEU X 177 51.39 32.65 -49.18
C LEU X 177 50.19 33.58 -49.39
N ALA X 178 49.41 33.33 -50.44
CA ALA X 178 48.25 34.15 -50.76
C ALA X 178 47.02 33.72 -50.00
N SER X 179 47.20 32.79 -49.07
CA SER X 179 46.11 32.28 -48.25
C SER X 179 45.29 33.40 -47.58
N GLU X 180 45.98 34.31 -46.90
CA GLU X 180 45.32 35.42 -46.20
C GLU X 180 44.59 36.34 -47.17
N GLN X 181 44.91 36.25 -48.46
CA GLN X 181 44.28 37.06 -49.49
C GLN X 181 43.11 36.28 -50.11
N LEU X 182 41.98 36.28 -49.42
CA LEU X 182 40.77 35.57 -49.88
C LEU X 182 39.50 36.42 -49.77
N GLU X 183 39.46 37.34 -48.81
CA GLU X 183 38.29 38.16 -48.63
C GLU X 183 37.91 38.97 -49.87
N LYS X 184 36.63 38.92 -50.23
CA LYS X 184 36.07 39.65 -51.36
C LYS X 184 36.92 39.75 -52.63
N LYS X 185 36.51 39.04 -53.69
CA LYS X 185 37.24 39.11 -54.97
C LYS X 185 37.08 40.55 -55.42
N ALA X 186 35.97 41.16 -54.99
CA ALA X 186 35.65 42.56 -55.31
C ALA X 186 36.91 43.40 -55.31
N SER X 187 37.82 43.07 -54.41
CA SER X 187 39.05 43.78 -54.34
C SER X 187 39.99 43.36 -53.21
N LYS X 188 41.06 42.66 -53.60
CA LYS X 188 42.09 42.24 -52.65
C LYS X 188 43.43 42.57 -53.32
N VAL X 189 43.33 43.36 -54.40
CA VAL X 189 44.45 43.85 -55.17
C VAL X 189 43.94 45.22 -55.61
N ILE X 190 44.37 46.30 -54.97
CA ILE X 190 43.83 47.60 -55.35
C ILE X 190 44.72 48.83 -55.13
N GLU X 191 45.85 48.66 -54.44
CA GLU X 191 46.75 49.78 -54.15
C GLU X 191 47.06 50.64 -55.37
N GLY X 192 47.96 51.61 -55.17
CA GLY X 192 48.35 52.49 -56.27
C GLY X 192 49.83 52.78 -56.13
N GLU X 193 50.54 51.84 -55.55
CA GLU X 193 51.96 52.01 -55.34
C GLU X 193 52.62 50.68 -55.72
N ASP X 194 52.29 50.24 -56.94
CA ASP X 194 52.78 49.01 -57.49
C ASP X 194 53.70 49.28 -58.68
N LEU X 195 54.21 48.23 -59.30
CA LEU X 195 55.08 48.40 -60.48
C LEU X 195 56.52 48.86 -60.27
N ASN X 196 57.43 47.90 -60.13
CA ASN X 196 58.84 48.22 -59.93
C ASN X 196 59.57 48.37 -61.26
N ILE X 197 60.36 49.42 -61.36
CA ILE X 197 61.08 49.69 -62.59
C ILE X 197 62.56 49.35 -62.55
N LEU X 198 63.05 48.89 -61.40
CA LEU X 198 64.44 48.53 -61.34
C LEU X 198 64.90 47.90 -60.04
N ILE X 199 65.66 46.82 -60.18
CA ILE X 199 66.18 46.11 -59.04
C ILE X 199 67.65 46.47 -58.92
N GLY X 200 68.32 45.85 -57.95
CA GLY X 200 69.72 46.08 -57.70
C GLY X 200 70.33 47.24 -58.45
N SER X 201 71.31 46.94 -59.30
CA SER X 201 72.00 47.95 -60.08
C SER X 201 71.97 49.20 -59.21
N ILE X 202 72.44 48.99 -57.99
CA ILE X 202 72.49 50.01 -56.97
C ILE X 202 73.94 50.38 -56.75
N PRO X 203 74.31 51.66 -56.96
CA PRO X 203 73.46 52.69 -57.57
C PRO X 203 74.25 53.43 -58.62
N LEU X 204 74.30 54.75 -58.52
CA LEU X 204 75.06 55.57 -59.45
C LEU X 204 76.41 55.90 -58.81
N LYS X 205 77.48 55.40 -59.44
CA LYS X 205 78.85 55.62 -58.96
C LYS X 205 78.99 55.21 -57.48
N ASP X 206 77.95 54.54 -56.98
CA ASP X 206 77.92 54.08 -55.59
C ASP X 206 78.34 55.16 -54.61
N GLY X 207 77.85 56.37 -54.85
CA GLY X 207 78.17 57.49 -53.99
C GLY X 207 77.24 57.63 -52.80
N GLU X 208 77.01 56.54 -52.09
CA GLU X 208 76.15 56.54 -50.90
C GLU X 208 74.73 57.02 -51.22
N GLU X 209 74.11 57.66 -50.22
CA GLU X 209 72.75 58.20 -50.34
C GLU X 209 71.70 57.07 -50.25
N LYS X 210 71.18 56.85 -49.05
CA LYS X 210 70.19 55.82 -48.77
C LYS X 210 69.47 55.23 -49.98
N GLN X 211 68.68 56.06 -50.68
CA GLN X 211 67.92 55.60 -51.83
C GLN X 211 68.85 55.38 -53.01
N LYS X 212 69.72 54.39 -52.93
CA LYS X 212 70.63 54.13 -54.01
C LYS X 212 69.97 53.60 -55.29
N VAL X 213 69.18 52.55 -55.16
CA VAL X 213 68.50 51.98 -56.32
C VAL X 213 67.71 53.05 -57.05
N LYS X 214 67.05 53.91 -56.28
CA LYS X 214 66.28 54.99 -56.87
C LYS X 214 67.23 55.94 -57.58
N HIS X 215 68.18 56.48 -56.84
CA HIS X 215 69.17 57.42 -57.39
C HIS X 215 69.70 56.92 -58.72
N ASN X 216 70.04 55.64 -58.77
CA ASN X 216 70.56 55.05 -59.99
C ASN X 216 69.59 55.17 -61.19
N ILE X 217 68.34 54.78 -60.98
CA ILE X 217 67.37 54.82 -62.04
C ILE X 217 67.10 56.23 -62.54
N MET X 218 67.06 57.19 -61.63
CA MET X 218 66.82 58.58 -62.02
C MET X 218 67.94 58.99 -62.96
N LYS X 219 69.16 58.61 -62.60
CA LYS X 219 70.33 58.92 -63.43
C LYS X 219 70.21 58.24 -64.78
N ILE X 220 69.79 56.98 -64.78
CA ILE X 220 69.62 56.23 -66.01
C ILE X 220 68.56 56.90 -66.83
N LEU X 221 67.50 57.34 -66.15
CA LEU X 221 66.39 58.00 -66.80
C LEU X 221 66.83 59.38 -67.24
N ASN X 222 67.93 59.87 -66.66
CA ASN X 222 68.45 61.19 -67.01
C ASN X 222 69.28 61.15 -68.29
N GLU X 223 70.08 60.09 -68.47
CA GLU X 223 70.89 59.95 -69.67
C GLU X 223 69.97 59.97 -70.88
N LYS X 224 68.96 59.12 -70.90
CA LYS X 224 67.99 59.16 -72.01
C LYS X 224 67.13 60.34 -71.60
N TYR X 225 66.47 60.97 -72.57
CA TYR X 225 65.64 62.13 -72.25
C TYR X 225 66.54 63.20 -71.62
N ASP X 226 66.04 63.83 -70.58
CA ASP X 226 66.82 64.86 -69.91
C ASP X 226 66.00 65.42 -68.76
N ILE X 227 65.27 64.53 -68.11
CA ILE X 227 64.41 64.90 -67.00
C ILE X 227 65.08 64.81 -65.66
N SER X 228 64.36 65.25 -64.63
CA SER X 228 64.85 65.21 -63.26
C SER X 228 63.73 64.53 -62.51
N GLU X 229 63.90 64.33 -61.20
CA GLU X 229 62.83 63.67 -60.44
C GLU X 229 61.56 64.49 -60.56
N GLU X 230 61.72 65.82 -60.69
CA GLU X 230 60.56 66.70 -60.87
C GLU X 230 60.17 66.38 -62.31
N ASP X 231 59.57 67.31 -63.03
CA ASP X 231 59.18 67.02 -64.41
C ASP X 231 58.06 66.00 -64.45
N PHE X 232 58.13 65.01 -63.57
CA PHE X 232 57.09 63.99 -63.53
C PHE X 232 55.81 64.73 -63.21
N VAL X 233 55.96 65.81 -62.43
CA VAL X 233 54.83 66.64 -62.04
C VAL X 233 54.12 67.12 -63.32
N SER X 234 54.91 67.49 -64.33
CA SER X 234 54.36 67.95 -65.60
C SER X 234 54.57 66.89 -66.67
N ALA X 235 54.32 65.63 -66.29
CA ALA X 235 54.48 64.51 -67.21
C ALA X 235 53.14 63.86 -67.55
N GLU X 236 53.19 62.85 -68.42
CA GLU X 236 51.98 62.17 -68.83
C GLU X 236 52.03 60.66 -68.68
N LEU X 237 51.70 60.27 -67.46
CA LEU X 237 51.61 58.88 -67.00
C LEU X 237 50.91 57.98 -68.01
N GLU X 238 51.49 56.84 -68.34
CA GLU X 238 50.84 55.95 -69.30
C GLU X 238 51.36 54.51 -69.30
N ILE X 239 50.68 53.65 -68.55
CA ILE X 239 51.08 52.25 -68.50
C ILE X 239 50.07 51.41 -69.23
N VAL X 240 50.54 50.65 -70.19
CA VAL X 240 49.68 49.82 -71.02
C VAL X 240 50.30 48.47 -71.31
N PRO X 241 49.47 47.45 -71.56
CA PRO X 241 50.06 46.14 -71.83
C PRO X 241 50.95 46.20 -73.07
N ALA X 242 52.08 45.49 -73.02
CA ALA X 242 53.02 45.47 -74.15
C ALA X 242 52.69 44.36 -75.14
N GLY X 243 53.11 44.55 -76.39
CA GLY X 243 52.84 43.56 -77.42
C GLY X 243 51.88 44.06 -78.48
N LYS X 244 52.05 43.59 -79.71
CA LYS X 244 51.18 43.99 -80.82
C LYS X 244 49.90 43.17 -80.74
N ALA X 245 48.81 43.70 -81.29
CA ALA X 245 47.54 42.97 -81.32
C ALA X 245 47.81 41.75 -82.19
N ARG X 246 47.04 40.67 -82.01
CA ARG X 246 47.27 39.47 -82.77
C ARG X 246 46.02 38.83 -83.34
N ASP X 247 46.20 37.79 -84.15
CA ASP X 247 45.07 37.07 -84.73
C ASP X 247 44.57 36.15 -83.63
N TYR X 248 43.28 36.21 -83.35
CA TYR X 248 42.76 35.35 -82.30
C TYR X 248 41.98 34.19 -82.89
N GLY X 249 42.29 32.98 -82.43
CA GLY X 249 41.58 31.82 -82.90
C GLY X 249 42.23 30.98 -83.97
N PHE X 250 41.95 29.67 -83.97
CA PHE X 250 42.51 28.76 -84.95
C PHE X 250 42.12 29.12 -86.37
N ASP X 251 41.02 29.84 -86.53
CA ASP X 251 40.59 30.23 -87.86
C ASP X 251 40.84 31.71 -88.13
N ARG X 252 41.66 32.33 -87.29
CA ARG X 252 41.99 33.76 -87.43
C ARG X 252 40.76 34.62 -87.67
N SER X 253 39.64 34.28 -87.03
CA SER X 253 38.42 35.04 -87.24
C SER X 253 38.28 36.25 -86.33
N MET X 254 39.01 36.25 -85.23
CA MET X 254 38.93 37.35 -84.29
C MET X 254 40.28 38.02 -84.10
N VAL X 255 40.27 39.11 -83.34
CA VAL X 255 41.47 39.88 -83.07
C VAL X 255 41.57 40.20 -81.58
N MET X 256 42.72 39.89 -81.00
CA MET X 256 42.95 40.14 -79.59
C MET X 256 43.92 41.32 -79.47
N GLY X 257 43.53 42.33 -78.69
CA GLY X 257 44.38 43.49 -78.51
C GLY X 257 43.89 44.47 -77.48
N TYR X 258 44.77 45.36 -77.05
CA TYR X 258 44.45 46.39 -76.07
C TYR X 258 43.79 47.58 -76.77
N GLY X 259 42.93 48.29 -76.05
CA GLY X 259 42.29 49.45 -76.62
C GLY X 259 41.09 49.18 -77.50
N GLN X 260 40.87 47.92 -77.85
CA GLN X 260 39.72 47.54 -78.68
C GLN X 260 38.51 48.42 -78.36
N ASP X 261 38.29 48.68 -77.08
CA ASP X 261 37.17 49.49 -76.63
C ASP X 261 37.07 50.81 -77.35
N ASP X 262 36.10 50.84 -78.25
CA ASP X 262 35.73 51.98 -79.08
C ASP X 262 36.83 52.42 -80.04
N ARG X 263 38.08 52.16 -79.70
CA ARG X 263 39.15 52.55 -80.59
C ARG X 263 38.95 51.79 -81.91
N ILE X 264 38.23 50.68 -81.83
CA ILE X 264 37.93 49.88 -83.00
C ILE X 264 36.86 50.61 -83.80
N CYS X 265 35.90 51.23 -83.11
CA CYS X 265 34.85 51.97 -83.80
C CYS X 265 35.46 53.25 -84.34
N ALA X 266 36.32 53.87 -83.54
CA ALA X 266 36.97 55.10 -83.92
C ALA X 266 37.75 54.91 -85.20
N TYR X 267 38.19 53.68 -85.44
CA TYR X 267 38.97 53.37 -86.64
C TYR X 267 38.07 53.13 -87.84
N THR X 268 37.13 52.21 -87.72
CA THR X 268 36.23 51.90 -88.81
C THR X 268 35.55 53.20 -89.21
N SER X 269 35.15 54.00 -88.22
CA SER X 269 34.48 55.28 -88.51
C SER X 269 35.42 56.16 -89.30
N PHE X 270 36.70 56.02 -89.01
CA PHE X 270 37.73 56.80 -89.69
C PHE X 270 37.82 56.43 -91.17
N GLU X 271 38.18 55.18 -91.44
CA GLU X 271 38.29 54.71 -92.82
C GLU X 271 37.02 55.03 -93.57
N ALA X 272 35.88 54.71 -92.97
CA ALA X 272 34.62 54.98 -93.64
C ALA X 272 34.61 56.45 -94.04
N MET X 273 34.83 57.34 -93.07
CA MET X 273 34.83 58.78 -93.32
C MET X 273 35.92 59.17 -94.29
N LEU X 274 37.06 58.52 -94.18
CA LEU X 274 38.19 58.83 -95.05
C LEU X 274 37.93 58.55 -96.52
N GLU X 275 37.60 57.30 -96.86
CA GLU X 275 37.37 56.95 -98.25
C GLU X 275 35.96 57.33 -98.72
N MET X 276 35.43 58.41 -98.15
CA MET X 276 34.10 58.88 -98.51
C MET X 276 34.20 60.06 -99.48
N LYS X 277 33.92 59.78 -100.74
CA LYS X 277 33.98 60.78 -101.79
C LYS X 277 32.58 61.13 -102.32
N ASN X 278 32.43 62.33 -102.88
CA ASN X 278 31.15 62.79 -103.42
C ASN X 278 30.13 62.85 -102.30
N ALA X 279 30.12 63.97 -101.57
CA ALA X 279 29.21 64.13 -100.44
C ALA X 279 28.00 64.97 -100.79
N LYS X 280 26.82 64.47 -100.46
CA LYS X 280 25.59 65.22 -100.75
C LYS X 280 25.39 66.21 -99.63
N LYS X 281 25.44 65.73 -98.39
CA LYS X 281 25.28 66.59 -97.22
C LYS X 281 26.56 66.50 -96.38
N THR X 282 27.12 67.66 -96.04
CA THR X 282 28.36 67.72 -95.27
C THR X 282 28.36 66.80 -94.04
N CYS X 283 29.33 65.89 -93.99
CA CYS X 283 29.45 64.95 -92.91
C CYS X 283 30.75 65.12 -92.13
N ILE X 284 30.71 64.82 -90.83
CA ILE X 284 31.88 64.97 -89.98
C ILE X 284 32.13 63.86 -88.96
N THR X 285 33.41 63.64 -88.68
CA THR X 285 33.86 62.62 -87.77
C THR X 285 34.48 63.20 -86.51
N ILE X 286 33.96 62.80 -85.35
CA ILE X 286 34.49 63.30 -84.09
C ILE X 286 35.20 62.19 -83.31
N LEU X 287 36.31 62.53 -82.68
CA LEU X 287 37.08 61.58 -81.89
C LEU X 287 37.60 62.30 -80.66
N VAL X 288 36.91 62.09 -79.53
CA VAL X 288 37.31 62.72 -78.26
C VAL X 288 37.75 61.70 -77.23
N ASP X 289 38.10 62.18 -76.05
CA ASP X 289 38.52 61.28 -74.99
C ASP X 289 37.78 61.58 -73.69
N LYS X 290 38.32 61.05 -72.59
CA LYS X 290 37.74 61.22 -71.27
C LYS X 290 36.39 60.57 -71.13
N GLU X 291 35.99 59.79 -72.14
CA GLU X 291 34.69 59.12 -72.07
C GLU X 291 34.66 58.10 -70.94
N GLU X 292 35.71 57.26 -70.87
CA GLU X 292 35.80 56.23 -69.87
C GLU X 292 35.91 56.80 -68.46
N VAL X 293 36.11 58.10 -68.36
CA VAL X 293 36.24 58.74 -67.05
C VAL X 293 35.06 59.65 -66.70
N GLY X 294 34.10 59.79 -67.62
CA GLY X 294 32.94 60.62 -67.35
C GLY X 294 32.63 61.60 -68.46
N SER X 295 33.58 61.81 -69.36
CA SER X 295 33.41 62.70 -70.51
C SER X 295 33.37 64.17 -70.06
N ILE X 296 34.12 64.48 -69.00
CA ILE X 296 34.16 65.86 -68.49
C ILE X 296 34.70 66.83 -69.53
N GLY X 297 34.70 68.10 -69.17
CA GLY X 297 35.17 69.14 -70.08
C GLY X 297 36.60 69.07 -70.55
N ALA X 298 37.03 70.13 -71.24
CA ALA X 298 38.38 70.26 -71.79
C ALA X 298 38.57 69.49 -73.08
N THR X 299 38.32 68.19 -73.06
CA THR X 299 38.48 67.34 -74.25
C THR X 299 37.45 66.21 -74.41
N GLY X 300 36.20 66.48 -74.03
CA GLY X 300 35.15 65.49 -74.17
C GLY X 300 33.76 66.08 -74.39
N MET X 301 33.25 66.79 -73.39
CA MET X 301 31.94 67.42 -73.45
C MET X 301 32.15 68.89 -73.79
N GLN X 302 33.41 69.23 -74.03
CA GLN X 302 33.82 70.58 -74.38
C GLN X 302 33.02 71.21 -75.51
N SER X 303 33.36 72.45 -75.85
CA SER X 303 32.68 73.16 -76.91
C SER X 303 33.54 73.09 -78.17
N LYS X 304 34.65 72.39 -78.05
CA LYS X 304 35.58 72.20 -79.15
C LYS X 304 34.84 71.90 -80.46
N PHE X 305 33.74 71.16 -80.36
CA PHE X 305 32.95 70.81 -81.53
C PHE X 305 31.99 71.94 -81.85
N PHE X 306 31.31 72.42 -80.82
CA PHE X 306 30.36 73.51 -80.95
C PHE X 306 31.07 74.70 -81.62
N GLU X 307 31.97 75.32 -80.88
CA GLU X 307 32.72 76.44 -81.38
C GLU X 307 33.79 75.96 -82.36
N ASN X 308 33.33 75.33 -83.43
CA ASN X 308 34.23 74.83 -84.43
C ASN X 308 33.43 74.56 -85.69
N THR X 309 32.22 74.03 -85.51
CA THR X 309 31.35 73.79 -86.62
C THR X 309 31.03 75.20 -87.08
N VAL X 310 31.05 76.12 -86.11
CA VAL X 310 30.78 77.51 -86.41
C VAL X 310 32.01 78.12 -87.05
N ALA X 311 33.15 78.02 -86.37
CA ALA X 311 34.39 78.57 -86.92
C ALA X 311 34.58 78.02 -88.34
N ASP X 312 33.88 76.94 -88.63
CA ASP X 312 33.96 76.30 -89.93
C ASP X 312 32.81 76.80 -90.81
N ILE X 313 31.64 77.02 -90.20
CA ILE X 313 30.47 77.51 -90.90
C ILE X 313 30.80 78.92 -91.42
N MET X 314 31.74 79.60 -90.74
CA MET X 314 32.15 80.96 -91.13
C MET X 314 32.68 80.99 -92.56
N SER X 315 33.42 79.95 -92.94
CA SER X 315 33.99 79.87 -94.28
C SER X 315 33.05 79.12 -95.24
N ASP X 321 26.08 83.60 -93.72
CA ASP X 321 26.76 82.41 -93.25
C ASP X 321 27.47 82.67 -91.92
N GLU X 322 26.87 83.52 -91.09
CA GLU X 322 27.45 83.85 -89.81
C GLU X 322 26.55 83.51 -88.63
N LEU X 323 25.65 84.44 -88.29
CA LEU X 323 24.72 84.29 -87.16
C LEU X 323 24.23 82.89 -86.81
N LYS X 324 24.09 82.68 -85.52
CA LYS X 324 23.65 81.43 -84.94
C LYS X 324 22.87 80.49 -85.84
N LEU X 325 21.65 80.88 -86.20
CA LEU X 325 20.77 80.06 -87.04
C LEU X 325 20.33 78.81 -86.29
N ARG X 326 21.26 78.16 -85.57
CA ARG X 326 21.01 76.94 -84.76
C ARG X 326 20.69 75.67 -85.55
N LYS X 327 19.63 75.74 -86.35
CA LYS X 327 19.17 74.65 -87.19
C LYS X 327 20.29 73.72 -87.67
N ALA X 328 21.44 74.30 -87.98
CA ALA X 328 22.58 73.53 -88.48
C ALA X 328 22.74 72.20 -87.76
N LEU X 329 22.86 72.26 -86.43
CA LEU X 329 23.03 71.07 -85.62
C LEU X 329 21.71 70.32 -85.43
N TYR X 330 20.66 71.05 -85.12
CA TYR X 330 19.34 70.46 -84.90
C TYR X 330 18.90 69.51 -86.01
N ASN X 331 19.27 69.82 -87.25
CA ASN X 331 18.87 68.97 -88.35
C ASN X 331 19.89 67.91 -88.77
N SER X 332 20.80 67.56 -87.86
CA SER X 332 21.80 66.57 -88.20
C SER X 332 21.45 65.17 -87.69
N GLU X 333 22.16 64.17 -88.17
CA GLU X 333 21.94 62.78 -87.79
C GLU X 333 23.28 62.25 -87.36
N MET X 334 23.37 61.70 -86.15
CA MET X 334 24.64 61.15 -85.66
C MET X 334 24.57 59.65 -85.40
N LEU X 335 25.75 59.06 -85.34
CA LEU X 335 25.89 57.65 -85.10
C LEU X 335 26.98 57.46 -84.07
N SER X 336 26.74 57.97 -82.86
CA SER X 336 27.69 57.85 -81.75
C SER X 336 27.90 56.38 -81.48
N SER X 337 29.06 55.83 -81.83
CA SER X 337 29.30 54.42 -81.62
C SER X 337 30.27 54.14 -80.47
N ASP X 338 30.15 52.94 -79.90
CA ASP X 338 31.00 52.48 -78.80
C ASP X 338 30.76 50.97 -78.67
N VAL X 339 31.82 50.22 -78.41
CA VAL X 339 31.72 48.78 -78.27
C VAL X 339 30.67 48.35 -77.25
N SER X 340 30.11 47.16 -77.47
CA SER X 340 29.10 46.60 -76.59
C SER X 340 29.60 45.25 -76.09
N ALA X 341 28.93 44.70 -75.08
CA ALA X 341 29.32 43.43 -74.53
C ALA X 341 28.75 42.27 -75.34
N ALA X 342 29.63 41.43 -75.87
CA ALA X 342 29.22 40.28 -76.66
C ALA X 342 28.92 39.13 -75.72
N PHE X 343 27.93 38.32 -76.07
CA PHE X 343 27.55 37.17 -75.24
C PHE X 343 28.75 36.23 -75.06
N ASP X 344 29.14 35.99 -73.81
CA ASP X 344 30.23 35.10 -73.51
C ASP X 344 29.69 33.77 -73.01
N PRO X 345 30.00 32.69 -73.73
CA PRO X 345 29.54 31.34 -73.36
C PRO X 345 30.08 30.86 -72.01
N ASN X 346 30.93 31.65 -71.37
CA ASN X 346 31.45 31.26 -70.08
C ASN X 346 30.59 31.79 -68.95
N TYR X 347 29.92 32.92 -69.20
CA TYR X 347 29.04 33.52 -68.21
C TYR X 347 27.76 33.95 -68.89
N PRO X 348 26.86 33.00 -69.10
CA PRO X 348 25.57 33.25 -69.77
C PRO X 348 24.46 33.85 -68.93
N ASN X 349 24.41 33.49 -67.65
CA ASN X 349 23.37 33.97 -66.74
C ASN X 349 23.41 35.47 -66.49
N VAL X 350 24.39 36.15 -67.06
CA VAL X 350 24.49 37.58 -66.86
C VAL X 350 23.77 38.37 -67.96
N MET X 351 23.42 37.70 -69.05
CA MET X 351 22.69 38.34 -70.16
C MET X 351 21.39 37.63 -70.51
N GLU X 352 20.51 38.35 -71.18
CA GLU X 352 19.20 37.83 -71.55
C GLU X 352 19.17 36.93 -72.80
N LYS X 353 20.33 36.49 -73.26
CA LYS X 353 20.39 35.64 -74.46
C LYS X 353 19.83 36.46 -75.61
N ARG X 354 18.50 36.48 -75.75
CA ARG X 354 17.89 37.29 -76.81
C ARG X 354 18.14 38.73 -76.36
N ASN X 355 18.19 39.66 -77.31
CA ASN X 355 18.45 41.06 -76.95
C ASN X 355 19.88 41.24 -76.44
N SER X 356 20.80 40.43 -76.95
CA SER X 356 22.19 40.50 -76.56
C SER X 356 23.01 40.40 -77.83
N ALA X 357 24.10 41.14 -77.91
CA ALA X 357 24.94 41.11 -79.11
C ALA X 357 25.78 39.82 -79.16
N TYR X 358 25.90 39.26 -80.35
CA TYR X 358 26.68 38.06 -80.53
C TYR X 358 27.87 38.29 -81.46
N LEU X 359 28.97 37.63 -81.16
CA LEU X 359 30.20 37.72 -81.93
C LEU X 359 30.03 37.31 -83.39
N GLY X 360 29.94 38.29 -84.28
CA GLY X 360 29.83 37.97 -85.69
C GLY X 360 28.47 38.20 -86.35
N LYS X 361 27.50 38.71 -85.61
CA LYS X 361 26.21 38.93 -86.25
C LYS X 361 26.05 40.35 -86.78
N GLY X 362 27.16 40.98 -87.13
CA GLY X 362 27.09 42.33 -87.68
C GLY X 362 27.26 43.48 -86.68
N ILE X 363 26.89 44.69 -87.12
CA ILE X 363 27.02 45.88 -86.31
C ILE X 363 25.93 45.91 -85.27
N VAL X 364 26.24 46.45 -84.09
CA VAL X 364 25.28 46.50 -82.99
C VAL X 364 24.55 47.84 -82.85
N PHE X 365 23.25 47.76 -82.53
CA PHE X 365 22.42 48.93 -82.31
C PHE X 365 21.82 48.91 -80.92
N ASN X 366 21.92 50.04 -80.22
CA ASN X 366 21.37 50.14 -78.88
C ASN X 366 20.42 51.32 -78.78
N LYS X 367 19.13 51.02 -78.74
CA LYS X 367 18.12 52.08 -78.63
C LYS X 367 18.36 52.85 -77.33
N TYR X 368 18.52 52.11 -76.24
CA TYR X 368 18.77 52.70 -74.94
C TYR X 368 19.88 51.93 -74.25
N THR X 369 20.49 52.58 -73.26
CA THR X 369 21.58 51.98 -72.51
C THR X 369 21.81 52.72 -71.22
N GLY X 370 21.05 52.36 -70.19
CA GLY X 370 21.20 53.03 -68.92
C GLY X 370 21.39 52.07 -67.76
N SER X 371 20.70 52.35 -66.65
CA SER X 371 20.78 51.53 -65.45
C SER X 371 19.39 51.11 -64.98
N ARG X 372 19.11 51.44 -63.72
CA ARG X 372 17.82 51.12 -63.13
C ARG X 372 16.66 51.79 -63.87
N GLY X 373 16.22 51.19 -64.97
CA GLY X 373 15.12 51.75 -65.71
C GLY X 373 15.48 52.77 -66.77
N LYS X 374 16.48 52.42 -67.57
CA LYS X 374 16.93 53.29 -68.66
C LYS X 374 17.44 54.65 -68.14
N SER X 375 17.75 54.71 -66.84
CA SER X 375 18.22 55.92 -66.22
C SER X 375 19.52 56.46 -66.78
N GLY X 376 19.52 57.76 -67.06
CA GLY X 376 20.69 58.43 -67.58
C GLY X 376 21.29 57.88 -68.86
N CYS X 377 20.66 58.15 -70.00
CA CYS X 377 21.15 57.65 -71.27
C CYS X 377 20.25 58.15 -72.39
N ASN X 378 20.78 58.14 -73.60
CA ASN X 378 20.03 58.59 -74.76
C ASN X 378 19.11 57.49 -75.32
N ASP X 379 17.89 57.86 -75.66
CA ASP X 379 16.93 56.91 -76.21
C ASP X 379 16.58 57.28 -77.64
N ALA X 380 17.12 56.51 -78.58
CA ALA X 380 16.91 56.74 -80.01
C ALA X 380 15.44 56.67 -80.44
N ASN X 381 15.06 57.58 -81.35
CA ASN X 381 13.69 57.63 -81.85
C ASN X 381 13.45 56.53 -82.88
N PRO X 382 12.27 55.87 -82.82
CA PRO X 382 11.94 54.80 -83.78
C PRO X 382 11.97 55.25 -85.24
N GLU X 383 11.40 56.42 -85.51
CA GLU X 383 11.39 56.94 -86.86
C GLU X 383 12.82 56.97 -87.44
N TYR X 384 13.77 57.38 -86.62
CA TYR X 384 15.16 57.44 -87.05
C TYR X 384 15.73 56.03 -87.21
N ILE X 385 15.39 55.15 -86.26
CA ILE X 385 15.84 53.77 -86.29
C ILE X 385 15.37 53.10 -87.56
N ALA X 386 14.08 53.23 -87.83
CA ALA X 386 13.51 52.62 -89.03
C ALA X 386 14.33 53.04 -90.24
N GLU X 387 14.63 54.33 -90.34
CA GLU X 387 15.44 54.82 -91.45
C GLU X 387 16.75 54.06 -91.58
N LEU X 388 17.49 53.99 -90.47
CA LEU X 388 18.76 53.29 -90.48
C LEU X 388 18.56 51.88 -90.97
N ARG X 389 17.44 51.27 -90.58
CA ARG X 389 17.15 49.90 -91.02
C ARG X 389 17.12 49.88 -92.54
N ARG X 390 16.19 50.64 -93.09
CA ARG X 390 16.03 50.73 -94.53
C ARG X 390 17.41 50.91 -95.20
N ILE X 391 18.19 51.86 -94.73
CA ILE X 391 19.50 52.13 -95.28
C ILE X 391 20.43 50.93 -95.22
N LEU X 392 20.59 50.37 -94.03
CA LEU X 392 21.46 49.23 -93.86
C LEU X 392 20.82 48.00 -94.45
N SER X 393 19.86 48.20 -95.36
CA SER X 393 19.22 47.07 -96.02
C SER X 393 19.62 47.14 -97.47
N LYS X 394 19.46 48.34 -98.03
CA LYS X 394 19.81 48.61 -99.41
C LYS X 394 21.29 48.23 -99.60
N GLU X 395 22.18 48.94 -98.93
CA GLU X 395 23.60 48.66 -99.05
C GLU X 395 23.95 47.36 -98.33
N SER X 396 22.92 46.65 -97.91
CA SER X 396 23.10 45.39 -97.20
C SER X 396 23.68 45.67 -95.82
N VAL X 397 24.69 44.91 -95.40
CA VAL X 397 25.32 45.09 -94.09
C VAL X 397 24.48 44.42 -92.99
N ASN X 398 25.12 43.55 -92.21
CA ASN X 398 24.41 42.86 -91.13
C ASN X 398 24.43 43.68 -89.85
N TRP X 399 23.28 43.73 -89.19
CA TRP X 399 23.16 44.47 -87.96
C TRP X 399 22.34 43.66 -86.97
N GLN X 400 22.57 43.92 -85.67
CA GLN X 400 21.87 43.24 -84.58
C GLN X 400 21.68 44.23 -83.46
N THR X 401 20.60 44.05 -82.72
CA THR X 401 20.31 44.95 -81.60
C THR X 401 20.63 44.25 -80.29
N ALA X 402 21.20 44.99 -79.35
CA ALA X 402 21.57 44.41 -78.08
C ALA X 402 21.18 45.31 -76.89
N GLU X 403 21.32 44.74 -75.70
CA GLU X 403 21.01 45.41 -74.45
C GLU X 403 22.14 44.97 -73.53
N LEU X 404 22.62 45.85 -72.66
CA LEU X 404 23.71 45.48 -71.77
C LEU X 404 23.30 44.70 -70.53
N GLY X 405 23.27 43.37 -70.62
CA GLY X 405 22.90 42.58 -69.47
C GLY X 405 21.42 42.59 -69.11
N LYS X 406 20.97 41.48 -68.53
CA LYS X 406 19.57 41.34 -68.14
C LYS X 406 19.10 42.46 -67.22
N VAL X 407 18.33 43.38 -67.80
CA VAL X 407 17.78 44.51 -67.08
C VAL X 407 18.66 45.00 -65.92
N ASP X 408 18.23 44.76 -64.70
CA ASP X 408 18.95 45.21 -63.51
C ASP X 408 20.31 44.58 -63.23
N GLN X 409 21.16 44.48 -64.26
CA GLN X 409 22.47 43.89 -64.05
C GLN X 409 23.55 44.95 -63.99
N GLY X 410 24.14 45.27 -65.14
CA GLY X 410 25.18 46.27 -65.20
C GLY X 410 24.65 47.63 -65.52
N GLY X 411 25.51 48.64 -65.37
CA GLY X 411 25.12 50.01 -65.65
C GLY X 411 25.63 50.46 -67.00
N GLY X 412 25.08 51.55 -67.52
CA GLY X 412 25.50 52.07 -68.81
C GLY X 412 25.47 53.58 -68.88
N GLY X 413 26.03 54.11 -69.96
CA GLY X 413 26.07 55.55 -70.15
C GLY X 413 27.02 55.95 -71.26
N THR X 414 26.48 56.16 -72.45
CA THR X 414 27.29 56.55 -73.60
C THR X 414 27.25 58.06 -73.81
N ILE X 415 28.22 58.58 -74.56
CA ILE X 415 28.30 60.01 -74.82
C ILE X 415 27.33 60.41 -75.94
N ALA X 416 26.34 59.56 -76.19
CA ALA X 416 25.37 59.80 -77.24
C ALA X 416 24.41 60.94 -76.91
N TYR X 417 24.01 61.05 -75.65
CA TYR X 417 23.08 62.07 -75.22
C TYR X 417 23.74 63.46 -75.19
N ILE X 418 25.06 63.48 -75.07
CA ILE X 418 25.78 64.74 -75.01
C ILE X 418 25.59 65.62 -76.24
N LEU X 419 25.47 65.00 -77.41
CA LEU X 419 25.27 65.77 -78.63
C LEU X 419 23.80 65.85 -79.01
N ALA X 420 23.02 64.89 -78.53
CA ALA X 420 21.60 64.90 -78.83
C ALA X 420 20.98 66.11 -78.15
N GLU X 421 21.72 66.71 -77.22
CA GLU X 421 21.24 67.87 -76.49
C GLU X 421 20.89 69.00 -77.47
N TYR X 422 21.40 68.90 -78.68
CA TYR X 422 21.11 69.90 -79.69
C TYR X 422 19.78 69.60 -80.38
N GLY X 423 19.38 68.34 -80.40
CA GLY X 423 18.14 67.94 -81.03
C GLY X 423 18.38 66.95 -82.15
N MET X 424 19.65 66.56 -82.32
CA MET X 424 20.06 65.59 -83.34
C MET X 424 19.30 64.26 -83.21
N GLN X 425 19.47 63.41 -84.22
CA GLN X 425 18.88 62.09 -84.24
C GLN X 425 20.05 61.15 -84.00
N VAL X 426 20.26 60.78 -82.75
CA VAL X 426 21.36 59.90 -82.40
C VAL X 426 20.91 58.49 -82.05
N ILE X 427 21.84 57.55 -82.13
CA ILE X 427 21.59 56.18 -81.80
C ILE X 427 22.93 55.52 -81.52
N ASP X 428 22.95 54.54 -80.63
CA ASP X 428 24.19 53.86 -80.29
C ASP X 428 24.57 52.70 -81.21
N CYS X 429 25.80 52.76 -81.71
CA CYS X 429 26.32 51.74 -82.60
C CYS X 429 27.62 51.21 -82.04
N GLY X 430 28.26 50.34 -82.81
CA GLY X 430 29.50 49.79 -82.36
C GLY X 430 29.60 48.30 -82.57
N VAL X 431 30.80 47.79 -82.36
CA VAL X 431 31.10 46.38 -82.51
C VAL X 431 30.89 45.68 -81.17
N ALA X 432 30.73 44.36 -81.22
CA ALA X 432 30.57 43.59 -80.00
C ALA X 432 31.93 43.04 -79.57
N LEU X 433 32.31 43.29 -78.31
CA LEU X 433 33.59 42.80 -77.81
C LEU X 433 33.46 41.68 -76.78
N LEU X 434 34.62 41.10 -76.45
CA LEU X 434 34.69 40.06 -75.45
C LEU X 434 35.61 40.61 -74.36
N ASN X 435 35.24 40.42 -73.10
CA ASN X 435 35.97 40.94 -71.96
C ASN X 435 36.47 42.36 -72.15
N HIS X 437 37.30 46.39 -71.28
CA HIS X 437 38.19 47.02 -70.31
C HIS X 437 39.25 46.09 -69.73
N ALA X 438 39.56 45.02 -70.45
CA ALA X 438 40.58 44.09 -70.02
C ALA X 438 41.81 44.45 -70.82
N PRO X 439 42.99 44.10 -70.30
CA PRO X 439 44.23 44.41 -71.01
C PRO X 439 44.25 43.85 -72.43
N TRP X 440 43.49 42.78 -72.65
CA TRP X 440 43.39 42.17 -73.97
C TRP X 440 41.95 41.90 -74.30
N GLU X 441 41.43 42.61 -75.30
CA GLU X 441 40.04 42.47 -75.72
C GLU X 441 39.95 41.71 -77.03
N ILE X 442 38.79 41.12 -77.29
CA ILE X 442 38.60 40.33 -78.51
C ILE X 442 37.48 40.87 -79.40
N SER X 443 37.64 40.76 -80.71
CA SER X 443 36.64 41.25 -81.64
C SER X 443 36.55 40.38 -82.89
N SER X 444 35.40 40.40 -83.55
CA SER X 444 35.20 39.61 -84.76
C SER X 444 35.51 40.43 -86.00
N LYS X 445 36.48 39.98 -86.79
CA LYS X 445 36.85 40.68 -88.02
C LYS X 445 35.62 40.92 -88.86
N ALA X 446 34.74 39.93 -88.95
CA ALA X 446 33.53 40.07 -89.73
C ALA X 446 32.76 41.29 -89.21
N ASP X 447 32.61 41.39 -87.89
CA ASP X 447 31.90 42.52 -87.31
C ASP X 447 32.62 43.83 -87.63
N ILE X 448 33.93 43.86 -87.42
CA ILE X 448 34.71 45.06 -87.72
C ILE X 448 34.32 45.54 -89.12
N TYR X 449 34.47 44.64 -90.08
CA TYR X 449 34.15 44.90 -91.48
C TYR X 449 32.71 45.41 -91.61
N GLU X 450 31.76 44.57 -91.24
CA GLU X 450 30.37 44.93 -91.33
C GLU X 450 30.12 46.34 -90.78
N THR X 451 30.65 46.62 -89.60
CA THR X 451 30.48 47.92 -88.96
C THR X 451 30.90 49.05 -89.89
N LYS X 452 32.12 48.93 -90.41
CA LYS X 452 32.62 49.96 -91.33
C LYS X 452 31.59 50.18 -92.44
N ASN X 453 31.23 49.11 -93.13
CA ASN X 453 30.25 49.23 -94.21
C ASN X 453 29.01 49.92 -93.69
N GLY X 454 28.64 49.60 -92.45
CA GLY X 454 27.45 50.20 -91.88
C GLY X 454 27.63 51.70 -91.82
N TYR X 455 28.82 52.13 -91.42
CA TYR X 455 29.12 53.55 -91.33
C TYR X 455 29.10 54.15 -92.72
N SER X 456 29.93 53.61 -93.59
CA SER X 456 30.01 54.10 -94.96
C SER X 456 28.63 54.16 -95.60
N ALA X 457 27.79 53.17 -95.33
CA ALA X 457 26.43 53.14 -95.88
C ALA X 457 25.54 54.17 -95.16
N PHE X 458 26.17 55.21 -94.62
CA PHE X 458 25.48 56.27 -93.89
C PHE X 458 25.91 57.58 -94.52
N LEU X 459 26.48 57.49 -95.72
CA LEU X 459 26.95 58.65 -96.47
C LEU X 459 25.78 59.30 -97.19
N ASN X 460 24.96 58.43 -97.78
CA ASN X 460 23.78 58.81 -98.54
C ASN X 460 22.53 58.27 -97.83
N ASN X 461 21.40 58.88 -98.14
CA ASN X 461 20.11 58.51 -97.56
C ASN X 461 20.05 58.87 -96.07
#